data_8UXE
#
_entry.id   8UXE
#
_cell.length_a   1.00
_cell.length_b   1.00
_cell.length_c   1.00
_cell.angle_alpha   90.00
_cell.angle_beta   90.00
_cell.angle_gamma   90.00
#
_symmetry.space_group_name_H-M   'P 1'
#
loop_
_entity.id
_entity.type
_entity.pdbx_description
1 polymer 'Peptidyl-prolyl cis-trans isomerase FKBP1B'
2 polymer 'Ryanodine receptor 2'
3 non-polymer 'ZINC ION'
4 non-polymer "ADENOSINE-5'-TRIPHOSPHATE"
5 non-polymer '4-[(7-methoxy-2,3-dihydro-1,4-benzothiazepin-4(5H)-yl)methyl]benzoic acid'
#
loop_
_entity_poly.entity_id
_entity_poly.type
_entity_poly.pdbx_seq_one_letter_code
_entity_poly.pdbx_strand_id
1 'polypeptide(L)'
;MGVEIETISPGDGRTFPKKGQTCVVHYTGMLQNGKKFDSSRDRNKPFKFRIGKQEVIKGFEEGAAQMSLGQRAKLTCTPD
VAYGATGHPGVIPPNATLIFDVELLNLE
;
E,F,G,H
2 'polypeptide(L)'
;MADGGEGEDEIQFLRTDDEVVLQCTATIHKEQQKLCLAAEGFGNRLCFLESTSNSKNVPPDLSICTFVLEQSLSVRALQE
MLANTVEKSEGQVDVEKWKFMMKTAQGGGHRTLLYGHAILLRHSYSGMYLCCLSTSRSSTDKLAFDVGLQEDTTGEACWW
TIHPASKQRSEGEKVRVGDDLILVSVSSERYLHLSYGNGSLHVDAAFQQTLWSVAPISSGSEAAQGYLIGGDVLRLLHGH
MDECLTVPSGEHGEEQRRTVHYEGGAVSVHARSLWRLETLRVAWSGSHIRWGQPFRLRHVTTGKYLSLMEDKNLLLMDKE
KADVKSTAFTFRSSKEKLDVGVRKEVDGMGTSEIKYGDSVCYIQHVDTGLWLTYQSVDVKSVRMGSIQRKAIMHHEGHMD
DGISLSRSQHEESRTARVIQSTVFLFNRFIRGLDALSKKAKASTVDLPIESVSLSLQDLIGYFHPPDEHLEHEDKQNRLR
ALKNRQNLFQEEGMINLVLECIDRLHVYSSAAHFADVAGREAGESWKSILNSLYELLAALIRGNRKNCAQFSGSLDWLIS
RLERLEASSGILEVLHCVLVESPEALNIIKEGHIKSIISLLDKHGRNHKVLDVLCSLCVCHGVAVRSNQHLICDNLLPGR
DLLLQTRLVNHVSSMRPNIFLGVSEGSAQYKKWYYELMVDHTEPFVTAEATHLRVGWASTEGYSPYPGGGEEWGGNGVGD
DLFSYGFDGLHLWSGCIARTVSSPNQHLLRTDDVISCCLDLSAPSISFRINGQPVQGMFENFNIDGLFFPVVSFSAGIKV
RFLLGGRHGEFKFLPPPGYAPCYEAVLPKEKLKVEHSREYKQERTYTRDLLGPTVSLTQAAFTPIPVDTSQIVLPPHLER
IREKLAENIHELWVMNKIELGWQYGPVRDDNKRQHPCLVEFSKLPEQERNYNLQMSLETLKTLLALGCHVGISDEHAEDK
VKKMKLPKNYQLTSGYKPAPMDLSFIKLTPSQEAMVDKLAENAHNVWARDRIRQGWTYGIQQDVKNRRNPRLVPYTLLDD
RTKKSNKDSLREAVRTLLGYGYNLEAPDQDHAARAEVCSGTGERFRIFRAEKTYAVKAGRWYFEFETVTAGDMRVGWSRP
GCQPDQELGSDERAFAFDGFKAQRWHQGNEHYGRSWQAGDVVGCMVDMNEHTMMFTLNGEILLDDSGSELAFKDFDVGDG
FIPVCSLGVAQVGRMNFGKDVSTLKYFTICGLQEGYEPFAVNTNRDITMWLSKRLPQFLQVPSNHEHIEVTRIDGTIDSS
PCLKVTQKSFGSQNSNTDIMFYRLSMPIECAEVFSKTVAGGLPGAGLFGPKNDLEDYDADSDFEVLMKTAHGHLVPDRVD
KDKEATKPEFNNHKDYAQEKPSRLKQRFLLRRTKPDYSTSHSARLTEDVLADDRDDYDFLMQTSTYYYSVRIFPGQEPAN
VWVGWITSDFHQYDTGFDLDRVRTVTVTLGDEKGKVHESIKRSNCYMVCAGESMSPGQGRNNNGLEIGCVVDAASGLLTF
IANGKELSTYYQVEPSTKLFPAVFAQATSPNVFQFELGRIKNVMPLSAGLFKSEHKNPVPQCPPRLHVQFLSHVLWSRMP
NQFLKVDVSRISERQGWLVQCLDPLQFMSLHIPEENRSVDILELTEQEELLKFHYHTLRLYSAVCALGNHRVAHALCSHV
DEPQLLYAIENKYMPGLLRAGYYDLLIDIHLSSYATARLMMNNEYIVPMTEETKSITLFPDENKKHGLPGIGLSTSLRPR
MQFSSPSFVSISNECYQYSPEFPLDILKSKTIQMLTEAVKEGSLHARDPVGGTTEFLFVPLIKLFYTLLIMGIFHNEDLK
HILQLIEPSVFKEAATPEEESDTLEKELSVDDAKLQGAGEEEAKGGKRPKEGLLQMKLPEPVKLQMCLLLQYLCDCQVRH
RIEAIVAFSDDFVAKLQDNQRFRYNEVMQALNMSAALTARKTKEFRSPPQEQINMLLNFKDDKSECPCPEEIRDQLLDFH
EDLMTHCGIELDEDGSLDGNSDLTIRGRLLSLVEKVTYLKKKQAEKPVESDSKKSSTLQQLISETMVRWAQESVIEDPEL
VRAMFVLLHRQYDGIGGLVRALPKTYTINGVSVEDTINLLASLGQIRSLLSVRMGKEEEKLMIRGLGDIMNNKVFYQHPN
LMRALGMHETVMEVMVNVLGGGESKEITFPKMVANCCRFLCYFCRISRQNQKAMFDHLSYLLENSSVGLASPAMRGSTPL
DVAAASVMDNNELALALREPDLEKVVRYLAGCGLQSCQMLVSKGYPDIGWNPVEGERYLDFLRFAVFCNGESVEENANVV
VRLLIRRPECFGPALRGEGGNGLLAAMEEAIKIAEDPSRDGPSPNSGSSKTLDTEEEEDDTIHMGNAIMTFYSALIDLLG
RCAPEMHLIHAGKGEAIRIRSILRSLIPLGDLVGVISIAFQMPTIAKDGNVVEPDMSAGFCPDHKAAMVLFLDRVYGIEV
QDFLLHLLEVGFLPDLRAAASLDTAALSATDMALALNRYLCTAVLPLLTRCAPLFAGTEHHASLIDSLLHTVYRLSKGCS
LTKAQRDSIEVCLLSICGQLRPSMMQHLLRRLVFDVPLLNEHAKMPLKLLTNHYERCWKYYCLPGGWGNFGAASEEELHL
SRKLFWGIFDALSQKKYEQELFKLALPCLSAVAGALPPDYMESNYVSMMEKQSSMDSEGNFNPQPVDTSNITIPEKLEYF
INKYAEHSHDKWSMDKLANGWIYGEIYSDSSKVQPLMKPYKLLSEKEKEIYRWPIKESLKTMLAWGWRIERTREGDSMAL
YNRTRRISQTSQVSVDAAHGYSPRAIDMSNVTLSRDLHAMAEMMAENYHNIWAKKKKMELESKGGGNHPLLVPYDTLTAK
EKAKDREKAQDILKFLQINGYAVSRGFKDLELDTPSIEKRFAYSFLQQLIRYVDEAHQYILEFDGGSRGKGEHFPYEQEI
KFFAKVVLPLIDQYFKNHRLYFLSAASRPLCSGGHASNKEKEMVTSLFCKLGVLVRHRISLFGNDATSIVNCLHILGQTL
DARTVMKTGLESVKSALRAFLDNAAEDLEKTMENLKQGQFTHTRNQPKGVTQIINYTTVALLPMLSSLFEHIGQHQFGED
LILEDVQVSCYRILTSLYALGTSKSIYVERQRSALGECLAAFAGAFPVAFLETHLDKHNIYSIYNTKSSRERAALSLPTN
VEDVCPNIPSLEKLMEEIVELAESGIRYTQMPHVMEVILPMLCSYMSRWWEHGPENNPERAEMCCTALNSEHMNTLLGNI
LKIIYNNLGIDEGAWMKRLAVFSQPIINKVKPQLLKTHFLPLMEKLKKKAATVVSEEDHLKAEARGDMSEAELLILDEFT
TLARDLYAFYPLLIRFVDYNRAKWLKEPNPEAEELFRMVAEVFIYWSKSHNFKREEQNFVVQNEINNMSFLITDTKSKMS
KAAVSDQERKKMKRKGDRYSMQTSLIVAALKRLLPIGLNICAPGDQELIALAKNRFSLKDTEDEVRDIIRSNIHLQGKLE
DPAIRWQMALYKDLPNRTDDTSDPEKTVERVLDIANVLFHLEQKSKRVGRRHYCLVEHPQRSKKAVWHKLLSKQRKRAVV
ACFRMAPLYNLPRHRAVNLFLQGYEKSWIETEEHYFEDKLIEDLAKPGAEPPEEDEGTKRVDPLHQLILLFSRTALTEKC
KLEEDFLYMAYADIMAKSCHDEEDDDGEEEVKSFEEKEMEKQKLLYQQARLHDRGAAEMVLQTISASKGETGPMVAATLK
LGIAILNGGNSTVQQKMLDYLKEKKDVGFFQSLAGLMQSCSVLDLNAFERQNKAEGLGMVTEEGSGEKVLQDDEFTCDLF
RFLQLLCEGHNSDFQNYLRTQTGNNTTVNIIISTVDYLLRVQESISDFYWYYSGKDVIDEQGQRNFSKAIQVAKQVFNTL
TEYIQGPCTGNQQSLAHSRLWDAVVGFLHVFAHMQMKLSQDSSQIELLKELMDLQKDMVVMLLSMLEGNVVNGTIGKQMV
DMLVESSNNVEMILKFFDMFLKLKDLTSSDTFKEYDPDGKGVISKRDFHKAMESHKHYTQSETEFLLSCAETDENETLDY
EEFVKRFHEPAKDIGFNVAVLLTNLSEHMPNDTRLQTFLELAESVLNYFQPFLGRIEIMGSAKRIERVYFEISESSRTQW
EKPQVKESKRQFIFDVVNEGGEKEKMELFVNFCEDTIFEMQLAAQISESDLNERSANKEESEKERPEEQGPRMAFFSILT
VRSALFALRYNILTLMRMLSLKSLKKQMKKVKKMTVKDMVTAFFSSYWSIFMTLLHFVASVFRGFFRIICSLLLGGSLVE
GAKKIKVAELLANMPDPTQDEVRGDGEEGERKPLEAALPSEDLTDLKELTEESDLLSDIFGLDLKREGGQYKLIPHNPNA
GLSDLMSNPVPMPEVQEKFQEQKAKEEEKEEKEETKSEPEKAEGEDGEKEEKAKEDKGKQKLRQLHTHRYGEPEVPESAF
WKKIIAYQQKLLNYFARNFYNMRMLALFVAFAINFILLFYKVSTSSVVEGKELPTRSSSENAKVTSLDSSSHRIIAVHYV
LEESSGYMEPTLRILAILHTVISFFCIIGYYCLKVPLVIFKREKEVARKLEFDGLYITEQPSEDDIKGQWDRLVINTQSF
PNNYWDKFVKRKVMDKYGEFYGRDRISELLGMDKAALDFSDAREKKKPKKDSSLSAVLNSIDVKYQMWKLGVVFTDNSFL
YLAWYMTMSVLGHYNNFFFAAHLLDIAMGFKTLRTILSSVTHNGKQLVLTVGLLAVVVYLYTVVAFNFFRKFYNKSEDGD
TPDMKCDDMLTCYMFHMYVGVRAGGGIGDEIEDPAGDEYEIYRIIFDITFFFFVIVILLAIIQGLIIDAFGELRDQQEQV
KEDMETKCFICGIGNDYFDTVPHGFETHTLQEHNLANYLFFLMYLINKDETEHTGQESYVWKMYQERCWEFFPAGDCFRK
QYEDQLN
;
A,B,C,D
#
loop_
_chem_comp.id
_chem_comp.type
_chem_comp.name
_chem_comp.formula
ATP non-polymer ADENOSINE-5'-TRIPHOSPHATE 'C10 H16 N5 O13 P3'
KVR non-polymer '4-[(7-methoxy-2,3-dihydro-1,4-benzothiazepin-4(5H)-yl)methyl]benzoic acid' 'C18 H19 N O3 S'
ZN non-polymer 'ZINC ION' 'Zn 2'
#
# COMPACT_ATOMS: atom_id res chain seq x y z
N GLY A 2 105.04 47.15 59.44
CA GLY A 2 104.79 46.57 58.14
C GLY A 2 104.51 47.59 57.06
N VAL A 3 104.68 48.87 57.41
CA VAL A 3 104.44 49.97 56.50
C VAL A 3 105.78 50.60 56.16
N GLU A 4 106.01 50.86 54.87
CA GLU A 4 107.25 51.46 54.41
C GLU A 4 106.97 52.87 53.88
N ILE A 5 107.81 53.82 54.28
CA ILE A 5 107.64 55.23 53.94
C ILE A 5 108.79 55.65 53.03
N GLU A 6 108.45 56.28 51.91
CA GLU A 6 109.45 56.81 50.99
C GLU A 6 109.06 58.24 50.62
N THR A 7 109.87 59.20 51.02
CA THR A 7 109.51 60.61 50.86
C THR A 7 109.69 61.03 49.40
N ILE A 8 108.59 61.50 48.78
CA ILE A 8 108.68 62.11 47.46
C ILE A 8 109.00 63.59 47.59
N SER A 9 108.36 64.28 48.53
CA SER A 9 108.61 65.69 48.76
C SER A 9 108.88 65.93 50.23
N PRO A 10 109.89 66.74 50.56
CA PRO A 10 110.19 66.99 51.97
C PRO A 10 109.11 67.80 52.65
N GLY A 11 108.96 67.58 53.95
CA GLY A 11 108.06 68.36 54.77
C GLY A 11 108.82 69.37 55.63
N ASP A 12 108.10 69.92 56.60
CA ASP A 12 108.71 70.86 57.53
C ASP A 12 109.73 70.17 58.43
N GLY A 13 109.45 68.91 58.81
CA GLY A 13 110.36 68.14 59.61
C GLY A 13 110.23 68.33 61.11
N ARG A 14 109.34 69.20 61.57
CA ARG A 14 109.16 69.43 63.00
C ARG A 14 107.76 69.12 63.51
N THR A 15 106.74 69.15 62.67
CA THR A 15 105.36 68.94 63.11
C THR A 15 104.91 67.54 62.67
N PHE A 16 104.44 66.75 63.64
CA PHE A 16 103.96 65.40 63.40
C PHE A 16 102.59 65.21 64.06
N PRO A 17 101.73 64.35 63.52
CA PRO A 17 100.37 64.20 64.05
C PRO A 17 100.37 63.52 65.41
N LYS A 18 99.48 63.99 66.29
CA LYS A 18 99.31 63.40 67.61
C LYS A 18 97.89 62.86 67.83
N LYS A 19 97.62 62.45 69.07
CA LYS A 19 96.27 62.42 69.63
C LYS A 19 95.49 63.68 69.35
N GLY A 20 94.22 63.50 69.03
CA GLY A 20 93.25 64.58 68.99
C GLY A 20 93.25 65.38 67.72
N GLN A 21 94.12 65.07 66.78
CA GLN A 21 94.32 65.91 65.60
C GLN A 21 93.64 65.28 64.39
N THR A 22 92.81 66.05 63.71
CA THR A 22 92.30 65.65 62.41
C THR A 22 93.37 65.86 61.34
N CYS A 23 93.80 64.76 60.72
CA CYS A 23 94.77 64.82 59.65
C CYS A 23 94.02 64.99 58.34
N VAL A 24 94.46 65.97 57.54
CA VAL A 24 93.89 66.26 56.24
C VAL A 24 94.92 65.83 55.20
N VAL A 25 94.54 64.90 54.32
CA VAL A 25 95.46 64.34 53.36
C VAL A 25 94.82 64.32 51.99
N HIS A 26 95.67 64.26 50.97
CA HIS A 26 95.28 63.73 49.67
C HIS A 26 96.05 62.44 49.39
N TYR A 27 95.32 61.38 49.11
CA TYR A 27 95.92 60.08 48.84
C TYR A 27 95.48 59.60 47.47
N THR A 28 96.36 58.85 46.82
CA THR A 28 96.13 58.34 45.47
C THR A 28 96.43 56.84 45.47
N GLY A 29 95.80 56.12 46.39
CA GLY A 29 96.07 54.70 46.59
C GLY A 29 95.99 53.84 45.35
N MET A 30 96.97 52.94 45.21
CA MET A 30 97.11 52.08 44.04
C MET A 30 97.47 50.67 44.49
N LEU A 31 97.15 49.70 43.63
CA LEU A 31 97.58 48.33 43.86
C LEU A 31 99.03 48.15 43.45
N GLN A 32 99.60 47.00 43.80
CA GLN A 32 101.00 46.75 43.50
C GLN A 32 101.22 46.59 42.00
N ASN A 33 100.26 46.02 41.29
CA ASN A 33 100.41 45.82 39.86
C ASN A 33 100.49 47.15 39.12
N GLY A 34 99.84 48.19 39.63
CA GLY A 34 99.91 49.50 39.02
C GLY A 34 98.56 50.12 38.78
N LYS A 35 97.50 49.40 39.10
CA LYS A 35 96.15 49.88 38.86
C LYS A 35 95.65 50.70 40.05
N LYS A 36 95.12 51.88 39.78
CA LYS A 36 94.70 52.80 40.82
C LYS A 36 93.27 52.47 41.23
N PHE A 37 93.02 52.38 42.54
CA PHE A 37 91.71 52.00 43.03
C PHE A 37 91.01 53.10 43.81
N ASP A 38 91.70 54.21 44.12
CA ASP A 38 91.08 55.30 44.85
C ASP A 38 91.93 56.54 44.71
N SER A 39 91.28 57.72 44.77
CA SER A 39 91.99 58.99 44.74
C SER A 39 91.11 60.10 45.29
N SER A 40 91.47 60.60 46.47
CA SER A 40 90.84 61.79 47.00
C SER A 40 91.03 62.99 46.09
N ARG A 41 92.07 63.01 45.28
CA ARG A 41 92.23 64.04 44.27
C ARG A 41 91.30 63.85 43.08
N ASP A 42 90.96 62.60 42.74
CA ASP A 42 89.86 62.39 41.81
C ASP A 42 88.56 62.92 42.39
N ARG A 43 88.31 62.66 43.67
CA ARG A 43 87.09 63.16 44.29
C ARG A 43 87.14 64.65 44.59
N ASN A 44 88.31 65.28 44.43
CA ASN A 44 88.53 66.71 44.58
C ASN A 44 88.27 67.22 45.99
N LYS A 45 88.16 66.35 46.98
CA LYS A 45 87.99 66.78 48.35
C LYS A 45 89.03 66.12 49.24
N PRO A 46 89.68 66.87 50.12
CA PRO A 46 90.67 66.26 51.01
C PRO A 46 90.02 65.30 51.99
N PHE A 47 90.77 64.27 52.37
CA PHE A 47 90.28 63.26 53.30
C PHE A 47 90.73 63.61 54.71
N LYS A 48 89.77 63.66 55.63
CA LYS A 48 90.02 64.01 57.02
C LYS A 48 89.80 62.79 57.89
N PHE A 49 90.78 62.47 58.73
CA PHE A 49 90.67 61.32 59.63
C PHE A 49 91.45 61.60 60.91
N ARG A 50 90.93 61.12 62.03
CA ARG A 50 91.54 61.40 63.32
C ARG A 50 92.34 60.20 63.80
N ILE A 51 93.46 60.49 64.47
CA ILE A 51 94.46 59.47 64.76
C ILE A 51 94.05 58.63 65.96
N GLY A 52 94.35 57.33 65.90
CA GLY A 52 94.28 56.45 67.04
C GLY A 52 92.94 55.84 67.32
N LYS A 53 91.92 56.16 66.53
CA LYS A 53 90.60 55.57 66.67
C LYS A 53 90.17 54.78 65.45
N GLN A 54 91.13 54.20 64.72
CA GLN A 54 90.89 53.28 63.61
C GLN A 54 89.72 53.71 62.72
N GLU A 55 89.73 54.97 62.29
CA GLU A 55 88.87 55.36 61.18
C GLU A 55 89.40 54.83 59.86
N VAL A 56 90.73 54.72 59.75
CA VAL A 56 91.39 54.27 58.53
C VAL A 56 92.07 52.94 58.80
N ILE A 57 92.64 52.33 57.76
CA ILE A 57 93.38 51.09 57.93
C ILE A 57 94.67 51.38 58.70
N LYS A 58 95.19 50.33 59.35
CA LYS A 58 96.31 50.51 60.26
C LYS A 58 97.58 50.94 59.54
N GLY A 59 97.82 50.42 58.34
CA GLY A 59 98.97 50.85 57.58
C GLY A 59 98.92 52.32 57.24
N PHE A 60 97.75 52.80 56.81
CA PHE A 60 97.57 54.23 56.56
C PHE A 60 97.78 55.04 57.83
N GLU A 61 97.26 54.53 58.95
CA GLU A 61 97.41 55.22 60.23
C GLU A 61 98.88 55.40 60.60
N GLU A 62 99.64 54.30 60.55
CA GLU A 62 101.05 54.36 60.91
C GLU A 62 101.84 55.23 59.94
N GLY A 63 101.53 55.12 58.65
CA GLY A 63 102.23 55.94 57.67
C GLY A 63 102.00 57.43 57.88
N ALA A 64 100.75 57.81 58.13
CA ALA A 64 100.45 59.21 58.41
C ALA A 64 101.04 59.67 59.73
N ALA A 65 101.09 58.80 60.75
CA ALA A 65 101.75 59.15 62.00
C ALA A 65 103.22 59.44 61.77
N GLN A 66 103.90 58.61 60.97
CA GLN A 66 105.34 58.84 60.74
C GLN A 66 105.59 60.05 59.84
N MET A 67 104.66 60.35 58.92
CA MET A 67 104.79 61.48 58.03
C MET A 67 104.68 62.79 58.80
N SER A 68 105.22 63.84 58.19
CA SER A 68 105.22 65.17 58.77
C SER A 68 104.36 66.09 57.92
N LEU A 69 104.20 67.32 58.41
CA LEU A 69 103.35 68.31 57.73
C LEU A 69 103.94 68.73 56.40
N GLY A 70 103.07 68.86 55.39
CA GLY A 70 103.53 69.31 54.09
C GLY A 70 104.41 68.34 53.37
N GLN A 71 104.44 67.08 53.79
CA GLN A 71 105.33 66.07 53.24
C GLN A 71 104.51 65.09 52.42
N ARG A 72 104.94 64.87 51.17
CA ARG A 72 104.35 63.84 50.33
C ARG A 72 105.20 62.58 50.44
N ALA A 73 104.56 61.44 50.65
CA ALA A 73 105.28 60.19 50.84
C ALA A 73 104.50 59.02 50.22
N LYS A 74 105.26 58.00 49.84
CA LYS A 74 104.72 56.74 49.35
C LYS A 74 104.67 55.77 50.52
N LEU A 75 103.50 55.21 50.74
CA LEU A 75 103.22 54.29 51.83
C LEU A 75 102.97 52.92 51.22
N THR A 76 103.87 51.98 51.50
CA THR A 76 103.66 50.59 51.09
C THR A 76 103.12 49.83 52.29
N CYS A 77 101.92 49.29 52.15
CA CYS A 77 101.22 48.60 53.23
C CYS A 77 101.02 47.14 52.85
N THR A 78 101.49 46.24 53.72
CA THR A 78 101.30 44.82 53.52
C THR A 78 99.84 44.45 53.80
N PRO A 79 99.38 43.29 53.31
CA PRO A 79 97.98 42.92 53.57
C PRO A 79 97.63 42.82 55.04
N ASP A 80 98.58 42.40 55.88
CA ASP A 80 98.29 42.27 57.31
C ASP A 80 97.90 43.59 57.97
N VAL A 81 98.30 44.73 57.40
CA VAL A 81 97.88 46.03 57.89
C VAL A 81 96.94 46.72 56.92
N ALA A 82 96.69 46.11 55.76
CA ALA A 82 95.82 46.70 54.73
C ALA A 82 94.78 45.66 54.33
N TYR A 83 93.62 45.71 54.98
CA TYR A 83 92.43 44.93 54.64
C TYR A 83 92.60 43.43 54.83
N GLY A 84 93.71 42.98 55.39
CA GLY A 84 93.84 41.58 55.76
C GLY A 84 93.78 40.66 54.56
N ALA A 85 93.35 39.43 54.80
CA ALA A 85 93.23 38.42 53.76
C ALA A 85 91.83 38.32 53.18
N THR A 86 90.82 38.78 53.91
CA THR A 86 89.47 38.77 53.35
C THR A 86 89.33 39.77 52.20
N GLY A 87 90.14 40.83 52.23
CA GLY A 87 90.08 41.85 51.20
C GLY A 87 88.83 42.69 51.32
N HIS A 88 88.73 43.66 50.41
CA HIS A 88 87.56 44.51 50.34
C HIS A 88 86.67 44.01 49.20
N PRO A 89 85.46 43.54 49.49
CA PRO A 89 84.62 42.93 48.43
C PRO A 89 84.30 43.94 47.34
N GLY A 90 84.72 43.62 46.12
CA GLY A 90 84.43 44.43 44.94
C GLY A 90 85.51 45.42 44.56
N VAL A 91 86.43 45.72 45.48
CA VAL A 91 87.44 46.74 45.22
C VAL A 91 88.84 46.13 45.27
N ILE A 92 89.21 45.60 46.43
CA ILE A 92 90.57 45.15 46.68
C ILE A 92 90.58 43.62 46.75
N PRO A 93 91.37 42.93 45.94
CA PRO A 93 91.39 41.47 45.99
C PRO A 93 92.05 40.98 47.27
N PRO A 94 91.82 39.73 47.64
CA PRO A 94 92.45 39.20 48.86
C PRO A 94 93.97 39.20 48.75
N ASN A 95 94.63 39.48 49.88
CA ASN A 95 96.08 39.41 50.00
C ASN A 95 96.77 40.30 48.96
N ALA A 96 96.48 41.60 49.04
CA ALA A 96 97.05 42.58 48.12
C ALA A 96 97.71 43.69 48.92
N THR A 97 98.96 43.98 48.58
CA THR A 97 99.69 45.10 49.17
C THR A 97 99.23 46.39 48.49
N LEU A 98 99.14 47.46 49.27
CA LEU A 98 98.60 48.72 48.77
C LEU A 98 99.69 49.79 48.80
N ILE A 99 99.82 50.51 47.68
CA ILE A 99 100.74 51.64 47.59
C ILE A 99 99.92 52.92 47.55
N PHE A 100 100.19 53.81 48.51
CA PHE A 100 99.48 55.07 48.64
C PHE A 100 100.45 56.21 48.40
N ASP A 101 100.03 57.19 47.60
CA ASP A 101 100.74 58.46 47.50
C ASP A 101 99.95 59.43 48.37
N VAL A 102 100.52 59.81 49.52
CA VAL A 102 99.82 60.57 50.54
C VAL A 102 100.55 61.88 50.78
N GLU A 103 99.80 62.99 50.73
CA GLU A 103 100.30 64.30 51.11
C GLU A 103 99.51 64.78 52.32
N LEU A 104 100.23 65.09 53.40
CA LEU A 104 99.66 65.65 54.62
C LEU A 104 99.58 67.17 54.48
N LEU A 105 98.40 67.63 54.06
CA LEU A 105 98.24 69.05 53.77
C LEU A 105 98.24 69.89 55.04
N ASN A 106 97.46 69.49 56.04
CA ASN A 106 97.13 70.39 57.13
C ASN A 106 96.70 69.59 58.36
N LEU A 107 96.95 70.15 59.53
CA LEU A 107 96.73 69.47 60.80
C LEU A 107 95.98 70.37 61.78
N GLU A 108 94.84 69.90 62.27
CA GLU A 108 94.24 70.41 63.50
C GLU A 108 93.74 69.25 64.33
N GLY B 2 -43.55 -21.84 120.11
CA GLY B 2 -42.40 -21.14 119.55
C GLY B 2 -42.63 -19.66 119.36
N VAL B 3 -43.76 -19.17 119.85
CA VAL B 3 -44.14 -17.77 119.74
C VAL B 3 -44.06 -17.16 121.14
N GLU B 4 -43.45 -15.98 121.22
CA GLU B 4 -43.31 -15.27 122.49
C GLU B 4 -44.16 -14.00 122.47
N ILE B 5 -44.89 -13.77 123.54
CA ILE B 5 -45.83 -12.65 123.65
C ILE B 5 -45.32 -11.70 124.72
N GLU B 6 -45.23 -10.42 124.38
CA GLU B 6 -44.84 -9.38 125.33
C GLU B 6 -45.81 -8.21 125.23
N THR B 7 -46.57 -7.97 126.28
CA THR B 7 -47.65 -6.99 126.22
C THR B 7 -47.07 -5.57 126.28
N ILE B 8 -47.36 -4.78 125.25
CA ILE B 8 -47.03 -3.35 125.29
C ILE B 8 -48.16 -2.57 125.94
N SER B 9 -49.41 -2.89 125.60
CA SER B 9 -50.55 -2.22 126.20
C SER B 9 -51.53 -3.27 126.72
N PRO B 10 -52.08 -3.06 127.91
CA PRO B 10 -53.01 -4.06 128.47
C PRO B 10 -54.32 -4.08 127.70
N GLY B 11 -54.95 -5.25 127.68
CA GLY B 11 -56.27 -5.41 127.10
C GLY B 11 -57.34 -5.50 128.17
N ASP B 12 -58.53 -5.93 127.73
CA ASP B 12 -59.63 -6.12 128.68
C ASP B 12 -59.36 -7.28 129.62
N GLY B 13 -58.70 -8.33 129.13
CA GLY B 13 -58.34 -9.46 129.96
C GLY B 13 -59.39 -10.54 130.08
N ARG B 14 -60.57 -10.35 129.47
CA ARG B 14 -61.62 -11.35 129.55
C ARG B 14 -62.05 -11.92 128.20
N THR B 15 -61.85 -11.20 127.10
CA THR B 15 -62.30 -11.65 125.79
C THR B 15 -61.11 -12.13 124.99
N PHE B 16 -61.18 -13.37 124.49
CA PHE B 16 -60.14 -13.97 123.68
C PHE B 16 -60.74 -14.59 122.42
N PRO B 17 -59.98 -14.65 121.33
CA PRO B 17 -60.54 -15.14 120.05
C PRO B 17 -60.82 -16.63 120.09
N LYS B 18 -61.92 -17.04 119.46
CA LYS B 18 -62.29 -18.44 119.35
C LYS B 18 -62.38 -18.91 117.89
N LYS B 19 -62.87 -20.14 117.71
CA LYS B 19 -63.52 -20.57 116.48
C LYS B 19 -64.53 -19.56 115.97
N GLY B 20 -64.53 -19.39 114.65
CA GLY B 20 -65.59 -18.69 113.96
C GLY B 20 -65.46 -17.18 113.96
N GLN B 21 -64.44 -16.63 114.61
CA GLN B 21 -64.35 -15.20 114.81
C GLN B 21 -63.32 -14.60 113.85
N THR B 22 -63.75 -13.57 113.13
CA THR B 22 -62.81 -12.76 112.36
C THR B 22 -62.06 -11.81 113.29
N CYS B 23 -60.74 -11.98 113.38
CA CYS B 23 -59.90 -11.12 114.17
C CYS B 23 -59.46 -9.95 113.31
N VAL B 24 -59.63 -8.74 113.84
CA VAL B 24 -59.24 -7.51 113.17
C VAL B 24 -58.03 -6.97 113.93
N VAL B 25 -56.91 -6.82 113.23
CA VAL B 25 -55.67 -6.41 113.85
C VAL B 25 -55.01 -5.31 113.04
N HIS B 26 -54.15 -4.55 113.70
CA HIS B 26 -53.08 -3.82 113.03
C HIS B 26 -51.74 -4.40 113.45
N TYR B 27 -50.94 -4.80 112.47
CA TYR B 27 -49.63 -5.37 112.71
C TYR B 27 -48.57 -4.57 111.98
N THR B 28 -47.38 -4.52 112.58
CA THR B 28 -46.27 -3.74 112.05
C THR B 28 -45.04 -4.65 112.01
N GLY B 29 -45.19 -5.80 111.37
CA GLY B 29 -44.15 -6.82 111.34
C GLY B 29 -42.78 -6.35 110.91
N MET B 30 -41.76 -6.81 111.62
CA MET B 30 -40.38 -6.39 111.41
C MET B 30 -39.46 -7.60 111.49
N LEU B 31 -38.30 -7.50 110.86
CA LEU B 31 -37.27 -8.52 110.98
C LEU B 31 -36.51 -8.33 112.29
N GLN B 32 -35.68 -9.33 112.63
CA GLN B 32 -34.94 -9.27 113.89
C GLN B 32 -33.89 -8.17 113.87
N ASN B 33 -33.29 -7.93 112.70
CA ASN B 33 -32.26 -6.90 112.61
C ASN B 33 -32.83 -5.51 112.88
N GLY B 34 -34.09 -5.28 112.55
CA GLY B 34 -34.71 -4.01 112.83
C GLY B 34 -35.41 -3.40 111.63
N LYS B 35 -35.32 -4.07 110.48
CA LYS B 35 -35.91 -3.56 109.26
C LYS B 35 -37.35 -4.01 109.13
N LYS B 36 -38.24 -3.07 108.84
CA LYS B 36 -39.68 -3.33 108.78
C LYS B 36 -40.03 -3.81 107.39
N PHE B 37 -40.79 -4.91 107.32
CA PHE B 37 -41.13 -5.50 106.03
C PHE B 37 -42.63 -5.45 105.71
N ASP B 38 -43.46 -5.04 106.67
CA ASP B 38 -44.90 -4.96 106.41
C ASP B 38 -45.55 -4.11 107.50
N SER B 39 -46.64 -3.45 107.14
CA SER B 39 -47.42 -2.67 108.10
C SER B 39 -48.83 -2.42 107.57
N SER B 40 -49.80 -3.07 108.21
CA SER B 40 -51.20 -2.75 107.93
C SER B 40 -51.53 -1.31 108.26
N ARG B 41 -50.80 -0.68 109.16
CA ARG B 41 -50.95 0.76 109.41
C ARG B 41 -50.35 1.60 108.30
N ASP B 42 -49.29 1.13 107.64
CA ASP B 42 -48.87 1.77 106.40
C ASP B 42 -49.95 1.66 105.34
N ARG B 43 -50.57 0.49 105.22
CA ARG B 43 -51.64 0.32 104.24
C ARG B 43 -52.95 0.98 104.67
N ASN B 44 -53.03 1.46 105.92
CA ASN B 44 -54.16 2.19 106.47
C ASN B 44 -55.45 1.39 106.52
N LYS B 45 -55.38 0.07 106.36
CA LYS B 45 -56.56 -0.77 106.49
C LYS B 45 -56.30 -1.89 107.48
N PRO B 46 -57.22 -2.17 108.38
CA PRO B 46 -57.01 -3.27 109.34
C PRO B 46 -57.02 -4.61 108.62
N PHE B 47 -56.27 -5.55 109.17
CA PHE B 47 -56.16 -6.88 108.61
C PHE B 47 -57.14 -7.81 109.31
N LYS B 48 -57.98 -8.48 108.53
CA LYS B 48 -58.99 -9.39 109.04
C LYS B 48 -58.62 -10.82 108.68
N PHE B 49 -58.61 -11.71 109.67
CA PHE B 49 -58.29 -13.10 109.43
C PHE B 49 -59.04 -13.99 110.43
N ARG B 50 -59.47 -15.16 109.97
CA ARG B 50 -60.27 -16.03 110.81
C ARG B 50 -59.43 -17.16 111.39
N ILE B 51 -59.75 -17.54 112.62
CA ILE B 51 -58.89 -18.41 113.40
C ILE B 51 -59.05 -19.87 112.98
N GLY B 52 -57.94 -20.61 112.97
CA GLY B 52 -57.95 -22.05 112.87
C GLY B 52 -57.99 -22.60 111.47
N LYS B 53 -58.04 -21.76 110.45
CA LYS B 53 -58.03 -22.20 109.07
C LYS B 53 -56.82 -21.68 108.31
N GLN B 54 -55.69 -21.48 109.00
CA GLN B 54 -54.39 -21.13 108.42
C GLN B 54 -54.52 -20.15 107.25
N GLU B 55 -55.23 -19.04 107.49
CA GLU B 55 -55.10 -17.90 106.58
C GLU B 55 -53.78 -17.18 106.80
N VAL B 56 -53.28 -17.18 108.04
CA VAL B 56 -52.05 -16.50 108.40
C VAL B 56 -51.01 -17.53 108.79
N ILE B 57 -49.78 -17.08 109.07
CA ILE B 57 -48.74 -17.98 109.52
C ILE B 57 -49.06 -18.46 110.94
N LYS B 58 -48.51 -19.61 111.31
CA LYS B 58 -48.90 -20.26 112.55
C LYS B 58 -48.47 -19.46 113.77
N GLY B 59 -47.30 -18.82 113.72
CA GLY B 59 -46.88 -17.98 114.82
C GLY B 59 -47.83 -16.81 115.05
N PHE B 60 -48.24 -16.16 113.97
CA PHE B 60 -49.24 -15.09 114.07
C PHE B 60 -50.55 -15.63 114.64
N GLU B 61 -50.96 -16.81 114.18
CA GLU B 61 -52.19 -17.42 114.65
C GLU B 61 -52.15 -17.65 116.16
N GLU B 62 -51.09 -18.28 116.64
CA GLU B 62 -50.98 -18.57 118.07
C GLU B 62 -50.87 -17.30 118.89
N GLY B 63 -50.10 -16.32 118.39
CA GLY B 63 -49.98 -15.07 119.11
C GLY B 63 -51.30 -14.34 119.25
N ALA B 64 -52.06 -14.26 118.17
CA ALA B 64 -53.39 -13.65 118.23
C ALA B 64 -54.36 -14.44 119.08
N ALA B 65 -54.27 -15.78 119.07
CA ALA B 65 -55.10 -16.57 119.97
C ALA B 65 -54.81 -16.24 121.43
N GLN B 66 -53.52 -16.13 121.79
CA GLN B 66 -53.19 -15.85 123.18
C GLN B 66 -53.51 -14.40 123.57
N MET B 67 -53.45 -13.47 122.61
CA MET B 67 -53.76 -12.08 122.87
C MET B 67 -55.24 -11.90 123.16
N SER B 68 -55.56 -10.79 123.83
CA SER B 68 -56.92 -10.46 124.22
C SER B 68 -57.35 -9.20 123.48
N LEU B 69 -58.61 -8.84 123.65
CA LEU B 69 -59.20 -7.69 122.95
C LEU B 69 -58.58 -6.39 123.43
N GLY B 70 -58.32 -5.49 122.49
CA GLY B 70 -57.79 -4.18 122.84
C GLY B 70 -56.37 -4.22 123.38
N GLN B 71 -55.66 -5.31 123.18
CA GLN B 71 -54.33 -5.49 123.74
C GLN B 71 -53.31 -5.42 122.62
N ARG B 72 -52.29 -4.57 122.81
CA ARG B 72 -51.17 -4.49 121.90
C ARG B 72 -50.04 -5.36 122.45
N ALA B 73 -49.46 -6.20 121.61
CA ALA B 73 -48.43 -7.13 122.03
C ALA B 73 -47.38 -7.31 120.95
N LYS B 74 -46.18 -7.64 121.40
CA LYS B 74 -45.06 -8.00 120.54
C LYS B 74 -45.01 -9.51 120.43
N LEU B 75 -45.02 -10.01 119.20
CA LEU B 75 -45.03 -11.43 118.87
C LEU B 75 -43.68 -11.76 118.25
N THR B 76 -42.90 -12.56 118.94
CA THR B 76 -41.65 -13.08 118.39
C THR B 76 -41.90 -14.48 117.86
N CYS B 77 -41.73 -14.66 116.55
CA CYS B 77 -42.01 -15.92 115.88
C CYS B 77 -40.73 -16.50 115.30
N THR B 78 -40.42 -17.74 115.68
CA THR B 78 -39.26 -18.43 115.15
C THR B 78 -39.53 -18.84 113.71
N PRO B 79 -38.48 -19.13 112.92
CA PRO B 79 -38.71 -19.52 111.53
C PRO B 79 -39.59 -20.74 111.38
N ASP B 80 -39.52 -21.70 112.31
CA ASP B 80 -40.32 -22.91 112.21
C ASP B 80 -41.83 -22.64 112.22
N VAL B 81 -42.26 -21.51 112.78
CA VAL B 81 -43.66 -21.10 112.74
C VAL B 81 -43.86 -19.89 111.84
N ALA B 82 -42.78 -19.32 111.30
CA ALA B 82 -42.85 -18.13 110.44
C ALA B 82 -42.09 -18.41 109.15
N TYR B 83 -42.81 -18.88 108.14
CA TYR B 83 -42.33 -19.04 106.77
C TYR B 83 -41.25 -20.10 106.63
N GLY B 84 -40.94 -20.85 107.68
CA GLY B 84 -40.06 -22.00 107.55
C GLY B 84 -38.66 -21.59 107.12
N ALA B 85 -37.98 -22.51 106.46
CA ALA B 85 -36.62 -22.29 105.97
C ALA B 85 -36.56 -21.85 104.52
N THR B 86 -37.61 -22.12 103.74
CA THR B 86 -37.64 -21.65 102.36
C THR B 86 -37.77 -20.14 102.29
N GLY B 87 -38.38 -19.54 103.31
CA GLY B 87 -38.57 -18.10 103.33
C GLY B 87 -39.62 -17.66 102.34
N HIS B 88 -39.86 -16.35 102.34
CA HIS B 88 -40.77 -15.75 101.37
C HIS B 88 -39.96 -15.13 100.25
N PRO B 89 -40.08 -15.60 99.01
CA PRO B 89 -39.21 -15.11 97.93
C PRO B 89 -39.43 -13.62 97.69
N GLY B 90 -38.36 -12.84 97.86
CA GLY B 90 -38.36 -11.42 97.59
C GLY B 90 -38.62 -10.54 98.79
N VAL B 91 -39.14 -11.11 99.88
CA VAL B 91 -39.50 -10.32 101.04
C VAL B 91 -38.70 -10.77 102.27
N ILE B 92 -38.87 -12.01 102.68
CA ILE B 92 -38.31 -12.52 103.91
C ILE B 92 -37.19 -13.50 103.59
N PRO B 93 -35.98 -13.28 104.10
CA PRO B 93 -34.89 -14.20 103.80
C PRO B 93 -35.09 -15.53 104.49
N PRO B 94 -34.40 -16.58 104.05
CA PRO B 94 -34.54 -17.88 104.71
C PRO B 94 -34.09 -17.83 106.16
N ASN B 95 -34.79 -18.58 107.01
CA ASN B 95 -34.43 -18.75 108.41
C ASN B 95 -34.32 -17.40 109.14
N ALA B 96 -35.44 -16.67 109.14
CA ALA B 96 -35.50 -15.37 109.79
C ALA B 96 -36.64 -15.35 110.80
N THR B 97 -36.34 -14.94 112.03
CA THR B 97 -37.35 -14.74 113.04
C THR B 97 -38.06 -13.43 112.81
N LEU B 98 -39.37 -13.40 113.06
CA LEU B 98 -40.18 -12.23 112.76
C LEU B 98 -40.73 -11.63 114.05
N ILE B 99 -40.60 -10.31 114.18
CA ILE B 99 -41.17 -9.58 115.30
C ILE B 99 -42.34 -8.76 114.80
N PHE B 100 -43.51 -8.99 115.39
CA PHE B 100 -44.74 -8.32 115.00
C PHE B 100 -45.22 -7.45 116.16
N ASP B 101 -45.61 -6.23 115.86
CA ASP B 101 -46.34 -5.39 116.81
C ASP B 101 -47.80 -5.49 116.39
N VAL B 102 -48.61 -6.17 117.18
CA VAL B 102 -49.98 -6.53 116.81
C VAL B 102 -50.94 -5.95 117.84
N GLU B 103 -51.95 -5.23 117.37
CA GLU B 103 -53.05 -4.75 118.19
C GLU B 103 -54.33 -5.41 117.71
N LEU B 104 -55.00 -6.10 118.62
CA LEU B 104 -56.31 -6.72 118.38
C LEU B 104 -57.41 -5.70 118.62
N LEU B 105 -57.83 -5.05 117.52
CA LEU B 105 -58.79 -3.96 117.64
C LEU B 105 -60.17 -4.47 118.01
N ASN B 106 -60.66 -5.49 117.30
CA ASN B 106 -62.08 -5.81 117.35
C ASN B 106 -62.30 -7.26 116.92
N LEU B 107 -63.35 -7.86 117.45
CA LEU B 107 -63.63 -9.28 117.26
C LEU B 107 -65.09 -9.50 116.88
N GLU B 108 -65.31 -10.14 115.74
CA GLU B 108 -66.58 -10.81 115.45
C GLU B 108 -66.32 -12.16 114.82
N GLY C 2 -64.79 -107.95 -30.42
CA GLY C 2 -64.71 -107.13 -29.23
C GLY C 2 -65.80 -106.08 -29.15
N VAL C 3 -66.75 -106.15 -30.06
CA VAL C 3 -67.87 -105.22 -30.12
C VAL C 3 -69.13 -105.98 -29.73
N GLU C 4 -69.93 -105.37 -28.86
CA GLU C 4 -71.18 -105.96 -28.38
C GLU C 4 -72.36 -105.16 -28.91
N ILE C 5 -73.36 -105.86 -29.43
CA ILE C 5 -74.52 -105.25 -30.06
C ILE C 5 -75.74 -105.56 -29.21
N GLU C 6 -76.52 -104.52 -28.88
CA GLU C 6 -77.76 -104.69 -28.12
C GLU C 6 -78.85 -103.88 -28.81
N THR C 7 -79.86 -104.56 -29.36
CA THR C 7 -80.86 -103.90 -30.18
C THR C 7 -81.84 -103.11 -29.30
N ILE C 8 -81.93 -101.80 -29.53
CA ILE C 8 -82.96 -101.00 -28.89
C ILE C 8 -84.23 -101.02 -29.71
N SER C 9 -84.11 -100.90 -31.02
CA SER C 9 -85.27 -100.96 -31.90
C SER C 9 -85.03 -101.97 -33.01
N PRO C 10 -86.03 -102.79 -33.33
CA PRO C 10 -85.84 -103.80 -34.38
C PRO C 10 -85.71 -103.16 -35.75
N GLY C 11 -84.97 -103.82 -36.63
CA GLY C 11 -84.85 -103.43 -38.01
C GLY C 11 -85.69 -104.31 -38.92
N ASP C 12 -85.42 -104.19 -40.22
CA ASP C 12 -86.11 -105.02 -41.20
C ASP C 12 -85.70 -106.48 -41.07
N GLY C 13 -84.43 -106.73 -40.74
CA GLY C 13 -83.95 -108.07 -40.54
C GLY C 13 -83.45 -108.78 -41.78
N ARG C 14 -83.55 -108.16 -42.95
CA ARG C 14 -83.11 -108.78 -44.19
C ARG C 14 -82.00 -108.03 -44.92
N THR C 15 -81.87 -106.73 -44.72
CA THR C 15 -80.88 -105.92 -45.43
C THR C 15 -79.72 -105.60 -44.49
N PHE C 16 -78.51 -105.94 -44.91
CA PHE C 16 -77.30 -105.68 -44.15
C PHE C 16 -76.25 -105.02 -45.04
N PRO C 17 -75.36 -104.20 -44.48
CA PRO C 17 -74.39 -103.45 -45.30
C PRO C 17 -73.34 -104.36 -45.90
N LYS C 18 -72.96 -104.07 -47.14
CA LYS C 18 -71.90 -104.81 -47.84
C LYS C 18 -70.72 -103.91 -48.23
N LYS C 19 -69.79 -104.49 -49.00
CA LYS C 19 -68.92 -103.74 -49.89
C LYS C 19 -69.67 -102.70 -50.70
N GLY C 20 -69.04 -101.55 -50.85
CA GLY C 20 -69.45 -100.54 -51.80
C GLY C 20 -70.57 -99.65 -51.34
N GLN C 21 -71.10 -99.86 -50.14
CA GLN C 21 -72.30 -99.18 -49.69
C GLN C 21 -71.94 -98.08 -48.71
N THR C 22 -72.42 -96.87 -48.97
CA THR C 22 -72.34 -95.80 -47.99
C THR C 22 -73.42 -96.01 -46.93
N CYS C 23 -72.99 -96.21 -45.68
CA CYS C 23 -73.90 -96.36 -44.57
C CYS C 23 -74.18 -94.97 -43.99
N VAL C 24 -75.46 -94.68 -43.82
CA VAL C 24 -75.92 -93.41 -43.23
C VAL C 24 -76.47 -93.73 -41.85
N VAL C 25 -75.88 -93.11 -40.83
CA VAL C 25 -76.24 -93.41 -39.45
C VAL C 25 -76.44 -92.12 -38.69
N HIS C 26 -77.17 -92.22 -37.59
CA HIS C 26 -77.06 -91.27 -36.48
C HIS C 26 -76.51 -91.99 -35.26
N TYR C 27 -75.42 -91.46 -34.72
CA TYR C 27 -74.77 -92.03 -33.55
C TYR C 27 -74.69 -91.00 -32.46
N THR C 28 -74.76 -91.48 -31.22
CA THR C 28 -74.77 -90.63 -30.03
C THR C 28 -73.72 -91.17 -29.06
N GLY C 29 -72.49 -91.34 -29.56
CA GLY C 29 -71.42 -91.95 -28.79
C GLY C 29 -71.17 -91.36 -27.42
N MET C 30 -70.96 -92.23 -26.44
CA MET C 30 -70.79 -91.84 -25.04
C MET C 30 -69.68 -92.67 -24.43
N LEU C 31 -69.07 -92.13 -23.37
CA LEU C 31 -68.10 -92.86 -22.59
C LEU C 31 -68.80 -93.83 -21.64
N GLN C 32 -68.01 -94.71 -21.02
CA GLN C 32 -68.59 -95.70 -20.12
C GLN C 32 -69.14 -95.06 -18.86
N ASN C 33 -68.50 -94.00 -18.38
CA ASN C 33 -68.96 -93.33 -17.17
C ASN C 33 -70.34 -92.72 -17.36
N GLY C 34 -70.65 -92.28 -18.57
CA GLY C 34 -71.96 -91.73 -18.84
C GLY C 34 -71.91 -90.38 -19.55
N LYS C 35 -70.71 -89.87 -19.76
CA LYS C 35 -70.55 -88.56 -20.38
C LYS C 35 -70.50 -88.69 -21.89
N LYS C 36 -71.30 -87.87 -22.58
CA LYS C 36 -71.45 -87.94 -24.02
C LYS C 36 -70.35 -87.10 -24.67
N PHE C 37 -69.67 -87.68 -25.67
CA PHE C 37 -68.56 -86.98 -26.30
C PHE C 37 -68.80 -86.66 -27.76
N ASP C 38 -69.89 -87.16 -28.36
CA ASP C 38 -70.19 -86.87 -29.75
C ASP C 38 -71.64 -87.22 -30.04
N SER C 39 -72.24 -86.50 -31.00
CA SER C 39 -73.60 -86.79 -31.44
C SER C 39 -73.85 -86.18 -32.81
N SER C 40 -73.98 -87.05 -33.82
CA SER C 40 -74.43 -86.60 -35.12
C SER C 40 -75.82 -85.99 -35.08
N ARG C 41 -76.63 -86.35 -34.10
CA ARG C 41 -77.92 -85.70 -33.89
C ARG C 41 -77.76 -84.32 -33.27
N ASP C 42 -76.74 -84.10 -32.44
CA ASP C 42 -76.41 -82.74 -32.06
C ASP C 42 -75.99 -81.93 -33.28
N ARG C 43 -75.19 -82.51 -34.15
CA ARG C 43 -74.77 -81.80 -35.35
C ARG C 43 -75.87 -81.71 -36.40
N ASN C 44 -76.98 -82.43 -36.21
CA ASN C 44 -78.16 -82.39 -37.06
C ASN C 44 -77.91 -82.89 -38.47
N LYS C 45 -76.79 -83.54 -38.73
CA LYS C 45 -76.53 -84.11 -40.03
C LYS C 45 -76.17 -85.57 -39.91
N PRO C 46 -76.73 -86.44 -40.74
CA PRO C 46 -76.38 -87.87 -40.66
C PRO C 46 -74.93 -88.10 -41.07
N PHE C 47 -74.33 -89.12 -40.47
CA PHE C 47 -72.95 -89.47 -40.76
C PHE C 47 -72.90 -90.56 -41.82
N LYS C 48 -72.14 -90.31 -42.88
CA LYS C 48 -72.01 -91.24 -44.00
C LYS C 48 -70.60 -91.81 -44.01
N PHE C 49 -70.50 -93.12 -44.08
CA PHE C 49 -69.19 -93.79 -44.11
C PHE C 49 -69.29 -95.08 -44.89
N ARG C 50 -68.24 -95.41 -45.63
CA ARG C 50 -68.26 -96.58 -46.50
C ARG C 50 -67.50 -97.73 -45.87
N ILE C 51 -68.02 -98.94 -46.09
CA ILE C 51 -67.57 -100.11 -45.35
C ILE C 51 -66.25 -100.64 -45.90
N GLY C 52 -65.38 -101.10 -45.00
CA GLY C 52 -64.22 -101.87 -45.35
C GLY C 52 -62.99 -101.09 -45.70
N LYS C 53 -63.06 -99.76 -45.69
CA LYS C 53 -61.92 -98.92 -45.96
C LYS C 53 -61.56 -98.03 -44.79
N GLN C 54 -61.81 -98.50 -43.56
CA GLN C 54 -61.40 -97.86 -42.31
C GLN C 54 -61.51 -96.34 -42.36
N GLU C 55 -62.69 -95.84 -42.77
CA GLU C 55 -63.01 -94.44 -42.51
C GLU C 55 -63.34 -94.23 -41.04
N VAL C 56 -63.92 -95.23 -40.39
CA VAL C 56 -64.33 -95.14 -39.00
C VAL C 56 -63.49 -96.10 -38.18
N ILE C 57 -63.68 -96.09 -36.86
CA ILE C 57 -62.97 -97.03 -36.00
C ILE C 57 -63.52 -98.44 -36.22
N LYS C 58 -62.70 -99.43 -35.90
CA LYS C 58 -63.02 -100.81 -36.25
C LYS C 58 -64.24 -101.31 -35.49
N GLY C 59 -64.39 -100.92 -34.22
CA GLY C 59 -65.58 -101.32 -33.48
C GLY C 59 -66.84 -100.79 -34.10
N PHE C 60 -66.83 -99.51 -34.49
CA PHE C 60 -67.98 -98.93 -35.20
C PHE C 60 -68.23 -99.67 -36.50
N GLU C 61 -67.17 -100.00 -37.24
CA GLU C 61 -67.30 -100.71 -38.51
C GLU C 61 -67.99 -102.05 -38.31
N GLU C 62 -67.51 -102.85 -37.36
CA GLU C 62 -68.07 -104.17 -37.13
C GLU C 62 -69.51 -104.07 -36.62
N GLY C 63 -69.77 -103.11 -35.73
CA GLY C 63 -71.12 -102.94 -35.22
C GLY C 63 -72.12 -102.58 -36.31
N ALA C 64 -71.74 -101.64 -37.18
CA ALA C 64 -72.60 -101.29 -38.31
C ALA C 64 -72.74 -102.43 -39.31
N ALA C 65 -71.68 -103.21 -39.53
CA ALA C 65 -71.81 -104.38 -40.39
C ALA C 65 -72.84 -105.37 -39.83
N GLN C 66 -72.80 -105.62 -38.52
CA GLN C 66 -73.73 -106.58 -37.94
C GLN C 66 -75.15 -106.03 -37.87
N MET C 67 -75.30 -104.71 -37.74
CA MET C 67 -76.60 -104.07 -37.69
C MET C 67 -77.31 -104.16 -39.03
N SER C 68 -78.62 -104.02 -38.99
CA SER C 68 -79.47 -104.10 -40.17
C SER C 68 -80.11 -102.74 -40.40
N LEU C 69 -80.83 -102.64 -41.52
CA LEU C 69 -81.46 -101.38 -41.92
C LEU C 69 -82.58 -100.99 -40.96
N GLY C 70 -82.66 -99.72 -40.64
CA GLY C 70 -83.73 -99.23 -39.77
C GLY C 70 -83.64 -99.72 -38.36
N GLN C 71 -82.49 -100.25 -37.94
CA GLN C 71 -82.33 -100.84 -36.62
C GLN C 71 -81.47 -99.91 -35.76
N ARG C 72 -81.96 -99.59 -34.58
CA ARG C 72 -81.19 -98.84 -33.59
C ARG C 72 -80.55 -99.83 -32.63
N ALA C 73 -79.26 -99.67 -32.38
CA ALA C 73 -78.53 -100.59 -31.53
C ALA C 73 -77.48 -99.87 -30.71
N LYS C 74 -77.16 -100.46 -29.56
CA LYS C 74 -76.09 -100.01 -28.69
C LYS C 74 -74.85 -100.82 -28.99
N LEU C 75 -73.76 -100.13 -29.28
CA LEU C 75 -72.48 -100.72 -29.66
C LEU C 75 -71.50 -100.45 -28.52
N THR C 76 -71.08 -101.51 -27.85
CA THR C 76 -70.04 -101.40 -26.84
C THR C 76 -68.72 -101.80 -27.47
N CYS C 77 -67.77 -100.87 -27.52
CA CYS C 77 -66.48 -101.08 -28.18
C CYS C 77 -65.37 -101.00 -27.15
N THR C 78 -64.55 -102.04 -27.08
CA THR C 78 -63.41 -102.06 -26.19
C THR C 78 -62.32 -101.14 -26.74
N PRO C 79 -61.37 -100.71 -25.90
CA PRO C 79 -60.31 -99.83 -26.40
C PRO C 79 -59.52 -100.41 -27.55
N ASP C 80 -59.31 -101.73 -27.57
CA ASP C 80 -58.53 -102.35 -28.64
C ASP C 80 -59.13 -102.15 -30.02
N VAL C 81 -60.45 -101.91 -30.11
CA VAL C 81 -61.10 -101.60 -31.37
C VAL C 81 -61.57 -100.16 -31.41
N ALA C 82 -61.41 -99.41 -30.32
CA ALA C 82 -61.84 -98.02 -30.23
C ALA C 82 -60.67 -97.17 -29.73
N TYR C 83 -59.93 -96.60 -30.67
CA TYR C 83 -58.87 -95.62 -30.43
C TYR C 83 -57.68 -96.17 -29.65
N GLY C 84 -57.65 -97.47 -29.38
CA GLY C 84 -56.46 -98.06 -28.80
C GLY C 84 -56.15 -97.52 -27.42
N ALA C 85 -54.88 -97.55 -27.06
CA ALA C 85 -54.41 -97.06 -25.76
C ALA C 85 -53.89 -95.65 -25.81
N THR C 86 -53.49 -95.16 -26.99
CA THR C 86 -53.07 -93.77 -27.10
C THR C 86 -54.23 -92.81 -26.88
N GLY C 87 -55.44 -93.25 -27.21
CA GLY C 87 -56.60 -92.41 -27.06
C GLY C 87 -56.65 -91.31 -28.10
N HIS C 88 -57.71 -90.53 -28.04
CA HIS C 88 -57.86 -89.37 -28.91
C HIS C 88 -57.47 -88.12 -28.13
N PRO C 89 -56.41 -87.41 -28.52
CA PRO C 89 -55.95 -86.27 -27.73
C PRO C 89 -57.00 -85.18 -27.63
N GLY C 90 -57.41 -84.88 -26.41
CA GLY C 90 -58.37 -83.82 -26.12
C GLY C 90 -59.81 -84.26 -26.01
N VAL C 91 -60.13 -85.45 -26.49
CA VAL C 91 -61.52 -85.90 -26.49
C VAL C 91 -61.67 -87.17 -25.66
N ILE C 92 -60.99 -88.23 -26.06
CA ILE C 92 -61.17 -89.55 -25.47
C ILE C 92 -59.94 -89.90 -24.65
N PRO C 93 -60.09 -90.22 -23.36
CA PRO C 93 -58.92 -90.54 -22.56
C PRO C 93 -58.35 -91.90 -22.95
N PRO C 94 -57.10 -92.18 -22.60
CA PRO C 94 -56.52 -93.49 -22.93
C PRO C 94 -57.28 -94.63 -22.29
N ASN C 95 -57.38 -95.74 -23.02
CA ASN C 95 -57.97 -96.98 -22.52
C ASN C 95 -59.40 -96.76 -22.02
N ALA C 96 -60.27 -96.30 -22.92
CA ALA C 96 -61.66 -96.04 -22.60
C ALA C 96 -62.56 -96.79 -23.56
N THR C 97 -63.51 -97.54 -23.01
CA THR C 97 -64.52 -98.23 -23.81
C THR C 97 -65.58 -97.23 -24.21
N LEU C 98 -66.09 -97.38 -25.43
CA LEU C 98 -67.03 -96.42 -26.00
C LEU C 98 -68.39 -97.08 -26.22
N ILE C 99 -69.45 -96.41 -25.77
CA ILE C 99 -70.81 -96.85 -26.00
C ILE C 99 -71.45 -95.93 -27.01
N PHE C 100 -71.94 -96.50 -28.11
CA PHE C 100 -72.55 -95.76 -29.19
C PHE C 100 -74.01 -96.16 -29.31
N ASP C 101 -74.89 -95.18 -29.44
CA ASP C 101 -76.27 -95.43 -29.84
C ASP C 101 -76.34 -95.10 -31.33
N VAL C 102 -76.49 -96.14 -32.15
CA VAL C 102 -76.36 -96.01 -33.60
C VAL C 102 -77.66 -96.47 -34.25
N GLU C 103 -78.20 -95.62 -35.12
CA GLU C 103 -79.34 -95.97 -35.96
C GLU C 103 -78.89 -95.95 -37.42
N LEU C 104 -79.06 -97.07 -38.10
CA LEU C 104 -78.78 -97.20 -39.54
C LEU C 104 -80.01 -96.75 -40.33
N LEU C 105 -79.97 -95.49 -40.74
CA LEU C 105 -81.14 -94.91 -41.40
C LEU C 105 -81.33 -95.46 -42.80
N ASN C 106 -80.26 -95.48 -43.60
CA ASN C 106 -80.41 -95.68 -45.02
C ASN C 106 -79.11 -96.19 -45.63
N LEU C 107 -79.22 -96.96 -46.71
CA LEU C 107 -78.09 -97.64 -47.32
C LEU C 107 -78.08 -97.43 -48.84
N GLU C 108 -76.99 -96.88 -49.35
CA GLU C 108 -76.65 -97.01 -50.76
C GLU C 108 -75.16 -97.33 -50.91
N GLY D 2 83.67 -38.86 -90.81
CA GLY D 2 82.35 -39.32 -90.38
C GLY D 2 81.22 -38.74 -91.19
N VAL D 3 81.57 -38.02 -92.26
CA VAL D 3 80.60 -37.38 -93.14
C VAL D 3 80.62 -38.12 -94.48
N GLU D 4 79.44 -38.44 -94.99
CA GLU D 4 79.30 -39.14 -96.26
C GLU D 4 78.69 -38.20 -97.30
N ILE D 5 79.28 -38.18 -98.50
CA ILE D 5 78.88 -37.29 -99.57
C ILE D 5 78.31 -38.13 -100.71
N GLU D 6 77.12 -37.74 -101.18
CA GLU D 6 76.49 -38.41 -102.32
C GLU D 6 75.99 -37.35 -103.29
N THR D 7 76.58 -37.29 -104.48
CA THR D 7 76.29 -36.22 -105.42
C THR D 7 74.92 -36.43 -106.06
N ILE D 8 74.03 -35.46 -105.90
CA ILE D 8 72.77 -35.47 -106.63
C ILE D 8 72.94 -34.79 -107.98
N SER D 9 73.66 -33.66 -108.02
CA SER D 9 73.91 -32.97 -109.26
C SER D 9 75.40 -32.68 -109.40
N PRO D 10 75.96 -32.91 -110.59
CA PRO D 10 77.40 -32.67 -110.77
C PRO D 10 77.75 -31.20 -110.69
N GLY D 11 78.97 -30.92 -110.23
CA GLY D 11 79.50 -29.57 -110.23
C GLY D 11 80.50 -29.35 -111.34
N ASP D 12 81.24 -28.25 -111.23
CA ASP D 12 82.26 -27.95 -112.22
C ASP D 12 83.43 -28.94 -112.12
N GLY D 13 83.75 -29.39 -110.90
CA GLY D 13 84.78 -30.38 -110.70
C GLY D 13 86.18 -29.81 -110.56
N ARG D 14 86.36 -28.49 -110.67
CA ARG D 14 87.68 -27.90 -110.54
C ARG D 14 87.81 -26.89 -109.41
N THR D 15 86.73 -26.27 -108.96
CA THR D 15 86.78 -25.24 -107.93
C THR D 15 86.27 -25.82 -106.61
N PHE D 16 87.09 -25.73 -105.57
CA PHE D 16 86.76 -26.21 -104.23
C PHE D 16 87.05 -25.13 -103.20
N PRO D 17 86.30 -25.11 -102.09
CA PRO D 17 86.46 -24.03 -101.10
C PRO D 17 87.78 -24.12 -100.36
N LYS D 18 88.38 -22.97 -100.09
CA LYS D 18 89.62 -22.88 -99.33
C LYS D 18 89.47 -22.06 -98.05
N LYS D 19 90.60 -21.82 -97.38
CA LYS D 19 90.77 -20.67 -96.49
C LYS D 19 90.26 -19.38 -97.10
N GLY D 20 89.61 -18.57 -96.25
CA GLY D 20 89.30 -17.20 -96.56
C GLY D 20 88.05 -17.01 -97.38
N GLN D 21 87.38 -18.08 -97.78
CA GLN D 21 86.28 -18.00 -98.73
C GLN D 21 84.95 -18.14 -98.00
N THR D 22 84.06 -17.18 -98.24
CA THR D 22 82.67 -17.33 -97.80
C THR D 22 81.93 -18.27 -98.74
N CYS D 23 81.47 -19.40 -98.21
CA CYS D 23 80.69 -20.36 -98.97
C CYS D 23 79.22 -19.98 -98.86
N VAL D 24 78.56 -19.92 -100.02
CA VAL D 24 77.14 -19.61 -100.11
C VAL D 24 76.43 -20.90 -100.51
N VAL D 25 75.51 -21.36 -99.68
CA VAL D 25 74.84 -22.62 -99.89
C VAL D 25 73.35 -22.46 -99.70
N HIS D 26 72.59 -23.38 -100.29
CA HIS D 26 71.24 -23.69 -99.83
C HIS D 26 71.22 -25.11 -99.29
N TYR D 27 70.78 -25.26 -98.05
CA TYR D 27 70.71 -26.55 -97.39
C TYR D 27 69.28 -26.81 -96.94
N THR D 28 68.91 -28.09 -96.94
CA THR D 28 67.56 -28.52 -96.60
C THR D 28 67.67 -29.65 -95.57
N GLY D 29 68.41 -29.39 -94.49
CA GLY D 29 68.70 -30.39 -93.49
C GLY D 29 67.51 -31.14 -92.94
N MET D 30 67.66 -32.45 -92.79
CA MET D 30 66.59 -33.34 -92.35
C MET D 30 67.15 -34.36 -91.37
N LEU D 31 66.26 -34.89 -90.54
CA LEU D 31 66.63 -35.98 -89.64
C LEU D 31 66.62 -37.30 -90.41
N GLN D 32 67.15 -38.35 -89.76
CA GLN D 32 67.24 -39.65 -90.41
C GLN D 32 65.86 -40.25 -90.64
N ASN D 33 64.94 -40.02 -89.72
CA ASN D 33 63.59 -40.57 -89.86
C ASN D 33 62.87 -40.02 -91.08
N GLY D 34 63.17 -38.78 -91.46
CA GLY D 34 62.57 -38.19 -92.63
C GLY D 34 61.96 -36.83 -92.38
N LYS D 35 61.99 -36.38 -91.13
CA LYS D 35 61.39 -35.10 -90.78
C LYS D 35 62.40 -33.97 -90.96
N LYS D 36 61.96 -32.91 -91.64
CA LYS D 36 62.82 -31.79 -92.00
C LYS D 36 62.84 -30.80 -90.84
N PHE D 37 64.04 -30.37 -90.44
CA PHE D 37 64.16 -29.47 -89.30
C PHE D 37 64.71 -28.10 -89.67
N ASP D 38 65.16 -27.90 -90.91
CA ASP D 38 65.67 -26.60 -91.32
C ASP D 38 65.74 -26.54 -92.84
N SER D 39 65.59 -25.33 -93.38
CA SER D 39 65.73 -25.12 -94.82
C SER D 39 66.00 -23.65 -95.11
N SER D 40 67.22 -23.36 -95.56
CA SER D 40 67.54 -22.04 -96.07
C SER D 40 66.68 -21.67 -97.27
N ARG D 41 66.17 -22.66 -98.02
CA ARG D 41 65.23 -22.40 -99.08
C ARG D 41 63.83 -22.07 -98.55
N ASP D 42 63.45 -22.63 -97.40
CA ASP D 42 62.25 -22.13 -96.73
C ASP D 42 62.44 -20.67 -96.31
N ARG D 43 63.63 -20.34 -95.78
CA ARG D 43 63.88 -18.96 -95.38
C ARG D 43 64.15 -18.05 -96.57
N ASN D 44 64.30 -18.61 -97.77
CA ASN D 44 64.47 -17.88 -99.02
C ASN D 44 65.75 -17.05 -99.08
N LYS D 45 66.68 -17.26 -98.17
CA LYS D 45 67.95 -16.57 -98.22
C LYS D 45 69.10 -17.56 -98.17
N PRO D 46 70.11 -17.41 -99.02
CA PRO D 46 71.25 -18.33 -98.98
C PRO D 46 72.03 -18.18 -97.69
N PHE D 47 72.62 -19.29 -97.25
CA PHE D 47 73.42 -19.29 -96.03
C PHE D 47 74.89 -19.11 -96.37
N LYS D 48 75.51 -18.12 -95.73
CA LYS D 48 76.91 -17.80 -95.95
C LYS D 48 77.72 -18.15 -94.71
N PHE D 49 78.80 -18.90 -94.91
CA PHE D 49 79.66 -19.30 -93.80
C PHE D 49 81.09 -19.45 -94.28
N ARG D 50 82.04 -19.08 -93.43
CA ARG D 50 83.45 -19.09 -93.83
C ARG D 50 84.16 -20.31 -93.27
N ILE D 51 85.09 -20.84 -94.05
CA ILE D 51 85.67 -22.15 -93.78
C ILE D 51 86.72 -22.05 -92.69
N GLY D 52 86.78 -23.08 -91.84
CA GLY D 52 87.88 -23.30 -90.93
C GLY D 52 87.79 -22.57 -89.61
N LYS D 53 86.75 -21.78 -89.39
CA LYS D 53 86.55 -21.07 -88.13
C LYS D 53 85.27 -21.50 -87.43
N GLN D 54 84.85 -22.75 -87.62
CA GLN D 54 83.72 -23.37 -86.91
C GLN D 54 82.56 -22.42 -86.71
N GLU D 55 82.11 -21.77 -87.78
CA GLU D 55 80.81 -21.13 -87.75
C GLU D 55 79.69 -22.16 -87.82
N VAL D 56 79.94 -23.27 -88.52
CA VAL D 56 78.96 -24.32 -88.71
C VAL D 56 79.43 -25.58 -88.00
N ILE D 57 78.59 -26.63 -88.00
CA ILE D 57 78.99 -27.89 -87.41
C ILE D 57 80.07 -28.54 -88.27
N LYS D 58 80.85 -29.42 -87.65
CA LYS D 58 82.04 -29.96 -88.32
C LYS D 58 81.67 -30.84 -89.50
N GLY D 59 80.59 -31.61 -89.39
CA GLY D 59 80.15 -32.41 -90.52
C GLY D 59 79.78 -31.57 -91.72
N PHE D 60 79.04 -30.49 -91.49
CA PHE D 60 78.72 -29.55 -92.55
C PHE D 60 79.98 -28.94 -93.14
N GLU D 61 80.93 -28.58 -92.27
CA GLU D 61 82.18 -27.99 -92.73
C GLU D 61 82.93 -28.94 -93.66
N GLU D 62 83.12 -30.18 -93.24
CA GLU D 62 83.84 -31.15 -94.05
C GLU D 62 83.09 -31.45 -95.35
N GLY D 63 81.77 -31.59 -95.28
CA GLY D 63 81.01 -31.86 -96.48
C GLY D 63 81.11 -30.74 -97.50
N ALA D 64 81.00 -29.49 -97.05
CA ALA D 64 81.16 -28.36 -97.95
C ALA D 64 82.59 -28.24 -98.48
N ALA D 65 83.59 -28.56 -97.66
CA ALA D 65 84.97 -28.58 -98.15
C ALA D 65 85.13 -29.59 -99.28
N GLN D 66 84.57 -30.79 -99.11
CA GLN D 66 84.72 -31.80 -100.16
C GLN D 66 83.90 -31.49 -101.40
N MET D 67 82.77 -30.80 -101.23
CA MET D 67 81.91 -30.43 -102.35
C MET D 67 82.58 -29.39 -103.22
N SER D 68 82.13 -29.30 -104.47
CA SER D 68 82.66 -28.39 -105.45
C SER D 68 81.59 -27.37 -105.81
N LEU D 69 81.98 -26.40 -106.63
CA LEU D 69 81.08 -25.31 -107.02
C LEU D 69 79.94 -25.82 -107.90
N GLY D 70 78.74 -25.30 -107.65
CA GLY D 70 77.59 -25.67 -108.45
C GLY D 70 77.16 -27.11 -108.29
N GLN D 71 77.61 -27.78 -107.23
CA GLN D 71 77.33 -29.20 -107.02
C GLN D 71 76.34 -29.34 -105.88
N ARG D 72 75.28 -30.09 -106.12
CA ARG D 72 74.32 -30.45 -105.08
C ARG D 72 74.68 -31.83 -104.56
N ALA D 73 74.74 -31.96 -103.24
CA ALA D 73 75.14 -33.22 -102.63
C ALA D 73 74.37 -33.47 -101.34
N LYS D 74 74.23 -34.74 -101.01
CA LYS D 74 73.65 -35.20 -99.75
C LYS D 74 74.77 -35.47 -98.77
N LEU D 75 74.69 -34.85 -97.61
CA LEU D 75 75.68 -34.93 -96.55
C LEU D 75 75.06 -35.71 -95.41
N THR D 76 75.59 -36.89 -95.14
CA THR D 76 75.18 -37.66 -93.97
C THR D 76 76.20 -37.43 -92.87
N CYS D 77 75.75 -36.86 -91.74
CA CYS D 77 76.63 -36.49 -90.64
C CYS D 77 76.25 -37.29 -89.41
N THR D 78 77.22 -37.99 -88.84
CA THR D 78 77.01 -38.73 -87.61
C THR D 78 76.90 -37.78 -86.43
N PRO D 79 76.33 -38.22 -85.31
CA PRO D 79 76.21 -37.31 -84.16
C PRO D 79 77.53 -36.76 -83.67
N ASP D 80 78.61 -37.54 -83.76
CA ASP D 80 79.91 -37.08 -83.28
C ASP D 80 80.40 -35.84 -84.02
N VAL D 81 79.95 -35.60 -85.24
CA VAL D 81 80.28 -34.39 -85.97
C VAL D 81 79.07 -33.47 -86.12
N ALA D 82 77.89 -33.91 -85.65
CA ALA D 82 76.66 -33.13 -85.76
C ALA D 82 76.01 -33.05 -84.38
N TYR D 83 76.32 -31.97 -83.65
CA TYR D 83 75.70 -31.59 -82.39
C TYR D 83 75.96 -32.58 -81.26
N GLY D 84 76.82 -33.58 -81.47
CA GLY D 84 77.25 -34.43 -80.37
C GLY D 84 76.09 -35.21 -79.77
N ALA D 85 76.23 -35.55 -78.49
CA ALA D 85 75.21 -36.31 -77.77
C ALA D 85 74.28 -35.43 -76.96
N THR D 86 74.70 -34.20 -76.62
CA THR D 86 73.80 -33.30 -75.92
C THR D 86 72.64 -32.86 -76.81
N GLY D 87 72.86 -32.84 -78.12
CA GLY D 87 71.83 -32.41 -79.04
C GLY D 87 71.58 -30.92 -78.98
N HIS D 88 70.67 -30.48 -79.83
CA HIS D 88 70.26 -29.09 -79.83
C HIS D 88 68.93 -28.97 -79.08
N PRO D 89 68.89 -28.25 -77.96
CA PRO D 89 67.67 -28.22 -77.15
C PRO D 89 66.51 -27.61 -77.91
N GLY D 90 65.45 -28.40 -78.09
CA GLY D 90 64.23 -27.97 -78.73
C GLY D 90 64.12 -28.29 -80.21
N VAL D 91 65.24 -28.61 -80.85
CA VAL D 91 65.25 -28.84 -82.29
C VAL D 91 65.69 -30.26 -82.61
N ILE D 92 66.92 -30.61 -82.23
CA ILE D 92 67.54 -31.87 -82.62
C ILE D 92 67.63 -32.76 -81.39
N PRO D 93 67.09 -33.98 -81.43
CA PRO D 93 67.17 -34.85 -80.26
C PRO D 93 68.59 -35.35 -80.06
N PRO D 94 68.92 -35.84 -78.87
CA PRO D 94 70.27 -36.36 -78.64
C PRO D 94 70.57 -37.56 -79.54
N ASN D 95 71.83 -37.63 -79.98
CA ASN D 95 72.33 -38.76 -80.75
C ASN D 95 71.51 -38.99 -82.02
N ALA D 96 71.46 -37.97 -82.87
CA ALA D 96 70.72 -38.04 -84.13
C ALA D 96 71.64 -37.71 -85.29
N THR D 97 71.65 -38.57 -86.30
CA THR D 97 72.38 -38.32 -87.52
C THR D 97 71.58 -37.36 -88.39
N LEU D 98 72.27 -36.47 -89.08
CA LEU D 98 71.63 -35.42 -89.86
C LEU D 98 71.92 -35.61 -91.33
N ILE D 99 70.87 -35.53 -92.15
CA ILE D 99 71.00 -35.58 -93.61
C ILE D 99 70.71 -34.20 -94.16
N PHE D 100 71.68 -33.66 -94.89
CA PHE D 100 71.59 -32.33 -95.48
C PHE D 100 71.58 -32.44 -96.99
N ASP D 101 70.68 -31.72 -97.64
CA ASP D 101 70.75 -31.52 -99.08
C ASP D 101 71.36 -30.14 -99.28
N VAL D 102 72.59 -30.09 -99.76
CA VAL D 102 73.37 -28.86 -99.80
C VAL D 102 73.78 -28.58 -101.24
N GLU D 103 73.51 -27.36 -101.70
CA GLU D 103 73.98 -26.88 -102.98
C GLU D 103 74.91 -25.71 -102.75
N LEU D 104 76.14 -25.83 -103.25
CA LEU D 104 77.15 -24.77 -103.20
C LEU D 104 76.96 -23.83 -104.38
N LEU D 105 76.24 -22.75 -104.14
CA LEU D 105 75.88 -21.84 -105.22
C LEU D 105 77.07 -21.04 -105.71
N ASN D 106 77.84 -20.46 -104.80
CA ASN D 106 78.78 -19.43 -105.18
C ASN D 106 79.86 -19.28 -104.10
N LEU D 107 81.05 -18.87 -104.54
CA LEU D 107 82.23 -18.82 -103.68
C LEU D 107 82.95 -17.49 -103.83
N GLU D 108 83.11 -16.78 -102.71
CA GLU D 108 84.13 -15.74 -102.60
C GLU D 108 84.83 -15.84 -101.26
N GLU E 10 25.18 10.69 -14.28
CA GLU E 10 24.88 9.63 -13.33
C GLU E 10 26.14 9.03 -12.74
N ILE E 11 27.29 9.44 -13.26
CA ILE E 11 28.58 8.95 -12.83
C ILE E 11 29.44 10.14 -12.40
N GLN E 12 30.06 10.03 -11.24
CA GLN E 12 30.85 11.14 -10.71
C GLN E 12 32.13 11.33 -11.51
N PHE E 13 32.54 12.59 -11.65
CA PHE E 13 33.74 12.96 -12.39
C PHE E 13 34.73 13.62 -11.45
N LEU E 14 36.01 13.27 -11.60
CA LEU E 14 37.04 13.84 -10.74
C LEU E 14 37.29 15.29 -11.12
N ARG E 15 37.22 16.18 -10.14
CA ARG E 15 37.46 17.60 -10.31
C ARG E 15 38.45 18.08 -9.26
N THR E 16 38.80 19.36 -9.34
CA THR E 16 39.76 19.93 -8.41
C THR E 16 39.17 20.01 -7.01
N ASP E 17 40.06 20.17 -6.02
CA ASP E 17 39.75 20.29 -4.60
C ASP E 17 39.11 19.03 -4.04
N ASP E 18 39.29 17.89 -4.69
CA ASP E 18 38.75 16.61 -4.21
C ASP E 18 39.87 15.75 -3.68
N GLU E 19 39.69 15.23 -2.47
CA GLU E 19 40.69 14.36 -1.87
C GLU E 19 40.70 13.01 -2.57
N VAL E 20 41.87 12.59 -3.02
CA VAL E 20 42.02 11.35 -3.77
C VAL E 20 43.19 10.55 -3.21
N VAL E 21 43.16 9.24 -3.43
CA VAL E 21 44.26 8.35 -3.09
C VAL E 21 44.62 7.56 -4.33
N LEU E 22 45.92 7.34 -4.53
CA LEU E 22 46.44 6.65 -5.69
C LEU E 22 46.70 5.19 -5.33
N GLN E 23 45.84 4.30 -5.81
CA GLN E 23 45.93 2.87 -5.56
C GLN E 23 46.63 2.19 -6.72
N CYS E 24 47.35 1.11 -6.41
CA CYS E 24 48.03 0.29 -7.39
C CYS E 24 47.93 -1.17 -6.99
N THR E 25 48.19 -2.05 -7.94
CA THR E 25 48.07 -3.48 -7.75
C THR E 25 49.45 -4.12 -7.77
N ALA E 26 49.63 -5.12 -6.91
CA ALA E 26 50.88 -5.85 -6.79
C ALA E 26 50.60 -7.34 -6.86
N THR E 27 51.51 -8.07 -7.51
CA THR E 27 51.39 -9.51 -7.68
C THR E 27 52.44 -10.28 -6.87
N ILE E 28 52.70 -9.83 -5.64
CA ILE E 28 53.74 -10.47 -4.84
C ILE E 28 53.37 -11.92 -4.54
N HIS E 29 54.33 -12.82 -4.74
CA HIS E 29 54.16 -14.27 -4.57
C HIS E 29 52.80 -14.73 -5.05
N LYS E 30 52.39 -14.24 -6.23
CA LYS E 30 51.16 -14.67 -6.91
C LYS E 30 49.92 -14.42 -6.06
N GLU E 31 49.81 -13.20 -5.51
CA GLU E 31 48.54 -12.77 -4.93
C GLU E 31 48.30 -11.32 -5.31
N GLN E 32 47.03 -10.94 -5.37
CA GLN E 32 46.65 -9.56 -5.70
C GLN E 32 46.61 -8.73 -4.42
N GLN E 33 47.47 -7.72 -4.36
CA GLN E 33 47.57 -6.84 -3.20
C GLN E 33 47.30 -5.41 -3.65
N LYS E 34 46.45 -4.71 -2.89
CA LYS E 34 46.12 -3.33 -3.18
C LYS E 34 46.94 -2.41 -2.29
N LEU E 35 47.77 -1.57 -2.91
CA LEU E 35 48.64 -0.66 -2.18
C LEU E 35 48.27 0.76 -2.53
N CYS E 36 48.64 1.71 -1.66
CA CYS E 36 48.36 3.11 -1.90
C CYS E 36 49.64 3.92 -1.74
N LEU E 37 49.82 4.89 -2.63
CA LEU E 37 50.98 5.77 -2.61
C LEU E 37 50.82 6.74 -1.45
N ALA E 38 51.78 6.73 -0.53
CA ALA E 38 51.72 7.58 0.65
C ALA E 38 53.09 8.18 0.92
N ALA E 39 53.11 9.17 1.81
CA ALA E 39 54.36 9.78 2.24
C ALA E 39 54.08 10.57 3.51
N GLU E 40 54.97 10.43 4.49
CA GLU E 40 54.89 11.17 5.73
C GLU E 40 55.67 12.47 5.53
N GLY E 41 54.96 13.57 5.28
CA GLY E 41 55.58 14.82 4.90
C GLY E 41 56.60 15.32 5.88
N PHE E 42 56.26 15.27 7.17
CA PHE E 42 57.23 15.62 8.20
C PHE E 42 58.37 14.63 8.20
N GLY E 43 59.59 15.13 8.22
CA GLY E 43 60.74 14.25 8.15
C GLY E 43 60.97 13.80 6.71
N ASN E 44 61.02 12.49 6.52
CA ASN E 44 61.37 11.93 5.22
C ASN E 44 60.37 12.34 4.14
N ARG E 45 60.87 13.05 3.12
CA ARG E 45 60.05 13.43 1.99
C ARG E 45 59.82 12.31 0.99
N LEU E 46 60.59 11.23 1.06
CA LEU E 46 60.47 10.15 0.10
C LEU E 46 59.15 9.42 0.29
N CYS E 47 58.52 9.03 -0.81
CA CYS E 47 57.24 8.35 -0.76
C CYS E 47 57.43 6.85 -0.67
N PHE E 48 56.48 6.19 0.01
CA PHE E 48 56.43 4.74 0.06
C PHE E 48 55.02 4.30 -0.27
N LEU E 49 54.76 3.01 -0.05
CA LEU E 49 53.46 2.41 -0.33
C LEU E 49 52.92 1.78 0.94
N GLU E 50 51.67 2.07 1.25
CA GLU E 50 51.01 1.47 2.40
C GLU E 50 49.97 0.45 1.92
N SER E 51 49.99 -0.73 2.52
CA SER E 51 49.11 -1.80 2.11
C SER E 51 47.69 -1.53 2.59
N THR E 52 46.75 -1.52 1.64
CA THR E 52 45.34 -1.28 1.95
C THR E 52 44.47 -2.53 1.84
N SER E 53 44.92 -3.56 1.12
CA SER E 53 44.15 -4.79 1.01
C SER E 53 44.10 -5.55 2.33
N ASN E 54 45.01 -5.24 3.26
CA ASN E 54 45.05 -5.88 4.57
C ASN E 54 44.31 -5.09 5.62
N SER E 55 43.24 -4.37 5.25
CA SER E 55 42.48 -3.60 6.22
C SER E 55 41.88 -4.48 7.29
N LYS E 56 41.70 -5.77 6.98
CA LYS E 56 41.19 -6.70 7.97
C LYS E 56 42.13 -6.86 9.15
N ASN E 57 43.44 -6.91 8.88
CA ASN E 57 44.40 -7.16 9.95
C ASN E 57 45.19 -5.91 10.35
N VAL E 58 45.61 -5.12 9.37
CA VAL E 58 46.43 -3.93 9.64
C VAL E 58 45.69 -2.70 9.13
N PRO E 59 45.34 -1.77 10.01
CA PRO E 59 44.66 -0.55 9.56
C PRO E 59 45.52 0.25 8.60
N PRO E 60 44.92 0.84 7.57
CA PRO E 60 45.70 1.66 6.65
C PRO E 60 45.80 3.11 7.10
N ASP E 61 47.00 3.68 7.02
CA ASP E 61 47.23 5.06 7.45
C ASP E 61 46.90 6.02 6.31
N LEU E 62 45.60 6.10 6.01
CA LEU E 62 45.15 6.94 4.91
C LEU E 62 45.36 8.43 5.16
N SER E 63 45.63 8.81 6.41
CA SER E 63 45.85 10.22 6.72
C SER E 63 47.01 10.79 5.91
N ILE E 64 48.07 10.00 5.72
CA ILE E 64 49.20 10.43 4.90
C ILE E 64 49.05 9.98 3.45
N CYS E 65 48.05 9.17 3.14
CA CYS E 65 47.79 8.75 1.77
C CYS E 65 46.92 9.71 1.00
N THR E 66 46.09 10.49 1.70
CA THR E 66 45.17 11.39 1.02
C THR E 66 45.91 12.48 0.26
N PHE E 67 45.46 12.75 -0.96
CA PHE E 67 46.02 13.79 -1.80
C PHE E 67 44.89 14.63 -2.37
N VAL E 68 45.15 15.90 -2.62
CA VAL E 68 44.15 16.82 -3.15
C VAL E 68 44.64 17.38 -4.48
N LEU E 69 43.73 17.51 -5.43
CA LEU E 69 44.06 18.01 -6.77
C LEU E 69 43.86 19.52 -6.77
N GLU E 70 44.97 20.27 -6.75
CA GLU E 70 44.89 21.72 -6.70
C GLU E 70 44.45 22.29 -8.03
N GLN E 71 45.19 22.00 -9.09
CA GLN E 71 44.87 22.51 -10.42
C GLN E 71 45.05 21.40 -11.45
N SER E 72 44.26 21.49 -12.54
CA SER E 72 44.34 20.57 -13.66
C SER E 72 44.30 21.40 -14.95
N LEU E 73 45.48 21.78 -15.42
CA LEU E 73 45.60 22.63 -16.59
C LEU E 73 46.24 21.88 -17.75
N SER E 74 45.96 22.34 -18.96
CA SER E 74 46.56 21.72 -20.14
C SER E 74 48.06 21.97 -20.17
N VAL E 75 48.77 21.14 -20.91
CA VAL E 75 50.22 21.28 -21.02
C VAL E 75 50.57 22.60 -21.68
N ARG E 76 49.78 23.02 -22.67
CA ARG E 76 50.03 24.31 -23.32
C ARG E 76 49.88 25.46 -22.33
N ALA E 77 48.80 25.44 -21.54
CA ALA E 77 48.58 26.49 -20.56
C ALA E 77 49.67 26.49 -19.50
N LEU E 78 50.09 25.29 -19.06
CA LEU E 78 51.18 25.19 -18.09
C LEU E 78 52.48 25.75 -18.63
N GLN E 79 52.82 25.45 -19.89
CA GLN E 79 54.01 26.01 -20.50
C GLN E 79 53.92 27.52 -20.60
N GLU E 80 52.76 28.05 -20.98
CA GLU E 80 52.60 29.50 -21.05
C GLU E 80 52.77 30.13 -19.67
N MET E 81 52.17 29.53 -18.65
CA MET E 81 52.27 30.07 -17.31
C MET E 81 53.71 30.04 -16.80
N LEU E 82 54.42 28.95 -17.09
CA LEU E 82 55.83 28.86 -16.71
C LEU E 82 56.65 29.91 -17.43
N ALA E 83 56.33 30.17 -18.70
CA ALA E 83 57.00 31.25 -19.43
C ALA E 83 56.72 32.60 -18.78
N ASN E 84 55.50 32.81 -18.32
CA ASN E 84 55.15 34.06 -17.63
C ASN E 84 55.77 34.11 -16.25
N HIS E 110 36.70 24.76 -10.06
CA HIS E 110 36.18 23.41 -9.98
C HIS E 110 36.08 22.76 -11.34
N ARG E 111 37.12 22.95 -12.16
CA ARG E 111 37.16 22.32 -13.47
C ARG E 111 37.32 20.82 -13.34
N THR E 112 36.83 20.10 -14.34
CA THR E 112 36.88 18.65 -14.35
C THR E 112 38.15 18.17 -15.04
N LEU E 113 38.77 17.15 -14.47
CA LEU E 113 39.98 16.59 -15.05
C LEU E 113 39.68 15.96 -16.40
N LEU E 114 40.29 16.52 -17.45
CA LEU E 114 40.18 15.98 -18.80
C LEU E 114 41.50 15.27 -19.12
N TYR E 115 41.40 14.07 -19.68
CA TYR E 115 42.58 13.30 -20.00
C TYR E 115 43.51 14.09 -20.91
N GLY E 116 44.78 14.15 -20.54
CA GLY E 116 45.76 14.92 -21.28
C GLY E 116 46.22 16.20 -20.62
N HIS E 117 45.71 16.52 -19.43
CA HIS E 117 46.20 17.67 -18.69
C HIS E 117 47.35 17.26 -17.78
N ALA E 118 47.96 18.24 -17.12
CA ALA E 118 48.94 18.02 -16.08
C ALA E 118 48.34 18.49 -14.76
N ILE E 119 48.34 17.61 -13.77
CA ILE E 119 47.64 17.86 -12.52
C ILE E 119 48.64 18.11 -11.41
N LEU E 120 48.23 18.89 -10.43
CA LEU E 120 49.07 19.32 -9.31
C LEU E 120 48.54 18.66 -8.04
N LEU E 121 49.25 17.66 -7.57
CA LEU E 121 48.84 16.97 -6.34
C LEU E 121 49.47 17.65 -5.13
N ARG E 122 48.66 17.89 -4.10
CA ARG E 122 49.13 18.42 -2.84
C ARG E 122 48.83 17.42 -1.74
N HIS E 123 49.85 17.10 -0.95
CA HIS E 123 49.65 16.17 0.16
C HIS E 123 48.83 16.85 1.24
N SER E 124 47.68 16.27 1.57
CA SER E 124 46.71 16.95 2.41
C SER E 124 47.29 17.23 3.80
N TYR E 125 47.92 16.24 4.42
CA TYR E 125 48.45 16.41 5.76
C TYR E 125 49.58 17.41 5.78
N SER E 126 50.56 17.23 4.89
CA SER E 126 51.80 18.01 4.99
C SER E 126 51.67 19.34 4.27
N GLY E 127 51.00 19.37 3.12
CA GLY E 127 50.91 20.56 2.32
C GLY E 127 51.93 20.68 1.21
N MET E 128 52.92 19.81 1.17
CA MET E 128 53.83 19.78 0.04
C MET E 128 53.22 19.04 -1.14
N TYR E 129 53.87 19.15 -2.29
CA TYR E 129 53.35 18.63 -3.54
C TYR E 129 54.18 17.45 -4.02
N LEU E 130 53.51 16.47 -4.61
CA LEU E 130 54.20 15.32 -5.19
C LEU E 130 55.04 15.75 -6.38
N CYS E 131 56.25 15.22 -6.46
CA CYS E 131 57.16 15.58 -7.54
C CYS E 131 58.23 14.52 -7.69
N CYS E 132 58.95 14.57 -8.81
CA CYS E 132 60.15 13.76 -8.98
C CYS E 132 61.32 14.49 -8.33
N LEU E 133 61.95 13.82 -7.36
CA LEU E 133 63.01 14.47 -6.59
C LEU E 133 64.27 14.70 -7.39
N SER E 134 64.37 14.08 -8.58
CA SER E 134 65.53 14.19 -9.46
C SER E 134 66.76 13.53 -8.85
N THR E 135 66.62 13.03 -7.64
CA THR E 135 67.64 12.22 -6.99
C THR E 135 67.20 10.76 -6.97
N SER E 136 68.17 9.86 -6.89
CA SER E 136 67.90 8.44 -6.98
C SER E 136 68.55 7.70 -5.83
N ARG E 137 67.87 6.66 -5.36
CA ARG E 137 68.42 5.75 -4.37
C ARG E 137 69.23 4.63 -5.01
N SER E 138 69.28 4.57 -6.34
CA SER E 138 70.01 3.55 -7.09
C SER E 138 69.57 2.15 -6.69
N SER E 139 68.25 1.99 -6.50
CA SER E 139 67.67 0.69 -6.18
C SER E 139 67.55 -0.17 -7.45
N THR E 140 68.70 -0.64 -7.92
CA THR E 140 68.87 -1.47 -9.11
C THR E 140 68.36 -0.80 -10.38
N ASP E 141 68.20 0.52 -10.39
CA ASP E 141 67.75 1.26 -11.57
C ASP E 141 68.43 2.62 -11.58
N LYS E 142 69.43 2.78 -12.44
CA LYS E 142 70.11 4.06 -12.58
C LYS E 142 69.16 5.11 -13.15
N LEU E 143 68.32 4.71 -14.11
CA LEU E 143 67.45 5.66 -14.80
C LEU E 143 66.33 6.15 -13.90
N ALA E 144 65.93 5.34 -12.91
CA ALA E 144 64.81 5.70 -12.06
C ALA E 144 65.13 6.90 -11.19
N PHE E 145 64.14 7.75 -11.00
CA PHE E 145 64.22 8.91 -10.11
C PHE E 145 63.24 8.73 -8.96
N ASP E 146 63.68 9.10 -7.76
CA ASP E 146 62.83 8.99 -6.59
C ASP E 146 61.70 10.02 -6.65
N VAL E 147 60.56 9.63 -6.08
CA VAL E 147 59.36 10.46 -6.06
C VAL E 147 59.09 10.87 -4.62
N GLY E 148 59.02 12.17 -4.38
CA GLY E 148 58.81 12.67 -3.04
C GLY E 148 57.93 13.89 -2.97
N LEU E 149 58.10 14.70 -1.93
CA LEU E 149 57.30 15.90 -1.71
C LEU E 149 58.17 17.14 -1.76
N GLN E 150 57.64 18.22 -2.32
CA GLN E 150 58.36 19.47 -2.47
C GLN E 150 57.47 20.62 -2.02
N GLU E 151 58.09 21.60 -1.36
CA GLU E 151 57.33 22.74 -0.85
C GLU E 151 56.88 23.68 -1.96
N ASP E 152 57.77 24.01 -2.89
CA ASP E 152 57.49 25.00 -3.92
C ASP E 152 56.85 24.33 -5.14
N THR E 153 55.71 24.86 -5.56
CA THR E 153 55.03 24.36 -6.75
C THR E 153 55.66 24.84 -8.05
N THR E 154 56.57 25.82 -7.97
CA THR E 154 57.23 26.30 -9.17
C THR E 154 58.14 25.22 -9.76
N GLY E 155 58.36 25.31 -11.07
CA GLY E 155 59.13 24.31 -11.78
C GLY E 155 58.24 23.23 -12.40
N GLU E 156 58.87 22.41 -13.22
CA GLU E 156 58.18 21.36 -13.96
C GLU E 156 58.22 20.01 -13.23
N ALA E 157 58.82 19.96 -12.05
CA ALA E 157 58.91 18.70 -11.32
C ALA E 157 57.59 18.32 -10.67
N CYS E 158 56.85 19.30 -10.14
CA CYS E 158 55.64 19.00 -9.39
C CYS E 158 54.53 18.47 -10.29
N TRP E 159 54.41 19.03 -11.49
CA TRP E 159 53.27 18.71 -12.34
C TRP E 159 53.40 17.31 -12.92
N TRP E 160 52.26 16.63 -13.06
CA TRP E 160 52.20 15.27 -13.58
C TRP E 160 51.14 15.22 -14.67
N THR E 161 51.56 15.01 -15.91
CA THR E 161 50.60 14.83 -16.99
C THR E 161 49.83 13.54 -16.79
N ILE E 162 48.53 13.58 -17.03
CA ILE E 162 47.65 12.45 -16.78
C ILE E 162 47.35 11.80 -18.13
N HIS E 163 47.34 10.47 -18.17
CA HIS E 163 47.07 9.80 -19.42
C HIS E 163 46.17 8.59 -19.20
N PRO E 164 45.31 8.27 -20.16
CA PRO E 164 44.45 7.10 -20.01
C PRO E 164 45.25 5.82 -20.01
N ALA E 165 44.77 4.83 -19.26
CA ALA E 165 45.45 3.53 -19.23
C ALA E 165 45.18 2.75 -20.50
N SER E 166 43.93 2.79 -20.99
CA SER E 166 43.54 2.03 -22.17
C SER E 166 42.72 2.91 -23.11
N LYS E 167 42.29 2.30 -24.21
CA LYS E 167 41.65 3.03 -25.30
C LYS E 167 40.20 3.38 -25.00
N GLN E 168 39.65 2.86 -23.91
CA GLN E 168 38.24 3.10 -23.63
C GLN E 168 37.91 4.57 -23.41
N ARG E 169 38.90 5.39 -23.07
CA ARG E 169 38.66 6.83 -22.89
C ARG E 169 39.86 7.56 -23.52
N SER E 170 39.65 8.08 -24.72
CA SER E 170 40.71 8.80 -25.41
C SER E 170 41.02 10.11 -24.70
N GLU E 171 42.12 10.74 -25.10
CA GLU E 171 42.54 11.98 -24.48
C GLU E 171 41.51 13.07 -24.71
N GLY E 172 41.26 13.86 -23.67
CA GLY E 172 40.29 14.93 -23.75
C GLY E 172 38.97 14.57 -23.08
N GLU E 173 38.71 13.28 -22.89
CA GLU E 173 37.49 12.86 -22.24
C GLU E 173 37.57 13.09 -20.74
N LYS E 174 36.41 13.34 -20.13
CA LYS E 174 36.36 13.55 -18.69
C LYS E 174 36.73 12.25 -17.96
N VAL E 175 37.54 12.40 -16.91
CA VAL E 175 38.00 11.25 -16.14
C VAL E 175 36.95 10.90 -15.11
N ARG E 176 36.46 9.66 -15.15
CA ARG E 176 35.50 9.20 -14.16
C ARG E 176 36.23 8.83 -12.88
N VAL E 177 35.47 8.75 -11.79
CA VAL E 177 36.06 8.42 -10.49
C VAL E 177 36.66 7.02 -10.52
N GLY E 178 35.95 6.07 -11.14
CA GLY E 178 36.48 4.74 -11.29
C GLY E 178 37.18 4.57 -12.62
N ASP E 179 38.50 4.72 -12.62
CA ASP E 179 39.31 4.63 -13.83
C ASP E 179 40.73 4.22 -13.44
N ASP E 180 41.48 3.77 -14.43
CA ASP E 180 42.90 3.51 -14.30
C ASP E 180 43.66 4.59 -15.07
N LEU E 181 44.66 5.18 -14.42
CA LEU E 181 45.33 6.35 -14.94
C LEU E 181 46.84 6.14 -14.86
N ILE E 182 47.58 6.67 -15.82
CA ILE E 182 49.03 6.61 -15.82
C ILE E 182 49.56 8.03 -15.79
N LEU E 183 50.49 8.30 -14.88
CA LEU E 183 51.03 9.64 -14.69
C LEU E 183 52.43 9.72 -15.28
N VAL E 184 52.67 10.74 -16.10
CA VAL E 184 53.97 10.97 -16.71
C VAL E 184 54.53 12.26 -16.13
N SER E 185 55.72 12.17 -15.56
CA SER E 185 56.36 13.35 -14.98
C SER E 185 56.65 14.37 -16.08
N VAL E 186 56.35 15.63 -15.80
CA VAL E 186 56.67 16.68 -16.75
C VAL E 186 58.19 16.83 -16.86
N SER E 187 58.88 16.87 -15.72
CA SER E 187 60.32 17.16 -15.73
C SER E 187 61.12 15.99 -16.29
N SER E 188 60.83 14.77 -15.84
CA SER E 188 61.67 13.62 -16.15
C SER E 188 61.08 12.73 -17.23
N GLU E 189 59.83 12.95 -17.63
CA GLU E 189 59.19 12.15 -18.66
C GLU E 189 59.21 10.66 -18.32
N ARG E 190 58.98 10.36 -17.05
CA ARG E 190 58.88 8.99 -16.56
C ARG E 190 57.51 8.76 -15.95
N TYR E 191 57.20 7.50 -15.68
CA TYR E 191 55.93 7.12 -15.10
C TYR E 191 56.06 6.89 -13.60
N LEU E 192 55.01 7.21 -12.87
CA LEU E 192 54.88 6.71 -11.51
C LEU E 192 54.81 5.19 -11.55
N HIS E 193 55.88 4.53 -11.12
CA HIS E 193 56.06 3.11 -11.39
C HIS E 193 56.34 2.37 -10.10
N LEU E 194 55.82 1.14 -10.03
CA LEU E 194 56.02 0.27 -8.87
C LEU E 194 57.19 -0.67 -9.18
N SER E 195 58.26 -0.55 -8.41
CA SER E 195 59.48 -1.32 -8.65
C SER E 195 59.46 -2.58 -7.80
N TYR E 196 59.56 -3.74 -8.45
CA TYR E 196 59.63 -5.03 -7.79
C TYR E 196 61.06 -5.50 -7.58
N GLY E 197 62.06 -4.73 -8.00
CA GLY E 197 63.43 -5.21 -8.00
C GLY E 197 63.91 -5.59 -6.61
N ASN E 198 63.67 -4.71 -5.64
CA ASN E 198 63.99 -5.03 -4.26
C ASN E 198 62.84 -5.79 -3.61
N GLY E 199 63.14 -6.40 -2.46
CA GLY E 199 62.09 -7.06 -1.70
C GLY E 199 61.00 -6.08 -1.27
N SER E 200 61.39 -4.87 -0.91
CA SER E 200 60.44 -3.82 -0.56
C SER E 200 60.03 -3.08 -1.81
N LEU E 201 58.72 -2.95 -2.02
CA LEU E 201 58.20 -2.26 -3.19
C LEU E 201 58.48 -0.77 -3.10
N HIS E 202 58.89 -0.18 -4.22
CA HIS E 202 59.26 1.22 -4.28
C HIS E 202 58.47 1.92 -5.36
N VAL E 203 58.06 3.15 -5.08
CA VAL E 203 57.42 4.01 -6.08
C VAL E 203 58.50 4.95 -6.63
N ASP E 204 58.76 4.85 -7.94
CA ASP E 204 59.83 5.59 -8.57
C ASP E 204 59.37 6.05 -9.95
N ALA E 205 60.02 7.10 -10.44
CA ALA E 205 59.81 7.55 -11.80
C ALA E 205 60.65 6.71 -12.75
N ALA E 206 59.98 5.93 -13.60
CA ALA E 206 60.67 5.00 -14.48
C ALA E 206 60.00 5.00 -15.84
N PHE E 207 60.76 4.53 -16.84
CA PHE E 207 60.22 4.46 -18.19
C PHE E 207 59.13 3.40 -18.31
N GLN E 208 59.23 2.34 -17.52
CA GLN E 208 58.14 1.38 -17.45
C GLN E 208 56.93 2.01 -16.76
N GLN E 209 55.74 1.72 -17.28
CA GLN E 209 54.52 2.37 -16.84
C GLN E 209 53.68 1.41 -16.00
N THR E 210 53.10 1.93 -14.93
CA THR E 210 52.21 1.18 -14.06
C THR E 210 50.88 1.91 -13.94
N LEU E 211 49.79 1.15 -14.07
CA LEU E 211 48.46 1.74 -14.00
C LEU E 211 48.13 2.12 -12.55
N TRP E 212 47.66 3.34 -12.37
CA TRP E 212 47.20 3.82 -11.07
C TRP E 212 45.71 4.10 -11.14
N SER E 213 45.01 3.84 -10.04
CA SER E 213 43.58 4.11 -9.93
C SER E 213 43.37 5.20 -8.89
N VAL E 214 42.51 6.15 -9.21
CA VAL E 214 42.24 7.27 -8.31
C VAL E 214 40.95 6.97 -7.55
N ALA E 215 41.05 6.91 -6.22
CA ALA E 215 39.87 6.66 -5.40
C ALA E 215 39.53 7.90 -4.60
N PRO E 216 38.29 8.38 -4.68
CA PRO E 216 37.90 9.62 -4.01
C PRO E 216 37.68 9.41 -2.53
N ILE E 217 38.56 9.97 -1.71
CA ILE E 217 38.37 9.91 -0.26
C ILE E 217 37.19 10.76 0.16
N SER E 218 37.16 12.01 -0.32
CA SER E 218 36.09 12.94 0.05
C SER E 218 36.19 14.17 -0.84
N SER E 219 35.10 14.92 -0.89
CA SER E 219 35.03 16.20 -1.58
C SER E 219 34.58 17.25 -0.58
N GLY E 220 35.47 18.18 -0.25
CA GLY E 220 35.15 19.16 0.76
C GLY E 220 34.18 20.22 0.29
N SER E 221 33.98 20.30 -1.04
CA SER E 221 33.08 21.32 -1.58
C SER E 221 31.65 21.11 -1.10
N GLU E 222 31.18 19.86 -1.07
CA GLU E 222 29.83 19.56 -0.64
C GLU E 222 29.77 19.04 0.80
N ALA E 223 30.86 19.12 1.55
CA ALA E 223 30.90 18.63 2.91
C ALA E 223 30.07 19.54 3.81
N ALA E 224 29.22 18.95 4.63
CA ALA E 224 28.36 19.71 5.54
C ALA E 224 29.12 20.04 6.82
N GLN E 225 29.11 21.32 7.18
CA GLN E 225 29.83 21.76 8.37
C GLN E 225 29.10 21.29 9.62
N GLY E 226 29.88 21.01 10.67
CA GLY E 226 29.33 20.63 11.95
C GLY E 226 28.89 19.18 12.07
N TYR E 227 28.98 18.41 11.00
CA TYR E 227 28.59 17.00 11.00
C TYR E 227 29.83 16.14 10.85
N LEU E 228 29.90 15.09 11.67
CA LEU E 228 31.09 14.24 11.70
C LEU E 228 31.32 13.56 10.36
N ILE E 229 32.56 13.61 9.90
CA ILE E 229 32.98 12.93 8.69
C ILE E 229 34.19 12.06 9.02
N GLY E 230 34.40 11.02 8.22
CA GLY E 230 35.49 10.11 8.50
C GLY E 230 36.85 10.77 8.40
N GLY E 231 37.77 10.30 9.22
CA GLY E 231 39.12 10.84 9.24
C GLY E 231 39.29 12.11 10.05
N ASP E 232 38.25 12.57 10.75
CA ASP E 232 38.35 13.79 11.53
C ASP E 232 38.92 13.47 12.91
N VAL E 233 39.68 14.41 13.45
CA VAL E 233 40.26 14.27 14.78
C VAL E 233 39.35 14.97 15.77
N LEU E 234 38.93 14.24 16.79
CA LEU E 234 37.87 14.69 17.68
C LEU E 234 38.11 14.19 19.10
N ARG E 235 37.49 14.90 20.04
CA ARG E 235 37.54 14.58 21.45
C ARG E 235 36.18 14.03 21.87
N LEU E 236 36.20 12.92 22.61
CA LEU E 236 34.98 12.27 23.09
C LEU E 236 34.70 12.79 24.49
N LEU E 237 33.98 13.91 24.58
CA LEU E 237 33.58 14.41 25.88
C LEU E 237 32.50 13.50 26.47
N HIS E 238 32.57 13.28 27.79
CA HIS E 238 31.64 12.38 28.44
C HIS E 238 31.07 13.02 29.68
N GLY E 239 29.80 12.73 29.94
CA GLY E 239 29.14 13.18 31.16
C GLY E 239 28.94 14.68 31.19
N HIS E 240 28.37 15.15 32.30
CA HIS E 240 28.19 16.57 32.52
C HIS E 240 29.46 17.24 33.02
N MET E 241 30.35 16.49 33.66
CA MET E 241 31.62 17.02 34.12
C MET E 241 32.59 17.30 32.99
N ASP E 242 32.20 17.03 31.75
CA ASP E 242 33.01 17.32 30.56
C ASP E 242 34.36 16.63 30.62
N GLU E 243 34.34 15.36 31.02
CA GLU E 243 35.56 14.55 31.01
C GLU E 243 35.74 13.93 29.63
N CYS E 244 37.01 13.69 29.28
CA CYS E 244 37.38 13.22 27.96
C CYS E 244 38.11 11.89 28.06
N LEU E 245 37.92 11.04 27.05
CA LEU E 245 38.57 9.74 26.98
C LEU E 245 40.03 9.95 26.64
N THR E 246 40.90 9.92 27.66
CA THR E 246 42.31 10.19 27.49
C THR E 246 43.15 9.08 28.08
N VAL E 247 44.34 8.88 27.53
CA VAL E 247 45.31 7.93 28.05
C VAL E 247 46.00 8.57 29.25
N PRO E 248 46.72 7.80 30.08
CA PRO E 248 47.48 8.41 31.18
C PRO E 248 48.46 9.45 30.66
N SER E 249 48.97 10.25 31.60
CA SER E 249 49.79 11.39 31.26
C SER E 249 51.18 10.94 30.83
N GLY E 250 52.08 11.92 30.71
CA GLY E 250 53.45 11.64 30.33
C GLY E 250 54.23 10.99 31.45
N GLU E 251 53.88 9.75 31.77
CA GLU E 251 54.56 8.98 32.81
C GLU E 251 55.90 8.45 32.36
N HIS E 252 56.42 8.94 31.23
CA HIS E 252 57.66 8.48 30.62
C HIS E 252 57.60 7.03 30.17
N GLY E 253 56.41 6.43 30.19
CA GLY E 253 56.25 5.06 29.78
C GLY E 253 55.18 4.84 28.74
N GLU E 254 55.60 4.43 27.53
CA GLU E 254 54.64 4.04 26.51
C GLU E 254 53.78 2.87 26.96
N GLU E 255 54.35 1.97 27.78
CA GLU E 255 53.57 0.88 28.35
C GLU E 255 52.48 1.40 29.27
N GLN E 256 52.82 2.38 30.12
CA GLN E 256 51.83 2.95 31.03
C GLN E 256 50.81 3.80 30.28
N ARG E 257 51.16 4.27 29.09
CA ARG E 257 50.26 5.08 28.28
C ARG E 257 49.34 4.25 27.40
N ARG E 258 49.08 2.99 27.77
CA ARG E 258 48.26 2.10 26.96
C ARG E 258 46.83 1.96 27.45
N THR E 259 46.54 2.34 28.70
CA THR E 259 45.19 2.24 29.22
C THR E 259 44.39 3.48 28.85
N VAL E 260 43.09 3.43 29.15
CA VAL E 260 42.17 4.53 28.86
C VAL E 260 41.35 4.82 30.10
N HIS E 261 41.05 6.09 30.31
CA HIS E 261 40.25 6.51 31.46
C HIS E 261 39.63 7.87 31.15
N TYR E 262 38.48 8.13 31.76
CA TYR E 262 37.84 9.43 31.64
C TYR E 262 38.53 10.41 32.58
N GLU E 263 38.86 11.60 32.06
CA GLU E 263 39.46 12.66 32.85
C GLU E 263 39.01 14.00 32.32
N GLY E 264 38.77 14.94 33.23
CA GLY E 264 38.33 16.27 32.84
C GLY E 264 39.20 17.36 33.43
N GLY E 265 39.13 18.56 32.85
CA GLY E 265 39.92 19.67 33.33
C GLY E 265 40.74 20.31 32.23
N ALA E 266 42.03 20.49 32.47
CA ALA E 266 42.93 21.07 31.48
C ALA E 266 43.33 20.08 30.39
N VAL E 267 43.05 18.79 30.59
CA VAL E 267 43.36 17.79 29.57
C VAL E 267 42.57 18.05 28.29
N SER E 268 41.41 18.69 28.40
CA SER E 268 40.57 18.91 27.24
C SER E 268 41.24 19.83 26.22
N VAL E 269 42.30 20.52 26.62
CA VAL E 269 42.98 21.44 25.72
C VAL E 269 44.40 20.90 25.52
N HIS E 270 44.53 19.58 25.55
CA HIS E 270 45.81 18.92 25.32
C HIS E 270 45.69 17.93 24.17
N ALA E 271 46.82 17.54 23.63
CA ALA E 271 46.88 16.56 22.55
C ALA E 271 46.74 15.14 23.06
N ARG E 272 46.70 14.94 24.38
CA ARG E 272 46.59 13.62 24.98
C ARG E 272 45.19 13.02 24.83
N SER E 273 44.23 13.79 24.35
CA SER E 273 42.85 13.33 24.26
C SER E 273 42.30 13.40 22.85
N LEU E 274 43.15 13.53 21.84
CA LEU E 274 42.70 13.61 20.45
C LEU E 274 42.57 12.22 19.87
N TRP E 275 41.41 11.92 19.29
CA TRP E 275 41.15 10.64 18.66
C TRP E 275 40.75 10.84 17.21
N ARG E 276 41.30 10.01 16.34
CA ARG E 276 41.00 10.02 14.91
C ARG E 276 40.07 8.87 14.59
N LEU E 277 38.96 9.18 13.94
CA LEU E 277 37.98 8.17 13.56
C LEU E 277 38.27 7.71 12.14
N GLU E 278 38.83 6.51 11.99
CA GLU E 278 39.19 5.97 10.69
C GLU E 278 38.16 4.94 10.26
N THR E 279 37.48 5.22 9.16
CA THR E 279 36.48 4.29 8.65
C THR E 279 37.15 3.03 8.09
N LEU E 280 36.43 1.92 8.14
CA LEU E 280 36.97 0.66 7.64
C LEU E 280 37.03 0.60 6.12
N ARG E 281 36.43 1.55 5.42
CA ARG E 281 36.43 1.57 3.96
C ARG E 281 37.50 2.54 3.46
N VAL E 282 38.21 2.12 2.41
CA VAL E 282 39.21 3.00 1.81
C VAL E 282 38.54 4.04 0.92
N ALA E 283 37.71 3.59 -0.01
CA ALA E 283 37.01 4.53 -0.89
C ALA E 283 35.94 5.28 -0.11
N TRP E 284 35.85 6.58 -0.37
CA TRP E 284 34.85 7.45 0.26
C TRP E 284 34.93 7.37 1.78
N SER E 285 36.17 7.41 2.28
CA SER E 285 36.40 7.40 3.71
C SER E 285 36.02 8.70 4.39
N GLY E 286 36.05 9.81 3.67
CA GLY E 286 35.73 11.10 4.24
C GLY E 286 34.25 11.41 4.23
N SER E 287 33.44 10.42 3.84
CA SER E 287 31.99 10.60 3.81
C SER E 287 31.45 10.82 5.21
N HIS E 288 30.29 11.46 5.29
CA HIS E 288 29.63 11.68 6.58
C HIS E 288 29.40 10.36 7.30
N ILE E 289 29.71 10.34 8.59
CA ILE E 289 29.48 9.13 9.38
C ILE E 289 27.99 8.96 9.63
N ARG E 290 27.50 7.74 9.41
CA ARG E 290 26.12 7.40 9.64
C ARG E 290 26.01 6.54 10.90
N TRP E 291 24.85 6.61 11.54
CA TRP E 291 24.63 5.86 12.78
C TRP E 291 24.80 4.36 12.53
N GLY E 292 25.81 3.78 13.16
CA GLY E 292 26.09 2.37 12.99
C GLY E 292 27.22 2.05 12.05
N GLN E 293 27.97 3.04 11.63
CA GLN E 293 29.13 2.76 10.78
C GLN E 293 30.28 2.22 11.61
N PRO E 294 30.86 1.09 11.24
CA PRO E 294 32.03 0.58 11.97
C PRO E 294 33.27 1.40 11.63
N PHE E 295 34.08 1.68 12.65
CA PHE E 295 35.32 2.42 12.47
C PHE E 295 36.30 2.03 13.55
N ARG E 296 37.50 2.60 13.47
CA ARG E 296 38.53 2.41 14.49
C ARG E 296 38.92 3.77 15.05
N LEU E 297 39.09 3.83 16.37
CA LEU E 297 39.57 5.05 17.01
C LEU E 297 41.07 4.95 17.22
N ARG E 298 41.81 5.92 16.68
CA ARG E 298 43.26 5.96 16.78
C ARG E 298 43.67 7.10 17.69
N HIS E 299 44.48 6.79 18.70
CA HIS E 299 45.01 7.85 19.55
C HIS E 299 46.13 8.56 18.80
N VAL E 300 45.91 9.84 18.47
CA VAL E 300 46.82 10.55 17.58
C VAL E 300 48.20 10.67 18.22
N THR E 301 48.26 11.03 19.50
CA THR E 301 49.54 11.28 20.15
C THR E 301 50.36 10.01 20.26
N THR E 302 49.75 8.92 20.72
CA THR E 302 50.48 7.68 20.91
C THR E 302 50.49 6.79 19.68
N GLY E 303 49.62 7.02 18.71
CA GLY E 303 49.60 6.24 17.50
C GLY E 303 48.96 4.88 17.63
N LYS E 304 48.37 4.56 18.77
CA LYS E 304 47.76 3.26 19.01
C LYS E 304 46.27 3.31 18.75
N TYR E 305 45.70 2.15 18.40
CA TYR E 305 44.29 2.04 18.10
C TYR E 305 43.52 1.49 19.29
N LEU E 306 42.36 2.07 19.55
CA LEU E 306 41.51 1.59 20.64
C LEU E 306 41.04 0.18 20.34
N SER E 307 41.07 -0.68 21.36
CA SER E 307 40.71 -2.08 21.19
C SER E 307 40.11 -2.61 22.48
N LEU E 308 39.39 -3.73 22.34
CA LEU E 308 38.72 -4.38 23.45
C LEU E 308 39.32 -5.77 23.65
N MET E 309 39.81 -6.03 24.86
CA MET E 309 40.28 -7.36 25.19
C MET E 309 39.09 -8.30 25.41
N GLU E 310 39.38 -9.60 25.37
CA GLU E 310 38.37 -10.59 25.73
C GLU E 310 37.97 -10.46 27.19
N ASP E 311 38.88 -9.94 28.03
CA ASP E 311 38.63 -9.74 29.44
C ASP E 311 37.85 -8.46 29.73
N LYS E 312 37.19 -7.90 28.73
CA LYS E 312 36.23 -6.80 28.91
C LYS E 312 36.93 -5.54 29.40
N ASN E 313 38.21 -5.39 29.09
CA ASN E 313 38.99 -4.20 29.44
C ASN E 313 39.62 -3.64 28.18
N LEU E 314 39.54 -2.31 28.03
CA LEU E 314 40.05 -1.65 26.83
C LEU E 314 41.56 -1.45 26.95
N LEU E 315 42.28 -1.80 25.89
CA LEU E 315 43.73 -1.65 25.84
C LEU E 315 44.13 -1.14 24.47
N LEU E 316 45.03 -0.16 24.44
CA LEU E 316 45.54 0.35 23.17
C LEU E 316 46.59 -0.60 22.62
N MET E 317 46.34 -1.15 21.44
CA MET E 317 47.33 -1.99 20.77
C MET E 317 47.87 -1.28 19.54
N ASP E 318 48.99 -1.79 19.05
CA ASP E 318 49.69 -1.20 17.92
C ASP E 318 48.96 -1.48 16.62
N LYS E 319 49.51 -0.95 15.53
CA LYS E 319 48.89 -1.11 14.22
C LYS E 319 48.86 -2.57 13.79
N GLU E 320 49.93 -3.31 14.06
CA GLU E 320 50.01 -4.69 13.61
C GLU E 320 48.98 -5.57 14.29
N LYS E 321 48.71 -5.33 15.57
CA LYS E 321 47.77 -6.17 16.29
C LYS E 321 46.43 -5.48 16.46
N ALA E 322 46.02 -4.70 15.46
CA ALA E 322 44.74 -4.00 15.48
C ALA E 322 43.84 -4.66 14.45
N ASP E 323 43.17 -5.74 14.87
CA ASP E 323 42.25 -6.43 13.99
C ASP E 323 40.91 -5.69 13.95
N VAL E 324 40.13 -5.98 12.90
CA VAL E 324 38.82 -5.35 12.77
C VAL E 324 37.91 -5.76 13.93
N LYS E 325 37.94 -7.03 14.30
CA LYS E 325 37.09 -7.50 15.39
C LYS E 325 37.50 -6.85 16.72
N SER E 326 38.80 -6.68 16.93
CA SER E 326 39.26 -6.15 18.21
C SER E 326 39.06 -4.65 18.31
N THR E 327 39.20 -3.93 17.19
CA THR E 327 39.28 -2.48 17.21
C THR E 327 38.07 -1.79 16.59
N ALA E 328 37.07 -2.53 16.15
CA ALA E 328 35.92 -1.95 15.48
C ALA E 328 34.90 -1.46 16.49
N PHE E 329 34.41 -0.23 16.30
CA PHE E 329 33.40 0.36 17.15
C PHE E 329 32.36 1.07 16.28
N THR E 330 31.16 1.23 16.82
CA THR E 330 30.06 1.89 16.14
C THR E 330 29.41 2.91 17.06
N PHE E 331 28.75 3.88 16.44
CA PHE E 331 27.99 4.89 17.17
C PHE E 331 26.51 4.59 17.06
N ARG E 332 25.82 4.59 18.19
CA ARG E 332 24.38 4.35 18.25
C ARG E 332 23.69 5.55 18.86
N SER E 333 22.47 5.82 18.38
CA SER E 333 21.73 6.98 18.86
C SER E 333 21.18 6.75 20.26
N SER E 334 20.69 5.55 20.53
CA SER E 334 20.06 5.24 21.81
C SER E 334 20.48 3.85 22.25
N LYS E 335 20.20 3.56 23.53
CA LYS E 335 20.54 2.27 24.12
C LYS E 335 19.71 1.12 23.56
N GLU E 336 18.66 1.42 22.79
CA GLU E 336 17.82 0.37 22.22
C GLU E 336 18.65 -0.58 21.37
N LYS E 337 18.37 -1.88 21.51
CA LYS E 337 19.19 -2.92 20.93
C LYS E 337 18.78 -3.32 19.52
N LEU E 338 17.82 -2.62 18.93
CA LEU E 338 17.40 -2.95 17.57
C LEU E 338 18.56 -2.77 16.60
N ASP E 339 18.71 -3.71 15.68
CA ASP E 339 19.78 -3.68 14.70
C ASP E 339 19.20 -3.32 13.33
N VAL E 340 19.91 -2.46 12.61
CA VAL E 340 19.50 -2.05 11.27
C VAL E 340 19.89 -3.12 10.26
N GLY E 341 20.47 -4.22 10.76
CA GLY E 341 20.94 -5.26 9.86
C GLY E 341 22.19 -4.81 9.14
N VAL E 342 22.25 -5.11 7.85
CA VAL E 342 23.35 -4.65 6.99
C VAL E 342 22.78 -3.65 5.99
N ARG E 343 23.32 -2.44 6.03
CA ARG E 343 22.93 -1.38 5.10
C ARG E 343 24.06 -1.22 4.07
N LYS E 344 23.68 -0.98 2.82
CA LYS E 344 24.67 -0.83 1.78
C LYS E 344 25.48 0.45 2.01
N GLU E 345 26.78 0.38 1.75
CA GLU E 345 27.61 1.58 1.81
C GLU E 345 27.42 2.41 0.55
N VAL E 346 27.05 3.68 0.74
CA VAL E 346 26.72 4.56 -0.37
C VAL E 346 27.97 5.24 -0.88
N ASP E 347 28.14 5.26 -2.19
CA ASP E 347 29.25 5.99 -2.79
C ASP E 347 28.91 7.47 -2.90
N GLY E 348 29.77 8.31 -2.35
CA GLY E 348 29.55 9.74 -2.35
C GLY E 348 29.71 10.33 -0.96
N MET E 349 29.28 11.59 -0.84
CA MET E 349 29.41 12.30 0.41
C MET E 349 28.54 11.67 1.50
N GLY E 350 27.34 11.25 1.15
CA GLY E 350 26.45 10.59 2.09
C GLY E 350 25.60 11.60 2.85
N THR E 351 24.79 11.04 3.75
CA THR E 351 23.87 11.84 4.55
C THR E 351 24.52 12.20 5.88
N SER E 352 24.39 13.47 6.27
CA SER E 352 24.95 13.93 7.53
C SER E 352 23.99 13.62 8.68
N GLU E 353 24.42 12.73 9.57
CA GLU E 353 23.56 12.32 10.68
C GLU E 353 24.12 12.74 12.03
N ILE E 354 25.35 12.34 12.34
CA ILE E 354 25.96 12.72 13.61
C ILE E 354 26.46 14.15 13.53
N LYS E 355 26.10 14.95 14.52
CA LYS E 355 26.44 16.37 14.54
C LYS E 355 27.22 16.68 15.81
N TYR E 356 28.18 17.58 15.69
CA TYR E 356 29.03 17.93 16.83
C TYR E 356 28.24 18.68 17.88
N GLY E 357 28.47 18.33 19.15
CA GLY E 357 27.85 19.03 20.25
C GLY E 357 26.39 18.66 20.49
N ASP E 358 25.56 18.83 19.46
CA ASP E 358 24.13 18.60 19.63
C ASP E 358 23.80 17.12 19.76
N SER E 359 24.42 16.27 18.94
CA SER E 359 24.10 14.85 18.98
C SER E 359 24.68 14.19 20.22
N VAL E 360 23.99 13.13 20.66
CA VAL E 360 24.44 12.29 21.77
C VAL E 360 24.67 10.90 21.21
N CYS E 361 25.87 10.37 21.37
CA CYS E 361 26.26 9.10 20.79
C CYS E 361 26.58 8.10 21.89
N TYR E 362 26.45 6.82 21.55
CA TYR E 362 26.83 5.72 22.43
C TYR E 362 27.80 4.83 21.68
N ILE E 363 28.94 4.53 22.29
CA ILE E 363 29.93 3.67 21.66
C ILE E 363 29.55 2.21 21.91
N GLN E 364 29.48 1.42 20.84
CA GLN E 364 29.20 0.01 20.95
C GLN E 364 30.27 -0.78 20.21
N HIS E 365 30.90 -1.71 20.91
CA HIS E 365 31.86 -2.59 20.25
C HIS E 365 31.12 -3.49 19.26
N VAL E 366 31.70 -3.61 18.06
CA VAL E 366 31.01 -4.26 16.96
C VAL E 366 30.78 -5.74 17.24
N ASP E 367 31.81 -6.46 17.69
CA ASP E 367 31.70 -7.90 17.85
C ASP E 367 31.09 -8.29 19.19
N THR E 368 31.57 -7.70 20.28
CA THR E 368 31.06 -8.04 21.60
C THR E 368 29.72 -7.40 21.91
N GLY E 369 29.30 -6.41 21.13
CA GLY E 369 28.04 -5.74 21.37
C GLY E 369 27.98 -4.94 22.64
N LEU E 370 29.09 -4.77 23.34
CA LEU E 370 29.08 -4.07 24.61
C LEU E 370 28.98 -2.56 24.38
N TRP E 371 28.73 -1.83 25.45
CA TRP E 371 28.67 -0.38 25.44
C TRP E 371 29.79 0.18 26.30
N LEU E 372 30.42 1.25 25.83
CA LEU E 372 31.45 1.92 26.61
C LEU E 372 30.81 2.64 27.78
N THR E 373 31.40 2.51 28.96
CA THR E 373 30.81 3.09 30.16
C THR E 373 31.93 3.47 31.12
N TYR E 374 31.54 4.12 32.21
CA TYR E 374 32.47 4.55 33.23
C TYR E 374 32.34 3.69 34.48
N GLN E 375 33.49 3.23 34.99
CA GLN E 375 33.47 2.35 36.16
C GLN E 375 33.14 3.12 37.43
N SER E 376 33.37 4.43 37.44
CA SER E 376 33.05 5.36 38.53
C SER E 376 33.84 5.08 39.80
N VAL E 377 34.91 4.29 39.73
CA VAL E 377 35.73 3.99 40.90
C VAL E 377 36.80 5.07 41.00
N ASP E 378 36.65 5.95 41.97
CA ASP E 378 37.60 7.03 42.20
C ASP E 378 38.02 7.09 43.67
N SER E 386 42.28 15.56 37.94
CA SER E 386 42.84 14.32 38.47
C SER E 386 41.72 13.38 38.91
N ILE E 387 40.57 13.48 38.25
CA ILE E 387 39.44 12.62 38.59
C ILE E 387 39.77 11.15 38.31
N GLN E 388 40.40 10.87 37.17
CA GLN E 388 40.92 9.55 36.84
C GLN E 388 39.84 8.47 36.95
N ARG E 389 38.67 8.75 36.38
CA ARG E 389 37.62 7.75 36.33
C ARG E 389 37.91 6.72 35.26
N LYS E 390 38.11 5.47 35.67
CA LYS E 390 38.42 4.40 34.73
C LYS E 390 37.26 4.19 33.74
N ALA E 391 37.62 3.99 32.48
CA ALA E 391 36.66 3.73 31.42
C ALA E 391 36.66 2.23 31.12
N ILE E 392 35.50 1.60 31.23
CA ILE E 392 35.37 0.17 31.05
C ILE E 392 34.32 -0.13 29.99
N MET E 393 34.10 -1.41 29.77
CA MET E 393 33.21 -1.93 28.73
C MET E 393 32.17 -2.77 29.45
N HIS E 394 30.89 -2.64 29.10
CA HIS E 394 29.86 -3.35 29.85
C HIS E 394 28.70 -3.73 28.95
N HIS E 395 28.03 -4.83 29.29
CA HIS E 395 26.95 -5.33 28.43
C HIS E 395 25.60 -4.70 28.81
N GLU E 396 25.55 -3.99 29.93
CA GLU E 396 24.46 -3.05 30.19
C GLU E 396 24.96 -1.62 30.33
N GLY E 397 25.94 -1.39 31.20
CA GLY E 397 26.49 -0.07 31.39
C GLY E 397 25.60 0.81 32.25
N HIS E 398 26.17 1.93 32.66
CA HIS E 398 25.41 2.91 33.42
C HIS E 398 24.44 3.66 32.53
N MET E 399 23.51 4.38 33.15
CA MET E 399 22.52 5.13 32.40
C MET E 399 23.17 6.22 31.57
N ASP E 400 24.13 6.94 32.15
CA ASP E 400 24.73 8.11 31.51
C ASP E 400 26.00 7.70 30.76
N ASP E 401 25.79 6.96 29.67
CA ASP E 401 26.86 6.59 28.76
C ASP E 401 26.90 7.47 27.51
N GLY E 402 26.01 8.44 27.41
CA GLY E 402 26.00 9.33 26.26
C GLY E 402 27.22 10.21 26.20
N ILE E 403 27.78 10.39 25.01
CA ILE E 403 28.98 11.20 24.81
C ILE E 403 28.69 12.29 23.81
N SER E 404 29.49 13.35 23.88
CA SER E 404 29.49 14.43 22.92
C SER E 404 30.80 14.43 22.13
N LEU E 405 30.73 14.94 20.92
CA LEU E 405 31.86 14.94 20.01
C LEU E 405 32.32 16.36 19.78
N SER E 406 33.62 16.62 19.96
CA SER E 406 34.18 17.94 19.74
C SER E 406 35.25 17.87 18.67
N ARG E 407 35.13 18.72 17.65
CA ARG E 407 36.13 18.76 16.60
C ARG E 407 37.45 19.30 17.15
N SER E 408 38.56 18.94 16.52
CA SER E 408 39.85 19.54 16.84
C SER E 408 40.25 20.49 15.72
N GLN E 409 40.88 21.59 16.10
CA GLN E 409 41.36 22.54 15.10
C GLN E 409 42.45 21.92 14.24
N HIS E 410 42.58 22.43 13.02
CA HIS E 410 43.56 21.89 12.09
C HIS E 410 44.98 22.02 12.64
N GLU E 411 45.28 23.17 13.25
CA GLU E 411 46.60 23.37 13.84
C GLU E 411 46.86 22.35 14.95
N GLU E 412 45.86 22.12 15.80
CA GLU E 412 46.03 21.16 16.88
C GLU E 412 46.24 19.75 16.34
N SER E 413 45.48 19.37 15.32
CA SER E 413 45.65 18.04 14.74
C SER E 413 47.03 17.87 14.12
N ARG E 414 47.49 18.89 13.38
CA ARG E 414 48.81 18.81 12.77
C ARG E 414 49.89 18.73 13.85
N THR E 415 49.74 19.51 14.92
CA THR E 415 50.71 19.45 16.01
C THR E 415 50.72 18.09 16.68
N ALA E 416 49.55 17.49 16.88
CA ALA E 416 49.52 16.16 17.51
C ALA E 416 50.19 15.12 16.62
N ARG E 417 49.93 15.16 15.31
CA ARG E 417 50.58 14.21 14.42
C ARG E 417 52.09 14.42 14.40
N VAL E 418 52.53 15.69 14.41
CA VAL E 418 53.96 15.98 14.45
C VAL E 418 54.56 15.44 15.73
N ILE E 419 53.86 15.60 16.86
CA ILE E 419 54.34 15.09 18.14
C ILE E 419 54.51 13.58 18.07
N GLN E 420 53.53 12.88 17.52
CA GLN E 420 53.63 11.42 17.40
C GLN E 420 54.82 11.00 16.53
N SER E 421 54.90 11.56 15.33
CA SER E 421 55.97 11.20 14.41
C SER E 421 57.35 11.63 14.91
N THR E 422 57.42 12.61 15.81
CA THR E 422 58.69 13.01 16.40
C THR E 422 59.08 12.11 17.55
N VAL E 423 58.12 11.76 18.42
CA VAL E 423 58.44 10.90 19.55
C VAL E 423 58.86 9.52 19.06
N PHE E 424 58.25 9.04 17.98
CA PHE E 424 58.67 7.75 17.42
C PHE E 424 60.13 7.79 16.99
N LEU E 425 60.51 8.79 16.20
CA LEU E 425 61.88 8.89 15.69
C LEU E 425 62.87 9.09 16.82
N PHE E 426 62.55 9.96 17.78
CA PHE E 426 63.49 10.23 18.86
C PHE E 426 63.58 9.09 19.87
N ASN E 427 62.57 8.23 19.94
CA ASN E 427 62.69 7.00 20.71
C ASN E 427 63.57 5.97 19.99
N ARG E 428 63.42 5.85 18.68
CA ARG E 428 64.32 4.98 17.92
C ARG E 428 65.76 5.45 18.06
N PHE E 429 65.98 6.77 17.98
CA PHE E 429 67.33 7.33 18.13
C PHE E 429 67.91 7.01 19.50
N ILE E 430 67.11 7.18 20.55
CA ILE E 430 67.58 6.92 21.90
C ILE E 430 67.92 5.45 22.08
N ARG E 431 67.07 4.56 21.56
CA ARG E 431 67.35 3.14 21.68
C ARG E 431 68.61 2.76 20.91
N GLY E 432 68.80 3.35 19.73
CA GLY E 432 70.01 3.08 18.98
C GLY E 432 71.26 3.54 19.72
N LEU E 433 71.20 4.72 20.33
CA LEU E 433 72.32 5.18 21.14
C LEU E 433 72.57 4.27 22.32
N ASP E 434 71.49 3.77 22.94
CA ASP E 434 71.65 2.85 24.06
C ASP E 434 72.33 1.56 23.62
N ALA E 435 71.94 1.01 22.48
CA ALA E 435 72.61 -0.19 21.97
C ALA E 435 74.08 0.10 21.65
N LEU E 436 74.35 1.26 21.05
CA LEU E 436 75.72 1.63 20.72
C LEU E 436 76.58 1.71 21.98
N SER E 437 76.04 2.30 23.05
CA SER E 437 76.75 2.30 24.32
C SER E 437 76.85 0.91 24.94
N LYS E 438 75.88 0.04 24.66
CA LYS E 438 75.92 -1.35 25.11
C LYS E 438 76.74 -2.23 24.17
N LYS E 439 77.47 -1.62 23.24
CA LYS E 439 78.44 -2.32 22.40
C LYS E 439 77.80 -3.35 21.49
N ALA E 440 76.93 -2.89 20.59
CA ALA E 440 76.35 -3.73 19.56
C ALA E 440 77.01 -3.40 18.22
N LYS E 441 76.91 -4.31 17.28
CA LYS E 441 77.49 -4.10 15.96
C LYS E 441 76.74 -2.98 15.24
N ALA E 442 77.49 -2.23 14.42
CA ALA E 442 76.90 -1.10 13.70
C ALA E 442 75.77 -1.54 12.78
N SER E 443 75.94 -2.70 12.12
CA SER E 443 74.89 -3.20 11.25
C SER E 443 73.61 -3.52 12.03
N THR E 444 73.76 -4.12 13.21
CA THR E 444 72.59 -4.41 14.05
C THR E 444 71.94 -3.13 14.54
N VAL E 445 72.76 -2.12 14.88
CA VAL E 445 72.21 -0.87 15.39
C VAL E 445 71.48 -0.13 14.28
N ASP E 446 70.24 0.28 14.58
CA ASP E 446 69.44 1.11 13.69
C ASP E 446 69.56 2.55 14.18
N LEU E 447 70.36 3.35 13.47
CA LEU E 447 70.66 4.70 13.91
C LEU E 447 70.18 5.68 12.86
N PRO E 448 68.97 6.24 12.99
CA PRO E 448 68.39 7.07 11.92
C PRO E 448 68.97 8.49 11.89
N ILE E 449 70.24 8.60 11.51
CA ILE E 449 70.93 9.87 11.57
C ILE E 449 70.32 10.90 10.63
N GLU E 450 70.15 10.52 9.36
CA GLU E 450 69.64 11.47 8.38
C GLU E 450 68.20 11.85 8.70
N SER E 451 67.39 10.88 9.10
CA SER E 451 66.00 11.17 9.43
C SER E 451 65.92 12.11 10.64
N VAL E 452 66.76 11.88 11.65
CA VAL E 452 66.77 12.77 12.81
C VAL E 452 67.19 14.17 12.42
N SER E 453 68.22 14.30 11.57
CA SER E 453 68.65 15.63 11.16
C SER E 453 67.55 16.36 10.41
N LEU E 454 66.91 15.69 9.46
CA LEU E 454 65.86 16.34 8.68
C LEU E 454 64.65 16.68 9.55
N SER E 455 64.29 15.79 10.47
CA SER E 455 63.20 16.06 11.40
C SER E 455 63.51 17.23 12.31
N LEU E 456 64.74 17.35 12.78
CA LEU E 456 65.15 18.50 13.57
C LEU E 456 65.09 19.79 12.78
N GLN E 457 65.50 19.78 11.52
CA GLN E 457 65.31 20.95 10.67
C GLN E 457 63.84 21.33 10.51
N ASP E 458 62.99 20.33 10.30
CA ASP E 458 61.56 20.59 10.16
C ASP E 458 60.98 21.16 11.45
N LEU E 459 61.39 20.64 12.60
CA LEU E 459 60.93 21.18 13.87
C LEU E 459 61.40 22.61 14.10
N ILE E 460 62.65 22.90 13.72
CA ILE E 460 63.13 24.28 13.81
C ILE E 460 62.28 25.19 12.95
N GLY E 461 61.98 24.79 11.72
CA GLY E 461 61.10 25.59 10.88
C GLY E 461 59.71 25.72 11.49
N TYR E 462 59.22 24.66 12.13
CA TYR E 462 57.90 24.70 12.73
C TYR E 462 57.83 25.71 13.87
N PHE E 463 58.88 25.77 14.69
CA PHE E 463 58.91 26.67 15.84
C PHE E 463 59.67 27.95 15.53
N HIS E 464 59.90 28.25 14.26
CA HIS E 464 60.56 29.49 13.89
C HIS E 464 59.73 30.69 14.33
N PRO E 465 60.34 31.70 14.96
CA PRO E 465 59.56 32.82 15.47
C PRO E 465 59.08 33.71 14.33
N PRO E 466 58.04 34.50 14.56
CA PRO E 466 57.52 35.37 13.51
C PRO E 466 58.54 36.44 13.12
N ASP E 467 58.47 36.85 11.85
CA ASP E 467 59.38 37.84 11.31
C ASP E 467 58.85 39.25 11.58
N GLU E 468 59.77 40.22 11.58
CA GLU E 468 59.41 41.59 11.95
C GLU E 468 58.66 42.30 10.84
N HIS E 469 58.87 41.92 9.58
CA HIS E 469 58.21 42.62 8.48
C HIS E 469 56.70 42.39 8.49
N LEU E 470 56.25 41.36 9.20
CA LEU E 470 54.84 41.01 9.20
C LEU E 470 54.00 42.12 9.82
N GLU E 471 52.78 42.29 9.32
CA GLU E 471 51.84 43.21 9.93
C GLU E 471 51.48 42.73 11.32
N HIS E 472 50.98 43.65 12.15
CA HIS E 472 50.80 43.37 13.57
C HIS E 472 49.87 42.19 13.81
N GLU E 473 48.74 42.15 13.09
CA GLU E 473 47.77 41.07 13.29
C GLU E 473 48.37 39.71 12.93
N ASP E 474 49.03 39.64 11.78
CA ASP E 474 49.62 38.38 11.35
C ASP E 474 50.72 37.94 12.32
N LYS E 475 51.52 38.90 12.78
CA LYS E 475 52.57 38.59 13.75
C LYS E 475 51.98 38.03 15.04
N GLN E 476 50.88 38.63 15.49
CA GLN E 476 50.23 38.14 16.70
C GLN E 476 49.66 36.75 16.49
N ASN E 477 49.11 36.48 15.30
CA ASN E 477 48.59 35.14 15.02
C ASN E 477 49.70 34.10 15.03
N ARG E 478 50.84 34.42 14.42
CA ARG E 478 51.96 33.49 14.46
C ARG E 478 52.45 33.28 15.88
N LEU E 479 52.50 34.35 16.68
CA LEU E 479 52.92 34.21 18.07
C LEU E 479 51.98 33.30 18.84
N ARG E 480 50.67 33.46 18.64
CA ARG E 480 49.70 32.61 19.32
C ARG E 480 49.84 31.16 18.89
N ALA E 481 50.05 30.93 17.58
CA ALA E 481 50.24 29.56 17.10
C ALA E 481 51.47 28.93 17.72
N LEU E 482 52.58 29.69 17.80
CA LEU E 482 53.80 29.15 18.39
C LEU E 482 53.59 28.84 19.88
N LYS E 483 52.89 29.73 20.59
CA LYS E 483 52.61 29.47 21.99
C LYS E 483 51.80 28.21 22.18
N ASN E 484 50.78 28.01 21.34
CA ASN E 484 49.97 26.80 21.44
C ASN E 484 50.80 25.56 21.13
N ARG E 485 51.66 25.65 20.11
CA ARG E 485 52.51 24.51 19.77
C ARG E 485 53.44 24.16 20.92
N GLN E 486 54.05 25.17 21.54
CA GLN E 486 54.93 24.92 22.67
C GLN E 486 54.17 24.29 23.83
N ASN E 487 52.96 24.80 24.10
CA ASN E 487 52.16 24.24 25.18
C ASN E 487 51.85 22.77 24.93
N LEU E 488 51.42 22.43 23.72
CA LEU E 488 51.12 21.04 23.41
C LEU E 488 52.36 20.16 23.52
N PHE E 489 53.50 20.64 22.99
CA PHE E 489 54.72 19.85 23.04
C PHE E 489 55.13 19.57 24.48
N GLN E 490 55.14 20.60 25.33
CA GLN E 490 55.56 20.39 26.69
C GLN E 490 54.56 19.57 27.49
N GLU E 491 53.26 19.69 27.20
CA GLU E 491 52.26 18.86 27.85
C GLU E 491 52.39 17.39 27.45
N GLU E 492 52.83 17.11 26.22
CA GLU E 492 53.18 15.75 25.85
C GLU E 492 54.61 15.40 26.23
N GLY E 493 55.31 16.33 26.88
CA GLY E 493 56.62 16.02 27.43
C GLY E 493 57.71 15.85 26.41
N MET E 494 57.75 16.72 25.40
CA MET E 494 58.78 16.69 24.38
C MET E 494 60.09 17.32 24.84
N ILE E 495 60.06 18.10 25.92
CA ILE E 495 61.28 18.69 26.48
C ILE E 495 62.19 17.66 27.10
N ASN E 496 61.65 16.75 27.92
CA ASN E 496 62.48 15.72 28.53
C ASN E 496 63.08 14.80 27.49
N LEU E 497 62.38 14.54 26.39
CA LEU E 497 62.92 13.70 25.34
C LEU E 497 64.12 14.36 24.68
N VAL E 498 64.03 15.66 24.41
CA VAL E 498 65.16 16.39 23.86
C VAL E 498 66.32 16.39 24.84
N LEU E 499 66.02 16.56 26.13
CA LEU E 499 67.07 16.51 27.15
C LEU E 499 67.75 15.16 27.18
N GLU E 500 66.98 14.08 27.07
CA GLU E 500 67.56 12.75 27.06
C GLU E 500 68.45 12.54 25.84
N CYS E 501 68.00 13.00 24.67
CA CYS E 501 68.84 12.88 23.47
C CYS E 501 70.13 13.65 23.64
N ILE E 502 70.06 14.86 24.18
CA ILE E 502 71.26 15.68 24.37
C ILE E 502 72.21 15.00 25.36
N ASP E 503 71.67 14.49 26.46
CA ASP E 503 72.51 13.84 27.47
C ASP E 503 73.17 12.59 26.90
N ARG E 504 72.43 11.79 26.15
CA ARG E 504 73.01 10.58 25.58
C ARG E 504 73.98 10.90 24.45
N LEU E 505 73.88 12.09 23.86
CA LEU E 505 74.86 12.45 22.85
C LEU E 505 76.14 13.02 23.46
N HIS E 506 76.07 13.66 24.63
CA HIS E 506 77.28 14.20 25.24
C HIS E 506 78.22 13.13 25.77
N VAL E 507 77.80 11.86 25.83
CA VAL E 507 78.70 10.84 26.37
C VAL E 507 79.93 10.70 25.49
N TYR E 508 79.79 10.94 24.20
CA TYR E 508 80.93 10.95 23.29
C TYR E 508 81.62 12.30 23.34
N SER E 509 82.93 12.28 23.59
CA SER E 509 83.67 13.51 23.80
C SER E 509 83.70 14.39 22.55
N SER E 510 83.92 13.77 21.39
CA SER E 510 84.13 14.54 20.17
C SER E 510 83.53 13.79 18.99
N ALA E 511 83.52 14.47 17.83
CA ALA E 511 83.00 13.87 16.62
C ALA E 511 83.82 12.65 16.21
N ALA E 512 85.14 12.71 16.42
CA ALA E 512 85.98 11.56 16.12
C ALA E 512 85.62 10.37 16.99
N HIS E 513 85.38 10.63 18.27
CA HIS E 513 84.99 9.55 19.18
C HIS E 513 83.63 8.96 18.79
N PHE E 514 82.68 9.81 18.44
CA PHE E 514 81.37 9.31 18.03
C PHE E 514 81.46 8.53 16.73
N ALA E 515 82.32 8.97 15.81
CA ALA E 515 82.55 8.22 14.58
C ALA E 515 83.18 6.86 14.86
N ASP E 516 84.13 6.81 15.79
CA ASP E 516 84.72 5.54 16.20
C ASP E 516 83.68 4.61 16.81
N VAL E 517 82.74 5.15 17.58
CA VAL E 517 81.71 4.31 18.18
C VAL E 517 80.73 3.82 17.12
N ALA E 518 80.05 4.74 16.44
CA ALA E 518 78.95 4.37 15.55
C ALA E 518 79.39 4.22 14.09
N GLY E 519 79.87 5.31 13.49
CA GLY E 519 80.17 5.31 12.07
C GLY E 519 80.54 6.71 11.61
N ARG E 520 81.04 6.78 10.37
CA ARG E 520 81.60 8.05 9.90
C ARG E 520 80.52 9.10 9.64
N GLU E 521 79.34 8.68 9.16
CA GLU E 521 78.25 9.64 9.03
C GLU E 521 77.82 10.16 10.39
N ALA E 522 77.77 9.28 11.38
CA ALA E 522 77.42 9.69 12.73
C ALA E 522 78.42 10.70 13.26
N GLY E 523 79.70 10.44 13.04
CA GLY E 523 80.71 11.41 13.45
C GLY E 523 80.59 12.72 12.73
N GLU E 524 80.29 12.69 11.42
CA GLU E 524 80.15 13.92 10.66
C GLU E 524 78.97 14.75 11.17
N SER E 525 77.85 14.11 11.49
CA SER E 525 76.63 14.83 11.83
C SER E 525 76.43 15.02 13.33
N TRP E 526 77.34 14.53 14.16
CA TRP E 526 77.16 14.63 15.62
C TRP E 526 77.06 16.08 16.09
N LYS E 527 77.99 16.93 15.69
CA LYS E 527 77.95 18.32 16.11
C LYS E 527 76.70 19.02 15.60
N SER E 528 76.34 18.76 14.35
CA SER E 528 75.14 19.36 13.77
C SER E 528 73.89 18.96 14.54
N ILE E 529 73.80 17.67 14.90
CA ILE E 529 72.64 17.19 15.64
C ILE E 529 72.59 17.85 17.01
N LEU E 530 73.74 17.96 17.69
CA LEU E 530 73.74 18.66 18.98
C LEU E 530 73.28 20.10 18.85
N ASN E 531 73.81 20.83 17.87
CA ASN E 531 73.41 22.23 17.70
C ASN E 531 71.93 22.35 17.38
N SER E 532 71.41 21.48 16.51
CA SER E 532 70.00 21.52 16.16
C SER E 532 69.12 21.18 17.36
N LEU E 533 69.56 20.23 18.19
CA LEU E 533 68.81 19.89 19.38
C LEU E 533 68.76 21.06 20.35
N TYR E 534 69.88 21.74 20.54
CA TYR E 534 69.90 22.90 21.43
C TYR E 534 69.02 24.02 20.89
N GLU E 535 69.08 24.24 19.58
CA GLU E 535 68.21 25.25 18.97
C GLU E 535 66.75 24.89 19.13
N LEU E 536 66.41 23.60 18.99
CA LEU E 536 65.03 23.16 19.18
C LEU E 536 64.58 23.39 20.62
N LEU E 537 65.44 23.09 21.58
CA LEU E 537 65.09 23.32 22.98
C LEU E 537 64.85 24.81 23.23
N ALA E 538 65.72 25.66 22.69
CA ALA E 538 65.56 27.10 22.84
C ALA E 538 64.25 27.57 22.21
N ALA E 539 63.91 27.05 21.04
CA ALA E 539 62.66 27.41 20.39
C ALA E 539 61.44 26.90 21.13
N LEU E 540 61.52 25.73 21.75
CA LEU E 540 60.43 25.18 22.54
C LEU E 540 60.18 25.93 23.82
N ILE E 541 61.21 26.48 24.45
CA ILE E 541 61.04 27.18 25.71
C ILE E 541 61.00 28.70 25.57
N ARG E 542 61.32 29.25 24.40
CA ARG E 542 61.43 30.70 24.27
C ARG E 542 60.06 31.36 24.39
N GLY E 543 59.99 32.40 25.22
CA GLY E 543 58.79 33.19 25.37
C GLY E 543 57.65 32.51 26.09
N ASN E 544 57.86 31.31 26.63
CA ASN E 544 56.81 30.55 27.31
C ASN E 544 57.19 30.42 28.78
N ARG E 545 56.51 31.19 29.62
CA ARG E 545 56.82 31.19 31.05
C ARG E 545 56.56 29.86 31.70
N LYS E 546 55.51 29.14 31.33
CA LYS E 546 55.26 27.82 31.88
C LYS E 546 56.40 26.84 31.57
N ASN E 547 56.85 26.82 30.32
CA ASN E 547 57.94 25.92 29.96
C ASN E 547 59.23 26.32 30.66
N CYS E 548 59.52 27.62 30.73
CA CYS E 548 60.74 28.05 31.40
C CYS E 548 60.70 27.78 32.90
N ALA E 549 59.51 27.79 33.49
CA ALA E 549 59.35 27.40 34.89
C ALA E 549 59.52 25.91 35.09
N GLN E 550 59.00 25.09 34.20
CA GLN E 550 59.24 23.65 34.27
C GLN E 550 60.68 23.27 34.00
N PHE E 551 61.44 24.13 33.32
CA PHE E 551 62.85 23.87 33.04
C PHE E 551 63.75 24.19 34.22
N SER E 552 63.19 24.70 35.32
CA SER E 552 64.00 25.06 36.47
C SER E 552 64.73 23.85 37.03
N GLY E 553 64.05 22.71 37.13
CA GLY E 553 64.70 21.52 37.65
C GLY E 553 65.91 21.11 36.84
N SER E 554 65.84 21.27 35.53
CA SER E 554 66.94 20.89 34.64
C SER E 554 67.98 21.98 34.48
N LEU E 555 67.70 23.20 34.92
CA LEU E 555 68.69 24.28 34.78
C LEU E 555 70.03 23.90 35.39
N ASP E 556 70.02 23.31 36.59
CA ASP E 556 71.28 22.96 37.24
C ASP E 556 72.08 21.96 36.42
N TRP E 557 71.40 20.97 35.84
CA TRP E 557 72.07 20.03 34.96
C TRP E 557 72.54 20.71 33.68
N LEU E 558 71.85 21.75 33.24
CA LEU E 558 72.20 22.43 32.00
C LEU E 558 73.52 23.18 32.14
N ILE E 559 73.71 23.87 33.27
CA ILE E 559 74.88 24.73 33.46
C ILE E 559 76.11 23.85 33.63
N SER E 560 75.90 22.58 33.95
CA SER E 560 77.00 21.66 34.19
C SER E 560 77.76 21.27 32.92
N ARG E 561 77.23 21.58 31.74
CA ARG E 561 77.93 21.32 30.48
C ARG E 561 78.30 22.60 29.75
N LEU E 562 78.24 23.74 30.43
CA LEU E 562 78.53 25.01 29.77
C LEU E 562 80.00 25.11 29.35
N GLU E 563 80.87 24.34 30.00
CA GLU E 563 82.30 24.45 29.71
C GLU E 563 82.65 23.87 28.35
N ARG E 564 81.90 22.87 27.89
CA ARG E 564 82.22 22.20 26.64
C ARG E 564 82.01 23.11 25.45
N LEU E 565 82.99 23.16 24.56
CA LEU E 565 82.86 23.92 23.32
C LEU E 565 81.87 23.29 22.36
N GLU E 566 81.53 22.01 22.56
CA GLU E 566 80.55 21.35 21.71
C GLU E 566 79.14 21.93 21.89
N ALA E 567 78.87 22.57 23.03
CA ALA E 567 77.52 23.00 23.36
C ALA E 567 77.46 24.36 24.03
N SER E 568 78.55 25.13 24.05
CA SER E 568 78.59 26.35 24.84
C SER E 568 77.56 27.37 24.34
N SER E 569 77.52 27.63 23.04
CA SER E 569 76.62 28.65 22.51
C SER E 569 75.16 28.25 22.73
N GLY E 570 74.82 27.00 22.43
CA GLY E 570 73.44 26.56 22.62
C GLY E 570 73.00 26.60 24.06
N ILE E 571 73.85 26.11 24.96
CA ILE E 571 73.52 26.16 26.38
C ILE E 571 73.38 27.60 26.86
N LEU E 572 74.26 28.49 26.39
CA LEU E 572 74.15 29.90 26.78
C LEU E 572 72.83 30.50 26.30
N GLU E 573 72.44 30.21 25.06
CA GLU E 573 71.17 30.74 24.55
C GLU E 573 69.98 30.21 25.33
N VAL E 574 69.99 28.91 25.64
CA VAL E 574 68.90 28.33 26.41
C VAL E 574 68.84 28.96 27.80
N LEU E 575 69.99 29.12 28.44
CA LEU E 575 70.04 29.74 29.76
C LEU E 575 69.53 31.17 29.72
N HIS E 576 69.93 31.95 28.71
CA HIS E 576 69.43 33.30 28.57
C HIS E 576 67.93 33.35 28.39
N CYS E 577 67.37 32.50 27.53
CA CYS E 577 65.93 32.46 27.35
C CYS E 577 65.22 32.14 28.65
N VAL E 578 65.71 31.13 29.38
CA VAL E 578 65.06 30.73 30.62
C VAL E 578 65.12 31.85 31.65
N LEU E 579 66.29 32.47 31.80
CA LEU E 579 66.44 33.51 32.81
C LEU E 579 65.58 34.72 32.48
N VAL E 580 65.51 35.11 31.20
CA VAL E 580 64.67 36.24 30.83
C VAL E 580 63.21 35.93 31.07
N GLU E 581 62.78 34.71 30.73
CA GLU E 581 61.35 34.43 30.72
C GLU E 581 60.81 34.12 32.12
N SER E 582 61.51 33.30 32.90
CA SER E 582 60.95 32.77 34.14
C SER E 582 61.57 33.44 35.36
N PRO E 583 60.79 34.15 36.16
CA PRO E 583 61.32 34.63 37.45
C PRO E 583 61.73 33.49 38.38
N GLU E 584 61.04 32.36 38.31
CA GLU E 584 61.36 31.24 39.20
C GLU E 584 62.74 30.67 38.89
N ALA E 585 63.23 30.89 37.68
CA ALA E 585 64.55 30.38 37.30
C ALA E 585 65.65 31.02 38.14
N LEU E 586 65.51 32.31 38.46
CA LEU E 586 66.56 33.01 39.19
C LEU E 586 66.72 32.46 40.60
N ASN E 587 65.64 31.98 41.21
CA ASN E 587 65.68 31.57 42.61
C ASN E 587 66.54 30.32 42.85
N ILE E 588 66.93 29.61 41.81
CA ILE E 588 67.77 28.43 41.99
C ILE E 588 69.22 28.69 41.63
N ILE E 589 69.53 29.80 40.95
CA ILE E 589 70.91 30.10 40.61
C ILE E 589 71.68 30.43 41.87
N LYS E 590 72.72 29.65 42.15
CA LYS E 590 73.52 29.77 43.36
C LYS E 590 74.90 30.30 43.01
N GLU E 591 75.76 30.34 44.01
CA GLU E 591 77.11 30.87 43.83
C GLU E 591 77.90 30.05 42.82
N GLY E 592 77.74 28.73 42.86
CA GLY E 592 78.48 27.88 41.95
C GLY E 592 78.18 28.15 40.49
N HIS E 593 76.90 28.28 40.16
CA HIS E 593 76.51 28.56 38.78
C HIS E 593 76.99 29.92 38.31
N ILE E 594 76.88 30.97 39.14
CA ILE E 594 77.41 32.26 38.79
C ILE E 594 78.92 32.23 38.59
N LYS E 595 79.65 31.53 39.46
CA LYS E 595 81.08 31.36 39.29
C LYS E 595 81.43 30.63 38.00
N SER E 596 80.68 29.60 37.65
CA SER E 596 80.92 28.91 36.39
C SER E 596 80.68 29.83 35.19
N ILE E 597 79.60 30.62 35.25
CA ILE E 597 79.31 31.54 34.15
C ILE E 597 80.43 32.56 34.01
N ILE E 598 80.94 33.07 35.14
CA ILE E 598 82.05 34.02 35.08
C ILE E 598 83.31 33.36 34.55
N SER E 599 83.60 32.13 34.99
CA SER E 599 84.79 31.43 34.51
C SER E 599 84.68 31.14 33.02
N LEU E 600 83.46 31.10 32.49
CA LEU E 600 83.30 30.97 31.05
C LEU E 600 83.95 32.15 30.32
N LEU E 601 83.85 33.36 30.88
CA LEU E 601 84.57 34.49 30.29
C LEU E 601 86.07 34.28 30.32
N ASP E 602 86.61 33.79 31.42
CA ASP E 602 88.05 33.62 31.53
C ASP E 602 88.57 32.52 30.61
N LYS E 603 87.78 31.48 30.37
CA LYS E 603 88.25 30.37 29.56
C LYS E 603 87.98 30.57 28.08
N HIS E 604 86.83 31.10 27.71
CA HIS E 604 86.45 31.25 26.31
C HIS E 604 86.69 32.66 25.77
N GLY E 605 87.25 33.55 26.57
CA GLY E 605 87.47 34.91 26.13
C GLY E 605 86.24 35.78 26.28
N ARG E 606 86.39 37.03 25.85
CA ARG E 606 85.30 37.99 25.97
C ARG E 606 84.14 37.61 25.05
N ASN E 607 82.93 37.67 25.58
CA ASN E 607 81.72 37.40 24.82
C ASN E 607 80.57 38.14 25.47
N HIS E 608 79.93 39.03 24.71
CA HIS E 608 78.87 39.86 25.29
C HIS E 608 77.64 39.05 25.67
N LYS E 609 77.48 37.85 25.13
CA LYS E 609 76.35 37.02 25.52
C LYS E 609 76.45 36.58 26.98
N VAL E 610 77.64 36.22 27.44
CA VAL E 610 77.81 35.92 28.86
C VAL E 610 77.52 37.14 29.70
N LEU E 611 77.92 38.32 29.23
CA LEU E 611 77.62 39.55 29.95
C LEU E 611 76.12 39.78 30.05
N ASP E 612 75.41 39.52 28.96
CA ASP E 612 73.95 39.70 28.97
C ASP E 612 73.27 38.70 29.88
N VAL E 613 73.78 37.47 29.92
CA VAL E 613 73.24 36.48 30.85
C VAL E 613 73.45 36.93 32.28
N LEU E 614 74.65 37.46 32.58
CA LEU E 614 74.92 38.00 33.91
C LEU E 614 74.03 39.18 34.25
N CYS E 615 73.76 40.06 33.28
CA CYS E 615 72.81 41.16 33.47
C CYS E 615 71.41 40.67 33.79
N SER E 616 70.93 39.67 33.05
CA SER E 616 69.63 39.07 33.34
C SER E 616 69.61 38.39 34.70
N LEU E 617 70.76 37.92 35.17
CA LEU E 617 70.87 37.39 36.53
C LEU E 617 70.76 38.46 37.60
N CYS E 618 70.77 39.74 37.23
CA CYS E 618 70.73 40.83 38.20
C CYS E 618 69.32 41.38 38.41
N VAL E 619 68.65 41.79 37.34
CA VAL E 619 67.30 42.33 37.42
C VAL E 619 66.43 41.59 36.39
N CYS E 620 65.34 41.01 36.86
CA CYS E 620 64.39 40.33 36.00
C CYS E 620 62.99 40.87 36.28
N HIS E 621 62.30 41.30 35.22
CA HIS E 621 60.94 41.80 35.32
C HIS E 621 60.83 42.95 36.33
N GLY E 622 61.84 43.82 36.32
CA GLY E 622 61.84 44.97 37.20
C GLY E 622 62.18 44.69 38.65
N VAL E 623 62.62 43.47 38.97
CA VAL E 623 62.97 43.10 40.33
C VAL E 623 64.44 42.74 40.37
N ALA E 624 65.17 43.34 41.30
CA ALA E 624 66.61 43.13 41.45
C ALA E 624 66.86 42.08 42.52
N VAL E 625 67.67 41.08 42.18
CA VAL E 625 68.08 40.05 43.13
C VAL E 625 69.41 40.48 43.74
N ARG E 626 69.36 40.94 44.99
CA ARG E 626 70.54 41.53 45.60
C ARG E 626 71.63 40.48 45.84
N SER E 627 71.25 39.25 46.16
CA SER E 627 72.26 38.21 46.34
C SER E 627 73.05 37.97 45.07
N ASN E 628 72.35 37.84 43.93
CA ASN E 628 73.05 37.66 42.66
C ASN E 628 73.88 38.89 42.31
N GLN E 629 73.35 40.08 42.56
CA GLN E 629 74.13 41.29 42.30
C GLN E 629 75.44 41.28 43.08
N HIS E 630 75.35 40.97 44.39
CA HIS E 630 76.54 40.96 45.22
C HIS E 630 77.52 39.88 44.76
N LEU E 631 77.03 38.69 44.45
CA LEU E 631 77.92 37.62 44.01
C LEU E 631 78.61 37.97 42.71
N ILE E 632 77.88 38.50 41.72
CA ILE E 632 78.48 38.87 40.45
C ILE E 632 79.54 39.94 40.66
N CYS E 633 79.21 40.97 41.44
CA CYS E 633 80.19 42.01 41.73
C CYS E 633 81.45 41.43 42.35
N ASP E 634 81.31 40.76 43.50
CA ASP E 634 82.46 40.28 44.25
C ASP E 634 83.24 39.18 43.54
N ASN E 635 82.65 38.50 42.56
CA ASN E 635 83.37 37.46 41.84
C ASN E 635 83.95 37.92 40.52
N LEU E 636 83.46 39.03 39.95
CA LEU E 636 83.98 39.50 38.68
C LEU E 636 84.81 40.76 38.79
N LEU E 637 84.30 41.80 39.45
CA LEU E 637 84.94 43.10 39.44
C LEU E 637 86.34 43.14 40.06
N PRO E 638 86.55 42.60 41.28
CA PRO E 638 87.84 42.86 41.95
C PRO E 638 89.04 42.31 41.20
N GLY E 639 88.86 41.27 40.39
CA GLY E 639 89.99 40.68 39.69
C GLY E 639 90.66 41.64 38.73
N ARG E 640 89.87 42.45 38.03
CA ARG E 640 90.36 43.38 37.02
C ARG E 640 91.21 42.65 36.00
N ASP E 641 90.76 41.46 35.61
CA ASP E 641 91.49 40.63 34.65
C ASP E 641 90.68 40.26 33.42
N LEU E 642 89.35 40.38 33.46
CA LEU E 642 88.51 40.01 32.33
C LEU E 642 87.90 41.22 31.65
N LEU E 643 87.23 42.08 32.40
CA LEU E 643 86.63 43.27 31.80
C LEU E 643 87.71 44.29 31.47
N LEU E 644 87.49 45.03 30.39
CA LEU E 644 88.41 46.07 29.99
C LEU E 644 88.41 47.20 31.02
N GLN E 645 89.60 47.69 31.35
CA GLN E 645 89.78 48.72 32.35
C GLN E 645 89.97 50.09 31.70
N THR E 646 89.52 51.13 32.39
CA THR E 646 89.59 52.48 31.87
C THR E 646 90.22 53.39 32.91
N ARG E 647 90.87 54.45 32.43
CA ARG E 647 91.57 55.39 33.30
C ARG E 647 91.91 56.63 32.49
N LEU E 648 91.96 57.77 33.18
CA LEU E 648 92.40 59.02 32.57
C LEU E 648 93.90 59.15 32.70
N VAL E 649 94.58 59.40 31.59
CA VAL E 649 96.03 59.54 31.55
C VAL E 649 96.37 60.91 30.99
N ASN E 650 97.24 61.63 31.67
CA ASN E 650 97.68 62.93 31.19
C ASN E 650 98.49 62.76 29.91
N HIS E 651 98.23 63.62 28.94
CA HIS E 651 99.02 63.61 27.72
C HIS E 651 100.47 63.95 28.03
N VAL E 652 101.40 63.21 27.43
CA VAL E 652 102.82 63.39 27.68
C VAL E 652 103.51 63.66 26.36
N SER E 653 104.30 64.73 26.31
CA SER E 653 105.06 65.10 25.14
C SER E 653 106.56 64.97 25.43
N SER E 654 107.32 64.84 24.35
CA SER E 654 108.77 64.67 24.42
C SER E 654 109.43 65.75 23.59
N MET E 655 110.53 66.30 24.10
CA MET E 655 111.25 67.37 23.43
C MET E 655 112.74 67.03 23.43
N ARG E 656 113.39 67.30 22.29
CA ARG E 656 114.78 66.98 22.05
C ARG E 656 115.45 68.07 21.23
N PRO E 657 116.77 68.18 21.31
CA PRO E 657 117.49 69.10 20.42
C PRO E 657 117.72 68.48 19.05
N ASN E 658 118.44 69.22 18.21
CA ASN E 658 118.78 68.72 16.88
C ASN E 658 119.87 67.66 16.89
N ILE E 659 120.69 67.63 17.95
CA ILE E 659 121.88 66.80 17.94
C ILE E 659 121.52 65.32 17.86
N PHE E 660 122.34 64.56 17.15
CA PHE E 660 122.07 63.16 16.84
C PHE E 660 123.29 62.32 17.20
N LEU E 661 123.74 62.49 18.45
CA LEU E 661 124.84 61.72 19.02
C LEU E 661 124.76 60.24 18.63
N GLY E 662 125.91 59.67 18.26
CA GLY E 662 125.97 58.28 17.88
C GLY E 662 127.35 57.72 18.11
N VAL E 663 127.45 56.40 17.97
CA VAL E 663 128.70 55.67 18.17
C VAL E 663 128.85 54.64 17.06
N SER E 664 130.06 54.53 16.51
CA SER E 664 130.34 53.56 15.47
C SER E 664 131.84 53.38 15.36
N GLU E 665 132.25 52.29 14.73
CA GLU E 665 133.67 52.03 14.52
C GLU E 665 134.20 52.90 13.39
N GLY E 666 135.35 53.53 13.63
CA GLY E 666 135.98 54.36 12.62
C GLY E 666 135.14 55.55 12.22
N SER E 667 134.49 56.21 13.18
CA SER E 667 133.66 57.37 12.91
C SER E 667 134.19 58.55 13.73
N ALA E 668 134.26 59.71 13.10
CA ALA E 668 134.74 60.91 13.78
C ALA E 668 133.66 61.45 14.72
N GLN E 669 133.42 60.75 15.82
CA GLN E 669 132.46 61.18 16.81
C GLN E 669 133.08 60.98 18.18
N TYR E 670 132.76 61.86 19.13
CA TYR E 670 133.35 61.81 20.45
C TYR E 670 132.42 61.04 21.38
N LYS E 671 132.98 60.08 22.12
CA LYS E 671 132.16 59.08 22.79
C LYS E 671 131.53 59.58 24.09
N LYS E 672 131.95 60.73 24.60
CA LYS E 672 131.48 61.22 25.89
C LYS E 672 130.73 62.52 25.72
N TRP E 673 129.62 62.69 26.43
CA TRP E 673 128.73 63.81 26.21
C TRP E 673 128.02 64.18 27.51
N TYR E 674 127.57 65.44 27.58
CA TYR E 674 127.07 65.99 28.82
C TYR E 674 126.11 67.13 28.53
N TYR E 675 125.04 67.23 29.32
CA TYR E 675 124.10 68.35 29.20
C TYR E 675 123.35 68.52 30.51
N GLU E 676 122.53 69.57 30.59
CA GLU E 676 121.80 69.87 31.81
C GLU E 676 120.39 70.33 31.52
N LEU E 677 119.53 70.21 32.53
CA LEU E 677 118.16 70.67 32.47
C LEU E 677 117.79 71.26 33.82
N MET E 678 117.29 72.49 33.84
CA MET E 678 116.88 73.10 35.09
C MET E 678 115.37 73.37 35.05
N VAL E 679 114.68 72.97 36.11
CA VAL E 679 113.23 73.09 36.18
C VAL E 679 112.91 74.42 36.84
N ASP E 680 112.60 75.44 36.04
CA ASP E 680 112.26 76.74 36.60
C ASP E 680 110.98 76.66 37.42
N HIS E 681 109.99 75.91 36.95
CA HIS E 681 108.73 75.76 37.65
C HIS E 681 108.09 74.43 37.30
N THR E 682 107.42 73.82 38.28
CA THR E 682 106.68 72.59 38.06
C THR E 682 105.58 72.49 39.11
N GLU E 683 104.36 72.15 38.67
CA GLU E 683 103.25 71.96 39.58
C GLU E 683 103.06 70.47 39.84
N PRO E 684 103.12 70.01 41.08
CA PRO E 684 103.00 68.57 41.34
C PRO E 684 101.71 67.96 40.83
N PHE E 685 100.58 68.67 40.97
CA PHE E 685 99.27 68.15 40.56
C PHE E 685 98.51 69.24 39.83
N VAL E 686 98.73 69.34 38.52
CA VAL E 686 97.91 70.23 37.70
C VAL E 686 96.50 69.66 37.57
N THR E 687 96.39 68.35 37.44
CA THR E 687 95.13 67.63 37.42
C THR E 687 95.11 66.61 38.54
N ALA E 688 94.10 65.75 38.53
CA ALA E 688 94.00 64.71 39.56
C ALA E 688 95.17 63.74 39.49
N GLU E 689 95.75 63.56 38.30
CA GLU E 689 96.91 62.69 38.15
C GLU E 689 98.19 63.48 38.38
N ALA E 690 99.23 62.77 38.79
CA ALA E 690 100.51 63.41 39.08
C ALA E 690 101.15 63.91 37.79
N THR E 691 101.79 65.08 37.90
CA THR E 691 102.47 65.66 36.75
C THR E 691 103.72 64.85 36.41
N HIS E 692 103.88 64.59 35.12
CA HIS E 692 105.00 63.81 34.59
C HIS E 692 106.11 64.77 34.21
N LEU E 693 107.33 64.50 34.68
CA LEU E 693 108.52 65.25 34.31
C LEU E 693 109.72 64.33 34.47
N ARG E 694 110.27 63.87 33.35
CA ARG E 694 111.41 62.97 33.35
C ARG E 694 112.42 63.43 32.31
N VAL E 695 113.71 63.21 32.60
CA VAL E 695 114.76 63.69 31.71
C VAL E 695 115.77 62.58 31.50
N GLY E 696 116.36 62.54 30.31
CA GLY E 696 117.40 61.57 30.05
C GLY E 696 117.76 61.54 28.58
N TRP E 697 118.09 60.34 28.12
CA TRP E 697 118.51 60.13 26.75
C TRP E 697 117.59 59.13 26.06
N ALA E 698 117.47 59.27 24.74
CA ALA E 698 116.72 58.32 23.93
C ALA E 698 117.52 57.98 22.69
N SER E 699 117.29 56.79 22.18
CA SER E 699 117.98 56.30 20.99
C SER E 699 116.99 56.15 19.85
N THR E 700 117.53 55.99 18.65
CA THR E 700 116.75 55.78 17.45
C THR E 700 117.09 54.41 16.87
N GLU E 701 116.05 53.64 16.55
CA GLU E 701 116.27 52.33 15.94
C GLU E 701 116.91 52.50 14.57
N GLY E 702 118.06 51.84 14.38
CA GLY E 702 118.83 52.05 13.17
C GLY E 702 119.37 53.47 13.11
N TYR E 703 119.53 53.98 11.89
CA TYR E 703 119.99 55.34 11.69
C TYR E 703 118.88 56.28 11.21
N SER E 704 117.62 55.88 11.33
CA SER E 704 116.53 56.80 11.04
C SER E 704 116.48 57.90 12.10
N PRO E 705 116.17 59.13 11.71
CA PRO E 705 116.06 60.23 12.68
C PRO E 705 114.80 60.18 13.55
N TYR E 706 113.90 59.27 13.27
CA TYR E 706 112.66 59.10 14.02
C TYR E 706 112.91 58.25 15.25
N PRO E 707 112.57 58.72 16.45
CA PRO E 707 112.75 57.91 17.65
C PRO E 707 111.95 56.61 17.55
N GLY E 708 112.54 55.53 18.04
CA GLY E 708 111.93 54.23 17.89
C GLY E 708 111.46 53.60 19.18
N GLY E 709 110.52 52.66 19.07
CA GLY E 709 110.07 51.88 20.19
C GLY E 709 108.99 52.51 21.04
N GLY E 710 108.57 53.74 20.74
CA GLY E 710 107.57 54.42 21.54
C GLY E 710 106.46 54.97 20.67
N GLU E 711 105.30 55.16 21.31
CA GLU E 711 104.16 55.74 20.63
C GLU E 711 104.42 57.22 20.34
N GLU E 712 103.95 57.67 19.18
CA GLU E 712 104.13 59.07 18.80
C GLU E 712 103.34 59.99 19.74
N TRP E 713 102.14 59.57 20.11
CA TRP E 713 101.31 60.31 21.04
C TRP E 713 100.71 59.37 22.07
N GLY E 714 100.44 59.89 23.26
CA GLY E 714 99.87 59.10 24.33
C GLY E 714 100.44 59.55 25.67
N GLY E 715 100.29 58.67 26.65
CA GLY E 715 100.79 58.92 27.98
C GLY E 715 102.19 58.44 28.26
N ASN E 716 102.90 57.95 27.24
CA ASN E 716 104.26 57.45 27.42
C ASN E 716 105.27 58.58 27.24
N GLY E 717 106.46 58.34 27.77
CA GLY E 717 107.52 59.31 27.66
C GLY E 717 108.88 58.66 27.77
N VAL E 718 109.84 59.41 28.30
CA VAL E 718 111.20 58.91 28.50
C VAL E 718 111.14 57.75 29.46
N GLY E 719 111.81 56.65 29.13
CA GLY E 719 111.91 55.49 29.99
C GLY E 719 110.74 54.55 29.93
N ASP E 720 109.72 54.86 29.14
CA ASP E 720 108.55 53.99 29.02
C ASP E 720 108.76 52.86 28.02
N ASP E 721 109.89 52.84 27.32
CA ASP E 721 110.23 51.78 26.40
C ASP E 721 111.70 51.42 26.57
N LEU E 722 112.13 50.38 25.85
CA LEU E 722 113.50 49.91 25.91
C LEU E 722 114.43 50.67 24.98
N PHE E 723 113.98 51.79 24.43
CA PHE E 723 114.83 52.65 23.61
C PHE E 723 115.13 53.97 24.31
N SER E 724 114.60 54.18 25.51
CA SER E 724 114.75 55.44 26.21
C SER E 724 115.18 55.17 27.64
N TYR E 725 115.86 56.15 28.24
CA TYR E 725 116.51 56.01 29.53
C TYR E 725 116.31 57.31 30.30
N GLY E 726 115.56 57.24 31.40
CA GLY E 726 115.11 58.45 32.06
C GLY E 726 115.38 58.45 33.55
N PHE E 727 115.25 59.63 34.13
CA PHE E 727 115.41 59.86 35.55
C PHE E 727 114.37 60.89 35.96
N ASP E 728 113.72 60.66 37.10
CA ASP E 728 112.70 61.60 37.56
C ASP E 728 112.97 62.18 38.94
N GLY E 729 114.19 62.04 39.46
CA GLY E 729 114.51 62.51 40.79
C GLY E 729 114.49 61.42 41.84
N LEU E 730 113.60 60.45 41.70
CA LEU E 730 113.54 59.30 42.58
C LEU E 730 113.76 57.98 41.87
N HIS E 731 113.40 57.89 40.59
CA HIS E 731 113.41 56.62 39.89
C HIS E 731 114.22 56.75 38.61
N LEU E 732 115.00 55.71 38.32
CA LEU E 732 115.51 55.47 36.99
C LEU E 732 114.49 54.67 36.20
N TRP E 733 114.18 55.13 35.00
CA TRP E 733 113.08 54.61 34.21
C TRP E 733 113.62 54.01 32.93
N SER E 734 113.24 52.77 32.66
CA SER E 734 113.60 52.10 31.41
C SER E 734 112.65 50.94 31.19
N GLY E 735 112.22 50.77 29.94
CA GLY E 735 111.30 49.70 29.62
C GLY E 735 110.00 49.73 30.39
N CYS E 736 109.45 50.92 30.63
CA CYS E 736 108.25 51.11 31.45
C CYS E 736 108.42 50.54 32.84
N ILE E 737 109.66 50.43 33.32
CA ILE E 737 109.95 49.93 34.66
C ILE E 737 110.76 50.97 35.40
N ALA E 738 110.37 51.24 36.64
CA ALA E 738 111.01 52.24 37.47
C ALA E 738 111.74 51.56 38.61
N ARG E 739 113.02 51.89 38.78
CA ARG E 739 113.79 51.43 39.92
C ARG E 739 114.18 52.61 40.78
N THR E 740 113.86 52.52 42.07
CA THR E 740 114.17 53.59 43.00
C THR E 740 115.67 53.70 43.17
N VAL E 741 116.21 54.90 43.00
CA VAL E 741 117.65 55.12 43.07
C VAL E 741 117.93 56.11 44.19
N SER E 742 118.95 55.81 44.99
CA SER E 742 119.27 56.65 46.14
C SER E 742 119.97 57.94 45.67
N SER E 743 119.81 58.99 46.47
CA SER E 743 120.39 60.28 46.19
C SER E 743 120.36 61.11 47.48
N PRO E 744 121.31 62.02 47.66
CA PRO E 744 121.25 62.91 48.81
C PRO E 744 120.03 63.83 48.72
N ASN E 745 119.22 63.84 49.78
CA ASN E 745 117.98 64.61 49.83
C ASN E 745 117.05 64.20 48.68
N GLN E 746 116.59 62.96 48.72
CA GLN E 746 115.72 62.44 47.69
C GLN E 746 114.44 63.27 47.57
N HIS E 747 114.07 63.58 46.34
CA HIS E 747 112.81 64.28 46.08
C HIS E 747 112.47 64.17 44.61
N LEU E 748 111.18 64.16 44.32
CA LEU E 748 110.73 64.30 42.94
C LEU E 748 111.13 65.68 42.44
N LEU E 749 111.34 65.78 41.13
CA LEU E 749 111.87 67.00 40.55
C LEU E 749 111.01 68.21 40.91
N ARG E 750 111.62 69.18 41.57
CA ARG E 750 110.90 70.35 42.07
C ARG E 750 111.34 71.60 41.32
N THR E 751 110.83 72.74 41.76
CA THR E 751 111.25 74.03 41.24
C THR E 751 112.72 74.28 41.57
N ASP E 752 113.44 74.82 40.59
CA ASP E 752 114.86 75.17 40.74
C ASP E 752 115.70 73.93 41.07
N ASP E 753 115.59 72.93 40.20
CA ASP E 753 116.41 71.73 40.29
C ASP E 753 117.19 71.60 39.00
N VAL E 754 118.48 71.34 39.12
CA VAL E 754 119.38 71.20 37.97
C VAL E 754 119.80 69.74 37.89
N ILE E 755 119.47 69.10 36.78
CA ILE E 755 119.81 67.71 36.51
C ILE E 755 120.87 67.69 35.43
N SER E 756 121.99 67.03 35.70
CA SER E 756 123.07 66.92 34.74
C SER E 756 123.16 65.48 34.25
N CYS E 757 123.08 65.32 32.94
CA CYS E 757 123.06 64.00 32.31
C CYS E 757 124.38 63.78 31.57
N CYS E 758 124.98 62.62 31.79
CA CYS E 758 126.25 62.25 31.19
C CYS E 758 126.09 60.94 30.44
N LEU E 759 126.65 60.86 29.24
CA LEU E 759 126.57 59.68 28.38
C LEU E 759 127.96 59.28 27.95
N ASP E 760 128.30 58.01 28.16
CA ASP E 760 129.52 57.41 27.66
C ASP E 760 129.16 56.24 26.75
N LEU E 761 129.46 56.39 25.45
CA LEU E 761 129.20 55.34 24.49
C LEU E 761 130.36 54.37 24.33
N SER E 762 131.55 54.71 24.83
CA SER E 762 132.67 53.78 24.79
C SER E 762 132.35 52.52 25.59
N ALA E 763 131.96 52.70 26.85
CA ALA E 763 131.34 51.66 27.64
C ALA E 763 129.93 52.14 27.95
N PRO E 764 128.90 51.49 27.42
CA PRO E 764 127.55 52.04 27.50
C PRO E 764 127.17 52.43 28.92
N SER E 765 127.04 53.74 29.16
CA SER E 765 126.80 54.24 30.51
C SER E 765 126.02 55.54 30.44
N ILE E 766 124.90 55.59 31.15
CA ILE E 766 124.14 56.82 31.32
C ILE E 766 124.10 57.12 32.80
N SER E 767 124.56 58.31 33.17
CA SER E 767 124.65 58.70 34.57
C SER E 767 124.00 60.05 34.77
N PHE E 768 123.52 60.27 35.99
CA PHE E 768 122.82 61.49 36.35
C PHE E 768 123.44 62.08 37.62
N ARG E 769 123.37 63.40 37.73
CA ARG E 769 123.77 64.09 38.94
C ARG E 769 122.78 65.20 39.21
N ILE E 770 122.16 65.17 40.38
CA ILE E 770 121.15 66.16 40.75
C ILE E 770 121.81 67.24 41.60
N ASN E 771 121.68 68.49 41.16
CA ASN E 771 122.19 69.65 41.88
C ASN E 771 123.66 69.52 42.22
N GLY E 772 124.41 68.83 41.35
CA GLY E 772 125.82 68.56 41.59
C GLY E 772 126.11 67.32 42.39
N GLN E 773 125.17 66.83 43.18
CA GLN E 773 125.34 65.59 43.90
C GLN E 773 125.17 64.40 42.95
N PRO E 774 125.92 63.33 43.16
CA PRO E 774 125.86 62.20 42.23
C PRO E 774 124.73 61.23 42.53
N VAL E 775 123.95 60.89 41.52
CA VAL E 775 122.95 59.84 41.67
C VAL E 775 123.62 58.48 41.69
N GLN E 776 123.17 57.61 42.57
CA GLN E 776 123.87 56.35 42.85
C GLN E 776 123.36 55.19 41.99
N GLY E 777 122.92 55.46 40.78
CA GLY E 777 122.52 54.40 39.86
C GLY E 777 122.82 54.81 38.45
N MET E 778 123.03 53.82 37.58
CA MET E 778 123.36 54.12 36.19
C MET E 778 122.91 53.01 35.27
N PHE E 779 122.66 53.36 34.01
CA PHE E 779 122.34 52.37 33.00
C PHE E 779 123.62 51.84 32.37
N GLU E 780 123.63 50.56 32.04
CA GLU E 780 124.81 49.89 31.52
C GLU E 780 124.42 49.00 30.34
N ASN E 781 125.38 48.83 29.44
CA ASN E 781 125.34 47.79 28.42
C ASN E 781 124.06 47.84 27.60
N PHE E 782 123.65 49.05 27.24
CA PHE E 782 122.50 49.19 26.37
C PHE E 782 122.94 49.10 24.91
N ASN E 783 121.97 48.81 24.04
CA ASN E 783 122.25 48.69 22.61
C ASN E 783 122.77 50.01 22.07
N ILE E 784 123.86 49.95 21.32
CA ILE E 784 124.52 51.15 20.81
C ILE E 784 124.46 51.22 19.29
N ASP E 785 123.62 50.42 18.66
CA ASP E 785 123.49 50.43 17.20
C ASP E 785 122.43 51.44 16.75
N GLY E 786 122.60 52.66 17.23
CA GLY E 786 121.66 53.71 16.91
C GLY E 786 122.23 55.07 17.23
N LEU E 787 121.38 56.08 17.15
CA LEU E 787 121.76 57.46 17.41
C LEU E 787 121.07 57.93 18.67
N PHE E 788 121.86 58.47 19.61
CA PHE E 788 121.33 58.96 20.87
C PHE E 788 121.12 60.47 20.81
N PHE E 789 120.29 60.96 21.72
CA PHE E 789 119.99 62.39 21.80
C PHE E 789 119.35 62.69 23.14
N PRO E 790 119.58 63.87 23.69
CA PRO E 790 118.89 64.27 24.92
C PRO E 790 117.39 64.37 24.70
N VAL E 791 116.62 64.12 25.75
CA VAL E 791 115.17 64.13 25.65
C VAL E 791 114.59 64.42 27.02
N VAL E 792 113.48 65.16 27.02
CA VAL E 792 112.69 65.39 28.22
C VAL E 792 111.24 65.07 27.92
N SER E 793 110.60 64.29 28.79
CA SER E 793 109.19 63.97 28.67
C SER E 793 108.44 64.67 29.78
N PHE E 794 107.24 65.16 29.48
CA PHE E 794 106.51 65.95 30.45
C PHE E 794 105.02 65.94 30.16
N SER E 795 104.26 66.34 31.17
CA SER E 795 102.85 66.62 31.05
C SER E 795 102.65 68.10 31.34
N ALA E 796 101.41 68.54 31.47
CA ALA E 796 101.15 69.95 31.70
C ALA E 796 101.75 70.42 33.03
N GLY E 797 102.22 71.66 33.04
CA GLY E 797 102.78 72.23 34.24
C GLY E 797 104.28 72.18 34.35
N ILE E 798 105.01 72.46 33.27
CA ILE E 798 106.46 72.47 33.31
C ILE E 798 106.98 73.79 32.75
N LYS E 799 108.11 74.22 33.28
CA LYS E 799 108.86 75.38 32.82
C LYS E 799 110.34 75.01 32.79
N VAL E 800 110.67 73.93 32.07
CA VAL E 800 112.04 73.44 32.09
C VAL E 800 112.89 74.26 31.14
N ARG E 801 114.22 74.17 31.31
CA ARG E 801 115.15 74.87 30.43
C ARG E 801 116.34 73.97 30.16
N PHE E 802 116.62 73.79 28.87
CA PHE E 802 117.76 73.01 28.38
C PHE E 802 119.00 73.89 28.47
N LEU E 803 120.02 73.37 29.14
CA LEU E 803 121.35 73.98 29.16
C LEU E 803 122.26 73.02 28.41
N LEU E 804 122.51 73.33 27.15
CA LEU E 804 123.26 72.45 26.26
C LEU E 804 124.75 72.79 26.24
N GLY E 805 125.18 73.73 27.06
CA GLY E 805 126.58 74.08 27.15
C GLY E 805 126.96 75.18 26.16
N GLY E 806 128.08 75.83 26.45
CA GLY E 806 128.64 76.79 25.52
C GLY E 806 127.78 78.03 25.36
N ARG E 807 127.61 78.46 24.11
CA ARG E 807 126.89 79.69 23.84
C ARG E 807 125.39 79.51 24.04
N HIS E 808 124.85 78.36 23.64
CA HIS E 808 123.42 78.14 23.73
C HIS E 808 122.97 78.16 25.20
N GLY E 809 123.59 77.34 26.03
CA GLY E 809 123.30 77.32 27.44
C GLY E 809 124.58 77.40 28.24
N GLU E 810 124.46 77.89 29.47
CA GLU E 810 125.62 78.03 30.34
C GLU E 810 125.54 77.02 31.48
N PHE E 811 126.42 76.04 31.46
CA PHE E 811 126.43 75.03 32.51
C PHE E 811 126.66 75.66 33.87
N LYS E 812 125.85 75.26 34.85
CA LYS E 812 126.06 75.72 36.22
C LYS E 812 127.16 74.90 36.89
N PHE E 813 127.09 73.59 36.77
CA PHE E 813 128.14 72.70 37.25
C PHE E 813 129.03 72.28 36.09
N LEU E 814 130.33 72.36 36.30
CA LEU E 814 131.27 72.06 35.23
C LEU E 814 131.15 70.60 34.82
N PRO E 815 131.27 70.29 33.54
CA PRO E 815 131.11 68.90 33.08
C PRO E 815 132.16 67.99 33.70
N PRO E 816 131.83 66.72 33.92
CA PRO E 816 132.83 65.78 34.40
C PRO E 816 133.96 65.66 33.40
N PRO E 817 135.17 65.35 33.85
CA PRO E 817 136.32 65.29 32.93
C PRO E 817 136.07 64.31 31.79
N GLY E 818 136.49 64.70 30.61
CA GLY E 818 136.29 63.88 29.43
C GLY E 818 135.01 64.21 28.69
N TYR E 819 133.88 64.26 29.40
CA TYR E 819 132.61 64.51 28.74
C TYR E 819 132.60 65.87 28.07
N ALA E 820 132.15 65.88 26.83
CA ALA E 820 132.08 67.12 26.06
C ALA E 820 130.66 67.62 26.01
N PRO E 821 130.46 68.93 26.10
CA PRO E 821 129.11 69.48 26.08
C PRO E 821 128.40 69.22 24.76
N CYS E 822 127.08 69.06 24.86
CA CYS E 822 126.28 68.54 23.77
C CYS E 822 126.20 69.46 22.57
N TYR E 823 126.50 70.75 22.73
CA TYR E 823 126.37 71.63 21.57
C TYR E 823 127.45 71.36 20.54
N GLU E 824 128.48 70.61 20.92
CA GLU E 824 129.65 70.38 20.09
C GLU E 824 129.39 69.32 19.02
N ALA E 825 128.20 68.72 19.02
CA ALA E 825 127.86 67.72 18.02
C ALA E 825 127.03 68.28 16.87
N VAL E 826 126.72 69.58 16.86
CA VAL E 826 125.94 70.15 15.79
C VAL E 826 126.76 70.17 14.51
N LEU E 827 126.14 69.79 13.39
CA LEU E 827 126.80 69.86 12.11
C LEU E 827 127.04 71.32 11.73
N PRO E 828 128.13 71.59 10.99
CA PRO E 828 128.51 72.99 10.72
C PRO E 828 127.42 73.82 10.06
N LYS E 829 126.70 73.23 9.10
CA LYS E 829 125.65 73.98 8.42
C LYS E 829 124.42 74.14 9.30
N GLU E 830 124.05 73.11 10.04
CA GLU E 830 122.81 73.11 10.78
C GLU E 830 122.91 73.99 12.03
N LYS E 831 121.76 74.29 12.61
CA LYS E 831 121.67 75.13 13.79
C LYS E 831 121.00 74.35 14.92
N LEU E 832 121.55 74.48 16.12
CA LEU E 832 121.00 73.76 17.26
C LEU E 832 119.70 74.41 17.71
N LYS E 833 118.62 73.62 17.69
CA LYS E 833 117.33 74.07 18.16
C LYS E 833 116.62 72.91 18.84
N VAL E 834 115.66 73.23 19.70
CA VAL E 834 114.91 72.24 20.44
C VAL E 834 113.55 72.09 19.77
N GLU E 835 113.24 70.88 19.31
CA GLU E 835 112.02 70.60 18.58
C GLU E 835 111.36 69.37 19.17
N HIS E 836 110.10 69.16 18.77
CA HIS E 836 109.35 68.00 19.24
C HIS E 836 110.02 66.70 18.78
N SER E 837 110.01 65.71 19.67
CA SER E 837 110.58 64.42 19.30
C SER E 837 109.80 63.77 18.17
N ARG E 838 108.49 63.88 18.19
CA ARG E 838 107.64 63.31 17.16
C ARG E 838 107.28 64.35 16.10
N GLU E 839 106.81 63.85 14.96
CA GLU E 839 106.57 64.72 13.81
C GLU E 839 105.41 65.67 14.05
N TYR E 840 104.28 65.16 14.53
CA TYR E 840 103.07 65.96 14.56
C TYR E 840 102.95 66.73 15.87
N LYS E 841 102.22 67.83 15.81
CA LYS E 841 102.13 68.77 16.92
C LYS E 841 100.81 69.52 16.80
N GLN E 842 100.55 70.38 17.78
CA GLN E 842 99.28 71.11 17.84
C GLN E 842 99.29 72.25 16.84
N GLU E 843 98.36 72.21 15.88
CA GLU E 843 98.24 73.22 14.85
C GLU E 843 96.93 72.99 14.10
N ARG E 844 96.53 73.98 13.31
CA ARG E 844 95.33 73.87 12.48
C ARG E 844 95.43 72.68 11.53
N THR E 845 94.32 71.95 11.40
CA THR E 845 94.34 70.70 10.65
C THR E 845 94.70 70.92 9.18
N TYR E 846 94.12 71.95 8.56
CA TYR E 846 94.43 72.20 7.16
C TYR E 846 95.85 72.71 6.97
N THR E 847 96.47 73.26 8.00
CA THR E 847 97.88 73.65 7.94
C THR E 847 98.81 72.51 8.32
N ARG E 848 98.29 71.50 9.02
CA ARG E 848 99.13 70.42 9.52
C ARG E 848 99.79 69.66 8.37
N ASP E 849 101.11 69.51 8.47
CA ASP E 849 101.89 68.85 7.43
C ASP E 849 101.87 67.35 7.68
N LEU E 850 101.39 66.59 6.70
CA LEU E 850 101.48 65.14 6.76
C LEU E 850 102.82 64.71 6.18
N LEU E 851 103.56 63.92 6.95
CA LEU E 851 104.90 63.49 6.57
C LEU E 851 104.91 62.01 6.24
N GLY E 852 105.57 61.65 5.15
CA GLY E 852 105.80 60.27 4.82
C GLY E 852 106.99 59.74 5.59
N PRO E 853 107.41 58.52 5.28
CA PRO E 853 108.60 57.97 5.95
C PRO E 853 109.82 58.84 5.69
N THR E 854 110.63 59.04 6.73
CA THR E 854 111.84 59.81 6.59
C THR E 854 112.96 58.95 6.02
N VAL E 855 113.93 59.61 5.39
CA VAL E 855 115.09 58.92 4.86
C VAL E 855 116.06 58.63 5.99
N SER E 856 116.85 57.59 5.83
CA SER E 856 117.83 57.23 6.84
C SER E 856 118.88 58.33 6.99
N LEU E 857 119.39 58.46 8.21
CA LEU E 857 120.32 59.54 8.53
C LEU E 857 121.72 58.96 8.74
N THR E 858 122.11 58.00 7.90
CA THR E 858 123.42 57.39 8.01
C THR E 858 124.55 58.40 7.85
N GLN E 859 124.30 59.52 7.16
CA GLN E 859 125.30 60.55 6.97
C GLN E 859 125.64 61.29 8.26
N ALA E 860 124.85 61.09 9.33
CA ALA E 860 125.18 61.72 10.60
C ALA E 860 126.51 61.22 11.14
N ALA E 861 126.78 59.92 10.99
CA ALA E 861 128.05 59.33 11.37
C ALA E 861 128.96 59.32 10.15
N PHE E 862 130.00 60.15 10.18
CA PHE E 862 130.92 60.27 9.05
C PHE E 862 132.05 59.27 9.24
N THR E 863 131.90 58.11 8.60
CA THR E 863 132.94 57.08 8.63
C THR E 863 133.68 57.13 7.31
N PRO E 864 134.97 57.48 7.30
CA PRO E 864 135.72 57.60 6.04
C PRO E 864 135.89 56.21 5.40
N ILE E 865 135.54 56.13 4.12
CA ILE E 865 135.70 54.91 3.34
C ILE E 865 136.65 55.23 2.18
N PRO E 866 137.95 55.05 2.36
CA PRO E 866 138.89 55.34 1.26
C PRO E 866 138.96 54.19 0.27
N VAL E 867 139.12 54.52 -1.01
CA VAL E 867 139.27 53.49 -2.03
C VAL E 867 140.57 52.75 -1.81
N ASP E 868 140.48 51.42 -1.66
CA ASP E 868 141.67 50.63 -1.43
C ASP E 868 142.57 50.63 -2.65
N THR E 869 143.87 50.78 -2.41
CA THR E 869 144.84 50.89 -3.49
C THR E 869 145.94 49.83 -3.45
N SER E 870 145.84 48.85 -2.55
CA SER E 870 146.85 47.80 -2.48
C SER E 870 146.90 46.99 -3.77
N GLN E 871 145.73 46.71 -4.35
CA GLN E 871 145.68 45.89 -5.56
C GLN E 871 146.28 46.62 -6.76
N ILE E 872 146.45 47.94 -6.66
CA ILE E 872 146.89 48.72 -7.81
C ILE E 872 148.35 48.45 -8.10
N VAL E 873 148.66 48.15 -9.36
CA VAL E 873 150.01 47.93 -9.84
C VAL E 873 150.42 49.11 -10.70
N LEU E 874 151.69 49.46 -10.66
CA LEU E 874 152.14 50.66 -11.33
C LEU E 874 152.68 50.35 -12.72
N PRO E 875 152.11 50.95 -13.77
CA PRO E 875 152.62 50.72 -15.12
C PRO E 875 154.02 51.27 -15.29
N PRO E 876 154.80 50.71 -16.22
CA PRO E 876 156.22 51.11 -16.31
C PRO E 876 156.43 52.58 -16.62
N HIS E 877 155.55 53.20 -17.41
CA HIS E 877 155.74 54.61 -17.74
C HIS E 877 155.62 55.50 -16.51
N LEU E 878 154.53 55.34 -15.75
CA LEU E 878 154.42 56.04 -14.48
C LEU E 878 155.56 55.64 -13.56
N GLU E 879 156.03 54.40 -13.67
CA GLU E 879 157.11 53.93 -12.81
C GLU E 879 158.39 54.75 -13.02
N ARG E 880 158.80 54.95 -14.27
CA ARG E 880 160.07 55.64 -14.47
C ARG E 880 159.88 57.15 -14.56
N ILE E 881 158.63 57.63 -14.51
CA ILE E 881 158.42 59.07 -14.49
C ILE E 881 158.02 59.57 -13.10
N ARG E 882 157.80 58.65 -12.15
CA ARG E 882 157.27 59.02 -10.83
C ARG E 882 158.18 59.99 -10.08
N GLU E 883 159.50 59.82 -10.18
CA GLU E 883 160.40 60.72 -9.46
C GLU E 883 160.32 62.14 -10.02
N LYS E 884 160.26 62.27 -11.34
CA LYS E 884 160.10 63.59 -11.95
C LYS E 884 158.77 64.20 -11.55
N LEU E 885 157.69 63.41 -11.56
CA LEU E 885 156.42 63.90 -11.04
C LEU E 885 156.57 64.42 -9.62
N ALA E 886 157.18 63.63 -8.73
CA ALA E 886 157.26 64.02 -7.33
C ALA E 886 158.03 65.33 -7.18
N GLU E 887 159.21 65.41 -7.79
CA GLU E 887 160.02 66.63 -7.62
C GLU E 887 159.35 67.84 -8.25
N ASN E 888 158.76 67.67 -9.43
CA ASN E 888 158.15 68.81 -10.12
C ASN E 888 156.91 69.30 -9.36
N ILE E 889 156.11 68.37 -8.86
CA ILE E 889 154.93 68.80 -8.04
C ILE E 889 155.43 69.36 -6.70
N HIS E 890 156.53 68.84 -6.15
CA HIS E 890 157.05 69.45 -4.90
C HIS E 890 157.47 70.89 -5.17
N GLU E 891 158.17 71.11 -6.28
CA GLU E 891 158.59 72.49 -6.66
C GLU E 891 157.34 73.31 -6.95
N LEU E 892 156.34 72.68 -7.57
CA LEU E 892 155.07 73.39 -7.88
C LEU E 892 154.45 73.85 -6.56
N TRP E 893 154.53 73.02 -5.53
CA TRP E 893 153.97 73.40 -4.20
C TRP E 893 154.74 74.58 -3.60
N VAL E 894 156.06 74.61 -3.77
CA VAL E 894 156.85 75.77 -3.28
C VAL E 894 156.52 76.96 -4.17
N MET E 895 155.87 76.74 -5.33
CA MET E 895 155.36 77.87 -6.10
C MET E 895 154.01 78.34 -5.59
N ASN E 896 153.18 77.38 -5.19
CA ASN E 896 151.86 77.70 -4.58
C ASN E 896 152.15 78.49 -3.31
N LYS E 897 153.19 78.09 -2.57
CA LYS E 897 153.54 78.76 -1.29
C LYS E 897 153.94 80.21 -1.56
N ILE E 898 154.73 80.45 -2.61
CA ILE E 898 155.24 81.82 -2.90
C ILE E 898 154.09 82.66 -3.45
N GLU E 899 153.15 82.03 -4.16
CA GLU E 899 151.96 82.75 -4.61
C GLU E 899 151.10 83.17 -3.43
N LEU E 900 150.94 82.30 -2.44
CA LEU E 900 150.24 82.63 -1.21
C LEU E 900 151.03 83.61 -0.34
N GLY E 901 152.29 83.86 -0.66
CA GLY E 901 153.11 84.79 0.09
C GLY E 901 154.09 84.15 1.04
N TRP E 902 154.27 82.84 0.97
CA TRP E 902 155.18 82.16 1.87
C TRP E 902 156.62 82.27 1.36
N GLN E 903 157.52 82.63 2.26
CA GLN E 903 158.92 82.87 1.89
C GLN E 903 159.82 81.90 2.64
N TYR E 904 161.00 81.69 2.08
CA TYR E 904 161.88 80.61 2.53
C TYR E 904 162.75 81.06 3.70
N GLY E 905 163.00 80.12 4.62
CA GLY E 905 163.81 80.39 5.79
C GLY E 905 164.48 79.14 6.32
N PRO E 906 165.23 79.29 7.41
CA PRO E 906 165.99 78.14 7.94
C PRO E 906 165.17 77.19 8.80
N VAL E 907 164.21 77.71 9.58
CA VAL E 907 163.64 76.99 10.71
C VAL E 907 162.12 76.88 10.52
N ARG E 908 161.53 75.88 11.16
CA ARG E 908 160.09 75.62 11.07
C ARG E 908 159.37 76.36 12.20
N ASP E 909 158.92 77.58 11.92
CA ASP E 909 158.12 78.36 12.85
C ASP E 909 157.13 79.22 12.08
N ASP E 910 155.85 78.87 12.17
CA ASP E 910 154.83 79.46 11.29
C ASP E 910 154.71 80.96 11.49
N ASN E 911 154.99 81.45 12.69
CA ASN E 911 154.88 82.88 12.95
C ASN E 911 155.86 83.70 12.11
N LYS E 912 157.08 83.18 11.94
CA LYS E 912 158.10 83.94 11.23
C LYS E 912 158.00 83.77 9.72
N ARG E 913 157.16 82.84 9.25
CA ARG E 913 156.82 82.71 7.84
C ARG E 913 158.03 82.37 6.97
N GLN E 914 159.10 81.88 7.59
CA GLN E 914 160.36 81.61 6.89
C GLN E 914 160.75 80.16 7.14
N HIS E 915 160.44 79.28 6.18
CA HIS E 915 160.64 77.86 6.41
C HIS E 915 161.52 77.21 5.34
N PRO E 916 162.26 76.12 5.68
CA PRO E 916 163.08 75.41 4.68
C PRO E 916 162.17 74.54 3.78
N CYS E 917 160.88 74.49 4.10
CA CYS E 917 159.91 73.69 3.31
C CYS E 917 159.83 74.23 1.87
N LEU E 918 159.93 75.54 1.70
CA LEU E 918 159.74 76.13 0.35
C LEU E 918 161.05 76.05 -0.44
N VAL E 919 162.19 75.85 0.25
CA VAL E 919 163.45 75.69 -0.47
C VAL E 919 163.43 74.32 -1.16
N GLU E 920 164.36 74.10 -2.08
CA GLU E 920 164.47 72.88 -2.87
C GLU E 920 164.42 71.64 -1.96
N PHE E 921 164.05 70.50 -2.58
CA PHE E 921 163.83 69.27 -1.83
C PHE E 921 165.10 68.81 -1.13
N SER E 922 166.27 69.15 -1.67
CA SER E 922 167.52 68.78 -1.02
C SER E 922 167.65 69.45 0.34
N LYS E 923 167.36 70.76 0.39
CA LYS E 923 167.40 71.47 1.67
C LYS E 923 166.14 71.19 2.49
N LEU E 924 165.09 70.68 1.86
CA LEU E 924 163.94 70.17 2.59
C LEU E 924 164.38 68.99 3.45
N PRO E 925 163.78 68.83 4.63
CA PRO E 925 163.93 67.57 5.37
C PRO E 925 163.60 66.39 4.48
N GLU E 926 164.56 65.47 4.36
CA GLU E 926 164.37 64.33 3.47
C GLU E 926 163.23 63.43 3.94
N GLN E 927 162.89 63.54 5.23
CA GLN E 927 161.71 62.77 5.73
C GLN E 927 160.46 63.30 5.03
N GLU E 928 160.25 64.62 5.07
CA GLU E 928 159.05 65.24 4.44
C GLU E 928 159.10 64.98 2.93
N ARG E 929 160.28 65.09 2.33
CA ARG E 929 160.40 64.94 0.85
C ARG E 929 159.96 63.52 0.49
N ASN E 930 160.44 62.52 1.23
CA ASN E 930 160.05 61.11 0.96
C ASN E 930 158.55 60.95 1.24
N TYR E 931 158.06 61.56 2.32
CA TYR E 931 156.64 61.38 2.69
C TYR E 931 155.77 61.99 1.59
N ASN E 932 156.22 63.11 1.01
CA ASN E 932 155.47 63.74 -0.10
C ASN E 932 155.47 62.79 -1.31
N LEU E 933 156.62 62.21 -1.62
CA LEU E 933 156.73 61.33 -2.82
C LEU E 933 155.85 60.09 -2.63
N GLN E 934 155.87 59.51 -1.42
CA GLN E 934 155.02 58.32 -1.13
C GLN E 934 153.56 58.74 -1.23
N MET E 935 153.26 59.95 -0.76
CA MET E 935 151.88 60.48 -0.82
C MET E 935 151.47 60.55 -2.28
N SER E 936 152.42 60.88 -3.15
CA SER E 936 152.10 61.04 -4.59
C SER E 936 151.99 59.65 -5.18
N LEU E 937 152.87 58.73 -4.76
CA LEU E 937 152.70 57.37 -5.22
C LEU E 937 151.30 56.86 -4.92
N GLU E 938 150.82 57.09 -3.69
CA GLU E 938 149.47 56.67 -3.33
C GLU E 938 148.41 57.41 -4.12
N THR E 939 148.62 58.70 -4.37
CA THR E 939 147.68 59.50 -5.16
C THR E 939 147.60 59.04 -6.61
N LEU E 940 148.72 58.76 -7.25
CA LEU E 940 148.68 58.23 -8.60
C LEU E 940 148.11 56.81 -8.63
N LYS E 941 148.36 56.02 -7.59
CA LYS E 941 147.76 54.69 -7.53
C LYS E 941 146.25 54.78 -7.38
N THR E 942 145.77 55.73 -6.58
CA THR E 942 144.33 55.93 -6.48
C THR E 942 143.77 56.47 -7.79
N LEU E 943 144.55 57.28 -8.50
CA LEU E 943 144.14 57.77 -9.82
C LEU E 943 143.90 56.61 -10.76
N LEU E 944 144.84 55.67 -10.77
CA LEU E 944 144.69 54.43 -11.53
C LEU E 944 143.50 53.60 -11.03
N ALA E 945 143.27 53.56 -9.72
CA ALA E 945 142.11 52.85 -9.17
C ALA E 945 140.79 53.51 -9.56
N LEU E 946 140.80 54.77 -9.99
CA LEU E 946 139.58 55.47 -10.35
C LEU E 946 138.93 54.92 -11.63
N GLY E 947 139.46 53.83 -12.18
CA GLY E 947 138.93 53.30 -13.42
C GLY E 947 139.32 54.09 -14.63
N CYS E 948 140.15 55.12 -14.46
CA CYS E 948 140.60 55.97 -15.56
C CYS E 948 141.89 55.39 -16.14
N HIS E 949 141.85 55.05 -17.41
CA HIS E 949 143.07 54.56 -18.05
C HIS E 949 143.97 55.74 -18.38
N VAL E 950 145.28 55.49 -18.38
CA VAL E 950 146.26 56.54 -18.65
C VAL E 950 147.16 56.07 -19.78
N GLY E 951 147.40 56.94 -20.75
CA GLY E 951 148.24 56.59 -21.87
C GLY E 951 149.26 57.66 -22.20
N ILE E 952 150.52 57.26 -22.37
CA ILE E 952 151.55 58.21 -22.78
C ILE E 952 151.28 58.64 -24.22
N SER E 953 151.39 59.94 -24.47
CA SER E 953 151.12 60.47 -25.80
C SER E 953 152.29 60.18 -26.74
N ASP E 954 153.47 60.68 -26.40
CA ASP E 954 154.64 60.53 -27.24
C ASP E 954 155.90 60.73 -26.40
N GLU E 955 157.01 60.24 -26.94
CA GLU E 955 158.30 60.42 -26.28
C GLU E 955 158.82 61.85 -26.46
N HIS E 956 158.39 62.53 -27.52
CA HIS E 956 158.88 63.89 -27.76
C HIS E 956 158.26 64.87 -26.78
N ALA E 957 157.08 64.55 -26.24
CA ALA E 957 156.48 65.36 -25.19
C ALA E 957 157.33 65.41 -23.93
N GLU E 958 158.18 64.41 -23.70
CA GLU E 958 159.18 64.45 -22.65
C GLU E 958 160.54 64.89 -23.13
N ASP E 959 160.86 64.64 -24.40
CA ASP E 959 162.12 65.14 -24.96
C ASP E 959 162.19 66.66 -24.93
N LYS E 960 161.11 67.33 -25.31
CA LYS E 960 161.00 68.79 -25.15
C LYS E 960 160.07 69.04 -23.97
N VAL E 961 160.61 69.65 -22.93
CA VAL E 961 159.85 70.02 -21.74
C VAL E 961 159.96 71.52 -21.53
N LYS E 962 158.95 72.26 -21.99
CA LYS E 962 158.98 73.71 -21.85
C LYS E 962 158.58 74.10 -20.42
N LYS E 963 159.06 75.26 -20.01
CA LYS E 963 159.03 75.67 -18.62
C LYS E 963 158.96 77.19 -18.57
N MET E 964 157.83 77.76 -18.13
CA MET E 964 157.72 79.21 -18.13
C MET E 964 158.76 79.80 -17.18
N LYS E 965 159.32 80.94 -17.56
CA LYS E 965 160.15 81.70 -16.64
C LYS E 965 159.25 82.53 -15.73
N LEU E 966 159.65 82.64 -14.46
CA LEU E 966 158.84 83.31 -13.47
C LEU E 966 159.59 84.49 -12.89
N PRO E 967 158.88 85.52 -12.41
CA PRO E 967 159.55 86.65 -11.78
C PRO E 967 160.32 86.22 -10.55
N LYS E 968 161.43 86.92 -10.28
CA LYS E 968 162.33 86.53 -9.21
C LYS E 968 161.62 86.49 -7.86
N ASN E 969 160.74 87.45 -7.60
CA ASN E 969 159.95 87.40 -6.38
C ASN E 969 159.06 86.16 -6.35
N TYR E 970 158.45 85.83 -7.49
CA TYR E 970 157.65 84.61 -7.58
C TYR E 970 158.53 83.37 -7.65
N GLN E 971 159.69 83.47 -8.27
CA GLN E 971 160.57 82.32 -8.45
C GLN E 971 161.32 82.01 -7.16
N LEU E 972 161.55 80.71 -6.95
CA LEU E 972 162.34 80.22 -5.82
C LEU E 972 163.82 80.44 -6.08
N THR E 973 164.63 80.17 -5.05
CA THR E 973 166.08 80.23 -5.21
C THR E 973 166.56 79.23 -6.25
N SER E 974 165.77 78.19 -6.52
CA SER E 974 166.13 77.21 -7.54
C SER E 974 166.28 77.87 -8.89
N GLY E 975 167.36 77.51 -9.61
CA GLY E 975 167.63 78.15 -10.89
C GLY E 975 166.58 77.86 -11.93
N TYR E 976 166.23 76.59 -12.11
CA TYR E 976 165.24 76.23 -13.11
C TYR E 976 163.84 76.44 -12.56
N LYS E 977 162.98 77.09 -13.35
CA LYS E 977 161.66 77.44 -12.89
C LYS E 977 160.81 76.18 -12.73
N PRO E 978 160.09 76.02 -11.61
CA PRO E 978 159.21 74.87 -11.45
C PRO E 978 158.06 74.84 -12.46
N ALA E 979 157.65 76.01 -12.93
CA ALA E 979 156.46 76.16 -13.76
C ALA E 979 156.54 75.30 -15.02
N PRO E 980 155.76 74.21 -15.10
CA PRO E 980 155.85 73.31 -16.25
C PRO E 980 155.11 73.89 -17.45
N MET E 981 154.95 73.12 -18.53
CA MET E 981 154.23 73.57 -19.72
C MET E 981 152.92 74.27 -19.33
N ASP E 982 152.57 75.32 -20.07
CA ASP E 982 151.63 76.33 -19.57
C ASP E 982 150.24 75.78 -19.36
N LEU E 983 149.62 76.20 -18.25
CA LEU E 983 148.25 75.81 -17.95
C LEU E 983 147.29 76.30 -19.01
N SER E 984 147.63 77.38 -19.72
CA SER E 984 146.80 77.83 -20.83
C SER E 984 146.77 76.80 -21.95
N PHE E 985 147.94 76.27 -22.31
CA PHE E 985 147.98 75.21 -23.31
C PHE E 985 147.29 73.94 -22.80
N ILE E 986 147.52 73.60 -21.54
CA ILE E 986 146.90 72.39 -20.99
C ILE E 986 145.40 72.64 -20.81
N LYS E 987 144.62 71.60 -21.04
CA LYS E 987 143.16 71.73 -21.02
C LYS E 987 142.58 70.71 -20.06
N LEU E 988 141.47 71.10 -19.42
CA LEU E 988 140.78 70.27 -18.44
C LEU E 988 139.37 69.98 -18.95
N THR E 989 139.02 68.71 -19.06
CA THR E 989 137.68 68.35 -19.47
C THR E 989 136.77 68.25 -18.23
N PRO E 990 135.45 68.35 -18.42
CA PRO E 990 134.54 68.18 -17.26
C PRO E 990 134.69 66.83 -16.57
N SER E 991 134.91 65.76 -17.33
CA SER E 991 135.16 64.46 -16.70
C SER E 991 136.45 64.48 -15.89
N GLN E 992 137.47 65.14 -16.43
CA GLN E 992 138.73 65.28 -15.68
C GLN E 992 138.51 66.06 -14.40
N GLU E 993 137.70 67.12 -14.43
CA GLU E 993 137.41 67.85 -13.20
C GLU E 993 136.59 67.01 -12.23
N ALA E 994 135.67 66.18 -12.74
CA ALA E 994 134.93 65.29 -11.86
C ALA E 994 135.84 64.28 -11.16
N MET E 995 136.82 63.71 -11.88
CA MET E 995 137.76 62.82 -11.20
C MET E 995 138.73 63.58 -10.31
N VAL E 996 139.04 64.85 -10.62
CA VAL E 996 139.73 65.69 -9.66
C VAL E 996 138.96 65.81 -8.36
N ASP E 997 137.65 66.04 -8.45
CA ASP E 997 136.80 66.07 -7.26
C ASP E 997 136.82 64.73 -6.54
N LYS E 998 136.77 63.62 -7.27
CA LYS E 998 136.81 62.30 -6.64
C LYS E 998 138.13 62.09 -5.90
N LEU E 999 139.24 62.49 -6.53
CA LEU E 999 140.55 62.33 -5.91
C LEU E 999 140.68 63.22 -4.68
N ALA E 1000 140.11 64.43 -4.75
CA ALA E 1000 140.09 65.29 -3.57
C ALA E 1000 139.27 64.66 -2.45
N GLU E 1001 138.15 64.03 -2.79
CA GLU E 1001 137.35 63.30 -1.82
C GLU E 1001 138.19 62.22 -1.14
N ASN E 1002 138.91 61.42 -1.94
CA ASN E 1002 139.63 60.29 -1.38
C ASN E 1002 140.84 60.77 -0.56
N ALA E 1003 141.47 61.87 -0.99
CA ALA E 1003 142.58 62.42 -0.21
C ALA E 1003 142.12 62.88 1.16
N HIS E 1004 140.98 63.55 1.23
CA HIS E 1004 140.40 63.93 2.52
C HIS E 1004 139.99 62.71 3.33
N ASN E 1005 139.49 61.65 2.67
CA ASN E 1005 139.19 60.42 3.38
C ASN E 1005 140.45 59.82 4.00
N VAL E 1006 141.55 59.86 3.25
CA VAL E 1006 142.76 59.19 3.77
C VAL E 1006 143.37 60.14 4.81
N TRP E 1007 143.09 61.44 4.66
CA TRP E 1007 143.56 62.40 5.68
C TRP E 1007 142.80 62.09 6.96
N ALA E 1008 141.51 61.79 6.85
CA ALA E 1008 140.65 61.56 8.03
C ALA E 1008 141.00 60.23 8.70
N ARG E 1009 141.06 59.15 7.93
CA ARG E 1009 141.40 57.85 8.50
C ARG E 1009 142.72 57.91 9.24
N ASP E 1010 143.64 58.73 8.74
CA ASP E 1010 144.93 58.91 9.45
C ASP E 1010 144.61 59.54 10.81
N ARG E 1011 143.68 60.49 10.82
CA ARG E 1011 143.28 61.17 12.08
C ARG E 1011 142.60 60.19 13.02
N ILE E 1012 141.77 59.28 12.49
CA ILE E 1012 141.07 58.27 13.34
C ILE E 1012 142.14 57.37 13.95
N ARG E 1013 143.17 57.04 13.17
CA ARG E 1013 144.28 56.26 13.73
C ARG E 1013 144.90 57.10 14.84
N GLN E 1014 145.00 58.41 14.60
CA GLN E 1014 145.50 59.33 15.64
C GLN E 1014 144.54 59.27 16.83
N GLY E 1015 143.26 59.05 16.55
CA GLY E 1015 142.24 59.08 17.62
C GLY E 1015 141.63 60.46 17.70
N TRP E 1016 141.98 61.33 16.76
CA TRP E 1016 141.34 62.66 16.70
C TRP E 1016 139.85 62.45 16.42
N THR E 1017 138.97 63.16 17.13
CA THR E 1017 137.52 63.05 16.82
C THR E 1017 136.95 64.43 16.50
N TYR E 1018 135.89 64.50 15.70
CA TYR E 1018 135.29 65.75 15.27
C TYR E 1018 135.02 66.67 16.46
N GLY E 1019 135.24 67.96 16.24
CA GLY E 1019 134.88 68.99 17.20
C GLY E 1019 134.63 70.31 16.52
N ILE E 1020 133.51 70.96 16.86
CA ILE E 1020 133.17 72.24 16.21
C ILE E 1020 134.28 73.25 16.44
N GLN E 1021 134.86 73.20 17.64
CA GLN E 1021 136.03 74.04 17.96
C GLN E 1021 137.26 73.20 17.62
N GLN E 1022 138.26 73.76 16.94
CA GLN E 1022 139.48 72.94 16.71
C GLN E 1022 140.21 72.76 18.05
N ASP E 1023 140.63 71.54 18.37
CA ASP E 1023 141.38 71.28 19.63
C ASP E 1023 142.52 70.31 19.33
N VAL E 1024 143.72 70.60 19.82
CA VAL E 1024 144.86 69.70 19.64
C VAL E 1024 145.07 68.82 20.86
N LYS E 1025 144.92 69.37 22.06
CA LYS E 1025 145.03 68.55 23.26
C LYS E 1025 143.91 67.53 23.34
N ASN E 1026 142.68 67.94 23.04
CA ASN E 1026 141.54 67.04 22.98
C ASN E 1026 141.40 66.41 21.60
N ARG E 1027 142.28 66.75 20.66
CA ARG E 1027 142.29 66.17 19.32
C ARG E 1027 140.93 66.28 18.66
N ARG E 1028 140.33 67.47 18.71
CA ARG E 1028 138.96 67.64 18.14
C ARG E 1028 139.03 68.52 16.90
N ASN E 1029 139.03 67.93 15.71
CA ASN E 1029 139.20 68.77 14.49
C ASN E 1029 137.85 68.91 13.79
N PRO E 1030 137.32 70.14 13.57
CA PRO E 1030 136.03 70.26 12.93
C PRO E 1030 136.29 70.08 11.43
N ARG E 1031 137.47 69.55 11.12
CA ARG E 1031 137.81 69.29 9.71
C ARG E 1031 137.63 67.79 9.45
N LEU E 1032 137.06 67.07 10.41
CA LEU E 1032 136.85 65.61 10.28
C LEU E 1032 135.42 65.39 9.81
N VAL E 1033 135.03 66.08 8.73
CA VAL E 1033 133.71 66.02 8.14
C VAL E 1033 133.92 65.59 6.69
N PRO E 1034 132.90 65.07 5.99
CA PRO E 1034 133.09 64.73 4.58
C PRO E 1034 133.45 65.96 3.76
N TYR E 1035 134.21 65.72 2.69
CA TYR E 1035 134.71 66.81 1.86
C TYR E 1035 133.58 67.65 1.29
N THR E 1036 132.39 67.05 1.16
CA THR E 1036 131.22 67.82 0.75
C THR E 1036 130.91 68.93 1.74
N LEU E 1037 131.04 68.64 3.03
CA LEU E 1037 130.75 69.63 4.06
C LEU E 1037 131.99 70.34 4.59
N LEU E 1038 133.15 70.13 3.97
CA LEU E 1038 134.37 70.78 4.43
C LEU E 1038 134.31 72.28 4.15
N ASP E 1039 135.09 73.04 4.92
CA ASP E 1039 135.16 74.48 4.71
C ASP E 1039 135.78 74.81 3.35
N ASP E 1040 135.35 75.93 2.77
CA ASP E 1040 135.84 76.33 1.43
C ASP E 1040 137.36 76.49 1.34
N ARG E 1041 138.01 77.07 2.36
CA ARG E 1041 139.44 77.39 2.22
C ARG E 1041 140.30 76.15 1.99
N THR E 1042 140.10 75.11 2.79
CA THR E 1042 140.87 73.86 2.59
C THR E 1042 140.45 73.21 1.28
N LYS E 1043 139.16 73.24 0.98
CA LYS E 1043 138.69 72.54 -0.24
C LYS E 1043 139.42 73.20 -1.41
N LYS E 1044 139.50 74.52 -1.39
CA LYS E 1044 140.17 75.26 -2.50
C LYS E 1044 141.66 74.91 -2.53
N SER E 1045 142.33 74.91 -1.39
CA SER E 1045 143.80 74.67 -1.40
C SER E 1045 144.09 73.25 -1.90
N ASN E 1046 143.35 72.27 -1.38
CA ASN E 1046 143.57 70.85 -1.78
C ASN E 1046 143.21 70.71 -3.26
N LYS E 1047 142.12 71.35 -3.67
CA LYS E 1047 141.67 71.23 -5.07
C LYS E 1047 142.75 71.82 -5.97
N ASP E 1048 143.34 72.94 -5.55
CA ASP E 1048 144.34 73.61 -6.41
C ASP E 1048 145.53 72.68 -6.61
N SER E 1049 146.02 72.07 -5.53
CA SER E 1049 147.20 71.18 -5.64
C SER E 1049 146.81 69.98 -6.49
N LEU E 1050 145.60 69.47 -6.28
CA LEU E 1050 145.18 68.26 -7.00
C LEU E 1050 145.03 68.56 -8.49
N ARG E 1051 144.44 69.71 -8.82
CA ARG E 1051 144.18 69.95 -10.23
C ARG E 1051 145.43 70.43 -10.95
N GLU E 1052 146.30 71.19 -10.28
CA GLU E 1052 147.57 71.51 -10.91
C GLU E 1052 148.43 70.26 -11.05
N ALA E 1053 148.34 69.34 -10.08
CA ALA E 1053 149.03 68.07 -10.23
C ALA E 1053 148.53 67.29 -11.45
N VAL E 1054 147.21 67.13 -11.58
CA VAL E 1054 146.67 66.38 -12.71
C VAL E 1054 146.86 67.12 -14.03
N ARG E 1055 147.00 68.45 -14.00
CA ARG E 1055 147.32 69.19 -15.20
C ARG E 1055 148.78 68.99 -15.61
N THR E 1056 149.67 68.89 -14.63
CA THR E 1056 151.04 68.49 -14.93
C THR E 1056 151.06 67.08 -15.51
N LEU E 1057 150.17 66.22 -15.03
CA LEU E 1057 150.06 64.87 -15.59
C LEU E 1057 149.73 64.93 -17.08
N LEU E 1058 148.77 65.78 -17.45
CA LEU E 1058 148.44 65.95 -18.86
C LEU E 1058 149.58 66.59 -19.64
N GLY E 1059 150.25 67.58 -19.05
CA GLY E 1059 151.36 68.23 -19.74
C GLY E 1059 152.53 67.31 -19.98
N TYR E 1060 152.67 66.28 -19.16
CA TYR E 1060 153.64 65.22 -19.42
C TYR E 1060 153.19 64.27 -20.51
N GLY E 1061 152.15 64.62 -21.26
CA GLY E 1061 151.64 63.80 -22.33
C GLY E 1061 150.70 62.70 -21.87
N TYR E 1062 150.70 62.39 -20.57
CA TYR E 1062 149.85 61.33 -20.08
C TYR E 1062 148.39 61.75 -20.17
N ASN E 1063 147.67 61.14 -21.11
CA ASN E 1063 146.26 61.41 -21.33
C ASN E 1063 145.45 60.49 -20.43
N LEU E 1064 144.54 61.07 -19.66
CA LEU E 1064 143.72 60.35 -18.71
C LEU E 1064 142.32 60.16 -19.30
N GLU E 1065 142.10 59.00 -19.93
CA GLU E 1065 140.80 58.66 -20.49
C GLU E 1065 139.94 58.06 -19.38
N ALA E 1066 138.90 58.81 -19.01
CA ALA E 1066 138.09 58.43 -17.86
C ALA E 1066 137.02 57.42 -18.27
N PRO E 1067 136.53 56.61 -17.33
CA PRO E 1067 135.42 55.72 -17.65
C PRO E 1067 134.13 56.50 -17.85
N ASP E 1068 133.17 55.86 -18.50
CA ASP E 1068 131.89 56.49 -18.77
C ASP E 1068 131.17 56.84 -17.47
N GLN E 1069 130.53 58.01 -17.47
CA GLN E 1069 129.75 58.43 -16.30
C GLN E 1069 128.47 57.60 -16.21
N ASP E 1070 128.17 57.10 -15.02
CA ASP E 1070 127.07 56.18 -14.80
C ASP E 1070 125.94 56.90 -14.08
N HIS E 1071 124.71 56.61 -14.48
CA HIS E 1071 123.52 57.18 -13.87
C HIS E 1071 122.77 56.11 -13.08
N ALA E 1072 122.36 56.46 -11.86
CA ALA E 1072 121.58 55.59 -11.01
C ALA E 1072 120.45 56.40 -10.36
N ALA E 1073 119.32 55.74 -10.14
CA ALA E 1073 118.15 56.38 -9.56
C ALA E 1073 117.69 55.59 -8.34
N ARG E 1074 117.53 56.28 -7.21
CA ARG E 1074 117.06 55.61 -5.99
C ARG E 1074 115.56 55.32 -6.08
N ALA E 1075 114.78 56.27 -6.60
CA ALA E 1075 113.33 56.13 -6.71
C ALA E 1075 112.67 55.86 -5.36
N GLU E 1076 113.13 56.56 -4.33
CA GLU E 1076 112.57 56.49 -2.98
C GLU E 1076 112.64 55.10 -2.37
N VAL E 1077 113.58 54.26 -2.83
CA VAL E 1077 113.73 52.94 -2.24
C VAL E 1077 114.28 53.03 -0.83
N CYS E 1078 115.31 53.85 -0.63
CA CYS E 1078 115.90 54.02 0.71
C CYS E 1078 114.92 54.71 1.63
N SER E 1079 114.84 54.23 2.87
CA SER E 1079 113.90 54.77 3.84
C SER E 1079 114.39 54.48 5.25
N GLY E 1080 114.14 55.43 6.15
CA GLY E 1080 114.29 55.18 7.57
C GLY E 1080 113.14 54.30 8.02
N THR E 1081 113.50 53.15 8.61
CA THR E 1081 112.57 52.08 8.94
C THR E 1081 112.05 51.42 7.67
N GLY E 1082 111.77 50.12 7.72
CA GLY E 1082 111.46 49.37 6.52
C GLY E 1082 110.20 49.87 5.81
N GLU E 1083 109.37 50.62 6.52
CA GLU E 1083 108.14 51.17 5.94
C GLU E 1083 108.45 52.04 4.74
N ARG E 1084 107.72 51.81 3.65
CA ARG E 1084 107.97 52.52 2.40
C ARG E 1084 107.07 53.73 2.21
N PHE E 1085 105.88 53.73 2.80
CA PHE E 1085 104.94 54.81 2.61
C PHE E 1085 103.95 54.82 3.76
N ARG E 1086 103.33 55.97 3.98
CA ARG E 1086 102.35 56.14 5.05
C ARG E 1086 101.04 56.61 4.45
N ILE E 1087 99.92 56.07 4.93
CA ILE E 1087 98.60 56.41 4.44
C ILE E 1087 97.87 57.20 5.50
N PHE E 1088 97.32 58.34 5.10
CA PHE E 1088 96.47 59.18 5.95
C PHE E 1088 95.07 59.19 5.34
N ARG E 1089 94.07 58.90 6.15
CA ARG E 1089 92.70 58.79 5.66
C ARG E 1089 91.75 59.41 6.66
N ALA E 1090 90.56 59.76 6.17
CA ALA E 1090 89.50 60.17 7.06
C ALA E 1090 88.96 58.97 7.83
N GLU E 1091 88.23 59.25 8.90
CA GLU E 1091 87.66 58.17 9.70
C GLU E 1091 86.60 57.42 8.91
N LYS E 1092 86.42 56.14 9.23
CA LYS E 1092 85.47 55.31 8.50
C LYS E 1092 84.05 55.85 8.63
N THR E 1093 83.70 56.38 9.81
CA THR E 1093 82.34 56.83 10.05
C THR E 1093 81.95 57.98 9.13
N TYR E 1094 82.93 58.75 8.66
CA TYR E 1094 82.66 59.87 7.77
C TYR E 1094 82.44 59.45 6.33
N ALA E 1095 82.22 58.16 6.07
CA ALA E 1095 82.05 57.69 4.70
C ALA E 1095 80.82 58.32 4.05
N VAL E 1096 80.97 58.72 2.79
CA VAL E 1096 79.88 59.28 2.02
C VAL E 1096 79.38 58.21 1.05
N LYS E 1097 78.06 58.01 1.04
CA LYS E 1097 77.45 57.04 0.14
C LYS E 1097 76.58 57.69 -0.94
N ALA E 1098 76.37 59.00 -0.87
CA ALA E 1098 75.63 59.71 -1.90
C ALA E 1098 76.06 61.17 -1.86
N GLY E 1099 75.75 61.88 -2.94
CA GLY E 1099 76.07 63.29 -3.02
C GLY E 1099 77.34 63.57 -3.79
N ARG E 1100 77.71 64.84 -3.79
CA ARG E 1100 78.83 65.34 -4.58
C ARG E 1100 79.81 66.06 -3.65
N TRP E 1101 81.06 65.60 -3.63
CA TRP E 1101 82.01 66.01 -2.62
C TRP E 1101 83.33 66.41 -3.27
N TYR E 1102 84.04 67.31 -2.59
CA TYR E 1102 85.27 67.91 -3.09
C TYR E 1102 86.22 68.08 -1.91
N PHE E 1103 87.48 67.71 -2.09
CA PHE E 1103 88.49 68.00 -1.07
C PHE E 1103 89.84 68.23 -1.73
N GLU E 1104 90.65 69.09 -1.14
CA GLU E 1104 91.90 69.50 -1.74
C GLU E 1104 93.08 68.79 -1.11
N PHE E 1105 94.14 68.61 -1.90
CA PHE E 1105 95.39 68.04 -1.43
C PHE E 1105 96.53 68.88 -1.98
N GLU E 1106 97.25 69.56 -1.10
CA GLU E 1106 98.37 70.41 -1.48
C GLU E 1106 99.66 69.63 -1.33
N THR E 1107 100.51 69.67 -2.36
CA THR E 1107 101.72 68.87 -2.42
C THR E 1107 102.91 69.79 -2.17
N VAL E 1108 103.46 69.74 -0.95
CA VAL E 1108 104.61 70.58 -0.66
C VAL E 1108 105.82 70.12 -1.47
N THR E 1109 105.95 68.81 -1.68
CA THR E 1109 107.00 68.25 -2.51
C THR E 1109 106.38 67.66 -3.78
N ALA E 1110 107.23 67.07 -4.60
CA ALA E 1110 106.82 66.39 -5.83
C ALA E 1110 107.46 65.00 -5.86
N GLY E 1111 106.80 64.03 -5.24
CA GLY E 1111 107.34 62.69 -5.16
C GLY E 1111 106.30 61.61 -5.25
N ASP E 1112 106.58 60.44 -4.66
CA ASP E 1112 105.68 59.30 -4.73
C ASP E 1112 104.50 59.56 -3.79
N MET E 1113 103.52 60.29 -4.32
CA MET E 1113 102.36 60.67 -3.55
C MET E 1113 101.09 60.34 -4.34
N ARG E 1114 100.09 59.84 -3.62
CA ARG E 1114 98.82 59.46 -4.21
C ARG E 1114 97.70 60.05 -3.37
N VAL E 1115 96.60 60.39 -4.02
CA VAL E 1115 95.45 60.98 -3.34
C VAL E 1115 94.18 60.47 -4.02
N GLY E 1116 93.14 60.26 -3.24
CA GLY E 1116 91.89 59.79 -3.82
C GLY E 1116 90.91 59.36 -2.75
N TRP E 1117 90.12 58.35 -3.08
CA TRP E 1117 89.05 57.89 -2.21
C TRP E 1117 89.20 56.39 -1.96
N SER E 1118 89.13 56.00 -0.68
CA SER E 1118 89.28 54.61 -0.29
C SER E 1118 88.02 54.12 0.40
N ARG E 1119 87.76 52.83 0.27
CA ARG E 1119 86.69 52.21 1.02
C ARG E 1119 87.12 52.00 2.47
N PRO E 1120 86.16 51.86 3.38
CA PRO E 1120 86.52 51.62 4.79
C PRO E 1120 87.28 50.32 5.01
N GLY E 1121 87.45 49.52 3.97
CA GLY E 1121 88.24 48.30 4.03
C GLY E 1121 89.65 48.41 3.51
N CYS E 1122 90.17 49.61 3.28
CA CYS E 1122 91.51 49.77 2.74
C CYS E 1122 92.55 49.30 3.76
N GLN E 1123 93.61 48.68 3.26
CA GLN E 1123 94.65 48.19 4.15
C GLN E 1123 95.79 49.21 4.25
N PRO E 1124 96.27 49.47 5.47
CA PRO E 1124 97.34 50.46 5.64
C PRO E 1124 98.70 49.98 5.17
N ASP E 1125 98.85 48.70 4.84
CA ASP E 1125 100.15 48.19 4.40
C ASP E 1125 100.29 48.17 2.88
N GLN E 1126 99.19 48.05 2.15
CA GLN E 1126 99.24 47.96 0.70
C GLN E 1126 99.14 49.32 0.05
N GLU E 1127 99.81 49.47 -1.08
CA GLU E 1127 99.81 50.74 -1.80
C GLU E 1127 98.44 51.03 -2.37
N LEU E 1128 98.10 52.32 -2.45
CA LEU E 1128 96.80 52.73 -2.97
C LEU E 1128 96.69 52.36 -4.44
N GLY E 1129 95.53 51.83 -4.83
CA GLY E 1129 95.24 51.50 -6.20
C GLY E 1129 95.75 50.15 -6.64
N SER E 1130 96.61 49.51 -5.86
CA SER E 1130 97.10 48.18 -6.21
C SER E 1130 95.97 47.16 -6.13
N ASP E 1131 95.00 47.39 -5.25
CA ASP E 1131 93.84 46.54 -5.08
C ASP E 1131 92.57 47.32 -5.38
N GLU E 1132 91.42 46.71 -5.11
CA GLU E 1132 90.13 47.32 -5.38
C GLU E 1132 89.67 48.28 -4.30
N ARG E 1133 90.40 48.39 -3.19
CA ARG E 1133 89.91 49.15 -2.05
C ARG E 1133 89.92 50.65 -2.33
N ALA E 1134 90.91 51.14 -3.08
CA ALA E 1134 91.11 52.57 -3.22
C ALA E 1134 91.17 52.97 -4.69
N PHE E 1135 90.82 54.22 -4.95
CA PHE E 1135 90.96 54.86 -6.25
C PHE E 1135 91.82 56.09 -6.04
N ALA E 1136 93.00 56.11 -6.65
CA ALA E 1136 93.98 57.15 -6.35
C ALA E 1136 94.53 57.74 -7.64
N PHE E 1137 95.26 58.83 -7.50
CA PHE E 1137 95.94 59.50 -8.62
C PHE E 1137 97.37 59.76 -8.22
N ASP E 1138 98.31 59.11 -8.92
CA ASP E 1138 99.74 59.32 -8.71
C ASP E 1138 100.22 60.33 -9.75
N GLY E 1139 100.41 61.57 -9.30
CA GLY E 1139 100.90 62.59 -10.22
C GLY E 1139 102.36 62.41 -10.56
N PHE E 1140 103.09 61.69 -9.70
CA PHE E 1140 104.50 61.42 -9.95
C PHE E 1140 104.70 60.73 -11.29
N LYS E 1141 103.90 59.71 -11.57
CA LYS E 1141 103.95 59.00 -12.84
C LYS E 1141 102.75 59.29 -13.72
N ALA E 1142 101.87 60.22 -13.33
CA ALA E 1142 100.69 60.58 -14.11
C ALA E 1142 99.81 59.37 -14.37
N GLN E 1143 99.48 58.62 -13.32
CA GLN E 1143 98.74 57.38 -13.44
C GLN E 1143 97.56 57.35 -12.49
N ARG E 1144 96.39 56.99 -13.01
CA ARG E 1144 95.26 56.68 -12.15
C ARG E 1144 95.38 55.24 -11.68
N TRP E 1145 95.12 55.03 -10.39
CA TRP E 1145 95.43 53.77 -9.72
C TRP E 1145 94.13 53.17 -9.18
N HIS E 1146 93.71 52.04 -9.78
CA HIS E 1146 92.67 51.19 -9.21
C HIS E 1146 92.82 49.82 -9.87
N GLN E 1147 93.21 48.82 -9.08
CA GLN E 1147 93.44 47.47 -9.58
C GLN E 1147 94.45 47.48 -10.73
N GLY E 1148 95.45 48.34 -10.63
CA GLY E 1148 96.40 48.54 -11.70
C GLY E 1148 96.65 50.01 -11.95
N ASN E 1149 97.35 50.34 -13.03
CA ASN E 1149 97.66 51.72 -13.37
C ASN E 1149 97.36 52.00 -14.83
N GLU E 1150 96.92 53.23 -15.11
CA GLU E 1150 96.70 53.69 -16.47
C GLU E 1150 97.45 55.00 -16.66
N HIS E 1151 97.19 55.72 -17.73
CA HIS E 1151 97.76 57.05 -17.94
C HIS E 1151 96.66 58.08 -17.79
N TYR E 1152 96.89 59.07 -16.92
CA TYR E 1152 95.85 60.06 -16.63
C TYR E 1152 96.53 61.30 -16.05
N GLY E 1153 96.37 62.43 -16.73
CA GLY E 1153 96.79 63.71 -16.22
C GLY E 1153 98.27 63.96 -16.39
N ARG E 1154 98.69 65.12 -15.86
CA ARG E 1154 100.09 65.53 -15.91
C ARG E 1154 100.75 65.31 -14.55
N SER E 1155 102.02 65.70 -14.48
CA SER E 1155 102.77 65.59 -13.23
C SER E 1155 102.80 66.93 -12.50
N TRP E 1156 102.59 66.87 -11.19
CA TRP E 1156 102.57 68.08 -10.38
C TRP E 1156 103.98 68.54 -10.02
N GLN E 1157 104.06 69.75 -9.49
CA GLN E 1157 105.28 70.33 -8.97
C GLN E 1157 105.09 70.66 -7.49
N ALA E 1158 106.08 71.34 -6.92
CA ALA E 1158 105.97 71.77 -5.54
C ALA E 1158 104.86 72.81 -5.40
N GLY E 1159 104.11 72.70 -4.30
CA GLY E 1159 103.01 73.62 -4.04
C GLY E 1159 101.90 73.54 -5.06
N ASP E 1160 101.54 72.32 -5.47
CA ASP E 1160 100.46 72.08 -6.42
C ASP E 1160 99.27 71.53 -5.67
N VAL E 1161 98.09 72.08 -5.95
CA VAL E 1161 96.86 71.69 -5.27
C VAL E 1161 96.03 70.85 -6.22
N VAL E 1162 95.84 69.58 -5.86
CA VAL E 1162 94.99 68.68 -6.63
C VAL E 1162 93.68 68.53 -5.85
N GLY E 1163 92.58 68.88 -6.51
CA GLY E 1163 91.28 68.72 -5.90
C GLY E 1163 90.61 67.45 -6.40
N CYS E 1164 90.16 66.63 -5.48
CA CYS E 1164 89.50 65.36 -5.79
C CYS E 1164 88.00 65.54 -5.60
N MET E 1165 87.23 65.11 -6.60
CA MET E 1165 85.78 65.29 -6.59
C MET E 1165 85.13 63.96 -6.90
N VAL E 1166 84.14 63.59 -6.09
CA VAL E 1166 83.38 62.36 -6.28
C VAL E 1166 81.90 62.70 -6.32
N ASP E 1167 81.21 62.21 -7.34
CA ASP E 1167 79.76 62.30 -7.42
C ASP E 1167 79.23 60.87 -7.35
N MET E 1168 78.58 60.54 -6.25
CA MET E 1168 78.11 59.19 -5.98
C MET E 1168 76.74 58.92 -6.56
N ASN E 1169 76.15 59.91 -7.23
CA ASN E 1169 74.86 59.74 -7.89
C ASN E 1169 74.95 58.95 -9.18
N GLU E 1170 75.79 59.38 -10.12
CA GLU E 1170 76.09 58.59 -11.30
C GLU E 1170 77.50 58.01 -11.26
N HIS E 1171 78.12 57.96 -10.08
CA HIS E 1171 79.32 57.17 -9.84
C HIS E 1171 80.51 57.64 -10.68
N THR E 1172 80.89 58.90 -10.51
CA THR E 1172 82.04 59.47 -11.21
C THR E 1172 83.03 60.04 -10.22
N MET E 1173 84.31 60.02 -10.60
CA MET E 1173 85.37 60.65 -9.83
C MET E 1173 86.30 61.37 -10.78
N MET E 1174 86.64 62.61 -10.44
CA MET E 1174 87.44 63.46 -11.31
C MET E 1174 88.42 64.28 -10.48
N PHE E 1175 89.54 64.63 -11.10
CA PHE E 1175 90.63 65.30 -10.42
C PHE E 1175 90.99 66.57 -11.18
N THR E 1176 91.29 67.64 -10.43
CA THR E 1176 91.70 68.91 -11.01
C THR E 1176 93.02 69.34 -10.40
N LEU E 1177 94.08 69.35 -11.21
CA LEU E 1177 95.39 69.79 -10.77
C LEU E 1177 95.52 71.29 -11.03
N ASN E 1178 95.61 72.07 -9.95
CA ASN E 1178 95.72 73.52 -9.99
C ASN E 1178 94.53 74.18 -10.67
N GLY E 1179 93.39 73.49 -10.76
CA GLY E 1179 92.17 74.02 -11.31
C GLY E 1179 91.75 73.37 -12.62
N GLU E 1180 92.69 73.14 -13.52
CA GLU E 1180 92.36 72.48 -14.78
C GLU E 1180 92.00 71.02 -14.54
N ILE E 1181 91.08 70.51 -15.34
CA ILE E 1181 90.60 69.14 -15.18
C ILE E 1181 91.62 68.20 -15.81
N LEU E 1182 92.10 67.24 -15.02
CA LEU E 1182 93.03 66.24 -15.54
C LEU E 1182 92.31 65.29 -16.50
N LEU E 1183 93.01 64.91 -17.56
CA LEU E 1183 92.42 64.09 -18.61
C LEU E 1183 93.30 62.86 -18.85
N ASP E 1184 92.64 61.77 -19.25
CA ASP E 1184 93.34 60.56 -19.65
C ASP E 1184 93.76 60.68 -21.11
N ASP E 1185 94.15 59.55 -21.71
CA ASP E 1185 94.52 59.56 -23.12
C ASP E 1185 93.36 60.02 -23.99
N SER E 1186 92.16 59.53 -23.70
CA SER E 1186 90.96 60.06 -24.33
C SER E 1186 90.57 61.38 -23.69
N GLY E 1187 89.63 62.08 -24.33
CA GLY E 1187 89.24 63.39 -23.87
C GLY E 1187 88.32 63.36 -22.67
N SER E 1188 87.98 62.17 -22.19
CA SER E 1188 87.08 62.03 -21.05
C SER E 1188 87.69 62.64 -19.81
N GLU E 1189 86.84 63.28 -19.01
CA GLU E 1189 87.26 63.88 -17.75
C GLU E 1189 87.02 62.96 -16.56
N LEU E 1190 86.49 61.76 -16.77
CA LEU E 1190 86.21 60.83 -15.70
C LEU E 1190 87.45 59.96 -15.47
N ALA E 1191 88.06 60.10 -14.30
CA ALA E 1191 89.16 59.22 -13.93
C ALA E 1191 88.69 57.77 -13.83
N PHE E 1192 87.52 57.56 -13.22
CA PHE E 1192 86.92 56.24 -13.08
C PHE E 1192 85.45 56.34 -13.45
N LYS E 1193 85.08 55.66 -14.55
CA LYS E 1193 83.78 55.89 -15.15
C LYS E 1193 82.64 55.41 -14.27
N ASP E 1194 82.75 54.18 -13.75
CA ASP E 1194 81.66 53.63 -12.96
C ASP E 1194 82.23 52.73 -11.87
N PHE E 1195 81.57 52.71 -10.73
CA PHE E 1195 81.98 51.93 -9.58
C PHE E 1195 80.79 51.69 -8.68
N ASP E 1196 80.79 50.54 -8.01
CA ASP E 1196 79.71 50.23 -7.08
C ASP E 1196 79.79 51.13 -5.86
N VAL E 1197 78.63 51.52 -5.33
CA VAL E 1197 78.59 52.36 -4.14
C VAL E 1197 79.24 51.64 -2.96
N GLY E 1198 78.89 50.38 -2.76
CA GLY E 1198 79.45 49.62 -1.65
C GLY E 1198 79.10 50.25 -0.32
N ASP E 1199 80.10 50.38 0.54
CA ASP E 1199 79.92 50.93 1.87
C ASP E 1199 80.41 52.37 2.00
N GLY E 1200 80.69 53.04 0.89
CA GLY E 1200 81.05 54.45 0.90
C GLY E 1200 82.52 54.64 0.58
N PHE E 1201 82.89 55.92 0.49
CA PHE E 1201 84.25 56.33 0.20
C PHE E 1201 84.68 57.43 1.16
N ILE E 1202 85.96 57.42 1.51
CA ILE E 1202 86.53 58.42 2.41
C ILE E 1202 87.81 58.98 1.78
N PRO E 1203 88.15 60.24 2.04
CA PRO E 1203 89.41 60.77 1.52
C PRO E 1203 90.60 60.00 2.04
N VAL E 1204 91.58 59.78 1.16
CA VAL E 1204 92.74 58.95 1.47
C VAL E 1204 93.94 59.50 0.71
N CYS E 1205 95.12 59.36 1.29
CA CYS E 1205 96.36 59.84 0.71
C CYS E 1205 97.50 58.92 1.14
N SER E 1206 98.47 58.75 0.24
CA SER E 1206 99.65 57.95 0.50
C SER E 1206 100.88 58.79 0.19
N LEU E 1207 101.82 58.84 1.13
CA LEU E 1207 103.04 59.62 1.00
C LEU E 1207 104.23 58.69 1.10
N GLY E 1208 105.18 58.85 0.17
CA GLY E 1208 106.39 58.06 0.17
C GLY E 1208 107.49 58.68 0.99
N VAL E 1209 108.72 58.30 0.64
CA VAL E 1209 109.88 58.74 1.41
C VAL E 1209 110.11 60.22 1.20
N ALA E 1210 110.23 60.96 2.32
CA ALA E 1210 110.53 62.39 2.29
C ALA E 1210 109.54 63.17 1.45
N GLN E 1211 108.24 62.91 1.66
CA GLN E 1211 107.18 63.62 0.97
C GLN E 1211 106.28 64.32 1.98
N VAL E 1212 105.88 65.54 1.65
CA VAL E 1212 105.08 66.36 2.53
C VAL E 1212 103.82 66.82 1.81
N GLY E 1213 102.67 66.61 2.44
CA GLY E 1213 101.41 67.02 1.85
C GLY E 1213 100.46 67.50 2.92
N ARG E 1214 99.46 68.26 2.48
CA ARG E 1214 98.41 68.77 3.35
C ARG E 1214 97.07 68.40 2.74
N MET E 1215 96.12 68.01 3.57
CA MET E 1215 94.79 67.65 3.11
C MET E 1215 93.78 68.64 3.68
N ASN E 1216 93.06 69.34 2.81
CA ASN E 1216 92.07 70.32 3.20
C ASN E 1216 90.68 69.73 2.93
N PHE E 1217 89.93 69.49 4.00
CA PHE E 1217 88.56 69.02 3.92
C PHE E 1217 87.57 70.16 3.78
N GLY E 1218 88.05 71.40 3.79
CA GLY E 1218 87.20 72.55 3.60
C GLY E 1218 86.22 72.82 4.73
N LYS E 1219 86.67 72.66 5.98
CA LYS E 1219 85.85 73.12 7.10
C LYS E 1219 85.66 74.63 7.04
N ASP E 1220 86.73 75.36 6.72
CA ASP E 1220 86.63 76.76 6.35
C ASP E 1220 86.77 76.86 4.84
N VAL E 1221 85.67 77.20 4.16
CA VAL E 1221 85.65 77.20 2.70
C VAL E 1221 86.67 78.17 2.12
N SER E 1222 86.96 79.26 2.82
CA SER E 1222 87.92 80.23 2.32
C SER E 1222 89.31 79.61 2.17
N THR E 1223 89.62 78.60 2.99
CA THR E 1223 90.93 77.97 2.91
C THR E 1223 91.14 77.26 1.58
N LEU E 1224 90.08 76.62 1.07
CA LEU E 1224 90.17 75.94 -0.21
C LEU E 1224 90.53 76.93 -1.32
N LYS E 1225 91.70 76.73 -1.92
CA LYS E 1225 92.25 77.74 -2.81
C LYS E 1225 91.68 77.65 -4.23
N TYR E 1226 91.43 76.44 -4.72
CA TYR E 1226 90.99 76.25 -6.10
C TYR E 1226 89.54 75.77 -6.20
N PHE E 1227 88.79 75.89 -5.11
CA PHE E 1227 87.41 75.40 -5.11
C PHE E 1227 86.52 76.22 -6.03
N THR E 1228 86.69 77.55 -6.03
CA THR E 1228 85.77 78.41 -6.76
C THR E 1228 85.85 78.17 -8.26
N ILE E 1229 87.07 78.00 -8.80
CA ILE E 1229 87.23 77.92 -10.24
C ILE E 1229 86.80 76.56 -10.75
N CYS E 1230 86.79 75.55 -9.88
CA CYS E 1230 86.37 74.21 -10.29
C CYS E 1230 85.74 73.50 -9.11
N GLY E 1231 84.48 73.10 -9.24
CA GLY E 1231 83.78 72.38 -8.21
C GLY E 1231 82.58 73.10 -7.64
N LEU E 1232 82.70 74.42 -7.44
CA LEU E 1232 81.62 75.18 -6.82
C LEU E 1232 80.41 75.25 -7.75
N GLN E 1233 80.60 75.79 -8.94
CA GLN E 1233 79.49 75.90 -9.89
C GLN E 1233 79.00 74.52 -10.32
N GLU E 1234 79.91 73.55 -10.40
CA GLU E 1234 79.50 72.18 -10.69
C GLU E 1234 78.63 71.63 -9.57
N GLY E 1235 78.80 72.12 -8.34
CA GLY E 1235 77.96 71.73 -7.23
C GLY E 1235 78.60 70.77 -6.25
N TYR E 1236 79.85 70.37 -6.46
CA TYR E 1236 80.54 69.54 -5.48
C TYR E 1236 80.71 70.31 -4.17
N GLU E 1237 80.49 69.62 -3.07
CA GLU E 1237 80.55 70.28 -1.78
C GLU E 1237 81.84 69.90 -1.04
N PRO E 1238 82.35 70.79 -0.18
CA PRO E 1238 83.49 70.42 0.65
C PRO E 1238 83.15 69.24 1.54
N PHE E 1239 84.16 68.40 1.78
CA PHE E 1239 83.92 67.18 2.55
C PHE E 1239 83.51 67.49 3.98
N ALA E 1240 83.98 68.61 4.52
CA ALA E 1240 83.64 69.04 5.87
C ALA E 1240 82.76 70.29 5.83
N VAL E 1241 81.81 70.32 4.90
CA VAL E 1241 81.00 71.53 4.70
C VAL E 1241 80.09 71.76 5.90
N ASN E 1242 79.53 70.70 6.46
CA ASN E 1242 78.53 70.82 7.51
C ASN E 1242 78.98 70.10 8.79
N THR E 1243 80.23 70.31 9.17
CA THR E 1243 80.81 69.68 10.36
C THR E 1243 81.23 70.77 11.34
N ASN E 1244 80.79 70.64 12.60
CA ASN E 1244 81.22 71.53 13.65
C ASN E 1244 82.49 71.07 14.34
N ARG E 1245 82.94 69.85 14.07
CA ARG E 1245 84.14 69.29 14.69
C ARG E 1245 85.16 68.96 13.61
N ASP E 1246 86.44 68.98 14.02
CA ASP E 1246 87.50 68.58 13.10
C ASP E 1246 87.37 67.11 12.74
N ILE E 1247 87.57 66.81 11.47
CA ILE E 1247 87.48 65.43 11.01
C ILE E 1247 88.66 64.64 11.55
N THR E 1248 88.37 63.56 12.26
CA THR E 1248 89.39 62.71 12.85
C THR E 1248 90.17 62.01 11.75
N MET E 1249 91.49 61.95 11.91
CA MET E 1249 92.37 61.40 10.90
C MET E 1249 92.99 60.10 11.41
N TRP E 1250 93.01 59.08 10.54
CA TRP E 1250 93.61 57.80 10.86
C TRP E 1250 94.74 57.52 9.88
N LEU E 1251 95.92 57.22 10.40
CA LEU E 1251 97.09 56.95 9.59
C LEU E 1251 97.59 55.54 9.79
N SER E 1252 98.55 55.16 8.96
CA SER E 1252 99.14 53.83 9.05
C SER E 1252 100.08 53.75 10.23
N LYS E 1253 99.86 52.75 11.08
CA LYS E 1253 100.69 52.59 12.28
C LYS E 1253 102.13 52.26 11.89
N ARG E 1254 103.07 52.97 12.50
CA ARG E 1254 104.48 52.69 12.29
C ARG E 1254 104.96 51.46 13.06
N LEU E 1255 104.51 51.31 14.30
CA LEU E 1255 105.02 50.24 15.15
C LEU E 1255 104.13 49.01 15.01
N PRO E 1256 104.67 47.87 14.59
CA PRO E 1256 103.84 46.68 14.45
C PRO E 1256 103.36 46.16 15.79
N GLN E 1257 102.19 45.52 15.76
CA GLN E 1257 101.59 44.93 16.94
C GLN E 1257 101.20 43.48 16.65
N PHE E 1258 101.01 42.73 17.73
CA PHE E 1258 100.60 41.33 17.63
C PHE E 1258 99.08 41.25 17.51
N LEU E 1259 98.61 40.50 16.54
CA LEU E 1259 97.18 40.25 16.37
C LEU E 1259 96.97 38.81 15.92
N GLN E 1260 95.79 38.29 16.23
CA GLN E 1260 95.47 36.90 15.95
C GLN E 1260 95.54 36.62 14.46
N VAL E 1261 96.11 35.47 14.10
CA VAL E 1261 96.28 35.09 12.71
C VAL E 1261 94.92 34.96 12.06
N PRO E 1262 94.64 35.72 11.00
CA PRO E 1262 93.34 35.61 10.34
C PRO E 1262 93.17 34.25 9.68
N SER E 1263 91.91 33.79 9.65
CA SER E 1263 91.61 32.52 9.00
C SER E 1263 91.86 32.59 7.50
N ASN E 1264 91.71 33.78 6.92
CA ASN E 1264 91.87 33.98 5.49
C ASN E 1264 93.30 34.37 5.11
N HIS E 1265 94.23 34.32 6.05
CA HIS E 1265 95.61 34.67 5.76
C HIS E 1265 96.17 33.75 4.67
N GLU E 1266 96.83 34.36 3.69
CA GLU E 1266 97.32 33.62 2.53
C GLU E 1266 98.67 32.95 2.76
N HIS E 1267 99.29 33.16 3.92
CA HIS E 1267 100.62 32.60 4.16
C HIS E 1267 100.69 31.67 5.35
N ILE E 1268 100.06 32.02 6.47
CA ILE E 1268 100.20 31.28 7.72
C ILE E 1268 98.86 30.67 8.07
N GLU E 1269 98.89 29.38 8.42
CA GLU E 1269 97.70 28.66 8.87
C GLU E 1269 97.99 28.04 10.23
N VAL E 1270 97.04 28.20 11.15
CA VAL E 1270 97.16 27.68 12.51
C VAL E 1270 96.00 26.73 12.75
N THR E 1271 96.31 25.52 13.20
CA THR E 1271 95.30 24.51 13.53
C THR E 1271 95.46 24.09 14.97
N ARG E 1272 94.35 23.84 15.65
CA ARG E 1272 94.35 23.44 17.04
C ARG E 1272 94.16 21.93 17.11
N ILE E 1273 95.15 21.23 17.61
CA ILE E 1273 95.08 19.78 17.80
C ILE E 1273 94.69 19.50 19.24
N ASP E 1274 93.54 18.87 19.42
CA ASP E 1274 93.06 18.53 20.75
C ASP E 1274 93.94 17.47 21.38
N GLY E 1275 94.01 17.49 22.71
CA GLY E 1275 94.84 16.55 23.43
C GLY E 1275 94.10 15.30 23.83
N THR E 1276 94.55 14.15 23.34
CA THR E 1276 93.95 12.87 23.70
C THR E 1276 94.50 12.44 25.06
N ILE E 1277 94.22 11.19 25.43
CA ILE E 1277 94.73 10.68 26.70
C ILE E 1277 96.25 10.59 26.68
N ASP E 1278 96.82 10.29 25.51
CA ASP E 1278 98.26 10.14 25.37
C ASP E 1278 98.93 11.36 24.73
N SER E 1279 98.15 12.34 24.26
CA SER E 1279 98.69 13.47 23.53
C SER E 1279 98.33 14.76 24.26
N SER E 1280 99.30 15.67 24.33
CA SER E 1280 99.04 16.99 24.89
C SER E 1280 98.41 17.89 23.84
N PRO E 1281 97.69 18.93 24.26
CA PRO E 1281 97.15 19.89 23.29
C PRO E 1281 98.24 20.55 22.48
N CYS E 1282 97.95 20.78 21.21
CA CYS E 1282 98.93 21.29 20.27
C CYS E 1282 98.31 22.34 19.36
N LEU E 1283 99.08 23.39 19.09
CA LEU E 1283 98.75 24.42 18.12
C LEU E 1283 99.81 24.41 17.04
N LYS E 1284 99.44 23.98 15.84
CA LYS E 1284 100.42 23.71 14.79
C LYS E 1284 100.44 24.86 13.79
N VAL E 1285 101.61 25.45 13.61
CA VAL E 1285 101.79 26.57 12.69
C VAL E 1285 102.51 26.06 11.45
N THR E 1286 101.88 26.29 10.30
CA THR E 1286 102.37 25.83 9.01
C THR E 1286 102.12 26.90 7.96
N GLN E 1287 102.90 26.85 6.89
CA GLN E 1287 102.78 27.80 5.78
C GLN E 1287 101.94 27.14 4.67
N LYS E 1288 100.73 27.65 4.47
CA LYS E 1288 99.90 27.14 3.39
C LYS E 1288 100.45 27.59 2.04
N SER E 1289 101.14 28.74 2.00
CA SER E 1289 101.66 29.26 0.75
C SER E 1289 102.99 28.63 0.34
N PHE E 1290 103.54 27.75 1.17
CA PHE E 1290 104.81 27.11 0.84
C PHE E 1290 104.67 26.29 -0.44
N GLY E 1291 105.70 26.36 -1.29
CA GLY E 1291 105.70 25.67 -2.56
C GLY E 1291 104.92 26.35 -3.65
N SER E 1292 104.47 27.59 -3.44
CA SER E 1292 103.69 28.32 -4.41
C SER E 1292 104.36 29.65 -4.72
N GLN E 1293 103.96 30.25 -5.83
CA GLN E 1293 104.49 31.55 -6.22
C GLN E 1293 104.05 32.62 -5.23
N ASN E 1294 104.88 33.66 -5.11
CA ASN E 1294 104.69 34.80 -4.23
C ASN E 1294 104.76 34.39 -2.75
N SER E 1295 105.25 33.20 -2.44
CA SER E 1295 105.44 32.80 -1.05
C SER E 1295 106.50 33.68 -0.41
N ASN E 1296 106.34 33.98 0.88
CA ASN E 1296 107.21 34.93 1.57
C ASN E 1296 108.30 34.15 2.30
N THR E 1297 109.56 34.45 1.96
CA THR E 1297 110.71 33.88 2.66
C THR E 1297 111.19 34.88 3.70
N ASP E 1298 110.33 35.14 4.68
CA ASP E 1298 110.62 36.09 5.74
C ASP E 1298 110.30 35.46 7.08
N ILE E 1299 111.05 35.88 8.11
CA ILE E 1299 110.81 35.38 9.45
C ILE E 1299 109.51 35.94 9.99
N MET E 1300 108.70 35.09 10.60
CA MET E 1300 107.47 35.47 11.24
C MET E 1300 107.58 35.29 12.74
N PHE E 1301 106.98 36.23 13.47
CA PHE E 1301 107.05 36.29 14.92
C PHE E 1301 105.68 35.92 15.49
N TYR E 1302 105.60 34.74 16.11
CA TYR E 1302 104.36 34.22 16.68
C TYR E 1302 104.46 34.28 18.20
N ARG E 1303 103.34 34.51 18.85
CA ARG E 1303 103.26 34.54 20.31
C ARG E 1303 101.92 34.00 20.74
N LEU E 1304 101.85 33.57 21.99
CA LEU E 1304 100.59 33.15 22.57
C LEU E 1304 99.85 34.37 23.13
N SER E 1305 98.53 34.26 23.19
CA SER E 1305 97.70 35.41 23.49
C SER E 1305 97.74 35.82 24.95
N MET E 1306 98.34 35.02 25.83
CA MET E 1306 98.26 35.31 27.26
C MET E 1306 99.61 35.14 27.94
N PRO E 1307 99.91 35.99 28.91
CA PRO E 1307 101.23 35.94 29.56
C PRO E 1307 101.25 35.14 30.85
N ILE E 1308 102.41 34.58 31.19
CA ILE E 1308 102.68 34.10 32.53
C ILE E 1308 103.20 35.26 33.35
N GLU E 1309 102.58 35.50 34.50
CA GLU E 1309 102.92 36.62 35.36
C GLU E 1309 103.83 36.13 36.48
N CYS E 1310 105.01 36.72 36.61
CA CYS E 1310 105.91 36.36 37.68
C CYS E 1310 105.38 36.89 39.01
N ALA E 1311 105.94 36.38 40.10
CA ALA E 1311 105.51 36.76 41.42
C ALA E 1311 105.80 38.23 41.69
N GLU E 1312 104.94 38.85 42.50
CA GLU E 1312 105.13 40.26 42.86
C GLU E 1312 106.43 40.46 43.62
N VAL E 1313 106.72 39.57 44.57
CA VAL E 1313 107.96 39.61 45.34
C VAL E 1313 108.62 38.24 45.23
N PHE E 1314 109.89 38.23 44.83
CA PHE E 1314 110.62 36.98 44.73
C PHE E 1314 111.16 36.57 46.09
N SER E 1315 111.12 35.27 46.36
CA SER E 1315 111.57 34.74 47.63
C SER E 1315 113.07 34.91 47.78
N LYS E 1316 113.54 34.90 49.02
CA LYS E 1316 114.96 35.05 49.29
C LYS E 1316 115.69 33.71 49.21
N ARG E 1414 106.50 8.71 39.74
CA ARG E 1414 105.40 9.67 39.70
C ARG E 1414 105.70 10.88 40.56
N ASP E 1415 105.44 12.06 40.01
CA ASP E 1415 105.68 13.30 40.73
C ASP E 1415 104.70 13.47 41.87
N ASP E 1416 105.17 14.06 42.97
CA ASP E 1416 104.32 14.26 44.14
C ASP E 1416 103.20 15.24 43.82
N TYR E 1417 101.97 14.84 44.12
CA TYR E 1417 100.82 15.71 43.87
C TYR E 1417 100.88 16.95 44.74
N ASP E 1418 101.33 16.80 45.99
CA ASP E 1418 101.51 17.97 46.85
C ASP E 1418 102.57 18.90 46.28
N PHE E 1419 103.65 18.35 45.73
CA PHE E 1419 104.66 19.17 45.08
C PHE E 1419 104.07 19.92 43.90
N LEU E 1420 103.24 19.26 43.10
CA LEU E 1420 102.62 19.91 41.96
C LEU E 1420 101.71 21.04 42.43
N MET E 1421 101.00 20.81 43.52
CA MET E 1421 100.14 21.84 44.10
C MET E 1421 100.90 23.04 44.63
N GLN E 1422 102.05 22.83 45.28
CA GLN E 1422 102.77 23.94 45.88
C GLN E 1422 103.72 24.63 44.90
N THR E 1423 104.12 23.97 43.82
CA THR E 1423 105.09 24.57 42.91
C THR E 1423 104.44 25.63 42.03
N SER E 1424 105.28 26.50 41.49
CA SER E 1424 104.84 27.55 40.58
C SER E 1424 105.51 27.48 39.22
N THR E 1425 106.41 26.53 39.01
CA THR E 1425 107.11 26.42 37.74
C THR E 1425 106.16 25.91 36.65
N TYR E 1426 106.16 26.59 35.52
CA TYR E 1426 105.30 26.26 34.39
C TYR E 1426 106.14 25.88 33.18
N TYR E 1427 105.55 25.08 32.29
CA TYR E 1427 106.26 24.47 31.18
C TYR E 1427 105.43 24.57 29.91
N TYR E 1428 106.10 24.82 28.79
CA TYR E 1428 105.51 24.52 27.49
C TYR E 1428 106.64 24.00 26.61
N SER E 1429 106.29 23.56 25.40
CA SER E 1429 107.29 23.03 24.50
C SER E 1429 106.97 23.44 23.06
N VAL E 1430 108.00 23.38 22.23
CA VAL E 1430 107.87 23.64 20.80
C VAL E 1430 108.55 22.50 20.06
N ARG E 1431 107.79 21.83 19.21
CA ARG E 1431 108.32 20.79 18.34
C ARG E 1431 108.55 21.41 16.96
N ILE E 1432 109.81 21.52 16.58
CA ILE E 1432 110.15 21.93 15.23
C ILE E 1432 110.04 20.71 14.32
N PHE E 1433 109.14 20.79 13.35
CA PHE E 1433 108.90 19.65 12.48
C PHE E 1433 110.16 19.33 11.68
N PRO E 1434 110.50 18.05 11.54
CA PRO E 1434 111.75 17.70 10.84
C PRO E 1434 111.74 18.26 9.43
N GLY E 1435 112.89 18.80 9.03
CA GLY E 1435 113.02 19.48 7.75
C GLY E 1435 112.91 20.97 7.82
N GLN E 1436 112.32 21.51 8.88
CA GLN E 1436 112.34 22.95 9.13
C GLN E 1436 113.68 23.31 9.75
N GLU E 1437 114.46 24.13 9.06
CA GLU E 1437 115.80 24.45 9.51
C GLU E 1437 115.74 25.12 10.88
N PRO E 1438 116.18 24.45 11.94
CA PRO E 1438 116.05 25.00 13.29
C PRO E 1438 116.92 26.23 13.52
N ALA E 1439 117.98 26.43 12.73
CA ALA E 1439 118.73 27.68 12.84
C ALA E 1439 117.85 28.88 12.52
N ASN E 1440 116.81 28.66 11.71
CA ASN E 1440 115.84 29.69 11.40
C ASN E 1440 114.69 29.75 12.41
N VAL E 1441 114.74 28.92 13.45
CA VAL E 1441 113.69 28.85 14.45
C VAL E 1441 114.25 29.28 15.79
N TRP E 1442 113.55 30.18 16.46
CA TRP E 1442 113.90 30.63 17.80
C TRP E 1442 112.74 30.36 18.74
N VAL E 1443 113.05 29.90 19.95
CA VAL E 1443 112.04 29.58 20.95
C VAL E 1443 112.40 30.27 22.25
N GLY E 1444 111.39 30.82 22.90
CA GLY E 1444 111.58 31.47 24.18
C GLY E 1444 110.36 32.27 24.57
N TRP E 1445 110.59 33.25 25.44
CA TRP E 1445 109.56 34.12 25.97
C TRP E 1445 109.83 35.56 25.55
N ILE E 1446 108.77 36.34 25.36
CA ILE E 1446 108.89 37.76 25.08
C ILE E 1446 107.89 38.51 25.96
N THR E 1447 108.15 39.79 26.14
CA THR E 1447 107.26 40.65 26.91
C THR E 1447 106.38 41.48 25.97
N SER E 1448 105.55 42.33 26.57
CA SER E 1448 104.62 43.13 25.77
C SER E 1448 105.36 44.20 24.96
N ASP E 1449 106.59 44.54 25.36
CA ASP E 1449 107.30 45.64 24.73
C ASP E 1449 107.82 45.27 23.34
N PHE E 1450 107.85 43.98 23.00
CA PHE E 1450 108.45 43.55 21.73
C PHE E 1450 107.71 44.13 20.53
N HIS E 1451 108.37 45.02 19.80
CA HIS E 1451 107.81 45.67 18.63
C HIS E 1451 108.84 45.78 17.51
N GLN E 1452 109.63 44.74 17.32
CA GLN E 1452 110.70 44.73 16.34
C GLN E 1452 110.38 43.75 15.22
N TYR E 1453 110.47 44.21 13.98
CA TYR E 1453 110.20 43.40 12.80
C TYR E 1453 111.38 43.46 11.84
N ASP E 1454 112.59 43.26 12.36
CA ASP E 1454 113.75 43.16 11.50
C ASP E 1454 113.73 41.84 10.76
N THR E 1455 113.89 41.90 9.43
CA THR E 1455 113.88 40.68 8.64
C THR E 1455 115.04 39.75 9.03
N GLY E 1456 116.13 40.33 9.50
CA GLY E 1456 117.22 39.53 10.04
C GLY E 1456 117.24 39.58 11.55
N PHE E 1457 116.76 38.51 12.19
CA PHE E 1457 116.71 38.45 13.64
C PHE E 1457 117.85 37.59 14.18
N ASP E 1458 118.53 38.11 15.19
CA ASP E 1458 119.56 37.38 15.88
C ASP E 1458 119.53 37.75 17.35
N LEU E 1459 120.06 36.87 18.19
CA LEU E 1459 119.99 37.07 19.62
C LEU E 1459 120.84 38.23 20.11
N ASP E 1460 121.69 38.79 19.26
CA ASP E 1460 122.54 39.89 19.67
C ASP E 1460 121.83 41.24 19.55
N ARG E 1461 120.87 41.35 18.64
CA ARG E 1461 120.18 42.60 18.37
C ARG E 1461 119.05 42.88 19.36
N VAL E 1462 118.69 41.90 20.19
CA VAL E 1462 117.59 42.09 21.13
C VAL E 1462 117.92 43.26 22.07
N ARG E 1463 116.90 44.06 22.37
CA ARG E 1463 117.08 45.27 23.15
C ARG E 1463 117.25 44.90 24.62
N THR E 1464 118.30 45.42 25.23
CA THR E 1464 118.61 45.12 26.62
C THR E 1464 119.23 46.32 27.30
N VAL E 1465 119.07 46.38 28.62
CA VAL E 1465 119.67 47.40 29.46
C VAL E 1465 120.03 46.73 30.79
N THR E 1466 120.93 47.37 31.53
CA THR E 1466 121.33 46.87 32.85
C THR E 1466 121.30 48.05 33.82
N VAL E 1467 120.25 48.11 34.64
CA VAL E 1467 120.17 49.14 35.67
C VAL E 1467 121.03 48.69 36.84
N THR E 1468 122.11 49.41 37.10
CA THR E 1468 123.02 49.08 38.20
C THR E 1468 122.78 50.11 39.29
N LEU E 1469 122.28 49.63 40.44
CA LEU E 1469 122.07 50.48 41.60
C LEU E 1469 123.16 50.20 42.64
N GLY E 1470 123.86 51.27 43.02
CA GLY E 1470 124.95 51.15 43.96
C GLY E 1470 124.70 52.02 45.18
N ASP E 1471 125.45 51.74 46.23
CA ASP E 1471 125.32 52.49 47.47
C ASP E 1471 125.90 53.89 47.31
N GLU E 1472 125.87 54.66 48.40
CA GLU E 1472 126.40 56.01 48.39
C GLU E 1472 127.90 56.03 48.10
N LYS E 1473 128.63 54.99 48.54
CA LYS E 1473 130.05 54.92 48.23
C LYS E 1473 130.28 54.69 46.74
N GLY E 1474 129.35 54.02 46.08
CA GLY E 1474 129.46 53.71 44.67
C GLY E 1474 129.53 52.23 44.36
N LYS E 1475 129.68 51.38 45.38
CA LYS E 1475 129.72 49.95 45.16
C LYS E 1475 128.36 49.47 44.68
N VAL E 1476 128.36 48.74 43.57
CA VAL E 1476 127.12 48.32 42.91
C VAL E 1476 126.49 47.21 43.76
N HIS E 1477 125.48 47.57 44.55
CA HIS E 1477 124.86 46.56 45.41
C HIS E 1477 123.95 45.64 44.61
N GLU E 1478 123.41 46.12 43.48
CA GLU E 1478 122.60 45.23 42.65
C GLU E 1478 122.66 45.69 41.20
N SER E 1479 122.40 44.74 40.29
CA SER E 1479 122.35 45.00 38.86
C SER E 1479 121.23 44.17 38.27
N ILE E 1480 120.35 44.81 37.51
CA ILE E 1480 119.18 44.17 36.94
C ILE E 1480 119.27 44.26 35.43
N LYS E 1481 119.23 43.11 34.77
CA LYS E 1481 119.19 43.08 33.31
C LYS E 1481 117.74 43.03 32.86
N ARG E 1482 117.39 43.94 31.94
CA ARG E 1482 116.03 44.04 31.43
C ARG E 1482 116.06 43.93 29.92
N SER E 1483 115.23 43.03 29.38
CA SER E 1483 115.11 42.83 27.95
C SER E 1483 113.70 42.38 27.63
N ASN E 1484 113.23 42.73 26.43
CA ASN E 1484 111.88 42.33 26.03
C ASN E 1484 111.87 40.91 25.48
N CYS E 1485 113.02 40.42 25.03
CA CYS E 1485 113.12 39.13 24.35
C CYS E 1485 114.00 38.19 25.15
N TYR E 1486 113.48 37.01 25.46
CA TYR E 1486 114.22 35.94 26.15
C TYR E 1486 113.99 34.65 25.36
N MET E 1487 114.84 34.41 24.37
CA MET E 1487 114.66 33.29 23.45
C MET E 1487 115.99 32.63 23.16
N VAL E 1488 115.91 31.39 22.68
CA VAL E 1488 117.08 30.62 22.29
C VAL E 1488 116.84 30.05 20.89
N CYS E 1489 117.92 29.67 20.24
CA CYS E 1489 117.85 29.12 18.90
C CYS E 1489 117.96 27.60 18.92
N ALA E 1490 117.11 26.94 18.15
CA ALA E 1490 117.14 25.49 18.10
C ALA E 1490 118.39 24.97 17.41
N GLY E 1491 118.89 25.69 16.41
CA GLY E 1491 120.12 25.27 15.75
C GLY E 1491 121.28 25.16 16.71
N GLU E 1492 121.44 26.16 17.59
CA GLU E 1492 122.50 26.10 18.59
C GLU E 1492 122.14 25.13 19.70
N SER E 1493 120.83 24.97 19.98
CA SER E 1493 120.43 24.01 21.01
C SER E 1493 120.71 22.58 20.56
N MET E 1494 120.96 22.36 19.27
CA MET E 1494 121.39 21.03 18.81
C MET E 1494 122.80 20.76 19.32
N SER E 1495 122.91 20.56 20.62
CA SER E 1495 124.21 20.20 21.19
C SER E 1495 124.72 18.86 20.65
N PRO E 1496 123.92 17.80 20.59
CA PRO E 1496 124.42 16.59 19.92
C PRO E 1496 124.60 16.76 18.41
N GLY E 1497 123.80 17.63 17.79
CA GLY E 1497 123.85 17.81 16.35
C GLY E 1497 122.89 16.88 15.62
N GLN E 1498 122.24 17.43 14.59
CA GLN E 1498 121.20 16.74 13.82
C GLN E 1498 120.10 16.17 14.72
N GLY E 1499 119.79 16.86 15.81
CA GLY E 1499 118.66 16.45 16.65
C GLY E 1499 117.34 16.61 15.93
N ARG E 1500 117.21 17.65 15.11
CA ARG E 1500 116.02 17.87 14.30
C ARG E 1500 115.90 16.89 13.14
N ASN E 1501 116.98 16.16 12.82
CA ASN E 1501 116.96 15.26 11.67
C ASN E 1501 116.18 13.99 11.96
N ASN E 1502 116.66 13.19 12.91
CA ASN E 1502 116.05 11.89 13.18
C ASN E 1502 114.61 12.04 13.65
N ASN E 1503 114.35 13.00 14.54
CA ASN E 1503 113.01 13.31 14.99
C ASN E 1503 112.88 14.82 15.10
N GLY E 1504 111.64 15.29 15.22
CA GLY E 1504 111.42 16.70 15.45
C GLY E 1504 112.11 17.14 16.73
N LEU E 1505 112.78 18.29 16.66
CA LEU E 1505 113.44 18.83 17.84
C LEU E 1505 112.42 19.39 18.81
N GLU E 1506 112.65 19.18 20.11
CA GLU E 1506 111.73 19.64 21.15
C GLU E 1506 112.48 20.60 22.07
N ILE E 1507 112.12 21.88 21.99
CA ILE E 1507 112.60 22.82 22.99
C ILE E 1507 111.54 23.03 24.05
N GLY E 1508 111.87 22.75 25.29
CA GLY E 1508 110.93 22.93 26.38
C GLY E 1508 111.33 24.09 27.26
N CYS E 1509 110.43 25.06 27.38
CA CYS E 1509 110.67 26.27 28.16
C CYS E 1509 110.00 26.10 29.52
N VAL E 1510 110.78 26.26 30.59
CA VAL E 1510 110.27 26.24 31.96
C VAL E 1510 110.55 27.58 32.61
N VAL E 1511 109.52 28.15 33.22
CA VAL E 1511 109.59 29.43 33.90
C VAL E 1511 109.24 29.22 35.37
N ASP E 1512 110.09 29.74 36.25
CA ASP E 1512 109.84 29.68 37.69
C ASP E 1512 109.24 31.02 38.10
N ALA E 1513 107.91 31.08 38.15
CA ALA E 1513 107.22 32.31 38.48
C ALA E 1513 107.54 32.81 39.88
N ALA E 1514 107.97 31.93 40.78
CA ALA E 1514 108.33 32.34 42.13
C ALA E 1514 109.70 32.98 42.21
N SER E 1515 110.60 32.67 41.27
CA SER E 1515 111.95 33.21 41.28
C SER E 1515 112.35 33.91 40.00
N GLY E 1516 111.55 33.82 38.94
CA GLY E 1516 111.89 34.50 37.70
C GLY E 1516 113.01 33.87 36.92
N LEU E 1517 113.25 32.58 37.08
CA LEU E 1517 114.28 31.89 36.32
C LEU E 1517 113.67 31.24 35.09
N LEU E 1518 114.23 31.54 33.93
CA LEU E 1518 113.78 30.96 32.66
C LEU E 1518 114.87 30.01 32.20
N THR E 1519 114.52 28.74 32.01
CA THR E 1519 115.48 27.75 31.53
C THR E 1519 114.85 26.92 30.42
N PHE E 1520 115.72 26.29 29.63
CA PHE E 1520 115.32 25.59 28.42
C PHE E 1520 115.96 24.21 28.41
N ILE E 1521 115.18 23.21 28.01
CA ILE E 1521 115.66 21.84 27.93
C ILE E 1521 115.44 21.35 26.49
N ALA E 1522 116.50 20.88 25.86
CA ALA E 1522 116.41 20.35 24.51
C ALA E 1522 116.89 18.90 24.52
N ASN E 1523 116.06 18.01 23.99
CA ASN E 1523 116.34 16.59 23.94
C ASN E 1523 116.66 16.01 25.32
N GLY E 1524 115.94 16.48 26.34
CA GLY E 1524 116.06 15.90 27.66
C GLY E 1524 117.21 16.43 28.50
N LYS E 1525 117.99 17.37 28.00
CA LYS E 1525 119.09 17.95 28.77
C LYS E 1525 118.94 19.46 28.80
N GLU E 1526 119.27 20.06 29.94
CA GLU E 1526 119.05 21.48 30.14
C GLU E 1526 120.16 22.28 29.46
N LEU E 1527 119.76 23.21 28.59
CA LEU E 1527 120.73 24.00 27.84
C LEU E 1527 121.39 25.04 28.74
N SER E 1528 122.61 25.43 28.35
CA SER E 1528 123.39 26.34 29.18
C SER E 1528 122.73 27.70 29.33
N THR E 1529 122.16 28.24 28.25
CA THR E 1529 121.59 29.58 28.30
C THR E 1529 120.37 29.61 29.23
N TYR E 1530 120.39 30.55 30.17
CA TYR E 1530 119.29 30.74 31.10
C TYR E 1530 119.12 32.23 31.33
N TYR E 1531 117.92 32.63 31.73
CA TYR E 1531 117.60 34.04 31.91
C TYR E 1531 117.05 34.27 33.31
N GLN E 1532 117.30 35.46 33.84
CA GLN E 1532 116.72 35.89 35.12
C GLN E 1532 115.95 37.17 34.91
N VAL E 1533 114.66 37.15 35.24
CA VAL E 1533 113.79 38.29 35.01
C VAL E 1533 113.43 38.90 36.36
N GLU E 1534 113.14 40.19 36.33
CA GLU E 1534 112.74 40.93 37.51
C GLU E 1534 111.31 40.59 37.89
N PRO E 1535 110.92 40.82 39.15
CA PRO E 1535 109.56 40.47 39.57
C PRO E 1535 108.51 41.26 38.80
N SER E 1536 107.32 40.65 38.69
CA SER E 1536 106.11 41.19 38.08
C SER E 1536 106.22 41.21 36.56
N THR E 1537 107.18 40.53 35.96
CA THR E 1537 107.27 40.49 34.51
C THR E 1537 106.21 39.56 33.94
N LYS E 1538 105.57 40.00 32.86
CA LYS E 1538 104.63 39.17 32.10
C LYS E 1538 105.36 38.65 30.87
N LEU E 1539 105.49 37.33 30.78
CA LEU E 1539 106.21 36.69 29.69
C LEU E 1539 105.24 35.98 28.77
N PHE E 1540 105.30 36.30 27.50
CA PHE E 1540 104.47 35.65 26.48
C PHE E 1540 105.26 34.56 25.79
N PRO E 1541 104.76 33.33 25.73
CA PRO E 1541 105.42 32.32 24.91
C PRO E 1541 105.51 32.80 23.47
N ALA E 1542 106.67 32.59 22.86
CA ALA E 1542 106.91 33.16 21.54
C ALA E 1542 107.86 32.28 20.75
N VAL E 1543 107.64 32.23 19.44
CA VAL E 1543 108.50 31.51 18.51
C VAL E 1543 108.72 32.40 17.30
N PHE E 1544 109.98 32.64 16.95
CA PHE E 1544 110.30 33.35 15.72
C PHE E 1544 110.87 32.35 14.72
N ALA E 1545 110.22 32.21 13.57
CA ALA E 1545 110.59 31.16 12.65
C ALA E 1545 110.59 31.66 11.22
N GLN E 1546 111.61 31.27 10.46
CA GLN E 1546 111.63 31.46 9.02
C GLN E 1546 111.31 30.13 8.38
N ALA E 1547 110.17 30.06 7.70
CA ALA E 1547 109.65 28.79 7.22
C ALA E 1547 110.52 28.25 6.08
N THR E 1548 111.13 27.09 6.31
CA THR E 1548 111.86 26.36 5.29
C THR E 1548 111.16 25.06 4.93
N SER E 1549 109.89 24.92 5.26
CA SER E 1549 109.15 23.68 5.03
C SER E 1549 107.67 24.02 5.05
N PRO E 1550 106.83 23.17 4.44
CA PRO E 1550 105.39 23.41 4.53
C PRO E 1550 104.88 23.43 5.96
N ASN E 1551 105.41 22.58 6.82
CA ASN E 1551 105.07 22.56 8.24
C ASN E 1551 106.20 23.23 9.01
N VAL E 1552 105.86 24.22 9.81
CA VAL E 1552 106.88 25.06 10.44
C VAL E 1552 107.17 24.56 11.86
N PHE E 1553 106.17 24.61 12.74
CA PHE E 1553 106.41 24.15 14.11
C PHE E 1553 105.09 23.85 14.80
N GLN E 1554 105.20 23.46 16.07
CA GLN E 1554 104.04 23.08 16.86
C GLN E 1554 104.23 23.49 18.31
N PHE E 1555 103.34 24.32 18.82
CA PHE E 1555 103.24 24.62 20.24
C PHE E 1555 102.60 23.41 20.93
N GLU E 1556 103.29 22.85 21.91
CA GLU E 1556 102.75 21.78 22.73
C GLU E 1556 102.57 22.29 24.15
N LEU E 1557 101.35 22.20 24.66
CA LEU E 1557 101.03 22.70 25.99
C LEU E 1557 101.03 21.57 27.02
N GLY E 1558 101.95 20.62 26.85
CA GLY E 1558 102.09 19.51 27.77
C GLY E 1558 102.84 19.90 29.02
N ARG E 1559 103.17 18.88 29.81
CA ARG E 1559 103.85 19.07 31.08
C ARG E 1559 104.88 17.96 31.28
N ILE E 1560 105.87 18.24 32.11
CA ILE E 1560 106.93 17.28 32.39
C ILE E 1560 106.99 17.02 33.88
N LYS E 1561 107.96 16.22 34.30
CA LYS E 1561 108.12 15.87 35.71
C LYS E 1561 108.26 17.11 36.57
N ASN E 1562 107.45 17.18 37.63
CA ASN E 1562 107.50 18.21 38.67
C ASN E 1562 107.23 19.61 38.15
N VAL E 1563 106.70 19.77 36.94
CA VAL E 1563 106.39 21.08 36.39
C VAL E 1563 104.93 21.10 35.96
N MET E 1564 104.18 22.08 36.46
CA MET E 1564 102.76 22.18 36.16
C MET E 1564 102.56 22.86 34.80
N PRO E 1565 101.63 22.38 33.99
CA PRO E 1565 101.53 22.86 32.61
C PRO E 1565 101.13 24.33 32.53
N LEU E 1566 101.23 24.85 31.30
CA LEU E 1566 101.09 26.28 31.03
C LEU E 1566 99.69 26.81 31.29
N SER E 1567 98.65 26.02 31.03
CA SER E 1567 97.28 26.47 31.27
C SER E 1567 97.02 26.81 32.73
N ALA E 1568 97.66 26.10 33.66
CA ALA E 1568 97.51 26.42 35.07
C ALA E 1568 98.04 27.81 35.38
N GLY E 1569 99.19 28.17 34.82
CA GLY E 1569 99.73 29.50 35.01
C GLY E 1569 98.91 30.57 34.33
N LEU E 1570 98.39 30.26 33.14
CA LEU E 1570 97.63 31.25 32.38
C LEU E 1570 96.28 31.54 33.04
N PHE E 1571 95.47 30.51 33.23
CA PHE E 1571 94.15 30.67 33.79
C PHE E 1571 94.17 30.57 35.31
N LYS E 1572 93.39 31.42 35.96
CA LYS E 1572 93.24 31.41 37.40
C LYS E 1572 92.35 30.29 37.90
N SER E 1573 91.36 29.89 37.11
CA SER E 1573 90.48 28.79 37.51
C SER E 1573 91.24 27.47 37.61
N GLU E 1574 92.18 27.22 36.71
CA GLU E 1574 92.95 25.98 36.67
C GLU E 1574 94.28 26.11 37.39
N HIS E 1575 94.36 26.98 38.41
CA HIS E 1575 95.63 27.17 39.11
C HIS E 1575 96.07 25.90 39.82
N LYS E 1576 95.14 24.98 40.08
CA LYS E 1576 95.45 23.72 40.74
C LYS E 1576 95.08 22.52 39.89
N ASN E 1577 95.04 22.67 38.56
CA ASN E 1577 94.65 21.58 37.69
C ASN E 1577 95.88 21.04 36.97
N PRO E 1578 96.37 19.85 37.34
CA PRO E 1578 97.55 19.32 36.64
C PRO E 1578 97.29 18.98 35.18
N VAL E 1579 96.04 18.78 34.80
CA VAL E 1579 95.75 18.35 33.43
C VAL E 1579 96.03 19.51 32.47
N PRO E 1580 96.83 19.30 31.42
CA PRO E 1580 97.03 20.37 30.44
C PRO E 1580 95.74 20.70 29.70
N GLN E 1581 95.61 21.97 29.32
CA GLN E 1581 94.42 22.44 28.65
C GLN E 1581 94.79 23.50 27.62
N CYS E 1582 93.97 23.58 26.57
CA CYS E 1582 94.11 24.62 25.54
C CYS E 1582 92.75 25.24 25.28
N PRO E 1583 92.27 26.08 26.19
CA PRO E 1583 90.96 26.69 26.02
C PRO E 1583 90.95 27.67 24.85
N PRO E 1584 89.77 28.01 24.33
CA PRO E 1584 89.70 28.82 23.10
C PRO E 1584 90.36 30.19 23.23
N ARG E 1585 90.50 30.72 24.44
CA ARG E 1585 91.13 32.02 24.60
C ARG E 1585 92.56 32.01 24.09
N LEU E 1586 93.30 30.95 24.40
CA LEU E 1586 94.67 30.83 23.90
C LEU E 1586 94.66 30.64 22.40
N HIS E 1587 95.45 31.45 21.71
CA HIS E 1587 95.54 31.38 20.26
C HIS E 1587 96.82 32.06 19.78
N VAL E 1588 97.28 31.66 18.60
CA VAL E 1588 98.52 32.21 18.07
C VAL E 1588 98.27 33.59 17.47
N GLN E 1589 99.17 34.53 17.79
CA GLN E 1589 99.12 35.88 17.28
C GLN E 1589 100.44 36.19 16.60
N PHE E 1590 100.38 36.75 15.40
CA PHE E 1590 101.58 37.04 14.63
C PHE E 1590 101.77 38.54 14.51
N LEU E 1591 103.03 38.95 14.52
CA LEU E 1591 103.34 40.38 14.41
C LEU E 1591 102.99 40.89 13.01
N SER E 1592 102.36 42.06 12.95
CA SER E 1592 101.86 42.57 11.68
C SER E 1592 101.78 44.09 11.70
N HIS E 1593 101.64 44.67 10.51
CA HIS E 1593 101.54 46.11 10.33
C HIS E 1593 100.21 46.55 9.74
N VAL E 1594 99.17 45.73 9.85
CA VAL E 1594 97.91 45.98 9.14
C VAL E 1594 96.99 46.84 9.99
N LEU E 1595 97.51 47.40 11.06
CA LEU E 1595 96.71 48.18 11.99
C LEU E 1595 96.78 49.67 11.67
N TRP E 1596 95.69 50.38 11.96
CA TRP E 1596 95.61 51.82 11.82
C TRP E 1596 95.85 52.49 13.17
N SER E 1597 95.99 53.82 13.13
CA SER E 1597 96.23 54.59 14.33
C SER E 1597 95.54 55.95 14.22
N ARG E 1598 94.88 56.36 15.31
CA ARG E 1598 94.09 57.59 15.31
C ARG E 1598 94.92 58.76 15.82
N MET E 1599 95.03 59.82 15.00
CA MET E 1599 95.71 60.99 15.56
C MET E 1599 94.79 61.70 16.54
N PRO E 1600 95.32 62.18 17.67
CA PRO E 1600 94.48 62.93 18.61
C PRO E 1600 93.96 64.20 17.97
N ASN E 1601 92.74 64.58 18.35
CA ASN E 1601 92.15 65.80 17.83
C ASN E 1601 92.91 67.02 18.31
N GLN E 1602 93.46 66.96 19.52
CA GLN E 1602 94.20 68.05 20.11
C GLN E 1602 95.46 67.54 20.78
N PHE E 1603 96.54 68.32 20.65
CA PHE E 1603 97.82 67.99 21.26
C PHE E 1603 98.16 69.02 22.33
N LEU E 1604 99.13 68.68 23.16
CA LEU E 1604 99.60 69.59 24.18
C LEU E 1604 100.23 70.83 23.56
N LYS E 1605 99.89 71.99 24.08
CA LYS E 1605 100.46 73.25 23.62
C LYS E 1605 101.75 73.52 24.38
N VAL E 1606 102.88 73.41 23.70
CA VAL E 1606 104.19 73.60 24.28
C VAL E 1606 104.91 74.70 23.52
N ASP E 1607 105.44 75.67 24.23
CA ASP E 1607 106.20 76.75 23.60
C ASP E 1607 107.67 76.68 24.01
N VAL E 1608 108.54 76.82 23.03
CA VAL E 1608 109.98 76.67 23.22
C VAL E 1608 110.68 77.85 22.57
N SER E 1609 111.71 78.37 23.24
CA SER E 1609 112.44 79.51 22.71
C SER E 1609 113.76 79.70 23.45
N ARG E 1610 114.74 80.25 22.75
CA ARG E 1610 116.01 80.59 23.38
C ARG E 1610 115.86 81.91 24.13
N ILE E 1611 115.83 81.84 25.46
CA ILE E 1611 115.67 83.06 26.25
C ILE E 1611 116.89 83.96 26.11
N SER E 1612 118.09 83.39 26.27
CA SER E 1612 119.31 84.18 26.14
C SER E 1612 120.48 83.22 26.01
N GLU E 1613 121.66 83.81 25.82
CA GLU E 1613 122.88 83.02 25.74
C GLU E 1613 123.12 82.26 27.04
N ARG E 1614 122.91 82.92 28.17
CA ARG E 1614 123.11 82.27 29.46
C ARG E 1614 121.95 81.35 29.81
N GLN E 1615 120.73 81.76 29.45
CA GLN E 1615 119.54 81.03 29.92
C GLN E 1615 119.32 79.71 29.20
N GLY E 1616 119.95 79.51 28.06
CA GLY E 1616 119.68 78.29 27.32
C GLY E 1616 118.31 78.33 26.66
N TRP E 1617 117.85 77.16 26.26
CA TRP E 1617 116.52 77.05 25.67
C TRP E 1617 115.48 76.83 26.76
N LEU E 1618 114.26 77.26 26.50
CA LEU E 1618 113.17 77.13 27.44
C LEU E 1618 112.02 76.37 26.79
N VAL E 1619 111.54 75.37 27.52
CA VAL E 1619 110.43 74.53 27.12
C VAL E 1619 109.36 74.67 28.18
N GLN E 1620 108.20 75.19 27.81
CA GLN E 1620 107.13 75.50 28.76
C GLN E 1620 105.83 74.89 28.28
N CYS E 1621 105.07 74.32 29.21
CA CYS E 1621 103.75 73.78 28.94
C CYS E 1621 102.88 73.98 30.16
N LEU E 1622 101.74 74.64 29.99
CA LEU E 1622 100.91 75.06 31.11
C LEU E 1622 99.44 74.66 30.98
N ASP E 1623 99.02 74.12 29.85
CA ASP E 1623 97.63 73.78 29.63
C ASP E 1623 97.42 72.28 29.75
N PRO E 1624 96.50 71.83 30.60
CA PRO E 1624 96.32 70.39 30.81
C PRO E 1624 95.38 69.73 29.81
N LEU E 1625 95.75 68.51 29.42
CA LEU E 1625 94.94 67.67 28.56
C LEU E 1625 94.98 66.25 29.10
N GLN E 1626 93.91 65.49 28.82
CA GLN E 1626 93.82 64.11 29.27
C GLN E 1626 93.09 63.30 28.22
N PHE E 1627 93.41 62.01 28.15
CA PHE E 1627 92.70 61.05 27.32
C PHE E 1627 92.37 59.84 28.15
N MET E 1628 91.18 59.28 27.94
CA MET E 1628 90.78 58.11 28.71
C MET E 1628 91.26 56.85 28.01
N SER E 1629 92.14 56.11 28.69
CA SER E 1629 92.82 54.97 28.11
C SER E 1629 92.10 53.70 28.50
N LEU E 1630 91.82 52.85 27.53
CA LEU E 1630 91.21 51.55 27.79
C LEU E 1630 92.30 50.49 27.77
N HIS E 1631 92.39 49.72 28.85
CA HIS E 1631 93.47 48.76 29.04
C HIS E 1631 92.94 47.36 28.78
N ILE E 1632 93.53 46.68 27.80
CA ILE E 1632 93.26 45.28 27.55
C ILE E 1632 94.05 44.47 28.57
N PRO E 1633 93.40 43.71 29.45
CA PRO E 1633 94.14 43.05 30.54
C PRO E 1633 95.06 41.95 30.08
N GLU E 1634 94.60 41.04 29.21
CA GLU E 1634 95.40 39.88 28.85
C GLU E 1634 96.61 40.26 28.02
N GLU E 1635 96.51 41.29 27.20
CA GLU E 1635 97.60 41.70 26.32
C GLU E 1635 98.52 42.73 26.95
N ASN E 1636 98.19 43.22 28.15
CA ASN E 1636 98.97 44.24 28.83
C ASN E 1636 99.16 45.46 27.94
N ARG E 1637 98.11 45.81 27.21
CA ARG E 1637 98.11 46.93 26.28
C ARG E 1637 97.22 48.04 26.81
N SER E 1638 97.27 49.18 26.12
CA SER E 1638 96.43 50.32 26.48
C SER E 1638 96.19 51.14 25.22
N VAL E 1639 94.91 51.44 24.96
CA VAL E 1639 94.52 52.21 23.79
C VAL E 1639 93.58 53.31 24.23
N ASP E 1640 93.66 54.47 23.58
CA ASP E 1640 92.70 55.53 23.83
C ASP E 1640 91.30 55.03 23.50
N ILE E 1641 90.34 55.35 24.36
CA ILE E 1641 89.00 54.81 24.21
C ILE E 1641 88.34 55.30 22.93
N LEU E 1642 88.77 56.45 22.40
CA LEU E 1642 88.25 56.92 21.13
C LEU E 1642 88.70 56.05 19.96
N GLU E 1643 89.73 55.23 20.16
CA GLU E 1643 90.15 54.30 19.12
C GLU E 1643 89.15 53.17 18.91
N LEU E 1644 88.17 53.02 19.80
CA LEU E 1644 87.17 51.97 19.68
C LEU E 1644 86.10 52.32 18.65
N THR E 1645 86.18 53.50 18.05
CA THR E 1645 85.27 53.86 16.97
C THR E 1645 85.40 52.93 15.77
N GLU E 1646 86.56 52.32 15.59
CA GLU E 1646 86.78 51.39 14.48
C GLU E 1646 86.96 49.95 14.93
N GLN E 1647 87.16 49.71 16.23
CA GLN E 1647 87.24 48.35 16.76
C GLN E 1647 85.86 47.96 17.28
N GLU E 1648 85.09 47.35 16.38
CA GLU E 1648 83.67 47.10 16.67
C GLU E 1648 83.50 46.10 17.81
N GLU E 1649 84.31 45.04 17.82
CA GLU E 1649 84.15 44.00 18.84
C GLU E 1649 84.42 44.56 20.24
N LEU E 1650 85.50 45.32 20.41
CA LEU E 1650 85.78 45.91 21.71
C LEU E 1650 84.71 46.92 22.09
N LEU E 1651 84.22 47.69 21.12
CA LEU E 1651 83.17 48.66 21.41
C LEU E 1651 81.92 47.96 21.96
N LYS E 1652 81.50 46.88 21.30
CA LYS E 1652 80.30 46.17 21.75
C LYS E 1652 80.52 45.51 23.10
N PHE E 1653 81.68 44.89 23.29
CA PHE E 1653 81.94 44.24 24.58
C PHE E 1653 81.98 45.25 25.71
N HIS E 1654 82.59 46.40 25.48
CA HIS E 1654 82.64 47.42 26.51
C HIS E 1654 81.28 48.07 26.76
N TYR E 1655 80.45 48.22 25.73
CA TYR E 1655 79.10 48.71 25.95
C TYR E 1655 78.31 47.75 26.83
N HIS E 1656 78.43 46.45 26.57
CA HIS E 1656 77.76 45.48 27.43
C HIS E 1656 78.37 45.42 28.82
N THR E 1657 79.67 45.67 28.96
CA THR E 1657 80.27 45.79 30.27
C THR E 1657 79.68 46.97 31.04
N LEU E 1658 79.49 48.09 30.36
CA LEU E 1658 78.84 49.23 31.00
C LEU E 1658 77.42 48.90 31.41
N ARG E 1659 76.70 48.17 30.56
CA ARG E 1659 75.34 47.77 30.91
C ARG E 1659 75.35 46.87 32.15
N LEU E 1660 76.34 45.97 32.24
CA LEU E 1660 76.47 45.14 33.43
C LEU E 1660 76.77 45.98 34.67
N TYR E 1661 77.62 46.99 34.51
CA TYR E 1661 77.91 47.89 35.62
C TYR E 1661 76.64 48.58 36.10
N SER E 1662 75.79 49.02 35.18
CA SER E 1662 74.52 49.62 35.56
C SER E 1662 73.62 48.61 36.26
N ALA E 1663 73.55 47.39 35.72
CA ALA E 1663 72.64 46.37 36.25
C ALA E 1663 73.02 45.93 37.66
N VAL E 1664 74.32 45.79 37.95
CA VAL E 1664 74.70 45.28 39.26
C VAL E 1664 74.37 46.28 40.35
N CYS E 1665 74.40 47.58 40.05
CA CYS E 1665 74.10 48.62 41.02
C CYS E 1665 72.68 49.17 40.85
N ALA E 1666 71.89 48.56 39.97
CA ALA E 1666 70.52 49.00 39.73
C ALA E 1666 69.64 48.75 40.96
N LEU E 1667 68.64 49.61 41.12
CA LEU E 1667 67.63 49.49 42.16
C LEU E 1667 68.25 49.55 43.55
N GLY E 1668 68.92 50.65 43.84
CA GLY E 1668 69.37 50.95 45.19
C GLY E 1668 70.35 49.96 45.78
N ASN E 1669 71.30 49.48 44.98
CA ASN E 1669 72.40 48.67 45.51
C ASN E 1669 73.58 49.58 45.81
N HIS E 1670 73.48 50.26 46.96
CA HIS E 1670 74.42 51.33 47.27
C HIS E 1670 75.82 50.79 47.50
N ARG E 1671 75.94 49.61 48.11
CA ARG E 1671 77.26 49.03 48.33
C ARG E 1671 77.94 48.73 46.99
N VAL E 1672 77.20 48.17 46.05
CA VAL E 1672 77.77 47.89 44.73
C VAL E 1672 78.10 49.18 44.01
N ALA E 1673 77.29 50.22 44.21
CA ALA E 1673 77.63 51.52 43.62
C ALA E 1673 78.93 52.06 44.19
N HIS E 1674 79.13 51.94 45.50
CA HIS E 1674 80.38 52.36 46.11
C HIS E 1674 81.54 51.57 45.55
N ALA E 1675 81.36 50.26 45.37
CA ALA E 1675 82.41 49.44 44.77
C ALA E 1675 82.72 49.89 43.35
N LEU E 1676 81.70 50.19 42.56
CA LEU E 1676 81.88 50.62 41.18
C LEU E 1676 82.51 51.99 41.07
N CYS E 1677 82.39 52.83 42.10
CA CYS E 1677 83.09 54.10 42.07
C CYS E 1677 84.60 53.92 41.97
N SER E 1678 85.12 52.79 42.46
CA SER E 1678 86.54 52.51 42.29
C SER E 1678 86.90 52.26 40.84
N HIS E 1679 86.08 51.48 40.12
CA HIS E 1679 86.38 51.12 38.74
C HIS E 1679 86.12 52.27 37.78
N VAL E 1680 85.05 53.02 37.99
CA VAL E 1680 84.71 54.16 37.15
C VAL E 1680 84.71 55.39 38.05
N ASP E 1681 85.74 56.20 37.92
CA ASP E 1681 85.89 57.38 38.76
C ASP E 1681 85.08 58.54 38.20
N GLU E 1682 84.84 59.53 39.06
CA GLU E 1682 84.06 60.70 38.62
C GLU E 1682 84.80 61.55 37.60
N PRO E 1683 86.14 61.64 37.60
CA PRO E 1683 86.79 62.31 36.46
C PRO E 1683 86.53 61.60 35.14
N GLN E 1684 86.56 60.27 35.13
CA GLN E 1684 86.23 59.54 33.91
C GLN E 1684 84.79 59.78 33.50
N LEU E 1685 83.88 59.77 34.48
CA LEU E 1685 82.47 60.02 34.17
C LEU E 1685 82.28 61.39 33.56
N LEU E 1686 82.92 62.42 34.14
CA LEU E 1686 82.77 63.77 33.63
C LEU E 1686 83.41 63.92 32.25
N TYR E 1687 84.55 63.27 32.04
CA TYR E 1687 85.17 63.32 30.72
C TYR E 1687 84.27 62.68 29.67
N ALA E 1688 83.61 61.59 30.03
CA ALA E 1688 82.62 61.00 29.14
C ALA E 1688 81.42 61.91 28.96
N ILE E 1689 81.04 62.63 30.01
CA ILE E 1689 79.97 63.63 29.91
C ILE E 1689 80.28 64.62 28.81
N GLU E 1690 81.49 65.16 28.82
CA GLU E 1690 81.82 66.33 28.02
C GLU E 1690 82.40 66.01 26.66
N ASN E 1691 83.04 64.86 26.47
CA ASN E 1691 83.78 64.59 25.26
C ASN E 1691 82.86 64.56 24.04
N LYS E 1692 83.30 65.20 22.97
CA LYS E 1692 82.51 65.36 21.75
C LYS E 1692 82.88 64.38 20.66
N TYR E 1693 83.83 63.48 20.90
CA TYR E 1693 84.23 62.48 19.92
C TYR E 1693 83.94 61.05 20.37
N MET E 1694 83.34 60.88 21.53
CA MET E 1694 83.12 59.54 22.06
C MET E 1694 82.08 58.80 21.20
N PRO E 1695 82.25 57.50 20.99
CA PRO E 1695 81.25 56.73 20.26
C PRO E 1695 79.90 56.77 20.95
N GLY E 1696 78.84 56.68 20.14
CA GLY E 1696 77.50 56.85 20.67
C GLY E 1696 77.14 55.81 21.72
N LEU E 1697 77.52 54.55 21.48
CA LEU E 1697 77.22 53.50 22.45
C LEU E 1697 77.89 53.77 23.79
N LEU E 1698 79.16 54.16 23.76
CA LEU E 1698 79.87 54.46 25.01
C LEU E 1698 79.28 55.68 25.69
N ARG E 1699 78.90 56.69 24.92
CA ARG E 1699 78.25 57.86 25.48
C ARG E 1699 76.96 57.49 26.21
N ALA E 1700 76.09 56.72 25.56
CA ALA E 1700 74.83 56.30 26.14
C ALA E 1700 75.02 55.36 27.32
N GLY E 1701 76.10 54.58 27.36
CA GLY E 1701 76.37 53.75 28.50
C GLY E 1701 76.93 54.52 29.68
N TYR E 1702 77.78 55.50 29.39
CA TYR E 1702 78.42 56.24 30.46
C TYR E 1702 77.45 57.21 31.13
N TYR E 1703 76.54 57.82 30.37
CA TYR E 1703 75.52 58.61 31.05
C TYR E 1703 74.64 57.72 31.92
N ASP E 1704 74.37 56.51 31.46
CA ASP E 1704 73.58 55.57 32.26
C ASP E 1704 74.29 55.23 33.56
N LEU E 1705 75.60 54.98 33.50
CA LEU E 1705 76.36 54.75 34.73
C LEU E 1705 76.34 55.98 35.64
N LEU E 1706 76.53 57.17 35.09
CA LEU E 1706 76.52 58.36 35.93
C LEU E 1706 75.18 58.55 36.61
N ILE E 1707 74.09 58.19 35.93
CA ILE E 1707 72.77 58.27 36.53
C ILE E 1707 72.56 57.20 37.59
N ASP E 1708 72.94 55.96 37.30
CA ASP E 1708 72.64 54.86 38.21
C ASP E 1708 73.49 54.89 39.47
N ILE E 1709 74.79 55.15 39.34
CA ILE E 1709 75.66 55.15 40.52
C ILE E 1709 75.35 56.28 41.48
N HIS E 1710 74.90 57.43 41.00
CA HIS E 1710 74.81 58.61 41.87
C HIS E 1710 73.40 59.15 42.02
N LEU E 1711 72.60 59.12 40.96
CA LEU E 1711 71.36 59.89 40.92
C LEU E 1711 70.10 59.03 40.95
N SER E 1712 70.20 57.75 40.60
CA SER E 1712 68.99 56.95 40.40
C SER E 1712 68.20 56.78 41.68
N SER E 1713 68.87 56.59 42.81
CA SER E 1713 68.15 56.33 44.06
C SER E 1713 67.31 57.52 44.46
N TYR E 1714 67.91 58.71 44.51
CA TYR E 1714 67.13 59.90 44.86
C TYR E 1714 66.07 60.19 43.82
N ALA E 1715 66.39 59.98 42.53
CA ALA E 1715 65.40 60.24 41.50
C ALA E 1715 64.17 59.36 41.67
N THR E 1716 64.38 58.06 41.95
CA THR E 1716 63.23 57.18 42.10
C THR E 1716 62.50 57.43 43.41
N ALA E 1717 63.20 57.86 44.46
CA ALA E 1717 62.49 58.24 45.68
C ALA E 1717 61.58 59.43 45.43
N ARG E 1718 62.08 60.44 44.73
CA ARG E 1718 61.25 61.60 44.39
C ARG E 1718 60.08 61.20 43.51
N LEU E 1719 60.31 60.31 42.55
CA LEU E 1719 59.22 59.86 41.69
C LEU E 1719 58.15 59.07 42.45
N MET E 1720 58.54 58.24 43.41
CA MET E 1720 57.55 57.56 44.24
C MET E 1720 56.78 58.51 45.13
N MET E 1721 57.40 59.59 45.60
CA MET E 1721 56.71 60.53 46.48
C MET E 1721 56.09 61.68 45.70
N ASN E 1722 56.18 61.63 44.38
CA ASN E 1722 55.67 62.70 43.52
C ASN E 1722 54.16 62.93 43.65
N ASN E 1723 53.35 61.90 43.58
CA ASN E 1723 51.91 62.06 43.44
C ASN E 1723 51.19 62.25 44.76
N GLU E 1724 51.92 62.31 45.87
CA GLU E 1724 51.32 62.44 47.20
C GLU E 1724 51.80 63.75 47.81
N TYR E 1725 50.87 64.68 48.01
CA TYR E 1725 51.18 66.03 48.45
C TYR E 1725 50.88 66.16 49.94
N ILE E 1726 51.93 66.17 50.75
CA ILE E 1726 51.81 66.49 52.17
C ILE E 1726 52.46 67.85 52.38
N VAL E 1727 51.65 68.84 52.72
CA VAL E 1727 52.09 70.23 52.80
C VAL E 1727 51.95 70.72 54.24
N PRO E 1728 53.03 71.18 54.86
CA PRO E 1728 52.91 71.76 56.21
C PRO E 1728 52.12 73.05 56.16
N MET E 1729 51.46 73.35 57.28
CA MET E 1729 50.68 74.59 57.38
C MET E 1729 51.45 75.59 58.24
N THR E 1730 52.29 76.36 57.57
CA THR E 1730 53.25 77.25 58.20
C THR E 1730 53.24 78.60 57.50
N GLU E 1731 53.86 79.59 58.15
CA GLU E 1731 53.83 80.96 57.64
C GLU E 1731 54.35 81.05 56.21
N GLU E 1732 55.38 80.28 55.88
CA GLU E 1732 55.86 80.28 54.49
C GLU E 1732 54.84 79.68 53.54
N THR E 1733 54.07 78.69 54.01
CA THR E 1733 53.00 78.13 53.19
C THR E 1733 51.86 79.13 52.99
N LYS E 1734 51.60 79.98 53.97
CA LYS E 1734 50.49 80.93 53.86
C LYS E 1734 50.68 81.89 52.71
N SER E 1735 51.92 82.18 52.33
CA SER E 1735 52.16 83.24 51.34
C SER E 1735 51.86 82.77 49.92
N ILE E 1736 51.76 81.46 49.69
CA ILE E 1736 51.61 80.92 48.35
C ILE E 1736 50.28 81.36 47.75
N THR E 1737 50.32 81.82 46.50
CA THR E 1737 49.13 82.22 45.77
C THR E 1737 49.16 81.63 44.37
N LEU E 1738 47.97 81.47 43.77
CA LEU E 1738 47.88 80.93 42.42
C LEU E 1738 48.61 81.81 41.42
N PHE E 1739 48.41 83.12 41.51
CA PHE E 1739 49.00 83.98 40.51
C PHE E 1739 49.97 84.95 41.17
N PRO E 1740 51.15 85.16 40.56
CA PRO E 1740 52.18 85.98 41.24
C PRO E 1740 51.75 87.41 41.51
N ASP E 1741 50.95 88.00 40.64
CA ASP E 1741 50.59 89.42 40.78
C ASP E 1741 49.11 89.59 40.46
N GLU E 1742 48.67 90.85 40.39
CA GLU E 1742 47.29 91.16 40.07
C GLU E 1742 46.92 90.68 38.67
N ASN E 1743 47.79 90.89 37.69
CA ASN E 1743 47.56 90.35 36.37
C ASN E 1743 47.56 88.83 36.42
N LYS E 1744 46.46 88.23 35.99
CA LYS E 1744 46.28 86.79 36.08
C LYS E 1744 47.11 86.11 34.98
N LYS E 1745 48.42 86.24 35.12
CA LYS E 1745 49.38 85.63 34.21
C LYS E 1745 50.12 84.51 34.92
N HIS E 1746 50.17 83.34 34.30
CA HIS E 1746 50.83 82.19 34.89
C HIS E 1746 52.31 82.48 35.06
N GLY E 1747 52.84 82.16 36.24
CA GLY E 1747 54.27 82.18 36.43
C GLY E 1747 54.94 81.04 35.69
N LEU E 1748 56.24 81.16 35.53
CA LEU E 1748 56.98 80.12 34.83
C LEU E 1748 56.92 78.83 35.64
N PRO E 1749 56.66 77.69 35.00
CA PRO E 1749 56.52 76.44 35.76
C PRO E 1749 57.79 76.12 36.54
N GLY E 1750 57.59 75.59 37.73
CA GLY E 1750 58.72 75.25 38.59
C GLY E 1750 59.23 76.36 39.46
N ILE E 1751 59.42 77.55 38.88
CA ILE E 1751 59.90 78.69 39.65
C ILE E 1751 58.84 79.10 40.66
N GLY E 1752 59.25 79.25 41.91
CA GLY E 1752 58.35 79.68 42.95
C GLY E 1752 58.74 79.07 44.28
N LEU E 1753 57.89 79.30 45.27
CA LEU E 1753 58.08 78.77 46.61
C LEU E 1753 57.12 77.60 46.81
N SER E 1754 57.68 76.39 46.94
CA SER E 1754 56.91 75.19 47.21
C SER E 1754 57.25 74.68 48.59
N THR E 1755 56.23 74.47 49.42
CA THR E 1755 56.43 74.07 50.80
C THR E 1755 56.07 72.62 51.08
N SER E 1756 55.59 71.89 50.07
CA SER E 1756 55.19 70.50 50.28
C SER E 1756 56.38 69.66 50.72
N LEU E 1757 56.12 68.71 51.62
CA LEU E 1757 57.19 67.89 52.15
C LEU E 1757 57.84 67.07 51.05
N ARG E 1758 59.16 66.98 51.11
CA ARG E 1758 59.98 66.38 50.06
C ARG E 1758 61.02 65.48 50.71
N PRO E 1759 61.33 64.34 50.08
CA PRO E 1759 62.32 63.44 50.66
C PRO E 1759 63.69 64.09 50.79
N ARG E 1760 64.40 63.70 51.84
CA ARG E 1760 65.74 64.22 52.09
C ARG E 1760 66.73 63.69 51.06
N MET E 1761 67.73 64.50 50.75
CA MET E 1761 68.81 64.12 49.86
C MET E 1761 70.09 63.98 50.67
N GLN E 1762 70.61 62.76 50.77
CA GLN E 1762 71.80 62.47 51.54
C GLN E 1762 72.73 61.57 50.74
N PHE E 1763 74.02 61.88 50.74
CA PHE E 1763 75.02 61.14 49.99
C PHE E 1763 76.20 60.82 50.90
N SER E 1764 76.93 59.76 50.55
CA SER E 1764 78.06 59.29 51.34
C SER E 1764 79.31 59.35 50.49
N SER E 1765 80.41 59.80 51.07
CA SER E 1765 81.66 59.89 50.34
C SER E 1765 82.22 58.49 50.10
N PRO E 1766 82.58 58.16 48.86
CA PRO E 1766 83.07 56.81 48.57
C PRO E 1766 84.57 56.68 48.76
N SER E 1767 85.03 56.54 49.99
CA SER E 1767 86.44 56.33 50.29
C SER E 1767 86.67 54.90 50.76
N PHE E 1768 87.74 54.29 50.29
CA PHE E 1768 88.05 52.91 50.61
C PHE E 1768 89.11 52.75 51.69
N VAL E 1769 89.78 53.84 52.08
CA VAL E 1769 90.69 53.75 53.21
C VAL E 1769 89.90 53.70 54.52
N SER E 1770 88.69 54.24 54.52
CA SER E 1770 87.83 54.16 55.69
C SER E 1770 87.39 52.72 55.92
N ILE E 1771 87.01 52.42 57.16
CA ILE E 1771 86.69 51.06 57.55
C ILE E 1771 85.22 50.86 57.87
N SER E 1772 84.50 51.89 58.32
CA SER E 1772 83.11 51.75 58.70
C SER E 1772 82.25 51.36 57.50
N ASN E 1773 81.30 50.46 57.72
CA ASN E 1773 80.43 49.97 56.66
C ASN E 1773 79.18 50.82 56.46
N GLU E 1774 78.85 51.69 57.41
CA GLU E 1774 77.68 52.53 57.27
C GLU E 1774 77.76 53.46 56.07
N CYS E 1775 78.97 53.79 55.62
CA CYS E 1775 79.15 54.58 54.42
C CYS E 1775 78.58 53.90 53.18
N TYR E 1776 78.38 52.57 53.21
CA TYR E 1776 77.70 51.90 52.11
C TYR E 1776 76.28 52.42 51.97
N GLN E 1777 75.62 52.75 53.08
CA GLN E 1777 74.33 53.40 53.00
C GLN E 1777 74.46 54.73 52.28
N TYR E 1778 73.41 55.10 51.54
CA TYR E 1778 73.32 56.34 50.77
C TYR E 1778 74.13 56.22 49.48
N SER E 1779 73.65 56.84 48.42
CA SER E 1779 74.34 56.81 47.14
C SER E 1779 75.63 57.63 47.21
N PRO E 1780 76.66 57.26 46.45
CA PRO E 1780 77.92 58.00 46.50
C PRO E 1780 77.75 59.45 46.04
N GLU E 1781 78.55 60.32 46.64
CA GLU E 1781 78.49 61.75 46.36
C GLU E 1781 79.07 62.06 44.97
N PHE E 1782 78.54 63.11 44.36
CA PHE E 1782 78.98 63.57 43.06
C PHE E 1782 79.00 65.10 43.06
N PRO E 1783 79.86 65.71 42.25
CA PRO E 1783 79.86 67.17 42.13
C PRO E 1783 78.64 67.68 41.36
N LEU E 1784 77.51 67.77 42.06
CA LEU E 1784 76.24 68.09 41.42
C LEU E 1784 76.23 69.48 40.79
N ASP E 1785 76.85 70.48 41.41
CA ASP E 1785 76.87 71.81 40.82
C ASP E 1785 77.63 71.83 39.49
N ILE E 1786 78.81 71.21 39.45
CA ILE E 1786 79.56 71.14 38.21
C ILE E 1786 78.81 70.33 37.17
N LEU E 1787 78.18 69.24 37.59
CA LEU E 1787 77.38 68.44 36.66
C LEU E 1787 76.24 69.25 36.07
N LYS E 1788 75.56 70.03 36.90
CA LYS E 1788 74.46 70.88 36.42
C LYS E 1788 74.96 71.92 35.43
N SER E 1789 76.08 72.58 35.77
CA SER E 1789 76.62 73.59 34.86
C SER E 1789 77.01 73.00 33.51
N LYS E 1790 77.69 71.85 33.53
CA LYS E 1790 78.04 71.20 32.27
C LYS E 1790 76.81 70.73 31.50
N THR E 1791 75.78 70.24 32.19
CA THR E 1791 74.57 69.82 31.51
C THR E 1791 73.90 70.99 30.81
N ILE E 1792 73.78 72.14 31.48
CA ILE E 1792 73.19 73.31 30.86
C ILE E 1792 74.03 73.76 29.67
N GLN E 1793 75.35 73.82 29.84
CA GLN E 1793 76.22 74.24 28.74
C GLN E 1793 76.08 73.33 27.54
N MET E 1794 76.09 72.01 27.75
CA MET E 1794 76.05 71.08 26.64
C MET E 1794 74.69 71.09 25.97
N LEU E 1795 73.62 71.26 26.76
CA LEU E 1795 72.30 71.40 26.15
C LEU E 1795 72.23 72.61 25.25
N THR E 1796 72.78 73.74 25.73
CA THR E 1796 72.78 74.95 24.90
C THR E 1796 73.56 74.75 23.62
N GLU E 1797 74.77 74.18 23.73
CA GLU E 1797 75.58 73.95 22.55
C GLU E 1797 74.91 72.96 21.60
N ALA E 1798 74.30 71.91 22.14
CA ALA E 1798 73.62 70.92 21.30
C ALA E 1798 72.46 71.54 20.55
N VAL E 1799 71.69 72.39 21.21
CA VAL E 1799 70.59 73.06 20.52
C VAL E 1799 71.13 73.94 19.41
N LYS E 1800 72.17 74.72 19.70
CA LYS E 1800 72.74 75.61 18.67
C LYS E 1800 73.28 74.83 17.48
N GLU E 1801 73.95 73.71 17.75
CA GLU E 1801 74.48 72.90 16.65
C GLU E 1801 73.37 72.22 15.86
N GLY E 1802 72.42 71.60 16.55
CA GLY E 1802 71.36 70.88 15.86
C GLY E 1802 70.41 71.78 15.13
N SER E 1803 70.41 73.07 15.46
CA SER E 1803 69.62 74.04 14.71
C SER E 1803 70.10 74.19 13.27
N LEU E 1804 71.28 73.66 12.95
CA LEU E 1804 71.80 73.68 11.58
C LEU E 1804 71.80 72.28 10.96
N HIS E 1805 71.45 71.25 11.73
CA HIS E 1805 71.48 69.86 11.26
C HIS E 1805 72.83 69.49 10.69
N ALA E 1806 73.87 69.54 11.51
CA ALA E 1806 75.21 69.21 11.06
C ALA E 1806 75.33 67.74 10.71
N ARG E 1807 76.30 67.44 9.86
CA ARG E 1807 76.57 66.08 9.42
C ARG E 1807 77.36 65.28 10.44
N ASP E 1808 77.80 65.91 11.53
CA ASP E 1808 78.63 65.26 12.54
C ASP E 1808 78.05 65.46 13.93
N PRO E 1809 76.92 64.81 14.24
CA PRO E 1809 76.38 64.88 15.60
C PRO E 1809 77.27 64.14 16.57
N VAL E 1810 77.25 64.57 17.83
CA VAL E 1810 78.03 63.89 18.86
C VAL E 1810 77.47 62.49 19.06
N GLY E 1811 78.33 61.49 18.98
CA GLY E 1811 77.93 60.11 19.08
C GLY E 1811 77.53 59.47 17.77
N GLY E 1812 77.49 60.23 16.68
CA GLY E 1812 77.19 59.70 15.37
C GLY E 1812 75.77 59.90 14.91
N THR E 1813 74.82 60.03 15.82
CA THR E 1813 73.42 60.25 15.46
C THR E 1813 72.81 61.29 16.37
N THR E 1814 71.73 61.91 15.89
CA THR E 1814 70.98 62.84 16.71
C THR E 1814 70.45 62.17 17.97
N GLU E 1815 70.09 60.89 17.88
CA GLU E 1815 69.67 60.16 19.06
C GLU E 1815 70.79 60.09 20.09
N PHE E 1816 71.99 59.70 19.66
CA PHE E 1816 73.10 59.60 20.60
C PHE E 1816 73.48 60.96 21.15
N LEU E 1817 73.22 62.03 20.38
CA LEU E 1817 73.51 63.36 20.89
C LEU E 1817 72.52 63.79 21.95
N PHE E 1818 71.23 63.56 21.72
CA PHE E 1818 70.18 64.17 22.54
C PHE E 1818 69.59 63.26 23.60
N VAL E 1819 69.25 62.01 23.25
CA VAL E 1819 68.58 61.13 24.20
C VAL E 1819 69.37 60.97 25.49
N PRO E 1820 70.68 60.71 25.48
CA PRO E 1820 71.40 60.62 26.75
C PRO E 1820 71.50 61.95 27.48
N LEU E 1821 71.74 63.04 26.75
CA LEU E 1821 71.82 64.35 27.37
C LEU E 1821 70.50 64.73 28.03
N ILE E 1822 69.40 64.61 27.29
CA ILE E 1822 68.09 64.92 27.85
C ILE E 1822 67.70 63.96 28.97
N LYS E 1823 68.15 62.71 28.93
CA LYS E 1823 67.95 61.81 30.05
C LYS E 1823 68.63 62.29 31.32
N LEU E 1824 69.91 62.69 31.23
CA LEU E 1824 70.59 63.25 32.40
C LEU E 1824 69.91 64.52 32.88
N PHE E 1825 69.52 65.39 31.95
CA PHE E 1825 68.85 66.63 32.31
C PHE E 1825 67.54 66.37 33.03
N TYR E 1826 66.76 65.41 32.53
CA TYR E 1826 65.50 65.06 33.18
C TYR E 1826 65.72 64.46 34.56
N THR E 1827 66.74 63.61 34.72
CA THR E 1827 67.04 63.09 36.04
C THR E 1827 67.40 64.19 37.01
N LEU E 1828 68.23 65.14 36.59
CA LEU E 1828 68.59 66.25 37.47
C LEU E 1828 67.36 67.09 37.81
N LEU E 1829 66.49 67.34 36.84
CA LEU E 1829 65.28 68.10 37.11
C LEU E 1829 64.38 67.37 38.10
N ILE E 1830 64.25 66.05 37.94
CA ILE E 1830 63.44 65.27 38.86
C ILE E 1830 63.99 65.38 40.27
N MET E 1831 65.31 65.27 40.40
CA MET E 1831 65.91 65.40 41.73
C MET E 1831 65.72 66.80 42.30
N GLY E 1832 65.67 67.80 41.43
CA GLY E 1832 65.42 69.16 41.88
C GLY E 1832 66.66 70.00 42.10
N ILE E 1833 67.78 69.66 41.49
CA ILE E 1833 69.00 70.45 41.66
C ILE E 1833 68.82 71.84 41.06
N PHE E 1834 68.16 71.92 39.91
CA PHE E 1834 68.02 73.19 39.21
C PHE E 1834 67.27 74.20 40.07
N HIS E 1835 67.76 75.44 40.09
CA HIS E 1835 67.22 76.47 40.96
C HIS E 1835 67.01 77.77 40.18
N ASN E 1836 65.76 78.19 40.08
CA ASN E 1836 65.40 79.54 39.65
C ASN E 1836 65.99 79.94 38.31
N GLU E 1837 67.16 80.60 38.32
CA GLU E 1837 67.74 81.13 37.09
C GLU E 1837 68.12 80.01 36.13
N ASP E 1838 68.67 78.91 36.65
CA ASP E 1838 68.99 77.78 35.79
C ASP E 1838 67.73 77.19 35.18
N LEU E 1839 66.65 77.11 35.97
CA LEU E 1839 65.38 76.63 35.45
C LEU E 1839 64.86 77.56 34.36
N LYS E 1840 65.05 78.87 34.54
CA LYS E 1840 64.66 79.83 33.51
C LYS E 1840 65.44 79.60 32.22
N HIS E 1841 66.76 79.41 32.33
CA HIS E 1841 67.57 79.19 31.14
C HIS E 1841 67.20 77.90 30.42
N ILE E 1842 66.98 76.82 31.17
CA ILE E 1842 66.60 75.57 30.52
C ILE E 1842 65.20 75.66 29.92
N LEU E 1843 64.28 76.39 30.55
CA LEU E 1843 62.98 76.61 29.95
C LEU E 1843 63.08 77.43 28.67
N GLN E 1844 63.95 78.43 28.64
CA GLN E 1844 64.17 79.19 27.41
C GLN E 1844 64.76 78.29 26.32
N LEU E 1845 65.65 77.38 26.69
CA LEU E 1845 66.14 76.40 25.72
C LEU E 1845 65.01 75.53 25.21
N ILE E 1846 64.10 75.12 26.10
CA ILE E 1846 62.96 74.31 25.68
C ILE E 1846 62.09 75.07 24.69
N GLU E 1847 61.71 76.30 25.03
CA GLU E 1847 60.89 77.12 24.15
C GLU E 1847 61.10 78.58 24.45
N PRO E 1848 61.80 79.32 23.59
CA PRO E 1848 62.06 80.73 23.89
C PRO E 1848 60.82 81.60 23.90
N SER E 1849 59.78 81.21 23.17
CA SER E 1849 58.62 82.08 23.00
C SER E 1849 57.73 82.07 24.23
N VAL E 1850 57.32 80.88 24.68
CA VAL E 1850 56.35 80.78 25.76
C VAL E 1850 56.94 81.25 27.08
N PHE E 1851 58.19 80.86 27.36
CA PHE E 1851 58.77 81.06 28.68
C PHE E 1851 59.65 82.30 28.77
N LYS E 1852 59.52 83.23 27.83
CA LYS E 1852 60.17 84.52 28.00
C LYS E 1852 59.51 85.29 29.13
N GLU E 1853 60.32 85.85 30.01
CA GLU E 1853 59.79 86.47 31.23
C GLU E 1853 59.13 87.80 30.91
N ALA E 1854 57.94 88.01 31.46
CA ALA E 1854 57.18 89.24 31.25
C ALA E 1854 56.86 89.91 32.58
N PRO E 1889 63.22 84.02 15.52
CA PRO E 1889 64.50 83.47 15.08
C PRO E 1889 64.88 82.20 15.85
N LYS E 1890 65.07 82.34 17.15
CA LYS E 1890 65.45 81.20 17.98
C LYS E 1890 64.30 80.21 18.10
N GLU E 1891 64.60 78.93 17.90
CA GLU E 1891 63.62 77.86 18.02
C GLU E 1891 64.06 76.91 19.13
N GLY E 1892 63.13 76.57 20.02
CA GLY E 1892 63.42 75.66 21.10
C GLY E 1892 63.43 74.22 20.63
N LEU E 1893 63.68 73.32 21.59
CA LEU E 1893 63.78 71.90 21.27
C LEU E 1893 62.46 71.35 20.71
N LEU E 1894 61.34 71.98 21.05
CA LEU E 1894 60.04 71.42 20.68
C LEU E 1894 59.85 71.39 19.17
N GLN E 1895 60.42 72.35 18.45
CA GLN E 1895 60.17 72.49 17.01
C GLN E 1895 61.44 72.37 16.18
N MET E 1896 62.28 71.38 16.49
CA MET E 1896 63.52 71.16 15.75
C MET E 1896 63.51 69.86 14.95
N LYS E 1897 62.34 69.30 14.68
CA LYS E 1897 62.20 68.06 13.92
C LYS E 1897 63.04 66.95 14.56
N LEU E 1898 62.63 66.57 15.75
CA LEU E 1898 63.35 65.65 16.61
C LEU E 1898 63.00 64.21 16.29
N PRO E 1899 63.92 63.28 16.57
CA PRO E 1899 63.59 61.86 16.42
C PRO E 1899 62.61 61.40 17.48
N GLU E 1900 62.04 60.22 17.26
CA GLU E 1900 61.05 59.69 18.18
C GLU E 1900 61.60 59.42 19.59
N PRO E 1901 62.78 58.81 19.77
CA PRO E 1901 63.29 58.65 21.14
C PRO E 1901 63.47 59.97 21.86
N VAL E 1902 63.89 61.01 21.15
CA VAL E 1902 64.03 62.33 21.77
C VAL E 1902 62.67 62.90 22.10
N LYS E 1903 61.68 62.68 21.23
CA LYS E 1903 60.33 63.13 21.48
C LYS E 1903 59.76 62.51 22.75
N LEU E 1904 60.05 61.22 22.99
CA LEU E 1904 59.55 60.58 24.20
C LEU E 1904 60.08 61.24 25.47
N GLN E 1905 61.38 61.52 25.53
CA GLN E 1905 61.93 62.21 26.68
C GLN E 1905 61.44 63.64 26.80
N MET E 1906 61.20 64.31 25.68
CA MET E 1906 60.62 65.65 25.76
C MET E 1906 59.21 65.59 26.32
N CYS E 1907 58.46 64.54 25.97
CA CYS E 1907 57.15 64.33 26.58
C CYS E 1907 57.28 64.12 28.08
N LEU E 1908 58.30 63.38 28.51
CA LEU E 1908 58.52 63.20 29.94
C LEU E 1908 58.81 64.55 30.62
N LEU E 1909 59.61 65.40 29.99
CA LEU E 1909 59.90 66.71 30.54
C LEU E 1909 58.63 67.54 30.70
N LEU E 1910 57.79 67.55 29.65
CA LEU E 1910 56.54 68.28 29.72
C LEU E 1910 55.62 67.72 30.81
N GLN E 1911 55.61 66.40 30.98
CA GLN E 1911 54.86 65.78 32.08
C GLN E 1911 55.34 66.28 33.43
N TYR E 1912 56.66 66.39 33.61
CA TYR E 1912 57.17 66.92 34.87
C TYR E 1912 56.73 68.36 35.09
N LEU E 1913 56.75 69.17 34.04
CA LEU E 1913 56.30 70.55 34.18
C LEU E 1913 54.82 70.62 34.58
N CYS E 1914 53.99 69.77 33.96
CA CYS E 1914 52.58 69.73 34.33
C CYS E 1914 52.40 69.30 35.79
N ASP E 1915 53.19 68.33 36.23
CA ASP E 1915 53.11 67.90 37.62
C ASP E 1915 53.49 69.02 38.57
N CYS E 1916 54.50 69.80 38.20
CA CYS E 1916 54.88 70.97 39.01
C CYS E 1916 53.73 71.95 39.10
N GLN E 1917 53.04 72.20 37.97
CA GLN E 1917 51.89 73.09 38.00
C GLN E 1917 50.80 72.57 38.93
N VAL E 1918 50.52 71.27 38.86
CA VAL E 1918 49.49 70.70 39.73
C VAL E 1918 49.87 70.84 41.19
N ARG E 1919 51.13 70.58 41.53
CA ARG E 1919 51.56 70.73 42.91
C ARG E 1919 51.44 72.18 43.38
N HIS E 1920 51.78 73.13 42.51
CA HIS E 1920 51.61 74.53 42.86
C HIS E 1920 50.14 74.86 43.13
N ARG E 1921 49.24 74.33 42.30
CA ARG E 1921 47.82 74.56 42.53
C ARG E 1921 47.37 73.97 43.87
N ILE E 1922 47.83 72.77 44.18
CA ILE E 1922 47.43 72.14 45.44
C ILE E 1922 47.92 72.95 46.63
N GLU E 1923 49.17 73.41 46.58
CA GLU E 1923 49.68 74.26 47.65
C GLU E 1923 48.91 75.57 47.77
N ALA E 1924 48.53 76.19 46.66
CA ALA E 1924 47.74 77.42 46.73
C ALA E 1924 46.37 77.15 47.36
N ILE E 1925 45.73 76.04 47.01
CA ILE E 1925 44.46 75.69 47.62
C ILE E 1925 44.61 75.49 49.13
N VAL E 1926 45.66 74.78 49.56
CA VAL E 1926 45.90 74.61 50.98
C VAL E 1926 46.17 75.95 51.68
N ALA E 1927 46.92 76.85 51.05
CA ALA E 1927 47.15 78.16 51.61
C ALA E 1927 45.86 78.96 51.79
N PHE E 1928 44.97 78.92 50.81
CA PHE E 1928 43.67 79.57 50.96
C PHE E 1928 42.85 78.92 52.06
N SER E 1929 42.97 77.59 52.19
CA SER E 1929 42.19 76.85 53.18
C SER E 1929 42.41 77.42 54.58
N ASP E 1930 43.62 77.86 54.88
CA ASP E 1930 43.91 78.36 56.22
C ASP E 1930 42.97 79.48 56.63
N ASP E 1931 43.03 80.62 55.94
CA ASP E 1931 42.19 81.74 56.36
C ASP E 1931 40.71 81.47 56.09
N PHE E 1932 40.39 80.70 55.04
CA PHE E 1932 38.98 80.40 54.82
C PHE E 1932 38.37 79.65 55.99
N VAL E 1933 39.03 78.58 56.43
CA VAL E 1933 38.49 77.82 57.55
C VAL E 1933 38.62 78.57 58.86
N ALA E 1934 39.62 79.45 58.99
CA ALA E 1934 39.67 80.27 60.19
C ALA E 1934 38.45 81.16 60.31
N LYS E 1935 38.11 81.87 59.22
CA LYS E 1935 36.91 82.69 59.25
C LYS E 1935 35.64 81.85 59.40
N LEU E 1936 35.58 80.69 58.75
CA LEU E 1936 34.43 79.82 58.88
C LEU E 1936 34.23 79.32 60.31
N GLN E 1937 35.30 78.89 60.98
CA GLN E 1937 35.24 78.50 62.37
C GLN E 1937 34.86 79.65 63.30
N ASP E 1938 35.43 80.84 63.07
CA ASP E 1938 35.03 81.99 63.88
C ASP E 1938 33.55 82.30 63.72
N ASN E 1939 33.05 82.27 62.50
CA ASN E 1939 31.63 82.59 62.29
C ASN E 1939 30.73 81.50 62.85
N GLN E 1940 31.16 80.23 62.76
CA GLN E 1940 30.37 79.16 63.35
C GLN E 1940 30.31 79.30 64.87
N ARG E 1941 31.43 79.64 65.50
CA ARG E 1941 31.41 79.88 66.94
C ARG E 1941 30.51 81.06 67.29
N PHE E 1942 30.56 82.12 66.49
CA PHE E 1942 29.71 83.27 66.72
C PHE E 1942 28.24 82.90 66.61
N ARG E 1943 27.88 82.13 65.58
CA ARG E 1943 26.50 81.69 65.41
C ARG E 1943 26.05 80.82 66.57
N TYR E 1944 26.93 79.90 67.00
CA TYR E 1944 26.61 79.07 68.15
C TYR E 1944 26.34 79.90 69.39
N ASN E 1945 27.25 80.80 69.74
CA ASN E 1945 27.09 81.64 70.92
C ASN E 1945 25.93 82.62 70.79
N GLU E 1946 25.51 82.95 69.58
CA GLU E 1946 24.29 83.74 69.39
C GLU E 1946 23.04 82.93 69.63
N VAL E 1947 22.98 81.71 69.08
CA VAL E 1947 21.82 80.85 69.25
C VAL E 1947 21.65 80.35 70.69
N MET E 1948 22.75 80.21 71.44
CA MET E 1948 22.64 79.72 72.82
C MET E 1948 21.77 80.61 73.70
N GLN E 1949 21.58 81.88 73.34
CA GLN E 1949 20.65 82.71 74.09
C GLN E 1949 19.20 82.34 73.81
N ALA E 1950 18.92 81.81 72.62
CA ALA E 1950 17.56 81.45 72.21
C ALA E 1950 17.20 80.01 72.57
N LEU E 1951 18.13 79.27 73.18
CA LEU E 1951 17.82 77.89 73.57
C LEU E 1951 16.69 77.84 74.57
N ASN E 1952 16.72 78.72 75.58
CA ASN E 1952 15.62 78.78 76.53
C ASN E 1952 14.37 79.38 75.89
N MET E 1953 14.54 80.26 74.92
CA MET E 1953 13.41 80.93 74.29
C MET E 1953 12.58 79.96 73.46
N SER E 1954 13.24 79.10 72.69
CA SER E 1954 12.55 78.17 71.79
C SER E 1954 12.90 76.74 72.17
N ALA E 1955 11.88 75.95 72.50
CA ALA E 1955 12.10 74.54 72.82
C ALA E 1955 12.32 73.71 71.56
N ALA E 1956 11.60 74.01 70.48
CA ALA E 1956 11.80 73.27 69.24
C ALA E 1956 13.15 73.58 68.61
N LEU E 1957 13.77 74.68 69.03
CA LEU E 1957 15.05 75.11 68.46
C LEU E 1957 16.10 74.00 68.57
N THR E 1958 16.10 73.26 69.68
CA THR E 1958 17.04 72.18 69.89
C THR E 1958 16.81 71.01 68.93
N ALA E 1959 15.71 71.03 68.18
CA ALA E 1959 15.44 70.02 67.18
C ALA E 1959 15.42 70.56 65.75
N ARG E 1960 15.29 71.87 65.56
CA ARG E 1960 15.20 72.45 64.22
C ARG E 1960 16.37 73.34 63.86
N LYS E 1961 16.86 74.18 64.77
CA LYS E 1961 17.93 75.11 64.42
C LYS E 1961 19.30 74.56 64.82
N THR E 1962 19.39 73.96 66.01
CA THR E 1962 20.65 73.37 66.46
C THR E 1962 20.86 72.01 65.82
N LYS E 1963 21.04 72.01 64.50
CA LYS E 1963 21.37 70.81 63.75
C LYS E 1963 22.79 70.81 63.21
N GLU E 1964 23.30 71.97 62.78
CA GLU E 1964 24.66 72.05 62.28
C GLU E 1964 25.67 71.74 63.39
N PHE E 1965 25.45 72.28 64.59
CA PHE E 1965 26.38 72.06 65.69
C PHE E 1965 26.37 70.60 66.15
N ARG E 1966 25.25 69.91 66.01
CA ARG E 1966 25.17 68.50 66.36
C ARG E 1966 25.49 67.58 65.19
N SER E 1967 25.66 68.12 63.99
CA SER E 1967 25.87 67.31 62.80
C SER E 1967 27.31 66.80 62.74
N PRO E 1968 27.52 65.67 62.05
CA PRO E 1968 28.88 65.11 61.93
C PRO E 1968 29.82 66.10 61.27
N PRO E 1969 31.10 66.12 61.70
CA PRO E 1969 31.98 67.23 61.28
C PRO E 1969 32.12 67.38 59.78
N GLN E 1970 32.17 66.26 59.05
CA GLN E 1970 32.25 66.35 57.60
C GLN E 1970 30.96 66.93 57.03
N GLU E 1971 29.81 66.53 57.58
CA GLU E 1971 28.55 66.98 57.00
C GLU E 1971 28.27 68.43 57.40
N GLN E 1972 28.90 68.90 58.48
CA GLN E 1972 28.83 70.32 58.82
C GLN E 1972 29.42 71.18 57.73
N ILE E 1973 30.65 70.89 57.32
CA ILE E 1973 31.20 71.64 56.19
C ILE E 1973 30.47 71.28 54.91
N ASN E 1974 29.82 70.11 54.86
CA ASN E 1974 29.04 69.78 53.68
C ASN E 1974 27.90 70.77 53.48
N MET E 1975 27.16 71.14 54.53
CA MET E 1975 26.18 72.18 54.23
C MET E 1975 26.84 73.56 54.21
N LEU E 1976 27.93 73.76 54.97
CA LEU E 1976 28.62 75.04 54.98
C LEU E 1976 29.27 75.39 53.64
N LEU E 1977 29.43 74.41 52.74
CA LEU E 1977 30.01 74.67 51.43
C LEU E 1977 28.97 74.49 50.33
N ASN E 1978 27.69 74.65 50.66
CA ASN E 1978 26.62 74.49 49.69
C ASN E 1978 26.10 75.82 49.16
N PHE E 1979 26.84 76.92 49.36
CA PHE E 1979 26.45 78.16 48.72
C PHE E 1979 26.76 78.15 47.22
N LYS E 1980 27.29 77.05 46.70
CA LYS E 1980 27.36 76.86 45.26
C LYS E 1980 25.95 76.86 44.67
N ASP E 1981 25.86 77.28 43.41
CA ASP E 1981 24.58 77.41 42.72
C ASP E 1981 23.70 78.42 43.44
N ASP E 1982 22.39 78.18 43.47
CA ASP E 1982 21.45 79.12 44.08
C ASP E 1982 20.50 78.44 45.06
N LYS E 1983 20.81 77.21 45.50
CA LYS E 1983 19.96 76.54 46.47
C LYS E 1983 19.93 77.31 47.79
N SER E 1984 21.09 77.79 48.25
CA SER E 1984 21.19 78.81 49.29
C SER E 1984 20.54 78.40 50.60
N GLU E 1985 20.61 77.12 50.95
CA GLU E 1985 20.29 76.70 52.32
C GLU E 1985 21.51 76.73 53.22
N CYS E 1986 22.66 77.09 52.69
CA CYS E 1986 23.90 77.06 53.45
C CYS E 1986 23.94 78.22 54.44
N PRO E 1987 24.21 77.95 55.71
CA PRO E 1987 24.30 79.03 56.72
C PRO E 1987 25.65 79.74 56.68
N CYS E 1988 25.93 80.39 55.55
CA CYS E 1988 27.20 81.08 55.35
C CYS E 1988 26.96 82.51 54.93
N PRO E 1989 27.61 83.49 55.56
CA PRO E 1989 27.40 84.88 55.18
C PRO E 1989 28.00 85.22 53.83
N GLU E 1990 27.52 86.34 53.28
CA GLU E 1990 27.84 86.70 51.90
C GLU E 1990 29.33 86.90 51.69
N GLU E 1991 30.02 87.51 52.64
CA GLU E 1991 31.45 87.76 52.46
C GLU E 1991 32.23 86.46 52.40
N ILE E 1992 31.88 85.50 53.26
CA ILE E 1992 32.59 84.22 53.27
C ILE E 1992 32.28 83.44 52.00
N ARG E 1993 31.04 83.54 51.51
CA ARG E 1993 30.72 82.92 50.22
C ARG E 1993 31.52 83.57 49.10
N ASP E 1994 31.65 84.90 49.12
CA ASP E 1994 32.34 85.61 48.06
C ASP E 1994 33.82 85.28 48.01
N GLN E 1995 34.44 85.08 49.18
CA GLN E 1995 35.84 84.70 49.19
C GLN E 1995 36.07 83.42 48.40
N LEU E 1996 35.28 82.38 48.68
CA LEU E 1996 35.46 81.11 47.99
C LEU E 1996 35.02 81.22 46.54
N LEU E 1997 33.99 82.02 46.25
CA LEU E 1997 33.58 82.21 44.86
C LEU E 1997 34.69 82.84 44.03
N ASP E 1998 35.41 83.82 44.59
CA ASP E 1998 36.54 84.42 43.89
C ASP E 1998 37.70 83.45 43.76
N PHE E 1999 38.01 82.71 44.83
CA PHE E 1999 39.12 81.76 44.76
C PHE E 1999 38.85 80.66 43.75
N HIS E 2000 37.62 80.16 43.67
CA HIS E 2000 37.30 79.14 42.70
C HIS E 2000 37.38 79.63 41.27
N GLU E 2001 36.94 80.86 40.99
CA GLU E 2001 37.12 81.43 39.66
C GLU E 2001 38.60 81.57 39.33
N ASP E 2002 39.41 82.02 40.29
CA ASP E 2002 40.84 82.14 40.03
C ASP E 2002 41.46 80.78 39.76
N LEU E 2003 41.06 79.76 40.52
CA LEU E 2003 41.54 78.40 40.30
C LEU E 2003 41.15 77.86 38.94
N MET E 2004 39.90 78.07 38.52
CA MET E 2004 39.50 77.65 37.19
C MET E 2004 40.28 78.38 36.10
N THR E 2005 40.52 79.67 36.28
CA THR E 2005 41.32 80.42 35.30
C THR E 2005 42.73 79.86 35.23
N HIS E 2006 43.33 79.56 36.37
CA HIS E 2006 44.66 78.96 36.38
C HIS E 2006 44.67 77.59 35.73
N CYS E 2007 43.67 76.76 35.99
CA CYS E 2007 43.57 75.44 35.38
C CYS E 2007 43.23 75.52 33.89
N GLY E 2008 42.81 76.69 33.40
CA GLY E 2008 42.47 76.86 32.01
C GLY E 2008 41.06 76.45 31.65
N ILE E 2009 40.24 76.03 32.63
CA ILE E 2009 38.87 75.65 32.33
C ILE E 2009 38.09 76.85 31.80
N GLU E 2010 38.26 78.00 32.44
CA GLU E 2010 37.61 79.22 31.99
C GLU E 2010 38.25 79.74 30.71
N LYS E 2053 48.95 82.56 17.03
CA LYS E 2053 49.32 83.62 17.97
C LYS E 2053 50.08 83.05 19.16
N LYS E 2054 50.40 83.92 20.12
CA LYS E 2054 51.15 83.50 21.29
C LYS E 2054 50.34 82.54 22.15
N SER E 2055 50.95 81.39 22.46
CA SER E 2055 50.31 80.43 23.36
C SER E 2055 50.25 80.97 24.77
N SER E 2056 51.36 81.49 25.28
CA SER E 2056 51.50 82.15 26.58
C SER E 2056 51.20 81.20 27.74
N THR E 2057 50.93 79.92 27.48
CA THR E 2057 50.58 78.98 28.54
C THR E 2057 51.15 77.61 28.18
N LEU E 2058 51.72 76.94 29.18
CA LEU E 2058 52.24 75.59 28.97
C LEU E 2058 51.16 74.66 28.47
N GLN E 2059 49.93 74.84 28.94
CA GLN E 2059 48.82 74.00 28.51
C GLN E 2059 48.60 74.10 27.00
N GLN E 2060 48.47 75.33 26.50
CA GLN E 2060 48.26 75.52 25.07
C GLN E 2060 49.49 75.08 24.28
N LEU E 2061 50.69 75.31 24.82
CA LEU E 2061 51.90 74.89 24.14
C LEU E 2061 51.91 73.38 23.93
N ILE E 2062 51.62 72.62 24.98
CA ILE E 2062 51.61 71.16 24.86
C ILE E 2062 50.48 70.71 23.94
N SER E 2063 49.30 71.30 24.07
CA SER E 2063 48.18 70.95 23.21
C SER E 2063 48.47 71.18 21.74
N GLU E 2064 49.18 72.25 21.41
CA GLU E 2064 49.63 72.46 20.04
C GLU E 2064 50.72 71.50 19.63
N THR E 2065 51.67 71.23 20.51
CA THR E 2065 52.86 70.47 20.12
C THR E 2065 52.53 69.01 19.86
N MET E 2066 51.73 68.38 20.73
CA MET E 2066 51.37 66.98 20.51
C MET E 2066 50.62 66.81 19.21
N VAL E 2067 49.63 67.67 18.96
CA VAL E 2067 48.85 67.57 17.73
C VAL E 2067 49.72 67.83 16.52
N ARG E 2068 50.62 68.81 16.62
CA ARG E 2068 51.51 69.10 15.50
C ARG E 2068 52.39 67.91 15.17
N TRP E 2069 52.96 67.26 16.19
CA TRP E 2069 53.79 66.08 15.95
C TRP E 2069 52.97 64.99 15.29
N ALA E 2070 51.79 64.72 15.83
CA ALA E 2070 50.96 63.62 15.33
C ALA E 2070 50.55 63.87 13.88
N GLN E 2071 50.20 65.10 13.54
CA GLN E 2071 49.76 65.40 12.18
C GLN E 2071 50.95 65.50 11.23
N GLU E 2072 52.13 65.84 11.75
CA GLU E 2072 53.32 65.92 10.89
C GLU E 2072 53.79 64.53 10.49
N SER E 2073 53.87 63.61 11.44
CA SER E 2073 54.47 62.31 11.14
C SER E 2073 53.62 61.19 11.72
N VAL E 2074 53.72 60.02 11.08
CA VAL E 2074 53.09 58.81 11.58
C VAL E 2074 54.02 58.21 12.63
N ILE E 2075 53.57 58.22 13.88
CA ILE E 2075 54.43 57.80 14.97
C ILE E 2075 54.49 56.27 15.01
N GLU E 2076 55.71 55.74 15.00
CA GLU E 2076 55.90 54.29 15.00
C GLU E 2076 55.95 53.70 16.40
N ASP E 2077 56.29 54.51 17.40
CA ASP E 2077 56.47 53.99 18.74
C ASP E 2077 55.16 54.07 19.53
N PRO E 2078 54.55 52.93 19.88
CA PRO E 2078 53.31 52.98 20.67
C PRO E 2078 53.48 53.65 22.02
N GLU E 2079 54.65 53.51 22.64
CA GLU E 2079 54.91 54.23 23.88
C GLU E 2079 54.88 55.73 23.67
N LEU E 2080 55.46 56.20 22.56
CA LEU E 2080 55.38 57.62 22.24
C LEU E 2080 53.94 58.05 22.03
N VAL E 2081 53.16 57.24 21.31
CA VAL E 2081 51.77 57.61 21.06
C VAL E 2081 51.02 57.75 22.38
N ARG E 2082 51.19 56.78 23.28
CA ARG E 2082 50.56 56.87 24.58
C ARG E 2082 51.02 58.10 25.34
N ALA E 2083 52.31 58.41 25.28
CA ALA E 2083 52.82 59.56 26.01
C ALA E 2083 52.19 60.85 25.52
N MET E 2084 52.18 61.08 24.20
CA MET E 2084 51.61 62.32 23.69
C MET E 2084 50.13 62.42 23.98
N PHE E 2085 49.38 61.32 23.81
CA PHE E 2085 47.95 61.43 24.02
C PHE E 2085 47.60 61.56 25.50
N VAL E 2086 48.40 60.97 26.38
CA VAL E 2086 48.22 61.20 27.82
C VAL E 2086 48.47 62.67 28.14
N LEU E 2087 49.52 63.25 27.57
CA LEU E 2087 49.78 64.67 27.82
C LEU E 2087 48.65 65.54 27.31
N LEU E 2088 48.16 65.25 26.10
CA LEU E 2088 47.06 66.04 25.54
C LEU E 2088 45.81 65.94 26.39
N HIS E 2089 45.47 64.74 26.83
CA HIS E 2089 44.31 64.57 27.70
C HIS E 2089 44.50 65.29 29.02
N ARG E 2090 45.71 65.27 29.58
CA ARG E 2090 45.95 66.00 30.81
C ARG E 2090 45.77 67.50 30.62
N GLN E 2091 46.26 68.05 29.51
CA GLN E 2091 46.06 69.47 29.26
C GLN E 2091 44.59 69.81 29.13
N TYR E 2092 43.83 68.97 28.43
CA TYR E 2092 42.42 69.32 28.20
C TYR E 2092 41.58 69.13 29.46
N ASP E 2093 41.82 68.06 30.21
CA ASP E 2093 41.08 67.80 31.44
C ASP E 2093 41.90 68.25 32.64
N GLY E 2094 41.96 69.57 32.82
CA GLY E 2094 42.71 70.11 33.94
C GLY E 2094 42.06 69.81 35.28
N ILE E 2095 40.73 69.87 35.33
CA ILE E 2095 40.02 69.64 36.59
C ILE E 2095 40.19 68.21 37.06
N GLY E 2096 40.41 67.27 36.13
CA GLY E 2096 40.68 65.90 36.52
C GLY E 2096 41.95 65.72 37.31
N GLY E 2097 42.98 66.51 37.02
CA GLY E 2097 44.19 66.48 37.83
C GLY E 2097 43.91 66.84 39.27
N LEU E 2098 43.11 67.89 39.49
CA LEU E 2098 42.70 68.24 40.85
C LEU E 2098 41.86 67.14 41.48
N VAL E 2099 40.94 66.54 40.71
CA VAL E 2099 40.10 65.49 41.24
C VAL E 2099 40.94 64.31 41.71
N ARG E 2100 42.01 63.98 40.99
CA ARG E 2100 42.89 62.91 41.40
C ARG E 2100 43.85 63.31 42.51
N ALA E 2101 44.25 64.59 42.58
CA ALA E 2101 45.30 65.00 43.49
C ALA E 2101 44.77 65.31 44.88
N LEU E 2102 43.62 65.98 44.96
CA LEU E 2102 43.10 66.40 46.26
C LEU E 2102 42.90 65.26 47.25
N PRO E 2103 42.39 64.08 46.87
CA PRO E 2103 42.32 62.98 47.83
C PRO E 2103 43.67 62.58 48.40
N LYS E 2104 44.76 62.84 47.69
CA LYS E 2104 46.10 62.53 48.17
C LYS E 2104 46.73 63.71 48.90
N THR E 2105 45.97 64.78 49.14
CA THR E 2105 46.48 65.97 49.79
C THR E 2105 46.20 65.90 51.29
N TYR E 2106 47.23 66.16 52.09
CA TYR E 2106 47.09 66.20 53.53
C TYR E 2106 47.82 67.43 54.08
N THR E 2107 47.24 68.02 55.12
CA THR E 2107 47.82 69.16 55.79
C THR E 2107 48.17 68.77 57.22
N ILE E 2108 49.39 69.10 57.65
CA ILE E 2108 49.87 68.76 58.98
C ILE E 2108 50.30 70.03 59.69
N ASN E 2109 50.29 69.98 61.01
CA ASN E 2109 50.75 71.12 61.81
C ASN E 2109 52.25 71.29 61.65
N GLY E 2110 52.70 72.53 61.87
CA GLY E 2110 54.12 72.82 61.75
C GLY E 2110 54.99 72.07 62.73
N VAL E 2111 54.46 71.75 63.91
CA VAL E 2111 55.27 71.07 64.93
C VAL E 2111 55.54 69.62 64.53
N SER E 2112 54.68 69.04 63.69
CA SER E 2112 54.79 67.64 63.33
C SER E 2112 55.63 67.42 62.06
N VAL E 2113 56.28 68.45 61.55
CA VAL E 2113 56.94 68.35 60.26
C VAL E 2113 58.07 67.34 60.31
N GLU E 2114 58.92 67.41 61.33
CA GLU E 2114 60.06 66.52 61.40
C GLU E 2114 59.64 65.06 61.56
N ASP E 2115 58.67 64.80 62.42
CA ASP E 2115 58.18 63.44 62.60
C ASP E 2115 57.54 62.92 61.32
N THR E 2116 56.79 63.78 60.62
CA THR E 2116 56.19 63.36 59.36
C THR E 2116 57.24 63.04 58.32
N ILE E 2117 58.32 63.83 58.26
CA ILE E 2117 59.39 63.54 57.31
C ILE E 2117 60.05 62.21 57.64
N ASN E 2118 60.30 61.95 58.92
CA ASN E 2118 60.89 60.66 59.30
C ASN E 2118 59.97 59.51 58.92
N LEU E 2119 58.67 59.65 59.17
CA LEU E 2119 57.75 58.59 58.81
C LEU E 2119 57.66 58.42 57.30
N LEU E 2120 57.73 59.51 56.55
CA LEU E 2120 57.72 59.42 55.09
C LEU E 2120 58.97 58.69 54.59
N ALA E 2121 60.12 58.96 55.19
CA ALA E 2121 61.33 58.23 54.82
C ALA E 2121 61.20 56.75 55.13
N SER E 2122 60.61 56.42 56.28
CA SER E 2122 60.41 55.02 56.62
C SER E 2122 59.48 54.35 55.62
N LEU E 2123 58.40 55.03 55.24
CA LEU E 2123 57.46 54.48 54.27
C LEU E 2123 58.13 54.30 52.91
N GLY E 2124 58.98 55.24 52.52
CA GLY E 2124 59.76 55.08 51.30
C GLY E 2124 60.71 53.91 51.33
N GLN E 2125 61.38 53.70 52.46
CA GLN E 2125 62.23 52.52 52.60
C GLN E 2125 61.43 51.23 52.47
N ILE E 2126 60.25 51.18 53.08
CA ILE E 2126 59.40 50.00 52.92
C ILE E 2126 58.96 49.84 51.47
N ARG E 2127 58.57 50.92 50.81
CA ARG E 2127 58.13 50.87 49.43
C ARG E 2127 59.21 50.39 48.49
N SER E 2128 60.45 50.83 48.69
CA SER E 2128 61.54 50.42 47.81
C SER E 2128 61.79 48.92 47.88
N LEU E 2129 61.38 48.28 48.97
CA LEU E 2129 61.59 46.84 49.10
C LEU E 2129 60.74 46.04 48.12
N LEU E 2130 59.71 46.66 47.54
CA LEU E 2130 58.92 45.97 46.52
C LEU E 2130 59.76 45.68 45.29
N SER E 2131 60.68 46.58 44.96
CA SER E 2131 61.48 46.41 43.75
C SER E 2131 62.55 45.33 43.90
N VAL E 2132 62.91 44.98 45.13
CA VAL E 2132 63.95 44.00 45.36
C VAL E 2132 63.30 42.68 45.76
N ARG E 2133 64.04 41.60 45.58
CA ARG E 2133 63.54 40.28 45.95
C ARG E 2133 63.79 40.02 47.42
N MET E 2134 63.00 39.11 47.99
CA MET E 2134 63.02 38.85 49.41
C MET E 2134 64.34 38.22 49.83
N GLY E 2135 64.92 38.73 50.92
CA GLY E 2135 66.15 38.19 51.47
C GLY E 2135 66.27 38.51 52.95
N LYS E 2136 67.41 38.12 53.52
CA LYS E 2136 67.63 38.33 54.95
C LYS E 2136 67.77 39.82 55.27
N GLU E 2137 68.60 40.52 54.49
CA GLU E 2137 68.79 41.95 54.73
C GLU E 2137 67.51 42.73 54.46
N GLU E 2138 66.76 42.34 53.44
CA GLU E 2138 65.48 42.99 53.18
C GLU E 2138 64.50 42.72 54.31
N GLU E 2139 64.53 41.52 54.88
CA GLU E 2139 63.70 41.21 56.04
C GLU E 2139 64.03 42.12 57.20
N LYS E 2140 65.33 42.30 57.48
CA LYS E 2140 65.73 43.18 58.57
C LYS E 2140 65.30 44.62 58.31
N LEU E 2141 65.50 45.09 57.08
CA LEU E 2141 65.10 46.46 56.73
C LEU E 2141 63.60 46.64 56.90
N MET E 2142 62.81 45.68 56.42
CA MET E 2142 61.38 45.74 56.58
C MET E 2142 60.97 45.75 58.05
N ILE E 2143 61.62 44.93 58.86
CA ILE E 2143 61.25 44.85 60.27
C ILE E 2143 61.50 46.17 60.99
N ARG E 2144 62.70 46.75 60.87
CA ARG E 2144 62.93 47.96 61.64
C ARG E 2144 62.21 49.14 61.00
N GLY E 2145 61.94 49.08 59.70
CA GLY E 2145 61.09 50.08 59.07
C GLY E 2145 59.68 50.09 59.60
N LEU E 2146 59.08 48.92 59.78
CA LEU E 2146 57.79 48.86 60.46
C LEU E 2146 57.88 49.30 61.91
N GLY E 2147 58.97 48.97 62.61
CA GLY E 2147 59.14 49.40 63.98
C GLY E 2147 59.14 50.92 64.13
N ASP E 2148 59.82 51.61 63.22
CA ASP E 2148 59.83 53.06 63.24
C ASP E 2148 58.42 53.62 63.05
N ILE E 2149 57.63 52.97 62.19
CA ILE E 2149 56.27 53.44 61.95
C ILE E 2149 55.43 53.35 63.23
N MET E 2150 55.53 52.22 63.94
CA MET E 2150 54.85 52.10 65.22
C MET E 2150 55.34 53.14 66.21
N ASN E 2151 56.64 53.37 66.26
CA ASN E 2151 57.18 54.31 67.26
C ASN E 2151 56.76 55.75 66.96
N ASN E 2152 56.59 56.10 65.69
CA ASN E 2152 56.26 57.48 65.35
C ASN E 2152 54.86 57.85 65.83
N LYS E 2153 54.75 59.06 66.38
CA LYS E 2153 53.48 59.52 66.92
C LYS E 2153 52.50 59.91 65.82
N VAL E 2154 53.01 60.29 64.64
CA VAL E 2154 52.14 60.70 63.55
C VAL E 2154 51.27 59.54 63.09
N PHE E 2155 51.76 58.31 63.28
CA PHE E 2155 51.01 57.13 62.84
C PHE E 2155 49.66 57.05 63.52
N TYR E 2156 49.59 57.41 64.81
CA TYR E 2156 48.35 57.35 65.55
C TYR E 2156 47.52 58.63 65.37
N GLN E 2157 48.18 59.79 65.35
CA GLN E 2157 47.45 61.05 65.32
C GLN E 2157 46.79 61.30 63.97
N HIS E 2158 47.34 60.74 62.89
CA HIS E 2158 46.85 60.97 61.54
C HIS E 2158 46.63 59.64 60.83
N PRO E 2159 45.62 58.87 61.22
CA PRO E 2159 45.35 57.61 60.51
C PRO E 2159 44.86 57.83 59.09
N ASN E 2160 44.16 58.95 58.85
CA ASN E 2160 43.73 59.25 57.49
C ASN E 2160 44.91 59.47 56.56
N LEU E 2161 45.95 60.14 57.04
CA LEU E 2161 47.16 60.31 56.24
C LEU E 2161 47.76 58.97 55.87
N MET E 2162 47.81 58.02 56.82
CA MET E 2162 48.42 56.73 56.54
C MET E 2162 47.59 55.94 55.55
N ARG E 2163 46.26 55.99 55.71
CA ARG E 2163 45.39 55.32 54.75
C ARG E 2163 45.52 55.91 53.37
N ALA E 2164 45.64 57.24 53.26
CA ALA E 2164 45.85 57.87 51.96
C ALA E 2164 47.20 57.48 51.37
N LEU E 2165 48.24 57.41 52.19
CA LEU E 2165 49.56 57.01 51.75
C LEU E 2165 49.55 55.55 51.32
N GLY E 2166 48.54 54.81 51.79
CA GLY E 2166 48.36 53.44 51.38
C GLY E 2166 49.44 52.50 51.87
N MET E 2167 49.82 52.63 53.13
CA MET E 2167 50.84 51.76 53.70
C MET E 2167 50.35 50.31 53.77
N HIS E 2168 49.08 50.12 54.11
CA HIS E 2168 48.57 48.76 54.26
C HIS E 2168 48.59 47.99 52.95
N GLU E 2169 48.33 48.66 51.82
CA GLU E 2169 48.50 47.99 50.54
C GLU E 2169 49.94 47.57 50.31
N THR E 2170 50.90 48.41 50.67
CA THR E 2170 52.31 48.06 50.48
C THR E 2170 52.70 46.86 51.32
N VAL E 2171 52.29 46.86 52.60
CA VAL E 2171 52.59 45.71 53.46
C VAL E 2171 51.92 44.46 52.92
N MET E 2172 50.70 44.60 52.44
CA MET E 2172 50.00 43.48 51.81
C MET E 2172 50.81 42.95 50.63
N GLU E 2173 51.31 43.86 49.80
CA GLU E 2173 52.03 43.43 48.59
C GLU E 2173 53.31 42.69 48.96
N VAL E 2174 54.01 43.16 49.99
CA VAL E 2174 55.20 42.43 50.44
C VAL E 2174 54.82 41.03 50.92
N MET E 2175 53.74 40.94 51.70
CA MET E 2175 53.31 39.64 52.19
C MET E 2175 52.89 38.72 51.04
N VAL E 2176 52.20 39.26 50.03
CA VAL E 2176 51.84 38.50 48.84
C VAL E 2176 53.08 38.02 48.13
N ASN E 2177 54.10 38.87 48.04
CA ASN E 2177 55.35 38.46 47.40
C ASN E 2177 55.95 37.27 48.12
N VAL E 2178 55.95 37.30 49.46
CA VAL E 2178 56.53 36.18 50.22
C VAL E 2178 55.70 34.91 50.03
N LEU E 2179 54.38 35.04 50.13
CA LEU E 2179 53.53 33.85 50.01
C LEU E 2179 53.55 33.27 48.61
N GLY E 2180 53.75 34.10 47.58
CA GLY E 2180 54.03 33.57 46.26
C GLY E 2180 55.39 32.89 46.20
N GLY E 2181 56.40 33.53 46.81
CA GLY E 2181 57.74 32.98 46.84
C GLY E 2181 58.01 32.19 48.11
N GLY E 2182 57.10 31.27 48.43
CA GLY E 2182 57.32 30.34 49.52
C GLY E 2182 56.11 29.96 50.37
N GLU E 2183 54.92 30.04 49.78
CA GLU E 2183 53.71 29.51 50.40
C GLU E 2183 53.70 27.99 50.39
N SER E 2184 53.74 27.34 49.22
CA SER E 2184 53.62 25.89 49.16
C SER E 2184 54.86 25.20 49.70
N LYS E 2185 56.02 25.84 49.56
CA LYS E 2185 57.29 25.27 50.03
C LYS E 2185 57.54 25.55 51.50
N GLU E 2186 56.48 25.78 52.29
CA GLU E 2186 56.54 26.17 53.70
C GLU E 2186 57.03 27.60 53.79
N ILE E 2187 56.41 28.38 54.67
CA ILE E 2187 56.59 29.83 54.69
C ILE E 2187 58.04 30.19 55.00
N THR E 2188 58.75 30.72 54.01
CA THR E 2188 60.09 31.22 54.24
C THR E 2188 60.03 32.64 54.79
N PHE E 2189 61.08 33.01 55.52
CA PHE E 2189 61.15 34.27 56.24
C PHE E 2189 59.89 34.47 57.09
N PRO E 2190 59.58 33.53 57.99
CA PRO E 2190 58.32 33.65 58.74
C PRO E 2190 58.29 34.85 59.66
N LYS E 2191 59.45 35.33 60.12
CA LYS E 2191 59.47 36.44 61.06
C LYS E 2191 58.89 37.71 60.44
N MET E 2192 59.27 38.01 59.20
CA MET E 2192 58.78 39.23 58.59
C MET E 2192 57.29 39.13 58.26
N VAL E 2193 56.84 37.93 57.88
CA VAL E 2193 55.40 37.72 57.67
C VAL E 2193 54.64 37.95 58.96
N ALA E 2194 55.17 37.44 60.07
CA ALA E 2194 54.55 37.66 61.37
C ALA E 2194 54.50 39.15 61.72
N ASN E 2195 55.60 39.85 61.46
CA ASN E 2195 55.64 41.29 61.75
C ASN E 2195 54.64 42.05 60.87
N CYS E 2196 54.53 41.68 59.60
CA CYS E 2196 53.56 42.31 58.71
C CYS E 2196 52.14 42.08 59.22
N CYS E 2197 51.84 40.85 59.63
CA CYS E 2197 50.49 40.55 60.12
C CYS E 2197 50.20 41.31 61.40
N ARG E 2198 51.17 41.40 62.30
CA ARG E 2198 50.98 42.18 63.52
C ARG E 2198 50.74 43.65 63.20
N PHE E 2199 51.51 44.19 62.25
CA PHE E 2199 51.34 45.57 61.85
C PHE E 2199 49.95 45.80 61.27
N LEU E 2200 49.49 44.88 60.44
CA LEU E 2200 48.18 45.03 59.83
C LEU E 2200 47.05 44.93 60.85
N CYS E 2201 47.18 44.03 61.83
CA CYS E 2201 46.20 43.95 62.91
C CYS E 2201 46.18 45.22 63.75
N TYR E 2202 47.35 45.76 64.07
CA TYR E 2202 47.40 47.04 64.76
C TYR E 2202 46.77 48.14 63.93
N PHE E 2203 46.97 48.10 62.61
CA PHE E 2203 46.34 49.06 61.71
C PHE E 2203 44.82 48.95 61.81
N CYS E 2204 44.29 47.73 61.87
CA CYS E 2204 42.86 47.54 62.05
C CYS E 2204 42.39 48.15 63.37
N ARG E 2205 43.15 47.91 64.44
CA ARG E 2205 42.74 48.39 65.75
C ARG E 2205 42.90 49.90 65.93
N ILE E 2206 43.72 50.56 65.10
CA ILE E 2206 43.91 52.01 65.27
C ILE E 2206 42.60 52.76 65.06
N SER E 2207 41.91 52.50 63.96
CA SER E 2207 40.70 53.25 63.65
C SER E 2207 39.71 52.35 62.92
N ARG E 2208 38.44 52.72 63.01
CA ARG E 2208 37.39 51.90 62.42
C ARG E 2208 37.40 52.00 60.90
N GLN E 2209 37.77 53.17 60.35
CA GLN E 2209 37.88 53.31 58.90
C GLN E 2209 38.99 52.41 58.36
N ASN E 2210 40.12 52.37 59.06
CA ASN E 2210 41.20 51.46 58.66
C ASN E 2210 40.71 50.02 58.66
N GLN E 2211 39.82 49.69 59.59
CA GLN E 2211 39.27 48.33 59.62
C GLN E 2211 38.50 48.02 58.34
N LYS E 2212 37.71 48.97 57.84
CA LYS E 2212 36.99 48.75 56.59
C LYS E 2212 37.96 48.68 55.41
N ALA E 2213 38.94 49.57 55.38
CA ALA E 2213 39.92 49.54 54.30
C ALA E 2213 40.64 48.20 54.27
N MET E 2214 40.90 47.62 55.44
CA MET E 2214 41.55 46.33 55.49
C MET E 2214 40.59 45.21 55.11
N PHE E 2215 39.32 45.34 55.52
CA PHE E 2215 38.31 44.36 55.17
C PHE E 2215 38.11 44.27 53.66
N ASP E 2216 38.37 45.36 52.95
CA ASP E 2216 38.25 45.31 51.50
C ASP E 2216 39.21 44.32 50.86
N HIS E 2217 40.24 43.87 51.57
CA HIS E 2217 41.17 42.87 51.07
C HIS E 2217 40.90 41.48 51.64
N LEU E 2218 39.69 41.23 52.13
CA LEU E 2218 39.41 40.00 52.84
C LEU E 2218 39.54 38.78 51.94
N SER E 2219 39.15 38.90 50.67
CA SER E 2219 39.08 37.74 49.79
C SER E 2219 40.45 37.09 49.62
N TYR E 2220 41.47 37.89 49.39
CA TYR E 2220 42.82 37.33 49.23
C TYR E 2220 43.30 36.69 50.52
N LEU E 2221 43.08 37.37 51.64
CA LEU E 2221 43.57 36.88 52.92
C LEU E 2221 42.95 35.53 53.26
N LEU E 2222 41.65 35.39 53.01
CA LEU E 2222 40.99 34.12 53.29
C LEU E 2222 41.53 33.01 52.39
N GLU E 2223 41.97 33.35 51.18
CA GLU E 2223 42.58 32.33 50.33
C GLU E 2223 43.97 31.98 50.82
N ASN E 2224 44.68 32.93 51.43
CA ASN E 2224 45.96 32.68 52.07
C ASN E 2224 45.81 32.46 53.58
N SER E 2225 44.67 31.94 54.02
CA SER E 2225 44.49 31.66 55.43
C SER E 2225 45.47 30.60 55.92
N SER E 2226 45.69 29.55 55.12
CA SER E 2226 46.51 28.42 55.55
C SER E 2226 47.99 28.71 55.27
N VAL E 2227 48.51 29.67 56.03
CA VAL E 2227 49.92 30.07 55.94
C VAL E 2227 50.73 29.49 57.08
N GLY E 2228 50.39 29.85 58.32
CA GLY E 2228 51.15 29.38 59.46
C GLY E 2228 50.27 28.99 60.63
N LEU E 2229 49.06 28.51 60.33
CA LEU E 2229 48.11 28.18 61.38
C LEU E 2229 48.65 27.06 62.27
N ALA E 2230 49.23 26.03 61.67
CA ALA E 2230 49.66 24.88 62.45
C ALA E 2230 50.93 25.17 63.25
N SER E 2231 51.61 26.27 62.95
CA SER E 2231 52.84 26.61 63.66
C SER E 2231 52.52 27.55 64.82
N PRO E 2232 52.67 27.10 66.06
CA PRO E 2232 52.46 28.00 67.21
C PRO E 2232 53.61 28.99 67.31
N ALA E 2233 53.53 29.84 68.34
CA ALA E 2233 54.45 30.96 68.56
C ALA E 2233 54.32 31.99 67.45
N MET E 2234 53.43 31.72 66.50
CA MET E 2234 53.08 32.64 65.43
C MET E 2234 51.59 32.98 65.49
N ARG E 2235 50.89 32.51 66.53
CA ARG E 2235 49.49 32.82 66.71
C ARG E 2235 49.28 34.33 66.81
N GLY E 2236 48.23 34.82 66.16
CA GLY E 2236 48.02 36.24 66.04
C GLY E 2236 48.85 36.91 64.98
N SER E 2237 49.62 36.14 64.21
CA SER E 2237 50.48 36.68 63.18
C SER E 2237 50.31 35.99 61.83
N THR E 2238 49.16 35.38 61.58
CA THR E 2238 48.88 34.78 60.29
C THR E 2238 47.85 35.62 59.56
N PRO E 2239 47.74 35.47 58.23
CA PRO E 2239 46.74 36.24 57.49
C PRO E 2239 45.31 35.99 57.96
N LEU E 2240 45.03 34.80 58.49
CA LEU E 2240 43.72 34.55 59.06
C LEU E 2240 43.45 35.45 60.26
N ASP E 2241 44.45 35.67 61.11
CA ASP E 2241 44.30 36.60 62.21
C ASP E 2241 44.05 38.01 61.72
N VAL E 2242 44.70 38.40 60.62
CA VAL E 2242 44.49 39.72 60.06
C VAL E 2242 43.07 39.85 59.55
N ALA E 2243 42.54 38.80 58.91
CA ALA E 2243 41.15 38.81 58.48
C ALA E 2243 40.20 38.92 59.66
N ALA E 2244 40.50 38.20 60.74
CA ALA E 2244 39.68 38.31 61.94
C ALA E 2244 39.69 39.73 62.50
N ALA E 2245 40.86 40.37 62.52
CA ALA E 2245 40.93 41.77 62.92
C ALA E 2245 40.17 42.68 61.96
N SER E 2246 40.14 42.31 60.67
CA SER E 2246 39.39 43.10 59.69
C SER E 2246 37.89 43.04 59.94
N VAL E 2247 37.39 41.88 60.38
CA VAL E 2247 35.96 41.71 60.51
C VAL E 2247 35.57 41.57 61.99
N MET E 2248 36.42 42.07 62.87
CA MET E 2248 36.21 41.96 64.31
C MET E 2248 35.43 43.18 64.80
N ASP E 2249 34.34 42.93 65.53
CA ASP E 2249 33.57 43.90 66.30
C ASP E 2249 32.95 45.01 65.46
N ASN E 2250 32.86 44.84 64.14
CA ASN E 2250 32.21 45.83 63.28
C ASN E 2250 30.94 45.20 62.73
N ASN E 2251 29.78 45.70 63.16
CA ASN E 2251 28.52 45.17 62.67
C ASN E 2251 28.38 45.38 61.17
N GLU E 2252 28.77 46.56 60.68
CA GLU E 2252 28.65 46.85 59.25
C GLU E 2252 29.47 45.86 58.43
N LEU E 2253 30.72 45.65 58.82
CA LEU E 2253 31.58 44.73 58.08
C LEU E 2253 31.10 43.29 58.21
N ALA E 2254 30.63 42.89 59.40
CA ALA E 2254 30.12 41.54 59.58
C ALA E 2254 28.92 41.29 58.68
N LEU E 2255 28.01 42.25 58.60
CA LEU E 2255 26.87 42.12 57.70
C LEU E 2255 27.32 42.11 56.24
N ALA E 2256 28.28 42.96 55.89
CA ALA E 2256 28.73 43.03 54.50
C ALA E 2256 29.47 41.77 54.08
N LEU E 2257 29.95 41.00 55.06
CA LEU E 2257 30.66 39.76 54.78
C LEU E 2257 29.77 38.80 54.00
N ARG E 2258 30.33 38.22 52.94
CA ARG E 2258 29.55 37.42 52.01
C ARG E 2258 29.55 35.95 52.42
N GLU E 2259 28.68 35.18 51.77
CA GLU E 2259 28.56 33.75 51.99
C GLU E 2259 29.73 32.95 51.40
N PRO E 2260 30.21 33.26 50.20
CA PRO E 2260 31.40 32.53 49.71
C PRO E 2260 32.62 32.69 50.60
N ASP E 2261 32.77 33.85 51.24
CA ASP E 2261 33.90 34.03 52.15
C ASP E 2261 33.82 33.06 53.32
N LEU E 2262 32.63 32.85 53.87
CA LEU E 2262 32.46 31.83 54.90
C LEU E 2262 32.63 30.44 54.32
N GLU E 2263 32.22 30.24 53.07
CA GLU E 2263 32.34 28.93 52.44
C GLU E 2263 33.78 28.51 52.30
N LYS E 2264 34.67 29.46 52.02
CA LYS E 2264 36.10 29.15 51.95
C LYS E 2264 36.60 28.62 53.28
N VAL E 2265 36.21 29.28 54.38
CA VAL E 2265 36.65 28.85 55.70
C VAL E 2265 36.06 27.49 56.04
N VAL E 2266 34.79 27.26 55.65
CA VAL E 2266 34.16 25.98 55.91
C VAL E 2266 34.88 24.86 55.15
N ARG E 2267 35.27 25.14 53.91
CA ARG E 2267 36.01 24.15 53.13
C ARG E 2267 37.37 23.86 53.75
N TYR E 2268 38.06 24.90 54.21
CA TYR E 2268 39.34 24.69 54.89
C TYR E 2268 39.16 23.84 56.14
N LEU E 2269 38.13 24.13 56.93
CA LEU E 2269 37.86 23.36 58.13
C LEU E 2269 37.50 21.91 57.80
N ALA E 2270 36.75 21.69 56.72
CA ALA E 2270 36.47 20.33 56.27
C ALA E 2270 37.75 19.60 55.90
N GLY E 2271 38.64 20.27 55.18
CA GLY E 2271 39.92 19.65 54.85
C GLY E 2271 40.72 19.30 56.10
N CYS E 2272 40.75 20.21 57.06
CA CYS E 2272 41.46 19.96 58.31
C CYS E 2272 40.82 18.85 59.14
N GLY E 2273 39.51 18.65 59.03
CA GLY E 2273 38.85 17.59 59.75
C GLY E 2273 38.99 16.25 59.06
N LEU E 2274 39.24 16.27 57.75
CA LEU E 2274 39.39 15.03 57.02
C LEU E 2274 40.83 14.53 57.00
N GLN E 2275 41.79 15.42 56.75
CA GLN E 2275 43.18 15.01 56.58
C GLN E 2275 44.04 15.60 57.69
N SER E 2276 45.09 14.87 58.04
CA SER E 2276 46.00 15.29 59.09
C SER E 2276 46.98 16.34 58.59
N CYS E 2277 47.78 16.86 59.52
CA CYS E 2277 48.75 17.89 59.17
C CYS E 2277 50.04 17.26 58.66
N GLN E 2278 50.36 17.57 57.40
CA GLN E 2278 51.56 17.02 56.76
C GLN E 2278 52.83 17.46 57.45
N MET E 2279 52.92 18.73 57.85
CA MET E 2279 54.12 19.19 58.52
C MET E 2279 54.30 18.56 59.89
N LEU E 2280 53.20 18.36 60.64
CA LEU E 2280 53.29 17.64 61.90
C LEU E 2280 53.70 16.19 61.72
N VAL E 2281 53.11 15.47 60.76
CA VAL E 2281 53.53 14.09 60.58
C VAL E 2281 54.96 14.03 60.06
N SER E 2282 55.41 15.07 59.35
CA SER E 2282 56.82 15.15 58.98
C SER E 2282 57.70 15.30 60.21
N LYS E 2283 57.30 16.14 61.16
CA LYS E 2283 58.04 16.22 62.42
C LYS E 2283 57.91 14.96 63.23
N GLY E 2284 56.96 14.08 62.91
CA GLY E 2284 56.84 12.81 63.58
C GLY E 2284 55.74 12.71 64.61
N TYR E 2285 54.79 13.64 64.61
CA TYR E 2285 53.66 13.53 65.52
C TYR E 2285 52.84 12.29 65.17
N PRO E 2286 52.24 11.64 66.18
CA PRO E 2286 51.39 10.49 65.89
C PRO E 2286 50.26 10.87 64.96
N ASP E 2287 50.02 10.02 63.96
CA ASP E 2287 49.15 10.35 62.85
C ASP E 2287 47.71 9.99 63.20
N ILE E 2288 46.93 10.98 63.61
CA ILE E 2288 45.49 10.89 63.70
C ILE E 2288 44.90 11.48 62.43
N GLY E 2289 43.75 10.98 62.01
CA GLY E 2289 43.25 11.31 60.69
C GLY E 2289 42.95 12.78 60.49
N TRP E 2290 42.72 13.51 61.57
CA TRP E 2290 42.23 14.88 61.49
C TRP E 2290 43.21 15.86 62.12
N ASN E 2291 43.01 17.14 61.82
CA ASN E 2291 43.90 18.21 62.24
C ASN E 2291 43.21 19.16 63.21
N PRO E 2292 43.45 19.03 64.52
CA PRO E 2292 42.83 19.97 65.45
C PRO E 2292 43.46 21.35 65.43
N VAL E 2293 44.79 21.41 65.28
CA VAL E 2293 45.51 22.67 65.44
C VAL E 2293 45.07 23.66 64.36
N GLU E 2294 44.99 23.19 63.12
CA GLU E 2294 44.55 24.08 62.05
C GLU E 2294 43.06 24.37 62.15
N GLY E 2295 42.27 23.40 62.58
CA GLY E 2295 40.83 23.59 62.65
C GLY E 2295 40.42 24.64 63.67
N GLU E 2296 41.14 24.71 64.78
CA GLU E 2296 40.79 25.67 65.82
C GLU E 2296 40.89 27.12 65.33
N ARG E 2297 41.87 27.42 64.50
CA ARG E 2297 42.03 28.78 63.98
C ARG E 2297 40.83 29.17 63.12
N TYR E 2298 40.42 28.28 62.22
CA TYR E 2298 39.24 28.53 61.41
C TYR E 2298 37.99 28.66 62.25
N LEU E 2299 37.87 27.85 63.30
CA LEU E 2299 36.76 28.00 64.22
C LEU E 2299 36.75 29.37 64.89
N ASP E 2300 37.92 29.87 65.29
CA ASP E 2300 37.99 31.21 65.87
C ASP E 2300 37.56 32.28 64.87
N PHE E 2301 38.01 32.16 63.62
CA PHE E 2301 37.61 33.14 62.62
C PHE E 2301 36.10 33.11 62.40
N LEU E 2302 35.52 31.91 62.33
CA LEU E 2302 34.08 31.80 62.18
C LEU E 2302 33.36 32.40 63.38
N ARG E 2303 33.91 32.20 64.57
CA ARG E 2303 33.34 32.82 65.77
C ARG E 2303 33.30 34.33 65.64
N PHE E 2304 34.41 34.93 65.25
CA PHE E 2304 34.45 36.38 65.06
C PHE E 2304 33.53 36.85 63.94
N ALA E 2305 33.31 36.01 62.94
CA ALA E 2305 32.39 36.39 61.86
C ALA E 2305 30.94 36.36 62.32
N VAL E 2306 30.58 35.41 63.17
CA VAL E 2306 29.17 35.23 63.51
C VAL E 2306 28.76 36.04 64.72
N PHE E 2307 29.67 36.30 65.65
CA PHE E 2307 29.32 36.88 66.94
C PHE E 2307 30.00 38.24 67.06
N CYS E 2308 29.24 39.27 67.40
CA CYS E 2308 29.74 40.63 67.41
C CYS E 2308 29.09 41.44 68.51
N ASN E 2309 29.92 42.07 69.35
CA ASN E 2309 29.48 43.00 70.38
C ASN E 2309 28.46 42.36 71.32
N GLY E 2310 28.70 41.11 71.69
CA GLY E 2310 27.80 40.41 72.58
C GLY E 2310 26.55 39.92 71.87
N GLU E 2311 26.25 40.50 70.72
CA GLU E 2311 25.13 40.07 69.90
C GLU E 2311 25.59 39.02 68.90
N SER E 2312 24.65 38.18 68.49
CA SER E 2312 24.89 37.16 67.46
C SER E 2312 24.29 37.62 66.15
N VAL E 2313 25.15 37.80 65.15
CA VAL E 2313 24.69 38.19 63.82
C VAL E 2313 23.91 37.01 63.24
N GLU E 2314 22.58 37.15 63.18
CA GLU E 2314 21.73 36.04 62.77
C GLU E 2314 22.01 35.63 61.33
N GLU E 2315 22.20 36.61 60.45
CA GLU E 2315 22.41 36.29 59.04
C GLU E 2315 23.67 35.46 58.84
N ASN E 2316 24.75 35.82 59.55
CA ASN E 2316 25.98 35.05 59.45
C ASN E 2316 25.87 33.70 60.14
N ALA E 2317 25.23 33.67 61.32
CA ALA E 2317 25.12 32.43 62.08
C ALA E 2317 24.31 31.39 61.32
N ASN E 2318 23.23 31.82 60.66
CA ASN E 2318 22.43 30.88 59.88
C ASN E 2318 23.22 30.27 58.74
N VAL E 2319 24.01 31.08 58.03
CA VAL E 2319 24.84 30.55 56.97
C VAL E 2319 25.86 29.57 57.52
N VAL E 2320 26.51 29.94 58.62
CA VAL E 2320 27.59 29.10 59.16
C VAL E 2320 27.05 27.77 59.64
N VAL E 2321 25.93 27.79 60.37
CA VAL E 2321 25.37 26.54 60.88
C VAL E 2321 24.94 25.64 59.73
N ARG E 2322 24.30 26.20 58.71
CA ARG E 2322 23.88 25.42 57.56
C ARG E 2322 25.08 24.82 56.84
N LEU E 2323 26.15 25.58 56.66
CA LEU E 2323 27.34 25.02 56.01
C LEU E 2323 27.97 23.92 56.86
N LEU E 2324 28.02 24.13 58.18
CA LEU E 2324 28.64 23.14 59.06
C LEU E 2324 27.86 21.83 59.04
N ILE E 2325 26.53 21.90 59.06
CA ILE E 2325 25.76 20.67 58.97
C ILE E 2325 25.74 20.10 57.57
N ARG E 2326 25.92 20.93 56.54
CA ARG E 2326 26.08 20.43 55.18
C ARG E 2326 27.34 19.58 55.07
N ARG E 2327 28.43 20.01 55.69
CA ARG E 2327 29.65 19.24 55.71
C ARG E 2327 29.95 18.76 57.12
N PRO E 2328 29.43 17.58 57.51
CA PRO E 2328 29.63 17.11 58.89
C PRO E 2328 31.07 16.76 59.22
N GLU E 2329 31.97 16.77 58.24
CA GLU E 2329 33.36 16.42 58.52
C GLU E 2329 34.07 17.51 59.31
N CYS E 2330 33.42 18.66 59.50
CA CYS E 2330 34.04 19.76 60.24
C CYS E 2330 33.82 19.67 61.74
N PHE E 2331 33.12 18.65 62.23
CA PHE E 2331 32.75 18.58 63.64
C PHE E 2331 33.72 17.78 64.48
N GLY E 2332 34.82 17.30 63.90
CA GLY E 2332 35.70 16.39 64.59
C GLY E 2332 35.17 14.97 64.52
N PRO E 2333 36.04 13.99 64.74
CA PRO E 2333 35.60 12.59 64.61
C PRO E 2333 34.48 12.21 65.55
N ALA E 2334 34.47 12.76 66.77
CA ALA E 2334 33.47 12.35 67.75
C ALA E 2334 32.07 12.79 67.34
N LEU E 2335 31.93 14.04 66.91
CA LEU E 2335 30.62 14.60 66.59
C LEU E 2335 30.21 14.35 65.15
N ARG E 2336 30.82 13.37 64.48
CA ARG E 2336 30.35 12.98 63.17
C ARG E 2336 28.93 12.44 63.21
N GLY E 2337 28.61 11.66 64.23
CA GLY E 2337 27.40 10.86 64.23
C GLY E 2337 27.54 9.56 63.49
N GLU E 2338 28.70 9.30 62.87
CA GLU E 2338 28.97 8.07 62.13
C GLU E 2338 29.85 7.20 63.02
N GLY E 2339 29.23 6.49 63.95
CA GLY E 2339 29.98 5.68 64.90
C GLY E 2339 30.90 6.50 65.78
N GLY E 2340 30.43 7.68 66.18
CA GLY E 2340 31.20 8.55 67.03
C GLY E 2340 30.94 8.28 68.50
N ASN E 2341 31.99 8.44 69.31
CA ASN E 2341 31.90 8.18 70.74
C ASN E 2341 31.27 9.33 71.52
N GLY E 2342 31.05 10.47 70.89
CA GLY E 2342 30.44 11.61 71.57
C GLY E 2342 31.49 12.56 72.15
N LEU E 2343 31.02 13.77 72.48
CA LEU E 2343 31.90 14.80 72.99
C LEU E 2343 32.53 14.40 74.32
N LEU E 2344 31.72 13.84 75.22
CA LEU E 2344 32.22 13.49 76.54
C LEU E 2344 33.30 12.41 76.45
N ALA E 2345 33.06 11.37 75.66
CA ALA E 2345 34.07 10.33 75.49
C ALA E 2345 35.29 10.85 74.75
N ALA E 2346 35.09 11.74 73.79
CA ALA E 2346 36.23 12.32 73.09
C ALA E 2346 37.13 13.12 74.02
N MET E 2347 36.55 13.90 74.92
CA MET E 2347 37.39 14.68 75.82
C MET E 2347 38.04 13.79 76.89
N GLU E 2348 37.39 12.69 77.25
CA GLU E 2348 38.08 11.70 78.10
C GLU E 2348 39.29 11.12 77.38
N GLU E 2349 39.12 10.79 76.08
CA GLU E 2349 40.24 10.32 75.28
C GLU E 2349 41.33 11.37 75.21
N ALA E 2350 40.96 12.63 75.06
CA ALA E 2350 41.93 13.72 75.05
C ALA E 2350 42.68 13.82 76.37
N ILE E 2351 41.97 13.64 77.49
CA ILE E 2351 42.64 13.58 78.78
C ILE E 2351 43.69 12.47 78.78
N LYS E 2352 43.28 11.27 78.35
CA LYS E 2352 44.20 10.14 78.32
C LYS E 2352 45.41 10.44 77.46
N ILE E 2353 45.20 11.11 76.32
CA ILE E 2353 46.31 11.54 75.48
C ILE E 2353 47.22 12.48 76.26
N ALA E 2354 46.63 13.40 77.02
CA ALA E 2354 47.40 14.35 77.81
C ALA E 2354 48.28 13.68 78.85
N GLU E 2355 47.79 12.64 79.55
CA GLU E 2355 48.69 11.92 80.44
C GLU E 2355 49.66 11.01 79.72
N ASP E 2356 49.32 10.49 78.55
CA ASP E 2356 50.22 9.60 77.84
C ASP E 2356 51.28 10.39 77.08
N PRO E 2357 52.54 10.36 77.53
CA PRO E 2357 53.58 11.16 76.87
C PRO E 2357 53.90 10.67 75.47
N SER E 2358 53.83 9.36 75.27
CA SER E 2358 54.22 8.78 73.98
C SER E 2358 53.33 9.28 72.85
N ARG E 2359 52.02 9.29 73.05
CA ARG E 2359 51.10 9.73 72.02
C ARG E 2359 50.86 11.24 72.07
N ASP E 2360 51.34 11.91 73.12
CA ASP E 2360 51.14 13.35 73.22
C ASP E 2360 52.19 14.12 72.42
N GLY E 2361 53.47 13.88 72.72
CA GLY E 2361 54.55 14.59 72.08
C GLY E 2361 54.91 14.02 70.73
N PRO E 2362 55.78 14.72 70.00
CA PRO E 2362 56.25 14.23 68.69
C PRO E 2362 56.97 12.90 68.80
N SER E 2363 57.68 12.71 69.92
CA SER E 2363 58.40 11.47 70.19
C SER E 2363 59.43 11.15 69.11
N PRO E 2364 60.53 11.92 69.02
CA PRO E 2364 61.57 11.67 68.01
C PRO E 2364 62.29 10.35 68.25
N GLU E 2377 60.06 23.92 72.69
CA GLU E 2377 59.15 25.05 72.63
C GLU E 2377 57.76 24.60 72.21
N GLU E 2378 56.81 25.55 72.20
CA GLU E 2378 55.44 25.23 71.80
C GLU E 2378 55.37 24.78 70.34
N ASP E 2379 56.08 25.48 69.45
CA ASP E 2379 56.08 25.08 68.04
C ASP E 2379 56.73 23.71 67.86
N ASP E 2380 57.82 23.45 68.57
CA ASP E 2380 58.49 22.15 68.48
C ASP E 2380 57.65 21.07 69.16
N THR E 2381 57.03 21.40 70.29
CA THR E 2381 56.25 20.45 71.07
C THR E 2381 54.84 20.98 71.24
N ILE E 2382 53.91 20.41 70.47
CA ILE E 2382 52.49 20.74 70.58
C ILE E 2382 51.81 19.57 71.29
N HIS E 2383 51.04 19.89 72.33
CA HIS E 2383 50.30 18.85 73.05
C HIS E 2383 49.05 18.46 72.28
N MET E 2384 49.01 17.22 71.78
CA MET E 2384 47.89 16.80 70.95
C MET E 2384 46.59 16.72 71.75
N GLY E 2385 46.67 16.26 73.00
CA GLY E 2385 45.47 16.22 73.83
C GLY E 2385 44.90 17.60 74.06
N ASN E 2386 45.75 18.58 74.40
CA ASN E 2386 45.27 19.94 74.57
C ASN E 2386 44.76 20.51 73.26
N ALA E 2387 45.39 20.15 72.15
CA ALA E 2387 44.93 20.63 70.85
C ALA E 2387 43.53 20.12 70.53
N ILE E 2388 43.28 18.84 70.79
CA ILE E 2388 41.95 18.28 70.56
C ILE E 2388 40.93 18.95 71.49
N MET E 2389 41.32 19.12 72.75
CA MET E 2389 40.45 19.78 73.71
C MET E 2389 40.08 21.18 73.23
N THR E 2390 41.08 21.94 72.79
CA THR E 2390 40.83 23.31 72.34
C THR E 2390 39.99 23.33 71.08
N PHE E 2391 40.21 22.38 70.17
CA PHE E 2391 39.38 22.29 68.97
C PHE E 2391 37.92 22.10 69.32
N TYR E 2392 37.64 21.12 70.19
CA TYR E 2392 36.26 20.89 70.56
C TYR E 2392 35.68 22.08 71.32
N SER E 2393 36.46 22.67 72.22
CA SER E 2393 35.97 23.84 72.93
C SER E 2393 35.61 24.96 71.96
N ALA E 2394 36.44 25.20 70.96
CA ALA E 2394 36.15 26.20 69.96
C ALA E 2394 34.89 25.86 69.16
N LEU E 2395 34.70 24.58 68.82
CA LEU E 2395 33.53 24.20 68.05
C LEU E 2395 32.24 24.44 68.82
N ILE E 2396 32.17 23.94 70.06
CA ILE E 2396 30.97 24.19 70.86
C ILE E 2396 30.81 25.67 71.18
N ASP E 2397 31.90 26.41 71.35
CA ASP E 2397 31.78 27.86 71.54
C ASP E 2397 31.15 28.52 70.32
N LEU E 2398 31.63 28.17 69.13
CA LEU E 2398 31.10 28.75 67.91
C LEU E 2398 29.62 28.42 67.75
N LEU E 2399 29.25 27.17 68.03
CA LEU E 2399 27.85 26.79 67.90
C LEU E 2399 26.98 27.53 68.90
N GLY E 2400 27.46 27.67 70.14
CA GLY E 2400 26.70 28.42 71.13
C GLY E 2400 26.52 29.87 70.72
N ARG E 2401 27.56 30.48 70.15
CA ARG E 2401 27.41 31.85 69.67
C ARG E 2401 26.47 31.93 68.48
N CYS E 2402 26.48 30.92 67.61
CA CYS E 2402 25.58 30.90 66.48
C CYS E 2402 24.13 30.69 66.90
N ALA E 2403 23.91 30.15 68.10
CA ALA E 2403 22.55 29.94 68.57
C ALA E 2403 21.77 31.26 68.58
N PRO E 2404 20.49 31.23 68.25
CA PRO E 2404 19.71 32.48 68.13
C PRO E 2404 19.46 33.13 69.47
N GLU E 2405 19.02 34.39 69.41
CA GLU E 2405 18.83 35.18 70.63
C GLU E 2405 17.50 34.87 71.29
N MET E 2406 17.47 35.10 72.61
CA MET E 2406 16.28 34.78 73.39
C MET E 2406 15.10 35.68 73.04
N HIS E 2407 15.35 36.95 72.74
CA HIS E 2407 14.25 37.82 72.37
C HIS E 2407 13.60 37.37 71.06
N LEU E 2408 14.43 36.97 70.08
CA LEU E 2408 13.88 36.45 68.83
C LEU E 2408 13.13 35.14 69.07
N ILE E 2409 13.69 34.25 69.89
CA ILE E 2409 13.01 32.98 70.09
C ILE E 2409 11.71 33.17 70.86
N HIS E 2410 11.63 34.16 71.74
CA HIS E 2410 10.38 34.50 72.39
C HIS E 2410 9.39 35.09 71.40
N ALA E 2411 9.87 35.93 70.47
CA ALA E 2411 9.03 36.38 69.38
C ALA E 2411 8.52 35.23 68.54
N GLY E 2412 9.24 34.12 68.50
CA GLY E 2412 8.75 32.92 67.86
C GLY E 2412 9.10 32.77 66.40
N LYS E 2413 10.27 33.25 65.99
CA LYS E 2413 10.67 33.09 64.60
C LYS E 2413 10.95 31.63 64.29
N GLY E 2414 10.29 31.13 63.24
CA GLY E 2414 10.44 29.74 62.86
C GLY E 2414 11.86 29.38 62.48
N GLU E 2415 12.55 30.27 61.78
CA GLU E 2415 13.93 29.99 61.41
C GLU E 2415 14.81 29.90 62.65
N ALA E 2416 14.58 30.78 63.62
CA ALA E 2416 15.35 30.75 64.85
C ALA E 2416 15.10 29.47 65.64
N ILE E 2417 13.84 29.07 65.79
CA ILE E 2417 13.56 27.84 66.53
C ILE E 2417 14.12 26.64 65.79
N ARG E 2418 14.09 26.68 64.46
CA ARG E 2418 14.71 25.61 63.67
C ARG E 2418 16.20 25.50 63.95
N ILE E 2419 16.90 26.65 63.95
CA ILE E 2419 18.34 26.64 64.18
C ILE E 2419 18.64 26.11 65.58
N ARG E 2420 17.88 26.57 66.57
CA ARG E 2420 18.11 26.11 67.93
C ARG E 2420 17.84 24.62 68.05
N SER E 2421 16.82 24.10 67.39
CA SER E 2421 16.55 22.66 67.40
C SER E 2421 17.68 21.88 66.74
N ILE E 2422 18.22 22.41 65.64
CA ILE E 2422 19.33 21.73 64.97
C ILE E 2422 20.54 21.66 65.89
N LEU E 2423 20.84 22.76 66.59
CA LEU E 2423 21.96 22.74 67.52
C LEU E 2423 21.72 21.78 68.68
N ARG E 2424 20.47 21.73 69.16
CA ARG E 2424 20.11 20.79 70.21
C ARG E 2424 20.32 19.35 69.76
N SER E 2425 19.96 19.05 68.51
CA SER E 2425 20.23 17.73 67.96
C SER E 2425 21.74 17.48 67.84
N LEU E 2426 22.48 18.51 67.44
CA LEU E 2426 23.92 18.35 67.24
C LEU E 2426 24.62 17.97 68.55
N ILE E 2427 24.30 18.64 69.64
CA ILE E 2427 24.97 18.40 70.91
C ILE E 2427 23.94 17.93 71.94
N PRO E 2428 24.10 16.75 72.53
CA PRO E 2428 23.19 16.33 73.61
C PRO E 2428 23.55 16.99 74.93
N LEU E 2429 22.57 16.99 75.83
CA LEU E 2429 22.74 17.65 77.11
C LEU E 2429 23.68 16.88 78.02
N GLY E 2430 23.57 15.54 78.02
CA GLY E 2430 24.42 14.75 78.89
C GLY E 2430 25.89 14.91 78.61
N ASP E 2431 26.26 15.10 77.35
CA ASP E 2431 27.67 15.32 77.02
C ASP E 2431 28.18 16.61 77.65
N LEU E 2432 27.40 17.69 77.55
CA LEU E 2432 27.81 18.94 78.18
C LEU E 2432 27.90 18.79 79.69
N VAL E 2433 26.94 18.09 80.29
CA VAL E 2433 26.98 17.87 81.73
C VAL E 2433 28.24 17.12 82.13
N GLY E 2434 28.59 16.07 81.38
CA GLY E 2434 29.79 15.33 81.67
C GLY E 2434 31.06 16.14 81.52
N VAL E 2435 31.15 16.95 80.47
CA VAL E 2435 32.32 17.81 80.31
C VAL E 2435 32.44 18.79 81.46
N ILE E 2436 31.33 19.42 81.87
CA ILE E 2436 31.39 20.31 83.02
C ILE E 2436 31.74 19.54 84.29
N SER E 2437 31.30 18.29 84.41
CA SER E 2437 31.60 17.51 85.60
C SER E 2437 33.08 17.14 85.68
N ILE E 2438 33.74 16.97 84.53
CA ILE E 2438 35.16 16.65 84.53
C ILE E 2438 35.93 17.71 85.31
N ALA E 2439 36.81 17.26 86.19
CA ALA E 2439 37.53 18.12 87.11
C ALA E 2439 38.94 18.41 86.61
N PHE E 2440 39.64 19.26 87.36
CA PHE E 2440 40.98 19.70 86.99
C PHE E 2440 42.02 19.08 87.91
N GLN E 2441 43.25 19.02 87.43
CA GLN E 2441 44.36 18.63 88.30
C GLN E 2441 44.71 19.78 89.23
N MET E 2442 45.06 19.44 90.46
CA MET E 2442 45.35 20.51 91.42
C MET E 2442 46.85 20.67 91.60
N PRO E 2443 47.42 21.79 91.19
CA PRO E 2443 48.83 22.07 91.52
C PRO E 2443 49.01 22.14 93.03
N THR E 2444 50.16 21.66 93.50
CA THR E 2444 50.41 21.48 94.92
C THR E 2444 51.79 22.04 95.28
N ILE E 2445 51.99 22.23 96.59
CA ILE E 2445 53.34 22.51 97.07
C ILE E 2445 54.12 21.20 97.17
N ALA E 2446 55.43 21.30 96.93
CA ALA E 2446 56.27 20.13 97.00
C ALA E 2446 56.68 19.85 98.44
N LYS E 2447 57.57 18.87 98.61
CA LYS E 2447 58.08 18.54 99.94
C LYS E 2447 58.80 19.72 100.56
N ASP E 2448 59.60 20.43 99.75
CA ASP E 2448 60.28 21.63 100.24
C ASP E 2448 59.27 22.71 100.59
N GLY E 2449 58.19 22.81 99.83
CA GLY E 2449 57.18 23.84 100.01
C GLY E 2449 56.90 24.66 98.78
N ASN E 2450 57.81 24.67 97.80
CA ASN E 2450 57.57 25.38 96.55
C ASN E 2450 56.44 24.70 95.78
N VAL E 2451 55.59 25.51 95.14
CA VAL E 2451 54.45 24.96 94.42
C VAL E 2451 54.92 24.25 93.17
N VAL E 2452 54.38 23.07 92.91
CA VAL E 2452 54.57 22.38 91.65
C VAL E 2452 53.39 22.69 90.75
N GLU E 2453 53.68 23.12 89.52
CA GLU E 2453 52.65 23.59 88.60
C GLU E 2453 52.66 22.75 87.34
N PRO E 2454 51.61 21.98 87.05
CA PRO E 2454 51.53 21.32 85.75
C PRO E 2454 51.44 22.35 84.64
N ASP E 2455 51.98 21.99 83.47
CA ASP E 2455 51.95 22.89 82.33
C ASP E 2455 50.52 23.18 81.92
N MET E 2456 50.06 24.40 82.20
CA MET E 2456 48.69 24.75 81.86
C MET E 2456 48.42 24.69 80.35
N SER E 2457 49.43 24.91 79.52
CA SER E 2457 49.22 24.76 78.09
C SER E 2457 48.96 23.31 77.71
N ALA E 2458 49.18 22.37 78.62
CA ALA E 2458 48.91 20.96 78.40
C ALA E 2458 47.83 20.48 79.37
N GLY E 2459 46.81 19.83 78.83
CA GLY E 2459 45.76 19.25 79.65
C GLY E 2459 44.46 20.03 79.54
N PHE E 2460 43.61 19.80 80.54
CA PHE E 2460 42.26 20.35 80.52
C PHE E 2460 42.23 21.67 81.27
N CYS E 2461 41.66 22.69 80.64
CA CYS E 2461 41.75 24.05 81.15
C CYS E 2461 40.36 24.67 81.34
N PRO E 2462 40.24 25.63 82.26
CA PRO E 2462 38.91 26.20 82.55
C PRO E 2462 38.26 26.88 81.35
N ASP E 2463 39.06 27.46 80.45
CA ASP E 2463 38.49 28.07 79.26
C ASP E 2463 37.76 27.03 78.42
N HIS E 2464 38.19 25.77 78.51
CA HIS E 2464 37.51 24.70 77.80
C HIS E 2464 36.09 24.53 78.29
N LYS E 2465 35.90 24.53 79.62
CA LYS E 2465 34.56 24.45 80.19
C LYS E 2465 33.77 25.74 79.98
N ALA E 2466 34.46 26.86 79.79
CA ALA E 2466 33.76 28.12 79.55
C ALA E 2466 32.87 28.03 78.32
N ALA E 2467 33.39 27.44 77.24
CA ALA E 2467 32.58 27.23 76.03
C ALA E 2467 31.40 26.32 76.29
N MET E 2468 31.61 25.26 77.07
CA MET E 2468 30.52 24.33 77.38
C MET E 2468 29.41 25.06 78.12
N VAL E 2469 29.78 25.89 79.09
CA VAL E 2469 28.79 26.67 79.83
C VAL E 2469 28.09 27.67 78.91
N LEU E 2470 28.84 28.30 78.00
CA LEU E 2470 28.24 29.23 77.06
C LEU E 2470 27.17 28.54 76.21
N PHE E 2471 27.49 27.36 75.67
CA PHE E 2471 26.51 26.61 74.89
C PHE E 2471 25.32 26.22 75.74
N LEU E 2472 25.57 25.74 76.95
CA LEU E 2472 24.48 25.31 77.82
C LEU E 2472 23.53 26.46 78.10
N ASP E 2473 24.08 27.65 78.32
CA ASP E 2473 23.25 28.82 78.61
C ASP E 2473 22.47 29.26 77.37
N ARG E 2474 23.15 29.40 76.23
CA ARG E 2474 22.52 30.03 75.08
C ARG E 2474 21.61 29.10 74.30
N VAL E 2475 21.86 27.78 74.35
CA VAL E 2475 21.09 26.82 73.57
C VAL E 2475 20.00 26.17 74.42
N TYR E 2476 20.38 25.46 75.48
CA TYR E 2476 19.39 24.82 76.33
C TYR E 2476 18.73 25.82 77.26
N GLY E 2477 19.53 26.64 77.92
CA GLY E 2477 18.99 27.58 78.88
C GLY E 2477 18.64 26.92 80.20
N ILE E 2478 18.90 27.60 81.31
CA ILE E 2478 18.62 27.05 82.62
C ILE E 2478 17.28 27.60 83.09
N GLU E 2479 16.21 26.82 82.93
CA GLU E 2479 14.88 27.24 83.30
C GLU E 2479 14.18 26.26 84.23
N VAL E 2480 14.87 25.18 84.63
CA VAL E 2480 14.32 24.19 85.53
C VAL E 2480 15.18 24.15 86.79
N GLN E 2481 14.54 24.26 87.95
CA GLN E 2481 15.27 24.20 89.21
C GLN E 2481 15.95 22.85 89.39
N ASP E 2482 15.29 21.77 88.98
CA ASP E 2482 15.88 20.45 89.08
C ASP E 2482 17.18 20.36 88.29
N PHE E 2483 17.16 20.85 87.05
CA PHE E 2483 18.36 20.81 86.22
C PHE E 2483 19.43 21.73 86.77
N LEU E 2484 19.02 22.89 87.29
CA LEU E 2484 19.97 23.82 87.89
C LEU E 2484 20.72 23.16 89.04
N LEU E 2485 19.98 22.54 89.97
CA LEU E 2485 20.61 21.89 91.09
C LEU E 2485 21.40 20.65 90.68
N HIS E 2486 20.97 19.93 89.64
CA HIS E 2486 21.76 18.80 89.15
C HIS E 2486 23.09 19.25 88.58
N LEU E 2487 23.08 20.32 87.78
CA LEU E 2487 24.32 20.89 87.27
C LEU E 2487 25.21 21.39 88.39
N LEU E 2488 24.65 22.03 89.40
CA LEU E 2488 25.42 22.45 90.55
C LEU E 2488 26.02 21.26 91.30
N GLU E 2489 25.27 20.16 91.43
CA GLU E 2489 25.81 18.92 91.95
C GLU E 2489 27.01 18.43 91.15
N VAL E 2490 26.89 18.37 89.84
CA VAL E 2490 27.86 17.60 89.05
C VAL E 2490 29.10 18.42 88.69
N GLY E 2491 28.95 19.69 88.34
CA GLY E 2491 30.08 20.38 87.76
C GLY E 2491 30.42 21.76 88.31
N PHE E 2492 29.54 22.36 89.11
CA PHE E 2492 29.77 23.73 89.52
C PHE E 2492 30.32 23.82 90.93
N LEU E 2493 29.64 23.19 91.88
CA LEU E 2493 30.05 23.21 93.28
C LEU E 2493 31.45 22.64 93.49
N PRO E 2494 31.80 21.51 92.86
CA PRO E 2494 33.20 21.07 92.97
C PRO E 2494 34.19 22.09 92.47
N ASP E 2495 33.90 22.80 91.38
CA ASP E 2495 34.80 23.82 90.88
C ASP E 2495 34.93 24.96 91.90
N LEU E 2496 33.79 25.39 92.47
CA LEU E 2496 33.82 26.47 93.45
C LEU E 2496 34.63 26.05 94.67
N ARG E 2497 34.43 24.82 95.14
CA ARG E 2497 35.17 24.32 96.28
C ARG E 2497 36.67 24.22 96.00
N ALA E 2498 37.05 23.76 94.80
CA ALA E 2498 38.46 23.75 94.44
C ALA E 2498 39.05 25.15 94.42
N ALA E 2499 38.32 26.11 93.85
CA ALA E 2499 38.81 27.48 93.84
C ALA E 2499 38.99 28.00 95.27
N ALA E 2500 38.05 27.68 96.16
CA ALA E 2500 38.18 28.08 97.55
C ALA E 2500 39.40 27.43 98.22
N SER E 2501 39.60 26.14 97.98
CA SER E 2501 40.72 25.41 98.56
C SER E 2501 42.06 25.87 98.04
N LEU E 2502 42.11 26.45 96.84
CA LEU E 2502 43.34 26.99 96.27
C LEU E 2502 43.56 28.46 96.63
N ASP E 2503 43.11 28.88 97.82
CA ASP E 2503 43.23 30.27 98.23
C ASP E 2503 44.41 30.52 99.17
N THR E 2504 45.26 29.52 99.41
CA THR E 2504 46.43 29.74 100.24
C THR E 2504 47.40 30.68 99.54
N ALA E 2505 48.24 31.36 100.33
CA ALA E 2505 49.11 32.40 99.77
C ALA E 2505 50.03 31.85 98.68
N ALA E 2506 50.58 30.66 98.88
CA ALA E 2506 51.44 30.07 97.87
C ALA E 2506 50.64 29.60 96.66
N LEU E 2507 49.51 28.92 96.91
CA LEU E 2507 48.72 28.35 95.83
C LEU E 2507 47.83 29.36 95.13
N SER E 2508 47.64 30.55 95.72
CA SER E 2508 46.83 31.57 95.06
C SER E 2508 47.53 32.12 93.82
N ALA E 2509 48.85 32.31 93.91
CA ALA E 2509 49.59 32.93 92.83
C ALA E 2509 49.73 32.03 91.61
N THR E 2510 49.45 30.74 91.73
CA THR E 2510 49.55 29.82 90.62
C THR E 2510 48.62 30.23 89.48
N ASP E 2511 49.12 30.10 88.25
CA ASP E 2511 48.36 30.50 87.08
C ASP E 2511 47.05 29.72 86.97
N MET E 2512 47.05 28.48 87.49
CA MET E 2512 45.80 27.71 87.47
C MET E 2512 44.72 28.43 88.25
N ALA E 2513 45.08 28.97 89.42
CA ALA E 2513 44.11 29.67 90.24
C ALA E 2513 43.56 30.90 89.51
N LEU E 2514 44.45 31.63 88.83
CA LEU E 2514 43.99 32.78 88.05
C LEU E 2514 43.03 32.35 86.95
N ALA E 2515 43.37 31.29 86.22
CA ALA E 2515 42.50 30.82 85.16
C ALA E 2515 41.15 30.36 85.70
N LEU E 2516 41.16 29.65 86.84
CA LEU E 2516 39.92 29.14 87.40
C LEU E 2516 39.05 30.27 87.93
N ASN E 2517 39.67 31.28 88.56
CA ASN E 2517 38.91 32.45 89.00
C ASN E 2517 38.31 33.17 87.81
N ARG E 2518 39.07 33.30 86.73
CA ARG E 2518 38.54 33.90 85.51
C ARG E 2518 37.33 33.14 85.02
N TYR E 2519 37.45 31.81 84.90
CA TYR E 2519 36.33 31.00 84.43
C TYR E 2519 35.11 31.19 85.32
N LEU E 2520 35.29 31.08 86.63
CA LEU E 2520 34.18 31.24 87.56
C LEU E 2520 33.52 32.60 87.37
N CYS E 2521 34.26 33.67 87.62
CA CYS E 2521 33.69 35.01 87.62
C CYS E 2521 33.21 35.48 86.26
N THR E 2522 33.59 34.80 85.18
CA THR E 2522 33.14 35.25 83.87
C THR E 2522 32.00 34.39 83.32
N ALA E 2523 31.90 33.13 83.72
CA ALA E 2523 30.87 32.26 83.17
C ALA E 2523 29.91 31.73 84.22
N VAL E 2524 30.42 31.20 85.33
CA VAL E 2524 29.56 30.47 86.25
C VAL E 2524 28.70 31.43 87.05
N LEU E 2525 29.34 32.39 87.71
CA LEU E 2525 28.60 33.33 88.56
C LEU E 2525 27.58 34.15 87.79
N PRO E 2526 27.87 34.70 86.60
CA PRO E 2526 26.80 35.37 85.85
C PRO E 2526 25.62 34.47 85.54
N LEU E 2527 25.87 33.20 85.23
CA LEU E 2527 24.77 32.28 84.96
C LEU E 2527 23.91 32.07 86.20
N LEU E 2528 24.53 31.86 87.34
CA LEU E 2528 23.80 31.72 88.59
C LEU E 2528 23.05 32.99 88.97
N THR E 2529 23.61 34.17 88.65
CA THR E 2529 22.92 35.43 88.86
C THR E 2529 21.68 35.56 88.00
N ARG E 2530 21.80 35.21 86.72
CA ARG E 2530 20.65 35.25 85.82
C ARG E 2530 19.63 34.17 86.14
N CYS E 2531 20.03 33.10 86.84
CA CYS E 2531 19.12 32.05 87.25
C CYS E 2531 18.68 32.21 88.70
N ALA E 2532 18.71 33.44 89.21
CA ALA E 2532 18.36 33.68 90.61
C ALA E 2532 16.95 33.27 90.98
N PRO E 2533 15.90 33.61 90.20
CA PRO E 2533 14.54 33.25 90.65
C PRO E 2533 14.34 31.76 90.86
N LEU E 2534 14.99 30.92 90.04
CA LEU E 2534 14.82 29.48 90.18
C LEU E 2534 15.23 29.02 91.57
N PHE E 2535 16.15 29.73 92.21
CA PHE E 2535 16.59 29.40 93.56
C PHE E 2535 15.51 29.59 94.61
N ALA E 2536 14.30 30.01 94.26
CA ALA E 2536 13.25 30.14 95.27
C ALA E 2536 12.91 28.79 95.89
N GLY E 2537 12.77 27.76 95.06
CA GLY E 2537 12.44 26.44 95.54
C GLY E 2537 13.64 25.58 95.87
N THR E 2538 14.35 25.91 96.95
CA THR E 2538 15.52 25.16 97.38
C THR E 2538 15.38 24.62 98.80
N GLU E 2539 14.15 24.34 99.23
CA GLU E 2539 13.93 23.80 100.57
C GLU E 2539 14.61 22.45 100.74
N HIS E 2540 14.50 21.58 99.73
CA HIS E 2540 14.98 20.21 99.88
C HIS E 2540 16.50 20.13 99.89
N HIS E 2541 17.16 20.86 99.00
CA HIS E 2541 18.63 20.88 98.95
C HIS E 2541 19.20 21.99 99.80
N ALA E 2542 18.82 22.01 101.08
CA ALA E 2542 19.34 23.01 102.00
C ALA E 2542 20.85 22.87 102.16
N SER E 2543 21.34 21.64 102.29
CA SER E 2543 22.78 21.43 102.39
C SER E 2543 23.50 21.93 101.15
N LEU E 2544 22.93 21.65 99.97
CA LEU E 2544 23.52 22.13 98.73
C LEU E 2544 23.60 23.65 98.70
N ILE E 2545 22.49 24.34 99.00
CA ILE E 2545 22.49 25.79 98.89
C ILE E 2545 23.42 26.40 99.95
N ASP E 2546 23.48 25.80 101.14
CA ASP E 2546 24.41 26.25 102.15
C ASP E 2546 25.86 26.09 101.73
N SER E 2547 26.20 24.95 101.12
CA SER E 2547 27.54 24.74 100.60
C SER E 2547 27.89 25.76 99.53
N LEU E 2548 26.95 26.03 98.61
CA LEU E 2548 27.20 27.07 97.61
C LEU E 2548 27.46 28.41 98.27
N LEU E 2549 26.63 28.79 99.25
CA LEU E 2549 26.80 30.08 99.90
C LEU E 2549 28.15 30.17 100.58
N HIS E 2550 28.55 29.11 101.28
CA HIS E 2550 29.82 29.14 102.00
C HIS E 2550 31.00 29.21 101.05
N THR E 2551 30.95 28.44 99.95
CA THR E 2551 32.04 28.49 98.97
C THR E 2551 32.14 29.87 98.34
N VAL E 2552 31.00 30.46 97.98
CA VAL E 2552 31.02 31.79 97.39
C VAL E 2552 31.58 32.81 98.37
N TYR E 2553 31.18 32.73 99.64
CA TYR E 2553 31.70 33.64 100.64
C TYR E 2553 33.21 33.48 100.83
N ARG E 2554 33.69 32.24 100.86
CA ARG E 2554 35.13 32.01 101.00
C ARG E 2554 35.88 32.59 99.80
N LEU E 2555 35.34 32.40 98.59
CA LEU E 2555 35.96 33.02 97.43
C LEU E 2555 35.97 34.54 97.55
N SER E 2556 34.88 35.12 98.04
CA SER E 2556 34.80 36.55 98.26
C SER E 2556 35.88 37.07 99.20
N LYS E 2557 36.22 36.32 100.25
CA LYS E 2557 37.33 36.68 101.11
C LYS E 2557 38.68 36.34 100.52
N GLY E 2558 38.72 35.50 99.48
CA GLY E 2558 39.96 35.28 98.77
C GLY E 2558 40.56 36.59 98.29
N CYS E 2559 41.90 36.64 98.25
CA CYS E 2559 42.60 37.90 98.05
C CYS E 2559 43.05 38.12 96.61
N SER E 2560 43.42 37.07 95.89
CA SER E 2560 44.01 37.24 94.56
C SER E 2560 43.01 37.72 93.52
N LEU E 2561 41.75 37.91 93.91
CA LEU E 2561 40.73 38.34 92.96
C LEU E 2561 41.02 39.74 92.44
N THR E 2562 40.60 40.00 91.20
CA THR E 2562 40.64 41.36 90.68
C THR E 2562 39.41 42.12 91.16
N LYS E 2563 39.42 43.43 90.89
CA LYS E 2563 38.28 44.26 91.30
C LYS E 2563 37.01 43.82 90.59
N ALA E 2564 37.09 43.58 89.29
CA ALA E 2564 35.92 43.12 88.55
C ALA E 2564 35.45 41.76 89.03
N GLN E 2565 36.38 40.86 89.34
CA GLN E 2565 36.02 39.55 89.86
C GLN E 2565 35.28 39.68 91.19
N ARG E 2566 35.79 40.53 92.08
CA ARG E 2566 35.12 40.76 93.36
C ARG E 2566 33.73 41.34 93.14
N ASP E 2567 33.60 42.29 92.20
CA ASP E 2567 32.30 42.89 91.92
C ASP E 2567 31.32 41.84 91.44
N SER E 2568 31.77 40.96 90.55
CA SER E 2568 30.90 39.90 90.03
C SER E 2568 30.47 38.96 91.14
N ILE E 2569 31.42 38.59 92.02
CA ILE E 2569 31.09 37.68 93.12
C ILE E 2569 30.07 38.34 94.04
N GLU E 2570 30.28 39.61 94.36
CA GLU E 2570 29.35 40.32 95.22
C GLU E 2570 27.96 40.38 94.61
N VAL E 2571 27.88 40.72 93.33
CA VAL E 2571 26.59 40.81 92.66
C VAL E 2571 25.89 39.46 92.66
N CYS E 2572 26.62 38.39 92.34
CA CYS E 2572 26.02 37.06 92.29
C CYS E 2572 25.51 36.63 93.66
N LEU E 2573 26.32 36.85 94.70
CA LEU E 2573 25.92 36.43 96.04
C LEU E 2573 24.72 37.21 96.53
N LEU E 2574 24.71 38.53 96.31
CA LEU E 2574 23.56 39.33 96.68
C LEU E 2574 22.31 38.89 95.95
N SER E 2575 22.42 38.63 94.64
CA SER E 2575 21.27 38.21 93.85
C SER E 2575 20.72 36.89 94.36
N ILE E 2576 21.59 35.92 94.64
CA ILE E 2576 21.12 34.62 95.10
C ILE E 2576 20.46 34.75 96.47
N CYS E 2577 21.15 35.40 97.41
CA CYS E 2577 20.61 35.54 98.76
C CYS E 2577 19.33 36.35 98.75
N GLY E 2578 19.11 37.16 97.71
CA GLY E 2578 17.88 37.94 97.64
CA GLY E 2578 17.88 37.94 97.64
C GLY E 2578 16.65 37.07 97.57
N GLN E 2579 16.66 36.05 96.71
CA GLN E 2579 15.52 35.17 96.57
C GLN E 2579 15.64 33.88 97.35
N LEU E 2580 16.76 33.63 98.03
CA LEU E 2580 16.77 32.46 98.89
C LEU E 2580 15.83 32.66 100.08
N ARG E 2581 15.28 31.54 100.56
CA ARG E 2581 14.33 31.58 101.66
C ARG E 2581 15.05 31.89 102.97
N PRO E 2582 14.43 32.70 103.84
CA PRO E 2582 15.17 33.28 104.98
C PRO E 2582 15.84 32.29 105.91
N SER E 2583 15.21 31.17 106.25
CA SER E 2583 15.79 30.30 107.27
C SER E 2583 17.09 29.68 106.77
N MET E 2584 17.28 29.66 105.45
CA MET E 2584 18.49 29.04 104.90
C MET E 2584 19.62 30.05 104.76
N MET E 2585 19.35 31.32 105.03
CA MET E 2585 20.45 32.24 105.33
C MET E 2585 21.21 31.86 106.60
N GLN E 2586 20.55 31.20 107.56
CA GLN E 2586 21.06 31.14 108.92
C GLN E 2586 22.48 30.58 108.96
N HIS E 2587 22.77 29.55 108.16
CA HIS E 2587 24.11 28.97 108.17
C HIS E 2587 25.15 29.97 107.70
N LEU E 2588 24.85 30.71 106.62
CA LEU E 2588 25.78 31.73 106.15
C LEU E 2588 25.87 32.89 107.13
N LEU E 2589 24.75 33.21 107.79
CA LEU E 2589 24.75 34.28 108.78
C LEU E 2589 25.66 33.94 109.94
N ARG E 2590 25.66 32.66 110.34
CA ARG E 2590 26.52 32.22 111.44
C ARG E 2590 27.99 32.49 111.12
N ARG E 2591 28.38 32.31 109.86
CA ARG E 2591 29.74 32.64 109.44
C ARG E 2591 29.93 34.14 109.27
N LEU E 2592 28.87 34.86 108.91
CA LEU E 2592 28.99 36.30 108.69
C LEU E 2592 29.20 37.05 110.00
N VAL E 2593 28.54 36.61 111.07
CA VAL E 2593 28.45 37.42 112.28
C VAL E 2593 29.81 37.63 112.92
N PHE E 2594 30.67 36.62 112.88
CA PHE E 2594 31.96 36.78 113.56
C PHE E 2594 33.03 37.38 112.66
N ASP E 2595 32.76 37.52 111.35
CA ASP E 2595 33.72 38.10 110.43
C ASP E 2595 33.44 39.55 110.12
N VAL E 2596 32.21 40.02 110.33
CA VAL E 2596 31.87 41.43 110.10
C VAL E 2596 32.52 42.38 111.11
N PRO E 2597 32.66 42.06 112.41
CA PRO E 2597 33.11 43.08 113.36
C PRO E 2597 34.50 43.63 113.05
N LEU E 2598 35.26 43.00 112.17
CA LEU E 2598 36.55 43.55 111.77
C LEU E 2598 36.38 44.91 111.10
N LEU E 2599 35.32 45.08 110.32
CA LEU E 2599 35.07 46.32 109.58
C LEU E 2599 36.27 46.70 108.71
N ASN E 2600 36.90 45.68 108.12
CA ASN E 2600 37.94 45.92 107.13
C ASN E 2600 37.30 46.05 105.75
N GLU E 2601 38.14 46.14 104.72
CA GLU E 2601 37.62 46.28 103.36
C GLU E 2601 36.86 45.03 102.93
N HIS E 2602 37.25 43.87 103.44
CA HIS E 2602 36.53 42.64 103.10
C HIS E 2602 35.14 42.61 103.70
N ALA E 2603 34.88 43.47 104.68
CA ALA E 2603 33.60 43.47 105.38
C ALA E 2603 32.54 44.31 104.67
N LYS E 2604 32.87 44.92 103.54
CA LYS E 2604 31.91 45.78 102.87
C LYS E 2604 30.71 45.00 102.36
N MET E 2605 30.94 43.93 101.62
CA MET E 2605 29.81 43.22 101.00
C MET E 2605 29.02 42.39 102.01
N PRO E 2606 29.62 41.86 103.10
CA PRO E 2606 28.76 41.23 104.12
C PRO E 2606 27.72 42.18 104.67
N LEU E 2607 28.09 43.46 104.80
CA LEU E 2607 27.17 44.47 105.30
C LEU E 2607 26.00 44.65 104.35
N LYS E 2608 26.27 44.71 103.04
CA LYS E 2608 25.19 44.84 102.07
C LYS E 2608 24.29 43.62 102.08
N LEU E 2609 24.88 42.43 102.17
CA LEU E 2609 24.08 41.21 102.24
C LEU E 2609 23.17 41.22 103.46
N LEU E 2610 23.72 41.59 104.62
CA LEU E 2610 22.93 41.67 105.83
C LEU E 2610 21.82 42.70 105.73
N THR E 2611 22.13 43.88 105.17
CA THR E 2611 21.12 44.91 104.99
C THR E 2611 19.97 44.40 104.13
N ASN E 2612 20.29 43.80 102.99
CA ASN E 2612 19.23 43.30 102.11
C ASN E 2612 18.42 42.22 102.80
N HIS E 2613 19.08 41.27 103.47
CA HIS E 2613 18.35 40.19 104.12
C HIS E 2613 17.41 40.72 105.18
N TYR E 2614 17.91 41.58 106.07
CA TYR E 2614 17.06 42.05 107.16
C TYR E 2614 15.95 42.97 106.67
N GLU E 2615 16.22 43.82 105.68
CA GLU E 2615 15.17 44.64 105.11
C GLU E 2615 14.09 43.79 104.46
N ARG E 2616 14.46 42.71 103.77
CA ARG E 2616 13.45 41.89 103.12
C ARG E 2616 12.69 41.04 104.12
N CYS E 2617 13.33 40.62 105.21
CA CYS E 2617 12.77 39.59 106.09
C CYS E 2617 12.51 40.12 107.51
N TRP E 2618 12.36 41.43 107.68
CA TRP E 2618 12.13 41.97 109.01
C TRP E 2618 10.84 41.42 109.62
N LYS E 2619 9.84 41.17 108.78
CA LYS E 2619 8.59 40.60 109.28
C LYS E 2619 8.82 39.22 109.89
N TYR E 2620 9.67 38.41 109.25
CA TYR E 2620 10.00 37.10 109.79
C TYR E 2620 10.62 37.20 111.18
N TYR E 2621 11.27 38.33 111.47
CA TYR E 2621 11.92 38.55 112.75
C TYR E 2621 11.03 39.32 113.73
N CYS E 2622 10.46 40.43 113.29
CA CYS E 2622 9.71 41.30 114.19
C CYS E 2622 8.43 40.63 114.67
N LEU E 2623 7.53 40.33 113.75
CA LEU E 2623 6.23 39.78 114.12
C LEU E 2623 6.39 38.38 114.68
N PRO E 2624 5.65 38.02 115.74
CA PRO E 2624 5.73 36.64 116.23
C PRO E 2624 5.35 35.61 115.18
N GLY E 2625 4.36 35.92 114.34
CA GLY E 2625 4.02 35.00 113.28
C GLY E 2625 5.04 34.99 112.15
N GLY E 2626 5.57 36.17 111.82
CA GLY E 2626 6.44 36.30 110.68
C GLY E 2626 5.68 36.08 109.38
N TRP E 2627 6.42 35.68 108.35
CA TRP E 2627 5.77 35.21 107.13
C TRP E 2627 4.95 33.97 107.43
N GLY E 2628 3.71 33.95 106.96
CA GLY E 2628 2.82 32.85 107.27
C GLY E 2628 3.35 31.52 106.75
N ASN E 2629 3.82 31.51 105.49
CA ASN E 2629 4.42 30.30 104.94
C ASN E 2629 5.75 29.98 105.61
N PHE E 2630 6.55 31.01 105.90
CA PHE E 2630 7.89 30.77 106.43
C PHE E 2630 7.87 30.51 107.92
N GLY E 2631 7.15 31.32 108.69
CA GLY E 2631 7.10 31.17 110.12
C GLY E 2631 7.92 32.21 110.86
N ALA E 2632 8.60 31.80 111.92
CA ALA E 2632 9.42 32.69 112.73
C ALA E 2632 10.80 32.06 112.94
N ALA E 2633 11.67 32.83 113.57
CA ALA E 2633 13.05 32.38 113.78
C ALA E 2633 13.10 31.28 114.84
N SER E 2634 14.24 30.60 114.89
CA SER E 2634 14.49 29.53 115.84
C SER E 2634 15.10 30.04 117.14
N GLU E 2635 15.21 31.36 117.28
CA GLU E 2635 15.65 32.08 118.48
C GLU E 2635 17.16 31.95 118.69
N GLU E 2636 17.78 30.96 118.07
CA GLU E 2636 19.24 30.94 118.04
C GLU E 2636 19.73 31.91 116.99
N GLU E 2637 19.04 31.98 115.85
CA GLU E 2637 19.29 33.03 114.88
C GLU E 2637 19.07 34.40 115.49
N LEU E 2638 18.08 34.52 116.38
CA LEU E 2638 17.84 35.79 117.06
C LEU E 2638 19.02 36.16 117.96
N HIS E 2639 19.52 35.20 118.74
CA HIS E 2639 20.67 35.49 119.59
C HIS E 2639 21.89 35.87 118.75
N LEU E 2640 22.14 35.14 117.67
CA LEU E 2640 23.25 35.45 116.80
C LEU E 2640 23.10 36.82 116.17
N SER E 2641 21.88 37.17 115.75
CA SER E 2641 21.63 38.50 115.19
C SER E 2641 21.85 39.59 116.22
N ARG E 2642 21.47 39.34 117.48
CA ARG E 2642 21.71 40.34 118.52
C ARG E 2642 23.21 40.55 118.74
N LYS E 2643 23.97 39.47 118.82
CA LYS E 2643 25.41 39.64 119.03
C LYS E 2643 26.05 40.27 117.80
N LEU E 2644 25.50 39.98 116.62
CA LEU E 2644 25.94 40.64 115.39
C LEU E 2644 25.73 42.14 115.48
N PHE E 2645 24.52 42.56 115.86
CA PHE E 2645 24.21 43.97 116.01
C PHE E 2645 25.16 44.63 116.99
N TRP E 2646 25.36 44.01 118.15
CA TRP E 2646 26.22 44.63 119.16
C TRP E 2646 27.66 44.72 118.69
N GLY E 2647 28.15 43.67 118.02
CA GLY E 2647 29.51 43.72 117.51
C GLY E 2647 29.72 44.82 116.49
N ILE E 2648 28.78 44.94 115.54
CA ILE E 2648 28.88 46.00 114.54
C ILE E 2648 28.82 47.37 115.21
N PHE E 2649 27.93 47.52 116.19
CA PHE E 2649 27.78 48.80 116.88
C PHE E 2649 29.08 49.19 117.59
N ASP E 2650 29.65 48.26 118.36
CA ASP E 2650 30.89 48.57 119.08
C ASP E 2650 32.03 48.83 118.12
N ALA E 2651 32.12 48.06 117.04
CA ALA E 2651 33.20 48.26 116.08
C ALA E 2651 33.07 49.62 115.40
N LEU E 2652 31.85 50.04 115.08
CA LEU E 2652 31.65 51.38 114.55
C LEU E 2652 32.07 52.43 115.57
N SER E 2653 31.76 52.19 116.84
CA SER E 2653 32.14 53.13 117.88
C SER E 2653 33.67 53.28 117.95
N GLN E 2654 34.39 52.17 117.89
CA GLN E 2654 35.85 52.24 118.02
C GLN E 2654 36.50 52.78 116.76
N LYS E 2655 36.03 52.37 115.58
CA LYS E 2655 36.71 52.67 114.34
C LYS E 2655 36.64 54.17 114.03
N LYS E 2656 37.74 54.70 113.51
CA LYS E 2656 37.78 56.10 113.10
C LYS E 2656 36.82 56.32 111.93
N TYR E 2657 36.23 57.51 111.88
CA TYR E 2657 35.20 57.79 110.90
C TYR E 2657 35.74 57.77 109.48
N GLU E 2658 35.24 56.84 108.67
CA GLU E 2658 35.46 56.84 107.22
C GLU E 2658 34.11 57.08 106.56
N GLN E 2659 34.06 58.02 105.62
CA GLN E 2659 32.78 58.44 105.07
C GLN E 2659 32.04 57.30 104.39
N GLU E 2660 32.71 56.60 103.47
CA GLU E 2660 32.06 55.52 102.73
C GLU E 2660 31.69 54.37 103.67
N LEU E 2661 32.62 53.99 104.54
CA LEU E 2661 32.37 52.87 105.45
C LEU E 2661 31.19 53.17 106.38
N PHE E 2662 31.15 54.40 106.90
CA PHE E 2662 30.08 54.78 107.82
C PHE E 2662 28.75 55.00 107.12
N LYS E 2663 28.76 55.40 105.84
CA LYS E 2663 27.50 55.47 105.10
C LYS E 2663 27.03 54.10 104.64
N LEU E 2664 27.92 53.11 104.62
CA LEU E 2664 27.50 51.76 104.31
C LEU E 2664 27.00 51.03 105.55
N ALA E 2665 27.66 51.25 106.70
CA ALA E 2665 27.31 50.50 107.90
C ALA E 2665 26.02 51.01 108.53
N LEU E 2666 25.74 52.30 108.40
CA LEU E 2666 24.55 52.91 109.01
C LEU E 2666 23.26 52.23 108.57
N PRO E 2667 23.00 52.04 107.26
CA PRO E 2667 21.77 51.34 106.87
C PRO E 2667 21.73 49.93 107.40
N CYS E 2668 22.88 49.25 107.42
CA CYS E 2668 22.93 47.89 107.96
C CYS E 2668 22.58 47.86 109.43
N LEU E 2669 23.20 48.77 110.20
CA LEU E 2669 22.95 48.81 111.64
C LEU E 2669 21.50 49.14 111.92
N SER E 2670 20.94 50.14 111.23
CA SER E 2670 19.55 50.50 111.40
C SER E 2670 18.61 49.37 111.00
N ALA E 2671 18.89 48.68 109.89
CA ALA E 2671 18.02 47.60 109.45
C ALA E 2671 18.03 46.43 110.43
N VAL E 2672 19.20 46.06 110.93
CA VAL E 2672 19.26 44.94 111.87
C VAL E 2672 18.60 45.33 113.19
N ALA E 2673 18.77 46.59 113.61
CA ALA E 2673 18.09 47.04 114.82
C ALA E 2673 16.58 47.01 114.66
N GLY E 2674 16.09 47.45 113.50
CA GLY E 2674 14.65 47.40 113.24
C GLY E 2674 14.14 45.97 113.19
N ALA E 2675 14.89 45.08 112.55
CA ALA E 2675 14.47 43.69 112.45
C ALA E 2675 14.42 43.03 113.82
N LEU E 2676 15.36 43.36 114.70
CA LEU E 2676 15.33 42.83 116.05
C LEU E 2676 14.11 43.37 116.77
N PRO E 2677 13.26 42.52 117.33
CA PRO E 2677 12.06 43.01 118.03
C PRO E 2677 12.45 43.77 119.28
N PRO E 2678 11.97 45.01 119.43
CA PRO E 2678 12.26 45.75 120.66
C PRO E 2678 11.72 45.08 121.90
N ASP E 2679 10.57 44.41 121.79
CA ASP E 2679 10.01 43.71 122.94
C ASP E 2679 10.80 42.44 123.26
N TYR E 2680 11.64 42.00 122.33
CA TYR E 2680 12.44 40.80 122.55
C TYR E 2680 13.35 40.92 123.76
N MET E 2681 13.54 39.80 124.45
CA MET E 2681 14.43 39.68 125.58
C MET E 2681 15.56 38.72 125.22
N GLU E 2682 16.79 39.17 125.41
CA GLU E 2682 17.93 38.28 125.19
C GLU E 2682 17.92 37.16 126.21
N SER E 2683 18.23 35.95 125.75
CA SER E 2683 18.37 34.83 126.67
C SER E 2683 19.76 34.82 127.28
N ASN E 2684 19.82 34.71 128.60
CA ASN E 2684 21.10 34.66 129.29
C ASN E 2684 21.85 33.37 128.98
N TYR E 2685 21.15 32.36 128.46
CA TYR E 2685 21.78 31.09 128.15
C TYR E 2685 22.64 31.24 126.90
N VAL E 2686 23.96 31.10 127.06
CA VAL E 2686 24.87 31.33 125.94
C VAL E 2686 24.82 30.16 124.97
N SER E 2687 25.43 30.33 123.82
CA SER E 2687 25.58 29.24 122.87
C SER E 2687 26.90 28.54 123.08
N MET E 2688 26.92 27.26 122.74
CA MET E 2688 28.09 26.40 122.93
C MET E 2688 28.54 25.86 121.58
N MET E 2689 29.64 25.08 121.60
CA MET E 2689 30.37 24.69 120.38
C MET E 2689 30.56 25.90 119.46
N GLU E 2690 31.35 26.85 119.94
CA GLU E 2690 31.75 27.98 119.11
C GLU E 2690 32.66 27.51 117.98
N LYS E 2691 32.18 27.68 116.75
CA LYS E 2691 32.93 27.19 115.59
C LYS E 2691 34.16 28.03 115.30
N GLN E 2692 34.28 29.21 115.92
CA GLN E 2692 35.44 30.07 115.69
C GLN E 2692 36.75 29.42 116.09
N SER E 2693 36.74 28.54 117.09
CA SER E 2693 37.96 27.83 117.45
C SER E 2693 38.47 26.96 116.31
N SER E 2694 37.58 26.21 115.67
CA SER E 2694 37.96 25.44 114.49
C SER E 2694 38.21 26.35 113.30
N MET E 2695 37.61 27.54 113.28
CA MET E 2695 37.73 28.44 112.14
C MET E 2695 38.80 29.50 112.44
N ASP E 2696 40.04 29.02 112.50
CA ASP E 2696 41.16 29.90 112.82
C ASP E 2696 41.53 30.77 111.63
N SER E 2697 42.52 31.64 111.85
CA SER E 2697 42.94 32.56 110.80
C SER E 2697 43.56 31.84 109.62
N GLU E 2698 44.48 30.90 109.90
CA GLU E 2698 45.16 30.20 108.82
C GLU E 2698 44.20 29.27 108.10
N GLY E 2699 44.18 29.33 106.77
CA GLY E 2699 43.28 28.54 105.97
C GLY E 2699 41.81 28.73 106.26
N ASN E 2700 41.46 29.68 107.13
CA ASN E 2700 40.09 29.97 107.55
C ASN E 2700 39.41 28.77 108.21
N PHE E 2701 40.16 27.73 108.58
CA PHE E 2701 39.57 26.57 109.21
C PHE E 2701 40.69 25.68 109.77
N ASN E 2702 40.45 25.11 110.94
CA ASN E 2702 41.40 24.19 111.57
C ASN E 2702 40.70 22.88 111.89
N PRO E 2703 41.26 21.75 111.48
CA PRO E 2703 40.61 20.46 111.76
C PRO E 2703 40.96 19.89 113.13
N GLN E 2704 40.31 20.36 114.20
CA GLN E 2704 40.53 19.76 115.50
C GLN E 2704 39.20 19.35 116.12
N PRO E 2705 39.11 18.17 116.70
CA PRO E 2705 37.89 17.78 117.44
C PRO E 2705 37.98 18.19 118.90
N VAL E 2706 36.97 17.78 119.65
CA VAL E 2706 36.94 17.95 121.10
C VAL E 2706 37.67 16.77 121.72
N ASP E 2707 38.80 17.05 122.36
CA ASP E 2707 39.55 16.00 123.06
C ASP E 2707 38.76 15.49 124.25
N THR E 2708 38.84 14.18 124.48
CA THR E 2708 38.03 13.53 125.51
C THR E 2708 38.78 12.46 126.28
N SER E 2709 40.12 12.47 126.26
CA SER E 2709 40.89 11.35 126.81
C SER E 2709 40.69 11.21 128.33
N ASN E 2710 40.18 12.26 128.98
CA ASN E 2710 40.09 12.25 130.44
C ASN E 2710 38.96 11.36 130.95
N ILE E 2711 37.80 11.36 130.28
CA ILE E 2711 36.65 10.63 130.81
C ILE E 2711 36.81 9.13 130.61
N THR E 2712 36.20 8.36 131.50
CA THR E 2712 36.17 6.90 131.44
C THR E 2712 34.75 6.43 131.15
N ILE E 2713 34.64 5.29 130.49
CA ILE E 2713 33.31 4.75 130.13
C ILE E 2713 32.70 4.04 131.34
N PRO E 2714 31.39 4.11 131.56
CA PRO E 2714 30.77 3.32 132.61
C PRO E 2714 30.41 1.92 132.16
N GLU E 2715 29.81 1.13 133.05
CA GLU E 2715 29.41 -0.25 132.77
C GLU E 2715 27.97 -0.40 132.33
N LYS E 2716 27.05 0.39 132.91
CA LYS E 2716 25.69 0.40 132.39
C LYS E 2716 25.66 0.90 130.95
N LEU E 2717 26.58 1.81 130.61
CA LEU E 2717 26.79 2.16 129.21
C LEU E 2717 27.52 1.06 128.47
N GLU E 2718 28.31 0.25 129.20
CA GLU E 2718 29.06 -0.81 128.56
C GLU E 2718 28.14 -1.91 128.05
N TYR E 2719 27.04 -2.17 128.76
CA TYR E 2719 26.07 -3.14 128.24
C TYR E 2719 25.45 -2.66 126.93
N PHE E 2720 25.08 -1.38 126.88
CA PHE E 2720 24.59 -0.80 125.62
C PHE E 2720 25.64 -0.88 124.54
N ILE E 2721 26.90 -0.63 124.89
CA ILE E 2721 27.99 -0.74 123.94
C ILE E 2721 28.11 -2.16 123.41
N ASN E 2722 27.96 -3.14 124.29
CA ASN E 2722 28.00 -4.54 123.87
C ASN E 2722 26.87 -4.86 122.91
N LYS E 2723 25.65 -4.38 123.21
CA LYS E 2723 24.53 -4.64 122.31
C LYS E 2723 24.73 -3.97 120.96
N TYR E 2724 25.23 -2.73 120.96
CA TYR E 2724 25.44 -2.04 119.69
C TYR E 2724 26.60 -2.65 118.91
N ALA E 2725 27.58 -3.23 119.60
CA ALA E 2725 28.64 -3.95 118.91
C ALA E 2725 28.11 -5.26 118.34
N GLU E 2726 27.17 -5.90 119.04
CA GLU E 2726 26.44 -7.01 118.45
C GLU E 2726 25.77 -6.61 117.16
N HIS E 2727 25.10 -5.45 117.17
CA HIS E 2727 24.44 -4.96 115.97
C HIS E 2727 25.45 -4.67 114.87
N SER E 2728 26.59 -4.08 115.23
CA SER E 2728 27.64 -3.78 114.26
C SER E 2728 28.15 -5.05 113.61
N HIS E 2729 28.45 -6.07 114.42
CA HIS E 2729 28.88 -7.36 113.88
C HIS E 2729 27.81 -7.96 112.99
N ASP E 2730 26.54 -7.85 113.40
CA ASP E 2730 25.47 -8.45 112.63
C ASP E 2730 25.35 -7.81 111.25
N LYS E 2731 25.28 -6.48 111.21
CA LYS E 2731 25.19 -5.82 109.91
C LYS E 2731 26.45 -6.04 109.08
N TRP E 2732 27.63 -6.13 109.72
CA TRP E 2732 28.84 -6.45 108.96
C TRP E 2732 28.73 -7.85 108.36
N SER E 2733 28.19 -8.80 109.13
CA SER E 2733 28.06 -10.16 108.65
C SER E 2733 27.11 -10.24 107.46
N MET E 2734 25.96 -9.58 107.53
CA MET E 2734 25.07 -9.59 106.37
C MET E 2734 25.61 -8.75 105.23
N ASP E 2735 26.48 -7.76 105.51
CA ASP E 2735 27.19 -7.10 104.43
C ASP E 2735 28.07 -8.10 103.67
N LYS E 2736 28.78 -8.93 104.41
CA LYS E 2736 29.60 -9.97 103.78
C LYS E 2736 28.74 -10.99 103.04
N LEU E 2737 27.59 -11.36 103.60
CA LEU E 2737 26.69 -12.28 102.90
C LEU E 2737 26.19 -11.67 101.60
N ALA E 2738 25.79 -10.40 101.62
CA ALA E 2738 25.31 -9.73 100.41
C ALA E 2738 26.42 -9.61 99.38
N ASN E 2739 27.64 -9.27 99.82
CA ASN E 2739 28.75 -9.14 98.89
C ASN E 2739 29.15 -10.49 98.30
N GLY E 2740 29.00 -11.57 99.06
CA GLY E 2740 29.32 -12.90 98.60
C GLY E 2740 30.63 -13.47 99.09
N TRP E 2741 31.16 -12.99 100.20
CA TRP E 2741 32.42 -13.51 100.73
C TRP E 2741 32.27 -15.00 101.06
N ILE E 2742 33.22 -15.79 100.57
CA ILE E 2742 33.15 -17.23 100.74
C ILE E 2742 33.51 -17.60 102.18
N TYR E 2743 32.83 -18.63 102.70
CA TYR E 2743 33.05 -19.12 104.06
C TYR E 2743 34.17 -20.15 104.01
N GLY E 2744 35.27 -19.87 104.70
CA GLY E 2744 36.38 -20.79 104.78
C GLY E 2744 37.38 -20.34 105.81
N GLU E 2745 38.06 -21.32 106.42
CA GLU E 2745 38.97 -21.02 107.53
C GLU E 2745 40.09 -20.10 107.08
N ILE E 2746 40.67 -20.35 105.91
CA ILE E 2746 41.72 -19.49 105.39
C ILE E 2746 41.12 -18.13 105.03
N TYR E 2747 41.86 -17.07 105.34
CA TYR E 2747 41.43 -15.70 105.07
C TYR E 2747 42.26 -15.14 103.93
N SER E 2748 41.65 -15.02 102.75
CA SER E 2748 42.32 -14.46 101.58
C SER E 2748 41.37 -13.49 100.90
N ASP E 2749 41.73 -12.20 100.91
CA ASP E 2749 40.89 -11.19 100.27
C ASP E 2749 40.84 -11.41 98.76
N SER E 2750 41.96 -11.76 98.15
CA SER E 2750 41.97 -12.02 96.72
C SER E 2750 41.09 -13.22 96.37
N SER E 2751 41.16 -14.27 97.18
CA SER E 2751 40.29 -15.42 96.98
C SER E 2751 38.88 -15.18 97.53
N LYS E 2752 38.66 -14.05 98.19
CA LYS E 2752 37.39 -13.65 98.80
C LYS E 2752 36.97 -14.58 99.93
N VAL E 2753 37.88 -15.41 100.44
CA VAL E 2753 37.51 -16.37 101.48
C VAL E 2753 37.82 -15.80 102.86
N GLN E 2754 36.92 -16.09 103.81
CA GLN E 2754 37.07 -15.64 105.20
C GLN E 2754 36.21 -16.52 106.10
N PRO E 2755 36.61 -16.72 107.36
CA PRO E 2755 35.80 -17.52 108.30
C PRO E 2755 34.95 -16.77 109.31
N LEU E 2756 34.80 -15.44 109.19
CA LEU E 2756 34.29 -14.62 110.30
C LEU E 2756 32.78 -14.42 110.26
N MET E 2757 32.02 -15.38 109.75
CA MET E 2757 30.57 -15.30 109.83
C MET E 2757 30.02 -15.94 111.09
N LYS E 2758 30.84 -16.07 112.11
CA LYS E 2758 30.47 -16.67 113.39
C LYS E 2758 29.84 -15.62 114.30
N PRO E 2759 28.88 -16.04 115.14
CA PRO E 2759 28.08 -15.07 115.91
C PRO E 2759 28.94 -14.22 116.84
N TYR E 2760 28.34 -13.12 117.31
CA TYR E 2760 29.08 -12.13 118.07
C TYR E 2760 29.67 -12.71 119.35
N LYS E 2761 28.88 -13.49 120.09
CA LYS E 2761 29.41 -14.14 121.28
C LYS E 2761 30.52 -15.10 120.91
N LEU E 2762 30.35 -15.84 119.81
CA LEU E 2762 31.43 -16.67 119.30
C LEU E 2762 32.55 -15.80 118.72
N LEU E 2763 32.21 -14.65 118.17
CA LEU E 2763 33.13 -13.85 117.37
C LEU E 2763 34.42 -13.56 118.14
N SER E 2764 35.50 -13.37 117.38
CA SER E 2764 36.79 -13.06 117.97
C SER E 2764 36.71 -11.81 118.83
N GLU E 2765 37.34 -11.87 119.99
CA GLU E 2765 37.34 -10.73 120.90
C GLU E 2765 38.00 -9.52 120.25
N LYS E 2766 38.98 -9.74 119.38
CA LYS E 2766 39.61 -8.63 118.67
C LYS E 2766 38.60 -7.91 117.79
N GLU E 2767 37.82 -8.67 117.02
CA GLU E 2767 36.78 -8.06 116.19
C GLU E 2767 35.74 -7.35 117.06
N LYS E 2768 35.30 -8.01 118.13
CA LYS E 2768 34.45 -7.35 119.11
C LYS E 2768 35.13 -6.08 119.63
N GLU E 2769 36.44 -6.13 119.85
CA GLU E 2769 37.14 -4.97 120.37
C GLU E 2769 37.29 -3.88 119.32
N ILE E 2770 37.43 -4.26 118.04
CA ILE E 2770 37.58 -3.21 117.03
C ILE E 2770 36.24 -2.59 116.69
N TYR E 2771 35.14 -3.24 117.07
CA TYR E 2771 33.88 -2.50 117.13
C TYR E 2771 33.82 -1.64 118.38
N ARG E 2772 34.16 -2.21 119.53
CA ARG E 2772 33.96 -1.52 120.81
C ARG E 2772 34.78 -0.25 120.91
N TRP E 2773 35.99 -0.24 120.36
CA TRP E 2773 36.90 0.87 120.51
C TRP E 2773 36.27 2.14 119.93
N PRO E 2774 35.96 2.21 118.63
CA PRO E 2774 35.35 3.45 118.12
C PRO E 2774 34.09 3.83 118.86
N ILE E 2775 33.33 2.83 119.31
CA ILE E 2775 32.16 3.04 120.16
C ILE E 2775 32.61 3.69 121.46
N LYS E 2776 33.72 3.21 122.02
CA LYS E 2776 34.21 3.77 123.28
C LYS E 2776 34.56 5.24 123.13
N GLU E 2777 35.36 5.61 122.12
CA GLU E 2777 35.65 7.03 121.95
C GLU E 2777 34.40 7.81 121.53
N SER E 2778 33.43 7.15 120.91
CA SER E 2778 32.21 7.86 120.55
C SER E 2778 31.42 8.29 121.79
N LEU E 2779 31.12 7.35 122.67
CA LEU E 2779 30.45 7.71 123.92
C LEU E 2779 31.37 8.59 124.78
N LYS E 2780 32.68 8.44 124.62
CA LYS E 2780 33.62 9.23 125.39
C LYS E 2780 33.54 10.70 125.01
N THR E 2781 33.50 11.00 123.71
CA THR E 2781 33.30 12.37 123.27
C THR E 2781 31.90 12.87 123.60
N MET E 2782 30.91 11.97 123.51
CA MET E 2782 29.56 12.34 123.90
C MET E 2782 29.51 12.82 125.34
N LEU E 2783 30.23 12.14 126.25
CA LEU E 2783 30.32 12.59 127.62
C LEU E 2783 31.21 13.81 127.77
N ALA E 2784 32.22 13.96 126.90
CA ALA E 2784 33.03 15.17 126.91
C ALA E 2784 32.19 16.40 126.64
N TRP E 2785 31.17 16.25 125.80
CA TRP E 2785 30.19 17.30 125.58
C TRP E 2785 29.29 17.50 126.79
N GLY E 2786 29.46 16.70 127.84
CA GLY E 2786 28.65 16.81 129.04
C GLY E 2786 27.29 16.19 128.94
N TRP E 2787 26.95 15.59 127.80
CA TRP E 2787 25.62 15.04 127.59
C TRP E 2787 25.38 13.86 128.53
N ARG E 2788 24.36 13.99 129.38
CA ARG E 2788 24.03 12.96 130.34
C ARG E 2788 23.12 11.94 129.66
N ILE E 2789 23.31 10.67 130.01
CA ILE E 2789 22.60 9.55 129.41
C ILE E 2789 21.85 8.81 130.50
N GLU E 2790 20.56 8.55 130.28
CA GLU E 2790 19.71 7.91 131.27
C GLU E 2790 19.11 6.63 130.69
N ARG E 2791 19.27 5.53 131.41
CA ARG E 2791 18.61 4.28 131.03
C ARG E 2791 17.19 4.25 131.57
N THR E 2792 16.22 4.01 130.69
CA THR E 2792 14.84 3.90 131.14
C THR E 2792 14.62 2.60 131.91
N ARG E 2793 13.56 2.58 132.71
CA ARG E 2793 13.26 1.40 133.53
C ARG E 2793 12.81 0.24 132.67
N GLU E 2794 12.08 0.52 131.58
CA GLU E 2794 11.74 -0.54 130.64
C GLU E 2794 12.99 -1.09 129.97
N GLY E 2795 13.94 -0.22 129.63
CA GLY E 2795 15.22 -0.70 129.13
C GLY E 2795 15.98 -1.56 130.11
N ASP E 2796 15.99 -1.17 131.39
CA ASP E 2796 16.59 -1.99 132.43
C ASP E 2796 15.91 -3.35 132.56
N SER E 2797 14.58 -3.37 132.50
CA SER E 2797 13.84 -4.62 132.48
C SER E 2797 14.24 -5.46 131.28
N MET E 2798 14.54 -4.81 130.16
CA MET E 2798 14.97 -5.54 128.96
C MET E 2798 16.29 -6.26 129.20
N ALA E 2799 17.26 -5.59 129.83
CA ALA E 2799 18.53 -6.20 130.15
C ALA E 2799 18.36 -7.30 131.20
N LEU E 2800 17.46 -7.09 132.15
CA LEU E 2800 17.19 -8.11 133.16
C LEU E 2800 16.60 -9.37 132.53
N TYR E 2801 15.66 -9.20 131.59
CA TYR E 2801 15.04 -10.35 130.93
C TYR E 2801 16.04 -11.06 130.02
N ASN E 2802 16.94 -10.29 129.40
CA ASN E 2802 17.95 -10.83 128.50
C ASN E 2802 17.32 -11.59 127.33
N GLY E 2820 11.38 -19.08 111.28
CA GLY E 2820 12.28 -19.57 112.31
C GLY E 2820 13.07 -18.47 112.98
N TYR E 2821 14.31 -18.77 113.37
CA TYR E 2821 15.19 -17.81 114.02
C TYR E 2821 16.00 -17.11 112.94
N SER E 2822 15.49 -15.97 112.46
CA SER E 2822 16.13 -15.19 111.42
C SER E 2822 16.88 -14.02 112.03
N PRO E 2823 18.19 -13.91 111.80
CA PRO E 2823 18.93 -12.74 112.31
C PRO E 2823 18.53 -11.50 111.52
N ARG E 2824 17.74 -10.64 112.14
CA ARG E 2824 17.16 -9.49 111.48
C ARG E 2824 17.71 -8.19 112.07
N ALA E 2825 18.09 -7.28 111.18
CA ALA E 2825 18.58 -5.97 111.56
C ALA E 2825 17.39 -5.07 111.94
N ILE E 2826 17.68 -3.80 112.13
CA ILE E 2826 16.67 -2.83 112.57
C ILE E 2826 16.57 -1.73 111.52
N ASP E 2827 15.32 -1.42 111.15
CA ASP E 2827 15.06 -0.44 110.09
C ASP E 2827 15.33 0.97 110.61
N MET E 2828 16.62 1.30 110.60
CA MET E 2828 17.12 2.59 111.06
C MET E 2828 16.42 3.75 110.40
N SER E 2829 16.14 3.64 109.10
CA SER E 2829 15.46 4.70 108.37
C SER E 2829 14.01 4.84 108.82
N ASN E 2830 13.34 3.71 109.07
CA ASN E 2830 11.94 3.76 109.48
C ASN E 2830 11.80 4.38 110.86
N VAL E 2831 12.71 4.06 111.79
CA VAL E 2831 12.62 4.68 113.10
C VAL E 2831 12.99 6.17 112.99
N THR E 2832 12.45 6.98 113.90
CA THR E 2832 12.51 8.44 113.80
C THR E 2832 13.24 9.04 114.99
N LEU E 2833 13.84 10.22 114.78
CA LEU E 2833 14.60 10.92 115.80
C LEU E 2833 14.03 12.32 116.04
N SER E 2834 14.16 12.79 117.28
CA SER E 2834 13.68 14.11 117.64
C SER E 2834 14.63 15.20 117.11
N ARG E 2835 14.13 16.43 117.05
CA ARG E 2835 14.88 17.52 116.42
C ARG E 2835 16.13 17.87 117.20
N ASP E 2836 16.03 17.95 118.53
CA ASP E 2836 17.19 18.28 119.34
C ASP E 2836 18.27 17.21 119.19
N LEU E 2837 17.86 15.94 119.17
CA LEU E 2837 18.79 14.87 118.90
C LEU E 2837 19.33 14.92 117.48
N HIS E 2838 18.55 15.43 116.52
CA HIS E 2838 19.06 15.66 115.17
CA HIS E 2838 19.06 15.66 115.17
C HIS E 2838 20.20 16.66 115.20
N ALA E 2839 20.02 17.74 115.94
CA ALA E 2839 21.08 18.75 116.07
C ALA E 2839 22.30 18.16 116.74
N MET E 2840 22.10 17.33 117.76
CA MET E 2840 23.22 16.62 118.37
C MET E 2840 23.91 15.71 117.37
N ALA E 2841 23.13 15.03 116.52
CA ALA E 2841 23.70 14.18 115.49
C ALA E 2841 24.54 14.99 114.52
N GLU E 2842 24.05 16.17 114.13
CA GLU E 2842 24.80 17.05 113.26
C GLU E 2842 26.10 17.53 113.87
N MET E 2843 26.07 17.97 115.13
CA MET E 2843 27.31 18.44 115.76
C MET E 2843 28.29 17.30 115.98
N MET E 2844 27.82 16.12 116.37
CA MET E 2844 28.78 15.02 116.47
C MET E 2844 29.30 14.61 115.10
N ALA E 2845 28.46 14.68 114.06
CA ALA E 2845 28.93 14.35 112.73
C ALA E 2845 30.04 15.29 112.29
N GLU E 2846 29.86 16.59 112.53
CA GLU E 2846 30.91 17.53 112.20
C GLU E 2846 32.13 17.34 113.08
N ASN E 2847 31.95 16.88 114.32
CA ASN E 2847 33.10 16.64 115.19
C ASN E 2847 33.91 15.44 114.72
N TYR E 2848 33.25 14.36 114.29
CA TYR E 2848 33.99 13.21 113.81
C TYR E 2848 34.54 13.47 112.41
N HIS E 2849 33.89 14.37 111.66
CA HIS E 2849 34.52 14.88 110.45
C HIS E 2849 35.78 15.66 110.79
N ASN E 2850 35.77 16.38 111.91
CA ASN E 2850 36.98 17.05 112.37
C ASN E 2850 38.06 16.05 112.74
N ILE E 2851 37.66 14.92 113.34
CA ILE E 2851 38.61 13.85 113.65
C ILE E 2851 39.24 13.32 112.37
N TRP E 2852 38.39 12.99 111.39
CA TRP E 2852 38.86 12.51 110.10
C TRP E 2852 39.74 13.54 109.40
N ALA E 2853 39.38 14.82 109.52
CA ALA E 2853 40.15 15.87 108.87
C ALA E 2853 41.47 16.12 109.59
N LYS E 2854 41.52 15.86 110.89
CA LYS E 2854 42.80 15.90 111.58
C LYS E 2854 43.72 14.78 111.11
N LYS E 2855 43.16 13.57 110.95
CA LYS E 2855 43.98 12.48 110.40
C LYS E 2855 44.44 12.84 108.98
N LYS E 2856 43.55 13.36 108.16
CA LYS E 2856 43.90 13.67 106.78
C LYS E 2856 44.83 14.87 106.70
N LYS E 2857 44.79 15.75 107.70
CA LYS E 2857 45.70 16.89 107.74
C LYS E 2857 47.10 16.45 108.13
N MET E 2858 47.20 15.54 109.10
CA MET E 2858 48.48 14.91 109.40
C MET E 2858 49.02 14.22 108.16
N GLU E 2859 48.14 13.53 107.41
CA GLU E 2859 48.58 12.96 106.14
C GLU E 2859 49.08 14.03 105.19
N LEU E 2860 48.42 15.19 105.18
CA LEU E 2860 48.81 16.27 104.28
C LEU E 2860 50.20 16.78 104.60
N GLU E 2861 50.51 16.97 105.89
CA GLU E 2861 51.86 17.41 106.24
C GLU E 2861 52.88 16.32 105.95
N SER E 2862 52.54 15.06 106.18
CA SER E 2862 53.49 13.98 105.86
C SER E 2862 53.75 13.91 104.36
N LYS E 2863 52.72 14.14 103.55
CA LYS E 2863 52.85 14.07 102.11
C LYS E 2863 53.60 15.29 101.56
N GLY E 2864 53.46 16.42 102.23
CA GLY E 2864 54.08 17.65 101.78
C GLY E 2864 53.29 18.43 100.76
N GLY E 2865 52.12 17.95 100.36
CA GLY E 2865 51.28 18.62 99.38
C GLY E 2865 50.04 17.82 99.07
N GLY E 2866 49.23 18.31 98.12
CA GLY E 2866 48.01 17.61 97.77
C GLY E 2866 46.80 17.99 98.59
N ASN E 2867 46.44 19.27 98.56
CA ASN E 2867 45.26 19.74 99.27
C ASN E 2867 44.03 18.92 98.86
N HIS E 2868 43.49 18.18 99.82
CA HIS E 2868 42.37 17.30 99.53
C HIS E 2868 41.09 18.10 99.38
N PRO E 2869 40.26 17.79 98.38
CA PRO E 2869 39.05 18.59 98.13
C PRO E 2869 38.07 18.60 99.29
N LEU E 2870 38.07 17.59 100.15
CA LEU E 2870 37.11 17.49 101.23
C LEU E 2870 37.65 17.99 102.56
N LEU E 2871 38.81 18.64 102.57
CA LEU E 2871 39.32 19.23 103.81
C LEU E 2871 38.49 20.43 104.26
N VAL E 2872 37.57 20.91 103.43
CA VAL E 2872 36.66 22.00 103.78
C VAL E 2872 35.77 21.54 104.94
N PRO E 2873 35.22 22.44 105.73
CA PRO E 2873 34.46 22.02 106.92
C PRO E 2873 33.27 21.13 106.57
N TYR E 2874 32.83 20.40 107.59
CA TYR E 2874 31.71 19.47 107.42
C TYR E 2874 30.45 20.19 106.95
N ASP E 2875 30.20 21.40 107.47
CA ASP E 2875 29.08 22.19 107.01
C ASP E 2875 29.22 22.51 105.52
N THR E 2876 30.44 22.90 105.11
CA THR E 2876 30.70 23.19 103.71
C THR E 2876 30.55 21.96 102.82
N LEU E 2877 30.74 20.75 103.37
CA LEU E 2877 30.64 19.54 102.56
C LEU E 2877 29.23 19.38 102.00
N THR E 2878 29.13 18.58 100.93
CA THR E 2878 27.84 18.30 100.32
C THR E 2878 27.06 17.32 101.17
N ALA E 2879 25.75 17.25 100.92
CA ALA E 2879 24.90 16.31 101.64
C ALA E 2879 25.31 14.87 101.37
N LYS E 2880 25.70 14.57 100.12
CA LYS E 2880 26.11 13.21 99.78
C LYS E 2880 27.34 12.79 100.57
N GLU E 2881 28.34 13.67 100.66
CA GLU E 2881 29.53 13.36 101.44
C GLU E 2881 29.22 13.31 102.93
N LYS E 2882 28.31 14.17 103.39
CA LYS E 2882 27.98 14.19 104.82
C LYS E 2882 27.24 12.92 105.23
N ALA E 2883 26.63 12.22 104.27
CA ALA E 2883 25.87 11.01 104.59
C ALA E 2883 26.71 9.92 105.23
N LYS E 2884 28.01 9.87 104.92
CA LYS E 2884 28.85 8.82 105.48
C LYS E 2884 28.90 8.92 107.00
N ASP E 2885 28.90 10.14 107.53
CA ASP E 2885 28.89 10.31 108.98
C ASP E 2885 27.46 10.37 109.49
N ARG E 2886 26.52 10.83 108.66
CA ARG E 2886 25.13 10.85 109.07
C ARG E 2886 24.61 9.45 109.37
N GLU E 2887 25.04 8.44 108.60
CA GLU E 2887 24.52 7.10 108.86
C GLU E 2887 24.95 6.62 110.24
N LYS E 2888 26.21 6.86 110.61
CA LYS E 2888 26.69 6.45 111.92
C LYS E 2888 25.99 7.25 113.01
N ALA E 2889 25.79 8.55 112.79
CA ALA E 2889 25.04 9.36 113.75
C ALA E 2889 23.66 8.78 113.99
N GLN E 2890 22.93 8.54 112.90
CA GLN E 2890 21.57 8.04 113.00
C GLN E 2890 21.53 6.69 113.70
N ASP E 2891 22.41 5.77 113.30
CA ASP E 2891 22.33 4.43 113.88
C ASP E 2891 22.67 4.44 115.36
N ILE E 2892 23.71 5.20 115.75
CA ILE E 2892 24.09 5.17 117.16
C ILE E 2892 23.02 5.85 118.02
N LEU E 2893 22.54 7.03 117.62
CA LEU E 2893 21.52 7.69 118.42
C LEU E 2893 20.19 6.93 118.42
N LYS E 2894 19.86 6.26 117.32
CA LYS E 2894 18.57 5.60 117.25
C LYS E 2894 18.62 4.22 117.89
N PHE E 2895 19.81 3.59 117.93
CA PHE E 2895 20.03 2.46 118.82
C PHE E 2895 19.96 2.87 120.27
N LEU E 2896 20.44 4.08 120.56
CA LEU E 2896 20.29 4.67 121.89
C LEU E 2896 18.80 4.76 122.26
N GLN E 2897 18.00 5.29 121.33
CA GLN E 2897 16.54 5.28 121.47
C GLN E 2897 15.97 3.87 121.62
N ILE E 2898 16.48 2.90 120.84
CA ILE E 2898 16.02 1.52 120.92
C ILE E 2898 16.18 0.97 122.33
N ASN E 2899 17.39 1.05 122.88
CA ASN E 2899 17.61 0.61 124.23
C ASN E 2899 17.07 1.58 125.27
N GLY E 2900 16.43 2.66 124.82
CA GLY E 2900 15.70 3.53 125.69
C GLY E 2900 16.55 4.55 126.40
N TYR E 2901 17.87 4.48 126.22
CA TYR E 2901 18.75 5.49 126.79
C TYR E 2901 18.43 6.84 126.18
N ALA E 2902 18.04 7.79 127.02
CA ALA E 2902 17.82 9.17 126.59
C ALA E 2902 19.09 9.96 126.87
N VAL E 2903 19.66 10.55 125.82
CA VAL E 2903 20.76 11.49 126.00
C VAL E 2903 20.21 12.90 125.91
N SER E 2904 20.70 13.77 126.79
CA SER E 2904 20.16 15.13 126.86
C SER E 2904 21.30 16.13 126.71
N ARG E 2905 20.96 17.41 126.87
CA ARG E 2905 21.92 18.48 126.67
C ARG E 2905 23.00 18.40 127.76
N GLY E 2906 24.20 18.85 127.40
CA GLY E 2906 25.31 18.79 128.33
C GLY E 2906 25.06 19.57 129.61
N PHE E 2907 24.30 20.66 129.51
CA PHE E 2907 23.99 21.51 130.66
C PHE E 2907 22.58 22.05 130.50
N LYS E 2908 21.72 21.78 131.48
CA LYS E 2908 20.42 22.44 131.52
C LYS E 2908 20.52 23.87 132.03
N ASP E 2909 19.70 24.74 131.44
CA ASP E 2909 19.61 26.15 131.84
C ASP E 2909 19.13 26.25 133.28
N LEU E 2910 19.80 27.09 134.06
CA LEU E 2910 19.49 27.18 135.49
C LEU E 2910 18.23 28.01 135.72
N GLU E 2911 18.11 29.14 135.05
CA GLU E 2911 16.95 30.03 135.21
C GLU E 2911 17.09 31.15 134.17
N LEU E 2912 15.96 31.67 133.73
CA LEU E 2912 15.91 32.78 132.79
C LEU E 2912 15.20 33.95 133.47
N ASP E 2913 15.90 35.08 133.58
CA ASP E 2913 15.37 36.27 134.24
C ASP E 2913 14.44 37.07 133.33
N THR E 2914 13.46 36.39 132.73
CA THR E 2914 12.48 37.04 131.87
C THR E 2914 11.62 38.06 132.63
N PRO E 2915 11.21 37.82 133.89
CA PRO E 2915 10.50 38.89 134.63
C PRO E 2915 11.31 40.17 134.74
N SER E 2916 12.62 40.08 134.91
CA SER E 2916 13.46 41.28 134.97
C SER E 2916 13.64 41.85 133.58
N ILE E 2917 13.16 43.07 133.38
CA ILE E 2917 13.09 43.67 132.04
C ILE E 2917 14.42 44.24 131.56
N GLU E 2918 15.50 44.06 132.33
CA GLU E 2918 16.77 44.66 131.94
C GLU E 2918 17.34 43.99 130.70
N LYS E 2919 16.92 42.75 130.42
CA LYS E 2919 17.46 42.03 129.26
C LYS E 2919 16.66 42.27 127.99
N ARG E 2920 15.68 43.16 128.02
CA ARG E 2920 14.96 43.51 126.80
C ARG E 2920 15.91 44.12 125.78
N PHE E 2921 15.69 43.81 124.50
CA PHE E 2921 16.54 44.40 123.47
C PHE E 2921 16.41 45.91 123.46
N ALA E 2922 15.18 46.41 123.60
CA ALA E 2922 15.00 47.85 123.74
C ALA E 2922 15.69 48.38 124.98
N TYR E 2923 15.70 47.59 126.06
CA TYR E 2923 16.32 48.05 127.31
C TYR E 2923 17.80 48.35 127.12
N SER E 2924 18.58 47.35 126.75
CA SER E 2924 20.02 47.54 126.62
C SER E 2924 20.36 48.53 125.50
N PHE E 2925 19.66 48.45 124.37
CA PHE E 2925 19.96 49.34 123.26
C PHE E 2925 19.68 50.79 123.63
N LEU E 2926 18.50 51.07 124.19
CA LEU E 2926 18.17 52.43 124.58
C LEU E 2926 19.06 52.90 125.72
N GLN E 2927 19.49 51.97 126.58
CA GLN E 2927 20.39 52.34 127.65
C GLN E 2927 21.74 52.80 127.10
N GLN E 2928 22.31 52.05 126.17
CA GLN E 2928 23.55 52.48 125.55
C GLN E 2928 23.34 53.77 124.77
N LEU E 2929 22.15 53.93 124.20
CA LEU E 2929 21.80 55.18 123.54
C LEU E 2929 21.90 56.36 124.51
N ILE E 2930 21.35 56.18 125.71
CA ILE E 2930 21.43 57.23 126.73
C ILE E 2930 22.87 57.46 127.17
N ARG E 2931 23.64 56.40 127.34
CA ARG E 2931 25.05 56.58 127.71
C ARG E 2931 25.78 57.44 126.68
N TYR E 2932 25.59 57.13 125.40
CA TYR E 2932 26.26 57.90 124.36
C TYR E 2932 25.71 59.31 124.27
N VAL E 2933 24.40 59.47 124.50
CA VAL E 2933 23.82 60.81 124.47
C VAL E 2933 24.40 61.68 125.58
N ASP E 2934 24.51 61.13 126.79
CA ASP E 2934 25.09 61.89 127.89
C ASP E 2934 26.56 62.19 127.67
N GLU E 2935 27.30 61.19 127.16
CA GLU E 2935 28.71 61.41 126.87
C GLU E 2935 28.89 62.51 125.84
N ALA E 2936 28.09 62.48 124.77
CA ALA E 2936 28.18 63.53 123.75
C ALA E 2936 27.70 64.86 124.29
N HIS E 2937 26.77 64.86 125.23
CA HIS E 2937 26.30 66.10 125.81
C HIS E 2937 27.39 66.79 126.61
N GLN E 2938 28.08 66.03 127.47
CA GLN E 2938 29.19 66.65 128.20
C GLN E 2938 30.37 66.92 127.28
N TYR E 2939 30.52 66.13 126.21
CA TYR E 2939 31.50 66.44 125.18
C TYR E 2939 31.25 67.80 124.57
N ILE E 2940 30.00 68.09 124.19
CA ILE E 2940 29.70 69.37 123.57
C ILE E 2940 29.66 70.49 124.61
N LEU E 2941 29.46 70.15 125.88
CA LEU E 2941 29.62 71.16 126.93
C LEU E 2941 31.07 71.59 127.05
N GLU E 2942 32.01 70.65 126.96
CA GLU E 2942 33.41 71.04 126.86
C GLU E 2942 33.68 71.76 125.54
N PHE E 2943 33.00 71.35 124.47
CA PHE E 2943 33.08 72.01 123.18
C PHE E 2943 32.53 73.43 123.20
N ASP E 2944 31.75 73.79 124.23
CA ASP E 2944 31.21 75.14 124.30
C ASP E 2944 32.32 76.18 124.28
N GLY E 2945 33.41 75.93 125.01
CA GLY E 2945 34.60 76.75 124.85
C GLY E 2945 35.23 76.59 123.48
N GLY E 2946 35.21 75.37 122.95
CA GLY E 2946 35.81 75.14 121.64
C GLY E 2946 34.91 75.60 120.49
N SER E 2947 33.61 75.71 120.75
CA SER E 2947 32.69 76.17 119.71
C SER E 2947 33.02 77.58 119.25
N ARG E 2948 33.24 78.49 120.20
CA ARG E 2948 33.67 79.84 119.86
C ARG E 2948 35.18 79.95 119.76
N GLY E 2949 35.91 78.89 120.12
CA GLY E 2949 37.35 78.89 119.99
C GLY E 2949 37.81 78.34 118.66
N LYS E 2950 39.10 78.52 118.38
CA LYS E 2950 39.68 78.10 117.11
C LYS E 2950 39.91 76.59 117.04
N GLY E 2951 40.29 75.97 118.16
CA GLY E 2951 40.63 74.56 118.15
C GLY E 2951 39.45 73.62 118.34
N GLU E 2952 39.02 72.98 117.25
CA GLU E 2952 37.97 71.98 117.29
C GLU E 2952 38.50 70.57 117.43
N HIS E 2953 39.81 70.42 117.61
CA HIS E 2953 40.41 69.12 117.84
C HIS E 2953 40.14 68.66 119.26
N PHE E 2954 39.67 67.43 119.40
CA PHE E 2954 39.33 66.86 120.70
C PHE E 2954 39.59 65.36 120.69
N PRO E 2955 39.87 64.79 121.87
CA PRO E 2955 39.93 63.32 121.95
C PRO E 2955 38.59 62.68 121.60
N TYR E 2956 37.50 63.42 121.73
CA TYR E 2956 36.16 62.94 121.41
C TYR E 2956 35.66 63.50 120.08
N GLU E 2957 36.57 64.00 119.24
CA GLU E 2957 36.14 64.56 117.95
C GLU E 2957 35.50 63.48 117.07
N GLN E 2958 36.23 62.40 116.81
CA GLN E 2958 35.66 61.31 116.02
C GLN E 2958 34.52 60.65 116.75
N GLU E 2959 34.53 60.70 118.09
CA GLU E 2959 33.42 60.15 118.85
C GLU E 2959 32.13 60.89 118.56
N ILE E 2960 32.16 62.22 118.63
CA ILE E 2960 30.95 63.00 118.37
C ILE E 2960 30.58 62.94 116.89
N LYS E 2961 31.58 62.83 116.01
CA LYS E 2961 31.26 62.64 114.60
C LYS E 2961 30.51 61.34 114.37
N PHE E 2962 31.00 60.24 114.93
CA PHE E 2962 30.30 58.97 114.82
C PHE E 2962 28.91 59.06 115.42
N PHE E 2963 28.79 59.69 116.60
CA PHE E 2963 27.49 59.91 117.20
C PHE E 2963 26.54 60.59 116.23
N ALA E 2964 26.87 61.80 115.79
CA ALA E 2964 25.97 62.59 114.96
C ALA E 2964 25.69 61.91 113.62
N LYS E 2965 26.63 61.16 113.08
CA LYS E 2965 26.43 60.61 111.73
C LYS E 2965 25.76 59.25 111.75
N VAL E 2966 25.86 58.50 112.83
CA VAL E 2966 25.31 57.15 112.91
C VAL E 2966 24.24 57.04 113.98
N VAL E 2967 24.58 57.34 115.23
CA VAL E 2967 23.71 57.03 116.36
C VAL E 2967 22.41 57.82 116.25
N LEU E 2968 22.53 59.13 116.03
CA LEU E 2968 21.33 59.96 115.91
C LEU E 2968 20.47 59.53 114.73
N PRO E 2969 21.00 59.37 113.52
CA PRO E 2969 20.16 58.78 112.45
C PRO E 2969 19.67 57.39 112.82
N LEU E 2970 20.48 56.62 113.54
CA LEU E 2970 20.02 55.32 114.02
C LEU E 2970 18.83 55.48 114.96
N ILE E 2971 18.88 56.47 115.86
CA ILE E 2971 17.75 56.73 116.74
C ILE E 2971 16.52 57.09 115.93
N ASP E 2972 16.69 57.97 114.94
CA ASP E 2972 15.57 58.39 114.12
C ASP E 2972 14.91 57.20 113.42
N GLN E 2973 15.72 56.39 112.73
CA GLN E 2973 15.17 55.27 111.97
C GLN E 2973 14.60 54.20 112.90
N TYR E 2974 15.23 54.01 114.06
CA TYR E 2974 14.79 52.98 114.98
C TYR E 2974 13.45 53.34 115.60
N PHE E 2975 13.28 54.60 116.03
CA PHE E 2975 12.00 55.03 116.55
C PHE E 2975 10.94 55.06 115.44
N LYS E 2976 11.34 55.41 114.23
CA LYS E 2976 10.43 55.32 113.10
C LYS E 2976 9.92 53.90 112.86
N ASN E 2977 10.82 52.91 112.94
CA ASN E 2977 10.42 51.53 112.73
C ASN E 2977 9.53 51.03 113.86
N HIS E 2978 9.86 51.39 115.10
CA HIS E 2978 9.15 50.89 116.27
C HIS E 2978 8.33 51.97 116.97
N ARG E 2979 7.67 52.83 116.19
CA ARG E 2979 6.78 53.83 116.79
C ARG E 2979 5.78 53.20 117.73
N LEU E 2980 5.06 52.17 117.26
CA LEU E 2980 3.97 51.61 118.05
C LEU E 2980 4.45 50.94 119.33
N TYR E 2981 5.65 50.35 119.30
CA TYR E 2981 6.17 49.69 120.50
C TYR E 2981 6.35 50.70 121.63
N PHE E 2982 6.93 51.85 121.32
CA PHE E 2982 7.03 52.91 122.32
C PHE E 2982 5.67 53.53 122.61
N LEU E 2983 4.87 53.73 121.55
CA LEU E 2983 3.56 54.36 121.74
C LEU E 2983 2.62 53.44 122.51
N SER E 2984 2.92 52.15 122.54
CA SER E 2984 2.07 51.22 123.29
C SER E 2984 2.15 51.51 124.78
N ALA E 2985 1.00 51.78 125.38
CA ALA E 2985 0.90 52.08 126.80
C ALA E 2985 -0.27 51.31 127.41
N ALA E 2986 -0.37 50.04 127.04
CA ALA E 2986 -1.43 49.14 127.53
C ALA E 2986 -2.83 49.63 127.18
N SER E 2987 -2.96 50.41 126.10
CA SER E 2987 -4.26 50.83 125.59
C SER E 2987 -4.74 49.95 124.45
N ARG E 2988 -4.28 48.71 124.41
CA ARG E 2988 -4.54 47.73 123.35
C ARG E 2988 -4.11 48.19 121.96
N PRO E 2989 -2.87 48.70 121.76
CA PRO E 2989 -2.33 48.73 120.40
C PRO E 2989 -1.47 47.52 120.15
N LEU E 2990 -1.05 47.28 118.90
CA LEU E 2990 -0.22 46.13 118.55
C LEU E 2990 -0.76 44.85 119.19
N CYS E 2991 -1.96 44.45 118.75
CA CYS E 2991 -2.70 43.39 119.42
C CYS E 2991 -1.91 42.08 119.46
N SER E 2992 -0.93 41.91 118.58
CA SER E 2992 -0.08 40.73 118.63
C SER E 2992 0.62 40.61 119.97
N GLY E 2993 1.10 41.72 120.52
CA GLY E 2993 1.71 41.76 121.83
C GLY E 2993 3.10 42.35 121.78
N GLY E 2994 3.70 42.47 122.97
CA GLY E 2994 5.05 42.99 123.08
C GLY E 2994 5.13 44.49 123.18
N HIS E 2995 4.46 45.08 124.16
CA HIS E 2995 4.51 46.51 124.37
C HIS E 2995 5.72 46.90 125.21
N ALA E 2996 6.04 48.19 125.19
CA ALA E 2996 7.14 48.69 126.00
C ALA E 2996 6.74 48.70 127.48
N SER E 2997 7.74 48.46 128.33
CA SER E 2997 7.50 48.46 129.76
C SER E 2997 7.39 49.88 130.30
N ASN E 2998 6.95 49.99 131.56
CA ASN E 2998 6.90 51.28 132.21
C ASN E 2998 8.27 51.91 132.31
N LYS E 2999 9.29 51.13 132.68
CA LYS E 2999 10.65 51.64 132.71
C LYS E 2999 11.14 51.97 131.30
N GLU E 3000 10.73 51.20 130.31
CA GLU E 3000 11.04 51.54 128.92
C GLU E 3000 10.52 52.94 128.59
N LYS E 3001 9.28 53.20 128.95
CA LYS E 3001 8.68 54.51 128.67
C LYS E 3001 9.39 55.61 129.44
N GLU E 3002 9.70 55.35 130.72
CA GLU E 3002 10.45 56.30 131.52
C GLU E 3002 11.77 56.67 130.86
N MET E 3003 12.53 55.67 130.45
CA MET E 3003 13.86 55.86 129.91
C MET E 3003 13.81 56.50 128.53
N VAL E 3004 12.77 56.21 127.76
CA VAL E 3004 12.57 56.91 126.49
C VAL E 3004 12.29 58.39 126.73
N THR E 3005 11.43 58.70 127.70
CA THR E 3005 11.14 60.08 128.01
C THR E 3005 12.37 60.83 128.52
N SER E 3006 13.18 60.18 129.35
CA SER E 3006 14.43 60.77 129.80
C SER E 3006 15.37 61.03 128.63
N LEU E 3007 15.45 60.09 127.69
CA LEU E 3007 16.23 60.32 126.47
C LEU E 3007 15.71 61.54 125.71
N PHE E 3008 14.38 61.68 125.63
CA PHE E 3008 13.81 62.86 124.97
C PHE E 3008 14.25 64.15 125.66
N CYS E 3009 14.14 64.18 126.99
CA CYS E 3009 14.49 65.39 127.72
C CYS E 3009 15.96 65.74 127.53
N LYS E 3010 16.83 64.74 127.60
CA LYS E 3010 18.26 65.02 127.49
C LYS E 3010 18.66 65.37 126.07
N LEU E 3011 18.00 64.78 125.07
CA LEU E 3011 18.22 65.20 123.69
C LEU E 3011 17.76 66.62 123.44
N GLY E 3012 16.63 67.02 124.02
CA GLY E 3012 16.21 68.41 123.93
C GLY E 3012 17.19 69.35 124.58
N VAL E 3013 17.72 68.97 125.74
CA VAL E 3013 18.76 69.78 126.39
C VAL E 3013 19.98 69.88 125.48
N LEU E 3014 20.36 68.77 124.87
CA LEU E 3014 21.51 68.76 123.96
C LEU E 3014 21.30 69.69 122.78
N VAL E 3015 20.11 69.63 122.16
CA VAL E 3015 19.84 70.45 120.97
C VAL E 3015 19.58 71.90 121.32
N ARG E 3016 19.31 72.21 122.59
CA ARG E 3016 19.01 73.59 122.98
C ARG E 3016 20.23 74.47 122.76
N HIS E 3017 20.06 75.51 121.94
CA HIS E 3017 21.10 76.49 121.62
C HIS E 3017 22.40 75.85 121.14
N ARG E 3018 22.31 74.86 120.25
CA ARG E 3018 23.50 74.24 119.69
C ARG E 3018 23.35 73.93 118.20
N ILE E 3019 22.39 74.55 117.53
CA ILE E 3019 22.22 74.32 116.09
C ILE E 3019 23.42 74.85 115.32
N SER E 3020 23.98 75.98 115.78
CA SER E 3020 25.19 76.50 115.17
C SER E 3020 26.41 75.63 115.46
N LEU E 3021 26.45 75.03 116.65
CA LEU E 3021 27.52 74.09 116.97
C LEU E 3021 27.45 72.87 116.07
N PHE E 3022 26.25 72.40 115.78
CA PHE E 3022 26.08 71.30 114.83
C PHE E 3022 26.35 71.78 113.42
N GLY E 3023 27.17 71.03 112.69
CA GLY E 3023 27.55 71.40 111.33
C GLY E 3023 26.52 71.00 110.30
N ASN E 3024 25.40 71.72 110.27
CA ASN E 3024 24.29 71.49 109.34
C ASN E 3024 23.60 70.16 109.62
N ASP E 3025 24.13 69.39 110.58
CA ASP E 3025 23.45 68.23 111.11
C ASP E 3025 22.40 68.61 112.14
N ALA E 3026 22.31 69.89 112.49
CA ALA E 3026 21.26 70.38 113.37
C ALA E 3026 19.89 70.00 112.83
N THR E 3027 19.72 70.01 111.51
CA THR E 3027 18.45 69.57 110.92
C THR E 3027 18.22 68.07 111.17
N SER E 3028 19.28 67.27 111.13
CA SER E 3028 19.14 65.85 111.42
C SER E 3028 18.68 65.63 112.85
N ILE E 3029 19.31 66.33 113.80
CA ILE E 3029 18.84 66.27 115.19
C ILE E 3029 17.43 66.84 115.35
N VAL E 3030 17.07 67.86 114.57
CA VAL E 3030 15.71 68.38 114.62
C VAL E 3030 14.71 67.31 114.22
N ASN E 3031 14.98 66.59 113.13
CA ASN E 3031 14.11 65.51 112.71
C ASN E 3031 14.11 64.38 113.73
N CYS E 3032 15.26 64.13 114.36
CA CYS E 3032 15.36 63.10 115.38
C CYS E 3032 14.44 63.42 116.55
N LEU E 3033 14.55 64.64 117.08
CA LEU E 3033 13.69 65.08 118.16
C LEU E 3033 12.23 65.13 117.73
N HIS E 3034 11.97 65.43 116.45
CA HIS E 3034 10.62 65.38 115.90
C HIS E 3034 10.02 63.99 116.05
N ILE E 3035 10.65 63.00 115.42
CA ILE E 3035 10.13 61.63 115.48
C ILE E 3035 10.09 61.15 116.92
N LEU E 3036 11.02 61.64 117.75
CA LEU E 3036 10.96 61.33 119.17
C LEU E 3036 9.67 61.86 119.78
N GLY E 3037 9.28 63.08 119.41
CA GLY E 3037 8.03 63.64 119.88
C GLY E 3037 6.80 62.86 119.42
N GLN E 3038 6.77 62.44 118.15
CA GLN E 3038 5.66 61.57 117.77
C GLN E 3038 5.75 60.17 118.36
N THR E 3039 6.89 59.80 118.96
CA THR E 3039 6.99 58.52 119.65
C THR E 3039 6.93 58.68 121.17
N LEU E 3040 6.64 59.89 121.65
CA LEU E 3040 6.49 60.13 123.09
C LEU E 3040 5.11 59.68 123.54
N ASP E 3041 5.08 58.92 124.62
CA ASP E 3041 3.87 58.71 125.41
C ASP E 3041 4.26 58.80 126.88
N ALA E 3042 3.40 59.41 127.70
CA ALA E 3042 3.78 59.76 129.06
C ALA E 3042 2.70 59.54 130.11
N ARG E 3043 1.61 58.82 129.79
CA ARG E 3043 0.54 58.68 130.77
C ARG E 3043 0.99 57.86 131.99
N THR E 3044 1.58 56.68 131.75
CA THR E 3044 2.04 55.87 132.86
C THR E 3044 3.23 56.51 133.53
N VAL E 3045 4.01 57.29 132.78
CA VAL E 3045 5.10 58.06 133.39
C VAL E 3045 4.53 59.07 134.38
N MET E 3046 3.46 59.77 134.00
CA MET E 3046 2.85 60.75 134.89
C MET E 3046 2.29 60.08 136.14
N LYS E 3047 1.58 58.96 135.97
CA LYS E 3047 0.99 58.33 137.16
C LYS E 3047 2.07 57.74 138.05
N THR E 3048 3.00 56.97 137.50
CA THR E 3048 4.06 56.32 138.27
C THR E 3048 5.36 56.46 137.48
N GLY E 3049 6.31 57.22 138.03
CA GLY E 3049 7.57 57.38 137.34
C GLY E 3049 8.62 58.03 138.22
N LEU E 3050 9.80 58.19 137.64
CA LEU E 3050 10.92 58.79 138.36
C LEU E 3050 10.72 60.29 138.47
N GLU E 3051 10.89 60.82 139.68
CA GLU E 3051 10.66 62.24 139.90
C GLU E 3051 11.64 63.10 139.11
N SER E 3052 12.89 62.66 139.02
CA SER E 3052 13.85 63.39 138.20
C SER E 3052 13.47 63.34 136.72
N VAL E 3053 12.89 62.21 136.28
CA VAL E 3053 12.40 62.12 134.92
C VAL E 3053 11.29 63.13 134.68
N LYS E 3054 10.34 63.24 135.62
CA LYS E 3054 9.29 64.24 135.50
C LYS E 3054 9.87 65.65 135.51
N SER E 3055 10.85 65.90 136.36
CA SER E 3055 11.52 67.19 136.38
C SER E 3055 12.19 67.49 135.05
N ALA E 3056 12.66 66.45 134.36
CA ALA E 3056 13.28 66.66 133.05
C ALA E 3056 12.28 67.22 132.05
N LEU E 3057 11.09 66.61 131.97
CA LEU E 3057 10.07 67.13 131.05
C LEU E 3057 9.56 68.50 131.47
N ARG E 3058 9.40 68.74 132.78
CA ARG E 3058 9.03 70.08 133.24
C ARG E 3058 10.08 71.11 132.83
N ALA E 3059 11.35 70.76 132.99
CA ALA E 3059 12.44 71.65 132.60
C ALA E 3059 12.42 71.90 131.10
N PHE E 3060 12.20 70.86 130.31
CA PHE E 3060 12.12 71.05 128.86
C PHE E 3060 11.01 72.01 128.49
N LEU E 3061 9.83 71.81 129.09
CA LEU E 3061 8.68 72.63 128.72
C LEU E 3061 8.86 74.08 129.16
N ASP E 3062 9.27 74.31 130.41
CA ASP E 3062 9.40 75.69 130.84
C ASP E 3062 10.64 76.35 130.26
N ASN E 3063 11.63 75.58 129.81
CA ASN E 3063 12.74 76.14 129.06
C ASN E 3063 12.27 76.62 127.69
N ALA E 3064 11.47 75.81 127.01
CA ALA E 3064 10.85 76.25 125.77
C ALA E 3064 9.97 77.48 125.97
N ALA E 3065 9.30 77.58 127.12
CA ALA E 3065 8.51 78.76 127.45
C ALA E 3065 9.35 80.00 127.72
N GLU E 3066 10.44 79.88 128.47
CA GLU E 3066 11.29 81.04 128.74
C GLU E 3066 12.02 81.48 127.47
N ASP E 3067 12.33 80.54 126.57
CA ASP E 3067 12.88 80.92 125.28
C ASP E 3067 11.88 81.75 124.49
N LEU E 3068 10.60 81.36 124.55
CA LEU E 3068 9.56 82.16 123.91
C LEU E 3068 9.44 83.53 124.55
N GLU E 3069 9.58 83.60 125.88
CA GLU E 3069 9.58 84.88 126.57
C GLU E 3069 10.75 85.76 126.12
N LYS E 3070 11.92 85.14 125.92
CA LYS E 3070 13.07 85.88 125.42
C LYS E 3070 12.81 86.40 124.00
N THR E 3071 12.15 85.59 123.17
CA THR E 3071 11.76 86.09 121.86
C THR E 3071 10.80 87.25 121.97
N MET E 3072 9.85 87.16 122.91
CA MET E 3072 8.98 88.30 123.24
C MET E 3072 9.79 89.56 123.44
N GLU E 3073 10.69 89.52 124.42
CA GLU E 3073 11.46 90.68 124.80
C GLU E 3073 12.33 91.19 123.66
N ASN E 3074 12.98 90.30 122.91
CA ASN E 3074 13.84 90.74 121.81
C ASN E 3074 13.04 91.40 120.70
N LEU E 3075 11.94 90.79 120.25
CA LEU E 3075 11.22 91.42 119.16
C LEU E 3075 10.52 92.70 119.60
N LYS E 3076 10.13 92.81 120.87
CA LYS E 3076 9.58 94.05 121.37
C LYS E 3076 10.62 95.17 121.43
N GLN E 3077 11.82 94.88 121.95
CA GLN E 3077 12.85 95.92 121.96
C GLN E 3077 13.25 96.29 120.54
N GLY E 3078 13.40 95.30 119.67
CA GLY E 3078 13.54 95.55 118.25
C GLY E 3078 12.91 94.44 117.44
N GLN E 3079 11.95 94.80 116.59
CA GLN E 3079 11.32 93.85 115.67
C GLN E 3079 12.34 93.05 114.87
N PHE E 3080 13.58 93.56 114.74
CA PHE E 3080 14.63 92.86 114.02
C PHE E 3080 14.86 91.47 114.60
N THR E 3081 14.99 90.49 113.71
CA THR E 3081 15.24 89.11 114.12
C THR E 3081 16.62 88.65 113.64
N LYS E 3088 25.40 88.42 118.61
CA LYS E 3088 24.66 87.54 117.70
C LYS E 3088 24.02 86.39 118.47
N GLY E 3089 24.19 86.40 119.79
CA GLY E 3089 23.65 85.32 120.60
C GLY E 3089 22.13 85.26 120.56
N VAL E 3090 21.48 86.42 120.71
CA VAL E 3090 20.02 86.43 120.67
C VAL E 3090 19.51 86.10 119.27
N THR E 3091 20.25 86.50 118.23
CA THR E 3091 19.88 86.10 116.87
C THR E 3091 19.98 84.59 116.71
N GLN E 3092 21.02 83.97 117.28
CA GLN E 3092 21.12 82.52 117.26
C GLN E 3092 19.97 81.88 118.04
N ILE E 3093 19.55 82.51 119.13
CA ILE E 3093 18.39 82.02 119.87
C ILE E 3093 17.13 82.07 119.00
N ILE E 3094 16.96 83.16 118.24
CA ILE E 3094 15.82 83.28 117.34
C ILE E 3094 15.87 82.19 116.27
N ASN E 3095 17.07 81.94 115.75
CA ASN E 3095 17.23 80.88 114.75
C ASN E 3095 16.86 79.53 115.34
N TYR E 3096 17.35 79.24 116.55
CA TYR E 3096 16.98 78.02 117.25
C TYR E 3096 15.46 77.92 117.38
N THR E 3097 14.83 79.01 117.79
CA THR E 3097 13.38 79.03 117.90
C THR E 3097 12.73 78.65 116.57
N THR E 3098 12.92 79.48 115.56
CA THR E 3098 12.23 79.36 114.28
C THR E 3098 12.63 78.12 113.49
N VAL E 3099 13.69 77.41 113.88
CA VAL E 3099 14.12 76.20 113.19
C VAL E 3099 13.65 74.95 113.92
N ALA E 3100 13.74 74.93 115.24
CA ALA E 3100 13.45 73.71 115.98
C ALA E 3100 12.38 73.88 117.05
N LEU E 3101 12.38 75.02 117.76
CA LEU E 3101 11.54 75.14 118.95
C LEU E 3101 10.07 75.17 118.58
N LEU E 3102 9.71 75.98 117.58
CA LEU E 3102 8.34 75.93 117.08
C LEU E 3102 8.00 74.56 116.51
N PRO E 3103 8.84 73.93 115.67
CA PRO E 3103 8.52 72.55 115.26
C PRO E 3103 8.42 71.56 116.40
N MET E 3104 9.33 71.61 117.38
CA MET E 3104 9.29 70.61 118.45
C MET E 3104 8.04 70.77 119.29
N LEU E 3105 7.69 72.02 119.64
CA LEU E 3105 6.48 72.24 120.43
C LEU E 3105 5.23 71.88 119.63
N SER E 3106 5.22 72.24 118.35
CA SER E 3106 4.08 71.85 117.51
C SER E 3106 3.91 70.33 117.50
N SER E 3107 4.99 69.59 117.27
CA SER E 3107 4.90 68.13 117.27
C SER E 3107 4.46 67.62 118.63
N LEU E 3108 5.03 68.17 119.70
CA LEU E 3108 4.72 67.69 121.05
C LEU E 3108 3.24 67.84 121.36
N PHE E 3109 2.69 69.04 121.14
CA PHE E 3109 1.30 69.27 121.50
C PHE E 3109 0.33 68.60 120.53
N GLU E 3110 0.69 68.51 119.24
CA GLU E 3110 -0.18 67.78 118.34
C GLU E 3110 -0.24 66.30 118.70
N HIS E 3111 0.91 65.73 119.11
CA HIS E 3111 0.92 64.35 119.55
C HIS E 3111 0.17 64.17 120.87
N ILE E 3112 0.29 65.14 121.77
CA ILE E 3112 -0.44 65.09 123.03
C ILE E 3112 -1.94 65.08 122.77
N GLY E 3113 -2.39 65.91 121.83
CA GLY E 3113 -3.78 65.89 121.44
C GLY E 3113 -4.19 64.59 120.79
N GLN E 3114 -3.34 64.04 119.93
CA GLN E 3114 -3.65 62.78 119.26
C GLN E 3114 -3.83 61.65 120.27
N HIS E 3115 -2.96 61.58 121.27
CA HIS E 3115 -3.02 60.54 122.28
C HIS E 3115 -3.85 60.93 123.50
N GLN E 3116 -4.49 62.10 123.47
CA GLN E 3116 -5.33 62.57 124.57
C GLN E 3116 -4.55 62.62 125.88
N PHE E 3117 -3.40 63.30 125.85
CA PHE E 3117 -2.51 63.37 127.00
C PHE E 3117 -2.51 64.75 127.66
N GLY E 3118 -3.43 65.63 127.27
CA GLY E 3118 -3.44 66.97 127.86
C GLY E 3118 -3.94 67.00 129.29
N GLU E 3119 -4.56 65.91 129.74
CA GLU E 3119 -5.18 65.86 131.05
C GLU E 3119 -4.26 65.33 132.16
N ASP E 3120 -3.04 64.93 131.82
CA ASP E 3120 -2.17 64.37 132.85
C ASP E 3120 -0.78 65.03 132.87
N LEU E 3121 -0.25 65.38 131.71
CA LEU E 3121 1.10 65.98 131.66
C LEU E 3121 1.10 67.38 132.27
N ILE E 3122 0.10 68.19 131.92
CA ILE E 3122 0.10 69.62 132.21
C ILE E 3122 -0.94 69.92 133.28
N LEU E 3123 -0.51 69.87 134.54
CA LEU E 3123 -1.41 70.23 135.64
C LEU E 3123 -0.86 71.35 136.51
N GLU E 3124 0.37 71.24 136.97
CA GLU E 3124 0.92 72.11 137.99
C GLU E 3124 2.10 72.90 137.45
N ASP E 3125 1.88 74.19 137.19
CA ASP E 3125 2.87 75.14 136.72
C ASP E 3125 3.25 74.84 135.27
N VAL E 3126 2.87 73.66 134.79
CA VAL E 3126 2.96 73.38 133.37
C VAL E 3126 1.91 74.18 132.62
N GLN E 3127 0.74 74.35 133.25
CA GLN E 3127 -0.26 75.25 132.72
C GLN E 3127 0.24 76.69 132.69
N VAL E 3128 1.03 77.08 133.69
CA VAL E 3128 1.60 78.43 133.70
C VAL E 3128 2.60 78.60 132.56
N SER E 3129 3.50 77.63 132.42
CA SER E 3129 4.48 77.68 131.34
C SER E 3129 3.80 77.70 129.97
N CYS E 3130 2.76 76.88 129.78
CA CYS E 3130 2.07 76.88 128.50
C CYS E 3130 1.18 78.09 128.32
N TYR E 3131 0.75 78.75 129.39
CA TYR E 3131 0.11 80.06 129.23
C TYR E 3131 1.10 81.11 128.78
N ARG E 3132 2.32 81.08 129.31
CA ARG E 3132 3.37 81.93 128.75
C ARG E 3132 3.59 81.61 127.28
N ILE E 3133 3.61 80.32 126.93
CA ILE E 3133 3.76 79.91 125.54
C ILE E 3133 2.62 80.43 124.69
N LEU E 3134 1.40 80.33 125.20
CA LEU E 3134 0.22 80.79 124.46
C LEU E 3134 0.29 82.29 124.21
N THR E 3135 0.59 83.07 125.26
CA THR E 3135 0.72 84.51 125.09
C THR E 3135 1.81 84.83 124.08
N SER E 3136 2.94 84.14 124.16
CA SER E 3136 4.04 84.39 123.24
C SER E 3136 3.64 84.10 121.79
N LEU E 3137 3.06 82.92 121.56
CA LEU E 3137 2.75 82.51 120.20
C LEU E 3137 1.62 83.35 119.61
N TYR E 3138 0.66 83.74 120.45
CA TYR E 3138 -0.38 84.66 120.00
C TYR E 3138 0.20 86.04 119.72
N ALA E 3139 1.23 86.44 120.48
CA ALA E 3139 1.90 87.71 120.21
C ALA E 3139 2.55 87.69 118.84
N LEU E 3140 3.22 86.59 118.49
CA LEU E 3140 3.74 86.49 117.12
C LEU E 3140 2.61 86.48 116.09
N GLY E 3141 1.55 85.73 116.36
CA GLY E 3141 0.45 85.66 115.42
C GLY E 3141 -0.29 86.96 115.20
N THR E 3142 -0.24 87.87 116.17
CA THR E 3142 -0.82 89.20 116.01
C THR E 3142 0.21 90.28 115.75
N SER E 3143 1.50 89.93 115.70
CA SER E 3143 2.52 90.93 115.46
C SER E 3143 2.49 91.40 114.01
N LYS E 3144 2.83 92.68 113.81
CA LYS E 3144 2.85 93.29 112.48
C LYS E 3144 4.26 93.38 111.92
N SER E 3145 5.22 92.69 112.53
CA SER E 3145 6.62 92.77 112.10
C SER E 3145 6.78 92.16 110.71
N ILE E 3146 7.59 92.80 109.87
CA ILE E 3146 7.98 92.19 108.60
C ILE E 3146 8.83 90.97 108.86
N TYR E 3147 9.58 90.97 109.96
CA TYR E 3147 10.47 89.86 110.27
C TYR E 3147 9.70 88.61 110.66
N VAL E 3148 8.55 88.78 111.32
CA VAL E 3148 7.80 87.65 111.84
C VAL E 3148 6.99 87.02 110.71
N GLU E 3149 7.08 87.60 109.52
CA GLU E 3149 6.22 87.18 108.42
C GLU E 3149 6.66 85.86 107.80
N ARG E 3150 7.96 85.64 107.63
CA ARG E 3150 8.38 84.49 106.83
C ARG E 3150 8.39 83.20 107.66
N GLN E 3151 8.21 83.33 108.97
CA GLN E 3151 7.91 82.15 109.78
C GLN E 3151 6.46 82.12 110.22
N ARG E 3152 5.61 83.01 109.69
CA ARG E 3152 4.21 83.07 110.09
C ARG E 3152 3.49 81.78 109.74
N SER E 3153 3.91 81.12 108.65
CA SER E 3153 3.30 79.84 108.28
C SER E 3153 3.53 78.80 109.36
N ALA E 3154 4.77 78.69 109.86
CA ALA E 3154 5.05 77.78 110.96
C ALA E 3154 4.35 78.23 112.23
N LEU E 3155 4.20 79.54 112.40
CA LEU E 3155 3.49 80.08 113.56
C LEU E 3155 2.05 79.61 113.59
N GLY E 3156 1.38 79.64 112.44
CA GLY E 3156 0.00 79.18 112.36
C GLY E 3156 -0.19 77.73 112.69
N GLU E 3157 0.68 76.85 112.20
CA GLU E 3157 0.59 75.43 112.48
C GLU E 3157 1.04 75.09 113.89
N CYS E 3158 1.90 75.91 114.50
CA CYS E 3158 2.26 75.72 115.90
C CYS E 3158 1.16 76.18 116.85
N LEU E 3159 0.48 77.28 116.52
CA LEU E 3159 -0.60 77.76 117.37
C LEU E 3159 -1.76 76.79 117.39
N ALA E 3160 -2.12 76.25 116.22
CA ALA E 3160 -3.17 75.25 116.16
C ALA E 3160 -2.79 74.00 116.93
N ALA E 3161 -1.55 73.54 116.80
CA ALA E 3161 -1.10 72.37 117.53
C ALA E 3161 -1.15 72.60 119.03
N PHE E 3162 -0.75 73.80 119.48
CA PHE E 3162 -0.87 74.12 120.90
C PHE E 3162 -2.31 74.11 121.35
N ALA E 3163 -3.19 74.80 120.62
CA ALA E 3163 -4.60 74.85 121.01
C ALA E 3163 -5.28 73.52 120.78
N GLY E 3164 -4.65 72.63 120.01
CA GLY E 3164 -5.23 71.31 119.80
C GLY E 3164 -5.18 70.44 121.03
N ALA E 3165 -4.26 70.73 121.95
CA ALA E 3165 -4.10 69.98 123.19
C ALA E 3165 -3.82 70.95 124.32
N PHE E 3166 -4.79 71.07 125.24
CA PHE E 3166 -4.59 71.93 126.40
C PHE E 3166 -5.60 71.51 127.46
N PRO E 3167 -5.18 71.38 128.72
CA PRO E 3167 -6.03 70.72 129.72
C PRO E 3167 -7.34 71.41 130.02
N VAL E 3168 -7.44 72.73 129.84
CA VAL E 3168 -8.63 73.49 130.18
C VAL E 3168 -9.04 74.32 128.97
N ALA E 3169 -10.34 74.60 128.88
CA ALA E 3169 -10.84 75.44 127.80
C ALA E 3169 -10.43 76.89 128.03
N PHE E 3170 -9.35 77.31 127.37
CA PHE E 3170 -8.80 78.64 127.63
C PHE E 3170 -9.62 79.76 127.02
N LEU E 3171 -10.82 79.49 126.54
CA LEU E 3171 -11.69 80.52 125.99
C LEU E 3171 -13.07 80.52 126.65
N GLU E 3172 -13.23 79.83 127.77
CA GLU E 3172 -14.49 79.74 128.50
C GLU E 3172 -14.34 80.33 129.89
N THR E 3173 -13.73 81.52 129.95
CA THR E 3173 -13.37 82.14 131.23
C THR E 3173 -14.55 82.22 132.18
N HIS E 3174 -15.72 82.58 131.66
CA HIS E 3174 -16.89 82.76 132.52
C HIS E 3174 -17.39 81.42 133.07
N LEU E 3175 -17.04 80.31 132.44
CA LEU E 3175 -17.38 78.98 132.95
C LEU E 3175 -16.17 78.09 133.13
N ASP E 3176 -14.96 78.65 133.18
CA ASP E 3176 -13.79 77.84 133.47
C ASP E 3176 -13.75 77.37 134.92
N LYS E 3177 -14.56 77.97 135.79
CA LYS E 3177 -14.73 77.45 137.13
C LYS E 3177 -15.30 76.03 137.11
N HIS E 3178 -16.07 75.71 136.07
CA HIS E 3178 -16.72 74.41 136.00
C HIS E 3178 -15.72 73.28 135.81
N ASN E 3179 -14.52 73.59 135.34
CA ASN E 3179 -13.49 72.58 135.13
C ASN E 3179 -12.72 72.35 136.42
N ILE E 3180 -12.73 71.11 136.90
CA ILE E 3180 -11.94 70.76 138.08
C ILE E 3180 -10.47 70.69 137.73
N TYR E 3181 -10.14 70.40 136.46
CA TYR E 3181 -8.76 70.35 136.02
C TYR E 3181 -8.12 71.72 135.96
N SER E 3182 -8.89 72.79 136.14
CA SER E 3182 -8.36 74.14 136.11
C SER E 3182 -7.26 74.31 137.15
N ILE E 3183 -6.19 75.00 136.75
CA ILE E 3183 -5.08 75.24 137.67
C ILE E 3183 -5.55 76.02 138.88
N TYR E 3184 -6.53 76.91 138.72
CA TYR E 3184 -7.10 77.61 139.86
C TYR E 3184 -7.79 76.64 140.82
N ASN E 3185 -8.55 75.68 140.28
CA ASN E 3185 -9.19 74.68 141.12
C ASN E 3185 -8.17 73.85 141.86
N THR E 3186 -7.09 73.47 141.17
CA THR E 3186 -6.04 72.68 141.80
C THR E 3186 -5.32 73.47 142.89
N LYS E 3187 -5.02 74.74 142.64
CA LYS E 3187 -4.24 75.55 143.56
C LYS E 3187 -5.10 76.20 144.64
N SER E 3188 -6.42 76.04 144.58
CA SER E 3188 -7.35 76.59 145.57
C SER E 3188 -7.07 78.08 145.70
N SER E 3189 -6.85 78.62 146.90
CA SER E 3189 -6.61 80.05 147.07
C SER E 3189 -5.22 80.38 147.59
N ARG E 3190 -4.82 79.80 148.72
CA ARG E 3190 -3.50 80.11 149.28
C ARG E 3190 -2.39 79.68 148.32
N GLU E 3191 -2.52 78.50 147.72
CA GLU E 3191 -1.49 78.04 146.80
C GLU E 3191 -1.52 78.84 145.51
N ARG E 3192 -2.72 79.26 145.08
CA ARG E 3192 -2.85 80.17 143.96
C ARG E 3192 -2.12 81.48 144.21
N ALA E 3193 -2.16 81.98 145.44
CA ALA E 3193 -1.40 83.17 145.81
C ALA E 3193 0.09 82.91 145.96
N ALA E 3194 0.47 81.76 146.51
CA ALA E 3194 1.88 81.42 146.66
C ALA E 3194 2.56 81.32 145.31
N LEU E 3195 1.90 80.68 144.35
CA LEU E 3195 2.34 80.74 142.96
C LEU E 3195 1.98 82.09 142.37
N SER E 3196 2.72 82.50 141.33
CA SER E 3196 2.49 83.78 140.68
C SER E 3196 1.27 83.69 139.74
N LEU E 3197 0.13 83.31 140.34
CA LEU E 3197 -1.11 83.15 139.60
C LEU E 3197 -1.96 84.40 139.74
N PRO E 3198 -2.47 84.95 138.63
CA PRO E 3198 -3.23 86.21 138.71
C PRO E 3198 -4.60 86.07 139.35
N THR E 3199 -5.02 84.86 139.69
CA THR E 3199 -6.27 84.50 140.37
C THR E 3199 -7.49 84.69 139.47
N ASN E 3200 -7.33 85.21 138.26
CA ASN E 3200 -8.41 85.31 137.29
C ASN E 3200 -7.91 84.74 135.98
N VAL E 3201 -8.73 83.89 135.35
CA VAL E 3201 -8.35 83.34 134.06
C VAL E 3201 -8.26 84.42 133.00
N GLU E 3202 -9.16 85.41 133.04
CA GLU E 3202 -9.03 86.57 132.17
C GLU E 3202 -7.71 87.28 132.44
N ASP E 3203 -7.23 87.21 133.69
CA ASP E 3203 -5.99 87.89 134.04
C ASP E 3203 -4.77 87.09 133.62
N VAL E 3204 -4.89 85.76 133.53
CA VAL E 3204 -3.74 84.97 133.08
C VAL E 3204 -3.68 84.95 131.55
N CYS E 3205 -4.80 85.21 130.89
CA CYS E 3205 -4.82 85.38 129.44
C CYS E 3205 -5.49 86.70 129.08
N PRO E 3206 -4.82 87.83 129.38
CA PRO E 3206 -5.44 89.12 129.06
C PRO E 3206 -5.39 89.46 127.58
N ASN E 3207 -4.26 89.23 126.92
CA ASN E 3207 -4.09 89.69 125.55
C ASN E 3207 -5.01 88.95 124.59
N ILE E 3208 -5.04 87.63 124.69
CA ILE E 3208 -5.89 86.83 123.81
C ILE E 3208 -7.35 87.05 124.20
N PRO E 3209 -8.22 87.37 123.25
CA PRO E 3209 -9.62 87.63 123.60
C PRO E 3209 -10.37 86.37 123.98
N SER E 3210 -11.54 86.53 124.59
CA SER E 3210 -12.37 85.39 124.93
C SER E 3210 -12.95 84.75 123.68
N LEU E 3211 -13.65 83.64 123.88
CA LEU E 3211 -14.30 82.97 122.75
C LEU E 3211 -15.34 83.88 122.11
N GLU E 3212 -16.12 84.59 122.93
CA GLU E 3212 -17.15 85.48 122.41
C GLU E 3212 -16.54 86.63 121.60
N LYS E 3213 -15.47 87.26 122.12
CA LYS E 3213 -14.82 88.33 121.38
C LYS E 3213 -14.22 87.81 120.09
N LEU E 3214 -13.61 86.62 120.15
CA LEU E 3214 -13.02 86.04 118.95
C LEU E 3214 -14.09 85.74 117.90
N MET E 3215 -15.24 85.20 118.30
CA MET E 3215 -16.26 84.86 117.33
C MET E 3215 -16.98 86.08 116.78
N GLU E 3216 -17.19 87.12 117.61
CA GLU E 3216 -17.76 88.34 117.05
C GLU E 3216 -16.78 89.00 116.10
N GLU E 3217 -15.48 88.92 116.39
CA GLU E 3217 -14.49 89.34 115.41
C GLU E 3217 -14.63 88.54 114.14
N ILE E 3218 -14.84 87.23 114.27
CA ILE E 3218 -14.96 86.37 113.09
C ILE E 3218 -16.15 86.79 112.23
N VAL E 3219 -17.29 87.05 112.86
CA VAL E 3219 -18.48 87.37 112.10
C VAL E 3219 -18.34 88.73 111.44
N GLU E 3220 -17.75 89.71 112.13
CA GLU E 3220 -17.55 90.99 111.49
C GLU E 3220 -16.49 90.91 110.39
N LEU E 3221 -15.54 89.98 110.51
CA LEU E 3221 -14.58 89.77 109.44
C LEU E 3221 -15.25 89.20 108.21
N ALA E 3222 -16.17 88.26 108.39
CA ALA E 3222 -16.89 87.73 107.24
C ALA E 3222 -17.78 88.81 106.62
N GLU E 3223 -18.33 89.70 107.46
CA GLU E 3223 -19.04 90.86 106.94
C GLU E 3223 -18.12 91.72 106.08
N SER E 3224 -16.89 91.95 106.55
CA SER E 3224 -15.96 92.80 105.82
C SER E 3224 -15.51 92.15 104.52
N GLY E 3225 -14.90 90.98 104.61
CA GLY E 3225 -14.38 90.26 103.45
C GLY E 3225 -13.25 90.99 102.77
N ILE E 3226 -12.43 91.73 103.53
CA ILE E 3226 -11.30 92.45 102.96
C ILE E 3226 -10.13 91.50 102.80
N ARG E 3227 -9.06 91.97 102.15
CA ARG E 3227 -8.05 91.10 101.59
C ARG E 3227 -7.04 90.65 102.65
N TYR E 3228 -6.37 89.55 102.34
CA TYR E 3228 -5.46 88.90 103.28
C TYR E 3228 -4.30 89.80 103.71
N THR E 3229 -3.78 90.60 102.79
CA THR E 3229 -2.65 91.46 103.14
C THR E 3229 -3.01 92.46 104.22
N GLN E 3230 -4.19 93.09 104.14
CA GLN E 3230 -4.58 94.05 105.16
C GLN E 3230 -5.12 93.37 106.42
N MET E 3231 -5.65 92.15 106.31
CA MET E 3231 -5.85 91.40 107.54
C MET E 3231 -5.13 90.06 107.41
N PRO E 3232 -3.88 89.95 107.78
CA PRO E 3232 -3.22 88.64 107.73
C PRO E 3232 -3.56 87.75 108.91
N HIS E 3233 -3.62 88.35 110.10
CA HIS E 3233 -3.46 87.62 111.34
C HIS E 3233 -4.50 86.53 111.52
N VAL E 3234 -5.79 86.87 111.35
CA VAL E 3234 -6.84 85.93 111.69
C VAL E 3234 -6.72 84.67 110.84
N MET E 3235 -6.87 84.81 109.53
CA MET E 3235 -6.86 83.61 108.68
C MET E 3235 -5.44 83.07 108.51
N GLU E 3236 -4.45 83.61 109.20
CA GLU E 3236 -3.17 82.92 109.12
C GLU E 3236 -2.89 82.09 110.37
N VAL E 3237 -3.29 82.56 111.56
CA VAL E 3237 -3.01 81.85 112.80
C VAL E 3237 -4.29 81.52 113.58
N ILE E 3238 -5.22 82.47 113.65
CA ILE E 3238 -6.32 82.36 114.61
C ILE E 3238 -7.29 81.27 114.17
N LEU E 3239 -7.70 81.30 112.91
CA LEU E 3239 -8.67 80.31 112.44
C LEU E 3239 -8.18 78.88 112.62
N PRO E 3240 -6.91 78.55 112.33
CA PRO E 3240 -6.43 77.20 112.67
C PRO E 3240 -6.58 76.86 114.14
N MET E 3241 -6.10 77.73 115.03
CA MET E 3241 -6.25 77.46 116.46
C MET E 3241 -7.70 77.54 116.91
N LEU E 3242 -8.50 78.39 116.27
CA LEU E 3242 -9.94 78.37 116.53
C LEU E 3242 -10.50 76.98 116.27
N CYS E 3243 -10.24 76.43 115.08
CA CYS E 3243 -10.79 75.12 114.73
C CYS E 3243 -10.25 74.04 115.65
N SER E 3244 -8.97 74.11 116.01
CA SER E 3244 -8.39 73.12 116.91
C SER E 3244 -9.07 73.16 118.27
N TYR E 3245 -9.32 74.38 118.79
CA TYR E 3245 -10.04 74.51 120.05
C TYR E 3245 -11.46 74.00 119.91
N MET E 3246 -12.09 74.26 118.75
CA MET E 3246 -13.45 73.84 118.52
C MET E 3246 -13.56 72.32 118.59
N SER E 3247 -12.61 71.63 117.94
CA SER E 3247 -12.56 70.18 118.02
C SER E 3247 -12.20 69.69 119.41
N ARG E 3248 -11.28 70.36 120.10
CA ARG E 3248 -10.88 69.98 121.45
C ARG E 3248 -12.03 70.01 122.44
N TRP E 3249 -12.92 70.99 122.35
CA TRP E 3249 -14.01 71.11 123.30
C TRP E 3249 -15.37 70.88 122.65
N TRP E 3250 -15.39 70.26 121.47
CA TRP E 3250 -16.66 69.99 120.80
C TRP E 3250 -17.50 69.00 121.58
N GLU E 3251 -16.89 67.91 122.06
CA GLU E 3251 -17.63 66.93 122.85
C GLU E 3251 -18.07 67.52 124.19
N HIS E 3252 -17.33 68.52 124.69
CA HIS E 3252 -17.70 69.16 125.94
C HIS E 3252 -18.91 70.06 125.79
N GLY E 3253 -19.27 70.41 124.56
CA GLY E 3253 -20.44 71.22 124.31
C GLY E 3253 -21.71 70.50 124.72
N PRO E 3254 -22.63 71.23 125.37
CA PRO E 3254 -23.83 70.57 125.92
C PRO E 3254 -24.66 69.86 124.87
N GLU E 3255 -24.61 70.28 123.61
CA GLU E 3255 -25.29 69.54 122.56
C GLU E 3255 -24.70 68.14 122.43
N ASN E 3256 -23.39 68.02 122.62
CA ASN E 3256 -22.73 66.72 122.48
C ASN E 3256 -22.85 65.90 123.76
N ASN E 3257 -22.70 66.55 124.91
CA ASN E 3257 -22.96 65.88 126.18
C ASN E 3257 -24.15 66.53 126.89
N PRO E 3258 -25.36 66.00 126.72
CA PRO E 3258 -26.53 66.65 127.34
C PRO E 3258 -26.49 66.65 128.86
N GLU E 3259 -25.95 65.60 129.46
CA GLU E 3259 -25.85 65.53 130.91
C GLU E 3259 -24.84 66.57 131.40
N ARG E 3260 -24.99 66.98 132.66
CA ARG E 3260 -24.09 67.93 133.30
C ARG E 3260 -24.08 69.27 132.55
N ALA E 3261 -25.21 69.61 131.95
CA ALA E 3261 -25.42 70.92 131.36
C ALA E 3261 -25.66 71.97 132.44
N GLU E 3262 -25.54 73.25 132.04
CA GLU E 3262 -25.37 74.41 132.93
C GLU E 3262 -24.24 74.18 133.93
N MET E 3263 -23.59 73.02 133.85
CA MET E 3263 -22.42 72.74 134.64
C MET E 3263 -21.21 72.58 133.73
N CYS E 3264 -21.44 72.56 132.43
CA CYS E 3264 -20.37 72.37 131.46
C CYS E 3264 -19.40 73.53 131.49
N CYS E 3265 -18.11 73.22 131.44
CA CYS E 3265 -17.10 74.26 131.34
C CYS E 3265 -17.22 75.01 130.02
N THR E 3266 -17.50 74.28 128.93
CA THR E 3266 -17.63 74.85 127.60
C THR E 3266 -19.11 74.93 127.25
N ALA E 3267 -19.60 76.15 127.01
CA ALA E 3267 -20.95 76.35 126.51
C ALA E 3267 -20.91 76.39 124.98
N LEU E 3268 -20.26 75.37 124.42
CA LEU E 3268 -20.10 75.28 122.98
C LEU E 3268 -21.46 74.97 122.33
N ASN E 3269 -21.58 75.36 121.07
CA ASN E 3269 -22.81 75.15 120.32
C ASN E 3269 -22.47 74.59 118.94
N SER E 3270 -23.20 73.55 118.53
CA SER E 3270 -22.98 72.98 117.21
C SER E 3270 -23.42 73.93 116.12
N GLU E 3271 -24.50 74.68 116.35
CA GLU E 3271 -24.86 75.73 115.39
C GLU E 3271 -23.79 76.81 115.33
N HIS E 3272 -23.17 77.11 116.47
CA HIS E 3272 -22.01 78.00 116.46
C HIS E 3272 -20.88 77.41 115.63
N MET E 3273 -20.72 76.09 115.70
CA MET E 3273 -19.67 75.43 114.92
C MET E 3273 -19.95 75.61 113.44
N ASN E 3274 -21.20 75.40 113.05
CA ASN E 3274 -21.61 75.54 111.66
C ASN E 3274 -21.46 76.98 111.19
N THR E 3275 -21.80 77.95 112.05
CA THR E 3275 -21.61 79.34 111.69
C THR E 3275 -20.14 79.68 111.50
N LEU E 3276 -19.27 79.16 112.37
CA LEU E 3276 -17.85 79.38 112.17
C LEU E 3276 -17.38 78.80 110.85
N LEU E 3277 -17.84 77.59 110.54
CA LEU E 3277 -17.47 76.98 109.27
C LEU E 3277 -17.96 77.80 108.08
N GLY E 3278 -19.21 78.28 108.14
CA GLY E 3278 -19.74 79.10 107.07
C GLY E 3278 -19.04 80.44 106.93
N ASN E 3279 -18.64 81.04 108.06
CA ASN E 3279 -17.84 82.25 108.02
C ASN E 3279 -16.52 81.98 107.30
N ILE E 3280 -15.91 80.84 107.62
CA ILE E 3280 -14.70 80.42 106.92
C ILE E 3280 -14.97 80.29 105.43
N LEU E 3281 -16.12 79.72 105.07
CA LEU E 3281 -16.48 79.60 103.66
C LEU E 3281 -16.61 80.95 102.97
N LYS E 3282 -17.28 81.91 103.61
CA LYS E 3282 -17.40 83.24 103.00
C LYS E 3282 -16.04 83.88 102.80
N ILE E 3283 -15.22 83.90 103.86
CA ILE E 3283 -13.91 84.52 103.72
C ILE E 3283 -13.04 83.74 102.74
N ILE E 3284 -13.33 82.46 102.54
CA ILE E 3284 -12.52 81.69 101.60
C ILE E 3284 -12.97 81.97 100.17
N TYR E 3285 -14.25 82.31 99.97
CA TYR E 3285 -14.66 82.81 98.66
C TYR E 3285 -13.97 84.14 98.37
N ASN E 3286 -13.88 85.01 99.39
CA ASN E 3286 -13.14 86.24 99.19
C ASN E 3286 -11.67 85.96 98.87
N ASN E 3287 -11.08 84.98 99.56
CA ASN E 3287 -9.69 84.62 99.25
C ASN E 3287 -9.54 84.11 97.82
N LEU E 3288 -10.46 83.26 97.37
CA LEU E 3288 -10.42 82.79 95.99
C LEU E 3288 -10.60 83.93 95.00
N GLY E 3289 -11.38 84.95 95.34
CA GLY E 3289 -11.48 86.12 94.51
C GLY E 3289 -10.28 87.04 94.54
N ILE E 3290 -9.49 87.02 95.62
CA ILE E 3290 -8.33 87.90 95.73
C ILE E 3290 -7.07 87.12 95.38
N ASP E 3291 -7.23 86.03 94.62
CA ASP E 3291 -6.14 85.24 94.06
C ASP E 3291 -5.42 84.41 95.12
N GLU E 3292 -5.75 84.63 96.39
CA GLU E 3292 -5.35 83.80 97.53
C GLU E 3292 -3.86 83.46 97.55
N GLY E 3293 -3.51 82.46 98.35
CA GLY E 3293 -2.20 81.84 98.30
C GLY E 3293 -2.29 80.37 98.61
N ALA E 3294 -1.24 79.80 99.21
CA ALA E 3294 -1.30 78.45 99.74
C ALA E 3294 -1.59 78.42 101.24
N TRP E 3295 -1.46 79.58 101.90
CA TRP E 3295 -1.86 79.69 103.30
C TRP E 3295 -3.32 79.30 103.49
N MET E 3296 -4.16 79.60 102.50
CA MET E 3296 -5.56 79.22 102.60
C MET E 3296 -5.75 77.73 102.37
N LYS E 3297 -4.89 77.11 101.55
CA LYS E 3297 -4.92 75.67 101.42
C LYS E 3297 -4.53 75.00 102.74
N ARG E 3298 -3.53 75.54 103.42
CA ARG E 3298 -3.19 75.06 104.75
C ARG E 3298 -4.33 75.29 105.72
N LEU E 3299 -5.06 76.40 105.58
CA LEU E 3299 -6.28 76.59 106.36
C LEU E 3299 -7.27 75.48 106.11
N ALA E 3300 -7.48 75.13 104.84
CA ALA E 3300 -8.43 74.08 104.51
C ALA E 3300 -8.02 72.75 105.13
N VAL E 3301 -6.73 72.42 105.05
CA VAL E 3301 -6.31 71.13 105.61
C VAL E 3301 -6.34 71.17 107.13
N PHE E 3302 -6.19 72.34 107.74
CA PHE E 3302 -6.35 72.44 109.19
C PHE E 3302 -7.80 72.28 109.59
N SER E 3303 -8.72 72.78 108.77
CA SER E 3303 -10.14 72.74 109.06
C SER E 3303 -10.81 71.46 108.58
N GLN E 3304 -10.06 70.59 107.90
CA GLN E 3304 -10.62 69.30 107.48
C GLN E 3304 -11.26 68.55 108.65
N PRO E 3305 -10.66 68.48 109.84
CA PRO E 3305 -11.37 67.82 110.96
C PRO E 3305 -12.74 68.41 111.26
N ILE E 3306 -12.89 69.73 111.13
CA ILE E 3306 -14.19 70.35 111.40
C ILE E 3306 -15.21 69.92 110.35
N ILE E 3307 -14.82 69.94 109.07
CA ILE E 3307 -15.73 69.46 108.03
C ILE E 3307 -15.87 67.96 108.04
N ASN E 3308 -15.13 67.26 108.90
CA ASN E 3308 -15.38 65.86 109.19
C ASN E 3308 -16.42 65.66 110.29
N LYS E 3309 -16.28 66.40 111.40
CA LYS E 3309 -17.32 66.31 112.43
C LYS E 3309 -18.65 66.91 111.99
N VAL E 3310 -18.66 67.77 110.97
CA VAL E 3310 -19.94 68.33 110.53
C VAL E 3310 -20.81 67.22 109.97
N LYS E 3311 -22.12 67.34 110.18
CA LYS E 3311 -23.04 66.25 109.91
C LYS E 3311 -23.37 66.13 108.41
N PRO E 3312 -23.80 64.94 107.97
CA PRO E 3312 -24.17 64.79 106.55
C PRO E 3312 -25.35 65.64 106.11
N GLN E 3313 -26.43 65.68 106.89
CA GLN E 3313 -27.51 66.60 106.60
C GLN E 3313 -26.99 68.04 106.62
N LEU E 3314 -25.94 68.29 107.40
CA LEU E 3314 -25.27 69.59 107.35
C LEU E 3314 -24.36 69.67 106.13
N LEU E 3315 -23.79 68.53 105.72
CA LEU E 3315 -22.96 68.54 104.50
C LEU E 3315 -23.77 69.01 103.30
N LYS E 3316 -24.98 68.47 103.13
CA LYS E 3316 -25.82 68.87 102.02
C LYS E 3316 -26.26 70.32 102.18
N THR E 3317 -26.42 71.01 101.05
CA THR E 3317 -26.85 72.40 100.99
C THR E 3317 -25.88 73.35 101.69
N HIS E 3318 -24.72 72.86 102.10
CA HIS E 3318 -23.71 73.74 102.68
C HIS E 3318 -22.39 73.58 101.95
N PHE E 3319 -22.04 72.34 101.58
CA PHE E 3319 -20.84 72.11 100.78
C PHE E 3319 -21.13 72.02 99.29
N LEU E 3320 -22.28 71.50 98.88
CA LEU E 3320 -22.66 71.56 97.48
C LEU E 3320 -22.59 73.02 97.02
N PRO E 3321 -23.08 73.98 97.83
CA PRO E 3321 -22.73 75.37 97.56
C PRO E 3321 -21.23 75.61 97.53
N LEU E 3322 -20.45 74.96 98.39
CA LEU E 3322 -19.01 75.19 98.40
C LEU E 3322 -18.37 74.65 97.12
N MET E 3323 -18.76 73.45 96.69
CA MET E 3323 -18.27 73.00 95.38
C MET E 3323 -18.73 73.89 94.24
N GLU E 3324 -19.93 74.47 94.30
CA GLU E 3324 -20.35 75.26 93.13
C GLU E 3324 -19.66 76.62 93.11
N LYS E 3325 -19.40 77.22 94.29
CA LYS E 3325 -18.50 78.37 94.33
C LYS E 3325 -17.12 78.02 93.77
N LEU E 3326 -16.54 76.91 94.24
CA LEU E 3326 -15.21 76.53 93.78
C LEU E 3326 -15.19 76.29 92.28
N LYS E 3327 -16.24 75.69 91.73
CA LYS E 3327 -16.23 75.30 90.33
C LYS E 3327 -16.69 76.41 89.41
N LYS E 3328 -17.35 77.45 89.94
CA LYS E 3328 -17.49 78.66 89.15
C LYS E 3328 -16.18 79.44 89.16
N LYS E 3329 -15.45 79.38 90.27
CA LYS E 3329 -14.05 79.81 90.30
C LYS E 3329 -13.14 78.59 90.14
N ALA E 3330 -13.41 77.80 89.09
CA ALA E 3330 -12.72 76.55 88.88
C ALA E 3330 -11.23 76.75 88.63
N ALA E 3331 -10.85 77.94 88.13
CA ALA E 3331 -9.45 78.24 87.84
C ALA E 3331 -8.68 78.51 89.14
N THR E 3332 -8.68 77.51 90.02
CA THR E 3332 -7.99 77.60 91.30
C THR E 3332 -7.23 76.30 91.56
N VAL E 3333 -5.99 76.46 92.04
CA VAL E 3333 -5.19 75.30 92.43
C VAL E 3333 -5.79 74.65 93.68
N VAL E 3334 -6.66 75.38 94.38
CA VAL E 3334 -7.19 74.92 95.65
C VAL E 3334 -8.03 73.67 95.45
N SER E 3335 -7.75 72.64 96.24
CA SER E 3335 -8.52 71.39 96.22
C SER E 3335 -9.30 71.30 97.53
N GLU E 3336 -10.51 71.87 97.54
CA GLU E 3336 -11.36 71.75 98.72
C GLU E 3336 -11.71 70.29 98.95
N GLU E 3337 -11.63 69.87 100.20
CA GLU E 3337 -11.83 68.46 100.58
C GLU E 3337 -10.88 67.54 99.81
N VAL E 3599 24.91 66.88 79.08
CA VAL E 3599 23.59 66.93 78.48
C VAL E 3599 23.67 67.64 77.12
N VAL E 3600 23.85 68.96 77.15
CA VAL E 3600 24.02 69.71 75.92
C VAL E 3600 25.30 69.28 75.21
N ALA E 3601 26.38 69.09 75.96
CA ALA E 3601 27.62 68.62 75.37
C ALA E 3601 27.48 67.21 74.81
N CYS E 3602 26.70 66.36 75.48
CA CYS E 3602 26.46 65.01 74.98
C CYS E 3602 25.66 65.04 73.68
N PHE E 3603 24.60 65.86 73.62
CA PHE E 3603 23.85 66.01 72.38
C PHE E 3603 24.71 66.56 71.26
N ARG E 3604 25.53 67.57 71.56
CA ARG E 3604 26.51 68.05 70.60
C ARG E 3604 27.60 66.99 70.40
N MET E 3605 28.26 67.04 69.26
CA MET E 3605 29.53 66.36 69.09
C MET E 3605 30.58 67.47 68.99
N ALA E 3606 31.81 67.09 68.67
CA ALA E 3606 32.84 68.08 68.42
C ALA E 3606 32.43 68.97 67.25
N PRO E 3607 32.34 70.28 67.44
CA PRO E 3607 32.00 71.17 66.32
C PRO E 3607 33.22 71.68 65.59
N LEU E 3608 32.99 72.32 64.44
CA LEU E 3608 34.10 72.76 63.60
C LEU E 3608 34.93 73.82 64.31
N TYR E 3609 34.29 74.75 65.02
CA TYR E 3609 35.03 75.82 65.68
C TYR E 3609 35.89 75.28 66.82
N ASN E 3610 35.55 74.11 67.35
CA ASN E 3610 36.37 73.46 68.36
C ASN E 3610 37.39 72.50 67.75
N LEU E 3611 37.20 72.08 66.51
CA LEU E 3611 38.20 71.23 65.88
C LEU E 3611 39.47 72.03 65.60
N PRO E 3612 40.64 71.38 65.66
CA PRO E 3612 41.88 72.09 65.33
C PRO E 3612 41.92 72.53 63.88
N ARG E 3613 42.76 73.53 63.61
CA ARG E 3613 42.76 74.14 62.29
C ARG E 3613 43.14 73.15 61.18
N HIS E 3614 44.14 72.31 61.43
CA HIS E 3614 44.61 71.42 60.38
C HIS E 3614 43.60 70.31 60.08
N ARG E 3615 42.95 69.78 61.12
CA ARG E 3615 41.88 68.81 60.91
C ARG E 3615 40.76 69.43 60.09
N ALA E 3616 40.36 70.64 60.44
CA ALA E 3616 39.31 71.33 59.71
C ALA E 3616 39.74 71.61 58.27
N VAL E 3617 41.03 71.86 58.06
CA VAL E 3617 41.53 72.13 56.71
C VAL E 3617 41.46 70.88 55.86
N ASN E 3618 41.85 69.73 56.43
CA ASN E 3618 41.74 68.48 55.69
C ASN E 3618 40.29 68.19 55.34
N LEU E 3619 39.40 68.38 56.31
CA LEU E 3619 37.97 68.20 56.04
C LEU E 3619 37.52 69.12 54.92
N PHE E 3620 37.90 70.40 54.98
CA PHE E 3620 37.46 71.35 53.99
C PHE E 3620 37.99 71.00 52.61
N LEU E 3621 39.23 70.50 52.54
CA LEU E 3621 39.76 70.07 51.25
C LEU E 3621 38.92 68.96 50.66
N GLN E 3622 38.59 67.94 51.47
CA GLN E 3622 37.76 66.85 50.95
C GLN E 3622 36.39 67.35 50.53
N GLY E 3623 35.78 68.22 51.35
CA GLY E 3623 34.46 68.73 51.04
C GLY E 3623 34.45 69.58 49.78
N TYR E 3624 35.48 70.42 49.62
CA TYR E 3624 35.61 71.24 48.43
C TYR E 3624 35.79 70.37 47.20
N GLU E 3625 36.58 69.31 47.31
CA GLU E 3625 36.78 68.40 46.19
C GLU E 3625 35.48 67.77 45.76
N LYS E 3626 34.69 67.29 46.72
CA LYS E 3626 33.47 66.57 46.36
C LYS E 3626 32.35 67.52 45.93
N SER E 3627 32.33 68.75 46.46
CA SER E 3627 31.19 69.61 46.24
C SER E 3627 31.40 70.56 45.06
N TRP E 3628 32.63 71.01 44.84
CA TRP E 3628 32.92 72.05 43.86
C TRP E 3628 33.72 71.49 42.68
N ILE E 3629 34.88 70.88 42.94
CA ILE E 3629 35.77 70.46 41.87
C ILE E 3629 35.11 69.37 41.02
N GLU E 3630 34.54 68.36 41.68
CA GLU E 3630 33.93 67.25 40.95
C GLU E 3630 32.71 67.71 40.17
N THR E 3631 31.89 68.57 40.77
CA THR E 3631 30.65 68.99 40.12
C THR E 3631 30.92 69.92 38.94
N GLU E 3632 32.07 70.58 38.93
CA GLU E 3632 32.39 71.47 37.83
C GLU E 3632 32.53 70.67 36.54
N GLU E 3633 31.87 71.15 35.48
CA GLU E 3633 31.85 70.47 34.19
C GLU E 3633 32.18 71.46 33.09
N HIS E 3634 33.05 71.04 32.18
CA HIS E 3634 33.40 71.83 31.01
C HIS E 3634 33.34 70.93 29.78
N TYR E 3635 32.79 71.45 28.69
CA TYR E 3635 32.54 70.67 27.48
C TYR E 3635 33.67 70.95 26.49
N PHE E 3636 34.49 69.94 26.24
CA PHE E 3636 35.61 70.05 25.32
C PHE E 3636 35.69 68.90 24.34
N GLU E 3637 34.81 67.89 24.47
CA GLU E 3637 34.96 66.67 23.70
C GLU E 3637 34.84 66.93 22.21
N ASP E 3638 33.84 67.70 21.81
CA ASP E 3638 33.59 67.92 20.39
C ASP E 3638 34.75 68.65 19.73
N LYS E 3639 35.22 69.73 20.36
CA LYS E 3639 36.32 70.49 19.79
C LYS E 3639 37.62 69.68 19.78
N LEU E 3640 37.85 68.90 20.85
CA LEU E 3640 39.04 68.06 20.87
C LEU E 3640 39.01 67.03 19.75
N ILE E 3641 37.87 66.38 19.56
CA ILE E 3641 37.78 65.37 18.51
C ILE E 3641 37.91 66.01 17.13
N GLU E 3642 37.35 67.21 16.95
CA GLU E 3642 37.50 67.90 15.67
C GLU E 3642 38.97 68.25 15.41
N ASP E 3643 39.67 68.75 16.42
CA ASP E 3643 41.09 69.07 16.25
C ASP E 3643 41.90 67.82 15.94
N LEU E 3644 41.62 66.71 16.62
CA LEU E 3644 42.34 65.48 16.33
C LEU E 3644 42.02 64.96 14.93
N ALA E 3645 40.77 65.12 14.50
CA ALA E 3645 40.36 64.58 13.20
C ALA E 3645 40.89 65.43 12.06
N LYS E 3646 41.16 66.71 12.29
CA LYS E 3646 41.65 67.57 11.24
C LYS E 3646 42.96 67.04 10.69
N PRO E 3647 43.11 66.89 9.38
CA PRO E 3647 44.44 66.70 8.80
C PRO E 3647 45.23 67.98 8.96
N GLY E 3648 46.22 67.98 9.85
CA GLY E 3648 46.85 69.21 10.27
C GLY E 3648 47.78 69.77 9.21
N ALA E 3649 47.19 70.33 8.15
CA ALA E 3649 47.92 70.75 6.97
C ALA E 3649 48.72 69.61 6.37
N GLU E 3650 48.20 68.39 6.48
CA GLU E 3650 48.89 67.22 5.94
C GLU E 3650 49.03 67.27 4.42
N PRO E 3651 47.99 67.55 3.64
CA PRO E 3651 48.17 67.70 2.18
C PRO E 3651 49.12 68.85 1.84
N PRO E 3652 49.08 69.98 2.55
CA PRO E 3652 50.16 70.97 2.35
C PRO E 3652 51.53 70.42 2.64
N GLU E 3653 51.66 69.55 3.64
CA GLU E 3653 52.94 68.89 3.88
C GLU E 3653 53.26 67.96 2.72
N GLU E 3654 54.47 68.11 2.18
CA GLU E 3654 54.88 67.36 0.99
C GLU E 3654 55.39 65.98 1.39
N ASP E 3655 54.49 65.01 1.32
CA ASP E 3655 54.87 63.63 1.60
C ASP E 3655 55.12 62.85 0.31
N GLU E 3656 54.41 63.22 -0.78
CA GLU E 3656 54.46 62.49 -2.04
C GLU E 3656 54.25 61.00 -1.82
N GLY E 3657 53.16 60.65 -1.13
CA GLY E 3657 52.86 59.27 -0.85
C GLY E 3657 51.43 59.12 -0.39
N THR E 3658 51.16 57.97 0.23
CA THR E 3658 49.83 57.67 0.72
C THR E 3658 49.43 58.66 1.82
N LYS E 3659 48.14 58.94 1.91
CA LYS E 3659 47.61 59.88 2.90
C LYS E 3659 48.02 59.49 4.30
N ARG E 3660 48.68 60.41 5.02
CA ARG E 3660 49.06 60.15 6.38
C ARG E 3660 47.84 60.09 7.29
N VAL E 3661 47.86 59.15 8.23
CA VAL E 3661 46.76 59.01 9.17
C VAL E 3661 46.72 60.20 10.11
N ASP E 3662 45.51 60.72 10.34
CA ASP E 3662 45.33 61.83 11.24
C ASP E 3662 45.46 61.38 12.69
N PRO E 3663 45.67 62.31 13.63
CA PRO E 3663 45.90 61.90 15.03
C PRO E 3663 44.79 61.04 15.61
N LEU E 3664 43.53 61.33 15.28
CA LEU E 3664 42.45 60.49 15.77
C LEU E 3664 42.58 59.07 15.23
N HIS E 3665 42.95 58.94 13.97
CA HIS E 3665 43.19 57.62 13.38
C HIS E 3665 44.33 56.92 14.10
N GLN E 3666 45.39 57.65 14.43
CA GLN E 3666 46.51 57.04 15.15
C GLN E 3666 46.07 56.55 16.52
N LEU E 3667 45.26 57.35 17.22
CA LEU E 3667 44.78 56.95 18.55
C LEU E 3667 43.95 55.68 18.46
N ILE E 3668 42.99 55.65 17.52
CA ILE E 3668 42.16 54.47 17.36
C ILE E 3668 42.97 53.24 16.95
N LEU E 3669 43.95 53.40 16.06
CA LEU E 3669 44.83 52.32 15.68
C LEU E 3669 45.67 51.80 16.84
N LEU E 3670 46.16 52.69 17.70
CA LEU E 3670 46.85 52.25 18.91
C LEU E 3670 45.92 51.43 19.79
N PHE E 3671 44.71 51.92 20.01
CA PHE E 3671 43.76 51.19 20.84
C PHE E 3671 43.37 49.86 20.21
N SER E 3672 43.35 49.77 18.88
CA SER E 3672 43.04 48.51 18.21
C SER E 3672 44.20 47.53 18.31
N ARG E 3673 45.43 48.01 18.15
CA ARG E 3673 46.60 47.14 18.28
C ARG E 3673 46.70 46.60 19.70
N THR E 3674 46.45 47.44 20.70
CA THR E 3674 46.52 46.97 22.09
C THR E 3674 45.52 45.86 22.33
N ALA E 3675 44.29 46.02 21.82
CA ALA E 3675 43.28 44.98 21.98
C ALA E 3675 43.67 43.71 21.22
N LEU E 3676 44.22 43.86 20.02
CA LEU E 3676 44.56 42.69 19.21
C LEU E 3676 45.75 41.92 19.77
N THR E 3677 46.65 42.58 20.48
CA THR E 3677 47.74 41.86 21.12
C THR E 3677 47.19 40.87 22.14
N GLU E 3678 47.69 39.64 22.10
CA GLU E 3678 47.14 38.58 22.94
C GLU E 3678 47.74 38.67 24.33
N LYS E 3679 46.86 38.82 25.33
CA LYS E 3679 47.24 38.74 26.73
C LYS E 3679 46.21 37.89 27.46
N CYS E 3680 46.62 37.31 28.57
CA CYS E 3680 45.72 36.44 29.33
C CYS E 3680 44.52 37.21 29.86
N LYS E 3681 44.66 38.51 30.09
CA LYS E 3681 43.57 39.32 30.63
C LYS E 3681 43.68 40.73 30.05
N LEU E 3682 42.52 41.34 29.86
CA LEU E 3682 42.47 42.71 29.33
C LEU E 3682 42.82 43.69 30.44
N GLU E 3683 44.04 44.22 30.39
CA GLU E 3683 44.54 45.12 31.42
C GLU E 3683 43.81 46.45 31.35
N GLU E 3684 43.45 46.98 32.52
CA GLU E 3684 42.77 48.27 32.56
C GLU E 3684 43.71 49.38 32.12
N ASP E 3685 43.23 50.20 31.18
CA ASP E 3685 44.02 51.28 30.60
C ASP E 3685 43.31 52.60 30.83
N PHE E 3686 43.92 53.47 31.63
CA PHE E 3686 43.33 54.78 31.88
C PHE E 3686 43.19 55.58 30.60
N LEU E 3687 44.14 55.43 29.68
CA LEU E 3687 44.04 56.12 28.40
C LEU E 3687 42.78 55.73 27.65
N TYR E 3688 42.50 54.43 27.59
CA TYR E 3688 41.28 53.99 26.92
C TYR E 3688 40.06 54.46 27.70
N MET E 3689 40.11 54.37 29.03
CA MET E 3689 39.04 54.84 29.90
C MET E 3689 38.65 56.29 29.64
N ALA E 3690 39.63 57.13 29.31
CA ALA E 3690 39.39 58.55 29.08
C ALA E 3690 38.97 58.81 27.64
N TYR E 3691 39.71 58.27 26.68
CA TYR E 3691 39.46 58.64 25.29
C TYR E 3691 38.22 57.97 24.73
N ALA E 3692 37.90 56.74 25.17
CA ALA E 3692 36.64 56.14 24.76
C ALA E 3692 35.46 56.99 25.24
N ASP E 3693 35.54 57.49 26.48
CA ASP E 3693 34.49 58.35 26.99
C ASP E 3693 34.41 59.65 26.20
N ILE E 3694 35.56 60.24 25.87
CA ILE E 3694 35.56 61.49 25.10
C ILE E 3694 34.90 61.26 23.74
N MET E 3695 35.28 60.18 23.05
CA MET E 3695 34.69 59.89 21.75
C MET E 3695 33.20 59.59 21.86
N ALA E 3696 32.79 58.88 22.91
CA ALA E 3696 31.37 58.59 23.11
C ALA E 3696 30.57 59.88 23.31
N LYS E 3697 31.09 60.81 24.11
CA LYS E 3697 30.39 62.06 24.31
C LYS E 3697 30.35 62.89 23.03
N SER E 3698 31.43 62.85 22.24
CA SER E 3698 31.49 63.63 21.02
C SER E 3698 30.41 63.21 20.03
N CYS E 3699 30.12 61.90 19.96
CA CYS E 3699 29.14 61.41 18.99
C CYS E 3699 27.76 61.98 19.28
N HIS E 3700 27.27 61.85 20.52
CA HIS E 3700 25.92 62.32 20.80
C HIS E 3700 25.87 63.84 20.83
N ASP E 3701 26.81 64.49 21.51
CA ASP E 3701 26.90 65.94 21.58
C ASP E 3701 25.54 66.57 21.91
N GLU E 3702 24.84 65.94 22.84
CA GLU E 3702 23.48 66.35 23.19
C GLU E 3702 23.45 67.05 24.53
N GLU E 3710 9.12 71.34 23.99
CA GLU E 3710 10.26 70.53 23.62
C GLU E 3710 10.14 70.02 22.19
N VAL E 3711 9.01 70.33 21.55
CA VAL E 3711 8.79 69.89 20.18
C VAL E 3711 9.76 70.59 19.24
N LYS E 3712 10.18 69.89 18.20
CA LYS E 3712 11.06 70.45 17.18
C LYS E 3712 10.47 70.19 15.80
N SER E 3713 10.79 71.08 14.87
CA SER E 3713 10.28 70.96 13.52
C SER E 3713 11.00 69.83 12.78
N PHE E 3714 10.40 69.43 11.64
CA PHE E 3714 10.98 68.38 10.83
C PHE E 3714 12.38 68.75 10.35
N GLU E 3715 12.56 69.98 9.89
CA GLU E 3715 13.86 70.38 9.35
C GLU E 3715 14.96 70.30 10.41
N GLU E 3716 14.68 70.78 11.62
CA GLU E 3716 15.71 70.78 12.66
C GLU E 3716 15.94 69.37 13.20
N LYS E 3717 14.89 68.54 13.26
CA LYS E 3717 15.11 67.14 13.63
C LYS E 3717 16.00 66.45 12.60
N GLU E 3718 15.74 66.68 11.31
CA GLU E 3718 16.57 66.08 10.27
C GLU E 3718 17.99 66.63 10.33
N MET E 3719 18.14 67.91 10.67
CA MET E 3719 19.48 68.47 10.82
C MET E 3719 20.23 67.80 11.97
N GLU E 3720 19.54 67.55 13.08
CA GLU E 3720 20.17 66.83 14.18
C GLU E 3720 20.58 65.42 13.76
N LYS E 3721 19.71 64.73 13.00
CA LYS E 3721 20.07 63.40 12.52
C LYS E 3721 21.29 63.45 11.62
N GLN E 3722 21.34 64.41 10.70
CA GLN E 3722 22.48 64.54 9.81
C GLN E 3722 23.76 64.89 10.55
N LYS E 3723 23.68 65.76 11.55
CA LYS E 3723 24.84 66.09 12.38
C LYS E 3723 25.34 64.89 13.17
N LEU E 3724 24.41 64.10 13.72
CA LEU E 3724 24.80 62.89 14.43
C LEU E 3724 25.46 61.89 13.50
N LEU E 3725 24.95 61.74 12.27
CA LEU E 3725 25.60 60.87 11.31
C LEU E 3725 27.02 61.31 10.99
N TYR E 3726 27.26 62.60 10.80
CA TYR E 3726 28.61 63.09 10.55
C TYR E 3726 29.53 62.91 11.74
N GLN E 3727 29.04 63.18 12.95
CA GLN E 3727 29.85 62.95 14.14
C GLN E 3727 30.16 61.49 14.38
N GLN E 3728 29.27 60.58 13.98
CA GLN E 3728 29.56 59.16 14.05
C GLN E 3728 30.50 58.71 12.95
N ALA E 3729 30.41 59.30 11.76
CA ALA E 3729 31.34 59.04 10.68
C ALA E 3729 32.74 59.48 11.02
N ARG E 3730 32.90 60.58 11.75
CA ARG E 3730 34.21 61.04 12.17
C ARG E 3730 34.98 59.97 12.91
N LEU E 3731 34.29 59.06 13.60
CA LEU E 3731 34.94 57.97 14.31
C LEU E 3731 34.94 56.66 13.52
N HIS E 3732 33.80 56.26 12.97
CA HIS E 3732 33.74 54.94 12.34
C HIS E 3732 34.45 54.94 10.99
N ASP E 3733 34.84 56.12 10.49
CA ASP E 3733 35.70 56.16 9.32
C ASP E 3733 37.14 55.81 9.66
N ARG E 3734 37.47 55.77 10.95
CA ARG E 3734 38.84 55.61 11.39
C ARG E 3734 39.06 54.34 12.21
N GLY E 3735 38.13 53.40 12.16
CA GLY E 3735 38.31 52.12 12.81
C GLY E 3735 37.70 51.98 14.18
N ALA E 3736 36.86 52.92 14.61
CA ALA E 3736 36.22 52.82 15.91
C ALA E 3736 35.30 51.61 16.02
N ALA E 3737 34.57 51.30 14.96
CA ALA E 3737 33.68 50.14 14.98
C ALA E 3737 34.46 48.85 15.17
N GLU E 3738 35.61 48.74 14.49
CA GLU E 3738 36.44 47.56 14.67
C GLU E 3738 37.08 47.52 16.05
N MET E 3739 37.52 48.67 16.55
CA MET E 3739 38.15 48.69 17.87
C MET E 3739 37.18 48.32 18.98
N VAL E 3740 35.94 48.80 18.92
CA VAL E 3740 34.97 48.45 19.97
C VAL E 3740 34.53 47.01 19.91
N LEU E 3741 34.77 46.31 18.79
CA LEU E 3741 34.57 44.87 18.73
C LEU E 3741 35.79 44.12 19.25
N GLN E 3742 36.99 44.58 18.88
CA GLN E 3742 38.21 43.93 19.34
C GLN E 3742 38.34 44.00 20.85
N THR E 3743 38.00 45.14 21.44
CA THR E 3743 38.09 45.27 22.89
C THR E 3743 37.13 44.32 23.59
N ILE E 3744 35.90 44.20 23.09
CA ILE E 3744 34.95 43.26 23.68
C ILE E 3744 35.45 41.84 23.52
N SER E 3745 36.03 41.51 22.36
CA SER E 3745 36.57 40.16 22.17
C SER E 3745 37.71 39.88 23.13
N ALA E 3746 38.59 40.86 23.36
CA ALA E 3746 39.70 40.66 24.28
C ALA E 3746 39.25 40.67 25.73
N SER E 3747 38.07 41.21 26.01
CA SER E 3747 37.55 41.19 27.37
C SER E 3747 37.40 39.78 27.92
N LYS E 3748 37.16 38.80 27.04
CA LYS E 3748 37.05 37.40 27.44
C LYS E 3748 35.97 37.19 28.49
N GLY E 3749 34.88 37.94 28.36
CA GLY E 3749 33.76 37.79 29.27
C GLY E 3749 34.06 38.16 30.70
N GLU E 3750 34.83 39.22 30.93
CA GLU E 3750 35.14 39.71 32.26
C GLU E 3750 34.58 41.12 32.39
N THR E 3751 33.58 41.28 33.24
CA THR E 3751 32.99 42.60 33.45
C THR E 3751 34.01 43.53 34.10
N GLY E 3752 34.15 44.72 33.53
CA GLY E 3752 35.08 45.70 34.02
C GLY E 3752 34.85 47.05 33.40
N PRO E 3753 35.54 48.07 33.90
CA PRO E 3753 35.37 49.41 33.33
C PRO E 3753 35.70 49.48 31.85
N MET E 3754 36.70 48.71 31.41
CA MET E 3754 37.10 48.78 30.01
C MET E 3754 35.97 48.37 29.08
N VAL E 3755 35.35 47.23 29.34
CA VAL E 3755 34.22 46.80 28.52
C VAL E 3755 33.02 47.70 28.78
N ALA E 3756 32.89 48.23 29.99
CA ALA E 3756 31.79 49.14 30.30
C ALA E 3756 31.83 50.40 29.46
N ALA E 3757 33.02 50.93 29.18
CA ALA E 3757 33.17 52.09 28.30
C ALA E 3757 33.22 51.72 26.82
N THR E 3758 33.72 50.53 26.49
CA THR E 3758 33.63 50.06 25.11
C THR E 3758 32.18 49.94 24.66
N LEU E 3759 31.32 49.41 25.54
CA LEU E 3759 29.90 49.33 25.21
C LEU E 3759 29.30 50.71 25.01
N LYS E 3760 29.68 51.67 25.85
CA LYS E 3760 29.16 53.02 25.70
C LYS E 3760 29.60 53.63 24.37
N LEU E 3761 30.86 53.43 23.99
CA LEU E 3761 31.33 53.94 22.71
C LEU E 3761 30.60 53.28 21.55
N GLY E 3762 30.39 51.97 21.64
CA GLY E 3762 29.65 51.28 20.58
C GLY E 3762 28.24 51.81 20.45
N ILE E 3763 27.57 52.03 21.58
CA ILE E 3763 26.23 52.60 21.56
C ILE E 3763 26.26 53.99 20.93
N ALA E 3764 27.26 54.80 21.30
CA ALA E 3764 27.34 56.15 20.79
C ALA E 3764 27.49 56.16 19.27
N ILE E 3765 28.33 55.26 18.74
CA ILE E 3765 28.54 55.27 17.30
C ILE E 3765 27.40 54.56 16.58
N LEU E 3766 26.61 53.77 17.30
CA LEU E 3766 25.53 53.01 16.69
C LEU E 3766 24.15 53.62 16.90
N ASN E 3767 24.05 54.75 17.61
CA ASN E 3767 22.75 55.34 17.88
C ASN E 3767 22.06 55.72 16.57
N GLY E 3768 20.74 55.55 16.55
CA GLY E 3768 19.98 55.77 15.35
C GLY E 3768 19.99 54.64 14.36
N GLY E 3769 20.54 53.48 14.73
CA GLY E 3769 20.62 52.37 13.82
C GLY E 3769 21.51 52.64 12.63
N ASN E 3770 22.73 53.09 12.90
CA ASN E 3770 23.66 53.43 11.82
C ASN E 3770 23.95 52.20 10.97
N SER E 3771 23.42 52.18 9.76
CA SER E 3771 23.58 51.03 8.88
C SER E 3771 25.01 50.84 8.43
N THR E 3772 25.74 51.93 8.21
CA THR E 3772 27.14 51.80 7.83
C THR E 3772 27.95 51.14 8.93
N VAL E 3773 27.73 51.57 10.17
CA VAL E 3773 28.41 50.94 11.30
C VAL E 3773 28.00 49.49 11.48
N GLN E 3774 26.71 49.18 11.31
CA GLN E 3774 26.26 47.80 11.41
C GLN E 3774 26.94 46.93 10.36
N GLN E 3775 27.02 47.42 9.12
CA GLN E 3775 27.66 46.66 8.05
C GLN E 3775 29.14 46.48 8.31
N LYS E 3776 29.82 47.52 8.79
CA LYS E 3776 31.23 47.39 9.12
C LYS E 3776 31.44 46.35 10.22
N MET E 3777 30.61 46.39 11.26
CA MET E 3777 30.74 45.43 12.34
C MET E 3777 30.50 44.01 11.87
N LEU E 3778 29.47 43.78 11.05
CA LEU E 3778 29.19 42.45 10.56
C LEU E 3778 30.29 41.96 9.61
N ASP E 3779 30.78 42.83 8.73
CA ASP E 3779 31.83 42.43 7.80
C ASP E 3779 33.11 42.08 8.53
N TYR E 3780 33.48 42.87 9.54
CA TYR E 3780 34.69 42.57 10.30
C TYR E 3780 34.58 41.21 10.98
N LEU E 3781 33.43 40.95 11.60
CA LEU E 3781 33.25 39.68 12.30
C LEU E 3781 33.30 38.51 11.33
N LYS E 3782 32.62 38.64 10.19
CA LYS E 3782 32.60 37.55 9.21
C LYS E 3782 33.99 37.31 8.65
N GLU E 3783 34.73 38.39 8.37
CA GLU E 3783 36.05 38.24 7.77
C GLU E 3783 37.04 37.62 8.76
N LYS E 3784 37.07 38.13 9.99
CA LYS E 3784 38.05 37.64 10.95
C LYS E 3784 37.64 36.32 11.58
N LYS E 3785 36.39 35.90 11.40
CA LYS E 3785 35.88 34.66 11.97
C LYS E 3785 36.12 34.63 13.49
N ASP E 3786 35.77 35.73 14.14
CA ASP E 3786 36.03 35.90 15.56
C ASP E 3786 34.99 35.17 16.39
N VAL E 3787 35.40 34.06 17.02
CA VAL E 3787 34.54 33.39 17.99
C VAL E 3787 34.67 34.02 19.36
N GLY E 3788 35.80 34.65 19.65
CA GLY E 3788 35.99 35.25 20.96
C GLY E 3788 34.99 36.36 21.25
N PHE E 3789 34.55 37.07 20.22
CA PHE E 3789 33.57 38.14 20.42
C PHE E 3789 32.29 37.58 21.01
N PHE E 3790 31.75 36.53 20.42
CA PHE E 3790 30.49 35.97 20.91
C PHE E 3790 30.69 35.24 22.23
N GLN E 3791 31.84 34.58 22.40
CA GLN E 3791 32.10 33.94 23.69
C GLN E 3791 32.16 34.98 24.81
N SER E 3792 32.81 36.12 24.55
CA SER E 3792 32.86 37.19 25.53
C SER E 3792 31.49 37.80 25.76
N LEU E 3793 30.68 37.90 24.71
CA LEU E 3793 29.31 38.40 24.88
C LEU E 3793 28.51 37.50 25.83
N ALA E 3794 28.59 36.18 25.62
CA ALA E 3794 27.91 35.26 26.51
C ALA E 3794 28.46 35.33 27.92
N GLY E 3795 29.78 35.45 28.07
CA GLY E 3795 30.36 35.60 29.39
C GLY E 3795 29.89 36.85 30.10
N LEU E 3796 29.82 37.97 29.39
CA LEU E 3796 29.31 39.20 30.00
C LEU E 3796 27.85 39.07 30.40
N MET E 3797 27.04 38.42 29.56
CA MET E 3797 25.66 38.20 29.93
C MET E 3797 25.53 37.38 31.20
N GLN E 3798 26.34 36.31 31.32
CA GLN E 3798 26.32 35.52 32.54
C GLN E 3798 26.79 36.35 33.73
N SER E 3799 27.80 37.19 33.52
CA SER E 3799 28.34 38.00 34.62
C SER E 3799 27.41 39.13 35.03
N CYS E 3800 26.44 39.48 34.20
CA CYS E 3800 25.50 40.54 34.57
C CYS E 3800 24.74 40.18 35.83
N SER E 3801 24.64 41.13 36.75
CA SER E 3801 24.04 40.90 38.05
C SER E 3801 22.54 41.15 38.02
N VAL E 3802 21.86 40.71 39.08
CA VAL E 3802 20.43 40.86 39.22
C VAL E 3802 20.11 41.25 40.66
N LEU E 3803 18.82 41.41 40.94
CA LEU E 3803 18.36 41.74 42.28
C LEU E 3803 18.77 40.65 43.25
N ASP E 3804 19.31 41.06 44.41
CA ASP E 3804 19.73 40.11 45.43
C ASP E 3804 19.02 40.43 46.74
N LEU E 3805 18.02 39.60 47.08
CA LEU E 3805 17.19 39.86 48.26
C LEU E 3805 18.00 39.74 49.54
N ASN E 3806 18.98 38.83 49.56
CA ASN E 3806 19.84 38.69 50.74
C ASN E 3806 20.63 39.98 50.99
N ALA E 3807 21.19 40.54 49.93
CA ALA E 3807 21.89 41.82 50.07
C ALA E 3807 20.94 42.92 50.51
N PHE E 3808 19.72 42.93 49.96
CA PHE E 3808 18.76 43.93 50.40
C PHE E 3808 18.43 43.80 51.87
N GLU E 3809 18.26 42.56 52.36
CA GLU E 3809 17.97 42.35 53.77
C GLU E 3809 19.12 42.82 54.64
N ARG E 3810 20.36 42.50 54.24
CA ARG E 3810 21.52 42.95 55.01
C ARG E 3810 21.60 44.47 55.03
N GLN E 3811 21.37 45.11 53.88
CA GLN E 3811 21.36 46.57 53.80
C GLN E 3811 20.29 47.19 54.69
N ASN E 3812 19.09 46.62 54.70
CA ASN E 3812 18.03 47.11 55.57
C ASN E 3812 18.37 46.92 57.04
N LYS E 3813 18.99 45.79 57.39
CA LYS E 3813 19.38 45.57 58.78
C LYS E 3813 20.44 46.58 59.22
N ALA E 3814 21.37 46.91 58.33
CA ALA E 3814 22.38 47.92 58.66
C ALA E 3814 21.73 49.26 58.95
N GLU E 3815 20.76 49.67 58.12
CA GLU E 3815 20.05 50.91 58.36
C GLU E 3815 19.26 50.85 59.66
N GLY E 3816 18.64 49.70 59.93
CA GLY E 3816 17.88 49.55 61.16
C GLY E 3816 18.74 49.70 62.39
N LEU E 3817 19.94 49.11 62.38
CA LEU E 3817 20.85 49.31 63.49
C LEU E 3817 21.30 50.76 63.57
N GLY E 3818 21.58 51.40 62.44
CA GLY E 3818 21.83 52.83 62.41
C GLY E 3818 23.16 53.27 61.86
N MET E 3819 23.98 52.36 61.33
CA MET E 3819 25.23 52.79 60.69
C MET E 3819 24.92 53.58 59.43
N VAL E 3820 25.67 54.66 59.20
CA VAL E 3820 25.42 55.49 58.05
C VAL E 3820 25.81 54.76 56.77
N THR E 3821 24.91 54.78 55.79
CA THR E 3821 25.16 54.08 54.54
C THR E 3821 26.25 54.80 53.73
N GLU E 3822 27.26 54.04 53.33
CA GLU E 3822 28.28 54.59 52.44
C GLU E 3822 27.68 54.94 51.08
N GLU E 3823 26.78 54.09 50.60
CA GLU E 3823 26.08 54.31 49.34
C GLU E 3823 24.58 54.39 49.64
N GLY E 3824 23.94 55.45 49.15
CA GLY E 3824 22.54 55.67 49.50
C GLY E 3824 21.58 54.87 48.64
N SER E 3825 22.01 54.48 47.44
CA SER E 3825 21.13 53.82 46.48
C SER E 3825 21.17 52.31 46.59
N GLY E 3826 21.89 51.75 47.56
CA GLY E 3826 22.00 50.31 47.67
C GLY E 3826 22.66 49.68 46.48
N GLU E 3827 23.82 50.23 46.08
CA GLU E 3827 24.48 49.79 44.86
C GLU E 3827 24.90 48.32 44.94
N LYS E 3828 25.00 47.76 46.15
CA LYS E 3828 25.26 46.33 46.27
C LYS E 3828 24.16 45.51 45.63
N VAL E 3829 22.91 45.90 45.84
CA VAL E 3829 21.78 45.27 45.16
C VAL E 3829 21.72 45.80 43.74
N LEU E 3830 21.62 44.89 42.77
CA LEU E 3830 21.71 45.25 41.35
C LEU E 3830 23.01 45.99 41.08
N GLN E 3831 24.14 45.27 41.22
CA GLN E 3831 25.48 45.84 41.22
C GLN E 3831 25.70 46.88 40.13
N ASP E 3832 25.50 46.51 38.88
CA ASP E 3832 25.72 47.42 37.75
C ASP E 3832 24.55 47.32 36.79
N ASP E 3833 23.53 48.14 37.02
CA ASP E 3833 22.40 48.24 36.12
C ASP E 3833 22.72 49.06 34.88
N GLU E 3834 23.73 49.92 34.95
CA GLU E 3834 24.17 50.66 33.77
C GLU E 3834 24.84 49.72 32.78
N PHE E 3835 25.69 48.81 33.26
CA PHE E 3835 26.40 47.92 32.35
C PHE E 3835 25.44 46.97 31.64
N THR E 3836 24.48 46.40 32.38
CA THR E 3836 23.53 45.49 31.75
C THR E 3836 22.69 46.20 30.69
N CYS E 3837 22.19 47.38 31.03
CA CYS E 3837 21.41 48.16 30.08
C CYS E 3837 22.24 48.54 28.87
N ASP E 3838 23.50 48.92 29.07
CA ASP E 3838 24.36 49.28 27.95
C ASP E 3838 24.63 48.07 27.07
N LEU E 3839 24.88 46.91 27.67
CA LEU E 3839 25.10 45.70 26.89
C LEU E 3839 23.90 45.35 26.03
N PHE E 3840 22.71 45.34 26.61
CA PHE E 3840 21.55 44.97 25.82
C PHE E 3840 21.13 46.06 24.85
N ARG E 3841 21.41 47.33 25.16
CA ARG E 3841 21.19 48.39 24.19
C ARG E 3841 22.12 48.26 23.00
N PHE E 3842 23.38 47.90 23.26
CA PHE E 3842 24.32 47.62 22.18
C PHE E 3842 23.83 46.47 21.31
N LEU E 3843 23.39 45.40 21.93
CA LEU E 3843 22.87 44.25 21.20
C LEU E 3843 21.62 44.58 20.40
N GLN E 3844 20.75 45.44 20.91
CA GLN E 3844 19.59 45.92 20.17
C GLN E 3844 19.96 46.83 19.01
N LEU E 3845 20.86 47.78 19.24
CA LEU E 3845 21.32 48.64 18.15
C LEU E 3845 21.99 47.83 17.05
N LEU E 3846 22.58 46.70 17.40
CA LEU E 3846 23.17 45.83 16.41
C LEU E 3846 22.12 45.26 15.45
N CYS E 3847 20.85 45.29 15.84
CA CYS E 3847 19.78 44.71 15.04
C CYS E 3847 18.69 45.70 14.67
N GLU E 3848 18.79 46.96 15.11
CA GLU E 3848 17.75 47.93 14.79
C GLU E 3848 17.68 48.16 13.29
N GLY E 3849 16.52 48.66 12.85
CA GLY E 3849 16.26 48.79 11.44
C GLY E 3849 15.94 47.50 10.74
N HIS E 3850 15.66 46.44 11.49
CA HIS E 3850 15.39 45.11 10.93
C HIS E 3850 16.56 44.63 10.08
N ASN E 3851 17.74 44.57 10.70
CA ASN E 3851 18.94 44.06 10.04
C ASN E 3851 18.91 42.55 10.07
N SER E 3852 18.32 41.94 9.04
CA SER E 3852 18.14 40.50 9.01
C SER E 3852 19.46 39.75 9.01
N ASP E 3853 20.46 40.25 8.29
CA ASP E 3853 21.75 39.57 8.24
C ASP E 3853 22.34 39.43 9.63
N PHE E 3854 22.42 40.53 10.37
CA PHE E 3854 23.02 40.45 11.69
C PHE E 3854 22.12 39.73 12.68
N GLN E 3855 20.81 39.84 12.50
CA GLN E 3855 19.87 39.09 13.33
C GLN E 3855 20.12 37.60 13.22
N ASN E 3856 20.28 37.10 11.99
CA ASN E 3856 20.56 35.68 11.80
C ASN E 3856 21.96 35.32 12.26
N TYR E 3857 22.92 36.23 12.07
CA TYR E 3857 24.29 35.93 12.42
C TYR E 3857 24.47 35.83 13.94
N LEU E 3858 23.65 36.56 14.69
CA LEU E 3858 23.67 36.43 16.14
C LEU E 3858 23.24 35.03 16.57
N ARG E 3859 22.19 34.50 15.93
CA ARG E 3859 21.71 33.18 16.31
C ARG E 3859 22.68 32.10 15.87
N THR E 3860 23.14 32.15 14.62
CA THR E 3860 24.03 31.11 14.08
C THR E 3860 25.17 31.79 13.34
N GLN E 3861 26.39 31.64 13.87
CA GLN E 3861 27.59 32.12 13.22
C GLN E 3861 28.05 31.04 12.24
N THR E 3862 27.65 31.20 10.99
CA THR E 3862 27.85 30.12 10.01
C THR E 3862 29.33 29.87 9.75
N GLY E 3863 30.10 30.93 9.52
CA GLY E 3863 31.51 30.75 9.19
C GLY E 3863 32.32 30.19 10.34
N ASN E 3864 31.98 30.58 11.57
CA ASN E 3864 32.79 30.21 12.73
C ASN E 3864 32.69 28.72 13.00
N ASN E 3865 33.77 28.18 13.58
CA ASN E 3865 33.78 26.78 13.99
C ASN E 3865 32.78 26.54 15.12
N THR E 3866 32.71 27.46 16.08
CA THR E 3866 31.84 27.33 17.24
C THR E 3866 30.82 28.46 17.23
N THR E 3867 29.57 28.11 17.48
CA THR E 3867 28.46 29.06 17.45
C THR E 3867 27.86 29.22 18.84
N VAL E 3868 27.64 30.47 19.23
CA VAL E 3868 27.01 30.81 20.50
C VAL E 3868 25.68 31.49 20.20
N ASN E 3869 24.61 31.03 20.85
CA ASN E 3869 23.28 31.56 20.60
C ASN E 3869 23.02 32.73 21.54
N ILE E 3870 23.43 33.91 21.09
CA ILE E 3870 23.15 35.15 21.82
C ILE E 3870 21.66 35.34 22.04
N ILE E 3871 20.84 34.92 21.07
CA ILE E 3871 19.40 35.08 21.19
C ILE E 3871 18.87 34.28 22.38
N ILE E 3872 19.42 33.10 22.62
CA ILE E 3872 18.97 32.28 23.74
C ILE E 3872 19.61 32.75 25.04
N SER E 3873 20.83 33.27 24.99
CA SER E 3873 21.43 33.82 26.20
C SER E 3873 20.64 35.02 26.71
N THR E 3874 20.11 35.83 25.79
CA THR E 3874 19.25 36.94 26.19
C THR E 3874 18.01 36.42 26.93
N VAL E 3875 17.41 35.34 26.44
CA VAL E 3875 16.25 34.77 27.11
C VAL E 3875 16.63 34.23 28.48
N ASP E 3876 17.82 33.64 28.61
CA ASP E 3876 18.27 33.15 29.91
C ASP E 3876 18.41 34.30 30.90
N TYR E 3877 19.01 35.41 30.49
CA TYR E 3877 19.09 36.56 31.38
C TYR E 3877 17.71 37.12 31.72
N LEU E 3878 16.79 37.12 30.74
CA LEU E 3878 15.44 37.55 31.03
C LEU E 3878 14.79 36.66 32.08
N LEU E 3879 14.99 35.35 31.99
CA LEU E 3879 14.46 34.44 32.99
C LEU E 3879 15.06 34.70 34.36
N ARG E 3880 16.36 34.96 34.45
CA ARG E 3880 16.97 35.26 35.74
C ARG E 3880 16.45 36.57 36.35
N VAL E 3881 16.38 37.64 35.56
CA VAL E 3881 15.86 38.89 36.09
C VAL E 3881 14.38 38.80 36.45
N GLN E 3882 13.60 37.99 35.73
CA GLN E 3882 12.22 37.73 36.13
C GLN E 3882 12.16 37.08 37.50
N GLU E 3883 12.99 36.07 37.74
CA GLU E 3883 13.00 35.42 39.05
C GLU E 3883 13.39 36.40 40.14
N SER E 3884 14.38 37.26 39.87
CA SER E 3884 14.78 38.26 40.85
C SER E 3884 13.62 39.19 41.19
N ILE E 3885 12.94 39.70 40.16
CA ILE E 3885 11.80 40.60 40.37
C ILE E 3885 10.69 39.89 41.13
N SER E 3886 10.40 38.64 40.77
CA SER E 3886 9.35 37.88 41.45
C SER E 3886 9.68 37.67 42.93
N ASP E 3887 10.93 37.34 43.24
CA ASP E 3887 11.33 37.16 44.63
C ASP E 3887 11.21 38.47 45.40
N PHE E 3888 11.60 39.58 44.77
CA PHE E 3888 11.56 40.86 45.46
C PHE E 3888 10.11 41.28 45.70
N TYR E 3889 9.23 41.00 44.74
CA TYR E 3889 7.80 41.17 44.95
C TYR E 3889 7.28 40.32 46.09
N TRP E 3890 7.68 39.05 46.13
CA TRP E 3890 7.22 38.19 47.21
C TRP E 3890 7.69 38.71 48.56
N TYR E 3891 8.87 39.32 48.61
CA TYR E 3891 9.32 39.98 49.82
C TYR E 3891 8.40 41.14 50.21
N TYR E 3892 8.08 42.00 49.26
CA TYR E 3892 7.30 43.20 49.59
C TYR E 3892 5.80 42.96 49.64
N SER E 3893 5.32 41.77 49.27
CA SER E 3893 3.88 41.54 49.22
C SER E 3893 3.25 41.62 50.59
N GLY E 3894 3.87 40.98 51.59
CA GLY E 3894 3.32 41.03 52.93
C GLY E 3894 3.34 42.44 53.52
N LYS E 3895 4.42 43.19 53.26
CA LYS E 3895 4.53 44.54 53.79
C LYS E 3895 3.50 45.45 53.13
N ASP E 3896 2.86 46.28 53.93
CA ASP E 3896 1.82 47.17 53.40
C ASP E 3896 2.40 48.27 52.54
N VAL E 3897 3.54 48.83 52.95
CA VAL E 3897 4.15 49.97 52.28
C VAL E 3897 5.53 49.57 51.78
N ILE E 3898 5.89 50.07 50.60
CA ILE E 3898 7.20 49.85 50.02
C ILE E 3898 8.06 51.08 50.31
N ASP E 3899 9.21 50.86 50.94
CA ASP E 3899 10.07 51.97 51.29
C ASP E 3899 10.76 52.54 50.03
N GLU E 3900 11.49 53.63 50.23
CA GLU E 3900 12.13 54.31 49.12
C GLU E 3900 13.17 53.41 48.45
N GLN E 3901 13.95 52.69 49.25
CA GLN E 3901 14.98 51.83 48.68
C GLN E 3901 14.38 50.71 47.85
N GLY E 3902 13.31 50.10 48.34
CA GLY E 3902 12.64 49.07 47.57
C GLY E 3902 12.01 49.62 46.30
N GLN E 3903 11.43 50.81 46.39
CA GLN E 3903 10.82 51.45 45.24
C GLN E 3903 11.85 51.84 44.17
N ARG E 3904 13.07 52.17 44.58
CA ARG E 3904 14.17 52.38 43.67
C ARG E 3904 14.70 51.10 43.04
N ASN E 3905 14.82 50.04 43.84
CA ASN E 3905 15.28 48.76 43.31
C ASN E 3905 14.29 48.19 42.30
N PHE E 3906 13.00 48.28 42.59
CA PHE E 3906 11.99 47.92 41.60
C PHE E 3906 12.17 48.72 40.32
N SER E 3907 12.40 50.03 40.44
CA SER E 3907 12.55 50.86 39.25
C SER E 3907 13.73 50.40 38.40
N LYS E 3908 14.87 50.18 39.02
CA LYS E 3908 16.04 49.75 38.26
C LYS E 3908 15.85 48.38 37.63
N ALA E 3909 15.29 47.43 38.36
CA ALA E 3909 15.01 46.11 37.80
C ALA E 3909 14.01 46.17 36.66
N ILE E 3910 12.96 46.97 36.79
CA ILE E 3910 11.98 47.12 35.72
C ILE E 3910 12.62 47.73 34.49
N GLN E 3911 13.50 48.71 34.68
CA GLN E 3911 14.20 49.29 33.54
C GLN E 3911 15.07 48.26 32.82
N VAL E 3912 15.78 47.43 33.59
CA VAL E 3912 16.60 46.39 32.97
C VAL E 3912 15.74 45.40 32.20
N ALA E 3913 14.63 44.97 32.80
CA ALA E 3913 13.74 44.02 32.13
C ALA E 3913 13.13 44.63 30.87
N LYS E 3914 12.79 45.92 30.93
CA LYS E 3914 12.27 46.62 29.77
C LYS E 3914 13.30 46.64 28.63
N GLN E 3915 14.55 46.92 28.96
CA GLN E 3915 15.58 46.91 27.94
C GLN E 3915 15.76 45.51 27.34
N VAL E 3916 15.72 44.48 28.17
CA VAL E 3916 15.86 43.12 27.65
C VAL E 3916 14.70 42.77 26.73
N PHE E 3917 13.48 43.15 27.11
CA PHE E 3917 12.32 42.89 26.27
C PHE E 3917 12.44 43.62 24.93
N ASN E 3918 12.91 44.87 24.96
CA ASN E 3918 13.11 45.60 23.72
C ASN E 3918 14.16 44.91 22.84
N THR E 3919 15.23 44.41 23.45
CA THR E 3919 16.25 43.72 22.68
C THR E 3919 15.68 42.46 22.03
N LEU E 3920 14.87 41.70 22.76
CA LEU E 3920 14.26 40.51 22.19
C LEU E 3920 13.30 40.88 21.06
N THR E 3921 12.53 41.94 21.23
CA THR E 3921 11.63 42.39 20.16
C THR E 3921 12.42 42.76 18.92
N GLU E 3922 13.54 43.47 19.08
CA GLU E 3922 14.38 43.77 17.94
C GLU E 3922 14.98 42.53 17.31
N TYR E 3923 15.28 41.51 18.12
CA TYR E 3923 15.73 40.23 17.57
C TYR E 3923 14.67 39.60 16.68
N ILE E 3924 13.42 39.61 17.11
CA ILE E 3924 12.40 38.77 16.50
C ILE E 3924 11.61 39.50 15.42
N GLN E 3925 11.66 40.83 15.37
CA GLN E 3925 10.95 41.52 14.30
C GLN E 3925 11.62 41.31 12.95
N GLY E 3926 11.07 41.91 11.91
CA GLY E 3926 11.52 41.66 10.56
C GLY E 3926 11.29 40.22 10.18
N PRO E 3927 10.07 39.73 10.44
CA PRO E 3927 9.80 38.29 10.55
C PRO E 3927 11.00 37.36 10.49
N CYS E 3928 11.94 37.53 11.42
CA CYS E 3928 13.10 36.65 11.50
C CYS E 3928 12.64 35.31 12.06
N THR E 3929 12.30 34.39 11.14
CA THR E 3929 11.68 33.14 11.55
C THR E 3929 12.60 32.29 12.39
N GLY E 3930 13.91 32.30 12.11
CA GLY E 3930 14.83 31.52 12.92
C GLY E 3930 14.83 31.94 14.37
N ASN E 3931 14.94 33.25 14.62
CA ASN E 3931 14.89 33.73 16.00
C ASN E 3931 13.52 33.54 16.60
N GLN E 3932 12.45 33.66 15.81
CA GLN E 3932 11.13 33.40 16.33
C GLN E 3932 11.01 31.98 16.84
N GLN E 3933 11.49 31.01 16.06
CA GLN E 3933 11.42 29.61 16.48
C GLN E 3933 12.33 29.36 17.68
N SER E 3934 13.50 29.99 17.70
CA SER E 3934 14.40 29.82 18.83
C SER E 3934 13.75 30.30 20.12
N LEU E 3935 13.12 31.47 20.09
CA LEU E 3935 12.40 31.94 21.29
C LEU E 3935 11.22 31.03 21.60
N ALA E 3936 10.52 30.53 20.58
CA ALA E 3936 9.36 29.68 20.83
C ALA E 3936 9.76 28.43 21.58
N HIS E 3937 10.91 27.85 21.24
CA HIS E 3937 11.37 26.64 21.91
C HIS E 3937 12.27 26.94 23.11
N SER E 3938 12.60 28.20 23.36
CA SER E 3938 13.42 28.55 24.51
C SER E 3938 12.60 28.62 25.80
N ARG E 3939 13.21 29.16 26.86
CA ARG E 3939 12.57 29.28 28.16
C ARG E 3939 11.87 30.63 28.33
N LEU E 3940 11.50 31.27 27.22
CA LEU E 3940 10.83 32.57 27.30
C LEU E 3940 9.48 32.44 27.99
N TRP E 3941 8.79 31.31 27.80
CA TRP E 3941 7.44 31.17 28.31
C TRP E 3941 7.37 31.25 29.83
N ASP E 3942 8.34 30.66 30.53
CA ASP E 3942 8.39 30.77 31.98
C ASP E 3942 8.57 32.21 32.44
N ALA E 3943 9.46 32.96 31.78
CA ALA E 3943 9.64 34.35 32.15
C ALA E 3943 8.35 35.13 31.94
N VAL E 3944 7.67 34.90 30.82
CA VAL E 3944 6.46 35.66 30.54
C VAL E 3944 5.35 35.29 31.53
N VAL E 3945 5.22 33.99 31.85
CA VAL E 3945 4.19 33.58 32.80
C VAL E 3945 4.49 34.07 34.22
N GLY E 3946 5.76 34.29 34.55
CA GLY E 3946 6.07 34.90 35.83
C GLY E 3946 5.76 36.37 35.86
N PHE E 3947 6.13 37.09 34.80
CA PHE E 3947 5.77 38.50 34.70
C PHE E 3947 4.26 38.69 34.72
N LEU E 3948 3.51 37.74 34.16
CA LEU E 3948 2.05 37.88 34.19
C LEU E 3948 1.53 37.85 35.62
N HIS E 3949 2.03 36.93 36.43
CA HIS E 3949 1.65 36.89 37.84
C HIS E 3949 2.04 38.18 38.55
N VAL E 3950 3.27 38.65 38.31
CA VAL E 3950 3.74 39.86 38.97
C VAL E 3950 2.86 41.04 38.61
N PHE E 3951 2.55 41.20 37.32
CA PHE E 3951 1.69 42.29 36.88
C PHE E 3951 0.30 42.17 37.49
N ALA E 3952 -0.27 40.96 37.47
CA ALA E 3952 -1.64 40.77 37.92
C ALA E 3952 -1.78 41.14 39.39
N HIS E 3953 -0.75 40.85 40.19
CA HIS E 3953 -0.91 41.18 41.60
C HIS E 3953 -0.46 42.60 41.95
N MET E 3954 0.61 43.10 41.34
CA MET E 3954 1.01 44.48 41.61
C MET E 3954 0.02 45.50 41.08
N GLN E 3955 -0.68 45.22 39.99
CA GLN E 3955 -1.68 46.16 39.50
C GLN E 3955 -2.80 46.38 40.51
N MET E 3956 -3.10 45.39 41.34
CA MET E 3956 -4.11 45.53 42.39
C MET E 3956 -3.51 45.95 43.72
N LYS E 3957 -2.21 45.74 43.93
CA LYS E 3957 -1.56 46.16 45.17
C LYS E 3957 -1.18 47.64 45.15
N LEU E 3958 -0.40 48.05 44.15
CA LEU E 3958 0.09 49.43 44.11
C LEU E 3958 -1.03 50.42 43.86
N SER E 3959 -2.00 50.08 43.02
CA SER E 3959 -3.01 51.06 42.59
C SER E 3959 -3.83 51.55 43.78
N GLN E 3960 -3.95 50.75 44.82
CA GLN E 3960 -4.71 51.17 45.99
C GLN E 3960 -4.04 52.34 46.70
N ASP E 3961 -2.72 52.30 46.82
CA ASP E 3961 -1.97 53.32 47.54
C ASP E 3961 -1.45 54.38 46.56
N SER E 3962 -1.55 55.64 46.96
CA SER E 3962 -1.20 56.74 46.08
C SER E 3962 0.28 57.09 46.11
N SER E 3963 1.10 56.34 46.85
CA SER E 3963 2.52 56.68 46.97
C SER E 3963 3.41 55.90 46.02
N GLN E 3964 2.84 55.07 45.14
CA GLN E 3964 3.61 54.27 44.20
C GLN E 3964 3.09 54.44 42.77
N ILE E 3965 2.63 55.65 42.45
CA ILE E 3965 2.08 55.89 41.12
C ILE E 3965 3.17 55.78 40.07
N GLU E 3966 4.37 56.31 40.35
CA GLU E 3966 5.49 56.17 39.43
C GLU E 3966 5.89 54.72 39.23
N LEU E 3967 5.91 53.94 40.30
CA LEU E 3967 6.20 52.52 40.17
C LEU E 3967 5.16 51.81 39.33
N LEU E 3968 3.88 52.17 39.51
CA LEU E 3968 2.83 51.59 38.70
C LEU E 3968 3.01 51.94 37.23
N LYS E 3969 3.40 53.19 36.95
CA LYS E 3969 3.65 53.59 35.57
C LYS E 3969 4.77 52.76 34.95
N GLU E 3970 5.89 52.64 35.65
CA GLU E 3970 7.01 51.86 35.13
C GLU E 3970 6.60 50.41 34.90
N LEU E 3971 5.86 49.85 35.85
CA LEU E 3971 5.43 48.47 35.75
C LEU E 3971 4.49 48.22 34.58
N MET E 3972 3.53 49.12 34.33
CA MET E 3972 2.63 48.97 33.21
C MET E 3972 3.30 49.29 31.88
N ASP E 3973 4.40 50.04 31.89
CA ASP E 3973 5.24 50.14 30.71
C ASP E 3973 5.95 48.84 30.40
N LEU E 3974 6.44 48.16 31.43
CA LEU E 3974 7.02 46.84 31.23
C LEU E 3974 5.99 45.87 30.66
N GLN E 3975 4.74 45.95 31.13
CA GLN E 3975 3.68 45.13 30.57
C GLN E 3975 3.47 45.42 29.09
N LYS E 3976 3.45 46.70 28.72
CA LYS E 3976 3.31 47.06 27.32
C LYS E 3976 4.42 46.47 26.48
N ASP E 3977 5.66 46.57 26.94
CA ASP E 3977 6.77 45.99 26.18
C ASP E 3977 6.68 44.48 26.07
N MET E 3978 6.25 43.78 27.13
CA MET E 3978 6.09 42.34 27.05
C MET E 3978 5.03 41.96 26.02
N VAL E 3979 3.90 42.66 26.01
CA VAL E 3979 2.85 42.37 25.04
C VAL E 3979 3.33 42.68 23.63
N VAL E 3980 4.13 43.73 23.48
CA VAL E 3980 4.68 44.06 22.16
C VAL E 3980 5.59 42.94 21.68
N MET E 3981 6.40 42.39 22.58
CA MET E 3981 7.26 41.27 22.20
C MET E 3981 6.43 40.06 21.80
N LEU E 3982 5.34 39.80 22.52
CA LEU E 3982 4.47 38.69 22.14
C LEU E 3982 3.88 38.89 20.75
N LEU E 3983 3.42 40.11 20.45
CA LEU E 3983 2.93 40.40 19.11
C LEU E 3983 4.00 40.19 18.05
N SER E 3984 5.22 40.65 18.33
CA SER E 3984 6.31 40.48 17.39
C SER E 3984 6.64 39.01 17.18
N MET E 3985 6.48 38.18 18.21
CA MET E 3985 6.57 36.74 18.00
C MET E 3985 5.47 36.26 17.08
N LEU E 3986 4.26 36.78 17.24
CA LEU E 3986 3.12 36.34 16.44
C LEU E 3986 3.15 36.90 15.02
N GLU E 3987 4.06 37.81 14.71
CA GLU E 3987 4.19 38.29 13.33
C GLU E 3987 4.46 37.13 12.39
N GLY E 3988 3.88 37.19 11.19
CA GLY E 3988 4.08 36.14 10.21
C GLY E 3988 3.57 34.78 10.65
N ASN E 3989 2.45 34.74 11.34
CA ASN E 3989 1.93 33.48 11.85
C ASN E 3989 1.30 32.66 10.73
N VAL E 3990 1.11 31.38 11.01
CA VAL E 3990 0.43 30.46 10.11
C VAL E 3990 -0.67 29.76 10.90
N VAL E 3991 -1.66 29.26 10.16
CA VAL E 3991 -2.77 28.56 10.83
C VAL E 3991 -2.25 27.31 11.50
N ASN E 3992 -2.63 27.13 12.76
CA ASN E 3992 -2.16 26.02 13.58
C ASN E 3992 -0.64 26.01 13.69
N GLY E 3993 -0.07 27.17 14.03
CA GLY E 3993 1.37 27.28 14.13
C GLY E 3993 1.88 26.87 15.51
N THR E 3994 3.15 26.44 15.53
CA THR E 3994 3.76 26.00 16.77
C THR E 3994 3.90 27.15 17.77
N ILE E 3995 4.23 28.35 17.28
CA ILE E 3995 4.34 29.50 18.17
C ILE E 3995 2.98 29.82 18.78
N GLY E 3996 1.92 29.75 17.98
CA GLY E 3996 0.58 29.94 18.52
C GLY E 3996 0.24 28.89 19.56
N LYS E 3997 0.59 27.63 19.29
CA LYS E 3997 0.36 26.58 20.27
C LYS E 3997 1.05 26.89 21.58
N GLN E 3998 2.33 27.26 21.52
CA GLN E 3998 3.08 27.55 22.73
C GLN E 3998 2.48 28.72 23.50
N MET E 3999 2.12 29.79 22.80
CA MET E 3999 1.57 30.96 23.47
C MET E 3999 0.20 30.70 24.06
N VAL E 4000 -0.65 29.91 23.39
CA VAL E 4000 -1.93 29.55 23.99
C VAL E 4000 -1.75 28.65 25.19
N ASP E 4001 -0.77 27.75 25.16
CA ASP E 4001 -0.48 26.96 26.35
C ASP E 4001 -0.04 27.85 27.51
N MET E 4002 0.79 28.85 27.23
CA MET E 4002 1.18 29.81 28.26
C MET E 4002 -0.02 30.54 28.83
N LEU E 4003 -0.91 31.00 27.96
CA LEU E 4003 -2.08 31.74 28.43
C LEU E 4003 -2.98 30.84 29.28
N VAL E 4004 -3.15 29.58 28.87
CA VAL E 4004 -3.94 28.65 29.66
C VAL E 4004 -3.31 28.43 31.02
N GLU E 4005 -1.97 28.33 31.05
CA GLU E 4005 -1.28 28.19 32.33
C GLU E 4005 -1.53 29.40 33.22
N SER E 4006 -1.45 30.60 32.66
CA SER E 4006 -1.59 31.83 33.44
C SER E 4006 -2.99 32.41 33.37
N SER E 4007 -4.01 31.57 33.15
CA SER E 4007 -5.37 32.06 32.95
C SER E 4007 -5.83 32.96 34.09
N ASN E 4008 -5.53 32.57 35.33
CA ASN E 4008 -6.00 33.36 36.47
C ASN E 4008 -5.42 34.77 36.46
N ASN E 4009 -4.11 34.88 36.24
CA ASN E 4009 -3.48 36.19 36.22
C ASN E 4009 -4.00 37.04 35.07
N VAL E 4010 -4.16 36.44 33.89
CA VAL E 4010 -4.71 37.18 32.76
C VAL E 4010 -6.16 37.57 33.03
N GLU E 4011 -6.91 36.70 33.70
CA GLU E 4011 -8.28 37.04 34.06
C GLU E 4011 -8.32 38.26 34.97
N MET E 4012 -7.43 38.30 35.98
CA MET E 4012 -7.41 39.45 36.86
C MET E 4012 -7.00 40.72 36.12
N ILE E 4013 -5.99 40.62 35.25
CA ILE E 4013 -5.54 41.78 34.49
C ILE E 4013 -6.65 42.29 33.59
N LEU E 4014 -7.35 41.37 32.93
CA LEU E 4014 -8.44 41.76 32.03
C LEU E 4014 -9.61 42.37 32.79
N LYS E 4015 -9.92 41.86 33.98
CA LYS E 4015 -10.94 42.50 34.80
C LYS E 4015 -10.54 43.91 35.18
N PHE E 4016 -9.27 44.09 35.56
CA PHE E 4016 -8.75 45.41 35.86
C PHE E 4016 -8.92 46.36 34.68
N PHE E 4017 -8.53 45.91 33.48
CA PHE E 4017 -8.61 46.76 32.30
C PHE E 4017 -10.06 47.06 31.93
N ASP E 4018 -10.94 46.07 32.01
CA ASP E 4018 -12.36 46.31 31.70
C ASP E 4018 -12.95 47.33 32.66
N MET E 4019 -12.60 47.22 33.94
CA MET E 4019 -13.09 48.14 34.94
C MET E 4019 -12.62 49.57 34.65
N PHE E 4020 -11.32 49.74 34.40
CA PHE E 4020 -10.84 51.10 34.17
C PHE E 4020 -11.10 51.60 32.76
N LEU E 4021 -11.61 50.77 31.86
CA LEU E 4021 -12.13 51.26 30.60
C LEU E 4021 -13.61 51.64 30.68
N LYS E 4022 -14.38 50.96 31.52
CA LYS E 4022 -15.73 51.39 31.83
C LYS E 4022 -15.76 52.66 32.69
N LEU E 4023 -14.66 52.95 33.39
CA LEU E 4023 -14.56 54.20 34.12
C LEU E 4023 -14.77 55.40 33.19
N LYS E 4024 -14.29 55.32 31.95
CA LYS E 4024 -14.48 56.42 31.01
C LYS E 4024 -15.96 56.63 30.69
N ASP E 4025 -16.70 55.57 30.43
CA ASP E 4025 -18.14 55.70 30.21
C ASP E 4025 -18.84 56.24 31.44
N LEU E 4026 -18.43 55.78 32.63
CA LEU E 4026 -19.00 56.30 33.87
C LEU E 4026 -18.79 57.81 33.99
N THR E 4027 -17.59 58.29 33.70
CA THR E 4027 -17.33 59.72 33.76
C THR E 4027 -18.00 60.49 32.64
N SER E 4028 -18.29 59.83 31.52
CA SER E 4028 -19.02 60.46 30.42
C SER E 4028 -20.53 60.36 30.59
N SER E 4029 -21.01 59.68 31.63
CA SER E 4029 -22.44 59.55 31.86
C SER E 4029 -23.07 60.91 32.15
N ASP E 4030 -24.34 61.04 31.79
CA ASP E 4030 -25.06 62.29 32.04
C ASP E 4030 -25.22 62.54 33.52
N THR E 4031 -25.33 61.49 34.33
CA THR E 4031 -25.43 61.66 35.78
C THR E 4031 -24.20 62.36 36.32
N PHE E 4032 -23.01 61.94 35.90
CA PHE E 4032 -21.80 62.63 36.32
C PHE E 4032 -21.72 64.04 35.77
N LYS E 4033 -22.21 64.25 34.54
CA LYS E 4033 -22.23 65.59 33.97
C LYS E 4033 -23.13 66.54 34.75
N GLU E 4034 -24.23 66.06 35.33
CA GLU E 4034 -25.07 66.93 36.12
C GLU E 4034 -24.57 67.02 37.57
N TYR E 4035 -23.85 66.00 38.03
CA TYR E 4035 -23.15 66.13 39.31
C TYR E 4035 -22.00 67.13 39.26
N ASP E 4036 -21.45 67.37 38.07
CA ASP E 4036 -20.41 68.37 37.87
C ASP E 4036 -20.83 69.33 36.77
N PRO E 4037 -21.82 70.18 37.04
CA PRO E 4037 -22.21 71.18 36.03
C PRO E 4037 -21.08 72.14 35.69
N ASP E 4038 -20.26 72.50 36.67
CA ASP E 4038 -19.13 73.38 36.42
C ASP E 4038 -17.90 72.56 36.01
N GLY E 4039 -16.91 73.27 35.47
CA GLY E 4039 -15.74 72.64 34.92
C GLY E 4039 -14.60 72.35 35.87
N LYS E 4040 -14.77 72.61 37.17
CA LYS E 4040 -13.69 72.36 38.11
C LYS E 4040 -13.36 70.87 38.19
N GLY E 4041 -14.37 70.01 38.19
CA GLY E 4041 -14.16 68.58 38.20
C GLY E 4041 -13.71 68.00 39.53
N VAL E 4042 -13.54 68.83 40.55
CA VAL E 4042 -13.05 68.39 41.84
C VAL E 4042 -14.26 67.87 42.61
N ILE E 4043 -14.51 66.56 42.50
CA ILE E 4043 -15.78 65.97 42.91
C ILE E 4043 -15.60 65.19 44.21
N SER E 4044 -16.59 65.31 45.09
CA SER E 4044 -16.51 64.69 46.42
C SER E 4044 -16.57 63.18 46.33
N LYS E 4045 -16.03 62.53 47.37
CA LYS E 4045 -15.97 61.07 47.41
C LYS E 4045 -17.36 60.46 47.40
N ARG E 4046 -18.26 60.99 48.22
CA ARG E 4046 -19.63 60.47 48.25
C ARG E 4046 -20.33 60.72 46.93
N ASP E 4047 -20.06 61.87 46.30
CA ASP E 4047 -20.64 62.14 44.99
C ASP E 4047 -20.18 61.11 43.97
N PHE E 4048 -18.89 60.78 43.96
CA PHE E 4048 -18.39 59.78 43.03
C PHE E 4048 -19.00 58.41 43.33
N HIS E 4049 -19.11 58.07 44.60
CA HIS E 4049 -19.67 56.78 44.98
C HIS E 4049 -21.12 56.64 44.52
N LYS E 4050 -21.93 57.68 44.75
CA LYS E 4050 -23.33 57.60 44.33
C LYS E 4050 -23.47 57.67 42.81
N ALA E 4051 -22.57 58.38 42.13
CA ALA E 4051 -22.56 58.33 40.67
C ALA E 4051 -22.26 56.93 40.16
N MET E 4052 -21.29 56.27 40.79
CA MET E 4052 -20.99 54.89 40.41
C MET E 4052 -22.18 53.97 40.67
N GLU E 4053 -22.84 54.15 41.82
CA GLU E 4053 -24.02 53.36 42.10
C GLU E 4053 -25.11 53.60 41.06
N SER E 4054 -25.23 54.84 40.57
CA SER E 4054 -26.22 55.14 39.54
C SER E 4054 -25.81 54.56 38.18
N HIS E 4055 -24.51 54.37 37.96
CA HIS E 4055 -24.05 53.88 36.66
C HIS E 4055 -24.67 52.54 36.29
N LYS E 4056 -24.91 51.67 37.28
CA LYS E 4056 -25.56 50.38 37.09
C LYS E 4056 -24.70 49.40 36.30
N HIS E 4057 -23.54 49.84 35.83
CA HIS E 4057 -22.59 48.96 35.16
C HIS E 4057 -21.48 48.47 36.09
N TYR E 4058 -21.45 48.94 37.33
CA TYR E 4058 -20.39 48.59 38.26
C TYR E 4058 -20.97 47.76 39.40
N THR E 4059 -20.40 46.58 39.62
CA THR E 4059 -20.82 45.75 40.73
C THR E 4059 -20.31 46.31 42.04
N GLN E 4060 -20.69 45.66 43.14
CA GLN E 4060 -20.29 46.14 44.45
C GLN E 4060 -18.77 46.11 44.60
N SER E 4061 -18.15 44.95 44.32
CA SER E 4061 -16.72 44.81 44.49
C SER E 4061 -15.95 45.80 43.62
N GLU E 4062 -16.41 46.00 42.39
CA GLU E 4062 -15.85 47.05 41.55
C GLU E 4062 -15.99 48.41 42.22
N THR E 4063 -17.10 48.64 42.93
CA THR E 4063 -17.27 49.92 43.60
C THR E 4063 -16.24 50.11 44.70
N GLU E 4064 -16.04 49.10 45.56
CA GLU E 4064 -15.02 49.28 46.60
C GLU E 4064 -13.64 49.43 45.98
N PHE E 4065 -13.35 48.70 44.90
CA PHE E 4065 -12.02 48.84 44.33
C PHE E 4065 -11.80 50.23 43.75
N LEU E 4066 -12.78 50.78 43.05
CA LEU E 4066 -12.65 52.15 42.56
C LEU E 4066 -12.50 53.14 43.70
N LEU E 4067 -13.28 52.98 44.77
CA LEU E 4067 -13.18 53.90 45.90
C LEU E 4067 -11.80 53.81 46.55
N SER E 4068 -11.25 52.59 46.67
CA SER E 4068 -9.94 52.43 47.27
C SER E 4068 -8.85 53.05 46.40
N CYS E 4069 -8.90 52.79 45.09
CA CYS E 4069 -7.91 53.35 44.18
C CYS E 4069 -8.09 54.85 43.98
N ALA E 4070 -9.26 55.39 44.34
CA ALA E 4070 -9.53 56.81 44.17
C ALA E 4070 -8.88 57.60 45.30
N GLU E 4071 -8.12 58.63 44.94
CA GLU E 4071 -7.39 59.44 45.90
C GLU E 4071 -8.04 60.81 46.02
N THR E 4072 -8.17 61.29 47.27
CA THR E 4072 -8.85 62.54 47.56
C THR E 4072 -7.94 63.45 48.37
N ASP E 4073 -8.27 64.74 48.36
CA ASP E 4073 -7.56 65.71 49.17
C ASP E 4073 -8.21 65.79 50.55
N GLU E 4074 -7.82 66.79 51.34
CA GLU E 4074 -8.47 67.01 52.63
C GLU E 4074 -9.90 67.51 52.46
N ASN E 4075 -10.21 68.05 51.28
CA ASN E 4075 -11.55 68.58 51.04
C ASN E 4075 -12.54 67.46 50.72
N GLU E 4076 -12.08 66.22 50.75
CA GLU E 4076 -12.90 65.03 50.47
C GLU E 4076 -13.39 65.04 49.03
N THR E 4077 -12.74 65.81 48.16
CA THR E 4077 -13.15 65.99 46.78
C THR E 4077 -12.01 65.54 45.86
N LEU E 4078 -12.37 64.90 44.75
CA LEU E 4078 -11.40 64.18 43.92
C LEU E 4078 -11.33 64.79 42.52
N ASP E 4079 -10.12 64.75 41.93
CA ASP E 4079 -9.89 65.23 40.59
C ASP E 4079 -10.09 64.08 39.60
N TYR E 4080 -11.29 63.98 39.05
CA TYR E 4080 -11.61 62.85 38.20
C TYR E 4080 -10.83 62.90 36.89
N GLU E 4081 -10.51 64.11 36.41
CA GLU E 4081 -9.72 64.21 35.19
C GLU E 4081 -8.40 63.46 35.33
N GLU E 4082 -7.64 63.77 36.38
CA GLU E 4082 -6.34 63.15 36.58
C GLU E 4082 -6.49 61.68 36.97
N PHE E 4083 -7.53 61.36 37.75
CA PHE E 4083 -7.81 59.97 38.10
C PHE E 4083 -8.00 59.11 36.85
N VAL E 4084 -8.91 59.53 35.98
CA VAL E 4084 -9.22 58.74 34.79
C VAL E 4084 -8.06 58.76 33.82
N LYS E 4085 -7.31 59.87 33.76
CA LYS E 4085 -6.10 59.85 32.96
C LYS E 4085 -5.18 58.72 33.41
N ARG E 4086 -4.72 58.81 34.67
CA ARG E 4086 -3.75 57.85 35.19
C ARG E 4086 -4.19 56.41 34.98
N PHE E 4087 -5.46 56.11 35.23
CA PHE E 4087 -5.87 54.70 35.20
C PHE E 4087 -6.37 54.25 33.83
N HIS E 4088 -7.05 55.11 33.09
CA HIS E 4088 -7.62 54.74 31.82
C HIS E 4088 -6.57 54.62 30.72
N GLU E 4089 -5.67 55.61 30.62
CA GLU E 4089 -4.80 55.63 29.44
C GLU E 4089 -3.89 54.40 29.34
N PRO E 4090 -3.14 54.01 30.38
CA PRO E 4090 -2.44 52.73 30.30
C PRO E 4090 -3.39 51.55 30.10
N ALA E 4091 -4.54 51.60 30.76
CA ALA E 4091 -5.54 50.56 30.51
C ALA E 4091 -5.89 50.51 29.04
N LYS E 4092 -6.13 51.67 28.42
CA LYS E 4092 -6.51 51.70 27.02
C LYS E 4092 -5.42 51.09 26.13
N ASP E 4093 -4.18 51.55 26.25
CA ASP E 4093 -3.20 51.09 25.26
C ASP E 4093 -2.79 49.63 25.50
N ILE E 4094 -2.56 49.25 26.76
CA ILE E 4094 -2.21 47.85 27.01
C ILE E 4094 -3.37 46.93 26.67
N GLY E 4095 -4.61 47.37 26.90
CA GLY E 4095 -5.75 46.57 26.52
C GLY E 4095 -5.88 46.42 25.02
N PHE E 4096 -5.56 47.49 24.28
CA PHE E 4096 -5.58 47.36 22.83
C PHE E 4096 -4.55 46.34 22.36
N ASN E 4097 -3.34 46.39 22.91
CA ASN E 4097 -2.34 45.41 22.51
C ASN E 4097 -2.78 43.99 22.87
N VAL E 4098 -3.37 43.81 24.05
CA VAL E 4098 -3.83 42.48 24.45
C VAL E 4098 -4.94 42.00 23.54
N ALA E 4099 -5.86 42.90 23.16
CA ALA E 4099 -6.94 42.53 22.26
C ALA E 4099 -6.41 42.14 20.90
N VAL E 4100 -5.41 42.87 20.40
CA VAL E 4100 -4.78 42.48 19.14
C VAL E 4100 -4.15 41.11 19.26
N LEU E 4101 -3.46 40.85 20.37
CA LEU E 4101 -2.83 39.55 20.58
C LEU E 4101 -3.86 38.43 20.52
N LEU E 4102 -4.93 38.57 21.29
CA LEU E 4102 -5.95 37.53 21.34
C LEU E 4102 -6.69 37.38 20.02
N THR E 4103 -6.97 38.47 19.32
CA THR E 4103 -7.60 38.37 18.01
C THR E 4103 -6.71 37.64 17.03
N ASN E 4104 -5.40 37.95 17.03
CA ASN E 4104 -4.47 37.24 16.16
C ASN E 4104 -4.49 35.75 16.46
N LEU E 4105 -4.39 35.39 17.75
CA LEU E 4105 -4.38 33.98 18.12
C LEU E 4105 -5.67 33.29 17.70
N SER E 4106 -6.81 33.93 17.94
CA SER E 4106 -8.09 33.32 17.61
C SER E 4106 -8.25 33.12 16.11
N GLU E 4107 -7.89 34.13 15.32
CA GLU E 4107 -8.05 34.03 13.88
C GLU E 4107 -7.11 32.98 13.30
N HIS E 4108 -5.90 32.87 13.83
CA HIS E 4108 -4.96 31.91 13.27
C HIS E 4108 -5.24 30.50 13.76
N MET E 4109 -5.85 30.35 14.93
CA MET E 4109 -6.27 29.05 15.43
C MET E 4109 -7.76 29.07 15.75
N PRO E 4110 -8.62 28.63 14.82
CA PRO E 4110 -10.06 28.76 15.05
C PRO E 4110 -10.66 27.62 15.85
N ASN E 4111 -9.95 26.51 16.03
CA ASN E 4111 -10.55 25.30 16.62
C ASN E 4111 -9.73 24.83 17.83
N ASP E 4112 -9.41 25.77 18.70
CA ASP E 4112 -8.82 25.44 20.00
C ASP E 4112 -9.82 25.78 21.08
N THR E 4113 -10.33 24.76 21.77
CA THR E 4113 -11.34 24.98 22.79
C THR E 4113 -10.78 25.79 23.95
N ARG E 4114 -9.51 25.58 24.27
CA ARG E 4114 -8.88 26.38 25.31
C ARG E 4114 -8.87 27.85 24.93
N LEU E 4115 -8.50 28.16 23.69
CA LEU E 4115 -8.53 29.53 23.23
C LEU E 4115 -9.95 30.08 23.23
N GLN E 4116 -10.93 29.26 22.88
CA GLN E 4116 -12.32 29.73 22.87
C GLN E 4116 -12.77 30.10 24.29
N THR E 4117 -12.48 29.26 25.27
CA THR E 4117 -12.83 29.58 26.65
C THR E 4117 -12.09 30.82 27.12
N PHE E 4118 -10.81 30.95 26.75
CA PHE E 4118 -10.03 32.11 27.15
C PHE E 4118 -10.62 33.39 26.56
N LEU E 4119 -11.05 33.33 25.30
CA LEU E 4119 -11.71 34.46 24.67
C LEU E 4119 -13.02 34.79 25.37
N GLU E 4120 -13.79 33.77 25.73
CA GLU E 4120 -15.03 34.01 26.47
C GLU E 4120 -14.74 34.74 27.77
N LEU E 4121 -13.67 34.36 28.46
CA LEU E 4121 -13.25 35.13 29.63
C LEU E 4121 -12.86 36.55 29.26
N ALA E 4122 -12.28 36.74 28.07
CA ALA E 4122 -11.82 38.04 27.62
C ALA E 4122 -12.85 38.77 26.76
N GLU E 4123 -14.14 38.42 26.90
CA GLU E 4123 -15.16 38.92 25.98
C GLU E 4123 -15.28 40.44 26.01
N SER E 4124 -15.40 41.03 27.20
CA SER E 4124 -15.75 42.46 27.29
C SER E 4124 -14.66 43.34 26.70
N VAL E 4125 -13.40 43.03 27.02
CA VAL E 4125 -12.29 43.83 26.51
C VAL E 4125 -12.23 43.76 25.00
N LEU E 4126 -12.40 42.57 24.43
CA LEU E 4126 -12.41 42.41 22.98
C LEU E 4126 -13.61 43.07 22.33
N ASN E 4127 -14.65 43.38 23.09
CA ASN E 4127 -15.78 44.15 22.58
C ASN E 4127 -15.59 45.65 22.67
N TYR E 4128 -14.82 46.12 23.65
CA TYR E 4128 -14.53 47.55 23.72
C TYR E 4128 -13.71 48.00 22.52
N PHE E 4129 -12.70 47.22 22.13
CA PHE E 4129 -11.75 47.61 21.10
C PHE E 4129 -12.15 47.18 19.71
N GLN E 4130 -13.30 46.54 19.54
CA GLN E 4130 -13.72 46.10 18.22
C GLN E 4130 -13.82 47.27 17.23
N PRO E 4131 -14.43 48.41 17.56
CA PRO E 4131 -14.36 49.54 16.63
C PRO E 4131 -12.95 50.03 16.37
N PHE E 4132 -12.05 49.91 17.33
CA PHE E 4132 -10.71 50.45 17.17
C PHE E 4132 -9.77 49.46 16.49
N LEU E 4133 -10.04 48.16 16.63
CA LEU E 4133 -9.17 47.17 16.00
C LEU E 4133 -9.46 47.09 14.51
N GLY E 4134 -8.43 47.35 13.70
CA GLY E 4134 -8.57 47.22 12.26
C GLY E 4134 -7.65 46.16 11.75
N ARG E 4135 -8.15 45.36 10.81
CA ARG E 4135 -7.42 44.22 10.29
C ARG E 4135 -7.49 44.21 8.77
N ILE E 4136 -6.37 43.92 8.13
CA ILE E 4136 -6.29 43.80 6.68
C ILE E 4136 -5.47 42.57 6.35
N GLU E 4137 -5.47 42.22 5.07
CA GLU E 4137 -4.65 41.13 4.56
C GLU E 4137 -3.73 41.68 3.48
N ILE E 4138 -2.45 41.29 3.55
CA ILE E 4138 -1.44 41.77 2.61
C ILE E 4138 -0.72 40.57 2.02
N MET E 4139 -0.11 40.80 0.86
CA MET E 4139 0.66 39.78 0.17
C MET E 4139 2.06 39.77 0.76
N GLY E 4140 2.31 38.88 1.70
CA GLY E 4140 3.45 39.00 2.58
C GLY E 4140 4.79 38.80 1.89
N SER E 4141 5.84 39.15 2.62
CA SER E 4141 7.20 39.05 2.09
C SER E 4141 7.61 37.60 1.83
N ALA E 4142 7.04 36.66 2.59
CA ALA E 4142 7.37 35.25 2.45
C ALA E 4142 6.51 34.54 1.42
N LYS E 4143 6.01 35.28 0.42
CA LYS E 4143 5.13 34.72 -0.61
C LYS E 4143 3.91 34.05 -0.01
N ARG E 4144 3.34 34.66 1.02
CA ARG E 4144 2.17 34.13 1.70
C ARG E 4144 1.35 35.26 2.27
N ILE E 4145 0.03 35.12 2.21
CA ILE E 4145 -0.88 36.17 2.65
C ILE E 4145 -0.86 36.24 4.17
N GLU E 4146 -0.70 37.45 4.70
CA GLU E 4146 -0.60 37.67 6.14
C GLU E 4146 -1.64 38.68 6.58
N ARG E 4147 -1.99 38.64 7.86
CA ARG E 4147 -2.96 39.56 8.44
C ARG E 4147 -2.22 40.63 9.23
N VAL E 4148 -2.60 41.88 9.02
CA VAL E 4148 -2.01 43.02 9.71
C VAL E 4148 -3.08 43.67 10.56
N TYR E 4149 -2.74 43.94 11.81
CA TYR E 4149 -3.65 44.54 12.78
C TYR E 4149 -3.11 45.90 13.19
N PHE E 4150 -4.01 46.87 13.35
CA PHE E 4150 -3.61 48.23 13.70
C PHE E 4150 -4.76 48.92 14.42
N GLU E 4151 -4.51 50.17 14.81
CA GLU E 4151 -5.45 50.97 15.57
C GLU E 4151 -6.08 52.01 14.65
N ILE E 4152 -7.38 51.87 14.40
CA ILE E 4152 -8.12 52.89 13.67
C ILE E 4152 -8.60 53.93 14.67
N SER E 4153 -8.16 55.17 14.50
CA SER E 4153 -8.50 56.20 15.45
C SER E 4153 -9.97 56.60 15.33
N GLU E 4154 -10.53 57.04 16.45
CA GLU E 4154 -11.93 57.44 16.49
C GLU E 4154 -12.19 58.64 15.59
N SER E 4155 -11.27 59.62 15.60
CA SER E 4155 -11.42 60.77 14.72
C SER E 4155 -11.37 60.35 13.26
N SER E 4156 -10.47 59.44 12.92
CA SER E 4156 -10.41 58.94 11.55
C SER E 4156 -11.72 58.27 11.16
N ARG E 4157 -12.27 57.43 12.04
CA ARG E 4157 -13.52 56.78 11.68
C ARG E 4157 -14.66 57.77 11.50
N THR E 4158 -14.76 58.77 12.38
CA THR E 4158 -15.82 59.77 12.24
C THR E 4158 -15.67 60.53 10.94
N GLN E 4159 -14.46 60.97 10.61
CA GLN E 4159 -14.25 61.70 9.36
C GLN E 4159 -14.53 60.80 8.16
N TRP E 4160 -14.30 59.50 8.31
CA TRP E 4160 -14.57 58.58 7.20
C TRP E 4160 -16.06 58.45 6.95
N GLU E 4161 -16.85 58.24 8.01
CA GLU E 4161 -18.30 58.18 7.84
C GLU E 4161 -18.96 59.55 7.87
N LYS E 4162 -18.22 60.63 7.69
CA LYS E 4162 -18.85 61.87 7.29
C LYS E 4162 -19.45 61.73 5.89
N PRO E 4163 -20.61 62.34 5.64
CA PRO E 4163 -21.29 62.11 4.35
C PRO E 4163 -20.51 62.54 3.12
N GLN E 4164 -19.73 63.62 3.21
CA GLN E 4164 -18.97 64.08 2.06
C GLN E 4164 -17.97 63.03 1.61
N VAL E 4165 -17.30 62.38 2.58
CA VAL E 4165 -16.35 61.34 2.25
C VAL E 4165 -17.06 60.16 1.60
N LYS E 4166 -18.27 59.84 2.06
CA LYS E 4166 -19.04 58.78 1.41
C LYS E 4166 -19.39 59.13 -0.03
N GLU E 4167 -19.78 60.38 -0.28
CA GLU E 4167 -20.05 60.79 -1.65
C GLU E 4167 -18.81 60.68 -2.53
N SER E 4168 -17.67 61.12 -2.00
CA SER E 4168 -16.42 61.00 -2.75
C SER E 4168 -16.07 59.54 -3.01
N LYS E 4169 -16.32 58.67 -2.03
CA LYS E 4169 -16.07 57.25 -2.21
C LYS E 4169 -16.95 56.67 -3.31
N ARG E 4170 -18.24 57.02 -3.31
CA ARG E 4170 -19.12 56.51 -4.36
C ARG E 4170 -18.69 57.01 -5.72
N GLN E 4171 -18.29 58.29 -5.82
CA GLN E 4171 -17.81 58.81 -7.09
C GLN E 4171 -16.56 58.08 -7.55
N PHE E 4172 -15.61 57.84 -6.65
CA PHE E 4172 -14.39 57.15 -7.02
C PHE E 4172 -14.66 55.72 -7.46
N ILE E 4173 -15.55 55.02 -6.75
CA ILE E 4173 -15.91 53.66 -7.16
C ILE E 4173 -16.55 53.66 -8.54
N PHE E 4174 -17.48 54.58 -8.78
CA PHE E 4174 -18.09 54.67 -10.10
C PHE E 4174 -17.04 54.90 -11.18
N ASP E 4175 -16.11 55.81 -10.94
CA ASP E 4175 -15.08 56.10 -11.93
C ASP E 4175 -14.21 54.89 -12.20
N VAL E 4176 -13.68 54.27 -11.14
CA VAL E 4176 -12.75 53.16 -11.31
C VAL E 4176 -13.44 51.94 -11.92
N VAL E 4177 -14.74 51.77 -11.69
CA VAL E 4177 -15.45 50.65 -12.28
C VAL E 4177 -15.79 50.90 -13.75
N ASN E 4178 -16.28 52.09 -14.09
CA ASN E 4178 -16.66 52.33 -15.47
C ASN E 4178 -15.44 52.52 -16.36
N GLU E 4179 -14.60 53.51 -16.05
CA GLU E 4179 -13.40 53.79 -16.82
C GLU E 4179 -12.17 53.45 -15.97
N GLY E 4180 -11.76 52.19 -16.03
CA GLY E 4180 -10.63 51.74 -15.24
C GLY E 4180 -10.13 50.39 -15.70
N GLY E 4181 -8.84 50.18 -15.52
CA GLY E 4181 -8.21 48.89 -15.82
C GLY E 4181 -7.67 48.27 -14.55
N GLU E 4182 -7.63 46.94 -14.52
CA GLU E 4182 -7.12 46.24 -13.35
C GLU E 4182 -5.63 46.52 -13.15
N LYS E 4183 -4.95 46.98 -14.21
CA LYS E 4183 -3.57 47.41 -14.05
C LYS E 4183 -3.47 48.65 -13.16
N GLU E 4184 -4.33 49.64 -13.41
CA GLU E 4184 -4.27 50.93 -12.72
C GLU E 4184 -5.21 50.99 -11.53
N LYS E 4185 -5.94 49.92 -11.22
CA LYS E 4185 -6.93 49.99 -10.16
C LYS E 4185 -6.30 50.28 -8.81
N MET E 4186 -5.22 49.58 -8.49
CA MET E 4186 -4.58 49.75 -7.19
C MET E 4186 -3.80 51.05 -7.09
N GLU E 4187 -3.33 51.62 -8.20
CA GLU E 4187 -2.75 52.95 -8.19
C GLU E 4187 -3.80 54.02 -7.95
N LEU E 4188 -4.94 53.91 -8.64
CA LEU E 4188 -6.02 54.85 -8.43
C LEU E 4188 -6.55 54.76 -7.01
N PHE E 4189 -6.63 53.55 -6.46
CA PHE E 4189 -7.12 53.40 -5.09
C PHE E 4189 -6.20 54.08 -4.09
N VAL E 4190 -4.88 53.94 -4.27
CA VAL E 4190 -3.95 54.62 -3.38
C VAL E 4190 -3.99 56.14 -3.56
N ASN E 4191 -4.17 56.63 -4.79
CA ASN E 4191 -4.34 58.07 -4.97
C ASN E 4191 -5.58 58.57 -4.24
N PHE E 4192 -6.68 57.84 -4.37
CA PHE E 4192 -7.90 58.18 -3.64
C PHE E 4192 -7.67 58.14 -2.13
N CYS E 4193 -6.93 57.14 -1.65
CA CYS E 4193 -6.66 57.04 -0.22
C CYS E 4193 -5.86 58.23 0.26
N GLU E 4194 -4.86 58.66 -0.51
CA GLU E 4194 -4.06 59.81 -0.11
C GLU E 4194 -4.91 61.07 -0.06
N ASP E 4195 -5.71 61.30 -1.10
CA ASP E 4195 -6.55 62.50 -1.13
C ASP E 4195 -7.56 62.48 0.02
N THR E 4196 -8.18 61.33 0.27
CA THR E 4196 -9.16 61.23 1.34
C THR E 4196 -8.50 61.44 2.70
N ILE E 4197 -7.31 60.89 2.90
CA ILE E 4197 -6.62 61.06 4.16
C ILE E 4197 -6.30 62.54 4.39
N PHE E 4198 -5.82 63.22 3.35
CA PHE E 4198 -5.54 64.65 3.51
C PHE E 4198 -6.79 65.44 3.85
N GLU E 4199 -7.89 65.20 3.13
CA GLU E 4199 -9.11 65.94 3.40
C GLU E 4199 -9.69 65.61 4.77
N MET E 4200 -9.56 64.36 5.22
CA MET E 4200 -10.02 63.96 6.54
C MET E 4200 -9.20 64.63 7.64
N GLN E 4201 -7.89 64.68 7.48
CA GLN E 4201 -7.05 65.37 8.46
C GLN E 4201 -7.36 66.86 8.49
N LEU E 4202 -7.56 67.48 7.32
CA LEU E 4202 -7.94 68.89 7.30
C LEU E 4202 -9.29 69.13 7.96
N ALA E 4203 -10.26 68.25 7.72
CA ALA E 4203 -11.56 68.38 8.38
C ALA E 4203 -11.44 68.24 9.89
N ALA E 4204 -10.63 67.28 10.36
CA ALA E 4204 -10.41 67.15 11.80
C ALA E 4204 -9.75 68.40 12.36
N GLN E 4205 -8.81 68.99 11.62
CA GLN E 4205 -8.17 70.20 12.06
C GLN E 4205 -9.15 71.35 12.19
N ILE E 4206 -9.99 71.55 11.16
CA ILE E 4206 -10.89 72.71 11.15
C ILE E 4206 -12.01 72.53 12.18
N SER E 4207 -12.44 71.28 12.41
CA SER E 4207 -13.49 71.01 13.38
C SER E 4207 -12.87 70.81 14.76
N GLU E 4208 -12.37 71.93 15.30
CA GLU E 4208 -11.72 71.94 16.59
C GLU E 4208 -12.58 72.68 17.60
N SER E 4209 -12.84 72.04 18.74
CA SER E 4209 -13.64 72.63 19.79
C SER E 4209 -12.77 73.37 20.80
N SER E 4237 -42.79 68.61 11.66
CA SER E 4237 -42.50 69.51 12.76
C SER E 4237 -43.17 69.04 14.06
N ILE E 4238 -42.54 69.36 15.18
CA ILE E 4238 -43.09 69.00 16.48
C ILE E 4238 -44.45 69.64 16.68
N LEU E 4239 -44.62 70.88 16.23
CA LEU E 4239 -45.92 71.54 16.35
C LEU E 4239 -46.99 70.80 15.54
N THR E 4240 -46.67 70.42 14.31
CA THR E 4240 -47.62 69.69 13.48
C THR E 4240 -47.98 68.34 14.09
N VAL E 4241 -46.98 67.60 14.57
CA VAL E 4241 -47.24 66.31 15.19
C VAL E 4241 -48.10 66.45 16.44
N ARG E 4242 -47.79 67.43 17.30
CA ARG E 4242 -48.56 67.63 18.51
C ARG E 4242 -49.99 68.04 18.20
N SER E 4243 -50.18 68.91 17.21
CA SER E 4243 -51.53 69.32 16.83
C SER E 4243 -52.33 68.14 16.30
N ALA E 4244 -51.72 67.33 15.43
CA ALA E 4244 -52.42 66.17 14.89
C ALA E 4244 -52.78 65.17 15.97
N LEU E 4245 -51.84 64.91 16.89
CA LEU E 4245 -52.11 63.96 17.96
C LEU E 4245 -53.18 64.47 18.92
N PHE E 4246 -53.16 65.75 19.25
CA PHE E 4246 -54.19 66.32 20.11
C PHE E 4246 -55.54 66.27 19.41
N ALA E 4247 -55.57 66.51 18.10
CA ALA E 4247 -56.82 66.39 17.35
C ALA E 4247 -57.36 64.97 17.42
N LEU E 4248 -56.50 63.97 17.18
CA LEU E 4248 -56.89 62.58 17.37
C LEU E 4248 -57.48 62.31 18.75
N ARG E 4249 -56.76 62.70 19.80
CA ARG E 4249 -57.21 62.39 21.16
C ARG E 4249 -58.55 63.05 21.46
N TYR E 4250 -58.66 64.35 21.17
CA TYR E 4250 -59.88 65.09 21.47
C TYR E 4250 -61.06 64.56 20.68
N ASN E 4251 -60.86 64.28 19.39
CA ASN E 4251 -61.97 63.85 18.55
C ASN E 4251 -62.43 62.44 18.91
N ILE E 4252 -61.47 61.54 19.20
CA ILE E 4252 -61.85 60.19 19.57
C ILE E 4252 -62.54 60.18 20.93
N LEU E 4253 -62.08 61.02 21.87
CA LEU E 4253 -62.75 61.12 23.15
C LEU E 4253 -64.16 61.68 22.99
N THR E 4254 -64.32 62.66 22.08
CA THR E 4254 -65.64 63.18 21.80
C THR E 4254 -66.56 62.10 21.24
N LEU E 4255 -66.03 61.26 20.35
CA LEU E 4255 -66.83 60.16 19.82
C LEU E 4255 -67.21 59.17 20.92
N MET E 4256 -66.25 58.81 21.77
CA MET E 4256 -66.50 57.81 22.81
C MET E 4256 -67.33 58.33 23.97
N ARG E 4257 -67.48 59.65 24.10
CA ARG E 4257 -68.27 60.20 25.20
C ARG E 4257 -69.72 59.74 25.12
N MET E 4258 -70.28 59.65 23.91
CA MET E 4258 -71.69 59.28 23.79
C MET E 4258 -71.92 57.86 24.29
N LEU E 4259 -70.89 57.00 24.18
CA LEU E 4259 -70.99 55.67 24.78
C LEU E 4259 -70.70 55.71 26.27
N SER E 4260 -69.82 56.61 26.71
CA SER E 4260 -69.39 56.63 28.10
C SER E 4260 -70.35 57.39 29.02
N LEU E 4261 -71.34 58.10 28.47
CA LEU E 4261 -72.23 58.91 29.30
C LEU E 4261 -73.25 58.09 30.08
N LYS E 4262 -73.37 56.78 29.82
CA LYS E 4262 -74.37 55.93 30.47
C LYS E 4262 -75.79 56.40 30.16
N SER E 4263 -75.95 57.18 29.09
CA SER E 4263 -77.24 57.67 28.65
C SER E 4263 -77.92 56.71 27.69
N LEU E 4264 -77.34 55.53 27.47
CA LEU E 4264 -77.88 54.56 26.53
C LEU E 4264 -78.92 53.67 27.20
N LYS E 4265 -79.45 54.12 28.34
CA LYS E 4265 -80.51 53.42 29.05
C LYS E 4265 -81.83 53.42 28.29
N LYS E 4266 -82.21 54.56 27.72
CA LYS E 4266 -83.43 54.62 26.91
C LYS E 4266 -83.28 53.78 25.65
N GLN E 4267 -82.11 53.84 25.00
CA GLN E 4267 -81.86 53.00 23.86
C GLN E 4267 -81.82 51.53 24.25
N MET E 4268 -81.28 51.22 25.43
CA MET E 4268 -81.31 49.83 25.88
C MET E 4268 -82.73 49.35 26.10
N LYS E 4269 -83.59 50.20 26.65
CA LYS E 4269 -84.99 49.85 26.83
C LYS E 4269 -85.66 49.60 25.48
N LYS E 4270 -85.36 50.45 24.50
CA LYS E 4270 -85.90 50.27 23.16
C LYS E 4270 -85.33 49.03 22.46
N VAL E 4271 -84.16 48.57 22.89
CA VAL E 4271 -83.55 47.37 22.31
C VAL E 4271 -84.03 46.09 23.01
N LYS E 4272 -84.52 46.19 24.25
CA LYS E 4272 -84.99 45.00 24.97
C LYS E 4272 -85.97 44.20 24.14
N LYS E 4273 -86.81 44.87 23.36
CA LYS E 4273 -87.67 44.22 22.38
C LYS E 4273 -86.89 44.14 21.06
N MET E 4274 -86.73 42.93 20.55
CA MET E 4274 -85.89 42.68 19.39
C MET E 4274 -86.54 43.28 18.15
N THR E 4275 -85.77 44.05 17.38
CA THR E 4275 -86.27 44.73 16.19
C THR E 4275 -85.19 44.71 15.12
N VAL E 4276 -85.53 44.18 13.94
CA VAL E 4276 -84.57 44.10 12.84
C VAL E 4276 -84.13 45.49 12.40
N LYS E 4277 -85.11 46.39 12.26
CA LYS E 4277 -84.78 47.76 11.87
C LYS E 4277 -83.89 48.43 12.91
N ASP E 4278 -84.18 48.21 14.19
CA ASP E 4278 -83.36 48.77 15.25
C ASP E 4278 -81.93 48.26 15.17
N MET E 4279 -81.76 46.94 15.00
CA MET E 4279 -80.42 46.38 15.02
C MET E 4279 -79.61 46.82 13.80
N VAL E 4280 -80.23 46.85 12.61
CA VAL E 4280 -79.50 47.30 11.44
C VAL E 4280 -79.19 48.79 11.55
N THR E 4281 -80.12 49.57 12.11
CA THR E 4281 -79.87 50.99 12.29
C THR E 4281 -78.70 51.24 13.24
N ALA E 4282 -78.64 50.49 14.34
CA ALA E 4282 -77.53 50.65 15.27
C ALA E 4282 -76.21 50.25 14.63
N PHE E 4283 -76.22 49.12 13.90
CA PHE E 4283 -74.99 48.64 13.28
C PHE E 4283 -74.47 49.65 12.26
N PHE E 4284 -75.36 50.24 11.48
CA PHE E 4284 -74.94 51.22 10.48
C PHE E 4284 -74.56 52.54 11.13
N SER E 4285 -75.25 52.91 12.22
CA SER E 4285 -75.03 54.20 12.85
C SER E 4285 -73.69 54.24 13.56
N SER E 4286 -73.23 53.09 14.06
CA SER E 4286 -71.90 53.06 14.67
C SER E 4286 -70.83 53.48 13.67
N TYR E 4287 -70.86 52.89 12.47
CA TYR E 4287 -69.85 53.23 11.47
C TYR E 4287 -70.07 54.62 10.91
N TRP E 4288 -71.34 55.06 10.82
CA TRP E 4288 -71.60 56.43 10.40
C TRP E 4288 -70.99 57.43 11.38
N SER E 4289 -71.14 57.16 12.67
CA SER E 4289 -70.53 58.02 13.69
C SER E 4289 -69.02 57.98 13.62
N ILE E 4290 -68.43 56.81 13.36
CA ILE E 4290 -66.99 56.74 13.19
C ILE E 4290 -66.54 57.60 12.02
N PHE E 4291 -67.27 57.54 10.90
CA PHE E 4291 -66.91 58.34 9.73
C PHE E 4291 -67.06 59.83 10.01
N MET E 4292 -68.12 60.22 10.72
CA MET E 4292 -68.27 61.63 11.08
C MET E 4292 -67.14 62.10 11.99
N THR E 4293 -66.73 61.25 12.92
CA THR E 4293 -65.60 61.58 13.78
C THR E 4293 -64.33 61.76 12.97
N LEU E 4294 -64.13 60.90 11.95
CA LEU E 4294 -62.98 61.06 11.08
C LEU E 4294 -63.05 62.39 10.33
N LEU E 4295 -64.23 62.77 9.87
CA LEU E 4295 -64.39 64.06 9.19
C LEU E 4295 -64.02 65.21 10.10
N HIS E 4296 -64.52 65.18 11.35
CA HIS E 4296 -64.19 66.24 12.30
C HIS E 4296 -62.69 66.27 12.58
N PHE E 4297 -62.06 65.10 12.70
CA PHE E 4297 -60.62 65.05 12.93
C PHE E 4297 -59.85 65.67 11.78
N VAL E 4298 -60.25 65.35 10.54
CA VAL E 4298 -59.58 65.92 9.37
C VAL E 4298 -59.75 67.44 9.35
N ALA E 4299 -60.96 67.92 9.64
CA ALA E 4299 -61.19 69.36 9.66
C ALA E 4299 -60.35 70.05 10.73
N SER E 4300 -60.25 69.44 11.91
CA SER E 4300 -59.45 70.02 12.98
C SER E 4300 -57.97 70.06 12.60
N VAL E 4301 -57.47 69.01 11.97
CA VAL E 4301 -56.07 69.00 11.54
C VAL E 4301 -55.82 70.09 10.50
N PHE E 4302 -56.76 70.24 9.55
CA PHE E 4302 -56.61 71.28 8.54
C PHE E 4302 -56.58 72.66 9.19
N ARG E 4303 -57.48 72.90 10.14
CA ARG E 4303 -57.51 74.20 10.82
C ARG E 4303 -56.21 74.45 11.58
N GLY E 4304 -55.72 73.44 12.28
CA GLY E 4304 -54.48 73.60 13.03
C GLY E 4304 -53.29 73.88 12.13
N PHE E 4305 -53.19 73.16 11.02
CA PHE E 4305 -52.09 73.38 10.08
C PHE E 4305 -52.20 74.77 9.46
N PHE E 4306 -53.42 75.21 9.15
CA PHE E 4306 -53.61 76.55 8.60
C PHE E 4306 -53.17 77.61 9.60
N ARG E 4307 -53.51 77.43 10.88
CA ARG E 4307 -53.06 78.37 11.90
C ARG E 4307 -51.54 78.37 12.00
N ILE E 4308 -50.92 77.18 11.96
CA ILE E 4308 -49.47 77.09 12.13
C ILE E 4308 -48.76 77.79 10.98
N ILE E 4309 -49.21 77.55 9.74
CA ILE E 4309 -48.56 78.17 8.60
C ILE E 4309 -48.86 79.66 8.56
N CYS E 4310 -50.02 80.08 9.06
CA CYS E 4310 -50.38 81.49 9.06
C CYS E 4310 -50.36 82.06 10.48
N PHE E 4480 0.76 90.51 21.47
CA PHE E 4480 -0.43 90.36 20.63
C PHE E 4480 -0.11 89.67 19.30
N TRP E 4481 1.19 89.48 19.03
CA TRP E 4481 1.59 88.81 17.79
C TRP E 4481 1.03 87.40 17.71
N LYS E 4482 0.90 86.72 18.85
CA LYS E 4482 0.37 85.37 18.83
C LYS E 4482 -1.16 85.39 18.89
N LYS E 4483 -1.73 86.36 19.61
CA LYS E 4483 -3.18 86.45 19.73
C LYS E 4483 -3.83 86.76 18.38
N ILE E 4484 -3.20 87.64 17.60
CA ILE E 4484 -3.76 87.96 16.28
C ILE E 4484 -3.72 86.73 15.38
N ILE E 4485 -2.63 85.97 15.42
CA ILE E 4485 -2.55 84.74 14.64
C ILE E 4485 -3.62 83.76 15.09
N ALA E 4486 -3.84 83.65 16.39
CA ALA E 4486 -4.91 82.78 16.89
C ALA E 4486 -6.28 83.21 16.37
N TYR E 4487 -6.54 84.52 16.37
CA TYR E 4487 -7.84 84.99 15.89
C TYR E 4487 -8.00 84.73 14.40
N GLN E 4488 -6.95 84.96 13.61
CA GLN E 4488 -7.01 84.62 12.19
C GLN E 4488 -7.26 83.13 11.99
N GLN E 4489 -6.61 82.29 12.81
CA GLN E 4489 -6.85 80.86 12.70
C GLN E 4489 -8.30 80.51 13.00
N LYS E 4490 -8.87 81.12 14.04
CA LYS E 4490 -10.26 80.86 14.37
C LYS E 4490 -11.19 81.25 13.22
N LEU E 4491 -10.96 82.44 12.64
CA LEU E 4491 -11.80 82.89 11.53
C LEU E 4491 -11.65 81.98 10.32
N LEU E 4492 -10.42 81.59 10.01
CA LEU E 4492 -10.15 80.69 8.89
C LEU E 4492 -10.90 79.38 9.07
N ASN E 4493 -10.80 78.80 10.27
CA ASN E 4493 -11.48 77.54 10.54
C ASN E 4493 -12.98 77.69 10.46
N TYR E 4494 -13.52 78.80 10.97
CA TYR E 4494 -14.96 79.01 10.92
C TYR E 4494 -15.46 79.06 9.48
N PHE E 4495 -14.77 79.83 8.64
CA PHE E 4495 -15.19 79.93 7.24
C PHE E 4495 -15.08 78.58 6.53
N ALA E 4496 -13.96 77.86 6.76
CA ALA E 4496 -13.79 76.57 6.11
C ALA E 4496 -14.87 75.59 6.55
N ARG E 4497 -15.23 75.61 7.83
CA ARG E 4497 -16.23 74.70 8.36
C ARG E 4497 -17.64 75.05 7.91
N ASN E 4498 -17.95 76.32 7.72
CA ASN E 4498 -19.29 76.76 7.33
C ASN E 4498 -19.36 77.12 5.85
N PHE E 4499 -18.40 76.65 5.06
CA PHE E 4499 -18.36 76.99 3.63
C PHE E 4499 -19.62 76.58 2.90
N TYR E 4500 -20.07 75.33 3.05
CA TYR E 4500 -21.22 74.85 2.30
C TYR E 4500 -22.53 75.51 2.73
N ASN E 4501 -22.71 75.75 4.03
CA ASN E 4501 -23.91 76.44 4.48
C ASN E 4501 -24.01 77.83 3.85
N MET E 4502 -22.88 78.52 3.74
CA MET E 4502 -22.87 79.82 3.08
C MET E 4502 -23.21 79.69 1.60
N ARG E 4503 -22.74 78.64 0.94
CA ARG E 4503 -23.07 78.43 -0.46
C ARG E 4503 -24.56 78.19 -0.65
N MET E 4504 -25.20 77.42 0.22
CA MET E 4504 -26.65 77.26 0.17
C MET E 4504 -27.40 78.54 0.49
N LEU E 4505 -26.91 79.30 1.47
CA LEU E 4505 -27.55 80.58 1.80
C LEU E 4505 -27.48 81.54 0.61
N ALA E 4506 -26.39 81.49 -0.15
CA ALA E 4506 -26.28 82.34 -1.33
C ALA E 4506 -27.36 82.01 -2.35
N LEU E 4507 -27.61 80.71 -2.58
CA LEU E 4507 -28.67 80.32 -3.50
C LEU E 4507 -30.04 80.71 -2.99
N PHE E 4508 -30.30 80.54 -1.69
CA PHE E 4508 -31.58 80.95 -1.13
C PHE E 4508 -31.79 82.46 -1.30
N VAL E 4509 -30.75 83.25 -1.03
CA VAL E 4509 -30.86 84.70 -1.20
C VAL E 4509 -31.04 85.04 -2.68
N ALA E 4510 -30.42 84.29 -3.58
CA ALA E 4510 -30.63 84.50 -5.00
C ALA E 4510 -32.07 84.26 -5.42
N PHE E 4511 -32.69 83.18 -4.97
CA PHE E 4511 -34.11 82.96 -5.21
C PHE E 4511 -34.99 84.03 -4.61
N ALA E 4512 -34.68 84.51 -3.41
CA ALA E 4512 -35.44 85.61 -2.82
C ALA E 4512 -35.32 86.89 -3.63
N ILE E 4513 -34.10 87.23 -4.06
CA ILE E 4513 -33.88 88.44 -4.83
C ILE E 4513 -34.61 88.36 -6.17
N ASN E 4514 -34.53 87.20 -6.83
CA ASN E 4514 -35.22 87.06 -8.11
C ASN E 4514 -36.73 87.05 -7.94
N PHE E 4515 -37.24 86.46 -6.86
CA PHE E 4515 -38.65 86.54 -6.58
C PHE E 4515 -39.12 87.99 -6.40
N ILE E 4516 -38.34 88.80 -5.69
CA ILE E 4516 -38.66 90.23 -5.60
C ILE E 4516 -38.56 90.93 -6.95
N LEU E 4517 -37.51 90.66 -7.71
CA LEU E 4517 -37.33 91.26 -9.03
C LEU E 4517 -38.45 90.91 -9.99
N LEU E 4518 -39.15 89.80 -9.76
CA LEU E 4518 -40.27 89.42 -10.60
C LEU E 4518 -41.42 90.42 -10.54
N PHE E 4519 -41.37 91.39 -9.62
CA PHE E 4519 -42.37 92.45 -9.52
C PHE E 4519 -41.85 93.80 -10.00
N TYR E 4520 -40.92 93.82 -10.95
CA TYR E 4520 -40.49 95.05 -11.58
C TYR E 4520 -41.44 95.44 -12.70
N LYS E 4521 -41.52 96.73 -12.98
CA LYS E 4521 -42.23 97.23 -14.15
C LYS E 4521 -41.46 98.40 -14.74
N VAL E 4522 -41.71 98.66 -16.00
CA VAL E 4522 -41.12 99.80 -16.69
C VAL E 4522 -42.12 100.95 -16.67
N SER E 4523 -41.60 102.17 -16.55
CA SER E 4523 -42.44 103.35 -16.43
C SER E 4523 -41.79 104.51 -17.17
N THR E 4524 -42.53 105.60 -17.27
CA THR E 4524 -42.04 106.84 -17.87
C THR E 4524 -40.92 107.39 -16.99
N ILE E 4555 -39.35 109.11 -24.64
CA ILE E 4555 -39.67 109.06 -23.21
C ILE E 4555 -38.54 108.39 -22.44
N ALA E 4556 -38.27 108.91 -21.25
CA ALA E 4556 -37.23 108.33 -20.40
C ALA E 4556 -37.65 106.94 -19.94
N VAL E 4557 -36.67 106.03 -19.87
CA VAL E 4557 -36.92 104.64 -19.53
C VAL E 4557 -36.14 104.33 -18.25
N HIS E 4558 -36.86 103.94 -17.20
CA HIS E 4558 -36.26 103.45 -15.97
C HIS E 4558 -37.20 102.41 -15.36
N TYR E 4559 -36.61 101.49 -14.61
CA TYR E 4559 -37.34 100.39 -14.02
C TYR E 4559 -37.57 100.66 -12.54
N VAL E 4560 -38.84 100.61 -12.12
CA VAL E 4560 -39.24 100.92 -10.76
C VAL E 4560 -40.00 99.73 -10.19
N LEU E 4561 -39.74 99.43 -8.91
CA LEU E 4561 -40.42 98.33 -8.24
C LEU E 4561 -41.85 98.75 -7.92
N GLU E 4562 -42.81 97.92 -8.30
CA GLU E 4562 -44.22 98.18 -8.02
C GLU E 4562 -44.70 97.16 -6.99
N GLU E 4563 -45.26 97.65 -5.89
CA GLU E 4563 -45.73 96.79 -4.82
C GLU E 4563 -46.67 97.57 -3.93
N SER E 4564 -47.45 96.85 -3.12
CA SER E 4564 -48.33 97.51 -2.18
C SER E 4564 -47.65 97.71 -0.83
N SER E 4565 -46.67 96.86 -0.51
CA SER E 4565 -46.01 96.93 0.79
C SER E 4565 -45.16 98.20 0.91
N GLY E 4566 -44.36 98.49 -0.12
CA GLY E 4566 -43.42 99.57 -0.06
C GLY E 4566 -42.12 99.25 0.66
N TYR E 4567 -42.12 98.21 1.50
CA TYR E 4567 -40.95 97.77 2.22
C TYR E 4567 -40.10 96.80 1.41
N MET E 4568 -40.59 96.37 0.25
CA MET E 4568 -39.88 95.37 -0.54
C MET E 4568 -38.61 95.94 -1.17
N GLU E 4569 -38.66 97.21 -1.58
CA GLU E 4569 -37.45 97.83 -2.15
C GLU E 4569 -36.33 97.92 -1.13
N PRO E 4570 -36.54 98.41 0.10
CA PRO E 4570 -35.50 98.27 1.12
C PRO E 4570 -35.12 96.83 1.38
N THR E 4571 -36.10 95.93 1.33
CA THR E 4571 -35.81 94.51 1.47
C THR E 4571 -34.89 94.04 0.35
N LEU E 4572 -35.13 94.50 -0.87
CA LEU E 4572 -34.23 94.19 -1.97
C LEU E 4572 -32.83 94.73 -1.77
N ARG E 4573 -32.70 95.96 -1.27
CA ARG E 4573 -31.37 96.50 -0.99
C ARG E 4573 -30.63 95.66 0.06
N ILE E 4574 -31.33 95.31 1.15
CA ILE E 4574 -30.70 94.51 2.19
C ILE E 4574 -30.32 93.14 1.65
N LEU E 4575 -31.18 92.55 0.83
CA LEU E 4575 -30.89 91.23 0.28
C LEU E 4575 -29.71 91.28 -0.68
N ALA E 4576 -29.60 92.34 -1.48
CA ALA E 4576 -28.44 92.47 -2.36
C ALA E 4576 -27.15 92.59 -1.56
N ILE E 4577 -27.16 93.41 -0.51
CA ILE E 4577 -25.98 93.55 0.33
C ILE E 4577 -25.63 92.21 0.97
N LEU E 4578 -26.64 91.50 1.48
CA LEU E 4578 -26.40 90.20 2.11
C LEU E 4578 -25.82 89.21 1.10
N HIS E 4579 -26.35 89.20 -0.12
CA HIS E 4579 -25.83 88.29 -1.13
C HIS E 4579 -24.37 88.58 -1.44
N THR E 4580 -24.03 89.86 -1.60
CA THR E 4580 -22.64 90.22 -1.84
C THR E 4580 -21.72 89.85 -0.69
N VAL E 4581 -22.16 90.02 0.55
CA VAL E 4581 -21.34 89.64 1.70
C VAL E 4581 -21.16 88.13 1.79
N ILE E 4582 -22.25 87.38 1.61
CA ILE E 4582 -22.18 85.93 1.70
C ILE E 4582 -21.31 85.36 0.60
N SER E 4583 -21.33 85.96 -0.59
CA SER E 4583 -20.48 85.48 -1.67
C SER E 4583 -19.01 85.67 -1.34
N PHE E 4584 -18.64 86.82 -0.76
CA PHE E 4584 -17.27 87.01 -0.31
C PHE E 4584 -16.89 86.00 0.74
N PHE E 4585 -17.78 85.75 1.70
CA PHE E 4585 -17.53 84.72 2.68
C PHE E 4585 -17.37 83.34 2.05
N CYS E 4586 -18.09 83.04 0.98
CA CYS E 4586 -17.92 81.80 0.23
C CYS E 4586 -16.56 81.70 -0.43
N ILE E 4587 -16.07 82.79 -1.01
CA ILE E 4587 -14.70 82.78 -1.53
C ILE E 4587 -13.69 82.52 -0.42
N ILE E 4588 -13.85 83.19 0.73
CA ILE E 4588 -12.92 82.95 1.83
C ILE E 4588 -12.99 81.49 2.29
N GLY E 4589 -14.20 80.96 2.43
CA GLY E 4589 -14.34 79.57 2.86
C GLY E 4589 -13.72 78.60 1.87
N TYR E 4590 -13.90 78.86 0.57
CA TYR E 4590 -13.23 78.05 -0.43
C TYR E 4590 -11.72 78.10 -0.26
N TYR E 4591 -11.17 79.30 -0.13
CA TYR E 4591 -9.72 79.43 -0.04
C TYR E 4591 -9.19 78.78 1.23
N CYS E 4592 -9.99 78.72 2.30
CA CYS E 4592 -9.56 78.05 3.52
C CYS E 4592 -9.66 76.53 3.40
N LEU E 4593 -10.69 76.03 2.72
CA LEU E 4593 -10.98 74.60 2.78
C LEU E 4593 -10.48 73.83 1.56
N LYS E 4594 -10.93 74.23 0.36
CA LYS E 4594 -10.70 73.39 -0.81
C LYS E 4594 -9.33 73.63 -1.42
N VAL E 4595 -8.81 74.85 -1.31
CA VAL E 4595 -7.51 75.21 -1.88
C VAL E 4595 -6.39 74.33 -1.35
N PRO E 4596 -6.33 74.04 -0.05
CA PRO E 4596 -5.29 73.10 0.42
C PRO E 4596 -5.31 71.76 -0.29
N LEU E 4597 -6.48 71.22 -0.60
CA LEU E 4597 -6.53 69.95 -1.32
C LEU E 4597 -5.95 70.10 -2.73
N VAL E 4598 -6.27 71.19 -3.43
CA VAL E 4598 -5.73 71.40 -4.76
C VAL E 4598 -4.22 71.54 -4.71
N ILE E 4599 -3.70 72.30 -3.75
CA ILE E 4599 -2.26 72.44 -3.61
C ILE E 4599 -1.63 71.09 -3.29
N PHE E 4600 -2.24 70.31 -2.40
CA PHE E 4600 -1.70 68.99 -2.07
C PHE E 4600 -1.64 68.09 -3.30
N LYS E 4601 -2.72 68.07 -4.09
CA LYS E 4601 -2.75 67.22 -5.27
C LYS E 4601 -1.70 67.65 -6.28
N ARG E 4602 -1.61 68.95 -6.57
CA ARG E 4602 -0.62 69.42 -7.55
C ARG E 4602 0.80 69.17 -7.06
N GLU E 4603 1.06 69.43 -5.78
CA GLU E 4603 2.38 69.27 -5.20
C GLU E 4603 2.79 67.81 -5.07
N LYS E 4604 1.82 66.90 -5.02
CA LYS E 4604 2.10 65.47 -5.10
C LYS E 4604 2.36 65.02 -6.52
N GLU E 4605 1.56 65.49 -7.47
CA GLU E 4605 1.75 65.10 -8.87
C GLU E 4605 3.11 65.57 -9.37
N VAL E 4606 3.52 66.79 -9.02
CA VAL E 4606 4.81 67.29 -9.47
C VAL E 4606 5.93 66.45 -8.87
N ALA E 4607 5.78 66.05 -7.61
CA ALA E 4607 6.80 65.22 -6.97
C ALA E 4607 6.92 63.87 -7.65
N ARG E 4608 5.78 63.23 -7.94
CA ARG E 4608 5.83 61.93 -8.62
C ARG E 4608 6.41 62.05 -10.02
N LYS E 4609 6.04 63.11 -10.75
CA LYS E 4609 6.60 63.30 -12.09
C LYS E 4609 8.10 63.55 -12.02
N LEU E 4610 8.55 64.32 -11.03
CA LEU E 4610 9.97 64.59 -10.89
C LEU E 4610 10.75 63.34 -10.53
N GLU E 4611 10.21 62.51 -9.64
CA GLU E 4611 10.95 61.36 -9.17
C GLU E 4611 10.87 60.19 -10.15
N PHE E 4612 9.66 59.69 -10.42
CA PHE E 4612 9.53 58.45 -11.18
C PHE E 4612 9.46 58.68 -12.67
N ASP E 4613 9.56 59.94 -13.13
CA ASP E 4613 9.57 60.23 -14.55
C ASP E 4613 10.69 61.16 -14.97
N GLY E 4614 11.29 61.90 -14.05
CA GLY E 4614 12.33 62.85 -14.39
C GLY E 4614 11.83 63.93 -15.34
N LEU E 4615 10.65 64.46 -15.04
CA LEU E 4615 9.99 65.40 -15.95
C LEU E 4615 10.69 66.74 -16.01
N TYR E 4616 11.60 67.03 -15.08
CA TYR E 4616 12.46 68.20 -15.19
C TYR E 4616 13.94 67.83 -15.21
N ILE E 4617 14.25 66.53 -15.25
CA ILE E 4617 15.63 66.08 -15.31
C ILE E 4617 15.84 65.26 -16.57
N THR E 4618 15.12 64.13 -16.67
CA THR E 4618 15.26 63.29 -17.85
C THR E 4618 14.76 64.00 -19.10
N GLU E 4619 13.64 64.70 -18.99
CA GLU E 4619 13.09 65.45 -20.11
C GLU E 4619 12.48 66.75 -19.59
N GLN E 4620 11.83 67.48 -20.48
CA GLN E 4620 11.35 68.83 -20.24
C GLN E 4620 9.88 68.93 -20.63
N PRO E 4621 9.15 69.89 -20.04
CA PRO E 4621 7.72 69.99 -20.31
C PRO E 4621 7.41 70.13 -21.80
N SER E 4622 6.16 69.82 -22.13
CA SER E 4622 5.77 69.67 -23.53
C SER E 4622 5.75 70.99 -24.29
N GLU E 4623 6.11 72.10 -23.65
CA GLU E 4623 6.18 73.43 -24.25
C GLU E 4623 4.80 73.97 -24.60
N ASP E 4624 3.74 73.27 -24.21
CA ASP E 4624 2.38 73.81 -24.26
C ASP E 4624 1.56 73.42 -23.04
N ASP E 4625 2.21 73.01 -21.96
CA ASP E 4625 1.52 72.61 -20.73
C ASP E 4625 1.66 73.73 -19.71
N ILE E 4626 0.60 74.53 -19.58
CA ILE E 4626 0.60 75.64 -18.64
C ILE E 4626 0.94 75.13 -17.25
N LYS E 4627 0.31 74.02 -16.86
CA LYS E 4627 0.62 73.40 -15.58
C LYS E 4627 2.09 73.06 -15.47
N GLY E 4628 2.69 72.52 -16.53
CA GLY E 4628 4.09 72.13 -16.47
C GLY E 4628 5.02 73.31 -16.28
N GLN E 4629 4.88 74.35 -17.11
CA GLN E 4629 5.81 75.47 -17.00
C GLN E 4629 5.52 76.31 -15.77
N TRP E 4630 4.31 76.22 -15.22
CA TRP E 4630 4.08 76.89 -13.94
C TRP E 4630 4.66 76.10 -12.78
N ASP E 4631 4.57 74.79 -12.82
CA ASP E 4631 5.13 73.94 -11.77
C ASP E 4631 6.65 73.89 -11.82
N ARG E 4632 7.25 74.28 -12.94
CA ARG E 4632 8.71 74.39 -12.97
C ARG E 4632 9.21 75.40 -11.94
N LEU E 4633 8.36 76.32 -11.50
CA LEU E 4633 8.78 77.28 -10.50
C LEU E 4633 8.93 76.65 -9.12
N VAL E 4634 8.03 75.76 -8.74
CA VAL E 4634 7.94 75.33 -7.34
C VAL E 4634 9.11 74.46 -6.90
N ILE E 4635 9.78 73.79 -7.83
CA ILE E 4635 10.85 72.86 -7.47
C ILE E 4635 12.02 73.53 -6.76
N ASN E 4636 12.23 74.82 -6.99
CA ASN E 4636 13.33 75.55 -6.38
C ASN E 4636 12.98 76.12 -5.02
N THR E 4637 11.72 76.02 -4.59
CA THR E 4637 11.27 76.66 -3.37
C THR E 4637 11.70 75.85 -2.15
N GLN E 4638 12.08 76.56 -1.09
CA GLN E 4638 12.44 75.92 0.16
C GLN E 4638 11.22 75.28 0.83
N SER E 4639 10.04 75.85 0.63
CA SER E 4639 8.82 75.39 1.28
C SER E 4639 8.09 74.31 0.49
N PHE E 4640 8.80 73.52 -0.29
CA PHE E 4640 8.20 72.47 -1.10
C PHE E 4640 7.95 71.32 -0.11
N PRO E 4641 7.44 70.15 -0.52
CA PRO E 4641 6.36 69.49 0.24
C PRO E 4641 5.75 70.28 1.38
N ASN E 4642 5.16 71.45 1.11
CA ASN E 4642 4.44 72.16 2.17
C ASN E 4642 3.19 71.39 2.59
N ASN E 4643 2.41 70.92 1.62
CA ASN E 4643 1.18 70.19 1.90
C ASN E 4643 1.36 68.69 1.76
N TYR E 4644 2.15 68.25 0.79
CA TYR E 4644 2.39 66.83 0.59
C TYR E 4644 3.24 66.28 1.73
N TRP E 4645 2.94 65.04 2.11
CA TRP E 4645 3.58 64.42 3.27
C TRP E 4645 5.05 64.10 3.05
N ASP E 4646 5.42 63.59 1.88
CA ASP E 4646 6.78 63.12 1.65
C ASP E 4646 7.73 64.30 1.65
N LYS E 4647 8.41 64.52 2.77
CA LYS E 4647 9.34 65.64 2.91
C LYS E 4647 10.72 65.31 2.37
N PHE E 4648 10.91 64.12 1.84
CA PHE E 4648 12.21 63.66 1.34
C PHE E 4648 12.23 63.57 -0.18
N VAL E 4649 11.33 64.28 -0.85
CA VAL E 4649 11.23 64.16 -2.31
C VAL E 4649 12.52 64.62 -2.98
N LYS E 4650 13.06 65.76 -2.54
CA LYS E 4650 14.29 66.26 -3.13
C LYS E 4650 15.45 65.30 -2.94
N ARG E 4651 15.58 64.74 -1.74
CA ARG E 4651 16.65 63.79 -1.48
C ARG E 4651 16.48 62.53 -2.32
N LYS E 4652 15.25 62.07 -2.49
CA LYS E 4652 15.00 60.90 -3.33
C LYS E 4652 15.41 61.18 -4.78
N VAL E 4653 15.07 62.38 -5.27
CA VAL E 4653 15.44 62.74 -6.64
C VAL E 4653 16.95 62.77 -6.79
N MET E 4654 17.65 63.35 -5.82
CA MET E 4654 19.11 63.37 -5.90
C MET E 4654 19.69 61.97 -5.84
N ASP E 4655 19.15 61.11 -4.96
CA ASP E 4655 19.63 59.74 -4.89
C ASP E 4655 19.37 58.96 -6.17
N LYS E 4656 18.32 59.31 -6.91
CA LYS E 4656 18.03 58.61 -8.16
C LYS E 4656 18.87 59.11 -9.33
N TYR E 4657 18.89 60.43 -9.55
CA TYR E 4657 19.51 60.98 -10.75
C TYR E 4657 20.83 61.69 -10.47
N GLY E 4658 21.25 61.79 -9.21
CA GLY E 4658 22.41 62.60 -8.88
C GLY E 4658 23.69 62.19 -9.58
N GLU E 4659 23.96 60.88 -9.63
CA GLU E 4659 25.21 60.41 -10.20
C GLU E 4659 25.25 60.59 -11.71
N PHE E 4660 24.17 60.23 -12.39
CA PHE E 4660 24.22 60.14 -13.85
C PHE E 4660 24.22 61.53 -14.49
N TYR E 4661 23.40 62.45 -13.97
CA TYR E 4661 23.21 63.76 -14.58
C TYR E 4661 23.92 64.89 -13.87
N GLY E 4662 24.44 64.67 -12.66
CA GLY E 4662 25.18 65.72 -11.99
C GLY E 4662 24.56 66.19 -10.69
N ARG E 4663 25.21 65.82 -9.59
CA ARG E 4663 24.66 66.13 -8.26
C ARG E 4663 24.58 67.63 -8.03
N ASP E 4664 25.59 68.38 -8.47
CA ASP E 4664 25.60 69.82 -8.25
C ASP E 4664 24.45 70.50 -9.00
N ARG E 4665 24.25 70.15 -10.26
CA ARG E 4665 23.22 70.85 -11.03
C ARG E 4665 21.84 70.42 -10.56
N ILE E 4666 21.70 69.16 -10.10
CA ILE E 4666 20.42 68.73 -9.54
C ILE E 4666 20.15 69.45 -8.23
N SER E 4667 21.19 69.69 -7.43
CA SER E 4667 21.01 70.49 -6.23
C SER E 4667 20.57 71.92 -6.57
N GLU E 4668 21.15 72.50 -7.61
CA GLU E 4668 20.69 73.82 -8.07
C GLU E 4668 19.24 73.77 -8.53
N LEU E 4669 18.87 72.72 -9.28
CA LEU E 4669 17.52 72.59 -9.81
C LEU E 4669 16.50 72.44 -8.68
N LEU E 4670 16.86 71.70 -7.63
CA LEU E 4670 15.96 71.46 -6.52
C LEU E 4670 16.11 72.51 -5.42
N GLY E 4671 17.01 73.47 -5.60
CA GLY E 4671 17.12 74.55 -4.63
C GLY E 4671 17.66 74.12 -3.28
N MET E 4672 18.60 73.18 -3.27
CA MET E 4672 19.27 72.80 -2.04
C MET E 4672 20.75 73.16 -2.10
N ASP E 4673 21.43 73.00 -0.97
CA ASP E 4673 22.78 73.50 -0.77
C ASP E 4673 23.76 72.34 -0.75
N LYS E 4674 24.65 72.30 -1.74
CA LYS E 4674 25.69 71.28 -1.77
C LYS E 4674 26.77 71.54 -0.71
N ALA E 4675 27.43 72.69 -0.77
CA ALA E 4675 28.55 72.98 0.12
C ALA E 4675 28.13 73.57 1.46
N ALA E 4676 26.87 73.95 1.63
CA ALA E 4676 26.42 74.51 2.90
C ALA E 4676 25.87 73.45 3.85
N LEU E 4677 25.28 72.38 3.31
CA LEU E 4677 24.71 71.34 4.16
C LEU E 4677 25.79 70.66 5.01
N ASP E 4678 26.90 70.27 4.37
CA ASP E 4678 27.99 69.64 5.12
C ASP E 4678 28.69 70.64 6.02
N PHE E 4679 28.81 71.90 5.58
CA PHE E 4679 29.40 72.93 6.43
C PHE E 4679 28.57 73.14 7.69
N SER E 4680 27.24 73.03 7.60
CA SER E 4680 26.40 73.15 8.77
C SER E 4680 26.66 72.01 9.76
N ASP E 4681 26.78 70.78 9.26
CA ASP E 4681 27.07 69.65 10.14
C ASP E 4681 28.49 69.73 10.69
N ALA E 4682 29.36 70.47 10.01
CA ALA E 4682 30.70 70.71 10.53
C ALA E 4682 30.63 71.56 11.80
N ARG E 4683 31.79 71.82 12.40
CA ARG E 4683 31.83 72.48 13.69
C ARG E 4683 31.94 74.00 13.52
N GLU E 4684 30.88 74.71 13.88
CA GLU E 4684 30.90 76.16 13.95
C GLU E 4684 29.80 76.60 14.90
N LYS E 4685 29.85 77.87 15.32
CA LYS E 4685 28.85 78.41 16.22
C LYS E 4685 27.58 78.75 15.44
N LYS E 4686 26.43 78.46 16.04
CA LYS E 4686 25.12 78.69 15.43
C LYS E 4686 24.35 79.71 16.26
N LYS E 4687 23.52 80.51 15.58
CA LYS E 4687 22.79 81.60 16.23
C LYS E 4687 21.29 81.41 16.01
N PRO E 4688 20.49 81.40 17.07
CA PRO E 4688 19.04 81.25 16.92
C PRO E 4688 18.39 82.53 16.44
N LYS E 4689 17.11 82.41 16.08
CA LYS E 4689 16.31 83.53 15.60
C LYS E 4689 14.94 83.46 16.26
N LYS E 4690 14.20 84.57 16.23
CA LYS E 4690 12.90 84.66 16.86
C LYS E 4690 11.91 85.17 15.83
N ASP E 4691 10.74 84.53 15.76
CA ASP E 4691 9.90 84.61 14.56
C ASP E 4691 9.18 85.95 14.45
N SER E 4692 8.68 86.49 15.56
CA SER E 4692 7.75 87.62 15.48
C SER E 4692 8.42 88.89 14.96
N SER E 4693 9.75 88.90 14.86
CA SER E 4693 10.43 90.04 14.26
C SER E 4693 10.00 90.21 12.81
N LEU E 4694 9.87 91.47 12.39
CA LEU E 4694 9.41 91.76 11.03
C LEU E 4694 10.32 91.15 9.98
N SER E 4695 11.63 91.30 10.17
CA SER E 4695 12.59 90.71 9.24
C SER E 4695 12.44 89.20 9.20
N ALA E 4696 12.29 88.58 10.38
CA ALA E 4696 12.18 87.13 10.44
C ALA E 4696 10.93 86.64 9.71
N VAL E 4697 9.79 87.29 9.94
CA VAL E 4697 8.54 86.81 9.33
C VAL E 4697 8.56 87.06 7.83
N LEU E 4698 9.06 88.23 7.39
CA LEU E 4698 9.08 88.51 5.96
C LEU E 4698 10.08 87.63 5.24
N ASN E 4699 11.14 87.20 5.93
CA ASN E 4699 12.05 86.23 5.32
C ASN E 4699 11.44 84.84 5.30
N SER E 4700 10.66 84.50 6.33
CA SER E 4700 9.99 83.21 6.36
C SER E 4700 8.95 83.11 5.25
N ILE E 4701 8.37 84.24 4.85
CA ILE E 4701 7.46 84.25 3.71
C ILE E 4701 8.22 83.85 2.46
N ASP E 4702 7.92 82.67 1.92
CA ASP E 4702 8.58 82.16 0.72
C ASP E 4702 7.86 82.73 -0.49
N VAL E 4703 8.42 83.81 -1.05
CA VAL E 4703 7.70 84.56 -2.08
C VAL E 4703 7.48 83.70 -3.32
N LYS E 4704 8.45 82.87 -3.68
CA LYS E 4704 8.33 82.07 -4.90
C LYS E 4704 7.27 80.99 -4.75
N TYR E 4705 7.27 80.30 -3.61
CA TYR E 4705 6.26 79.26 -3.39
C TYR E 4705 4.87 79.87 -3.29
N GLN E 4706 4.74 81.02 -2.63
CA GLN E 4706 3.44 81.68 -2.55
C GLN E 4706 2.97 82.14 -3.91
N MET E 4707 3.88 82.64 -4.75
CA MET E 4707 3.52 83.00 -6.11
C MET E 4707 3.01 81.80 -6.90
N TRP E 4708 3.71 80.67 -6.78
CA TRP E 4708 3.26 79.45 -7.46
C TRP E 4708 1.89 79.01 -6.95
N LYS E 4709 1.68 79.09 -5.64
CA LYS E 4709 0.39 78.72 -5.07
C LYS E 4709 -0.71 79.62 -5.57
N LEU E 4710 -0.46 80.93 -5.64
CA LEU E 4710 -1.46 81.85 -6.16
C LEU E 4710 -1.75 81.58 -7.61
N GLY E 4711 -0.73 81.23 -8.40
CA GLY E 4711 -0.97 80.86 -9.78
C GLY E 4711 -1.85 79.63 -9.90
N VAL E 4712 -1.60 78.63 -9.07
CA VAL E 4712 -2.41 77.42 -9.08
C VAL E 4712 -3.85 77.74 -8.72
N VAL E 4713 -4.04 78.56 -7.68
CA VAL E 4713 -5.39 78.95 -7.27
C VAL E 4713 -6.10 79.69 -8.39
N PHE E 4714 -5.39 80.61 -9.06
CA PHE E 4714 -5.99 81.36 -10.15
C PHE E 4714 -6.38 80.45 -11.31
N THR E 4715 -5.55 79.45 -11.60
CA THR E 4715 -5.86 78.51 -12.66
C THR E 4715 -6.89 77.46 -12.25
N ASP E 4716 -7.26 77.40 -10.97
CA ASP E 4716 -8.30 76.48 -10.55
C ASP E 4716 -9.65 76.88 -11.16
N ASN E 4717 -10.44 75.86 -11.54
CA ASN E 4717 -11.72 76.12 -12.19
C ASN E 4717 -12.77 76.60 -11.18
N SER E 4718 -12.85 75.95 -10.03
CA SER E 4718 -13.89 76.30 -9.06
C SER E 4718 -13.66 77.70 -8.50
N PHE E 4719 -12.39 78.07 -8.28
CA PHE E 4719 -12.11 79.42 -7.83
C PHE E 4719 -12.53 80.44 -8.89
N LEU E 4720 -12.32 80.11 -10.16
CA LEU E 4720 -12.76 81.00 -11.23
C LEU E 4720 -14.27 81.12 -11.26
N TYR E 4721 -14.98 80.01 -11.02
CA TYR E 4721 -16.44 80.08 -10.93
C TYR E 4721 -16.88 80.97 -9.80
N LEU E 4722 -16.25 80.84 -8.63
CA LEU E 4722 -16.58 81.71 -7.51
C LEU E 4722 -16.24 83.17 -7.77
N ALA E 4723 -15.16 83.43 -8.51
CA ALA E 4723 -14.88 84.81 -8.91
C ALA E 4723 -15.93 85.35 -9.86
N TRP E 4724 -16.43 84.52 -10.77
CA TRP E 4724 -17.53 84.94 -11.65
C TRP E 4724 -18.78 85.23 -10.84
N TYR E 4725 -19.05 84.40 -9.84
CA TYR E 4725 -20.15 84.65 -8.90
C TYR E 4725 -19.96 86.00 -8.21
N MET E 4726 -18.73 86.27 -7.75
CA MET E 4726 -18.39 87.56 -7.18
C MET E 4726 -18.73 88.71 -8.12
N THR E 4727 -18.27 88.61 -9.37
CA THR E 4727 -18.47 89.70 -10.31
C THR E 4727 -19.95 89.92 -10.59
N MET E 4728 -20.71 88.84 -10.78
CA MET E 4728 -22.14 88.98 -11.01
C MET E 4728 -22.84 89.59 -9.80
N SER E 4729 -22.46 89.17 -8.60
CA SER E 4729 -23.09 89.72 -7.39
C SER E 4729 -22.80 91.21 -7.27
N VAL E 4730 -21.56 91.62 -7.56
CA VAL E 4730 -21.23 93.04 -7.48
C VAL E 4730 -21.98 93.83 -8.54
N LEU E 4731 -22.03 93.30 -9.77
CA LEU E 4731 -22.71 94.02 -10.85
C LEU E 4731 -24.21 94.10 -10.60
N GLY E 4732 -24.75 93.18 -9.80
CA GLY E 4732 -26.17 93.24 -9.48
C GLY E 4732 -26.55 94.53 -8.77
N HIS E 4733 -25.61 95.15 -8.07
CA HIS E 4733 -25.91 96.39 -7.39
C HIS E 4733 -26.14 97.52 -8.39
N TYR E 4734 -25.37 97.53 -9.48
CA TYR E 4734 -25.59 98.52 -10.52
C TYR E 4734 -26.84 98.20 -11.35
N ASN E 4735 -27.04 96.93 -11.67
CA ASN E 4735 -28.23 96.49 -12.38
C ASN E 4735 -28.75 95.22 -11.71
N ASN E 4736 -29.91 95.32 -11.08
CA ASN E 4736 -30.39 94.24 -10.22
C ASN E 4736 -30.66 92.96 -10.99
N PHE E 4737 -30.91 93.02 -12.29
CA PHE E 4737 -31.19 91.81 -13.04
C PHE E 4737 -29.95 90.95 -13.25
N PHE E 4738 -28.77 91.46 -12.90
CA PHE E 4738 -27.58 90.61 -12.97
C PHE E 4738 -27.64 89.50 -11.94
N PHE E 4739 -28.49 89.65 -10.92
CA PHE E 4739 -28.67 88.58 -9.94
C PHE E 4739 -29.38 87.36 -10.54
N ALA E 4740 -30.01 87.51 -11.70
CA ALA E 4740 -30.62 86.38 -12.37
C ALA E 4740 -29.60 85.35 -12.84
N ALA E 4741 -28.36 85.77 -13.11
CA ALA E 4741 -27.33 84.84 -13.52
C ALA E 4741 -27.02 83.83 -12.43
N HIS E 4742 -27.28 84.19 -11.16
CA HIS E 4742 -26.99 83.28 -10.06
C HIS E 4742 -27.95 82.12 -9.99
N LEU E 4743 -29.07 82.18 -10.71
CA LEU E 4743 -29.96 81.02 -10.80
C LEU E 4743 -29.36 79.90 -11.63
N LEU E 4744 -28.27 80.15 -12.34
CA LEU E 4744 -27.55 79.12 -13.06
C LEU E 4744 -26.72 78.24 -12.14
N ASP E 4745 -26.78 78.50 -10.83
CA ASP E 4745 -26.03 77.74 -9.85
C ASP E 4745 -26.78 76.54 -9.32
N ILE E 4746 -28.05 76.37 -9.71
CA ILE E 4746 -28.82 75.22 -9.23
C ILE E 4746 -28.23 73.92 -9.72
N ALA E 4747 -27.62 73.94 -10.92
CA ALA E 4747 -27.03 72.74 -11.48
C ALA E 4747 -25.96 72.16 -10.57
N MET E 4748 -25.09 73.02 -10.05
CA MET E 4748 -24.05 72.60 -9.10
C MET E 4748 -24.52 72.66 -7.65
N GLY E 4749 -25.73 73.15 -7.41
CA GLY E 4749 -26.30 73.11 -6.08
C GLY E 4749 -26.95 71.78 -5.74
N PHE E 4750 -27.70 71.22 -6.67
CA PHE E 4750 -28.42 69.97 -6.43
C PHE E 4750 -27.91 68.85 -7.33
N LYS E 4751 -27.77 67.66 -6.74
CA LYS E 4751 -27.32 66.50 -7.50
C LYS E 4751 -28.42 65.97 -8.41
N THR E 4752 -29.67 66.02 -7.93
CA THR E 4752 -30.77 65.45 -8.71
C THR E 4752 -30.96 66.19 -10.02
N LEU E 4753 -30.87 67.53 -9.99
CA LEU E 4753 -30.89 68.30 -11.23
C LEU E 4753 -29.66 68.01 -12.07
N ARG E 4754 -28.53 67.73 -11.42
CA ARG E 4754 -27.32 67.39 -12.16
C ARG E 4754 -27.49 66.10 -12.94
N THR E 4755 -28.30 65.16 -12.43
CA THR E 4755 -28.57 63.94 -13.19
C THR E 4755 -29.30 64.25 -14.49
N ILE E 4756 -30.34 65.07 -14.42
CA ILE E 4756 -31.10 65.43 -15.62
C ILE E 4756 -30.20 66.17 -16.60
N LEU E 4757 -29.38 67.08 -16.10
CA LEU E 4757 -28.49 67.83 -16.99
C LEU E 4757 -27.39 66.95 -17.58
N SER E 4758 -26.93 65.95 -16.83
CA SER E 4758 -25.95 65.02 -17.37
C SER E 4758 -26.57 64.16 -18.45
N SER E 4759 -27.88 63.91 -18.35
CA SER E 4759 -28.57 63.21 -19.44
C SER E 4759 -28.44 63.97 -20.75
N VAL E 4760 -28.27 65.28 -20.68
CA VAL E 4760 -28.07 66.07 -21.91
C VAL E 4760 -26.59 66.15 -22.26
N THR E 4761 -25.76 66.46 -21.26
CA THR E 4761 -24.35 66.73 -21.54
C THR E 4761 -23.57 65.44 -21.84
N HIS E 4762 -24.19 64.28 -21.63
CA HIS E 4762 -23.51 63.01 -21.87
C HIS E 4762 -23.13 62.86 -23.33
N ASN E 4763 -24.02 63.28 -24.22
CA ASN E 4763 -23.82 63.20 -25.66
C ASN E 4763 -23.76 64.60 -26.27
N GLY E 4764 -23.04 65.51 -25.60
CA GLY E 4764 -22.99 66.88 -26.07
C GLY E 4764 -22.29 67.02 -27.41
N LYS E 4765 -21.21 66.28 -27.61
CA LYS E 4765 -20.50 66.32 -28.88
C LYS E 4765 -21.41 65.83 -30.01
N GLN E 4766 -22.13 64.74 -29.77
CA GLN E 4766 -23.07 64.24 -30.78
C GLN E 4766 -24.17 65.24 -31.04
N LEU E 4767 -24.66 65.91 -30.00
CA LEU E 4767 -25.70 66.92 -30.15
C LEU E 4767 -25.23 68.12 -30.94
N VAL E 4768 -24.00 68.57 -30.74
CA VAL E 4768 -23.42 69.66 -31.52
C VAL E 4768 -23.22 69.27 -32.98
N LEU E 4769 -22.71 68.05 -33.21
CA LEU E 4769 -22.55 67.58 -34.57
C LEU E 4769 -23.88 67.42 -35.28
N THR E 4770 -24.93 67.05 -34.55
CA THR E 4770 -26.26 66.96 -35.15
C THR E 4770 -26.74 68.33 -35.60
N VAL E 4771 -26.51 69.36 -34.79
CA VAL E 4771 -26.89 70.72 -35.19
C VAL E 4771 -26.08 71.16 -36.39
N GLY E 4772 -24.78 70.83 -36.43
CA GLY E 4772 -23.99 71.17 -37.61
C GLY E 4772 -24.48 70.48 -38.87
N LEU E 4773 -24.84 69.20 -38.76
CA LEU E 4773 -25.39 68.49 -39.91
C LEU E 4773 -26.72 69.09 -40.33
N LEU E 4774 -27.55 69.49 -39.38
CA LEU E 4774 -28.80 70.17 -39.71
C LEU E 4774 -28.53 71.46 -40.46
N ALA E 4775 -27.55 72.23 -40.01
CA ALA E 4775 -27.17 73.46 -40.71
C ALA E 4775 -26.71 73.21 -42.12
N VAL E 4776 -25.89 72.18 -42.33
CA VAL E 4776 -25.44 71.84 -43.68
C VAL E 4776 -26.59 71.41 -44.58
N VAL E 4777 -27.50 70.57 -44.06
CA VAL E 4777 -28.64 70.11 -44.85
C VAL E 4777 -29.54 71.29 -45.23
N VAL E 4778 -29.82 72.16 -44.26
CA VAL E 4778 -30.59 73.36 -44.52
C VAL E 4778 -29.90 74.28 -45.52
N TYR E 4779 -28.57 74.37 -45.48
CA TYR E 4779 -27.86 75.15 -46.48
C TYR E 4779 -28.02 74.57 -47.88
N LEU E 4780 -27.97 73.24 -48.00
CA LEU E 4780 -28.20 72.62 -49.31
C LEU E 4780 -29.60 72.91 -49.82
N TYR E 4781 -30.60 72.79 -48.94
CA TYR E 4781 -31.97 73.12 -49.32
C TYR E 4781 -32.07 74.58 -49.73
N THR E 4782 -31.38 75.47 -49.02
CA THR E 4782 -31.42 76.89 -49.35
C THR E 4782 -30.77 77.15 -50.70
N VAL E 4783 -29.70 76.44 -51.02
CA VAL E 4783 -29.08 76.56 -52.35
C VAL E 4783 -30.07 76.16 -53.43
N VAL E 4784 -30.76 75.03 -53.24
CA VAL E 4784 -31.74 74.60 -54.23
C VAL E 4784 -32.85 75.64 -54.38
N ALA E 4785 -33.35 76.15 -53.26
CA ALA E 4785 -34.42 77.15 -53.31
C ALA E 4785 -33.96 78.42 -54.00
N PHE E 4786 -32.76 78.90 -53.69
CA PHE E 4786 -32.22 80.10 -54.30
C PHE E 4786 -31.96 79.93 -55.78
N ASN E 4787 -31.70 78.71 -56.24
CA ASN E 4787 -31.48 78.48 -57.66
C ASN E 4787 -32.78 78.30 -58.44
N PHE E 4788 -33.79 77.67 -57.85
CA PHE E 4788 -34.97 77.29 -58.62
C PHE E 4788 -36.28 77.86 -58.11
N PHE E 4789 -36.42 78.07 -56.80
CA PHE E 4789 -37.72 78.45 -56.26
C PHE E 4789 -37.72 79.81 -55.60
N ARG E 4790 -37.12 80.81 -56.24
CA ARG E 4790 -37.06 82.15 -55.65
C ARG E 4790 -38.42 82.84 -55.60
N LYS E 4791 -39.32 82.55 -56.53
CA LYS E 4791 -40.54 83.35 -56.62
C LYS E 4791 -41.58 82.94 -55.60
N PHE E 4792 -41.33 81.89 -54.83
CA PHE E 4792 -42.26 81.44 -53.82
C PHE E 4792 -42.03 82.08 -52.45
N TYR E 4793 -41.09 83.01 -52.34
CA TYR E 4793 -40.65 83.53 -51.05
C TYR E 4793 -41.06 84.98 -50.87
N ASN E 4794 -42.25 85.33 -51.35
CA ASN E 4794 -42.79 86.67 -51.17
C ASN E 4794 -43.63 86.69 -49.90
N LYS E 4795 -43.04 87.21 -48.82
CA LYS E 4795 -43.70 87.25 -47.53
C LYS E 4795 -44.38 88.59 -47.29
N SER E 4796 -44.86 89.22 -48.36
CA SER E 4796 -45.52 90.52 -48.27
C SER E 4796 -46.98 90.38 -48.65
N GLU E 4797 -47.87 90.90 -47.80
CA GLU E 4797 -49.30 90.81 -48.07
C GLU E 4797 -49.72 91.79 -49.16
N ASP E 4798 -49.28 93.04 -49.06
CA ASP E 4798 -49.63 94.05 -50.05
C ASP E 4798 -48.78 93.87 -51.30
N GLY E 4799 -49.44 93.93 -52.46
CA GLY E 4799 -48.71 93.73 -53.71
C GLY E 4799 -47.84 94.92 -54.08
N ASP E 4800 -48.06 96.05 -53.42
CA ASP E 4800 -47.29 97.25 -53.74
C ASP E 4800 -45.81 97.07 -53.39
N THR E 4801 -45.52 96.47 -52.24
CA THR E 4801 -44.15 96.28 -51.82
C THR E 4801 -43.87 94.79 -51.70
N PRO E 4802 -43.24 94.15 -52.69
CA PRO E 4802 -42.91 92.73 -52.56
C PRO E 4802 -41.72 92.54 -51.64
N ASP E 4803 -41.84 91.60 -50.71
CA ASP E 4803 -40.79 91.30 -49.73
C ASP E 4803 -40.20 89.93 -50.09
N MET E 4804 -39.09 89.97 -50.82
CA MET E 4804 -38.48 88.75 -51.32
C MET E 4804 -37.48 88.23 -50.29
N LYS E 4805 -37.71 87.02 -49.79
CA LYS E 4805 -36.89 86.44 -48.74
C LYS E 4805 -35.77 85.56 -49.28
N CYS E 4806 -35.74 85.28 -50.58
CA CYS E 4806 -34.70 84.42 -51.13
C CYS E 4806 -33.99 85.07 -52.31
N ASP E 4807 -34.05 86.40 -52.42
CA ASP E 4807 -33.25 87.09 -53.42
C ASP E 4807 -31.78 87.08 -53.06
N ASP E 4808 -31.47 87.12 -51.76
CA ASP E 4808 -30.10 87.08 -51.27
C ASP E 4808 -29.83 85.72 -50.64
N MET E 4809 -28.63 85.19 -50.88
CA MET E 4809 -28.28 83.87 -50.39
C MET E 4809 -28.31 83.81 -48.86
N LEU E 4810 -27.71 84.80 -48.21
CA LEU E 4810 -27.67 84.83 -46.75
C LEU E 4810 -29.05 85.02 -46.16
N THR E 4811 -29.86 85.89 -46.76
CA THR E 4811 -31.22 86.12 -46.27
C THR E 4811 -32.04 84.84 -46.40
N CYS E 4812 -31.90 84.14 -47.52
CA CYS E 4812 -32.65 82.90 -47.71
C CYS E 4812 -32.20 81.83 -46.72
N TYR E 4813 -30.89 81.77 -46.45
CA TYR E 4813 -30.40 80.80 -45.48
C TYR E 4813 -30.93 81.10 -44.08
N MET E 4814 -30.95 82.37 -43.69
CA MET E 4814 -31.51 82.73 -42.38
C MET E 4814 -33.00 82.44 -42.33
N PHE E 4815 -33.71 82.68 -43.44
CA PHE E 4815 -35.12 82.34 -43.51
C PHE E 4815 -35.34 80.86 -43.25
N HIS E 4816 -34.59 80.01 -43.94
CA HIS E 4816 -34.72 78.57 -43.76
C HIS E 4816 -34.32 78.12 -42.35
N MET E 4817 -33.27 78.68 -41.78
CA MET E 4817 -32.89 78.35 -40.42
C MET E 4817 -33.94 78.76 -39.40
N TYR E 4818 -34.53 79.94 -39.55
CA TYR E 4818 -35.45 80.45 -38.55
C TYR E 4818 -36.84 79.87 -38.74
N VAL E 4819 -37.51 80.25 -39.83
CA VAL E 4819 -38.92 79.93 -39.96
C VAL E 4819 -39.10 78.69 -40.83
N GLY E 4820 -37.99 78.08 -41.21
CA GLY E 4820 -38.07 76.81 -41.90
C GLY E 4820 -37.94 75.67 -40.92
N VAL E 4821 -37.13 75.89 -39.88
CA VAL E 4821 -36.95 74.85 -38.88
C VAL E 4821 -37.98 75.00 -37.76
N ARG E 4822 -38.25 76.24 -37.33
CA ARG E 4822 -39.21 76.41 -36.24
C ARG E 4822 -40.62 76.06 -36.68
N ALA E 4823 -40.87 76.02 -37.98
CA ALA E 4823 -42.19 75.65 -38.48
C ALA E 4823 -42.47 74.18 -38.17
N GLY E 4824 -43.73 73.89 -37.88
CA GLY E 4824 -44.12 72.54 -37.51
C GLY E 4824 -44.19 71.58 -38.68
N GLY E 4825 -44.37 72.12 -39.89
CA GLY E 4825 -44.47 71.31 -41.09
C GLY E 4825 -43.41 71.55 -42.14
N GLY E 4826 -42.31 72.21 -41.81
CA GLY E 4826 -41.29 72.49 -42.79
C GLY E 4826 -41.46 73.85 -43.44
N ILE E 4827 -40.63 74.10 -44.44
CA ILE E 4827 -40.62 75.39 -45.11
C ILE E 4827 -41.89 75.59 -45.94
N GLY E 4828 -42.50 74.51 -46.42
CA GLY E 4828 -43.71 74.61 -47.20
C GLY E 4828 -44.89 75.18 -46.45
N ASP E 4829 -44.85 75.15 -45.12
CA ASP E 4829 -45.87 75.80 -44.32
C ASP E 4829 -45.81 77.32 -44.46
N GLU E 4830 -44.62 77.86 -44.71
CA GLU E 4830 -44.45 79.31 -44.78
C GLU E 4830 -44.46 79.82 -46.22
N ILE E 4831 -43.70 79.20 -47.11
CA ILE E 4831 -43.65 79.68 -48.49
C ILE E 4831 -44.93 79.30 -49.20
N GLU E 4832 -45.23 80.00 -50.29
CA GLU E 4832 -46.56 79.99 -50.89
C GLU E 4832 -46.87 78.67 -51.59
N ASP E 4833 -48.16 78.47 -51.87
CA ASP E 4833 -48.64 77.22 -52.43
C ASP E 4833 -48.18 77.07 -53.88
N PRO E 4834 -47.81 75.85 -54.31
CA PRO E 4834 -47.22 75.69 -55.64
C PRO E 4834 -48.20 75.27 -56.72
N ALA E 4835 -49.49 75.23 -56.42
CA ALA E 4835 -50.47 74.68 -57.34
C ALA E 4835 -50.48 75.47 -58.65
N GLY E 4836 -50.65 74.73 -59.75
CA GLY E 4836 -50.68 75.34 -61.06
C GLY E 4836 -49.39 76.00 -61.48
N ASP E 4837 -48.27 75.31 -61.29
CA ASP E 4837 -46.98 75.82 -61.70
C ASP E 4837 -46.17 74.69 -62.32
N GLU E 4838 -45.24 75.06 -63.20
CA GLU E 4838 -44.42 74.08 -63.90
C GLU E 4838 -43.44 73.37 -62.98
N TYR E 4839 -43.14 73.94 -61.81
CA TYR E 4839 -42.30 73.29 -60.82
C TYR E 4839 -43.11 72.75 -59.64
N GLU E 4840 -44.38 72.43 -59.86
CA GLU E 4840 -45.24 72.03 -58.75
C GLU E 4840 -44.73 70.76 -58.09
N ILE E 4841 -44.49 69.71 -58.89
CA ILE E 4841 -44.05 68.45 -58.30
C ILE E 4841 -42.66 68.59 -57.69
N TYR E 4842 -41.81 69.43 -58.30
CA TYR E 4842 -40.47 69.64 -57.76
C TYR E 4842 -40.55 70.29 -56.38
N ARG E 4843 -41.41 71.29 -56.22
CA ARG E 4843 -41.53 71.94 -54.92
C ARG E 4843 -42.23 71.05 -53.92
N ILE E 4844 -43.15 70.19 -54.39
CA ILE E 4844 -43.78 69.22 -53.49
C ILE E 4844 -42.73 68.28 -52.91
N ILE E 4845 -41.86 67.76 -53.78
CA ILE E 4845 -40.77 66.91 -53.31
C ILE E 4845 -39.86 67.68 -52.37
N PHE E 4846 -39.54 68.93 -52.73
CA PHE E 4846 -38.71 69.77 -51.90
C PHE E 4846 -39.27 69.89 -50.48
N ASP E 4847 -40.55 70.25 -50.36
CA ASP E 4847 -41.16 70.43 -49.06
C ASP E 4847 -41.28 69.13 -48.29
N ILE E 4848 -41.70 68.04 -48.96
CA ILE E 4848 -41.87 66.78 -48.25
C ILE E 4848 -40.53 66.26 -47.74
N THR E 4849 -39.50 66.34 -48.57
CA THR E 4849 -38.18 65.90 -48.13
C THR E 4849 -37.64 66.78 -47.01
N PHE E 4850 -37.89 68.09 -47.08
CA PHE E 4850 -37.48 68.96 -45.99
C PHE E 4850 -38.16 68.56 -44.69
N PHE E 4851 -39.46 68.31 -44.75
CA PHE E 4851 -40.20 67.89 -43.55
C PHE E 4851 -39.67 66.58 -43.01
N PHE E 4852 -39.36 65.64 -43.90
CA PHE E 4852 -38.93 64.31 -43.46
C PHE E 4852 -37.53 64.36 -42.84
N PHE E 4853 -36.59 65.04 -43.50
CA PHE E 4853 -35.21 65.00 -43.06
C PHE E 4853 -34.96 65.95 -41.89
N VAL E 4854 -35.49 67.17 -41.96
CA VAL E 4854 -35.18 68.16 -40.94
C VAL E 4854 -36.12 68.01 -39.75
N ILE E 4855 -37.42 68.13 -40.01
CA ILE E 4855 -38.38 68.16 -38.91
C ILE E 4855 -38.51 66.79 -38.26
N VAL E 4856 -38.54 65.73 -39.06
CA VAL E 4856 -38.84 64.40 -38.53
C VAL E 4856 -37.59 63.70 -38.04
N ILE E 4857 -36.60 63.54 -38.93
CA ILE E 4857 -35.49 62.64 -38.61
C ILE E 4857 -34.48 63.30 -37.67
N LEU E 4858 -34.05 64.53 -37.97
CA LEU E 4858 -32.97 65.13 -37.21
C LEU E 4858 -33.38 65.42 -35.77
N LEU E 4859 -34.58 65.98 -35.58
CA LEU E 4859 -35.09 66.16 -34.23
C LEU E 4859 -35.26 64.81 -33.53
N ALA E 4860 -35.62 63.78 -34.26
CA ALA E 4860 -35.66 62.44 -33.71
C ALA E 4860 -34.27 61.98 -33.28
N ILE E 4861 -33.24 62.37 -34.05
CA ILE E 4861 -31.88 62.05 -33.66
C ILE E 4861 -31.52 62.72 -32.33
N ILE E 4862 -31.90 63.99 -32.17
CA ILE E 4862 -31.63 64.69 -30.92
C ILE E 4862 -32.33 64.00 -29.75
N GLN E 4863 -33.62 63.72 -29.90
CA GLN E 4863 -34.36 63.08 -28.83
C GLN E 4863 -33.80 61.69 -28.52
N GLY E 4864 -33.42 60.95 -29.56
CA GLY E 4864 -32.85 59.64 -29.34
C GLY E 4864 -31.51 59.71 -28.63
N LEU E 4865 -30.71 60.73 -28.92
CA LEU E 4865 -29.47 60.92 -28.18
C LEU E 4865 -29.75 61.14 -26.70
N ILE E 4866 -30.76 61.96 -26.39
CA ILE E 4866 -31.09 62.20 -24.98
C ILE E 4866 -31.56 60.91 -24.30
N ILE E 4867 -32.42 60.16 -24.97
CA ILE E 4867 -32.95 58.92 -24.38
C ILE E 4867 -31.83 57.90 -24.19
N ASP E 4868 -30.95 57.78 -25.19
CA ASP E 4868 -29.84 56.84 -25.09
C ASP E 4868 -28.88 57.24 -23.99
N ALA E 4869 -28.71 58.55 -23.76
CA ALA E 4869 -27.88 59.00 -22.65
C ALA E 4869 -28.49 58.59 -21.32
N PHE E 4870 -29.81 58.76 -21.17
CA PHE E 4870 -30.48 58.25 -19.98
C PHE E 4870 -30.20 56.77 -19.78
N GLY E 4871 -30.40 55.97 -20.84
CA GLY E 4871 -30.21 54.53 -20.72
C GLY E 4871 -28.78 54.18 -20.36
N GLU E 4872 -27.81 54.86 -20.97
CA GLU E 4872 -26.41 54.55 -20.72
C GLU E 4872 -26.02 54.90 -19.30
N LEU E 4873 -26.50 56.03 -18.78
CA LEU E 4873 -26.21 56.37 -17.40
C LEU E 4873 -26.79 55.34 -16.44
N ARG E 4874 -28.03 54.92 -16.69
CA ARG E 4874 -28.63 53.90 -15.83
C ARG E 4874 -27.85 52.59 -15.90
N ASP E 4875 -27.42 52.20 -17.10
CA ASP E 4875 -26.65 50.98 -17.26
C ASP E 4875 -25.30 51.08 -16.56
N GLN E 4876 -24.67 52.25 -16.59
CA GLN E 4876 -23.42 52.43 -15.88
C GLN E 4876 -23.60 52.26 -14.38
N GLN E 4877 -24.65 52.88 -13.82
CA GLN E 4877 -24.92 52.71 -12.40
C GLN E 4877 -25.16 51.24 -12.05
N GLU E 4878 -25.95 50.55 -12.87
CA GLU E 4878 -26.25 49.15 -12.61
C GLU E 4878 -25.00 48.29 -12.71
N GLN E 4879 -24.15 48.56 -13.70
CA GLN E 4879 -22.91 47.80 -13.82
C GLN E 4879 -22.01 48.01 -12.60
N VAL E 4880 -21.92 49.24 -12.12
CA VAL E 4880 -21.11 49.51 -10.93
C VAL E 4880 -21.63 48.72 -9.75
N LYS E 4881 -22.95 48.77 -9.51
CA LYS E 4881 -23.48 48.07 -8.34
C LYS E 4881 -23.34 46.56 -8.48
N GLU E 4882 -23.54 46.03 -9.69
CA GLU E 4882 -23.42 44.59 -9.89
C GLU E 4882 -21.99 44.12 -9.66
N ASP E 4883 -21.00 44.84 -10.21
CA ASP E 4883 -19.61 44.47 -9.97
C ASP E 4883 -19.28 44.54 -8.49
N MET E 4884 -19.70 45.63 -7.84
CA MET E 4884 -19.40 45.83 -6.43
C MET E 4884 -19.99 44.72 -5.57
N GLU E 4885 -21.19 44.24 -5.91
CA GLU E 4885 -21.85 43.21 -5.13
C GLU E 4885 -21.48 41.80 -5.54
N THR E 4886 -20.85 41.61 -6.70
CA THR E 4886 -20.54 40.25 -7.14
C THR E 4886 -19.09 39.89 -6.88
N LYS E 4887 -18.17 40.85 -6.90
CA LYS E 4887 -16.78 40.52 -6.65
C LYS E 4887 -16.17 41.48 -5.64
N CYS E 4888 -15.22 40.97 -4.85
CA CYS E 4888 -14.53 41.81 -3.89
C CYS E 4888 -13.67 42.83 -4.60
N PHE E 4889 -13.61 44.04 -4.04
CA PHE E 4889 -12.91 45.13 -4.70
C PHE E 4889 -11.42 44.88 -4.79
N ILE E 4890 -10.83 44.33 -3.73
CA ILE E 4890 -9.37 44.21 -3.68
C ILE E 4890 -8.91 42.94 -4.38
N CYS E 4891 -9.33 41.78 -3.86
CA CYS E 4891 -8.81 40.52 -4.40
C CYS E 4891 -9.43 40.19 -5.75
N GLY E 4892 -10.68 40.56 -5.96
CA GLY E 4892 -11.35 40.27 -7.20
C GLY E 4892 -11.97 38.90 -7.29
N ILE E 4893 -11.98 38.14 -6.20
CA ILE E 4893 -12.56 36.80 -6.20
C ILE E 4893 -14.08 36.90 -6.23
N GLY E 4894 -14.71 35.96 -6.92
CA GLY E 4894 -16.16 35.96 -7.02
C GLY E 4894 -16.84 35.73 -5.69
N ASN E 4895 -18.12 36.12 -5.63
CA ASN E 4895 -18.83 36.08 -4.37
C ASN E 4895 -19.16 34.66 -3.96
N ASP E 4896 -19.33 33.76 -4.94
CA ASP E 4896 -19.79 32.40 -4.63
C ASP E 4896 -18.78 31.65 -3.77
N TYR E 4897 -17.49 31.81 -4.08
CA TYR E 4897 -16.45 31.11 -3.34
C TYR E 4897 -16.53 31.45 -1.85
N PHE E 4898 -16.66 32.73 -1.55
CA PHE E 4898 -16.84 33.15 -0.16
C PHE E 4898 -18.21 32.74 0.37
N ASP E 4899 -19.21 32.66 -0.49
CA ASP E 4899 -20.58 32.38 -0.08
C ASP E 4899 -20.82 30.90 0.18
N THR E 4900 -19.86 30.04 -0.12
CA THR E 4900 -19.95 28.66 0.35
C THR E 4900 -20.14 28.61 1.86
N VAL E 4901 -19.53 29.53 2.59
CA VAL E 4901 -19.85 29.79 3.99
C VAL E 4901 -20.98 30.81 4.00
N PRO E 4902 -22.03 30.61 4.81
CA PRO E 4902 -23.13 31.58 4.83
C PRO E 4902 -22.64 32.97 5.23
N HIS E 4903 -23.11 33.98 4.50
CA HIS E 4903 -22.71 35.38 4.72
C HIS E 4903 -21.22 35.56 4.52
N GLY E 4904 -20.59 34.62 3.82
CA GLY E 4904 -19.16 34.65 3.66
C GLY E 4904 -18.68 35.84 2.84
N PHE E 4905 -19.44 36.21 1.80
CA PHE E 4905 -19.02 37.35 0.99
C PHE E 4905 -19.03 38.64 1.78
N GLU E 4906 -20.09 38.88 2.56
CA GLU E 4906 -20.13 40.12 3.33
C GLU E 4906 -19.10 40.10 4.44
N THR E 4907 -18.84 38.91 5.01
CA THR E 4907 -17.78 38.81 6.00
C THR E 4907 -16.42 39.14 5.41
N HIS E 4908 -16.15 38.64 4.20
CA HIS E 4908 -14.89 38.91 3.55
C HIS E 4908 -14.76 40.38 3.17
N THR E 4909 -15.81 40.97 2.61
CA THR E 4909 -15.74 42.33 2.10
C THR E 4909 -15.88 43.38 3.19
N LEU E 4910 -16.34 43.00 4.38
CA LEU E 4910 -16.51 43.94 5.47
C LEU E 4910 -15.52 43.76 6.60
N GLN E 4911 -14.89 42.60 6.71
CA GLN E 4911 -13.92 42.33 7.78
C GLN E 4911 -12.53 42.05 7.23
N GLU E 4912 -12.41 41.13 6.27
CA GLU E 4912 -11.08 40.75 5.79
C GLU E 4912 -10.54 41.77 4.80
N HIS E 4913 -11.22 41.94 3.66
CA HIS E 4913 -10.79 42.86 2.61
C HIS E 4913 -11.77 44.04 2.59
N ASN E 4914 -11.41 45.10 3.31
CA ASN E 4914 -12.23 46.30 3.36
C ASN E 4914 -11.39 47.50 2.91
N LEU E 4915 -11.92 48.22 1.92
CA LEU E 4915 -11.18 49.36 1.39
C LEU E 4915 -11.02 50.45 2.44
N ALA E 4916 -12.02 50.60 3.30
CA ALA E 4916 -11.87 51.52 4.43
C ALA E 4916 -10.74 51.09 5.34
N ASN E 4917 -10.62 49.78 5.57
CA ASN E 4917 -9.53 49.27 6.40
C ASN E 4917 -8.18 49.53 5.76
N TYR E 4918 -8.07 49.37 4.43
CA TYR E 4918 -6.81 49.69 3.77
C TYR E 4918 -6.50 51.18 3.85
N LEU E 4919 -7.50 52.04 3.70
CA LEU E 4919 -7.28 53.47 3.84
C LEU E 4919 -6.79 53.80 5.25
N PHE E 4920 -7.41 53.20 6.26
CA PHE E 4920 -6.99 53.43 7.63
C PHE E 4920 -5.58 52.92 7.87
N PHE E 4921 -5.22 51.78 7.27
CA PHE E 4921 -3.85 51.31 7.35
C PHE E 4921 -2.86 52.25 6.71
N LEU E 4922 -3.17 52.82 5.56
CA LEU E 4922 -2.31 53.83 4.97
C LEU E 4922 -2.18 55.05 5.87
N MET E 4923 -3.28 55.50 6.47
CA MET E 4923 -3.23 56.61 7.41
C MET E 4923 -2.30 56.28 8.58
N TYR E 4924 -2.46 55.09 9.15
CA TYR E 4924 -1.63 54.66 10.26
C TYR E 4924 -0.16 54.61 9.88
N LEU E 4925 0.14 54.06 8.71
CA LEU E 4925 1.52 53.96 8.26
C LEU E 4925 2.13 55.33 8.05
N ILE E 4926 1.36 56.26 7.47
CA ILE E 4926 1.89 57.61 7.24
C ILE E 4926 2.14 58.33 8.56
N ASN E 4927 1.20 58.22 9.50
CA ASN E 4927 1.31 58.96 10.75
C ASN E 4927 2.19 58.27 11.79
N LYS E 4928 2.63 57.04 11.53
CA LYS E 4928 3.48 56.31 12.47
C LYS E 4928 4.95 56.51 12.11
N ASP E 4929 5.79 56.64 13.13
CA ASP E 4929 7.20 56.93 12.93
C ASP E 4929 7.90 55.78 12.23
N GLU E 4930 8.95 56.12 11.49
CA GLU E 4930 9.72 55.12 10.76
C GLU E 4930 10.41 54.14 11.71
N THR E 4931 10.98 54.66 12.80
CA THR E 4931 11.71 53.80 13.73
C THR E 4931 10.78 52.81 14.43
N GLU E 4932 9.55 53.24 14.74
CA GLU E 4932 8.61 52.42 15.49
C GLU E 4932 7.86 51.43 14.60
N HIS E 4933 8.11 51.44 13.29
CA HIS E 4933 7.44 50.51 12.40
C HIS E 4933 7.85 49.07 12.73
N THR E 4934 6.86 48.17 12.69
CA THR E 4934 7.15 46.75 12.79
C THR E 4934 7.75 46.24 11.48
N GLY E 4935 8.03 44.95 11.43
CA GLY E 4935 8.58 44.38 10.20
C GLY E 4935 7.60 44.46 9.05
N GLN E 4936 6.35 44.07 9.29
CA GLN E 4936 5.33 44.12 8.25
C GLN E 4936 5.08 45.56 7.82
N GLU E 4937 5.01 46.46 8.79
CA GLU E 4937 4.78 47.87 8.48
C GLU E 4937 5.93 48.44 7.67
N SER E 4938 7.17 48.08 8.00
CA SER E 4938 8.31 48.55 7.23
C SER E 4938 8.30 48.00 5.82
N TYR E 4939 7.91 46.74 5.66
CA TYR E 4939 7.80 46.15 4.33
C TYR E 4939 6.79 46.91 3.48
N VAL E 4940 5.59 47.12 4.03
CA VAL E 4940 4.55 47.83 3.30
C VAL E 4940 4.98 49.26 3.02
N TRP E 4941 5.64 49.90 3.98
CA TRP E 4941 6.11 51.27 3.81
C TRP E 4941 7.12 51.37 2.67
N LYS E 4942 8.07 50.44 2.63
CA LYS E 4942 9.07 50.46 1.56
C LYS E 4942 8.42 50.27 0.21
N MET E 4943 7.50 49.31 0.10
CA MET E 4943 6.90 49.06 -1.20
C MET E 4943 5.97 50.20 -1.62
N TYR E 4944 5.33 50.86 -0.65
CA TYR E 4944 4.50 52.01 -0.95
C TYR E 4944 5.34 53.20 -1.37
N GLN E 4945 6.51 53.38 -0.75
CA GLN E 4945 7.41 54.45 -1.16
C GLN E 4945 7.91 54.22 -2.58
N GLU E 4946 8.24 52.97 -2.91
CA GLU E 4946 8.67 52.66 -4.27
C GLU E 4946 7.49 52.44 -5.21
N ARG E 4947 6.27 52.65 -4.73
CA ARG E 4947 5.04 52.66 -5.52
C ARG E 4947 4.68 51.29 -6.06
N CYS E 4948 5.23 50.22 -5.48
CA CYS E 4948 4.93 48.87 -5.92
C CYS E 4948 3.75 48.34 -5.14
N TRP E 4949 2.72 47.86 -5.83
CA TRP E 4949 1.45 47.50 -5.23
C TRP E 4949 1.23 45.99 -5.13
N GLU E 4950 2.31 45.20 -5.12
CA GLU E 4950 2.14 43.76 -5.02
C GLU E 4950 1.68 43.32 -3.63
N PHE E 4951 1.76 44.20 -2.63
CA PHE E 4951 1.32 43.80 -1.30
C PHE E 4951 -0.18 43.68 -1.22
N PHE E 4952 -0.89 44.29 -2.15
CA PHE E 4952 -2.33 44.12 -2.22
C PHE E 4952 -2.64 42.69 -2.65
N PRO E 4953 -3.49 41.97 -1.92
CA PRO E 4953 -3.83 40.60 -2.33
C PRO E 4953 -4.57 40.60 -3.66
N ALA E 4954 -3.90 40.06 -4.68
CA ALA E 4954 -4.45 40.00 -6.02
C ALA E 4954 -4.65 38.55 -6.41
N GLY E 4955 -5.91 38.10 -6.47
CA GLY E 4955 -6.23 36.75 -6.85
C GLY E 4955 -6.11 35.73 -5.73
N ASP E 4956 -5.73 36.14 -4.53
CA ASP E 4956 -5.56 35.23 -3.41
C ASP E 4956 -6.08 35.89 -2.14
N CYS E 4957 -6.45 35.05 -1.18
CA CYS E 4957 -6.96 35.53 0.10
C CYS E 4957 -6.52 34.58 1.20
N PHE E 4958 -6.85 34.96 2.44
CA PHE E 4958 -6.57 34.08 3.57
C PHE E 4958 -7.26 32.73 3.42
N ARG E 4959 -8.52 32.75 2.99
CA ARG E 4959 -9.28 31.51 2.88
C ARG E 4959 -8.67 30.58 1.83
N LYS E 4960 -8.32 31.11 0.66
CA LYS E 4960 -7.68 30.28 -0.35
C LYS E 4960 -6.31 29.78 0.12
N GLN E 4961 -5.54 30.65 0.77
CA GLN E 4961 -4.17 30.27 1.10
C GLN E 4961 -4.14 29.21 2.19
N TYR E 4962 -5.04 29.32 3.18
CA TYR E 4962 -5.11 28.34 4.25
C TYR E 4962 -6.37 27.50 4.14
N GLU E 4963 -6.80 27.20 2.92
CA GLU E 4963 -8.05 26.47 2.72
C GLU E 4963 -8.00 25.10 3.39
N ASP E 4964 -6.89 24.39 3.25
CA ASP E 4964 -6.80 23.03 3.75
C ASP E 4964 -6.87 23.00 5.28
N GLN E 4965 -6.03 23.80 5.95
CA GLN E 4965 -5.96 23.73 7.40
C GLN E 4965 -7.18 24.40 8.04
N LEU E 4966 -7.58 25.57 7.54
CA LEU E 4966 -8.71 26.28 8.13
C LEU E 4966 -10.00 25.51 7.96
N ASN E 4967 -10.20 24.89 6.81
CA ASN E 4967 -11.43 24.18 6.52
C ASN E 4967 -11.21 22.67 6.44
N GLU F 10 6.77 17.01 24.74
CA GLU F 10 6.94 15.63 24.33
C GLU F 10 7.39 14.75 25.49
N ILE F 11 7.67 15.39 26.62
CA ILE F 11 8.13 14.71 27.83
C ILE F 11 7.19 15.08 28.98
N GLN F 12 6.76 14.07 29.72
CA GLN F 12 5.79 14.30 30.79
C GLN F 12 6.45 15.01 31.96
N PHE F 13 5.69 15.87 32.63
CA PHE F 13 6.16 16.65 33.76
C PHE F 13 5.36 16.28 35.00
N LEU F 14 6.04 16.16 36.12
CA LEU F 14 5.38 15.79 37.37
C LEU F 14 4.55 16.96 37.89
N ARG F 15 3.28 16.71 38.15
CA ARG F 15 2.36 17.71 38.68
C ARG F 15 1.63 17.13 39.88
N THR F 16 0.79 17.96 40.49
CA THR F 16 0.06 17.54 41.68
C THR F 16 -0.99 16.49 41.32
N ASP F 17 -1.45 15.78 42.35
CA ASP F 17 -2.46 14.73 42.28
C ASP F 17 -1.99 13.53 41.45
N ASP F 18 -0.69 13.35 41.28
CA ASP F 18 -0.15 12.22 40.53
C ASP F 18 0.49 11.24 41.51
N GLU F 19 0.13 9.96 41.38
CA GLU F 19 0.71 8.94 42.23
C GLU F 19 2.16 8.68 41.84
N VAL F 20 3.05 8.76 42.82
CA VAL F 20 4.48 8.60 42.58
C VAL F 20 5.06 7.64 43.60
N VAL F 21 6.18 7.03 43.25
CA VAL F 21 6.96 6.19 44.16
C VAL F 21 8.39 6.68 44.17
N LEU F 22 9.01 6.68 45.34
CA LEU F 22 10.37 7.18 45.52
C LEU F 22 11.34 6.00 45.50
N GLN F 23 12.07 5.87 44.41
CA GLN F 23 13.04 4.81 44.21
C GLN F 23 14.43 5.31 44.58
N CYS F 24 15.26 4.38 45.06
CA CYS F 24 16.64 4.65 45.40
C CYS F 24 17.49 3.45 45.03
N THR F 25 18.80 3.67 44.96
CA THR F 25 19.74 2.65 44.54
C THR F 25 20.61 2.24 45.73
N ALA F 26 20.90 0.95 45.80
CA ALA F 26 21.72 0.39 46.86
C ALA F 26 22.83 -0.46 46.26
N THR F 27 24.01 -0.40 46.88
CA THR F 27 25.19 -1.13 46.41
C THR F 27 25.57 -2.26 47.36
N ILE F 28 24.58 -2.99 47.89
CA ILE F 28 24.86 -4.03 48.86
C ILE F 28 25.69 -5.14 48.21
N HIS F 29 26.75 -5.55 48.91
CA HIS F 29 27.72 -6.54 48.45
C HIS F 29 28.00 -6.41 46.96
N LYS F 30 28.22 -5.17 46.52
CA LYS F 30 28.62 -4.86 45.15
C LYS F 30 27.60 -5.35 44.13
N GLU F 31 26.33 -5.05 44.36
CA GLU F 31 25.32 -5.21 43.31
C GLU F 31 24.36 -4.03 43.35
N GLN F 32 23.77 -3.72 42.20
CA GLN F 32 22.82 -2.63 42.10
C GLN F 32 21.42 -3.12 42.42
N GLN F 33 20.84 -2.60 43.49
CA GLN F 33 19.50 -2.99 43.95
C GLN F 33 18.61 -1.76 43.94
N LYS F 34 17.40 -1.92 43.39
CA LYS F 34 16.43 -0.84 43.33
C LYS F 34 15.42 -1.02 44.45
N LEU F 35 15.36 -0.05 45.35
CA LEU F 35 14.46 -0.10 46.49
C LEU F 35 13.48 1.06 46.41
N CYS F 36 12.35 0.93 47.09
CA CYS F 36 11.34 1.96 47.11
C CYS F 36 10.96 2.29 48.55
N LEU F 37 10.79 3.59 48.81
CA LEU F 37 10.41 4.07 50.13
C LEU F 37 8.93 3.74 50.37
N ALA F 38 8.65 2.98 51.41
CA ALA F 38 7.30 2.55 51.71
C ALA F 38 7.03 2.66 53.20
N ALA F 39 5.76 2.55 53.56
CA ALA F 39 5.36 2.54 54.96
C ALA F 39 3.94 2.02 55.04
N GLU F 40 3.71 1.13 56.01
CA GLU F 40 2.39 0.60 56.27
C GLU F 40 1.72 1.51 57.29
N GLY F 41 0.84 2.39 56.80
CA GLY F 41 0.27 3.44 57.63
C GLY F 41 -0.43 2.93 58.87
N PHE F 42 -1.23 1.88 58.71
CA PHE F 42 -1.86 1.25 59.86
C PHE F 42 -0.80 0.61 60.74
N GLY F 43 -0.88 0.88 62.04
CA GLY F 43 0.14 0.37 62.93
C GLY F 43 1.39 1.24 62.86
N ASN F 44 2.52 0.60 62.59
CA ASN F 44 3.81 1.29 62.61
C ASN F 44 3.86 2.42 61.60
N ARG F 45 4.05 3.64 62.10
CA ARG F 45 4.20 4.80 61.22
C ARG F 45 5.59 4.93 60.63
N LEU F 46 6.59 4.20 61.13
CA LEU F 46 7.95 4.32 60.64
C LEU F 46 8.05 3.75 59.23
N CYS F 47 8.83 4.42 58.39
CA CYS F 47 8.98 4.00 57.00
C CYS F 47 10.12 3.01 56.87
N PHE F 48 9.98 2.10 55.90
CA PHE F 48 11.05 1.19 55.53
C PHE F 48 11.21 1.21 54.02
N LEU F 49 12.00 0.26 53.52
CA LEU F 49 12.28 0.17 52.10
C LEU F 49 11.89 -1.21 51.61
N GLU F 50 11.15 -1.26 50.50
CA GLU F 50 10.75 -2.51 49.89
C GLU F 50 11.54 -2.72 48.59
N SER F 51 12.09 -3.91 48.44
CA SER F 51 12.93 -4.22 47.29
C SER F 51 12.06 -4.39 46.05
N THR F 52 12.37 -3.62 45.00
CA THR F 52 11.64 -3.68 43.75
C THR F 52 12.42 -4.32 42.62
N SER F 53 13.76 -4.38 42.72
CA SER F 53 14.56 -5.01 41.68
C SER F 53 14.35 -6.52 41.65
N ASN F 54 13.80 -7.09 42.72
CA ASN F 54 13.54 -8.52 42.80
C ASN F 54 12.12 -8.87 42.40
N SER F 55 11.51 -8.11 41.49
CA SER F 55 10.15 -8.39 41.06
C SER F 55 10.04 -9.77 40.43
N LYS F 56 11.16 -10.29 39.93
CA LYS F 56 11.16 -11.63 39.35
C LYS F 56 10.82 -12.69 40.41
N ASN F 57 11.36 -12.55 41.61
CA ASN F 57 11.18 -13.57 42.63
C ASN F 57 10.20 -13.15 43.72
N VAL F 58 10.28 -11.91 44.18
CA VAL F 58 9.42 -11.42 45.26
C VAL F 58 8.59 -10.27 44.76
N PRO F 59 7.27 -10.38 44.75
CA PRO F 59 6.41 -9.28 44.30
C PRO F 59 6.60 -8.05 45.18
N PRO F 60 6.60 -6.86 44.60
CA PRO F 60 6.72 -5.64 45.40
C PRO F 60 5.37 -5.14 45.88
N ASP F 61 5.29 -4.76 47.15
CA ASP F 61 4.05 -4.28 47.75
C ASP F 61 3.89 -2.78 47.49
N LEU F 62 3.67 -2.45 46.21
CA LEU F 62 3.56 -1.05 45.80
C LEU F 62 2.33 -0.37 46.38
N SER F 63 1.37 -1.13 46.90
CA SER F 63 0.16 -0.53 47.47
C SER F 63 0.51 0.42 48.61
N ILE F 64 1.51 0.07 49.42
CA ILE F 64 1.96 0.94 50.49
C ILE F 64 3.11 1.84 50.06
N CYS F 65 3.66 1.61 48.87
CA CYS F 65 4.72 2.46 48.33
C CYS F 65 4.19 3.69 47.60
N THR F 66 2.97 3.62 47.07
CA THR F 66 2.45 4.73 46.28
C THR F 66 2.26 5.97 47.15
N PHE F 67 2.65 7.12 46.59
CA PHE F 67 2.49 8.41 47.26
C PHE F 67 1.90 9.40 46.26
N VAL F 68 1.13 10.35 46.78
CA VAL F 68 0.49 11.36 45.95
C VAL F 68 0.97 12.74 46.36
N LEU F 69 1.19 13.60 45.38
CA LEU F 69 1.68 14.96 45.62
C LEU F 69 0.47 15.88 45.77
N GLU F 70 0.19 16.29 47.00
CA GLU F 70 -0.97 17.12 47.27
C GLU F 70 -0.75 18.54 46.78
N GLN F 71 0.30 19.19 47.29
CA GLN F 71 0.62 20.56 46.90
C GLN F 71 2.11 20.71 46.68
N SER F 72 2.46 21.65 45.80
CA SER F 72 3.85 21.99 45.51
C SER F 72 3.97 23.51 45.48
N LEU F 73 4.26 24.09 46.64
CA LEU F 73 4.33 25.54 46.79
C LEU F 73 5.76 25.98 47.07
N SER F 74 6.05 27.24 46.74
CA SER F 74 7.37 27.79 47.02
C SER F 74 7.59 27.92 48.52
N VAL F 75 8.85 27.99 48.91
CA VAL F 75 9.18 28.12 50.33
C VAL F 75 8.65 29.44 50.88
N ARG F 76 8.70 30.51 50.07
CA ARG F 76 8.17 31.79 50.50
C ARG F 76 6.67 31.70 50.76
N ALA F 77 5.94 31.09 49.82
CA ALA F 77 4.50 30.95 49.98
C ALA F 77 4.16 30.08 51.17
N LEU F 78 4.93 29.00 51.37
CA LEU F 78 4.72 28.13 52.52
C LEU F 78 4.96 28.87 53.84
N GLN F 79 6.01 29.67 53.92
CA GLN F 79 6.26 30.47 55.12
C GLN F 79 5.13 31.46 55.36
N GLU F 80 4.64 32.12 54.30
CA GLU F 80 3.54 33.05 54.46
C GLU F 80 2.29 32.34 54.95
N MET F 81 1.99 31.17 54.39
CA MET F 81 0.80 30.42 54.79
C MET F 81 0.92 29.97 56.24
N LEU F 82 2.11 29.52 56.64
CA LEU F 82 2.31 29.13 58.03
C LEU F 82 2.16 30.31 58.96
N ALA F 83 2.61 31.49 58.54
CA ALA F 83 2.40 32.70 59.32
C ALA F 83 0.91 33.01 59.45
N ASN F 84 0.15 32.81 58.38
CA ASN F 84 -1.29 33.02 58.41
C ASN F 84 -1.99 31.93 59.22
N HIS F 110 -3.47 21.85 39.58
CA HIS F 110 -2.62 20.98 38.79
C HIS F 110 -1.34 21.69 38.36
N ARG F 111 -0.74 22.42 39.29
CA ARG F 111 0.52 23.08 39.01
C ARG F 111 1.65 22.07 38.84
N THR F 112 2.65 22.45 38.06
CA THR F 112 3.77 21.56 37.79
C THR F 112 4.89 21.80 38.80
N LEU F 113 5.50 20.71 39.27
CA LEU F 113 6.58 20.80 40.23
C LEU F 113 7.77 21.51 39.61
N LEU F 114 8.13 22.66 40.17
CA LEU F 114 9.31 23.41 39.77
C LEU F 114 10.37 23.20 40.83
N TYR F 115 11.60 22.93 40.39
CA TYR F 115 12.69 22.69 41.32
C TYR F 115 12.86 23.87 42.26
N GLY F 116 12.93 23.58 43.55
CA GLY F 116 13.03 24.60 44.56
C GLY F 116 11.79 24.83 45.38
N HIS F 117 10.71 24.11 45.13
CA HIS F 117 9.52 24.18 45.97
C HIS F 117 9.60 23.19 47.11
N ALA F 118 8.62 23.24 48.00
CA ALA F 118 8.43 22.25 49.05
C ALA F 118 7.14 21.50 48.75
N ILE F 119 7.22 20.18 48.70
CA ILE F 119 6.12 19.35 48.24
C ILE F 119 5.54 18.59 49.43
N LEU F 120 4.25 18.30 49.34
CA LEU F 120 3.48 17.65 50.39
C LEU F 120 3.10 16.25 49.91
N LEU F 121 3.78 15.24 50.44
CA LEU F 121 3.47 13.87 50.07
C LEU F 121 2.40 13.30 50.99
N ARG F 122 1.41 12.64 50.40
CA ARG F 122 0.38 11.95 51.16
C ARG F 122 0.43 10.48 50.79
N HIS F 123 0.46 9.62 51.81
CA HIS F 123 0.48 8.18 51.56
C HIS F 123 -0.90 7.76 51.08
N SER F 124 -0.94 7.17 49.87
CA SER F 124 -2.22 6.93 49.21
C SER F 124 -3.10 5.99 50.03
N TYR F 125 -2.53 4.88 50.49
CA TYR F 125 -3.33 3.90 51.23
C TYR F 125 -3.80 4.46 52.56
N SER F 126 -2.89 5.03 53.34
CA SER F 126 -3.21 5.39 54.71
C SER F 126 -3.85 6.78 54.79
N GLY F 127 -3.36 7.72 53.99
CA GLY F 127 -3.84 9.08 54.05
C GLY F 127 -3.00 10.01 54.90
N MET F 128 -2.04 9.49 55.67
CA MET F 128 -1.12 10.35 56.39
C MET F 128 -0.02 10.86 55.47
N TYR F 129 0.74 11.82 55.96
CA TYR F 129 1.74 12.52 55.16
C TYR F 129 3.14 12.17 55.64
N LEU F 130 4.06 12.07 54.69
CA LEU F 130 5.46 11.81 55.02
C LEU F 130 6.05 13.00 55.77
N CYS F 131 6.84 12.71 56.81
CA CYS F 131 7.43 13.77 57.62
C CYS F 131 8.60 13.21 58.39
N CYS F 132 9.40 14.12 58.93
CA CYS F 132 10.44 13.73 59.88
C CYS F 132 9.81 13.62 61.27
N LEU F 133 9.91 12.44 61.87
CA LEU F 133 9.23 12.18 63.14
C LEU F 133 9.87 12.93 64.30
N SER F 134 11.07 13.50 64.10
CA SER F 134 11.80 14.24 65.11
C SER F 134 12.27 13.32 66.24
N THR F 135 11.91 12.05 66.15
CA THR F 135 12.42 11.02 67.04
C THR F 135 13.40 10.14 66.30
N SER F 136 14.29 9.51 67.05
CA SER F 136 15.37 8.72 66.45
C SER F 136 15.43 7.34 67.07
N ARG F 137 15.76 6.35 66.25
CA ARG F 137 16.03 5.01 66.71
C ARG F 137 17.47 4.82 67.16
N SER F 138 18.30 5.85 67.00
CA SER F 138 19.71 5.79 67.39
C SER F 138 20.43 4.64 66.69
N SER F 139 20.11 4.44 65.41
CA SER F 139 20.76 3.40 64.61
C SER F 139 22.13 3.91 64.12
N THR F 140 23.07 3.97 65.06
CA THR F 140 24.45 4.41 64.87
C THR F 140 24.55 5.84 64.37
N ASP F 141 23.50 6.65 64.49
CA ASP F 141 23.52 8.05 64.07
C ASP F 141 22.65 8.85 65.04
N LYS F 142 23.32 9.61 65.91
CA LYS F 142 22.58 10.48 66.83
C LYS F 142 21.88 11.60 66.07
N LEU F 143 22.53 12.14 65.05
CA LEU F 143 21.98 13.28 64.33
C LEU F 143 20.78 12.89 63.46
N ALA F 144 20.72 11.63 63.05
CA ALA F 144 19.65 11.20 62.16
C ALA F 144 18.29 11.22 62.86
N PHE F 145 17.26 11.61 62.11
CA PHE F 145 15.89 11.59 62.58
C PHE F 145 15.09 10.60 61.75
N ASP F 146 14.21 9.86 62.43
CA ASP F 146 13.38 8.87 61.74
C ASP F 146 12.34 9.57 60.87
N VAL F 147 12.01 8.92 59.76
CA VAL F 147 11.05 9.43 58.80
C VAL F 147 9.82 8.55 58.82
N GLY F 148 8.66 9.14 59.08
CA GLY F 148 7.43 8.38 59.18
C GLY F 148 6.22 9.09 58.61
N LEU F 149 5.04 8.75 59.10
CA LEU F 149 3.79 9.31 58.62
C LEU F 149 3.09 10.07 59.74
N GLN F 150 2.47 11.19 59.39
CA GLN F 150 1.78 12.04 60.35
C GLN F 150 0.40 12.41 59.81
N GLU F 151 -0.58 12.46 60.71
CA GLU F 151 -1.95 12.76 60.30
C GLU F 151 -2.13 14.23 59.92
N ASP F 152 -1.59 15.14 60.73
CA ASP F 152 -1.82 16.57 60.53
C ASP F 152 -0.76 17.15 59.61
N THR F 153 -1.21 17.83 58.56
CA THR F 153 -0.31 18.50 57.62
C THR F 153 0.24 19.80 58.17
N THR F 154 -0.30 20.31 59.28
CA THR F 154 0.20 21.54 59.86
C THR F 154 1.61 21.33 60.41
N GLY F 155 2.37 22.42 60.45
CA GLY F 155 3.75 22.37 60.87
C GLY F 155 4.70 22.23 59.69
N GLU F 156 6.00 22.38 60.00
CA GLU F 156 7.05 22.33 59.00
C GLU F 156 7.65 20.95 58.84
N ALA F 157 7.16 19.95 59.56
CA ALA F 157 7.72 18.61 59.47
C ALA F 157 7.28 17.90 58.20
N CYS F 158 6.03 18.09 57.79
CA CYS F 158 5.49 17.34 56.65
C CYS F 158 6.14 17.77 55.35
N TRP F 159 6.39 19.07 55.18
CA TRP F 159 6.84 19.59 53.89
C TRP F 159 8.29 19.19 53.63
N TRP F 160 8.58 18.92 52.36
CA TRP F 160 9.92 18.51 51.92
C TRP F 160 10.32 19.38 50.74
N THR F 161 11.32 20.23 50.92
CA THR F 161 11.84 21.01 49.82
C THR F 161 12.50 20.08 48.81
N ILE F 162 12.27 20.34 47.53
CA ILE F 162 12.77 19.49 46.45
C ILE F 162 13.98 20.18 45.84
N HIS F 163 15.02 19.40 45.52
CA HIS F 163 16.20 20.00 44.94
C HIS F 163 16.76 19.11 43.84
N PRO F 164 17.33 19.71 42.81
CA PRO F 164 17.93 18.91 41.73
C PRO F 164 19.11 18.11 42.23
N ALA F 165 19.30 16.92 41.64
CA ALA F 165 20.45 16.11 42.00
C ALA F 165 21.73 16.65 41.38
N SER F 166 21.67 17.09 40.13
CA SER F 166 22.84 17.59 39.42
C SER F 166 22.51 18.88 38.70
N LYS F 167 23.50 19.41 38.00
CA LYS F 167 23.41 20.74 37.40
C LYS F 167 22.59 20.75 36.12
N GLN F 168 22.20 19.58 35.61
CA GLN F 168 21.49 19.53 34.34
C GLN F 168 20.15 20.26 34.38
N ARG F 169 19.58 20.46 35.57
CA ARG F 169 18.32 21.19 35.68
C ARG F 169 18.44 22.09 36.92
N SER F 170 18.69 23.38 36.66
CA SER F 170 18.83 24.33 37.76
C SER F 170 17.49 24.54 38.45
N GLU F 171 17.54 25.21 39.60
CA GLU F 171 16.33 25.46 40.37
C GLU F 171 15.36 26.32 39.57
N GLY F 172 14.07 25.98 39.66
CA GLY F 172 13.05 26.72 38.95
C GLY F 172 12.58 26.01 37.69
N GLU F 173 13.39 25.08 37.19
CA GLU F 173 13.01 24.35 36.00
C GLU F 173 11.96 23.29 36.33
N LYS F 174 11.12 22.98 35.36
CA LYS F 174 10.11 21.95 35.55
C LYS F 174 10.75 20.58 35.71
N VAL F 175 10.24 19.81 36.67
CA VAL F 175 10.79 18.50 36.97
C VAL F 175 10.17 17.49 36.01
N ARG F 176 11.02 16.80 35.26
CA ARG F 176 10.54 15.75 34.37
C ARG F 176 10.25 14.48 35.17
N VAL F 177 9.46 13.59 34.57
CA VAL F 177 9.11 12.33 35.24
C VAL F 177 10.36 11.50 35.50
N GLY F 178 11.25 11.44 34.52
CA GLY F 178 12.52 10.74 34.71
C GLY F 178 13.62 11.67 35.17
N ASP F 179 13.84 11.74 36.48
CA ASP F 179 14.83 12.62 37.08
C ASP F 179 15.29 12.03 38.39
N ASP F 180 16.41 12.53 38.88
CA ASP F 180 16.90 12.23 40.22
C ASP F 180 16.73 13.46 41.09
N LEU F 181 16.15 13.28 42.27
CA LEU F 181 15.74 14.39 43.12
C LEU F 181 16.24 14.15 44.53
N ILE F 182 16.61 15.23 45.23
CA ILE F 182 17.03 15.15 46.62
C ILE F 182 16.07 15.98 47.46
N LEU F 183 15.56 15.39 48.54
CA LEU F 183 14.57 16.03 49.38
C LEU F 183 15.22 16.50 50.67
N VAL F 184 15.00 17.77 51.01
CA VAL F 184 15.52 18.36 52.23
C VAL F 184 14.34 18.67 53.15
N SER F 185 14.37 18.12 54.35
CA SER F 185 13.31 18.37 55.32
C SER F 185 13.25 19.84 55.67
N VAL F 186 12.04 20.39 55.69
CA VAL F 186 11.88 21.78 56.12
C VAL F 186 12.22 21.92 57.60
N SER F 187 11.70 21.02 58.43
CA SER F 187 11.86 21.15 59.87
C SER F 187 13.29 20.88 60.32
N SER F 188 13.88 19.78 59.83
CA SER F 188 15.17 19.32 60.33
C SER F 188 16.33 19.66 59.42
N GLU F 189 16.07 20.14 58.21
CA GLU F 189 17.12 20.50 57.26
C GLU F 189 18.07 19.32 57.00
N ARG F 190 17.49 18.13 56.89
CA ARG F 190 18.23 16.92 56.56
C ARG F 190 17.68 16.34 55.26
N TYR F 191 18.40 15.37 54.72
CA TYR F 191 18.02 14.71 53.48
C TYR F 191 17.35 13.37 53.77
N LEU F 192 16.40 12.99 52.92
CA LEU F 192 15.95 11.61 52.89
C LEU F 192 17.11 10.73 52.47
N HIS F 193 17.64 9.97 53.41
CA HIS F 193 18.93 9.33 53.23
C HIS F 193 18.82 7.85 53.51
N LEU F 194 19.58 7.05 52.75
CA LEU F 194 19.62 5.60 52.91
C LEU F 194 20.82 5.25 53.77
N SER F 195 20.57 4.68 54.95
CA SER F 195 21.60 4.38 55.92
C SER F 195 22.07 2.94 55.73
N TYR F 196 23.36 2.76 55.48
CA TYR F 196 23.98 1.44 55.35
C TYR F 196 24.59 0.95 56.66
N GLY F 197 24.51 1.74 57.72
CA GLY F 197 25.24 1.40 58.94
C GLY F 197 24.83 0.05 59.52
N ASN F 198 23.52 -0.18 59.62
CA ASN F 198 23.04 -1.48 60.05
C ASN F 198 22.94 -2.42 58.86
N GLY F 199 22.81 -3.72 59.17
CA GLY F 199 22.59 -4.69 58.12
C GLY F 199 21.31 -4.42 57.34
N SER F 200 20.27 -3.98 58.03
CA SER F 200 19.01 -3.60 57.40
C SER F 200 19.08 -2.14 56.99
N LEU F 201 18.76 -1.87 55.73
CA LEU F 201 18.78 -0.51 55.22
C LEU F 201 17.67 0.31 55.84
N HIS F 202 17.98 1.55 56.22
CA HIS F 202 17.04 2.43 56.88
C HIS F 202 16.92 3.75 56.12
N VAL F 203 15.71 4.28 56.04
CA VAL F 203 15.49 5.61 55.49
C VAL F 203 15.37 6.58 56.65
N ASP F 204 16.29 7.54 56.71
CA ASP F 204 16.37 8.49 57.80
C ASP F 204 16.71 9.87 57.28
N ALA F 205 16.37 10.87 58.08
CA ALA F 205 16.77 12.25 57.78
C ALA F 205 18.19 12.47 58.27
N ALA F 206 19.11 12.69 57.34
CA ALA F 206 20.51 12.81 57.68
C ALA F 206 21.14 13.91 56.85
N PHE F 207 22.29 14.40 57.32
CA PHE F 207 22.99 15.45 56.60
C PHE F 207 23.60 14.94 55.31
N GLN F 208 23.96 13.66 55.27
CA GLN F 208 24.37 13.05 54.01
C GLN F 208 23.17 12.92 53.08
N GLN F 209 23.39 13.19 51.80
CA GLN F 209 22.31 13.26 50.83
C GLN F 209 22.33 12.04 49.91
N THR F 210 21.15 11.52 49.62
CA THR F 210 20.98 10.38 48.72
C THR F 210 20.01 10.76 47.62
N LEU F 211 20.37 10.45 46.38
CA LEU F 211 19.53 10.77 45.24
C LEU F 211 18.31 9.86 45.20
N TRP F 212 17.14 10.46 45.04
CA TRP F 212 15.89 9.72 44.88
C TRP F 212 15.31 9.99 43.50
N SER F 213 14.70 8.97 42.92
CA SER F 213 14.05 9.09 41.62
C SER F 213 12.55 8.93 41.80
N VAL F 214 11.78 9.77 41.14
CA VAL F 214 10.33 9.75 41.25
C VAL F 214 9.78 9.00 40.05
N ALA F 215 9.06 7.90 40.31
CA ALA F 215 8.46 7.12 39.24
C ALA F 215 6.95 7.25 39.30
N PRO F 216 6.31 7.63 38.19
CA PRO F 216 4.86 7.86 38.19
C PRO F 216 4.09 6.56 38.13
N ILE F 217 3.41 6.22 39.22
CA ILE F 217 2.56 5.03 39.22
C ILE F 217 1.35 5.24 38.33
N SER F 218 0.67 6.37 38.51
CA SER F 218 -0.53 6.68 37.75
C SER F 218 -0.93 8.12 37.99
N SER F 219 -1.76 8.64 37.10
CA SER F 219 -2.35 9.96 37.23
C SER F 219 -3.86 9.81 37.16
N GLY F 220 -4.53 10.10 38.28
CA GLY F 220 -5.97 9.89 38.34
C GLY F 220 -6.75 10.94 37.56
N SER F 221 -6.08 12.04 37.20
CA SER F 221 -6.77 13.11 36.48
C SER F 221 -7.27 12.64 35.13
N GLU F 222 -6.46 11.88 34.40
CA GLU F 222 -6.84 11.38 33.08
C GLU F 222 -7.29 9.93 33.11
N ALA F 223 -7.51 9.36 34.28
CA ALA F 223 -7.94 7.97 34.41
C ALA F 223 -9.38 7.82 33.93
N ALA F 224 -9.63 6.83 33.09
CA ALA F 224 -10.97 6.59 32.56
C ALA F 224 -11.78 5.75 33.53
N GLN F 225 -12.97 6.24 33.87
CA GLN F 225 -13.82 5.54 34.82
C GLN F 225 -14.39 4.27 34.19
N GLY F 226 -14.59 3.25 35.02
CA GLY F 226 -15.19 2.02 34.58
C GLY F 226 -14.27 1.06 33.85
N TYR F 227 -13.03 1.45 33.62
CA TYR F 227 -12.06 0.61 32.93
C TYR F 227 -10.98 0.17 33.91
N LEU F 228 -10.64 -1.12 33.86
CA LEU F 228 -9.71 -1.69 34.81
C LEU F 228 -8.34 -1.04 34.70
N ILE F 229 -7.77 -0.67 35.85
CA ILE F 229 -6.43 -0.13 35.93
C ILE F 229 -5.65 -0.95 36.95
N GLY F 230 -4.33 -0.95 36.82
CA GLY F 230 -3.50 -1.76 37.69
C GLY F 230 -3.59 -1.30 39.14
N GLY F 231 -3.48 -2.27 40.05
CA GLY F 231 -3.55 -2.00 41.46
C GLY F 231 -4.95 -1.89 42.02
N ASP F 232 -5.98 -2.13 41.23
CA ASP F 232 -7.35 -2.02 41.69
C ASP F 232 -7.78 -3.32 42.36
N VAL F 233 -8.61 -3.21 43.39
CA VAL F 233 -9.14 -4.36 44.10
C VAL F 233 -10.50 -4.70 43.51
N LEU F 234 -10.65 -5.95 43.08
CA LEU F 234 -11.79 -6.36 42.28
C LEU F 234 -12.19 -7.79 42.60
N ARG F 235 -13.44 -8.09 42.29
CA ARG F 235 -14.02 -9.42 42.47
C ARG F 235 -14.19 -10.05 41.08
N LEU F 236 -13.78 -11.30 40.96
CA LEU F 236 -13.89 -12.05 39.71
C LEU F 236 -15.18 -12.85 39.74
N LEU F 237 -16.27 -12.23 39.31
CA LEU F 237 -17.53 -12.94 39.22
C LEU F 237 -17.46 -13.93 38.05
N HIS F 238 -18.05 -15.10 38.25
CA HIS F 238 -17.98 -16.16 37.24
C HIS F 238 -19.36 -16.75 37.01
N GLY F 239 -19.62 -17.09 35.75
CA GLY F 239 -20.85 -17.77 35.39
C GLY F 239 -22.08 -16.88 35.53
N HIS F 240 -23.23 -17.47 35.23
CA HIS F 240 -24.50 -16.78 35.41
C HIS F 240 -24.98 -16.81 36.85
N MET F 241 -24.54 -17.80 37.63
CA MET F 241 -24.89 -17.89 39.05
C MET F 241 -24.18 -16.83 39.89
N ASP F 242 -23.34 -16.00 39.28
CA ASP F 242 -22.66 -14.90 39.95
C ASP F 242 -21.81 -15.40 41.12
N GLU F 243 -21.08 -16.48 40.87
CA GLU F 243 -20.14 -16.99 41.86
C GLU F 243 -18.80 -16.28 41.71
N CYS F 244 -18.08 -16.17 42.83
CA CYS F 244 -16.85 -15.42 42.90
C CYS F 244 -15.70 -16.31 43.32
N LEU F 245 -14.51 -16.02 42.80
CA LEU F 245 -13.30 -16.77 43.13
C LEU F 245 -12.87 -16.42 44.55
N THR F 246 -13.22 -17.26 45.51
CA THR F 246 -12.96 -17.00 46.91
C THR F 246 -12.25 -18.17 47.57
N VAL F 247 -11.46 -17.87 48.59
CA VAL F 247 -10.78 -18.89 49.38
C VAL F 247 -11.80 -19.48 50.36
N PRO F 248 -11.50 -20.62 50.99
CA PRO F 248 -12.42 -21.14 52.01
C PRO F 248 -12.66 -20.14 53.12
N SER F 249 -13.69 -20.41 53.91
CA SER F 249 -14.15 -19.48 54.93
C SER F 249 -13.19 -19.44 56.11
N GLY F 250 -13.63 -18.77 57.17
CA GLY F 250 -12.83 -18.68 58.38
C GLY F 250 -12.79 -19.99 59.15
N GLU F 251 -12.12 -20.98 58.58
CA GLU F 251 -11.96 -22.29 59.19
C GLU F 251 -10.93 -22.29 60.32
N HIS F 252 -10.53 -21.11 60.77
CA HIS F 252 -9.48 -20.93 61.78
C HIS F 252 -8.13 -21.45 61.33
N GLY F 253 -7.99 -21.79 60.05
CA GLY F 253 -6.74 -22.30 59.54
C GLY F 253 -6.23 -21.57 58.31
N GLU F 254 -5.11 -20.87 58.46
CA GLU F 254 -4.46 -20.26 57.29
C GLU F 254 -4.05 -21.31 56.27
N GLU F 255 -3.70 -22.51 56.73
CA GLU F 255 -3.40 -23.60 55.81
C GLU F 255 -4.63 -24.01 55.02
N GLN F 256 -5.79 -24.09 55.68
CA GLN F 256 -7.02 -24.44 54.97
C GLN F 256 -7.49 -23.31 54.07
N ARG F 257 -7.06 -22.09 54.35
CA ARG F 257 -7.44 -20.92 53.55
C ARG F 257 -6.52 -20.71 52.35
N ARG F 258 -5.85 -21.75 51.87
CA ARG F 258 -4.90 -21.62 50.78
C ARG F 258 -5.46 -22.07 49.43
N THR F 259 -6.55 -22.82 49.41
CA THR F 259 -7.15 -23.26 48.16
C THR F 259 -8.09 -22.20 47.61
N VAL F 260 -8.57 -22.44 46.39
CA VAL F 260 -9.47 -21.51 45.71
C VAL F 260 -10.64 -22.31 45.15
N HIS F 261 -11.83 -21.70 45.17
CA HIS F 261 -13.03 -22.33 44.65
C HIS F 261 -14.05 -21.25 44.32
N TYR F 262 -14.90 -21.56 43.35
CA TYR F 262 -16.00 -20.65 43.00
C TYR F 262 -17.13 -20.82 44.02
N GLU F 263 -17.63 -19.70 44.53
CA GLU F 263 -18.75 -19.71 45.47
C GLU F 263 -19.59 -18.46 45.24
N GLY F 264 -20.90 -18.61 45.35
CA GLY F 264 -21.80 -17.49 45.18
C GLY F 264 -22.76 -17.32 46.34
N GLY F 265 -23.34 -16.14 46.46
CA GLY F 265 -24.28 -15.87 47.54
C GLY F 265 -23.91 -14.62 48.32
N ALA F 266 -23.85 -14.73 49.65
CA ALA F 266 -23.47 -13.61 50.50
C ALA F 266 -21.98 -13.37 50.51
N VAL F 267 -21.17 -14.29 49.98
CA VAL F 267 -19.74 -14.10 49.92
C VAL F 267 -19.38 -12.90 49.04
N SER F 268 -20.24 -12.57 48.08
CA SER F 268 -19.93 -11.48 47.15
C SER F 268 -19.88 -10.14 47.86
N VAL F 269 -20.36 -10.07 49.10
CA VAL F 269 -20.35 -8.82 49.85
C VAL F 269 -19.45 -9.02 51.06
N HIS F 270 -18.42 -9.84 50.90
CA HIS F 270 -17.45 -10.10 51.94
C HIS F 270 -16.05 -9.77 51.44
N ALA F 271 -15.13 -9.61 52.38
CA ALA F 271 -13.74 -9.34 52.07
C ALA F 271 -12.98 -10.60 51.69
N ARG F 272 -13.61 -11.77 51.79
CA ARG F 272 -12.98 -13.04 51.47
C ARG F 272 -12.81 -13.25 49.97
N SER F 273 -13.37 -12.38 49.14
CA SER F 273 -13.31 -12.56 47.70
C SER F 273 -12.68 -11.36 46.98
N LEU F 274 -11.97 -10.50 47.69
CA LEU F 274 -11.34 -9.34 47.09
C LEU F 274 -9.96 -9.73 46.56
N TRP F 275 -9.69 -9.39 45.30
CA TRP F 275 -8.42 -9.68 44.67
C TRP F 275 -7.82 -8.38 44.13
N ARG F 276 -6.52 -8.21 44.37
CA ARG F 276 -5.78 -7.05 43.88
C ARG F 276 -4.95 -7.46 42.68
N LEU F 277 -5.09 -6.74 41.59
CA LEU F 277 -4.36 -7.02 40.36
C LEU F 277 -3.09 -6.18 40.35
N GLU F 278 -1.94 -6.79 40.60
CA GLU F 278 -0.67 -6.09 40.64
C GLU F 278 0.10 -6.35 39.36
N THR F 279 0.37 -5.28 38.61
CA THR F 279 1.12 -5.42 37.37
C THR F 279 2.57 -5.74 37.66
N LEU F 280 3.22 -6.43 36.72
CA LEU F 280 4.62 -6.81 36.88
C LEU F 280 5.57 -5.64 36.72
N ARG F 281 5.10 -4.49 36.26
CA ARG F 281 5.93 -3.31 36.07
C ARG F 281 5.77 -2.36 37.24
N VAL F 282 6.89 -1.79 37.69
CA VAL F 282 6.84 -0.82 38.77
C VAL F 282 6.39 0.54 38.23
N ALA F 283 7.07 1.04 37.21
CA ALA F 283 6.69 2.31 36.62
C ALA F 283 5.37 2.17 35.86
N TRP F 284 4.50 3.17 36.03
CA TRP F 284 3.21 3.23 35.35
C TRP F 284 2.39 1.96 35.62
N SER F 285 2.40 1.55 36.89
CA SER F 285 1.63 0.40 37.30
C SER F 285 0.13 0.65 37.32
N GLY F 286 -0.29 1.90 37.50
CA GLY F 286 -1.69 2.23 37.56
C GLY F 286 -2.31 2.47 36.20
N SER F 287 -1.55 2.20 35.14
CA SER F 287 -2.03 2.37 33.79
C SER F 287 -3.17 1.40 33.51
N HIS F 288 -4.01 1.75 32.53
CA HIS F 288 -5.11 0.88 32.14
C HIS F 288 -4.58 -0.48 31.71
N ILE F 289 -5.25 -1.54 32.18
CA ILE F 289 -4.85 -2.88 31.81
C ILE F 289 -5.25 -3.15 30.37
N ARG F 290 -4.32 -3.70 29.59
CA ARG F 290 -4.55 -4.05 28.20
C ARG F 290 -4.67 -5.57 28.08
N TRP F 291 -5.41 -6.01 27.06
CA TRP F 291 -5.61 -7.44 26.86
C TRP F 291 -4.28 -8.15 26.65
N GLY F 292 -3.95 -9.04 27.59
CA GLY F 292 -2.69 -9.76 27.50
C GLY F 292 -1.59 -9.23 28.40
N GLN F 293 -1.91 -8.31 29.30
CA GLN F 293 -0.89 -7.84 30.23
C GLN F 293 -0.68 -8.86 31.32
N PRO F 294 0.57 -9.26 31.59
CA PRO F 294 0.84 -10.18 32.71
C PRO F 294 0.74 -9.44 34.03
N PHE F 295 0.14 -10.10 35.03
CA PHE F 295 -0.01 -9.54 36.36
C PHE F 295 -0.08 -10.67 37.37
N ARG F 296 -0.16 -10.30 38.65
CA ARG F 296 -0.35 -11.25 39.73
C ARG F 296 -1.63 -10.89 40.49
N LEU F 297 -2.40 -11.89 40.86
CA LEU F 297 -3.58 -11.69 41.67
C LEU F 297 -3.24 -11.96 43.14
N ARG F 298 -3.46 -10.96 43.99
CA ARG F 298 -3.17 -11.06 45.41
C ARG F 298 -4.47 -11.11 46.19
N HIS F 299 -4.63 -12.11 47.04
CA HIS F 299 -5.79 -12.16 47.91
C HIS F 299 -5.60 -11.17 49.03
N VAL F 300 -6.43 -10.13 49.06
CA VAL F 300 -6.22 -9.02 49.99
C VAL F 300 -6.33 -9.48 51.43
N THR F 301 -7.34 -10.29 51.73
CA THR F 301 -7.59 -10.68 53.12
C THR F 301 -6.46 -11.56 53.65
N THR F 302 -6.06 -12.57 52.88
CA THR F 302 -5.03 -13.49 53.33
C THR F 302 -3.62 -13.05 52.97
N GLY F 303 -3.47 -12.11 52.05
CA GLY F 303 -2.15 -11.62 51.68
C GLY F 303 -1.35 -12.54 50.79
N LYS F 304 -1.94 -13.62 50.30
CA LYS F 304 -1.24 -14.58 49.45
C LYS F 304 -1.53 -14.30 47.99
N TYR F 305 -0.58 -14.72 47.14
CA TYR F 305 -0.68 -14.50 45.70
C TYR F 305 -1.16 -15.76 45.01
N LEU F 306 -2.06 -15.59 44.05
CA LEU F 306 -2.56 -16.72 43.27
C LEU F 306 -1.43 -17.32 42.46
N SER F 307 -1.36 -18.66 42.44
CA SER F 307 -0.29 -19.36 41.76
C SER F 307 -0.79 -20.69 41.23
N LEU F 308 -0.05 -21.24 40.28
CA LEU F 308 -0.39 -22.50 39.63
C LEU F 308 0.72 -23.51 39.93
N MET F 309 0.33 -24.64 40.50
CA MET F 309 1.28 -25.72 40.71
C MET F 309 1.56 -26.44 39.39
N GLU F 310 2.65 -27.20 39.37
CA GLU F 310 2.93 -28.05 38.22
C GLU F 310 1.87 -29.13 38.07
N ASP F 311 1.22 -29.50 39.18
CA ASP F 311 0.16 -30.50 39.18
C ASP F 311 -1.19 -29.94 38.74
N LYS F 312 -1.20 -28.78 38.09
CA LYS F 312 -2.40 -28.24 37.45
C LYS F 312 -3.48 -27.89 38.48
N ASN F 313 -3.06 -27.58 39.70
CA ASN F 313 -3.98 -27.17 40.76
C ASN F 313 -3.50 -25.84 41.31
N LEU F 314 -4.44 -24.92 41.52
CA LEU F 314 -4.10 -23.58 41.99
C LEU F 314 -3.94 -23.58 43.51
N LEU F 315 -2.86 -22.98 43.99
CA LEU F 315 -2.57 -22.88 45.41
C LEU F 315 -2.04 -21.49 45.72
N LEU F 316 -2.54 -20.90 46.80
CA LEU F 316 -2.05 -19.60 47.24
C LEU F 316 -0.72 -19.75 47.97
N MET F 317 0.33 -19.14 47.42
CA MET F 317 1.62 -19.14 48.10
C MET F 317 1.95 -17.75 48.61
N ASP F 318 2.91 -17.70 49.52
CA ASP F 318 3.32 -16.46 50.17
C ASP F 318 4.10 -15.57 49.21
N LYS F 319 4.49 -14.40 49.72
CA LYS F 319 5.21 -13.43 48.91
C LYS F 319 6.57 -13.97 48.49
N GLU F 320 7.26 -14.67 49.40
CA GLU F 320 8.61 -15.14 49.10
C GLU F 320 8.61 -16.19 48.00
N LYS F 321 7.60 -17.05 47.97
CA LYS F 321 7.57 -18.12 46.98
C LYS F 321 6.59 -17.80 45.85
N ALA F 322 6.48 -16.51 45.51
CA ALA F 322 5.60 -16.07 44.42
C ALA F 322 6.47 -15.63 43.26
N ASP F 323 6.87 -16.60 42.44
CA ASP F 323 7.68 -16.29 41.27
C ASP F 323 6.79 -15.78 40.14
N VAL F 324 7.42 -15.11 39.19
CA VAL F 324 6.68 -14.58 38.04
C VAL F 324 6.06 -15.72 37.24
N LYS F 325 6.82 -16.80 37.02
CA LYS F 325 6.32 -17.92 36.25
C LYS F 325 5.15 -18.60 36.97
N SER F 326 5.23 -18.70 38.30
CA SER F 326 4.20 -19.41 39.04
C SER F 326 2.94 -18.57 39.19
N THR F 327 3.08 -17.26 39.33
CA THR F 327 1.98 -16.40 39.74
C THR F 327 1.51 -15.45 38.65
N ALA F 328 2.07 -15.52 37.45
CA ALA F 328 1.73 -14.60 36.37
C ALA F 328 0.48 -15.09 35.64
N PHE F 329 -0.46 -14.18 35.42
CA PHE F 329 -1.69 -14.48 34.68
C PHE F 329 -1.99 -13.33 33.73
N THR F 330 -2.75 -13.64 32.67
CA THR F 330 -3.14 -12.66 31.67
C THR F 330 -4.63 -12.76 31.41
N PHE F 331 -5.19 -11.66 30.89
CA PHE F 331 -6.59 -11.61 30.50
C PHE F 331 -6.68 -11.67 28.97
N ARG F 332 -7.52 -12.55 28.47
CA ARG F 332 -7.75 -12.71 27.04
C ARG F 332 -9.21 -12.44 26.72
N SER F 333 -9.45 -11.87 25.54
CA SER F 333 -10.82 -11.53 25.15
C SER F 333 -11.60 -12.77 24.76
N SER F 334 -10.97 -13.70 24.05
CA SER F 334 -11.65 -14.89 23.56
C SER F 334 -10.75 -16.10 23.72
N LYS F 335 -11.34 -17.28 23.55
CA LYS F 335 -10.61 -18.53 23.68
C LYS F 335 -9.63 -18.76 22.54
N GLU F 336 -9.67 -17.94 21.49
CA GLU F 336 -8.76 -18.09 20.36
C GLU F 336 -7.31 -18.02 20.83
N LYS F 337 -6.48 -18.91 20.29
CA LYS F 337 -5.12 -19.11 20.78
C LYS F 337 -4.10 -18.21 20.09
N LEU F 338 -4.53 -17.28 19.24
CA LEU F 338 -3.59 -16.39 18.58
C LEU F 338 -2.86 -15.54 19.60
N ASP F 339 -1.55 -15.38 19.40
CA ASP F 339 -0.71 -14.60 20.31
C ASP F 339 -0.34 -13.30 19.65
N VAL F 340 -0.39 -12.21 20.42
CA VAL F 340 -0.02 -10.88 19.93
C VAL F 340 1.50 -10.75 19.93
N GLY F 341 2.18 -11.81 20.31
CA GLY F 341 3.63 -11.74 20.40
C GLY F 341 4.04 -10.92 21.61
N VAL F 342 5.05 -10.08 21.43
CA VAL F 342 5.50 -9.15 22.46
C VAL F 342 5.17 -7.73 22.00
N ARG F 343 4.36 -7.05 22.81
CA ARG F 343 4.00 -5.65 22.55
C ARG F 343 4.77 -4.77 23.52
N LYS F 344 5.23 -3.61 23.03
CA LYS F 344 5.99 -2.72 23.88
C LYS F 344 5.09 -2.16 24.98
N GLU F 345 5.63 -2.02 26.18
CA GLU F 345 4.90 -1.37 27.26
C GLU F 345 4.95 0.14 27.09
N VAL F 346 3.78 0.77 27.05
CA VAL F 346 3.66 2.19 26.76
C VAL F 346 3.77 2.97 28.06
N ASP F 347 4.57 4.04 28.04
CA ASP F 347 4.66 4.92 29.19
C ASP F 347 3.51 5.90 29.17
N GLY F 348 2.76 5.96 30.28
CA GLY F 348 1.61 6.82 30.38
C GLY F 348 0.38 6.06 30.86
N MET F 349 -0.76 6.75 30.74
CA MET F 349 -2.02 6.17 31.20
C MET F 349 -2.40 4.94 30.38
N GLY F 350 -2.18 5.00 29.08
CA GLY F 350 -2.47 3.89 28.19
C GLY F 350 -3.91 3.90 27.71
N THR F 351 -4.22 2.87 26.92
CA THR F 351 -5.55 2.74 26.33
C THR F 351 -6.44 1.89 27.21
N SER F 352 -7.67 2.34 27.42
CA SER F 352 -8.62 1.61 28.25
C SER F 352 -9.30 0.53 27.42
N GLU F 353 -9.04 -0.73 27.74
CA GLU F 353 -9.60 -1.84 26.98
C GLU F 353 -10.57 -2.68 27.80
N ILE F 354 -10.12 -3.19 28.95
CA ILE F 354 -11.00 -3.99 29.79
C ILE F 354 -11.92 -3.08 30.59
N LYS F 355 -13.22 -3.37 30.54
CA LYS F 355 -14.22 -2.55 31.19
C LYS F 355 -15.00 -3.39 32.20
N TYR F 356 -15.37 -2.77 33.31
CA TYR F 356 -16.07 -3.49 34.35
C TYR F 356 -17.49 -3.86 33.91
N GLY F 357 -17.90 -5.08 34.23
CA GLY F 357 -19.24 -5.53 33.94
C GLY F 357 -19.49 -5.90 32.49
N ASP F 358 -19.23 -4.95 31.58
CA ASP F 358 -19.52 -5.19 30.17
C ASP F 358 -18.55 -6.18 29.54
N SER F 359 -17.26 -6.06 29.83
CA SER F 359 -16.28 -6.93 29.21
C SER F 359 -16.35 -8.35 29.79
N VAL F 360 -15.99 -9.31 28.96
CA VAL F 360 -15.87 -10.71 29.36
C VAL F 360 -14.42 -11.11 29.18
N CYS F 361 -13.81 -11.59 30.26
CA CYS F 361 -12.39 -11.90 30.26
C CYS F 361 -12.18 -13.39 30.50
N TYR F 362 -11.04 -13.89 30.03
CA TYR F 362 -10.62 -15.26 30.28
C TYR F 362 -9.24 -15.23 30.92
N ILE F 363 -9.08 -15.94 32.03
CA ILE F 363 -7.78 -15.98 32.70
C ILE F 363 -6.92 -17.05 32.05
N GLN F 364 -5.71 -16.67 31.66
CA GLN F 364 -4.75 -17.60 31.08
C GLN F 364 -3.44 -17.52 31.84
N HIS F 365 -2.98 -18.66 32.34
CA HIS F 365 -1.66 -18.69 32.97
C HIS F 365 -0.58 -18.42 31.93
N VAL F 366 0.37 -17.55 32.29
CA VAL F 366 1.33 -17.05 31.33
C VAL F 366 2.23 -18.16 30.81
N ASP F 367 2.78 -18.99 31.70
CA ASP F 367 3.76 -19.97 31.31
C ASP F 367 3.12 -21.27 30.82
N THR F 368 2.15 -21.79 31.56
CA THR F 368 1.51 -23.04 31.17
C THR F 368 0.48 -22.87 30.06
N GLY F 369 0.08 -21.63 29.77
CA GLY F 369 -0.90 -21.38 28.74
C GLY F 369 -2.29 -21.91 29.04
N LEU F 370 -2.54 -22.40 30.24
CA LEU F 370 -3.83 -22.98 30.57
C LEU F 370 -4.86 -21.88 30.78
N TRP F 371 -6.13 -22.29 30.85
CA TRP F 371 -7.24 -21.39 31.12
C TRP F 371 -7.88 -21.79 32.44
N LEU F 372 -8.25 -20.77 33.22
CA LEU F 372 -8.96 -21.01 34.46
C LEU F 372 -10.37 -21.50 34.17
N THR F 373 -10.81 -22.53 34.87
CA THR F 373 -12.11 -23.12 34.61
C THR F 373 -12.68 -23.69 35.90
N TYR F 374 -13.92 -24.16 35.82
CA TYR F 374 -14.60 -24.73 36.96
C TYR F 374 -14.72 -26.24 36.81
N GLN F 375 -14.37 -26.95 37.88
CA GLN F 375 -14.39 -28.41 37.83
C GLN F 375 -15.81 -28.96 37.86
N SER F 376 -16.75 -28.17 38.38
CA SER F 376 -18.19 -28.47 38.42
C SER F 376 -18.51 -29.67 39.30
N VAL F 377 -17.59 -30.13 40.14
CA VAL F 377 -17.84 -31.26 41.03
C VAL F 377 -18.45 -30.71 42.31
N ASP F 378 -19.74 -30.96 42.51
CA ASP F 378 -20.44 -30.51 43.70
C ASP F 378 -21.24 -31.65 44.33
N SER F 386 -23.23 -22.08 49.54
CA SER F 386 -22.45 -23.27 49.86
C SER F 386 -22.29 -24.16 48.64
N ILE F 387 -22.27 -23.53 47.46
CA ILE F 387 -22.11 -24.30 46.23
C ILE F 387 -20.73 -24.98 46.18
N GLN F 388 -19.69 -24.25 46.56
CA GLN F 388 -18.34 -24.79 46.72
C GLN F 388 -17.86 -25.50 45.46
N ARG F 389 -18.05 -24.86 44.32
CA ARG F 389 -17.53 -25.40 43.07
C ARG F 389 -16.04 -25.17 42.98
N LYS F 390 -15.27 -26.26 42.93
CA LYS F 390 -13.82 -26.17 42.86
C LYS F 390 -13.38 -25.48 41.57
N ALA F 391 -12.39 -24.61 41.70
CA ALA F 391 -11.81 -23.89 40.56
C ALA F 391 -10.50 -24.56 40.19
N ILE F 392 -10.38 -24.99 38.93
CA ILE F 392 -9.21 -25.72 38.47
C ILE F 392 -8.64 -25.03 37.24
N MET F 393 -7.58 -25.62 36.71
CA MET F 393 -6.81 -25.08 35.60
C MET F 393 -6.85 -26.14 34.50
N HIS F 394 -7.09 -25.73 33.25
CA HIS F 394 -7.26 -26.73 32.20
C HIS F 394 -6.73 -26.22 30.87
N HIS F 395 -6.26 -27.14 30.02
CA HIS F 395 -5.67 -26.72 28.76
C HIS F 395 -6.71 -26.61 27.65
N GLU F 396 -7.94 -27.07 27.90
CA GLU F 396 -9.10 -26.68 27.11
C GLU F 396 -10.15 -25.95 27.93
N GLY F 397 -10.57 -26.53 29.05
CA GLY F 397 -11.55 -25.89 29.89
C GLY F 397 -12.96 -26.03 29.35
N HIS F 398 -13.91 -25.68 30.21
CA HIS F 398 -15.31 -25.70 29.80
C HIS F 398 -15.61 -24.49 28.91
N MET F 399 -16.77 -24.54 28.26
CA MET F 399 -17.16 -23.45 27.36
C MET F 399 -17.34 -22.15 28.13
N ASP F 400 -17.99 -22.21 29.30
CA ASP F 400 -18.34 -21.01 30.05
C ASP F 400 -17.25 -20.68 31.07
N ASP F 401 -16.10 -20.26 30.56
CA ASP F 401 -15.00 -19.78 31.38
C ASP F 401 -14.92 -18.27 31.44
N GLY F 402 -15.84 -17.57 30.78
CA GLY F 402 -15.85 -16.12 30.82
C GLY F 402 -16.17 -15.57 32.19
N ILE F 403 -15.45 -14.52 32.60
CA ILE F 403 -15.65 -13.92 33.91
C ILE F 403 -15.97 -12.45 33.74
N SER F 404 -16.61 -11.89 34.76
CA SER F 404 -16.87 -10.47 34.86
C SER F 404 -16.07 -9.87 36.02
N LEU F 405 -15.75 -8.60 35.90
CA LEU F 405 -14.92 -7.90 36.86
C LEU F 405 -15.77 -6.87 37.60
N SER F 406 -15.72 -6.90 38.93
CA SER F 406 -16.46 -5.94 39.74
C SER F 406 -15.49 -5.16 40.60
N ARG F 407 -15.57 -3.83 40.54
CA ARG F 407 -14.72 -2.99 41.37
C ARG F 407 -15.13 -3.14 42.84
N SER F 408 -14.17 -2.88 43.74
CA SER F 408 -14.48 -2.81 45.17
C SER F 408 -14.45 -1.36 45.61
N GLN F 409 -15.35 -1.01 46.52
CA GLN F 409 -15.37 0.35 47.05
C GLN F 409 -14.10 0.63 47.84
N HIS F 410 -13.73 1.91 47.91
CA HIS F 410 -12.51 2.29 48.61
C HIS F 410 -12.57 1.90 50.08
N GLU F 411 -13.74 2.10 50.71
CA GLU F 411 -13.89 1.72 52.12
C GLU F 411 -13.70 0.22 52.30
N GLU F 412 -14.29 -0.58 51.40
CA GLU F 412 -14.13 -2.02 51.49
C GLU F 412 -12.69 -2.46 51.31
N SER F 413 -11.99 -1.85 50.34
CA SER F 413 -10.58 -2.19 50.13
C SER F 413 -9.73 -1.84 51.34
N ARG F 414 -9.95 -0.64 51.91
CA ARG F 414 -9.19 -0.24 53.08
C ARG F 414 -9.48 -1.18 54.25
N THR F 415 -10.74 -1.57 54.43
CA THR F 415 -11.09 -2.48 55.51
C THR F 415 -10.44 -3.84 55.31
N ALA F 416 -10.41 -4.34 54.07
CA ALA F 416 -9.77 -5.64 53.82
C ALA F 416 -8.27 -5.58 54.12
N ARG F 417 -7.61 -4.51 53.70
CA ARG F 417 -6.18 -4.38 53.99
C ARG F 417 -5.94 -4.27 55.49
N VAL F 418 -6.80 -3.54 56.20
CA VAL F 418 -6.67 -3.42 57.65
C VAL F 418 -6.86 -4.79 58.29
N ILE F 419 -7.82 -5.56 57.80
CA ILE F 419 -8.05 -6.91 58.33
C ILE F 419 -6.83 -7.77 58.14
N GLN F 420 -6.21 -7.73 56.97
CA GLN F 420 -5.00 -8.52 56.72
C GLN F 420 -3.86 -8.11 57.65
N SER F 421 -3.56 -6.81 57.69
CA SER F 421 -2.47 -6.33 58.52
C SER F 421 -2.72 -6.52 60.01
N THR F 422 -3.98 -6.63 60.43
CA THR F 422 -4.30 -6.89 61.82
C THR F 422 -4.20 -8.37 62.16
N VAL F 423 -4.68 -9.24 61.28
CA VAL F 423 -4.61 -10.67 61.54
C VAL F 423 -3.16 -11.13 61.58
N PHE F 424 -2.32 -10.53 60.73
CA PHE F 424 -0.89 -10.88 60.77
C PHE F 424 -0.28 -10.56 62.13
N LEU F 425 -0.49 -9.34 62.60
CA LEU F 425 0.10 -8.91 63.88
C LEU F 425 -0.46 -9.72 65.03
N PHE F 426 -1.78 -9.94 65.05
CA PHE F 426 -2.38 -10.66 66.17
C PHE F 426 -2.08 -12.15 66.14
N ASN F 427 -1.71 -12.71 64.98
CA ASN F 427 -1.19 -14.07 64.93
C ASN F 427 0.23 -14.14 65.44
N ARG F 428 1.07 -13.15 65.09
CA ARG F 428 2.41 -13.10 65.67
C ARG F 428 2.35 -12.96 67.18
N PHE F 429 1.45 -12.12 67.68
CA PHE F 429 1.28 -11.93 69.11
C PHE F 429 0.87 -13.23 69.80
N ILE F 430 -0.09 -13.94 69.21
CA ILE F 430 -0.57 -15.18 69.80
C ILE F 430 0.54 -16.22 69.82
N ARG F 431 1.30 -16.33 68.73
CA ARG F 431 2.40 -17.29 68.69
C ARG F 431 3.47 -16.95 69.71
N GLY F 432 3.77 -15.66 69.87
CA GLY F 432 4.73 -15.25 70.88
C GLY F 432 4.27 -15.59 72.29
N LEU F 433 3.00 -15.36 72.58
CA LEU F 433 2.45 -15.75 73.88
C LEU F 433 2.52 -17.26 74.07
N ASP F 434 2.26 -18.01 73.01
CA ASP F 434 2.35 -19.47 73.11
C ASP F 434 3.76 -19.92 73.43
N ALA F 435 4.76 -19.33 72.76
CA ALA F 435 6.15 -19.66 73.07
C ALA F 435 6.49 -19.28 74.50
N LEU F 436 6.03 -18.11 74.94
CA LEU F 436 6.30 -17.67 76.31
C LEU F 436 5.74 -18.64 77.32
N SER F 437 4.52 -19.12 77.09
CA SER F 437 3.94 -20.15 77.94
C SER F 437 4.67 -21.48 77.81
N LYS F 438 5.24 -21.77 76.64
CA LYS F 438 6.06 -22.95 76.43
C LYS F 438 7.49 -22.77 76.89
N LYS F 439 7.77 -21.68 77.61
CA LYS F 439 9.05 -21.46 78.27
C LYS F 439 10.21 -21.33 77.29
N ALA F 440 10.15 -20.32 76.43
CA ALA F 440 11.26 -19.98 75.55
C ALA F 440 11.96 -18.74 76.08
N LYS F 441 13.20 -18.54 75.64
CA LYS F 441 13.96 -17.37 76.06
C LYS F 441 13.33 -16.09 75.50
N ALA F 442 13.44 -15.01 76.27
CA ALA F 442 12.83 -13.75 75.86
C ALA F 442 13.43 -13.25 74.55
N SER F 443 14.73 -13.42 74.35
CA SER F 443 15.37 -13.01 73.10
C SER F 443 14.80 -13.79 71.92
N THR F 444 14.61 -15.10 72.08
CA THR F 444 14.04 -15.91 71.01
C THR F 444 12.59 -15.50 70.74
N VAL F 445 11.84 -15.19 71.79
CA VAL F 445 10.44 -14.82 71.63
C VAL F 445 10.34 -13.48 70.92
N ASP F 446 9.52 -13.43 69.88
CA ASP F 446 9.20 -12.21 69.16
C ASP F 446 7.85 -11.73 69.66
N LEU F 447 7.86 -10.71 70.52
CA LEU F 447 6.65 -10.24 71.17
C LEU F 447 6.39 -8.80 70.77
N PRO F 448 5.57 -8.53 69.76
CA PRO F 448 5.41 -7.16 69.23
C PRO F 448 4.50 -6.30 70.10
N ILE F 449 4.97 -5.97 71.30
CA ILE F 449 4.13 -5.27 72.27
C ILE F 449 3.75 -3.89 71.77
N GLU F 450 4.74 -3.09 71.34
CA GLU F 450 4.46 -1.72 70.93
C GLU F 450 3.60 -1.70 69.67
N SER F 451 3.90 -2.59 68.72
CA SER F 451 3.11 -2.66 67.50
C SER F 451 1.67 -3.04 67.80
N VAL F 452 1.47 -4.01 68.70
CA VAL F 452 0.11 -4.40 69.07
C VAL F 452 -0.62 -3.24 69.73
N SER F 453 0.04 -2.53 70.64
CA SER F 453 -0.62 -1.39 71.30
C SER F 453 -1.03 -0.33 70.29
N LEU F 454 -0.12 0.03 69.38
CA LEU F 454 -0.43 1.08 68.41
C LEU F 454 -1.52 0.62 67.45
N SER F 455 -1.48 -0.64 67.02
CA SER F 455 -2.51 -1.18 66.16
C SER F 455 -3.87 -1.20 66.85
N LEU F 456 -3.91 -1.55 68.13
CA LEU F 456 -5.15 -1.49 68.90
C LEU F 456 -5.69 -0.08 69.01
N GLN F 457 -4.83 0.91 69.22
CA GLN F 457 -5.28 2.29 69.19
C GLN F 457 -5.85 2.69 67.84
N ASP F 458 -5.18 2.27 66.76
CA ASP F 458 -5.69 2.58 65.43
C ASP F 458 -7.03 1.91 65.16
N LEU F 459 -7.20 0.68 65.61
CA LEU F 459 -8.48 0.00 65.45
C LEU F 459 -9.58 0.67 66.26
N ILE F 460 -9.26 1.11 67.48
CA ILE F 460 -10.24 1.86 68.26
C ILE F 460 -10.66 3.12 67.54
N GLY F 461 -9.69 3.87 66.98
CA GLY F 461 -10.05 5.03 66.19
C GLY F 461 -10.88 4.68 64.97
N TYR F 462 -10.56 3.54 64.34
CA TYR F 462 -11.29 3.10 63.17
C TYR F 462 -12.75 2.82 63.48
N PHE F 463 -13.01 2.17 64.62
CA PHE F 463 -14.36 1.80 65.01
C PHE F 463 -14.97 2.80 65.99
N HIS F 464 -14.39 3.99 66.11
CA HIS F 464 -14.94 5.01 66.97
C HIS F 464 -16.33 5.41 66.48
N PRO F 465 -17.32 5.50 67.38
CA PRO F 465 -18.68 5.79 66.96
C PRO F 465 -18.82 7.24 66.54
N PRO F 466 -19.84 7.57 65.74
CA PRO F 466 -20.01 8.96 65.30
C PRO F 466 -20.33 9.88 66.46
N ASP F 467 -19.91 11.13 66.31
CA ASP F 467 -20.13 12.14 67.34
C ASP F 467 -21.50 12.79 67.19
N GLU F 468 -21.99 13.36 68.28
CA GLU F 468 -23.35 13.89 68.30
C GLU F 468 -23.45 15.23 67.58
N HIS F 469 -22.35 15.99 67.52
CA HIS F 469 -22.42 17.32 66.89
C HIS F 469 -22.64 17.21 65.38
N LEU F 470 -22.38 16.03 64.81
CA LEU F 470 -22.49 15.86 63.37
C LEU F 470 -23.93 16.06 62.91
N GLU F 471 -24.08 16.58 61.69
CA GLU F 471 -25.39 16.69 61.07
C GLU F 471 -25.94 15.29 60.81
N HIS F 472 -27.26 15.20 60.65
CA HIS F 472 -27.93 13.90 60.61
C HIS F 472 -27.41 13.03 59.48
N GLU F 473 -27.25 13.60 58.29
CA GLU F 473 -26.80 12.82 57.13
C GLU F 473 -25.39 12.28 57.36
N ASP F 474 -24.48 13.13 57.82
CA ASP F 474 -23.11 12.69 58.05
C ASP F 474 -23.06 11.63 59.15
N LYS F 475 -23.85 11.81 60.19
CA LYS F 475 -23.91 10.83 61.28
C LYS F 475 -24.39 9.49 60.74
N GLN F 476 -25.41 9.52 59.89
CA GLN F 476 -25.92 8.27 59.31
C GLN F 476 -24.87 7.60 58.43
N ASN F 477 -24.11 8.41 57.67
CA ASN F 477 -23.05 7.84 56.83
C ASN F 477 -21.99 7.17 57.67
N ARG F 478 -21.57 7.83 58.77
CA ARG F 478 -20.58 7.19 59.64
C ARG F 478 -21.13 5.93 60.26
N LEU F 479 -22.41 5.93 60.66
CA LEU F 479 -23.02 4.73 61.23
C LEU F 479 -23.02 3.59 60.21
N ARG F 480 -23.37 3.88 58.97
CA ARG F 480 -23.37 2.86 57.92
C ARG F 480 -21.96 2.32 57.69
N ALA F 481 -20.97 3.21 57.65
CA ALA F 481 -19.59 2.77 57.47
C ALA F 481 -19.15 1.86 58.60
N LEU F 482 -19.47 2.23 59.84
CA LEU F 482 -19.10 1.39 60.98
C LEU F 482 -19.79 0.04 60.92
N LYS F 483 -21.08 0.03 60.53
CA LYS F 483 -21.78 -1.24 60.42
C LYS F 483 -21.13 -2.14 59.37
N ASN F 484 -20.76 -1.56 58.23
CA ASN F 484 -20.11 -2.35 57.19
C ASN F 484 -18.76 -2.87 57.66
N ARG F 485 -18.00 -2.04 58.38
CA ARG F 485 -16.70 -2.47 58.90
C ARG F 485 -16.88 -3.63 59.88
N GLN F 486 -17.85 -3.52 60.77
CA GLN F 486 -18.10 -4.59 61.72
C GLN F 486 -18.50 -5.87 61.00
N ASN F 487 -19.35 -5.75 59.99
CA ASN F 487 -19.77 -6.94 59.24
C ASN F 487 -18.58 -7.62 58.58
N LEU F 488 -17.72 -6.84 57.92
CA LEU F 488 -16.55 -7.43 57.28
C LEU F 488 -15.62 -8.08 58.30
N PHE F 489 -15.38 -7.40 59.42
CA PHE F 489 -14.49 -7.95 60.43
C PHE F 489 -15.02 -9.27 60.96
N GLN F 490 -16.30 -9.32 61.31
CA GLN F 490 -16.84 -10.55 61.87
C GLN F 490 -16.94 -11.66 60.84
N GLU F 491 -17.20 -11.31 59.57
CA GLU F 491 -17.19 -12.32 58.52
C GLU F 491 -15.82 -12.88 58.25
N GLU F 492 -14.76 -12.09 58.44
CA GLU F 492 -13.41 -12.61 58.42
C GLU F 492 -12.99 -13.17 59.78
N GLY F 493 -13.90 -13.15 60.75
CA GLY F 493 -13.64 -13.81 62.02
C GLY F 493 -12.64 -13.12 62.89
N MET F 494 -12.69 -11.79 62.98
CA MET F 494 -11.79 -11.04 63.83
C MET F 494 -12.21 -11.06 65.30
N ILE F 495 -13.45 -11.44 65.59
CA ILE F 495 -13.90 -11.56 66.97
C ILE F 495 -13.24 -12.71 67.71
N ASN F 496 -13.17 -13.89 67.11
CA ASN F 496 -12.53 -15.02 67.75
C ASN F 496 -11.05 -14.77 67.99
N LEU F 497 -10.40 -14.03 67.10
CA LEU F 497 -8.98 -13.71 67.28
C LEU F 497 -8.79 -12.81 68.51
N VAL F 498 -9.66 -11.82 68.67
CA VAL F 498 -9.60 -10.96 69.86
C VAL F 498 -9.86 -11.78 71.10
N LEU F 499 -10.83 -12.70 71.03
CA LEU F 499 -11.13 -13.55 72.17
C LEU F 499 -9.92 -14.41 72.54
N GLU F 500 -9.24 -14.96 71.53
CA GLU F 500 -8.05 -15.78 71.80
C GLU F 500 -6.95 -14.95 72.44
N CYS F 501 -6.73 -13.73 71.94
CA CYS F 501 -5.72 -12.87 72.55
C CYS F 501 -6.06 -12.57 74.01
N ILE F 502 -7.32 -12.26 74.28
CA ILE F 502 -7.75 -11.97 75.65
C ILE F 502 -7.57 -13.18 76.55
N ASP F 503 -7.97 -14.35 76.07
CA ASP F 503 -7.84 -15.57 76.86
C ASP F 503 -6.38 -15.89 77.16
N ARG F 504 -5.52 -15.75 76.14
CA ARG F 504 -4.11 -16.05 76.36
C ARG F 504 -3.43 -14.98 77.21
N LEU F 505 -4.02 -13.80 77.30
CA LEU F 505 -3.45 -12.79 78.19
C LEU F 505 -3.91 -12.97 79.63
N HIS F 506 -5.10 -13.51 79.86
CA HIS F 506 -5.55 -13.70 81.25
C HIS F 506 -4.81 -14.80 81.99
N VAL F 507 -3.98 -15.60 81.30
CA VAL F 507 -3.28 -16.67 82.01
C VAL F 507 -2.34 -16.08 83.05
N TYR F 508 -1.79 -14.91 82.78
CA TYR F 508 -0.96 -14.21 83.76
C TYR F 508 -1.85 -13.45 84.75
N SER F 509 -1.63 -13.69 86.04
CA SER F 509 -2.52 -13.13 87.06
C SER F 509 -2.44 -11.62 87.10
N SER F 510 -1.23 -11.06 87.02
CA SER F 510 -1.04 -9.64 87.23
C SER F 510 0.07 -9.13 86.31
N ALA F 511 0.22 -7.80 86.31
CA ALA F 511 1.28 -7.18 85.50
C ALA F 511 2.65 -7.62 85.96
N ALA F 512 2.85 -7.78 87.27
CA ALA F 512 4.11 -8.25 87.79
C ALA F 512 4.41 -9.66 87.29
N HIS F 513 3.40 -10.53 87.29
CA HIS F 513 3.58 -11.89 86.80
C HIS F 513 3.91 -11.90 85.31
N PHE F 514 3.22 -11.07 84.53
CA PHE F 514 3.49 -11.02 83.10
C PHE F 514 4.89 -10.46 82.83
N ALA F 515 5.31 -9.48 83.63
CA ALA F 515 6.67 -8.97 83.51
C ALA F 515 7.70 -10.03 83.85
N ASP F 516 7.45 -10.81 84.89
CA ASP F 516 8.33 -11.93 85.23
C ASP F 516 8.41 -12.94 84.10
N VAL F 517 7.30 -13.22 83.43
CA VAL F 517 7.33 -14.17 82.33
C VAL F 517 8.07 -13.59 81.12
N ALA F 518 7.58 -12.48 80.58
CA ALA F 518 8.11 -11.96 79.32
C ALA F 518 9.19 -10.91 79.51
N GLY F 519 8.84 -9.78 80.13
CA GLY F 519 9.75 -8.65 80.23
C GLY F 519 9.05 -7.46 80.83
N ARG F 520 9.85 -6.44 81.16
CA ARG F 520 9.31 -5.31 81.91
C ARG F 520 8.38 -4.44 81.07
N GLU F 521 8.67 -4.28 79.77
CA GLU F 521 7.73 -3.57 78.91
C GLU F 521 6.42 -4.32 78.80
N ALA F 522 6.49 -5.66 78.70
CA ALA F 522 5.29 -6.47 78.64
C ALA F 522 4.47 -6.30 79.91
N GLY F 523 5.12 -6.33 81.06
CA GLY F 523 4.42 -6.09 82.30
C GLY F 523 3.80 -4.71 82.39
N GLU F 524 4.52 -3.70 81.90
CA GLU F 524 3.98 -2.33 81.92
C GLU F 524 2.74 -2.20 81.06
N SER F 525 2.75 -2.81 79.87
CA SER F 525 1.68 -2.63 78.90
C SER F 525 0.61 -3.70 78.96
N TRP F 526 0.72 -4.68 79.85
CA TRP F 526 -0.25 -5.78 79.89
C TRP F 526 -1.67 -5.28 80.18
N LYS F 527 -1.84 -4.47 81.22
CA LYS F 527 -3.16 -3.96 81.55
C LYS F 527 -3.73 -3.09 80.44
N SER F 528 -2.88 -2.25 79.85
CA SER F 528 -3.32 -1.39 78.76
C SER F 528 -3.78 -2.22 77.56
N ILE F 529 -3.04 -3.28 77.24
CA ILE F 529 -3.41 -4.12 76.11
C ILE F 529 -4.73 -4.83 76.40
N LEU F 530 -4.92 -5.31 77.62
CA LEU F 530 -6.21 -5.93 77.96
C LEU F 530 -7.36 -4.94 77.83
N ASN F 531 -7.20 -3.73 78.36
CA ASN F 531 -8.27 -2.74 78.26
C ASN F 531 -8.56 -2.37 76.82
N SER F 532 -7.52 -2.20 76.00
CA SER F 532 -7.72 -1.85 74.61
C SER F 532 -8.39 -2.99 73.85
N LEU F 533 -8.04 -4.24 74.17
CA LEU F 533 -8.68 -5.37 73.53
C LEU F 533 -10.15 -5.45 73.88
N TYR F 534 -10.49 -5.21 75.15
CA TYR F 534 -11.90 -5.23 75.54
C TYR F 534 -12.67 -4.09 74.87
N GLU F 535 -12.05 -2.91 74.79
CA GLU F 535 -12.69 -1.79 74.10
C GLU F 535 -12.90 -2.12 72.63
N LEU F 536 -11.91 -2.76 71.99
CA LEU F 536 -12.05 -3.15 70.59
C LEU F 536 -13.18 -4.14 70.41
N LEU F 537 -13.30 -5.11 71.31
CA LEU F 537 -14.39 -6.07 71.21
C LEU F 537 -15.73 -5.36 71.34
N ALA F 538 -15.84 -4.44 72.30
CA ALA F 538 -17.07 -3.69 72.48
C ALA F 538 -17.41 -2.88 71.25
N ALA F 539 -16.41 -2.24 70.64
CA ALA F 539 -16.63 -1.47 69.42
C ALA F 539 -17.00 -2.34 68.23
N LEU F 540 -16.45 -3.55 68.14
CA LEU F 540 -16.77 -4.48 67.07
C LEU F 540 -18.17 -5.03 67.17
N ILE F 541 -18.69 -5.23 68.38
CA ILE F 541 -20.02 -5.82 68.54
C ILE F 541 -21.09 -4.78 68.82
N ARG F 542 -20.75 -3.52 69.09
CA ARG F 542 -21.75 -2.55 69.51
C ARG F 542 -22.68 -2.21 68.36
N GLY F 543 -23.99 -2.24 68.63
CA GLY F 543 -25.00 -1.86 67.67
C GLY F 543 -25.20 -2.81 66.53
N ASN F 544 -24.55 -3.97 66.54
CA ASN F 544 -24.64 -4.93 65.44
C ASN F 544 -25.30 -6.20 65.97
N ARG F 545 -26.57 -6.38 65.60
CA ARG F 545 -27.33 -7.52 66.11
C ARG F 545 -26.76 -8.86 65.66
N LYS F 546 -26.27 -8.96 64.42
CA LYS F 546 -25.65 -10.19 63.96
C LYS F 546 -24.43 -10.55 64.79
N ASN F 547 -23.54 -9.59 65.05
CA ASN F 547 -22.35 -9.88 65.86
C ASN F 547 -22.74 -10.23 67.29
N CYS F 548 -23.70 -9.51 67.87
CA CYS F 548 -24.10 -9.80 69.24
C CYS F 548 -24.79 -11.16 69.34
N ALA F 549 -25.46 -11.60 68.27
CA ALA F 549 -26.03 -12.94 68.23
C ALA F 549 -24.97 -14.02 68.09
N GLN F 550 -23.93 -13.78 67.27
CA GLN F 550 -22.82 -14.72 67.20
C GLN F 550 -21.99 -14.76 68.47
N PHE F 551 -22.05 -13.72 69.30
CA PHE F 551 -21.32 -13.70 70.56
C PHE F 551 -22.03 -14.46 71.67
N SER F 552 -23.21 -15.02 71.38
CA SER F 552 -23.95 -15.74 72.41
C SER F 552 -23.16 -16.94 72.92
N GLY F 553 -22.52 -17.68 72.02
CA GLY F 553 -21.76 -18.84 72.45
C GLY F 553 -20.65 -18.48 73.42
N SER F 554 -20.02 -17.32 73.21
CA SER F 554 -18.92 -16.89 74.06
C SER F 554 -19.38 -16.11 75.28
N LEU F 555 -20.65 -15.72 75.36
CA LEU F 555 -21.13 -14.98 76.53
C LEU F 555 -20.85 -15.74 77.82
N ASP F 556 -21.10 -17.05 77.84
CA ASP F 556 -20.89 -17.81 79.07
C ASP F 556 -19.44 -17.79 79.50
N TRP F 557 -18.52 -17.90 78.55
CA TRP F 557 -17.09 -17.79 78.85
C TRP F 557 -16.73 -16.37 79.30
N LEU F 558 -17.47 -15.37 78.79
CA LEU F 558 -17.16 -13.99 79.12
C LEU F 558 -17.48 -13.67 80.58
N ILE F 559 -18.61 -14.16 81.07
CA ILE F 559 -19.08 -13.82 82.41
C ILE F 559 -18.19 -14.53 83.43
N SER F 560 -17.45 -15.54 83.00
CA SER F 560 -16.60 -16.31 83.88
C SER F 560 -15.37 -15.55 84.36
N ARG F 561 -15.04 -14.42 83.74
CA ARG F 561 -13.92 -13.60 84.18
C ARG F 561 -14.37 -12.25 84.72
N LEU F 562 -15.66 -12.10 85.03
CA LEU F 562 -16.17 -10.81 85.50
C LEU F 562 -15.61 -10.46 86.87
N GLU F 563 -15.17 -11.46 87.63
CA GLU F 563 -14.72 -11.20 89.00
C GLU F 563 -13.37 -10.49 89.02
N ARG F 564 -12.55 -10.70 88.00
CA ARG F 564 -11.20 -10.12 88.00
C ARG F 564 -11.27 -8.61 87.83
N LEU F 565 -10.52 -7.89 88.67
CA LEU F 565 -10.41 -6.45 88.54
C LEU F 565 -9.61 -6.03 87.31
N GLU F 566 -8.85 -6.95 86.72
CA GLU F 566 -8.10 -6.66 85.51
C GLU F 566 -9.01 -6.42 84.31
N ALA F 567 -10.24 -6.92 84.34
CA ALA F 567 -11.11 -6.89 83.18
C ALA F 567 -12.57 -6.60 83.52
N SER F 568 -12.89 -6.18 84.75
CA SER F 568 -14.28 -6.08 85.16
C SER F 568 -15.02 -5.04 84.33
N SER F 569 -14.47 -3.85 84.18
CA SER F 569 -15.16 -2.78 83.46
C SER F 569 -15.38 -3.15 82.00
N GLY F 570 -14.34 -3.67 81.35
CA GLY F 570 -14.47 -4.04 79.95
C GLY F 570 -15.47 -5.16 79.73
N ILE F 571 -15.40 -6.20 80.56
CA ILE F 571 -16.36 -7.29 80.46
C ILE F 571 -17.78 -6.79 80.71
N LEU F 572 -17.96 -5.90 81.68
CA LEU F 572 -19.29 -5.36 81.94
C LEU F 572 -19.82 -4.58 80.75
N GLU F 573 -18.97 -3.76 80.12
CA GLU F 573 -19.39 -3.00 78.96
C GLU F 573 -19.76 -3.92 77.80
N VAL F 574 -18.95 -4.94 77.55
CA VAL F 574 -19.25 -5.88 76.48
C VAL F 574 -20.55 -6.60 76.75
N LEU F 575 -20.75 -7.04 78.00
CA LEU F 575 -22.00 -7.71 78.36
C LEU F 575 -23.20 -6.81 78.19
N HIS F 576 -23.09 -5.55 78.61
CA HIS F 576 -24.17 -4.60 78.41
C HIS F 576 -24.50 -4.40 76.93
N CYS F 577 -23.48 -4.22 76.09
CA CYS F 577 -23.74 -4.05 74.67
C CYS F 577 -24.44 -5.27 74.09
N VAL F 578 -23.97 -6.46 74.44
CA VAL F 578 -24.56 -7.68 73.89
C VAL F 578 -26.01 -7.82 74.34
N LEU F 579 -26.27 -7.61 75.63
CA LEU F 579 -27.63 -7.78 76.15
C LEU F 579 -28.58 -6.76 75.55
N VAL F 580 -28.14 -5.52 75.39
CA VAL F 580 -29.01 -4.50 74.79
C VAL F 580 -29.29 -4.85 73.33
N GLU F 581 -28.27 -5.31 72.59
CA GLU F 581 -28.43 -5.43 71.15
C GLU F 581 -29.16 -6.71 70.76
N SER F 582 -28.80 -7.85 71.36
CA SER F 582 -29.27 -9.14 70.87
C SER F 582 -30.33 -9.73 71.78
N PRO F 583 -31.57 -9.92 71.31
CA PRO F 583 -32.54 -10.68 72.10
C PRO F 583 -32.12 -12.10 72.37
N GLU F 584 -31.39 -12.72 71.44
CA GLU F 584 -30.97 -14.11 71.62
C GLU F 584 -30.00 -14.24 72.79
N ALA F 585 -29.33 -13.15 73.14
CA ALA F 585 -28.37 -13.19 74.24
C ALA F 585 -29.07 -13.51 75.56
N LEU F 586 -30.27 -12.98 75.75
CA LEU F 586 -30.96 -13.17 77.03
C LEU F 586 -31.32 -14.63 77.26
N ASN F 587 -31.61 -15.37 76.20
CA ASN F 587 -32.10 -16.74 76.34
C ASN F 587 -31.07 -17.70 76.91
N ILE F 588 -29.80 -17.31 76.99
CA ILE F 588 -28.80 -18.20 77.56
C ILE F 588 -28.39 -17.79 78.98
N ILE F 589 -28.77 -16.59 79.42
CA ILE F 589 -28.43 -16.16 80.78
C ILE F 589 -29.23 -17.00 81.77
N LYS F 590 -28.52 -17.72 82.62
CA LYS F 590 -29.12 -18.62 83.59
C LYS F 590 -28.95 -18.07 85.00
N GLU F 591 -29.35 -18.87 85.99
CA GLU F 591 -29.30 -18.43 87.38
C GLU F 591 -27.87 -18.15 87.82
N GLY F 592 -26.92 -18.97 87.37
CA GLY F 592 -25.55 -18.78 87.77
C GLY F 592 -24.97 -17.45 87.34
N HIS F 593 -25.21 -17.07 86.08
CA HIS F 593 -24.73 -15.79 85.58
C HIS F 593 -25.35 -14.61 86.30
N ILE F 594 -26.67 -14.63 86.52
CA ILE F 594 -27.33 -13.58 87.29
C ILE F 594 -26.78 -13.49 88.70
N LYS F 595 -26.56 -14.62 89.37
CA LYS F 595 -25.96 -14.62 90.69
C LYS F 595 -24.55 -14.04 90.69
N SER F 596 -23.75 -14.36 89.68
CA SER F 596 -22.41 -13.78 89.58
C SER F 596 -22.48 -12.27 89.38
N ILE F 597 -23.40 -11.81 88.53
CA ILE F 597 -23.54 -10.37 88.31
C ILE F 597 -23.94 -9.68 89.61
N ILE F 598 -24.86 -10.29 90.36
CA ILE F 598 -25.27 -9.69 91.63
C ILE F 598 -24.12 -9.70 92.63
N SER F 599 -23.36 -10.80 92.70
CA SER F 599 -22.24 -10.87 93.62
C SER F 599 -21.16 -9.86 93.25
N LEU F 600 -21.14 -9.43 91.99
CA LEU F 600 -20.24 -8.34 91.61
C LEU F 600 -20.53 -7.08 92.40
N LEU F 601 -21.81 -6.79 92.66
CA LEU F 601 -22.14 -5.65 93.51
C LEU F 601 -21.61 -5.84 94.92
N ASP F 602 -21.75 -7.04 95.49
CA ASP F 602 -21.29 -7.27 96.85
C ASP F 602 -19.78 -7.21 96.97
N LYS F 603 -19.05 -7.63 95.94
CA LYS F 603 -17.60 -7.66 96.04
C LYS F 603 -16.94 -6.35 95.63
N HIS F 604 -17.44 -5.70 94.57
CA HIS F 604 -16.83 -4.49 94.05
C HIS F 604 -17.52 -3.21 94.52
N GLY F 605 -18.53 -3.33 95.38
CA GLY F 605 -19.25 -2.16 95.84
C GLY F 605 -20.33 -1.73 94.86
N ARG F 606 -21.00 -0.63 95.22
CA ARG F 606 -22.08 -0.11 94.40
C ARG F 606 -21.56 0.43 93.08
N ASN F 607 -22.23 0.05 91.99
CA ASN F 607 -21.90 0.53 90.66
C ASN F 607 -23.14 0.49 89.81
N HIS F 608 -23.55 1.65 89.29
CA HIS F 608 -24.80 1.73 88.53
C HIS F 608 -24.72 0.96 87.21
N LYS F 609 -23.53 0.66 86.72
CA LYS F 609 -23.42 -0.12 85.48
C LYS F 609 -23.92 -1.55 85.68
N VAL F 610 -23.60 -2.16 86.82
CA VAL F 610 -24.15 -3.48 87.12
C VAL F 610 -25.67 -3.40 87.21
N LEU F 611 -26.19 -2.33 87.81
CA LEU F 611 -27.63 -2.15 87.90
C LEU F 611 -28.26 -2.04 86.51
N ASP F 612 -27.60 -1.32 85.61
CA ASP F 612 -28.13 -1.18 84.26
C ASP F 612 -28.08 -2.50 83.50
N VAL F 613 -27.02 -3.29 83.71
CA VAL F 613 -26.96 -4.61 83.10
C VAL F 613 -28.10 -5.48 83.61
N LEU F 614 -28.35 -5.43 84.92
CA LEU F 614 -29.48 -6.16 85.48
C LEU F 614 -30.81 -5.69 84.94
N CYS F 615 -30.99 -4.38 84.73
CA CYS F 615 -32.19 -3.86 84.11
C CYS F 615 -32.37 -4.38 82.69
N SER F 616 -31.29 -4.37 81.89
CA SER F 616 -31.36 -4.93 80.55
C SER F 616 -31.64 -6.42 80.56
N LEU F 617 -31.25 -7.11 81.63
CA LEU F 617 -31.62 -8.51 81.80
C LEU F 617 -33.10 -8.72 82.09
N CYS F 618 -33.85 -7.65 82.34
CA CYS F 618 -35.27 -7.76 82.66
C CYS F 618 -36.17 -7.57 81.46
N VAL F 619 -36.04 -6.44 80.76
CA VAL F 619 -36.85 -6.14 79.59
C VAL F 619 -35.91 -5.76 78.46
N CYS F 620 -36.02 -6.45 77.32
CA CYS F 620 -35.25 -6.15 76.13
C CYS F 620 -36.19 -6.01 74.95
N HIS F 621 -36.07 -4.89 74.24
CA HIS F 621 -36.88 -4.63 73.04
C HIS F 621 -38.38 -4.73 73.35
N GLY F 622 -38.78 -4.23 74.50
CA GLY F 622 -40.17 -4.23 74.88
C GLY F 622 -40.71 -5.56 75.34
N VAL F 623 -39.86 -6.57 75.54
CA VAL F 623 -40.28 -7.89 75.99
C VAL F 623 -39.65 -8.18 77.33
N ALA F 624 -40.47 -8.58 78.29
CA ALA F 624 -40.02 -8.85 79.65
C ALA F 624 -39.78 -10.35 79.82
N VAL F 625 -38.60 -10.70 80.33
CA VAL F 625 -38.27 -12.09 80.62
C VAL F 625 -38.60 -12.35 82.08
N ARG F 626 -39.71 -13.06 82.31
CA ARG F 626 -40.21 -13.24 83.67
C ARG F 626 -39.27 -14.09 84.51
N SER F 627 -38.61 -15.08 83.92
CA SER F 627 -37.66 -15.86 84.68
C SER F 627 -36.52 -15.01 85.21
N ASN F 628 -35.93 -14.17 84.36
CA ASN F 628 -34.86 -13.30 84.82
C ASN F 628 -35.37 -12.29 85.84
N GLN F 629 -36.58 -11.76 85.63
CA GLN F 629 -37.15 -10.84 86.61
C GLN F 629 -37.26 -11.51 87.98
N HIS F 630 -37.81 -12.72 88.02
CA HIS F 630 -37.98 -13.44 89.28
C HIS F 630 -36.63 -13.74 89.93
N LEU F 631 -35.66 -14.20 89.13
CA LEU F 631 -34.35 -14.52 89.69
C LEU F 631 -33.67 -13.29 90.26
N ILE F 632 -33.69 -12.17 89.53
CA ILE F 632 -33.06 -10.95 90.02
C ILE F 632 -33.73 -10.49 91.31
N CYS F 633 -35.07 -10.48 91.33
CA CYS F 633 -35.77 -10.11 92.55
C CYS F 633 -35.36 -11.00 93.72
N ASP F 634 -35.57 -12.30 93.60
CA ASP F 634 -35.33 -13.22 94.69
C ASP F 634 -33.88 -13.34 95.11
N ASN F 635 -32.94 -12.95 94.25
CA ASN F 635 -31.53 -13.03 94.62
C ASN F 635 -30.96 -11.71 95.10
N LEU F 636 -31.59 -10.59 94.79
CA LEU F 636 -31.06 -9.30 95.22
C LEU F 636 -31.87 -8.65 96.33
N LEU F 637 -33.19 -8.54 96.16
CA LEU F 637 -34.02 -7.75 97.06
C LEU F 637 -34.04 -8.26 98.51
N PRO F 638 -34.30 -9.55 98.76
CA PRO F 638 -34.54 -9.98 100.15
C PRO F 638 -33.38 -9.74 101.09
N GLY F 639 -32.15 -9.72 100.56
CA GLY F 639 -31.00 -9.54 101.43
C GLY F 639 -31.00 -8.21 102.15
N ARG F 640 -31.41 -7.15 101.47
CA ARG F 640 -31.39 -5.80 102.02
C ARG F 640 -30.01 -5.44 102.53
N ASP F 641 -28.98 -5.84 101.78
CA ASP F 641 -27.60 -5.60 102.17
C ASP F 641 -26.79 -4.83 101.14
N LEU F 642 -27.26 -4.75 99.89
CA LEU F 642 -26.53 -4.05 98.83
C LEU F 642 -27.22 -2.76 98.43
N LEU F 643 -28.50 -2.82 98.06
CA LEU F 643 -29.21 -1.61 97.67
C LEU F 643 -29.52 -0.75 98.90
N LEU F 644 -29.50 0.56 98.70
CA LEU F 644 -29.82 1.48 99.77
C LEU F 644 -31.29 1.34 100.16
N GLN F 645 -31.54 1.34 101.47
CA GLN F 645 -32.88 1.16 102.01
C GLN F 645 -33.48 2.50 102.41
N THR F 646 -34.80 2.59 102.31
CA THR F 646 -35.52 3.82 102.61
C THR F 646 -36.67 3.52 103.55
N ARG F 647 -37.02 4.53 104.36
CA ARG F 647 -38.06 4.40 105.35
C ARG F 647 -38.45 5.77 105.85
N LEU F 648 -39.71 5.92 106.26
CA LEU F 648 -40.19 7.14 106.86
C LEU F 648 -39.98 7.08 108.37
N VAL F 649 -39.33 8.10 108.92
CA VAL F 649 -39.05 8.17 110.35
C VAL F 649 -39.67 9.44 110.90
N ASN F 650 -40.40 9.31 112.01
CA ASN F 650 -40.99 10.47 112.65
C ASN F 650 -39.89 11.36 113.22
N HIS F 651 -40.05 12.67 113.02
CA HIS F 651 -39.12 13.61 113.61
C HIS F 651 -39.19 13.53 115.14
N VAL F 652 -38.03 13.53 115.77
CA VAL F 652 -37.94 13.40 117.22
C VAL F 652 -37.18 14.61 117.77
N SER F 653 -37.77 15.27 118.75
CA SER F 653 -37.16 16.40 119.42
C SER F 653 -36.84 16.06 120.87
N SER F 654 -35.91 16.82 121.44
CA SER F 654 -35.44 16.62 122.79
C SER F 654 -35.60 17.92 123.56
N MET F 655 -36.03 17.81 124.82
CA MET F 655 -36.27 18.97 125.67
C MET F 655 -35.62 18.74 127.02
N ARG F 656 -34.99 19.78 127.55
CA ARG F 656 -34.24 19.74 128.79
C ARG F 656 -34.41 21.04 129.57
N PRO F 657 -34.20 21.01 130.88
CA PRO F 657 -34.18 22.26 131.66
C PRO F 657 -32.84 22.96 131.54
N ASN F 658 -32.72 24.06 132.29
CA ASN F 658 -31.47 24.81 132.32
C ASN F 658 -30.39 24.13 133.15
N ILE F 659 -30.77 23.25 134.08
CA ILE F 659 -29.82 22.73 135.04
C ILE F 659 -28.74 21.91 134.35
N PHE F 660 -27.52 21.99 134.87
CA PHE F 660 -26.34 21.40 134.25
C PHE F 660 -25.59 20.57 135.29
N LEU F 661 -26.33 19.67 135.93
CA LEU F 661 -25.79 18.73 136.89
C LEU F 661 -24.46 18.14 136.44
N GLY F 662 -23.51 18.06 137.36
CA GLY F 662 -22.20 17.53 137.06
C GLY F 662 -21.54 16.96 138.31
N VAL F 663 -20.42 16.27 138.08
CA VAL F 663 -19.66 15.65 139.16
C VAL F 663 -18.18 15.91 138.92
N SER F 664 -17.46 16.23 139.98
CA SER F 664 -16.03 16.48 139.90
C SER F 664 -15.43 16.42 141.29
N GLU F 665 -14.12 16.24 141.34
CA GLU F 665 -13.42 16.22 142.62
C GLU F 665 -13.28 17.63 143.18
N GLY F 666 -13.61 17.78 144.46
CA GLY F 666 -13.49 19.07 145.11
C GLY F 666 -14.39 20.15 144.52
N SER F 667 -15.62 19.79 144.17
CA SER F 667 -16.57 20.73 143.60
C SER F 667 -17.81 20.77 144.48
N ALA F 668 -18.31 21.98 144.73
CA ALA F 668 -19.50 22.15 145.55
C ALA F 668 -20.74 21.75 144.75
N GLN F 669 -20.91 20.46 144.52
CA GLN F 669 -22.09 19.95 143.83
C GLN F 669 -22.58 18.71 144.57
N TYR F 670 -23.89 18.52 144.58
CA TYR F 670 -24.48 17.41 145.34
C TYR F 670 -24.68 16.23 144.39
N LYS F 671 -24.24 15.05 144.81
CA LYS F 671 -24.08 13.93 143.90
C LYS F 671 -25.39 13.22 143.58
N LYS F 672 -26.47 13.49 144.31
CA LYS F 672 -27.73 12.76 144.14
C LYS F 672 -28.82 13.72 143.69
N TRP F 673 -29.65 13.28 142.75
CA TRP F 673 -30.62 14.15 142.11
C TRP F 673 -31.84 13.37 141.69
N TYR F 674 -32.96 14.07 141.55
CA TYR F 674 -34.25 13.43 141.36
C TYR F 674 -35.21 14.38 140.65
N TYR F 675 -36.02 13.84 139.75
CA TYR F 675 -37.05 14.63 139.09
C TYR F 675 -38.15 13.71 138.58
N GLU F 676 -39.21 14.30 138.02
CA GLU F 676 -40.36 13.54 137.56
C GLU F 676 -40.90 14.09 136.26
N LEU F 677 -41.62 13.23 135.55
CA LEU F 677 -42.31 13.59 134.31
C LEU F 677 -43.65 12.87 134.28
N MET F 678 -44.73 13.63 134.08
CA MET F 678 -46.06 13.01 133.99
C MET F 678 -46.62 13.23 132.59
N VAL F 679 -47.12 12.17 131.98
CA VAL F 679 -47.63 12.22 130.62
C VAL F 679 -49.12 12.51 130.69
N ASP F 680 -49.51 13.78 130.52
CA ASP F 680 -50.93 14.12 130.56
C ASP F 680 -51.68 13.45 129.41
N HIS F 681 -51.08 13.40 128.23
CA HIS F 681 -51.72 12.79 127.07
C HIS F 681 -50.66 12.28 126.11
N THR F 682 -50.95 11.15 125.47
CA THR F 682 -50.08 10.60 124.44
C THR F 682 -50.91 9.73 123.50
N GLU F 683 -50.70 9.91 122.20
CA GLU F 683 -51.38 9.10 121.20
C GLU F 683 -50.44 8.00 120.72
N PRO F 684 -50.82 6.72 120.85
CA PRO F 684 -49.89 5.65 120.45
C PRO F 684 -49.47 5.73 118.99
N PHE F 685 -50.38 6.07 118.08
CA PHE F 685 -50.08 6.11 116.65
C PHE F 685 -50.70 7.38 116.05
N VAL F 686 -49.93 8.47 116.10
CA VAL F 686 -50.34 9.69 115.40
C VAL F 686 -50.21 9.48 113.90
N THR F 687 -49.15 8.79 113.48
CA THR F 687 -48.93 8.41 112.10
C THR F 687 -48.81 6.90 112.01
N ALA F 688 -48.42 6.41 110.83
CA ALA F 688 -48.24 4.97 110.66
C ALA F 688 -47.16 4.42 111.56
N GLU F 689 -46.16 5.23 111.91
CA GLU F 689 -45.11 4.81 112.81
C GLU F 689 -45.51 5.07 114.26
N ALA F 690 -44.95 4.27 115.16
CA ALA F 690 -45.26 4.40 116.58
C ALA F 690 -44.73 5.72 117.13
N THR F 691 -45.51 6.31 118.02
CA THR F 691 -45.11 7.56 118.64
C THR F 691 -43.96 7.32 119.63
N HIS F 692 -42.95 8.19 119.54
CA HIS F 692 -41.76 8.11 120.38
C HIS F 692 -41.97 8.96 121.62
N LEU F 693 -41.71 8.39 122.78
CA LEU F 693 -41.77 9.10 124.06
C LEU F 693 -40.84 8.38 125.03
N ARG F 694 -39.69 8.99 125.30
CA ARG F 694 -38.70 8.41 126.20
C ARG F 694 -38.18 9.49 127.13
N VAL F 695 -37.85 9.10 128.36
CA VAL F 695 -37.41 10.06 129.37
C VAL F 695 -36.17 9.54 130.07
N GLY F 696 -35.30 10.45 130.46
CA GLY F 696 -34.13 10.03 131.22
C GLY F 696 -33.14 11.18 131.36
N TRP F 697 -31.86 10.81 131.34
CA TRP F 697 -30.78 11.77 131.50
C TRP F 697 -29.86 11.74 130.30
N ALA F 698 -29.22 12.88 130.04
CA ALA F 698 -28.22 12.96 128.98
C ALA F 698 -27.02 13.73 129.51
N SER F 699 -25.86 13.43 128.95
CA SER F 699 -24.61 14.06 129.34
C SER F 699 -24.08 14.90 128.20
N THR F 700 -23.10 15.74 128.51
CA THR F 700 -22.44 16.59 127.54
C THR F 700 -20.97 16.22 127.49
N GLU F 701 -20.45 16.03 126.27
CA GLU F 701 -19.04 15.73 126.11
C GLU F 701 -18.20 16.90 126.58
N GLY F 702 -17.28 16.63 127.51
CA GLY F 702 -16.53 17.69 128.13
C GLY F 702 -17.44 18.58 128.97
N TYR F 703 -17.07 19.86 129.06
CA TYR F 703 -17.88 20.84 129.77
C TYR F 703 -18.59 21.81 128.85
N SER F 704 -18.70 21.50 127.57
CA SER F 704 -19.51 22.32 126.68
C SER F 704 -20.98 22.15 127.03
N PRO F 705 -21.78 23.21 126.94
CA PRO F 705 -23.22 23.10 127.22
C PRO F 705 -24.02 22.42 126.12
N TYR F 706 -23.41 22.11 125.00
CA TYR F 706 -24.03 21.44 123.87
C TYR F 706 -24.04 19.93 124.10
N PRO F 707 -25.20 19.28 124.04
CA PRO F 707 -25.23 17.82 124.19
C PRO F 707 -24.41 17.14 123.12
N GLY F 708 -23.71 16.08 123.52
CA GLY F 708 -22.78 15.43 122.62
C GLY F 708 -23.17 14.03 122.19
N GLY F 709 -22.64 13.58 121.07
CA GLY F 709 -22.83 12.23 120.61
C GLY F 709 -24.09 11.96 119.82
N GLY F 710 -24.96 12.95 119.66
CA GLY F 710 -26.21 12.75 118.95
C GLY F 710 -26.42 13.80 117.89
N GLU F 711 -27.23 13.44 116.91
CA GLU F 711 -27.59 14.37 115.83
C GLU F 711 -28.47 15.48 116.37
N GLU F 712 -28.25 16.70 115.86
CA GLU F 712 -29.06 17.83 116.30
C GLU F 712 -30.51 17.67 115.87
N TRP F 713 -30.73 17.13 114.67
CA TRP F 713 -32.07 16.87 114.16
C TRP F 713 -32.11 15.49 113.51
N GLY F 714 -33.27 14.88 113.54
CA GLY F 714 -33.46 13.56 112.96
C GLY F 714 -34.42 12.75 113.78
N GLY F 715 -34.38 11.44 113.59
CA GLY F 715 -35.22 10.51 114.30
C GLY F 715 -34.65 9.97 115.60
N ASN F 716 -33.49 10.47 116.03
CA ASN F 716 -32.86 9.99 117.24
C ASN F 716 -33.36 10.79 118.45
N GLY F 717 -33.17 10.19 119.63
CA GLY F 717 -33.58 10.83 120.85
C GLY F 717 -32.78 10.32 122.02
N VAL F 718 -33.42 10.33 123.19
CA VAL F 718 -32.81 9.83 124.42
C VAL F 718 -32.49 8.35 124.23
N GLY F 719 -31.28 7.95 124.60
CA GLY F 719 -30.88 6.55 124.55
C GLY F 719 -30.42 6.06 123.20
N ASP F 720 -30.47 6.91 122.17
CA ASP F 720 -30.03 6.51 120.84
C ASP F 720 -28.53 6.61 120.65
N ASP F 721 -27.81 7.14 121.64
CA ASP F 721 -26.36 7.21 121.61
C ASP F 721 -25.80 6.83 122.97
N LEU F 722 -24.47 6.77 123.05
CA LEU F 722 -23.79 6.39 124.27
C LEU F 722 -23.58 7.57 125.21
N PHE F 723 -24.22 8.70 124.95
CA PHE F 723 -24.19 9.85 125.85
C PHE F 723 -25.53 10.08 126.53
N SER F 724 -26.53 9.26 126.23
CA SER F 724 -27.87 9.46 126.76
C SER F 724 -28.39 8.15 127.31
N TYR F 725 -29.32 8.25 128.26
CA TYR F 725 -29.80 7.12 129.04
C TYR F 725 -31.29 7.29 129.24
N GLY F 726 -32.09 6.40 128.65
CA GLY F 726 -33.52 6.61 128.58
C GLY F 726 -34.32 5.42 129.04
N PHE F 727 -35.60 5.67 129.26
CA PHE F 727 -36.58 4.68 129.68
C PHE F 727 -37.87 5.01 128.95
N ASP F 728 -38.55 3.98 128.42
CA ASP F 728 -39.80 4.21 127.72
C ASP F 728 -40.98 3.45 128.31
N GLY F 729 -40.87 2.90 129.52
CA GLY F 729 -41.91 2.13 130.12
C GLY F 729 -41.71 0.64 130.00
N LEU F 730 -41.12 0.19 128.91
CA LEU F 730 -40.77 -1.21 128.71
C LEU F 730 -39.28 -1.45 128.53
N HIS F 731 -38.56 -0.48 127.98
CA HIS F 731 -37.17 -0.68 127.62
C HIS F 731 -36.31 0.39 128.25
N LEU F 732 -35.15 -0.03 128.73
CA LEU F 732 -34.04 0.88 128.99
C LEU F 732 -33.23 1.05 127.72
N TRP F 733 -32.95 2.30 127.36
CA TRP F 733 -32.38 2.63 126.06
C TRP F 733 -31.02 3.28 126.27
N SER F 734 -30.01 2.74 125.58
CA SER F 734 -28.67 3.33 125.62
C SER F 734 -27.91 2.83 124.41
N GLY F 735 -27.15 3.73 123.78
CA GLY F 735 -26.38 3.37 122.61
C GLY F 735 -27.20 2.81 121.48
N CYS F 736 -28.40 3.36 121.25
CA CYS F 736 -29.34 2.85 120.24
C CYS F 736 -29.68 1.39 120.46
N ILE F 737 -29.55 0.90 121.70
CA ILE F 737 -29.87 -0.47 122.05
C ILE F 737 -30.90 -0.45 123.18
N ALA F 738 -31.94 -1.27 123.03
CA ALA F 738 -33.03 -1.34 123.99
C ALA F 738 -32.99 -2.68 124.70
N ARG F 739 -33.01 -2.65 126.02
CA ARG F 739 -33.11 -3.86 126.83
C ARG F 739 -34.44 -3.83 127.58
N THR F 740 -35.20 -4.91 127.43
CA THR F 740 -36.49 -5.01 128.10
C THR F 740 -36.28 -5.13 129.60
N VAL F 741 -36.95 -4.27 130.37
CA VAL F 741 -36.79 -4.23 131.81
C VAL F 741 -38.14 -4.53 132.46
N SER F 742 -38.11 -5.38 133.48
CA SER F 742 -39.34 -5.78 134.14
C SER F 742 -39.87 -4.68 135.04
N SER F 743 -41.19 -4.67 135.22
CA SER F 743 -41.87 -3.67 136.04
C SER F 743 -43.25 -4.19 136.37
N PRO F 744 -43.81 -3.81 137.52
CA PRO F 744 -45.19 -4.19 137.81
C PRO F 744 -46.15 -3.54 136.83
N ASN F 745 -46.99 -4.35 136.20
CA ASN F 745 -47.93 -3.89 135.19
C ASN F 745 -47.21 -3.20 134.03
N GLN F 746 -46.39 -3.97 133.32
CA GLN F 746 -45.61 -3.44 132.21
C GLN F 746 -46.52 -2.81 131.16
N HIS F 747 -46.13 -1.63 130.69
CA HIS F 747 -46.84 -0.97 129.61
C HIS F 747 -45.97 0.14 129.05
N LEU F 748 -46.13 0.40 127.76
CA LEU F 748 -45.55 1.59 127.17
C LEU F 748 -46.20 2.82 127.79
N LEU F 749 -45.45 3.92 127.83
CA LEU F 749 -45.90 5.11 128.54
C LEU F 749 -47.27 5.57 128.03
N ARG F 750 -48.25 5.62 128.92
CA ARG F 750 -49.62 5.94 128.57
C ARG F 750 -50.01 7.29 129.16
N THR F 751 -51.28 7.64 128.99
CA THR F 751 -51.84 8.82 129.62
C THR F 751 -51.85 8.67 131.13
N ASP F 752 -51.49 9.76 131.82
CA ASP F 752 -51.47 9.81 133.27
C ASP F 752 -50.52 8.78 133.86
N ASP F 753 -49.27 8.86 133.41
CA ASP F 753 -48.18 8.04 133.94
C ASP F 753 -47.12 8.97 134.49
N VAL F 754 -46.65 8.69 135.70
CA VAL F 754 -45.64 9.49 136.37
C VAL F 754 -44.36 8.67 136.45
N ILE F 755 -43.30 9.18 135.83
CA ILE F 755 -41.99 8.53 135.81
C ILE F 755 -41.07 9.36 136.67
N SER F 756 -40.43 8.72 137.64
CA SER F 756 -39.50 9.39 138.53
C SER F 756 -38.08 8.91 138.23
N CYS F 757 -37.20 9.85 137.93
CA CYS F 757 -35.83 9.56 137.54
C CYS F 757 -34.88 9.98 138.65
N CYS F 758 -33.96 9.09 139.00
CA CYS F 758 -32.99 9.31 140.07
C CYS F 758 -31.60 9.11 139.51
N LEU F 759 -30.69 10.02 139.87
CA LEU F 759 -29.30 9.99 139.41
C LEU F 759 -28.36 10.05 140.60
N ASP F 760 -27.44 9.10 140.67
CA ASP F 760 -26.36 9.12 141.65
C ASP F 760 -25.03 9.15 140.92
N LEU F 761 -24.31 10.26 141.06
CA LEU F 761 -23.00 10.40 140.44
C LEU F 761 -21.86 9.90 141.32
N SER F 762 -22.11 9.69 142.61
CA SER F 762 -21.07 9.12 143.47
C SER F 762 -20.67 7.74 143.00
N ALA F 763 -21.65 6.86 142.83
CA ALA F 763 -21.47 5.60 142.12
C ALA F 763 -22.39 5.69 140.90
N PRO F 764 -21.85 5.74 139.69
CA PRO F 764 -22.68 6.05 138.51
C PRO F 764 -23.92 5.17 138.43
N SER F 765 -25.09 5.77 138.64
CA SER F 765 -26.32 5.00 138.71
C SER F 765 -27.48 5.86 138.23
N ILE F 766 -28.24 5.36 137.27
CA ILE F 766 -29.46 5.99 136.82
C ILE F 766 -30.59 4.99 137.06
N SER F 767 -31.60 5.40 137.82
CA SER F 767 -32.69 4.51 138.19
C SER F 767 -34.02 5.19 137.89
N PHE F 768 -35.03 4.36 137.65
CA PHE F 768 -36.35 4.83 137.30
C PHE F 768 -37.38 4.16 138.20
N ARG F 769 -38.47 4.87 138.45
CA ARG F 769 -39.61 4.31 139.16
C ARG F 769 -40.88 4.80 138.48
N ILE F 770 -41.71 3.86 138.03
CA ILE F 770 -42.95 4.18 137.34
C ILE F 770 -44.10 4.15 138.34
N ASN F 771 -44.84 5.26 138.42
CA ASN F 771 -46.02 5.38 139.27
C ASN F 771 -45.72 4.99 140.72
N GLY F 772 -44.49 5.23 141.17
CA GLY F 772 -44.07 4.86 142.50
C GLY F 772 -43.50 3.46 142.60
N GLN F 773 -43.84 2.56 141.70
CA GLN F 773 -43.26 1.23 141.69
C GLN F 773 -41.85 1.27 141.12
N PRO F 774 -40.95 0.44 141.64
CA PRO F 774 -39.56 0.51 141.19
C PRO F 774 -39.29 -0.30 139.94
N VAL F 775 -38.64 0.31 138.96
CA VAL F 775 -38.19 -0.40 137.78
C VAL F 775 -36.99 -1.25 138.13
N GLN F 776 -36.95 -2.48 137.62
CA GLN F 776 -35.97 -3.47 138.05
C GLN F 776 -34.71 -3.48 137.19
N GLY F 777 -34.32 -2.35 136.65
CA GLY F 777 -33.08 -2.24 135.91
C GLY F 777 -32.48 -0.87 136.09
N MET F 778 -31.15 -0.79 135.96
CA MET F 778 -30.48 0.49 136.15
C MET F 778 -29.20 0.56 135.33
N PHE F 779 -28.80 1.79 134.99
CA PHE F 779 -27.53 2.00 134.32
C PHE F 779 -26.43 2.15 135.36
N GLU F 780 -25.24 1.64 135.04
CA GLU F 780 -24.12 1.61 135.95
C GLU F 780 -22.85 2.02 135.21
N ASN F 781 -21.93 2.62 135.98
CA ASN F 781 -20.54 2.80 135.56
C ASN F 781 -20.44 3.52 134.23
N PHE F 782 -21.25 4.55 134.05
CA PHE F 782 -21.15 5.36 132.86
C PHE F 782 -20.11 6.46 133.05
N ASN F 783 -19.63 7.00 131.94
CA ASN F 783 -18.62 8.06 131.99
C ASN F 783 -19.18 9.27 132.71
N ILE F 784 -18.41 9.81 133.64
CA ILE F 784 -18.84 10.92 134.47
C ILE F 784 -18.03 12.17 134.23
N ASP F 785 -17.25 12.21 133.15
CA ASP F 785 -16.44 13.38 132.83
C ASP F 785 -17.23 14.37 131.96
N GLY F 786 -18.40 14.74 132.46
CA GLY F 786 -19.26 15.64 131.74
C GLY F 786 -20.34 16.20 132.66
N LEU F 787 -21.28 16.89 132.04
CA LEU F 787 -22.39 17.51 132.76
C LEU F 787 -23.69 16.81 132.37
N PHE F 788 -24.43 16.37 133.37
CA PHE F 788 -25.69 15.67 133.15
C PHE F 788 -26.86 16.64 133.28
N PHE F 789 -27.99 16.23 132.72
CA PHE F 789 -29.20 17.04 132.76
C PHE F 789 -30.40 16.17 132.40
N PRO F 790 -31.57 16.44 132.95
CA PRO F 790 -32.78 15.71 132.54
C PRO F 790 -33.11 16.00 131.10
N VAL F 791 -33.74 15.03 130.44
CA VAL F 791 -34.07 15.15 129.03
C VAL F 791 -35.25 14.25 128.72
N VAL F 792 -36.11 14.72 127.81
CA VAL F 792 -37.20 13.92 127.27
C VAL F 792 -37.15 14.02 125.76
N SER F 793 -37.24 12.87 125.09
CA SER F 793 -37.29 12.80 123.64
C SER F 793 -38.68 12.36 123.22
N PHE F 794 -39.19 12.93 122.14
CA PHE F 794 -40.55 12.65 121.74
C PHE F 794 -40.76 12.92 120.26
N SER F 795 -41.86 12.37 119.76
CA SER F 795 -42.38 12.68 118.44
C SER F 795 -43.73 13.34 118.62
N ALA F 796 -44.47 13.54 117.55
CA ALA F 796 -45.76 14.21 117.64
C ALA F 796 -46.73 13.42 118.51
N GLY F 797 -47.57 14.14 119.24
CA GLY F 797 -48.58 13.53 120.07
C GLY F 797 -48.21 13.37 121.53
N ILE F 798 -47.59 14.38 122.14
CA ILE F 798 -47.25 14.32 123.55
C ILE F 798 -47.79 15.55 124.26
N LYS F 799 -48.13 15.35 125.54
CA LYS F 799 -48.55 16.40 126.45
C LYS F 799 -47.86 16.17 127.79
N VAL F 800 -46.53 16.08 127.77
CA VAL F 800 -45.80 15.72 128.98
C VAL F 800 -45.65 16.95 129.86
N ARG F 801 -45.33 16.74 131.12
CA ARG F 801 -45.11 17.82 132.06
C ARG F 801 -43.95 17.48 132.99
N PHE F 802 -42.97 18.38 133.03
CA PHE F 802 -41.80 18.27 133.89
C PHE F 802 -42.19 18.70 135.28
N LEU F 803 -41.92 17.83 136.26
CA LEU F 803 -42.05 18.15 137.68
C LEU F 803 -40.64 18.13 138.24
N LEU F 804 -40.06 19.32 138.38
CA LEU F 804 -38.68 19.47 138.78
C LEU F 804 -38.54 19.65 140.29
N GLY F 805 -39.62 19.57 141.03
CA GLY F 805 -39.58 19.68 142.47
C GLY F 805 -39.74 21.11 142.94
N GLY F 806 -40.12 21.24 144.21
CA GLY F 806 -40.16 22.55 144.83
C GLY F 806 -41.23 23.45 144.27
N ARG F 807 -40.86 24.71 144.03
CA ARG F 807 -41.84 25.69 143.57
C ARG F 807 -42.21 25.45 142.11
N HIS F 808 -41.23 25.10 141.28
CA HIS F 808 -41.50 24.92 139.86
C HIS F 808 -42.49 23.78 139.63
N GLY F 809 -42.20 22.61 140.17
CA GLY F 809 -43.09 21.48 140.07
C GLY F 809 -43.28 20.85 141.43
N GLU F 810 -44.42 20.18 141.60
CA GLU F 810 -44.73 19.54 142.87
C GLU F 810 -44.65 18.03 142.71
N PHE F 811 -43.66 17.41 143.35
CA PHE F 811 -43.50 15.97 143.28
C PHE F 811 -44.73 15.26 143.82
N LYS F 812 -45.21 14.27 143.09
CA LYS F 812 -46.30 13.45 143.59
C LYS F 812 -45.80 12.39 144.56
N PHE F 813 -44.73 11.69 144.18
CA PHE F 813 -44.06 10.75 145.06
C PHE F 813 -42.83 11.40 145.66
N LEU F 814 -42.67 11.25 146.96
CA LEU F 814 -41.57 11.89 147.66
C LEU F 814 -40.24 11.34 147.15
N PRO F 815 -39.20 12.17 147.03
CA PRO F 815 -37.93 11.70 146.51
C PRO F 815 -37.33 10.63 147.40
N PRO F 816 -36.56 9.70 146.83
CA PRO F 816 -35.87 8.72 147.65
C PRO F 816 -34.89 9.42 148.57
N PRO F 817 -34.61 8.83 149.73
CA PRO F 817 -33.71 9.49 150.69
C PRO F 817 -32.36 9.82 150.07
N GLY F 818 -31.84 10.99 150.41
CA GLY F 818 -30.58 11.43 149.87
C GLY F 818 -30.72 12.26 148.61
N TYR F 819 -31.48 11.76 147.63
CA TYR F 819 -31.62 12.45 146.36
C TYR F 819 -32.27 13.81 146.56
N ALA F 820 -31.67 14.83 145.97
CA ALA F 820 -32.17 16.18 146.06
C ALA F 820 -32.90 16.56 144.80
N PRO F 821 -34.01 17.30 144.92
CA PRO F 821 -34.77 17.68 143.73
C PRO F 821 -33.98 18.59 142.81
N CYS F 822 -34.27 18.44 141.52
CA CYS F 822 -33.43 19.02 140.47
C CYS F 822 -33.45 20.54 140.44
N TYR F 823 -34.45 21.18 141.03
CA TYR F 823 -34.48 22.64 140.95
C TYR F 823 -33.39 23.27 141.79
N GLU F 824 -32.76 22.49 142.67
CA GLU F 824 -31.79 22.98 143.62
C GLU F 824 -30.42 23.19 142.99
N ALA F 825 -30.26 22.87 141.71
CA ALA F 825 -29.01 23.06 141.02
C ALA F 825 -28.98 24.33 140.17
N VAL F 826 -30.05 25.13 140.18
CA VAL F 826 -30.05 26.36 139.40
C VAL F 826 -29.10 27.36 140.02
N LEU F 827 -28.32 28.04 139.18
CA LEU F 827 -27.44 29.09 139.66
C LEU F 827 -28.27 30.27 140.17
N PRO F 828 -27.76 31.00 141.17
CA PRO F 828 -28.57 32.04 141.82
C PRO F 828 -29.09 33.10 140.87
N LYS F 829 -28.28 33.53 139.91
CA LYS F 829 -28.73 34.55 138.96
C LYS F 829 -29.68 33.98 137.93
N GLU F 830 -29.43 32.77 137.45
CA GLU F 830 -30.20 32.21 136.35
C GLU F 830 -31.57 31.75 136.82
N LYS F 831 -32.45 31.50 135.85
CA LYS F 831 -33.80 31.07 136.11
C LYS F 831 -34.04 29.71 135.46
N LEU F 832 -34.71 28.82 136.19
CA LEU F 832 -34.98 27.49 135.65
C LEU F 832 -36.08 27.56 134.59
N LYS F 833 -35.74 27.13 133.39
CA LYS F 833 -36.70 27.07 132.29
C LYS F 833 -36.40 25.84 131.45
N VAL F 834 -37.40 25.37 130.72
CA VAL F 834 -37.28 24.20 129.86
C VAL F 834 -37.12 24.68 128.43
N GLU F 835 -36.01 24.33 127.80
CA GLU F 835 -35.69 24.77 126.46
C GLU F 835 -35.26 23.57 125.62
N HIS F 836 -35.19 23.79 124.31
CA HIS F 836 -34.78 22.74 123.40
C HIS F 836 -33.35 22.31 123.69
N SER F 837 -33.11 21.00 123.59
CA SER F 837 -31.75 20.49 123.78
C SER F 837 -30.80 21.02 122.73
N ARG F 838 -31.24 21.11 121.49
CA ARG F 838 -30.42 21.61 120.41
C ARG F 838 -30.68 23.08 120.14
N GLU F 839 -29.75 23.71 119.41
CA GLU F 839 -29.80 25.15 119.23
C GLU F 839 -30.97 25.57 118.35
N TYR F 840 -31.16 24.92 117.21
CA TYR F 840 -32.11 25.39 116.23
C TYR F 840 -33.49 24.83 116.47
N LYS F 841 -34.50 25.57 116.00
CA LYS F 841 -35.89 25.24 116.27
C LYS F 841 -36.74 25.83 115.15
N GLN F 842 -38.04 25.58 115.23
CA GLN F 842 -38.96 26.00 114.19
C GLN F 842 -39.24 27.49 114.30
N GLU F 843 -38.90 28.24 113.26
CA GLU F 843 -39.10 29.68 113.23
C GLU F 843 -38.82 30.17 111.82
N ARG F 844 -39.21 31.42 111.55
CA ARG F 844 -38.96 32.04 110.25
C ARG F 844 -37.46 32.07 109.96
N THR F 845 -37.13 31.77 108.70
CA THR F 845 -35.72 31.60 108.33
C THR F 845 -34.93 32.90 108.52
N TYR F 846 -35.49 34.03 108.11
CA TYR F 846 -34.79 35.30 108.26
C TYR F 846 -34.69 35.72 109.72
N THR F 847 -35.56 35.21 110.60
CA THR F 847 -35.44 35.45 112.02
C THR F 847 -34.56 34.43 112.73
N ARG F 848 -34.33 33.29 112.10
CA ARG F 848 -33.58 32.22 112.73
C ARG F 848 -32.16 32.65 113.04
N ASP F 849 -31.75 32.45 114.29
CA ASP F 849 -30.43 32.85 114.75
C ASP F 849 -29.43 31.75 114.44
N LEU F 850 -28.40 32.09 113.67
CA LEU F 850 -27.30 31.16 113.43
C LEU F 850 -26.29 31.32 114.55
N LEU F 851 -25.94 30.22 115.20
CA LEU F 851 -25.04 30.23 116.34
C LEU F 851 -23.71 29.59 115.97
N GLY F 852 -22.62 30.23 116.38
CA GLY F 852 -21.31 29.65 116.25
C GLY F 852 -21.05 28.69 117.39
N PRO F 853 -19.82 28.18 117.48
CA PRO F 853 -19.49 27.29 118.59
C PRO F 853 -19.68 27.99 119.93
N THR F 854 -20.22 27.26 120.88
CA THR F 854 -20.41 27.81 122.22
C THR F 854 -19.12 27.72 123.02
N VAL F 855 -19.01 28.57 124.02
CA VAL F 855 -17.87 28.57 124.91
C VAL F 855 -18.06 27.46 125.94
N SER F 856 -16.96 26.94 126.45
CA SER F 856 -17.02 25.88 127.46
C SER F 856 -17.68 26.41 128.73
N LEU F 857 -18.38 25.50 129.42
CA LEU F 857 -19.13 25.87 130.61
C LEU F 857 -18.45 25.31 131.85
N THR F 858 -17.12 25.40 131.90
CA THR F 858 -16.37 24.91 133.05
C THR F 858 -16.76 25.62 134.34
N GLN F 859 -17.27 26.85 134.25
CA GLN F 859 -17.69 27.60 135.42
C GLN F 859 -18.92 27.01 136.09
N ALA F 860 -19.61 26.06 135.43
CA ALA F 860 -20.76 25.41 136.07
C ALA F 860 -20.33 24.65 137.32
N ALA F 861 -19.19 23.98 137.26
CA ALA F 861 -18.63 23.28 138.41
C ALA F 861 -17.66 24.23 139.11
N PHE F 862 -18.04 24.68 140.31
CA PHE F 862 -17.23 25.63 141.07
C PHE F 862 -16.27 24.84 141.96
N THR F 863 -15.05 24.64 141.46
CA THR F 863 -14.01 23.99 142.24
C THR F 863 -13.08 25.05 142.79
N PRO F 864 -13.01 25.23 144.11
CA PRO F 864 -12.15 26.28 144.68
C PRO F 864 -10.68 25.96 144.45
N ILE F 865 -9.95 26.93 143.92
CA ILE F 865 -8.52 26.81 143.69
C ILE F 865 -7.83 27.90 144.52
N PRO F 866 -7.45 27.63 145.76
CA PRO F 866 -6.79 28.65 146.58
C PRO F 866 -5.31 28.74 146.26
N VAL F 867 -4.76 29.95 146.32
CA VAL F 867 -3.34 30.13 146.07
C VAL F 867 -2.54 29.48 147.20
N ASP F 868 -1.65 28.56 146.83
CA ASP F 868 -0.87 27.86 147.84
C ASP F 868 0.09 28.82 148.54
N THR F 869 0.18 28.69 149.86
CA THR F 869 0.98 29.59 150.67
C THR F 869 2.04 28.88 151.50
N SER F 870 2.24 27.58 151.30
CA SER F 870 3.27 26.87 152.07
C SER F 870 4.66 27.39 151.75
N GLN F 871 4.91 27.72 150.47
CA GLN F 871 6.23 28.19 150.08
C GLN F 871 6.54 29.57 150.64
N ILE F 872 5.52 30.28 151.12
CA ILE F 872 5.72 31.66 151.56
C ILE F 872 6.47 31.69 152.87
N VAL F 873 7.52 32.51 152.92
CA VAL F 873 8.33 32.71 154.12
C VAL F 873 8.04 34.10 154.66
N LEU F 874 8.09 34.25 155.97
CA LEU F 874 7.66 35.50 156.59
C LEU F 874 8.87 36.40 156.83
N PRO F 875 8.88 37.61 156.27
CA PRO F 875 9.99 38.54 156.52
C PRO F 875 10.03 38.97 157.97
N PRO F 876 11.20 39.35 158.48
CA PRO F 876 11.33 39.64 159.93
C PRO F 876 10.43 40.76 160.41
N HIS F 877 10.20 41.79 159.60
CA HIS F 877 9.36 42.90 160.05
C HIS F 877 7.93 42.45 160.30
N LEU F 878 7.32 41.79 159.32
CA LEU F 878 6.01 41.19 159.54
C LEU F 878 6.07 40.19 160.69
N GLU F 879 7.20 39.52 160.85
CA GLU F 879 7.34 38.52 161.90
C GLU F 879 7.17 39.15 163.28
N ARG F 880 7.86 40.26 163.55
CA ARG F 880 7.78 40.80 164.90
C ARG F 880 6.64 41.79 165.05
N ILE F 881 5.91 42.07 163.97
CA ILE F 881 4.75 42.93 164.08
C ILE F 881 3.44 42.13 164.00
N ARG F 882 3.52 40.83 163.71
CA ARG F 882 2.33 40.02 163.47
C ARG F 882 1.39 39.99 164.66
N GLU F 883 1.91 39.92 165.88
CA GLU F 883 1.03 39.87 167.05
C GLU F 883 0.26 41.17 167.22
N LYS F 884 0.93 42.31 167.01
CA LYS F 884 0.23 43.59 167.06
C LYS F 884 -0.83 43.68 165.98
N LEU F 885 -0.49 43.24 164.76
CA LEU F 885 -1.51 43.15 163.71
C LEU F 885 -2.70 42.32 164.16
N ALA F 886 -2.45 41.13 164.70
CA ALA F 886 -3.55 40.24 165.07
C ALA F 886 -4.44 40.89 166.11
N GLU F 887 -3.85 41.41 167.19
CA GLU F 887 -4.66 41.98 168.26
C GLU F 887 -5.40 43.24 167.80
N ASN F 888 -4.73 44.09 167.03
CA ASN F 888 -5.35 45.34 166.60
C ASN F 888 -6.49 45.06 165.63
N ILE F 889 -6.29 44.11 164.71
CA ILE F 889 -7.40 43.77 163.78
C ILE F 889 -8.49 43.02 164.57
N HIS F 890 -8.13 42.25 165.60
CA HIS F 890 -9.19 41.60 166.41
C HIS F 890 -10.03 42.67 167.10
N GLU F 891 -9.36 43.68 167.67
CA GLU F 891 -10.08 44.80 168.33
C GLU F 891 -10.87 45.55 167.27
N LEU F 892 -10.29 45.70 166.07
CA LEU F 892 -10.97 46.40 164.97
C LEU F 892 -12.27 45.65 164.64
N TRP F 893 -12.22 44.33 164.69
CA TRP F 893 -13.44 43.51 164.42
C TRP F 893 -14.50 43.73 165.50
N VAL F 894 -14.06 43.85 166.76
CA VAL F 894 -15.03 44.14 167.85
C VAL F 894 -15.52 45.58 167.67
N MET F 895 -14.84 46.37 166.83
CA MET F 895 -15.37 47.69 166.50
C MET F 895 -16.39 47.60 165.36
N ASN F 896 -16.11 46.72 164.40
CA ASN F 896 -17.05 46.47 163.28
C ASN F 896 -18.33 45.94 163.91
N LYS F 897 -18.18 45.08 164.93
CA LYS F 897 -19.36 44.45 165.59
C LYS F 897 -20.20 45.53 166.27
N ILE F 898 -19.57 46.48 166.94
CA ILE F 898 -20.32 47.54 167.70
C ILE F 898 -20.93 48.51 166.69
N GLU F 899 -20.28 48.71 165.55
CA GLU F 899 -20.87 49.54 164.50
C GLU F 899 -22.12 48.88 163.94
N LEU F 900 -22.08 47.57 163.72
CA LEU F 900 -23.23 46.81 163.29
C LEU F 900 -24.29 46.68 164.39
N GLY F 901 -23.96 47.05 165.62
CA GLY F 901 -24.91 46.99 166.72
C GLY F 901 -24.73 45.83 167.66
N TRP F 902 -23.62 45.09 167.53
CA TRP F 902 -23.39 43.94 168.38
C TRP F 902 -22.80 44.37 169.71
N GLN F 903 -23.37 43.85 170.80
CA GLN F 903 -22.97 44.24 172.14
C GLN F 903 -22.43 43.04 172.89
N TYR F 904 -21.63 43.33 173.92
CA TYR F 904 -20.85 42.30 174.59
C TYR F 904 -21.65 41.61 175.69
N GLY F 905 -21.41 40.31 175.85
CA GLY F 905 -22.09 39.53 176.85
C GLY F 905 -21.27 38.33 177.29
N PRO F 906 -21.82 37.53 178.20
CA PRO F 906 -21.07 36.39 178.74
C PRO F 906 -21.06 35.15 177.86
N VAL F 907 -22.17 34.88 177.16
CA VAL F 907 -22.44 33.55 176.60
C VAL F 907 -22.64 33.67 175.09
N ARG F 908 -22.40 32.58 174.38
CA ARG F 908 -22.52 32.53 172.92
C ARG F 908 -23.95 32.09 172.56
N ASP F 909 -24.83 33.07 172.35
CA ASP F 909 -26.19 32.82 171.88
C ASP F 909 -26.65 33.98 171.02
N ASP F 910 -26.77 33.72 169.71
CA ASP F 910 -26.96 34.81 168.74
C ASP F 910 -28.25 35.57 168.98
N ASN F 911 -29.27 34.89 169.55
CA ASN F 911 -30.55 35.55 169.78
C ASN F 911 -30.43 36.69 170.79
N LYS F 912 -29.61 36.48 171.83
CA LYS F 912 -29.50 37.49 172.89
C LYS F 912 -28.51 38.59 172.55
N ARG F 913 -27.74 38.41 171.47
CA ARG F 913 -26.89 39.48 170.91
C ARG F 913 -25.82 39.93 171.88
N GLN F 914 -25.53 39.12 172.89
CA GLN F 914 -24.58 39.46 173.95
C GLN F 914 -23.52 38.39 174.03
N HIS F 915 -22.35 38.63 173.41
CA HIS F 915 -21.35 37.58 173.31
C HIS F 915 -20.00 38.01 173.87
N PRO F 916 -19.16 37.07 174.38
CA PRO F 916 -17.82 37.41 174.87
C PRO F 916 -16.87 37.63 173.69
N CYS F 917 -17.34 37.38 172.47
CA CYS F 917 -16.51 37.55 171.25
C CYS F 917 -16.12 39.02 171.09
N LEU F 918 -16.99 39.95 171.46
CA LEU F 918 -16.70 41.39 171.22
C LEU F 918 -15.83 41.93 172.36
N VAL F 919 -15.78 41.24 173.50
CA VAL F 919 -14.90 41.67 174.58
C VAL F 919 -13.46 41.39 174.16
N GLU F 920 -12.50 41.98 174.89
CA GLU F 920 -11.08 41.85 174.61
C GLU F 920 -10.67 40.39 174.41
N PHE F 921 -9.54 40.21 173.71
CA PHE F 921 -9.10 38.87 173.33
C PHE F 921 -8.83 38.00 174.55
N SER F 922 -8.46 38.61 175.67
CA SER F 922 -8.23 37.83 176.89
C SER F 922 -9.51 37.16 177.36
N LYS F 923 -10.62 37.91 177.37
CA LYS F 923 -11.91 37.32 177.74
C LYS F 923 -12.50 36.52 176.59
N LEU F 924 -12.02 36.75 175.37
CA LEU F 924 -12.35 35.89 174.25
C LEU F 924 -11.85 34.48 174.52
N PRO F 925 -12.58 33.46 174.08
CA PRO F 925 -12.01 32.11 174.04
C PRO F 925 -10.66 32.10 173.34
N GLU F 926 -9.63 31.62 174.04
CA GLU F 926 -8.29 31.66 173.47
C GLU F 926 -8.18 30.77 172.24
N GLN F 927 -9.11 29.81 172.11
CA GLN F 927 -9.12 28.98 170.88
C GLN F 927 -9.46 29.89 169.69
N GLU F 928 -10.54 30.66 169.79
CA GLU F 928 -10.95 31.56 168.69
C GLU F 928 -9.86 32.61 168.47
N ARG F 929 -9.28 33.13 169.55
CA ARG F 929 -8.26 34.20 169.42
C ARG F 929 -7.07 33.65 168.63
N ASN F 930 -6.62 32.44 168.98
CA ASN F 930 -5.49 31.81 168.24
C ASN F 930 -5.92 31.54 166.81
N TYR F 931 -7.14 31.06 166.62
CA TYR F 931 -7.60 30.70 165.25
C TYR F 931 -7.65 31.96 164.40
N ASN F 932 -8.05 33.08 165.00
CA ASN F 932 -8.07 34.38 164.26
C ASN F 932 -6.65 34.76 163.88
N LEU F 933 -5.70 34.63 164.81
CA LEU F 933 -4.30 35.05 164.56
C LEU F 933 -3.69 34.16 163.47
N GLN F 934 -3.95 32.86 163.52
CA GLN F 934 -3.44 31.93 162.49
C GLN F 934 -4.08 32.30 161.16
N MET F 935 -5.36 32.66 161.20
CA MET F 935 -6.10 33.06 159.97
C MET F 935 -5.39 34.28 159.40
N SER F 936 -4.89 35.15 160.27
CA SER F 936 -4.25 36.41 159.78
C SER F 936 -2.86 36.03 159.29
N LEU F 937 -2.17 35.13 159.99
CA LEU F 937 -0.90 34.67 159.46
C LEU F 937 -1.07 34.16 158.03
N GLU F 938 -2.09 33.34 157.80
CA GLU F 938 -2.34 32.83 156.45
C GLU F 938 -2.71 33.94 155.49
N THR F 939 -3.49 34.91 155.93
CA THR F 939 -3.89 36.04 155.10
C THR F 939 -2.71 36.92 154.71
N LEU F 940 -1.82 37.24 155.65
CA LEU F 940 -0.63 37.99 155.31
C LEU F 940 0.32 37.17 154.43
N LYS F 941 0.38 35.86 154.64
CA LYS F 941 1.20 35.02 153.78
C LYS F 941 0.66 35.00 152.36
N THR F 942 -0.68 34.94 152.22
CA THR F 942 -1.26 35.03 150.89
C THR F 942 -1.05 36.40 150.28
N LEU F 943 -1.04 37.45 151.13
CA LEU F 943 -0.75 38.80 150.65
C LEU F 943 0.63 38.85 150.03
N LEU F 944 1.60 38.27 150.73
CA LEU F 944 2.96 38.13 150.20
C LEU F 944 2.99 37.26 148.95
N ALA F 945 2.18 36.19 148.89
CA ALA F 945 2.10 35.37 147.69
C ALA F 945 1.49 36.11 146.51
N LEU F 946 0.78 37.20 146.74
CA LEU F 946 0.14 37.96 145.67
C LEU F 946 1.13 38.65 144.75
N GLY F 947 2.43 38.42 144.93
CA GLY F 947 3.43 39.10 144.14
C GLY F 947 3.64 40.54 144.51
N CYS F 948 2.98 41.00 145.57
CA CYS F 948 3.09 42.38 146.04
C CYS F 948 4.19 42.46 147.08
N HIS F 949 5.21 43.26 146.79
CA HIS F 949 6.27 43.45 147.77
C HIS F 949 5.80 44.40 148.86
N VAL F 950 6.33 44.21 150.06
CA VAL F 950 5.96 45.03 151.21
C VAL F 950 7.21 45.63 151.81
N GLY F 951 7.18 46.92 152.10
CA GLY F 951 8.32 47.58 152.69
C GLY F 951 7.96 48.46 153.86
N ILE F 952 8.71 48.32 154.96
CA ILE F 952 8.48 49.20 156.11
C ILE F 952 8.93 50.60 155.75
N SER F 953 8.11 51.59 156.11
CA SER F 953 8.43 52.98 155.78
C SER F 953 9.50 53.52 156.71
N ASP F 954 9.22 53.52 158.02
CA ASP F 954 10.16 54.07 159.00
C ASP F 954 9.84 53.49 160.37
N GLU F 955 10.82 53.59 161.27
CA GLU F 955 10.62 53.15 162.64
C GLU F 955 9.77 54.13 163.43
N HIS F 956 9.76 55.40 163.02
CA HIS F 956 8.99 56.40 163.76
C HIS F 956 7.50 56.22 163.53
N ALA F 957 7.12 55.63 162.40
CA ALA F 957 5.72 55.31 162.14
C ALA F 957 5.16 54.31 163.14
N GLU F 958 6.03 53.50 163.77
CA GLU F 958 5.64 52.65 164.89
C GLU F 958 5.93 53.28 166.23
N ASP F 959 6.96 54.13 166.32
CA ASP F 959 7.24 54.84 167.56
C ASP F 959 6.08 55.73 167.97
N LYS F 960 5.50 56.47 167.03
CA LYS F 960 4.27 57.22 167.27
C LYS F 960 3.14 56.47 166.59
N VAL F 961 2.19 55.99 167.40
CA VAL F 961 1.02 55.28 166.91
C VAL F 961 -0.23 56.02 167.38
N LYS F 962 -0.79 56.85 166.50
CA LYS F 962 -1.97 57.62 166.87
C LYS F 962 -3.22 56.74 166.77
N LYS F 963 -4.22 57.10 167.56
CA LYS F 963 -5.37 56.24 167.80
C LYS F 963 -6.57 57.12 168.09
N MET F 964 -7.56 57.14 167.19
CA MET F 964 -8.71 58.01 167.41
C MET F 964 -9.44 57.59 168.67
N LYS F 965 -9.94 58.57 169.41
CA LYS F 965 -10.85 58.26 170.51
C LYS F 965 -12.25 58.07 169.96
N LEU F 966 -12.98 57.12 170.54
CA LEU F 966 -14.29 56.75 170.05
C LEU F 966 -15.34 56.98 171.12
N PRO F 967 -16.58 57.25 170.72
CA PRO F 967 -17.65 57.41 171.72
C PRO F 967 -17.84 56.14 172.53
N LYS F 968 -18.24 56.33 173.79
CA LYS F 968 -18.33 55.22 174.73
C LYS F 968 -19.29 54.13 174.23
N ASN F 969 -20.41 54.53 173.62
CA ASN F 969 -21.30 53.55 173.01
C ASN F 969 -20.60 52.80 171.88
N TYR F 970 -19.83 53.53 171.07
CA TYR F 970 -19.07 52.88 170.00
C TYR F 970 -17.84 52.16 170.56
N GLN F 971 -17.25 52.69 171.63
CA GLN F 971 -16.04 52.11 172.18
C GLN F 971 -16.35 50.88 173.02
N LEU F 972 -15.43 49.92 172.99
CA LEU F 972 -15.52 48.71 173.79
C LEU F 972 -15.13 49.00 175.23
N THR F 973 -15.33 48.00 176.09
CA THR F 973 -14.90 48.11 177.48
C THR F 973 -13.40 48.34 177.58
N SER F 974 -12.65 47.95 176.55
CA SER F 974 -11.21 48.15 176.54
C SER F 974 -10.88 49.63 176.65
N GLY F 975 -9.90 49.95 177.50
CA GLY F 975 -9.56 51.34 177.73
C GLY F 975 -9.00 52.03 176.51
N TYR F 976 -8.01 51.41 175.87
CA TYR F 976 -7.41 52.03 174.69
C TYR F 976 -8.28 51.75 173.46
N LYS F 977 -8.51 52.79 172.67
CA LYS F 977 -9.40 52.67 171.52
C LYS F 977 -8.76 51.81 170.45
N PRO F 978 -9.48 50.85 169.89
CA PRO F 978 -8.93 50.04 168.79
C PRO F 978 -8.60 50.85 167.55
N ALA F 979 -9.33 51.94 167.34
CA ALA F 979 -9.26 52.73 166.11
C ALA F 979 -7.84 53.20 165.82
N PRO F 980 -7.18 52.63 164.82
CA PRO F 980 -5.78 53.01 164.54
C PRO F 980 -5.71 54.34 163.80
N MET F 981 -4.53 54.73 163.32
CA MET F 981 -4.37 55.96 162.55
C MET F 981 -5.47 56.11 161.50
N ASP F 982 -5.93 57.35 161.30
CA ASP F 982 -7.24 57.58 160.70
C ASP F 982 -7.30 57.11 159.25
N LEU F 983 -8.45 56.51 158.90
CA LEU F 983 -8.69 56.06 157.54
C LEU F 983 -8.68 57.24 156.56
N SER F 984 -9.00 58.44 157.05
CA SER F 984 -8.91 59.62 156.19
C SER F 984 -7.47 59.89 155.78
N PHE F 985 -6.54 59.82 156.73
CA PHE F 985 -5.13 59.98 156.39
C PHE F 985 -4.65 58.83 155.53
N ILE F 986 -5.07 57.60 155.84
CA ILE F 986 -4.63 56.47 155.05
C ILE F 986 -5.32 56.49 153.69
N LYS F 987 -4.59 56.09 152.66
CA LYS F 987 -5.09 56.18 151.30
C LYS F 987 -5.02 54.81 150.62
N LEU F 988 -5.99 54.56 149.73
CA LEU F 988 -6.11 53.31 149.02
C LEU F 988 -5.97 53.57 147.52
N THR F 989 -5.01 52.89 146.89
CA THR F 989 -4.86 53.04 145.45
C THR F 989 -5.74 52.03 144.73
N PRO F 990 -6.05 52.27 143.45
CA PRO F 990 -6.84 51.27 142.69
C PRO F 990 -6.18 49.90 142.62
N SER F 991 -4.85 49.84 142.50
CA SER F 991 -4.17 48.55 142.53
C SER F 991 -4.31 47.89 143.90
N GLN F 992 -4.24 48.69 144.97
CA GLN F 992 -4.45 48.14 146.30
C GLN F 992 -5.87 47.60 146.45
N GLU F 993 -6.86 48.30 145.90
CA GLU F 993 -8.22 47.76 145.95
C GLU F 993 -8.37 46.50 145.11
N ALA F 994 -7.68 46.42 143.97
CA ALA F 994 -7.70 45.20 143.17
C ALA F 994 -7.10 44.02 143.93
N MET F 995 -5.99 44.22 144.63
CA MET F 995 -5.47 43.12 145.43
C MET F 995 -6.32 42.85 146.67
N VAL F 996 -7.03 43.84 147.21
CA VAL F 996 -8.06 43.58 148.20
C VAL F 996 -9.12 42.63 147.65
N ASP F 997 -9.58 42.88 146.44
CA ASP F 997 -10.52 41.96 145.79
C ASP F 997 -9.92 40.58 145.60
N LYS F 998 -8.65 40.50 145.20
CA LYS F 998 -8.00 39.20 145.04
C LYS F 998 -7.93 38.45 146.37
N LEU F 999 -7.58 39.16 147.44
CA LEU F 999 -7.47 38.54 148.75
C LEU F 999 -8.84 38.09 149.24
N ALA F 1000 -9.88 38.88 148.96
CA ALA F 1000 -11.24 38.47 149.29
C ALA F 1000 -11.63 37.22 148.52
N GLU F 1001 -11.24 37.15 147.24
CA GLU F 1001 -11.46 35.94 146.45
C GLU F 1001 -10.81 34.74 147.11
N ASN F 1002 -9.55 34.87 147.51
CA ASN F 1002 -8.83 33.72 148.05
C ASN F 1002 -9.35 33.33 149.42
N ALA F 1003 -9.79 34.31 150.22
CA ALA F 1003 -10.37 34.00 151.52
C ALA F 1003 -11.65 33.19 151.36
N HIS F 1004 -12.50 33.58 150.42
CA HIS F 1004 -13.69 32.78 150.13
C HIS F 1004 -13.35 31.42 149.58
N ASN F 1005 -12.29 31.32 148.77
CA ASN F 1005 -11.84 30.02 148.30
C ASN F 1005 -11.42 29.13 149.46
N VAL F 1006 -10.72 29.73 150.43
CA VAL F 1006 -10.20 28.87 151.53
C VAL F 1006 -11.38 28.60 152.46
N TRP F 1007 -12.35 29.51 152.46
CA TRP F 1007 -13.56 29.27 153.27
C TRP F 1007 -14.28 28.08 152.65
N ALA F 1008 -14.32 28.02 151.32
CA ALA F 1008 -15.06 26.96 150.60
C ALA F 1008 -14.35 25.62 150.73
N ARG F 1009 -13.07 25.58 150.45
CA ARG F 1009 -12.31 24.33 150.56
C ARG F 1009 -12.45 23.74 151.96
N ASP F 1010 -12.54 24.61 152.95
CA ASP F 1010 -12.76 24.12 154.33
C ASP F 1010 -14.11 23.43 154.35
N ARG F 1011 -15.10 24.01 153.67
CA ARG F 1011 -16.46 23.44 153.61
C ARG F 1011 -16.45 22.10 152.86
N ILE F 1012 -15.66 22.01 151.79
CA ILE F 1012 -15.56 20.74 151.00
C ILE F 1012 -14.96 19.68 151.91
N ARG F 1013 -13.98 20.08 152.73
CA ARG F 1013 -13.42 19.12 153.71
C ARG F 1013 -14.56 18.73 154.64
N GLN F 1014 -15.39 19.71 155.01
CA GLN F 1014 -16.58 19.43 155.84
C GLN F 1014 -17.48 18.48 155.06
N GLY F 1015 -17.48 18.59 153.74
CA GLY F 1015 -18.41 17.78 152.92
C GLY F 1015 -19.66 18.57 152.63
N TRP F 1016 -19.68 19.84 153.04
CA TRP F 1016 -20.84 20.71 152.71
C TRP F 1016 -20.89 20.84 151.19
N THR F 1017 -22.08 20.72 150.59
CA THR F 1017 -22.21 20.95 149.13
C THR F 1017 -23.23 22.04 148.84
N TYR F 1018 -23.08 22.75 147.72
CA TYR F 1018 -23.95 23.87 147.36
C TYR F 1018 -25.41 23.49 147.49
N GLY F 1019 -26.22 24.44 147.94
CA GLY F 1019 -27.66 24.29 147.97
C GLY F 1019 -28.34 25.65 147.91
N ILE F 1020 -29.32 25.80 147.04
CA ILE F 1020 -30.01 27.09 146.91
C ILE F 1020 -30.63 27.49 148.23
N GLN F 1021 -31.14 26.49 148.94
CA GLN F 1021 -31.67 26.72 150.31
C GLN F 1021 -30.50 26.45 151.26
N GLN F 1022 -30.27 27.30 152.26
CA GLN F 1022 -29.18 26.95 153.22
C GLN F 1022 -29.66 25.77 154.06
N ASP F 1023 -28.80 24.75 154.24
CA ASP F 1023 -29.14 23.57 155.08
C ASP F 1023 -27.92 23.21 155.92
N VAL F 1024 -28.11 22.95 157.22
CA VAL F 1024 -27.03 22.53 158.10
C VAL F 1024 -27.01 21.02 158.26
N LYS F 1025 -28.18 20.39 158.41
CA LYS F 1025 -28.23 18.93 158.50
C LYS F 1025 -27.80 18.29 157.20
N ASN F 1026 -28.25 18.81 156.06
CA ASN F 1026 -27.82 18.35 154.76
C ASN F 1026 -26.58 19.07 154.28
N ARG F 1027 -26.04 19.99 155.07
CA ARG F 1027 -24.81 20.72 154.79
C ARG F 1027 -24.85 21.35 153.39
N ARG F 1028 -25.95 22.03 153.09
CA ARG F 1028 -26.12 22.62 151.73
C ARG F 1028 -26.03 24.15 151.83
N ASN F 1029 -24.88 24.74 151.53
CA ASN F 1029 -24.76 26.21 151.71
C ASN F 1029 -24.82 26.89 150.34
N PRO F 1030 -25.76 27.82 150.08
CA PRO F 1030 -25.82 28.44 148.77
C PRO F 1030 -24.74 29.52 148.78
N ARG F 1031 -23.82 29.41 149.74
CA ARG F 1031 -22.70 30.37 149.83
C ARG F 1031 -21.45 29.68 149.28
N LEU F 1032 -21.63 28.49 148.70
CA LEU F 1032 -20.48 27.72 148.15
C LEU F 1032 -20.41 28.00 146.66
N VAL F 1033 -20.41 29.29 146.29
CA VAL F 1033 -20.34 29.75 144.91
C VAL F 1033 -19.12 30.65 144.82
N PRO F 1034 -18.58 30.90 143.64
CA PRO F 1034 -17.43 31.82 143.54
C PRO F 1034 -17.80 33.21 144.05
N TYR F 1035 -16.79 33.89 144.59
CA TYR F 1035 -17.00 35.21 145.20
C TYR F 1035 -17.60 36.20 144.21
N THR F 1036 -17.39 35.96 142.91
CA THR F 1036 -18.04 36.79 141.89
C THR F 1036 -19.55 36.68 141.98
N LEU F 1037 -20.06 35.47 142.23
CA LEU F 1037 -21.49 35.25 142.31
C LEU F 1037 -22.02 35.23 143.74
N LEU F 1038 -21.19 35.58 144.72
CA LEU F 1038 -21.64 35.56 146.11
C LEU F 1038 -22.64 36.70 146.35
N ASP F 1039 -23.47 36.53 147.37
CA ASP F 1039 -24.43 37.56 147.73
C ASP F 1039 -23.72 38.82 148.22
N ASP F 1040 -24.34 39.97 147.97
CA ASP F 1040 -23.74 41.28 148.36
C ASP F 1040 -23.41 41.39 149.85
N ARG F 1041 -24.28 40.92 150.74
CA ARG F 1041 -24.07 41.19 152.18
C ARG F 1041 -22.76 40.60 152.70
N THR F 1042 -22.49 39.34 152.38
CA THR F 1042 -21.21 38.73 152.82
C THR F 1042 -20.05 39.39 152.08
N LYS F 1043 -20.23 39.68 150.81
CA LYS F 1043 -19.10 40.24 150.03
C LYS F 1043 -18.73 41.55 150.71
N LYS F 1044 -19.74 42.33 151.10
CA LYS F 1044 -19.47 43.64 151.75
C LYS F 1044 -18.79 43.42 153.10
N SER F 1045 -19.29 42.48 153.91
CA SER F 1045 -18.71 42.31 155.27
C SER F 1045 -17.26 41.84 155.16
N ASN F 1046 -17.01 40.86 154.31
CA ASN F 1046 -15.65 40.31 154.14
C ASN F 1046 -14.75 41.41 153.56
N LYS F 1047 -15.28 42.16 152.59
CA LYS F 1047 -14.48 43.22 151.94
C LYS F 1047 -14.12 44.25 152.99
N ASP F 1048 -15.07 44.59 153.86
CA ASP F 1048 -14.82 45.66 154.87
C ASP F 1048 -13.68 45.22 155.77
N SER F 1049 -13.71 43.98 156.26
CA SER F 1049 -12.66 43.50 157.18
C SER F 1049 -11.34 43.46 156.42
N LEU F 1050 -11.40 43.02 155.17
CA LEU F 1050 -10.15 42.86 154.39
C LEU F 1050 -9.56 44.23 154.11
N ARG F 1051 -10.39 45.21 153.76
CA ARG F 1051 -9.81 46.49 153.36
C ARG F 1051 -9.43 47.32 154.58
N GLU F 1052 -10.17 47.21 155.67
CA GLU F 1052 -9.72 47.88 156.89
C GLU F 1052 -8.45 47.21 157.43
N ALA F 1053 -8.35 45.89 157.27
CA ALA F 1053 -7.10 45.22 157.63
C ALA F 1053 -5.93 45.74 156.79
N VAL F 1054 -6.07 45.77 155.47
CA VAL F 1054 -4.97 46.24 154.63
C VAL F 1054 -4.70 47.73 154.78
N ARG F 1055 -5.70 48.50 155.22
CA ARG F 1055 -5.48 49.91 155.53
C ARG F 1055 -4.71 50.07 156.84
N THR F 1056 -4.98 49.20 157.82
CA THR F 1056 -4.13 49.16 159.01
C THR F 1056 -2.70 48.77 158.64
N LEU F 1057 -2.57 47.89 157.64
CA LEU F 1057 -1.24 47.54 157.15
C LEU F 1057 -0.49 48.76 156.64
N LEU F 1058 -1.16 49.60 155.86
CA LEU F 1058 -0.55 50.83 155.39
C LEU F 1058 -0.28 51.80 156.52
N GLY F 1059 -1.21 51.92 157.47
CA GLY F 1059 -1.02 52.84 158.58
C GLY F 1059 0.13 52.44 159.48
N TYR F 1060 0.47 51.15 159.50
CA TYR F 1060 1.69 50.70 160.16
C TYR F 1060 2.95 51.01 159.36
N GLY F 1061 2.85 51.84 158.33
CA GLY F 1061 3.97 52.21 157.52
C GLY F 1061 4.30 51.20 156.43
N TYR F 1062 3.77 49.99 156.54
CA TYR F 1062 4.06 48.97 155.54
C TYR F 1062 3.42 49.33 154.21
N ASN F 1063 4.25 49.73 153.26
CA ASN F 1063 3.79 50.11 151.93
C ASN F 1063 3.76 48.86 151.06
N LEU F 1064 2.62 48.63 150.42
CA LEU F 1064 2.40 47.44 149.60
C LEU F 1064 2.54 47.84 148.13
N GLU F 1065 3.73 47.64 147.57
CA GLU F 1065 3.98 47.93 146.16
C GLU F 1065 3.56 46.70 145.34
N ALA F 1066 2.50 46.89 144.56
CA ALA F 1066 1.90 45.76 143.85
C ALA F 1066 2.62 45.50 142.54
N PRO F 1067 2.57 44.27 142.02
CA PRO F 1067 3.15 44.02 140.70
C PRO F 1067 2.32 44.68 139.61
N ASP F 1068 2.96 44.84 138.45
CA ASP F 1068 2.29 45.48 137.32
C ASP F 1068 1.08 44.68 136.87
N GLN F 1069 0.01 45.39 136.51
CA GLN F 1069 -1.19 44.73 136.02
C GLN F 1069 -0.95 44.20 134.61
N ASP F 1070 -1.35 42.95 134.38
CA ASP F 1070 -1.06 42.24 133.14
C ASP F 1070 -2.33 42.13 132.31
N HIS F 1071 -2.19 42.32 131.00
CA HIS F 1071 -3.31 42.20 130.06
C HIS F 1071 -3.15 40.95 129.22
N ALA F 1072 -4.25 40.21 129.07
CA ALA F 1072 -4.28 39.02 128.23
C ALA F 1072 -5.57 39.02 127.43
N ALA F 1073 -5.50 38.47 126.21
CA ALA F 1073 -6.64 38.43 125.30
C ALA F 1073 -6.87 36.99 124.86
N ARG F 1074 -8.11 36.52 125.01
CA ARG F 1074 -8.44 35.16 124.57
C ARG F 1074 -8.55 35.09 123.06
N ALA F 1075 -9.18 36.09 122.44
CA ALA F 1075 -9.38 36.14 120.99
C ALA F 1075 -10.13 34.91 120.48
N GLU F 1076 -11.17 34.50 121.22
CA GLU F 1076 -12.06 33.41 120.86
C GLU F 1076 -11.32 32.08 120.70
N VAL F 1077 -10.18 31.92 121.35
CA VAL F 1077 -9.47 30.64 121.28
C VAL F 1077 -10.24 29.56 122.03
N CYS F 1078 -10.70 29.86 123.24
CA CYS F 1078 -11.45 28.88 124.02
C CYS F 1078 -12.80 28.60 123.36
N SER F 1079 -13.17 27.32 123.34
CA SER F 1079 -14.41 26.91 122.70
C SER F 1079 -14.89 25.59 123.30
N GLY F 1080 -16.21 25.45 123.40
CA GLY F 1080 -16.81 24.17 123.68
C GLY F 1080 -16.71 23.30 122.45
N THR F 1081 -16.08 22.13 122.61
CA THR F 1081 -15.71 21.24 121.51
C THR F 1081 -14.58 21.88 120.70
N GLY F 1082 -13.70 21.05 120.14
CA GLY F 1082 -12.50 21.57 119.50
C GLY F 1082 -12.79 22.46 118.30
N GLU F 1083 -14.00 22.38 117.76
CA GLU F 1083 -14.40 23.20 116.62
C GLU F 1083 -14.28 24.68 116.95
N ARG F 1084 -13.65 25.43 116.05
CA ARG F 1084 -13.38 26.85 116.27
C ARG F 1084 -14.44 27.75 115.65
N PHE F 1085 -15.10 27.31 114.58
CA PHE F 1085 -16.06 28.14 113.89
C PHE F 1085 -17.00 27.25 113.10
N ARG F 1086 -18.18 27.78 112.79
CA ARG F 1086 -19.18 27.06 112.03
C ARG F 1086 -19.55 27.87 110.79
N ILE F 1087 -19.71 27.17 109.66
CA ILE F 1087 -20.01 27.80 108.38
C ILE F 1087 -21.44 27.47 108.00
N PHE F 1088 -22.22 28.48 107.66
CA PHE F 1088 -23.58 28.34 107.16
C PHE F 1088 -23.60 28.86 105.72
N ARG F 1089 -24.12 28.07 104.81
CA ARG F 1089 -24.09 28.43 103.40
C ARG F 1089 -25.41 28.04 102.74
N ALA F 1090 -25.69 28.66 101.61
CA ALA F 1090 -26.81 28.24 100.81
C ALA F 1090 -26.49 26.90 100.14
N GLU F 1091 -27.53 26.24 99.62
CA GLU F 1091 -27.32 24.97 98.95
C GLU F 1091 -26.56 25.18 97.65
N LYS F 1092 -25.82 24.15 97.24
CA LYS F 1092 -25.00 24.25 96.03
C LYS F 1092 -25.86 24.52 94.80
N THR F 1093 -27.05 23.90 94.74
CA THR F 1093 -27.89 24.02 93.56
C THR F 1093 -28.34 25.45 93.32
N TYR F 1094 -28.38 26.28 94.37
CA TYR F 1094 -28.80 27.66 94.24
C TYR F 1094 -27.68 28.56 93.74
N ALA F 1095 -26.61 28.01 93.19
CA ALA F 1095 -25.48 28.81 92.75
C ALA F 1095 -25.89 29.73 91.60
N VAL F 1096 -25.43 30.97 91.67
CA VAL F 1096 -25.68 31.96 90.63
C VAL F 1096 -24.43 32.10 89.77
N LYS F 1097 -24.61 32.02 88.45
CA LYS F 1097 -23.50 32.17 87.52
C LYS F 1097 -23.59 33.44 86.68
N ALA F 1098 -24.68 34.18 86.78
CA ALA F 1098 -24.82 35.45 86.09
C ALA F 1098 -25.84 36.29 86.83
N GLY F 1099 -25.84 37.58 86.55
CA GLY F 1099 -26.79 38.49 87.16
C GLY F 1099 -26.21 39.25 88.33
N ARG F 1100 -27.09 40.01 88.99
CA ARG F 1100 -26.71 40.91 90.07
C ARG F 1100 -27.55 40.58 91.29
N TRP F 1101 -26.88 40.25 92.40
CA TRP F 1101 -27.54 39.67 93.56
C TRP F 1101 -27.11 40.39 94.82
N TYR F 1102 -28.02 40.37 95.80
CA TYR F 1102 -27.87 41.11 97.05
C TYR F 1102 -28.44 40.25 98.17
N PHE F 1103 -27.72 40.12 99.28
CA PHE F 1103 -28.28 39.46 100.46
C PHE F 1103 -27.71 40.09 101.72
N GLU F 1104 -28.52 40.13 102.78
CA GLU F 1104 -28.14 40.82 104.00
C GLU F 1104 -27.66 39.85 105.06
N PHE F 1105 -26.78 40.34 105.93
CA PHE F 1105 -26.30 39.60 107.08
C PHE F 1105 -26.32 40.51 108.29
N GLU F 1106 -27.16 40.20 109.26
CA GLU F 1106 -27.31 40.99 110.47
C GLU F 1106 -26.46 40.36 111.57
N THR F 1107 -25.66 41.19 112.25
CA THR F 1107 -24.69 40.73 113.24
C THR F 1107 -25.23 41.03 114.62
N VAL F 1108 -25.77 40.03 115.31
CA VAL F 1108 -26.28 40.27 116.65
C VAL F 1108 -25.13 40.62 117.60
N THR F 1109 -23.98 39.99 117.41
CA THR F 1109 -22.77 40.28 118.17
C THR F 1109 -21.75 40.95 117.28
N ALA F 1110 -20.58 41.22 117.84
CA ALA F 1110 -19.45 41.79 117.12
C ALA F 1110 -18.20 40.97 117.43
N GLY F 1111 -18.00 39.90 116.67
CA GLY F 1111 -16.88 39.02 116.91
C GLY F 1111 -16.27 38.47 115.64
N ASP F 1112 -15.65 37.29 115.73
CA ASP F 1112 -14.98 36.66 114.59
C ASP F 1112 -16.04 36.11 113.64
N MET F 1113 -16.54 36.99 112.79
CA MET F 1113 -17.59 36.65 111.85
C MET F 1113 -17.20 37.12 110.46
N ARG F 1114 -17.50 36.27 109.48
CA ARG F 1114 -17.20 36.54 108.08
C ARG F 1114 -18.44 36.25 107.24
N VAL F 1115 -18.60 37.01 106.18
CA VAL F 1115 -19.76 36.84 105.29
C VAL F 1115 -19.30 37.12 103.87
N GLY F 1116 -19.87 36.39 102.91
CA GLY F 1116 -19.50 36.60 101.52
C GLY F 1116 -20.05 35.52 100.64
N TRP F 1117 -19.29 35.18 99.59
CA TRP F 1117 -19.73 34.25 98.58
C TRP F 1117 -18.70 33.13 98.43
N SER F 1118 -19.16 31.90 98.45
CA SER F 1118 -18.29 30.74 98.33
C SER F 1118 -18.66 29.92 97.10
N ARG F 1119 -17.66 29.25 96.55
CA ARG F 1119 -17.91 28.31 95.48
C ARG F 1119 -18.48 27.02 96.04
N PRO F 1120 -19.16 26.23 95.22
CA PRO F 1120 -19.72 24.94 95.70
C PRO F 1120 -18.66 23.96 96.18
N GLY F 1121 -17.38 24.32 96.03
CA GLY F 1121 -16.30 23.50 96.52
C GLY F 1121 -15.69 23.95 97.84
N CYS F 1122 -16.34 24.85 98.57
CA CYS F 1122 -15.79 25.33 99.83
C CYS F 1122 -15.76 24.22 100.86
N GLN F 1123 -14.71 24.21 101.68
CA GLN F 1123 -14.60 23.18 102.69
C GLN F 1123 -15.14 23.68 104.03
N PRO F 1124 -15.93 22.86 104.73
CA PRO F 1124 -16.51 23.29 106.00
C PRO F 1124 -15.50 23.34 107.14
N ASP F 1125 -14.29 22.83 106.95
CA ASP F 1125 -13.30 22.84 108.03
C ASP F 1125 -12.36 24.02 107.96
N GLN F 1126 -12.13 24.57 106.76
CA GLN F 1126 -11.18 25.66 106.59
C GLN F 1126 -11.88 27.01 106.72
N GLU F 1127 -11.14 27.98 107.24
CA GLU F 1127 -11.69 29.32 107.43
C GLU F 1127 -11.93 30.00 106.08
N LEU F 1128 -12.96 30.83 106.03
CA LEU F 1128 -13.31 31.53 104.80
C LEU F 1128 -12.19 32.49 104.41
N GLY F 1129 -11.86 32.51 103.13
CA GLY F 1129 -10.88 33.40 102.57
C GLY F 1129 -9.44 32.93 102.70
N SER F 1130 -9.20 31.90 103.51
CA SER F 1130 -7.85 31.36 103.61
C SER F 1130 -7.41 30.71 102.31
N ASP F 1131 -8.36 30.18 101.55
CA ASP F 1131 -8.10 29.54 100.27
C ASP F 1131 -8.85 30.30 99.18
N GLU F 1132 -8.86 29.74 97.97
CA GLU F 1132 -9.50 30.37 96.83
C GLU F 1132 -11.00 30.09 96.74
N ARG F 1133 -11.53 29.25 97.63
CA ARG F 1133 -12.92 28.82 97.48
C ARG F 1133 -13.90 29.95 97.79
N ALA F 1134 -13.57 30.81 98.74
CA ALA F 1134 -14.54 31.79 99.23
C ALA F 1134 -13.95 33.19 99.19
N PHE F 1135 -14.86 34.17 99.09
CA PHE F 1135 -14.53 35.58 99.19
C PHE F 1135 -15.37 36.14 100.33
N ALA F 1136 -14.72 36.61 101.38
CA ALA F 1136 -15.44 36.97 102.60
C ALA F 1136 -14.98 38.34 103.08
N PHE F 1137 -15.72 38.87 104.05
CA PHE F 1137 -15.39 40.14 104.70
C PHE F 1137 -15.45 39.94 106.21
N ASP F 1138 -14.29 40.09 106.86
CA ASP F 1138 -14.20 40.01 108.31
C ASP F 1138 -14.24 41.43 108.86
N GLY F 1139 -15.39 41.82 109.39
CA GLY F 1139 -15.51 43.16 109.96
C GLY F 1139 -14.80 43.28 111.28
N PHE F 1140 -14.55 42.14 111.94
CA PHE F 1140 -13.83 42.14 113.21
C PHE F 1140 -12.47 42.79 113.07
N LYS F 1141 -11.73 42.41 112.02
CA LYS F 1141 -10.43 42.99 111.73
C LYS F 1141 -10.44 43.91 110.52
N ALA F 1142 -11.61 44.18 109.94
CA ALA F 1142 -11.75 45.05 108.77
C ALA F 1142 -10.88 44.54 107.62
N GLN F 1143 -11.02 43.27 107.28
CA GLN F 1143 -10.19 42.63 106.27
C GLN F 1143 -11.04 41.89 105.25
N ARG F 1144 -10.77 42.12 103.97
CA ARG F 1144 -11.33 41.27 102.93
C ARG F 1144 -10.47 40.02 102.79
N TRP F 1145 -11.14 38.87 102.67
CA TRP F 1145 -10.49 37.57 102.77
C TRP F 1145 -10.69 36.81 101.47
N HIS F 1146 -9.58 36.63 100.73
CA HIS F 1146 -9.54 35.69 99.62
C HIS F 1146 -8.07 35.37 99.36
N GLN F 1147 -7.67 34.13 99.62
CA GLN F 1147 -6.27 33.71 99.47
C GLN F 1147 -5.34 34.61 100.28
N GLY F 1148 -5.81 35.03 101.46
CA GLY F 1148 -5.08 35.97 102.28
C GLY F 1148 -5.99 37.05 102.80
N ASN F 1149 -5.41 38.09 103.40
CA ASN F 1149 -6.19 39.18 103.97
C ASN F 1149 -5.62 40.52 103.53
N GLU F 1150 -6.51 41.50 103.36
CA GLU F 1150 -6.13 42.87 103.05
C GLU F 1150 -6.81 43.80 104.05
N HIS F 1151 -6.80 45.10 103.81
CA HIS F 1151 -7.55 46.03 104.63
C HIS F 1151 -8.72 46.57 103.82
N TYR F 1152 -9.92 46.48 104.37
CA TYR F 1152 -11.13 46.87 103.64
C TYR F 1152 -12.23 47.14 104.65
N GLY F 1153 -12.73 48.37 104.65
CA GLY F 1153 -13.93 48.72 105.42
C GLY F 1153 -13.62 48.98 106.88
N ARG F 1154 -14.69 49.24 107.62
CA ARG F 1154 -14.62 49.48 109.05
C ARG F 1154 -15.07 48.26 109.83
N SER F 1155 -15.09 48.40 111.15
CA SER F 1155 -15.54 47.32 112.02
C SER F 1155 -16.99 47.55 112.45
N TRP F 1156 -17.77 46.47 112.42
CA TRP F 1156 -19.17 46.55 112.78
C TRP F 1156 -19.36 46.51 114.29
N GLN F 1157 -20.59 46.82 114.70
CA GLN F 1157 -21.03 46.73 116.09
C GLN F 1157 -22.19 45.75 116.18
N ALA F 1158 -22.79 45.69 117.37
CA ALA F 1158 -23.96 44.84 117.55
C ALA F 1158 -25.13 45.38 116.72
N GLY F 1159 -25.89 44.47 116.14
CA GLY F 1159 -27.02 44.84 115.32
C GLY F 1159 -26.66 45.64 114.08
N ASP F 1160 -25.59 45.23 113.41
CA ASP F 1160 -25.13 45.87 112.19
C ASP F 1160 -25.46 44.97 111.01
N VAL F 1161 -26.01 45.56 109.96
CA VAL F 1161 -26.44 44.82 108.78
C VAL F 1161 -25.45 45.08 107.66
N VAL F 1162 -24.74 44.04 107.24
CA VAL F 1162 -23.83 44.12 106.12
C VAL F 1162 -24.51 43.46 104.93
N GLY F 1163 -24.68 44.22 103.86
CA GLY F 1163 -25.26 43.67 102.64
C GLY F 1163 -24.16 43.33 101.65
N CYS F 1164 -24.21 42.10 101.14
CA CYS F 1164 -23.23 41.60 100.19
C CYS F 1164 -23.86 41.59 98.82
N MET F 1165 -23.15 42.15 97.83
CA MET F 1165 -23.67 42.29 96.48
C MET F 1165 -22.64 41.75 95.51
N VAL F 1166 -23.09 40.91 94.58
CA VAL F 1166 -22.24 40.34 93.55
C VAL F 1166 -22.86 40.61 92.19
N ASP F 1167 -22.06 41.15 91.28
CA ASP F 1167 -22.46 41.31 89.88
C ASP F 1167 -21.55 40.40 89.06
N MET F 1168 -22.12 39.33 88.51
CA MET F 1168 -21.37 38.32 87.80
C MET F 1168 -21.18 38.66 86.33
N ASN F 1169 -21.69 39.81 85.90
CA ASN F 1169 -21.52 40.26 84.52
C ASN F 1169 -20.12 40.81 84.25
N GLU F 1170 -19.68 41.79 85.03
CA GLU F 1170 -18.30 42.24 84.97
C GLU F 1170 -17.51 41.83 86.21
N HIS F 1171 -18.02 40.85 86.96
CA HIS F 1171 -17.24 40.15 87.98
C HIS F 1171 -16.80 41.07 89.11
N THR F 1172 -17.76 41.69 89.79
CA THR F 1172 -17.48 42.56 90.93
C THR F 1172 -18.24 42.09 92.15
N MET F 1173 -17.66 42.35 93.32
CA MET F 1173 -18.32 42.08 94.60
C MET F 1173 -18.07 43.26 95.52
N MET F 1174 -19.13 43.72 96.18
CA MET F 1174 -19.06 44.91 97.02
C MET F 1174 -19.91 44.71 98.27
N PHE F 1175 -19.52 45.39 99.34
CA PHE F 1175 -20.15 45.23 100.63
C PHE F 1175 -20.59 46.58 101.17
N THR F 1176 -21.76 46.63 101.79
CA THR F 1176 -22.28 47.85 102.38
C THR F 1176 -22.63 47.58 103.85
N LEU F 1177 -21.88 48.21 104.75
CA LEU F 1177 -22.14 48.09 106.18
C LEU F 1177 -23.10 49.19 106.60
N ASN F 1178 -24.30 48.81 107.02
CA ASN F 1178 -25.36 49.72 107.44
C ASN F 1178 -25.77 50.69 106.34
N GLY F 1179 -25.49 50.36 105.08
CA GLY F 1179 -25.89 51.16 103.94
C GLY F 1179 -24.74 51.83 103.21
N GLU F 1180 -23.78 52.37 103.94
CA GLU F 1180 -22.62 52.99 103.30
C GLU F 1180 -21.75 51.92 102.66
N ILE F 1181 -21.13 52.27 101.54
CA ILE F 1181 -20.30 51.33 100.81
C ILE F 1181 -18.94 51.24 101.49
N LEU F 1182 -18.54 50.02 101.85
CA LEU F 1182 -17.23 49.80 102.44
C LEU F 1182 -16.14 50.02 101.41
N LEU F 1183 -15.03 50.61 101.85
CA LEU F 1183 -13.93 50.96 100.96
C LEU F 1183 -12.63 50.39 101.48
N ASP F 1184 -11.73 50.08 100.56
CA ASP F 1184 -10.38 49.64 100.91
C ASP F 1184 -9.51 50.87 101.14
N ASP F 1185 -8.19 50.65 101.19
CA ASP F 1185 -7.27 51.77 101.35
C ASP F 1185 -7.41 52.76 100.21
N SER F 1186 -7.52 52.27 98.98
CA SER F 1186 -7.86 53.13 97.86
C SER F 1186 -9.36 53.43 97.86
N GLY F 1187 -9.76 54.38 97.03
CA GLY F 1187 -11.14 54.82 97.00
C GLY F 1187 -12.07 53.86 96.28
N SER F 1188 -11.51 52.77 95.75
CA SER F 1188 -12.31 51.81 95.00
C SER F 1188 -13.36 51.17 95.91
N GLU F 1189 -14.54 50.94 95.34
CA GLU F 1189 -15.63 50.29 96.05
C GLU F 1189 -15.70 48.80 95.78
N LEU F 1190 -14.78 48.26 94.98
CA LEU F 1190 -14.78 46.84 94.64
C LEU F 1190 -13.93 46.10 95.67
N ALA F 1191 -14.57 45.23 96.44
CA ALA F 1191 -13.81 44.38 97.36
C ALA F 1191 -12.90 43.44 96.59
N PHE F 1192 -13.40 42.86 95.51
CA PHE F 1192 -12.63 41.96 94.66
C PHE F 1192 -12.87 42.36 93.21
N LYS F 1193 -11.80 42.84 92.56
CA LYS F 1193 -11.96 43.49 91.26
C LYS F 1193 -12.41 42.52 90.17
N ASP F 1194 -11.75 41.37 90.07
CA ASP F 1194 -12.08 40.43 89.02
C ASP F 1194 -11.87 39.01 89.52
N PHE F 1195 -12.71 38.10 89.03
CA PHE F 1195 -12.69 36.70 89.41
C PHE F 1195 -13.35 35.87 88.33
N ASP F 1196 -12.86 34.65 88.16
CA ASP F 1196 -13.45 33.75 87.18
C ASP F 1196 -14.84 33.31 87.63
N VAL F 1197 -15.75 33.15 86.67
CA VAL F 1197 -17.10 32.72 86.99
C VAL F 1197 -17.08 31.33 87.62
N GLY F 1198 -16.32 30.41 87.03
CA GLY F 1198 -16.25 29.06 87.56
C GLY F 1198 -17.61 28.39 87.53
N ASP F 1199 -17.95 27.76 88.65
CA ASP F 1199 -19.21 27.03 88.79
C ASP F 1199 -20.25 27.78 89.59
N GLY F 1200 -20.04 29.07 89.86
CA GLY F 1200 -21.02 29.90 90.52
C GLY F 1200 -20.60 30.24 91.95
N PHE F 1201 -21.42 31.08 92.57
CA PHE F 1201 -21.21 31.51 93.94
C PHE F 1201 -22.51 31.41 94.72
N ILE F 1202 -22.37 31.09 96.01
CA ILE F 1202 -23.52 30.96 96.91
C ILE F 1202 -23.24 31.76 98.18
N PRO F 1203 -24.26 32.31 98.82
CA PRO F 1203 -24.04 33.01 100.09
C PRO F 1203 -23.44 32.11 101.14
N VAL F 1204 -22.50 32.64 101.91
CA VAL F 1204 -21.74 31.87 102.89
C VAL F 1204 -21.40 32.78 104.06
N CYS F 1205 -21.33 32.18 105.24
CA CYS F 1205 -21.02 32.91 106.47
C CYS F 1205 -20.28 31.98 107.42
N SER F 1206 -19.37 32.58 108.20
CA SER F 1206 -18.61 31.85 109.21
C SER F 1206 -18.74 32.58 110.53
N LEU F 1207 -19.08 31.83 111.57
CA LEU F 1207 -19.29 32.37 112.91
C LEU F 1207 -18.32 31.71 113.87
N GLY F 1208 -17.64 32.52 114.69
CA GLY F 1208 -16.72 32.01 115.67
C GLY F 1208 -17.39 31.70 116.99
N VAL F 1209 -16.58 31.72 118.05
CA VAL F 1209 -17.06 31.33 119.37
C VAL F 1209 -18.02 32.39 119.89
N ALA F 1210 -19.20 31.95 120.32
CA ALA F 1210 -20.20 32.82 120.93
C ALA F 1210 -20.57 33.99 120.03
N GLN F 1211 -20.83 33.70 118.76
CA GLN F 1211 -21.24 34.71 117.79
C GLN F 1211 -22.60 34.35 117.22
N VAL F 1212 -23.45 35.36 117.06
CA VAL F 1212 -24.82 35.17 116.60
C VAL F 1212 -25.06 36.06 115.39
N GLY F 1213 -25.57 35.46 114.32
CA GLY F 1213 -25.87 36.21 113.11
C GLY F 1213 -27.12 35.67 112.44
N ARG F 1214 -27.71 36.51 111.60
CA ARG F 1214 -28.87 36.15 110.82
C ARG F 1214 -28.59 36.45 109.35
N MET F 1215 -29.03 35.57 108.47
CA MET F 1215 -28.83 35.76 107.03
C MET F 1215 -30.18 35.92 106.37
N ASN F 1216 -30.39 37.06 105.71
CA ASN F 1216 -31.64 37.37 105.01
C ASN F 1216 -31.38 37.26 103.52
N PHE F 1217 -32.03 36.29 102.89
CA PHE F 1217 -31.98 36.10 101.45
C PHE F 1217 -33.03 36.93 100.73
N GLY F 1218 -33.86 37.65 101.47
CA GLY F 1218 -34.85 38.52 100.87
C GLY F 1218 -35.98 37.82 100.15
N LYS F 1219 -36.46 36.71 100.72
CA LYS F 1219 -37.69 36.11 100.19
C LYS F 1219 -38.86 37.09 100.33
N ASP F 1220 -38.95 37.75 101.48
CA ASP F 1220 -39.84 38.89 101.65
C ASP F 1220 -38.98 40.15 101.60
N VAL F 1221 -39.14 40.93 100.53
CA VAL F 1221 -38.28 42.09 100.30
C VAL F 1221 -38.42 43.11 101.42
N SER F 1222 -39.59 43.20 102.04
CA SER F 1222 -39.77 44.17 103.11
C SER F 1222 -38.85 43.88 104.30
N THR F 1223 -38.48 42.61 104.49
CA THR F 1223 -37.61 42.25 105.61
C THR F 1223 -36.23 42.88 105.45
N LEU F 1224 -35.72 42.93 104.22
CA LEU F 1224 -34.42 43.54 103.96
C LEU F 1224 -34.43 45.00 104.39
N LYS F 1225 -33.61 45.34 105.39
CA LYS F 1225 -33.72 46.64 106.03
C LYS F 1225 -32.97 47.73 105.26
N TYR F 1226 -31.82 47.39 104.69
CA TYR F 1226 -30.97 48.38 104.03
C TYR F 1226 -30.94 48.21 102.52
N PHE F 1227 -31.86 47.43 101.95
CA PHE F 1227 -31.85 47.18 100.51
C PHE F 1227 -32.16 48.43 99.71
N THR F 1228 -33.13 49.23 100.18
CA THR F 1228 -33.60 50.36 99.38
C THR F 1228 -32.51 51.41 99.20
N ILE F 1229 -31.76 51.70 100.26
CA ILE F 1229 -30.80 52.80 100.19
C ILE F 1229 -29.56 52.40 99.40
N CYS F 1230 -29.31 51.09 99.28
CA CYS F 1230 -28.15 50.62 98.53
C CYS F 1230 -28.47 49.26 97.93
N GLY F 1231 -28.42 49.16 96.61
CA GLY F 1231 -28.66 47.91 95.91
C GLY F 1231 -29.86 47.94 94.99
N LEU F 1232 -30.96 48.56 95.43
CA LEU F 1232 -32.17 48.56 94.65
C LEU F 1232 -32.01 49.37 93.37
N GLN F 1233 -31.67 50.65 93.50
CA GLN F 1233 -31.48 51.49 92.33
C GLN F 1233 -30.30 51.02 91.49
N GLU F 1234 -29.28 50.47 92.14
CA GLU F 1234 -28.18 49.89 91.40
C GLU F 1234 -28.63 48.68 90.58
N GLY F 1235 -29.68 48.00 91.03
CA GLY F 1235 -30.27 46.90 90.29
C GLY F 1235 -29.94 45.52 90.82
N TYR F 1236 -29.18 45.42 91.91
CA TYR F 1236 -28.94 44.12 92.53
C TYR F 1236 -30.25 43.54 93.04
N GLU F 1237 -30.43 42.24 92.82
CA GLU F 1237 -31.68 41.61 93.21
C GLU F 1237 -31.49 40.77 94.47
N PRO F 1238 -32.55 40.61 95.28
CA PRO F 1238 -32.46 39.69 96.42
C PRO F 1238 -32.16 38.27 95.95
N PHE F 1239 -31.40 37.55 96.77
CA PHE F 1239 -30.98 36.21 96.37
C PHE F 1239 -32.16 35.27 96.24
N ALA F 1240 -33.22 35.50 97.02
CA ALA F 1240 -34.43 34.70 96.98
C ALA F 1240 -35.60 35.50 96.40
N VAL F 1241 -35.32 36.28 95.36
CA VAL F 1241 -36.33 37.19 94.82
C VAL F 1241 -37.47 36.41 94.17
N ASN F 1242 -37.13 35.33 93.46
CA ASN F 1242 -38.09 34.58 92.66
C ASN F 1242 -38.18 33.13 93.12
N THR F 1243 -38.24 32.92 94.43
CA THR F 1243 -38.31 31.58 95.00
C THR F 1243 -39.61 31.44 95.78
N ASN F 1244 -40.35 30.37 95.50
CA ASN F 1244 -41.55 30.06 96.27
C ASN F 1244 -41.28 29.19 97.49
N ARG F 1245 -40.07 28.67 97.62
CA ARG F 1245 -39.69 27.81 98.72
C ARG F 1245 -38.54 28.44 99.50
N ASP F 1246 -38.45 28.09 100.78
CA ASP F 1246 -37.34 28.55 101.59
C ASP F 1246 -36.03 27.96 101.09
N ILE F 1247 -34.99 28.78 101.04
CA ILE F 1247 -33.69 28.32 100.57
C ILE F 1247 -33.08 27.38 101.61
N THR F 1248 -32.76 26.17 101.19
CA THR F 1248 -32.20 25.15 102.07
C THR F 1248 -30.81 25.59 102.51
N MET F 1249 -30.51 25.39 103.80
CA MET F 1249 -29.25 25.84 104.38
C MET F 1249 -28.40 24.63 104.75
N TRP F 1250 -27.12 24.71 104.43
CA TRP F 1250 -26.16 23.66 104.77
C TRP F 1250 -25.08 24.26 105.66
N LEU F 1251 -24.85 23.61 106.80
CA LEU F 1251 -23.86 24.08 107.76
C LEU F 1251 -22.76 23.05 107.94
N SER F 1252 -21.73 23.46 108.67
CA SER F 1252 -20.62 22.57 108.96
C SER F 1252 -21.01 21.55 110.02
N LYS F 1253 -20.81 20.27 109.70
CA LYS F 1253 -21.16 19.21 110.62
C LYS F 1253 -20.31 19.27 111.88
N ARG F 1254 -20.96 19.19 113.05
CA ARG F 1254 -20.26 19.15 114.32
C ARG F 1254 -19.65 17.79 114.59
N LEU F 1255 -20.37 16.73 114.31
CA LEU F 1255 -19.93 15.39 114.67
C LEU F 1255 -19.13 14.77 113.52
N PRO F 1256 -17.87 14.41 113.73
CA PRO F 1256 -17.09 13.82 112.64
C PRO F 1256 -17.61 12.45 112.24
N GLN F 1257 -17.41 12.12 110.98
CA GLN F 1257 -17.81 10.83 110.42
C GLN F 1257 -16.64 10.20 109.69
N PHE F 1258 -16.75 8.90 109.48
CA PHE F 1258 -15.73 8.13 108.76
C PHE F 1258 -16.00 8.22 107.26
N LEU F 1259 -14.97 8.56 106.50
CA LEU F 1259 -15.06 8.58 105.05
C LEU F 1259 -13.75 8.07 104.46
N GLN F 1260 -13.84 7.55 103.25
CA GLN F 1260 -12.69 6.93 102.59
C GLN F 1260 -11.58 7.96 102.39
N VAL F 1261 -10.34 7.52 102.63
CA VAL F 1261 -9.19 8.41 102.53
C VAL F 1261 -9.06 8.88 101.08
N PRO F 1262 -9.09 10.19 100.84
CA PRO F 1262 -8.95 10.68 99.47
C PRO F 1262 -7.57 10.38 98.90
N SER F 1263 -7.53 10.17 97.59
CA SER F 1263 -6.26 9.93 96.93
C SER F 1263 -5.37 11.16 96.98
N ASN F 1264 -5.98 12.35 97.01
CA ASN F 1264 -5.25 13.60 97.02
C ASN F 1264 -4.94 14.09 98.43
N HIS F 1265 -5.22 13.29 99.45
CA HIS F 1265 -4.94 13.71 100.83
C HIS F 1265 -3.46 14.00 101.00
N GLU F 1266 -3.17 15.13 101.64
CA GLU F 1266 -1.80 15.59 101.79
C GLU F 1266 -1.07 14.97 102.97
N HIS F 1267 -1.74 14.15 103.77
CA HIS F 1267 -1.11 13.61 104.97
C HIS F 1267 -1.09 12.08 105.00
N ILE F 1268 -2.18 11.42 104.62
CA ILE F 1268 -2.31 9.98 104.76
C ILE F 1268 -2.40 9.35 103.37
N GLU F 1269 -1.61 8.31 103.16
CA GLU F 1269 -1.64 7.53 101.93
C GLU F 1269 -1.90 6.07 102.25
N VAL F 1270 -2.80 5.46 101.49
CA VAL F 1270 -3.16 4.06 101.68
C VAL F 1270 -2.89 3.32 100.38
N THR F 1271 -2.15 2.23 100.47
CA THR F 1271 -1.84 1.40 99.32
C THR F 1271 -2.32 -0.03 99.59
N ARG F 1272 -2.82 -0.68 98.54
CA ARG F 1272 -3.33 -2.04 98.64
C ARG F 1272 -2.28 -3.00 98.13
N ILE F 1273 -1.77 -3.85 99.01
CA ILE F 1273 -0.79 -4.87 98.64
C ILE F 1273 -1.53 -6.17 98.39
N ASP F 1274 -1.45 -6.68 97.16
CA ASP F 1274 -2.10 -7.92 96.82
C ASP F 1274 -1.43 -9.09 97.52
N GLY F 1275 -2.21 -10.13 97.77
CA GLY F 1275 -1.69 -11.29 98.45
C GLY F 1275 -1.16 -12.36 97.52
N THR F 1276 0.13 -12.67 97.63
CA THR F 1276 0.73 -13.72 96.81
C THR F 1276 0.40 -15.07 97.44
N ILE F 1277 1.06 -16.12 96.94
CA ILE F 1277 0.84 -17.45 97.49
C ILE F 1277 1.32 -17.52 98.94
N ASP F 1278 2.38 -16.79 99.27
CA ASP F 1278 2.96 -16.81 100.61
C ASP F 1278 2.59 -15.58 101.42
N SER F 1279 1.91 -14.60 100.82
CA SER F 1279 1.60 -13.34 101.49
C SER F 1279 0.09 -13.14 101.55
N SER F 1280 -0.39 -12.66 102.69
CA SER F 1280 -1.79 -12.32 102.82
C SER F 1280 -2.03 -10.91 102.26
N PRO F 1281 -3.26 -10.60 101.86
CA PRO F 1281 -3.56 -9.23 101.41
C PRO F 1281 -3.31 -8.21 102.51
N CYS F 1282 -2.81 -7.05 102.10
CA CYS F 1282 -2.39 -6.02 103.04
C CYS F 1282 -2.82 -4.65 102.54
N LEU F 1283 -3.25 -3.82 103.48
CA LEU F 1283 -3.57 -2.42 103.25
C LEU F 1283 -2.64 -1.59 104.14
N LYS F 1284 -1.71 -0.88 103.52
CA LYS F 1284 -0.62 -0.24 104.25
C LYS F 1284 -0.91 1.24 104.39
N VAL F 1285 -0.95 1.72 105.63
CA VAL F 1285 -1.22 3.13 105.93
C VAL F 1285 0.09 3.79 106.33
N THR F 1286 0.43 4.86 105.62
CA THR F 1286 1.66 5.60 105.81
C THR F 1286 1.40 7.08 105.67
N GLN F 1287 2.27 7.89 106.25
CA GLN F 1287 2.17 9.35 106.19
C GLN F 1287 3.11 9.84 105.09
N LYS F 1288 2.51 10.35 104.01
CA LYS F 1288 3.33 10.94 102.94
C LYS F 1288 3.92 12.26 103.38
N SER F 1289 3.25 12.97 104.30
CA SER F 1289 3.72 14.27 104.76
C SER F 1289 4.79 14.17 105.84
N PHE F 1290 5.12 12.97 106.28
CA PHE F 1290 6.14 12.81 107.32
C PHE F 1290 7.49 13.35 106.83
N GLY F 1291 8.20 14.03 107.72
CA GLY F 1291 9.47 14.62 107.38
C GLY F 1291 9.39 15.93 106.64
N SER F 1292 8.20 16.52 106.52
CA SER F 1292 8.01 17.76 105.78
C SER F 1292 7.35 18.79 106.69
N GLN F 1293 7.45 20.05 106.28
CA GLN F 1293 6.82 21.13 107.03
C GLN F 1293 5.30 20.99 106.98
N ASN F 1294 4.65 21.51 108.02
CA ASN F 1294 3.20 21.50 108.24
C ASN F 1294 2.68 20.08 108.40
N SER F 1295 3.52 19.09 108.66
CA SER F 1295 3.06 17.73 108.94
C SER F 1295 2.29 17.73 110.25
N ASN F 1296 1.25 16.90 110.34
CA ASN F 1296 0.35 16.89 111.48
C ASN F 1296 0.80 15.81 112.46
N THR F 1297 1.10 16.22 113.70
CA THR F 1297 1.43 15.29 114.78
C THR F 1297 0.17 15.07 115.61
N ASP F 1298 -0.83 14.46 114.97
CA ASP F 1298 -2.09 14.18 115.61
C ASP F 1298 -2.49 12.74 115.35
N ILE F 1299 -3.22 12.16 116.31
CA ILE F 1299 -3.69 10.79 116.15
C ILE F 1299 -4.78 10.74 115.09
N MET F 1300 -4.69 9.75 114.22
CA MET F 1300 -5.68 9.52 113.19
C MET F 1300 -6.41 8.20 113.46
N PHE F 1301 -7.70 8.20 113.20
CA PHE F 1301 -8.59 7.08 113.48
C PHE F 1301 -9.00 6.44 112.16
N TYR F 1302 -8.48 5.24 111.90
CA TYR F 1302 -8.75 4.51 110.67
C TYR F 1302 -9.65 3.33 110.99
N ARG F 1303 -10.51 2.98 110.04
CA ARG F 1303 -11.41 1.84 110.18
C ARG F 1303 -11.61 1.19 108.82
N LEU F 1304 -12.03 -0.06 108.83
CA LEU F 1304 -12.38 -0.73 107.61
C LEU F 1304 -13.83 -0.43 107.23
N SER F 1305 -14.12 -0.50 105.94
CA SER F 1305 -15.41 -0.02 105.45
C SER F 1305 -16.57 -0.95 105.78
N MET F 1306 -16.33 -2.14 106.31
CA MET F 1306 -17.41 -3.10 106.49
C MET F 1306 -17.32 -3.78 107.84
N PRO F 1307 -18.47 -4.05 108.46
CA PRO F 1307 -18.47 -4.64 109.81
C PRO F 1307 -18.62 -6.15 109.83
N ILE F 1308 -18.07 -6.77 110.87
CA ILE F 1308 -18.42 -8.14 111.21
C ILE F 1308 -19.67 -8.11 112.08
N GLU F 1309 -20.68 -8.86 111.69
CA GLU F 1309 -21.95 -8.89 112.40
C GLU F 1309 -21.99 -10.10 113.31
N CYS F 1310 -22.22 -9.87 114.61
CA CYS F 1310 -22.34 -10.97 115.54
C CYS F 1310 -23.67 -11.69 115.33
N ALA F 1311 -23.77 -12.88 115.91
CA ALA F 1311 -24.95 -13.70 115.75
C ALA F 1311 -26.17 -13.03 116.41
N GLU F 1312 -27.34 -13.28 115.83
CA GLU F 1312 -28.56 -12.72 116.37
C GLU F 1312 -28.83 -13.24 117.78
N VAL F 1313 -28.64 -14.53 118.00
CA VAL F 1313 -28.79 -15.16 119.30
C VAL F 1313 -27.50 -15.91 119.62
N PHE F 1314 -26.93 -15.63 120.78
CA PHE F 1314 -25.73 -16.33 121.20
C PHE F 1314 -26.08 -17.67 121.81
N SER F 1315 -25.25 -18.68 121.51
CA SER F 1315 -25.48 -20.03 122.01
C SER F 1315 -25.30 -20.07 123.52
N LYS F 1316 -25.89 -21.08 124.14
CA LYS F 1316 -25.81 -21.25 125.58
C LYS F 1316 -24.55 -22.02 125.97
N ARG F 1414 -2.25 -29.33 110.21
CA ARG F 1414 -3.25 -28.69 109.35
C ARG F 1414 -4.61 -28.65 110.03
N ASP F 1415 -5.26 -27.49 109.97
CA ASP F 1415 -6.56 -27.33 110.60
C ASP F 1415 -7.62 -28.11 109.83
N ASP F 1416 -8.60 -28.64 110.56
CA ASP F 1416 -9.66 -29.42 109.95
C ASP F 1416 -10.51 -28.55 109.05
N TYR F 1417 -10.70 -28.99 107.82
CA TYR F 1417 -11.52 -28.24 106.87
C TYR F 1417 -12.97 -28.18 107.32
N ASP F 1418 -13.47 -29.29 107.89
CA ASP F 1418 -14.82 -29.27 108.45
C ASP F 1418 -14.92 -28.28 109.60
N PHE F 1419 -13.89 -28.20 110.44
CA PHE F 1419 -13.87 -27.22 111.51
C PHE F 1419 -13.90 -25.80 110.95
N LEU F 1420 -13.15 -25.56 109.88
CA LEU F 1420 -13.14 -24.22 109.27
C LEU F 1420 -14.51 -23.90 108.72
N MET F 1421 -15.17 -24.89 108.14
CA MET F 1421 -16.52 -24.70 107.60
C MET F 1421 -17.55 -24.42 108.69
N GLN F 1422 -17.48 -25.10 109.83
CA GLN F 1422 -18.49 -24.92 110.87
C GLN F 1422 -18.20 -23.75 111.81
N THR F 1423 -16.95 -23.29 111.89
CA THR F 1423 -16.61 -22.24 112.83
C THR F 1423 -17.08 -20.88 112.32
N SER F 1424 -17.21 -19.94 113.26
CA SER F 1424 -17.59 -18.57 112.94
C SER F 1424 -16.56 -17.55 113.38
N THR F 1425 -15.47 -17.98 114.01
CA THR F 1425 -14.46 -17.05 114.48
C THR F 1425 -13.68 -16.47 113.30
N TYR F 1426 -13.53 -15.15 113.30
CA TYR F 1426 -12.84 -14.43 112.24
C TYR F 1426 -11.62 -13.72 112.80
N TYR F 1427 -10.65 -13.48 111.92
CA TYR F 1427 -9.33 -12.98 112.32
C TYR F 1427 -8.87 -11.90 111.36
N TYR F 1428 -8.23 -10.86 111.91
CA TYR F 1428 -7.39 -10.00 111.10
C TYR F 1428 -6.18 -9.64 111.95
N SER F 1429 -5.23 -8.93 111.34
CA SER F 1429 -4.02 -8.55 112.07
C SER F 1429 -3.57 -7.16 111.66
N VAL F 1430 -2.77 -6.56 112.51
CA VAL F 1430 -2.16 -5.26 112.26
C VAL F 1430 -0.68 -5.37 112.56
N ARG F 1431 0.15 -5.09 111.56
CA ARG F 1431 1.59 -5.03 111.71
C ARG F 1431 1.99 -3.57 111.87
N ILE F 1432 2.46 -3.23 113.07
CA ILE F 1432 3.03 -1.92 113.30
C ILE F 1432 4.47 -1.92 112.79
N PHE F 1433 4.73 -1.08 111.82
CA PHE F 1433 6.06 -1.07 111.21
C PHE F 1433 7.10 -0.66 112.24
N PRO F 1434 8.25 -1.33 112.26
CA PRO F 1434 9.26 -1.02 113.29
C PRO F 1434 9.66 0.45 113.22
N GLY F 1435 9.79 1.06 114.39
CA GLY F 1435 10.05 2.48 114.50
C GLY F 1435 8.84 3.34 114.73
N GLN F 1436 7.64 2.83 114.43
CA GLN F 1436 6.41 3.50 114.80
C GLN F 1436 6.13 3.18 116.27
N GLU F 1437 6.10 4.22 117.10
CA GLU F 1437 5.94 4.01 118.53
C GLU F 1437 4.61 3.33 118.81
N PRO F 1438 4.62 2.06 119.23
CA PRO F 1438 3.36 1.33 119.42
C PRO F 1438 2.51 1.87 120.55
N ALA F 1439 3.10 2.59 121.51
CA ALA F 1439 2.28 3.24 122.54
C ALA F 1439 1.32 4.23 121.91
N ASN F 1440 1.70 4.78 120.75
CA ASN F 1440 0.84 5.68 119.99
C ASN F 1440 -0.11 4.93 119.05
N VAL F 1441 -0.08 3.61 119.05
CA VAL F 1441 -0.88 2.79 118.15
C VAL F 1441 -1.86 1.96 118.98
N TRP F 1442 -3.12 2.00 118.59
CA TRP F 1442 -4.16 1.20 119.22
C TRP F 1442 -4.81 0.31 118.17
N VAL F 1443 -5.09 -0.94 118.53
CA VAL F 1443 -5.69 -1.90 117.62
C VAL F 1443 -6.90 -2.53 118.30
N GLY F 1444 -7.97 -2.68 117.54
CA GLY F 1444 -9.17 -3.33 118.06
C GLY F 1444 -10.33 -3.12 117.11
N TRP F 1445 -11.53 -3.23 117.67
CA TRP F 1445 -12.78 -3.09 116.94
C TRP F 1445 -13.56 -1.89 117.47
N ILE F 1446 -14.32 -1.24 116.59
CA ILE F 1446 -15.21 -0.17 116.98
C ILE F 1446 -16.56 -0.39 116.32
N THR F 1447 -17.59 0.23 116.88
CA THR F 1447 -18.93 0.17 116.32
C THR F 1447 -19.23 1.44 115.53
N SER F 1448 -20.46 1.50 114.99
CA SER F 1448 -20.84 2.64 114.17
C SER F 1448 -21.00 3.90 115.01
N ASP F 1449 -21.16 3.76 116.32
CA ASP F 1449 -21.44 4.91 117.17
C ASP F 1449 -20.22 5.78 117.41
N PHE F 1450 -19.02 5.29 117.08
CA PHE F 1450 -17.79 6.01 117.38
C PHE F 1450 -17.72 7.34 116.65
N HIS F 1451 -17.80 8.44 117.39
CA HIS F 1451 -17.74 9.78 116.82
C HIS F 1451 -16.90 10.70 117.69
N GLN F 1452 -15.78 10.21 118.18
CA GLN F 1452 -14.92 10.96 119.09
C GLN F 1452 -13.59 11.27 118.41
N TYR F 1453 -13.20 12.54 118.42
CA TYR F 1453 -11.96 12.98 117.82
C TYR F 1453 -11.13 13.75 118.84
N ASP F 1454 -10.97 13.18 120.03
CA ASP F 1454 -10.08 13.79 121.01
C ASP F 1454 -8.64 13.58 120.59
N THR F 1455 -7.85 14.66 120.58
CA THR F 1455 -6.46 14.56 120.19
C THR F 1455 -5.68 13.66 121.15
N GLY F 1456 -6.11 13.60 122.40
CA GLY F 1456 -5.54 12.68 123.35
C GLY F 1456 -6.45 11.49 123.59
N PHE F 1457 -6.14 10.36 122.97
CA PHE F 1457 -6.96 9.16 123.11
C PHE F 1457 -6.32 8.19 124.08
N ASP F 1458 -7.14 7.68 125.00
CA ASP F 1458 -6.71 6.65 125.94
C ASP F 1458 -7.87 5.71 126.18
N LEU F 1459 -7.55 4.49 126.63
CA LEU F 1459 -8.57 3.47 126.79
C LEU F 1459 -9.52 3.77 127.94
N ASP F 1460 -9.22 4.76 128.77
CA ASP F 1460 -10.09 5.08 129.89
C ASP F 1460 -11.23 6.00 129.49
N ARG F 1461 -11.03 6.81 128.46
CA ARG F 1461 -12.01 7.81 128.04
C ARG F 1461 -13.09 7.22 127.14
N VAL F 1462 -12.93 5.97 126.69
CA VAL F 1462 -13.93 5.37 125.82
C VAL F 1462 -15.28 5.33 126.52
N ARG F 1463 -16.33 5.59 125.75
CA ARG F 1463 -17.67 5.69 126.30
C ARG F 1463 -18.21 4.30 126.60
N THR F 1464 -18.70 4.10 127.81
CA THR F 1464 -19.21 2.80 128.21
C THR F 1464 -20.36 2.97 129.19
N VAL F 1465 -21.22 1.95 129.23
CA VAL F 1465 -22.34 1.88 130.15
C VAL F 1465 -22.52 0.42 130.54
N THR F 1466 -23.21 0.19 131.65
CA THR F 1466 -23.50 -1.17 132.10
C THR F 1466 -24.99 -1.24 132.47
N VAL F 1467 -25.78 -1.82 131.58
CA VAL F 1467 -27.19 -2.01 131.88
C VAL F 1467 -27.32 -3.24 132.77
N THR F 1468 -27.74 -3.05 134.02
CA THR F 1468 -27.90 -4.15 134.97
C THR F 1468 -29.39 -4.39 135.11
N LEU F 1469 -29.83 -5.58 134.70
CA LEU F 1469 -31.21 -5.99 134.83
C LEU F 1469 -31.33 -7.00 135.96
N GLY F 1470 -32.18 -6.68 136.93
CA GLY F 1470 -32.38 -7.52 138.08
C GLY F 1470 -33.81 -7.96 138.20
N ASP F 1471 -34.03 -8.99 139.02
CA ASP F 1471 -35.35 -9.53 139.23
C ASP F 1471 -36.19 -8.57 140.08
N GLU F 1472 -37.42 -8.97 140.37
CA GLU F 1472 -38.31 -8.15 141.19
C GLU F 1472 -37.77 -7.96 142.59
N LYS F 1473 -37.04 -8.95 143.13
CA LYS F 1473 -36.43 -8.78 144.44
C LYS F 1473 -35.32 -7.74 144.40
N GLY F 1474 -34.66 -7.59 143.26
CA GLY F 1474 -33.56 -6.66 143.10
C GLY F 1474 -32.23 -7.32 142.80
N LYS F 1475 -32.15 -8.64 142.90
CA LYS F 1475 -30.91 -9.34 142.58
C LYS F 1475 -30.61 -9.21 141.09
N VAL F 1476 -29.40 -8.76 140.78
CA VAL F 1476 -29.02 -8.46 139.40
C VAL F 1476 -28.83 -9.79 138.67
N HIS F 1477 -29.83 -10.18 137.88
CA HIS F 1477 -29.74 -11.45 137.17
C HIS F 1477 -28.80 -11.35 135.97
N GLU F 1478 -28.64 -10.15 135.42
CA GLU F 1478 -27.69 -10.00 134.32
C GLU F 1478 -27.16 -8.56 134.27
N SER F 1479 -25.97 -8.42 133.69
CA SER F 1479 -25.34 -7.12 133.50
C SER F 1479 -24.65 -7.12 132.15
N ILE F 1480 -24.93 -6.10 131.34
CA ILE F 1480 -24.41 -6.01 129.98
C ILE F 1480 -23.57 -4.75 129.89
N LYS F 1481 -22.30 -4.92 129.51
CA LYS F 1481 -21.43 -3.77 129.26
C LYS F 1481 -21.50 -3.40 127.78
N ARG F 1482 -21.76 -2.12 127.52
CA ARG F 1482 -21.89 -1.62 126.16
C ARG F 1482 -20.90 -0.48 125.94
N SER F 1483 -20.12 -0.57 124.87
CA SER F 1483 -19.15 0.45 124.52
C SER F 1483 -18.99 0.47 123.02
N ASN F 1484 -18.67 1.64 122.48
CA ASN F 1484 -18.48 1.76 121.03
C ASN F 1484 -17.08 1.34 120.63
N CYS F 1485 -16.13 1.37 121.56
CA CYS F 1485 -14.73 1.13 121.28
C CYS F 1485 -14.24 -0.09 122.03
N TYR F 1486 -13.66 -1.04 121.30
CA TYR F 1486 -13.06 -2.26 121.87
C TYR F 1486 -11.67 -2.39 121.26
N MET F 1487 -10.68 -1.77 121.88
CA MET F 1487 -9.33 -1.72 121.33
C MET F 1487 -8.31 -1.92 122.43
N VAL F 1488 -7.10 -2.29 122.01
CA VAL F 1488 -5.96 -2.47 122.92
C VAL F 1488 -4.77 -1.70 122.36
N CYS F 1489 -3.81 -1.44 123.23
CA CYS F 1489 -2.62 -0.69 122.85
C CYS F 1489 -1.44 -1.63 122.62
N ALA F 1490 -0.71 -1.39 121.54
CA ALA F 1490 0.44 -2.23 121.23
C ALA F 1490 1.57 -2.03 122.24
N GLY F 1491 1.74 -0.82 122.75
CA GLY F 1491 2.77 -0.58 123.74
C GLY F 1491 2.59 -1.43 124.98
N GLU F 1492 1.35 -1.53 125.46
CA GLU F 1492 1.09 -2.39 126.61
C GLU F 1492 1.08 -3.86 126.20
N SER F 1493 0.70 -4.14 124.95
CA SER F 1493 0.73 -5.53 124.49
C SER F 1493 2.15 -6.05 124.37
N MET F 1494 3.14 -5.17 124.39
CA MET F 1494 4.54 -5.60 124.44
C MET F 1494 4.83 -6.21 125.81
N SER F 1495 4.23 -7.37 126.06
CA SER F 1495 4.52 -8.08 127.31
C SER F 1495 5.99 -8.46 127.42
N PRO F 1496 6.63 -9.04 126.40
CA PRO F 1496 8.09 -9.25 126.52
C PRO F 1496 8.87 -7.95 126.52
N GLY F 1497 8.38 -6.92 125.86
CA GLY F 1497 9.09 -5.65 125.74
C GLY F 1497 10.00 -5.61 124.52
N GLN F 1498 10.00 -4.45 123.87
CA GLN F 1498 10.71 -4.22 122.60
C GLN F 1498 10.33 -5.24 121.54
N GLY F 1499 9.08 -5.70 121.56
CA GLY F 1499 8.61 -6.57 120.49
C GLY F 1499 8.56 -5.88 119.14
N ARG F 1500 8.22 -4.60 119.15
CA ARG F 1500 8.22 -3.78 117.94
C ARG F 1500 9.61 -3.45 117.43
N ASN F 1501 10.64 -3.66 118.26
CA ASN F 1501 12.00 -3.28 117.89
C ASN F 1501 12.60 -4.27 116.89
N ASN F 1502 12.78 -5.53 117.31
CA ASN F 1502 13.44 -6.51 116.47
C ASN F 1502 12.68 -6.74 115.17
N ASN F 1503 11.36 -6.87 115.27
CA ASN F 1503 10.50 -7.01 114.10
C ASN F 1503 9.25 -6.18 114.33
N GLY F 1504 8.50 -5.96 113.26
CA GLY F 1504 7.22 -5.29 113.39
C GLY F 1504 6.31 -6.06 114.33
N LEU F 1505 5.64 -5.32 115.22
CA LEU F 1505 4.72 -5.96 116.15
C LEU F 1505 3.45 -6.37 115.41
N GLU F 1506 2.91 -7.52 115.77
CA GLU F 1506 1.71 -8.05 115.13
C GLU F 1506 0.63 -8.22 116.19
N ILE F 1507 -0.40 -7.39 116.12
CA ILE F 1507 -1.59 -7.62 116.94
C ILE F 1507 -2.65 -8.31 116.10
N GLY F 1508 -3.08 -9.49 116.54
CA GLY F 1508 -4.10 -10.22 115.82
C GLY F 1508 -5.40 -10.22 116.59
N CYS F 1509 -6.46 -9.71 115.95
CA CYS F 1509 -7.77 -9.61 116.56
C CYS F 1509 -8.62 -10.77 116.06
N VAL F 1510 -9.17 -11.55 117.00
CA VAL F 1510 -10.08 -12.63 116.69
C VAL F 1510 -11.42 -12.35 117.36
N VAL F 1511 -12.49 -12.48 116.57
CA VAL F 1511 -13.86 -12.24 117.02
C VAL F 1511 -14.66 -13.52 116.84
N ASP F 1512 -15.34 -13.94 117.90
CA ASP F 1512 -16.21 -15.11 117.84
C ASP F 1512 -17.63 -14.62 117.62
N ALA F 1513 -18.04 -14.58 116.35
CA ALA F 1513 -19.38 -14.08 116.00
C ALA F 1513 -20.49 -14.91 116.62
N ALA F 1514 -20.24 -16.16 116.97
CA ALA F 1514 -21.26 -17.00 117.58
C ALA F 1514 -21.43 -16.72 119.07
N SER F 1515 -20.40 -16.18 119.73
CA SER F 1515 -20.46 -15.90 121.15
C SER F 1515 -20.15 -14.46 121.52
N GLY F 1516 -19.67 -13.65 120.59
CA GLY F 1516 -19.37 -12.27 120.89
C GLY F 1516 -18.13 -12.05 121.73
N LEU F 1517 -17.17 -12.97 121.68
CA LEU F 1517 -15.94 -12.80 122.44
C LEU F 1517 -14.87 -12.20 121.53
N LEU F 1518 -14.27 -11.11 121.97
CA LEU F 1518 -13.19 -10.44 121.23
C LEU F 1518 -11.91 -10.67 122.01
N THR F 1519 -10.92 -11.28 121.36
CA THR F 1519 -9.63 -11.52 121.99
C THR F 1519 -8.51 -11.13 121.05
N PHE F 1520 -7.34 -10.90 121.64
CA PHE F 1520 -6.19 -10.34 120.92
C PHE F 1520 -4.96 -11.19 121.24
N ILE F 1521 -4.16 -11.45 120.21
CA ILE F 1521 -2.94 -12.22 120.35
C ILE F 1521 -1.78 -11.37 119.83
N ALA F 1522 -0.77 -11.17 120.66
CA ALA F 1522 0.41 -10.42 120.28
C ALA F 1522 1.63 -11.32 120.41
N ASN F 1523 2.41 -11.41 119.33
CA ASN F 1523 3.60 -12.24 119.29
C ASN F 1523 3.31 -13.70 119.65
N GLY F 1524 2.17 -14.21 119.20
CA GLY F 1524 1.86 -15.61 119.38
C GLY F 1524 1.27 -16.00 120.71
N LYS F 1525 1.04 -15.05 121.61
CA LYS F 1525 0.43 -15.33 122.91
C LYS F 1525 -0.78 -14.45 123.11
N GLU F 1526 -1.83 -15.01 123.71
CA GLU F 1526 -3.09 -14.30 123.86
C GLU F 1526 -3.01 -13.31 125.00
N LEU F 1527 -3.30 -12.04 124.70
CA LEU F 1527 -3.22 -10.99 125.71
C LEU F 1527 -4.37 -11.10 126.71
N SER F 1528 -4.12 -10.58 127.91
CA SER F 1528 -5.09 -10.71 128.99
C SER F 1528 -6.40 -9.98 128.68
N THR F 1529 -6.33 -8.79 128.10
CA THR F 1529 -7.53 -8.02 127.85
C THR F 1529 -8.41 -8.69 126.81
N TYR F 1530 -9.68 -8.88 127.17
CA TYR F 1530 -10.67 -9.47 126.29
C TYR F 1530 -11.99 -8.75 126.49
N TYR F 1531 -12.85 -8.79 125.47
CA TYR F 1531 -14.11 -8.08 125.50
C TYR F 1531 -15.26 -9.04 125.22
N GLN F 1532 -16.42 -8.76 125.80
CA GLN F 1532 -17.63 -9.49 125.51
C GLN F 1532 -18.70 -8.53 125.02
N VAL F 1533 -19.21 -8.78 123.82
CA VAL F 1533 -20.18 -7.89 123.21
C VAL F 1533 -21.53 -8.58 123.18
N GLU F 1534 -22.58 -7.77 123.20
CA GLU F 1534 -23.95 -8.26 123.13
C GLU F 1534 -24.29 -8.72 121.72
N PRO F 1535 -25.30 -9.57 121.58
CA PRO F 1535 -25.64 -10.09 120.24
C PRO F 1535 -26.07 -8.98 119.29
N SER F 1536 -25.86 -9.22 118.01
CA SER F 1536 -26.21 -8.37 116.88
C SER F 1536 -25.31 -7.15 116.76
N THR F 1537 -24.18 -7.11 117.46
CA THR F 1537 -23.27 -5.98 117.35
C THR F 1537 -22.51 -6.06 116.03
N LYS F 1538 -22.37 -4.92 115.37
CA LYS F 1538 -21.54 -4.80 114.17
C LYS F 1538 -20.23 -4.15 114.58
N LEU F 1539 -19.13 -4.88 114.40
CA LEU F 1539 -17.81 -4.41 114.80
C LEU F 1539 -16.98 -4.08 113.58
N PHE F 1540 -16.46 -2.87 113.53
CA PHE F 1540 -15.59 -2.44 112.46
C PHE F 1540 -14.13 -2.57 112.87
N PRO F 1541 -13.29 -3.25 112.10
CA PRO F 1541 -11.85 -3.23 112.40
C PRO F 1541 -11.35 -1.79 112.40
N ALA F 1542 -10.54 -1.46 113.39
CA ALA F 1542 -10.13 -0.07 113.57
C ALA F 1542 -8.74 -0.01 114.17
N VAL F 1543 -7.99 1.02 113.77
CA VAL F 1543 -6.67 1.30 114.32
C VAL F 1543 -6.58 2.80 114.56
N PHE F 1544 -6.22 3.19 115.77
CA PHE F 1544 -5.95 4.59 116.08
C PHE F 1544 -4.45 4.75 116.27
N ALA F 1545 -3.85 5.62 115.45
CA ALA F 1545 -2.40 5.69 115.44
C ALA F 1545 -1.95 7.14 115.35
N GLN F 1546 -0.93 7.48 116.14
CA GLN F 1546 -0.22 8.75 116.01
C GLN F 1546 1.10 8.46 115.31
N ALA F 1547 1.24 9.00 114.10
CA ALA F 1547 2.37 8.62 113.25
C ALA F 1547 3.67 9.17 113.81
N THR F 1548 4.59 8.27 114.17
CA THR F 1548 5.93 8.63 114.57
C THR F 1548 6.96 8.15 113.56
N SER F 1549 6.54 7.83 112.35
CA SER F 1549 7.43 7.29 111.32
C SER F 1549 6.77 7.52 109.98
N PRO F 1550 7.56 7.51 108.89
CA PRO F 1550 6.94 7.62 107.56
C PRO F 1550 5.95 6.51 107.27
N ASN F 1551 6.23 5.29 107.71
CA ASN F 1551 5.34 4.16 107.57
C ASN F 1551 4.66 3.92 108.92
N VAL F 1552 3.33 3.89 108.93
CA VAL F 1552 2.60 3.87 110.19
C VAL F 1552 2.22 2.44 110.55
N PHE F 1553 1.40 1.79 109.72
CA PHE F 1553 1.01 0.42 110.04
C PHE F 1553 0.48 -0.28 108.80
N GLN F 1554 0.06 -1.54 108.98
CA GLN F 1554 -0.42 -2.36 107.89
C GLN F 1554 -1.53 -3.28 108.37
N PHE F 1555 -2.70 -3.15 107.76
CA PHE F 1555 -3.80 -4.10 107.92
C PHE F 1555 -3.43 -5.36 107.14
N GLU F 1556 -3.41 -6.50 107.82
CA GLU F 1556 -3.22 -7.79 107.17
C GLU F 1556 -4.50 -8.60 107.30
N LEU F 1557 -5.04 -9.05 106.17
CA LEU F 1557 -6.29 -9.79 106.15
C LEU F 1557 -6.03 -11.29 106.05
N GLY F 1558 -4.96 -11.75 106.70
CA GLY F 1558 -4.62 -13.16 106.71
C GLY F 1558 -5.44 -13.94 107.71
N ARG F 1559 -5.06 -15.19 107.89
CA ARG F 1559 -5.76 -16.10 108.78
C ARG F 1559 -4.76 -16.96 109.55
N ILE F 1560 -5.21 -17.47 110.67
CA ILE F 1560 -4.37 -18.30 111.53
C ILE F 1560 -5.03 -19.66 111.73
N LYS F 1561 -4.40 -20.50 112.55
CA LYS F 1561 -4.93 -21.83 112.82
C LYS F 1561 -6.35 -21.77 113.35
N ASN F 1562 -7.24 -22.56 112.73
CA ASN F 1562 -8.62 -22.76 113.15
C ASN F 1562 -9.47 -21.49 113.14
N VAL F 1563 -9.02 -20.42 112.48
CA VAL F 1563 -9.78 -19.18 112.41
C VAL F 1563 -9.91 -18.79 110.95
N MET F 1564 -11.15 -18.58 110.51
CA MET F 1564 -11.41 -18.25 109.12
C MET F 1564 -11.20 -16.75 108.90
N PRO F 1565 -10.59 -16.36 107.77
CA PRO F 1565 -10.18 -14.96 107.59
C PRO F 1565 -11.36 -14.01 107.52
N LEU F 1566 -11.01 -12.71 107.57
CA LEU F 1566 -11.97 -11.63 107.71
C LEU F 1566 -12.90 -11.48 106.52
N SER F 1567 -12.43 -11.72 105.30
CA SER F 1567 -13.26 -11.62 104.11
C SER F 1567 -14.44 -12.56 104.15
N ALA F 1568 -14.28 -13.75 104.74
CA ALA F 1568 -15.40 -14.67 104.85
C ALA F 1568 -16.51 -14.10 105.71
N GLY F 1569 -16.15 -13.46 106.83
CA GLY F 1569 -17.13 -12.82 107.68
C GLY F 1569 -17.77 -11.61 107.02
N LEU F 1570 -16.96 -10.84 106.29
CA LEU F 1570 -17.48 -9.61 105.68
C LEU F 1570 -18.44 -9.94 104.54
N PHE F 1571 -17.97 -10.69 103.54
CA PHE F 1571 -18.78 -11.00 102.38
C PHE F 1571 -19.58 -12.27 102.59
N LYS F 1572 -20.82 -12.26 102.12
CA LYS F 1572 -21.71 -13.41 102.18
C LYS F 1572 -21.37 -14.46 101.13
N SER F 1573 -20.85 -14.04 99.98
CA SER F 1573 -20.48 -15.00 98.94
C SER F 1573 -19.34 -15.90 99.39
N GLU F 1574 -18.37 -15.35 100.12
CA GLU F 1574 -17.20 -16.09 100.56
C GLU F 1574 -17.37 -16.63 101.99
N HIS F 1575 -18.61 -16.91 102.40
CA HIS F 1575 -18.84 -17.39 103.76
C HIS F 1575 -18.18 -18.73 104.00
N LYS F 1576 -17.86 -19.47 102.94
CA LYS F 1576 -17.21 -20.77 103.04
C LYS F 1576 -15.88 -20.81 102.30
N ASN F 1577 -15.24 -19.66 102.12
CA ASN F 1577 -13.99 -19.61 101.37
C ASN F 1577 -12.83 -19.40 102.33
N PRO F 1578 -12.01 -20.41 102.61
CA PRO F 1578 -10.88 -20.22 103.52
C PRO F 1578 -9.83 -19.26 103.00
N VAL F 1579 -9.78 -19.05 101.69
CA VAL F 1579 -8.71 -18.20 101.12
C VAL F 1579 -8.97 -16.74 101.52
N PRO F 1580 -7.98 -16.05 102.09
CA PRO F 1580 -8.16 -14.63 102.40
C PRO F 1580 -8.32 -13.81 101.12
N GLN F 1581 -9.10 -12.74 101.23
CA GLN F 1581 -9.38 -11.88 100.09
C GLN F 1581 -9.48 -10.43 100.54
N CYS F 1582 -9.15 -9.52 99.63
CA CYS F 1582 -9.29 -8.08 99.86
C CYS F 1582 -9.98 -7.47 98.64
N PRO F 1583 -11.28 -7.67 98.49
CA PRO F 1583 -12.00 -7.13 97.35
C PRO F 1583 -12.05 -5.61 97.39
N PRO F 1584 -12.32 -4.96 96.26
CA PRO F 1584 -12.23 -3.49 96.21
C PRO F 1584 -13.18 -2.78 97.15
N ARG F 1585 -14.26 -3.43 97.59
CA ARG F 1585 -15.19 -2.78 98.50
C ARG F 1585 -14.50 -2.42 99.81
N LEU F 1586 -13.68 -3.33 100.33
CA LEU F 1586 -12.94 -3.04 101.55
C LEU F 1586 -11.91 -1.96 101.30
N HIS F 1587 -11.91 -0.93 102.15
CA HIS F 1587 -10.99 0.18 102.01
C HIS F 1587 -10.89 0.93 103.33
N VAL F 1588 -9.77 1.62 103.53
CA VAL F 1588 -9.55 2.33 104.77
C VAL F 1588 -10.33 3.65 104.77
N GLN F 1589 -10.99 3.94 105.88
CA GLN F 1589 -11.74 5.17 106.07
C GLN F 1589 -11.22 5.86 107.31
N PHE F 1590 -10.97 7.16 107.22
CA PHE F 1590 -10.42 7.91 108.33
C PHE F 1590 -11.45 8.92 108.84
N LEU F 1591 -11.44 9.12 110.15
CA LEU F 1591 -12.38 10.06 110.76
C LEU F 1591 -12.05 11.48 110.33
N SER F 1592 -13.07 12.27 109.98
CA SER F 1592 -12.84 13.60 109.42
C SER F 1592 -14.04 14.50 109.70
N HIS F 1593 -13.82 15.80 109.52
CA HIS F 1593 -14.84 16.82 109.73
C HIS F 1593 -15.17 17.59 108.46
N VAL F 1594 -14.89 17.03 107.29
CA VAL F 1594 -14.98 17.79 106.04
C VAL F 1594 -16.39 17.65 105.45
N LEU F 1595 -17.32 17.12 106.24
CA LEU F 1595 -18.67 16.88 105.76
C LEU F 1595 -19.60 18.03 106.12
N TRP F 1596 -20.59 18.25 105.26
CA TRP F 1596 -21.63 19.23 105.48
C TRP F 1596 -22.87 18.57 106.07
N SER F 1597 -23.84 19.39 106.48
CA SER F 1597 -25.07 18.90 107.05
C SER F 1597 -26.23 19.82 106.68
N ARG F 1598 -27.35 19.23 106.29
CA ARG F 1598 -28.50 19.98 105.80
C ARG F 1598 -29.48 20.26 106.93
N MET F 1599 -29.78 21.55 107.16
CA MET F 1599 -30.83 21.80 108.15
C MET F 1599 -32.19 21.47 107.56
N PRO F 1600 -33.07 20.84 108.34
CA PRO F 1600 -34.42 20.57 107.82
C PRO F 1600 -35.15 21.86 107.52
N ASN F 1601 -35.98 21.82 106.47
CA ASN F 1601 -36.77 22.99 106.11
C ASN F 1601 -37.79 23.32 107.19
N GLN F 1602 -38.30 22.30 107.87
CA GLN F 1602 -39.30 22.48 108.90
C GLN F 1602 -38.97 21.60 110.11
N PHE F 1603 -39.20 22.15 111.30
CA PHE F 1603 -38.97 21.43 112.55
C PHE F 1603 -40.30 21.19 113.25
N LEU F 1604 -40.28 20.30 114.23
CA LEU F 1604 -41.47 20.02 115.03
C LEU F 1604 -41.87 21.26 115.82
N LYS F 1605 -43.17 21.54 115.83
CA LYS F 1605 -43.70 22.66 116.60
C LYS F 1605 -44.02 22.18 118.01
N VAL F 1606 -43.23 22.64 118.98
CA VAL F 1606 -43.38 22.25 120.38
C VAL F 1606 -43.58 23.50 121.20
N ASP F 1607 -44.62 23.51 122.03
CA ASP F 1607 -44.87 24.64 122.92
C ASP F 1607 -44.66 24.22 124.36
N VAL F 1608 -43.97 25.08 125.11
CA VAL F 1608 -43.58 24.79 126.49
C VAL F 1608 -43.92 26.01 127.34
N SER F 1609 -44.44 25.76 128.54
CA SER F 1609 -44.83 26.86 129.42
C SER F 1609 -45.06 26.35 130.83
N ARG F 1610 -44.81 27.20 131.82
CA ARG F 1610 -45.11 26.87 133.21
C ARG F 1610 -46.59 27.08 133.46
N ILE F 1611 -47.33 25.99 133.60
CA ILE F 1611 -48.77 26.09 133.83
C ILE F 1611 -49.06 26.71 135.18
N SER F 1612 -48.41 26.22 136.24
CA SER F 1612 -48.62 26.76 137.57
C SER F 1612 -47.49 26.27 138.47
N GLU F 1613 -47.52 26.74 139.72
CA GLU F 1613 -46.56 26.29 140.71
C GLU F 1613 -46.67 24.79 140.94
N ARG F 1614 -47.91 24.30 141.05
CA ARG F 1614 -48.12 22.87 141.27
C ARG F 1614 -47.92 22.07 140.00
N GLN F 1615 -48.33 22.63 138.86
CA GLN F 1615 -48.37 21.84 137.62
C GLN F 1615 -47.00 21.63 137.01
N GLY F 1616 -46.00 22.39 137.41
CA GLY F 1616 -44.71 22.26 136.78
C GLY F 1616 -44.71 22.84 135.38
N TRP F 1617 -43.69 22.46 134.61
CA TRP F 1617 -43.61 22.90 133.23
C TRP F 1617 -44.36 21.93 132.33
N LEU F 1618 -44.86 22.44 131.21
CA LEU F 1618 -45.60 21.63 130.25
C LEU F 1618 -44.94 21.72 128.89
N VAL F 1619 -44.71 20.54 128.30
CA VAL F 1619 -44.13 20.38 126.97
C VAL F 1619 -45.15 19.65 126.13
N GLN F 1620 -45.63 20.30 125.06
CA GLN F 1620 -46.71 19.75 124.24
C GLN F 1620 -46.29 19.80 122.78
N CYS F 1621 -46.61 18.73 122.05
CA CYS F 1621 -46.37 18.66 120.62
C CYS F 1621 -47.49 17.82 120.00
N LEU F 1622 -48.19 18.40 119.01
CA LEU F 1622 -49.37 17.77 118.47
C LEU F 1622 -49.38 17.67 116.95
N ASP F 1623 -48.41 18.26 116.26
CA ASP F 1623 -48.38 18.27 114.81
C ASP F 1623 -47.37 17.27 114.29
N PRO F 1624 -47.75 16.34 113.42
CA PRO F 1624 -46.83 15.31 112.96
C PRO F 1624 -45.98 15.74 111.77
N LEU F 1625 -44.72 15.30 111.80
CA LEU F 1625 -43.78 15.50 110.70
C LEU F 1625 -43.00 14.21 110.49
N GLN F 1626 -42.54 14.00 109.26
CA GLN F 1626 -41.77 12.82 108.93
C GLN F 1626 -40.73 13.18 107.90
N PHE F 1627 -39.62 12.44 107.91
CA PHE F 1627 -38.59 12.55 106.90
C PHE F 1627 -38.23 11.15 106.41
N MET F 1628 -37.99 11.02 105.12
CA MET F 1628 -37.65 9.71 104.56
C MET F 1628 -36.15 9.49 104.66
N SER F 1629 -35.76 8.49 105.43
CA SER F 1629 -34.36 8.24 105.76
C SER F 1629 -33.81 7.17 104.83
N LEU F 1630 -32.66 7.45 104.23
CA LEU F 1630 -31.97 6.47 103.39
C LEU F 1630 -30.88 5.81 104.20
N HIS F 1631 -30.90 4.49 104.27
CA HIS F 1631 -29.99 3.72 105.12
C HIS F 1631 -28.90 3.10 104.26
N ILE F 1632 -27.66 3.46 104.54
CA ILE F 1632 -26.50 2.81 103.92
C ILE F 1632 -26.27 1.50 104.65
N PRO F 1633 -26.39 0.36 103.97
CA PRO F 1633 -26.34 -0.93 104.69
C PRO F 1633 -24.97 -1.26 105.28
N GLU F 1634 -23.90 -1.09 104.50
CA GLU F 1634 -22.59 -1.53 104.97
C GLU F 1634 -22.06 -0.68 106.11
N GLU F 1635 -22.40 0.60 106.13
CA GLU F 1635 -21.91 1.52 107.14
C GLU F 1635 -22.83 1.62 108.36
N ASN F 1636 -23.99 0.97 108.31
CA ASN F 1636 -24.97 1.01 109.38
C ASN F 1636 -25.34 2.46 109.72
N ARG F 1637 -25.44 3.29 108.69
CA ARG F 1637 -25.76 4.70 108.81
C ARG F 1637 -27.14 4.97 108.26
N SER F 1638 -27.61 6.21 108.47
CA SER F 1638 -28.91 6.63 107.98
C SER F 1638 -28.86 8.13 107.74
N VAL F 1639 -29.26 8.56 106.56
CA VAL F 1639 -29.27 9.97 106.18
C VAL F 1639 -30.62 10.30 105.58
N ASP F 1640 -31.09 11.52 105.83
CA ASP F 1640 -32.30 11.98 105.17
C ASP F 1640 -32.09 11.99 103.66
N ILE F 1641 -33.10 11.52 102.93
CA ILE F 1641 -32.95 11.35 101.49
C ILE F 1641 -32.73 12.69 100.80
N LEU F 1642 -33.20 13.78 101.39
CA LEU F 1642 -32.94 15.10 100.82
C LEU F 1642 -31.47 15.49 100.89
N GLU F 1643 -30.69 14.82 101.73
CA GLU F 1643 -29.25 15.07 101.78
C GLU F 1643 -28.53 14.57 100.53
N LEU F 1644 -29.19 13.79 99.69
CA LEU F 1644 -28.59 13.29 98.47
C LEU F 1644 -28.52 14.34 97.37
N THR F 1645 -29.05 15.53 97.63
CA THR F 1645 -28.93 16.63 96.68
C THR F 1645 -27.49 17.03 96.43
N GLU F 1646 -26.60 16.79 97.39
CA GLU F 1646 -25.18 17.09 97.24
C GLU F 1646 -24.30 15.85 97.15
N GLN F 1647 -24.82 14.67 97.48
CA GLN F 1647 -24.08 13.43 97.33
C GLN F 1647 -24.44 12.82 95.98
N GLU F 1648 -23.66 13.18 94.96
CA GLU F 1648 -24.01 12.83 93.59
C GLU F 1648 -23.95 11.32 93.36
N GLU F 1649 -22.94 10.65 93.91
CA GLU F 1649 -22.79 9.23 93.66
C GLU F 1649 -23.96 8.43 94.23
N LEU F 1650 -24.36 8.73 95.46
CA LEU F 1650 -25.51 8.05 96.05
C LEU F 1650 -26.79 8.37 95.30
N LEU F 1651 -26.94 9.62 94.87
CA LEU F 1651 -28.12 10.00 94.10
C LEU F 1651 -28.23 9.19 92.82
N LYS F 1652 -27.13 9.07 92.08
CA LYS F 1652 -27.16 8.32 90.83
C LYS F 1652 -27.40 6.83 91.08
N PHE F 1653 -26.74 6.27 92.08
CA PHE F 1653 -26.91 4.86 92.36
C PHE F 1653 -28.35 4.56 92.78
N HIS F 1654 -28.94 5.42 93.61
CA HIS F 1654 -30.32 5.22 94.02
C HIS F 1654 -31.31 5.45 92.89
N TYR F 1655 -31.04 6.38 91.99
CA TYR F 1655 -31.90 6.53 90.82
C TYR F 1655 -31.87 5.27 89.96
N HIS F 1656 -30.70 4.69 89.75
CA HIS F 1656 -30.64 3.45 89.00
C HIS F 1656 -31.26 2.29 89.77
N THR F 1657 -31.18 2.29 91.10
CA THR F 1657 -31.90 1.29 91.89
C THR F 1657 -33.39 1.41 91.69
N LEU F 1658 -33.91 2.64 91.66
CA LEU F 1658 -35.33 2.83 91.39
C LEU F 1658 -35.69 2.34 89.99
N ARG F 1659 -34.82 2.60 89.01
CA ARG F 1659 -35.07 2.10 87.67
C ARG F 1659 -35.11 0.58 87.64
N LEU F 1660 -34.23 -0.06 88.41
CA LEU F 1660 -34.26 -1.51 88.51
C LEU F 1660 -35.55 -2.00 89.16
N TYR F 1661 -36.01 -1.28 90.19
CA TYR F 1661 -37.28 -1.62 90.82
C TYR F 1661 -38.41 -1.57 89.81
N SER F 1662 -38.43 -0.54 88.98
CA SER F 1662 -39.45 -0.45 87.93
C SER F 1662 -39.32 -1.59 86.93
N ALA F 1663 -38.09 -1.90 86.51
CA ALA F 1663 -37.86 -2.92 85.49
C ALA F 1663 -38.25 -4.31 85.95
N VAL F 1664 -37.97 -4.66 87.20
CA VAL F 1664 -38.26 -6.03 87.65
C VAL F 1664 -39.76 -6.29 87.70
N CYS F 1665 -40.56 -5.25 87.98
CA CYS F 1665 -42.01 -5.39 88.05
C CYS F 1665 -42.69 -4.89 86.79
N ALA F 1666 -41.92 -4.54 85.76
CA ALA F 1666 -42.47 -4.05 84.50
C ALA F 1666 -43.23 -5.15 83.78
N LEU F 1667 -44.25 -4.73 83.02
CA LEU F 1667 -45.04 -5.61 82.17
C LEU F 1667 -45.74 -6.71 82.96
N GLY F 1668 -46.58 -6.27 83.90
CA GLY F 1668 -47.48 -7.18 84.59
C GLY F 1668 -46.82 -8.28 85.40
N ASN F 1669 -45.73 -7.95 86.10
CA ASN F 1669 -45.13 -8.90 87.04
C ASN F 1669 -45.70 -8.62 88.43
N HIS F 1670 -46.92 -9.11 88.64
CA HIS F 1670 -47.67 -8.75 89.84
C HIS F 1670 -47.03 -9.29 91.10
N ARG F 1671 -46.45 -10.49 91.03
CA ARG F 1671 -45.79 -11.04 92.20
C ARG F 1671 -44.60 -10.19 92.62
N VAL F 1672 -43.81 -9.75 91.64
CA VAL F 1672 -42.67 -8.89 91.94
C VAL F 1672 -43.15 -7.54 92.46
N ALA F 1673 -44.28 -7.04 91.93
CA ALA F 1673 -44.83 -5.80 92.46
C ALA F 1673 -45.23 -5.96 93.92
N HIS F 1674 -45.86 -7.09 94.26
CA HIS F 1674 -46.23 -7.35 95.65
C HIS F 1674 -44.98 -7.41 96.52
N ALA F 1675 -43.92 -8.05 96.02
CA ALA F 1675 -42.67 -8.10 96.78
C ALA F 1675 -42.09 -6.70 96.99
N LEU F 1676 -42.12 -5.86 95.95
CA LEU F 1676 -41.59 -4.52 96.03
C LEU F 1676 -42.41 -3.61 96.93
N CYS F 1677 -43.69 -3.93 97.15
CA CYS F 1677 -44.47 -3.15 98.10
C CYS F 1677 -43.87 -3.22 99.50
N SER F 1678 -43.17 -4.30 99.82
CA SER F 1678 -42.47 -4.38 101.10
C SER F 1678 -41.33 -3.38 101.18
N HIS F 1679 -40.53 -3.27 100.13
CA HIS F 1679 -39.37 -2.39 100.14
C HIS F 1679 -39.74 -0.93 100.02
N VAL F 1680 -40.73 -0.61 99.18
CA VAL F 1680 -41.18 0.76 98.99
C VAL F 1680 -42.65 0.79 99.39
N ASP F 1681 -42.94 1.35 100.56
CA ASP F 1681 -44.28 1.39 101.08
C ASP F 1681 -45.06 2.56 100.48
N GLU F 1682 -46.38 2.48 100.58
CA GLU F 1682 -47.22 3.55 100.03
C GLU F 1682 -47.08 4.86 100.80
N PRO F 1683 -46.80 4.89 102.12
CA PRO F 1683 -46.47 6.18 102.72
C PRO F 1683 -45.22 6.81 102.13
N GLN F 1684 -44.19 6.01 101.87
CA GLN F 1684 -42.99 6.54 101.22
C GLN F 1684 -43.32 7.06 99.83
N LEU F 1685 -44.12 6.30 99.08
CA LEU F 1685 -44.50 6.73 97.74
C LEU F 1685 -45.24 8.06 97.78
N LEU F 1686 -46.20 8.19 98.70
CA LEU F 1686 -46.97 9.42 98.79
C LEU F 1686 -46.11 10.60 99.24
N TYR F 1687 -45.18 10.34 100.17
CA TYR F 1687 -44.29 11.41 100.61
C TYR F 1687 -43.41 11.88 99.45
N ALA F 1688 -42.97 10.94 98.61
CA ALA F 1688 -42.24 11.33 97.40
C ALA F 1688 -43.15 12.06 96.42
N ILE F 1689 -44.42 11.66 96.36
CA ILE F 1689 -45.40 12.37 95.54
C ILE F 1689 -45.43 13.84 95.91
N GLU F 1690 -45.53 14.12 97.20
CA GLU F 1690 -45.88 15.46 97.67
C GLU F 1690 -44.67 16.34 97.97
N ASN F 1691 -43.52 15.77 98.31
CA ASN F 1691 -42.40 16.56 98.79
C ASN F 1691 -41.91 17.54 97.73
N LYS F 1692 -41.65 18.77 98.15
CA LYS F 1692 -41.27 19.84 97.25
C LYS F 1692 -39.77 20.11 97.23
N TYR F 1693 -38.98 19.35 97.99
CA TYR F 1693 -37.53 19.52 98.02
C TYR F 1693 -36.79 18.32 97.48
N MET F 1694 -37.48 17.29 97.02
CA MET F 1694 -36.83 16.07 96.57
C MET F 1694 -36.04 16.33 95.29
N PRO F 1695 -34.87 15.72 95.14
CA PRO F 1695 -34.11 15.86 93.90
C PRO F 1695 -34.91 15.37 92.70
N GLY F 1696 -34.63 15.98 91.55
CA GLY F 1696 -35.43 15.70 90.36
C GLY F 1696 -35.34 14.24 89.93
N LEU F 1697 -34.15 13.67 89.99
CA LEU F 1697 -33.99 12.27 89.59
C LEU F 1697 -34.81 11.35 90.48
N LEU F 1698 -34.75 11.56 91.80
CA LEU F 1698 -35.53 10.74 92.71
C LEU F 1698 -37.02 10.95 92.51
N ARG F 1699 -37.44 12.19 92.27
CA ARG F 1699 -38.85 12.46 91.98
C ARG F 1699 -39.32 11.68 90.76
N ALA F 1700 -38.58 11.76 89.66
CA ALA F 1700 -38.93 11.07 88.43
C ALA F 1700 -38.86 9.56 88.57
N GLY F 1701 -38.00 9.04 89.44
CA GLY F 1701 -37.96 7.61 89.65
C GLY F 1701 -39.09 7.13 90.54
N TYR F 1702 -39.45 7.93 91.54
CA TYR F 1702 -40.49 7.50 92.46
C TYR F 1702 -41.87 7.59 91.84
N TYR F 1703 -42.13 8.58 90.99
CA TYR F 1703 -43.41 8.55 90.29
C TYR F 1703 -43.47 7.35 89.36
N ASP F 1704 -42.34 6.99 88.75
CA ASP F 1704 -42.30 5.80 87.90
C ASP F 1704 -42.62 4.54 88.69
N LEU F 1705 -42.05 4.40 89.89
CA LEU F 1705 -42.41 3.27 90.73
C LEU F 1705 -43.87 3.27 91.12
N LEU F 1706 -44.42 4.43 91.49
CA LEU F 1706 -45.83 4.49 91.87
C LEU F 1706 -46.72 4.10 90.70
N ILE F 1707 -46.33 4.45 89.48
CA ILE F 1707 -47.10 4.06 88.30
C ILE F 1707 -46.95 2.57 88.01
N ASP F 1708 -45.73 2.03 88.06
CA ASP F 1708 -45.51 0.65 87.64
C ASP F 1708 -46.05 -0.35 88.65
N ILE F 1709 -45.83 -0.13 89.95
CA ILE F 1709 -46.30 -1.08 90.96
C ILE F 1709 -47.81 -1.17 91.04
N HIS F 1710 -48.54 -0.07 90.80
CA HIS F 1710 -49.96 -0.06 91.10
C HIS F 1710 -50.84 0.19 89.87
N LEU F 1711 -50.40 1.04 88.95
CA LEU F 1711 -51.28 1.57 87.93
C LEU F 1711 -50.98 1.06 86.52
N SER F 1712 -49.77 0.56 86.28
CA SER F 1712 -49.34 0.27 84.91
C SER F 1712 -50.18 -0.83 84.27
N SER F 1713 -50.52 -1.86 85.04
CA SER F 1713 -51.24 -3.00 84.47
C SER F 1713 -52.62 -2.58 83.96
N TYR F 1714 -53.40 -1.91 84.82
CA TYR F 1714 -54.71 -1.46 84.38
C TYR F 1714 -54.60 -0.42 83.28
N ALA F 1715 -53.61 0.47 83.36
CA ALA F 1715 -53.45 1.48 82.32
C ALA F 1715 -53.19 0.83 80.96
N THR F 1716 -52.32 -0.17 80.92
CA THR F 1716 -52.03 -0.79 79.62
C THR F 1716 -53.18 -1.66 79.16
N ALA F 1717 -53.94 -2.27 80.07
CA ALA F 1717 -55.14 -2.99 79.64
C ALA F 1717 -56.14 -2.04 78.99
N ARG F 1718 -56.38 -0.88 79.62
CA ARG F 1718 -57.27 0.09 79.03
C ARG F 1718 -56.76 0.59 77.69
N LEU F 1719 -55.45 0.82 77.57
CA LEU F 1719 -54.89 1.26 76.31
C LEU F 1719 -55.01 0.21 75.20
N MET F 1720 -54.84 -1.07 75.52
CA MET F 1720 -55.06 -2.12 74.53
C MET F 1720 -56.52 -2.24 74.13
N MET F 1721 -57.46 -1.96 75.04
CA MET F 1721 -58.87 -2.09 74.70
C MET F 1721 -59.46 -0.77 74.24
N ASN F 1722 -58.62 0.26 74.14
CA ASN F 1722 -59.06 1.60 73.76
C ASN F 1722 -59.70 1.69 72.39
N ASN F 1723 -59.09 1.13 71.36
CA ASN F 1723 -59.51 1.38 69.98
C ASN F 1723 -60.63 0.46 69.51
N GLU F 1724 -61.13 -0.40 70.38
CA GLU F 1724 -62.17 -1.38 70.03
C GLU F 1724 -63.41 -1.08 70.86
N TYR F 1725 -64.48 -0.66 70.20
CA TYR F 1725 -65.69 -0.19 70.86
C TYR F 1725 -66.75 -1.30 70.80
N ILE F 1726 -66.96 -1.95 71.94
CA ILE F 1726 -68.06 -2.89 72.08
C ILE F 1726 -69.06 -2.25 73.04
N VAL F 1727 -70.23 -1.91 72.53
CA VAL F 1727 -71.22 -1.14 73.29
C VAL F 1727 -72.48 -1.99 73.45
N PRO F 1728 -72.92 -2.23 74.69
CA PRO F 1728 -74.19 -2.95 74.88
C PRO F 1728 -75.35 -2.11 74.40
N MET F 1729 -76.42 -2.80 73.99
CA MET F 1729 -77.63 -2.12 73.52
C MET F 1729 -78.70 -2.22 74.61
N THR F 1730 -78.66 -1.24 75.50
CA THR F 1730 -79.47 -1.25 76.71
C THR F 1730 -80.10 0.14 76.90
N GLU F 1731 -81.07 0.21 77.81
CA GLU F 1731 -81.83 1.44 78.02
C GLU F 1731 -80.92 2.62 78.35
N GLU F 1732 -79.86 2.40 79.14
CA GLU F 1732 -78.93 3.49 79.40
C GLU F 1732 -78.18 3.90 78.15
N THR F 1733 -77.89 2.96 77.26
CA THR F 1733 -77.26 3.30 75.99
C THR F 1733 -78.20 4.09 75.07
N LYS F 1734 -79.51 3.82 75.16
CA LYS F 1734 -80.44 4.51 74.28
C LYS F 1734 -80.45 6.02 74.51
N SER F 1735 -80.14 6.46 75.72
CA SER F 1735 -80.30 7.87 76.06
C SER F 1735 -79.19 8.73 75.46
N ILE F 1736 -78.08 8.12 75.06
CA ILE F 1736 -76.91 8.87 74.59
C ILE F 1736 -77.23 9.65 73.33
N THR F 1737 -76.84 10.92 73.29
CA THR F 1737 -77.03 11.78 72.13
C THR F 1737 -75.74 12.54 71.85
N LEU F 1738 -75.59 12.95 70.57
CA LEU F 1738 -74.40 13.70 70.18
C LEU F 1738 -74.30 15.01 70.94
N PHE F 1739 -75.40 15.73 71.06
CA PHE F 1739 -75.31 17.04 71.68
C PHE F 1739 -76.18 17.07 72.92
N PRO F 1740 -75.68 17.64 74.02
CA PRO F 1740 -76.44 17.57 75.29
C PRO F 1740 -77.81 18.23 75.24
N ASP F 1741 -77.97 19.31 74.48
CA ASP F 1741 -79.21 20.06 74.47
C ASP F 1741 -79.55 20.47 73.03
N GLU F 1742 -80.58 21.28 72.88
CA GLU F 1742 -80.99 21.76 71.56
C GLU F 1742 -79.89 22.60 70.91
N ASN F 1743 -79.26 23.49 71.68
CA ASN F 1743 -78.13 24.23 71.15
C ASN F 1743 -77.00 23.26 70.81
N LYS F 1744 -76.57 23.27 69.55
CA LYS F 1744 -75.56 22.32 69.07
C LYS F 1744 -74.19 22.77 69.57
N LYS F 1745 -74.02 22.70 70.89
CA LYS F 1745 -72.77 23.04 71.54
C LYS F 1745 -72.14 21.78 72.11
N HIS F 1746 -70.86 21.57 71.80
CA HIS F 1746 -70.16 20.38 72.26
C HIS F 1746 -70.09 20.38 73.78
N GLY F 1747 -70.41 19.23 74.38
CA GLY F 1747 -70.15 19.06 75.79
C GLY F 1747 -68.68 18.94 76.08
N LEU F 1748 -68.33 19.12 77.34
CA LEU F 1748 -66.94 19.02 77.73
C LEU F 1748 -66.44 17.60 77.49
N PRO F 1749 -65.26 17.42 76.89
CA PRO F 1749 -64.78 16.07 76.59
C PRO F 1749 -64.66 15.21 77.84
N GLY F 1750 -65.02 13.95 77.72
CA GLY F 1750 -64.96 13.03 78.84
C GLY F 1750 -66.20 12.99 79.70
N ILE F 1751 -66.71 14.17 80.06
CA ILE F 1751 -67.91 14.23 80.89
C ILE F 1751 -69.10 13.70 80.11
N GLY F 1752 -69.84 12.79 80.70
CA GLY F 1752 -71.02 12.25 80.07
C GLY F 1752 -71.23 10.81 80.50
N LEU F 1753 -72.21 10.18 79.87
CA LEU F 1753 -72.55 8.78 80.11
C LEU F 1753 -72.01 7.95 78.95
N SER F 1754 -71.03 7.10 79.24
CA SER F 1754 -70.47 6.19 78.26
C SER F 1754 -70.80 4.76 78.68
N THR F 1755 -71.40 4.00 77.76
CA THR F 1755 -71.86 2.65 78.05
C THR F 1755 -71.00 1.57 77.41
N SER F 1756 -69.97 1.94 76.65
CA SER F 1756 -69.14 0.94 75.98
C SER F 1756 -68.45 0.06 77.01
N LEU F 1757 -68.31 -1.22 76.66
CA LEU F 1757 -67.71 -2.18 77.58
C LEU F 1757 -66.27 -1.81 77.88
N ARG F 1758 -65.89 -1.94 79.14
CA ARG F 1758 -64.61 -1.49 79.66
C ARG F 1758 -64.02 -2.58 80.55
N PRO F 1759 -62.71 -2.78 80.51
CA PRO F 1759 -62.09 -3.80 81.34
C PRO F 1759 -62.31 -3.55 82.82
N ARG F 1760 -62.45 -4.65 83.57
CA ARG F 1760 -62.64 -4.57 85.00
C ARG F 1760 -61.37 -4.09 85.70
N MET F 1761 -61.55 -3.38 86.81
CA MET F 1761 -60.44 -2.93 87.64
C MET F 1761 -60.49 -3.70 88.95
N GLN F 1762 -59.47 -4.52 89.19
CA GLN F 1762 -59.39 -5.34 90.39
C GLN F 1762 -57.98 -5.26 90.96
N PHE F 1763 -57.89 -5.13 92.28
CA PHE F 1763 -56.63 -5.00 92.98
C PHE F 1763 -56.60 -5.95 94.17
N SER F 1764 -55.39 -6.32 94.58
CA SER F 1764 -55.20 -7.27 95.69
C SER F 1764 -54.41 -6.58 96.80
N SER F 1765 -54.83 -6.81 98.03
CA SER F 1765 -54.14 -6.21 99.16
C SER F 1765 -52.78 -6.87 99.36
N PRO F 1766 -51.70 -6.10 99.46
CA PRO F 1766 -50.37 -6.69 99.59
C PRO F 1766 -49.98 -6.96 101.03
N SER F 1767 -50.48 -8.05 101.60
CA SER F 1767 -50.14 -8.44 102.97
C SER F 1767 -49.26 -9.68 102.92
N PHE F 1768 -48.22 -9.70 103.76
CA PHE F 1768 -47.28 -10.80 103.80
C PHE F 1768 -47.53 -11.78 104.93
N VAL F 1769 -48.40 -11.45 105.88
CA VAL F 1769 -48.77 -12.44 106.89
C VAL F 1769 -49.70 -13.48 106.30
N SER F 1770 -50.43 -13.12 105.25
CA SER F 1770 -51.29 -14.09 104.57
C SER F 1770 -50.44 -15.12 103.85
N ILE F 1771 -51.03 -16.28 103.59
CA ILE F 1771 -50.31 -17.41 103.03
C ILE F 1771 -50.72 -17.75 101.60
N SER F 1772 -51.97 -17.46 101.21
CA SER F 1772 -52.44 -17.81 99.88
C SER F 1772 -51.67 -17.07 98.81
N ASN F 1773 -51.36 -17.77 97.72
CA ASN F 1773 -50.59 -17.20 96.63
C ASN F 1773 -51.44 -16.49 95.58
N GLU F 1774 -52.76 -16.72 95.60
CA GLU F 1774 -53.63 -16.07 94.62
C GLU F 1774 -53.61 -14.55 94.74
N CYS F 1775 -53.28 -14.02 95.93
CA CYS F 1775 -53.13 -12.59 96.10
C CYS F 1775 -52.03 -12.01 95.24
N TYR F 1776 -51.09 -12.83 94.76
CA TYR F 1776 -50.11 -12.33 93.80
C TYR F 1776 -50.79 -11.87 92.52
N GLN F 1777 -51.87 -12.54 92.12
CA GLN F 1777 -52.65 -12.05 91.00
C GLN F 1777 -53.22 -10.68 91.32
N TYR F 1778 -53.34 -9.83 90.29
CA TYR F 1778 -53.85 -8.47 90.37
C TYR F 1778 -52.80 -7.54 90.95
N SER F 1779 -52.77 -6.31 90.49
CA SER F 1779 -51.81 -5.33 90.97
C SER F 1779 -52.14 -4.91 92.40
N PRO F 1780 -51.14 -4.57 93.20
CA PRO F 1780 -51.40 -4.18 94.60
C PRO F 1780 -52.29 -2.94 94.70
N GLU F 1781 -53.10 -2.91 95.75
CA GLU F 1781 -54.04 -1.82 95.96
C GLU F 1781 -53.30 -0.55 96.40
N PHE F 1782 -53.88 0.58 96.04
CA PHE F 1782 -53.37 1.90 96.38
C PHE F 1782 -54.52 2.81 96.74
N PRO F 1783 -54.29 3.81 97.61
CA PRO F 1783 -55.34 4.78 97.91
C PRO F 1783 -55.59 5.72 96.75
N LEU F 1784 -56.37 5.26 95.77
CA LEU F 1784 -56.57 6.00 94.53
C LEU F 1784 -57.27 7.34 94.74
N ASP F 1785 -58.22 7.43 95.65
CA ASP F 1785 -58.90 8.71 95.89
C ASP F 1785 -57.93 9.75 96.44
N ILE F 1786 -57.12 9.38 97.43
CA ILE F 1786 -56.14 10.32 97.98
C ILE F 1786 -55.11 10.68 96.92
N LEU F 1787 -54.68 9.69 96.13
CA LEU F 1787 -53.74 9.97 95.05
C LEU F 1787 -54.31 10.96 94.05
N LYS F 1788 -55.58 10.79 93.68
CA LYS F 1788 -56.22 11.71 92.75
C LYS F 1788 -56.32 13.11 93.33
N SER F 1789 -56.73 13.22 94.60
CA SER F 1789 -56.82 14.53 95.22
C SER F 1789 -55.47 15.24 95.27
N LYS F 1790 -54.42 14.52 95.69
CA LYS F 1790 -53.09 15.11 95.70
C LYS F 1790 -52.61 15.48 94.30
N THR F 1791 -52.91 14.66 93.29
CA THR F 1791 -52.50 14.98 91.93
C THR F 1791 -53.16 16.27 91.46
N ILE F 1792 -54.46 16.41 91.70
CA ILE F 1792 -55.14 17.65 91.30
C ILE F 1792 -54.57 18.84 92.03
N GLN F 1793 -54.36 18.71 93.35
CA GLN F 1793 -53.82 19.81 94.13
C GLN F 1793 -52.44 20.24 93.64
N MET F 1794 -51.57 19.25 93.38
CA MET F 1794 -50.21 19.58 92.98
C MET F 1794 -50.17 20.14 91.57
N LEU F 1795 -51.05 19.66 90.69
CA LEU F 1795 -51.14 20.26 89.36
C LEU F 1795 -51.56 21.72 89.45
N THR F 1796 -52.56 22.00 90.28
CA THR F 1796 -53.00 23.39 90.44
C THR F 1796 -51.88 24.26 90.98
N GLU F 1797 -51.20 23.81 92.03
CA GLU F 1797 -50.11 24.58 92.59
C GLU F 1797 -48.97 24.76 91.60
N ALA F 1798 -48.64 23.71 90.84
CA ALA F 1798 -47.57 23.80 89.87
C ALA F 1798 -47.90 24.80 88.77
N VAL F 1799 -49.16 24.81 88.30
CA VAL F 1799 -49.55 25.79 87.31
C VAL F 1799 -49.43 27.20 87.87
N LYS F 1800 -49.91 27.41 89.10
CA LYS F 1800 -49.85 28.75 89.69
C LYS F 1800 -48.40 29.20 89.87
N GLU F 1801 -47.52 28.30 90.30
CA GLU F 1801 -46.13 28.68 90.49
C GLU F 1801 -45.43 28.92 89.17
N GLY F 1802 -45.61 28.03 88.19
CA GLY F 1802 -44.93 28.17 86.92
C GLY F 1802 -45.44 29.33 86.09
N SER F 1803 -46.62 29.84 86.43
CA SER F 1803 -47.13 31.04 85.78
C SER F 1803 -46.27 32.27 86.07
N LEU F 1804 -45.37 32.17 87.06
CA LEU F 1804 -44.44 33.25 87.37
C LEU F 1804 -43.01 32.91 86.99
N HIS F 1805 -42.76 31.68 86.52
CA HIS F 1805 -41.42 31.22 86.16
C HIS F 1805 -40.44 31.42 87.31
N ALA F 1806 -40.70 30.75 88.43
CA ALA F 1806 -39.83 30.88 89.60
C ALA F 1806 -38.47 30.27 89.33
N ARG F 1807 -37.47 30.74 90.09
CA ARG F 1807 -36.10 30.26 89.98
C ARG F 1807 -35.89 28.94 90.70
N ASP F 1808 -36.90 28.44 91.42
CA ASP F 1808 -36.78 27.22 92.22
C ASP F 1808 -37.90 26.25 91.89
N PRO F 1809 -37.88 25.65 90.71
CA PRO F 1809 -38.88 24.63 90.39
C PRO F 1809 -38.65 23.37 91.22
N VAL F 1810 -39.73 22.63 91.46
CA VAL F 1810 -39.60 21.38 92.19
C VAL F 1810 -38.80 20.39 91.37
N GLY F 1811 -37.77 19.83 91.98
CA GLY F 1811 -36.87 18.93 91.28
C GLY F 1811 -35.72 19.60 90.57
N GLY F 1812 -35.67 20.92 90.56
CA GLY F 1812 -34.57 21.65 89.98
C GLY F 1812 -34.82 22.19 88.58
N THR F 1813 -35.71 21.56 87.82
CA THR F 1813 -36.02 22.01 86.47
C THR F 1813 -37.53 21.92 86.24
N THR F 1814 -37.99 22.71 85.27
CA THR F 1814 -39.39 22.64 84.86
C THR F 1814 -39.75 21.24 84.39
N GLU F 1815 -38.81 20.56 83.73
CA GLU F 1815 -39.06 19.17 83.33
C GLU F 1815 -39.32 18.29 84.54
N PHE F 1816 -38.45 18.36 85.54
CA PHE F 1816 -38.63 17.53 86.73
C PHE F 1816 -39.92 17.91 87.47
N LEU F 1817 -40.34 19.16 87.36
CA LEU F 1817 -41.58 19.57 88.01
C LEU F 1817 -42.80 19.00 87.29
N PHE F 1818 -42.82 19.08 85.96
CA PHE F 1818 -44.05 18.83 85.20
C PHE F 1818 -44.11 17.44 84.57
N VAL F 1819 -43.04 16.98 83.92
CA VAL F 1819 -43.11 15.71 83.21
C VAL F 1819 -43.56 14.57 84.11
N PRO F 1820 -42.99 14.38 85.31
CA PRO F 1820 -43.48 13.29 86.16
C PRO F 1820 -44.91 13.51 86.65
N LEU F 1821 -45.25 14.75 87.03
CA LEU F 1821 -46.60 15.05 87.49
C LEU F 1821 -47.62 14.78 86.40
N ILE F 1822 -47.38 15.33 85.20
CA ILE F 1822 -48.29 15.09 84.08
C ILE F 1822 -48.33 13.64 83.66
N LYS F 1823 -47.22 12.91 83.79
CA LYS F 1823 -47.24 11.47 83.56
C LYS F 1823 -48.18 10.74 84.51
N LEU F 1824 -48.10 11.02 85.80
CA LEU F 1824 -49.03 10.41 86.74
C LEU F 1824 -50.48 10.81 86.45
N PHE F 1825 -50.68 12.08 86.13
CA PHE F 1825 -52.02 12.57 85.81
C PHE F 1825 -52.59 11.87 84.60
N TYR F 1826 -51.78 11.71 83.55
CA TYR F 1826 -52.21 11.01 82.34
C TYR F 1826 -52.51 9.55 82.63
N THR F 1827 -51.68 8.88 83.44
CA THR F 1827 -51.98 7.50 83.79
C THR F 1827 -53.31 7.37 84.53
N LEU F 1828 -53.57 8.27 85.47
CA LEU F 1828 -54.84 8.23 86.19
C LEU F 1828 -56.00 8.50 85.25
N LEU F 1829 -55.85 9.45 84.32
CA LEU F 1829 -56.91 9.72 83.36
C LEU F 1829 -57.17 8.53 82.47
N ILE F 1830 -56.10 7.86 82.02
CA ILE F 1830 -56.25 6.66 81.19
C ILE F 1830 -57.02 5.59 81.94
N MET F 1831 -56.68 5.39 83.21
CA MET F 1831 -57.39 4.39 84.00
C MET F 1831 -58.85 4.80 84.21
N GLY F 1832 -59.13 6.08 84.27
CA GLY F 1832 -60.48 6.57 84.39
C GLY F 1832 -60.95 6.86 85.80
N ILE F 1833 -60.02 7.12 86.73
CA ILE F 1833 -60.41 7.42 88.11
C ILE F 1833 -61.17 8.74 88.16
N PHE F 1834 -60.73 9.73 87.39
CA PHE F 1834 -61.32 11.05 87.44
C PHE F 1834 -62.80 11.00 87.06
N HIS F 1835 -63.62 11.72 87.80
CA HIS F 1835 -65.07 11.67 87.65
C HIS F 1835 -65.65 13.07 87.63
N ASN F 1836 -66.25 13.44 86.49
CA ASN F 1836 -67.12 14.60 86.39
C ASN F 1836 -66.48 15.90 86.87
N GLU F 1837 -66.69 16.26 88.14
CA GLU F 1837 -66.23 17.54 88.65
C GLU F 1837 -64.69 17.63 88.63
N ASP F 1838 -64.02 16.53 88.99
CA ASP F 1838 -62.57 16.53 88.92
C ASP F 1838 -62.09 16.69 87.49
N LEU F 1839 -62.77 16.04 86.55
CA LEU F 1839 -62.43 16.20 85.14
C LEU F 1839 -62.64 17.64 84.69
N LYS F 1840 -63.69 18.29 85.20
CA LYS F 1840 -63.92 19.69 84.88
C LYS F 1840 -62.79 20.56 85.42
N HIS F 1841 -62.36 20.32 86.66
CA HIS F 1841 -61.28 21.12 87.23
C HIS F 1841 -59.97 20.93 86.47
N ILE F 1842 -59.63 19.68 86.13
CA ILE F 1842 -58.39 19.45 85.39
C ILE F 1842 -58.47 20.01 83.98
N LEU F 1843 -59.65 19.98 83.35
CA LEU F 1843 -59.80 20.63 82.05
C LEU F 1843 -59.65 22.14 82.16
N GLN F 1844 -60.17 22.75 83.22
CA GLN F 1844 -59.96 24.17 83.43
C GLN F 1844 -58.49 24.49 83.64
N LEU F 1845 -57.77 23.62 84.35
CA LEU F 1845 -56.33 23.78 84.48
C LEU F 1845 -55.65 23.69 83.12
N ILE F 1846 -56.10 22.77 82.27
CA ILE F 1846 -55.54 22.63 80.93
C ILE F 1846 -55.76 23.91 80.12
N GLU F 1847 -56.99 24.39 80.08
CA GLU F 1847 -57.32 25.61 79.35
C GLU F 1847 -58.57 26.25 79.92
N PRO F 1848 -58.44 27.35 80.65
CA PRO F 1848 -59.64 27.96 81.26
C PRO F 1848 -60.62 28.51 80.26
N SER F 1849 -60.17 28.89 79.07
CA SER F 1849 -61.03 29.58 78.12
C SER F 1849 -61.99 28.62 77.42
N VAL F 1850 -61.44 27.55 76.83
CA VAL F 1850 -62.26 26.67 76.01
C VAL F 1850 -63.24 25.88 76.88
N PHE F 1851 -62.78 25.37 78.02
CA PHE F 1851 -63.55 24.43 78.82
C PHE F 1851 -64.33 25.10 79.95
N LYS F 1852 -64.53 26.41 79.90
CA LYS F 1852 -65.44 27.03 80.86
C LYS F 1852 -66.87 26.62 80.54
N GLU F 1853 -67.60 26.23 81.57
CA GLU F 1853 -68.93 25.65 81.37
C GLU F 1853 -69.93 26.73 80.98
N ALA F 1854 -70.73 26.44 79.95
CA ALA F 1854 -71.74 27.37 79.47
C ALA F 1854 -73.12 26.72 79.49
N PRO F 1889 -56.92 36.60 81.96
CA PRO F 1889 -55.90 36.57 83.01
C PRO F 1889 -55.28 35.19 83.20
N LYS F 1890 -56.10 34.22 83.59
CA LYS F 1890 -55.61 32.87 83.82
C LYS F 1890 -55.24 32.21 82.49
N GLU F 1891 -54.06 31.58 82.47
CA GLU F 1891 -53.57 30.86 81.31
C GLU F 1891 -53.38 29.40 81.67
N GLY F 1892 -53.89 28.50 80.82
CA GLY F 1892 -53.75 27.08 81.05
C GLY F 1892 -52.37 26.59 80.67
N LEU F 1893 -52.19 25.28 80.84
CA LEU F 1893 -50.88 24.68 80.57
C LEU F 1893 -50.48 24.82 79.11
N LEU F 1894 -51.45 24.97 78.21
CA LEU F 1894 -51.14 24.96 76.79
C LEU F 1894 -50.28 26.14 76.38
N GLN F 1895 -50.45 27.28 77.05
CA GLN F 1895 -49.78 28.51 76.64
C GLN F 1895 -48.85 29.07 77.72
N MET F 1896 -48.06 28.21 78.36
CA MET F 1896 -47.14 28.63 79.40
C MET F 1896 -45.67 28.49 78.98
N LYS F 1897 -45.39 28.39 77.69
CA LYS F 1897 -44.03 28.25 77.18
C LYS F 1897 -43.34 27.05 77.84
N LEU F 1898 -43.86 25.88 77.52
CA LEU F 1898 -43.47 24.62 78.12
C LEU F 1898 -42.28 24.01 77.42
N PRO F 1899 -41.48 23.21 78.13
CA PRO F 1899 -40.40 22.47 77.48
C PRO F 1899 -40.93 21.38 76.58
N GLU F 1900 -40.04 20.86 75.73
CA GLU F 1900 -40.44 19.82 74.79
C GLU F 1900 -40.92 18.53 75.45
N PRO F 1901 -40.25 17.99 76.48
CA PRO F 1901 -40.81 16.78 77.12
C PRO F 1901 -42.18 17.00 77.69
N VAL F 1902 -42.45 18.19 78.23
CA VAL F 1902 -43.78 18.49 78.75
C VAL F 1902 -44.78 18.61 77.61
N LYS F 1903 -44.35 19.20 76.49
CA LYS F 1903 -45.20 19.30 75.32
C LYS F 1903 -45.62 17.93 74.80
N LEU F 1904 -44.71 16.96 74.83
CA LEU F 1904 -45.06 15.61 74.37
C LEU F 1904 -46.18 14.99 75.20
N GLN F 1905 -46.07 15.07 76.53
CA GLN F 1905 -47.14 14.55 77.38
C GLN F 1905 -48.43 15.34 77.24
N MET F 1906 -48.35 16.65 77.00
CA MET F 1906 -49.57 17.40 76.75
C MET F 1906 -50.22 16.95 75.45
N CYS F 1907 -49.42 16.62 74.45
CA CYS F 1907 -49.95 16.04 73.22
C CYS F 1907 -50.65 14.72 73.50
N LEU F 1908 -50.06 13.90 74.37
CA LEU F 1908 -50.72 12.65 74.76
C LEU F 1908 -52.06 12.91 75.42
N LEU F 1909 -52.12 13.91 76.30
CA LEU F 1909 -53.38 14.26 76.95
C LEU F 1909 -54.45 14.67 75.93
N LEU F 1910 -54.05 15.52 74.98
CA LEU F 1910 -54.98 15.94 73.94
C LEU F 1910 -55.43 14.77 73.08
N GLN F 1911 -54.54 13.82 72.81
CA GLN F 1911 -54.90 12.60 72.11
C GLN F 1911 -55.94 11.81 72.86
N TYR F 1912 -55.79 11.69 74.18
CA TYR F 1912 -56.80 11.00 74.97
C TYR F 1912 -58.15 11.71 74.89
N LEU F 1913 -58.15 13.04 74.95
CA LEU F 1913 -59.42 13.77 74.84
C LEU F 1913 -60.08 13.54 73.49
N CYS F 1914 -59.29 13.54 72.42
CA CYS F 1914 -59.84 13.26 71.09
C CYS F 1914 -60.43 11.84 71.02
N ASP F 1915 -59.73 10.87 71.62
CA ASP F 1915 -60.24 9.50 71.64
C ASP F 1915 -61.56 9.42 72.40
N CYS F 1916 -61.67 10.17 73.50
CA CYS F 1916 -62.93 10.21 74.23
C CYS F 1916 -64.05 10.77 73.36
N GLN F 1917 -63.75 11.83 72.59
CA GLN F 1917 -64.76 12.38 71.68
C GLN F 1917 -65.19 11.36 70.65
N VAL F 1918 -64.24 10.63 70.07
CA VAL F 1918 -64.57 9.62 69.07
C VAL F 1918 -65.44 8.52 69.67
N ARG F 1919 -65.11 8.07 70.87
CA ARG F 1919 -65.93 7.05 71.53
C ARG F 1919 -67.34 7.56 71.79
N HIS F 1920 -67.47 8.81 72.22
CA HIS F 1920 -68.80 9.39 72.40
C HIS F 1920 -69.59 9.39 71.10
N ARG F 1921 -68.93 9.77 70.00
CA ARG F 1921 -69.60 9.76 68.71
C ARG F 1921 -70.06 8.37 68.34
N ILE F 1922 -69.21 7.37 68.55
CA ILE F 1922 -69.57 6.00 68.20
C ILE F 1922 -70.77 5.53 69.01
N GLU F 1923 -70.76 5.82 70.31
CA GLU F 1923 -71.91 5.46 71.14
C GLU F 1923 -73.18 6.16 70.71
N ALA F 1924 -73.10 7.44 70.33
CA ALA F 1924 -74.29 8.14 69.85
C ALA F 1924 -74.81 7.52 68.56
N ILE F 1925 -73.92 7.15 67.64
CA ILE F 1925 -74.36 6.48 66.43
C ILE F 1925 -75.04 5.16 66.74
N VAL F 1926 -74.48 4.36 67.64
CA VAL F 1926 -75.13 3.11 68.04
C VAL F 1926 -76.48 3.36 68.69
N ALA F 1927 -76.62 4.39 69.53
CA ALA F 1927 -77.89 4.73 70.13
C ALA F 1927 -78.95 5.09 69.09
N PHE F 1928 -78.56 5.88 68.07
CA PHE F 1928 -79.49 6.19 67.00
C PHE F 1928 -79.85 4.94 66.21
N SER F 1929 -78.88 4.03 66.05
CA SER F 1929 -79.11 2.81 65.27
C SER F 1929 -80.30 2.04 65.79
N ASP F 1930 -80.51 2.03 67.11
CA ASP F 1930 -81.60 1.25 67.68
C ASP F 1930 -82.94 1.63 67.08
N ASP F 1931 -83.39 2.86 67.29
CA ASP F 1931 -84.71 3.23 66.79
C ASP F 1931 -84.73 3.32 65.28
N PHE F 1932 -83.61 3.70 64.64
CA PHE F 1932 -83.63 3.75 63.19
C PHE F 1932 -83.89 2.37 62.59
N VAL F 1933 -83.16 1.35 63.05
CA VAL F 1933 -83.37 0.01 62.51
C VAL F 1933 -84.69 -0.58 62.98
N ALA F 1934 -85.18 -0.18 64.16
CA ALA F 1934 -86.51 -0.64 64.57
C ALA F 1934 -87.58 -0.16 63.60
N LYS F 1935 -87.57 1.14 63.29
CA LYS F 1935 -88.51 1.65 62.30
C LYS F 1935 -88.30 1.05 60.93
N LEU F 1936 -87.05 0.88 60.52
CA LEU F 1936 -86.76 0.26 59.22
C LEU F 1936 -87.27 -1.17 59.12
N GLN F 1937 -87.06 -1.98 60.14
CA GLN F 1937 -87.60 -3.34 60.19
C GLN F 1937 -89.11 -3.36 60.21
N ASP F 1938 -89.75 -2.48 61.00
CA ASP F 1938 -91.20 -2.41 60.99
C ASP F 1938 -91.74 -2.08 59.61
N ASN F 1939 -91.12 -1.10 58.94
CA ASN F 1939 -91.62 -0.70 57.62
C ASN F 1939 -91.35 -1.78 56.59
N GLN F 1940 -90.22 -2.49 56.71
CA GLN F 1940 -89.95 -3.59 55.79
C GLN F 1940 -90.97 -4.71 55.95
N ARG F 1941 -91.31 -5.04 57.21
CA ARG F 1941 -92.34 -6.04 57.44
C ARG F 1941 -93.68 -5.58 56.88
N PHE F 1942 -94.00 -4.30 57.06
CA PHE F 1942 -95.26 -3.77 56.52
C PHE F 1942 -95.28 -3.86 55.01
N ARG F 1943 -94.19 -3.50 54.35
CA ARG F 1943 -94.11 -3.59 52.89
C ARG F 1943 -94.24 -5.03 52.43
N TYR F 1944 -93.57 -5.96 53.13
CA TYR F 1944 -93.69 -7.36 52.80
C TYR F 1944 -95.13 -7.85 52.89
N ASN F 1945 -95.79 -7.60 54.02
CA ASN F 1945 -97.16 -8.03 54.21
C ASN F 1945 -98.14 -7.30 53.30
N GLU F 1946 -97.78 -6.12 52.79
CA GLU F 1946 -98.59 -5.47 51.78
C GLU F 1946 -98.44 -6.12 50.41
N VAL F 1947 -97.20 -6.41 50.01
CA VAL F 1947 -96.95 -7.05 48.71
C VAL F 1947 -97.45 -8.48 48.65
N MET F 1948 -97.51 -9.20 49.77
CA MET F 1948 -97.98 -10.58 49.75
C MET F 1948 -99.41 -10.73 49.24
N GLN F 1949 -100.21 -9.66 49.28
CA GLN F 1949 -101.53 -9.73 48.68
C GLN F 1949 -101.46 -9.70 47.16
N ALA F 1950 -100.43 -9.06 46.60
CA ALA F 1950 -100.27 -8.92 45.16
C ALA F 1950 -99.47 -10.06 44.54
N LEU F 1951 -99.02 -11.03 45.34
CA LEU F 1951 -98.26 -12.16 44.80
C LEU F 1951 -99.13 -12.96 43.83
N ASN F 1952 -100.39 -13.23 44.19
CA ASN F 1952 -101.28 -13.93 43.28
C ASN F 1952 -101.69 -13.03 42.12
N MET F 1953 -101.73 -11.71 42.35
CA MET F 1953 -102.19 -10.79 41.32
C MET F 1953 -101.17 -10.69 40.19
N SER F 1954 -99.88 -10.61 40.52
CA SER F 1954 -98.82 -10.44 39.53
C SER F 1954 -97.86 -11.61 39.60
N ALA F 1955 -97.72 -12.32 38.48
CA ALA F 1955 -96.78 -13.44 38.42
C ALA F 1955 -95.34 -12.95 38.28
N ALA F 1956 -95.12 -11.88 37.51
CA ALA F 1956 -93.78 -11.34 37.35
C ALA F 1956 -93.29 -10.70 38.65
N LEU F 1957 -94.21 -10.39 39.55
CA LEU F 1957 -93.86 -9.70 40.79
C LEU F 1957 -92.81 -10.48 41.58
N THR F 1958 -92.90 -11.81 41.57
CA THR F 1958 -91.94 -12.66 42.26
C THR F 1958 -90.55 -12.59 41.65
N ALA F 1959 -90.41 -11.96 40.48
CA ALA F 1959 -89.12 -11.76 39.86
C ALA F 1959 -88.70 -10.30 39.77
N ARG F 1960 -89.62 -9.35 39.91
CA ARG F 1960 -89.29 -7.94 39.77
C ARG F 1960 -89.46 -7.13 41.04
N LYS F 1961 -90.51 -7.38 41.82
CA LYS F 1961 -90.73 -6.56 43.02
C LYS F 1961 -90.19 -7.25 44.27
N THR F 1962 -90.41 -8.56 44.39
CA THR F 1962 -89.89 -9.31 45.53
C THR F 1962 -88.41 -9.63 45.35
N LYS F 1963 -87.60 -8.58 45.35
CA LYS F 1963 -86.16 -8.71 45.28
C LYS F 1963 -85.47 -8.31 46.57
N GLU F 1964 -85.96 -7.29 47.26
CA GLU F 1964 -85.37 -6.89 48.53
C GLU F 1964 -85.52 -7.98 49.59
N PHE F 1965 -86.70 -8.59 49.66
CA PHE F 1965 -86.93 -9.63 50.67
C PHE F 1965 -86.10 -10.87 50.40
N ARG F 1966 -85.78 -11.16 49.14
CA ARG F 1966 -84.93 -12.28 48.80
C ARG F 1966 -83.45 -11.92 48.74
N SER F 1967 -83.12 -10.64 48.86
CA SER F 1967 -81.75 -10.19 48.71
C SER F 1967 -80.94 -10.48 49.97
N PRO F 1968 -79.61 -10.62 49.84
CA PRO F 1968 -78.76 -10.90 50.99
C PRO F 1968 -78.88 -9.81 52.05
N PRO F 1969 -78.81 -10.16 53.33
CA PRO F 1969 -79.19 -9.19 54.37
C PRO F 1969 -78.38 -7.91 54.34
N GLN F 1970 -77.08 -8.00 54.04
CA GLN F 1970 -76.28 -6.79 53.92
C GLN F 1970 -76.72 -5.95 52.74
N GLU F 1971 -77.03 -6.59 51.61
CA GLU F 1971 -77.37 -5.84 50.43
C GLU F 1971 -78.79 -5.27 50.53
N GLN F 1972 -79.62 -5.87 51.39
CA GLN F 1972 -80.93 -5.28 51.69
C GLN F 1972 -80.78 -3.90 52.29
N ILE F 1973 -80.00 -3.78 53.36
CA ILE F 1973 -79.77 -2.45 53.91
C ILE F 1973 -78.92 -1.63 52.95
N ASN F 1974 -78.17 -2.28 52.05
CA ASN F 1974 -77.43 -1.51 51.06
C ASN F 1974 -78.37 -0.71 50.16
N MET F 1975 -79.45 -1.32 49.67
CA MET F 1975 -80.34 -0.43 48.92
C MET F 1975 -81.20 0.41 49.86
N LEU F 1976 -81.53 -0.11 51.06
CA LEU F 1976 -82.33 0.64 52.02
C LEU F 1976 -81.64 1.90 52.52
N LEU F 1977 -80.32 2.02 52.35
CA LEU F 1977 -79.59 3.20 52.78
C LEU F 1977 -79.08 4.00 51.59
N ASN F 1978 -79.73 3.86 50.43
CA ASN F 1978 -79.32 4.58 49.23
C ASN F 1978 -80.16 5.81 48.96
N PHE F 1979 -80.92 6.30 49.94
CA PHE F 1979 -81.59 7.57 49.75
C PHE F 1979 -80.63 8.75 49.85
N LYS F 1980 -79.34 8.48 50.04
CA LYS F 1980 -78.33 9.52 49.87
C LYS F 1980 -78.35 10.02 48.43
N ASP F 1981 -77.95 11.29 48.26
CA ASP F 1981 -77.98 11.95 46.95
C ASP F 1981 -79.41 12.00 46.43
N ASP F 1982 -79.58 11.87 45.11
CA ASP F 1982 -80.90 11.97 44.50
C ASP F 1982 -81.20 10.80 43.57
N LYS F 1983 -80.45 9.71 43.66
CA LYS F 1983 -80.73 8.55 42.82
C LYS F 1983 -82.11 7.97 43.15
N SER F 1984 -82.43 7.86 44.43
CA SER F 1984 -83.81 7.65 44.91
C SER F 1984 -84.43 6.36 44.35
N GLU F 1985 -83.65 5.31 44.19
CA GLU F 1985 -84.22 3.98 43.98
C GLU F 1985 -84.45 3.24 45.30
N CYS F 1986 -84.10 3.86 46.41
CA CYS F 1986 -84.21 3.21 47.70
C CYS F 1986 -85.67 3.12 48.14
N PRO F 1987 -86.14 1.93 48.51
CA PRO F 1987 -87.54 1.78 48.98
C PRO F 1987 -87.70 2.20 50.43
N CYS F 1988 -87.46 3.49 50.69
CA CYS F 1988 -87.54 4.02 52.05
C CYS F 1988 -88.45 5.24 52.07
N PRO F 1989 -89.39 5.31 53.01
CA PRO F 1989 -90.29 6.46 53.07
C PRO F 1989 -89.59 7.72 53.53
N GLU F 1990 -90.26 8.85 53.24
CA GLU F 1990 -89.64 10.15 53.43
C GLU F 1990 -89.27 10.40 54.89
N GLU F 1991 -90.13 10.00 55.83
CA GLU F 1991 -89.84 10.26 57.24
C GLU F 1991 -88.60 9.49 57.70
N ILE F 1992 -88.46 8.24 57.26
CA ILE F 1992 -87.31 7.45 57.66
C ILE F 1992 -86.05 8.00 57.01
N ARG F 1993 -86.16 8.47 55.76
CA ARG F 1993 -85.02 9.14 55.15
C ARG F 1993 -84.63 10.40 55.91
N ASP F 1994 -85.63 11.18 56.33
CA ASP F 1994 -85.36 12.45 57.01
C ASP F 1994 -84.69 12.24 58.36
N GLN F 1995 -85.07 11.18 59.08
CA GLN F 1995 -84.42 10.90 60.35
C GLN F 1995 -82.91 10.75 60.17
N LEU F 1996 -82.50 9.92 59.21
CA LEU F 1996 -81.07 9.69 59.00
C LEU F 1996 -80.41 10.93 58.40
N LEU F 1997 -81.12 11.67 57.55
CA LEU F 1997 -80.56 12.90 57.02
C LEU F 1997 -80.26 13.91 58.11
N ASP F 1998 -81.15 14.04 59.10
CA ASP F 1998 -80.90 14.93 60.22
C ASP F 1998 -79.77 14.42 61.11
N PHE F 1999 -79.76 13.11 61.39
CA PHE F 1999 -78.70 12.57 62.23
C PHE F 1999 -77.33 12.72 61.59
N HIS F 2000 -77.23 12.51 60.28
CA HIS F 2000 -75.96 12.67 59.60
C HIS F 2000 -75.47 14.11 59.59
N GLU F 2001 -76.37 15.08 59.41
CA GLU F 2001 -75.96 16.48 59.53
C GLU F 2001 -75.49 16.79 60.95
N ASP F 2002 -76.20 16.28 61.96
CA ASP F 2002 -75.76 16.51 63.34
C ASP F 2002 -74.40 15.89 63.59
N LEU F 2003 -74.17 14.68 63.07
CA LEU F 2003 -72.88 14.03 63.21
C LEU F 2003 -71.76 14.78 62.51
N MET F 2004 -72.00 15.29 61.30
CA MET F 2004 -71.00 16.10 60.64
C MET F 2004 -70.71 17.38 61.41
N THR F 2005 -71.75 18.02 61.94
CA THR F 2005 -71.53 19.23 62.75
C THR F 2005 -70.69 18.92 63.98
N HIS F 2006 -70.99 17.81 64.65
CA HIS F 2006 -70.18 17.40 65.80
C HIS F 2006 -68.74 17.09 65.41
N CYS F 2007 -68.53 16.41 64.29
CA CYS F 2007 -67.19 16.11 63.82
C CYS F 2007 -66.47 17.34 63.30
N GLY F 2008 -67.18 18.44 63.09
CA GLY F 2008 -66.58 19.66 62.60
C GLY F 2008 -66.42 19.75 61.11
N ILE F 2009 -66.88 18.74 60.37
CA ILE F 2009 -66.78 18.78 58.91
C ILE F 2009 -67.59 19.94 58.35
N GLU F 2010 -68.80 20.13 58.86
CA GLU F 2010 -69.64 21.24 58.44
C GLU F 2010 -69.12 22.55 59.01
N LYS F 2053 -60.42 34.88 68.07
CA LYS F 2053 -61.68 34.76 68.79
C LYS F 2053 -61.75 33.44 69.57
N LYS F 2054 -62.89 33.20 70.20
CA LYS F 2054 -63.06 31.99 70.99
C LYS F 2054 -63.04 30.75 70.11
N SER F 2055 -62.20 29.79 70.48
CA SER F 2055 -62.16 28.52 69.77
C SER F 2055 -63.43 27.71 70.03
N SER F 2056 -63.83 27.60 71.29
CA SER F 2056 -65.06 26.95 71.75
C SER F 2056 -65.09 25.47 71.42
N THR F 2057 -64.03 24.90 70.83
CA THR F 2057 -64.02 23.51 70.44
C THR F 2057 -62.63 22.95 70.63
N LEU F 2058 -62.55 21.73 71.16
CA LEU F 2058 -61.26 21.07 71.34
C LEU F 2058 -60.53 20.93 70.01
N GLN F 2059 -61.27 20.71 68.93
CA GLN F 2059 -60.67 20.57 67.61
C GLN F 2059 -59.91 21.83 67.22
N GLN F 2060 -60.60 22.98 67.30
CA GLN F 2060 -59.94 24.23 66.94
C GLN F 2060 -58.83 24.57 67.91
N LEU F 2061 -59.01 24.24 69.20
CA LEU F 2061 -57.96 24.51 70.18
C LEU F 2061 -56.69 23.76 69.83
N ILE F 2062 -56.80 22.47 69.52
CA ILE F 2062 -55.61 21.69 69.16
C ILE F 2062 -55.03 22.17 67.85
N SER F 2063 -55.87 22.46 66.86
CA SER F 2063 -55.38 22.96 65.59
C SER F 2063 -54.61 24.25 65.72
N GLU F 2064 -55.05 25.15 66.59
CA GLU F 2064 -54.29 26.37 66.87
C GLU F 2064 -53.03 26.08 67.66
N THR F 2065 -53.09 25.19 68.65
CA THR F 2065 -51.96 25.01 69.56
C THR F 2065 -50.78 24.35 68.88
N MET F 2066 -51.02 23.29 68.10
CA MET F 2066 -49.93 22.63 67.41
C MET F 2066 -49.21 23.59 66.46
N VAL F 2067 -49.98 24.33 65.66
CA VAL F 2067 -49.40 25.26 64.71
C VAL F 2067 -48.65 26.37 65.45
N ARG F 2068 -49.23 26.85 66.55
CA ARG F 2068 -48.55 27.90 67.33
C ARG F 2068 -47.22 27.42 67.86
N TRP F 2069 -47.18 26.20 68.40
CA TRP F 2069 -45.91 25.66 68.91
C TRP F 2069 -44.90 25.54 67.77
N ALA F 2070 -45.32 24.98 66.64
CA ALA F 2070 -44.40 24.75 65.54
C ALA F 2070 -43.85 26.06 64.99
N GLN F 2071 -44.68 27.08 64.88
CA GLN F 2071 -44.23 28.35 64.34
C GLN F 2071 -43.44 29.14 65.38
N GLU F 2072 -43.70 28.90 66.67
CA GLU F 2072 -42.93 29.59 67.71
C GLU F 2072 -41.51 29.07 67.80
N SER F 2073 -41.34 27.75 67.80
CA SER F 2073 -40.02 27.19 68.05
C SER F 2073 -39.72 26.08 67.06
N VAL F 2074 -38.43 25.88 66.80
CA VAL F 2074 -37.96 24.76 66.00
C VAL F 2074 -37.87 23.54 66.90
N ILE F 2075 -38.74 22.56 66.65
CA ILE F 2075 -38.83 21.41 67.53
C ILE F 2075 -37.68 20.46 67.25
N GLU F 2076 -36.94 20.11 68.31
CA GLU F 2076 -35.78 19.24 68.18
C GLU F 2076 -36.15 17.77 68.28
N ASP F 2077 -37.26 17.45 68.93
CA ASP F 2077 -37.61 16.05 69.17
C ASP F 2077 -38.48 15.51 68.04
N PRO F 2078 -37.98 14.57 67.23
CA PRO F 2078 -38.79 13.99 66.16
C PRO F 2078 -40.06 13.32 66.67
N GLU F 2079 -40.02 12.71 67.84
CA GLU F 2079 -41.22 12.14 68.43
C GLU F 2079 -42.25 13.22 68.71
N LEU F 2080 -41.82 14.37 69.22
CA LEU F 2080 -42.73 15.49 69.41
C LEU F 2080 -43.31 15.96 68.09
N VAL F 2081 -42.47 16.07 67.06
CA VAL F 2081 -42.98 16.52 65.76
C VAL F 2081 -44.05 15.58 65.25
N ARG F 2082 -43.79 14.27 65.33
CA ARG F 2082 -44.80 13.30 64.91
C ARG F 2082 -46.06 13.43 65.74
N ALA F 2083 -45.93 13.63 67.05
CA ALA F 2083 -47.10 13.74 67.89
C ALA F 2083 -47.97 14.92 67.50
N MET F 2084 -47.37 16.10 67.36
CA MET F 2084 -48.16 17.28 67.03
C MET F 2084 -48.80 17.14 65.66
N PHE F 2085 -48.06 16.63 64.67
CA PHE F 2085 -48.64 16.57 63.34
C PHE F 2085 -49.70 15.48 63.23
N VAL F 2086 -49.56 14.39 64.00
CA VAL F 2086 -50.61 13.40 64.09
C VAL F 2086 -51.87 14.02 64.68
N LEU F 2087 -51.71 14.80 65.76
CA LEU F 2087 -52.87 15.46 66.37
C LEU F 2087 -53.53 16.42 65.39
N LEU F 2088 -52.73 17.22 64.68
CA LEU F 2088 -53.29 18.16 63.73
C LEU F 2088 -54.04 17.47 62.61
N HIS F 2089 -53.46 16.39 62.08
CA HIS F 2089 -54.15 15.64 61.04
C HIS F 2089 -55.44 15.01 61.56
N ARG F 2090 -55.43 14.53 62.81
CA ARG F 2090 -56.65 13.98 63.37
C ARG F 2090 -57.74 15.03 63.51
N GLN F 2091 -57.37 16.24 63.96
CA GLN F 2091 -58.36 17.30 64.05
C GLN F 2091 -58.93 17.65 62.68
N TYR F 2092 -58.08 17.72 61.66
CA TYR F 2092 -58.58 18.15 60.35
C TYR F 2092 -59.38 17.06 59.67
N ASP F 2093 -58.95 15.81 59.77
CA ASP F 2093 -59.67 14.69 59.16
C ASP F 2093 -60.51 13.98 60.22
N GLY F 2094 -61.61 14.63 60.60
CA GLY F 2094 -62.49 14.05 61.60
C GLY F 2094 -63.21 12.82 61.09
N ILE F 2095 -63.63 12.85 59.82
CA ILE F 2095 -64.38 11.72 59.27
C ILE F 2095 -63.53 10.48 59.17
N GLY F 2096 -62.20 10.65 59.05
CA GLY F 2096 -61.31 9.51 59.06
C GLY F 2096 -61.32 8.73 60.35
N GLY F 2097 -61.48 9.42 61.48
CA GLY F 2097 -61.62 8.72 62.74
C GLY F 2097 -62.81 7.80 62.75
N LEU F 2098 -63.95 8.28 62.25
CA LEU F 2098 -65.12 7.42 62.13
C LEU F 2098 -64.87 6.27 61.15
N VAL F 2099 -64.21 6.56 60.03
CA VAL F 2099 -63.93 5.51 59.05
C VAL F 2099 -63.09 4.40 59.66
N ARG F 2100 -62.13 4.75 60.52
CA ARG F 2100 -61.32 3.76 61.20
C ARG F 2100 -62.04 3.09 62.36
N ALA F 2101 -62.94 3.80 63.04
CA ALA F 2101 -63.52 3.29 64.28
C ALA F 2101 -64.71 2.38 64.03
N LEU F 2102 -65.57 2.75 63.08
CA LEU F 2102 -66.80 1.99 62.86
C LEU F 2102 -66.56 0.51 62.54
N PRO F 2103 -65.57 0.12 61.73
CA PRO F 2103 -65.30 -1.31 61.54
C PRO F 2103 -64.99 -2.04 62.83
N LYS F 2104 -64.48 -1.35 63.85
CA LYS F 2104 -64.19 -1.94 65.13
C LYS F 2104 -65.35 -1.83 66.11
N THR F 2105 -66.50 -1.36 65.65
CA THR F 2105 -67.67 -1.18 66.50
C THR F 2105 -68.56 -2.39 66.43
N TYR F 2106 -68.96 -2.90 67.59
CA TYR F 2106 -69.88 -4.03 67.66
C TYR F 2106 -70.95 -3.75 68.70
N THR F 2107 -72.17 -4.20 68.43
CA THR F 2107 -73.29 -4.06 69.34
C THR F 2107 -73.74 -5.44 69.79
N ILE F 2108 -73.92 -5.62 71.09
CA ILE F 2108 -74.32 -6.89 71.66
C ILE F 2108 -75.60 -6.70 72.46
N ASN F 2109 -76.34 -7.78 72.63
CA ASN F 2109 -77.55 -7.74 73.42
C ASN F 2109 -77.20 -7.55 74.90
N GLY F 2110 -78.16 -6.99 75.64
CA GLY F 2110 -77.95 -6.75 77.06
C GLY F 2110 -77.73 -8.02 77.86
N VAL F 2111 -78.31 -9.14 77.45
CA VAL F 2111 -78.17 -10.38 78.20
C VAL F 2111 -76.76 -10.93 78.09
N SER F 2112 -76.04 -10.60 77.02
CA SER F 2112 -74.73 -11.16 76.76
C SER F 2112 -73.60 -10.32 77.34
N VAL F 2113 -73.93 -9.29 78.12
CA VAL F 2113 -72.90 -8.34 78.57
C VAL F 2113 -71.87 -9.02 79.44
N GLU F 2114 -72.30 -9.82 80.41
CA GLU F 2114 -71.37 -10.44 81.33
C GLU F 2114 -70.45 -11.43 80.61
N ASP F 2115 -71.03 -12.26 79.74
CA ASP F 2115 -70.21 -13.21 78.99
C ASP F 2115 -69.23 -12.48 78.08
N THR F 2116 -69.66 -11.39 77.46
CA THR F 2116 -68.75 -10.63 76.60
C THR F 2116 -67.63 -10.01 77.40
N ILE F 2117 -67.91 -9.52 78.61
CA ILE F 2117 -66.85 -8.97 79.45
C ILE F 2117 -65.86 -10.05 79.84
N ASN F 2118 -66.35 -11.23 80.20
CA ASN F 2118 -65.44 -12.33 80.53
C ASN F 2118 -64.57 -12.70 79.33
N LEU F 2119 -65.16 -12.79 78.15
CA LEU F 2119 -64.39 -13.11 76.96
C LEU F 2119 -63.39 -12.02 76.63
N LEU F 2120 -63.76 -10.76 76.84
CA LEU F 2120 -62.83 -9.64 76.62
C LEU F 2120 -61.66 -9.71 77.57
N ALA F 2121 -61.92 -10.06 78.83
CA ALA F 2121 -60.83 -10.23 79.79
C ALA F 2121 -59.92 -11.38 79.38
N SER F 2122 -60.49 -12.49 78.90
CA SER F 2122 -59.67 -13.59 78.43
C SER F 2122 -58.80 -13.17 77.25
N LEU F 2123 -59.39 -12.44 76.31
CA LEU F 2123 -58.64 -11.97 75.14
C LEU F 2123 -57.53 -11.02 75.56
N GLY F 2124 -57.80 -10.16 76.54
CA GLY F 2124 -56.75 -9.31 77.08
C GLY F 2124 -55.63 -10.05 77.74
N GLN F 2125 -55.95 -11.11 78.50
CA GLN F 2125 -54.91 -11.95 79.08
C GLN F 2125 -54.06 -12.60 78.00
N ILE F 2126 -54.69 -13.09 76.93
CA ILE F 2126 -53.92 -13.65 75.83
C ILE F 2126 -53.05 -12.58 75.16
N ARG F 2127 -53.59 -11.39 74.94
CA ARG F 2127 -52.85 -10.31 74.30
C ARG F 2127 -51.65 -9.88 75.12
N SER F 2128 -51.79 -9.82 76.45
CA SER F 2128 -50.67 -9.39 77.29
C SER F 2128 -49.50 -10.35 77.19
N LEU F 2129 -49.75 -11.60 76.81
CA LEU F 2129 -48.67 -12.58 76.70
C LEU F 2129 -47.72 -12.26 75.57
N LEU F 2130 -48.11 -11.39 74.63
CA LEU F 2130 -47.19 -10.98 73.57
C LEU F 2130 -46.02 -10.20 74.16
N SER F 2131 -46.27 -9.41 75.20
CA SER F 2131 -45.23 -8.57 75.77
C SER F 2131 -44.21 -9.37 76.57
N VAL F 2132 -44.57 -10.56 77.01
CA VAL F 2132 -43.67 -11.38 77.82
C VAL F 2132 -43.08 -12.48 76.96
N ARG F 2133 -41.95 -13.00 77.41
CA ARG F 2133 -41.29 -14.08 76.68
C ARG F 2133 -41.89 -15.41 77.07
N MET F 2134 -41.73 -16.40 76.19
CA MET F 2134 -42.37 -17.69 76.34
C MET F 2134 -41.79 -18.44 77.53
N GLY F 2135 -42.67 -19.01 78.35
CA GLY F 2135 -42.26 -19.82 79.49
C GLY F 2135 -43.35 -20.79 79.88
N LYS F 2136 -43.09 -21.52 80.97
CA LYS F 2136 -44.03 -22.53 81.43
C LYS F 2136 -45.31 -21.89 81.95
N GLU F 2137 -45.18 -20.87 82.80
CA GLU F 2137 -46.37 -20.21 83.34
C GLU F 2137 -47.14 -19.49 82.24
N GLU F 2138 -46.43 -18.88 81.28
CA GLU F 2138 -47.11 -18.26 80.16
C GLU F 2138 -47.83 -19.29 79.30
N GLU F 2139 -47.23 -20.47 79.14
CA GLU F 2139 -47.90 -21.56 78.43
C GLU F 2139 -49.20 -21.95 79.12
N LYS F 2140 -49.15 -22.09 80.44
CA LYS F 2140 -50.37 -22.44 81.19
C LYS F 2140 -51.43 -21.35 81.06
N LEU F 2141 -51.01 -20.08 81.19
CA LEU F 2141 -51.95 -18.98 81.06
C LEU F 2141 -52.58 -18.96 79.67
N MET F 2142 -51.77 -19.14 78.64
CA MET F 2142 -52.29 -19.18 77.28
C MET F 2142 -53.27 -20.34 77.10
N ILE F 2143 -52.96 -21.51 77.66
CA ILE F 2143 -53.82 -22.67 77.48
C ILE F 2143 -55.19 -22.45 78.11
N ARG F 2144 -55.24 -22.03 79.39
CA ARG F 2144 -56.57 -21.93 79.98
C ARG F 2144 -57.29 -20.68 79.46
N GLY F 2145 -56.53 -19.67 79.01
CA GLY F 2145 -57.14 -18.55 78.33
C GLY F 2145 -57.83 -18.92 77.04
N LEU F 2146 -57.21 -19.76 76.22
CA LEU F 2146 -57.91 -20.31 75.06
C LEU F 2146 -59.07 -21.19 75.45
N GLY F 2147 -58.94 -21.97 76.52
CA GLY F 2147 -60.03 -22.81 76.97
C GLY F 2147 -61.28 -22.02 77.33
N ASP F 2148 -61.09 -20.89 78.02
CA ASP F 2148 -62.22 -20.04 78.34
C ASP F 2148 -62.90 -19.50 77.09
N ILE F 2149 -62.11 -19.18 76.06
CA ILE F 2149 -62.68 -18.69 74.81
C ILE F 2149 -63.57 -19.74 74.18
N MET F 2150 -63.11 -20.98 74.11
CA MET F 2150 -63.95 -22.07 73.60
C MET F 2150 -65.21 -22.24 74.44
N ASN F 2151 -65.07 -22.16 75.76
CA ASN F 2151 -66.22 -22.41 76.62
C ASN F 2151 -67.27 -21.29 76.51
N ASN F 2152 -66.83 -20.06 76.24
CA ASN F 2152 -67.77 -18.95 76.17
C ASN F 2152 -68.70 -19.07 74.99
N LYS F 2153 -69.98 -18.78 75.22
CA LYS F 2153 -70.99 -18.89 74.17
C LYS F 2153 -70.89 -17.75 73.16
N VAL F 2154 -70.35 -16.61 73.57
CA VAL F 2154 -70.26 -15.46 72.68
C VAL F 2154 -69.32 -15.77 71.51
N PHE F 2155 -68.37 -16.68 71.74
CA PHE F 2155 -67.40 -17.02 70.70
C PHE F 2155 -68.10 -17.57 69.46
N TYR F 2156 -69.14 -18.38 69.66
CA TYR F 2156 -69.87 -18.98 68.55
C TYR F 2156 -70.95 -18.05 68.02
N GLN F 2157 -71.64 -17.34 68.91
CA GLN F 2157 -72.78 -16.55 68.47
C GLN F 2157 -72.36 -15.31 67.70
N HIS F 2158 -71.15 -14.80 67.97
CA HIS F 2158 -70.66 -13.56 67.36
C HIS F 2158 -69.29 -13.80 66.76
N PRO F 2159 -69.19 -14.55 65.66
CA PRO F 2159 -67.87 -14.72 65.02
C PRO F 2159 -67.34 -13.45 64.41
N ASN F 2160 -68.22 -12.57 63.94
CA ASN F 2160 -67.78 -11.30 63.40
C ASN F 2160 -67.09 -10.45 64.45
N LEU F 2161 -67.62 -10.46 65.68
CA LEU F 2161 -66.96 -9.75 66.78
C LEU F 2161 -65.55 -10.28 67.01
N MET F 2162 -65.39 -11.60 66.98
CA MET F 2162 -64.07 -12.19 67.23
C MET F 2162 -63.10 -11.85 66.12
N ARG F 2163 -63.57 -11.91 64.88
CA ARG F 2163 -62.72 -11.54 63.74
C ARG F 2163 -62.32 -10.07 63.82
N ALA F 2164 -63.25 -9.19 64.21
CA ALA F 2164 -62.91 -7.79 64.38
C ALA F 2164 -61.91 -7.59 65.51
N LEU F 2165 -62.07 -8.31 66.62
CA LEU F 2165 -61.15 -8.23 67.74
C LEU F 2165 -59.79 -8.77 67.34
N GLY F 2166 -59.77 -9.56 66.26
CA GLY F 2166 -58.52 -10.07 65.73
C GLY F 2166 -57.80 -11.05 66.63
N MET F 2167 -58.56 -11.98 67.21
CA MET F 2167 -57.95 -12.99 68.06
C MET F 2167 -57.02 -13.90 67.28
N HIS F 2168 -57.40 -14.26 66.06
CA HIS F 2168 -56.59 -15.19 65.28
C HIS F 2168 -55.23 -14.60 64.95
N GLU F 2169 -55.13 -13.30 64.69
CA GLU F 2169 -53.83 -12.69 64.52
C GLU F 2169 -52.99 -12.79 65.79
N THR F 2170 -53.60 -12.59 66.96
CA THR F 2170 -52.84 -12.69 68.21
C THR F 2170 -52.32 -14.10 68.43
N VAL F 2171 -53.18 -15.11 68.22
CA VAL F 2171 -52.74 -16.49 68.37
C VAL F 2171 -51.63 -16.80 67.37
N MET F 2172 -51.77 -16.31 66.14
CA MET F 2172 -50.72 -16.46 65.15
C MET F 2172 -49.42 -15.86 65.64
N GLU F 2173 -49.49 -14.67 66.22
CA GLU F 2173 -48.27 -13.98 66.64
C GLU F 2173 -47.58 -14.74 67.76
N VAL F 2174 -48.36 -15.30 68.69
CA VAL F 2174 -47.76 -16.13 69.74
C VAL F 2174 -47.08 -17.36 69.12
N MET F 2175 -47.74 -18.01 68.17
CA MET F 2175 -47.15 -19.17 67.53
C MET F 2175 -45.88 -18.80 66.76
N VAL F 2176 -45.89 -17.65 66.08
CA VAL F 2176 -44.70 -17.16 65.39
C VAL F 2176 -43.58 -16.91 66.39
N ASN F 2177 -43.91 -16.35 67.55
CA ASN F 2177 -42.90 -16.13 68.57
C ASN F 2177 -42.25 -17.43 68.99
N VAL F 2178 -43.06 -18.49 69.17
CA VAL F 2178 -42.51 -19.77 69.58
C VAL F 2178 -41.64 -20.37 68.48
N LEU F 2179 -42.14 -20.33 67.25
CA LEU F 2179 -41.39 -20.93 66.15
C LEU F 2179 -40.11 -20.17 65.84
N GLY F 2180 -40.07 -18.86 66.07
CA GLY F 2180 -38.83 -18.13 66.05
C GLY F 2180 -37.92 -18.53 67.20
N GLY F 2181 -38.50 -18.65 68.40
CA GLY F 2181 -37.76 -19.05 69.57
C GLY F 2181 -37.82 -20.54 69.84
N GLY F 2182 -37.55 -21.33 68.79
CA GLY F 2182 -37.42 -22.77 68.95
C GLY F 2182 -37.94 -23.64 67.82
N GLU F 2183 -37.97 -23.09 66.60
CA GLU F 2183 -38.24 -23.87 65.40
C GLU F 2183 -37.08 -24.79 65.05
N SER F 2184 -35.88 -24.25 64.79
CA SER F 2184 -34.77 -25.07 64.33
C SER F 2184 -34.24 -25.95 65.45
N LYS F 2185 -34.34 -25.49 66.70
CA LYS F 2185 -33.86 -26.23 67.84
C LYS F 2185 -34.87 -27.25 68.36
N GLU F 2186 -35.78 -27.70 67.51
CA GLU F 2186 -36.89 -28.60 67.84
C GLU F 2186 -37.92 -27.81 68.64
N ILE F 2187 -39.20 -28.03 68.35
CA ILE F 2187 -40.26 -27.17 68.85
C ILE F 2187 -40.35 -27.24 70.36
N THR F 2188 -39.99 -26.15 71.02
CA THR F 2188 -40.14 -26.06 72.47
C THR F 2188 -41.57 -25.65 72.80
N PHE F 2189 -42.00 -26.03 74.00
CA PHE F 2189 -43.38 -25.84 74.45
C PHE F 2189 -44.35 -26.37 73.40
N PRO F 2190 -44.25 -27.64 73.01
CA PRO F 2190 -45.11 -28.14 71.93
C PRO F 2190 -46.59 -28.14 72.29
N LYS F 2191 -46.92 -28.26 73.58
CA LYS F 2191 -48.32 -28.34 73.98
C LYS F 2191 -49.08 -27.06 73.63
N MET F 2192 -48.47 -25.90 73.88
CA MET F 2192 -49.18 -24.66 73.59
C MET F 2192 -49.28 -24.42 72.10
N VAL F 2193 -48.27 -24.83 71.33
CA VAL F 2193 -48.36 -24.75 69.87
C VAL F 2193 -49.51 -25.62 69.38
N ALA F 2194 -49.63 -26.83 69.91
CA ALA F 2194 -50.72 -27.71 69.55
C ALA F 2194 -52.07 -27.09 69.89
N ASN F 2195 -52.17 -26.49 71.07
CA ASN F 2195 -53.43 -25.85 71.46
C ASN F 2195 -53.76 -24.67 70.55
N CYS F 2196 -52.75 -23.87 70.19
CA CYS F 2196 -52.98 -22.76 69.27
C CYS F 2196 -53.46 -23.26 67.92
N CYS F 2197 -52.84 -24.32 67.41
CA CYS F 2197 -53.26 -24.86 66.12
C CYS F 2197 -54.67 -25.40 66.17
N ARG F 2198 -55.01 -26.10 67.25
CA ARG F 2198 -56.37 -26.60 67.41
C ARG F 2198 -57.36 -25.45 67.47
N PHE F 2199 -57.03 -24.39 68.20
CA PHE F 2199 -57.90 -23.23 68.29
C PHE F 2199 -58.09 -22.59 66.93
N LEU F 2200 -57.01 -22.47 66.15
CA LEU F 2200 -57.12 -21.86 64.83
C LEU F 2200 -57.93 -22.71 63.87
N CYS F 2201 -57.79 -24.03 63.93
CA CYS F 2201 -58.62 -24.91 63.11
C CYS F 2201 -60.09 -24.82 63.49
N TYR F 2202 -60.38 -24.78 64.80
CA TYR F 2202 -61.77 -24.56 65.22
C TYR F 2202 -62.28 -23.22 64.74
N PHE F 2203 -61.42 -22.19 64.75
CA PHE F 2203 -61.79 -20.90 64.22
C PHE F 2203 -62.16 -20.98 62.74
N CYS F 2204 -61.40 -21.76 61.97
CA CYS F 2204 -61.75 -21.98 60.58
C CYS F 2204 -63.10 -22.65 60.44
N ARG F 2205 -63.35 -23.66 61.27
CA ARG F 2205 -64.60 -24.41 61.17
C ARG F 2205 -65.81 -23.64 61.68
N ILE F 2206 -65.62 -22.60 62.50
CA ILE F 2206 -66.76 -21.87 63.04
C ILE F 2206 -67.56 -21.22 61.91
N SER F 2207 -66.90 -20.48 61.03
CA SER F 2207 -67.60 -19.74 59.99
C SER F 2207 -66.75 -19.68 58.74
N ARG F 2208 -67.42 -19.49 57.60
CA ARG F 2208 -66.72 -19.49 56.32
C ARG F 2208 -65.90 -18.22 56.15
N GLN F 2209 -66.37 -17.09 56.69
CA GLN F 2209 -65.59 -15.86 56.62
C GLN F 2209 -64.30 -15.99 57.43
N ASN F 2210 -64.38 -16.61 58.60
CA ASN F 2210 -63.17 -16.86 59.38
C ASN F 2210 -62.19 -17.73 58.59
N GLN F 2211 -62.72 -18.63 57.78
CA GLN F 2211 -61.85 -19.47 56.95
C GLN F 2211 -61.06 -18.62 55.97
N LYS F 2212 -61.70 -17.63 55.35
CA LYS F 2212 -60.98 -16.74 54.43
C LYS F 2212 -59.98 -15.87 55.18
N ALA F 2213 -60.39 -15.33 56.33
CA ALA F 2213 -59.47 -14.52 57.12
C ALA F 2213 -58.24 -15.31 57.50
N MET F 2214 -58.41 -16.61 57.79
CA MET F 2214 -57.28 -17.45 58.14
C MET F 2214 -56.46 -17.80 56.90
N PHE F 2215 -57.13 -18.02 55.77
CA PHE F 2215 -56.44 -18.30 54.52
C PHE F 2215 -55.54 -17.15 54.10
N ASP F 2216 -55.88 -15.93 54.50
CA ASP F 2216 -55.02 -14.80 54.17
C ASP F 2216 -53.63 -14.90 54.79
N HIS F 2217 -53.44 -15.79 55.78
CA HIS F 2217 -52.13 -16.00 56.38
C HIS F 2217 -51.49 -17.30 55.90
N LEU F 2218 -51.89 -17.80 54.74
CA LEU F 2218 -51.44 -19.11 54.29
C LEU F 2218 -49.95 -19.13 54.02
N SER F 2219 -49.40 -18.04 53.48
CA SER F 2219 -48.02 -18.04 53.04
C SER F 2219 -47.05 -18.33 54.19
N TYR F 2220 -47.26 -17.69 55.34
CA TYR F 2220 -46.39 -17.93 56.48
C TYR F 2220 -46.53 -19.36 56.98
N LEU F 2221 -47.78 -19.84 57.08
CA LEU F 2221 -48.02 -21.17 57.62
C LEU F 2221 -47.36 -22.24 56.76
N LEU F 2222 -47.44 -22.09 55.44
CA LEU F 2222 -46.80 -23.05 54.56
C LEU F 2222 -45.29 -23.03 54.71
N GLU F 2223 -44.72 -21.87 55.05
CA GLU F 2223 -43.28 -21.81 55.29
C GLU F 2223 -42.92 -22.47 56.61
N ASN F 2224 -43.83 -22.39 57.60
CA ASN F 2224 -43.68 -23.09 58.86
C ASN F 2224 -44.43 -24.42 58.88
N SER F 2225 -44.59 -25.05 57.72
CA SER F 2225 -45.27 -26.35 57.67
C SER F 2225 -44.49 -27.41 58.46
N SER F 2226 -43.16 -27.40 58.33
CA SER F 2226 -42.32 -28.45 58.93
C SER F 2226 -42.00 -28.08 60.38
N VAL F 2227 -43.04 -28.12 61.20
CA VAL F 2227 -42.93 -27.85 62.63
C VAL F 2227 -42.95 -29.14 63.45
N GLY F 2228 -44.03 -29.89 63.37
CA GLY F 2228 -44.16 -31.11 64.15
C GLY F 2228 -44.78 -32.25 63.38
N LEU F 2229 -44.54 -32.27 62.06
CA LEU F 2229 -45.16 -33.28 61.23
C LEU F 2229 -44.69 -34.68 61.60
N ALA F 2230 -43.39 -34.84 61.87
CA ALA F 2230 -42.85 -36.17 62.13
C ALA F 2230 -43.21 -36.65 63.53
N SER F 2231 -43.71 -35.77 64.38
CA SER F 2231 -44.06 -36.17 65.74
C SER F 2231 -45.53 -36.51 65.81
N PRO F 2232 -45.90 -37.77 66.03
CA PRO F 2232 -47.31 -38.14 66.18
C PRO F 2232 -47.83 -37.65 67.53
N ALA F 2233 -49.11 -37.96 67.78
CA ALA F 2233 -49.85 -37.49 68.95
C ALA F 2233 -50.02 -35.97 68.89
N MET F 2234 -49.49 -35.35 67.84
CA MET F 2234 -49.66 -33.94 67.56
C MET F 2234 -50.34 -33.74 66.21
N ARG F 2235 -50.78 -34.83 65.58
CA ARG F 2235 -51.49 -34.76 64.32
C ARG F 2235 -52.75 -33.91 64.48
N GLY F 2236 -53.02 -33.07 63.47
CA GLY F 2236 -54.10 -32.12 63.58
C GLY F 2236 -53.76 -30.89 64.38
N SER F 2237 -52.51 -30.76 64.84
CA SER F 2237 -52.10 -29.64 65.66
C SER F 2237 -50.82 -28.97 65.15
N THR F 2238 -50.50 -29.12 63.87
CA THR F 2238 -49.35 -28.44 63.28
C THR F 2238 -49.84 -27.32 62.38
N PRO F 2239 -48.97 -26.36 62.06
CA PRO F 2239 -49.39 -25.27 61.16
C PRO F 2239 -49.86 -25.77 59.79
N LEU F 2240 -49.33 -26.90 59.33
CA LEU F 2240 -49.82 -27.47 58.08
C LEU F 2240 -51.28 -27.86 58.19
N ASP F 2241 -51.68 -28.44 59.33
CA ASP F 2241 -53.09 -28.76 59.54
C ASP F 2241 -53.94 -27.50 59.54
N VAL F 2242 -53.41 -26.41 60.12
CA VAL F 2242 -54.15 -25.15 60.13
C VAL F 2242 -54.33 -24.63 58.71
N ALA F 2243 -53.28 -24.75 57.89
CA ALA F 2243 -53.40 -24.35 56.48
C ALA F 2243 -54.43 -25.21 55.75
N ALA F 2244 -54.44 -26.52 56.03
CA ALA F 2244 -55.44 -27.39 55.43
C ALA F 2244 -56.85 -26.98 55.84
N ALA F 2245 -57.04 -26.63 57.10
CA ALA F 2245 -58.34 -26.11 57.54
C ALA F 2245 -58.66 -24.77 56.88
N SER F 2246 -57.64 -23.96 56.58
CA SER F 2246 -57.86 -22.69 55.91
C SER F 2246 -58.35 -22.89 54.48
N VAL F 2247 -57.85 -23.92 53.81
CA VAL F 2247 -58.18 -24.09 52.39
C VAL F 2247 -59.03 -25.34 52.20
N MET F 2248 -59.72 -25.76 53.24
CA MET F 2248 -60.54 -26.98 53.22
C MET F 2248 -61.96 -26.61 52.81
N ASP F 2249 -62.49 -27.32 51.81
CA ASP F 2249 -63.88 -27.33 51.39
C ASP F 2249 -64.39 -25.97 50.92
N ASN F 2250 -63.52 -25.01 50.62
CA ASN F 2250 -63.93 -23.72 50.09
C ASN F 2250 -63.46 -23.61 48.65
N ASN F 2251 -64.40 -23.63 47.70
CA ASN F 2251 -64.04 -23.52 46.30
C ASN F 2251 -63.35 -22.20 46.00
N GLU F 2252 -63.86 -21.11 46.57
CA GLU F 2252 -63.27 -19.79 46.32
C GLU F 2252 -61.82 -19.75 46.77
N LEU F 2253 -61.56 -20.23 48.00
CA LEU F 2253 -60.20 -20.22 48.52
C LEU F 2253 -59.29 -21.18 47.75
N ALA F 2254 -59.81 -22.35 47.37
CA ALA F 2254 -59.01 -23.30 46.60
C ALA F 2254 -58.61 -22.71 45.26
N LEU F 2255 -59.55 -22.03 44.59
CA LEU F 2255 -59.21 -21.36 43.34
C LEU F 2255 -58.22 -20.23 43.56
N ALA F 2256 -58.42 -19.45 44.62
CA ALA F 2256 -57.53 -18.32 44.89
C ALA F 2256 -56.13 -18.77 45.26
N LEU F 2257 -55.99 -20.03 45.69
CA LEU F 2257 -54.70 -20.56 46.06
C LEU F 2257 -53.73 -20.51 44.88
N ARG F 2258 -52.52 -20.03 45.15
CA ARG F 2258 -51.56 -19.75 44.09
C ARG F 2258 -50.68 -20.96 43.81
N GLU F 2259 -49.93 -20.88 42.71
CA GLU F 2259 -49.01 -21.93 42.31
C GLU F 2259 -47.74 -21.98 43.16
N PRO F 2260 -47.14 -20.83 43.55
CA PRO F 2260 -45.99 -20.91 44.45
C PRO F 2260 -46.31 -21.56 45.79
N ASP F 2261 -47.54 -21.39 46.28
CA ASP F 2261 -47.92 -22.02 47.54
C ASP F 2261 -47.88 -23.53 47.42
N LEU F 2262 -48.35 -24.07 46.28
CA LEU F 2262 -48.23 -25.51 46.04
C LEU F 2262 -46.78 -25.89 45.81
N GLU F 2263 -46.00 -24.99 45.20
CA GLU F 2263 -44.60 -25.29 44.93
C GLU F 2263 -43.82 -25.47 46.22
N LYS F 2264 -44.14 -24.69 47.24
CA LYS F 2264 -43.50 -24.86 48.54
C LYS F 2264 -43.74 -26.27 49.09
N VAL F 2265 -44.99 -26.73 49.02
CA VAL F 2265 -45.32 -28.05 49.52
C VAL F 2265 -44.63 -29.12 48.70
N VAL F 2266 -44.57 -28.93 47.38
CA VAL F 2266 -43.90 -29.89 46.51
C VAL F 2266 -42.41 -29.98 46.85
N ARG F 2267 -41.79 -28.83 47.12
CA ARG F 2267 -40.38 -28.82 47.51
C ARG F 2267 -40.17 -29.53 48.84
N TYR F 2268 -41.07 -29.29 49.80
CA TYR F 2268 -40.96 -29.99 51.08
C TYR F 2268 -41.10 -31.49 50.90
N LEU F 2269 -42.06 -31.92 50.07
CA LEU F 2269 -42.24 -33.33 49.80
C LEU F 2269 -41.03 -33.94 49.09
N ALA F 2270 -40.42 -33.19 48.16
CA ALA F 2270 -39.20 -33.65 47.52
C ALA F 2270 -38.08 -33.83 48.54
N GLY F 2271 -37.93 -32.88 49.46
CA GLY F 2271 -36.94 -33.02 50.51
C GLY F 2271 -37.18 -34.24 51.37
N CYS F 2272 -38.45 -34.46 51.74
CA CYS F 2272 -38.81 -35.63 52.54
C CYS F 2272 -38.61 -36.94 51.78
N GLY F 2273 -38.75 -36.93 50.47
CA GLY F 2273 -38.52 -38.13 49.70
C GLY F 2273 -37.05 -38.40 49.43
N LEU F 2274 -36.24 -37.34 49.49
CA LEU F 2274 -34.81 -37.52 49.25
C LEU F 2274 -34.05 -37.85 50.53
N GLN F 2275 -34.32 -37.14 51.62
CA GLN F 2275 -33.55 -37.28 52.85
C GLN F 2275 -34.43 -37.83 53.96
N SER F 2276 -33.80 -38.58 54.87
CA SER F 2276 -34.50 -39.20 55.98
C SER F 2276 -34.76 -38.17 57.09
N CYS F 2277 -35.49 -38.62 58.11
CA CYS F 2277 -35.82 -37.75 59.23
C CYS F 2277 -34.70 -37.76 60.26
N GLN F 2278 -34.10 -36.58 60.47
CA GLN F 2278 -33.00 -36.43 61.40
C GLN F 2278 -33.41 -36.75 62.83
N MET F 2279 -34.59 -36.30 63.26
CA MET F 2279 -35.02 -36.58 64.61
C MET F 2279 -35.30 -38.07 64.83
N LEU F 2280 -35.88 -38.75 63.83
CA LEU F 2280 -36.05 -40.19 63.93
C LEU F 2280 -34.72 -40.95 63.98
N VAL F 2281 -33.77 -40.59 63.11
CA VAL F 2281 -32.49 -41.29 63.17
C VAL F 2281 -31.76 -40.95 64.47
N SER F 2282 -32.04 -39.77 65.05
CA SER F 2282 -31.51 -39.46 66.37
C SER F 2282 -32.11 -40.37 67.43
N LYS F 2283 -33.42 -40.61 67.36
CA LYS F 2283 -34.03 -41.59 68.26
C LYS F 2283 -33.57 -43.01 67.98
N GLY F 2284 -32.97 -43.24 66.81
CA GLY F 2284 -32.42 -44.54 66.51
C GLY F 2284 -33.23 -45.39 65.55
N TYR F 2285 -34.19 -44.81 64.86
CA TYR F 2285 -34.94 -45.57 63.87
C TYR F 2285 -34.00 -46.03 62.76
N PRO F 2286 -34.25 -47.20 62.17
CA PRO F 2286 -33.42 -47.65 61.05
C PRO F 2286 -33.46 -46.64 59.92
N ASP F 2287 -32.29 -46.36 59.36
CA ASP F 2287 -32.12 -45.25 58.43
C ASP F 2287 -32.42 -45.71 57.01
N ILE F 2288 -33.63 -45.41 56.55
CA ILE F 2288 -33.98 -45.51 55.13
C ILE F 2288 -33.84 -44.12 54.53
N GLY F 2289 -33.52 -44.06 53.25
CA GLY F 2289 -33.11 -42.79 52.65
C GLY F 2289 -34.20 -41.74 52.68
N TRP F 2290 -35.46 -42.16 52.75
CA TRP F 2290 -36.58 -41.25 52.58
C TRP F 2290 -37.45 -41.19 53.84
N ASN F 2291 -38.30 -40.16 53.89
CA ASN F 2291 -39.14 -39.88 55.05
C ASN F 2291 -40.62 -40.06 54.72
N PRO F 2292 -41.23 -41.18 55.11
CA PRO F 2292 -42.66 -41.34 54.85
C PRO F 2292 -43.54 -40.50 55.76
N VAL F 2293 -43.15 -40.39 57.04
CA VAL F 2293 -44.01 -39.77 58.04
C VAL F 2293 -44.25 -38.31 57.69
N GLU F 2294 -43.19 -37.59 57.33
CA GLU F 2294 -43.34 -36.19 56.96
C GLU F 2294 -44.02 -36.05 55.60
N GLY F 2295 -43.74 -36.97 54.68
CA GLY F 2295 -44.30 -36.87 53.34
C GLY F 2295 -45.80 -37.04 53.32
N GLU F 2296 -46.33 -37.90 54.20
CA GLU F 2296 -47.77 -38.14 54.20
C GLU F 2296 -48.56 -36.89 54.56
N ARG F 2297 -48.04 -36.06 55.46
CA ARG F 2297 -48.74 -34.83 55.84
C ARG F 2297 -48.84 -33.86 54.66
N TYR F 2298 -47.74 -33.69 53.94
CA TYR F 2298 -47.75 -32.86 52.75
C TYR F 2298 -48.68 -33.41 51.68
N LEU F 2299 -48.72 -34.74 51.54
CA LEU F 2299 -49.67 -35.35 50.61
C LEU F 2299 -51.10 -35.05 51.01
N ASP F 2300 -51.42 -35.10 52.31
CA ASP F 2300 -52.76 -34.77 52.75
C ASP F 2300 -53.10 -33.31 52.44
N PHE F 2301 -52.17 -32.40 52.68
CA PHE F 2301 -52.43 -31.00 52.36
C PHE F 2301 -52.67 -30.80 50.88
N LEU F 2302 -51.86 -31.46 50.04
CA LEU F 2302 -52.07 -31.36 48.60
C LEU F 2302 -53.43 -31.94 48.21
N ARG F 2303 -53.83 -33.03 48.86
CA ARG F 2303 -55.15 -33.59 48.61
C ARG F 2303 -56.25 -32.57 48.89
N PHE F 2304 -56.18 -31.92 50.05
CA PHE F 2304 -57.17 -30.90 50.38
C PHE F 2304 -57.11 -29.71 49.45
N ALA F 2305 -55.94 -29.39 48.90
CA ALA F 2305 -55.83 -28.29 47.96
C ALA F 2305 -56.46 -28.63 46.60
N VAL F 2306 -56.32 -29.89 46.16
CA VAL F 2306 -56.76 -30.21 44.81
C VAL F 2306 -58.20 -30.68 44.76
N PHE F 2307 -58.70 -31.29 45.84
CA PHE F 2307 -60.00 -31.96 45.80
C PHE F 2307 -60.93 -31.25 46.79
N CYS F 2308 -62.12 -30.87 46.32
CA CYS F 2308 -63.04 -30.07 47.11
C CYS F 2308 -64.48 -30.45 46.83
N ASN F 2309 -65.23 -30.76 47.88
CA ASN F 2309 -66.66 -31.01 47.81
C ASN F 2309 -67.00 -32.11 46.80
N GLY F 2310 -66.20 -33.16 46.81
CA GLY F 2310 -66.42 -34.27 45.90
C GLY F 2310 -65.95 -33.98 44.49
N GLU F 2311 -65.80 -32.71 44.17
CA GLU F 2311 -65.29 -32.28 42.88
C GLU F 2311 -63.76 -32.13 42.94
N SER F 2312 -63.13 -32.29 41.79
CA SER F 2312 -61.69 -32.09 41.67
C SER F 2312 -61.43 -30.75 41.01
N VAL F 2313 -60.74 -29.86 41.73
CA VAL F 2313 -60.38 -28.56 41.19
C VAL F 2313 -59.34 -28.79 40.10
N GLU F 2314 -59.76 -28.62 38.84
CA GLU F 2314 -58.89 -28.94 37.72
C GLU F 2314 -57.65 -28.05 37.69
N GLU F 2315 -57.83 -26.76 37.98
CA GLU F 2315 -56.70 -25.84 37.91
C GLU F 2315 -55.62 -26.22 38.92
N ASN F 2316 -56.03 -26.59 40.13
CA ASN F 2316 -55.06 -27.01 41.13
C ASN F 2316 -54.48 -28.38 40.82
N ALA F 2317 -55.30 -29.31 40.36
CA ALA F 2317 -54.84 -30.66 40.09
C ALA F 2317 -53.80 -30.67 38.97
N ASN F 2318 -54.03 -29.86 37.93
CA ASN F 2318 -53.07 -29.78 36.84
C ASN F 2318 -51.72 -29.25 37.31
N VAL F 2319 -51.70 -28.23 38.15
CA VAL F 2319 -50.46 -27.72 38.68
C VAL F 2319 -49.76 -28.77 39.54
N VAL F 2320 -50.53 -29.46 40.38
CA VAL F 2320 -49.92 -30.41 41.32
C VAL F 2320 -49.33 -31.60 40.57
N VAL F 2321 -50.06 -32.13 39.59
CA VAL F 2321 -49.56 -33.27 38.84
C VAL F 2321 -48.30 -32.90 38.07
N ARG F 2322 -48.30 -31.72 37.43
CA ARG F 2322 -47.13 -31.27 36.70
C ARG F 2322 -45.93 -31.10 37.62
N LEU F 2323 -46.14 -30.51 38.81
CA LEU F 2323 -45.02 -30.36 39.74
C LEU F 2323 -44.52 -31.73 40.21
N LEU F 2324 -45.43 -32.65 40.49
CA LEU F 2324 -45.03 -33.97 40.98
C LEU F 2324 -44.22 -34.72 39.94
N ILE F 2325 -44.63 -34.65 38.67
CA ILE F 2325 -43.84 -35.32 37.64
C ILE F 2325 -42.58 -34.54 37.29
N ARG F 2326 -42.57 -33.22 37.53
CA ARG F 2326 -41.35 -32.45 37.37
C ARG F 2326 -40.29 -32.91 38.38
N ARG F 2327 -40.71 -33.17 39.61
CA ARG F 2327 -39.81 -33.68 40.63
C ARG F 2327 -40.20 -35.10 41.00
N PRO F 2328 -39.67 -36.11 40.29
CA PRO F 2328 -40.06 -37.50 40.57
C PRO F 2328 -39.62 -38.01 41.92
N GLU F 2329 -38.81 -37.25 42.66
CA GLU F 2329 -38.34 -37.73 43.96
C GLU F 2329 -39.45 -37.70 45.00
N CYS F 2330 -40.61 -37.15 44.65
CA CYS F 2330 -41.73 -37.09 45.60
C CYS F 2330 -42.60 -38.34 45.58
N PHE F 2331 -42.29 -39.31 44.74
CA PHE F 2331 -43.17 -40.48 44.57
C PHE F 2331 -42.78 -41.65 45.44
N GLY F 2332 -41.80 -41.51 46.32
CA GLY F 2332 -41.28 -42.64 47.05
C GLY F 2332 -40.29 -43.42 46.21
N PRO F 2333 -39.43 -44.20 46.86
CA PRO F 2333 -38.41 -44.95 46.11
C PRO F 2333 -38.97 -45.89 45.07
N ALA F 2334 -40.11 -46.52 45.35
CA ALA F 2334 -40.63 -47.52 44.43
C ALA F 2334 -41.09 -46.90 43.12
N LEU F 2335 -41.83 -45.80 43.20
CA LEU F 2335 -42.42 -45.19 42.02
C LEU F 2335 -41.49 -44.17 41.38
N ARG F 2336 -40.18 -44.25 41.65
CA ARG F 2336 -39.22 -43.42 40.93
C ARG F 2336 -39.22 -43.74 39.45
N GLY F 2337 -39.30 -45.02 39.10
CA GLY F 2337 -39.00 -45.46 37.76
C GLY F 2337 -37.53 -45.68 37.50
N GLU F 2338 -36.67 -45.37 38.47
CA GLU F 2338 -35.23 -45.53 38.35
C GLU F 2338 -34.85 -46.78 39.14
N GLY F 2339 -35.02 -47.94 38.51
CA GLY F 2339 -34.76 -49.20 39.17
C GLY F 2339 -35.66 -49.43 40.37
N GLY F 2340 -36.93 -49.03 40.24
CA GLY F 2340 -37.90 -49.20 41.30
C GLY F 2340 -38.62 -50.53 41.18
N ASN F 2341 -38.95 -51.10 42.34
CA ASN F 2341 -39.62 -52.40 42.40
C ASN F 2341 -41.12 -52.31 42.15
N GLY F 2342 -41.68 -51.11 42.11
CA GLY F 2342 -43.10 -50.94 41.88
C GLY F 2342 -43.90 -50.86 43.17
N LEU F 2343 -45.14 -50.38 43.03
CA LEU F 2343 -46.00 -50.18 44.19
C LEU F 2343 -46.31 -51.50 44.89
N LEU F 2344 -46.63 -52.54 44.10
CA LEU F 2344 -47.00 -53.82 44.70
C LEU F 2344 -45.84 -54.42 45.48
N ALA F 2345 -44.64 -54.41 44.91
CA ALA F 2345 -43.49 -54.93 45.62
C ALA F 2345 -43.12 -54.07 46.81
N ALA F 2346 -43.30 -52.74 46.69
CA ALA F 2346 -43.03 -51.87 47.82
C ALA F 2346 -43.95 -52.16 48.99
N MET F 2347 -45.24 -52.38 48.74
CA MET F 2347 -46.13 -52.66 49.85
C MET F 2347 -45.91 -54.06 50.42
N GLU F 2348 -45.46 -55.01 49.60
CA GLU F 2348 -45.02 -56.29 50.17
C GLU F 2348 -43.83 -56.09 51.09
N GLU F 2349 -42.86 -55.26 50.68
CA GLU F 2349 -41.74 -54.94 51.55
C GLU F 2349 -42.21 -54.27 52.83
N ALA F 2350 -43.20 -53.38 52.73
CA ALA F 2350 -43.75 -52.73 53.90
C ALA F 2350 -44.42 -53.75 54.83
N ILE F 2351 -45.13 -54.73 54.27
CA ILE F 2351 -45.67 -55.82 55.08
C ILE F 2351 -44.54 -56.51 55.84
N LYS F 2352 -43.49 -56.88 55.12
CA LYS F 2352 -42.37 -57.56 55.75
C LYS F 2352 -41.76 -56.72 56.87
N ILE F 2353 -41.66 -55.42 56.65
CA ILE F 2353 -41.20 -54.52 57.71
C ILE F 2353 -42.15 -54.59 58.90
N ALA F 2354 -43.45 -54.63 58.64
CA ALA F 2354 -44.44 -54.70 59.70
C ALA F 2354 -44.31 -55.96 60.55
N GLU F 2355 -44.06 -57.12 59.94
CA GLU F 2355 -43.80 -58.31 60.77
C GLU F 2355 -42.42 -58.30 61.40
N ASP F 2356 -41.41 -57.67 60.79
CA ASP F 2356 -40.08 -57.67 61.37
C ASP F 2356 -39.97 -56.61 62.46
N PRO F 2357 -39.88 -57.02 63.74
CA PRO F 2357 -39.83 -56.04 64.83
C PRO F 2357 -38.55 -55.23 64.83
N SER F 2358 -37.44 -55.85 64.44
CA SER F 2358 -36.14 -55.18 64.52
C SER F 2358 -36.10 -53.96 63.61
N ARG F 2359 -36.56 -54.10 62.38
CA ARG F 2359 -36.53 -52.97 61.45
C ARG F 2359 -37.77 -52.10 61.56
N ASP F 2360 -38.78 -52.54 62.31
CA ASP F 2360 -39.99 -51.75 62.46
C ASP F 2360 -39.84 -50.68 63.53
N GLY F 2361 -39.49 -51.09 64.75
CA GLY F 2361 -39.38 -50.18 65.86
C GLY F 2361 -38.04 -49.45 65.91
N PRO F 2362 -37.94 -48.47 66.80
CA PRO F 2362 -36.67 -47.74 66.95
C PRO F 2362 -35.52 -48.65 67.38
N SER F 2363 -35.84 -49.67 68.16
CA SER F 2363 -34.88 -50.66 68.63
C SER F 2363 -33.71 -50.02 69.40
N PRO F 2364 -33.97 -49.51 70.62
CA PRO F 2364 -32.91 -48.89 71.42
C PRO F 2364 -31.85 -49.90 71.86
N GLU F 2377 -45.42 -45.18 73.36
CA GLU F 2377 -46.50 -44.42 72.72
C GLU F 2377 -46.27 -44.31 71.22
N GLU F 2378 -47.24 -43.72 70.52
CA GLU F 2378 -47.11 -43.55 69.08
C GLU F 2378 -45.94 -42.66 68.71
N ASP F 2379 -45.75 -41.55 69.42
CA ASP F 2379 -44.62 -40.67 69.14
C ASP F 2379 -43.30 -41.36 69.43
N ASP F 2380 -43.24 -42.12 70.53
CA ASP F 2380 -42.01 -42.84 70.87
C ASP F 2380 -41.80 -44.01 69.91
N THR F 2381 -42.88 -44.70 69.55
CA THR F 2381 -42.81 -45.88 68.69
C THR F 2381 -43.69 -45.67 67.45
N ILE F 2382 -43.05 -45.36 66.33
CA ILE F 2382 -43.73 -45.22 65.05
C ILE F 2382 -43.44 -46.46 64.23
N HIS F 2383 -44.49 -47.09 63.70
CA HIS F 2383 -44.33 -48.27 62.85
C HIS F 2383 -43.89 -47.86 61.45
N MET F 2384 -42.66 -48.21 61.07
CA MET F 2384 -42.15 -47.77 59.78
C MET F 2384 -42.89 -48.42 58.62
N GLY F 2385 -43.26 -49.69 58.77
CA GLY F 2385 -44.04 -50.35 57.72
C GLY F 2385 -45.37 -49.68 57.50
N ASN F 2386 -46.09 -49.39 58.58
CA ASN F 2386 -47.37 -48.69 58.46
C ASN F 2386 -47.16 -47.29 57.91
N ALA F 2387 -46.07 -46.63 58.28
CA ALA F 2387 -45.79 -45.30 57.77
C ALA F 2387 -45.58 -45.32 56.26
N ILE F 2388 -44.82 -46.29 55.76
CA ILE F 2388 -44.61 -46.41 54.32
C ILE F 2388 -45.92 -46.72 53.63
N MET F 2389 -46.70 -47.63 54.20
CA MET F 2389 -48.01 -47.97 53.65
C MET F 2389 -48.88 -46.75 53.54
N THR F 2390 -48.95 -45.95 54.61
CA THR F 2390 -49.79 -44.76 54.62
C THR F 2390 -49.27 -43.72 53.63
N PHE F 2391 -47.96 -43.58 53.51
CA PHE F 2391 -47.41 -42.65 52.54
C PHE F 2391 -47.85 -43.01 51.13
N TYR F 2392 -47.69 -44.28 50.76
CA TYR F 2392 -48.09 -44.69 49.41
C TYR F 2392 -49.59 -44.55 49.23
N SER F 2393 -50.37 -44.94 50.23
CA SER F 2393 -51.81 -44.79 50.13
C SER F 2393 -52.19 -43.33 49.89
N ALA F 2394 -51.57 -42.41 50.61
CA ALA F 2394 -51.83 -40.98 50.41
C ALA F 2394 -51.42 -40.53 49.02
N LEU F 2395 -50.29 -41.04 48.50
CA LEU F 2395 -49.85 -40.62 47.18
C LEU F 2395 -50.82 -41.05 46.10
N ILE F 2396 -51.20 -42.33 46.08
CA ILE F 2396 -52.18 -42.79 45.10
C ILE F 2396 -53.54 -42.14 45.32
N ASP F 2397 -53.91 -41.87 46.57
CA ASP F 2397 -55.16 -41.14 46.79
C ASP F 2397 -55.12 -39.75 46.17
N LEU F 2398 -54.02 -39.02 46.38
CA LEU F 2398 -53.89 -37.69 45.83
C LEU F 2398 -53.92 -37.72 44.31
N LEU F 2399 -53.23 -38.69 43.71
CA LEU F 2399 -53.23 -38.78 42.25
C LEU F 2399 -54.62 -39.11 41.72
N GLY F 2400 -55.32 -40.02 42.39
CA GLY F 2400 -56.68 -40.33 41.97
C GLY F 2400 -57.60 -39.13 42.05
N ARG F 2401 -57.46 -38.34 43.11
CA ARG F 2401 -58.27 -37.12 43.21
C ARG F 2401 -57.87 -36.10 42.15
N CYS F 2402 -56.59 -36.03 41.83
CA CYS F 2402 -56.13 -35.10 40.79
C CYS F 2402 -56.60 -35.53 39.41
N ALA F 2403 -56.94 -36.81 39.24
CA ALA F 2403 -57.43 -37.27 37.94
C ALA F 2403 -58.64 -36.46 37.49
N PRO F 2404 -58.77 -36.18 36.20
CA PRO F 2404 -59.84 -35.32 35.72
C PRO F 2404 -61.21 -35.99 35.80
N GLU F 2405 -62.24 -35.17 35.65
CA GLU F 2405 -63.61 -35.64 35.81
C GLU F 2405 -64.11 -36.34 34.55
N MET F 2406 -65.08 -37.24 34.75
CA MET F 2406 -65.61 -38.03 33.64
C MET F 2406 -66.40 -37.17 32.66
N HIS F 2407 -67.12 -36.17 33.14
CA HIS F 2407 -67.86 -35.32 32.22
C HIS F 2407 -66.90 -34.53 31.32
N LEU F 2408 -65.81 -34.02 31.89
CA LEU F 2408 -64.82 -33.33 31.07
C LEU F 2408 -64.16 -34.28 30.09
N ILE F 2409 -63.81 -35.49 30.54
CA ILE F 2409 -63.14 -36.41 29.63
C ILE F 2409 -64.08 -36.86 28.52
N HIS F 2410 -65.37 -36.96 28.80
CA HIS F 2410 -66.34 -37.24 27.74
C HIS F 2410 -66.47 -36.07 26.79
N ALA F 2411 -66.44 -34.84 27.31
CA ALA F 2411 -66.37 -33.67 26.45
C ALA F 2411 -65.12 -33.69 25.59
N GLY F 2412 -64.06 -34.35 26.03
CA GLY F 2412 -62.90 -34.55 25.20
C GLY F 2412 -61.84 -33.49 25.30
N LYS F 2413 -61.65 -32.90 26.48
CA LYS F 2413 -60.61 -31.90 26.64
C LYS F 2413 -59.23 -32.54 26.54
N GLY F 2414 -58.41 -31.99 25.64
CA GLY F 2414 -57.08 -32.53 25.43
C GLY F 2414 -56.20 -32.49 26.66
N GLU F 2415 -56.29 -31.40 27.43
CA GLU F 2415 -55.50 -31.32 28.65
C GLU F 2415 -55.93 -32.39 29.65
N ALA F 2416 -57.23 -32.62 29.75
CA ALA F 2416 -57.74 -33.64 30.66
C ALA F 2416 -57.29 -35.03 30.26
N ILE F 2417 -57.41 -35.36 28.96
CA ILE F 2417 -56.97 -36.68 28.51
C ILE F 2417 -55.47 -36.83 28.69
N ARG F 2418 -54.72 -35.75 28.49
CA ARG F 2418 -53.29 -35.78 28.73
C ARG F 2418 -52.98 -36.11 30.18
N ILE F 2419 -53.66 -35.43 31.11
CA ILE F 2419 -53.41 -35.67 32.54
C ILE F 2419 -53.76 -37.11 32.90
N ARG F 2420 -54.89 -37.60 32.41
CA ARG F 2420 -55.28 -38.96 32.70
C ARG F 2420 -54.28 -39.96 32.14
N SER F 2421 -53.76 -39.72 30.94
CA SER F 2421 -52.74 -40.58 30.37
C SER F 2421 -51.46 -40.56 31.19
N ILE F 2422 -51.08 -39.37 31.67
CA ILE F 2422 -49.88 -39.28 32.51
C ILE F 2422 -50.04 -40.09 33.79
N LEU F 2423 -51.22 -39.99 34.41
CA LEU F 2423 -51.45 -40.77 35.62
C LEU F 2423 -51.47 -42.27 35.33
N ARG F 2424 -52.04 -42.65 34.18
CA ARG F 2424 -52.03 -44.05 33.77
C ARG F 2424 -50.60 -44.55 33.60
N SER F 2425 -49.74 -43.74 33.00
CA SER F 2425 -48.33 -44.11 32.89
C SER F 2425 -47.68 -44.20 34.27
N LEU F 2426 -48.04 -43.28 35.17
CA LEU F 2426 -47.42 -43.26 36.49
C LEU F 2426 -47.71 -44.54 37.27
N ILE F 2427 -48.96 -45.00 37.26
CA ILE F 2427 -49.34 -46.18 38.01
C ILE F 2427 -49.86 -47.24 37.07
N PRO F 2428 -49.27 -48.44 37.05
CA PRO F 2428 -49.81 -49.52 36.22
C PRO F 2428 -51.00 -50.19 36.88
N LEU F 2429 -51.79 -50.87 36.06
CA LEU F 2429 -53.01 -51.51 36.55
C LEU F 2429 -52.70 -52.73 37.42
N GLY F 2430 -51.71 -53.52 37.02
CA GLY F 2430 -51.39 -54.73 37.77
C GLY F 2430 -50.97 -54.44 39.20
N ASP F 2431 -50.27 -53.33 39.42
CA ASP F 2431 -49.88 -52.96 40.77
C ASP F 2431 -51.10 -52.70 41.65
N LEU F 2432 -52.07 -51.95 41.12
CA LEU F 2432 -53.29 -51.71 41.88
C LEU F 2432 -54.06 -53.00 42.15
N VAL F 2433 -54.11 -53.88 41.14
CA VAL F 2433 -54.79 -55.16 41.33
C VAL F 2433 -54.11 -55.97 42.44
N GLY F 2434 -52.78 -56.01 42.43
CA GLY F 2434 -52.06 -56.72 43.48
C GLY F 2434 -52.27 -56.15 44.86
N VAL F 2435 -52.25 -54.82 44.97
CA VAL F 2435 -52.51 -54.21 46.28
C VAL F 2435 -53.90 -54.53 46.77
N ILE F 2436 -54.90 -54.45 45.90
CA ILE F 2436 -56.25 -54.82 46.30
C ILE F 2436 -56.32 -56.31 46.66
N SER F 2437 -55.55 -57.15 45.97
CA SER F 2437 -55.57 -58.58 46.24
C SER F 2437 -54.95 -58.90 47.60
N ILE F 2438 -53.98 -58.10 48.04
CA ILE F 2438 -53.35 -58.34 49.33
C ILE F 2438 -54.42 -58.34 50.43
N ALA F 2439 -54.36 -59.34 51.30
CA ALA F 2439 -55.38 -59.57 52.31
C ALA F 2439 -54.94 -59.04 53.67
N PHE F 2440 -55.84 -59.13 54.64
CA PHE F 2440 -55.61 -58.61 55.98
C PHE F 2440 -55.42 -59.75 56.97
N GLN F 2441 -54.76 -59.44 58.09
CA GLN F 2441 -54.68 -60.39 59.18
C GLN F 2441 -56.02 -60.45 59.90
N MET F 2442 -56.39 -61.64 60.34
CA MET F 2442 -57.69 -61.77 60.99
C MET F 2442 -57.53 -61.86 62.50
N PRO F 2443 -57.99 -60.86 63.24
CA PRO F 2443 -58.05 -61.00 64.70
C PRO F 2443 -58.94 -62.16 65.11
N THR F 2444 -58.54 -62.85 66.18
CA THR F 2444 -59.18 -64.09 66.57
C THR F 2444 -59.45 -64.08 68.08
N ILE F 2445 -60.31 -65.02 68.49
CA ILE F 2445 -60.46 -65.27 69.92
C ILE F 2445 -59.33 -66.16 70.41
N ALA F 2446 -58.91 -65.94 71.65
CA ALA F 2446 -57.84 -66.72 72.21
C ALA F 2446 -58.36 -68.05 72.75
N LYS F 2447 -57.48 -68.80 73.41
CA LYS F 2447 -57.88 -70.07 74.00
C LYS F 2447 -58.96 -69.86 75.05
N ASP F 2448 -58.82 -68.82 75.87
CA ASP F 2448 -59.85 -68.50 76.86
C ASP F 2448 -61.15 -68.10 76.17
N GLY F 2449 -61.05 -67.40 75.05
CA GLY F 2449 -62.21 -66.91 74.33
C GLY F 2449 -62.18 -65.42 74.08
N ASN F 2450 -61.38 -64.65 74.83
CA ASN F 2450 -61.25 -63.22 74.57
C ASN F 2450 -60.57 -63.00 73.23
N VAL F 2451 -61.03 -61.97 72.50
CA VAL F 2451 -60.49 -61.71 71.18
C VAL F 2451 -59.08 -61.15 71.30
N VAL F 2452 -58.18 -61.64 70.47
CA VAL F 2452 -56.84 -61.06 70.33
C VAL F 2452 -56.87 -60.12 69.13
N GLU F 2453 -56.40 -58.89 69.34
CA GLU F 2453 -56.49 -57.85 68.33
C GLU F 2453 -55.09 -57.35 67.98
N PRO F 2454 -54.62 -57.56 66.75
CA PRO F 2454 -53.36 -56.92 66.34
C PRO F 2454 -53.52 -55.41 66.34
N ASP F 2455 -52.41 -54.72 66.61
CA ASP F 2455 -52.45 -53.26 66.63
C ASP F 2455 -52.80 -52.71 65.26
N MET F 2456 -54.01 -52.19 65.12
CA MET F 2456 -54.44 -51.67 63.83
C MET F 2456 -53.59 -50.51 63.36
N SER F 2457 -52.99 -49.74 64.26
CA SER F 2457 -52.09 -48.69 63.83
C SER F 2457 -50.82 -49.25 63.20
N ALA F 2458 -50.58 -50.55 63.34
CA ALA F 2458 -49.44 -51.21 62.72
C ALA F 2458 -49.94 -52.24 61.71
N GLY F 2459 -49.39 -52.18 60.51
CA GLY F 2459 -49.71 -53.16 59.48
C GLY F 2459 -50.58 -52.58 58.38
N PHE F 2460 -51.21 -53.48 57.64
CA PHE F 2460 -51.96 -53.11 56.46
C PHE F 2460 -53.43 -52.89 56.83
N CYS F 2461 -53.99 -51.77 56.42
CA CYS F 2461 -55.31 -51.35 56.89
C CYS F 2461 -56.26 -51.10 55.72
N PRO F 2462 -57.57 -51.25 55.94
CA PRO F 2462 -58.52 -51.09 54.82
C PRO F 2462 -58.49 -49.71 54.18
N ASP F 2463 -58.21 -48.66 54.96
CA ASP F 2463 -58.11 -47.33 54.37
C ASP F 2463 -57.01 -47.27 53.33
N HIS F 2464 -55.99 -48.13 53.48
CA HIS F 2464 -54.93 -48.18 52.48
C HIS F 2464 -55.47 -48.64 51.14
N LYS F 2465 -56.30 -49.69 51.14
CA LYS F 2465 -56.92 -50.15 49.90
C LYS F 2465 -57.99 -49.19 49.41
N ALA F 2466 -58.55 -48.38 50.30
CA ALA F 2466 -59.57 -47.41 49.87
C ALA F 2466 -59.00 -46.47 48.82
N ALA F 2467 -57.78 -45.97 49.04
CA ALA F 2467 -57.13 -45.11 48.05
C ALA F 2467 -56.88 -45.84 46.74
N MET F 2468 -56.47 -47.11 46.82
CA MET F 2468 -56.24 -47.88 45.60
C MET F 2468 -57.52 -48.00 44.79
N VAL F 2469 -58.64 -48.28 45.47
CA VAL F 2469 -59.92 -48.37 44.79
C VAL F 2469 -60.33 -47.03 44.21
N LEU F 2470 -60.08 -45.95 44.95
CA LEU F 2470 -60.39 -44.61 44.43
C LEU F 2470 -59.65 -44.32 43.14
N PHE F 2471 -58.34 -44.61 43.11
CA PHE F 2471 -57.56 -44.41 41.90
C PHE F 2471 -58.06 -45.30 40.77
N LEU F 2472 -58.36 -46.56 41.08
CA LEU F 2472 -58.83 -47.49 40.05
C LEU F 2472 -60.12 -46.99 39.43
N ASP F 2473 -61.02 -46.45 40.26
CA ASP F 2473 -62.29 -45.96 39.75
C ASP F 2473 -62.11 -44.69 38.92
N ARG F 2474 -61.36 -43.72 39.46
CA ARG F 2474 -61.34 -42.40 38.84
C ARG F 2474 -60.40 -42.33 37.64
N VAL F 2475 -59.36 -43.15 37.59
CA VAL F 2475 -58.36 -43.10 36.53
C VAL F 2475 -58.64 -44.14 35.45
N TYR F 2476 -58.64 -45.42 35.81
CA TYR F 2476 -58.90 -46.46 34.82
C TYR F 2476 -60.39 -46.58 34.54
N GLY F 2477 -61.20 -46.64 35.59
CA GLY F 2477 -62.63 -46.82 35.40
C GLY F 2477 -62.98 -48.25 35.10
N ILE F 2478 -64.10 -48.73 35.66
CA ILE F 2478 -64.52 -50.11 35.44
C ILE F 2478 -65.57 -50.12 34.34
N GLU F 2479 -65.15 -50.43 33.11
CA GLU F 2479 -66.04 -50.44 31.97
C GLU F 2479 -66.02 -51.76 31.21
N VAL F 2480 -65.25 -52.74 31.68
CA VAL F 2480 -65.17 -54.05 31.05
C VAL F 2480 -65.65 -55.08 32.05
N GLN F 2481 -66.59 -55.93 31.62
CA GLN F 2481 -67.09 -56.98 32.49
C GLN F 2481 -65.99 -57.96 32.87
N ASP F 2482 -65.09 -58.27 31.92
CA ASP F 2482 -63.99 -59.17 32.21
C ASP F 2482 -63.11 -58.62 33.34
N PHE F 2483 -62.75 -57.34 33.26
CA PHE F 2483 -61.92 -56.74 34.29
C PHE F 2483 -62.68 -56.65 35.61
N LEU F 2484 -63.97 -56.34 35.55
CA LEU F 2484 -64.79 -56.29 36.76
C LEU F 2484 -64.78 -57.62 37.48
N LEU F 2485 -65.04 -58.71 36.76
CA LEU F 2485 -65.03 -60.03 37.38
C LEU F 2485 -63.64 -60.46 37.81
N HIS F 2486 -62.59 -60.06 37.09
CA HIS F 2486 -61.24 -60.37 37.53
C HIS F 2486 -60.89 -59.67 38.84
N LEU F 2487 -61.24 -58.39 38.95
CA LEU F 2487 -61.05 -57.68 40.21
C LEU F 2487 -61.85 -58.30 41.34
N LEU F 2488 -63.08 -58.70 41.06
CA LEU F 2488 -63.89 -59.38 42.07
C LEU F 2488 -63.25 -60.71 42.49
N GLU F 2489 -62.68 -61.45 41.54
CA GLU F 2489 -61.90 -62.64 41.85
C GLU F 2489 -60.75 -62.33 42.80
N VAL F 2490 -59.96 -61.31 42.48
CA VAL F 2490 -58.66 -61.19 43.14
C VAL F 2490 -58.75 -60.44 44.46
N GLY F 2491 -59.55 -59.37 44.55
CA GLY F 2491 -59.45 -58.53 45.72
C GLY F 2491 -60.73 -58.14 46.44
N PHE F 2492 -61.88 -58.38 45.82
CA PHE F 2492 -63.12 -57.89 46.41
C PHE F 2492 -63.88 -58.99 47.16
N LEU F 2493 -64.13 -60.11 46.49
CA LEU F 2493 -64.87 -61.21 47.08
C LEU F 2493 -64.18 -61.76 48.33
N PRO F 2494 -62.86 -61.95 48.34
CA PRO F 2494 -62.21 -62.34 49.60
C PRO F 2494 -62.45 -61.35 50.73
N ASP F 2495 -62.42 -60.05 50.44
CA ASP F 2495 -62.68 -59.06 51.47
C ASP F 2495 -64.11 -59.18 51.99
N LEU F 2496 -65.07 -59.35 51.07
CA LEU F 2496 -66.46 -59.48 51.47
C LEU F 2496 -66.66 -60.72 52.33
N ARG F 2497 -66.04 -61.83 51.93
CA ARG F 2497 -66.14 -63.07 52.69
C ARG F 2497 -65.51 -62.95 54.07
N ALA F 2498 -64.35 -62.28 54.17
CA ALA F 2498 -63.75 -62.03 55.48
C ALA F 2498 -64.66 -61.18 56.36
N ALA F 2499 -65.25 -60.13 55.79
CA ALA F 2499 -66.18 -59.31 56.57
C ALA F 2499 -67.36 -60.14 57.05
N ALA F 2500 -67.89 -61.01 56.20
CA ALA F 2500 -68.98 -61.88 56.61
C ALA F 2500 -68.55 -62.84 57.72
N SER F 2501 -67.37 -63.44 57.61
CA SER F 2501 -66.87 -64.37 58.60
C SER F 2501 -66.55 -63.71 59.93
N LEU F 2502 -66.29 -62.41 59.94
CA LEU F 2502 -66.04 -61.66 61.17
C LEU F 2502 -67.32 -61.07 61.76
N ASP F 2503 -68.45 -61.74 61.58
CA ASP F 2503 -69.73 -61.24 62.07
C ASP F 2503 -70.17 -61.88 63.39
N THR F 2504 -69.32 -62.68 64.02
CA THR F 2504 -69.67 -63.24 65.32
C THR F 2504 -69.72 -62.13 66.36
N ALA F 2505 -70.49 -62.37 67.43
CA ALA F 2505 -70.73 -61.33 68.43
C ALA F 2505 -69.43 -60.82 69.03
N ALA F 2506 -68.48 -61.72 69.33
CA ALA F 2506 -67.21 -61.28 69.89
C ALA F 2506 -66.35 -60.59 68.85
N LEU F 2507 -66.28 -61.16 67.64
CA LEU F 2507 -65.41 -60.63 66.60
C LEU F 2507 -66.01 -59.43 65.88
N SER F 2508 -67.32 -59.18 66.02
CA SER F 2508 -67.91 -58.02 65.39
C SER F 2508 -67.43 -56.72 66.03
N ALA F 2509 -67.28 -56.71 67.35
CA ALA F 2509 -66.91 -55.48 68.05
C ALA F 2509 -65.47 -55.06 67.81
N THR F 2510 -64.64 -55.95 67.27
CA THR F 2510 -63.24 -55.61 67.00
C THR F 2510 -63.13 -54.43 66.06
N ASP F 2511 -62.18 -53.54 66.33
CA ASP F 2511 -62.00 -52.34 65.52
C ASP F 2511 -61.67 -52.70 64.08
N MET F 2512 -61.04 -53.86 63.86
CA MET F 2512 -60.76 -54.28 62.49
C MET F 2512 -62.06 -54.44 61.72
N ALA F 2513 -63.07 -55.05 62.35
CA ALA F 2513 -64.35 -55.25 61.68
C ALA F 2513 -64.98 -53.92 61.32
N LEU F 2514 -64.91 -52.96 62.24
CA LEU F 2514 -65.46 -51.63 61.96
C LEU F 2514 -64.74 -50.98 60.78
N ALA F 2515 -63.41 -51.06 60.77
CA ALA F 2515 -62.64 -50.47 59.67
C ALA F 2515 -62.97 -51.15 58.34
N LEU F 2516 -63.09 -52.48 58.36
CA LEU F 2516 -63.36 -53.21 57.13
C LEU F 2516 -64.76 -52.92 56.61
N ASN F 2517 -65.74 -52.83 57.52
CA ASN F 2517 -67.09 -52.46 57.11
C ASN F 2517 -67.10 -51.06 56.53
N ARG F 2518 -66.37 -50.14 57.15
CA ARG F 2518 -66.25 -48.79 56.60
C ARG F 2518 -65.69 -48.83 55.19
N TYR F 2519 -64.58 -49.54 55.00
CA TYR F 2519 -63.97 -49.62 53.67
C TYR F 2519 -64.95 -50.19 52.66
N LEU F 2520 -65.60 -51.31 52.99
CA LEU F 2520 -66.55 -51.91 52.07
C LEU F 2520 -67.65 -50.91 51.70
N CYS F 2521 -68.43 -50.50 52.70
CA CYS F 2521 -69.61 -49.68 52.46
C CYS F 2521 -69.29 -48.29 51.92
N THR F 2522 -68.03 -47.86 51.97
CA THR F 2522 -67.72 -46.52 51.46
C THR F 2522 -67.04 -46.58 50.09
N ALA F 2523 -66.34 -47.66 49.77
CA ALA F 2523 -65.61 -47.72 48.51
C ALA F 2523 -66.08 -48.85 47.61
N VAL F 2524 -66.19 -50.06 48.13
CA VAL F 2524 -66.40 -51.22 47.26
C VAL F 2524 -67.84 -51.25 46.75
N LEU F 2525 -68.79 -51.22 47.68
CA LEU F 2525 -70.20 -51.30 47.30
C LEU F 2525 -70.64 -50.16 46.39
N PRO F 2526 -70.29 -48.90 46.63
CA PRO F 2526 -70.63 -47.86 45.64
C PRO F 2526 -70.08 -48.13 44.26
N LEU F 2527 -68.85 -48.66 44.18
CA LEU F 2527 -68.28 -48.97 42.88
C LEU F 2527 -69.08 -50.06 42.16
N LEU F 2528 -69.43 -51.12 42.88
CA LEU F 2528 -70.25 -52.17 42.31
C LEU F 2528 -71.64 -51.68 41.93
N THR F 2529 -72.20 -50.74 42.68
CA THR F 2529 -73.47 -50.13 42.33
C THR F 2529 -73.39 -49.34 41.04
N ARG F 2530 -72.34 -48.53 40.91
CA ARG F 2530 -72.15 -47.76 39.68
C ARG F 2530 -71.77 -48.63 38.50
N CYS F 2531 -71.26 -49.84 38.74
CA CYS F 2531 -70.94 -50.79 37.68
C CYS F 2531 -72.03 -51.84 37.49
N ALA F 2532 -73.26 -51.49 37.87
CA ALA F 2532 -74.36 -52.45 37.79
C ALA F 2532 -74.63 -52.96 36.37
N PRO F 2533 -74.71 -52.12 35.33
CA PRO F 2533 -75.05 -52.65 34.00
C PRO F 2533 -74.08 -53.71 33.50
N LEU F 2534 -72.79 -53.58 33.83
CA LEU F 2534 -71.82 -54.56 33.37
C LEU F 2534 -72.18 -55.97 33.85
N PHE F 2535 -72.86 -56.06 34.99
CA PHE F 2535 -73.28 -57.34 35.53
C PHE F 2535 -74.32 -58.04 34.67
N ALA F 2536 -74.76 -57.48 33.55
CA ALA F 2536 -75.73 -58.18 32.71
C ALA F 2536 -75.15 -59.47 32.15
N GLY F 2537 -73.90 -59.43 31.68
CA GLY F 2537 -73.27 -60.60 31.13
C GLY F 2537 -72.49 -61.41 32.15
N THR F 2538 -73.20 -62.09 33.05
CA THR F 2538 -72.57 -62.92 34.07
C THR F 2538 -73.04 -64.38 34.00
N GLU F 2539 -73.39 -64.86 32.82
CA GLU F 2539 -73.82 -66.24 32.67
C GLU F 2539 -72.71 -67.21 33.05
N HIS F 2540 -71.48 -66.93 32.61
CA HIS F 2540 -70.39 -67.89 32.78
C HIS F 2540 -69.94 -67.98 34.23
N HIS F 2541 -69.81 -66.85 34.91
CA HIS F 2541 -69.40 -66.84 36.33
C HIS F 2541 -70.61 -66.86 37.25
N ALA F 2542 -71.48 -67.86 37.06
CA ALA F 2542 -72.65 -68.00 37.92
C ALA F 2542 -72.25 -68.25 39.36
N SER F 2543 -71.24 -69.11 39.58
CA SER F 2543 -70.77 -69.36 40.94
C SER F 2543 -70.23 -68.08 41.56
N LEU F 2544 -69.48 -67.30 40.79
CA LEU F 2544 -68.96 -66.03 41.29
C LEU F 2544 -70.08 -65.09 41.71
N ILE F 2545 -71.07 -64.89 40.83
CA ILE F 2545 -72.12 -63.93 41.15
C ILE F 2545 -72.96 -64.42 42.32
N ASP F 2546 -73.20 -65.74 42.41
CA ASP F 2546 -73.89 -66.30 43.55
C ASP F 2546 -73.13 -66.09 44.85
N SER F 2547 -71.82 -66.31 44.85
CA SER F 2547 -71.01 -66.05 46.02
C SER F 2547 -71.06 -64.59 46.44
N LEU F 2548 -70.98 -63.68 45.47
CA LEU F 2548 -71.11 -62.25 45.79
C LEU F 2548 -72.46 -61.98 46.45
N LEU F 2549 -73.53 -62.51 45.86
CA LEU F 2549 -74.86 -62.24 46.40
C LEU F 2549 -74.98 -62.77 47.82
N HIS F 2550 -74.47 -63.98 48.07
CA HIS F 2550 -74.60 -64.57 49.40
C HIS F 2550 -73.77 -63.80 50.42
N THR F 2551 -72.56 -63.39 50.05
CA THR F 2551 -71.74 -62.62 50.97
C THR F 2551 -72.39 -61.28 51.29
N VAL F 2552 -72.93 -60.60 50.27
CA VAL F 2552 -73.59 -59.32 50.52
C VAL F 2552 -74.80 -59.51 51.41
N TYR F 2553 -75.59 -60.56 51.18
CA TYR F 2553 -76.75 -60.81 52.03
C TYR F 2553 -76.34 -61.10 53.47
N ARG F 2554 -75.28 -61.89 53.66
CA ARG F 2554 -74.80 -62.17 55.02
C ARG F 2554 -74.34 -60.90 55.71
N LEU F 2555 -73.63 -60.03 54.99
CA LEU F 2555 -73.26 -58.75 55.55
C LEU F 2555 -74.49 -57.93 55.92
N SER F 2556 -75.51 -57.94 55.07
CA SER F 2556 -76.76 -57.25 55.34
C SER F 2556 -77.42 -57.71 56.63
N LYS F 2557 -77.38 -59.00 56.94
CA LYS F 2557 -77.88 -59.50 58.20
C LYS F 2557 -76.91 -59.28 59.35
N GLY F 2558 -75.65 -58.95 59.05
CA GLY F 2558 -74.73 -58.55 60.11
C GLY F 2558 -75.29 -57.38 60.91
N CYS F 2559 -74.96 -57.37 62.21
CA CYS F 2559 -75.62 -56.47 63.14
C CYS F 2559 -74.83 -55.20 63.42
N SER F 2560 -73.50 -55.27 63.45
CA SER F 2560 -72.69 -54.13 63.87
C SER F 2560 -72.71 -52.98 62.87
N LEU F 2561 -73.41 -53.13 61.75
CA LEU F 2561 -73.45 -52.09 60.73
C LEU F 2561 -74.14 -50.85 61.26
N THR F 2562 -73.71 -49.69 60.74
CA THR F 2562 -74.44 -48.46 61.00
C THR F 2562 -75.63 -48.34 60.05
N LYS F 2563 -76.48 -47.35 60.31
CA LYS F 2563 -77.65 -47.13 59.46
C LYS F 2563 -77.23 -46.80 58.04
N ALA F 2564 -76.24 -45.92 57.88
CA ALA F 2564 -75.77 -45.57 56.54
C ALA F 2564 -75.13 -46.77 55.85
N GLN F 2565 -74.39 -47.59 56.60
CA GLN F 2565 -73.79 -48.77 56.02
C GLN F 2565 -74.86 -49.74 55.53
N ARG F 2566 -75.91 -49.94 56.33
CA ARG F 2566 -77.00 -50.80 55.91
C ARG F 2566 -77.69 -50.24 54.67
N ASP F 2567 -77.89 -48.92 54.63
CA ASP F 2567 -78.53 -48.31 53.48
C ASP F 2567 -77.70 -48.53 52.22
N SER F 2568 -76.37 -48.36 52.34
CA SER F 2568 -75.49 -48.56 51.19
C SER F 2568 -75.54 -50.01 50.72
N ILE F 2569 -75.52 -50.95 51.67
CA ILE F 2569 -75.57 -52.37 51.31
C ILE F 2569 -76.88 -52.69 50.59
N GLU F 2570 -77.99 -52.17 51.12
CA GLU F 2570 -79.28 -52.41 50.50
C GLU F 2570 -79.32 -51.84 49.09
N VAL F 2571 -78.85 -50.61 48.91
CA VAL F 2571 -78.86 -50.00 47.60
C VAL F 2571 -78.02 -50.80 46.62
N CYS F 2572 -76.82 -51.21 47.05
CA CYS F 2572 -75.93 -51.95 46.17
C CYS F 2572 -76.54 -53.29 45.76
N LEU F 2573 -77.11 -54.01 46.74
CA LEU F 2573 -77.67 -55.32 46.44
C LEU F 2573 -78.88 -55.20 45.52
N LEU F 2574 -79.76 -54.23 45.79
CA LEU F 2574 -80.89 -54.02 44.90
C LEU F 2574 -80.45 -53.66 43.49
N SER F 2575 -79.45 -52.78 43.37
CA SER F 2575 -78.97 -52.38 42.06
C SER F 2575 -78.40 -53.57 41.29
N ILE F 2576 -77.60 -54.40 41.95
CA ILE F 2576 -77.00 -55.54 41.27
C ILE F 2576 -78.07 -56.54 40.86
N CYS F 2577 -78.94 -56.91 41.80
CA CYS F 2577 -79.99 -57.87 41.49
C CYS F 2577 -80.94 -57.35 40.43
N GLY F 2578 -81.01 -56.03 40.26
CA GLY F 2578 -81.88 -55.47 39.24
CA GLY F 2578 -81.88 -55.47 39.24
C GLY F 2578 -81.50 -55.90 37.84
N GLN F 2579 -80.21 -55.83 37.51
CA GLN F 2579 -79.75 -56.23 36.19
C GLN F 2579 -79.19 -57.64 36.13
N LEU F 2580 -79.10 -58.35 37.25
CA LEU F 2580 -78.72 -59.75 37.12
C LEU F 2580 -79.81 -60.56 36.43
N ARG F 2581 -79.38 -61.59 35.71
CA ARG F 2581 -80.31 -62.42 34.95
C ARG F 2581 -81.14 -63.29 35.89
N PRO F 2582 -82.43 -63.48 35.60
CA PRO F 2582 -83.35 -64.06 36.60
C PRO F 2582 -82.95 -65.41 37.16
N SER F 2583 -82.47 -66.34 36.33
CA SER F 2583 -82.26 -67.70 36.84
C SER F 2583 -81.14 -67.72 37.89
N MET F 2584 -80.30 -66.69 37.88
CA MET F 2584 -79.20 -66.64 38.84
C MET F 2584 -79.58 -65.95 40.14
N MET F 2585 -80.79 -65.39 40.20
CA MET F 2585 -81.37 -65.10 41.51
C MET F 2585 -81.63 -66.37 42.33
N GLN F 2586 -81.87 -67.51 41.67
CA GLN F 2586 -82.48 -68.65 42.34
C GLN F 2586 -81.71 -69.05 43.60
N HIS F 2587 -80.38 -69.04 43.54
CA HIS F 2587 -79.58 -69.43 44.69
C HIS F 2587 -79.80 -68.49 45.86
N LEU F 2588 -79.81 -67.17 45.59
CA LEU F 2588 -80.07 -66.21 46.65
C LEU F 2588 -81.51 -66.29 47.13
N LEU F 2589 -82.44 -66.58 46.22
CA LEU F 2589 -83.84 -66.73 46.58
C LEU F 2589 -84.02 -67.89 47.54
N ARG F 2590 -83.29 -68.98 47.32
CA ARG F 2590 -83.36 -70.14 48.20
C ARG F 2590 -83.00 -69.76 49.63
N ARG F 2591 -82.02 -68.88 49.80
CA ARG F 2591 -81.67 -68.38 51.13
C ARG F 2591 -82.67 -67.34 51.62
N LEU F 2592 -83.29 -66.60 50.72
CA LEU F 2592 -84.22 -65.56 51.13
C LEU F 2592 -85.51 -66.15 51.67
N VAL F 2593 -85.98 -67.25 51.08
CA VAL F 2593 -87.34 -67.71 51.34
C VAL F 2593 -87.52 -68.14 52.79
N PHE F 2594 -86.50 -68.74 53.40
CA PHE F 2594 -86.67 -69.21 54.76
C PHE F 2594 -86.32 -68.15 55.80
N ASP F 2595 -85.73 -67.04 55.40
CA ASP F 2595 -85.38 -65.97 56.32
C ASP F 2595 -86.40 -64.84 56.34
N VAL F 2596 -87.20 -64.69 55.29
CA VAL F 2596 -88.23 -63.65 55.25
C VAL F 2596 -89.38 -63.89 56.22
N PRO F 2597 -89.85 -65.13 56.47
CA PRO F 2597 -91.08 -65.28 57.26
C PRO F 2597 -90.97 -64.74 58.67
N LEU F 2598 -89.75 -64.43 59.15
CA LEU F 2598 -89.60 -63.82 60.46
C LEU F 2598 -90.30 -62.46 60.51
N LEU F 2599 -90.24 -61.71 59.41
CA LEU F 2599 -90.82 -60.37 59.35
C LEU F 2599 -90.29 -59.48 60.47
N ASN F 2600 -89.00 -59.63 60.77
CA ASN F 2600 -88.32 -58.73 61.69
C ASN F 2600 -87.78 -57.53 60.92
N GLU F 2601 -87.02 -56.69 61.60
CA GLU F 2601 -86.47 -55.51 60.95
C GLU F 2601 -85.46 -55.89 59.87
N HIS F 2602 -84.76 -57.02 60.05
CA HIS F 2602 -83.81 -57.46 59.05
C HIS F 2602 -84.51 -57.93 57.78
N ALA F 2603 -85.81 -58.18 57.85
CA ALA F 2603 -86.56 -58.70 56.71
C ALA F 2603 -87.06 -57.60 55.78
N LYS F 2604 -86.77 -56.34 56.08
CA LYS F 2604 -87.28 -55.26 55.25
C LYS F 2604 -86.70 -55.30 53.84
N MET F 2605 -85.39 -55.37 53.73
CA MET F 2605 -84.78 -55.27 52.39
C MET F 2605 -84.94 -56.56 51.59
N PRO F 2606 -85.02 -57.76 52.20
CA PRO F 2606 -85.37 -58.92 51.37
C PRO F 2606 -86.69 -58.76 50.65
N LEU F 2607 -87.64 -58.11 51.32
CA LEU F 2607 -88.95 -57.87 50.72
C LEU F 2607 -88.83 -56.96 49.50
N LYS F 2608 -88.04 -55.89 49.60
CA LYS F 2608 -87.85 -55.01 48.46
C LYS F 2608 -87.16 -55.75 47.31
N LEU F 2609 -86.15 -56.55 47.63
CA LEU F 2609 -85.47 -57.32 46.59
C LEU F 2609 -86.43 -58.26 45.88
N LEU F 2610 -87.25 -58.97 46.65
CA LEU F 2610 -88.23 -59.87 46.08
C LEU F 2610 -89.25 -59.13 45.23
N THR F 2611 -89.74 -57.99 45.71
CA THR F 2611 -90.69 -57.19 44.94
C THR F 2611 -90.10 -56.80 43.60
N ASN F 2612 -88.89 -56.25 43.61
CA ASN F 2612 -88.25 -55.83 42.37
C ASN F 2612 -88.05 -57.01 41.43
N HIS F 2613 -87.55 -58.13 41.94
CA HIS F 2613 -87.29 -59.28 41.09
C HIS F 2613 -88.58 -59.78 40.44
N TYR F 2614 -89.62 -59.99 41.24
CA TYR F 2614 -90.84 -60.55 40.69
C TYR F 2614 -91.55 -59.58 39.76
N GLU F 2615 -91.55 -58.28 40.07
CA GLU F 2615 -92.10 -57.30 39.16
C GLU F 2615 -91.36 -57.27 37.83
N ARG F 2616 -90.03 -57.38 37.86
CA ARG F 2616 -89.28 -57.34 36.61
C ARG F 2616 -89.42 -58.63 35.82
N CYS F 2617 -89.57 -59.77 36.50
CA CYS F 2617 -89.46 -61.06 35.85
C CYS F 2617 -90.75 -61.87 35.91
N TRP F 2618 -91.90 -61.21 36.08
CA TRP F 2618 -93.16 -61.94 36.16
C TRP F 2618 -93.43 -62.72 34.88
N LYS F 2619 -93.01 -62.18 33.74
CA LYS F 2619 -93.19 -62.89 32.48
C LYS F 2619 -92.44 -64.21 32.47
N TYR F 2620 -91.22 -64.21 33.03
CA TYR F 2620 -90.45 -65.45 33.13
C TYR F 2620 -91.19 -66.51 33.94
N TYR F 2621 -92.05 -66.08 34.87
CA TYR F 2621 -92.80 -66.98 35.71
C TYR F 2621 -94.20 -67.27 35.17
N CYS F 2622 -94.94 -66.23 34.80
CA CYS F 2622 -96.34 -66.41 34.40
C CYS F 2622 -96.44 -67.16 33.08
N LEU F 2623 -95.90 -66.58 32.01
CA LEU F 2623 -96.05 -67.18 30.70
C LEU F 2623 -95.24 -68.48 30.62
N PRO F 2624 -95.79 -69.51 29.96
CA PRO F 2624 -95.01 -70.75 29.79
C PRO F 2624 -93.70 -70.53 29.06
N GLY F 2625 -93.70 -69.65 28.06
CA GLY F 2625 -92.47 -69.34 27.36
C GLY F 2625 -91.53 -68.47 28.19
N GLY F 2626 -92.09 -67.51 28.93
CA GLY F 2626 -91.29 -66.54 29.63
C GLY F 2626 -90.56 -65.63 28.68
N TRP F 2627 -89.45 -65.07 29.15
CA TRP F 2627 -88.54 -64.37 28.26
C TRP F 2627 -87.99 -65.33 27.23
N GLY F 2628 -88.02 -64.93 25.96
CA GLY F 2628 -87.59 -65.82 24.90
C GLY F 2628 -86.14 -66.23 25.05
N ASN F 2629 -85.27 -65.25 25.32
CA ASN F 2629 -83.86 -65.56 25.56
C ASN F 2629 -83.65 -66.31 26.86
N PHE F 2630 -84.41 -65.95 27.91
CA PHE F 2630 -84.18 -66.54 29.22
C PHE F 2630 -84.87 -67.89 29.34
N GLY F 2631 -86.13 -67.98 28.93
CA GLY F 2631 -86.87 -69.22 29.05
C GLY F 2631 -87.89 -69.20 30.17
N ALA F 2632 -88.02 -70.31 30.89
CA ALA F 2632 -88.96 -70.43 31.99
C ALA F 2632 -88.25 -71.02 33.20
N ALA F 2633 -88.97 -71.08 34.31
CA ALA F 2633 -88.39 -71.56 35.56
C ALA F 2633 -88.16 -73.07 35.51
N SER F 2634 -87.37 -73.55 36.47
CA SER F 2634 -87.05 -74.96 36.61
C SER F 2634 -88.05 -75.70 37.48
N GLU F 2635 -89.12 -75.02 37.91
CA GLU F 2635 -90.24 -75.56 38.66
C GLU F 2635 -89.88 -75.84 40.12
N GLU F 2636 -88.59 -75.96 40.41
CA GLU F 2636 -88.17 -75.98 41.80
C GLU F 2636 -88.17 -74.56 42.36
N GLU F 2637 -87.73 -73.61 41.54
CA GLU F 2637 -87.90 -72.20 41.88
C GLU F 2637 -89.37 -71.86 42.06
N LEU F 2638 -90.24 -72.47 41.25
CA LEU F 2638 -91.68 -72.24 41.40
C LEU F 2638 -92.19 -72.76 42.74
N HIS F 2639 -91.78 -73.97 43.13
CA HIS F 2639 -92.20 -74.51 44.42
C HIS F 2639 -91.68 -73.64 45.57
N LEU F 2640 -90.41 -73.23 45.48
CA LEU F 2640 -89.85 -72.38 46.52
C LEU F 2640 -90.57 -71.04 46.59
N SER F 2641 -90.91 -70.46 45.43
CA SER F 2641 -91.66 -69.21 45.41
C SER F 2641 -93.03 -69.38 46.01
N ARG F 2642 -93.69 -70.52 45.76
CA ARG F 2642 -94.99 -70.75 46.36
C ARG F 2642 -94.91 -70.84 47.87
N LYS F 2643 -93.93 -71.58 48.39
CA LYS F 2643 -93.80 -71.68 49.84
C LYS F 2643 -93.39 -70.33 50.43
N LEU F 2644 -92.61 -69.55 49.68
CA LEU F 2644 -92.29 -68.19 50.07
C LEU F 2644 -93.54 -67.34 50.23
N PHE F 2645 -94.39 -67.36 49.19
CA PHE F 2645 -95.65 -66.62 49.24
C PHE F 2645 -96.49 -67.03 50.44
N TRP F 2646 -96.65 -68.34 50.65
CA TRP F 2646 -97.48 -68.80 51.75
C TRP F 2646 -96.89 -68.40 53.10
N GLY F 2647 -95.57 -68.50 53.25
CA GLY F 2647 -94.96 -68.11 54.51
C GLY F 2647 -95.14 -66.63 54.80
N ILE F 2648 -94.92 -65.78 53.79
CA ILE F 2648 -95.12 -64.35 53.99
C ILE F 2648 -96.57 -64.06 54.33
N PHE F 2649 -97.49 -64.73 53.65
CA PHE F 2649 -98.92 -64.49 53.89
C PHE F 2649 -99.30 -64.86 55.32
N ASP F 2650 -98.89 -66.04 55.77
CA ASP F 2650 -99.23 -66.46 57.13
C ASP F 2650 -98.56 -65.57 58.16
N ALA F 2651 -97.31 -65.18 57.92
CA ALA F 2651 -96.62 -64.32 58.87
C ALA F 2651 -97.29 -62.96 58.97
N LEU F 2652 -97.75 -62.41 57.84
CA LEU F 2652 -98.52 -61.18 57.87
C LEU F 2652 -99.81 -61.36 58.64
N SER F 2653 -100.46 -62.52 58.47
CA SER F 2653 -101.69 -62.79 59.20
C SER F 2653 -101.44 -62.79 60.71
N GLN F 2654 -100.37 -63.43 61.15
CA GLN F 2654 -100.11 -63.54 62.58
C GLN F 2654 -99.61 -62.22 63.17
N LYS F 2655 -98.73 -61.52 62.46
CA LYS F 2655 -98.05 -60.36 63.01
C LYS F 2655 -99.03 -59.21 63.24
N LYS F 2656 -98.85 -58.51 64.35
CA LYS F 2656 -99.67 -57.33 64.63
C LYS F 2656 -99.39 -56.23 63.61
N TYR F 2657 -100.43 -55.47 63.30
CA TYR F 2657 -100.34 -54.48 62.22
C TYR F 2657 -99.34 -53.38 62.55
N GLU F 2658 -98.29 -53.28 61.74
CA GLU F 2658 -97.38 -52.14 61.76
C GLU F 2658 -97.53 -51.44 60.42
N GLN F 2659 -97.70 -50.12 60.45
CA GLN F 2659 -98.03 -49.38 59.24
C GLN F 2659 -96.95 -49.52 58.18
N GLU F 2660 -95.70 -49.22 58.53
CA GLU F 2660 -94.61 -49.28 57.56
C GLU F 2660 -94.38 -50.70 57.07
N LEU F 2661 -94.36 -51.66 58.00
CA LEU F 2661 -94.10 -53.05 57.64
C LEU F 2661 -95.19 -53.58 56.71
N PHE F 2662 -96.45 -53.24 57.00
CA PHE F 2662 -97.55 -53.72 56.19
C PHE F 2662 -97.66 -52.99 54.86
N LYS F 2663 -97.22 -51.74 54.77
CA LYS F 2663 -97.16 -51.07 53.48
C LYS F 2663 -95.97 -51.53 52.66
N LEU F 2664 -94.96 -52.13 53.30
CA LEU F 2664 -93.86 -52.69 52.54
C LEU F 2664 -94.17 -54.11 52.06
N ALA F 2665 -94.84 -54.90 52.90
CA ALA F 2665 -95.06 -56.30 52.56
C ALA F 2665 -96.16 -56.46 51.52
N LEU F 2666 -97.14 -55.56 51.53
CA LEU F 2666 -98.28 -55.65 50.60
C LEU F 2666 -97.84 -55.68 49.14
N PRO F 2667 -96.99 -54.74 48.67
CA PRO F 2667 -96.55 -54.82 47.26
C PRO F 2667 -95.79 -56.11 46.98
N CYS F 2668 -94.98 -56.56 47.94
CA CYS F 2668 -94.24 -57.80 47.75
C CYS F 2668 -95.18 -58.99 47.62
N LEU F 2669 -96.16 -59.07 48.53
CA LEU F 2669 -97.11 -60.18 48.50
C LEU F 2669 -97.91 -60.17 47.20
N SER F 2670 -98.41 -59.00 46.81
CA SER F 2670 -99.15 -58.89 45.56
C SER F 2670 -98.30 -59.23 44.35
N ALA F 2671 -97.05 -58.77 44.31
CA ALA F 2671 -96.18 -59.04 43.17
C ALA F 2671 -95.87 -60.53 43.05
N VAL F 2672 -95.57 -61.19 44.18
CA VAL F 2672 -95.25 -62.60 44.10
C VAL F 2672 -96.50 -63.40 43.74
N ALA F 2673 -97.67 -62.99 44.24
CA ALA F 2673 -98.90 -63.67 43.86
C ALA F 2673 -99.17 -63.51 42.37
N GLY F 2674 -98.96 -62.30 41.83
CA GLY F 2674 -99.15 -62.10 40.40
C GLY F 2674 -98.16 -62.90 39.58
N ALA F 2675 -96.90 -62.95 40.02
CA ALA F 2675 -95.89 -63.71 39.29
C ALA F 2675 -96.20 -65.20 39.28
N LEU F 2676 -96.72 -65.71 40.38
CA LEU F 2676 -97.12 -67.11 40.42
C LEU F 2676 -98.28 -67.32 39.46
N PRO F 2677 -98.18 -68.26 38.52
CA PRO F 2677 -99.28 -68.49 37.57
C PRO F 2677 -100.50 -69.04 38.29
N PRO F 2678 -101.66 -68.40 38.12
CA PRO F 2678 -102.87 -68.94 38.75
C PRO F 2678 -103.23 -70.32 38.25
N ASP F 2679 -102.97 -70.61 36.97
CA ASP F 2679 -103.25 -71.93 36.43
C ASP F 2679 -102.26 -72.97 36.95
N TYR F 2680 -101.16 -72.52 37.54
CA TYR F 2680 -100.16 -73.44 38.07
C TYR F 2680 -100.73 -74.35 39.15
N MET F 2681 -100.22 -75.58 39.17
CA MET F 2681 -100.56 -76.58 40.16
C MET F 2681 -99.33 -76.91 40.98
N GLU F 2682 -99.45 -76.82 42.31
CA GLU F 2682 -98.35 -77.20 43.17
C GLU F 2682 -98.09 -78.70 43.05
N SER F 2683 -96.82 -79.07 43.01
CA SER F 2683 -96.46 -80.48 43.02
C SER F 2683 -96.45 -81.00 44.45
N ASN F 2684 -97.13 -82.13 44.67
CA ASN F 2684 -97.16 -82.74 45.98
C ASN F 2684 -95.80 -83.30 46.38
N TYR F 2685 -94.91 -83.47 45.41
CA TYR F 2685 -93.57 -84.01 45.68
C TYR F 2685 -92.74 -82.94 46.37
N VAL F 2686 -92.38 -83.19 47.64
CA VAL F 2686 -91.66 -82.19 48.42
C VAL F 2686 -90.21 -82.13 47.97
N SER F 2687 -89.50 -81.11 48.44
CA SER F 2687 -88.06 -81.01 48.20
C SER F 2687 -87.30 -81.65 49.36
N MET F 2688 -86.12 -82.15 49.04
CA MET F 2688 -85.27 -82.85 50.00
C MET F 2688 -83.94 -82.11 50.14
N MET F 2689 -83.07 -82.63 51.01
CA MET F 2689 -81.87 -81.91 51.47
C MET F 2689 -82.19 -80.45 51.80
N GLU F 2690 -83.01 -80.29 52.84
CA GLU F 2690 -83.27 -78.95 53.36
C GLU F 2690 -82.01 -78.36 53.97
N LYS F 2691 -81.53 -77.26 53.38
CA LYS F 2691 -80.29 -76.66 53.84
C LYS F 2691 -80.44 -75.94 55.17
N GLN F 2692 -81.67 -75.73 55.64
CA GLN F 2692 -81.90 -75.06 56.91
C GLN F 2692 -81.29 -75.80 58.09
N SER F 2693 -81.20 -77.13 58.02
CA SER F 2693 -80.56 -77.88 59.10
C SER F 2693 -79.08 -77.51 59.23
N SER F 2694 -78.36 -77.43 58.11
CA SER F 2694 -76.99 -76.97 58.15
C SER F 2694 -76.92 -75.48 58.43
N MET F 2695 -77.98 -74.73 58.10
CA MET F 2695 -77.96 -73.27 58.27
C MET F 2695 -78.66 -72.90 59.58
N ASP F 2696 -78.01 -73.27 60.68
CA ASP F 2696 -78.56 -73.03 62.00
C ASP F 2696 -78.44 -71.57 62.39
N SER F 2697 -78.98 -71.23 63.57
CA SER F 2697 -78.97 -69.85 64.03
C SER F 2697 -77.54 -69.37 64.31
N GLU F 2698 -76.76 -70.18 65.02
CA GLU F 2698 -75.40 -69.76 65.38
C GLU F 2698 -74.52 -69.73 64.13
N GLY F 2699 -73.79 -68.63 63.96
CA GLY F 2699 -72.94 -68.45 62.80
C GLY F 2699 -73.65 -68.52 61.45
N ASN F 2700 -74.98 -68.64 61.45
CA ASN F 2700 -75.81 -68.76 60.26
C ASN F 2700 -75.45 -69.98 59.42
N PHE F 2701 -74.69 -70.93 59.97
CA PHE F 2701 -74.31 -72.13 59.22
C PHE F 2701 -73.67 -73.13 60.18
N ASN F 2702 -73.98 -74.41 59.98
CA ASN F 2702 -73.42 -75.49 60.77
C ASN F 2702 -72.78 -76.51 59.85
N PRO F 2703 -71.52 -76.89 60.08
CA PRO F 2703 -70.88 -77.88 59.21
C PRO F 2703 -71.16 -79.32 59.61
N GLN F 2704 -72.31 -79.87 59.23
CA GLN F 2704 -72.56 -81.28 59.49
C GLN F 2704 -72.97 -81.98 58.20
N PRO F 2705 -72.43 -83.15 57.93
CA PRO F 2705 -72.89 -83.94 56.78
C PRO F 2705 -74.03 -84.86 57.16
N VAL F 2706 -74.42 -85.69 56.18
CA VAL F 2706 -75.42 -86.73 56.40
C VAL F 2706 -74.68 -87.95 56.93
N ASP F 2707 -74.98 -88.33 58.16
CA ASP F 2707 -74.39 -89.53 58.75
C ASP F 2707 -74.91 -90.77 58.04
N THR F 2708 -74.03 -91.75 57.85
CA THR F 2708 -74.35 -92.94 57.07
C THR F 2708 -73.79 -94.22 57.66
N SER F 2709 -73.43 -94.24 58.95
CA SER F 2709 -72.70 -95.36 59.53
C SER F 2709 -73.54 -96.64 59.51
N ASN F 2710 -74.86 -96.53 59.34
CA ASN F 2710 -75.73 -97.69 59.45
C ASN F 2710 -75.65 -98.61 58.23
N ILE F 2711 -75.55 -98.04 57.03
CA ILE F 2711 -75.61 -98.86 55.81
C ILE F 2711 -74.30 -99.63 55.62
N THR F 2712 -74.40 -100.79 54.97
CA THR F 2712 -73.25 -101.62 54.62
C THR F 2712 -73.10 -101.64 53.10
N ILE F 2713 -71.86 -101.81 52.64
CA ILE F 2713 -71.59 -101.80 51.20
C ILE F 2713 -71.91 -103.17 50.62
N PRO F 2714 -72.44 -103.26 49.39
CA PRO F 2714 -72.62 -104.58 48.77
C PRO F 2714 -71.38 -105.06 48.04
N GLU F 2715 -71.45 -106.22 47.40
CA GLU F 2715 -70.33 -106.82 46.68
C GLU F 2715 -70.34 -106.53 45.19
N LYS F 2716 -71.52 -106.48 44.56
CA LYS F 2716 -71.59 -106.03 43.17
C LYS F 2716 -71.13 -104.59 43.06
N LEU F 2717 -71.38 -103.79 44.11
CA LEU F 2717 -70.78 -102.46 44.19
C LEU F 2717 -69.30 -102.56 44.56
N GLU F 2718 -68.92 -103.65 45.23
CA GLU F 2718 -67.52 -103.80 45.63
C GLU F 2718 -66.62 -104.03 44.42
N TYR F 2719 -67.13 -104.72 43.40
CA TYR F 2719 -66.34 -104.88 42.18
C TYR F 2719 -66.10 -103.53 41.50
N PHE F 2720 -67.14 -102.69 41.43
CA PHE F 2720 -66.97 -101.34 40.91
C PHE F 2720 -65.99 -100.55 41.76
N ILE F 2721 -66.06 -100.72 43.08
CA ILE F 2721 -65.14 -100.04 43.97
C ILE F 2721 -63.71 -100.49 43.69
N ASN F 2722 -63.51 -101.78 43.45
CA ASN F 2722 -62.19 -102.29 43.12
C ASN F 2722 -61.68 -101.69 41.82
N LYS F 2723 -62.53 -101.60 40.81
CA LYS F 2723 -62.10 -101.02 39.54
C LYS F 2723 -61.76 -99.53 39.70
N TYR F 2724 -62.58 -98.81 40.45
CA TYR F 2724 -62.31 -97.39 40.63
C TYR F 2724 -61.08 -97.16 41.50
N ALA F 2725 -60.79 -98.09 42.43
CA ALA F 2725 -59.55 -98.01 43.18
C ALA F 2725 -58.35 -98.32 42.30
N GLU F 2726 -58.52 -99.24 41.35
CA GLU F 2726 -57.51 -99.43 40.32
C GLU F 2726 -57.23 -98.13 39.58
N HIS F 2727 -58.30 -97.42 39.20
CA HIS F 2727 -58.14 -96.16 38.50
C HIS F 2727 -57.46 -95.13 39.38
N SER F 2728 -57.82 -95.10 40.67
CA SER F 2728 -57.20 -94.18 41.61
C SER F 2728 -55.70 -94.43 41.74
N HIS F 2729 -55.33 -95.70 41.91
CA HIS F 2729 -53.92 -96.06 41.97
C HIS F 2729 -53.21 -95.69 40.68
N ASP F 2730 -53.87 -95.92 39.53
CA ASP F 2730 -53.24 -95.64 38.26
C ASP F 2730 -52.95 -94.15 38.09
N LYS F 2731 -53.96 -93.31 38.31
CA LYS F 2731 -53.72 -91.87 38.20
C LYS F 2731 -52.74 -91.38 39.26
N TRP F 2732 -52.73 -91.96 40.45
CA TRP F 2732 -51.73 -91.60 41.45
C TRP F 2732 -50.33 -91.95 40.96
N SER F 2733 -50.20 -93.13 40.32
CA SER F 2733 -48.90 -93.57 39.82
C SER F 2733 -48.40 -92.64 38.72
N MET F 2734 -49.25 -92.27 37.77
CA MET F 2734 -48.79 -91.33 36.76
C MET F 2734 -48.61 -89.92 37.30
N ASP F 2735 -49.30 -89.57 38.39
CA ASP F 2735 -48.99 -88.33 39.08
C ASP F 2735 -47.56 -88.35 39.60
N LYS F 2736 -47.17 -89.48 40.21
CA LYS F 2736 -45.79 -89.61 40.67
C LYS F 2736 -44.80 -89.61 39.51
N LEU F 2737 -45.14 -90.26 38.40
CA LEU F 2737 -44.27 -90.23 37.22
C LEU F 2737 -44.10 -88.80 36.70
N ALA F 2738 -45.18 -88.04 36.61
CA ALA F 2738 -45.10 -86.67 36.13
C ALA F 2738 -44.30 -85.80 37.09
N ASN F 2739 -44.50 -85.98 38.40
CA ASN F 2739 -43.76 -85.20 39.37
C ASN F 2739 -42.27 -85.55 39.37
N GLY F 2740 -41.95 -86.81 39.10
CA GLY F 2740 -40.57 -87.24 39.03
C GLY F 2740 -40.07 -88.02 40.24
N TRP F 2741 -40.97 -88.63 41.02
CA TRP F 2741 -40.54 -89.39 42.19
C TRP F 2741 -39.64 -90.55 41.76
N ILE F 2742 -38.50 -90.67 42.42
CA ILE F 2742 -37.51 -91.67 42.06
C ILE F 2742 -37.98 -93.06 42.52
N TYR F 2743 -37.69 -94.06 41.71
CA TYR F 2743 -38.05 -95.45 42.00
C TYR F 2743 -36.93 -96.07 42.84
N GLY F 2744 -37.28 -96.48 44.06
CA GLY F 2744 -36.33 -97.12 44.94
C GLY F 2744 -37.02 -97.69 46.14
N GLU F 2745 -36.46 -98.79 46.66
CA GLU F 2745 -37.09 -99.51 47.76
C GLU F 2745 -37.24 -98.64 49.00
N ILE F 2746 -36.20 -97.87 49.33
CA ILE F 2746 -36.28 -96.96 50.47
C ILE F 2746 -37.27 -95.84 50.14
N TYR F 2747 -38.07 -95.47 51.14
CA TYR F 2747 -39.06 -94.41 50.99
C TYR F 2747 -38.60 -93.19 51.75
N SER F 2748 -38.17 -92.16 51.03
CA SER F 2748 -37.72 -90.91 51.64
C SER F 2748 -38.31 -89.75 50.85
N ASP F 2749 -39.22 -89.00 51.49
CA ASP F 2749 -39.83 -87.85 50.82
C ASP F 2749 -38.79 -86.78 50.50
N SER F 2750 -37.87 -86.53 51.42
CA SER F 2750 -36.82 -85.55 51.19
C SER F 2750 -35.94 -85.98 50.02
N SER F 2751 -35.59 -87.26 49.96
CA SER F 2751 -34.82 -87.77 48.82
C SER F 2751 -35.69 -88.02 47.61
N LYS F 2752 -37.00 -87.87 47.73
CA LYS F 2752 -38.00 -88.07 46.68
C LYS F 2752 -38.07 -89.52 46.23
N VAL F 2753 -37.50 -90.46 46.99
CA VAL F 2753 -37.46 -91.85 46.55
C VAL F 2753 -38.63 -92.62 47.17
N GLN F 2754 -39.22 -93.53 46.38
CA GLN F 2754 -40.33 -94.36 46.81
C GLN F 2754 -40.42 -95.59 45.91
N PRO F 2755 -40.89 -96.73 46.42
CA PRO F 2755 -41.05 -97.94 45.60
C PRO F 2755 -42.45 -98.26 45.09
N LEU F 2756 -43.43 -97.36 45.22
CA LEU F 2756 -44.83 -97.74 45.07
C LEU F 2756 -45.36 -97.54 43.65
N MET F 2757 -44.54 -97.70 42.63
CA MET F 2757 -45.02 -97.67 41.26
C MET F 2757 -45.41 -99.05 40.75
N LYS F 2758 -45.70 -99.97 41.66
CA LYS F 2758 -46.09 -101.33 41.35
C LYS F 2758 -47.60 -101.41 41.09
N PRO F 2759 -48.02 -102.30 40.19
CA PRO F 2759 -49.42 -102.32 39.75
C PRO F 2759 -50.40 -102.57 40.89
N TYR F 2760 -51.67 -102.26 40.62
CA TYR F 2760 -52.69 -102.28 41.67
C TYR F 2760 -52.84 -103.67 42.29
N LYS F 2761 -52.88 -104.70 41.45
CA LYS F 2761 -52.95 -106.07 41.98
C LYS F 2761 -51.71 -106.38 42.79
N LEU F 2762 -50.54 -105.95 42.30
CA LEU F 2762 -49.32 -106.06 43.09
C LEU F 2762 -49.34 -105.11 44.29
N LEU F 2763 -50.00 -103.96 44.14
CA LEU F 2763 -49.90 -102.87 45.10
C LEU F 2763 -50.24 -103.35 46.52
N SER F 2764 -49.65 -102.65 47.49
CA SER F 2764 -49.89 -102.96 48.89
C SER F 2764 -51.38 -102.89 49.20
N GLU F 2765 -51.86 -103.88 49.96
CA GLU F 2765 -53.26 -103.90 50.34
C GLU F 2765 -53.63 -102.67 51.16
N LYS F 2766 -52.69 -102.14 51.94
CA LYS F 2766 -52.95 -100.92 52.69
C LYS F 2766 -53.25 -99.76 51.76
N GLU F 2767 -52.43 -99.59 50.72
CA GLU F 2767 -52.68 -98.53 49.75
C GLU F 2767 -54.00 -98.76 49.03
N LYS F 2768 -54.24 -100.00 48.60
CA LYS F 2768 -55.55 -100.37 48.07
C LYS F 2768 -56.65 -100.02 49.06
N GLU F 2769 -56.39 -100.27 50.35
CA GLU F 2769 -57.40 -100.00 51.37
C GLU F 2769 -57.58 -98.51 51.61
N ILE F 2770 -56.50 -97.72 51.48
CA ILE F 2770 -56.66 -96.28 51.73
C ILE F 2770 -57.30 -95.61 50.52
N TYR F 2771 -57.30 -96.27 49.37
CA TYR F 2771 -58.24 -95.84 48.33
C TYR F 2771 -59.65 -96.31 48.62
N ARG F 2772 -59.81 -97.59 48.99
CA ARG F 2772 -61.13 -98.19 49.12
C ARG F 2772 -61.95 -97.52 50.22
N TRP F 2773 -61.31 -97.11 51.30
CA TRP F 2773 -62.02 -96.57 52.46
C TRP F 2773 -62.81 -95.34 52.05
N PRO F 2774 -62.18 -94.24 51.59
CA PRO F 2774 -62.99 -93.07 51.21
C PRO F 2774 -64.04 -93.41 50.19
N ILE F 2775 -63.75 -94.35 49.28
CA ILE F 2775 -64.71 -94.85 48.33
C ILE F 2775 -65.86 -95.52 49.08
N LYS F 2776 -65.53 -96.28 50.13
CA LYS F 2776 -66.58 -96.96 50.89
C LYS F 2776 -67.51 -95.96 51.54
N GLU F 2777 -66.98 -94.96 52.25
CA GLU F 2777 -67.91 -93.97 52.83
C GLU F 2777 -68.58 -93.14 51.75
N SER F 2778 -67.97 -93.02 50.56
CA SER F 2778 -68.61 -92.26 49.49
C SER F 2778 -69.87 -92.96 49.01
N LEU F 2779 -69.75 -94.24 48.63
CA LEU F 2779 -70.94 -94.99 48.24
C LEU F 2779 -71.88 -95.17 49.43
N LYS F 2780 -71.33 -95.17 50.64
CA LYS F 2780 -72.14 -95.33 51.84
C LYS F 2780 -73.06 -94.13 52.04
N THR F 2781 -72.54 -92.92 51.88
CA THR F 2781 -73.38 -91.73 51.95
C THR F 2781 -74.32 -91.66 50.75
N MET F 2782 -73.85 -92.10 49.58
CA MET F 2782 -74.71 -92.16 48.41
C MET F 2782 -75.94 -93.02 48.66
N LEU F 2783 -75.75 -94.16 49.34
CA LEU F 2783 -76.89 -94.99 49.71
C LEU F 2783 -77.68 -94.39 50.87
N ALA F 2784 -77.01 -93.64 51.75
CA ALA F 2784 -77.73 -92.94 52.82
C ALA F 2784 -78.73 -91.96 52.23
N TRP F 2785 -78.39 -91.34 51.10
CA TRP F 2785 -79.32 -90.52 50.36
C TRP F 2785 -80.43 -91.33 49.70
N GLY F 2786 -80.39 -92.66 49.82
CA GLY F 2786 -81.39 -93.52 49.24
C GLY F 2786 -81.21 -93.78 47.76
N TRP F 2787 -80.17 -93.23 47.16
CA TRP F 2787 -79.97 -93.37 45.72
C TRP F 2787 -79.69 -94.82 45.36
N ARG F 2788 -80.55 -95.39 44.52
CA ARG F 2788 -80.42 -96.77 44.10
C ARG F 2788 -79.48 -96.82 42.90
N ILE F 2789 -78.67 -97.87 42.85
CA ILE F 2789 -77.63 -98.04 41.83
C ILE F 2789 -77.91 -99.35 41.10
N GLU F 2790 -77.93 -99.29 39.76
CA GLU F 2790 -78.23 -100.45 38.93
C GLU F 2790 -77.07 -100.74 37.99
N ARG F 2791 -76.61 -101.99 37.98
CA ARG F 2791 -75.61 -102.41 37.03
C ARG F 2791 -76.27 -102.83 35.72
N THR F 2792 -75.82 -102.25 34.61
CA THR F 2792 -76.36 -102.64 33.32
C THR F 2792 -75.88 -104.04 32.93
N ARG F 2793 -76.62 -104.66 32.00
CA ARG F 2793 -76.28 -106.00 31.58
C ARG F 2793 -74.99 -106.01 30.75
N GLU F 2794 -74.76 -104.96 29.96
CA GLU F 2794 -73.48 -104.84 29.27
C GLU F 2794 -72.34 -104.67 30.26
N GLY F 2795 -72.56 -103.90 31.32
CA GLY F 2795 -71.56 -103.81 32.38
C GLY F 2795 -71.29 -105.14 33.06
N ASP F 2796 -72.33 -105.93 33.33
CA ASP F 2796 -72.15 -107.27 33.87
C ASP F 2796 -71.38 -108.18 32.93
N SER F 2797 -71.67 -108.10 31.63
CA SER F 2797 -70.89 -108.82 30.63
C SER F 2797 -69.43 -108.39 30.67
N MET F 2798 -69.21 -107.11 30.95
CA MET F 2798 -67.83 -106.61 31.03
C MET F 2798 -67.07 -107.27 32.18
N ALA F 2799 -67.71 -107.38 33.35
CA ALA F 2799 -67.08 -108.05 34.49
C ALA F 2799 -66.91 -109.54 34.23
N LEU F 2800 -67.86 -110.15 33.52
CA LEU F 2800 -67.74 -111.57 33.17
C LEU F 2800 -66.57 -111.81 32.23
N TYR F 2801 -66.40 -110.93 31.24
CA TYR F 2801 -65.29 -111.08 30.31
C TYR F 2801 -63.96 -110.81 30.99
N ASN F 2802 -63.94 -109.88 31.93
CA ASN F 2802 -62.72 -109.52 32.66
C ASN F 2802 -61.63 -109.03 31.72
N GLY F 2820 -48.00 -100.62 22.09
CA GLY F 2820 -47.99 -101.76 23.00
C GLY F 2820 -49.03 -101.65 24.10
N TYR F 2821 -48.70 -102.17 25.27
CA TYR F 2821 -49.59 -102.14 26.44
C TYR F 2821 -49.28 -100.86 27.21
N SER F 2822 -50.00 -99.79 26.91
CA SER F 2822 -49.81 -98.50 27.57
C SER F 2822 -50.87 -98.30 28.65
N PRO F 2823 -50.48 -98.08 29.90
CA PRO F 2823 -51.48 -97.80 30.94
C PRO F 2823 -52.06 -96.41 30.73
N ARG F 2824 -53.29 -96.37 30.24
CA ARG F 2824 -53.94 -95.12 29.84
C ARG F 2824 -55.13 -94.83 30.75
N ALA F 2825 -55.21 -93.58 31.20
CA ALA F 2825 -56.32 -93.10 32.01
C ALA F 2825 -57.53 -92.84 31.13
N ILE F 2826 -58.54 -92.23 31.71
CA ILE F 2826 -59.80 -91.96 31.02
C ILE F 2826 -60.05 -90.46 31.01
N ASP F 2827 -60.40 -89.95 29.84
CA ASP F 2827 -60.59 -88.50 29.65
C ASP F 2827 -61.91 -88.08 30.30
N MET F 2828 -61.82 -87.90 31.63
CA MET F 2828 -62.94 -87.51 32.46
C MET F 2828 -63.63 -86.24 31.94
N SER F 2829 -62.84 -85.27 31.48
CA SER F 2829 -63.41 -84.04 30.95
C SER F 2829 -64.16 -84.27 29.65
N ASN F 2830 -63.61 -85.14 28.79
CA ASN F 2830 -64.26 -85.39 27.50
C ASN F 2830 -65.58 -86.11 27.69
N VAL F 2831 -65.64 -87.07 28.63
CA VAL F 2831 -66.92 -87.73 28.87
C VAL F 2831 -67.90 -86.76 29.54
N THR F 2832 -69.20 -86.98 29.32
CA THR F 2832 -70.23 -86.02 29.70
C THR F 2832 -71.21 -86.63 30.70
N LEU F 2833 -71.83 -85.76 31.51
CA LEU F 2833 -72.76 -86.18 32.54
C LEU F 2833 -74.12 -85.51 32.34
N SER F 2834 -75.17 -86.21 32.73
CA SER F 2834 -76.53 -85.68 32.62
C SER F 2834 -76.79 -84.63 33.71
N ARG F 2835 -77.83 -83.82 33.49
CA ARG F 2835 -78.10 -82.68 34.36
C ARG F 2835 -78.51 -83.12 35.78
N ASP F 2836 -79.37 -84.13 35.87
CA ASP F 2836 -79.80 -84.61 37.17
C ASP F 2836 -78.61 -85.17 37.96
N LEU F 2837 -77.75 -85.91 37.27
CA LEU F 2837 -76.52 -86.37 37.90
C LEU F 2837 -75.58 -85.22 38.23
N HIS F 2838 -75.60 -84.12 37.46
CA HIS F 2838 -74.86 -82.93 37.81
CA HIS F 2838 -74.85 -82.93 37.82
C HIS F 2838 -75.33 -82.37 39.15
N ALA F 2839 -76.65 -82.30 39.32
CA ALA F 2839 -77.22 -81.82 40.58
C ALA F 2839 -76.85 -82.74 41.72
N MET F 2840 -76.85 -84.06 41.48
CA MET F 2840 -76.38 -85.00 42.49
C MET F 2840 -74.91 -84.78 42.81
N ALA F 2841 -74.11 -84.49 41.79
CA ALA F 2841 -72.69 -84.19 42.01
C ALA F 2841 -72.53 -82.95 42.87
N GLU F 2842 -73.33 -81.92 42.61
CA GLU F 2842 -73.29 -80.70 43.40
C GLU F 2842 -73.68 -80.94 44.85
N MET F 2843 -74.76 -81.68 45.10
CA MET F 2843 -75.17 -81.93 46.48
C MET F 2843 -74.18 -82.82 47.21
N MET F 2844 -73.61 -83.83 46.54
CA MET F 2844 -72.59 -84.60 47.23
C MET F 2844 -71.33 -83.77 47.44
N ALA F 2845 -70.99 -82.88 46.52
CA ALA F 2845 -69.82 -82.03 46.71
C ALA F 2845 -70.01 -81.13 47.93
N GLU F 2846 -71.20 -80.53 48.07
CA GLU F 2846 -71.44 -79.73 49.26
C GLU F 2846 -71.48 -80.59 50.52
N ASN F 2847 -71.91 -81.85 50.42
CA ASN F 2847 -71.94 -82.71 51.59
C ASN F 2847 -70.53 -83.08 52.04
N TYR F 2848 -69.64 -83.37 51.09
CA TYR F 2848 -68.27 -83.71 51.49
C TYR F 2848 -67.50 -82.46 51.88
N HIS F 2849 -67.91 -81.30 51.36
CA HIS F 2849 -67.42 -80.05 51.91
C HIS F 2849 -67.90 -79.88 53.34
N ASN F 2850 -69.12 -80.33 53.65
CA ASN F 2850 -69.58 -80.32 55.03
C ASN F 2850 -68.75 -81.25 55.90
N ILE F 2851 -68.35 -82.40 55.34
CA ILE F 2851 -67.46 -83.31 56.07
C ILE F 2851 -66.14 -82.63 56.38
N TRP F 2852 -65.53 -82.03 55.35
CA TRP F 2852 -64.28 -81.31 55.52
C TRP F 2852 -64.43 -80.15 56.49
N ALA F 2853 -65.57 -79.47 56.46
CA ALA F 2853 -65.79 -78.32 57.34
C ALA F 2853 -66.05 -78.78 58.76
N LYS F 2854 -66.61 -79.98 58.94
CA LYS F 2854 -66.71 -80.54 60.28
C LYS F 2854 -65.34 -80.86 60.85
N LYS F 2855 -64.46 -81.47 60.03
CA LYS F 2855 -63.10 -81.69 60.49
C LYS F 2855 -62.41 -80.36 60.82
N LYS F 2856 -62.57 -79.37 59.96
CA LYS F 2856 -61.89 -78.10 60.18
C LYS F 2856 -62.52 -77.34 61.34
N LYS F 2857 -63.79 -77.59 61.63
CA LYS F 2857 -64.44 -76.96 62.77
C LYS F 2857 -63.97 -77.57 64.07
N MET F 2858 -63.83 -78.90 64.10
CA MET F 2858 -63.18 -79.54 65.23
C MET F 2858 -61.78 -78.99 65.43
N GLU F 2859 -61.04 -78.79 64.33
CA GLU F 2859 -59.75 -78.14 64.44
C GLU F 2859 -59.88 -76.74 65.03
N LEU F 2860 -60.93 -76.02 64.65
CA LEU F 2860 -61.12 -74.66 65.14
C LEU F 2860 -61.34 -74.65 66.65
N GLU F 2861 -62.16 -75.57 67.17
CA GLU F 2861 -62.35 -75.61 68.62
C GLU F 2861 -61.08 -76.06 69.33
N SER F 2862 -60.34 -77.00 68.74
CA SER F 2862 -59.09 -77.42 69.38
C SER F 2862 -58.07 -76.28 69.40
N LYS F 2863 -58.04 -75.47 68.34
CA LYS F 2863 -57.10 -74.36 68.26
C LYS F 2863 -57.52 -73.21 69.17
N GLY F 2864 -58.82 -73.06 69.40
CA GLY F 2864 -59.32 -71.97 70.20
C GLY F 2864 -59.53 -70.67 69.47
N GLY F 2865 -59.23 -70.61 68.17
CA GLY F 2865 -59.38 -69.41 67.39
C GLY F 2865 -58.92 -69.60 65.96
N GLY F 2866 -58.95 -68.54 65.16
CA GLY F 2866 -58.51 -68.64 63.78
C GLY F 2866 -59.61 -69.04 62.81
N ASN F 2867 -60.68 -68.24 62.75
CA ASN F 2867 -61.77 -68.48 61.81
C ASN F 2867 -61.21 -68.62 60.39
N HIS F 2868 -61.36 -69.81 59.83
CA HIS F 2868 -60.80 -70.09 58.51
C HIS F 2868 -61.66 -69.44 57.43
N PRO F 2869 -61.05 -68.82 56.43
CA PRO F 2869 -61.83 -68.11 55.41
C PRO F 2869 -62.78 -69.00 54.63
N LEU F 2870 -62.51 -70.29 54.52
CA LEU F 2870 -63.32 -71.20 53.71
C LEU F 2870 -64.35 -71.96 54.53
N LEU F 2871 -64.55 -71.60 55.80
CA LEU F 2871 -65.60 -72.24 56.59
C LEU F 2871 -66.99 -71.86 56.12
N VAL F 2872 -67.12 -70.88 55.23
CA VAL F 2872 -68.40 -70.48 54.65
C VAL F 2872 -68.94 -71.65 53.84
N PRO F 2873 -70.25 -71.72 53.62
CA PRO F 2873 -70.83 -72.91 52.96
C PRO F 2873 -70.26 -73.14 51.56
N TYR F 2874 -70.41 -74.38 51.10
CA TYR F 2874 -69.89 -74.78 49.80
C TYR F 2874 -70.50 -73.94 48.69
N ASP F 2875 -71.79 -73.62 48.79
CA ASP F 2875 -72.42 -72.74 47.81
C ASP F 2875 -71.75 -71.36 47.83
N THR F 2876 -71.49 -70.84 49.02
CA THR F 2876 -70.82 -69.55 49.15
C THR F 2876 -69.39 -69.58 48.61
N LEU F 2877 -68.74 -70.74 48.59
CA LEU F 2877 -67.37 -70.83 48.11
C LEU F 2877 -67.28 -70.45 46.64
N THR F 2878 -66.07 -70.08 46.23
CA THR F 2878 -65.83 -69.73 44.83
C THR F 2878 -65.78 -70.99 43.97
N ALA F 2879 -65.92 -70.78 42.65
CA ALA F 2879 -65.86 -71.90 41.73
C ALA F 2879 -64.48 -72.57 41.76
N LYS F 2880 -63.42 -71.77 41.90
CA LYS F 2880 -62.08 -72.33 41.94
C LYS F 2880 -61.91 -73.25 43.15
N GLU F 2881 -62.36 -72.80 44.33
CA GLU F 2881 -62.27 -73.66 45.52
C GLU F 2881 -63.19 -74.86 45.40
N LYS F 2882 -64.37 -74.69 44.79
CA LYS F 2882 -65.30 -75.80 44.66
C LYS F 2882 -64.78 -76.88 43.72
N ALA F 2883 -63.82 -76.53 42.85
CA ALA F 2883 -63.29 -77.48 41.87
C ALA F 2883 -62.61 -78.67 42.54
N LYS F 2884 -62.04 -78.49 43.73
CA LYS F 2884 -61.35 -79.60 44.39
C LYS F 2884 -62.31 -80.75 44.68
N ASP F 2885 -63.56 -80.43 45.02
CA ASP F 2885 -64.54 -81.47 45.25
C ASP F 2885 -65.27 -81.82 43.95
N ARG F 2886 -65.37 -80.85 43.04
CA ARG F 2886 -66.00 -81.13 41.75
C ARG F 2886 -65.24 -82.20 40.97
N GLU F 2887 -63.90 -82.21 41.07
CA GLU F 2887 -63.16 -83.22 40.31
C GLU F 2887 -63.50 -84.61 40.80
N LYS F 2888 -63.55 -84.79 42.12
CA LYS F 2888 -63.90 -86.10 42.66
C LYS F 2888 -65.33 -86.47 42.32
N ALA F 2889 -66.26 -85.50 42.38
CA ALA F 2889 -67.63 -85.76 41.99
C ALA F 2889 -67.70 -86.26 40.55
N GLN F 2890 -67.06 -85.52 39.64
CA GLN F 2890 -67.08 -85.86 38.24
C GLN F 2890 -66.48 -87.23 37.99
N ASP F 2891 -65.31 -87.51 38.58
CA ASP F 2891 -64.65 -88.77 38.28
C ASP F 2891 -65.44 -89.94 38.82
N ILE F 2892 -65.98 -89.82 40.04
CA ILE F 2892 -66.68 -90.98 40.59
C ILE F 2892 -67.99 -91.23 39.84
N LEU F 2893 -68.79 -90.18 39.59
CA LEU F 2893 -70.03 -90.40 38.85
C LEU F 2893 -69.79 -90.81 37.41
N LYS F 2894 -68.72 -90.33 36.79
CA LYS F 2894 -68.50 -90.64 35.39
C LYS F 2894 -67.82 -91.99 35.22
N PHE F 2895 -67.05 -92.43 36.22
CA PHE F 2895 -66.64 -93.83 36.30
C PHE F 2895 -67.85 -94.73 36.53
N LEU F 2896 -68.81 -94.25 37.30
CA LEU F 2896 -70.08 -94.95 37.46
C LEU F 2896 -70.76 -95.15 36.11
N GLN F 2897 -70.82 -94.07 35.32
CA GLN F 2897 -71.27 -94.14 33.93
C GLN F 2897 -70.43 -95.10 33.09
N ILE F 2898 -69.12 -95.08 33.26
CA ILE F 2898 -68.21 -95.96 32.52
C ILE F 2898 -68.58 -97.42 32.75
N ASN F 2899 -68.65 -97.84 34.00
CA ASN F 2899 -69.05 -99.21 34.30
C ASN F 2899 -70.54 -99.42 34.14
N GLY F 2900 -71.27 -98.40 33.70
CA GLY F 2900 -72.64 -98.54 33.32
C GLY F 2900 -73.62 -98.51 34.47
N TYR F 2901 -73.12 -98.44 35.70
CA TYR F 2901 -74.00 -98.31 36.85
C TYR F 2901 -74.75 -97.00 36.75
N ALA F 2902 -76.07 -97.09 36.72
CA ALA F 2902 -76.94 -95.91 36.74
C ALA F 2902 -77.37 -95.68 38.19
N VAL F 2903 -77.05 -94.51 38.72
CA VAL F 2903 -77.58 -94.11 40.02
C VAL F 2903 -78.77 -93.18 39.80
N SER F 2904 -79.82 -93.37 40.59
CA SER F 2904 -81.03 -92.59 40.38
C SER F 2904 -81.42 -91.89 41.67
N ARG F 2905 -82.58 -91.24 41.65
CA ARG F 2905 -83.04 -90.46 42.79
C ARG F 2905 -83.32 -91.39 43.96
N GLY F 2906 -83.15 -90.87 45.17
CA GLY F 2906 -83.36 -91.68 46.37
C GLY F 2906 -84.78 -92.22 46.48
N PHE F 2907 -85.75 -91.46 45.97
CA PHE F 2907 -87.15 -91.85 46.02
C PHE F 2907 -87.84 -91.36 44.76
N LYS F 2908 -88.44 -92.28 44.00
CA LYS F 2908 -89.31 -91.89 42.91
C LYS F 2908 -90.68 -91.43 43.39
N ASP F 2909 -91.21 -90.41 42.70
CA ASP F 2909 -92.54 -89.89 42.99
C ASP F 2909 -93.60 -90.95 42.75
N LEU F 2910 -94.52 -91.08 43.71
CA LEU F 2910 -95.51 -92.14 43.62
C LEU F 2910 -96.61 -91.81 42.62
N GLU F 2911 -97.12 -90.59 42.65
CA GLU F 2911 -98.19 -90.14 41.77
C GLU F 2911 -98.40 -88.65 42.01
N LEU F 2912 -98.83 -87.96 40.97
CA LEU F 2912 -99.15 -86.53 41.04
C LEU F 2912 -100.63 -86.34 40.72
N ASP F 2913 -101.37 -85.76 41.65
CA ASP F 2913 -102.81 -85.56 41.50
C ASP F 2913 -103.12 -84.32 40.66
N THR F 2914 -102.51 -84.23 39.48
CA THR F 2914 -102.77 -83.14 38.55
C THR F 2914 -104.22 -83.11 38.06
N PRO F 2915 -104.87 -84.24 37.78
CA PRO F 2915 -106.30 -84.16 37.45
C PRO F 2915 -107.14 -83.50 38.53
N SER F 2916 -106.83 -83.73 39.80
CA SER F 2916 -107.56 -83.08 40.88
C SER F 2916 -107.13 -81.62 40.99
N ILE F 2917 -108.08 -80.71 40.77
CA ILE F 2917 -107.77 -79.28 40.66
C ILE F 2917 -107.58 -78.59 41.99
N GLU F 2918 -107.61 -79.34 43.10
CA GLU F 2918 -107.51 -78.71 44.41
C GLU F 2918 -106.12 -78.13 44.64
N LYS F 2919 -105.11 -78.65 43.92
CA LYS F 2919 -103.74 -78.17 44.12
C LYS F 2919 -103.38 -77.00 43.22
N ARG F 2920 -104.34 -76.44 42.48
CA ARG F 2920 -104.07 -75.25 41.69
C ARG F 2920 -103.69 -74.09 42.61
N PHE F 2921 -102.76 -73.26 42.16
CA PHE F 2921 -102.37 -72.10 42.96
C PHE F 2921 -103.56 -71.18 43.17
N ALA F 2922 -104.35 -70.95 42.13
CA ALA F 2922 -105.58 -70.20 42.28
C ALA F 2922 -106.54 -70.89 43.23
N TYR F 2923 -106.56 -72.22 43.23
CA TYR F 2923 -107.49 -72.95 44.09
C TYR F 2923 -107.22 -72.65 45.56
N SER F 2924 -106.03 -72.99 46.04
CA SER F 2924 -105.72 -72.80 47.46
C SER F 2924 -105.74 -71.34 47.86
N PHE F 2925 -105.18 -70.46 47.01
CA PHE F 2925 -105.14 -69.04 47.33
C PHE F 2925 -106.54 -68.45 47.44
N LEU F 2926 -107.38 -68.70 46.44
CA LEU F 2926 -108.74 -68.17 46.48
C LEU F 2926 -109.55 -68.83 47.60
N GLN F 2927 -109.23 -70.08 47.93
CA GLN F 2927 -109.90 -70.75 49.03
C GLN F 2927 -109.58 -70.06 50.36
N GLN F 2928 -108.30 -69.78 50.61
CA GLN F 2928 -107.95 -69.06 51.83
C GLN F 2928 -108.53 -67.66 51.80
N LEU F 2929 -108.64 -67.07 50.60
CA LEU F 2929 -109.29 -65.78 50.46
C LEU F 2929 -110.73 -65.86 50.96
N ILE F 2930 -111.45 -66.90 50.55
CA ILE F 2930 -112.83 -67.08 51.00
C ILE F 2930 -112.89 -67.32 52.50
N ARG F 2931 -111.98 -68.13 53.04
CA ARG F 2931 -111.97 -68.34 54.48
C ARG F 2931 -111.82 -67.02 55.24
N TYR F 2932 -110.88 -66.19 54.81
CA TYR F 2932 -110.68 -64.91 55.48
C TYR F 2932 -111.85 -63.98 55.26
N VAL F 2933 -112.46 -64.02 54.06
CA VAL F 2933 -113.62 -63.18 53.80
C VAL F 2933 -114.77 -63.55 54.71
N ASP F 2934 -115.05 -64.84 54.86
CA ASP F 2934 -116.13 -65.28 55.72
C ASP F 2934 -115.83 -64.96 57.18
N GLU F 2935 -114.58 -65.17 57.60
CA GLU F 2935 -114.21 -64.85 58.97
C GLU F 2935 -114.39 -63.37 59.25
N ALA F 2936 -113.95 -62.51 58.33
CA ALA F 2936 -114.12 -61.07 58.50
C ALA F 2936 -115.59 -60.68 58.43
N HIS F 2937 -116.38 -61.43 57.65
CA HIS F 2937 -117.80 -61.12 57.55
C HIS F 2937 -118.50 -61.36 58.87
N GLN F 2938 -118.26 -62.52 59.49
CA GLN F 2938 -118.87 -62.76 60.79
C GLN F 2938 -118.23 -61.89 61.87
N TYR F 2939 -116.96 -61.52 61.69
CA TYR F 2939 -116.32 -60.54 62.56
C TYR F 2939 -117.07 -59.22 62.54
N ILE F 2940 -117.39 -58.72 61.35
CA ILE F 2940 -118.09 -57.44 61.26
C ILE F 2940 -119.57 -57.59 61.62
N LEU F 2941 -120.12 -58.81 61.53
CA LEU F 2941 -121.45 -59.03 62.05
C LEU F 2941 -121.48 -58.91 63.56
N GLU F 2942 -120.46 -59.43 64.24
CA GLU F 2942 -120.33 -59.15 65.67
C GLU F 2942 -120.04 -57.67 65.91
N PHE F 2943 -119.27 -57.05 65.00
CA PHE F 2943 -119.00 -55.62 65.05
C PHE F 2943 -120.23 -54.77 64.85
N ASP F 2944 -121.32 -55.35 64.33
CA ASP F 2944 -122.55 -54.58 64.11
C ASP F 2944 -123.03 -53.96 65.42
N GLY F 2945 -122.99 -54.72 66.51
CA GLY F 2945 -123.21 -54.13 67.81
C GLY F 2945 -122.12 -53.16 68.20
N GLY F 2946 -120.87 -53.47 67.83
CA GLY F 2946 -119.76 -52.57 68.17
C GLY F 2946 -119.68 -51.37 67.26
N SER F 2947 -120.26 -51.46 66.05
CA SER F 2947 -120.23 -50.34 65.13
C SER F 2947 -120.96 -49.12 65.70
N ARG F 2948 -122.16 -49.34 66.25
CA ARG F 2948 -122.87 -48.26 66.92
C ARG F 2948 -122.51 -48.15 68.39
N GLY F 2949 -121.73 -49.10 68.90
CA GLY F 2949 -121.27 -49.04 70.27
C GLY F 2949 -119.93 -48.32 70.42
N LYS F 2950 -119.57 -48.02 71.66
CA LYS F 2950 -118.36 -47.29 71.94
C LYS F 2950 -117.10 -48.15 71.83
N GLY F 2951 -117.18 -49.43 72.19
CA GLY F 2951 -116.01 -50.28 72.21
C GLY F 2951 -115.72 -50.96 70.89
N GLU F 2952 -114.69 -50.47 70.18
CA GLU F 2952 -114.23 -51.08 68.94
C GLU F 2952 -113.09 -52.06 69.17
N HIS F 2953 -112.74 -52.32 70.43
CA HIS F 2953 -111.72 -53.31 70.75
C HIS F 2953 -112.28 -54.71 70.59
N PHE F 2954 -111.55 -55.55 69.86
CA PHE F 2954 -111.97 -56.92 69.60
C PHE F 2954 -110.75 -57.83 69.51
N PRO F 2955 -110.93 -59.12 69.81
CA PRO F 2955 -109.84 -60.07 69.55
C PRO F 2955 -109.48 -60.16 68.07
N TYR F 2956 -110.42 -59.78 67.20
CA TYR F 2956 -110.21 -59.77 65.76
C TYR F 2956 -109.98 -58.36 65.22
N GLU F 2957 -109.64 -57.41 66.07
CA GLU F 2957 -109.41 -56.04 65.62
C GLU F 2957 -108.24 -55.97 64.64
N GLN F 2958 -107.08 -56.44 65.07
CA GLN F 2958 -105.93 -56.45 64.17
C GLN F 2958 -106.15 -57.41 63.01
N GLU F 2959 -106.97 -58.44 63.22
CA GLU F 2959 -107.29 -59.36 62.13
C GLU F 2959 -108.02 -58.63 61.00
N ILE F 2960 -109.08 -57.89 61.34
CA ILE F 2960 -109.84 -57.18 60.31
C ILE F 2960 -109.01 -56.03 59.75
N LYS F 2961 -108.14 -55.42 60.57
CA LYS F 2961 -107.26 -54.39 60.03
C LYS F 2961 -106.32 -54.97 58.98
N PHE F 2962 -105.68 -56.11 59.28
CA PHE F 2962 -104.83 -56.77 58.30
C PHE F 2962 -105.63 -57.16 57.07
N PHE F 2963 -106.82 -57.71 57.26
CA PHE F 2963 -107.69 -58.03 56.13
C PHE F 2963 -107.88 -56.82 55.23
N ALA F 2964 -108.46 -55.74 55.76
CA ALA F 2964 -108.81 -54.58 54.96
C ALA F 2964 -107.58 -53.92 54.34
N LYS F 2965 -106.43 -53.96 55.02
CA LYS F 2965 -105.28 -53.22 54.52
C LYS F 2965 -104.43 -54.03 53.56
N VAL F 2966 -104.47 -55.36 53.64
CA VAL F 2966 -103.62 -56.22 52.82
C VAL F 2966 -104.45 -57.11 51.91
N VAL F 2967 -105.32 -57.94 52.48
CA VAL F 2967 -105.97 -59.00 51.72
C VAL F 2967 -106.86 -58.41 50.63
N LEU F 2968 -107.71 -57.44 51.01
CA LEU F 2968 -108.58 -56.81 50.03
C LEU F 2968 -107.78 -56.10 48.93
N PRO F 2969 -106.80 -55.25 49.24
CA PRO F 2969 -105.94 -54.74 48.15
C PRO F 2969 -105.22 -55.84 47.41
N LEU F 2970 -104.85 -56.92 48.13
CA LEU F 2970 -104.26 -58.07 47.45
C LEU F 2970 -105.24 -58.69 46.48
N ILE F 2971 -106.51 -58.81 46.87
CA ILE F 2971 -107.53 -59.33 45.97
C ILE F 2971 -107.65 -58.44 44.74
N ASP F 2972 -107.69 -57.12 44.96
CA ASP F 2972 -107.82 -56.18 43.86
C ASP F 2972 -106.68 -56.33 42.87
N GLN F 2973 -105.44 -56.28 43.36
CA GLN F 2973 -104.28 -56.34 42.48
C GLN F 2973 -104.16 -57.71 41.83
N TYR F 2974 -104.53 -58.77 42.55
CA TYR F 2974 -104.41 -60.12 42.02
C TYR F 2974 -105.39 -60.36 40.89
N PHE F 2975 -106.65 -59.93 41.08
CA PHE F 2975 -107.63 -60.04 40.01
C PHE F 2975 -107.27 -59.13 38.84
N LYS F 2976 -106.71 -57.95 39.13
CA LYS F 2976 -106.23 -57.08 38.07
C LYS F 2976 -105.13 -57.75 37.24
N ASN F 2977 -104.18 -58.42 37.89
CA ASN F 2977 -103.11 -59.08 37.16
C ASN F 2977 -103.63 -60.26 36.35
N HIS F 2978 -104.55 -61.04 36.93
CA HIS F 2978 -105.04 -62.26 36.28
C HIS F 2978 -106.49 -62.14 35.84
N ARG F 2979 -106.86 -60.99 35.28
CA ARG F 2979 -108.21 -60.83 34.74
C ARG F 2979 -108.54 -61.94 33.76
N LEU F 2980 -107.67 -62.17 32.77
CA LEU F 2980 -107.99 -63.10 31.70
C LEU F 2980 -108.10 -64.53 32.19
N TYR F 2981 -107.32 -64.91 33.21
CA TYR F 2981 -107.39 -66.27 33.73
C TYR F 2981 -108.78 -66.57 34.29
N PHE F 2982 -109.34 -65.64 35.06
CA PHE F 2982 -110.70 -65.80 35.54
C PHE F 2982 -111.69 -65.62 34.39
N LEU F 2983 -111.44 -64.63 33.52
CA LEU F 2983 -112.37 -64.38 32.43
C LEU F 2983 -112.37 -65.50 31.42
N SER F 2984 -111.33 -66.33 31.43
CA SER F 2984 -111.27 -67.46 30.50
C SER F 2984 -112.35 -68.48 30.85
N ALA F 2985 -113.21 -68.76 29.88
CA ALA F 2985 -114.31 -69.70 30.05
C ALA F 2985 -114.38 -70.62 28.83
N ALA F 2986 -113.22 -71.11 28.40
CA ALA F 2986 -113.09 -72.01 27.25
C ALA F 2986 -113.62 -71.39 25.96
N SER F 2987 -113.63 -70.06 25.86
CA SER F 2987 -113.99 -69.36 24.63
C SER F 2987 -112.78 -68.97 23.80
N ARG F 2988 -111.68 -69.70 23.96
CA ARG F 2988 -110.37 -69.45 23.35
C ARG F 2988 -109.78 -68.08 23.68
N PRO F 2989 -109.74 -67.64 24.96
CA PRO F 2989 -108.82 -66.55 25.30
C PRO F 2989 -107.52 -67.11 25.83
N LEU F 2990 -106.50 -66.27 26.00
CA LEU F 2990 -105.19 -66.70 26.51
C LEU F 2990 -104.73 -67.97 25.78
N CYS F 2991 -104.48 -67.83 24.48
CA CYS F 2991 -104.25 -68.99 23.61
C CYS F 2991 -103.07 -69.84 24.08
N SER F 2992 -102.16 -69.25 24.87
CA SER F 2992 -101.07 -70.04 25.43
C SER F 2992 -101.58 -71.20 26.28
N GLY F 2993 -102.63 -70.97 27.05
CA GLY F 2993 -103.27 -72.01 27.83
C GLY F 2993 -103.33 -71.65 29.30
N GLY F 2994 -103.97 -72.53 30.07
CA GLY F 2994 -104.07 -72.35 31.51
C GLY F 2994 -105.26 -71.51 31.94
N HIS F 2995 -106.46 -71.94 31.55
CA HIS F 2995 -107.67 -71.23 31.95
C HIS F 2995 -108.15 -71.70 33.31
N ALA F 2996 -109.03 -70.91 33.92
CA ALA F 2996 -109.61 -71.28 35.19
C ALA F 2996 -110.58 -72.44 35.03
N SER F 2997 -110.65 -73.30 36.05
CA SER F 2997 -111.55 -74.44 36.01
C SER F 2997 -112.99 -74.00 36.30
N ASN F 2998 -113.91 -74.92 36.08
CA ASN F 2998 -115.31 -74.66 36.40
C ASN F 2998 -115.49 -74.39 37.88
N LYS F 2999 -114.84 -75.19 38.74
CA LYS F 2999 -114.89 -74.94 40.18
C LYS F 2999 -114.19 -73.64 40.53
N GLU F 3000 -113.12 -73.29 39.82
CA GLU F 3000 -112.49 -71.98 40.02
C GLU F 3000 -113.49 -70.86 39.77
N LYS F 3001 -114.24 -70.96 38.68
CA LYS F 3001 -115.22 -69.94 38.36
C LYS F 3001 -116.34 -69.90 39.39
N GLU F 3002 -116.81 -71.08 39.82
CA GLU F 3002 -117.81 -71.17 40.87
C GLU F 3002 -117.36 -70.46 42.13
N MET F 3003 -116.15 -70.75 42.57
CA MET F 3003 -115.63 -70.24 43.83
C MET F 3003 -115.34 -68.75 43.74
N VAL F 3004 -114.92 -68.28 42.56
CA VAL F 3004 -114.76 -66.85 42.34
C VAL F 3004 -116.11 -66.13 42.44
N THR F 3005 -117.14 -66.70 41.80
CA THR F 3005 -118.46 -66.10 41.89
C THR F 3005 -119.01 -66.09 43.31
N SER F 3006 -118.80 -67.17 44.06
CA SER F 3006 -119.18 -67.20 45.46
C SER F 3006 -118.44 -66.13 46.27
N LEU F 3007 -117.15 -65.95 46.00
CA LEU F 3007 -116.40 -64.87 46.63
C LEU F 3007 -117.02 -63.51 46.30
N PHE F 3008 -117.43 -63.33 45.05
CA PHE F 3008 -118.09 -62.08 44.66
C PHE F 3008 -119.36 -61.86 45.47
N CYS F 3009 -120.20 -62.89 45.55
CA CYS F 3009 -121.48 -62.75 46.27
C CYS F 3009 -121.24 -62.42 47.73
N LYS F 3010 -120.29 -63.10 48.36
CA LYS F 3010 -120.06 -62.90 49.79
C LYS F 3010 -119.39 -61.56 50.06
N LEU F 3011 -118.52 -61.11 49.15
CA LEU F 3011 -117.98 -59.76 49.27
C LEU F 3011 -119.03 -58.68 49.10
N GLY F 3012 -119.99 -58.88 48.17
CA GLY F 3012 -121.09 -57.95 48.08
C GLY F 3012 -121.95 -57.93 49.33
N VAL F 3013 -122.20 -59.10 49.91
CA VAL F 3013 -122.93 -59.16 51.18
C VAL F 3013 -122.16 -58.40 52.26
N LEU F 3014 -120.84 -58.59 52.30
CA LEU F 3014 -120.00 -57.91 53.27
C LEU F 3014 -120.07 -56.39 53.11
N VAL F 3015 -119.97 -55.91 51.87
CA VAL F 3015 -119.97 -54.47 51.63
C VAL F 3015 -121.35 -53.86 51.76
N ARG F 3016 -122.41 -54.67 51.73
CA ARG F 3016 -123.77 -54.15 51.81
C ARG F 3016 -123.99 -53.47 53.16
N HIS F 3017 -124.35 -52.18 53.11
CA HIS F 3017 -124.64 -51.36 54.29
C HIS F 3017 -123.52 -51.39 55.32
N ARG F 3018 -122.27 -51.29 54.89
CA ARG F 3018 -121.15 -51.25 55.83
C ARG F 3018 -120.08 -50.25 55.42
N ILE F 3019 -120.40 -49.30 54.53
CA ILE F 3019 -119.43 -48.30 54.11
C ILE F 3019 -119.07 -47.40 55.30
N SER F 3020 -120.05 -47.10 56.14
CA SER F 3020 -119.77 -46.33 57.34
C SER F 3020 -118.97 -47.12 58.36
N LEU F 3021 -119.20 -48.43 58.43
CA LEU F 3021 -118.38 -49.27 59.30
C LEU F 3021 -116.94 -49.29 58.83
N PHE F 3022 -116.72 -49.31 57.52
CA PHE F 3022 -115.37 -49.22 57.00
C PHE F 3022 -114.83 -47.81 57.16
N GLY F 3023 -113.62 -47.71 57.69
CA GLY F 3023 -113.01 -46.41 57.95
C GLY F 3023 -112.35 -45.80 56.72
N ASN F 3024 -113.19 -45.32 55.79
CA ASN F 3024 -112.75 -44.69 54.55
C ASN F 3024 -112.08 -45.70 53.62
N ASP F 3025 -111.92 -46.93 54.09
CA ASP F 3025 -111.53 -48.05 53.26
C ASP F 3025 -112.69 -48.60 52.47
N ALA F 3026 -113.90 -48.10 52.72
CA ALA F 3026 -115.06 -48.49 51.93
C ALA F 3026 -114.83 -48.24 50.45
N THR F 3027 -114.09 -47.19 50.10
CA THR F 3027 -113.74 -46.96 48.70
C THR F 3027 -112.81 -48.05 48.17
N SER F 3028 -111.89 -48.53 49.01
CA SER F 3028 -111.00 -49.62 48.61
C SER F 3028 -111.80 -50.88 48.31
N ILE F 3029 -112.74 -51.22 49.21
CA ILE F 3029 -113.63 -52.35 48.92
C ILE F 3029 -114.53 -52.10 47.72
N VAL F 3030 -114.94 -50.86 47.49
CA VAL F 3030 -115.73 -50.55 46.31
C VAL F 3030 -114.93 -50.86 45.04
N ASN F 3031 -113.67 -50.42 45.00
CA ASN F 3031 -112.82 -50.71 43.86
C ASN F 3031 -112.56 -52.21 43.74
N CYS F 3032 -112.44 -52.89 44.89
CA CYS F 3032 -112.22 -54.33 44.89
C CYS F 3032 -113.40 -55.05 44.23
N LEU F 3033 -114.61 -54.74 44.69
CA LEU F 3033 -115.82 -55.31 44.10
C LEU F 3033 -115.98 -54.89 42.64
N HIS F 3034 -115.53 -53.69 42.29
CA HIS F 3034 -115.52 -53.25 40.90
C HIS F 3034 -114.70 -54.20 40.03
N ILE F 3035 -113.40 -54.30 40.32
CA ILE F 3035 -112.53 -55.16 39.53
C ILE F 3035 -113.02 -56.61 39.58
N LEU F 3036 -113.64 -56.99 40.69
CA LEU F 3036 -114.26 -58.30 40.77
C LEU F 3036 -115.36 -58.44 39.73
N GLY F 3037 -116.17 -57.40 39.58
CA GLY F 3037 -117.20 -57.39 38.55
C GLY F 3037 -116.65 -57.48 37.14
N GLN F 3038 -115.60 -56.72 36.84
CA GLN F 3038 -115.00 -56.90 35.52
C GLN F 3038 -114.25 -58.23 35.38
N THR F 3039 -114.02 -58.95 36.46
CA THR F 3039 -113.43 -60.28 36.38
C THR F 3039 -114.47 -61.39 36.57
N LEU F 3040 -115.75 -61.04 36.63
CA LEU F 3040 -116.81 -62.03 36.73
C LEU F 3040 -117.09 -62.63 35.36
N ASP F 3041 -117.16 -63.95 35.30
CA ASP F 3041 -117.78 -64.67 34.20
C ASP F 3041 -118.60 -65.80 34.80
N ALA F 3042 -119.78 -66.06 34.22
CA ALA F 3042 -120.75 -66.95 34.86
C ALA F 3042 -121.49 -67.88 33.91
N ARG F 3043 -121.04 -68.04 32.66
CA ARG F 3043 -121.78 -68.88 31.72
C ARG F 3043 -121.75 -70.35 32.14
N THR F 3044 -120.56 -70.88 32.41
CA THR F 3044 -120.47 -72.27 32.83
C THR F 3044 -121.04 -72.45 34.22
N VAL F 3045 -121.00 -71.41 35.05
CA VAL F 3045 -121.67 -71.45 36.34
C VAL F 3045 -123.16 -71.62 36.16
N MET F 3046 -123.75 -70.86 35.24
CA MET F 3046 -125.18 -70.97 34.99
C MET F 3046 -125.56 -72.35 34.47
N LYS F 3047 -124.78 -72.87 33.51
CA LYS F 3047 -125.15 -74.18 32.97
C LYS F 3047 -124.96 -75.28 34.00
N THR F 3048 -123.79 -75.33 34.65
CA THR F 3048 -123.47 -76.36 35.63
C THR F 3048 -122.78 -75.69 36.81
N GLY F 3049 -123.43 -75.69 37.97
CA GLY F 3049 -122.81 -75.08 39.13
C GLY F 3049 -123.56 -75.41 40.41
N LEU F 3050 -123.03 -74.89 41.50
CA LEU F 3050 -123.62 -75.11 42.81
C LEU F 3050 -124.89 -74.29 42.97
N GLU F 3051 -125.95 -74.94 43.42
CA GLU F 3051 -127.24 -74.26 43.55
C GLU F 3051 -127.17 -73.14 44.58
N SER F 3052 -126.45 -73.35 45.68
CA SER F 3052 -126.28 -72.28 46.65
C SER F 3052 -125.46 -71.14 46.06
N VAL F 3053 -124.50 -71.46 45.19
CA VAL F 3053 -123.75 -70.41 44.51
C VAL F 3053 -124.68 -69.58 43.63
N LYS F 3054 -125.56 -70.25 42.88
CA LYS F 3054 -126.54 -69.51 42.07
C LYS F 3054 -127.46 -68.67 42.94
N SER F 3055 -127.90 -69.24 44.07
CA SER F 3055 -128.73 -68.49 45.00
C SER F 3055 -128.00 -67.27 45.52
N ALA F 3056 -126.67 -67.36 45.66
CA ALA F 3056 -125.90 -66.20 46.12
C ALA F 3056 -125.99 -65.04 45.14
N LEU F 3057 -125.80 -65.31 43.85
CA LEU F 3057 -125.92 -64.24 42.85
C LEU F 3057 -127.34 -63.73 42.72
N ARG F 3058 -128.34 -64.62 42.81
CA ARG F 3058 -129.73 -64.18 42.80
C ARG F 3058 -130.01 -63.26 43.99
N ALA F 3059 -129.50 -63.63 45.17
CA ALA F 3059 -129.67 -62.80 46.36
C ALA F 3059 -128.98 -61.46 46.20
N PHE F 3060 -127.78 -61.45 45.64
CA PHE F 3060 -127.08 -60.18 45.42
C PHE F 3060 -127.90 -59.28 44.49
N LEU F 3061 -128.41 -59.84 43.40
CA LEU F 3061 -129.12 -59.03 42.42
C LEU F 3061 -130.43 -58.50 42.98
N ASP F 3062 -131.24 -59.37 43.60
CA ASP F 3062 -132.52 -58.88 44.09
C ASP F 3062 -132.36 -58.05 45.36
N ASN F 3063 -131.24 -58.19 46.08
CA ASN F 3063 -130.95 -57.27 47.17
C ASN F 3063 -130.62 -55.89 46.63
N ALA F 3064 -129.81 -55.81 45.58
CA ALA F 3064 -129.58 -54.54 44.91
C ALA F 3064 -130.88 -53.94 44.36
N ALA F 3065 -131.80 -54.78 43.91
CA ALA F 3065 -133.11 -54.31 43.45
C ALA F 3065 -133.99 -53.79 44.58
N GLU F 3066 -134.05 -54.49 45.71
CA GLU F 3066 -134.87 -54.02 46.82
C GLU F 3066 -134.28 -52.77 47.45
N ASP F 3067 -132.95 -52.63 47.40
CA ASP F 3067 -132.33 -51.39 47.85
C ASP F 3067 -132.77 -50.23 46.96
N LEU F 3068 -132.83 -50.47 45.65
CA LEU F 3068 -133.33 -49.46 44.74
C LEU F 3068 -134.80 -49.15 45.02
N GLU F 3069 -135.60 -50.16 45.35
CA GLU F 3069 -136.98 -49.94 45.73
C GLU F 3069 -137.08 -49.08 46.99
N LYS F 3070 -136.19 -49.31 47.96
CA LYS F 3070 -136.16 -48.50 49.16
C LYS F 3070 -135.79 -47.06 48.84
N THR F 3071 -134.86 -46.87 47.90
CA THR F 3071 -134.55 -45.51 47.45
C THR F 3071 -135.77 -44.87 46.80
N MET F 3072 -136.51 -45.65 45.99
CA MET F 3072 -137.79 -45.21 45.46
C MET F 3072 -138.66 -44.62 46.56
N GLU F 3073 -138.97 -45.45 47.54
CA GLU F 3073 -139.89 -45.06 48.60
C GLU F 3073 -139.38 -43.87 49.39
N ASN F 3074 -138.09 -43.83 49.72
CA ASN F 3074 -137.55 -42.72 50.49
C ASN F 3074 -137.60 -41.41 49.72
N LEU F 3075 -137.17 -41.40 48.46
CA LEU F 3075 -137.20 -40.12 47.75
C LEU F 3075 -138.62 -39.68 47.43
N LYS F 3076 -139.55 -40.62 47.25
CA LYS F 3076 -140.95 -40.26 47.06
C LYS F 3076 -141.55 -39.65 48.32
N GLN F 3077 -141.32 -40.27 49.49
CA GLN F 3077 -141.86 -39.68 50.72
C GLN F 3077 -141.21 -38.34 51.00
N GLY F 3078 -139.89 -38.24 50.79
CA GLY F 3078 -139.21 -36.97 50.80
C GLY F 3078 -138.04 -36.98 49.82
N GLN F 3079 -138.07 -36.05 48.86
CA GLN F 3079 -136.97 -35.88 47.92
C GLN F 3079 -135.62 -35.75 48.61
N PHE F 3080 -135.61 -35.38 49.89
CA PHE F 3080 -134.38 -35.25 50.65
C PHE F 3080 -133.59 -36.55 50.64
N THR F 3081 -132.28 -36.44 50.42
CA THR F 3081 -131.40 -37.60 50.42
C THR F 3081 -130.41 -37.54 51.58
N LYS F 3088 -130.86 -41.86 60.69
CA LYS F 3088 -129.86 -41.66 59.66
C LYS F 3088 -129.60 -42.95 58.87
N GLY F 3089 -130.33 -44.00 59.24
CA GLY F 3089 -130.12 -45.28 58.58
C GLY F 3089 -130.45 -45.25 57.09
N VAL F 3090 -131.59 -44.65 56.75
CA VAL F 3090 -131.96 -44.57 55.34
C VAL F 3090 -131.01 -43.65 54.58
N THR F 3091 -130.52 -42.59 55.23
CA THR F 3091 -129.51 -41.74 54.60
C THR F 3091 -128.23 -42.53 54.34
N GLN F 3092 -127.83 -43.38 55.28
CA GLN F 3092 -126.68 -44.25 55.05
C GLN F 3092 -126.95 -45.22 53.91
N ILE F 3093 -128.18 -45.71 53.79
CA ILE F 3093 -128.55 -46.55 52.66
C ILE F 3093 -128.40 -45.80 51.35
N ILE F 3094 -128.84 -44.54 51.32
CA ILE F 3094 -128.70 -43.71 50.12
C ILE F 3094 -127.23 -43.52 49.78
N ASN F 3095 -126.41 -43.29 50.81
CA ASN F 3095 -124.97 -43.14 50.59
C ASN F 3095 -124.37 -44.42 50.01
N TYR F 3096 -124.74 -45.56 50.58
CA TYR F 3096 -124.32 -46.86 50.05
C TYR F 3096 -124.71 -46.97 48.58
N THR F 3097 -125.95 -46.63 48.27
CA THR F 3097 -126.41 -46.67 46.88
C THR F 3097 -125.51 -45.81 46.00
N THR F 3098 -125.50 -44.51 46.23
CA THR F 3098 -124.83 -43.55 45.36
C THR F 3098 -123.32 -43.68 45.36
N VAL F 3099 -122.73 -44.45 46.27
CA VAL F 3099 -121.28 -44.63 46.32
C VAL F 3099 -120.87 -45.97 45.69
N ALA F 3100 -121.61 -47.03 45.95
CA ALA F 3100 -121.20 -48.35 45.50
C ALA F 3100 -122.24 -49.08 44.66
N LEU F 3101 -123.52 -48.95 45.01
CA LEU F 3101 -124.53 -49.80 44.39
C LEU F 3101 -124.73 -49.45 42.92
N LEU F 3102 -124.85 -48.15 42.62
CA LEU F 3102 -124.88 -47.75 41.21
C LEU F 3102 -123.58 -48.12 40.50
N PRO F 3103 -122.39 -47.86 41.06
CA PRO F 3103 -121.17 -48.35 40.40
C PRO F 3103 -121.12 -49.86 40.24
N MET F 3104 -121.50 -50.63 41.26
CA MET F 3104 -121.36 -52.08 41.14
C MET F 3104 -122.32 -52.62 40.09
N LEU F 3105 -123.56 -52.13 40.07
CA LEU F 3105 -124.52 -52.60 39.07
C LEU F 3105 -124.10 -52.15 37.68
N SER F 3106 -123.62 -50.91 37.55
CA SER F 3106 -123.12 -50.45 36.26
C SER F 3106 -122.00 -51.35 35.75
N SER F 3107 -121.02 -51.65 36.60
CA SER F 3107 -119.93 -52.52 36.18
C SER F 3107 -120.44 -53.91 35.83
N LEU F 3108 -121.35 -54.44 36.65
CA LEU F 3108 -121.86 -55.79 36.44
C LEU F 3108 -122.54 -55.91 35.08
N PHE F 3109 -123.47 -55.00 34.79
CA PHE F 3109 -124.23 -55.11 33.54
C PHE F 3109 -123.39 -54.71 32.33
N GLU F 3110 -122.48 -53.76 32.48
CA GLU F 3110 -121.60 -53.45 31.35
C GLU F 3110 -120.72 -54.64 31.02
N HIS F 3111 -120.21 -55.34 32.04
CA HIS F 3111 -119.40 -56.53 31.81
C HIS F 3111 -120.25 -57.66 31.23
N ILE F 3112 -121.49 -57.79 31.69
CA ILE F 3112 -122.39 -58.81 31.14
C ILE F 3112 -122.61 -58.56 29.66
N GLY F 3113 -122.81 -57.30 29.29
CA GLY F 3113 -122.94 -56.97 27.88
C GLY F 3113 -121.67 -57.23 27.09
N GLN F 3114 -120.52 -56.90 27.69
CA GLN F 3114 -119.24 -57.12 27.00
C GLN F 3114 -119.02 -58.60 26.72
N HIS F 3115 -119.32 -59.46 27.69
CA HIS F 3115 -119.13 -60.90 27.53
C HIS F 3115 -120.38 -61.60 26.99
N GLN F 3116 -121.42 -60.86 26.64
CA GLN F 3116 -122.64 -61.43 26.08
C GLN F 3116 -123.24 -62.46 27.02
N PHE F 3117 -123.45 -62.05 28.28
CA PHE F 3117 -123.95 -62.95 29.32
C PHE F 3117 -125.39 -62.65 29.71
N GLY F 3118 -126.09 -61.79 28.97
CA GLY F 3118 -127.44 -61.44 29.34
C GLY F 3118 -128.44 -62.55 29.05
N GLU F 3119 -128.04 -63.55 28.28
CA GLU F 3119 -128.94 -64.61 27.85
C GLU F 3119 -128.94 -65.83 28.77
N ASP F 3120 -128.12 -65.84 29.82
CA ASP F 3120 -128.06 -67.01 30.68
C ASP F 3120 -128.22 -66.68 32.16
N LEU F 3121 -127.66 -65.55 32.60
CA LEU F 3121 -127.74 -65.19 34.02
C LEU F 3121 -129.17 -64.82 34.42
N ILE F 3122 -129.85 -64.03 33.60
CA ILE F 3122 -131.11 -63.40 33.95
C ILE F 3122 -132.25 -64.05 33.16
N LEU F 3123 -132.83 -65.10 33.74
CA LEU F 3123 -133.98 -65.72 33.10
C LEU F 3123 -135.23 -65.76 34.00
N GLU F 3124 -135.08 -66.23 35.23
CA GLU F 3124 -136.21 -66.53 36.10
C GLU F 3124 -136.18 -65.64 37.34
N ASP F 3125 -137.07 -64.65 37.37
CA ASP F 3125 -137.26 -63.73 38.48
C ASP F 3125 -136.08 -62.77 38.59
N VAL F 3126 -134.99 -63.09 37.88
CA VAL F 3126 -133.91 -62.13 37.72
C VAL F 3126 -134.37 -61.02 36.78
N GLN F 3127 -135.18 -61.39 35.78
CA GLN F 3127 -135.82 -60.40 34.93
C GLN F 3127 -136.76 -59.52 35.73
N VAL F 3128 -137.45 -60.10 36.72
CA VAL F 3128 -138.34 -59.30 37.57
C VAL F 3128 -137.54 -58.33 38.42
N SER F 3129 -136.46 -58.81 39.05
CA SER F 3129 -135.62 -57.94 39.86
C SER F 3129 -135.01 -56.84 39.02
N CYS F 3130 -134.54 -57.15 37.81
CA CYS F 3130 -133.97 -56.12 36.96
C CYS F 3130 -135.03 -55.21 36.35
N TYR F 3131 -136.27 -55.65 36.23
CA TYR F 3131 -137.34 -54.73 35.88
C TYR F 3131 -137.62 -53.75 37.01
N ARG F 3132 -137.59 -54.22 38.25
CA ARG F 3132 -137.63 -53.30 39.38
C ARG F 3132 -136.47 -52.32 39.31
N ILE F 3133 -135.27 -52.82 38.99
CA ILE F 3133 -134.09 -51.97 38.86
C ILE F 3133 -134.29 -50.94 37.76
N LEU F 3134 -134.84 -51.38 36.63
CA LEU F 3134 -135.07 -50.49 35.50
C LEU F 3134 -136.04 -49.38 35.85
N THR F 3135 -137.18 -49.75 36.47
CA THR F 3135 -138.14 -48.75 36.90
C THR F 3135 -137.52 -47.77 37.88
N SER F 3136 -136.73 -48.28 38.83
CA SER F 3136 -136.09 -47.43 39.82
C SER F 3136 -135.13 -46.45 39.16
N LEU F 3137 -134.24 -46.95 38.31
CA LEU F 3137 -133.21 -46.11 37.73
C LEU F 3137 -133.81 -45.12 36.75
N TYR F 3138 -134.85 -45.52 36.03
CA TYR F 3138 -135.56 -44.58 35.17
C TYR F 3138 -136.29 -43.54 35.99
N ALA F 3139 -136.78 -43.92 37.18
CA ALA F 3139 -137.42 -42.96 38.06
C ALA F 3139 -136.42 -41.90 38.51
N LEU F 3140 -135.19 -42.30 38.86
CA LEU F 3140 -134.18 -41.29 39.15
C LEU F 3140 -133.87 -40.44 37.92
N GLY F 3141 -133.73 -41.08 36.76
CA GLY F 3141 -133.41 -40.35 35.56
C GLY F 3141 -134.46 -39.37 35.11
N THR F 3142 -135.72 -39.59 35.49
CA THR F 3142 -136.78 -38.65 35.21
C THR F 3142 -137.19 -37.82 36.41
N SER F 3143 -136.57 -38.01 37.56
CA SER F 3143 -136.92 -37.24 38.74
C SER F 3143 -136.43 -35.81 38.62
N LYS F 3144 -137.20 -34.89 39.20
CA LYS F 3144 -136.88 -33.46 39.17
C LYS F 3144 -136.25 -32.99 40.48
N SER F 3145 -135.83 -33.92 41.34
CA SER F 3145 -135.27 -33.56 42.63
C SER F 3145 -133.95 -32.83 42.46
N ILE F 3146 -133.74 -31.80 43.28
CA ILE F 3146 -132.43 -31.16 43.34
C ILE F 3146 -131.41 -32.13 43.92
N TYR F 3147 -131.87 -33.03 44.80
CA TYR F 3147 -130.97 -33.97 45.46
C TYR F 3147 -130.44 -35.01 44.48
N VAL F 3148 -131.26 -35.41 43.51
CA VAL F 3148 -130.89 -36.49 42.60
C VAL F 3148 -129.96 -35.95 41.53
N GLU F 3149 -129.68 -34.64 41.58
CA GLU F 3149 -128.94 -34.00 40.50
C GLU F 3149 -127.44 -34.32 40.54
N ARG F 3150 -126.83 -34.35 41.72
CA ARG F 3150 -125.37 -34.41 41.75
C ARG F 3150 -124.88 -35.85 41.60
N GLN F 3151 -125.80 -36.81 41.63
CA GLN F 3151 -125.44 -38.16 41.18
C GLN F 3151 -126.07 -38.50 39.84
N ARG F 3152 -126.65 -37.51 39.16
CA ARG F 3152 -127.30 -37.77 37.88
C ARG F 3152 -126.29 -38.24 36.84
N SER F 3153 -125.04 -37.79 36.94
CA SER F 3153 -124.01 -38.25 36.02
C SER F 3153 -123.78 -39.75 36.15
N ALA F 3154 -123.67 -40.24 37.39
CA ALA F 3154 -123.54 -41.67 37.61
C ALA F 3154 -124.83 -42.39 37.22
N LEU F 3155 -125.97 -41.73 37.39
CA LEU F 3155 -127.24 -42.31 36.99
C LEU F 3155 -127.28 -42.58 35.50
N GLY F 3156 -126.80 -41.63 34.69
CA GLY F 3156 -126.77 -41.81 33.26
C GLY F 3156 -125.90 -42.95 32.79
N GLU F 3157 -124.70 -43.10 33.37
CA GLU F 3157 -123.81 -44.19 33.00
C GLU F 3157 -124.27 -45.54 33.55
N CYS F 3158 -125.03 -45.54 34.65
CA CYS F 3158 -125.61 -46.78 35.14
C CYS F 3158 -126.80 -47.22 34.31
N LEU F 3159 -127.64 -46.28 33.86
CA LEU F 3159 -128.79 -46.65 33.05
C LEU F 3159 -128.37 -47.21 31.71
N ALA F 3160 -127.35 -46.60 31.08
CA ALA F 3160 -126.83 -47.12 29.83
C ALA F 3160 -126.22 -48.51 30.02
N ALA F 3161 -125.47 -48.70 31.11
CA ALA F 3161 -124.88 -50.01 31.38
C ALA F 3161 -125.96 -51.07 31.59
N PHE F 3162 -127.03 -50.72 32.31
CA PHE F 3162 -128.15 -51.64 32.46
C PHE F 3162 -128.78 -51.97 31.13
N ALA F 3163 -129.12 -50.95 30.34
CA ALA F 3163 -129.75 -51.19 29.05
C ALA F 3163 -128.77 -51.80 28.05
N GLY F 3164 -127.47 -51.75 28.35
CA GLY F 3164 -126.50 -52.36 27.47
C GLY F 3164 -126.54 -53.87 27.49
N ALA F 3165 -127.06 -54.44 28.58
CA ALA F 3165 -127.17 -55.88 28.73
C ALA F 3165 -128.51 -56.22 29.37
N PHE F 3166 -129.39 -56.84 28.60
CA PHE F 3166 -130.69 -57.24 29.14
C PHE F 3166 -131.25 -58.32 28.22
N PRO F 3167 -131.79 -59.42 28.76
CA PRO F 3167 -132.09 -60.60 27.93
C PRO F 3167 -133.15 -60.38 26.86
N VAL F 3168 -134.07 -59.44 27.05
CA VAL F 3168 -135.17 -59.22 26.11
C VAL F 3168 -135.20 -57.75 25.73
N ALA F 3169 -135.69 -57.46 24.53
CA ALA F 3169 -135.82 -56.08 24.09
C ALA F 3169 -136.96 -55.41 24.84
N PHE F 3170 -136.62 -54.65 25.88
CA PHE F 3170 -137.64 -54.08 26.75
C PHE F 3170 -138.35 -52.88 26.13
N LEU F 3171 -138.18 -52.63 24.83
CA LEU F 3171 -138.88 -51.56 24.15
C LEU F 3171 -139.63 -52.04 22.91
N GLU F 3172 -139.80 -53.35 22.75
CA GLU F 3172 -140.49 -53.95 21.62
C GLU F 3172 -141.72 -54.71 22.09
N THR F 3173 -142.51 -54.06 22.96
CA THR F 3173 -143.63 -54.71 23.62
C THR F 3173 -144.56 -55.38 22.62
N HIS F 3174 -144.84 -54.73 21.50
CA HIS F 3174 -145.78 -55.27 20.53
C HIS F 3174 -145.23 -56.50 19.83
N LEU F 3175 -143.91 -56.67 19.84
CA LEU F 3175 -143.28 -57.87 19.28
C LEU F 3175 -142.39 -58.59 20.27
N ASP F 3176 -142.54 -58.32 21.57
CA ASP F 3176 -141.78 -59.08 22.56
C ASP F 3176 -142.26 -60.52 22.68
N LYS F 3177 -143.44 -60.82 22.16
CA LYS F 3177 -143.88 -62.21 22.08
C LYS F 3177 -142.93 -63.02 21.21
N HIS F 3178 -142.28 -62.37 20.24
CA HIS F 3178 -141.41 -63.08 19.32
C HIS F 3178 -140.17 -63.63 20.00
N ASN F 3179 -139.82 -63.10 21.17
CA ASN F 3179 -138.65 -63.58 21.90
C ASN F 3179 -139.04 -64.76 22.77
N ILE F 3180 -138.37 -65.90 22.55
CA ILE F 3180 -138.59 -67.07 23.39
C ILE F 3180 -137.94 -66.87 24.76
N TYR F 3181 -136.90 -66.04 24.83
CA TYR F 3181 -136.22 -65.76 26.09
C TYR F 3181 -137.07 -64.90 27.01
N SER F 3182 -138.20 -64.39 26.52
CA SER F 3182 -139.08 -63.56 27.34
C SER F 3182 -139.54 -64.30 28.58
N ILE F 3183 -139.55 -63.59 29.71
CA ILE F 3183 -139.98 -64.22 30.96
C ILE F 3183 -141.42 -64.70 30.85
N TYR F 3184 -142.25 -64.01 30.07
CA TYR F 3184 -143.61 -64.49 29.84
C TYR F 3184 -143.61 -65.81 29.10
N ASN F 3185 -142.76 -65.93 28.08
CA ASN F 3185 -142.66 -67.18 27.34
C ASN F 3185 -142.19 -68.31 28.25
N THR F 3186 -141.22 -68.02 29.11
CA THR F 3186 -140.70 -69.03 30.03
C THR F 3186 -141.75 -69.45 31.05
N LYS F 3187 -142.50 -68.48 31.60
CA LYS F 3187 -143.47 -68.74 32.65
C LYS F 3187 -144.82 -69.19 32.13
N SER F 3188 -145.00 -69.21 30.80
CA SER F 3188 -146.26 -69.64 30.17
C SER F 3188 -147.40 -68.84 30.78
N SER F 3189 -148.46 -69.47 31.29
CA SER F 3189 -149.59 -68.75 31.86
C SER F 3189 -149.79 -69.01 33.34
N ARG F 3190 -149.91 -70.28 33.77
CA ARG F 3190 -150.13 -70.55 35.18
C ARG F 3190 -148.95 -70.09 36.03
N GLU F 3191 -147.72 -70.32 35.55
CA GLU F 3191 -146.55 -69.89 36.32
C GLU F 3191 -146.43 -68.37 36.29
N ARG F 3192 -146.79 -67.76 35.17
CA ARG F 3192 -146.87 -66.31 35.09
C ARG F 3192 -147.84 -65.73 36.11
N ALA F 3193 -148.94 -66.41 36.37
CA ALA F 3193 -149.88 -66.00 37.41
C ALA F 3193 -149.37 -66.32 38.81
N ALA F 3194 -148.72 -67.47 39.00
CA ALA F 3194 -148.19 -67.82 40.30
C ALA F 3194 -147.13 -66.82 40.75
N LEU F 3195 -146.25 -66.42 39.84
CA LEU F 3195 -145.36 -65.30 40.08
C LEU F 3195 -146.14 -64.00 39.96
N SER F 3196 -145.65 -62.95 40.61
CA SER F 3196 -146.31 -61.65 40.59
C SER F 3196 -146.01 -60.93 39.27
N LEU F 3197 -146.35 -61.61 38.17
CA LEU F 3197 -146.13 -61.08 36.83
C LEU F 3197 -147.39 -60.41 36.32
N PRO F 3198 -147.29 -59.19 35.79
CA PRO F 3198 -148.50 -58.47 35.35
C PRO F 3198 -149.13 -59.02 34.08
N THR F 3199 -148.51 -60.03 33.45
CA THR F 3199 -148.97 -60.74 32.26
C THR F 3199 -148.90 -59.89 31.00
N ASN F 3200 -148.54 -58.61 31.11
CA ASN F 3200 -148.33 -57.75 29.95
C ASN F 3200 -146.98 -57.06 30.12
N VAL F 3201 -146.18 -57.04 29.05
CA VAL F 3201 -144.89 -56.36 29.13
C VAL F 3201 -145.09 -54.86 29.30
N GLU F 3202 -146.10 -54.29 28.66
CA GLU F 3202 -146.45 -52.90 28.92
C GLU F 3202 -146.80 -52.71 30.40
N ASP F 3203 -147.36 -53.76 31.02
CA ASP F 3203 -147.76 -53.66 32.41
C ASP F 3203 -146.58 -53.84 33.36
N VAL F 3204 -145.53 -54.56 32.94
CA VAL F 3204 -144.37 -54.71 33.80
C VAL F 3204 -143.44 -53.52 33.65
N CYS F 3205 -143.55 -52.80 32.53
CA CYS F 3205 -142.82 -51.55 32.34
C CYS F 3205 -143.80 -50.45 31.95
N PRO F 3206 -144.66 -50.01 32.89
CA PRO F 3206 -145.62 -48.96 32.53
C PRO F 3206 -145.00 -47.58 32.44
N ASN F 3207 -144.14 -47.23 33.40
CA ASN F 3207 -143.64 -45.86 33.48
C ASN F 3207 -142.75 -45.51 32.29
N ILE F 3208 -141.80 -46.40 31.98
CA ILE F 3208 -140.90 -46.15 30.86
C ILE F 3208 -141.68 -46.30 29.55
N PRO F 3209 -141.59 -45.32 28.65
CA PRO F 3209 -142.36 -45.40 27.40
C PRO F 3209 -141.82 -46.45 26.46
N SER F 3210 -142.60 -46.81 25.45
CA SER F 3210 -142.15 -47.75 24.44
C SER F 3210 -141.09 -47.12 23.56
N LEU F 3211 -140.52 -47.94 22.66
CA LEU F 3211 -139.52 -47.42 21.74
C LEU F 3211 -140.11 -46.34 20.84
N GLU F 3212 -141.33 -46.55 20.36
CA GLU F 3212 -141.98 -45.56 19.51
C GLU F 3212 -142.23 -44.24 20.23
N LYS F 3213 -142.74 -44.31 21.47
CA LYS F 3213 -142.95 -43.09 22.24
C LYS F 3213 -141.63 -42.39 22.53
N LEU F 3214 -140.60 -43.16 22.86
CA LEU F 3214 -139.30 -42.58 23.12
C LEU F 3214 -138.73 -41.89 21.89
N MET F 3215 -138.85 -42.52 20.72
CA MET F 3215 -138.28 -41.92 19.51
C MET F 3215 -139.09 -40.73 19.02
N GLU F 3216 -140.42 -40.75 19.17
CA GLU F 3216 -141.18 -39.56 18.81
C GLU F 3216 -140.87 -38.41 19.78
N GLU F 3217 -140.64 -38.74 21.05
CA GLU F 3217 -140.13 -37.72 21.96
C GLU F 3217 -138.79 -37.19 21.47
N ILE F 3218 -137.93 -38.07 21.00
CA ILE F 3218 -136.61 -37.66 20.53
C ILE F 3218 -136.74 -36.69 19.36
N VAL F 3219 -137.60 -37.01 18.40
CA VAL F 3219 -137.70 -36.17 17.21
C VAL F 3219 -138.32 -34.82 17.57
N GLU F 3220 -139.33 -34.81 18.45
CA GLU F 3220 -139.88 -33.51 18.84
C GLU F 3220 -138.89 -32.73 19.69
N LEU F 3221 -138.01 -33.41 20.42
CA LEU F 3221 -136.96 -32.70 21.16
C LEU F 3221 -135.97 -32.05 20.20
N ALA F 3222 -135.60 -32.75 19.13
CA ALA F 3222 -134.71 -32.12 18.15
C ALA F 3222 -135.41 -30.97 17.46
N GLU F 3223 -136.71 -31.08 17.25
CA GLU F 3223 -137.48 -29.94 16.75
C GLU F 3223 -137.40 -28.76 17.70
N SER F 3224 -137.53 -29.03 19.01
CA SER F 3224 -137.51 -27.95 19.99
C SER F 3224 -136.12 -27.32 20.11
N GLY F 3225 -135.12 -28.13 20.44
CA GLY F 3225 -133.76 -27.66 20.63
C GLY F 3225 -133.61 -26.69 21.79
N ILE F 3226 -134.41 -26.88 22.85
CA ILE F 3226 -134.33 -26.02 24.01
C ILE F 3226 -133.20 -26.50 24.92
N ARG F 3227 -132.91 -25.71 25.95
CA ARG F 3227 -131.64 -25.83 26.66
C ARG F 3227 -131.67 -26.96 27.68
N TYR F 3228 -130.45 -27.41 28.05
CA TYR F 3228 -130.28 -28.57 28.91
C TYR F 3228 -130.91 -28.40 30.28
N THR F 3229 -130.85 -27.18 30.84
CA THR F 3229 -131.42 -26.98 32.16
C THR F 3229 -132.92 -27.23 32.19
N GLN F 3230 -133.65 -26.75 31.18
CA GLN F 3230 -135.10 -26.98 31.16
C GLN F 3230 -135.46 -28.37 30.67
N MET F 3231 -134.60 -29.01 29.86
CA MET F 3231 -134.80 -30.44 29.68
C MET F 3231 -133.52 -31.15 30.05
N PRO F 3232 -133.32 -31.56 31.28
CA PRO F 3232 -132.11 -32.31 31.62
C PRO F 3232 -132.22 -33.79 31.25
N HIS F 3233 -133.40 -34.37 31.50
CA HIS F 3233 -133.52 -35.82 31.66
C HIS F 3233 -133.07 -36.59 30.43
N VAL F 3234 -133.57 -36.21 29.25
CA VAL F 3234 -133.32 -37.02 28.07
C VAL F 3234 -131.83 -37.11 27.78
N MET F 3235 -131.20 -35.97 27.48
CA MET F 3235 -129.79 -36.03 27.12
C MET F 3235 -128.89 -36.25 28.33
N GLU F 3236 -129.46 -36.51 29.52
CA GLU F 3236 -128.55 -36.90 30.59
C GLU F 3236 -128.57 -38.40 30.84
N VAL F 3237 -129.73 -39.04 30.72
CA VAL F 3237 -129.86 -40.47 31.01
C VAL F 3237 -130.39 -41.25 29.81
N ILE F 3238 -131.41 -40.72 29.13
CA ILE F 3238 -132.17 -41.52 28.18
C ILE F 3238 -131.35 -41.80 26.93
N LEU F 3239 -130.72 -40.77 26.37
CA LEU F 3239 -129.93 -40.96 25.15
C LEU F 3239 -128.82 -42.00 25.33
N PRO F 3240 -128.07 -41.99 26.44
CA PRO F 3240 -127.12 -43.09 26.65
C PRO F 3240 -127.76 -44.46 26.63
N MET F 3241 -128.83 -44.65 27.41
CA MET F 3241 -129.49 -45.96 27.40
C MET F 3241 -130.20 -46.23 26.08
N LEU F 3242 -130.69 -45.18 25.42
CA LEU F 3242 -131.20 -45.37 24.05
C LEU F 3242 -130.13 -45.98 23.16
N CYS F 3243 -128.94 -45.37 23.12
CA CYS F 3243 -127.89 -45.87 22.26
C CYS F 3243 -127.45 -47.27 22.66
N SER F 3244 -127.38 -47.54 23.97
CA SER F 3244 -127.01 -48.88 24.41
C SER F 3244 -128.02 -49.92 23.96
N TYR F 3245 -129.31 -49.59 24.07
CA TYR F 3245 -130.36 -50.50 23.58
C TYR F 3245 -130.25 -50.66 22.07
N MET F 3246 -129.93 -49.56 21.38
CA MET F 3246 -129.82 -49.59 19.93
C MET F 3246 -128.73 -50.56 19.50
N SER F 3247 -127.58 -50.49 20.16
CA SER F 3247 -126.50 -51.43 19.90
C SER F 3247 -126.85 -52.84 20.32
N ARG F 3248 -127.53 -53.01 21.45
CA ARG F 3248 -127.93 -54.32 21.95
C ARG F 3248 -128.83 -55.06 20.99
N TRP F 3249 -129.75 -54.37 20.33
CA TRP F 3249 -130.69 -55.03 19.44
C TRP F 3249 -130.50 -54.62 17.98
N TRP F 3250 -129.34 -54.04 17.66
CA TRP F 3250 -129.06 -53.65 16.29
C TRP F 3250 -128.99 -54.86 15.36
N GLU F 3251 -128.28 -55.90 15.77
CA GLU F 3251 -128.19 -57.11 14.96
C GLU F 3251 -129.54 -57.80 14.84
N HIS F 3252 -130.40 -57.63 15.85
CA HIS F 3252 -131.73 -58.23 15.80
C HIS F 3252 -132.64 -57.53 14.82
N GLY F 3253 -132.29 -56.33 14.37
CA GLY F 3253 -133.06 -55.61 13.40
C GLY F 3253 -133.09 -56.33 12.07
N PRO F 3254 -134.26 -56.39 11.44
CA PRO F 3254 -134.40 -57.18 10.21
C PRO F 3254 -133.46 -56.77 9.09
N GLU F 3255 -133.02 -55.50 9.07
CA GLU F 3255 -132.01 -55.10 8.10
C GLU F 3255 -130.71 -55.86 8.34
N ASN F 3256 -130.38 -56.11 9.60
CA ASN F 3256 -129.13 -56.81 9.93
C ASN F 3256 -129.30 -58.32 9.81
N ASN F 3257 -130.43 -58.85 10.26
CA ASN F 3257 -130.74 -60.26 10.03
C ASN F 3257 -131.96 -60.39 9.13
N PRO F 3258 -131.78 -60.54 7.81
CA PRO F 3258 -132.94 -60.62 6.92
C PRO F 3258 -133.83 -61.83 7.17
N GLU F 3259 -133.23 -62.97 7.53
CA GLU F 3259 -134.02 -64.16 7.83
C GLU F 3259 -134.83 -63.95 9.10
N ARG F 3260 -135.92 -64.70 9.21
CA ARG F 3260 -136.80 -64.65 10.39
C ARG F 3260 -137.37 -63.26 10.59
N ALA F 3261 -137.57 -62.54 9.49
CA ALA F 3261 -138.29 -61.26 9.50
C ALA F 3261 -139.78 -61.49 9.65
N GLU F 3262 -140.50 -60.40 10.00
CA GLU F 3262 -141.86 -60.41 10.54
C GLU F 3262 -141.98 -61.38 11.72
N MET F 3263 -140.88 -62.02 12.08
CA MET F 3263 -140.82 -62.86 13.26
C MET F 3263 -139.84 -62.27 14.26
N CYS F 3264 -139.13 -61.23 13.85
CA CYS F 3264 -138.13 -60.61 14.71
C CYS F 3264 -138.78 -59.94 15.91
N CYS F 3265 -138.17 -60.13 17.08
CA CYS F 3265 -138.65 -59.45 18.27
C CYS F 3265 -138.47 -57.95 18.14
N THR F 3266 -137.36 -57.52 17.55
CA THR F 3266 -137.04 -56.10 17.37
C THR F 3266 -137.28 -55.73 15.92
N ALA F 3267 -138.20 -54.80 15.69
CA ALA F 3267 -138.41 -54.25 14.36
C ALA F 3267 -137.53 -53.01 14.20
N LEU F 3268 -136.26 -53.20 14.53
CA LEU F 3268 -135.28 -52.11 14.45
C LEU F 3268 -135.03 -51.74 12.99
N ASN F 3269 -134.62 -50.49 12.77
CA ASN F 3269 -134.34 -49.99 11.44
C ASN F 3269 -133.01 -49.24 11.45
N SER F 3270 -132.17 -49.53 10.46
CA SER F 3270 -130.89 -48.82 10.36
C SER F 3270 -131.09 -47.36 10.00
N GLU F 3271 -132.09 -47.06 9.16
CA GLU F 3271 -132.42 -45.67 8.92
C GLU F 3271 -132.92 -45.00 10.18
N HIS F 3272 -133.67 -45.73 11.00
CA HIS F 3272 -134.04 -45.21 12.32
C HIS F 3272 -132.80 -44.94 13.15
N MET F 3273 -131.79 -45.80 13.03
CA MET F 3273 -130.55 -45.61 13.78
C MET F 3273 -129.89 -44.31 13.36
N ASN F 3274 -129.83 -44.09 12.04
CA ASN F 3274 -129.22 -42.89 11.49
C ASN F 3274 -130.00 -41.65 11.89
N THR F 3275 -131.34 -41.75 11.90
CA THR F 3275 -132.15 -40.61 12.34
C THR F 3275 -131.91 -40.30 13.81
N LEU F 3276 -131.79 -41.32 14.65
CA LEU F 3276 -131.48 -41.07 16.06
C LEU F 3276 -130.13 -40.39 16.19
N LEU F 3277 -129.14 -40.85 15.43
CA LEU F 3277 -127.83 -40.22 15.47
C LEU F 3277 -127.89 -38.76 15.01
N GLY F 3278 -128.61 -38.49 13.94
CA GLY F 3278 -128.76 -37.12 13.46
C GLY F 3278 -129.51 -36.23 14.42
N ASN F 3279 -130.53 -36.78 15.08
CA ASN F 3279 -131.22 -36.03 16.12
C ASN F 3279 -130.25 -35.66 17.23
N ILE F 3280 -129.41 -36.62 17.62
CA ILE F 3280 -128.35 -36.34 18.60
C ILE F 3280 -127.45 -35.23 18.10
N LEU F 3281 -127.10 -35.26 16.81
CA LEU F 3281 -126.28 -34.20 16.25
C LEU F 3281 -126.93 -32.83 16.33
N LYS F 3282 -128.22 -32.74 15.98
CA LYS F 3282 -128.92 -31.46 16.08
C LYS F 3282 -128.92 -30.94 17.51
N ILE F 3283 -129.35 -31.79 18.45
CA ILE F 3283 -129.40 -31.35 19.83
C ILE F 3283 -128.00 -31.05 20.36
N ILE F 3284 -126.98 -31.66 19.77
CA ILE F 3284 -125.62 -31.39 20.24
C ILE F 3284 -125.12 -30.07 19.68
N TYR F 3285 -125.59 -29.68 18.48
CA TYR F 3285 -125.30 -28.33 18.04
C TYR F 3285 -125.97 -27.31 18.95
N ASN F 3286 -127.21 -27.60 19.37
CA ASN F 3286 -127.85 -26.70 20.33
C ASN F 3286 -127.07 -26.67 21.64
N ASN F 3287 -126.56 -27.81 22.10
CA ASN F 3287 -125.75 -27.83 23.30
C ASN F 3287 -124.46 -27.01 23.14
N LEU F 3288 -123.79 -27.14 22.00
CA LEU F 3288 -122.61 -26.32 21.74
C LEU F 3288 -122.95 -24.84 21.69
N GLY F 3289 -124.14 -24.48 21.22
CA GLY F 3289 -124.57 -23.10 21.26
C GLY F 3289 -124.97 -22.60 22.63
N ILE F 3290 -125.39 -23.49 23.53
CA ILE F 3290 -125.82 -23.08 24.87
C ILE F 3290 -124.69 -23.29 25.87
N ASP F 3291 -123.46 -23.36 25.35
CA ASP F 3291 -122.23 -23.40 26.15
C ASP F 3291 -122.03 -24.78 26.80
N GLU F 3292 -123.04 -25.65 26.72
CA GLU F 3292 -122.97 -27.06 27.07
C GLU F 3292 -122.33 -27.33 28.43
N GLY F 3293 -121.94 -28.58 28.66
CA GLY F 3293 -121.10 -28.94 29.79
C GLY F 3293 -120.18 -30.09 29.41
N ALA F 3294 -119.83 -30.93 30.38
CA ALA F 3294 -119.12 -32.17 30.09
C ALA F 3294 -120.05 -33.37 30.01
N TRP F 3295 -121.29 -33.21 30.49
CA TRP F 3295 -122.32 -34.24 30.32
C TRP F 3295 -122.50 -34.58 28.86
N MET F 3296 -122.37 -33.59 27.97
CA MET F 3296 -122.50 -33.87 26.54
C MET F 3296 -121.28 -34.59 25.99
N LYS F 3297 -120.11 -34.32 26.58
CA LYS F 3297 -118.92 -35.10 26.21
C LYS F 3297 -119.08 -36.56 26.61
N ARG F 3298 -119.64 -36.79 27.80
CA ARG F 3298 -119.97 -38.16 28.20
C ARG F 3298 -121.02 -38.77 27.28
N LEU F 3299 -121.98 -37.96 26.82
CA LEU F 3299 -122.89 -38.44 25.79
C LEU F 3299 -122.16 -38.88 24.54
N ALA F 3300 -121.20 -38.09 24.10
CA ALA F 3300 -120.45 -38.43 22.89
C ALA F 3300 -119.68 -39.73 23.08
N VAL F 3301 -119.05 -39.90 24.24
CA VAL F 3301 -118.29 -41.13 24.43
C VAL F 3301 -119.21 -42.33 24.63
N PHE F 3302 -120.43 -42.10 25.11
CA PHE F 3302 -121.41 -43.19 25.18
C PHE F 3302 -121.90 -43.57 23.79
N SER F 3303 -122.04 -42.59 22.90
CA SER F 3303 -122.55 -42.81 21.57
C SER F 3303 -121.46 -43.18 20.57
N GLN F 3304 -120.19 -43.18 21.01
CA GLN F 3304 -119.11 -43.63 20.12
C GLN F 3304 -119.39 -44.99 19.50
N PRO F 3305 -119.89 -46.00 20.22
CA PRO F 3305 -120.22 -47.27 19.54
C PRO F 3305 -121.21 -47.10 18.40
N ILE F 3306 -122.19 -46.20 18.53
CA ILE F 3306 -123.15 -46.01 17.46
C ILE F 3306 -122.48 -45.42 16.22
N ILE F 3307 -121.64 -44.39 16.43
CA ILE F 3307 -120.89 -43.82 15.30
C ILE F 3307 -119.79 -44.73 14.83
N ASN F 3308 -119.56 -45.86 15.52
CA ASN F 3308 -118.73 -46.93 14.98
C ASN F 3308 -119.50 -47.90 14.11
N LYS F 3309 -120.68 -48.35 14.55
CA LYS F 3309 -121.50 -49.19 13.67
C LYS F 3309 -122.04 -48.44 12.46
N VAL F 3310 -122.11 -47.11 12.50
CA VAL F 3310 -122.61 -46.38 11.34
C VAL F 3310 -121.65 -46.59 10.17
N LYS F 3311 -122.21 -46.64 8.95
CA LYS F 3311 -121.45 -47.08 7.78
C LYS F 3311 -120.57 -45.94 7.24
N PRO F 3312 -119.52 -46.29 6.49
CA PRO F 3312 -118.66 -45.25 5.91
C PRO F 3312 -119.36 -44.36 4.91
N GLN F 3313 -120.13 -44.93 3.97
CA GLN F 3313 -120.95 -44.09 3.10
C GLN F 3313 -121.92 -43.26 3.92
N LEU F 3314 -122.32 -43.77 5.10
CA LEU F 3314 -123.09 -42.96 6.03
C LEU F 3314 -122.20 -41.96 6.75
N LEU F 3315 -120.93 -42.32 7.00
CA LEU F 3315 -120.01 -41.38 7.63
C LEU F 3315 -119.87 -40.12 6.79
N LYS F 3316 -119.68 -40.28 5.48
CA LYS F 3316 -119.54 -39.13 4.60
C LYS F 3316 -120.87 -38.38 4.53
N THR F 3317 -120.77 -37.05 4.37
CA THR F 3317 -121.92 -36.14 4.25
C THR F 3317 -122.79 -36.15 5.50
N HIS F 3318 -122.36 -36.81 6.57
CA HIS F 3318 -123.11 -36.77 7.82
C HIS F 3318 -122.20 -36.32 8.97
N PHE F 3319 -120.96 -36.78 8.97
CA PHE F 3319 -119.99 -36.31 9.96
C PHE F 3319 -119.12 -35.18 9.46
N LEU F 3320 -118.79 -35.13 8.17
CA LEU F 3320 -118.10 -33.97 7.64
C LEU F 3320 -118.94 -32.73 7.96
N PRO F 3321 -120.26 -32.78 7.81
CA PRO F 3321 -121.09 -31.74 8.44
C PRO F 3321 -120.85 -31.59 9.93
N LEU F 3322 -120.67 -32.70 10.65
CA LEU F 3322 -120.47 -32.60 12.09
C LEU F 3322 -119.14 -31.92 12.41
N MET F 3323 -118.06 -32.31 11.70
CA MET F 3323 -116.82 -31.55 11.90
C MET F 3323 -116.95 -30.09 11.50
N GLU F 3324 -117.74 -29.75 10.47
CA GLU F 3324 -117.77 -28.34 10.09
C GLU F 3324 -118.62 -27.52 11.06
N LYS F 3325 -119.70 -28.10 11.59
CA LYS F 3325 -120.37 -27.46 12.73
C LYS F 3325 -119.42 -27.27 13.90
N LEU F 3326 -118.70 -28.32 14.28
CA LEU F 3326 -117.78 -28.22 15.41
C LEU F 3326 -116.71 -27.17 15.18
N LYS F 3327 -116.20 -27.08 13.95
CA LYS F 3327 -115.07 -26.19 13.68
C LYS F 3327 -115.51 -24.77 13.37
N LYS F 3328 -116.79 -24.55 13.03
CA LYS F 3328 -117.27 -23.18 13.06
C LYS F 3328 -117.53 -22.75 14.50
N LYS F 3329 -117.96 -23.69 15.34
CA LYS F 3329 -117.93 -23.50 16.79
C LYS F 3329 -116.67 -24.13 17.38
N ALA F 3330 -115.52 -23.76 16.79
CA ALA F 3330 -114.25 -24.38 17.15
C ALA F 3330 -113.88 -24.08 18.59
N ALA F 3331 -114.39 -22.99 19.16
CA ALA F 3331 -114.07 -22.61 20.54
C ALA F 3331 -114.85 -23.49 21.52
N THR F 3332 -114.61 -24.80 21.42
CA THR F 3332 -115.24 -25.80 22.27
C THR F 3332 -114.21 -26.79 22.76
N VAL F 3333 -114.29 -27.11 24.05
CA VAL F 3333 -113.43 -28.14 24.62
C VAL F 3333 -113.82 -29.52 24.08
N VAL F 3334 -115.02 -29.62 23.49
CA VAL F 3334 -115.55 -30.90 23.06
C VAL F 3334 -114.70 -31.46 21.93
N SER F 3335 -114.30 -32.72 22.08
CA SER F 3335 -113.53 -33.43 21.06
C SER F 3335 -114.43 -34.52 20.47
N GLU F 3336 -115.20 -34.16 19.44
CA GLU F 3336 -116.02 -35.14 18.74
C GLU F 3336 -115.13 -36.20 18.11
N GLU F 3337 -115.53 -37.46 18.26
CA GLU F 3337 -114.72 -38.59 17.80
C GLU F 3337 -113.32 -38.56 18.41
N VAL F 3599 -91.24 -23.38 49.95
CA VAL F 3599 -91.28 -22.84 48.59
C VAL F 3599 -91.00 -21.34 48.63
N VAL F 3600 -91.98 -20.57 49.12
CA VAL F 3600 -91.78 -19.13 49.27
C VAL F 3600 -90.70 -18.86 50.30
N ALA F 3601 -90.71 -19.61 51.42
CA ALA F 3601 -89.68 -19.45 52.43
C ALA F 3601 -88.31 -19.86 51.89
N CYS F 3602 -88.27 -20.89 51.04
CA CYS F 3602 -87.00 -21.29 50.44
C CYS F 3602 -86.46 -20.23 49.49
N PHE F 3603 -87.34 -19.65 48.66
CA PHE F 3603 -86.92 -18.56 47.79
C PHE F 3603 -86.45 -17.36 48.60
N ARG F 3604 -87.18 -17.00 49.65
CA ARG F 3604 -86.72 -15.97 50.57
C ARG F 3604 -85.52 -16.48 51.36
N MET F 3605 -84.71 -15.56 51.84
CA MET F 3605 -83.75 -15.86 52.90
C MET F 3605 -84.27 -15.15 54.15
N ALA F 3606 -83.47 -15.15 55.20
CA ALA F 3606 -83.82 -14.38 56.39
C ALA F 3606 -83.92 -12.90 56.02
N PRO F 3607 -85.05 -12.26 56.26
CA PRO F 3607 -85.16 -10.82 55.98
C PRO F 3607 -84.80 -9.95 57.17
N LEU F 3608 -84.67 -8.65 56.92
CA LEU F 3608 -84.23 -7.74 57.98
C LEU F 3608 -85.24 -7.70 59.12
N TYR F 3609 -86.53 -7.67 58.80
CA TYR F 3609 -87.54 -7.58 59.85
C TYR F 3609 -87.58 -8.82 60.72
N ASN F 3610 -87.09 -9.95 60.20
CA ASN F 3610 -86.97 -11.17 60.98
C ASN F 3610 -85.62 -11.29 61.67
N LEU F 3611 -84.61 -10.56 61.22
CA LEU F 3611 -83.32 -10.59 61.91
C LEU F 3611 -83.44 -9.93 63.28
N PRO F 3612 -82.68 -10.39 64.27
CA PRO F 3612 -82.70 -9.74 65.58
C PRO F 3612 -82.17 -8.32 65.51
N ARG F 3613 -82.55 -7.52 66.50
CA ARG F 3613 -82.24 -6.09 66.46
C ARG F 3613 -80.74 -5.82 66.45
N HIS F 3614 -79.97 -6.55 67.27
CA HIS F 3614 -78.54 -6.27 67.38
C HIS F 3614 -77.79 -6.67 66.11
N ARG F 3615 -78.18 -7.80 65.51
CA ARG F 3615 -77.59 -8.18 64.23
C ARG F 3615 -77.87 -7.14 63.17
N ALA F 3616 -79.11 -6.67 63.11
CA ALA F 3616 -79.48 -5.65 62.15
C ALA F 3616 -78.73 -4.35 62.43
N VAL F 3617 -78.47 -4.06 63.70
CA VAL F 3617 -77.75 -2.84 64.06
C VAL F 3617 -76.30 -2.91 63.59
N ASN F 3618 -75.66 -4.06 63.80
CA ASN F 3618 -74.30 -4.23 63.30
C ASN F 3618 -74.25 -4.09 61.78
N LEU F 3619 -75.19 -4.74 61.10
CA LEU F 3619 -75.29 -4.59 59.66
C LEU F 3619 -75.44 -3.13 59.27
N PHE F 3620 -76.35 -2.41 59.93
CA PHE F 3620 -76.61 -1.02 59.58
C PHE F 3620 -75.39 -0.16 59.83
N LEU F 3621 -74.64 -0.44 60.89
CA LEU F 3621 -73.42 0.32 61.13
C LEU F 3621 -72.44 0.14 59.99
N GLN F 3622 -72.22 -1.10 59.56
CA GLN F 3622 -71.30 -1.33 58.45
C GLN F 3622 -71.80 -0.66 57.17
N GLY F 3623 -73.10 -0.78 56.91
CA GLY F 3623 -73.65 -0.18 55.70
C GLY F 3623 -73.56 1.33 55.70
N TYR F 3624 -73.85 1.93 56.85
CA TYR F 3624 -73.74 3.38 57.00
C TYR F 3624 -72.30 3.83 56.81
N GLU F 3625 -71.36 3.07 57.36
CA GLU F 3625 -69.94 3.42 57.19
C GLU F 3625 -69.54 3.40 55.73
N LYS F 3626 -69.95 2.36 54.99
CA LYS F 3626 -69.50 2.27 53.60
C LYS F 3626 -70.28 3.22 52.69
N SER F 3627 -71.53 3.53 53.02
CA SER F 3627 -72.37 4.26 52.08
C SER F 3627 -72.34 5.76 52.32
N TRP F 3628 -72.21 6.17 53.59
CA TRP F 3628 -72.36 7.58 53.95
C TRP F 3628 -71.04 8.16 54.45
N ILE F 3629 -70.43 7.55 55.45
CA ILE F 3629 -69.23 8.13 56.07
C ILE F 3629 -68.08 8.16 55.07
N GLU F 3630 -67.84 7.03 54.39
CA GLU F 3630 -66.73 6.96 53.46
C GLU F 3630 -66.94 7.91 52.27
N THR F 3631 -68.16 7.96 51.76
CA THR F 3631 -68.42 8.76 50.57
C THR F 3631 -68.36 10.26 50.87
N GLU F 3632 -68.57 10.64 52.13
CA GLU F 3632 -68.51 12.05 52.50
C GLU F 3632 -67.11 12.58 52.26
N GLU F 3633 -67.02 13.73 51.59
CA GLU F 3633 -65.75 14.35 51.24
C GLU F 3633 -65.76 15.81 51.62
N HIS F 3634 -64.69 16.27 52.24
CA HIS F 3634 -64.50 17.67 52.60
C HIS F 3634 -63.11 18.10 52.17
N TYR F 3635 -63.01 19.30 51.60
CA TYR F 3635 -61.77 19.80 51.02
C TYR F 3635 -61.11 20.73 52.03
N PHE F 3636 -59.97 20.29 52.56
CA PHE F 3636 -59.22 21.06 53.54
C PHE F 3636 -57.74 21.14 53.23
N GLU F 3637 -57.27 20.46 52.18
CA GLU F 3637 -55.85 20.33 51.93
C GLU F 3637 -55.20 21.67 51.67
N ASP F 3638 -55.83 22.49 50.82
CA ASP F 3638 -55.21 23.76 50.43
C ASP F 3638 -55.09 24.69 51.63
N LYS F 3639 -56.17 24.83 52.41
CA LYS F 3639 -56.11 25.72 53.57
C LYS F 3639 -55.16 25.19 54.63
N LEU F 3640 -55.13 23.88 54.83
CA LEU F 3640 -54.19 23.31 55.80
C LEU F 3640 -52.74 23.58 55.39
N ILE F 3641 -52.43 23.39 54.10
CA ILE F 3641 -51.07 23.60 53.64
C ILE F 3641 -50.72 25.09 53.73
N GLU F 3642 -51.67 25.97 53.43
CA GLU F 3642 -51.40 27.40 53.56
C GLU F 3642 -51.12 27.78 55.01
N ASP F 3643 -51.92 27.26 55.94
CA ASP F 3643 -51.70 27.55 57.35
C ASP F 3643 -50.35 27.03 57.82
N LEU F 3644 -49.97 25.82 57.39
CA LEU F 3644 -48.67 25.29 57.77
C LEU F 3644 -47.54 26.10 57.15
N ALA F 3645 -47.72 26.57 55.92
CA ALA F 3645 -46.65 27.29 55.23
C ALA F 3645 -46.50 28.70 55.76
N LYS F 3646 -47.55 29.27 56.35
CA LYS F 3646 -47.45 30.63 56.87
C LYS F 3646 -46.37 30.71 57.95
N PRO F 3647 -45.45 31.66 57.87
CA PRO F 3647 -44.62 31.96 59.04
C PRO F 3647 -45.49 32.59 60.11
N GLY F 3648 -45.76 31.85 61.18
CA GLY F 3648 -46.78 32.25 62.12
C GLY F 3648 -46.35 33.41 63.00
N ALA F 3649 -46.30 34.60 62.40
CA ALA F 3649 -45.74 35.78 63.05
C ALA F 3649 -44.30 35.55 63.48
N GLU F 3650 -43.57 34.74 62.71
CA GLU F 3650 -42.17 34.45 63.05
C GLU F 3650 -41.28 35.68 62.98
N PRO F 3651 -41.31 36.51 61.93
CA PRO F 3651 -40.51 37.75 61.94
C PRO F 3651 -40.93 38.68 63.07
N PRO F 3652 -42.24 38.81 63.38
CA PRO F 3652 -42.59 39.54 64.61
C PRO F 3652 -41.99 38.93 65.86
N GLU F 3653 -41.87 37.61 65.93
CA GLU F 3653 -41.18 36.98 67.04
C GLU F 3653 -39.70 37.33 66.99
N GLU F 3654 -39.17 37.82 68.11
CA GLU F 3654 -37.79 38.32 68.17
C GLU F 3654 -36.85 37.15 68.42
N ASP F 3655 -36.29 36.64 67.31
CA ASP F 3655 -35.30 35.57 67.41
C ASP F 3655 -33.88 36.13 67.30
N GLU F 3656 -33.71 37.23 66.56
CA GLU F 3656 -32.40 37.79 66.26
C GLU F 3656 -31.44 36.72 65.75
N GLY F 3657 -31.87 36.00 64.73
CA GLY F 3657 -31.06 34.94 64.16
C GLY F 3657 -31.58 34.53 62.81
N THR F 3658 -31.13 33.35 62.38
CA THR F 3658 -31.56 32.80 61.09
C THR F 3658 -33.05 32.54 61.09
N LYS F 3659 -33.67 32.66 59.91
CA LYS F 3659 -35.10 32.47 59.75
C LYS F 3659 -35.53 31.09 60.25
N ARG F 3660 -36.47 31.07 61.19
CA ARG F 3660 -36.98 29.81 61.70
C ARG F 3660 -37.78 29.09 60.62
N VAL F 3661 -37.61 27.77 60.57
CA VAL F 3661 -38.35 26.97 59.59
C VAL F 3661 -39.83 26.94 59.96
N ASP F 3662 -40.67 27.10 58.94
CA ASP F 3662 -42.11 27.06 59.13
C ASP F 3662 -42.57 25.63 59.36
N PRO F 3663 -43.79 25.44 59.90
CA PRO F 3663 -44.24 24.08 60.22
C PRO F 3663 -44.22 23.12 59.04
N LEU F 3664 -44.57 23.58 57.84
CA LEU F 3664 -44.49 22.71 56.68
C LEU F 3664 -43.06 22.28 56.41
N HIS F 3665 -42.12 23.21 56.57
CA HIS F 3665 -40.71 22.86 56.44
C HIS F 3665 -40.29 21.84 57.47
N GLN F 3666 -40.77 21.98 58.71
CA GLN F 3666 -40.43 21.01 59.74
C GLN F 3666 -40.99 19.64 59.40
N LEU F 3667 -42.21 19.59 58.90
CA LEU F 3667 -42.81 18.31 58.53
C LEU F 3667 -42.02 17.63 57.42
N ILE F 3668 -41.68 18.38 56.37
CA ILE F 3668 -40.89 17.81 55.28
C ILE F 3668 -39.51 17.38 55.73
N LEU F 3669 -38.86 18.16 56.58
CA LEU F 3669 -37.57 17.79 57.14
C LEU F 3669 -37.63 16.54 57.99
N LEU F 3670 -38.70 16.37 58.79
CA LEU F 3670 -38.89 15.13 59.52
C LEU F 3670 -39.02 13.95 58.56
N PHE F 3671 -39.85 14.10 57.53
CA PHE F 3671 -40.02 13.02 56.57
C PHE F 3671 -38.73 12.73 55.81
N SER F 3672 -37.90 13.74 55.59
CA SER F 3672 -36.62 13.52 54.92
C SER F 3672 -35.63 12.82 55.83
N ARG F 3673 -35.57 13.20 57.10
CA ARG F 3673 -34.69 12.54 58.04
C ARG F 3673 -35.07 11.08 58.23
N THR F 3674 -36.37 10.80 58.31
CA THR F 3674 -36.81 9.42 58.46
C THR F 3674 -36.38 8.57 57.27
N ALA F 3675 -36.51 9.11 56.06
CA ALA F 3675 -36.07 8.38 54.88
C ALA F 3675 -34.56 8.20 54.87
N LEU F 3676 -33.81 9.24 55.26
CA LEU F 3676 -32.36 9.17 55.22
C LEU F 3676 -31.79 8.23 56.26
N THR F 3677 -32.48 8.03 57.39
CA THR F 3677 -32.02 7.06 58.37
C THR F 3677 -32.01 5.66 57.75
N GLU F 3678 -30.91 4.94 57.95
CA GLU F 3678 -30.73 3.65 57.30
C GLU F 3678 -31.47 2.57 58.09
N LYS F 3679 -32.39 1.89 57.41
CA LYS F 3679 -33.07 0.72 57.96
C LYS F 3679 -33.12 -0.34 56.87
N CYS F 3680 -33.22 -1.60 57.29
CA CYS F 3680 -33.23 -2.70 56.34
C CYS F 3680 -34.44 -2.63 55.41
N LYS F 3681 -35.54 -2.03 55.88
CA LYS F 3681 -36.76 -1.94 55.09
C LYS F 3681 -37.47 -0.63 55.42
N LEU F 3682 -38.13 -0.08 54.42
CA LEU F 3682 -38.87 1.17 54.59
C LEU F 3682 -40.18 0.88 55.31
N GLU F 3683 -40.24 1.20 56.60
CA GLU F 3683 -41.41 0.91 57.42
C GLU F 3683 -42.58 1.79 57.01
N GLU F 3684 -43.77 1.19 56.94
CA GLU F 3684 -44.95 1.95 56.58
C GLU F 3684 -45.29 2.95 57.68
N ASP F 3685 -45.49 4.20 57.28
CA ASP F 3685 -45.77 5.30 58.20
C ASP F 3685 -47.10 5.93 57.82
N PHE F 3686 -48.08 5.80 58.73
CA PHE F 3686 -49.39 6.41 58.49
C PHE F 3686 -49.27 7.92 58.35
N LEU F 3687 -48.37 8.54 59.11
CA LEU F 3687 -48.18 9.98 58.99
C LEU F 3687 -47.76 10.37 57.58
N TYR F 3688 -46.81 9.64 57.01
CA TYR F 3688 -46.40 9.93 55.64
C TYR F 3688 -47.54 9.63 54.67
N MET F 3689 -48.24 8.52 54.89
CA MET F 3689 -49.39 8.14 54.08
C MET F 3689 -50.44 9.23 54.00
N ALA F 3690 -50.64 9.97 55.08
CA ALA F 3690 -51.65 11.02 55.14
C ALA F 3690 -51.11 12.34 54.59
N TYR F 3691 -49.94 12.75 55.05
CA TYR F 3691 -49.47 14.10 54.71
C TYR F 3691 -48.95 14.17 53.27
N ALA F 3692 -48.36 13.09 52.76
CA ALA F 3692 -47.99 13.08 51.35
C ALA F 3692 -49.22 13.24 50.47
N ASP F 3693 -50.32 12.56 50.82
CA ASP F 3693 -51.55 12.70 50.07
C ASP F 3693 -52.11 14.11 50.18
N ILE F 3694 -52.06 14.70 51.37
CA ILE F 3694 -52.56 16.07 51.55
C ILE F 3694 -51.76 17.03 50.68
N MET F 3695 -50.43 16.92 50.71
CA MET F 3695 -49.60 17.79 49.89
C MET F 3695 -49.82 17.56 48.40
N ALA F 3696 -50.00 16.30 47.99
CA ALA F 3696 -50.27 16.02 46.59
C ALA F 3696 -51.57 16.65 46.13
N LYS F 3697 -52.62 16.57 46.95
CA LYS F 3697 -53.89 17.19 46.58
C LYS F 3697 -53.77 18.70 46.56
N SER F 3698 -53.00 19.27 47.47
CA SER F 3698 -52.86 20.73 47.54
C SER F 3698 -52.24 21.28 46.27
N CYS F 3699 -51.26 20.56 45.69
CA CYS F 3699 -50.59 21.06 44.50
C CYS F 3699 -51.55 21.20 43.33
N HIS F 3700 -52.30 20.15 43.00
CA HIS F 3700 -53.18 20.24 41.85
C HIS F 3700 -54.38 21.14 42.14
N ASP F 3701 -55.03 20.96 43.29
CA ASP F 3701 -56.16 21.79 43.71
C ASP F 3701 -57.18 21.95 42.58
N GLU F 3702 -57.43 20.84 41.89
CA GLU F 3702 -58.31 20.84 40.72
C GLU F 3702 -59.65 20.20 41.04
N GLU F 3710 -66.36 23.60 28.09
CA GLU F 3710 -65.21 23.36 28.96
C GLU F 3710 -64.01 24.21 28.53
N VAL F 3711 -64.18 24.94 27.42
CA VAL F 3711 -63.08 25.77 26.92
C VAL F 3711 -62.83 26.91 27.88
N LYS F 3712 -61.55 27.31 27.99
CA LYS F 3712 -61.16 28.42 28.82
C LYS F 3712 -60.30 29.39 28.01
N SER F 3713 -60.35 30.66 28.39
CA SER F 3713 -59.59 31.67 27.68
C SER F 3713 -58.10 31.56 28.02
N PHE F 3714 -57.30 32.24 27.19
CA PHE F 3714 -55.85 32.24 27.41
C PHE F 3714 -55.48 32.81 28.77
N GLU F 3715 -56.11 33.91 29.16
CA GLU F 3715 -55.76 34.55 30.43
C GLU F 3715 -56.04 33.64 31.61
N GLU F 3716 -57.19 32.96 31.62
CA GLU F 3716 -57.52 32.11 32.75
C GLU F 3716 -56.71 30.82 32.74
N LYS F 3717 -56.39 30.29 31.55
CA LYS F 3717 -55.47 29.16 31.50
C LYS F 3717 -54.11 29.53 32.06
N GLU F 3718 -53.60 30.70 31.68
CA GLU F 3718 -52.31 31.15 32.21
C GLU F 3718 -52.39 31.40 33.71
N MET F 3719 -53.52 31.90 34.19
CA MET F 3719 -53.70 32.08 35.63
C MET F 3719 -53.66 30.74 36.36
N GLU F 3720 -54.30 29.72 35.79
CA GLU F 3720 -54.24 28.39 36.40
C GLU F 3720 -52.80 27.87 36.41
N LYS F 3721 -52.07 28.07 35.32
CA LYS F 3721 -50.67 27.64 35.29
C LYS F 3721 -49.86 28.36 36.37
N GLN F 3722 -50.05 29.67 36.49
CA GLN F 3722 -49.31 30.44 37.50
C GLN F 3722 -49.67 30.02 38.91
N LYS F 3723 -50.96 29.75 39.18
CA LYS F 3723 -51.39 29.27 40.47
C LYS F 3723 -50.81 27.90 40.80
N LEU F 3724 -50.78 27.00 39.82
CA LEU F 3724 -50.17 25.70 40.00
C LEU F 3724 -48.68 25.81 40.29
N LEU F 3725 -47.98 26.71 39.59
CA LEU F 3725 -46.58 26.93 39.90
C LEU F 3725 -46.35 27.42 41.32
N TYR F 3726 -47.15 28.34 41.81
CA TYR F 3726 -47.03 28.80 43.19
C TYR F 3726 -47.36 27.72 44.21
N GLN F 3727 -48.41 26.93 43.96
CA GLN F 3727 -48.73 25.84 44.86
C GLN F 3727 -47.66 24.74 44.86
N GLN F 3728 -46.96 24.54 43.74
CA GLN F 3728 -45.84 23.62 43.71
C GLN F 3728 -44.60 24.20 44.38
N ALA F 3729 -44.38 25.51 44.25
CA ALA F 3729 -43.30 26.19 44.94
C ALA F 3729 -43.46 26.15 46.44
N ARG F 3730 -44.71 26.23 46.93
CA ARG F 3730 -44.96 26.13 48.36
C ARG F 3730 -44.38 24.87 48.97
N LEU F 3731 -44.26 23.80 48.19
CA LEU F 3731 -43.67 22.55 48.68
C LEU F 3731 -42.21 22.39 48.28
N HIS F 3732 -41.87 22.63 47.01
CA HIS F 3732 -40.51 22.34 46.57
C HIS F 3732 -39.53 23.39 47.06
N ASP F 3733 -40.04 24.48 47.64
CA ASP F 3733 -39.15 25.42 48.32
C ASP F 3733 -38.71 24.90 49.67
N ARG F 3734 -39.35 23.84 50.16
CA ARG F 3734 -39.13 23.35 51.51
C ARG F 3734 -38.60 21.93 51.55
N GLY F 3735 -38.07 21.42 50.43
CA GLY F 3735 -37.44 20.12 50.41
C GLY F 3735 -38.28 18.96 49.98
N ALA F 3736 -39.49 19.21 49.44
CA ALA F 3736 -40.35 18.13 48.99
C ALA F 3736 -39.72 17.34 47.85
N ALA F 3737 -39.06 18.02 46.91
CA ALA F 3737 -38.42 17.32 45.80
C ALA F 3737 -37.33 16.38 46.29
N GLU F 3738 -36.55 16.81 47.28
CA GLU F 3738 -35.53 15.94 47.84
C GLU F 3738 -36.14 14.80 48.63
N MET F 3739 -37.21 15.07 49.40
CA MET F 3739 -37.84 14.02 50.19
C MET F 3739 -38.45 12.94 49.33
N VAL F 3740 -39.11 13.31 48.22
CA VAL F 3740 -39.71 12.30 47.36
C VAL F 3740 -38.69 11.48 46.60
N LEU F 3741 -37.45 11.95 46.52
CA LEU F 3741 -36.35 11.14 46.00
C LEU F 3741 -35.76 10.23 47.08
N GLN F 3742 -35.60 10.76 48.29
CA GLN F 3742 -35.04 9.98 49.38
C GLN F 3742 -35.95 8.82 49.74
N THR F 3743 -37.27 9.04 49.74
CA THR F 3743 -38.19 7.96 50.05
C THR F 3743 -38.13 6.85 49.01
N ILE F 3744 -38.07 7.22 47.73
CA ILE F 3744 -37.94 6.21 46.68
C ILE F 3744 -36.63 5.46 46.83
N SER F 3745 -35.53 6.16 47.16
CA SER F 3745 -34.26 5.50 47.35
C SER F 3745 -34.31 4.53 48.52
N ALA F 3746 -34.96 4.91 49.61
CA ALA F 3746 -35.06 4.03 50.78
C ALA F 3746 -36.04 2.90 50.55
N SER F 3747 -36.92 3.03 49.56
CA SER F 3747 -37.85 1.95 49.25
C SER F 3747 -37.13 0.66 48.85
N LYS F 3748 -35.93 0.77 48.29
CA LYS F 3748 -35.12 -0.39 47.92
C LYS F 3748 -35.86 -1.33 46.98
N GLY F 3749 -36.65 -0.74 46.07
CA GLY F 3749 -37.36 -1.53 45.09
C GLY F 3749 -38.41 -2.45 45.66
N GLU F 3750 -39.15 -2.00 46.66
CA GLU F 3750 -40.23 -2.78 47.26
C GLU F 3750 -41.52 -2.02 47.05
N THR F 3751 -42.42 -2.57 46.24
CA THR F 3751 -43.70 -1.93 46.00
C THR F 3751 -44.52 -1.91 47.27
N GLY F 3752 -45.06 -0.73 47.60
CA GLY F 3752 -45.85 -0.57 48.78
C GLY F 3752 -46.59 0.75 48.77
N PRO F 3753 -47.49 0.95 49.74
CA PRO F 3753 -48.22 2.23 49.79
C PRO F 3753 -47.31 3.43 49.93
N MET F 3754 -46.20 3.30 50.66
CA MET F 3754 -45.31 4.44 50.87
C MET F 3754 -44.77 4.96 49.56
N VAL F 3755 -44.20 4.08 48.74
CA VAL F 3755 -43.69 4.51 47.45
C VAL F 3755 -44.84 4.88 46.52
N ALA F 3756 -45.99 4.24 46.69
CA ALA F 3756 -47.16 4.56 45.88
C ALA F 3756 -47.62 6.00 46.07
N ALA F 3757 -47.54 6.51 47.30
CA ALA F 3757 -47.87 7.90 47.59
C ALA F 3757 -46.72 8.86 47.35
N THR F 3758 -45.48 8.40 47.52
CA THR F 3758 -44.33 9.21 47.13
C THR F 3758 -44.34 9.52 45.64
N LEU F 3759 -44.69 8.54 44.82
CA LEU F 3759 -44.80 8.78 43.38
C LEU F 3759 -45.89 9.79 43.08
N LYS F 3760 -47.03 9.69 43.77
CA LYS F 3760 -48.10 10.65 43.56
C LYS F 3760 -47.67 12.06 43.94
N LEU F 3761 -46.96 12.21 45.06
CA LEU F 3761 -46.49 13.53 45.45
C LEU F 3761 -45.48 14.06 44.44
N GLY F 3762 -44.58 13.21 43.96
CA GLY F 3762 -43.64 13.65 42.94
C GLY F 3762 -44.33 14.12 41.68
N ILE F 3763 -45.34 13.36 41.24
CA ILE F 3763 -46.11 13.76 40.07
C ILE F 3763 -46.81 15.09 40.33
N ALA F 3764 -47.37 15.27 41.52
CA ALA F 3764 -48.08 16.50 41.83
C ALA F 3764 -47.16 17.71 41.77
N ILE F 3765 -45.95 17.56 42.31
CA ILE F 3765 -45.05 18.72 42.30
C ILE F 3765 -44.38 18.88 40.95
N LEU F 3766 -44.40 17.85 40.10
CA LEU F 3766 -43.75 17.91 38.81
C LEU F 3766 -44.70 18.15 37.65
N ASN F 3767 -46.00 18.26 37.90
CA ASN F 3767 -46.95 18.45 36.81
C ASN F 3767 -46.66 19.73 36.05
N GLY F 3768 -46.86 19.68 34.74
CA GLY F 3768 -46.52 20.79 33.89
C GLY F 3768 -45.07 20.89 33.52
N GLY F 3769 -44.26 19.89 33.84
CA GLY F 3769 -42.85 19.93 33.53
C GLY F 3769 -42.13 21.02 34.29
N ASN F 3770 -42.30 21.05 35.61
CA ASN F 3770 -41.69 22.09 36.43
C ASN F 3770 -40.17 22.01 36.33
N SER F 3771 -39.59 22.99 35.63
CA SER F 3771 -38.15 22.98 35.40
C SER F 3771 -37.37 23.18 36.69
N THR F 3772 -37.87 24.00 37.61
CA THR F 3772 -37.18 24.20 38.88
C THR F 3772 -37.11 22.89 39.66
N VAL F 3773 -38.23 22.17 39.72
CA VAL F 3773 -38.24 20.87 40.39
C VAL F 3773 -37.34 19.87 39.68
N GLN F 3774 -37.35 19.85 38.35
CA GLN F 3774 -36.45 18.94 37.62
C GLN F 3774 -35.00 19.24 37.94
N GLN F 3775 -34.63 20.52 37.95
CA GLN F 3775 -33.25 20.90 38.25
C GLN F 3775 -32.87 20.54 39.68
N LYS F 3776 -33.78 20.76 40.63
CA LYS F 3776 -33.50 20.39 42.01
C LYS F 3776 -33.29 18.89 42.13
N MET F 3777 -34.15 18.10 41.49
CA MET F 3777 -34.03 16.65 41.54
C MET F 3777 -32.72 16.18 40.94
N LEU F 3778 -32.34 16.73 39.78
CA LEU F 3778 -31.10 16.31 39.14
C LEU F 3778 -29.88 16.74 39.96
N ASP F 3779 -29.90 17.96 40.50
CA ASP F 3779 -28.77 18.43 41.30
C ASP F 3779 -28.60 17.60 42.56
N TYR F 3780 -29.71 17.26 43.23
CA TYR F 3780 -29.60 16.45 44.43
C TYR F 3780 -28.99 15.09 44.12
N LEU F 3781 -29.46 14.46 43.04
CA LEU F 3781 -28.94 13.15 42.68
C LEU F 3781 -27.46 13.22 42.33
N LYS F 3782 -27.07 14.21 41.54
CA LYS F 3782 -25.67 14.33 41.15
C LYS F 3782 -24.78 14.60 42.36
N GLU F 3783 -25.25 15.45 43.27
CA GLU F 3783 -24.44 15.81 44.43
C GLU F 3783 -24.29 14.63 45.39
N LYS F 3784 -25.39 13.95 45.70
CA LYS F 3784 -25.33 12.87 46.67
C LYS F 3784 -24.81 11.58 46.06
N LYS F 3785 -24.71 11.50 44.73
CA LYS F 3785 -24.23 10.30 44.05
C LYS F 3785 -25.03 9.08 44.47
N ASP F 3786 -26.34 9.23 44.47
CA ASP F 3786 -27.24 8.19 44.97
C ASP F 3786 -27.45 7.12 43.91
N VAL F 3787 -26.87 5.94 44.14
CA VAL F 3787 -27.15 4.78 43.30
C VAL F 3787 -28.41 4.06 43.74
N GLY F 3788 -28.76 4.18 45.03
CA GLY F 3788 -29.94 3.50 45.52
C GLY F 3788 -31.22 3.96 44.85
N PHE F 3789 -31.26 5.23 44.44
CA PHE F 3789 -32.45 5.74 43.77
C PHE F 3789 -32.72 4.97 42.48
N PHE F 3790 -31.70 4.82 41.64
CA PHE F 3790 -31.90 4.12 40.37
C PHE F 3790 -32.06 2.62 40.58
N GLN F 3791 -31.36 2.06 41.56
CA GLN F 3791 -31.57 0.65 41.85
C GLN F 3791 -33.00 0.38 42.30
N SER F 3792 -33.54 1.26 43.14
CA SER F 3792 -34.93 1.12 43.57
C SER F 3792 -35.89 1.34 42.41
N LEU F 3793 -35.56 2.26 41.50
CA LEU F 3793 -36.41 2.45 40.33
C LEU F 3793 -36.47 1.18 39.49
N ALA F 3794 -35.32 0.55 39.24
CA ALA F 3794 -35.32 -0.70 38.49
C ALA F 3794 -36.08 -1.80 39.24
N GLY F 3795 -35.90 -1.88 40.55
CA GLY F 3795 -36.65 -2.85 41.33
C GLY F 3795 -38.14 -2.65 41.25
N LEU F 3796 -38.61 -1.41 41.34
CA LEU F 3796 -40.03 -1.13 41.21
C LEU F 3796 -40.54 -1.50 39.83
N MET F 3797 -39.76 -1.20 38.79
CA MET F 3797 -40.19 -1.59 37.44
C MET F 3797 -40.33 -3.10 37.33
N GLN F 3798 -39.37 -3.85 37.88
CA GLN F 3798 -39.50 -5.30 37.85
C GLN F 3798 -40.71 -5.76 38.66
N SER F 3799 -40.97 -5.12 39.79
CA SER F 3799 -42.08 -5.52 40.64
C SER F 3799 -43.43 -5.14 40.06
N CYS F 3800 -43.48 -4.23 39.08
CA CYS F 3800 -44.75 -3.86 38.47
C CYS F 3800 -45.41 -5.07 37.82
N SER F 3801 -46.70 -5.22 38.08
CA SER F 3801 -47.45 -6.39 37.62
C SER F 3801 -48.01 -6.16 36.22
N VAL F 3802 -48.48 -7.26 35.62
CA VAL F 3802 -49.05 -7.25 34.28
C VAL F 3802 -50.28 -8.15 34.27
N LEU F 3803 -50.90 -8.23 33.09
CA LEU F 3803 -52.07 -9.09 32.91
C LEU F 3803 -51.70 -10.55 33.20
N ASP F 3804 -52.55 -11.23 33.97
CA ASP F 3804 -52.31 -12.63 34.30
C ASP F 3804 -53.52 -13.46 33.86
N LEU F 3805 -53.35 -14.20 32.77
CA LEU F 3805 -54.45 -14.96 32.19
C LEU F 3805 -54.89 -16.08 33.12
N ASN F 3806 -53.96 -16.67 33.87
CA ASN F 3806 -54.33 -17.71 34.82
C ASN F 3806 -55.25 -17.16 35.90
N ALA F 3807 -54.92 -15.99 36.43
CA ALA F 3807 -55.79 -15.34 37.42
C ALA F 3807 -57.13 -15.00 36.81
N PHE F 3808 -57.14 -14.53 35.56
CA PHE F 3808 -58.42 -14.24 34.90
C PHE F 3808 -59.28 -15.50 34.76
N GLU F 3809 -58.66 -16.62 34.39
CA GLU F 3809 -59.40 -17.87 34.26
C GLU F 3809 -59.97 -18.32 35.60
N ARG F 3810 -59.17 -18.22 36.66
CA ARG F 3810 -59.67 -18.59 37.99
C ARG F 3810 -60.82 -17.68 38.42
N GLN F 3811 -60.69 -16.37 38.17
CA GLN F 3811 -61.76 -15.44 38.48
C GLN F 3811 -63.03 -15.73 37.70
N ASN F 3812 -62.93 -16.06 36.42
CA ASN F 3812 -64.09 -16.43 35.63
C ASN F 3812 -64.72 -17.72 36.11
N LYS F 3813 -63.90 -18.71 36.51
CA LYS F 3813 -64.44 -19.95 37.03
C LYS F 3813 -65.20 -19.72 38.34
N ALA F 3814 -64.68 -18.83 39.19
CA ALA F 3814 -65.38 -18.51 40.43
C ALA F 3814 -66.77 -17.92 40.14
N GLU F 3815 -66.83 -16.98 39.19
CA GLU F 3815 -68.10 -16.41 38.81
C GLU F 3815 -69.03 -17.46 38.21
N GLY F 3816 -68.47 -18.35 37.39
CA GLY F 3816 -69.29 -19.40 36.80
C GLY F 3816 -69.90 -20.32 37.84
N LEU F 3817 -69.12 -20.70 38.86
CA LEU F 3817 -69.70 -21.48 39.94
C LEU F 3817 -70.73 -20.69 40.71
N GLY F 3818 -70.48 -19.40 40.97
CA GLY F 3818 -71.49 -18.53 41.53
C GLY F 3818 -71.16 -17.84 42.83
N MET F 3819 -69.94 -17.99 43.35
CA MET F 3819 -69.56 -17.26 44.55
C MET F 3819 -69.50 -15.77 44.25
N VAL F 3820 -70.00 -14.96 45.18
CA VAL F 3820 -70.02 -13.52 44.98
C VAL F 3820 -68.61 -12.97 45.01
N THR F 3821 -68.28 -12.15 44.01
CA THR F 3821 -66.94 -11.58 43.93
C THR F 3821 -66.73 -10.53 45.02
N GLU F 3822 -65.65 -10.70 45.79
CA GLU F 3822 -65.28 -9.69 46.77
C GLU F 3822 -64.90 -8.38 46.08
N GLU F 3823 -64.21 -8.48 44.95
CA GLU F 3823 -63.83 -7.33 44.14
C GLU F 3823 -64.45 -7.48 42.76
N GLY F 3824 -65.14 -6.43 42.31
CA GLY F 3824 -65.88 -6.54 41.06
C GLY F 3824 -65.01 -6.32 39.84
N SER F 3825 -63.90 -5.61 40.00
CA SER F 3825 -63.06 -5.22 38.87
C SER F 3825 -61.95 -6.21 38.58
N GLY F 3826 -61.90 -7.34 39.28
CA GLY F 3826 -60.85 -8.31 39.08
C GLY F 3826 -59.48 -7.76 39.42
N GLU F 3827 -59.37 -7.14 40.60
CA GLU F 3827 -58.13 -6.46 40.97
C GLU F 3827 -56.95 -7.42 41.06
N LYS F 3828 -57.22 -8.72 41.19
CA LYS F 3828 -56.13 -9.69 41.14
C LYS F 3828 -55.40 -9.63 39.81
N VAL F 3829 -56.16 -9.53 38.72
CA VAL F 3829 -55.56 -9.35 37.40
C VAL F 3829 -55.15 -7.89 37.26
N LEU F 3830 -53.91 -7.66 36.83
CA LEU F 3830 -53.34 -6.32 36.80
C LEU F 3830 -53.39 -5.70 38.20
N GLN F 3831 -52.64 -6.27 39.12
CA GLN F 3831 -52.71 -5.96 40.55
C GLN F 3831 -52.82 -4.47 40.84
N ASP F 3832 -51.84 -3.69 40.39
CA ASP F 3832 -51.83 -2.25 40.66
C ASP F 3832 -51.49 -1.51 39.37
N ASP F 3833 -52.52 -1.18 38.60
CA ASP F 3833 -52.35 -0.36 37.40
C ASP F 3833 -52.17 1.11 37.74
N GLU F 3834 -52.61 1.54 38.91
CA GLU F 3834 -52.36 2.91 39.33
C GLU F 3834 -50.89 3.14 39.65
N PHE F 3835 -50.25 2.17 40.32
CA PHE F 3835 -48.84 2.33 40.68
C PHE F 3835 -47.95 2.35 39.44
N THR F 3836 -48.20 1.45 38.49
CA THR F 3836 -47.38 1.42 37.29
C THR F 3836 -47.52 2.70 36.48
N CYS F 3837 -48.76 3.17 36.31
CA CYS F 3837 -48.99 4.41 35.61
C CYS F 3837 -48.35 5.59 36.32
N ASP F 3838 -48.45 5.64 37.66
CA ASP F 3838 -47.82 6.72 38.40
C ASP F 3838 -46.30 6.68 38.27
N LEU F 3839 -45.70 5.49 38.34
CA LEU F 3839 -44.27 5.38 38.17
C LEU F 3839 -43.80 5.88 36.82
N PHE F 3840 -44.46 5.44 35.75
CA PHE F 3840 -44.02 5.88 34.42
C PHE F 3840 -44.39 7.32 34.14
N ARG F 3841 -45.46 7.84 34.74
CA ARG F 3841 -45.77 9.26 34.64
C ARG F 3841 -44.72 10.09 35.34
N PHE F 3842 -44.27 9.64 36.51
CA PHE F 3842 -43.18 10.32 37.20
C PHE F 3842 -41.91 10.33 36.35
N LEU F 3843 -41.57 9.18 35.76
CA LEU F 3843 -40.40 9.10 34.91
C LEU F 3843 -40.50 9.96 33.68
N GLN F 3844 -41.69 10.10 33.10
CA GLN F 3844 -41.93 11.01 31.98
C GLN F 3844 -41.85 12.47 32.37
N LEU F 3845 -42.46 12.85 33.49
CA LEU F 3845 -42.37 14.21 33.98
C LEU F 3845 -40.92 14.58 34.29
N LEU F 3846 -40.11 13.59 34.67
CA LEU F 3846 -38.69 13.85 34.89
C LEU F 3846 -37.97 14.30 33.62
N CYS F 3847 -38.57 14.03 32.46
CA CYS F 3847 -37.93 14.36 31.19
C CYS F 3847 -38.76 15.28 30.31
N GLU F 3848 -39.96 15.69 30.74
CA GLU F 3848 -40.78 16.55 29.91
C GLU F 3848 -40.09 17.89 29.68
N GLY F 3849 -40.51 18.58 28.62
CA GLY F 3849 -39.86 19.79 28.19
C GLY F 3849 -38.53 19.57 27.50
N HIS F 3850 -38.24 18.33 27.10
CA HIS F 3850 -36.96 17.98 26.47
C HIS F 3850 -35.78 18.34 27.38
N ASN F 3851 -35.80 17.77 28.58
CA ASN F 3851 -34.71 17.96 29.53
C ASN F 3851 -33.59 17.03 29.17
N SER F 3852 -32.67 17.50 28.32
CA SER F 3852 -31.59 16.66 27.82
C SER F 3852 -30.67 16.17 28.94
N ASP F 3853 -30.36 17.03 29.91
CA ASP F 3853 -29.48 16.62 31.00
C ASP F 3853 -30.04 15.40 31.73
N PHE F 3854 -31.29 15.48 32.15
CA PHE F 3854 -31.86 14.36 32.90
C PHE F 3854 -32.12 13.17 32.00
N GLN F 3855 -32.45 13.42 30.73
CA GLN F 3855 -32.60 12.32 29.77
C GLN F 3855 -31.33 11.50 29.67
N ASN F 3856 -30.19 12.17 29.55
CA ASN F 3856 -28.91 11.46 29.46
C ASN F 3856 -28.54 10.85 30.81
N TYR F 3857 -28.87 11.52 31.90
CA TYR F 3857 -28.49 11.01 33.22
C TYR F 3857 -29.26 9.75 33.56
N LEU F 3858 -30.48 9.62 33.05
CA LEU F 3858 -31.22 8.38 33.24
C LEU F 3858 -30.52 7.20 32.56
N ARG F 3859 -30.02 7.42 31.35
CA ARG F 3859 -29.35 6.33 30.64
C ARG F 3859 -28.01 6.00 31.28
N THR F 3860 -27.20 7.02 31.56
CA THR F 3860 -25.86 6.80 32.11
C THR F 3860 -25.64 7.76 33.26
N GLN F 3861 -25.51 7.21 34.47
CA GLN F 3861 -25.19 8.00 35.65
C GLN F 3861 -23.68 8.11 35.72
N THR F 3862 -23.15 9.21 35.20
CA THR F 3862 -21.70 9.34 35.01
C THR F 3862 -20.96 9.36 36.34
N GLY F 3863 -21.44 10.16 37.29
CA GLY F 3863 -20.74 10.27 38.56
C GLY F 3863 -20.78 8.99 39.38
N ASN F 3864 -21.88 8.26 39.32
CA ASN F 3864 -22.08 7.10 40.17
C ASN F 3864 -21.13 5.98 39.79
N ASN F 3865 -20.77 5.16 40.78
CA ASN F 3865 -19.94 4.00 40.52
C ASN F 3865 -20.68 2.97 39.68
N THR F 3866 -21.96 2.77 39.94
CA THR F 3866 -22.77 1.79 39.24
C THR F 3866 -23.91 2.50 38.50
N THR F 3867 -24.11 2.14 37.24
CA THR F 3867 -25.11 2.76 36.39
C THR F 3867 -26.21 1.76 36.05
N VAL F 3868 -27.45 2.21 36.15
CA VAL F 3868 -28.62 1.42 35.80
C VAL F 3868 -29.31 2.10 34.63
N ASN F 3869 -29.62 1.34 33.59
CA ASN F 3869 -30.23 1.89 32.38
C ASN F 3869 -31.74 1.86 32.52
N ILE F 3870 -32.28 2.92 33.12
CA ILE F 3870 -33.73 3.09 33.23
C ILE F 3870 -34.40 3.07 31.87
N ILE F 3871 -33.72 3.61 30.85
CA ILE F 3871 -34.28 3.64 29.51
C ILE F 3871 -34.52 2.23 28.99
N ILE F 3872 -33.61 1.31 29.29
CA ILE F 3872 -33.75 -0.06 28.83
C ILE F 3872 -34.72 -0.83 29.72
N SER F 3873 -34.76 -0.51 31.01
CA SER F 3873 -35.74 -1.14 31.89
C SER F 3873 -37.16 -0.82 31.46
N THR F 3874 -37.38 0.42 30.99
CA THR F 3874 -38.69 0.78 30.47
C THR F 3874 -39.06 -0.07 29.27
N VAL F 3875 -38.10 -0.32 28.38
CA VAL F 3875 -38.36 -1.18 27.22
C VAL F 3875 -38.65 -2.60 27.66
N ASP F 3876 -37.97 -3.08 28.69
CA ASP F 3876 -38.24 -4.42 29.19
C ASP F 3876 -39.66 -4.54 29.72
N TYR F 3877 -40.12 -3.54 30.49
CA TYR F 3877 -41.50 -3.56 30.95
C TYR F 3877 -42.48 -3.46 29.79
N LEU F 3878 -42.15 -2.66 28.77
CA LEU F 3878 -43.00 -2.60 27.60
C LEU F 3878 -43.11 -3.95 26.93
N LEU F 3879 -42.00 -4.67 26.81
CA LEU F 3879 -42.04 -6.00 26.23
C LEU F 3879 -42.88 -6.96 27.05
N ARG F 3880 -42.79 -6.91 28.38
CA ARG F 3880 -43.63 -7.76 29.21
C ARG F 3880 -45.11 -7.45 29.10
N VAL F 3881 -45.49 -6.17 29.15
CA VAL F 3881 -46.90 -5.83 29.01
C VAL F 3881 -47.42 -6.13 27.60
N GLN F 3882 -46.58 -6.01 26.57
CA GLN F 3882 -46.99 -6.46 25.25
C GLN F 3882 -47.30 -7.94 25.22
N GLU F 3883 -46.47 -8.77 25.84
CA GLU F 3883 -46.74 -10.20 25.87
C GLU F 3883 -48.03 -10.49 26.63
N SER F 3884 -48.26 -9.77 27.73
CA SER F 3884 -49.50 -9.97 28.48
C SER F 3884 -50.71 -9.64 27.61
N ILE F 3885 -50.67 -8.49 26.93
CA ILE F 3885 -51.78 -8.10 26.07
C ILE F 3885 -51.98 -9.10 24.93
N SER F 3886 -50.88 -9.57 24.33
CA SER F 3886 -50.99 -10.53 23.24
C SER F 3886 -51.61 -11.85 23.71
N ASP F 3887 -51.20 -12.32 24.89
CA ASP F 3887 -51.79 -13.55 25.42
C ASP F 3887 -53.27 -13.37 25.71
N PHE F 3888 -53.65 -12.21 26.26
CA PHE F 3888 -55.05 -11.99 26.59
C PHE F 3888 -55.89 -11.88 25.32
N TYR F 3889 -55.33 -11.26 24.28
CA TYR F 3889 -55.97 -11.28 22.97
C TYR F 3889 -56.12 -12.69 22.43
N TRP F 3890 -55.07 -13.51 22.53
CA TRP F 3890 -55.17 -14.88 22.05
C TRP F 3890 -56.24 -15.65 22.81
N TYR F 3891 -56.43 -15.35 24.08
CA TYR F 3891 -57.53 -15.93 24.83
C TYR F 3891 -58.88 -15.52 24.26
N TYR F 3892 -59.07 -14.23 24.01
CA TYR F 3892 -60.38 -13.75 23.58
C TYR F 3892 -60.62 -13.89 22.08
N SER F 3893 -59.62 -14.30 21.30
CA SER F 3893 -59.78 -14.36 19.85
C SER F 3893 -60.83 -15.40 19.44
N GLY F 3894 -60.77 -16.59 20.05
CA GLY F 3894 -61.74 -17.62 19.72
C GLY F 3894 -63.15 -17.23 20.13
N LYS F 3895 -63.29 -16.60 21.29
CA LYS F 3895 -64.60 -16.21 21.78
C LYS F 3895 -65.18 -15.11 20.90
N ASP F 3896 -66.47 -15.22 20.57
CA ASP F 3896 -67.10 -14.24 19.70
C ASP F 3896 -67.28 -12.90 20.40
N VAL F 3897 -67.65 -12.93 21.68
CA VAL F 3897 -67.96 -11.72 22.42
C VAL F 3897 -67.01 -11.60 23.59
N ILE F 3898 -66.60 -10.36 23.89
CA ILE F 3898 -65.75 -10.08 25.03
C ILE F 3898 -66.63 -9.58 26.17
N ASP F 3899 -66.54 -10.24 27.32
CA ASP F 3899 -67.36 -9.87 28.45
C ASP F 3899 -66.87 -8.56 29.06
N GLU F 3900 -67.64 -8.07 30.03
CA GLU F 3900 -67.33 -6.78 30.65
C GLU F 3900 -65.99 -6.82 31.36
N GLN F 3901 -65.70 -7.92 32.06
CA GLN F 3901 -64.44 -8.01 32.80
C GLN F 3901 -63.24 -8.00 31.85
N GLY F 3902 -63.35 -8.74 30.75
CA GLY F 3902 -62.28 -8.73 29.76
C GLY F 3902 -62.12 -7.37 29.10
N GLN F 3903 -63.23 -6.71 28.82
CA GLN F 3903 -63.20 -5.38 28.21
C GLN F 3903 -62.61 -4.34 29.14
N ARG F 3904 -62.78 -4.49 30.45
CA ARG F 3904 -62.12 -3.66 31.45
C ARG F 3904 -60.64 -3.96 31.58
N ASN F 3905 -60.26 -5.24 31.56
CA ASN F 3905 -58.85 -5.60 31.65
C ASN F 3905 -58.07 -5.10 30.43
N PHE F 3906 -58.65 -5.25 29.24
CA PHE F 3906 -58.05 -4.65 28.05
C PHE F 3906 -57.87 -3.15 28.23
N SER F 3907 -58.88 -2.47 28.76
CA SER F 3907 -58.78 -1.03 28.92
C SER F 3907 -57.62 -0.65 29.84
N LYS F 3908 -57.51 -1.32 30.98
CA LYS F 3908 -56.44 -1.00 31.91
C LYS F 3908 -55.07 -1.30 31.33
N ALA F 3909 -54.92 -2.46 30.68
CA ALA F 3909 -53.66 -2.80 30.04
C ALA F 3909 -53.28 -1.83 28.92
N ILE F 3910 -54.25 -1.42 28.11
CA ILE F 3910 -53.99 -0.46 27.05
C ILE F 3910 -53.57 0.88 27.64
N GLN F 3911 -54.20 1.29 28.74
CA GLN F 3911 -53.79 2.54 29.38
C GLN F 3911 -52.36 2.46 29.88
N VAL F 3912 -51.98 1.34 30.50
CA VAL F 3912 -50.60 1.17 30.97
C VAL F 3912 -49.62 1.21 29.81
N ALA F 3913 -49.94 0.50 28.73
CA ALA F 3913 -49.06 0.49 27.57
C ALA F 3913 -48.93 1.87 26.94
N LYS F 3914 -50.04 2.61 26.91
CA LYS F 3914 -50.03 3.97 26.40
C LYS F 3914 -49.11 4.86 27.23
N GLN F 3915 -49.18 4.74 28.56
CA GLN F 3915 -48.29 5.52 29.41
C GLN F 3915 -46.84 5.15 29.18
N VAL F 3916 -46.54 3.87 29.03
CA VAL F 3916 -45.17 3.46 28.78
C VAL F 3916 -44.66 4.01 27.46
N PHE F 3917 -45.50 3.97 26.43
CA PHE F 3917 -45.10 4.51 25.13
C PHE F 3917 -44.85 6.01 25.23
N ASN F 3918 -45.68 6.73 25.96
CA ASN F 3918 -45.46 8.15 26.14
C ASN F 3918 -44.15 8.41 26.88
N THR F 3919 -43.85 7.60 27.88
CA THR F 3919 -42.59 7.76 28.61
C THR F 3919 -41.40 7.54 27.69
N LEU F 3920 -41.47 6.51 26.85
CA LEU F 3920 -40.37 6.27 25.90
C LEU F 3920 -40.24 7.42 24.91
N THR F 3921 -41.36 7.95 24.42
CA THR F 3921 -41.30 9.09 23.51
C THR F 3921 -40.65 10.29 24.17
N GLU F 3922 -40.99 10.55 25.44
CA GLU F 3922 -40.33 11.63 26.16
C GLU F 3922 -38.85 11.35 26.38
N TYR F 3923 -38.47 10.09 26.56
CA TYR F 3923 -37.06 9.75 26.62
C TYR F 3923 -36.32 10.10 25.34
N ILE F 3924 -36.91 9.79 24.19
CA ILE F 3924 -36.18 9.80 22.93
C ILE F 3924 -36.30 11.13 22.18
N GLN F 3925 -37.28 11.97 22.53
CA GLN F 3925 -37.37 13.25 21.84
C GLN F 3925 -36.23 14.18 22.26
N GLY F 3926 -36.23 15.39 21.72
CA GLY F 3926 -35.12 16.30 21.92
C GLY F 3926 -33.85 15.74 21.32
N PRO F 3927 -33.95 15.26 20.06
CA PRO F 3927 -32.99 14.31 19.49
C PRO F 3927 -31.93 13.77 20.44
N CYS F 3928 -32.36 13.10 21.51
CA CYS F 3928 -31.43 12.48 22.45
C CYS F 3928 -30.85 11.24 21.78
N THR F 3929 -29.70 11.42 21.13
CA THR F 3929 -29.14 10.36 20.29
C THR F 3929 -28.75 9.14 21.12
N GLY F 3930 -28.26 9.35 22.33
CA GLY F 3930 -27.88 8.21 23.16
C GLY F 3930 -29.07 7.30 23.45
N ASN F 3931 -30.17 7.89 23.89
CA ASN F 3931 -31.37 7.09 24.14
C ASN F 3931 -31.94 6.51 22.86
N GLN F 3932 -31.85 7.26 21.75
CA GLN F 3932 -32.30 6.72 20.48
C GLN F 3932 -31.54 5.45 20.12
N GLN F 3933 -30.22 5.48 20.25
CA GLN F 3933 -29.41 4.31 19.94
C GLN F 3933 -29.70 3.17 20.92
N SER F 3934 -29.88 3.51 22.20
CA SER F 3934 -30.18 2.48 23.19
C SER F 3934 -31.48 1.75 22.84
N LEU F 3935 -32.53 2.51 22.49
CA LEU F 3935 -33.76 1.86 22.06
C LEU F 3935 -33.58 1.08 20.77
N ALA F 3936 -32.77 1.62 19.84
CA ALA F 3936 -32.56 0.94 18.57
C ALA F 3936 -31.94 -0.43 18.77
N HIS F 3937 -31.00 -0.54 19.71
CA HIS F 3937 -30.36 -1.82 19.98
C HIS F 3937 -31.04 -2.61 21.08
N SER F 3938 -32.09 -2.06 21.71
CA SER F 3938 -32.81 -2.79 22.74
C SER F 3938 -33.84 -3.74 22.14
N ARG F 3939 -34.71 -4.28 22.99
CA ARG F 3939 -35.74 -5.22 22.58
C ARG F 3939 -37.05 -4.53 22.22
N LEU F 3940 -36.99 -3.25 21.88
CA LEU F 3940 -38.20 -2.51 21.52
C LEU F 3940 -38.87 -3.10 20.29
N TRP F 3941 -38.08 -3.62 19.35
CA TRP F 3941 -38.61 -4.07 18.08
C TRP F 3941 -39.58 -5.23 18.24
N ASP F 3942 -39.29 -6.17 19.14
CA ASP F 3942 -40.22 -7.26 19.41
C ASP F 3942 -41.54 -6.76 19.98
N ALA F 3943 -41.50 -5.81 20.90
CA ALA F 3943 -42.74 -5.26 21.45
C ALA F 3943 -43.55 -4.59 20.35
N VAL F 3944 -42.89 -3.82 19.48
CA VAL F 3944 -43.62 -3.11 18.44
C VAL F 3944 -44.21 -4.10 17.43
N VAL F 3945 -43.44 -5.13 17.06
CA VAL F 3945 -43.95 -6.11 16.11
C VAL F 3945 -45.08 -6.95 16.70
N GLY F 3946 -45.12 -7.12 18.02
CA GLY F 3946 -46.25 -7.78 18.63
C GLY F 3946 -47.49 -6.90 18.66
N PHE F 3947 -47.30 -5.63 19.04
CA PHE F 3947 -48.43 -4.69 18.99
C PHE F 3947 -48.97 -4.55 17.58
N LEU F 3948 -48.12 -4.66 16.57
CA LEU F 3948 -48.61 -4.56 15.20
C LEU F 3948 -49.57 -5.70 14.88
N HIS F 3949 -49.22 -6.92 15.27
CA HIS F 3949 -50.12 -8.06 15.08
C HIS F 3949 -51.42 -7.85 15.85
N VAL F 3950 -51.32 -7.41 17.10
CA VAL F 3950 -52.51 -7.23 17.92
C VAL F 3950 -53.43 -6.19 17.29
N PHE F 3951 -52.87 -5.06 16.86
CA PHE F 3951 -53.67 -4.03 16.21
C PHE F 3951 -54.30 -4.55 14.92
N ALA F 3952 -53.50 -5.25 14.10
CA ALA F 3952 -54.00 -5.68 12.80
C ALA F 3952 -55.17 -6.64 12.95
N HIS F 3953 -55.16 -7.47 13.98
CA HIS F 3953 -56.28 -8.39 14.11
C HIS F 3953 -57.45 -7.82 14.90
N MET F 3954 -57.20 -7.06 15.96
CA MET F 3954 -58.31 -6.46 16.69
C MET F 3954 -59.04 -5.39 15.88
N GLN F 3955 -58.36 -4.67 14.99
CA GLN F 3955 -59.06 -3.69 14.17
C GLN F 3955 -60.11 -4.34 13.28
N MET F 3956 -59.92 -5.58 12.89
CA MET F 3956 -60.91 -6.30 12.11
C MET F 3956 -61.85 -7.14 12.96
N LYS F 3957 -61.48 -7.45 14.19
CA LYS F 3957 -62.36 -8.20 15.08
C LYS F 3957 -63.38 -7.31 15.78
N LEU F 3958 -62.90 -6.27 16.49
CA LEU F 3958 -63.81 -5.43 17.26
C LEU F 3958 -64.72 -4.60 16.36
N SER F 3959 -64.20 -4.12 15.23
CA SER F 3959 -64.97 -3.17 14.42
C SER F 3959 -66.26 -3.78 13.90
N GLN F 3960 -66.29 -5.10 13.74
CA GLN F 3960 -67.51 -5.76 13.27
C GLN F 3960 -68.64 -5.63 14.28
N ASP F 3961 -68.33 -5.78 15.56
CA ASP F 3961 -69.33 -5.75 16.63
C ASP F 3961 -69.43 -4.35 17.21
N SER F 3962 -70.66 -3.90 17.45
CA SER F 3962 -70.89 -2.55 17.92
C SER F 3962 -70.79 -2.41 19.44
N SER F 3963 -70.44 -3.46 20.15
CA SER F 3963 -70.40 -3.39 21.61
C SER F 3963 -69.01 -3.12 22.17
N GLN F 3964 -68.01 -2.92 21.32
CA GLN F 3964 -66.64 -2.67 21.75
C GLN F 3964 -66.07 -1.43 21.09
N ILE F 3965 -66.92 -0.42 20.87
CA ILE F 3965 -66.47 0.81 20.21
C ILE F 3965 -65.47 1.55 21.09
N GLU F 3966 -65.74 1.60 22.40
CA GLU F 3966 -64.80 2.23 23.32
C GLU F 3966 -63.46 1.51 23.36
N LEU F 3967 -63.48 0.18 23.36
CA LEU F 3967 -62.25 -0.59 23.30
C LEU F 3967 -61.49 -0.32 22.02
N LEU F 3968 -62.20 -0.22 20.90
CA LEU F 3968 -61.55 0.11 19.63
C LEU F 3968 -60.91 1.49 19.69
N LYS F 3969 -61.60 2.46 20.30
CA LYS F 3969 -61.02 3.80 20.44
C LYS F 3969 -59.74 3.76 21.25
N GLU F 3970 -59.76 3.09 22.41
CA GLU F 3970 -58.56 3.02 23.23
C GLU F 3970 -57.43 2.33 22.48
N LEU F 3971 -57.75 1.25 21.77
CA LEU F 3971 -56.75 0.51 21.04
C LEU F 3971 -56.13 1.32 19.91
N MET F 3972 -56.92 2.07 19.15
CA MET F 3972 -56.37 2.91 18.09
C MET F 3972 -55.66 4.13 18.64
N ASP F 3973 -55.96 4.55 19.86
CA ASP F 3973 -55.13 5.54 20.53
C ASP F 3973 -53.75 4.98 20.88
N LEU F 3974 -53.71 3.73 21.34
CA LEU F 3974 -52.42 3.08 21.58
C LEU F 3974 -51.62 2.98 20.29
N GLN F 3975 -52.28 2.69 19.18
CA GLN F 3975 -51.60 2.67 17.89
C GLN F 3975 -51.01 4.02 17.54
N LYS F 3976 -51.78 5.09 17.77
CA LYS F 3976 -51.27 6.42 17.50
C LYS F 3976 -50.02 6.71 18.33
N ASP F 3977 -50.05 6.36 19.62
CA ASP F 3977 -48.88 6.59 20.44
C ASP F 3977 -47.67 5.77 20.00
N MET F 3978 -47.88 4.52 19.59
CA MET F 3978 -46.77 3.72 19.10
C MET F 3978 -46.15 4.34 17.85
N VAL F 3979 -46.99 4.80 16.91
CA VAL F 3979 -46.46 5.42 15.71
C VAL F 3979 -45.73 6.72 16.04
N VAL F 3980 -46.25 7.46 17.04
CA VAL F 3980 -45.58 8.68 17.46
C VAL F 3980 -44.19 8.37 18.01
N MET F 3981 -44.10 7.29 18.79
CA MET F 3981 -42.79 6.90 19.32
C MET F 3981 -41.85 6.50 18.20
N LEU F 3982 -42.36 5.80 17.18
CA LEU F 3982 -41.52 5.46 16.04
C LEU F 3982 -41.01 6.71 15.33
N LEU F 3983 -41.87 7.69 15.12
CA LEU F 3983 -41.43 8.94 14.52
C LEU F 3983 -40.38 9.64 15.38
N SER F 3984 -40.58 9.67 16.69
CA SER F 3984 -39.60 10.28 17.57
C SER F 3984 -38.27 9.55 17.52
N MET F 3985 -38.28 8.23 17.32
CA MET F 3985 -37.04 7.53 17.07
C MET F 3985 -36.40 7.99 15.77
N LEU F 3986 -37.23 8.21 14.73
CA LEU F 3986 -36.70 8.62 13.43
C LEU F 3986 -36.30 10.08 13.38
N GLU F 3987 -36.56 10.86 14.43
CA GLU F 3987 -36.10 12.24 14.46
C GLU F 3987 -34.57 12.29 14.34
N GLY F 3988 -34.07 13.28 13.62
CA GLY F 3988 -32.64 13.43 13.45
C GLY F 3988 -31.99 12.28 12.72
N ASN F 3989 -32.66 11.73 11.72
CA ASN F 3989 -32.14 10.58 11.00
C ASN F 3989 -31.02 11.00 10.06
N VAL F 3990 -30.25 10.00 9.63
CA VAL F 3990 -29.20 10.18 8.64
C VAL F 3990 -29.41 9.16 7.54
N VAL F 3991 -28.86 9.46 6.36
CA VAL F 3991 -29.00 8.55 5.23
C VAL F 3991 -28.30 7.24 5.54
N ASN F 3992 -29.01 6.14 5.32
CA ASN F 3992 -28.51 4.80 5.64
C ASN F 3992 -28.18 4.67 7.11
N GLY F 3993 -29.12 5.08 7.97
CA GLY F 3993 -28.88 5.02 9.39
C GLY F 3993 -29.24 3.68 9.99
N THR F 3994 -28.59 3.36 11.11
CA THR F 3994 -28.84 2.09 11.78
C THR F 3994 -30.26 2.00 12.31
N ILE F 3995 -30.81 3.10 12.83
CA ILE F 3995 -32.18 3.08 13.31
C ILE F 3995 -33.14 2.81 12.16
N GLY F 3996 -32.89 3.45 11.01
CA GLY F 3996 -33.70 3.16 9.84
C GLY F 3996 -33.60 1.71 9.41
N LYS F 3997 -32.39 1.15 9.44
CA LYS F 3997 -32.23 -0.26 9.11
C LYS F 3997 -33.06 -1.13 10.03
N GLN F 3998 -32.97 -0.89 11.34
CA GLN F 3998 -33.71 -1.70 12.30
C GLN F 3998 -35.20 -1.59 12.08
N MET F 3999 -35.71 -0.37 11.87
CA MET F 3999 -37.14 -0.19 11.70
C MET F 3999 -37.64 -0.78 10.40
N VAL F 4000 -36.87 -0.70 9.32
CA VAL F 4000 -37.28 -1.36 8.08
C VAL F 4000 -37.26 -2.87 8.23
N ASP F 4001 -36.29 -3.42 8.96
CA ASP F 4001 -36.32 -4.85 9.23
C ASP F 4001 -37.56 -5.24 10.01
N MET F 4002 -37.95 -4.44 11.00
CA MET F 4002 -39.18 -4.69 11.73
C MET F 4002 -40.39 -4.67 10.82
N LEU F 4003 -40.47 -3.67 9.93
CA LEU F 4003 -41.61 -3.57 9.04
C LEU F 4003 -41.66 -4.77 8.09
N VAL F 4004 -40.51 -5.19 7.58
CA VAL F 4004 -40.45 -6.37 6.72
C VAL F 4004 -40.92 -7.60 7.47
N GLU F 4005 -40.52 -7.73 8.74
CA GLU F 4005 -40.99 -8.84 9.55
C GLU F 4005 -42.50 -8.82 9.71
N SER F 4006 -43.07 -7.65 9.98
CA SER F 4006 -44.50 -7.52 10.23
C SER F 4006 -45.28 -7.08 8.99
N SER F 4007 -44.76 -7.39 7.80
CA SER F 4007 -45.37 -6.89 6.57
C SER F 4007 -46.86 -7.25 6.47
N ASN F 4008 -47.22 -8.48 6.84
CA ASN F 4008 -48.61 -8.90 6.72
C ASN F 4008 -49.53 -8.06 7.60
N ASN F 4009 -49.14 -7.84 8.86
CA ASN F 4009 -49.97 -7.05 9.76
C ASN F 4009 -50.08 -5.61 9.29
N VAL F 4010 -48.96 -5.02 8.84
CA VAL F 4010 -49.02 -3.67 8.32
C VAL F 4010 -49.84 -3.61 7.04
N GLU F 4011 -49.76 -4.65 6.22
CA GLU F 4011 -50.60 -4.69 5.02
C GLU F 4011 -52.08 -4.68 5.38
N MET F 4012 -52.47 -5.48 6.38
CA MET F 4012 -53.87 -5.50 6.80
C MET F 4012 -54.29 -4.15 7.37
N ILE F 4013 -53.44 -3.54 8.19
CA ILE F 4013 -53.77 -2.25 8.79
C ILE F 4013 -53.91 -1.19 7.70
N LEU F 4014 -53.01 -1.20 6.72
CA LEU F 4014 -53.06 -0.22 5.65
C LEU F 4014 -54.28 -0.43 4.76
N LYS F 4015 -54.66 -1.68 4.50
CA LYS F 4015 -55.90 -1.92 3.78
C LYS F 4015 -57.11 -1.38 4.54
N PHE F 4016 -57.14 -1.60 5.86
CA PHE F 4016 -58.20 -1.05 6.69
C PHE F 4016 -58.27 0.46 6.58
N PHE F 4017 -57.12 1.13 6.69
CA PHE F 4017 -57.09 2.59 6.63
C PHE F 4017 -57.48 3.11 5.25
N ASP F 4018 -57.00 2.46 4.19
CA ASP F 4018 -57.37 2.89 2.84
C ASP F 4018 -58.86 2.76 2.63
N MET F 4019 -59.44 1.67 3.12
CA MET F 4019 -60.88 1.44 2.98
C MET F 4019 -61.67 2.52 3.71
N PHE F 4020 -61.31 2.79 4.97
CA PHE F 4020 -62.09 3.78 5.72
C PHE F 4020 -61.70 5.22 5.38
N LEU F 4021 -60.68 5.44 4.56
CA LEU F 4021 -60.44 6.76 4.00
C LEU F 4021 -61.17 6.96 2.68
N LYS F 4022 -61.35 5.90 1.90
CA LYS F 4022 -62.22 5.94 0.74
C LYS F 4022 -63.69 6.03 1.11
N LEU F 4023 -64.04 5.61 2.33
CA LEU F 4023 -65.41 5.81 2.82
C LEU F 4023 -65.83 7.26 2.75
N LYS F 4024 -64.91 8.19 3.02
CA LYS F 4024 -65.26 9.60 2.95
C LYS F 4024 -65.62 10.03 1.54
N ASP F 4025 -64.84 9.60 0.54
CA ASP F 4025 -65.19 9.90 -0.85
C ASP F 4025 -66.51 9.27 -1.24
N LEU F 4026 -66.74 8.03 -0.78
CA LEU F 4026 -68.02 7.37 -1.03
C LEU F 4026 -69.19 8.18 -0.48
N THR F 4027 -69.08 8.67 0.74
CA THR F 4027 -70.14 9.48 1.32
C THR F 4027 -70.24 10.85 0.68
N SER F 4028 -69.16 11.36 0.10
CA SER F 4028 -69.18 12.63 -0.61
C SER F 4028 -69.60 12.48 -2.06
N SER F 4029 -69.82 11.25 -2.53
CA SER F 4029 -70.22 11.03 -3.90
C SER F 4029 -71.61 11.64 -4.17
N ASP F 4030 -71.82 12.04 -5.43
CA ASP F 4030 -73.11 12.61 -5.80
C ASP F 4030 -74.23 11.58 -5.70
N THR F 4031 -73.92 10.30 -5.92
CA THR F 4031 -74.93 9.26 -5.79
C THR F 4031 -75.47 9.21 -4.36
N PHE F 4032 -74.59 9.27 -3.36
CA PHE F 4032 -75.04 9.32 -1.99
C PHE F 4032 -75.77 10.61 -1.68
N LYS F 4033 -75.34 11.73 -2.26
CA LYS F 4033 -76.04 12.99 -2.06
C LYS F 4033 -77.45 12.97 -2.61
N GLU F 4034 -77.71 12.24 -3.69
CA GLU F 4034 -79.07 12.16 -4.21
C GLU F 4034 -79.86 11.05 -3.51
N TYR F 4035 -79.17 10.04 -2.97
CA TYR F 4035 -79.84 9.09 -2.09
C TYR F 4035 -80.26 9.70 -0.77
N ASP F 4036 -79.61 10.78 -0.36
CA ASP F 4036 -79.98 11.51 0.86
C ASP F 4036 -80.18 12.98 0.51
N PRO F 4037 -81.25 13.31 -0.22
CA PRO F 4037 -81.52 14.73 -0.51
C PRO F 4037 -81.76 15.55 0.74
N ASP F 4038 -82.39 14.97 1.75
CA ASP F 4038 -82.62 15.66 3.01
C ASP F 4038 -81.45 15.46 3.95
N GLY F 4039 -81.40 16.29 4.99
CA GLY F 4039 -80.28 16.33 5.91
C GLY F 4039 -80.33 15.36 7.07
N LYS F 4040 -81.34 14.49 7.14
CA LYS F 4040 -81.42 13.55 8.26
C LYS F 4040 -80.24 12.59 8.27
N GLY F 4041 -79.84 12.10 7.10
CA GLY F 4041 -78.70 11.22 6.97
C GLY F 4041 -78.92 9.80 7.47
N VAL F 4042 -80.12 9.49 7.95
CA VAL F 4042 -80.40 8.16 8.51
C VAL F 4042 -80.78 7.27 7.33
N ILE F 4043 -79.79 6.58 6.77
CA ILE F 4043 -79.90 5.93 5.47
C ILE F 4043 -80.01 4.42 5.65
N SER F 4044 -80.89 3.82 4.85
CA SER F 4044 -81.18 2.39 4.98
C SER F 4044 -79.98 1.54 4.57
N LYS F 4045 -79.96 0.31 5.09
CA LYS F 4045 -78.85 -0.60 4.82
C LYS F 4045 -78.74 -0.94 3.34
N ARG F 4046 -79.87 -1.24 2.70
CA ARG F 4046 -79.85 -1.55 1.27
C ARG F 4046 -79.44 -0.32 0.47
N ASP F 4047 -79.88 0.86 0.89
CA ASP F 4047 -79.47 2.08 0.22
C ASP F 4047 -77.95 2.26 0.29
N PHE F 4048 -77.36 2.05 1.46
CA PHE F 4048 -75.91 2.17 1.59
C PHE F 4048 -75.21 1.12 0.75
N HIS F 4049 -75.73 -0.11 0.74
CA HIS F 4049 -75.11 -1.17 -0.05
C HIS F 4049 -75.12 -0.85 -1.53
N LYS F 4050 -76.24 -0.38 -2.06
CA LYS F 4050 -76.32 -0.06 -3.48
C LYS F 4050 -75.50 1.20 -3.81
N ALA F 4051 -75.41 2.14 -2.88
CA ALA F 4051 -74.52 3.28 -3.08
C ALA F 4051 -73.07 2.83 -3.17
N MET F 4052 -72.67 1.89 -2.30
CA MET F 4052 -71.32 1.37 -2.37
C MET F 4052 -71.08 0.64 -3.69
N GLU F 4053 -72.05 -0.16 -4.12
CA GLU F 4053 -71.94 -0.83 -5.41
C GLU F 4053 -71.79 0.17 -6.54
N SER F 4054 -72.48 1.31 -6.45
CA SER F 4054 -72.36 2.34 -7.48
C SER F 4054 -71.02 3.07 -7.41
N HIS F 4055 -70.40 3.09 -6.22
CA HIS F 4055 -69.14 3.82 -6.06
C HIS F 4055 -68.06 3.32 -7.02
N LYS F 4056 -68.04 2.01 -7.30
CA LYS F 4056 -67.11 1.40 -8.25
C LYS F 4056 -65.67 1.42 -7.75
N HIS F 4057 -65.43 2.04 -6.59
CA HIS F 4057 -64.12 2.00 -5.97
C HIS F 4057 -63.99 0.94 -4.88
N TYR F 4058 -65.07 0.23 -4.57
CA TYR F 4058 -65.08 -0.75 -3.49
C TYR F 4058 -65.27 -2.14 -4.08
N THR F 4059 -64.34 -3.04 -3.77
CA THR F 4059 -64.47 -4.42 -4.21
C THR F 4059 -65.55 -5.13 -3.40
N GLN F 4060 -65.79 -6.39 -3.77
CA GLN F 4060 -66.83 -7.16 -3.09
C GLN F 4060 -66.49 -7.34 -1.61
N SER F 4061 -65.27 -7.82 -1.33
CA SER F 4061 -64.90 -8.09 0.06
C SER F 4061 -64.94 -6.82 0.90
N GLU F 4062 -64.49 -5.70 0.33
CA GLU F 4062 -64.65 -4.41 0.99
C GLU F 4062 -66.12 -4.12 1.26
N THR F 4063 -67.00 -4.51 0.33
CA THR F 4063 -68.42 -4.28 0.54
C THR F 4063 -68.95 -5.06 1.73
N GLU F 4064 -68.63 -6.37 1.82
CA GLU F 4064 -69.11 -7.11 2.99
C GLU F 4064 -68.50 -6.56 4.27
N PHE F 4065 -67.23 -6.15 4.24
CA PHE F 4065 -66.65 -5.64 5.47
C PHE F 4065 -67.31 -4.35 5.92
N LEU F 4066 -67.58 -3.43 4.99
CA LEU F 4066 -68.31 -2.22 5.37
C LEU F 4066 -69.69 -2.54 5.88
N LEU F 4067 -70.40 -3.47 5.23
CA LEU F 4067 -71.74 -3.81 5.71
C LEU F 4067 -71.70 -4.41 7.10
N SER F 4068 -70.71 -5.26 7.37
CA SER F 4068 -70.58 -5.87 8.69
C SER F 4068 -70.26 -4.83 9.76
N CYS F 4069 -69.30 -3.95 9.47
CA CYS F 4069 -68.95 -2.91 10.42
C CYS F 4069 -70.02 -1.83 10.55
N ALA F 4070 -70.95 -1.78 9.61
CA ALA F 4070 -72.00 -0.77 9.63
C ALA F 4070 -73.10 -1.21 10.60
N GLU F 4071 -73.47 -0.32 11.50
CA GLU F 4071 -74.48 -0.61 12.53
C GLU F 4071 -75.77 0.14 12.22
N THR F 4072 -76.88 -0.57 12.38
CA THR F 4072 -78.20 -0.02 12.04
C THR F 4072 -79.14 -0.15 13.23
N ASP F 4073 -80.20 0.65 13.21
CA ASP F 4073 -81.25 0.57 14.22
C ASP F 4073 -82.29 -0.46 13.79
N GLU F 4074 -83.41 -0.50 14.50
CA GLU F 4074 -84.51 -1.37 14.11
C GLU F 4074 -85.16 -0.90 12.82
N ASN F 4075 -84.97 0.38 12.48
CA ASN F 4075 -85.57 0.93 11.27
C ASN F 4075 -84.80 0.53 10.03
N GLU F 4076 -83.74 -0.27 10.18
CA GLU F 4076 -82.89 -0.73 9.10
C GLU F 4076 -82.17 0.44 8.42
N THR F 4077 -82.07 1.57 9.11
CA THR F 4077 -81.51 2.79 8.56
C THR F 4077 -80.32 3.22 9.42
N LEU F 4078 -79.27 3.73 8.78
CA LEU F 4078 -77.99 3.93 9.44
C LEU F 4078 -77.60 5.41 9.46
N ASP F 4079 -76.91 5.82 10.52
CA ASP F 4079 -76.42 7.18 10.68
C ASP F 4079 -75.01 7.28 10.09
N TYR F 4080 -74.94 7.69 8.83
CA TYR F 4080 -73.65 7.69 8.15
C TYR F 4080 -72.72 8.74 8.74
N GLU F 4081 -73.28 9.84 9.25
CA GLU F 4081 -72.42 10.86 9.87
C GLU F 4081 -71.59 10.27 10.99
N GLU F 4082 -72.24 9.60 11.94
CA GLU F 4082 -71.54 9.02 13.08
C GLU F 4082 -70.69 7.82 12.66
N PHE F 4083 -71.17 7.04 11.70
CA PHE F 4083 -70.39 5.93 11.16
C PHE F 4083 -69.04 6.41 10.61
N VAL F 4084 -69.09 7.38 9.70
CA VAL F 4084 -67.87 7.86 9.06
C VAL F 4084 -67.02 8.62 10.06
N LYS F 4085 -67.63 9.32 11.02
CA LYS F 4085 -66.83 9.91 12.08
C LYS F 4085 -66.00 8.84 12.77
N ARG F 4086 -66.67 7.88 13.42
CA ARG F 4086 -65.99 6.86 14.20
C ARG F 4086 -64.89 6.18 13.42
N PHE F 4087 -65.13 5.81 12.17
CA PHE F 4087 -64.15 5.00 11.46
C PHE F 4087 -63.13 5.83 10.68
N HIS F 4088 -63.53 6.96 10.12
CA HIS F 4088 -62.65 7.77 9.29
C HIS F 4088 -61.64 8.54 10.14
N GLU F 4089 -62.09 9.20 11.22
CA GLU F 4089 -61.19 10.12 11.90
C GLU F 4089 -59.96 9.44 12.48
N PRO F 4090 -60.07 8.36 13.26
CA PRO F 4090 -58.85 7.62 13.65
C PRO F 4090 -58.09 7.11 12.45
N ALA F 4091 -58.81 6.63 11.42
CA ALA F 4091 -58.14 6.23 10.20
C ALA F 4091 -57.32 7.39 9.65
N LYS F 4092 -57.92 8.58 9.58
CA LYS F 4092 -57.21 9.73 9.04
C LYS F 4092 -55.94 10.04 9.83
N ASP F 4093 -56.02 10.19 11.15
CA ASP F 4093 -54.83 10.66 11.85
C ASP F 4093 -53.76 9.59 11.95
N ILE F 4094 -54.14 8.35 12.26
CA ILE F 4094 -53.14 7.29 12.32
C ILE F 4094 -52.53 7.05 10.95
N GLY F 4095 -53.33 7.15 9.89
CA GLY F 4095 -52.79 7.00 8.56
C GLY F 4095 -51.83 8.11 8.19
N PHE F 4096 -52.13 9.33 8.63
CA PHE F 4096 -51.18 10.41 8.39
C PHE F 4096 -49.85 10.15 9.08
N ASN F 4097 -49.90 9.71 10.33
CA ASN F 4097 -48.65 9.41 11.03
C ASN F 4097 -47.89 8.27 10.35
N VAL F 4098 -48.60 7.24 9.90
CA VAL F 4098 -47.94 6.14 9.21
C VAL F 4098 -47.32 6.60 7.90
N ALA F 4099 -48.04 7.46 7.16
CA ALA F 4099 -47.52 7.98 5.91
C ALA F 4099 -46.26 8.82 6.14
N VAL F 4100 -46.27 9.63 7.21
CA VAL F 4100 -45.06 10.39 7.55
C VAL F 4100 -43.92 9.45 7.88
N LEU F 4101 -44.19 8.39 8.64
CA LEU F 4101 -43.16 7.41 8.98
C LEU F 4101 -42.54 6.81 7.73
N LEU F 4102 -43.39 6.31 6.83
CA LEU F 4102 -42.88 5.68 5.62
C LEU F 4102 -42.18 6.65 4.70
N THR F 4103 -42.68 7.88 4.57
CA THR F 4103 -41.99 8.87 3.76
C THR F 4103 -40.62 9.20 4.32
N ASN F 4104 -40.52 9.34 5.65
CA ASN F 4104 -39.22 9.58 6.27
C ASN F 4104 -38.27 8.44 5.96
N LEU F 4105 -38.73 7.20 6.14
CA LEU F 4105 -37.87 6.05 5.89
C LEU F 4105 -37.42 6.00 4.45
N SER F 4106 -38.35 6.23 3.52
CA SER F 4106 -38.03 6.15 2.09
C SER F 4106 -37.02 7.23 1.70
N GLU F 4107 -37.25 8.46 2.16
CA GLU F 4107 -36.36 9.55 1.78
C GLU F 4107 -34.97 9.36 2.38
N HIS F 4108 -34.89 8.83 3.59
CA HIS F 4108 -33.57 8.68 4.21
C HIS F 4108 -32.85 7.44 3.68
N MET F 4109 -33.59 6.44 3.23
CA MET F 4109 -33.00 5.26 2.60
C MET F 4109 -33.59 5.07 1.22
N PRO F 4110 -32.93 5.55 0.16
CA PRO F 4110 -33.54 5.48 -1.17
C PRO F 4110 -33.30 4.17 -1.90
N ASN F 4111 -32.37 3.34 -1.44
CA ASN F 4111 -31.95 2.16 -2.20
C ASN F 4111 -32.09 0.90 -1.35
N ASP F 4112 -33.23 0.75 -0.71
CA ASP F 4112 -33.59 -0.49 -0.03
C ASP F 4112 -34.76 -1.12 -0.79
N THR F 4113 -34.51 -2.27 -1.40
CA THR F 4113 -35.54 -2.93 -2.19
C THR F 4113 -36.70 -3.37 -1.31
N ARG F 4114 -36.40 -3.80 -0.08
CA ARG F 4114 -37.46 -4.15 0.86
C ARG F 4114 -38.36 -2.96 1.14
N LEU F 4115 -37.76 -1.80 1.38
CA LEU F 4115 -38.55 -0.60 1.60
C LEU F 4115 -39.34 -0.23 0.36
N GLN F 4116 -38.75 -0.42 -0.83
CA GLN F 4116 -39.47 -0.10 -2.06
C GLN F 4116 -40.72 -0.99 -2.21
N THR F 4117 -40.57 -2.29 -1.99
CA THR F 4117 -41.72 -3.17 -2.06
C THR F 4117 -42.76 -2.82 -1.00
N PHE F 4118 -42.30 -2.49 0.20
CA PHE F 4118 -43.23 -2.13 1.26
C PHE F 4118 -44.01 -0.87 0.90
N LEU F 4119 -43.33 0.11 0.31
CA LEU F 4119 -44.00 1.31 -0.16
C LEU F 4119 -45.01 1.00 -1.26
N GLU F 4120 -44.65 0.10 -2.17
CA GLU F 4120 -45.59 -0.30 -3.21
C GLU F 4120 -46.84 -0.90 -2.60
N LEU F 4121 -46.67 -1.71 -1.55
CA LEU F 4121 -47.83 -2.20 -0.82
C LEU F 4121 -48.60 -1.04 -0.17
N ALA F 4122 -47.89 0.00 0.27
CA ALA F 4122 -48.50 1.14 0.94
C ALA F 4122 -48.82 2.29 -0.01
N GLU F 4123 -48.98 1.99 -1.30
CA GLU F 4123 -49.09 3.06 -2.30
C GLU F 4123 -50.30 3.96 -2.09
N SER F 4124 -51.48 3.37 -1.91
CA SER F 4124 -52.72 4.16 -1.91
C SER F 4124 -52.76 5.13 -0.74
N VAL F 4125 -52.38 4.66 0.45
CA VAL F 4125 -52.40 5.52 1.63
C VAL F 4125 -51.44 6.68 1.47
N LEU F 4126 -50.24 6.42 0.95
CA LEU F 4126 -49.26 7.48 0.71
C LEU F 4126 -49.70 8.43 -0.39
N ASN F 4127 -50.66 8.04 -1.22
CA ASN F 4127 -51.24 8.94 -2.21
C ASN F 4127 -52.39 9.77 -1.68
N TYR F 4128 -53.13 9.25 -0.69
CA TYR F 4128 -54.19 10.05 -0.09
C TYR F 4128 -53.61 11.27 0.64
N PHE F 4129 -52.53 11.07 1.37
CA PHE F 4129 -51.97 12.11 2.25
C PHE F 4129 -50.92 12.97 1.57
N GLN F 4130 -50.64 12.74 0.29
CA GLN F 4130 -49.63 13.55 -0.39
C GLN F 4130 -49.96 15.03 -0.37
N PRO F 4131 -51.19 15.48 -0.64
CA PRO F 4131 -51.49 16.90 -0.46
C PRO F 4131 -51.34 17.36 0.97
N PHE F 4132 -51.58 16.49 1.95
CA PHE F 4132 -51.54 16.93 3.34
C PHE F 4132 -50.15 16.85 3.93
N LEU F 4133 -49.31 15.96 3.41
CA LEU F 4133 -47.96 15.83 3.94
C LEU F 4133 -47.09 16.98 3.43
N GLY F 4134 -46.55 17.75 4.36
CA GLY F 4134 -45.64 18.83 4.01
C GLY F 4134 -44.27 18.58 4.59
N ARG F 4135 -43.25 18.84 3.79
CA ARG F 4135 -41.87 18.55 4.17
C ARG F 4135 -41.00 19.76 3.89
N ILE F 4136 -40.10 20.06 4.82
CA ILE F 4136 -39.13 21.14 4.66
C ILE F 4136 -37.78 20.65 5.14
N GLU F 4137 -36.76 21.45 4.89
CA GLU F 4137 -35.41 21.18 5.36
C GLU F 4137 -34.95 22.35 6.23
N ILE F 4138 -34.37 22.02 7.38
CA ILE F 4138 -33.91 23.03 8.32
C ILE F 4138 -32.47 22.76 8.68
N MET F 4139 -31.80 23.81 9.16
CA MET F 4139 -30.40 23.72 9.57
C MET F 4139 -30.38 23.22 11.02
N GLY F 4140 -30.18 21.92 11.18
CA GLY F 4140 -30.50 21.25 12.43
C GLY F 4140 -29.58 21.65 13.57
N SER F 4141 -30.01 21.25 14.78
CA SER F 4141 -29.27 21.57 15.99
C SER F 4141 -27.90 20.90 16.02
N ALA F 4142 -27.78 19.74 15.37
CA ALA F 4142 -26.53 18.98 15.36
C ALA F 4142 -25.60 19.41 14.23
N LYS F 4143 -25.71 20.66 13.77
CA LYS F 4143 -24.91 21.17 12.66
C LYS F 4143 -25.06 20.31 11.41
N ARG F 4144 -26.29 19.88 11.13
CA ARG F 4144 -26.58 19.05 9.98
C ARG F 4144 -28.02 19.30 9.52
N ILE F 4145 -28.21 19.31 8.21
CA ILE F 4145 -29.52 19.60 7.63
C ILE F 4145 -30.46 18.43 7.88
N GLU F 4146 -31.66 18.74 8.37
CA GLU F 4146 -32.64 17.73 8.72
C GLU F 4146 -33.94 18.02 7.99
N ARG F 4147 -34.75 16.98 7.83
CA ARG F 4147 -36.05 17.09 7.19
C ARG F 4147 -37.15 17.09 8.25
N VAL F 4148 -38.07 18.03 8.13
CA VAL F 4148 -39.19 18.15 9.05
C VAL F 4148 -40.48 17.90 8.27
N TYR F 4149 -41.33 17.05 8.83
CA TYR F 4149 -42.60 16.67 8.22
C TYR F 4149 -43.74 17.14 9.10
N PHE F 4150 -44.81 17.63 8.48
CA PHE F 4150 -45.95 18.16 9.22
C PHE F 4150 -47.21 18.03 8.37
N GLU F 4151 -48.32 18.48 8.94
CA GLU F 4151 -49.62 18.37 8.31
C GLU F 4151 -50.04 19.75 7.81
N ILE F 4152 -50.13 19.90 6.50
CA ILE F 4152 -50.68 21.11 5.90
C ILE F 4152 -52.19 20.96 5.80
N SER F 4153 -52.92 21.84 6.49
CA SER F 4153 -54.37 21.70 6.52
C SER F 4153 -54.98 22.08 5.18
N GLU F 4154 -56.12 21.47 4.89
CA GLU F 4154 -56.82 21.72 3.63
C GLU F 4154 -57.27 23.17 3.53
N SER F 4155 -57.79 23.72 4.63
CA SER F 4155 -58.19 25.12 4.63
C SER F 4155 -57.00 26.03 4.37
N SER F 4156 -55.87 25.74 5.00
CA SER F 4156 -54.66 26.52 4.75
C SER F 4156 -54.25 26.46 3.29
N ARG F 4157 -54.28 25.28 2.69
CA ARG F 4157 -53.90 25.18 1.29
C ARG F 4157 -54.85 25.96 0.39
N THR F 4158 -56.15 25.86 0.64
CA THR F 4158 -57.10 26.61 -0.18
C THR F 4158 -56.89 28.11 -0.05
N GLN F 4159 -56.72 28.60 1.18
CA GLN F 4159 -56.48 30.03 1.36
C GLN F 4159 -55.17 30.44 0.74
N TRP F 4160 -54.19 29.54 0.68
CA TRP F 4160 -52.91 29.87 0.06
C TRP F 4160 -53.06 30.03 -1.44
N GLU F 4161 -53.72 29.08 -2.10
CA GLU F 4161 -53.96 29.22 -3.53
C GLU F 4161 -55.19 30.04 -3.87
N LYS F 4162 -55.72 30.83 -2.93
CA LYS F 4162 -56.60 31.91 -3.32
C LYS F 4162 -55.83 32.95 -4.12
N PRO F 4163 -56.45 33.56 -5.14
CA PRO F 4163 -55.70 34.45 -6.03
C PRO F 4163 -55.09 35.67 -5.35
N GLN F 4164 -55.76 36.23 -4.34
CA GLN F 4164 -55.24 37.41 -3.66
C GLN F 4164 -53.91 37.10 -2.99
N VAL F 4165 -53.82 35.93 -2.36
CA VAL F 4165 -52.57 35.53 -1.72
C VAL F 4165 -51.48 35.35 -2.76
N LYS F 4166 -51.80 34.82 -3.94
CA LYS F 4166 -50.81 34.72 -5.00
C LYS F 4166 -50.34 36.09 -5.47
N GLU F 4167 -51.25 37.06 -5.59
CA GLU F 4167 -50.82 38.41 -5.96
C GLU F 4167 -49.90 39.00 -4.90
N SER F 4168 -50.24 38.81 -3.63
CA SER F 4168 -49.39 39.30 -2.55
C SER F 4168 -48.02 38.63 -2.58
N LYS F 4169 -48.00 37.33 -2.87
CA LYS F 4169 -46.74 36.61 -2.99
C LYS F 4169 -45.88 37.15 -4.12
N ARG F 4170 -46.49 37.40 -5.28
CA ARG F 4170 -45.72 37.95 -6.39
C ARG F 4170 -45.17 39.33 -6.04
N GLN F 4171 -45.99 40.16 -5.39
CA GLN F 4171 -45.53 41.48 -4.99
C GLN F 4171 -44.35 41.38 -4.02
N PHE F 4172 -44.47 40.49 -3.03
CA PHE F 4172 -43.40 40.33 -2.05
C PHE F 4172 -42.12 39.83 -2.69
N ILE F 4173 -42.22 38.86 -3.61
CA ILE F 4173 -41.04 38.38 -4.30
C ILE F 4173 -40.40 39.49 -5.12
N PHE F 4174 -41.20 40.26 -5.85
CA PHE F 4174 -40.66 41.39 -6.60
C PHE F 4174 -39.92 42.35 -5.69
N ASP F 4175 -40.52 42.68 -4.54
CA ASP F 4175 -39.88 43.63 -3.62
C ASP F 4175 -38.57 43.08 -3.09
N VAL F 4176 -38.59 41.85 -2.58
CA VAL F 4176 -37.39 41.30 -1.96
C VAL F 4176 -36.28 41.06 -2.98
N VAL F 4177 -36.63 40.81 -4.24
CA VAL F 4177 -35.60 40.62 -5.25
C VAL F 4177 -35.02 41.94 -5.72
N ASN F 4178 -35.86 42.95 -5.99
CA ASN F 4178 -35.34 44.21 -6.48
C ASN F 4178 -34.63 45.00 -5.38
N GLU F 4179 -35.36 45.33 -4.31
CA GLU F 4179 -34.79 46.09 -3.19
C GLU F 4179 -34.71 45.16 -1.97
N GLY F 4180 -33.62 44.44 -1.87
CA GLY F 4180 -33.44 43.50 -0.77
C GLY F 4180 -32.00 43.06 -0.65
N GLY F 4181 -31.60 42.74 0.57
CA GLY F 4181 -30.29 42.20 0.85
C GLY F 4181 -30.41 40.79 1.41
N GLU F 4182 -29.41 39.97 1.15
CA GLU F 4182 -29.42 38.59 1.66
C GLU F 4182 -29.36 38.56 3.18
N LYS F 4183 -28.92 39.67 3.80
CA LYS F 4183 -28.98 39.77 5.25
C LYS F 4183 -30.42 39.81 5.74
N GLU F 4184 -31.26 40.62 5.10
CA GLU F 4184 -32.63 40.85 5.53
C GLU F 4184 -33.64 39.96 4.82
N LYS F 4185 -33.18 39.10 3.90
CA LYS F 4185 -34.12 38.31 3.10
C LYS F 4185 -34.97 37.40 3.98
N MET F 4186 -34.34 36.68 4.90
CA MET F 4186 -35.08 35.74 5.74
C MET F 4186 -35.92 36.43 6.79
N GLU F 4187 -35.57 37.64 7.22
CA GLU F 4187 -36.44 38.42 8.09
C GLU F 4187 -37.68 38.91 7.34
N LEU F 4188 -37.48 39.42 6.13
CA LEU F 4188 -38.61 39.85 5.31
C LEU F 4188 -39.53 38.67 4.98
N PHE F 4189 -38.94 37.50 4.71
CA PHE F 4189 -39.76 36.34 4.40
C PHE F 4189 -40.63 35.93 5.58
N VAL F 4190 -40.07 35.96 6.79
CA VAL F 4190 -40.87 35.64 7.97
C VAL F 4190 -41.94 36.69 8.23
N ASN F 4191 -41.64 37.97 8.01
CA ASN F 4191 -42.68 38.99 8.15
C ASN F 4191 -43.81 38.75 7.15
N PHE F 4192 -43.47 38.44 5.90
CA PHE F 4192 -44.48 38.09 4.91
C PHE F 4192 -45.27 36.87 5.34
N CYS F 4193 -44.60 35.85 5.89
CA CYS F 4193 -45.29 34.65 6.32
C CYS F 4193 -46.28 34.97 7.43
N GLU F 4194 -45.89 35.81 8.38
CA GLU F 4194 -46.79 36.17 9.46
C GLU F 4194 -48.01 36.92 8.93
N ASP F 4195 -47.79 37.90 8.07
CA ASP F 4195 -48.90 38.66 7.52
C ASP F 4195 -49.84 37.77 6.71
N THR F 4196 -49.26 36.89 5.88
CA THR F 4196 -50.07 36.00 5.07
C THR F 4196 -50.86 35.03 5.93
N ILE F 4197 -50.24 34.51 6.99
CA ILE F 4197 -50.95 33.59 7.87
C ILE F 4197 -52.12 34.29 8.53
N PHE F 4198 -51.91 35.52 9.00
CA PHE F 4198 -53.02 36.24 9.63
C PHE F 4198 -54.14 36.49 8.64
N GLU F 4199 -53.83 36.95 7.43
CA GLU F 4199 -54.87 37.21 6.45
C GLU F 4199 -55.57 35.93 6.01
N MET F 4200 -54.85 34.81 5.91
CA MET F 4200 -55.45 33.53 5.57
C MET F 4200 -56.39 33.04 6.65
N GLN F 4201 -55.99 33.15 7.92
CA GLN F 4201 -56.87 32.78 9.01
C GLN F 4201 -58.11 33.67 9.05
N LEU F 4202 -57.95 34.97 8.83
CA LEU F 4202 -59.11 35.86 8.78
C LEU F 4202 -60.04 35.51 7.62
N ALA F 4203 -59.49 35.20 6.45
CA ALA F 4203 -60.31 34.78 5.33
C ALA F 4203 -61.07 33.48 5.61
N ALA F 4204 -60.40 32.51 6.25
CA ALA F 4204 -61.08 31.29 6.63
C ALA F 4204 -62.19 31.57 7.62
N GLN F 4205 -61.96 32.49 8.55
CA GLN F 4205 -62.98 32.86 9.52
C GLN F 4205 -64.20 33.49 8.83
N ILE F 4206 -63.96 34.44 7.93
CA ILE F 4206 -65.08 35.16 7.32
C ILE F 4206 -65.84 34.26 6.35
N SER F 4207 -65.13 33.35 5.68
CA SER F 4207 -65.77 32.44 4.73
C SER F 4207 -66.27 31.20 5.49
N GLU F 4208 -67.31 31.43 6.29
CA GLU F 4208 -67.91 30.39 7.10
C GLU F 4208 -69.30 30.06 6.57
N SER F 4209 -69.53 28.77 6.33
CA SER F 4209 -70.82 28.31 5.84
C SER F 4209 -71.75 27.94 6.98
N SER F 4237 -70.59 33.11 -24.30
CA SER F 4237 -71.85 32.78 -23.67
C SER F 4237 -72.43 31.50 -24.24
N ILE F 4238 -73.17 30.76 -23.41
CA ILE F 4238 -73.80 29.52 -23.85
C ILE F 4238 -74.77 29.79 -25.00
N LEU F 4239 -75.50 30.90 -24.94
CA LEU F 4239 -76.41 31.23 -26.03
C LEU F 4239 -75.65 31.46 -27.33
N THR F 4240 -74.54 32.20 -27.28
CA THR F 4240 -73.75 32.44 -28.48
C THR F 4240 -73.18 31.16 -29.04
N VAL F 4241 -72.62 30.30 -28.18
CA VAL F 4241 -72.07 29.03 -28.63
C VAL F 4241 -73.15 28.15 -29.25
N ARG F 4242 -74.31 28.05 -28.61
CA ARG F 4242 -75.39 27.21 -29.15
C ARG F 4242 -75.88 27.76 -30.48
N SER F 4243 -76.01 29.07 -30.60
CA SER F 4243 -76.45 29.66 -31.86
C SER F 4243 -75.46 29.39 -32.97
N ALA F 4244 -74.16 29.57 -32.68
CA ALA F 4244 -73.14 29.33 -33.70
C ALA F 4244 -73.11 27.86 -34.12
N LEU F 4245 -73.20 26.95 -33.14
CA LEU F 4245 -73.18 25.53 -33.46
C LEU F 4245 -74.41 25.11 -34.25
N PHE F 4246 -75.59 25.62 -33.89
CA PHE F 4246 -76.79 25.31 -34.65
C PHE F 4246 -76.70 25.87 -36.07
N ALA F 4247 -76.12 27.05 -36.21
CA ALA F 4247 -75.91 27.61 -37.55
C ALA F 4247 -75.00 26.71 -38.38
N LEU F 4248 -73.88 26.27 -37.79
CA LEU F 4248 -73.03 25.29 -38.47
C LEU F 4248 -73.79 24.05 -38.90
N ARG F 4249 -74.51 23.43 -37.98
CA ARG F 4249 -75.20 22.17 -38.30
C ARG F 4249 -76.23 22.38 -39.40
N TYR F 4250 -77.08 23.39 -39.25
CA TYR F 4250 -78.14 23.62 -40.23
C TYR F 4250 -77.58 23.97 -41.60
N ASN F 4251 -76.56 24.83 -41.64
CA ASN F 4251 -76.03 25.26 -42.93
C ASN F 4251 -75.28 24.13 -43.63
N ILE F 4252 -74.51 23.33 -42.87
CA ILE F 4252 -73.79 22.23 -43.49
C ILE F 4252 -74.77 21.15 -43.96
N LEU F 4253 -75.84 20.90 -43.19
CA LEU F 4253 -76.84 19.96 -43.66
C LEU F 4253 -77.55 20.47 -44.90
N THR F 4254 -77.81 21.78 -44.97
CA THR F 4254 -78.39 22.36 -46.17
C THR F 4254 -77.47 22.17 -47.37
N LEU F 4255 -76.17 22.37 -47.18
CA LEU F 4255 -75.22 22.14 -48.26
C LEU F 4255 -75.21 20.68 -48.70
N MET F 4256 -75.19 19.76 -47.74
CA MET F 4256 -75.09 18.34 -48.06
C MET F 4256 -76.40 17.75 -48.58
N ARG F 4257 -77.52 18.44 -48.41
CA ARG F 4257 -78.79 17.92 -48.90
C ARG F 4257 -78.78 17.75 -50.42
N MET F 4258 -78.14 18.67 -51.14
CA MET F 4258 -78.15 18.57 -52.61
C MET F 4258 -77.43 17.32 -53.07
N LEU F 4259 -76.44 16.86 -52.29
CA LEU F 4259 -75.79 15.59 -52.59
C LEU F 4259 -76.63 14.42 -52.10
N SER F 4260 -77.34 14.59 -50.98
CA SER F 4260 -78.07 13.49 -50.38
C SER F 4260 -79.43 13.23 -51.01
N LEU F 4261 -79.91 14.12 -51.88
CA LEU F 4261 -81.25 13.98 -52.44
C LEU F 4261 -81.36 12.89 -53.50
N LYS F 4262 -80.24 12.31 -53.94
CA LYS F 4262 -80.22 11.31 -55.01
C LYS F 4262 -80.79 11.87 -56.32
N SER F 4263 -80.79 13.20 -56.45
CA SER F 4263 -81.24 13.88 -57.65
C SER F 4263 -80.11 14.08 -58.65
N LEU F 4264 -78.93 13.53 -58.37
CA LEU F 4264 -77.78 13.70 -59.25
C LEU F 4264 -77.76 12.66 -60.35
N LYS F 4265 -78.92 12.04 -60.62
CA LYS F 4265 -79.07 11.08 -61.69
C LYS F 4265 -78.97 11.72 -63.08
N LYS F 4266 -79.61 12.87 -63.27
CA LYS F 4266 -79.50 13.59 -64.54
C LYS F 4266 -78.07 14.08 -64.75
N GLN F 4267 -77.44 14.60 -63.70
CA GLN F 4267 -76.05 15.01 -63.80
C GLN F 4267 -75.15 13.79 -64.05
N MET F 4268 -75.47 12.65 -63.43
CA MET F 4268 -74.68 11.46 -63.70
C MET F 4268 -74.80 11.03 -65.16
N LYS F 4269 -76.02 11.12 -65.72
CA LYS F 4269 -76.20 10.81 -67.13
C LYS F 4269 -75.40 11.75 -68.01
N LYS F 4270 -75.40 13.04 -67.67
CA LYS F 4270 -74.61 14.01 -68.41
C LYS F 4270 -73.11 13.81 -68.24
N VAL F 4271 -72.70 13.15 -67.15
CA VAL F 4271 -71.28 12.87 -66.92
C VAL F 4271 -70.84 11.55 -67.56
N LYS F 4272 -71.78 10.63 -67.84
CA LYS F 4272 -71.41 9.36 -68.47
C LYS F 4272 -70.56 9.57 -69.71
N LYS F 4273 -70.84 10.61 -70.47
CA LYS F 4273 -69.99 11.03 -71.57
C LYS F 4273 -68.95 12.01 -71.04
N MET F 4274 -67.67 11.67 -71.22
CA MET F 4274 -66.58 12.43 -70.63
C MET F 4274 -66.49 13.80 -71.29
N THR F 4275 -66.43 14.85 -70.49
CA THR F 4275 -66.36 16.22 -70.97
C THR F 4275 -65.45 17.04 -70.08
N VAL F 4276 -64.43 17.66 -70.69
CA VAL F 4276 -63.46 18.45 -69.93
C VAL F 4276 -64.16 19.64 -69.27
N LYS F 4277 -65.02 20.33 -70.02
CA LYS F 4277 -65.75 21.46 -69.45
C LYS F 4277 -66.64 21.01 -68.30
N ASP F 4278 -67.31 19.86 -68.46
CA ASP F 4278 -68.14 19.34 -67.38
C ASP F 4278 -67.32 19.05 -66.14
N MET F 4279 -66.17 18.39 -66.29
CA MET F 4279 -65.40 17.99 -65.12
C MET F 4279 -64.81 19.21 -64.41
N VAL F 4280 -64.30 20.19 -65.17
CA VAL F 4280 -63.76 21.38 -64.53
C VAL F 4280 -64.89 22.19 -63.87
N THR F 4281 -66.06 22.23 -64.52
CA THR F 4281 -67.20 22.95 -63.94
C THR F 4281 -67.62 22.31 -62.63
N ALA F 4282 -67.68 20.98 -62.58
CA ALA F 4282 -68.07 20.30 -61.34
C ALA F 4282 -67.03 20.54 -60.25
N PHE F 4283 -65.75 20.43 -60.60
CA PHE F 4283 -64.69 20.61 -59.62
C PHE F 4283 -64.72 22.01 -59.03
N PHE F 4284 -64.95 23.02 -59.87
CA PHE F 4284 -65.00 24.39 -59.37
C PHE F 4284 -66.30 24.66 -58.62
N SER F 4285 -67.40 24.05 -59.07
CA SER F 4285 -68.70 24.31 -58.47
C SER F 4285 -68.80 23.73 -57.07
N SER F 4286 -68.09 22.63 -56.82
CA SER F 4286 -68.08 22.09 -55.46
C SER F 4286 -67.54 23.11 -54.46
N TYR F 4287 -66.39 23.71 -54.79
CA TYR F 4287 -65.79 24.69 -53.88
C TYR F 4287 -66.59 25.99 -53.86
N TRP F 4288 -67.20 26.34 -54.99
CA TRP F 4288 -68.07 27.52 -55.00
C TRP F 4288 -69.25 27.32 -54.06
N SER F 4289 -69.85 26.13 -54.07
CA SER F 4289 -70.95 25.82 -53.16
C SER F 4289 -70.48 25.83 -51.71
N ILE F 4290 -69.28 25.31 -51.46
CA ILE F 4290 -68.75 25.36 -50.09
C ILE F 4290 -68.60 26.81 -49.63
N PHE F 4291 -68.08 27.67 -50.50
CA PHE F 4291 -67.90 29.08 -50.15
C PHE F 4291 -69.24 29.76 -49.91
N MET F 4292 -70.24 29.47 -50.75
CA MET F 4292 -71.58 30.04 -50.53
C MET F 4292 -72.17 29.56 -49.21
N THR F 4293 -71.96 28.29 -48.88
CA THR F 4293 -72.43 27.78 -47.59
C THR F 4293 -71.75 28.51 -46.44
N LEU F 4294 -70.45 28.79 -46.58
CA LEU F 4294 -69.75 29.55 -45.55
C LEU F 4294 -70.34 30.95 -45.42
N LEU F 4295 -70.68 31.58 -46.55
CA LEU F 4295 -71.30 32.90 -46.50
C LEU F 4295 -72.63 32.86 -45.76
N HIS F 4296 -73.46 31.86 -46.07
CA HIS F 4296 -74.75 31.74 -45.39
C HIS F 4296 -74.55 31.49 -43.91
N PHE F 4297 -73.56 30.68 -43.54
CA PHE F 4297 -73.28 30.42 -42.13
C PHE F 4297 -72.87 31.70 -41.41
N VAL F 4298 -72.01 32.50 -42.03
CA VAL F 4298 -71.57 33.75 -41.43
C VAL F 4298 -72.76 34.69 -41.25
N ALA F 4299 -73.63 34.79 -42.26
CA ALA F 4299 -74.80 35.65 -42.17
C ALA F 4299 -75.73 35.19 -41.05
N SER F 4300 -75.93 33.87 -40.94
CA SER F 4300 -76.80 33.36 -39.88
C SER F 4300 -76.23 33.64 -38.50
N VAL F 4301 -74.91 33.50 -38.33
CA VAL F 4301 -74.29 33.80 -37.05
C VAL F 4301 -74.45 35.27 -36.71
N PHE F 4302 -74.25 36.15 -37.71
CA PHE F 4302 -74.41 37.58 -37.47
C PHE F 4302 -75.84 37.91 -37.05
N ARG F 4303 -76.82 37.30 -37.73
CA ARG F 4303 -78.22 37.55 -37.38
C ARG F 4303 -78.53 37.07 -35.96
N GLY F 4304 -78.03 35.87 -35.61
CA GLY F 4304 -78.28 35.36 -34.27
C GLY F 4304 -77.64 36.21 -33.20
N PHE F 4305 -76.40 36.65 -33.41
CA PHE F 4305 -75.74 37.51 -32.43
C PHE F 4305 -76.46 38.85 -32.31
N PHE F 4306 -76.94 39.39 -33.44
CA PHE F 4306 -77.69 40.64 -33.39
C PHE F 4306 -78.98 40.47 -32.59
N ARG F 4307 -79.68 39.36 -32.79
CA ARG F 4307 -80.88 39.10 -31.99
C ARG F 4307 -80.54 38.98 -30.51
N ILE F 4308 -79.46 38.27 -30.19
CA ILE F 4308 -79.10 38.05 -28.79
C ILE F 4308 -78.77 39.37 -28.10
N ILE F 4309 -77.98 40.21 -28.77
CA ILE F 4309 -77.61 41.49 -28.16
C ILE F 4309 -78.81 42.44 -28.11
N CYS F 4310 -79.72 42.32 -29.08
CA CYS F 4310 -80.91 43.16 -29.10
C CYS F 4310 -82.17 42.37 -28.77
N PHE F 4480 -81.72 37.40 23.97
CA PHE F 4480 -81.42 38.01 22.67
C PHE F 4480 -80.02 38.64 22.65
N TRP F 4481 -79.37 38.71 23.81
CA TRP F 4481 -78.03 39.28 23.88
C TRP F 4481 -77.05 38.51 23.02
N LYS F 4482 -77.25 37.20 22.90
CA LYS F 4482 -76.34 36.40 22.07
C LYS F 4482 -76.79 36.41 20.62
N LYS F 4483 -78.10 36.44 20.39
CA LYS F 4483 -78.62 36.44 19.02
C LYS F 4483 -78.24 37.72 18.28
N ILE F 4484 -78.28 38.86 18.97
CA ILE F 4484 -77.89 40.11 18.32
C ILE F 4484 -76.42 40.08 17.96
N ILE F 4485 -75.56 39.56 18.85
CA ILE F 4485 -74.15 39.45 18.53
C ILE F 4485 -73.94 38.52 17.35
N ALA F 4486 -74.69 37.43 17.29
CA ALA F 4486 -74.59 36.53 16.13
C ALA F 4486 -74.98 37.24 14.84
N TYR F 4487 -76.05 38.04 14.87
CA TYR F 4487 -76.46 38.73 13.67
C TYR F 4487 -75.43 39.78 13.23
N GLN F 4488 -74.86 40.50 14.20
CA GLN F 4488 -73.79 41.44 13.87
C GLN F 4488 -72.60 40.70 13.27
N GLN F 4489 -72.27 39.52 13.82
CA GLN F 4489 -71.17 38.75 13.26
C GLN F 4489 -71.46 38.34 11.82
N LYS F 4490 -72.69 37.90 11.54
CA LYS F 4490 -73.04 37.51 10.18
C LYS F 4490 -72.92 38.69 9.23
N LEU F 4491 -73.41 39.86 9.63
CA LEU F 4491 -73.32 41.03 8.77
C LEU F 4491 -71.87 41.45 8.54
N LEU F 4492 -71.07 41.43 9.61
CA LEU F 4492 -69.65 41.78 9.50
C LEU F 4492 -68.96 40.86 8.51
N ASN F 4493 -69.20 39.55 8.64
CA ASN F 4493 -68.57 38.58 7.75
C ASN F 4493 -69.03 38.78 6.32
N TYR F 4494 -70.32 39.06 6.13
CA TYR F 4494 -70.83 39.27 4.77
C TYR F 4494 -70.15 40.46 4.10
N PHE F 4495 -70.05 41.57 4.82
CA PHE F 4495 -69.42 42.76 4.24
C PHE F 4495 -67.94 42.50 3.96
N ALA F 4496 -67.24 41.87 4.90
CA ALA F 4496 -65.83 41.59 4.69
C ALA F 4496 -65.61 40.68 3.49
N ARG F 4497 -66.47 39.67 3.33
CA ARG F 4497 -66.35 38.74 2.22
C ARG F 4497 -66.72 39.35 0.88
N ASN F 4498 -67.67 40.27 0.84
CA ASN F 4498 -68.13 40.87 -0.41
C ASN F 4498 -67.54 42.27 -0.61
N PHE F 4499 -66.48 42.60 0.12
CA PHE F 4499 -65.88 43.94 0.04
C PHE F 4499 -65.47 44.30 -1.38
N TYR F 4500 -64.72 43.44 -2.06
CA TYR F 4500 -64.21 43.78 -3.40
C TYR F 4500 -65.30 43.87 -4.45
N ASN F 4501 -66.31 43.00 -4.39
CA ASN F 4501 -67.42 43.08 -5.33
C ASN F 4501 -68.13 44.41 -5.19
N MET F 4502 -68.29 44.90 -3.97
CA MET F 4502 -68.91 46.21 -3.77
C MET F 4502 -68.02 47.31 -4.32
N ARG F 4503 -66.70 47.19 -4.19
CA ARG F 4503 -65.81 48.19 -4.76
C ARG F 4503 -65.89 48.23 -6.28
N MET F 4504 -66.00 47.09 -6.94
CA MET F 4504 -66.21 47.07 -8.38
C MET F 4504 -67.58 47.61 -8.78
N LEU F 4505 -68.61 47.28 -8.00
CA LEU F 4505 -69.94 47.80 -8.28
C LEU F 4505 -69.96 49.32 -8.18
N ALA F 4506 -69.21 49.88 -7.23
CA ALA F 4506 -69.13 51.33 -7.10
C ALA F 4506 -68.56 51.96 -8.36
N LEU F 4507 -67.49 51.37 -8.92
CA LEU F 4507 -66.93 51.90 -10.15
C LEU F 4507 -67.89 51.77 -11.32
N PHE F 4508 -68.58 50.63 -11.42
CA PHE F 4508 -69.56 50.48 -12.49
C PHE F 4508 -70.67 51.52 -12.38
N VAL F 4509 -71.17 51.75 -11.17
CA VAL F 4509 -72.19 52.77 -10.97
C VAL F 4509 -71.64 54.15 -11.28
N ALA F 4510 -70.37 54.40 -10.96
CA ALA F 4510 -69.75 55.67 -11.32
C ALA F 4510 -69.70 55.90 -12.82
N PHE F 4511 -69.31 54.89 -13.59
CA PHE F 4511 -69.35 54.99 -15.04
C PHE F 4511 -70.77 55.20 -15.58
N ALA F 4512 -71.75 54.51 -15.01
CA ALA F 4512 -73.14 54.73 -15.41
C ALA F 4512 -73.61 56.15 -15.12
N ILE F 4513 -73.30 56.66 -13.93
CA ILE F 4513 -73.71 58.01 -13.55
C ILE F 4513 -73.06 59.03 -14.45
N ASN F 4514 -71.77 58.86 -14.73
CA ASN F 4514 -71.08 59.82 -15.60
C ASN F 4514 -71.58 59.72 -17.04
N PHE F 4515 -71.88 58.51 -17.51
CA PHE F 4515 -72.49 58.37 -18.82
C PHE F 4515 -73.81 59.11 -18.92
N ILE F 4516 -74.65 59.01 -17.89
CA ILE F 4516 -75.88 59.82 -17.87
C ILE F 4516 -75.59 61.31 -17.81
N LEU F 4517 -74.67 61.74 -16.96
CA LEU F 4517 -74.30 63.14 -16.84
C LEU F 4517 -73.76 63.72 -18.12
N LEU F 4518 -73.23 62.89 -19.01
CA LEU F 4518 -72.74 63.36 -20.29
C LEU F 4518 -73.84 63.94 -21.17
N PHE F 4519 -75.11 63.81 -20.78
CA PHE F 4519 -76.24 64.38 -21.49
C PHE F 4519 -76.86 65.56 -20.76
N TYR F 4520 -76.07 66.30 -19.99
CA TYR F 4520 -76.52 67.54 -19.38
C TYR F 4520 -76.40 68.70 -20.37
N LYS F 4521 -77.25 69.70 -20.19
CA LYS F 4521 -77.14 70.95 -20.93
C LYS F 4521 -77.48 72.11 -20.00
N VAL F 4522 -77.01 73.28 -20.36
CA VAL F 4522 -77.31 74.50 -19.63
C VAL F 4522 -78.47 75.20 -20.33
N SER F 4523 -79.34 75.84 -19.54
CA SER F 4523 -80.52 76.47 -20.08
C SER F 4523 -80.82 77.74 -19.29
N THR F 4524 -81.79 78.50 -19.78
CA THR F 4524 -82.24 79.71 -19.11
C THR F 4524 -82.89 79.31 -17.78
N ILE F 4555 -79.29 86.41 -16.94
CA ILE F 4555 -80.17 85.25 -17.07
C ILE F 4555 -79.82 84.21 -16.01
N ALA F 4556 -80.85 83.56 -15.47
CA ALA F 4556 -80.64 82.50 -14.49
C ALA F 4556 -79.94 81.31 -15.13
N VAL F 4557 -79.04 80.69 -14.39
CA VAL F 4557 -78.25 79.57 -14.88
C VAL F 4557 -78.56 78.34 -14.03
N HIS F 4558 -79.08 77.29 -14.67
CA HIS F 4558 -79.25 76.01 -14.03
C HIS F 4558 -79.06 74.92 -15.07
N TYR F 4559 -78.65 73.75 -14.61
CA TYR F 4559 -78.35 72.62 -15.49
C TYR F 4559 -79.49 71.62 -15.44
N VAL F 4560 -80.02 71.29 -16.61
CA VAL F 4560 -81.18 70.40 -16.74
C VAL F 4560 -80.79 69.25 -17.66
N LEU F 4561 -81.24 68.05 -17.31
CA LEU F 4561 -80.99 66.86 -18.12
C LEU F 4561 -81.87 66.90 -19.36
N GLU F 4562 -81.26 66.73 -20.52
CA GLU F 4562 -81.99 66.69 -21.78
C GLU F 4562 -81.94 65.27 -22.34
N GLU F 4563 -83.12 64.71 -22.61
CA GLU F 4563 -83.21 63.35 -23.11
C GLU F 4563 -84.58 63.14 -23.72
N SER F 4564 -84.70 62.08 -24.53
CA SER F 4564 -85.99 61.74 -25.10
C SER F 4564 -86.76 60.77 -24.21
N SER F 4565 -86.04 59.98 -23.42
CA SER F 4565 -86.70 58.97 -22.58
C SER F 4565 -87.50 59.62 -21.46
N GLY F 4566 -86.92 60.60 -20.77
CA GLY F 4566 -87.53 61.18 -19.60
C GLY F 4566 -87.38 60.37 -18.33
N TYR F 4567 -87.07 59.08 -18.44
CA TYR F 4567 -86.85 58.21 -17.30
C TYR F 4567 -85.41 58.24 -16.82
N MET F 4568 -84.52 58.92 -17.54
CA MET F 4568 -83.10 58.93 -17.19
C MET F 4568 -82.84 59.74 -15.94
N GLU F 4569 -83.58 60.84 -15.74
CA GLU F 4569 -83.41 61.63 -14.53
C GLU F 4569 -83.78 60.85 -13.27
N PRO F 4570 -84.94 60.17 -13.22
CA PRO F 4570 -85.17 59.24 -12.09
C PRO F 4570 -84.12 58.16 -12.02
N THR F 4571 -83.65 57.68 -13.17
CA THR F 4571 -82.58 56.70 -13.18
C THR F 4571 -81.32 57.28 -12.55
N LEU F 4572 -81.00 58.55 -12.85
CA LEU F 4572 -79.88 59.21 -12.22
C LEU F 4572 -80.06 59.34 -10.71
N ARG F 4573 -81.26 59.68 -10.23
CA ARG F 4573 -81.49 59.74 -8.79
C ARG F 4573 -81.26 58.39 -8.13
N ILE F 4574 -81.82 57.33 -8.72
CA ILE F 4574 -81.66 55.99 -8.16
C ILE F 4574 -80.19 55.58 -8.17
N LEU F 4575 -79.48 55.91 -9.25
CA LEU F 4575 -78.07 55.54 -9.34
C LEU F 4575 -77.23 56.30 -8.32
N ALA F 4576 -77.55 57.57 -8.08
CA ALA F 4576 -76.83 58.33 -7.07
C ALA F 4576 -77.05 57.73 -5.68
N ILE F 4577 -78.30 57.40 -5.36
CA ILE F 4577 -78.59 56.78 -4.07
C ILE F 4577 -77.85 55.44 -3.95
N LEU F 4578 -77.88 54.63 -5.00
CA LEU F 4578 -77.19 53.35 -4.97
C LEU F 4578 -75.69 53.53 -4.79
N HIS F 4579 -75.10 54.51 -5.47
CA HIS F 4579 -73.67 54.75 -5.30
C HIS F 4579 -73.34 55.14 -3.87
N THR F 4580 -74.13 56.03 -3.28
CA THR F 4580 -73.90 56.41 -1.90
C THR F 4580 -74.04 55.24 -0.93
N VAL F 4581 -75.02 54.37 -1.14
CA VAL F 4581 -75.20 53.20 -0.28
C VAL F 4581 -74.05 52.21 -0.44
N ILE F 4582 -73.65 51.93 -1.68
CA ILE F 4582 -72.57 50.98 -1.93
C ILE F 4582 -71.26 51.48 -1.36
N SER F 4583 -71.04 52.80 -1.41
CA SER F 4583 -69.81 53.34 -0.85
C SER F 4583 -69.75 53.16 0.66
N PHE F 4584 -70.88 53.38 1.35
CA PHE F 4584 -70.93 53.11 2.78
C PHE F 4584 -70.68 51.64 3.08
N PHE F 4585 -71.29 50.77 2.28
CA PHE F 4585 -71.01 49.34 2.43
C PHE F 4585 -69.55 49.00 2.18
N CYS F 4586 -68.87 49.70 1.27
CA CYS F 4586 -67.45 49.54 1.06
C CYS F 4586 -66.62 49.98 2.26
N ILE F 4587 -66.98 51.08 2.90
CA ILE F 4587 -66.31 51.46 4.14
C ILE F 4587 -66.51 50.39 5.22
N ILE F 4588 -67.72 49.88 5.37
CA ILE F 4588 -67.96 48.83 6.36
C ILE F 4588 -67.14 47.59 6.04
N GLY F 4589 -67.12 47.19 4.77
CA GLY F 4589 -66.35 46.01 4.39
C GLY F 4589 -64.86 46.20 4.63
N TYR F 4590 -64.34 47.39 4.32
CA TYR F 4590 -62.96 47.68 4.65
C TYR F 4590 -62.70 47.53 6.14
N TYR F 4591 -63.55 48.14 6.96
CA TYR F 4591 -63.32 48.10 8.40
C TYR F 4591 -63.44 46.69 8.95
N CYS F 4592 -64.23 45.82 8.32
CA CYS F 4592 -64.31 44.44 8.74
C CYS F 4592 -63.11 43.62 8.29
N LEU F 4593 -62.61 43.88 7.09
CA LEU F 4593 -61.62 42.98 6.49
C LEU F 4593 -60.19 43.48 6.64
N LYS F 4594 -59.90 44.68 6.13
CA LYS F 4594 -58.52 45.11 6.00
C LYS F 4594 -57.98 45.70 7.30
N VAL F 4595 -58.83 46.35 8.09
CA VAL F 4595 -58.44 46.98 9.33
C VAL F 4595 -57.79 45.99 10.29
N PRO F 4596 -58.30 44.76 10.47
CA PRO F 4596 -57.59 43.81 11.33
C PRO F 4596 -56.16 43.56 10.91
N LEU F 4597 -55.86 43.52 9.61
CA LEU F 4597 -54.48 43.33 9.19
C LEU F 4597 -53.61 44.52 9.58
N VAL F 4598 -54.12 45.73 9.43
CA VAL F 4598 -53.36 46.92 9.81
C VAL F 4598 -53.10 46.92 11.31
N ILE F 4599 -54.11 46.61 12.11
CA ILE F 4599 -53.93 46.53 13.54
C ILE F 4599 -52.92 45.45 13.91
N PHE F 4600 -52.99 44.29 13.25
CA PHE F 4600 -52.04 43.22 13.53
C PHE F 4600 -50.62 43.65 13.21
N LYS F 4601 -50.42 44.29 12.07
CA LYS F 4601 -49.08 44.72 11.68
C LYS F 4601 -48.54 45.76 12.65
N ARG F 4602 -49.34 46.78 12.99
CA ARG F 4602 -48.87 47.80 13.91
C ARG F 4602 -48.60 47.23 15.28
N GLU F 4603 -49.47 46.36 15.77
CA GLU F 4603 -49.34 45.77 17.10
C GLU F 4603 -48.20 44.77 17.18
N LYS F 4604 -47.79 44.21 16.05
CA LYS F 4604 -46.58 43.39 15.99
C LYS F 4604 -45.32 44.24 15.93
N GLU F 4605 -45.34 45.31 15.14
CA GLU F 4605 -44.17 46.18 15.06
C GLU F 4605 -43.88 46.84 16.39
N VAL F 4606 -44.91 47.28 17.11
CA VAL F 4606 -44.67 47.91 18.40
C VAL F 4606 -44.11 46.90 19.39
N ALA F 4607 -44.58 45.64 19.32
CA ALA F 4607 -44.06 44.62 20.21
C ALA F 4607 -42.59 44.33 19.92
N ARG F 4608 -42.23 44.21 18.65
CA ARG F 4608 -40.83 43.97 18.32
C ARG F 4608 -39.94 45.14 18.70
N LYS F 4609 -40.42 46.37 18.49
CA LYS F 4609 -39.63 47.54 18.88
C LYS F 4609 -39.46 47.60 20.40
N LEU F 4610 -40.52 47.26 21.14
CA LEU F 4610 -40.44 47.28 22.59
C LEU F 4610 -39.49 46.21 23.11
N GLU F 4611 -39.51 45.02 22.52
CA GLU F 4611 -38.71 43.92 23.05
C GLU F 4611 -37.26 44.00 22.57
N PHE F 4612 -37.05 43.94 21.26
CA PHE F 4612 -35.70 43.80 20.75
C PHE F 4612 -35.00 45.14 20.53
N ASP F 4613 -35.66 46.26 20.83
CA ASP F 4613 -35.05 47.57 20.71
C ASP F 4613 -35.21 48.43 21.96
N GLY F 4614 -36.17 48.14 22.83
CA GLY F 4614 -36.42 48.95 23.99
C GLY F 4614 -36.82 50.37 23.62
N LEU F 4615 -37.72 50.48 22.64
CA LEU F 4615 -38.07 51.78 22.09
C LEU F 4615 -38.88 52.63 23.05
N TYR F 4616 -39.40 52.05 24.12
CA TYR F 4616 -40.02 52.82 25.20
C TYR F 4616 -39.33 52.57 26.53
N ILE F 4617 -38.24 51.80 26.55
CA ILE F 4617 -37.49 51.55 27.77
C ILE F 4617 -36.06 52.04 27.61
N THR F 4618 -35.33 51.47 26.66
CA THR F 4618 -33.95 51.90 26.44
C THR F 4618 -33.89 53.33 25.94
N GLU F 4619 -34.79 53.69 25.03
CA GLU F 4619 -34.85 55.05 24.51
C GLU F 4619 -36.31 55.44 24.29
N GLN F 4620 -36.51 56.61 23.70
CA GLN F 4620 -37.81 57.24 23.57
C GLN F 4620 -38.05 57.66 22.13
N PRO F 4621 -39.32 57.78 21.72
CA PRO F 4621 -39.61 58.09 20.31
C PRO F 4621 -38.93 59.37 19.85
N SER F 4622 -38.80 59.49 18.52
CA SER F 4622 -37.97 60.53 17.91
C SER F 4622 -38.55 61.92 18.09
N GLU F 4623 -39.68 62.06 18.79
CA GLU F 4623 -40.32 63.36 19.05
C GLU F 4623 -40.88 64.00 17.80
N ASP F 4624 -40.86 63.28 16.67
CA ASP F 4624 -41.59 63.68 15.48
C ASP F 4624 -42.23 62.51 14.76
N ASP F 4625 -42.40 61.37 15.45
CA ASP F 4625 -42.98 60.17 14.88
C ASP F 4625 -44.40 60.03 15.39
N ILE F 4626 -45.37 60.45 14.57
CA ILE F 4626 -46.78 60.37 14.95
C ILE F 4626 -47.12 58.94 15.35
N LYS F 4627 -46.65 57.98 14.56
CA LYS F 4627 -46.86 56.57 14.88
C LYS F 4627 -46.28 56.24 16.26
N GLY F 4628 -45.08 56.74 16.55
CA GLY F 4628 -44.46 56.43 17.82
C GLY F 4628 -45.23 56.97 19.02
N GLN F 4629 -45.56 58.26 19.00
CA GLN F 4629 -46.25 58.82 20.16
C GLN F 4629 -47.68 58.36 20.24
N TRP F 4630 -48.26 57.89 19.13
CA TRP F 4630 -49.58 57.29 19.23
C TRP F 4630 -49.52 55.88 19.78
N ASP F 4631 -48.50 55.11 19.39
CA ASP F 4631 -48.34 53.76 19.89
C ASP F 4631 -47.87 53.72 21.33
N ARG F 4632 -47.34 54.84 21.85
CA ARG F 4632 -47.03 54.88 23.27
C ARG F 4632 -48.27 54.66 24.13
N LEU F 4633 -49.47 54.89 23.57
CA LEU F 4633 -50.69 54.66 24.32
C LEU F 4633 -50.97 53.18 24.53
N VAL F 4634 -50.75 52.36 23.50
CA VAL F 4634 -51.27 51.00 23.52
C VAL F 4634 -50.56 50.08 24.51
N ILE F 4635 -49.31 50.39 24.88
CA ILE F 4635 -48.54 49.51 25.76
C ILE F 4635 -49.17 49.33 27.13
N ASN F 4636 -49.96 50.29 27.59
CA ASN F 4636 -50.59 50.21 28.90
C ASN F 4636 -51.92 49.48 28.87
N THR F 4637 -52.42 49.12 27.70
CA THR F 4637 -53.75 48.53 27.58
C THR F 4637 -53.74 47.07 27.98
N GLN F 4638 -54.82 46.65 28.65
CA GLN F 4638 -54.96 45.25 29.02
C GLN F 4638 -55.19 44.37 27.81
N SER F 4639 -55.80 44.90 26.76
CA SER F 4639 -56.16 44.14 25.57
C SER F 4639 -55.06 44.13 24.52
N PHE F 4640 -53.80 44.26 24.92
CA PHE F 4640 -52.69 44.28 23.98
C PHE F 4640 -52.45 42.80 23.62
N PRO F 4641 -51.46 42.44 22.82
CA PRO F 4641 -51.68 41.47 21.73
C PRO F 4641 -53.12 41.05 21.48
N ASN F 4642 -54.01 41.99 21.14
CA ASN F 4642 -55.35 41.59 20.75
C ASN F 4642 -55.34 40.83 19.43
N ASN F 4643 -54.61 41.33 18.43
CA ASN F 4643 -54.55 40.70 17.13
C ASN F 4643 -53.26 39.90 16.94
N TYR F 4644 -52.15 40.39 17.47
CA TYR F 4644 -50.89 39.69 17.36
C TYR F 4644 -50.91 38.42 18.21
N TRP F 4645 -50.26 37.37 17.69
CA TRP F 4645 -50.31 36.06 18.34
C TRP F 4645 -49.55 36.00 19.65
N ASP F 4646 -48.38 36.62 19.73
CA ASP F 4646 -47.53 36.47 20.91
C ASP F 4646 -48.17 37.17 22.09
N LYS F 4647 -48.83 36.40 22.95
CA LYS F 4647 -49.52 36.93 24.11
C LYS F 4647 -48.60 37.13 25.30
N PHE F 4648 -47.31 36.82 25.14
CA PHE F 4648 -46.34 36.92 26.22
C PHE F 4648 -45.37 38.07 26.02
N VAL F 4649 -45.74 39.06 25.21
CA VAL F 4649 -44.83 40.15 24.89
C VAL F 4649 -44.45 40.93 26.14
N LYS F 4650 -45.43 41.25 26.98
CA LYS F 4650 -45.15 42.00 28.21
C LYS F 4650 -44.22 41.23 29.12
N ARG F 4651 -44.47 39.92 29.30
CA ARG F 4651 -43.61 39.11 30.15
C ARG F 4651 -42.20 39.02 29.59
N LYS F 4652 -42.06 38.91 28.27
CA LYS F 4652 -40.75 38.90 27.65
C LYS F 4652 -40.01 40.21 27.91
N VAL F 4653 -40.72 41.33 27.79
CA VAL F 4653 -40.09 42.63 28.03
C VAL F 4653 -39.63 42.74 29.48
N MET F 4654 -40.47 42.28 30.41
CA MET F 4654 -40.05 42.32 31.82
C MET F 4654 -38.86 41.40 32.07
N ASP F 4655 -38.86 40.22 31.48
CA ASP F 4655 -37.73 39.32 31.65
C ASP F 4655 -36.45 39.87 31.04
N LYS F 4656 -36.55 40.70 30.01
CA LYS F 4656 -35.36 41.27 29.39
C LYS F 4656 -34.84 42.49 30.16
N TYR F 4657 -35.70 43.46 30.45
CA TYR F 4657 -35.27 44.74 31.00
C TYR F 4657 -35.62 44.91 32.47
N GLY F 4658 -36.32 43.95 33.08
CA GLY F 4658 -36.84 44.15 34.41
C GLY F 4658 -35.78 44.42 35.46
N GLU F 4659 -34.68 43.66 35.42
CA GLU F 4659 -33.66 43.80 36.45
C GLU F 4659 -32.89 45.11 36.33
N PHE F 4660 -32.50 45.47 35.10
CA PHE F 4660 -31.57 46.58 34.93
C PHE F 4660 -32.25 47.92 35.15
N TYR F 4661 -33.46 48.09 34.63
CA TYR F 4661 -34.15 49.37 34.67
C TYR F 4661 -35.27 49.46 35.70
N GLY F 4662 -35.66 48.34 36.32
CA GLY F 4662 -36.67 48.43 37.35
C GLY F 4662 -37.96 47.71 37.05
N ARG F 4663 -38.16 46.58 37.74
CA ARG F 4663 -39.32 45.72 37.47
C ARG F 4663 -40.62 46.46 37.75
N ASP F 4664 -40.67 47.23 38.84
CA ASP F 4664 -41.91 47.92 39.19
C ASP F 4664 -42.28 48.96 38.14
N ARG F 4665 -41.31 49.76 37.69
CA ARG F 4665 -41.67 50.82 36.75
C ARG F 4665 -41.98 50.22 35.38
N ILE F 4666 -41.32 49.11 35.04
CA ILE F 4666 -41.67 48.43 33.78
C ILE F 4666 -43.05 47.83 33.86
N SER F 4667 -43.43 47.31 35.03
CA SER F 4667 -44.80 46.85 35.20
C SER F 4667 -45.81 47.99 35.06
N GLU F 4668 -45.49 49.16 35.59
CA GLU F 4668 -46.36 50.32 35.38
C GLU F 4668 -46.42 50.69 33.91
N LEU F 4669 -45.28 50.67 33.22
CA LEU F 4669 -45.22 51.05 31.81
C LEU F 4669 -46.03 50.09 30.95
N LEU F 4670 -45.99 48.80 31.27
CA LEU F 4670 -46.70 47.79 30.51
C LEU F 4670 -48.10 47.54 31.04
N GLY F 4671 -48.50 48.25 32.10
CA GLY F 4671 -49.87 48.12 32.58
C GLY F 4671 -50.19 46.78 33.18
N MET F 4672 -49.23 46.17 33.89
CA MET F 4672 -49.50 44.94 34.62
C MET F 4672 -49.33 45.17 36.12
N ASP F 4673 -49.71 44.16 36.89
CA ASP F 4673 -49.86 44.26 38.34
C ASP F 4673 -48.72 43.52 39.02
N LYS F 4674 -47.88 44.26 39.74
CA LYS F 4674 -46.80 43.64 40.52
C LYS F 4674 -47.34 42.92 41.74
N ALA F 4675 -48.01 43.66 42.64
CA ALA F 4675 -48.47 43.09 43.90
C ALA F 4675 -49.82 42.39 43.82
N ALA F 4676 -50.54 42.52 42.71
CA ALA F 4676 -51.83 41.85 42.58
C ALA F 4676 -51.73 40.48 41.93
N LEU F 4677 -50.74 40.27 41.05
CA LEU F 4677 -50.60 38.98 40.39
C LEU F 4677 -50.30 37.88 41.40
N ASP F 4678 -49.33 38.10 42.30
CA ASP F 4678 -49.00 37.11 43.30
C ASP F 4678 -50.12 36.97 44.34
N PHE F 4679 -50.79 38.08 44.67
CA PHE F 4679 -51.93 38.01 45.58
C PHE F 4679 -53.04 37.15 45.01
N SER F 4680 -53.26 37.20 43.69
CA SER F 4680 -54.26 36.35 43.06
C SER F 4680 -53.90 34.88 43.20
N ASP F 4681 -52.63 34.52 42.98
CA ASP F 4681 -52.22 33.13 43.12
C ASP F 4681 -52.22 32.71 44.58
N ALA F 4682 -52.17 33.67 45.50
CA ALA F 4682 -52.30 33.37 46.91
C ALA F 4682 -53.72 32.87 47.20
N ARG F 4683 -53.96 32.53 48.47
CA ARG F 4683 -55.22 31.90 48.84
C ARG F 4683 -56.25 32.93 49.26
N GLU F 4684 -57.29 33.11 48.44
CA GLU F 4684 -58.44 33.93 48.80
C GLU F 4684 -59.63 33.48 47.96
N LYS F 4685 -60.81 33.90 48.36
CA LYS F 4685 -62.03 33.54 47.63
C LYS F 4685 -62.17 34.40 46.38
N LYS F 4686 -62.59 33.77 45.28
CA LYS F 4686 -62.75 34.44 43.99
C LYS F 4686 -64.22 34.41 43.60
N LYS F 4687 -64.65 35.46 42.88
CA LYS F 4687 -66.05 35.61 42.51
C LYS F 4687 -66.17 35.70 40.99
N PRO F 4688 -67.01 34.88 40.37
CA PRO F 4688 -67.17 34.95 38.91
C PRO F 4688 -68.04 36.13 38.50
N LYS F 4689 -68.07 36.37 37.19
CA LYS F 4689 -68.86 37.46 36.60
C LYS F 4689 -69.55 36.92 35.35
N LYS F 4690 -70.57 37.63 34.89
CA LYS F 4690 -71.36 37.22 33.74
C LYS F 4690 -71.40 38.38 32.75
N ASP F 4691 -71.17 38.07 31.46
CA ASP F 4691 -70.75 39.10 30.52
C ASP F 4691 -71.90 40.02 30.11
N SER F 4692 -73.10 39.47 29.90
CA SER F 4692 -74.16 40.24 29.24
C SER F 4692 -74.64 41.41 30.09
N SER F 4693 -74.25 41.46 31.37
CA SER F 4693 -74.59 42.61 32.20
C SER F 4693 -73.97 43.88 31.62
N LEU F 4694 -74.72 44.99 31.72
CA LEU F 4694 -74.27 46.24 31.14
C LEU F 4694 -72.94 46.69 31.76
N SER F 4695 -72.83 46.60 33.08
CA SER F 4695 -71.57 46.95 33.74
C SER F 4695 -70.43 46.08 33.24
N ALA F 4696 -70.70 44.76 33.13
CA ALA F 4696 -69.65 43.84 32.70
C ALA F 4696 -69.18 44.15 31.29
N VAL F 4697 -70.10 44.40 30.36
CA VAL F 4697 -69.70 44.63 28.98
C VAL F 4697 -69.01 45.98 28.84
N LEU F 4698 -69.52 47.02 29.52
CA LEU F 4698 -68.89 48.33 29.41
C LEU F 4698 -67.52 48.35 30.08
N ASN F 4699 -67.32 47.51 31.10
CA ASN F 4699 -65.99 47.38 31.68
C ASN F 4699 -65.07 46.58 30.77
N SER F 4700 -65.63 45.57 30.08
CA SER F 4700 -64.83 44.79 29.15
C SER F 4700 -64.36 45.64 27.97
N ILE F 4701 -65.15 46.65 27.61
CA ILE F 4701 -64.73 47.59 26.57
C ILE F 4701 -63.48 48.33 27.06
N ASP F 4702 -62.34 48.04 26.43
CA ASP F 4702 -61.08 48.67 26.78
C ASP F 4702 -60.99 50.01 26.05
N VAL F 4703 -61.34 51.09 26.74
CA VAL F 4703 -61.49 52.38 26.08
C VAL F 4703 -60.16 52.85 25.49
N LYS F 4704 -59.06 52.62 26.21
CA LYS F 4704 -57.76 53.11 25.74
C LYS F 4704 -57.30 52.36 24.49
N TYR F 4705 -57.43 51.04 24.50
CA TYR F 4705 -57.04 50.26 23.32
C TYR F 4705 -57.93 50.59 22.13
N GLN F 4706 -59.23 50.75 22.36
CA GLN F 4706 -60.12 51.13 21.26
C GLN F 4706 -59.80 52.51 20.71
N MET F 4707 -59.44 53.45 21.59
CA MET F 4707 -59.02 54.76 21.14
C MET F 4707 -57.76 54.68 20.28
N TRP F 4708 -56.79 53.87 20.71
CA TRP F 4708 -55.58 53.69 19.91
C TRP F 4708 -55.89 53.06 18.56
N LYS F 4709 -56.79 52.07 18.56
CA LYS F 4709 -57.17 51.42 17.32
C LYS F 4709 -57.86 52.40 16.37
N LEU F 4710 -58.75 53.23 16.90
CA LEU F 4710 -59.42 54.23 16.07
C LEU F 4710 -58.43 55.24 15.52
N GLY F 4711 -57.43 55.62 16.33
CA GLY F 4711 -56.40 56.50 15.82
C GLY F 4711 -55.61 55.89 14.69
N VAL F 4712 -55.27 54.60 14.82
CA VAL F 4712 -54.54 53.91 13.75
C VAL F 4712 -55.39 53.86 12.49
N VAL F 4713 -56.67 53.53 12.63
CA VAL F 4713 -57.56 53.47 11.48
C VAL F 4713 -57.66 54.83 10.81
N PHE F 4714 -57.78 55.90 11.61
CA PHE F 4714 -57.88 57.24 11.04
C PHE F 4714 -56.59 57.62 10.30
N THR F 4715 -55.45 57.22 10.83
CA THR F 4715 -54.17 57.51 10.19
C THR F 4715 -53.88 56.57 9.01
N ASP F 4716 -54.69 55.53 8.81
CA ASP F 4716 -54.51 54.67 7.65
C ASP F 4716 -54.81 55.41 6.36
N ASN F 4717 -54.02 55.13 5.33
CA ASN F 4717 -54.17 55.84 4.05
C ASN F 4717 -55.39 55.37 3.29
N SER F 4718 -55.60 54.05 3.23
CA SER F 4718 -56.71 53.52 2.44
C SER F 4718 -58.05 53.90 3.05
N PHE F 4719 -58.14 53.92 4.38
CA PHE F 4719 -59.36 54.38 5.02
C PHE F 4719 -59.62 55.85 4.70
N LEU F 4720 -58.55 56.65 4.65
CA LEU F 4720 -58.72 58.05 4.28
C LEU F 4720 -59.20 58.19 2.84
N TYR F 4721 -58.68 57.34 1.94
CA TYR F 4721 -59.16 57.36 0.57
C TYR F 4721 -60.63 57.00 0.49
N LEU F 4722 -61.05 55.98 1.23
CA LEU F 4722 -62.46 55.62 1.26
C LEU F 4722 -63.33 56.69 1.88
N ALA F 4723 -62.82 57.42 2.87
CA ALA F 4723 -63.55 58.56 3.41
C ALA F 4723 -63.69 59.67 2.38
N TRP F 4724 -62.65 59.91 1.58
CA TRP F 4724 -62.75 60.89 0.50
C TRP F 4724 -63.77 60.46 -0.53
N TYR F 4725 -63.80 59.16 -0.84
CA TYR F 4725 -64.82 58.60 -1.70
C TYR F 4725 -66.22 58.85 -1.13
N MET F 4726 -66.36 58.62 0.17
CA MET F 4726 -67.61 58.94 0.87
C MET F 4726 -68.02 60.39 0.67
N THR F 4727 -67.09 61.31 0.92
CA THR F 4727 -67.41 62.73 0.85
C THR F 4727 -67.82 63.12 -0.57
N MET F 4728 -67.08 62.64 -1.57
CA MET F 4728 -67.42 62.95 -2.96
C MET F 4728 -68.78 62.37 -3.33
N SER F 4729 -69.06 61.14 -2.89
CA SER F 4729 -70.36 60.53 -3.20
C SER F 4729 -71.50 61.32 -2.57
N VAL F 4730 -71.32 61.78 -1.33
CA VAL F 4730 -72.37 62.56 -0.68
C VAL F 4730 -72.54 63.90 -1.38
N LEU F 4731 -71.43 64.57 -1.71
CA LEU F 4731 -71.52 65.87 -2.35
C LEU F 4731 -72.11 65.77 -3.76
N GLY F 4732 -72.03 64.59 -4.37
CA GLY F 4732 -72.63 64.41 -5.68
C GLY F 4732 -74.13 64.62 -5.66
N HIS F 4733 -74.77 64.41 -4.52
CA HIS F 4733 -76.20 64.64 -4.44
C HIS F 4733 -76.54 66.13 -4.54
N TYR F 4734 -75.70 66.97 -3.95
CA TYR F 4734 -75.91 68.41 -4.09
C TYR F 4734 -75.51 68.90 -5.48
N ASN F 4735 -74.38 68.40 -5.99
CA ASN F 4735 -73.95 68.73 -7.35
C ASN F 4735 -73.50 67.44 -8.03
N ASN F 4736 -74.26 67.02 -9.05
CA ASN F 4736 -74.06 65.70 -9.63
C ASN F 4736 -72.71 65.54 -10.29
N PHE F 4737 -72.05 66.64 -10.69
CA PHE F 4737 -70.75 66.51 -11.34
C PHE F 4737 -69.66 66.12 -10.36
N PHE F 4738 -69.93 66.12 -9.06
CA PHE F 4738 -68.94 65.63 -8.11
C PHE F 4738 -68.72 64.13 -8.28
N PHE F 4739 -69.65 63.43 -8.92
CA PHE F 4739 -69.45 62.02 -9.20
C PHE F 4739 -68.36 61.79 -10.23
N ALA F 4740 -67.95 62.81 -10.97
CA ALA F 4740 -66.84 62.67 -11.91
C ALA F 4740 -65.52 62.40 -11.21
N ALA F 4741 -65.37 62.84 -9.96
CA ALA F 4741 -64.13 62.57 -9.24
C ALA F 4741 -63.93 61.09 -9.01
N HIS F 4742 -65.01 60.31 -9.01
CA HIS F 4742 -64.89 58.87 -8.77
C HIS F 4742 -64.29 58.13 -9.96
N LEU F 4743 -64.21 58.78 -11.13
CA LEU F 4743 -63.51 58.18 -12.25
C LEU F 4743 -62.00 58.13 -12.04
N LEU F 4744 -61.49 58.83 -11.03
CA LEU F 4744 -60.08 58.76 -10.66
C LEU F 4744 -59.74 57.48 -9.93
N ASP F 4745 -60.71 56.60 -9.75
CA ASP F 4745 -60.53 55.33 -9.06
C ASP F 4745 -60.11 54.21 -9.99
N ILE F 4746 -60.08 54.44 -11.30
CA ILE F 4746 -59.69 53.39 -12.23
C ILE F 4746 -58.25 52.98 -12.02
N ALA F 4747 -57.40 53.93 -11.60
CA ALA F 4747 -55.99 53.64 -11.37
C ALA F 4747 -55.82 52.53 -10.34
N MET F 4748 -56.55 52.61 -9.23
CA MET F 4748 -56.52 51.58 -8.20
C MET F 4748 -57.53 50.47 -8.44
N GLY F 4749 -58.37 50.61 -9.46
CA GLY F 4749 -59.27 49.54 -9.83
C GLY F 4749 -58.63 48.48 -10.71
N PHE F 4750 -57.84 48.90 -11.70
CA PHE F 4750 -57.22 47.97 -12.64
C PHE F 4750 -55.71 48.00 -12.51
N LYS F 4751 -55.10 46.81 -12.57
CA LYS F 4751 -53.65 46.70 -12.50
C LYS F 4751 -53.00 47.13 -13.80
N THR F 4752 -53.63 46.82 -14.94
CA THR F 4752 -53.04 47.12 -16.23
C THR F 4752 -52.88 48.62 -16.43
N LEU F 4753 -53.90 49.40 -16.03
CA LEU F 4753 -53.75 50.85 -16.06
C LEU F 4753 -52.72 51.32 -15.05
N ARG F 4754 -52.59 50.60 -13.93
CA ARG F 4754 -51.59 50.95 -12.94
C ARG F 4754 -50.17 50.79 -13.51
N THR F 4755 -49.97 49.84 -14.42
CA THR F 4755 -48.67 49.71 -15.06
C THR F 4755 -48.32 50.96 -15.87
N ILE F 4756 -49.26 51.43 -16.69
CA ILE F 4756 -49.03 52.61 -17.50
C ILE F 4756 -48.79 53.82 -16.61
N LEU F 4757 -49.57 53.95 -15.53
CA LEU F 4757 -49.38 55.09 -14.64
C LEU F 4757 -48.08 55.00 -13.86
N SER F 4758 -47.63 53.79 -13.53
CA SER F 4758 -46.34 53.63 -12.87
C SER F 4758 -45.21 53.98 -13.81
N SER F 4759 -45.42 53.79 -15.12
CA SER F 4759 -44.43 54.25 -16.08
C SER F 4759 -44.20 55.75 -15.97
N VAL F 4760 -45.20 56.50 -15.50
CA VAL F 4760 -45.04 57.93 -15.32
C VAL F 4760 -44.50 58.23 -13.92
N THR F 4761 -45.10 57.60 -12.91
CA THR F 4761 -44.77 57.94 -11.52
C THR F 4761 -43.41 57.39 -11.10
N HIS F 4762 -42.82 56.52 -11.92
CA HIS F 4762 -41.53 55.93 -11.58
C HIS F 4762 -40.45 57.00 -11.46
N ASN F 4763 -40.48 57.99 -12.35
CA ASN F 4763 -39.52 59.08 -12.36
C ASN F 4763 -40.21 60.40 -12.08
N GLY F 4764 -41.11 60.40 -11.09
CA GLY F 4764 -41.87 61.60 -10.80
C GLY F 4764 -41.02 62.74 -10.28
N LYS F 4765 -40.04 62.41 -9.43
CA LYS F 4765 -39.13 63.45 -8.92
C LYS F 4765 -38.34 64.07 -10.05
N GLN F 4766 -37.83 63.25 -10.96
CA GLN F 4766 -37.10 63.76 -12.11
C GLN F 4766 -38.01 64.61 -12.99
N LEU F 4767 -39.26 64.19 -13.17
CA LEU F 4767 -40.21 64.95 -13.97
C LEU F 4767 -40.54 66.30 -13.35
N VAL F 4768 -40.68 66.38 -12.04
CA VAL F 4768 -40.90 67.63 -11.35
C VAL F 4768 -39.69 68.55 -11.45
N LEU F 4769 -38.50 67.98 -11.26
CA LEU F 4769 -37.29 68.80 -11.39
C LEU F 4769 -37.10 69.30 -12.81
N THR F 4770 -37.52 68.51 -13.80
CA THR F 4770 -37.45 68.97 -15.19
C THR F 4770 -38.35 70.18 -15.42
N VAL F 4771 -39.56 70.15 -14.85
CA VAL F 4771 -40.46 71.29 -14.97
C VAL F 4771 -39.88 72.49 -14.24
N GLY F 4772 -39.26 72.30 -13.08
CA GLY F 4772 -38.62 73.41 -12.39
C GLY F 4772 -37.49 74.02 -13.20
N LEU F 4773 -36.66 73.17 -13.81
CA LEU F 4773 -35.58 73.67 -14.67
C LEU F 4773 -36.14 74.40 -15.87
N LEU F 4774 -37.24 73.90 -16.46
CA LEU F 4774 -37.88 74.60 -17.56
C LEU F 4774 -38.35 75.98 -17.11
N ALA F 4775 -38.96 76.07 -15.93
CA ALA F 4775 -39.39 77.34 -15.38
C ALA F 4775 -38.23 78.32 -15.19
N VAL F 4776 -37.11 77.84 -14.67
CA VAL F 4776 -35.94 78.69 -14.49
C VAL F 4776 -35.39 79.18 -15.82
N VAL F 4777 -35.28 78.28 -16.81
CA VAL F 4777 -34.76 78.67 -18.12
C VAL F 4777 -35.68 79.69 -18.77
N VAL F 4778 -36.98 79.46 -18.72
CA VAL F 4778 -37.96 80.42 -19.23
C VAL F 4778 -37.89 81.74 -18.51
N TYR F 4779 -37.63 81.74 -17.19
CA TYR F 4779 -37.46 82.99 -16.47
C TYR F 4779 -36.23 83.75 -16.95
N LEU F 4780 -35.13 83.05 -17.21
CA LEU F 4780 -33.94 83.73 -17.75
C LEU F 4780 -34.24 84.34 -19.11
N TYR F 4781 -34.92 83.59 -19.98
CA TYR F 4781 -35.31 84.13 -21.28
C TYR F 4781 -36.21 85.35 -21.11
N THR F 4782 -37.12 85.30 -20.14
CA THR F 4782 -38.02 86.41 -19.90
C THR F 4782 -37.26 87.63 -19.41
N VAL F 4783 -36.24 87.42 -18.58
CA VAL F 4783 -35.39 88.53 -18.14
C VAL F 4783 -34.72 89.19 -19.34
N VAL F 4784 -34.15 88.37 -20.23
CA VAL F 4784 -33.49 88.93 -21.40
C VAL F 4784 -34.48 89.70 -22.27
N ALA F 4785 -35.67 89.14 -22.48
CA ALA F 4785 -36.68 89.81 -23.29
C ALA F 4785 -37.13 91.12 -22.66
N PHE F 4786 -37.35 91.12 -21.35
CA PHE F 4786 -37.78 92.32 -20.64
C PHE F 4786 -36.71 93.39 -20.63
N ASN F 4787 -35.44 93.01 -20.71
CA ASN F 4787 -34.37 93.99 -20.76
C ASN F 4787 -34.11 94.54 -22.16
N PHE F 4788 -34.24 93.71 -23.19
CA PHE F 4788 -33.81 94.15 -24.52
C PHE F 4788 -34.89 94.11 -25.59
N PHE F 4789 -35.86 93.19 -25.50
CA PHE F 4789 -36.79 93.03 -26.60
C PHE F 4789 -38.23 93.32 -26.19
N ARG F 4790 -38.47 94.42 -25.48
CA ARG F 4790 -39.81 94.75 -25.04
C ARG F 4790 -40.73 95.17 -26.19
N LYS F 4791 -40.20 95.76 -27.26
CA LYS F 4791 -41.07 96.36 -28.26
C LYS F 4791 -41.63 95.31 -29.23
N PHE F 4792 -41.21 94.06 -29.11
CA PHE F 4792 -41.71 93.00 -29.97
C PHE F 4792 -42.94 92.30 -29.41
N TYR F 4793 -43.47 92.75 -28.28
CA TYR F 4793 -44.52 92.02 -27.57
C TYR F 4793 -45.84 92.77 -27.61
N ASN F 4794 -46.14 93.39 -28.75
CA ASN F 4794 -47.41 94.08 -28.95
C ASN F 4794 -48.39 93.09 -29.56
N LYS F 4795 -49.27 92.54 -28.73
CA LYS F 4795 -50.24 91.55 -29.19
C LYS F 4795 -51.58 92.19 -29.51
N SER F 4796 -51.56 93.42 -29.97
CA SER F 4796 -52.78 94.16 -30.32
C SER F 4796 -52.82 94.41 -31.81
N GLU F 4797 -53.95 94.08 -32.43
CA GLU F 4797 -54.10 94.27 -33.86
C GLU F 4797 -54.32 95.74 -34.20
N ASP F 4798 -55.23 96.41 -33.48
CA ASP F 4798 -55.51 97.82 -33.73
C ASP F 4798 -54.42 98.68 -33.13
N GLY F 4799 -53.93 99.65 -33.90
CA GLY F 4799 -52.87 100.51 -33.43
C GLY F 4799 -53.33 101.49 -32.37
N ASP F 4800 -54.65 101.67 -32.23
CA ASP F 4800 -55.17 102.62 -31.27
C ASP F 4800 -54.85 102.20 -29.84
N THR F 4801 -55.00 100.92 -29.53
CA THR F 4801 -54.73 100.42 -28.19
C THR F 4801 -53.58 99.43 -28.24
N PRO F 4802 -52.36 99.82 -27.91
CA PRO F 4802 -51.26 98.85 -27.89
C PRO F 4802 -51.34 97.97 -26.65
N ASP F 4803 -51.20 96.66 -26.85
CA ASP F 4803 -51.27 95.67 -25.78
C ASP F 4803 -49.86 95.12 -25.57
N MET F 4804 -49.17 95.69 -24.59
CA MET F 4804 -47.78 95.34 -24.33
C MET F 4804 -47.73 94.18 -23.34
N LYS F 4805 -47.16 93.06 -23.78
CA LYS F 4805 -47.11 91.84 -22.97
C LYS F 4805 -45.83 91.71 -22.15
N CYS F 4806 -44.85 92.58 -22.37
CA CYS F 4806 -43.60 92.46 -21.63
C CYS F 4806 -43.22 93.78 -20.96
N ASP F 4807 -44.19 94.67 -20.74
CA ASP F 4807 -43.91 95.87 -19.96
C ASP F 4807 -43.73 95.53 -18.48
N ASP F 4808 -44.44 94.52 -18.00
CA ASP F 4808 -44.34 94.07 -16.63
C ASP F 4808 -43.61 92.73 -16.58
N MET F 4809 -42.75 92.58 -15.57
CA MET F 4809 -41.94 91.37 -15.47
C MET F 4809 -42.80 90.13 -15.30
N LEU F 4810 -43.78 90.19 -14.40
CA LEU F 4810 -44.64 89.04 -14.15
C LEU F 4810 -45.50 88.72 -15.37
N THR F 4811 -46.03 89.75 -16.03
CA THR F 4811 -46.84 89.54 -17.23
C THR F 4811 -46.01 88.89 -18.32
N CYS F 4812 -44.78 89.35 -18.50
CA CYS F 4812 -43.91 88.78 -19.52
C CYS F 4812 -43.56 87.33 -19.19
N TYR F 4813 -43.32 87.03 -17.91
CA TYR F 4813 -43.03 85.66 -17.51
C TYR F 4813 -44.22 84.75 -17.78
N MET F 4814 -45.43 85.20 -17.45
CA MET F 4814 -46.61 84.40 -17.72
C MET F 4814 -46.82 84.22 -19.22
N PHE F 4815 -46.54 85.26 -20.01
CA PHE F 4815 -46.61 85.16 -21.46
C PHE F 4815 -45.68 84.06 -21.96
N HIS F 4816 -44.42 84.08 -21.52
CA HIS F 4816 -43.47 83.06 -21.94
C HIS F 4816 -43.85 81.67 -21.47
N MET F 4817 -44.33 81.52 -20.25
CA MET F 4817 -44.79 80.22 -19.77
C MET F 4817 -45.97 79.69 -20.55
N TYR F 4818 -46.94 80.53 -20.87
CA TYR F 4818 -48.17 80.07 -21.50
C TYR F 4818 -47.97 79.91 -23.00
N VAL F 4819 -47.79 81.02 -23.71
CA VAL F 4819 -47.85 80.97 -25.17
C VAL F 4819 -46.43 80.92 -25.73
N GLY F 4820 -45.44 80.82 -24.86
CA GLY F 4820 -44.08 80.62 -25.31
C GLY F 4820 -43.76 79.14 -25.31
N VAL F 4821 -44.33 78.42 -24.34
CA VAL F 4821 -44.08 76.98 -24.26
C VAL F 4821 -45.12 76.21 -25.05
N ARG F 4822 -46.39 76.63 -24.99
CA ARG F 4822 -47.42 75.89 -25.72
C ARG F 4822 -47.26 76.06 -27.23
N ALA F 4823 -46.53 77.08 -27.66
CA ALA F 4823 -46.29 77.28 -29.08
C ALA F 4823 -45.43 76.17 -29.63
N GLY F 4824 -45.70 75.79 -30.88
CA GLY F 4824 -44.99 74.69 -31.51
C GLY F 4824 -43.59 75.05 -31.95
N GLY F 4825 -43.34 76.34 -32.16
CA GLY F 4825 -42.04 76.81 -32.61
C GLY F 4825 -41.33 77.76 -31.67
N GLY F 4826 -41.74 77.86 -30.42
CA GLY F 4826 -41.11 78.79 -29.51
C GLY F 4826 -41.81 80.13 -29.47
N ILE F 4827 -41.19 81.05 -28.74
CA ILE F 4827 -41.77 82.38 -28.55
C ILE F 4827 -41.78 83.19 -29.83
N GLY F 4828 -40.83 82.94 -30.73
CA GLY F 4828 -40.77 83.65 -31.99
C GLY F 4828 -41.95 83.42 -32.89
N ASP F 4829 -42.70 82.34 -32.67
CA ASP F 4829 -43.94 82.13 -33.40
C ASP F 4829 -45.00 83.16 -33.03
N GLU F 4830 -44.96 83.65 -31.79
CA GLU F 4830 -45.97 84.58 -31.30
C GLU F 4830 -45.52 86.03 -31.40
N ILE F 4831 -44.32 86.34 -30.92
CA ILE F 4831 -43.87 87.73 -30.96
C ILE F 4831 -43.50 88.11 -32.39
N GLU F 4832 -43.45 89.41 -32.67
CA GLU F 4832 -43.46 89.91 -34.04
C GLU F 4832 -42.11 89.67 -34.73
N ASP F 4833 -42.13 89.82 -36.06
CA ASP F 4833 -40.97 89.52 -36.87
C ASP F 4833 -39.88 90.57 -36.66
N PRO F 4834 -38.60 90.17 -36.64
CA PRO F 4834 -37.54 91.12 -36.29
C PRO F 4834 -36.83 91.75 -37.48
N ALA F 4835 -37.33 91.51 -38.70
CA ALA F 4835 -36.61 91.94 -39.89
C ALA F 4835 -36.45 93.46 -39.90
N GLY F 4836 -35.28 93.90 -40.37
CA GLY F 4836 -34.99 95.32 -40.46
C GLY F 4836 -34.91 96.01 -39.12
N ASP F 4837 -34.19 95.41 -38.17
CA ASP F 4837 -34.01 96.01 -36.85
C ASP F 4837 -32.56 95.81 -36.42
N GLU F 4838 -32.09 96.71 -35.56
CA GLU F 4838 -30.71 96.65 -35.08
C GLU F 4838 -30.46 95.46 -34.18
N TYR F 4839 -31.50 94.86 -33.60
CA TYR F 4839 -31.37 93.66 -32.79
C TYR F 4839 -31.87 92.42 -33.53
N GLU F 4840 -31.82 92.43 -34.86
CA GLU F 4840 -32.38 91.33 -35.64
C GLU F 4840 -31.67 90.03 -35.33
N ILE F 4841 -30.35 90.01 -35.44
CA ILE F 4841 -29.60 88.78 -35.22
C ILE F 4841 -29.71 88.34 -33.76
N TYR F 4842 -29.77 89.30 -32.84
CA TYR F 4842 -29.91 88.97 -31.43
C TYR F 4842 -31.23 88.26 -31.17
N ARG F 4843 -32.31 88.76 -31.75
CA ARG F 4843 -33.61 88.13 -31.54
C ARG F 4843 -33.70 86.81 -32.28
N ILE F 4844 -33.01 86.69 -33.42
CA ILE F 4844 -32.96 85.41 -34.12
C ILE F 4844 -32.30 84.36 -33.24
N ILE F 4845 -31.17 84.71 -32.63
CA ILE F 4845 -30.50 83.78 -31.71
C ILE F 4845 -31.41 83.48 -30.53
N PHE F 4846 -32.07 84.51 -30.00
CA PHE F 4846 -33.00 84.34 -28.89
C PHE F 4846 -34.06 83.29 -29.21
N ASP F 4847 -34.74 83.45 -30.34
CA ASP F 4847 -35.82 82.54 -30.71
C ASP F 4847 -35.29 81.14 -31.01
N ILE F 4848 -34.19 81.02 -31.75
CA ILE F 4848 -33.67 79.70 -32.11
C ILE F 4848 -33.23 78.95 -30.86
N THR F 4849 -32.53 79.64 -29.95
CA THR F 4849 -32.11 78.98 -28.72
C THR F 4849 -33.30 78.61 -27.85
N PHE F 4850 -34.33 79.47 -27.80
CA PHE F 4850 -35.52 79.11 -27.06
C PHE F 4850 -36.16 77.85 -27.62
N PHE F 4851 -36.28 77.77 -28.95
CA PHE F 4851 -36.86 76.60 -29.58
C PHE F 4851 -36.03 75.36 -29.29
N PHE F 4852 -34.71 75.49 -29.34
CA PHE F 4852 -33.85 74.32 -29.15
C PHE F 4852 -33.87 73.82 -27.71
N PHE F 4853 -33.76 74.73 -26.75
CA PHE F 4853 -33.62 74.32 -25.36
C PHE F 4853 -34.98 73.96 -24.74
N VAL F 4854 -36.01 74.76 -24.99
CA VAL F 4854 -37.29 74.54 -24.33
C VAL F 4854 -38.11 73.53 -25.11
N ILE F 4855 -38.41 73.84 -26.37
CA ILE F 4855 -39.32 73.01 -27.13
C ILE F 4855 -38.69 71.66 -27.47
N VAL F 4856 -37.42 71.66 -27.86
CA VAL F 4856 -36.79 70.45 -28.37
C VAL F 4856 -36.21 69.60 -27.25
N ILE F 4857 -35.31 70.17 -26.45
CA ILE F 4857 -34.52 69.37 -25.54
C ILE F 4857 -35.32 68.98 -24.29
N LEU F 4858 -35.96 69.95 -23.65
CA LEU F 4858 -36.59 69.68 -22.35
C LEU F 4858 -37.76 68.72 -22.50
N LEU F 4859 -38.62 68.94 -23.51
CA LEU F 4859 -39.68 67.98 -23.77
C LEU F 4859 -39.11 66.61 -24.12
N ALA F 4860 -37.97 66.59 -24.82
CA ALA F 4860 -37.30 65.33 -25.07
C ALA F 4860 -36.83 64.69 -23.77
N ILE F 4861 -36.42 65.50 -22.80
CA ILE F 4861 -36.04 64.96 -21.50
C ILE F 4861 -37.24 64.30 -20.83
N ILE F 4862 -38.40 64.95 -20.89
CA ILE F 4862 -39.61 64.37 -20.30
C ILE F 4862 -39.94 63.04 -20.96
N GLN F 4863 -39.98 63.03 -22.29
CA GLN F 4863 -40.32 61.80 -23.00
C GLN F 4863 -39.29 60.71 -22.73
N GLY F 4864 -38.01 61.08 -22.67
CA GLY F 4864 -36.99 60.09 -22.37
C GLY F 4864 -37.11 59.53 -20.98
N LEU F 4865 -37.52 60.36 -20.02
CA LEU F 4865 -37.77 59.85 -18.68
C LEU F 4865 -38.88 58.82 -18.70
N ILE F 4866 -39.96 59.08 -19.44
CA ILE F 4866 -41.05 58.12 -19.51
C ILE F 4866 -40.59 56.82 -20.15
N ILE F 4867 -39.84 56.91 -21.25
CA ILE F 4867 -39.39 55.72 -21.95
C ILE F 4867 -38.42 54.92 -21.07
N ASP F 4868 -37.51 55.61 -20.39
CA ASP F 4868 -36.56 54.94 -19.52
C ASP F 4868 -37.28 54.28 -18.35
N ALA F 4869 -38.36 54.89 -17.86
CA ALA F 4869 -39.14 54.25 -16.81
C ALA F 4869 -39.77 52.96 -17.31
N PHE F 4870 -40.33 52.98 -18.52
CA PHE F 4870 -40.81 51.74 -19.12
C PHE F 4870 -39.73 50.68 -19.15
N GLY F 4871 -38.55 51.04 -19.67
CA GLY F 4871 -37.47 50.07 -19.78
C GLY F 4871 -37.03 49.53 -18.44
N GLU F 4872 -36.93 50.41 -17.44
CA GLU F 4872 -36.48 49.98 -16.12
C GLU F 4872 -37.49 49.06 -15.46
N LEU F 4873 -38.78 49.34 -15.61
CA LEU F 4873 -39.79 48.44 -15.06
C LEU F 4873 -39.72 47.07 -15.72
N ARG F 4874 -39.56 47.04 -17.05
CA ARG F 4874 -39.45 45.76 -17.74
C ARG F 4874 -38.20 45.01 -17.28
N ASP F 4875 -37.09 45.71 -17.12
CA ASP F 4875 -35.85 45.07 -16.67
C ASP F 4875 -35.99 44.54 -15.25
N GLN F 4876 -36.70 45.26 -14.39
CA GLN F 4876 -36.93 44.77 -13.03
C GLN F 4876 -37.73 43.48 -13.04
N GLN F 4877 -38.81 43.44 -13.84
CA GLN F 4877 -39.59 42.20 -13.95
C GLN F 4877 -38.73 41.05 -14.46
N GLU F 4878 -37.93 41.32 -15.49
CA GLU F 4878 -37.09 40.26 -16.06
C GLU F 4878 -36.04 39.79 -15.06
N GLN F 4879 -35.45 40.71 -14.30
CA GLN F 4879 -34.47 40.33 -13.30
C GLN F 4879 -35.11 39.46 -12.22
N VAL F 4880 -36.32 39.81 -11.79
CA VAL F 4880 -37.01 39.01 -10.79
C VAL F 4880 -37.23 37.60 -11.29
N LYS F 4881 -37.76 37.47 -12.52
CA LYS F 4881 -38.06 36.14 -13.04
C LYS F 4881 -36.77 35.34 -13.25
N GLU F 4882 -35.71 35.98 -13.73
CA GLU F 4882 -34.46 35.27 -13.96
C GLU F 4882 -33.87 34.76 -12.66
N ASP F 4883 -33.84 35.61 -11.63
CA ASP F 4883 -33.32 35.16 -10.34
C ASP F 4883 -34.17 34.02 -9.79
N MET F 4884 -35.50 34.16 -9.86
CA MET F 4884 -36.40 33.15 -9.34
C MET F 4884 -36.21 31.82 -10.03
N GLU F 4885 -35.95 31.83 -11.34
CA GLU F 4885 -35.81 30.60 -12.11
C GLU F 4885 -34.38 30.06 -12.12
N THR F 4886 -33.39 30.86 -11.71
CA THR F 4886 -32.02 30.38 -11.77
C THR F 4886 -31.50 29.91 -10.42
N LYS F 4887 -31.99 30.49 -9.32
CA LYS F 4887 -31.52 30.04 -8.02
C LYS F 4887 -32.69 29.82 -7.07
N CYS F 4888 -32.52 28.86 -6.17
CA CYS F 4888 -33.55 28.57 -5.18
C CYS F 4888 -33.68 29.73 -4.22
N PHE F 4889 -34.92 30.01 -3.81
CA PHE F 4889 -35.19 31.18 -2.99
C PHE F 4889 -34.54 31.07 -1.62
N ILE F 4890 -34.59 29.88 -1.02
CA ILE F 4890 -34.15 29.72 0.36
C ILE F 4890 -32.64 29.49 0.42
N CYS F 4891 -32.16 28.40 -0.16
CA CYS F 4891 -30.76 28.05 -0.02
C CYS F 4891 -29.87 28.94 -0.88
N GLY F 4892 -30.37 29.37 -2.03
CA GLY F 4892 -29.59 30.20 -2.93
C GLY F 4892 -28.64 29.46 -3.83
N ILE F 4893 -28.70 28.14 -3.86
CA ILE F 4893 -27.83 27.34 -4.73
C ILE F 4893 -28.30 27.45 -6.17
N GLY F 4894 -27.33 27.46 -7.09
CA GLY F 4894 -27.65 27.58 -8.50
C GLY F 4894 -28.44 26.40 -9.02
N ASN F 4895 -29.10 26.63 -10.16
CA ASN F 4895 -30.01 25.61 -10.68
C ASN F 4895 -29.24 24.43 -11.27
N ASP F 4896 -28.03 24.67 -11.77
CA ASP F 4896 -27.30 23.62 -12.47
C ASP F 4896 -26.95 22.46 -11.54
N TYR F 4897 -26.55 22.76 -10.30
CA TYR F 4897 -26.18 21.72 -9.35
C TYR F 4897 -27.33 20.75 -9.15
N PHE F 4898 -28.54 21.28 -8.93
CA PHE F 4898 -29.71 20.43 -8.84
C PHE F 4898 -30.07 19.79 -10.17
N ASP F 4899 -29.77 20.47 -11.28
CA ASP F 4899 -30.15 20.01 -12.60
C ASP F 4899 -29.24 18.91 -13.13
N THR F 4900 -28.14 18.60 -12.44
CA THR F 4900 -27.40 17.40 -12.77
C THR F 4900 -28.30 16.17 -12.76
N VAL F 4901 -29.28 16.13 -11.85
CA VAL F 4901 -30.38 15.18 -11.91
C VAL F 4901 -31.46 15.81 -12.78
N PRO F 4902 -32.06 15.08 -13.73
CA PRO F 4902 -33.10 15.68 -14.56
C PRO F 4902 -34.27 16.19 -13.72
N HIS F 4903 -34.74 17.39 -14.05
CA HIS F 4903 -35.83 18.04 -13.33
C HIS F 4903 -35.47 18.28 -11.87
N GLY F 4904 -34.17 18.26 -11.58
CA GLY F 4904 -33.72 18.36 -10.21
C GLY F 4904 -34.02 19.72 -9.59
N PHE F 4905 -33.91 20.79 -10.38
CA PHE F 4905 -34.17 22.11 -9.84
C PHE F 4905 -35.64 22.26 -9.45
N GLU F 4906 -36.56 21.82 -10.31
CA GLU F 4906 -37.97 21.95 -9.97
C GLU F 4906 -38.33 21.02 -8.83
N THR F 4907 -37.69 19.85 -8.76
CA THR F 4907 -37.92 18.96 -7.63
C THR F 4907 -37.47 19.61 -6.33
N HIS F 4908 -36.31 20.26 -6.35
CA HIS F 4908 -35.80 20.92 -5.15
C HIS F 4908 -36.67 22.10 -4.74
N THR F 4909 -37.06 22.92 -5.71
CA THR F 4909 -37.79 24.15 -5.40
C THR F 4909 -39.27 23.92 -5.15
N LEU F 4910 -39.80 22.75 -5.52
CA LEU F 4910 -41.21 22.47 -5.33
C LEU F 4910 -41.47 21.42 -4.26
N GLN F 4911 -40.47 20.61 -3.89
CA GLN F 4911 -40.65 19.59 -2.87
C GLN F 4911 -39.75 19.82 -1.67
N GLU F 4912 -38.45 20.02 -1.88
CA GLU F 4912 -37.53 20.14 -0.76
C GLU F 4912 -37.58 21.54 -0.15
N HIS F 4913 -37.23 22.55 -0.92
CA HIS F 4913 -37.19 23.93 -0.45
C HIS F 4913 -38.33 24.69 -1.12
N ASN F 4914 -39.48 24.75 -0.45
CA ASN F 4914 -40.65 25.45 -0.95
C ASN F 4914 -41.08 26.51 0.05
N LEU F 4915 -41.18 27.75 -0.43
CA LEU F 4915 -41.55 28.85 0.47
C LEU F 4915 -42.95 28.66 1.01
N ALA F 4916 -43.84 28.09 0.20
CA ALA F 4916 -45.17 27.75 0.70
C ALA F 4916 -45.08 26.73 1.82
N ASN F 4917 -44.18 25.76 1.68
CA ASN F 4917 -44.00 24.76 2.73
C ASN F 4917 -43.47 25.39 4.00
N TYR F 4918 -42.53 26.34 3.89
CA TYR F 4918 -42.06 27.04 5.08
C TYR F 4918 -43.16 27.87 5.73
N LEU F 4919 -44.00 28.53 4.93
CA LEU F 4919 -45.11 29.28 5.50
C LEU F 4919 -46.08 28.34 6.23
N PHE F 4920 -46.36 27.18 5.64
CA PHE F 4920 -47.24 26.22 6.28
C PHE F 4920 -46.62 25.69 7.57
N PHE F 4921 -45.30 25.48 7.58
CA PHE F 4921 -44.62 25.08 8.79
C PHE F 4921 -44.72 26.13 9.89
N LEU F 4922 -44.55 27.40 9.54
CA LEU F 4922 -44.76 28.47 10.52
C LEU F 4922 -46.19 28.49 11.04
N MET F 4923 -47.17 28.29 10.16
CA MET F 4923 -48.56 28.22 10.60
C MET F 4923 -48.76 27.06 11.57
N TYR F 4924 -48.22 25.90 11.24
CA TYR F 4924 -48.33 24.72 12.10
C TYR F 4924 -47.68 24.96 13.45
N LEU F 4925 -46.48 25.56 13.45
CA LEU F 4925 -45.79 25.82 14.70
C LEU F 4925 -46.56 26.80 15.57
N ILE F 4926 -47.13 27.84 14.96
CA ILE F 4926 -47.88 28.82 15.73
C ILE F 4926 -49.15 28.20 16.31
N ASN F 4927 -49.86 27.41 15.51
CA ASN F 4927 -51.13 26.85 15.96
C ASN F 4927 -50.98 25.60 16.80
N LYS F 4928 -49.77 25.04 16.92
CA LYS F 4928 -49.56 23.84 17.69
C LYS F 4928 -49.11 24.21 19.11
N ASP F 4929 -49.59 23.45 20.08
CA ASP F 4929 -49.33 23.75 21.48
C ASP F 4929 -47.85 23.59 21.81
N GLU F 4930 -47.40 24.37 22.80
CA GLU F 4930 -46.00 24.32 23.21
C GLU F 4930 -45.64 22.95 23.80
N THR F 4931 -46.52 22.37 24.62
CA THR F 4931 -46.22 21.10 25.24
C THR F 4931 -46.12 19.98 24.22
N GLU F 4932 -46.95 20.02 23.18
CA GLU F 4932 -47.01 18.95 22.20
C GLU F 4932 -45.94 19.08 21.13
N HIS F 4933 -45.10 20.12 21.19
CA HIS F 4933 -44.03 20.28 20.21
C HIS F 4933 -43.03 19.14 20.33
N THR F 4934 -42.57 18.66 19.17
CA THR F 4934 -41.47 17.71 19.14
C THR F 4934 -40.15 18.43 19.42
N GLY F 4935 -39.05 17.68 19.40
CA GLY F 4935 -37.76 18.31 19.63
C GLY F 4935 -37.40 19.30 18.54
N GLN F 4936 -37.56 18.89 17.28
CA GLN F 4936 -37.27 19.78 16.17
C GLN F 4936 -38.17 21.00 16.20
N GLU F 4937 -39.46 20.78 16.46
CA GLU F 4937 -40.41 21.88 16.51
C GLU F 4937 -40.07 22.85 17.64
N SER F 4938 -39.66 22.32 18.79
CA SER F 4938 -39.28 23.19 19.90
C SER F 4938 -38.03 23.98 19.56
N TYR F 4939 -37.06 23.36 18.89
CA TYR F 4939 -35.86 24.07 18.46
C TYR F 4939 -36.21 25.23 17.55
N VAL F 4940 -37.00 24.95 16.51
CA VAL F 4940 -37.39 25.99 15.57
C VAL F 4940 -38.21 27.07 16.27
N TRP F 4941 -39.09 26.66 17.18
CA TRP F 4941 -39.91 27.62 17.91
C TRP F 4941 -39.05 28.56 18.75
N LYS F 4942 -38.07 28.01 19.46
CA LYS F 4942 -37.20 28.84 20.28
C LYS F 4942 -36.42 29.83 19.42
N MET F 4943 -35.87 29.35 18.30
CA MET F 4943 -35.07 30.25 17.49
C MET F 4943 -35.94 31.29 16.80
N TYR F 4944 -37.18 30.94 16.45
CA TYR F 4944 -38.10 31.90 15.86
C TYR F 4944 -38.55 32.93 16.89
N GLN F 4945 -38.74 32.52 18.14
CA GLN F 4945 -39.08 33.46 19.19
C GLN F 4945 -37.93 34.45 19.43
N GLU F 4946 -36.70 33.95 19.43
CA GLU F 4946 -35.55 34.83 19.58
C GLU F 4946 -35.13 35.47 18.26
N ARG F 4947 -35.90 35.25 17.19
CA ARG F 4947 -35.77 35.92 15.90
C ARG F 4947 -34.48 35.52 15.17
N CYS F 4948 -33.86 34.41 15.54
CA CYS F 4948 -32.66 33.95 14.90
C CYS F 4948 -33.02 33.03 13.74
N TRP F 4949 -32.50 33.33 12.54
CA TRP F 4949 -32.92 32.66 11.32
C TRP F 4949 -31.88 31.68 10.79
N GLU F 4950 -31.01 31.17 11.66
CA GLU F 4950 -30.01 30.22 11.18
C GLU F 4950 -30.60 28.86 10.83
N PHE F 4951 -31.85 28.59 11.23
CA PHE F 4951 -32.44 27.30 10.92
C PHE F 4951 -32.80 27.20 9.44
N PHE F 4952 -32.90 28.34 8.77
CA PHE F 4952 -33.10 28.33 7.33
C PHE F 4952 -31.83 27.81 6.65
N PRO F 4953 -31.94 26.82 5.77
CA PRO F 4953 -30.73 26.32 5.09
C PRO F 4953 -30.14 27.40 4.20
N ALA F 4954 -28.96 27.87 4.57
CA ALA F 4954 -28.26 28.92 3.84
C ALA F 4954 -26.97 28.35 3.26
N GLY F 4955 -26.93 28.17 1.95
CA GLY F 4955 -25.77 27.66 1.28
C GLY F 4955 -25.60 26.15 1.33
N ASP F 4956 -26.53 25.43 1.96
CA ASP F 4956 -26.45 23.98 2.06
C ASP F 4956 -27.83 23.39 1.87
N CYS F 4957 -27.86 22.12 1.47
CA CYS F 4957 -29.11 21.41 1.27
C CYS F 4957 -28.91 19.94 1.62
N PHE F 4958 -30.01 19.19 1.57
CA PHE F 4958 -29.94 17.75 1.80
C PHE F 4958 -29.00 17.09 0.82
N ARG F 4959 -29.09 17.46 -0.46
CA ARG F 4959 -28.27 16.83 -1.49
C ARG F 4959 -26.78 17.08 -1.25
N LYS F 4960 -26.41 18.33 -0.96
CA LYS F 4960 -25.01 18.61 -0.67
C LYS F 4960 -24.55 17.90 0.60
N GLN F 4961 -25.39 17.89 1.64
CA GLN F 4961 -24.95 17.36 2.92
C GLN F 4961 -24.77 15.84 2.86
N TYR F 4962 -25.68 15.15 2.17
CA TYR F 4962 -25.57 13.70 2.02
C TYR F 4962 -25.19 13.31 0.59
N GLU F 4963 -24.36 14.13 -0.06
CA GLU F 4963 -24.01 13.88 -1.45
C GLU F 4963 -23.34 12.52 -1.62
N ASP F 4964 -22.42 12.18 -0.72
CA ASP F 4964 -21.66 10.94 -0.87
C ASP F 4964 -22.55 9.71 -0.73
N GLN F 4965 -23.33 9.64 0.34
CA GLN F 4965 -24.12 8.44 0.59
C GLN F 4965 -25.33 8.36 -0.34
N LEU F 4966 -26.03 9.48 -0.53
CA LEU F 4966 -27.22 9.47 -1.38
C LEU F 4966 -26.87 9.16 -2.83
N ASN F 4967 -25.76 9.71 -3.32
CA ASN F 4967 -25.37 9.55 -4.71
C ASN F 4967 -24.12 8.69 -4.83
N GLU G 10 -25.75 -9.70 13.73
CA GLU G 10 -24.39 -10.21 13.52
C GLU G 10 -24.29 -11.68 13.92
N ILE G 11 -25.37 -12.20 14.50
CA ILE G 11 -25.43 -13.59 14.95
C ILE G 11 -26.62 -14.25 14.29
N GLN G 12 -26.41 -15.44 13.74
CA GLN G 12 -27.46 -16.15 13.01
C GLN G 12 -28.52 -16.66 13.97
N PHE G 13 -29.77 -16.66 13.52
CA PHE G 13 -30.91 -17.10 14.30
C PHE G 13 -31.55 -18.30 13.61
N LEU G 14 -31.94 -19.30 14.40
CA LEU G 14 -32.57 -20.49 13.85
C LEU G 14 -33.99 -20.18 13.39
N ARG G 15 -34.29 -20.50 12.14
CA ARG G 15 -35.60 -20.30 11.55
C ARG G 15 -36.05 -21.59 10.88
N THR G 16 -37.26 -21.56 10.34
CA THR G 16 -37.82 -22.74 9.71
C THR G 16 -37.08 -23.06 8.41
N ASP G 17 -37.27 -24.30 7.95
CA ASP G 17 -36.68 -24.84 6.72
C ASP G 17 -35.15 -24.92 6.80
N ASP G 18 -34.57 -24.91 7.98
CA ASP G 18 -33.12 -25.03 8.15
C ASP G 18 -32.78 -26.41 8.69
N GLU G 19 -31.81 -27.05 8.04
CA GLU G 19 -31.38 -28.37 8.48
C GLU G 19 -30.57 -28.25 9.76
N VAL G 20 -30.96 -29.01 10.78
CA VAL G 20 -30.33 -28.95 12.09
C VAL G 20 -30.05 -30.36 12.57
N VAL G 21 -29.08 -30.47 13.47
CA VAL G 21 -28.77 -31.73 14.15
C VAL G 21 -28.77 -31.47 15.65
N LEU G 22 -29.29 -32.43 16.41
CA LEU G 22 -29.43 -32.31 17.85
C LEU G 22 -28.26 -33.02 18.52
N GLN G 23 -27.32 -32.24 19.05
CA GLN G 23 -26.14 -32.75 19.72
C GLN G 23 -26.36 -32.78 21.23
N CYS G 24 -25.73 -33.74 21.88
CA CYS G 24 -25.78 -33.89 23.32
C CYS G 24 -24.42 -34.33 23.82
N THR G 25 -24.20 -34.18 25.12
CA THR G 25 -22.93 -34.48 25.76
C THR G 25 -23.08 -35.71 26.66
N ALA G 26 -22.05 -36.54 26.66
CA ALA G 26 -22.03 -37.75 27.47
C ALA G 26 -20.73 -37.80 28.27
N THR G 27 -20.83 -38.29 29.51
CA THR G 27 -19.70 -38.39 30.41
C THR G 27 -19.28 -39.84 30.66
N ILE G 28 -19.30 -40.67 29.61
CA ILE G 28 -18.98 -42.09 29.78
C ILE G 28 -17.54 -42.25 30.24
N HIS G 29 -17.36 -43.09 31.27
CA HIS G 29 -16.07 -43.33 31.92
C HIS G 29 -15.23 -42.08 32.02
N LYS G 30 -15.87 -40.98 32.44
CA LYS G 30 -15.20 -39.71 32.71
C LYS G 30 -14.48 -39.16 31.48
N GLU G 31 -15.19 -39.13 30.35
CA GLU G 31 -14.72 -38.37 29.20
C GLU G 31 -15.90 -37.67 28.54
N GLN G 32 -15.62 -36.54 27.88
CA GLN G 32 -16.65 -35.78 27.21
C GLN G 32 -16.81 -36.31 25.78
N GLN G 33 -18.00 -36.83 25.48
CA GLN G 33 -18.31 -37.38 24.18
C GLN G 33 -19.48 -36.63 23.58
N LYS G 34 -19.36 -36.25 22.31
CA LYS G 34 -20.41 -35.53 21.60
C LYS G 34 -21.19 -36.51 20.74
N LEU G 35 -22.48 -36.64 21.03
CA LEU G 35 -23.34 -37.56 20.31
C LEU G 35 -24.44 -36.78 19.61
N CYS G 36 -25.03 -37.37 18.58
CA CYS G 36 -26.10 -36.73 17.84
C CYS G 36 -27.30 -37.67 17.74
N LEU G 37 -28.49 -37.10 17.91
CA LEU G 37 -29.73 -37.87 17.83
C LEU G 37 -30.00 -38.20 16.38
N ALA G 38 -30.11 -39.49 16.07
CA ALA G 38 -30.31 -39.95 14.70
C ALA G 38 -31.33 -41.07 14.68
N ALA G 39 -31.79 -41.39 13.49
CA ALA G 39 -32.71 -42.50 13.28
C ALA G 39 -32.72 -42.85 11.81
N GLU G 40 -32.67 -44.14 11.52
CA GLU G 40 -32.77 -44.64 10.16
C GLU G 40 -34.24 -44.89 9.86
N GLY G 41 -34.85 -43.95 9.14
CA GLY G 41 -36.29 -43.97 8.94
C GLY G 41 -36.81 -45.25 8.33
N PHE G 42 -36.12 -45.72 7.29
CA PHE G 42 -36.48 -47.01 6.71
C PHE G 42 -36.22 -48.12 7.70
N GLY G 43 -37.21 -48.99 7.86
CA GLY G 43 -37.08 -50.03 8.86
C GLY G 43 -37.37 -49.49 10.24
N ASN G 44 -36.42 -49.68 11.16
CA ASN G 44 -36.63 -49.33 12.56
C ASN G 44 -36.89 -47.83 12.73
N ARG G 45 -38.07 -47.51 13.26
CA ARG G 45 -38.41 -46.12 13.54
C ARG G 45 -37.78 -45.60 14.82
N LEU G 46 -37.28 -46.47 15.68
CA LEU G 46 -36.72 -46.04 16.96
C LEU G 46 -35.43 -45.25 16.73
N CYS G 47 -35.25 -44.20 17.52
CA CYS G 47 -34.08 -43.35 17.38
C CYS G 47 -32.93 -43.87 18.24
N PHE G 48 -31.71 -43.64 17.77
CA PHE G 48 -30.51 -43.92 18.55
C PHE G 48 -29.61 -42.70 18.51
N LEU G 49 -28.38 -42.89 18.98
CA LEU G 49 -27.40 -41.82 19.03
C LEU G 49 -26.16 -42.25 18.27
N GLU G 50 -25.67 -41.38 17.40
CA GLU G 50 -24.45 -41.63 16.65
C GLU G 50 -23.33 -40.74 17.19
N SER G 51 -22.18 -41.34 17.43
CA SER G 51 -21.05 -40.63 18.02
C SER G 51 -20.41 -39.71 16.98
N THR G 52 -20.32 -38.43 17.30
CA THR G 52 -19.73 -37.44 16.40
C THR G 52 -18.37 -36.94 16.87
N SER G 53 -18.04 -37.09 18.16
CA SER G 53 -16.73 -36.67 18.64
C SER G 53 -15.61 -37.54 18.10
N ASN G 54 -15.94 -38.73 17.59
CA ASN G 54 -14.96 -39.65 17.03
C ASN G 54 -14.83 -39.50 15.51
N SER G 55 -15.04 -38.30 14.98
CA SER G 55 -14.93 -38.09 13.54
C SER G 55 -13.53 -38.41 13.04
N LYS G 56 -12.54 -38.36 13.94
CA LYS G 56 -11.17 -38.70 13.55
C LYS G 56 -11.07 -40.17 13.14
N ASN G 57 -11.74 -41.06 13.85
CA ASN G 57 -11.60 -42.48 13.60
C ASN G 57 -12.81 -43.08 12.89
N VAL G 58 -14.02 -42.69 13.31
CA VAL G 58 -15.25 -43.26 12.74
C VAL G 58 -16.07 -42.13 12.13
N PRO G 59 -16.32 -42.16 10.82
CA PRO G 59 -17.13 -41.11 10.19
C PRO G 59 -18.53 -41.08 10.76
N PRO G 60 -19.09 -39.90 10.94
CA PRO G 60 -20.48 -39.82 11.44
C PRO G 60 -21.49 -39.87 10.32
N ASP G 61 -22.55 -40.65 10.50
CA ASP G 61 -23.60 -40.80 9.49
C ASP G 61 -24.64 -39.69 9.64
N LEU G 62 -24.20 -38.47 9.34
CA LEU G 62 -25.05 -37.30 9.48
C LEU G 62 -26.24 -37.32 8.53
N SER G 63 -26.22 -38.17 7.50
CA SER G 63 -27.32 -38.23 6.55
C SER G 63 -28.63 -38.58 7.25
N ILE G 64 -28.57 -39.47 8.25
CA ILE G 64 -29.75 -39.81 9.04
C ILE G 64 -29.89 -38.95 10.28
N CYS G 65 -28.88 -38.14 10.60
CA CYS G 65 -28.93 -37.24 11.73
C CYS G 65 -29.58 -35.90 11.40
N THR G 66 -29.54 -35.49 10.13
CA THR G 66 -30.06 -34.18 9.77
C THR G 66 -31.57 -34.11 9.99
N PHE G 67 -32.03 -32.99 10.54
CA PHE G 67 -33.44 -32.74 10.77
C PHE G 67 -33.78 -31.35 10.29
N VAL G 68 -35.02 -31.16 9.83
CA VAL G 68 -35.47 -29.87 9.32
C VAL G 68 -36.65 -29.39 10.15
N LEU G 69 -36.67 -28.09 10.42
CA LEU G 69 -37.73 -27.48 11.23
C LEU G 69 -38.84 -27.02 10.29
N GLU G 70 -39.94 -27.76 10.28
CA GLU G 70 -41.04 -27.43 9.38
C GLU G 70 -41.79 -26.19 9.85
N GLN G 71 -42.31 -26.23 11.08
CA GLN G 71 -43.06 -25.11 11.64
C GLN G 71 -42.65 -24.89 13.08
N SER G 72 -42.76 -23.62 13.51
CA SER G 72 -42.49 -23.22 14.89
C SER G 72 -43.61 -22.29 15.34
N LEU G 73 -44.66 -22.88 15.91
CA LEU G 73 -45.83 -22.13 16.32
C LEU G 73 -45.97 -22.12 17.84
N SER G 74 -46.67 -21.11 18.35
CA SER G 74 -46.90 -21.03 19.79
C SER G 74 -47.82 -22.16 20.23
N VAL G 75 -47.77 -22.47 21.52
CA VAL G 75 -48.62 -23.53 22.06
C VAL G 75 -50.09 -23.16 21.93
N ARG G 76 -50.42 -21.87 22.10
CA ARG G 76 -51.80 -21.43 21.94
C ARG G 76 -52.27 -21.65 20.51
N ALA G 77 -51.45 -21.25 19.53
CA ALA G 77 -51.82 -21.43 18.13
C ALA G 77 -51.93 -22.90 17.78
N LEU G 78 -51.02 -23.72 18.30
CA LEU G 78 -51.08 -25.16 18.06
C LEU G 78 -52.36 -25.78 18.64
N GLN G 79 -52.75 -25.39 19.85
CA GLN G 79 -53.99 -25.87 20.43
C GLN G 79 -55.19 -25.43 19.59
N GLU G 80 -55.20 -24.18 19.14
CA GLU G 80 -56.29 -23.71 18.29
C GLU G 80 -56.37 -24.51 17.00
N MET G 81 -55.22 -24.75 16.37
CA MET G 81 -55.20 -25.49 15.12
C MET G 81 -55.66 -26.93 15.32
N LEU G 82 -55.24 -27.55 16.42
CA LEU G 82 -55.69 -28.90 16.73
C LEU G 82 -57.20 -28.93 16.97
N ALA G 83 -57.73 -27.89 17.61
CA ALA G 83 -59.18 -27.78 17.78
C ALA G 83 -59.87 -27.66 16.44
N ASN G 84 -59.30 -26.91 15.51
CA ASN G 84 -59.85 -26.77 14.17
C ASN G 84 -59.67 -28.06 13.36
N HIS G 110 -40.83 -18.39 6.98
CA HIS G 110 -39.48 -18.29 7.49
C HIS G 110 -39.43 -17.57 8.83
N ARG G 111 -40.38 -17.88 9.70
CA ARG G 111 -40.40 -17.29 11.03
C ARG G 111 -39.22 -17.80 11.85
N THR G 112 -38.80 -16.97 12.80
CA THR G 112 -37.67 -17.32 13.65
C THR G 112 -38.15 -18.01 14.92
N LEU G 113 -37.42 -19.05 15.33
CA LEU G 113 -37.77 -19.79 16.52
C LEU G 113 -37.64 -18.90 17.75
N LEU G 114 -38.76 -18.67 18.43
CA LEU G 114 -38.79 -17.92 19.68
C LEU G 114 -38.97 -18.92 20.81
N TYR G 115 -38.18 -18.77 21.87
CA TYR G 115 -38.26 -19.69 23.00
C TYR G 115 -39.67 -19.73 23.55
N GLY G 116 -40.18 -20.94 23.73
CA GLY G 116 -41.54 -21.14 24.20
C GLY G 116 -42.52 -21.62 23.17
N HIS G 117 -42.10 -21.83 21.93
CA HIS G 117 -42.95 -22.41 20.91
C HIS G 117 -42.84 -23.94 20.92
N ALA G 118 -43.66 -24.59 20.11
CA ALA G 118 -43.56 -26.01 19.85
C ALA G 118 -43.16 -26.19 18.39
N ILE G 119 -42.09 -26.94 18.18
CA ILE G 119 -41.47 -27.05 16.86
C ILE G 119 -41.73 -28.44 16.29
N LEU G 120 -41.80 -28.51 14.97
CA LEU G 120 -42.11 -29.74 14.23
C LEU G 120 -40.86 -30.17 13.48
N LEU G 121 -40.21 -31.22 13.99
CA LEU G 121 -39.03 -31.74 13.33
C LEU G 121 -39.40 -32.79 12.30
N ARG G 122 -38.82 -32.69 11.10
CA ARG G 122 -39.00 -33.68 10.06
C ARG G 122 -37.65 -34.27 9.73
N HIS G 123 -37.57 -35.60 9.71
CA HIS G 123 -36.32 -36.27 9.37
C HIS G 123 -36.07 -36.11 7.88
N SER G 124 -34.93 -35.49 7.54
CA SER G 124 -34.69 -35.07 6.16
C SER G 124 -34.68 -36.27 5.21
N TYR G 125 -33.95 -37.33 5.58
CA TYR G 125 -33.83 -38.48 4.69
C TYR G 125 -35.17 -39.20 4.54
N SER G 126 -35.83 -39.50 5.66
CA SER G 126 -36.99 -40.36 5.61
C SER G 126 -38.27 -39.59 5.33
N GLY G 127 -38.39 -38.39 5.90
CA GLY G 127 -39.60 -37.60 5.76
C GLY G 127 -40.59 -37.76 6.88
N MET G 128 -40.39 -38.70 7.79
CA MET G 128 -41.23 -38.79 8.98
C MET G 128 -40.79 -37.77 10.02
N TYR G 129 -41.62 -37.61 11.04
CA TYR G 129 -41.43 -36.57 12.06
C TYR G 129 -41.07 -37.21 13.39
N LEU G 130 -40.20 -36.52 14.13
CA LEU G 130 -39.83 -36.98 15.47
C LEU G 130 -41.02 -36.88 16.40
N CYS G 131 -41.20 -37.90 17.24
CA CYS G 131 -42.34 -37.93 18.16
C CYS G 131 -42.05 -38.91 19.28
N CYS G 132 -42.86 -38.82 20.33
CA CYS G 132 -42.85 -39.84 21.37
C CYS G 132 -43.74 -41.00 20.93
N LEU G 133 -43.15 -42.20 20.85
CA LEU G 133 -43.88 -43.34 20.31
C LEU G 133 -44.96 -43.83 21.26
N SER G 134 -44.96 -43.36 22.50
CA SER G 134 -45.94 -43.74 23.52
C SER G 134 -45.77 -45.21 23.92
N THR G 135 -44.84 -45.90 23.27
CA THR G 135 -44.44 -47.24 23.65
C THR G 135 -43.06 -47.19 24.31
N SER G 136 -42.78 -48.20 25.13
CA SER G 136 -41.56 -48.22 25.91
C SER G 136 -40.85 -49.55 25.73
N ARG G 137 -39.52 -49.50 25.73
CA ARG G 137 -38.69 -50.68 25.74
C ARG G 137 -38.43 -51.19 27.15
N SER G 138 -38.91 -50.46 28.17
CA SER G 138 -38.72 -50.84 29.57
C SER G 138 -37.25 -51.00 29.91
N SER G 139 -36.42 -50.09 29.37
CA SER G 139 -34.99 -50.09 29.67
C SER G 139 -34.73 -49.43 31.03
N THR G 140 -35.08 -50.17 32.08
CA THR G 140 -34.94 -49.80 33.48
C THR G 140 -35.72 -48.52 33.84
N ASP G 141 -36.70 -48.12 33.02
CA ASP G 141 -37.51 -46.94 33.30
C ASP G 141 -38.92 -47.20 32.77
N LYS G 142 -39.85 -47.46 33.69
CA LYS G 142 -41.24 -47.65 33.32
C LYS G 142 -41.84 -46.36 32.77
N LEU G 143 -41.48 -45.23 33.38
CA LEU G 143 -42.08 -43.96 33.01
C LEU G 143 -41.59 -43.47 31.65
N ALA G 144 -40.40 -43.90 31.24
CA ALA G 144 -39.81 -43.42 29.99
C ALA G 144 -40.60 -43.93 28.79
N PHE G 145 -40.73 -43.06 27.79
CA PHE G 145 -41.36 -43.42 26.52
C PHE G 145 -40.32 -43.34 25.41
N ASP G 146 -40.38 -44.29 24.49
CA ASP G 146 -39.44 -44.32 23.38
C ASP G 146 -39.73 -43.18 22.40
N VAL G 147 -38.67 -42.68 21.78
CA VAL G 147 -38.75 -41.57 20.84
C VAL G 147 -38.41 -42.10 19.46
N GLY G 148 -39.32 -41.91 18.51
CA GLY G 148 -39.11 -42.42 17.17
C GLY G 148 -39.64 -41.50 16.08
N LEU G 149 -39.97 -42.08 14.94
CA LEU G 149 -40.45 -41.32 13.78
C LEU G 149 -41.88 -41.74 13.45
N GLN G 150 -42.69 -40.77 13.03
CA GLN G 150 -44.09 -41.00 12.69
C GLN G 150 -44.42 -40.31 11.37
N GLU G 151 -45.24 -40.98 10.56
CA GLU G 151 -45.59 -40.44 9.25
C GLU G 151 -46.54 -39.26 9.36
N ASP G 152 -47.57 -39.36 10.19
CA ASP G 152 -48.60 -38.34 10.26
C ASP G 152 -48.24 -37.28 11.29
N THR G 153 -48.27 -36.02 10.86
CA THR G 153 -47.99 -34.90 11.75
C THR G 153 -49.17 -34.56 12.66
N THR G 154 -50.34 -35.12 12.40
CA THR G 154 -51.50 -34.86 13.24
C THR G 154 -51.29 -35.47 14.63
N GLY G 155 -51.95 -34.87 15.61
CA GLY G 155 -51.80 -35.28 16.99
C GLY G 155 -50.75 -34.44 17.71
N GLU G 156 -50.71 -34.63 19.03
CA GLU G 156 -49.82 -33.88 19.90
C GLU G 156 -48.50 -34.60 20.16
N ALA G 157 -48.29 -35.76 19.55
CA ALA G 157 -47.06 -36.51 19.78
C ALA G 157 -45.89 -35.91 19.02
N CYS G 158 -46.11 -35.43 17.80
CA CYS G 158 -45.02 -34.97 16.97
C CYS G 158 -44.41 -33.68 17.50
N TRP G 159 -45.25 -32.78 18.01
CA TRP G 159 -44.77 -31.45 18.39
C TRP G 159 -43.94 -31.51 19.66
N TRP G 160 -42.90 -30.66 19.70
CA TRP G 160 -41.99 -30.60 20.84
C TRP G 160 -41.86 -29.14 21.26
N THR G 161 -42.35 -28.81 22.44
CA THR G 161 -42.16 -27.45 22.97
C THR G 161 -40.69 -27.23 23.26
N ILE G 162 -40.20 -26.05 22.92
CA ILE G 162 -38.79 -25.71 23.06
C ILE G 162 -38.65 -24.84 24.29
N HIS G 163 -37.59 -25.08 25.08
CA HIS G 163 -37.40 -24.29 26.27
C HIS G 163 -35.92 -23.96 26.46
N PRO G 164 -35.62 -22.78 27.01
CA PRO G 164 -34.23 -22.42 27.26
C PRO G 164 -33.59 -23.32 28.29
N ALA G 165 -32.29 -23.58 28.12
CA ALA G 165 -31.57 -24.38 29.10
C ALA G 165 -31.30 -23.60 30.37
N SER G 166 -30.92 -22.33 30.24
CA SER G 166 -30.58 -21.50 31.38
C SER G 166 -31.23 -20.12 31.25
N LYS G 167 -30.96 -19.28 32.23
CA LYS G 167 -31.65 -17.99 32.37
C LYS G 167 -31.12 -16.95 31.40
N GLN G 168 -30.04 -17.24 30.69
CA GLN G 168 -29.44 -16.24 29.81
C GLN G 168 -30.38 -15.80 28.70
N ARG G 169 -31.37 -16.61 28.35
CA ARG G 169 -32.33 -16.24 27.31
C ARG G 169 -33.72 -16.68 27.81
N SER G 170 -34.49 -15.71 28.30
CA SER G 170 -35.82 -16.01 28.80
C SER G 170 -36.74 -16.40 27.64
N GLU G 171 -37.92 -16.92 28.00
CA GLU G 171 -38.87 -17.35 27.00
C GLU G 171 -39.32 -16.18 26.14
N GLY G 172 -39.45 -16.42 24.84
CA GLY G 172 -39.87 -15.38 23.92
C GLY G 172 -38.71 -14.79 23.14
N GLU G 173 -37.49 -14.96 23.64
CA GLU G 173 -36.33 -14.44 22.94
C GLU G 173 -35.99 -15.32 21.74
N LYS G 174 -35.40 -14.71 20.72
CA LYS G 174 -34.99 -15.45 19.55
C LYS G 174 -33.87 -16.42 19.88
N VAL G 175 -33.97 -17.64 19.34
CA VAL G 175 -33.00 -18.68 19.62
C VAL G 175 -31.82 -18.51 18.66
N ARG G 176 -30.62 -18.33 19.23
CA ARG G 176 -29.43 -18.25 18.40
C ARG G 176 -29.00 -19.64 17.95
N VAL G 177 -28.16 -19.67 16.91
CA VAL G 177 -27.69 -20.96 16.39
C VAL G 177 -26.87 -21.70 17.43
N GLY G 178 -26.02 -20.97 18.15
CA GLY G 178 -25.27 -21.58 19.24
C GLY G 178 -25.97 -21.42 20.57
N ASP G 179 -26.72 -22.43 20.98
CA ASP G 179 -27.50 -22.40 22.22
C ASP G 179 -27.69 -23.82 22.71
N ASP G 180 -28.07 -23.94 23.97
CA ASP G 180 -28.49 -25.20 24.56
C ASP G 180 -29.99 -25.15 24.80
N LEU G 181 -30.69 -26.18 24.36
CA LEU G 181 -32.14 -26.19 24.33
C LEU G 181 -32.66 -27.47 24.95
N ILE G 182 -33.80 -27.39 25.64
CA ILE G 182 -34.44 -28.57 26.22
C ILE G 182 -35.82 -28.71 25.59
N LEU G 183 -36.13 -29.91 25.12
CA LEU G 183 -37.38 -30.18 24.42
C LEU G 183 -38.33 -30.93 25.34
N VAL G 184 -39.55 -30.44 25.45
CA VAL G 184 -40.59 -31.07 26.25
C VAL G 184 -41.66 -31.59 25.31
N SER G 185 -41.95 -32.89 25.39
CA SER G 185 -42.97 -33.47 24.55
C SER G 185 -44.32 -32.87 24.87
N VAL G 186 -45.09 -32.53 23.82
CA VAL G 186 -46.45 -32.04 24.04
C VAL G 186 -47.31 -33.14 24.61
N SER G 187 -47.25 -34.33 24.02
CA SER G 187 -48.17 -35.41 24.41
C SER G 187 -47.84 -35.97 25.78
N SER G 188 -46.56 -36.25 26.05
CA SER G 188 -46.16 -36.96 27.24
C SER G 188 -45.58 -36.06 28.33
N GLU G 189 -45.30 -34.79 28.01
CA GLU G 189 -44.75 -33.85 28.97
C GLU G 189 -43.45 -34.37 29.58
N ARG G 190 -42.62 -34.99 28.75
CA ARG G 190 -41.30 -35.47 29.14
C ARG G 190 -40.24 -34.77 28.30
N TYR G 191 -38.99 -34.93 28.71
CA TYR G 191 -37.86 -34.33 28.02
C TYR G 191 -37.18 -35.35 27.11
N LEU G 192 -36.64 -34.88 25.99
CA LEU G 192 -35.68 -35.67 25.25
C LEU G 192 -34.45 -35.88 26.12
N HIS G 193 -34.29 -37.11 26.59
CA HIS G 193 -33.35 -37.39 27.66
C HIS G 193 -32.40 -38.51 27.26
N LEU G 194 -31.15 -38.39 27.71
CA LEU G 194 -30.13 -39.39 27.45
C LEU G 194 -30.03 -40.33 28.64
N SER G 195 -30.36 -41.60 28.43
CA SER G 195 -30.42 -42.59 29.50
C SER G 195 -29.09 -43.31 29.59
N TYR G 196 -28.47 -43.24 30.78
CA TYR G 196 -27.22 -43.95 31.05
C TYR G 196 -27.44 -45.30 31.72
N GLY G 197 -28.70 -45.69 31.96
CA GLY G 197 -28.95 -46.88 32.75
C GLY G 197 -28.36 -48.14 32.13
N ASN G 198 -28.59 -48.32 30.84
CA ASN G 198 -27.98 -49.44 30.14
C ASN G 198 -26.57 -49.05 29.66
N GLY G 199 -25.80 -50.07 29.30
CA GLY G 199 -24.49 -49.81 28.71
C GLY G 199 -24.58 -48.99 27.44
N SER G 200 -25.60 -49.26 26.62
CA SER G 200 -25.85 -48.50 25.41
C SER G 200 -26.71 -47.29 25.74
N LEU G 201 -26.27 -46.11 25.32
CA LEU G 201 -27.01 -44.89 25.59
C LEU G 201 -28.29 -44.86 24.77
N HIS G 202 -29.38 -44.43 25.41
CA HIS G 202 -30.69 -44.40 24.79
C HIS G 202 -31.28 -42.99 24.87
N VAL G 203 -31.96 -42.58 23.81
CA VAL G 203 -32.71 -41.34 23.81
C VAL G 203 -34.18 -41.68 24.08
N ASP G 204 -34.70 -41.17 25.18
CA ASP G 204 -36.05 -41.49 25.63
C ASP G 204 -36.72 -40.25 26.19
N ALA G 205 -38.04 -40.27 26.20
CA ALA G 205 -38.81 -39.21 26.85
C ALA G 205 -38.91 -39.51 28.34
N ALA G 206 -38.28 -38.65 29.14
CA ALA G 206 -38.21 -38.89 30.57
C ALA G 206 -38.40 -37.58 31.32
N PHE G 207 -38.76 -37.69 32.60
CA PHE G 207 -38.96 -36.51 33.42
C PHE G 207 -37.65 -35.80 33.70
N GLN G 208 -36.55 -36.54 33.76
CA GLN G 208 -35.24 -35.92 33.85
C GLN G 208 -34.91 -35.22 32.53
N GLN G 209 -34.31 -34.05 32.63
CA GLN G 209 -34.07 -33.19 31.47
C GLN G 209 -32.60 -33.20 31.09
N THR G 210 -32.33 -33.25 29.79
CA THR G 210 -30.98 -33.21 29.26
C THR G 210 -30.88 -32.07 28.25
N LEU G 211 -29.82 -31.28 28.35
CA LEU G 211 -29.61 -30.15 27.46
C LEU G 211 -29.22 -30.63 26.07
N TRP G 212 -29.89 -30.12 25.06
CA TRP G 212 -29.56 -30.41 23.68
C TRP G 212 -29.10 -29.12 22.98
N SER G 213 -28.15 -29.26 22.07
CA SER G 213 -27.64 -28.13 21.30
C SER G 213 -28.01 -28.33 19.84
N VAL G 214 -28.48 -27.28 19.20
CA VAL G 214 -28.90 -27.34 17.81
C VAL G 214 -27.77 -26.82 16.94
N ALA G 215 -27.27 -27.67 16.04
CA ALA G 215 -26.21 -27.27 15.14
C ALA G 215 -26.73 -27.20 13.71
N PRO G 216 -26.53 -26.08 13.04
CA PRO G 216 -27.10 -25.90 11.69
C PRO G 216 -26.26 -26.60 10.64
N ILE G 217 -26.82 -27.67 10.06
CA ILE G 217 -26.13 -28.36 8.98
C ILE G 217 -26.09 -27.49 7.73
N SER G 218 -27.24 -26.94 7.36
CA SER G 218 -27.35 -26.11 6.16
C SER G 218 -28.70 -25.43 6.13
N SER G 219 -28.79 -24.38 5.33
CA SER G 219 -30.04 -23.67 5.07
C SER G 219 -30.28 -23.67 3.57
N GLY G 220 -31.32 -24.38 3.14
CA GLY G 220 -31.58 -24.51 1.71
C GLY G 220 -32.13 -23.24 1.09
N SER G 221 -32.60 -22.31 1.93
CA SER G 221 -33.17 -21.08 1.41
C SER G 221 -32.15 -20.26 0.63
N GLU G 222 -30.93 -20.16 1.15
CA GLU G 222 -29.87 -19.40 0.49
C GLU G 222 -28.89 -20.28 -0.28
N ALA G 223 -29.19 -21.56 -0.46
CA ALA G 223 -28.31 -22.48 -1.16
C ALA G 223 -28.30 -22.14 -2.65
N ALA G 224 -27.12 -22.06 -3.22
CA ALA G 224 -26.97 -21.74 -4.65
C ALA G 224 -27.12 -23.01 -5.48
N GLN G 225 -27.99 -22.96 -6.48
CA GLN G 225 -28.24 -24.12 -7.33
C GLN G 225 -27.04 -24.36 -8.24
N GLY G 226 -26.79 -25.63 -8.55
CA GLY G 226 -25.75 -26.01 -9.47
C GLY G 226 -24.35 -26.02 -8.89
N TYR G 227 -24.18 -25.64 -7.64
CA TYR G 227 -22.88 -25.62 -6.99
C TYR G 227 -22.84 -26.69 -5.91
N LEU G 228 -21.73 -27.43 -5.88
CA LEU G 228 -21.61 -28.56 -4.97
C LEU G 228 -21.68 -28.11 -3.52
N ILE G 229 -22.49 -28.82 -2.73
CA ILE G 229 -22.59 -28.61 -1.30
C ILE G 229 -22.36 -29.93 -0.60
N GLY G 230 -21.94 -29.86 0.66
CA GLY G 230 -21.62 -31.06 1.39
C GLY G 230 -22.84 -31.94 1.61
N GLY G 231 -22.60 -33.25 1.62
CA GLY G 231 -23.65 -34.21 1.81
C GLY G 231 -24.43 -34.56 0.56
N ASP G 232 -24.05 -34.04 -0.60
CA ASP G 232 -24.77 -34.32 -1.83
C ASP G 232 -24.27 -35.63 -2.44
N VAL G 233 -25.18 -36.35 -3.08
CA VAL G 233 -24.85 -37.60 -3.75
C VAL G 233 -24.59 -37.30 -5.22
N LEU G 234 -23.42 -37.71 -5.70
CA LEU G 234 -22.95 -37.28 -7.00
C LEU G 234 -22.14 -38.38 -7.67
N ARG G 235 -22.05 -38.29 -8.98
CA ARG G 235 -21.29 -39.21 -9.82
C ARG G 235 -20.05 -38.48 -10.30
N LEU G 236 -18.89 -39.14 -10.21
CA LEU G 236 -17.62 -38.59 -10.66
C LEU G 236 -17.37 -39.06 -12.08
N LEU G 237 -17.88 -38.32 -13.05
CA LEU G 237 -17.59 -38.64 -14.43
C LEU G 237 -16.14 -38.31 -14.75
N HIS G 238 -15.51 -39.16 -15.56
CA HIS G 238 -14.10 -38.98 -15.87
C HIS G 238 -13.86 -39.11 -17.36
N GLY G 239 -12.94 -38.31 -17.86
CA GLY G 239 -12.52 -38.40 -19.25
C GLY G 239 -13.62 -37.95 -20.21
N HIS G 240 -13.29 -38.04 -21.50
CA HIS G 240 -14.25 -37.73 -22.54
C HIS G 240 -15.20 -38.89 -22.81
N MET G 241 -14.79 -40.11 -22.51
CA MET G 241 -15.63 -41.28 -22.66
C MET G 241 -16.75 -41.34 -21.64
N ASP G 242 -16.81 -40.38 -20.72
CA ASP G 242 -17.88 -40.28 -19.73
C ASP G 242 -17.95 -41.54 -18.86
N GLU G 243 -16.79 -42.01 -18.43
CA GLU G 243 -16.72 -43.12 -17.50
C GLU G 243 -16.83 -42.61 -16.06
N CYS G 244 -17.37 -43.46 -15.20
CA CYS G 244 -17.67 -43.09 -13.83
C CYS G 244 -16.93 -44.00 -12.86
N LEU G 245 -16.55 -43.44 -11.72
CA LEU G 245 -15.85 -44.19 -10.68
C LEU G 245 -16.85 -45.11 -9.99
N THR G 246 -16.85 -46.38 -10.39
CA THR G 246 -17.80 -47.35 -9.88
C THR G 246 -17.09 -48.58 -9.37
N VAL G 247 -17.71 -49.25 -8.40
CA VAL G 247 -17.22 -50.51 -7.86
C VAL G 247 -17.60 -51.62 -8.84
N PRO G 248 -17.02 -52.81 -8.73
CA PRO G 248 -17.46 -53.92 -9.58
C PRO G 248 -18.94 -54.20 -9.43
N SER G 249 -19.47 -54.97 -10.39
CA SER G 249 -20.90 -55.20 -10.47
C SER G 249 -21.37 -56.16 -9.38
N GLY G 250 -22.62 -56.59 -9.50
CA GLY G 250 -23.19 -57.52 -8.56
C GLY G 250 -22.63 -58.91 -8.70
N GLU G 251 -21.35 -59.08 -8.36
CA GLU G 251 -20.67 -60.36 -8.42
C GLU G 251 -21.06 -61.28 -7.27
N HIS G 252 -22.12 -60.95 -6.54
CA HIS G 252 -22.58 -61.67 -5.36
C HIS G 252 -21.56 -61.65 -4.24
N GLY G 253 -20.51 -60.84 -4.36
CA GLY G 253 -19.50 -60.78 -3.33
C GLY G 253 -19.21 -59.36 -2.85
N GLU G 254 -19.53 -59.09 -1.59
CA GLU G 254 -19.16 -57.82 -0.98
C GLU G 254 -17.64 -57.65 -0.96
N GLU G 255 -16.89 -58.74 -0.83
CA GLU G 255 -15.44 -58.67 -0.91
C GLU G 255 -14.99 -58.24 -2.30
N GLN G 256 -15.61 -58.79 -3.35
CA GLN G 256 -15.24 -58.41 -4.71
C GLN G 256 -15.71 -57.00 -5.03
N ARG G 257 -16.70 -56.49 -4.30
CA ARG G 257 -17.24 -55.15 -4.51
C ARG G 257 -16.45 -54.08 -3.75
N ARG G 258 -15.20 -54.35 -3.41
CA ARG G 258 -14.40 -53.42 -2.61
C ARG G 258 -13.43 -52.59 -3.43
N THR G 259 -13.12 -53.00 -4.67
CA THR G 259 -12.20 -52.25 -5.50
C THR G 259 -12.95 -51.14 -6.25
N VAL G 260 -12.17 -50.30 -6.93
CA VAL G 260 -12.72 -49.18 -7.69
C VAL G 260 -12.09 -49.18 -9.08
N HIS G 261 -12.88 -48.81 -10.07
CA HIS G 261 -12.40 -48.74 -11.45
C HIS G 261 -13.30 -47.80 -12.24
N TYR G 262 -12.73 -47.18 -13.26
CA TYR G 262 -13.50 -46.34 -14.17
C TYR G 262 -14.26 -47.22 -15.14
N GLU G 263 -15.55 -46.94 -15.32
CA GLU G 263 -16.38 -47.67 -16.28
C GLU G 263 -17.44 -46.73 -16.82
N GLY G 264 -17.73 -46.87 -18.12
CA GLY G 264 -18.72 -46.03 -18.76
C GLY G 264 -19.78 -46.83 -19.48
N GLY G 265 -20.91 -46.20 -19.77
CA GLY G 265 -22.00 -46.88 -20.46
C GLY G 265 -23.31 -46.76 -19.72
N ALA G 266 -23.98 -47.89 -19.50
CA ALA G 266 -25.24 -47.91 -18.77
C ALA G 266 -25.05 -47.80 -17.26
N VAL G 267 -23.83 -47.95 -16.78
CA VAL G 267 -23.56 -47.83 -15.34
C VAL G 267 -23.86 -46.42 -14.86
N SER G 268 -23.78 -45.42 -15.75
CA SER G 268 -24.00 -44.04 -15.34
C SER G 268 -25.42 -43.80 -14.87
N VAL G 269 -26.33 -44.74 -15.17
CA VAL G 269 -27.72 -44.58 -14.77
C VAL G 269 -28.05 -45.69 -13.78
N HIS G 270 -27.05 -46.09 -13.00
CA HIS G 270 -27.21 -47.10 -11.96
C HIS G 270 -26.80 -46.54 -10.62
N ALA G 271 -27.25 -47.21 -9.56
CA ALA G 271 -26.90 -46.85 -8.20
C ALA G 271 -25.50 -47.31 -7.81
N ARG G 272 -24.84 -48.07 -8.66
CA ARG G 272 -23.51 -48.60 -8.39
C ARG G 272 -22.43 -47.54 -8.48
N SER G 273 -22.75 -46.34 -8.94
CA SER G 273 -21.76 -45.29 -9.12
C SER G 273 -22.08 -44.02 -8.34
N LEU G 274 -22.97 -44.09 -7.36
CA LEU G 274 -23.35 -42.93 -6.57
C LEU G 274 -22.39 -42.78 -5.39
N TRP G 275 -21.83 -41.57 -5.24
CA TRP G 275 -20.92 -41.27 -4.16
C TRP G 275 -21.44 -40.09 -3.37
N ARG G 276 -21.37 -40.19 -2.05
CA ARG G 276 -21.77 -39.13 -1.14
C ARG G 276 -20.53 -38.44 -0.59
N LEU G 277 -20.49 -37.12 -0.72
CA LEU G 277 -19.36 -36.34 -0.24
C LEU G 277 -19.68 -35.85 1.17
N GLU G 278 -19.04 -36.45 2.17
CA GLU G 278 -19.28 -36.09 3.56
C GLU G 278 -18.13 -35.24 4.07
N THR G 279 -18.43 -34.01 4.47
CA THR G 279 -17.41 -33.12 4.98
C THR G 279 -16.95 -33.59 6.36
N LEU G 280 -15.70 -33.26 6.70
CA LEU G 280 -15.14 -33.66 7.98
C LEU G 280 -15.69 -32.85 9.14
N ARG G 281 -16.43 -31.78 8.88
CA ARG G 281 -17.00 -30.94 9.92
C ARG G 281 -18.46 -31.30 10.15
N VAL G 282 -18.86 -31.35 11.42
CA VAL G 282 -20.26 -31.62 11.73
C VAL G 282 -21.11 -30.37 11.54
N ALA G 283 -20.71 -29.27 12.15
CA ALA G 283 -21.44 -28.02 11.99
C ALA G 283 -21.23 -27.47 10.59
N TRP G 284 -22.33 -26.98 9.99
CA TRP G 284 -22.31 -26.36 8.67
C TRP G 284 -21.71 -27.32 7.63
N SER G 285 -22.14 -28.58 7.72
CA SER G 285 -21.70 -29.59 6.77
C SER G 285 -22.30 -29.41 5.39
N GLY G 286 -23.47 -28.78 5.28
CA GLY G 286 -24.13 -28.60 4.01
C GLY G 286 -23.67 -27.36 3.28
N SER G 287 -22.65 -26.70 3.82
CA SER G 287 -22.12 -25.49 3.20
C SER G 287 -21.50 -25.82 1.85
N HIS G 288 -21.42 -24.82 0.98
CA HIS G 288 -20.81 -24.99 -0.33
C HIS G 288 -19.38 -25.49 -0.19
N ILE G 289 -19.02 -26.48 -1.00
CA ILE G 289 -17.66 -27.00 -0.97
C ILE G 289 -16.72 -26.00 -1.61
N ARG G 290 -15.60 -25.73 -0.95
CA ARG G 290 -14.57 -24.83 -1.44
C ARG G 290 -13.37 -25.64 -1.91
N TRP G 291 -12.62 -25.08 -2.86
CA TRP G 291 -11.47 -25.77 -3.41
C TRP G 291 -10.46 -26.07 -2.30
N GLY G 292 -10.23 -27.35 -2.06
CA GLY G 292 -9.30 -27.75 -1.02
C GLY G 292 -9.95 -28.18 0.28
N GLN G 293 -11.26 -28.34 0.31
CA GLN G 293 -11.91 -28.82 1.52
C GLN G 293 -11.70 -30.32 1.66
N PRO G 294 -11.22 -30.80 2.80
CA PRO G 294 -11.10 -32.25 3.01
C PRO G 294 -12.47 -32.86 3.26
N PHE G 295 -12.70 -34.04 2.67
CA PHE G 295 -13.95 -34.77 2.84
C PHE G 295 -13.69 -36.26 2.65
N ARG G 296 -14.75 -37.05 2.84
CA ARG G 296 -14.70 -38.48 2.59
C ARG G 296 -15.76 -38.83 1.55
N LEU G 297 -15.40 -39.71 0.62
CA LEU G 297 -16.35 -40.21 -0.35
C LEU G 297 -16.91 -41.54 0.12
N ARG G 298 -18.23 -41.62 0.23
CA ARG G 298 -18.91 -42.82 0.69
C ARG G 298 -19.67 -43.44 -0.47
N HIS G 299 -19.44 -44.72 -0.72
CA HIS G 299 -20.21 -45.42 -1.74
C HIS G 299 -21.59 -45.73 -1.18
N VAL G 300 -22.62 -45.09 -1.75
CA VAL G 300 -23.96 -45.17 -1.17
C VAL G 300 -24.47 -46.61 -1.18
N THR G 301 -24.29 -47.31 -2.30
CA THR G 301 -24.87 -48.64 -2.42
C THR G 301 -24.20 -49.63 -1.46
N THR G 302 -22.88 -49.63 -1.41
CA THR G 302 -22.17 -50.57 -0.56
C THR G 302 -21.93 -50.05 0.85
N GLY G 303 -22.07 -48.75 1.09
CA GLY G 303 -21.89 -48.21 2.41
C GLY G 303 -20.46 -48.06 2.85
N LYS G 304 -19.49 -48.30 1.97
CA LYS G 304 -18.07 -48.22 2.32
C LYS G 304 -17.51 -46.87 1.91
N TYR G 305 -16.44 -46.47 2.61
CA TYR G 305 -15.79 -45.19 2.36
C TYR G 305 -14.55 -45.39 1.52
N LEU G 306 -14.35 -44.48 0.55
CA LEU G 306 -13.16 -44.54 -0.29
C LEU G 306 -11.92 -44.27 0.56
N SER G 307 -10.87 -45.06 0.33
CA SER G 307 -9.66 -44.98 1.11
C SER G 307 -8.45 -45.34 0.25
N LEU G 308 -7.29 -44.93 0.71
CA LEU G 308 -6.02 -45.15 0.01
C LEU G 308 -5.13 -46.03 0.89
N MET G 309 -4.70 -47.15 0.35
CA MET G 309 -3.74 -47.99 1.05
C MET G 309 -2.35 -47.38 0.98
N GLU G 310 -1.47 -47.86 1.86
CA GLU G 310 -0.07 -47.45 1.78
C GLU G 310 0.57 -47.95 0.49
N ASP G 311 0.03 -49.04 -0.06
CA ASP G 311 0.52 -49.62 -1.31
C ASP G 311 -0.01 -48.91 -2.54
N LYS G 312 -0.52 -47.69 -2.39
CA LYS G 312 -0.86 -46.81 -3.50
C LYS G 312 -2.02 -47.39 -4.33
N ASN G 313 -2.86 -48.20 -3.70
CA ASN G 313 -4.03 -48.77 -4.34
C ASN G 313 -5.26 -48.42 -3.50
N LEU G 314 -6.34 -48.02 -4.17
CA LEU G 314 -7.56 -47.59 -3.49
C LEU G 314 -8.39 -48.82 -3.11
N LEU G 315 -8.86 -48.85 -1.87
CA LEU G 315 -9.69 -49.94 -1.38
C LEU G 315 -10.80 -49.37 -0.52
N LEU G 316 -12.02 -49.86 -0.72
CA LEU G 316 -13.14 -49.44 0.10
C LEU G 316 -13.09 -50.16 1.45
N MET G 317 -12.97 -49.38 2.54
CA MET G 317 -13.03 -49.96 3.87
C MET G 317 -14.32 -49.53 4.57
N ASP G 318 -14.64 -50.25 5.63
CA ASP G 318 -15.86 -50.04 6.39
C ASP G 318 -15.77 -48.76 7.21
N LYS G 319 -16.87 -48.47 7.92
CA LYS G 319 -16.95 -47.27 8.73
C LYS G 319 -15.94 -47.28 9.86
N GLU G 320 -15.75 -48.44 10.49
CA GLU G 320 -14.86 -48.53 11.65
C GLU G 320 -13.42 -48.28 11.27
N LYS G 321 -12.99 -48.75 10.09
CA LYS G 321 -11.61 -48.60 9.69
C LYS G 321 -11.45 -47.47 8.66
N ALA G 322 -12.26 -46.43 8.79
CA ALA G 322 -12.20 -45.27 7.89
C ALA G 322 -11.62 -44.11 8.67
N ASP G 323 -10.30 -44.04 8.73
CA ASP G 323 -9.63 -42.95 9.42
C ASP G 323 -9.60 -41.71 8.52
N VAL G 324 -9.39 -40.56 9.15
CA VAL G 324 -9.32 -39.31 8.39
C VAL G 324 -8.14 -39.34 7.43
N LYS G 325 -6.98 -39.83 7.90
CA LYS G 325 -5.80 -39.88 7.04
C LYS G 325 -6.01 -40.82 5.87
N SER G 326 -6.69 -41.95 6.10
CA SER G 326 -6.85 -42.94 5.05
C SER G 326 -7.91 -42.53 4.04
N THR G 327 -8.96 -41.85 4.50
CA THR G 327 -10.15 -41.63 3.68
C THR G 327 -10.36 -40.18 3.29
N ALA G 328 -9.46 -39.28 3.65
CA ALA G 328 -9.62 -37.86 3.38
C ALA G 328 -9.15 -37.54 1.96
N PHE G 329 -9.96 -36.79 1.23
CA PHE G 329 -9.62 -36.34 -0.12
C PHE G 329 -10.03 -34.88 -0.29
N THR G 330 -9.37 -34.20 -1.23
CA THR G 330 -9.63 -32.81 -1.53
C THR G 330 -9.79 -32.62 -3.03
N PHE G 331 -10.48 -31.54 -3.38
CA PHE G 331 -10.65 -31.15 -4.78
C PHE G 331 -9.75 -29.97 -5.10
N ARG G 332 -8.99 -30.07 -6.17
CA ARG G 332 -8.09 -29.02 -6.62
C ARG G 332 -8.48 -28.57 -8.02
N SER G 333 -8.30 -27.28 -8.29
CA SER G 333 -8.69 -26.73 -9.58
C SER G 333 -7.72 -27.14 -10.67
N SER G 334 -6.42 -27.14 -10.36
CA SER G 334 -5.40 -27.45 -11.36
C SER G 334 -4.33 -28.33 -10.73
N LYS G 335 -3.48 -28.89 -11.60
CA LYS G 335 -2.40 -29.76 -11.16
C LYS G 335 -1.30 -29.01 -10.41
N GLU G 336 -1.32 -27.69 -10.42
CA GLU G 336 -0.30 -26.90 -9.73
C GLU G 336 -0.27 -27.27 -8.24
N LYS G 337 0.95 -27.39 -7.72
CA LYS G 337 1.17 -27.93 -6.38
C LYS G 337 1.15 -26.86 -5.29
N LEU G 338 0.83 -25.62 -5.61
CA LEU G 338 0.78 -24.58 -4.60
C LEU G 338 -0.29 -24.90 -3.57
N ASP G 339 0.05 -24.69 -2.30
CA ASP G 339 -0.85 -24.97 -1.18
C ASP G 339 -1.37 -23.66 -0.63
N VAL G 340 -2.66 -23.63 -0.32
CA VAL G 340 -3.30 -22.45 0.26
C VAL G 340 -3.01 -22.40 1.75
N GLY G 341 -2.23 -23.37 2.24
CA GLY G 341 -1.96 -23.44 3.67
C GLY G 341 -3.19 -23.92 4.41
N VAL G 342 -3.47 -23.29 5.54
CA VAL G 342 -4.67 -23.57 6.33
C VAL G 342 -5.57 -22.35 6.26
N ARG G 343 -6.79 -22.55 5.74
CA ARG G 343 -7.80 -21.50 5.67
C ARG G 343 -8.84 -21.77 6.75
N LYS G 344 -9.32 -20.69 7.39
CA LYS G 344 -10.31 -20.85 8.44
C LYS G 344 -11.62 -21.36 7.84
N GLU G 345 -12.28 -22.27 8.56
CA GLU G 345 -13.60 -22.71 8.15
C GLU G 345 -14.65 -21.66 8.52
N VAL G 346 -15.42 -21.22 7.52
CA VAL G 346 -16.37 -20.14 7.69
C VAL G 346 -17.70 -20.72 8.15
N ASP G 347 -18.29 -20.08 9.16
CA ASP G 347 -19.62 -20.47 9.60
C ASP G 347 -20.67 -19.83 8.70
N GLY G 348 -21.56 -20.66 8.15
CA GLY G 348 -22.58 -20.19 7.23
C GLY G 348 -22.60 -21.00 5.95
N MET G 349 -23.35 -20.46 4.99
CA MET G 349 -23.51 -21.15 3.71
C MET G 349 -22.19 -21.22 2.96
N GLY G 350 -21.42 -20.15 3.00
CA GLY G 350 -20.11 -20.11 2.35
C GLY G 350 -20.22 -19.68 0.90
N THR G 351 -19.05 -19.65 0.26
CA THR G 351 -18.96 -19.22 -1.14
C THR G 351 -19.04 -20.42 -2.06
N SER G 352 -19.84 -20.28 -3.12
CA SER G 352 -20.00 -21.37 -4.09
C SER G 352 -18.87 -21.32 -5.10
N GLU G 353 -18.03 -22.36 -5.09
CA GLU G 353 -16.88 -22.40 -5.98
C GLU G 353 -16.97 -23.53 -6.99
N ILE G 354 -17.13 -24.77 -6.51
CA ILE G 354 -17.23 -25.90 -7.43
C ILE G 354 -18.65 -25.97 -8.00
N LYS G 355 -18.73 -26.08 -9.32
CA LYS G 355 -20.01 -26.06 -10.02
C LYS G 355 -20.16 -27.35 -10.82
N TYR G 356 -21.38 -27.87 -10.88
CA TYR G 356 -21.63 -29.12 -11.58
C TYR G 356 -21.45 -28.94 -13.09
N GLY G 357 -20.81 -29.92 -13.72
CA GLY G 357 -20.65 -29.93 -15.16
C GLY G 357 -19.58 -28.97 -15.67
N ASP G 358 -19.70 -27.69 -15.33
CA ASP G 358 -18.77 -26.70 -15.86
C ASP G 358 -17.40 -26.82 -15.24
N SER G 359 -17.32 -27.02 -13.93
CA SER G 359 -16.03 -27.08 -13.26
C SER G 359 -15.31 -28.37 -13.57
N VAL G 360 -13.97 -28.30 -13.55
CA VAL G 360 -13.11 -29.46 -13.70
C VAL G 360 -12.31 -29.60 -12.41
N CYS G 361 -12.41 -30.77 -11.78
CA CYS G 361 -11.80 -31.00 -10.48
C CYS G 361 -10.75 -32.09 -10.57
N TYR G 362 -9.79 -32.04 -9.65
CA TYR G 362 -8.77 -33.08 -9.52
C TYR G 362 -8.82 -33.60 -8.09
N ILE G 363 -8.89 -34.91 -7.94
CA ILE G 363 -8.90 -35.51 -6.61
C ILE G 363 -7.48 -35.65 -6.11
N GLN G 364 -7.22 -35.15 -4.90
CA GLN G 364 -5.91 -35.27 -4.27
C GLN G 364 -6.08 -35.85 -2.88
N HIS G 365 -5.38 -36.96 -2.62
CA HIS G 365 -5.37 -37.51 -1.28
C HIS G 365 -4.70 -36.54 -0.32
N VAL G 366 -5.32 -36.34 0.85
CA VAL G 366 -4.89 -35.29 1.75
C VAL G 366 -3.50 -35.57 2.30
N ASP G 367 -3.26 -36.80 2.77
CA ASP G 367 -2.00 -37.10 3.45
C ASP G 367 -0.89 -37.46 2.46
N THR G 368 -1.17 -38.34 1.51
CA THR G 368 -0.16 -38.77 0.56
C THR G 368 0.08 -37.75 -0.54
N GLY G 369 -0.80 -36.77 -0.69
CA GLY G 369 -0.65 -35.77 -1.73
C GLY G 369 -0.77 -36.28 -3.14
N LEU G 370 -1.17 -37.55 -3.32
CA LEU G 370 -1.25 -38.11 -4.66
C LEU G 370 -2.48 -37.59 -5.38
N TRP G 371 -2.54 -37.86 -6.68
CA TRP G 371 -3.67 -37.51 -7.52
C TRP G 371 -4.32 -38.79 -8.05
N LEU G 372 -5.65 -38.80 -8.07
CA LEU G 372 -6.39 -39.92 -8.63
C LEU G 372 -6.21 -39.93 -10.15
N THR G 373 -5.93 -41.11 -10.70
CA THR G 373 -5.68 -41.21 -12.13
C THR G 373 -6.15 -42.57 -12.62
N TYR G 374 -6.06 -42.75 -13.93
CA TYR G 374 -6.47 -44.00 -14.57
C TYR G 374 -5.25 -44.78 -15.04
N GLN G 375 -5.24 -46.07 -14.70
CA GLN G 375 -4.10 -46.91 -15.06
C GLN G 375 -4.07 -47.23 -16.55
N SER G 376 -5.22 -47.14 -17.22
CA SER G 376 -5.40 -47.32 -18.66
C SER G 376 -5.08 -48.74 -19.13
N VAL G 377 -4.98 -49.70 -18.23
CA VAL G 377 -4.69 -51.09 -18.59
C VAL G 377 -6.03 -51.77 -18.87
N ASP G 378 -6.29 -52.03 -20.15
CA ASP G 378 -7.52 -52.70 -20.57
C ASP G 378 -7.20 -53.87 -21.51
N SER G 386 -18.13 -52.22 -20.57
CA SER G 386 -17.20 -53.22 -20.04
C SER G 386 -15.75 -52.78 -20.24
N ILE G 387 -15.53 -51.47 -20.25
CA ILE G 387 -14.18 -50.95 -20.43
C ILE G 387 -13.29 -51.35 -19.27
N GLN G 388 -13.79 -51.25 -18.04
CA GLN G 388 -13.11 -51.74 -16.85
C GLN G 388 -11.70 -51.17 -16.72
N ARG G 389 -11.58 -49.86 -16.91
CA ARG G 389 -10.29 -49.21 -16.70
C ARG G 389 -10.03 -49.03 -15.22
N LYS G 390 -8.97 -49.67 -14.73
CA LYS G 390 -8.62 -49.59 -13.32
C LYS G 390 -8.27 -48.16 -12.92
N ALA G 391 -8.76 -47.76 -11.75
CA ALA G 391 -8.49 -46.45 -11.19
C ALA G 391 -7.42 -46.57 -10.13
N ILE G 392 -6.32 -45.83 -10.28
CA ILE G 392 -5.19 -45.93 -9.38
C ILE G 392 -4.84 -44.54 -8.84
N MET G 393 -3.81 -44.51 -8.02
CA MET G 393 -3.36 -43.33 -7.31
C MET G 393 -1.92 -43.07 -7.74
N HIS G 394 -1.56 -41.83 -8.06
CA HIS G 394 -0.22 -41.59 -8.58
C HIS G 394 0.30 -40.23 -8.15
N HIS G 395 1.62 -40.11 -8.01
CA HIS G 395 2.20 -38.87 -7.52
C HIS G 395 2.49 -37.89 -8.66
N GLU G 396 2.37 -38.35 -9.91
CA GLU G 396 2.24 -37.44 -11.05
C GLU G 396 0.93 -37.63 -11.78
N GLY G 397 0.60 -38.85 -12.17
CA GLY G 397 -0.64 -39.14 -12.85
C GLY G 397 -0.59 -38.74 -14.32
N HIS G 398 -1.60 -39.19 -15.04
CA HIS G 398 -1.72 -38.83 -16.45
C HIS G 398 -2.20 -37.39 -16.59
N MET G 399 -2.08 -36.87 -17.81
CA MET G 399 -2.50 -35.50 -18.07
C MET G 399 -3.99 -35.32 -17.85
N ASP G 400 -4.80 -36.27 -18.32
CA ASP G 400 -6.26 -36.14 -18.29
C ASP G 400 -6.82 -36.79 -17.02
N ASP G 401 -6.54 -36.15 -15.90
CA ASP G 401 -7.10 -36.56 -14.60
C ASP G 401 -8.29 -35.70 -14.19
N GLY G 402 -8.68 -34.73 -15.00
CA GLY G 402 -9.81 -33.88 -14.69
C GLY G 402 -11.11 -34.65 -14.68
N ILE G 403 -11.97 -34.35 -13.70
CA ILE G 403 -13.25 -35.04 -13.57
C ILE G 403 -14.37 -34.00 -13.58
N SER G 404 -15.55 -34.47 -13.92
CA SER G 404 -16.78 -33.69 -13.85
C SER G 404 -17.69 -34.28 -12.78
N LEU G 405 -18.53 -33.42 -12.20
CA LEU G 405 -19.40 -33.80 -11.11
C LEU G 405 -20.84 -33.74 -11.60
N SER G 406 -21.59 -34.83 -11.38
CA SER G 406 -23.00 -34.88 -11.76
C SER G 406 -23.86 -35.12 -10.54
N ARG G 407 -24.85 -34.27 -10.33
CA ARG G 407 -25.76 -34.45 -9.20
C ARG G 407 -26.61 -35.71 -9.42
N SER G 408 -27.10 -36.29 -8.32
CA SER G 408 -28.06 -37.38 -8.41
C SER G 408 -29.43 -36.86 -7.99
N GLN G 409 -30.46 -37.36 -8.66
CA GLN G 409 -31.82 -36.97 -8.29
C GLN G 409 -32.16 -37.47 -6.90
N HIS G 410 -33.09 -36.77 -6.25
CA HIS G 410 -33.47 -37.12 -4.89
C HIS G 410 -34.05 -38.53 -4.83
N GLU G 411 -34.88 -38.89 -5.82
CA GLU G 411 -35.45 -40.23 -5.87
C GLU G 411 -34.35 -41.28 -5.99
N GLU G 412 -33.37 -41.03 -6.86
CA GLU G 412 -32.27 -41.98 -7.03
C GLU G 412 -31.46 -42.12 -5.75
N SER G 413 -31.17 -41.01 -5.07
CA SER G 413 -30.42 -41.08 -3.82
C SER G 413 -31.18 -41.86 -2.75
N ARG G 414 -32.48 -41.58 -2.62
CA ARG G 414 -33.28 -42.30 -1.64
C ARG G 414 -33.32 -43.79 -1.96
N THR G 415 -33.46 -44.13 -3.24
CA THR G 415 -33.48 -45.54 -3.64
C THR G 415 -32.15 -46.21 -3.35
N ALA G 416 -31.03 -45.53 -3.59
CA ALA G 416 -29.73 -46.12 -3.30
C ALA G 416 -29.55 -46.36 -1.81
N ARG G 417 -29.95 -45.40 -0.98
CA ARG G 417 -29.86 -45.59 0.46
C ARG G 417 -30.75 -46.72 0.93
N VAL G 418 -31.95 -46.83 0.37
CA VAL G 418 -32.85 -47.92 0.71
C VAL G 418 -32.23 -49.26 0.32
N ILE G 419 -31.60 -49.30 -0.86
CA ILE G 419 -30.93 -50.53 -1.31
C ILE G 419 -29.84 -50.93 -0.34
N GLN G 420 -29.03 -49.97 0.10
CA GLN G 420 -27.97 -50.30 1.05
C GLN G 420 -28.52 -50.81 2.36
N SER G 421 -29.46 -50.08 2.96
CA SER G 421 -30.03 -50.48 4.23
C SER G 421 -30.83 -51.76 4.15
N THR G 422 -31.31 -52.14 2.96
CA THR G 422 -32.01 -53.40 2.80
C THR G 422 -31.05 -54.57 2.60
N VAL G 423 -30.00 -54.37 1.82
CA VAL G 423 -29.03 -55.45 1.61
C VAL G 423 -28.33 -55.78 2.90
N PHE G 424 -28.07 -54.77 3.74
CA PHE G 424 -27.44 -55.04 5.04
C PHE G 424 -28.33 -55.95 5.89
N LEU G 425 -29.60 -55.59 6.03
CA LEU G 425 -30.52 -56.37 6.86
C LEU G 425 -30.72 -57.76 6.30
N PHE G 426 -30.90 -57.89 4.99
CA PHE G 426 -31.16 -59.19 4.40
C PHE G 426 -29.93 -60.06 4.36
N ASN G 427 -28.73 -59.49 4.41
CA ASN G 427 -27.52 -60.28 4.61
C ASN G 427 -27.39 -60.77 6.04
N ARG G 428 -27.72 -59.91 7.02
CA ARG G 428 -27.75 -60.38 8.41
C ARG G 428 -28.75 -61.51 8.59
N PHE G 429 -29.93 -61.37 7.97
CA PHE G 429 -30.96 -62.40 8.05
C PHE G 429 -30.47 -63.71 7.46
N ILE G 430 -29.83 -63.65 6.29
CA ILE G 430 -29.35 -64.85 5.63
C ILE G 430 -28.27 -65.53 6.48
N ARG G 431 -27.35 -64.74 7.03
CA ARG G 431 -26.31 -65.31 7.87
C ARG G 431 -26.89 -65.94 9.12
N GLY G 432 -27.90 -65.30 9.72
CA GLY G 432 -28.55 -65.89 10.88
C GLY G 432 -29.23 -67.21 10.56
N LEU G 433 -29.91 -67.27 9.40
CA LEU G 433 -30.51 -68.53 8.98
C LEU G 433 -29.45 -69.60 8.74
N ASP G 434 -28.31 -69.20 8.16
CA ASP G 434 -27.23 -70.15 7.93
C ASP G 434 -26.69 -70.71 9.25
N ALA G 435 -26.51 -69.85 10.25
CA ALA G 435 -26.07 -70.33 11.56
C ALA G 435 -27.11 -71.26 12.18
N LEU G 436 -28.39 -70.89 12.05
CA LEU G 436 -29.46 -71.72 12.60
C LEU G 436 -29.45 -73.10 11.98
N SER G 437 -29.27 -73.17 10.66
CA SER G 437 -29.13 -74.45 9.99
C SER G 437 -27.84 -75.17 10.38
N LYS G 438 -26.78 -74.43 10.71
CA LYS G 438 -25.54 -74.99 11.20
C LYS G 438 -25.57 -75.29 12.69
N LYS G 439 -26.76 -75.21 13.29
CA LYS G 439 -26.98 -75.65 14.67
C LYS G 439 -26.20 -74.81 15.68
N ALA G 440 -26.48 -73.52 15.74
CA ALA G 440 -25.95 -72.64 16.76
C ALA G 440 -27.02 -72.33 17.78
N LYS G 441 -26.59 -71.89 18.97
CA LYS G 441 -27.54 -71.55 20.02
C LYS G 441 -28.35 -70.32 19.63
N ALA G 442 -29.61 -70.28 20.07
CA ALA G 442 -30.49 -69.17 19.72
C ALA G 442 -29.95 -67.84 20.22
N SER G 443 -29.35 -67.84 21.41
CA SER G 443 -28.78 -66.60 21.94
C SER G 443 -27.64 -66.11 21.07
N THR G 444 -26.78 -67.02 20.61
CA THR G 444 -25.68 -66.63 19.72
C THR G 444 -26.21 -66.13 18.39
N VAL G 445 -27.26 -66.77 17.88
CA VAL G 445 -27.80 -66.38 16.59
C VAL G 445 -28.45 -65.01 16.69
N ASP G 446 -28.09 -64.12 15.77
CA ASP G 446 -28.70 -62.80 15.64
C ASP G 446 -29.71 -62.89 14.50
N LEU G 447 -30.99 -62.95 14.87
CA LEU G 447 -32.05 -63.17 13.88
C LEU G 447 -33.00 -61.97 13.91
N PRO G 448 -32.82 -60.98 13.04
CA PRO G 448 -33.60 -59.73 13.12
C PRO G 448 -35.02 -59.89 12.55
N ILE G 449 -35.85 -60.66 13.25
CA ILE G 449 -37.17 -60.99 12.73
C ILE G 449 -38.04 -59.74 12.61
N GLU G 450 -38.13 -58.96 13.67
CA GLU G 450 -39.02 -57.80 13.65
C GLU G 450 -38.52 -56.76 12.66
N SER G 451 -37.21 -56.54 12.63
CA SER G 451 -36.66 -55.58 11.68
C SER G 451 -36.90 -56.02 10.25
N VAL G 452 -36.75 -57.31 9.95
CA VAL G 452 -37.02 -57.81 8.61
C VAL G 452 -38.48 -57.63 8.24
N SER G 453 -39.39 -57.93 9.17
CA SER G 453 -40.81 -57.77 8.88
C SER G 453 -41.15 -56.30 8.59
N LEU G 454 -40.66 -55.39 9.42
CA LEU G 454 -40.98 -53.98 9.21
C LEU G 454 -40.35 -53.45 7.94
N SER G 455 -39.12 -53.88 7.64
CA SER G 455 -38.47 -53.48 6.39
C SER G 455 -39.21 -54.02 5.17
N LEU G 456 -39.70 -55.25 5.23
CA LEU G 456 -40.52 -55.79 4.17
C LEU G 456 -41.81 -55.01 3.97
N GLN G 457 -42.47 -54.62 5.05
CA GLN G 457 -43.64 -53.74 4.93
C GLN G 457 -43.29 -52.42 4.27
N ASP G 458 -42.17 -51.82 4.67
CA ASP G 458 -41.76 -50.55 4.08
C ASP G 458 -41.44 -50.70 2.60
N LEU G 459 -40.80 -51.81 2.22
CA LEU G 459 -40.52 -52.06 0.80
C LEU G 459 -41.80 -52.28 0.01
N ILE G 460 -42.76 -52.99 0.58
CA ILE G 460 -44.05 -53.14 -0.09
C ILE G 460 -44.71 -51.78 -0.31
N GLY G 461 -44.70 -50.92 0.70
CA GLY G 461 -45.23 -49.58 0.53
C GLY G 461 -44.46 -48.80 -0.52
N TYR G 462 -43.13 -48.99 -0.56
CA TYR G 462 -42.30 -48.29 -1.53
C TYR G 462 -42.65 -48.68 -2.95
N PHE G 463 -42.88 -49.97 -3.20
CA PHE G 463 -43.18 -50.47 -4.52
C PHE G 463 -44.68 -50.63 -4.76
N HIS G 464 -45.51 -50.03 -3.90
CA HIS G 464 -46.94 -50.09 -4.10
C HIS G 464 -47.33 -49.42 -5.42
N PRO G 465 -48.19 -50.07 -6.22
CA PRO G 465 -48.52 -49.52 -7.53
C PRO G 465 -49.43 -48.30 -7.40
N PRO G 466 -49.47 -47.45 -8.42
CA PRO G 466 -50.32 -46.26 -8.34
C PRO G 466 -51.80 -46.62 -8.27
N ASP G 467 -52.56 -45.76 -7.62
CA ASP G 467 -53.99 -45.96 -7.45
C ASP G 467 -54.76 -45.41 -8.65
N GLU G 468 -55.96 -45.94 -8.85
CA GLU G 468 -56.74 -45.59 -10.04
C GLU G 468 -57.37 -44.21 -9.93
N HIS G 469 -57.64 -43.73 -8.72
CA HIS G 469 -58.29 -42.44 -8.57
C HIS G 469 -57.39 -41.30 -9.01
N LEU G 470 -56.09 -41.54 -9.11
CA LEU G 470 -55.14 -40.50 -9.45
C LEU G 470 -55.40 -39.97 -10.85
N GLU G 471 -55.13 -38.68 -11.04
CA GLU G 471 -55.19 -38.10 -12.37
C GLU G 471 -54.10 -38.71 -13.24
N HIS G 472 -54.30 -38.61 -14.56
CA HIS G 472 -53.44 -39.33 -15.51
C HIS G 472 -51.98 -38.96 -15.35
N GLU G 473 -51.67 -37.67 -15.24
CA GLU G 473 -50.28 -37.24 -15.14
C GLU G 473 -49.62 -37.78 -13.87
N ASP G 474 -50.31 -37.66 -12.74
CA ASP G 474 -49.75 -38.14 -11.49
C ASP G 474 -49.57 -39.65 -11.52
N LYS G 475 -50.54 -40.37 -12.09
CA LYS G 475 -50.42 -41.82 -12.23
C LYS G 475 -49.21 -42.19 -13.07
N GLN G 476 -49.00 -41.46 -14.17
CA GLN G 476 -47.84 -41.73 -15.01
C GLN G 476 -46.54 -41.45 -14.27
N ASN G 477 -46.50 -40.39 -13.47
CA ASN G 477 -45.31 -40.08 -12.69
C ASN G 477 -45.01 -41.19 -11.69
N ARG G 478 -46.03 -41.68 -10.99
CA ARG G 478 -45.81 -42.77 -10.05
C ARG G 478 -45.34 -44.02 -10.79
N LEU G 479 -45.91 -44.30 -11.97
CA LEU G 479 -45.48 -45.46 -12.73
C LEU G 479 -44.02 -45.35 -13.13
N ARG G 480 -43.60 -44.15 -13.58
CA ARG G 480 -42.21 -43.94 -13.96
C ARG G 480 -41.29 -44.11 -12.75
N ALA G 481 -41.69 -43.58 -11.59
CA ALA G 481 -40.88 -43.73 -10.40
C ALA G 481 -40.73 -45.19 -10.01
N LEU G 482 -41.83 -45.95 -10.08
CA LEU G 482 -41.75 -47.37 -9.74
C LEU G 482 -40.86 -48.12 -10.73
N LYS G 483 -40.96 -47.78 -12.01
CA LYS G 483 -40.10 -48.44 -13.00
C LYS G 483 -38.64 -48.15 -12.72
N ASN G 484 -38.31 -46.91 -12.39
CA ASN G 484 -36.93 -46.56 -12.07
C ASN G 484 -36.45 -47.29 -10.82
N ARG G 485 -37.31 -47.38 -9.80
CA ARG G 485 -36.95 -48.09 -8.59
C ARG G 485 -36.67 -49.56 -8.87
N GLN G 486 -37.53 -50.19 -9.66
CA GLN G 486 -37.33 -51.59 -10.02
C GLN G 486 -36.03 -51.78 -10.79
N ASN G 487 -35.75 -50.87 -11.73
CA ASN G 487 -34.52 -50.96 -12.49
C ASN G 487 -33.30 -50.88 -11.59
N LEU G 488 -33.28 -49.91 -10.68
CA LEU G 488 -32.14 -49.79 -9.78
C LEU G 488 -32.00 -51.01 -8.88
N PHE G 489 -33.12 -51.51 -8.34
CA PHE G 489 -33.06 -52.66 -7.47
C PHE G 489 -32.50 -53.88 -8.19
N GLN G 490 -32.99 -54.15 -9.40
CA GLN G 490 -32.51 -55.33 -10.12
C GLN G 490 -31.09 -55.16 -10.59
N GLU G 491 -30.68 -53.93 -10.94
CA GLU G 491 -29.30 -53.69 -11.31
C GLU G 491 -28.34 -53.85 -10.14
N GLU G 492 -28.78 -53.55 -8.93
CA GLU G 492 -28.01 -53.89 -7.75
C GLU G 492 -28.27 -55.32 -7.29
N GLY G 493 -29.09 -56.07 -8.02
CA GLY G 493 -29.27 -57.47 -7.75
C GLY G 493 -30.05 -57.79 -6.50
N MET G 494 -31.13 -57.06 -6.25
CA MET G 494 -31.97 -57.30 -5.09
C MET G 494 -32.93 -58.48 -5.29
N ILE G 495 -33.13 -58.92 -6.53
CA ILE G 495 -33.96 -60.07 -6.81
C ILE G 495 -33.34 -61.38 -6.32
N ASN G 496 -32.06 -61.60 -6.62
CA ASN G 496 -31.40 -62.81 -6.16
C ASN G 496 -31.35 -62.89 -4.63
N LEU G 497 -31.22 -61.75 -3.96
CA LEU G 497 -31.21 -61.74 -2.50
C LEU G 497 -32.56 -62.19 -1.95
N VAL G 498 -33.65 -61.70 -2.53
CA VAL G 498 -34.98 -62.13 -2.12
C VAL G 498 -35.15 -63.61 -2.39
N LEU G 499 -34.66 -64.08 -3.54
CA LEU G 499 -34.75 -65.50 -3.86
C LEU G 499 -33.99 -66.34 -2.85
N GLU G 500 -32.80 -65.88 -2.44
CA GLU G 500 -32.02 -66.61 -1.45
C GLU G 500 -32.74 -66.66 -0.11
N CYS G 501 -33.33 -65.54 0.31
CA CYS G 501 -34.08 -65.53 1.56
C CYS G 501 -35.25 -66.51 1.50
N ILE G 502 -35.98 -66.50 0.38
CA ILE G 502 -37.12 -67.41 0.23
C ILE G 502 -36.67 -68.86 0.26
N ASP G 503 -35.59 -69.18 -0.47
CA ASP G 503 -35.09 -70.54 -0.50
C ASP G 503 -34.63 -71.00 0.87
N ARG G 504 -33.92 -70.14 1.60
CA ARG G 504 -33.46 -70.52 2.93
C ARG G 504 -34.59 -70.58 3.93
N LEU G 505 -35.70 -69.93 3.65
CA LEU G 505 -36.85 -70.05 4.54
C LEU G 505 -37.68 -71.29 4.26
N HIS G 506 -37.71 -71.77 3.01
CA HIS G 506 -38.50 -72.97 2.73
C HIS G 506 -37.89 -74.25 3.31
N VAL G 507 -36.66 -74.20 3.83
CA VAL G 507 -36.07 -75.43 4.35
C VAL G 507 -36.88 -75.94 5.54
N TYR G 508 -37.49 -75.03 6.30
CA TYR G 508 -38.37 -75.42 7.39
C TYR G 508 -39.76 -75.72 6.84
N SER G 509 -40.29 -76.91 7.17
CA SER G 509 -41.54 -77.37 6.58
C SER G 509 -42.70 -76.49 7.01
N SER G 510 -42.76 -76.12 8.29
CA SER G 510 -43.93 -75.43 8.81
C SER G 510 -43.49 -74.43 9.88
N ALA G 511 -44.46 -73.62 10.32
CA ALA G 511 -44.20 -72.64 11.36
C ALA G 511 -43.77 -73.31 12.66
N ALA G 512 -44.37 -74.45 12.99
CA ALA G 512 -43.97 -75.19 14.18
C ALA G 512 -42.52 -75.64 14.08
N HIS G 513 -42.12 -76.14 12.91
CA HIS G 513 -40.74 -76.57 12.72
C HIS G 513 -39.78 -75.39 12.82
N PHE G 514 -40.14 -74.25 12.23
CA PHE G 514 -39.27 -73.08 12.31
C PHE G 514 -39.17 -72.56 13.74
N ALA G 515 -40.28 -72.63 14.48
CA ALA G 515 -40.25 -72.26 15.89
C ALA G 515 -39.37 -73.19 16.70
N ASP G 516 -39.44 -74.50 16.43
CA ASP G 516 -38.55 -75.46 17.07
C ASP G 516 -37.09 -75.17 16.77
N VAL G 517 -36.78 -74.76 15.54
CA VAL G 517 -35.40 -74.46 15.20
C VAL G 517 -34.94 -73.17 15.88
N ALA G 518 -35.61 -72.05 15.58
CA ALA G 518 -35.12 -70.76 16.03
C ALA G 518 -35.76 -70.28 17.34
N GLY G 519 -37.08 -70.09 17.34
CA GLY G 519 -37.75 -69.53 18.48
C GLY G 519 -39.22 -69.27 18.16
N ARG G 520 -39.98 -68.94 19.20
CA ARG G 520 -41.43 -68.85 19.04
C ARG G 520 -41.85 -67.63 18.23
N GLU G 521 -41.13 -66.51 18.36
CA GLU G 521 -41.42 -65.37 17.50
C GLU G 521 -41.11 -65.70 16.04
N ALA G 522 -40.02 -66.42 15.81
CA ALA G 522 -39.68 -66.83 14.45
C ALA G 522 -40.76 -67.72 13.87
N GLY G 523 -41.25 -68.67 14.66
CA GLY G 523 -42.34 -69.51 14.20
C GLY G 523 -43.60 -68.72 13.92
N GLU G 524 -43.92 -67.75 14.78
CA GLU G 524 -45.11 -66.94 14.58
C GLU G 524 -45.02 -66.13 13.29
N SER G 525 -43.86 -65.55 13.00
CA SER G 525 -43.73 -64.64 11.87
C SER G 525 -43.22 -65.30 10.59
N TRP G 526 -42.95 -66.61 10.61
CA TRP G 526 -42.40 -67.27 9.44
C TRP G 526 -43.31 -67.17 8.22
N LYS G 527 -44.59 -67.51 8.38
CA LYS G 527 -45.52 -67.43 7.26
C LYS G 527 -45.68 -66.01 6.76
N SER G 528 -45.76 -65.05 7.69
CA SER G 528 -45.89 -63.66 7.30
C SER G 528 -44.68 -63.18 6.51
N ILE G 529 -43.49 -63.58 6.94
CA ILE G 529 -42.27 -63.19 6.23
C ILE G 529 -42.24 -63.80 4.84
N LEU G 530 -42.64 -65.06 4.72
CA LEU G 530 -42.70 -65.67 3.39
C LEU G 530 -43.68 -64.93 2.48
N ASN G 531 -44.88 -64.64 2.97
CA ASN G 531 -45.86 -63.94 2.16
C ASN G 531 -45.38 -62.56 1.76
N SER G 532 -44.75 -61.83 2.70
CA SER G 532 -44.26 -60.50 2.38
C SER G 532 -43.12 -60.56 1.37
N LEU G 533 -42.26 -61.58 1.49
CA LEU G 533 -41.18 -61.74 0.53
C LEU G 533 -41.72 -62.01 -0.87
N TYR G 534 -42.73 -62.88 -0.97
CA TYR G 534 -43.31 -63.17 -2.27
C TYR G 534 -43.99 -61.93 -2.85
N GLU G 535 -44.70 -61.17 -2.01
CA GLU G 535 -45.31 -59.93 -2.47
C GLU G 535 -44.26 -58.94 -2.94
N LEU G 536 -43.13 -58.85 -2.23
CA LEU G 536 -42.06 -57.96 -2.64
C LEU G 536 -41.48 -58.37 -3.98
N LEU G 537 -41.28 -59.69 -4.19
CA LEU G 537 -40.78 -60.15 -5.47
C LEU G 537 -41.76 -59.79 -6.59
N ALA G 538 -43.06 -60.00 -6.35
CA ALA G 538 -44.06 -59.68 -7.35
C ALA G 538 -44.05 -58.18 -7.66
N ALA G 539 -43.92 -57.34 -6.63
CA ALA G 539 -43.85 -55.90 -6.84
C ALA G 539 -42.58 -55.46 -7.55
N LEU G 540 -41.46 -56.13 -7.30
CA LEU G 540 -40.21 -55.83 -7.97
C LEU G 540 -40.20 -56.21 -9.44
N ILE G 541 -40.89 -57.28 -9.82
CA ILE G 541 -40.89 -57.72 -11.20
C ILE G 541 -42.13 -57.30 -11.98
N ARG G 542 -43.16 -56.77 -11.33
CA ARG G 542 -44.42 -56.48 -12.02
C ARG G 542 -44.26 -55.34 -13.00
N GLY G 543 -44.73 -55.55 -14.22
CA GLY G 543 -44.73 -54.52 -15.24
C GLY G 543 -43.37 -54.17 -15.81
N ASN G 544 -42.32 -54.89 -15.44
CA ASN G 544 -40.96 -54.59 -15.89
C ASN G 544 -40.49 -55.76 -16.74
N ARG G 545 -40.45 -55.55 -18.05
CA ARG G 545 -40.07 -56.61 -18.97
C ARG G 545 -38.63 -57.07 -18.78
N LYS G 546 -37.70 -56.16 -18.50
CA LYS G 546 -36.32 -56.54 -18.25
C LYS G 546 -36.21 -57.46 -17.03
N ASN G 547 -36.88 -57.12 -15.93
CA ASN G 547 -36.81 -57.96 -14.74
C ASN G 547 -37.48 -59.30 -14.99
N CYS G 548 -38.63 -59.30 -15.68
CA CYS G 548 -39.30 -60.57 -15.95
C CYS G 548 -38.50 -61.45 -16.90
N ALA G 549 -37.72 -60.84 -17.79
CA ALA G 549 -36.82 -61.60 -18.64
C ALA G 549 -35.63 -62.16 -17.88
N GLN G 550 -35.07 -61.40 -16.95
CA GLN G 550 -34.01 -61.92 -16.10
C GLN G 550 -34.51 -62.98 -15.12
N PHE G 551 -35.80 -63.02 -14.83
CA PHE G 551 -36.37 -64.03 -13.95
C PHE G 551 -36.61 -65.36 -14.66
N SER G 552 -36.33 -65.44 -15.96
CA SER G 552 -36.57 -66.68 -16.69
C SER G 552 -35.75 -67.83 -16.13
N GLY G 553 -34.48 -67.57 -15.80
CA GLY G 553 -33.65 -68.63 -15.26
C GLY G 553 -34.20 -69.20 -13.98
N SER G 554 -34.79 -68.36 -13.14
CA SER G 554 -35.34 -68.81 -11.87
C SER G 554 -36.77 -69.32 -11.97
N LEU G 555 -37.44 -69.10 -13.10
CA LEU G 555 -38.82 -69.58 -13.23
C LEU G 555 -38.93 -71.07 -12.96
N ASP G 556 -38.00 -71.87 -13.49
CA ASP G 556 -38.07 -73.32 -13.30
C ASP G 556 -37.97 -73.69 -11.82
N TRP G 557 -37.08 -73.01 -11.09
CA TRP G 557 -36.99 -73.23 -9.66
C TRP G 557 -38.23 -72.73 -8.93
N LEU G 558 -38.89 -71.72 -9.47
CA LEU G 558 -40.07 -71.15 -8.83
C LEU G 558 -41.24 -72.12 -8.86
N ILE G 559 -41.46 -72.78 -9.99
CA ILE G 559 -42.62 -73.64 -10.18
C ILE G 559 -42.45 -74.89 -9.34
N SER G 560 -41.22 -75.17 -8.92
CA SER G 560 -40.93 -76.38 -8.15
C SER G 560 -41.46 -76.33 -6.73
N ARG G 561 -41.88 -75.17 -6.25
CA ARG G 561 -42.48 -75.04 -4.91
C ARG G 561 -43.95 -74.66 -4.97
N LEU G 562 -44.59 -74.77 -6.14
CA LEU G 562 -45.97 -74.37 -6.28
C LEU G 562 -46.90 -75.27 -5.47
N GLU G 563 -46.47 -76.49 -5.17
CA GLU G 563 -47.35 -77.44 -4.48
C GLU G 563 -47.56 -77.05 -3.03
N ARG G 564 -46.59 -76.39 -2.42
CA ARG G 564 -46.67 -76.08 -1.00
C ARG G 564 -47.75 -75.03 -0.73
N LEU G 565 -48.60 -75.30 0.26
CA LEU G 565 -49.59 -74.32 0.68
C LEU G 565 -48.99 -73.12 1.37
N GLU G 566 -47.74 -73.21 1.82
CA GLU G 566 -47.06 -72.09 2.43
C GLU G 566 -46.78 -70.96 1.45
N ALA G 567 -46.73 -71.27 0.16
CA ALA G 567 -46.31 -70.29 -0.84
C ALA G 567 -47.10 -70.35 -2.14
N SER G 568 -48.23 -71.07 -2.18
CA SER G 568 -48.92 -71.30 -3.44
C SER G 568 -49.42 -70.00 -4.04
N SER G 569 -50.10 -69.18 -3.25
CA SER G 569 -50.68 -67.94 -3.80
C SER G 569 -49.60 -66.99 -4.28
N GLY G 570 -48.54 -66.81 -3.49
CA GLY G 570 -47.47 -65.91 -3.89
C GLY G 570 -46.75 -66.38 -5.13
N ILE G 571 -46.43 -67.68 -5.19
CA ILE G 571 -45.78 -68.21 -6.37
C ILE G 571 -46.68 -68.08 -7.59
N LEU G 572 -47.98 -68.33 -7.43
CA LEU G 572 -48.90 -68.17 -8.56
C LEU G 572 -48.93 -66.74 -9.05
N GLU G 573 -48.97 -65.77 -8.13
CA GLU G 573 -48.99 -64.36 -8.55
C GLU G 573 -47.70 -63.97 -9.26
N VAL G 574 -46.55 -64.42 -8.73
CA VAL G 574 -45.28 -64.12 -9.38
C VAL G 574 -45.24 -64.74 -10.78
N LEU G 575 -45.67 -66.00 -10.90
CA LEU G 575 -45.70 -66.66 -12.19
C LEU G 575 -46.60 -65.94 -13.17
N HIS G 576 -47.79 -65.52 -12.73
CA HIS G 576 -48.68 -64.77 -13.59
C HIS G 576 -48.06 -63.46 -14.06
N CYS G 577 -47.45 -62.70 -13.15
CA CYS G 577 -46.81 -61.46 -13.55
C CYS G 577 -45.71 -61.71 -14.58
N VAL G 578 -44.87 -62.72 -14.35
CA VAL G 578 -43.78 -63.00 -15.28
C VAL G 578 -44.32 -63.40 -16.64
N LEU G 579 -45.31 -64.31 -16.66
CA LEU G 579 -45.83 -64.78 -17.93
C LEU G 579 -46.51 -63.67 -18.71
N VAL G 580 -47.25 -62.80 -18.03
CA VAL G 580 -47.90 -61.69 -18.72
C VAL G 580 -46.86 -60.72 -19.27
N GLU G 581 -45.82 -60.44 -18.49
CA GLU G 581 -44.91 -59.36 -18.87
C GLU G 581 -43.89 -59.80 -19.93
N SER G 582 -43.27 -60.97 -19.75
CA SER G 582 -42.12 -61.34 -20.56
C SER G 582 -42.49 -62.40 -21.59
N PRO G 583 -42.38 -62.10 -22.88
CA PRO G 583 -42.53 -63.17 -23.89
C PRO G 583 -41.47 -64.24 -23.76
N GLU G 584 -40.26 -63.89 -23.32
CA GLU G 584 -39.20 -64.89 -23.20
C GLU G 584 -39.52 -65.92 -22.14
N ALA G 585 -40.39 -65.56 -21.19
CA ALA G 585 -40.75 -66.50 -20.14
C ALA G 585 -41.47 -67.73 -20.69
N LEU G 586 -42.31 -67.53 -21.71
CA LEU G 586 -43.08 -68.64 -22.25
C LEU G 586 -42.20 -69.70 -22.89
N ASN G 587 -41.07 -69.29 -23.47
CA ASN G 587 -40.23 -70.19 -24.24
C ASN G 587 -39.56 -71.26 -23.38
N ILE G 588 -39.57 -71.13 -22.06
CA ILE G 588 -38.97 -72.15 -21.21
C ILE G 588 -40.01 -73.04 -20.53
N ILE G 589 -41.29 -72.66 -20.56
CA ILE G 589 -42.32 -73.50 -19.97
C ILE G 589 -42.46 -74.77 -20.78
N LYS G 590 -42.23 -75.91 -20.14
CA LYS G 590 -42.26 -77.21 -20.79
C LYS G 590 -43.47 -78.00 -20.31
N GLU G 591 -43.53 -79.26 -20.74
CA GLU G 591 -44.67 -80.11 -20.40
C GLU G 591 -44.77 -80.32 -18.89
N GLY G 592 -43.63 -80.48 -18.22
CA GLY G 592 -43.65 -80.73 -16.80
C GLY G 592 -44.27 -79.60 -16.01
N HIS G 593 -43.88 -78.36 -16.32
CA HIS G 593 -44.44 -77.20 -15.64
C HIS G 593 -45.94 -77.04 -15.88
N ILE G 594 -46.39 -77.21 -17.12
CA ILE G 594 -47.82 -77.18 -17.42
C ILE G 594 -48.58 -78.26 -16.68
N LYS G 595 -48.04 -79.49 -16.63
CA LYS G 595 -48.67 -80.55 -15.87
C LYS G 595 -48.73 -80.24 -14.37
N SER G 596 -47.68 -79.65 -13.82
CA SER G 596 -47.72 -79.26 -12.41
C SER G 596 -48.78 -78.19 -12.16
N ILE G 597 -48.87 -77.21 -13.06
CA ILE G 597 -49.89 -76.16 -12.91
C ILE G 597 -51.29 -76.76 -12.96
N ILE G 598 -51.50 -77.72 -13.87
CA ILE G 598 -52.81 -78.36 -13.96
C ILE G 598 -53.09 -79.19 -12.72
N SER G 599 -52.08 -79.93 -12.23
CA SER G 599 -52.27 -80.74 -11.03
C SER G 599 -52.56 -79.86 -9.81
N LEU G 600 -52.14 -78.60 -9.87
CA LEU G 600 -52.51 -77.66 -8.81
C LEU G 600 -54.02 -77.52 -8.70
N LEU G 601 -54.73 -77.53 -9.83
CA LEU G 601 -56.19 -77.51 -9.78
C LEU G 601 -56.74 -78.77 -9.11
N ASP G 602 -56.18 -79.94 -9.44
CA ASP G 602 -56.68 -81.17 -8.87
C ASP G 602 -56.41 -81.28 -7.37
N LYS G 603 -55.29 -80.72 -6.91
CA LYS G 603 -54.94 -80.86 -5.50
C LYS G 603 -55.54 -79.75 -4.63
N HIS G 604 -55.54 -78.51 -5.11
CA HIS G 604 -56.01 -77.39 -4.32
C HIS G 604 -57.44 -76.98 -4.64
N GLY G 605 -58.12 -77.70 -5.52
CA GLY G 605 -59.47 -77.35 -5.89
C GLY G 605 -59.53 -76.28 -6.97
N ARG G 606 -60.74 -75.89 -7.32
CA ARG G 606 -60.94 -74.90 -8.36
C ARG G 606 -60.45 -73.53 -7.92
N ASN G 607 -59.71 -72.88 -8.80
CA ASN G 607 -59.20 -71.53 -8.55
C ASN G 607 -59.00 -70.84 -9.89
N HIS G 608 -59.69 -69.71 -10.09
CA HIS G 608 -59.63 -69.04 -11.37
C HIS G 608 -58.25 -68.45 -11.66
N LYS G 609 -57.43 -68.25 -10.64
CA LYS G 609 -56.08 -67.75 -10.88
C LYS G 609 -55.23 -68.74 -11.65
N VAL G 610 -55.34 -70.04 -11.33
CA VAL G 610 -54.65 -71.05 -12.12
C VAL G 610 -55.15 -71.03 -13.56
N LEU G 611 -56.46 -70.86 -13.73
CA LEU G 611 -57.04 -70.78 -15.07
C LEU G 611 -56.46 -69.60 -15.84
N ASP G 612 -56.33 -68.46 -15.17
CA ASP G 612 -55.77 -67.28 -15.83
C ASP G 612 -54.30 -67.47 -16.18
N VAL G 613 -53.56 -68.14 -15.31
CA VAL G 613 -52.16 -68.45 -15.62
C VAL G 613 -52.09 -69.35 -16.85
N LEU G 614 -52.95 -70.36 -16.90
CA LEU G 614 -53.02 -71.22 -18.08
C LEU G 614 -53.41 -70.47 -19.34
N CYS G 615 -54.35 -69.52 -19.24
CA CYS G 615 -54.69 -68.66 -20.37
C CYS G 615 -53.51 -67.83 -20.85
N SER G 616 -52.77 -67.22 -19.92
CA SER G 616 -51.57 -66.49 -20.29
C SER G 616 -50.51 -67.39 -20.89
N LEU G 617 -50.50 -68.67 -20.53
CA LEU G 617 -49.62 -69.63 -21.17
C LEU G 617 -50.01 -69.95 -22.61
N CYS G 618 -51.18 -69.48 -23.07
CA CYS G 618 -51.66 -69.78 -24.41
C CYS G 618 -51.34 -68.68 -25.41
N VAL G 619 -51.75 -67.45 -25.12
CA VAL G 619 -51.51 -66.31 -25.99
C VAL G 619 -50.90 -65.19 -25.16
N CYS G 620 -49.74 -64.71 -25.58
CA CYS G 620 -49.06 -63.59 -24.93
C CYS G 620 -48.72 -62.54 -25.97
N HIS G 621 -49.13 -61.30 -25.71
CA HIS G 621 -48.85 -60.17 -26.59
C HIS G 621 -49.34 -60.43 -28.01
N GLY G 622 -50.51 -61.04 -28.13
CA GLY G 622 -51.09 -61.31 -29.43
C GLY G 622 -50.49 -62.48 -30.18
N VAL G 623 -49.61 -63.25 -29.55
CA VAL G 623 -48.96 -64.39 -30.20
C VAL G 623 -49.37 -65.66 -29.46
N ALA G 624 -49.84 -66.65 -30.22
CA ALA G 624 -50.31 -67.91 -29.66
C ALA G 624 -49.19 -68.94 -29.74
N VAL G 625 -48.91 -69.59 -28.61
CA VAL G 625 -47.92 -70.67 -28.57
C VAL G 625 -48.67 -71.99 -28.74
N ARG G 626 -48.54 -72.57 -29.93
CA ARG G 626 -49.33 -73.74 -30.27
C ARG G 626 -48.94 -74.96 -29.44
N SER G 627 -47.66 -75.09 -29.10
CA SER G 627 -47.24 -76.20 -28.26
C SER G 627 -47.91 -76.14 -26.89
N ASN G 628 -47.91 -74.97 -26.25
CA ASN G 628 -48.57 -74.84 -24.96
C ASN G 628 -50.07 -75.04 -25.09
N GLN G 629 -50.67 -74.53 -26.17
CA GLN G 629 -52.10 -74.74 -26.38
C GLN G 629 -52.42 -76.23 -26.44
N HIS G 630 -51.66 -76.98 -27.24
CA HIS G 630 -51.88 -78.40 -27.39
C HIS G 630 -51.68 -79.14 -26.07
N LEU G 631 -50.60 -78.80 -25.34
CA LEU G 631 -50.35 -79.48 -24.08
C LEU G 631 -51.45 -79.20 -23.07
N ILE G 632 -51.88 -77.95 -22.93
CA ILE G 632 -52.95 -77.64 -21.98
C ILE G 632 -54.22 -78.37 -22.35
N CYS G 633 -54.60 -78.34 -23.64
CA CYS G 633 -55.78 -79.08 -24.07
C CYS G 633 -55.68 -80.56 -23.71
N ASP G 634 -54.65 -81.23 -24.22
CA ASP G 634 -54.53 -82.67 -24.05
C ASP G 634 -54.30 -83.11 -22.61
N ASN G 635 -53.85 -82.21 -21.73
CA ASN G 635 -53.63 -82.59 -20.34
C ASN G 635 -54.78 -82.20 -19.43
N LEU G 636 -55.63 -81.26 -19.83
CA LEU G 636 -56.73 -80.84 -18.97
C LEU G 636 -58.09 -81.31 -19.45
N LEU G 637 -58.42 -81.08 -20.73
CA LEU G 637 -59.77 -81.31 -21.22
C LEU G 637 -60.23 -82.77 -21.16
N PRO G 638 -59.46 -83.74 -21.67
CA PRO G 638 -60.01 -85.10 -21.81
C PRO G 638 -60.43 -85.73 -20.50
N GLY G 639 -59.82 -85.34 -19.38
CA GLY G 639 -60.16 -85.95 -18.11
C GLY G 639 -61.60 -85.73 -17.72
N ARG G 640 -62.13 -84.53 -17.96
CA ARG G 640 -63.48 -84.17 -17.57
C ARG G 640 -63.69 -84.39 -16.08
N ASP G 641 -62.68 -84.06 -15.28
CA ASP G 641 -62.73 -84.26 -13.84
C ASP G 641 -62.51 -82.99 -13.04
N LEU G 642 -61.96 -81.93 -13.64
CA LEU G 642 -61.68 -80.69 -12.92
C LEU G 642 -62.62 -79.58 -13.36
N LEU G 643 -62.69 -79.28 -14.65
CA LEU G 643 -63.58 -78.24 -15.12
C LEU G 643 -65.03 -78.69 -15.06
N LEU G 644 -65.92 -77.74 -14.78
CA LEU G 644 -67.34 -78.04 -14.73
C LEU G 644 -67.84 -78.39 -16.12
N GLN G 645 -68.68 -79.43 -16.19
CA GLN G 645 -69.20 -79.94 -17.44
C GLN G 645 -70.63 -79.44 -17.67
N THR G 646 -70.98 -79.26 -18.94
CA THR G 646 -72.29 -78.74 -19.32
C THR G 646 -72.92 -79.64 -20.37
N ARG G 647 -74.25 -79.68 -20.36
CA ARG G 647 -75.01 -80.53 -21.26
C ARG G 647 -76.46 -80.10 -21.26
N LEU G 648 -77.13 -80.29 -22.38
CA LEU G 648 -78.56 -80.03 -22.49
C LEU G 648 -79.32 -81.28 -22.09
N VAL G 649 -80.27 -81.13 -21.17
CA VAL G 649 -81.08 -82.23 -20.68
C VAL G 649 -82.55 -81.89 -20.92
N ASN G 650 -83.28 -82.83 -21.50
CA ASN G 650 -84.70 -82.64 -21.72
C ASN G 650 -85.43 -82.58 -20.38
N HIS G 651 -86.37 -81.64 -20.27
CA HIS G 651 -87.19 -81.57 -19.08
C HIS G 651 -88.03 -82.83 -18.95
N VAL G 652 -88.11 -83.37 -17.74
CA VAL G 652 -88.83 -84.60 -17.48
C VAL G 652 -89.87 -84.34 -16.42
N SER G 653 -91.12 -84.72 -16.70
CA SER G 653 -92.21 -84.58 -15.77
C SER G 653 -92.71 -85.95 -15.33
N SER G 654 -93.39 -85.97 -14.18
CA SER G 654 -93.91 -87.18 -13.59
C SER G 654 -95.39 -87.01 -13.34
N MET G 655 -96.16 -88.07 -13.62
CA MET G 655 -97.61 -88.04 -13.48
C MET G 655 -98.05 -89.28 -12.71
N ARG G 656 -99.00 -89.09 -11.79
CA ARG G 656 -99.50 -90.13 -10.90
C ARG G 656 -100.99 -89.97 -10.68
N PRO G 657 -101.68 -91.04 -10.30
CA PRO G 657 -103.09 -90.91 -9.90
C PRO G 657 -103.21 -90.43 -8.46
N ASN G 658 -104.47 -90.37 -8.00
CA ASN G 658 -104.74 -89.97 -6.62
C ASN G 658 -104.41 -91.07 -5.62
N ILE G 659 -104.38 -92.33 -6.05
CA ILE G 659 -104.29 -93.44 -5.11
C ILE G 659 -102.97 -93.41 -4.36
N PHE G 660 -103.03 -93.80 -3.08
CA PHE G 660 -101.90 -93.70 -2.16
C PHE G 660 -101.67 -95.05 -1.49
N LEU G 661 -101.55 -96.08 -2.32
CA LEU G 661 -101.25 -97.43 -1.88
C LEU G 661 -100.19 -97.45 -0.78
N GLY G 662 -100.42 -98.27 0.24
CA GLY G 662 -99.49 -98.38 1.35
C GLY G 662 -99.61 -99.72 2.03
N VAL G 663 -98.66 -100.00 2.92
CA VAL G 663 -98.61 -101.24 3.67
C VAL G 663 -98.28 -100.94 5.11
N SER G 664 -98.97 -101.60 6.04
CA SER G 664 -98.73 -101.43 7.46
C SER G 664 -99.34 -102.60 8.20
N GLU G 665 -98.90 -102.78 9.45
CA GLU G 665 -99.45 -103.83 10.29
C GLU G 665 -100.83 -103.43 10.81
N GLY G 666 -101.77 -104.36 10.71
CA GLY G 666 -103.11 -104.11 11.20
C GLY G 666 -103.82 -102.96 10.50
N SER G 667 -103.67 -102.87 9.19
CA SER G 667 -104.31 -101.83 8.40
C SER G 667 -105.18 -102.46 7.33
N ALA G 668 -106.38 -101.92 7.15
CA ALA G 668 -107.30 -102.45 6.15
C ALA G 668 -106.85 -102.03 4.75
N GLN G 669 -105.77 -102.61 4.27
CA GLN G 669 -105.28 -102.32 2.93
C GLN G 669 -104.90 -103.65 2.28
N TYR G 670 -105.10 -103.74 0.97
CA TYR G 670 -104.85 -104.99 0.26
C TYR G 670 -103.44 -104.95 -0.32
N LYS G 671 -102.66 -106.01 -0.11
CA LYS G 671 -101.22 -105.95 -0.33
C LYS G 671 -100.83 -106.09 -1.81
N LYS G 672 -101.76 -106.48 -2.68
CA LYS G 672 -101.43 -106.76 -4.07
C LYS G 672 -102.18 -105.79 -4.97
N TRP G 673 -101.51 -105.28 -6.00
CA TRP G 673 -102.07 -104.22 -6.83
C TRP G 673 -101.53 -104.33 -8.25
N TYR G 674 -102.28 -103.77 -9.19
CA TYR G 674 -102.02 -103.96 -10.60
C TYR G 674 -102.58 -102.79 -11.41
N TYR G 675 -101.85 -102.38 -12.45
CA TYR G 675 -102.35 -101.35 -13.35
C TYR G 675 -101.63 -101.47 -14.68
N GLU G 676 -102.03 -100.64 -15.65
CA GLU G 676 -101.47 -100.71 -16.99
C GLU G 676 -101.28 -99.32 -17.58
N LEU G 677 -100.40 -99.25 -18.57
CA LEU G 677 -100.13 -98.03 -19.31
C LEU G 677 -99.91 -98.40 -20.77
N MET G 678 -100.65 -97.76 -21.68
CA MET G 678 -100.47 -98.02 -23.10
C MET G 678 -99.97 -96.76 -23.79
N VAL G 679 -98.93 -96.89 -24.59
CA VAL G 679 -98.30 -95.76 -25.26
C VAL G 679 -98.96 -95.61 -26.63
N ASP G 680 -99.93 -94.70 -26.74
CA ASP G 680 -100.59 -94.48 -28.02
C ASP G 680 -99.61 -93.96 -29.06
N HIS G 681 -98.71 -93.06 -28.66
CA HIS G 681 -97.73 -92.50 -29.57
C HIS G 681 -96.49 -92.05 -28.79
N THR G 682 -95.33 -92.21 -29.41
CA THR G 682 -94.08 -91.74 -28.84
C THR G 682 -93.08 -91.49 -29.96
N GLU G 683 -92.40 -90.34 -29.90
CA GLU G 683 -91.37 -90.02 -30.87
C GLU G 683 -90.01 -90.32 -30.28
N PRO G 684 -89.19 -91.18 -30.91
CA PRO G 684 -87.90 -91.53 -30.32
C PRO G 684 -86.99 -90.33 -30.09
N PHE G 685 -86.96 -89.38 -31.03
CA PHE G 685 -86.08 -88.21 -30.92
C PHE G 685 -86.86 -86.96 -31.30
N VAL G 686 -87.53 -86.36 -30.32
CA VAL G 686 -88.16 -85.06 -30.54
C VAL G 686 -87.08 -83.98 -30.67
N THR G 687 -86.04 -84.10 -29.86
CA THR G 687 -84.88 -83.22 -29.90
C THR G 687 -83.63 -84.07 -30.15
N ALA G 688 -82.47 -83.44 -30.04
CA ALA G 688 -81.21 -84.15 -30.22
C ALA G 688 -81.03 -85.24 -29.18
N GLU G 689 -81.60 -85.06 -27.99
CA GLU G 689 -81.53 -86.06 -26.95
C GLU G 689 -82.68 -87.05 -27.08
N ALA G 690 -82.45 -88.26 -26.58
CA ALA G 690 -83.46 -89.30 -26.67
C ALA G 690 -84.66 -88.97 -25.78
N THR G 691 -85.84 -89.31 -26.27
CA THR G 691 -87.06 -89.07 -25.51
C THR G 691 -87.14 -90.02 -24.32
N HIS G 692 -87.50 -89.46 -23.18
CA HIS G 692 -87.61 -90.21 -21.94
C HIS G 692 -89.05 -90.68 -21.77
N LEU G 693 -89.23 -91.97 -21.50
CA LEU G 693 -90.53 -92.55 -21.22
C LEU G 693 -90.31 -93.78 -20.34
N ARG G 694 -90.63 -93.66 -19.05
CA ARG G 694 -90.45 -94.75 -18.11
C ARG G 694 -91.69 -94.86 -17.24
N VAL G 695 -92.03 -96.09 -16.84
CA VAL G 695 -93.24 -96.33 -16.07
C VAL G 695 -92.92 -97.23 -14.89
N GLY G 696 -93.63 -97.02 -13.78
CA GLY G 696 -93.45 -97.90 -12.64
C GLY G 696 -94.14 -97.36 -11.42
N TRP G 697 -93.52 -97.60 -10.27
CA TRP G 697 -94.06 -97.18 -8.99
C TRP G 697 -93.10 -96.25 -8.26
N ALA G 698 -93.64 -95.38 -7.43
CA ALA G 698 -92.84 -94.51 -6.59
C ALA G 698 -93.42 -94.50 -5.19
N SER G 699 -92.55 -94.27 -4.22
CA SER G 699 -92.94 -94.23 -2.82
C SER G 699 -92.78 -92.83 -2.27
N THR G 700 -93.35 -92.60 -1.10
CA THR G 700 -93.27 -91.33 -0.40
C THR G 700 -92.56 -91.55 0.92
N GLU G 701 -91.57 -90.70 1.21
CA GLU G 701 -90.87 -90.79 2.48
C GLU G 701 -91.82 -90.49 3.63
N GLY G 702 -91.91 -91.41 4.58
CA GLY G 702 -92.91 -91.28 5.63
C GLY G 702 -94.32 -91.40 5.07
N TYR G 703 -95.25 -90.72 5.72
CA TYR G 703 -96.64 -90.68 5.27
C TYR G 703 -97.03 -89.34 4.66
N SER G 704 -96.06 -88.50 4.31
CA SER G 704 -96.39 -87.28 3.59
C SER G 704 -96.84 -87.62 2.18
N PRO G 705 -97.81 -86.89 1.63
CA PRO G 705 -98.27 -87.14 0.26
C PRO G 705 -97.31 -86.65 -0.81
N TYR G 706 -96.25 -85.96 -0.45
CA TYR G 706 -95.24 -85.44 -1.36
C TYR G 706 -94.23 -86.52 -1.68
N PRO G 707 -94.00 -86.84 -2.95
CA PRO G 707 -92.98 -87.84 -3.29
C PRO G 707 -91.61 -87.42 -2.78
N GLY G 708 -90.84 -88.40 -2.30
CA GLY G 708 -89.58 -88.08 -1.66
C GLY G 708 -88.36 -88.57 -2.43
N GLY G 709 -87.21 -87.96 -2.17
CA GLY G 709 -85.95 -88.41 -2.71
C GLY G 709 -85.62 -87.91 -4.10
N GLY G 710 -86.51 -87.15 -4.74
CA GLY G 710 -86.27 -86.68 -6.08
C GLY G 710 -86.51 -85.19 -6.20
N GLU G 711 -85.88 -84.59 -7.20
CA GLU G 711 -86.05 -83.18 -7.47
C GLU G 711 -87.45 -82.92 -8.01
N GLU G 712 -88.02 -81.79 -7.59
CA GLU G 712 -89.36 -81.43 -8.06
C GLU G 712 -89.37 -81.15 -9.56
N TRP G 713 -88.32 -80.50 -10.05
CA TRP G 713 -88.16 -80.23 -11.47
C TRP G 713 -86.73 -80.53 -11.90
N GLY G 714 -86.58 -80.90 -13.17
CA GLY G 714 -85.28 -81.21 -13.72
C GLY G 714 -85.41 -82.34 -14.73
N GLY G 715 -84.27 -82.97 -15.00
CA GLY G 715 -84.19 -84.08 -15.92
C GLY G 715 -84.39 -85.45 -15.30
N ASN G 716 -84.72 -85.52 -14.02
CA ASN G 716 -84.89 -86.80 -13.36
C ASN G 716 -86.34 -87.28 -13.49
N GLY G 717 -86.52 -88.57 -13.28
CA GLY G 717 -87.84 -89.16 -13.36
C GLY G 717 -87.92 -90.42 -12.55
N VAL G 718 -88.79 -91.34 -12.99
CA VAL G 718 -88.96 -92.62 -12.34
C VAL G 718 -87.63 -93.38 -12.40
N GLY G 719 -87.22 -93.94 -11.27
CA GLY G 719 -86.02 -94.75 -11.20
C GLY G 719 -84.74 -93.97 -11.06
N ASP G 720 -84.79 -92.65 -11.05
CA ASP G 720 -83.59 -91.83 -10.91
C ASP G 720 -83.16 -91.67 -9.47
N ASP G 721 -83.96 -92.16 -8.51
CA ASP G 721 -83.62 -92.13 -7.10
C ASP G 721 -83.97 -93.46 -6.46
N LEU G 722 -83.63 -93.59 -5.19
CA LEU G 722 -83.87 -94.82 -4.44
C LEU G 722 -85.27 -94.86 -3.84
N PHE G 723 -86.16 -93.96 -4.25
CA PHE G 723 -87.55 -93.99 -3.84
C PHE G 723 -88.48 -94.36 -4.98
N SER G 724 -87.94 -94.59 -6.17
CA SER G 724 -88.76 -94.85 -7.35
C SER G 724 -88.21 -96.07 -8.07
N TYR G 725 -89.08 -96.74 -8.81
CA TYR G 725 -88.79 -98.03 -9.42
C TYR G 725 -89.44 -98.04 -10.79
N GLY G 726 -88.62 -98.10 -11.85
CA GLY G 726 -89.11 -97.87 -13.18
C GLY G 726 -88.68 -98.94 -14.17
N PHE G 727 -89.34 -98.93 -15.31
CA PHE G 727 -89.08 -99.82 -16.42
C PHE G 727 -89.24 -99.02 -17.70
N ASP G 728 -88.32 -99.20 -18.64
CA ASP G 728 -88.41 -98.47 -19.90
C ASP G 728 -88.48 -99.36 -21.13
N GLY G 729 -88.74 -100.66 -20.97
CA GLY G 729 -88.77 -101.58 -22.07
C GLY G 729 -87.51 -102.38 -22.24
N LEU G 730 -86.36 -101.79 -21.91
CA LEU G 730 -85.09 -102.49 -21.92
C LEU G 730 -84.40 -102.52 -20.56
N HIS G 731 -84.64 -101.52 -19.72
CA HIS G 731 -83.91 -101.40 -18.48
C HIS G 731 -84.88 -101.27 -17.31
N LEU G 732 -84.53 -101.94 -16.22
CA LEU G 732 -85.09 -101.63 -14.92
C LEU G 732 -84.26 -100.53 -14.27
N TRP G 733 -84.94 -99.50 -13.78
CA TRP G 733 -84.29 -98.27 -13.32
C TRP G 733 -84.55 -98.09 -11.84
N SER G 734 -83.48 -97.90 -11.07
CA SER G 734 -83.59 -97.60 -9.66
C SER G 734 -82.30 -96.95 -9.19
N GLY G 735 -82.42 -95.93 -8.35
CA GLY G 735 -81.26 -95.24 -7.85
C GLY G 735 -80.38 -94.64 -8.92
N CYS G 736 -80.98 -94.10 -9.99
CA CYS G 736 -80.25 -93.58 -11.14
C CYS G 736 -79.35 -94.62 -11.77
N ILE G 737 -79.67 -95.91 -11.59
CA ILE G 737 -78.91 -97.00 -12.15
C ILE G 737 -79.84 -97.87 -12.98
N ALA G 738 -79.41 -98.21 -14.19
CA ALA G 738 -80.19 -99.00 -15.13
C ALA G 738 -79.58 -100.37 -15.29
N ARG G 739 -80.38 -101.40 -15.11
CA ARG G 739 -79.95 -102.77 -15.38
C ARG G 739 -80.75 -103.32 -16.55
N THR G 740 -80.04 -103.83 -17.56
CA THR G 740 -80.69 -104.40 -18.73
C THR G 740 -81.43 -105.66 -18.33
N VAL G 741 -82.71 -105.75 -18.69
CA VAL G 741 -83.55 -106.88 -18.33
C VAL G 741 -84.04 -107.54 -19.61
N SER G 742 -83.99 -108.88 -19.63
CA SER G 742 -84.38 -109.61 -20.82
C SER G 742 -85.90 -109.64 -20.95
N SER G 743 -86.35 -109.76 -22.20
CA SER G 743 -87.78 -109.79 -22.52
C SER G 743 -87.93 -110.34 -23.93
N PRO G 744 -89.04 -111.01 -24.22
CA PRO G 744 -89.29 -111.44 -25.61
C PRO G 744 -89.46 -110.23 -26.51
N ASN G 745 -88.69 -110.20 -27.60
CA ASN G 745 -88.70 -109.09 -28.54
C ASN G 745 -88.37 -107.77 -27.84
N GLN G 746 -87.14 -107.69 -27.32
CA GLN G 746 -86.70 -106.50 -26.60
C GLN G 746 -86.80 -105.26 -27.48
N HIS G 747 -87.33 -104.19 -26.90
CA HIS G 747 -87.38 -102.91 -27.59
C HIS G 747 -87.69 -101.82 -26.58
N LEU G 748 -87.17 -100.62 -26.85
CA LEU G 748 -87.59 -99.45 -26.11
C LEU G 748 -89.06 -99.18 -26.38
N LEU G 749 -89.74 -98.59 -25.41
CA LEU G 749 -91.19 -98.43 -25.48
C LEU G 749 -91.59 -97.70 -26.76
N ARG G 750 -92.40 -98.37 -27.56
CA ARG G 750 -92.80 -97.85 -28.87
C ARG G 750 -94.29 -97.50 -28.87
N THR G 751 -94.79 -97.13 -30.04
CA THR G 751 -96.20 -96.90 -30.23
C THR G 751 -96.99 -98.20 -30.06
N ASP G 752 -98.12 -98.11 -29.38
CA ASP G 752 -99.02 -99.24 -29.15
C ASP G 752 -98.31 -100.35 -28.38
N ASP G 753 -97.79 -99.97 -27.21
CA ASP G 753 -97.19 -100.91 -26.27
C ASP G 753 -97.94 -100.82 -24.96
N VAL G 754 -98.31 -101.97 -24.41
CA VAL G 754 -99.06 -102.05 -23.16
C VAL G 754 -98.14 -102.64 -22.09
N ILE G 755 -97.89 -101.86 -21.04
CA ILE G 755 -97.03 -102.27 -19.94
C ILE G 755 -97.93 -102.49 -18.74
N SER G 756 -97.85 -103.67 -18.14
CA SER G 756 -98.64 -103.99 -16.96
C SER G 756 -97.72 -104.08 -15.74
N CYS G 757 -98.03 -103.30 -14.73
CA CYS G 757 -97.23 -103.19 -13.52
C CYS G 757 -97.95 -103.86 -12.36
N CYS G 758 -97.23 -104.69 -11.63
CA CYS G 758 -97.77 -105.44 -10.49
C CYS G 758 -96.93 -105.15 -9.26
N LEU G 759 -97.59 -104.91 -8.13
CA LEU G 759 -96.94 -104.60 -6.87
C LEU G 759 -97.44 -105.54 -5.79
N ASP G 760 -96.52 -106.18 -5.09
CA ASP G 760 -96.82 -106.99 -3.92
C ASP G 760 -96.07 -106.42 -2.73
N LEU G 761 -96.80 -105.88 -1.76
CA LEU G 761 -96.20 -105.34 -0.56
C LEU G 761 -96.05 -106.37 0.55
N SER G 762 -96.70 -107.52 0.44
CA SER G 762 -96.50 -108.57 1.44
C SER G 762 -95.06 -109.04 1.45
N ALA G 763 -94.54 -109.42 0.28
CA ALA G 763 -93.11 -109.60 0.07
C ALA G 763 -92.71 -108.55 -0.96
N PRO G 764 -91.89 -107.56 -0.60
CA PRO G 764 -91.66 -106.42 -1.49
C PRO G 764 -91.26 -106.86 -2.89
N SER G 765 -92.15 -106.63 -3.86
CA SER G 765 -91.92 -107.12 -5.22
C SER G 765 -92.61 -106.19 -6.19
N ILE G 766 -91.86 -105.70 -7.17
CA ILE G 766 -92.40 -104.94 -8.29
C ILE G 766 -92.07 -105.70 -9.55
N SER G 767 -93.10 -106.03 -10.33
CA SER G 767 -92.91 -106.83 -11.53
C SER G 767 -93.61 -106.14 -12.70
N PHE G 768 -93.09 -106.43 -13.90
CA PHE G 768 -93.59 -105.84 -15.12
C PHE G 768 -93.87 -106.93 -16.13
N ARG G 769 -94.85 -106.67 -17.00
CA ARG G 769 -95.14 -107.54 -18.12
C ARG G 769 -95.44 -106.68 -19.34
N ILE G 770 -94.68 -106.86 -20.41
CA ILE G 770 -94.84 -106.08 -21.63
C ILE G 770 -95.70 -106.87 -22.61
N ASN G 771 -96.80 -106.25 -23.05
CA ASN G 771 -97.69 -106.84 -24.05
C ASN G 771 -98.17 -108.23 -23.66
N GLY G 772 -98.29 -108.47 -22.34
CA GLY G 772 -98.67 -109.77 -21.85
C GLY G 772 -97.53 -110.72 -21.60
N GLN G 773 -96.38 -110.52 -22.25
CA GLN G 773 -95.22 -111.33 -22.00
C GLN G 773 -94.54 -110.89 -20.71
N PRO G 774 -93.97 -111.82 -19.95
CA PRO G 774 -93.40 -111.47 -18.65
C PRO G 774 -91.97 -110.95 -18.74
N VAL G 775 -91.70 -109.82 -18.10
CA VAL G 775 -90.34 -109.31 -18.01
C VAL G 775 -89.58 -110.14 -16.98
N GLN G 776 -88.33 -110.47 -17.29
CA GLN G 776 -87.56 -111.43 -16.51
C GLN G 776 -86.72 -110.78 -15.41
N GLY G 777 -87.18 -109.68 -14.85
CA GLY G 777 -86.50 -109.06 -13.73
C GLY G 777 -87.50 -108.39 -12.82
N MET G 778 -87.13 -108.28 -11.55
CA MET G 778 -88.05 -107.67 -10.59
C MET G 778 -87.30 -107.01 -9.44
N PHE G 779 -87.93 -106.02 -8.84
CA PHE G 779 -87.37 -105.38 -7.65
C PHE G 779 -87.81 -106.15 -6.41
N GLU G 780 -86.92 -106.22 -5.43
CA GLU G 780 -87.13 -107.00 -4.22
C GLU G 780 -86.69 -106.19 -3.01
N ASN G 781 -87.35 -106.48 -1.88
CA ASN G 781 -86.88 -106.08 -0.56
C ASN G 781 -86.62 -104.58 -0.48
N PHE G 782 -87.52 -103.79 -1.05
CA PHE G 782 -87.41 -102.35 -0.94
C PHE G 782 -88.11 -101.88 0.34
N ASN G 783 -87.74 -100.68 0.77
CA ASN G 783 -88.32 -100.11 1.98
C ASN G 783 -89.82 -99.94 1.81
N ILE G 784 -90.57 -100.38 2.81
CA ILE G 784 -92.02 -100.37 2.74
C ILE G 784 -92.63 -99.44 3.79
N ASP G 785 -91.83 -98.58 4.39
CA ASP G 785 -92.32 -97.64 5.39
C ASP G 785 -92.78 -96.33 4.74
N GLY G 786 -93.66 -96.48 3.76
CA GLY G 786 -94.16 -95.34 3.03
C GLY G 786 -95.39 -95.70 2.24
N LEU G 787 -95.83 -94.77 1.40
CA LEU G 787 -97.00 -94.95 0.57
C LEU G 787 -96.58 -95.03 -0.89
N PHE G 788 -97.02 -96.07 -1.57
CA PHE G 788 -96.69 -96.28 -2.97
C PHE G 788 -97.82 -95.77 -3.87
N PHE G 789 -97.47 -95.54 -5.13
CA PHE G 789 -98.43 -95.06 -6.12
C PHE G 789 -97.86 -95.26 -7.50
N PRO G 790 -98.70 -95.50 -8.51
CA PRO G 790 -98.22 -95.58 -9.88
C PRO G 790 -97.68 -94.25 -10.34
N VAL G 791 -96.71 -94.30 -11.26
CA VAL G 791 -96.07 -93.08 -11.74
C VAL G 791 -95.50 -93.35 -13.13
N VAL G 792 -95.56 -92.32 -13.97
CA VAL G 792 -94.93 -92.33 -15.28
C VAL G 792 -94.10 -91.06 -15.42
N SER G 793 -92.85 -91.23 -15.85
CA SER G 793 -91.95 -90.11 -16.12
C SER G 793 -91.74 -90.00 -17.62
N PHE G 794 -91.67 -88.78 -18.13
CA PHE G 794 -91.58 -88.60 -19.56
C PHE G 794 -90.97 -87.25 -19.91
N SER G 795 -90.55 -87.15 -21.16
CA SER G 795 -90.15 -85.89 -21.77
C SER G 795 -91.13 -85.61 -22.90
N ALA G 796 -90.83 -84.61 -23.72
CA ALA G 796 -91.74 -84.25 -24.79
C ALA G 796 -91.89 -85.39 -25.79
N GLY G 797 -93.10 -85.52 -26.33
CA GLY G 797 -93.38 -86.53 -27.33
C GLY G 797 -94.01 -87.80 -26.81
N ILE G 798 -94.98 -87.69 -25.90
CA ILE G 798 -95.68 -88.87 -25.39
C ILE G 798 -97.17 -88.68 -25.54
N LYS G 799 -97.85 -89.81 -25.75
CA LYS G 799 -99.30 -89.90 -25.79
C LYS G 799 -99.73 -91.12 -24.99
N VAL G 800 -99.30 -91.20 -23.73
CA VAL G 800 -99.55 -92.40 -22.95
C VAL G 800 -100.97 -92.36 -22.39
N ARG G 801 -101.46 -93.51 -21.96
CA ARG G 801 -102.78 -93.62 -21.37
C ARG G 801 -102.76 -94.59 -20.21
N PHE G 802 -103.22 -94.11 -19.06
CA PHE G 802 -103.33 -94.89 -17.83
C PHE G 802 -104.59 -95.74 -17.93
N LEU G 803 -104.41 -97.05 -17.72
CA LEU G 803 -105.52 -97.99 -17.59
C LEU G 803 -105.47 -98.48 -16.14
N LEU G 804 -106.31 -97.89 -15.30
CA LEU G 804 -106.30 -98.16 -13.87
C LEU G 804 -107.29 -99.26 -13.49
N GLY G 805 -107.94 -99.87 -14.46
CA GLY G 805 -108.85 -100.96 -14.19
C GLY G 805 -110.27 -100.47 -13.96
N GLY G 806 -111.22 -101.40 -14.13
CA GLY G 806 -112.60 -101.11 -13.78
C GLY G 806 -113.24 -100.08 -14.69
N ARG G 807 -113.96 -99.15 -14.09
CA ARG G 807 -114.70 -98.17 -14.88
C ARG G 807 -113.77 -97.13 -15.49
N HIS G 808 -112.75 -96.71 -14.74
CA HIS G 808 -111.85 -95.67 -15.23
C HIS G 808 -111.10 -96.14 -16.47
N GLY G 809 -110.45 -97.29 -16.37
CA GLY G 809 -109.76 -97.87 -17.51
C GLY G 809 -110.12 -99.33 -17.65
N GLU G 810 -110.00 -99.84 -18.87
CA GLU G 810 -110.32 -101.23 -19.14
C GLU G 810 -109.06 -102.01 -19.43
N PHE G 811 -108.71 -102.92 -18.52
CA PHE G 811 -107.51 -103.73 -18.69
C PHE G 811 -107.61 -104.57 -19.96
N LYS G 812 -106.54 -104.56 -20.75
CA LYS G 812 -106.49 -105.43 -21.93
C LYS G 812 -106.11 -106.85 -21.54
N PHE G 813 -105.08 -106.99 -20.72
CA PHE G 813 -104.69 -108.27 -20.17
C PHE G 813 -105.23 -108.39 -18.74
N LEU G 814 -105.83 -109.53 -18.45
CA LEU G 814 -106.44 -109.73 -17.14
C LEU G 814 -105.37 -109.70 -16.06
N PRO G 815 -105.66 -109.13 -14.89
CA PRO G 815 -104.67 -109.02 -13.84
C PRO G 815 -104.21 -110.39 -13.37
N PRO G 816 -102.96 -110.52 -12.93
CA PRO G 816 -102.51 -111.78 -12.35
C PRO G 816 -103.33 -112.12 -11.13
N PRO G 817 -103.48 -113.40 -10.83
CA PRO G 817 -104.32 -113.80 -9.69
C PRO G 817 -103.85 -113.15 -8.40
N GLY G 818 -104.82 -112.72 -7.58
CA GLY G 818 -104.51 -112.05 -6.34
C GLY G 818 -104.44 -110.55 -6.47
N TYR G 819 -103.68 -110.05 -7.45
CA TYR G 819 -103.51 -108.61 -7.60
C TYR G 819 -104.84 -107.94 -7.89
N ALA G 820 -105.12 -106.87 -7.16
CA ALA G 820 -106.34 -106.12 -7.33
C ALA G 820 -106.09 -104.86 -8.12
N PRO G 821 -107.00 -104.49 -9.02
CA PRO G 821 -106.80 -103.29 -9.83
C PRO G 821 -106.76 -102.03 -8.99
N CYS G 822 -105.96 -101.08 -9.47
CA CYS G 822 -105.57 -99.92 -8.69
C CYS G 822 -106.72 -98.97 -8.37
N TYR G 823 -107.83 -99.04 -9.10
CA TYR G 823 -108.91 -98.09 -8.81
C TYR G 823 -109.59 -98.42 -7.51
N GLU G 824 -109.34 -99.61 -6.97
CA GLU G 824 -110.02 -100.10 -5.78
C GLU G 824 -109.46 -99.50 -4.50
N ALA G 825 -108.42 -98.67 -4.60
CA ALA G 825 -107.83 -98.03 -3.43
C ALA G 825 -108.31 -96.60 -3.23
N VAL G 826 -109.21 -96.09 -4.09
CA VAL G 826 -109.69 -94.73 -3.92
C VAL G 826 -110.59 -94.65 -2.70
N LEU G 827 -110.40 -93.59 -1.90
CA LEU G 827 -111.26 -93.37 -0.76
C LEU G 827 -112.68 -93.04 -1.22
N PRO G 828 -113.69 -93.42 -0.44
CA PRO G 828 -115.08 -93.29 -0.89
C PRO G 828 -115.48 -91.88 -1.30
N LYS G 829 -115.02 -90.88 -0.54
CA LYS G 829 -115.37 -89.50 -0.87
C LYS G 829 -114.58 -89.00 -2.07
N GLU G 830 -113.31 -89.34 -2.15
CA GLU G 830 -112.43 -88.78 -3.17
C GLU G 830 -112.72 -89.40 -4.53
N LYS G 831 -112.18 -88.75 -5.57
CA LYS G 831 -112.36 -89.18 -6.94
C LYS G 831 -111.01 -89.46 -7.56
N LEU G 832 -110.92 -90.57 -8.31
CA LEU G 832 -109.66 -90.93 -8.94
C LEU G 832 -109.37 -90.02 -10.13
N LYS G 833 -108.25 -89.32 -10.07
CA LYS G 833 -107.81 -88.46 -11.16
C LYS G 833 -106.30 -88.54 -11.26
N VAL G 834 -105.77 -88.21 -12.43
CA VAL G 834 -104.34 -88.22 -12.69
C VAL G 834 -103.83 -86.80 -12.63
N GLU G 835 -102.90 -86.54 -11.72
CA GLU G 835 -102.37 -85.21 -11.50
C GLU G 835 -100.85 -85.27 -11.48
N HIS G 836 -100.23 -84.09 -11.53
CA HIS G 836 -98.78 -84.01 -11.50
C HIS G 836 -98.25 -84.54 -10.18
N SER G 837 -97.12 -85.24 -10.25
CA SER G 837 -96.49 -85.74 -9.03
C SER G 837 -96.03 -84.61 -8.13
N ARG G 838 -95.49 -83.55 -8.72
CA ARG G 838 -95.02 -82.41 -7.95
C ARG G 838 -96.06 -81.30 -7.92
N GLU G 839 -95.87 -80.37 -6.98
CA GLU G 839 -96.89 -79.35 -6.73
C GLU G 839 -97.00 -78.37 -7.89
N TYR G 840 -95.88 -77.85 -8.37
CA TYR G 840 -95.92 -76.74 -9.31
C TYR G 840 -95.99 -77.25 -10.74
N LYS G 841 -96.54 -76.41 -11.61
CA LYS G 841 -96.82 -76.78 -12.99
C LYS G 841 -96.84 -75.51 -13.84
N GLN G 842 -97.04 -75.70 -15.14
CA GLN G 842 -96.98 -74.58 -16.08
C GLN G 842 -98.27 -73.77 -15.99
N GLU G 843 -98.14 -72.50 -15.63
CA GLU G 843 -99.28 -71.60 -15.50
C GLU G 843 -98.76 -70.19 -15.32
N ARG G 844 -99.66 -69.21 -15.46
CA ARG G 844 -99.31 -67.81 -15.26
C ARG G 844 -98.77 -67.58 -13.85
N THR G 845 -97.72 -66.78 -13.76
CA THR G 845 -97.00 -66.62 -12.49
C THR G 845 -97.90 -66.01 -11.42
N TYR G 846 -98.68 -64.98 -11.76
CA TYR G 846 -99.56 -64.37 -10.77
C TYR G 846 -100.71 -65.28 -10.38
N THR G 847 -101.05 -66.27 -11.21
CA THR G 847 -102.05 -67.26 -10.86
C THR G 847 -101.45 -68.46 -10.14
N ARG G 848 -100.14 -68.65 -10.26
CA ARG G 848 -99.49 -69.82 -9.68
C ARG G 848 -99.63 -69.85 -8.17
N ASP G 849 -100.11 -70.97 -7.65
CA ASP G 849 -100.34 -71.13 -6.23
C ASP G 849 -99.06 -71.57 -5.55
N LEU G 850 -98.59 -70.78 -4.59
CA LEU G 850 -97.45 -71.17 -3.77
C LEU G 850 -97.97 -72.01 -2.60
N LEU G 851 -97.40 -73.19 -2.42
CA LEU G 851 -97.85 -74.11 -1.40
C LEU G 851 -96.79 -74.25 -0.31
N GLY G 852 -97.24 -74.21 0.94
CA GLY G 852 -96.37 -74.49 2.06
C GLY G 852 -96.23 -75.98 2.26
N PRO G 853 -95.58 -76.39 3.34
CA PRO G 853 -95.46 -77.83 3.61
C PRO G 853 -96.83 -78.47 3.77
N THR G 854 -96.97 -79.66 3.21
CA THR G 854 -98.22 -80.38 3.33
C THR G 854 -98.28 -81.12 4.67
N VAL G 855 -99.50 -81.39 5.11
CA VAL G 855 -99.72 -82.15 6.33
C VAL G 855 -99.52 -83.63 6.03
N SER G 856 -99.13 -84.38 7.05
CA SER G 856 -98.93 -85.81 6.90
C SER G 856 -100.24 -86.51 6.55
N LEU G 857 -100.14 -87.58 5.78
CA LEU G 857 -101.31 -88.28 5.29
C LEU G 857 -101.44 -89.63 6.00
N THR G 858 -101.18 -89.66 7.30
CA THR G 858 -101.28 -90.89 8.07
C THR G 858 -102.68 -91.47 8.03
N GLN G 859 -103.71 -90.65 7.81
CA GLN G 859 -105.08 -91.13 7.73
C GLN G 859 -105.33 -91.98 6.50
N ALA G 860 -104.41 -92.01 5.54
CA ALA G 860 -104.59 -92.88 4.37
C ALA G 860 -104.62 -94.35 4.78
N ALA G 861 -103.78 -94.74 5.73
CA ALA G 861 -103.77 -96.09 6.27
C ALA G 861 -104.65 -96.10 7.51
N PHE G 862 -105.80 -96.78 7.41
CA PHE G 862 -106.75 -96.83 8.51
C PHE G 862 -106.42 -98.04 9.37
N THR G 863 -105.66 -97.80 10.45
CA THR G 863 -105.34 -98.84 11.41
C THR G 863 -106.23 -98.67 12.63
N PRO G 864 -107.12 -99.61 12.92
CA PRO G 864 -108.03 -99.47 14.05
C PRO G 864 -107.27 -99.51 15.37
N ILE G 865 -107.51 -98.52 16.22
CA ILE G 865 -106.92 -98.45 17.55
C ILE G 865 -108.06 -98.48 18.56
N PRO G 866 -108.47 -99.64 19.04
CA PRO G 866 -109.55 -99.69 20.02
C PRO G 866 -109.06 -99.42 21.42
N VAL G 867 -109.88 -98.74 22.24
CA VAL G 867 -109.50 -98.48 23.62
C VAL G 867 -109.45 -99.79 24.38
N ASP G 868 -108.31 -100.08 24.99
CA ASP G 868 -108.15 -101.33 25.73
C ASP G 868 -109.05 -101.33 26.95
N THR G 869 -109.69 -102.47 27.19
CA THR G 869 -110.65 -102.60 28.29
C THR G 869 -110.31 -103.71 29.26
N SER G 870 -109.14 -104.34 29.14
CA SER G 870 -108.77 -105.40 30.07
C SER G 870 -108.62 -104.87 31.50
N GLN G 871 -108.06 -103.67 31.64
CA GLN G 871 -107.85 -103.10 32.96
C GLN G 871 -109.16 -102.73 33.65
N ILE G 872 -110.26 -102.66 32.89
CA ILE G 872 -111.51 -102.18 33.44
C ILE G 872 -112.12 -103.24 34.36
N VAL G 873 -112.49 -102.82 35.56
CA VAL G 873 -113.14 -103.66 36.55
C VAL G 873 -114.59 -103.24 36.65
N LEU G 874 -115.47 -104.21 36.92
CA LEU G 874 -116.89 -103.94 36.88
C LEU G 874 -117.41 -103.63 38.28
N PRO G 875 -118.01 -102.46 38.48
CA PRO G 875 -118.58 -102.12 39.79
C PRO G 875 -119.76 -103.03 40.13
N PRO G 876 -120.03 -103.24 41.42
CA PRO G 876 -121.07 -104.22 41.80
C PRO G 876 -122.45 -103.92 41.25
N HIS G 877 -122.82 -102.64 41.16
CA HIS G 877 -124.16 -102.30 40.65
C HIS G 877 -124.34 -102.74 39.20
N LEU G 878 -123.42 -102.33 38.33
CA LEU G 878 -123.42 -102.84 36.97
C LEU G 878 -123.31 -104.36 36.96
N GLU G 879 -122.59 -104.92 37.92
CA GLU G 879 -122.42 -106.37 37.97
C GLU G 879 -123.74 -107.09 38.13
N ARG G 880 -124.58 -106.65 39.09
CA ARG G 880 -125.80 -107.41 39.32
C ARG G 880 -126.94 -106.89 38.46
N ILE G 881 -126.71 -105.85 37.67
CA ILE G 881 -127.75 -105.39 36.75
C ILE G 881 -127.43 -105.76 35.31
N ARG G 882 -126.24 -106.33 35.06
CA ARG G 882 -125.79 -106.58 33.69
C ARG G 882 -126.70 -107.54 32.93
N GLU G 883 -127.24 -108.57 33.60
CA GLU G 883 -128.11 -109.51 32.90
C GLU G 883 -129.41 -108.83 32.47
N LYS G 884 -129.98 -108.00 33.34
CA LYS G 884 -131.18 -107.27 32.95
C LYS G 884 -130.89 -106.30 31.81
N LEU G 885 -129.75 -105.61 31.86
CA LEU G 885 -129.33 -104.80 30.72
C LEU G 885 -129.28 -105.62 29.45
N ALA G 886 -128.61 -106.77 29.49
CA ALA G 886 -128.44 -107.57 28.28
C ALA G 886 -129.79 -108.00 27.70
N GLU G 887 -130.65 -108.57 28.56
CA GLU G 887 -131.93 -109.06 28.05
C GLU G 887 -132.82 -107.92 27.56
N ASN G 888 -132.84 -106.80 28.29
CA ASN G 888 -133.71 -105.69 27.89
C ASN G 888 -133.23 -105.05 26.60
N ILE G 889 -131.92 -104.90 26.46
CA ILE G 889 -131.40 -104.34 25.18
C ILE G 889 -131.57 -105.38 24.07
N HIS G 890 -131.48 -106.68 24.39
CA HIS G 890 -131.74 -107.70 23.33
C HIS G 890 -133.19 -107.57 22.86
N GLU G 891 -134.12 -107.44 23.82
CA GLU G 891 -135.55 -107.29 23.46
C GLU G 891 -135.71 -105.95 22.72
N LEU G 892 -134.98 -104.94 23.15
CA LEU G 892 -135.04 -103.61 22.49
C LEU G 892 -134.62 -103.77 21.03
N TRP G 893 -133.61 -104.60 20.78
CA TRP G 893 -133.15 -104.84 19.38
C TRP G 893 -134.23 -105.55 18.57
N VAL G 894 -134.94 -106.49 19.18
CA VAL G 894 -136.06 -107.16 18.46
C VAL G 894 -137.18 -106.15 18.30
N MET G 895 -137.13 -105.02 19.02
CA MET G 895 -138.08 -103.94 18.75
C MET G 895 -137.62 -103.07 17.60
N ASN G 896 -136.31 -102.83 17.53
CA ASN G 896 -135.70 -102.07 16.41
C ASN G 896 -136.00 -102.86 15.14
N LYS G 897 -135.89 -104.19 15.23
CA LYS G 897 -136.11 -105.07 14.05
C LYS G 897 -137.55 -104.93 13.56
N ILE G 898 -138.51 -104.92 14.49
CA ILE G 898 -139.96 -104.88 14.11
C ILE G 898 -140.28 -103.47 13.60
N GLU G 899 -139.60 -102.45 14.12
CA GLU G 899 -139.78 -101.09 13.58
C GLU G 899 -139.26 -101.02 12.15
N LEU G 900 -138.12 -101.63 11.87
CA LEU G 900 -137.58 -101.72 10.52
C LEU G 900 -138.41 -102.64 9.63
N GLY G 901 -139.33 -103.41 10.19
CA GLY G 901 -140.18 -104.29 9.42
C GLY G 901 -139.78 -105.75 9.47
N TRP G 902 -138.85 -106.12 10.34
CA TRP G 902 -138.40 -107.50 10.43
C TRP G 902 -139.36 -108.32 11.28
N GLN G 903 -139.75 -109.48 10.77
CA GLN G 903 -140.73 -110.32 11.41
C GLN G 903 -140.10 -111.67 11.78
N TYR G 904 -140.73 -112.34 12.75
CA TYR G 904 -140.12 -113.50 13.37
C TYR G 904 -140.44 -114.78 12.59
N GLY G 905 -139.48 -115.70 12.56
CA GLY G 905 -139.63 -116.94 11.86
C GLY G 905 -138.76 -118.04 12.44
N PRO G 906 -138.83 -119.23 11.85
CA PRO G 906 -138.08 -120.37 12.40
C PRO G 906 -136.60 -120.41 12.01
N VAL G 907 -136.28 -119.99 10.78
CA VAL G 907 -135.00 -120.32 10.16
C VAL G 907 -134.26 -119.05 9.78
N ARG G 908 -132.94 -119.14 9.66
CA ARG G 908 -132.08 -118.01 9.33
C ARG G 908 -131.91 -117.94 7.81
N ASP G 909 -132.76 -117.15 7.15
CA ASP G 909 -132.65 -116.91 5.71
C ASP G 909 -133.16 -115.50 5.41
N ASP G 910 -132.23 -114.60 5.06
CA ASP G 910 -132.55 -113.18 4.99
C ASP G 910 -133.61 -112.88 3.93
N ASN G 911 -133.69 -113.70 2.88
CA ASN G 911 -134.66 -113.47 1.83
C ASN G 911 -136.09 -113.59 2.35
N LYS G 912 -136.33 -114.57 3.23
CA LYS G 912 -137.70 -114.82 3.70
C LYS G 912 -138.07 -113.91 4.86
N ARG G 913 -137.11 -113.16 5.42
CA ARG G 913 -137.38 -112.10 6.38
C ARG G 913 -138.00 -112.63 7.67
N GLN G 914 -137.91 -113.94 7.91
CA GLN G 914 -138.54 -114.60 9.04
C GLN G 914 -137.48 -115.34 9.84
N HIS G 915 -137.00 -114.74 10.93
CA HIS G 915 -135.88 -115.31 11.65
C HIS G 915 -136.18 -115.53 13.13
N PRO G 916 -135.54 -116.52 13.79
CA PRO G 916 -135.74 -116.75 15.23
C PRO G 916 -134.96 -115.69 16.04
N CYS G 917 -134.19 -114.86 15.34
CA CYS G 917 -133.38 -113.81 16.02
C CYS G 917 -134.30 -112.81 16.72
N LEU G 918 -135.48 -112.52 16.13
CA LEU G 918 -136.36 -111.48 16.70
C LEU G 918 -137.21 -112.08 17.82
N VAL G 919 -137.34 -113.41 17.87
CA VAL G 919 -138.07 -114.04 18.96
C VAL G 919 -137.24 -113.90 20.23
N GLU G 920 -137.86 -114.16 21.38
CA GLU G 920 -137.23 -114.03 22.70
C GLU G 920 -135.88 -114.76 22.73
N PHE G 921 -135.04 -114.35 23.69
CA PHE G 921 -133.68 -114.86 23.76
C PHE G 921 -133.65 -116.36 23.99
N SER G 922 -134.68 -116.91 24.64
CA SER G 922 -134.73 -118.36 24.85
C SER G 922 -134.83 -119.10 23.53
N LYS G 923 -135.70 -118.64 22.64
CA LYS G 923 -135.80 -119.25 21.31
C LYS G 923 -134.67 -118.79 20.40
N LEU G 924 -134.01 -117.69 20.75
CA LEU G 924 -132.78 -117.31 20.08
C LEU G 924 -131.72 -118.38 20.29
N PRO G 925 -130.87 -118.62 19.29
CA PRO G 925 -129.66 -119.43 19.54
C PRO G 925 -128.90 -118.89 20.74
N GLU G 926 -128.67 -119.77 21.71
CA GLU G 926 -128.01 -119.34 22.95
C GLU G 926 -126.59 -118.89 22.68
N GLN G 927 -126.01 -119.33 21.55
CA GLN G 927 -124.66 -118.84 21.18
C GLN G 927 -124.74 -117.34 20.90
N GLU G 928 -125.68 -116.93 20.04
CA GLU G 928 -125.83 -115.49 19.69
C GLU G 928 -126.22 -114.72 20.96
N ARG G 929 -127.10 -115.30 21.78
CA ARG G 929 -127.59 -114.56 22.98
C ARG G 929 -126.39 -114.30 23.90
N ASN G 930 -125.54 -115.30 24.12
CA ASN G 930 -124.34 -115.14 24.96
C ASN G 930 -123.39 -114.14 24.29
N TYR G 931 -123.24 -114.24 22.97
CA TYR G 931 -122.28 -113.37 22.27
C TYR G 931 -122.76 -111.91 22.38
N ASN G 932 -124.08 -111.71 22.33
CA ASN G 932 -124.64 -110.35 22.50
C ASN G 932 -124.34 -109.85 23.91
N LEU G 933 -124.55 -110.70 24.92
CA LEU G 933 -124.35 -110.28 26.33
C LEU G 933 -122.87 -109.95 26.57
N GLN G 934 -121.98 -110.77 26.03
CA GLN G 934 -120.51 -110.52 26.18
C GLN G 934 -120.19 -109.21 25.45
N MET G 935 -120.83 -109.00 24.30
CA MET G 935 -120.61 -107.77 23.52
C MET G 935 -121.02 -106.58 24.39
N SER G 936 -122.08 -106.77 25.19
CA SER G 936 -122.58 -105.65 26.03
C SER G 936 -121.64 -105.51 27.22
N LEU G 937 -121.19 -106.64 27.76
CA LEU G 937 -120.18 -106.51 28.82
C LEU G 937 -119.00 -105.68 28.35
N GLU G 938 -118.49 -105.96 27.15
CA GLU G 938 -117.38 -105.19 26.61
C GLU G 938 -117.76 -103.74 26.37
N THR G 939 -118.99 -103.49 25.89
CA THR G 939 -119.47 -102.14 25.65
C THR G 939 -119.60 -101.33 26.93
N LEU G 940 -120.17 -101.91 27.98
CA LEU G 940 -120.23 -101.21 29.26
C LEU G 940 -118.84 -101.03 29.87
N LYS G 941 -117.93 -101.99 29.66
CA LYS G 941 -116.57 -101.82 30.15
C LYS G 941 -115.86 -100.69 29.42
N THR G 942 -116.09 -100.57 28.11
CA THR G 942 -115.53 -99.45 27.37
C THR G 942 -116.18 -98.14 27.81
N LEU G 943 -117.47 -98.18 28.16
CA LEU G 943 -118.15 -97.00 28.68
C LEU G 943 -117.47 -96.51 29.94
N LEU G 944 -117.18 -97.45 30.85
CA LEU G 944 -116.40 -97.13 32.05
C LEU G 944 -115.00 -96.66 31.72
N ALA G 945 -114.36 -97.24 30.69
CA ALA G 945 -113.04 -96.77 30.26
C ALA G 945 -113.08 -95.37 29.66
N LEU G 946 -114.24 -94.87 29.26
CA LEU G 946 -114.36 -93.55 28.66
C LEU G 946 -114.09 -92.42 29.66
N GLY G 947 -113.68 -92.74 30.88
CA GLY G 947 -113.48 -91.72 31.89
C GLY G 947 -114.75 -91.17 32.46
N CYS G 948 -115.89 -91.72 32.07
CA CYS G 948 -117.19 -91.27 32.55
C CYS G 948 -117.57 -92.07 33.78
N HIS G 949 -117.76 -91.40 34.91
CA HIS G 949 -118.19 -92.09 36.11
C HIS G 949 -119.69 -92.37 36.01
N VAL G 950 -120.10 -93.46 36.65
CA VAL G 950 -121.50 -93.88 36.62
C VAL G 950 -121.98 -94.04 38.05
N GLY G 951 -123.16 -93.48 38.35
CA GLY G 951 -123.71 -93.58 39.68
C GLY G 951 -125.16 -93.99 39.70
N ILE G 952 -125.51 -94.97 40.52
CA ILE G 952 -126.91 -95.36 40.68
C ILE G 952 -127.66 -94.23 41.37
N SER G 953 -128.85 -93.90 40.85
CA SER G 953 -129.64 -92.82 41.42
C SER G 953 -130.32 -93.27 42.71
N ASP G 954 -131.15 -94.30 42.62
CA ASP G 954 -131.90 -94.78 43.77
C ASP G 954 -132.34 -96.21 43.53
N GLU G 955 -132.69 -96.89 44.61
CA GLU G 955 -133.21 -98.25 44.51
C GLU G 955 -134.65 -98.26 44.01
N HIS G 956 -135.39 -97.18 44.25
CA HIS G 956 -136.79 -97.15 43.83
C HIS G 956 -136.90 -97.03 42.31
N ALA G 957 -135.89 -96.47 41.66
CA ALA G 957 -135.85 -96.43 40.21
C ALA G 957 -135.82 -97.82 39.59
N GLU G 958 -135.35 -98.82 40.31
CA GLU G 958 -135.45 -100.22 39.90
C GLU G 958 -136.64 -100.93 40.52
N ASP G 959 -137.07 -100.50 41.71
CA ASP G 959 -138.28 -101.07 42.31
C ASP G 959 -139.50 -100.84 41.45
N LYS G 960 -139.67 -99.63 40.92
CA LYS G 960 -140.71 -99.34 39.94
C LYS G 960 -140.02 -99.23 38.58
N VAL G 961 -140.38 -100.12 37.68
CA VAL G 961 -139.85 -100.13 36.32
C VAL G 961 -141.03 -100.03 35.34
N LYS G 962 -141.30 -98.81 34.87
CA LYS G 962 -142.41 -98.63 33.95
C LYS G 962 -142.00 -99.04 32.54
N LYS G 963 -143.00 -99.42 31.75
CA LYS G 963 -142.79 -100.12 30.50
C LYS G 963 -143.95 -99.78 29.57
N MET G 964 -143.69 -99.02 28.50
CA MET G 964 -144.79 -98.64 27.62
C MET G 964 -145.40 -99.89 27.00
N LYS G 965 -146.72 -99.87 26.83
CA LYS G 965 -147.36 -100.91 26.03
C LYS G 965 -147.26 -100.55 24.56
N LEU G 966 -147.06 -101.57 23.72
CA LEU G 966 -146.82 -101.36 22.30
C LEU G 966 -147.91 -102.05 21.50
N PRO G 967 -148.21 -101.55 20.31
CA PRO G 967 -149.20 -102.22 19.44
C PRO G 967 -148.75 -103.62 19.09
N LYS G 968 -149.74 -104.51 18.92
CA LYS G 968 -149.45 -105.92 18.70
C LYS G 968 -148.58 -106.14 17.47
N ASN G 969 -148.82 -105.39 16.40
CA ASN G 969 -147.94 -105.47 15.24
C ASN G 969 -146.53 -105.03 15.59
N TYR G 970 -146.39 -103.97 16.38
CA TYR G 970 -145.08 -103.53 16.83
C TYR G 970 -144.54 -104.44 17.93
N GLN G 971 -145.41 -104.98 18.76
CA GLN G 971 -144.98 -105.81 19.88
C GLN G 971 -144.61 -107.21 19.41
N LEU G 972 -143.61 -107.79 20.09
CA LEU G 972 -143.16 -109.15 19.84
C LEU G 972 -144.13 -110.14 20.48
N THR G 973 -143.93 -111.43 20.18
CA THR G 973 -144.72 -112.48 20.81
C THR G 973 -144.55 -112.47 22.32
N SER G 974 -143.45 -111.89 22.82
CA SER G 974 -143.22 -111.79 24.24
C SER G 974 -144.34 -110.99 24.92
N GLY G 975 -144.83 -111.51 26.04
CA GLY G 975 -145.94 -110.88 26.72
C GLY G 975 -145.60 -109.49 27.24
N TYR G 976 -144.49 -109.38 27.98
CA TYR G 976 -144.12 -108.08 28.53
C TYR G 976 -143.41 -107.26 27.46
N LYS G 977 -143.81 -105.99 27.36
CA LYS G 977 -143.28 -105.13 26.32
C LYS G 977 -141.82 -104.80 26.59
N PRO G 978 -140.94 -104.91 25.60
CA PRO G 978 -139.54 -104.54 25.81
C PRO G 978 -139.35 -103.06 26.12
N ALA G 979 -140.26 -102.21 25.64
CA ALA G 979 -140.13 -100.76 25.71
C ALA G 979 -139.95 -100.28 27.15
N PRO G 980 -138.74 -99.85 27.53
CA PRO G 980 -138.51 -99.43 28.92
C PRO G 980 -139.07 -98.05 29.19
N MET G 981 -138.78 -97.45 30.34
CA MET G 981 -139.24 -96.11 30.67
C MET G 981 -139.03 -95.15 29.50
N ASP G 982 -139.98 -94.23 29.30
CA ASP G 982 -140.14 -93.58 28.02
C ASP G 982 -138.96 -92.70 27.64
N LEU G 983 -138.60 -92.75 26.36
CA LEU G 983 -137.51 -91.92 25.84
C LEU G 983 -137.84 -90.45 25.97
N SER G 984 -139.13 -90.10 26.00
CA SER G 984 -139.51 -88.71 26.23
C SER G 984 -139.10 -88.26 27.63
N PHE G 985 -139.36 -89.08 28.64
CA PHE G 985 -138.92 -88.76 30.00
C PHE G 985 -137.39 -88.76 30.07
N ILE G 986 -136.76 -89.74 29.43
CA ILE G 986 -135.30 -89.81 29.50
C ILE G 986 -134.71 -88.67 28.66
N LYS G 987 -133.59 -88.12 29.13
CA LYS G 987 -133.00 -86.96 28.48
C LYS G 987 -131.55 -87.25 28.14
N LEU G 988 -131.09 -86.66 27.04
CA LEU G 988 -129.73 -86.85 26.54
C LEU G 988 -129.03 -85.50 26.53
N THR G 989 -127.88 -85.42 27.20
CA THR G 989 -127.11 -84.19 27.20
C THR G 989 -126.14 -84.19 26.02
N PRO G 990 -125.66 -83.01 25.60
CA PRO G 990 -124.66 -83.00 24.52
C PRO G 990 -123.40 -83.78 24.83
N SER G 991 -122.93 -83.76 26.08
CA SER G 991 -121.78 -84.57 26.46
C SER G 991 -122.11 -86.05 26.36
N GLN G 992 -123.32 -86.43 26.75
CA GLN G 992 -123.75 -87.81 26.60
C GLN G 992 -123.79 -88.23 25.14
N GLU G 993 -124.26 -87.35 24.26
CA GLU G 993 -124.23 -87.67 22.83
C GLU G 993 -122.81 -87.76 22.29
N ALA G 994 -121.91 -86.90 22.78
CA ALA G 994 -120.51 -87.00 22.39
C ALA G 994 -119.89 -88.33 22.79
N MET G 995 -120.16 -88.80 24.01
CA MET G 995 -119.65 -90.12 24.38
C MET G 995 -120.38 -91.26 23.66
N VAL G 996 -121.65 -91.06 23.28
CA VAL G 996 -122.29 -91.99 22.36
C VAL G 996 -121.53 -92.09 21.05
N ASP G 997 -121.12 -90.96 20.49
CA ASP G 997 -120.29 -90.96 19.30
C ASP G 997 -118.96 -91.67 19.53
N LYS G 998 -118.34 -91.42 20.68
CA LYS G 998 -117.07 -92.09 21.00
C LYS G 998 -117.25 -93.61 21.09
N LEU G 999 -118.33 -94.04 21.74
CA LEU G 999 -118.60 -95.48 21.87
C LEU G 999 -118.90 -96.09 20.51
N ALA G 1000 -119.62 -95.36 19.65
CA ALA G 1000 -119.84 -95.84 18.30
C ALA G 1000 -118.54 -95.97 17.53
N GLU G 1001 -117.63 -95.01 17.72
CA GLU G 1001 -116.31 -95.09 17.13
C GLU G 1001 -115.60 -96.36 17.57
N ASN G 1002 -115.60 -96.63 18.88
CA ASN G 1002 -114.84 -97.77 19.39
C ASN G 1002 -115.48 -99.08 18.98
N ALA G 1003 -116.81 -99.12 18.90
CA ALA G 1003 -117.49 -100.33 18.44
C ALA G 1003 -117.12 -100.67 17.00
N HIS G 1004 -117.09 -99.66 16.14
CA HIS G 1004 -116.62 -99.86 14.78
C HIS G 1004 -115.16 -100.26 14.72
N ASN G 1005 -114.33 -99.70 15.62
CA ASN G 1005 -112.94 -100.12 15.68
C ASN G 1005 -112.83 -101.59 16.06
N VAL G 1006 -113.66 -102.02 16.99
CA VAL G 1006 -113.51 -103.42 17.47
C VAL G 1006 -114.17 -104.29 16.39
N TRP G 1007 -115.12 -103.73 15.66
CA TRP G 1007 -115.73 -104.49 14.54
C TRP G 1007 -114.63 -104.69 13.49
N ALA G 1008 -113.84 -103.66 13.27
CA ALA G 1008 -112.79 -103.71 12.21
C ALA G 1008 -111.65 -104.64 12.61
N ARG G 1009 -111.11 -104.46 13.81
CA ARG G 1009 -110.03 -105.32 14.27
C ARG G 1009 -110.43 -106.80 14.19
N ASP G 1010 -111.70 -107.06 14.45
CA ASP G 1010 -112.19 -108.45 14.32
C ASP G 1010 -112.03 -108.86 12.85
N ARG G 1011 -112.34 -107.93 11.94
CA ARG G 1011 -112.22 -108.20 10.49
C ARG G 1011 -110.75 -108.40 10.10
N ILE G 1012 -109.84 -107.62 10.69
CA ILE G 1012 -108.39 -107.75 10.39
C ILE G 1012 -107.95 -109.14 10.86
N ARG G 1013 -108.47 -109.57 12.00
CA ARG G 1013 -108.16 -110.95 12.47
C ARG G 1013 -108.71 -111.90 11.41
N GLN G 1014 -109.88 -111.57 10.88
CA GLN G 1014 -110.47 -112.38 9.78
C GLN G 1014 -109.52 -112.31 8.60
N GLY G 1015 -108.83 -111.18 8.43
CA GLY G 1015 -107.97 -110.98 7.25
C GLY G 1015 -108.75 -110.26 6.18
N TRP G 1016 -109.97 -109.82 6.50
CA TRP G 1016 -110.74 -109.00 5.53
C TRP G 1016 -109.97 -107.71 5.29
N THR G 1017 -109.83 -107.27 4.04
CA THR G 1017 -109.18 -105.97 3.76
C THR G 1017 -110.12 -105.05 3.00
N TYR G 1018 -109.97 -103.73 3.14
CA TYR G 1018 -110.84 -102.75 2.51
C TYR G 1018 -111.00 -103.04 1.01
N GLY G 1019 -112.21 -102.81 0.52
CA GLY G 1019 -112.50 -102.88 -0.90
C GLY G 1019 -113.68 -102.01 -1.25
N ILE G 1020 -113.55 -101.19 -2.30
CA ILE G 1020 -114.63 -100.29 -2.69
C ILE G 1020 -115.88 -101.10 -3.02
N GLN G 1021 -115.67 -102.25 -3.63
CA GLN G 1021 -116.78 -103.20 -3.90
C GLN G 1021 -116.82 -104.14 -2.70
N GLN G 1022 -118.00 -104.44 -2.16
CA GLN G 1022 -118.01 -105.44 -1.06
C GLN G 1022 -117.72 -106.82 -1.66
N ASP G 1023 -116.82 -107.59 -1.03
CA ASP G 1023 -116.50 -108.96 -1.51
C ASP G 1023 -116.39 -109.88 -0.30
N VAL G 1024 -117.00 -111.07 -0.37
CA VAL G 1024 -116.90 -112.04 0.70
C VAL G 1024 -115.84 -113.09 0.40
N LYS G 1025 -115.75 -113.56 -0.84
CA LYS G 1025 -114.71 -114.50 -1.21
C LYS G 1025 -113.33 -113.86 -1.11
N ASN G 1026 -113.19 -112.63 -1.59
CA ASN G 1026 -111.95 -111.88 -1.46
C ASN G 1026 -111.89 -111.09 -0.16
N ARG G 1027 -112.93 -111.19 0.68
CA ARG G 1027 -112.99 -110.55 1.99
C ARG G 1027 -112.68 -109.06 1.88
N ARG G 1028 -113.32 -108.38 0.93
CA ARG G 1028 -113.02 -106.93 0.73
C ARG G 1028 -114.22 -106.10 1.17
N ASN G 1029 -114.20 -105.53 2.37
CA ASN G 1029 -115.40 -104.79 2.84
C ASN G 1029 -115.13 -103.29 2.75
N PRO G 1030 -115.94 -102.50 2.01
CA PRO G 1030 -115.67 -101.07 1.91
C PRO G 1030 -116.21 -100.47 3.20
N ARG G 1031 -116.46 -101.32 4.18
CA ARG G 1031 -116.95 -100.84 5.49
C ARG G 1031 -115.77 -100.86 6.47
N LEU G 1032 -114.57 -101.11 5.96
CA LEU G 1032 -113.35 -101.16 6.81
C LEU G 1032 -112.68 -99.79 6.75
N VAL G 1033 -113.45 -98.73 6.98
CA VAL G 1033 -112.98 -97.35 6.95
C VAL G 1033 -113.29 -96.77 8.33
N PRO G 1034 -112.66 -95.68 8.75
CA PRO G 1034 -113.00 -95.09 10.04
C PRO G 1034 -114.46 -94.64 10.08
N TYR G 1035 -115.04 -94.70 11.28
CA TYR G 1035 -116.46 -94.39 11.45
C TYR G 1035 -116.79 -92.99 10.95
N THR G 1036 -115.80 -92.09 10.93
CA THR G 1036 -116.01 -90.77 10.35
C THR G 1036 -116.37 -90.87 8.87
N LEU G 1037 -115.72 -91.78 8.15
CA LEU G 1037 -115.97 -91.94 6.73
C LEU G 1037 -116.94 -93.08 6.41
N LEU G 1038 -117.56 -93.68 7.42
CA LEU G 1038 -118.48 -94.78 7.17
C LEU G 1038 -119.75 -94.27 6.51
N ASP G 1039 -120.44 -95.16 5.80
CA ASP G 1039 -121.69 -94.80 5.15
C ASP G 1039 -122.76 -94.46 6.19
N ASP G 1040 -123.66 -93.56 5.81
CA ASP G 1040 -124.73 -93.10 6.73
C ASP G 1040 -125.60 -94.22 7.28
N ARG G 1041 -125.99 -95.20 6.46
CA ARG G 1041 -126.99 -96.19 6.93
C ARG G 1041 -126.50 -96.99 8.14
N THR G 1042 -125.27 -97.50 8.07
CA THR G 1042 -124.72 -98.25 9.21
C THR G 1042 -124.49 -97.30 10.38
N LYS G 1043 -124.02 -96.10 10.09
CA LYS G 1043 -123.70 -95.17 11.20
C LYS G 1043 -125.01 -94.94 11.96
N LYS G 1044 -126.09 -94.74 11.22
CA LYS G 1044 -127.40 -94.49 11.85
C LYS G 1044 -127.85 -95.72 12.65
N SER G 1045 -127.74 -96.92 12.07
CA SER G 1045 -128.26 -98.12 12.77
C SER G 1045 -127.46 -98.35 14.05
N ASN G 1046 -126.12 -98.27 13.95
CA ASN G 1046 -125.25 -98.50 15.13
C ASN G 1046 -125.53 -97.39 16.15
N LYS G 1047 -125.67 -96.17 15.68
CA LYS G 1047 -125.88 -95.03 16.60
C LYS G 1047 -127.22 -95.25 17.33
N ASP G 1048 -128.22 -95.73 16.60
CA ASP G 1048 -129.56 -95.89 17.22
C ASP G 1048 -129.46 -96.91 18.36
N SER G 1049 -128.80 -98.04 18.10
CA SER G 1049 -128.70 -99.09 19.13
C SER G 1049 -127.89 -98.54 20.30
N LEU G 1050 -126.82 -97.81 19.98
CA LEU G 1050 -125.92 -97.31 21.04
C LEU G 1050 -126.65 -96.27 21.88
N ARG G 1051 -127.41 -95.38 21.25
CA ARG G 1051 -128.01 -94.32 22.03
C ARG G 1051 -129.26 -94.79 22.76
N GLU G 1052 -130.02 -95.72 22.17
CA GLU G 1052 -131.12 -96.30 22.92
C GLU G 1052 -130.59 -97.16 24.06
N ALA G 1053 -129.45 -97.83 23.85
CA ALA G 1053 -128.82 -98.55 24.96
C ALA G 1053 -128.43 -97.61 26.09
N VAL G 1054 -127.72 -96.53 25.78
CA VAL G 1054 -127.30 -95.59 26.83
C VAL G 1054 -128.46 -94.84 27.44
N ARG G 1055 -129.57 -94.70 26.71
CA ARG G 1055 -130.77 -94.11 27.28
C ARG G 1055 -131.46 -95.06 28.24
N THR G 1056 -131.45 -96.37 27.92
CA THR G 1056 -131.88 -97.36 28.90
C THR G 1056 -130.99 -97.33 30.12
N LEU G 1057 -129.69 -97.08 29.93
CA LEU G 1057 -128.79 -96.94 31.07
C LEU G 1057 -129.24 -95.81 31.99
N LEU G 1058 -129.59 -94.66 31.42
CA LEU G 1058 -130.11 -93.55 32.22
C LEU G 1058 -131.44 -93.89 32.86
N GLY G 1059 -132.34 -94.55 32.11
CA GLY G 1059 -133.64 -94.90 32.65
C GLY G 1059 -133.56 -95.89 33.81
N TYR G 1060 -132.49 -96.68 33.85
CA TYR G 1060 -132.22 -97.51 35.01
C TYR G 1060 -131.66 -96.72 36.18
N GLY G 1061 -131.72 -95.39 36.13
CA GLY G 1061 -131.22 -94.55 37.18
C GLY G 1061 -129.74 -94.29 37.13
N TYR G 1062 -129.00 -95.09 36.36
CA TYR G 1062 -127.56 -94.92 36.28
C TYR G 1062 -127.23 -93.63 35.55
N ASN G 1063 -126.76 -92.64 36.31
CA ASN G 1063 -126.39 -91.33 35.78
C ASN G 1063 -124.93 -91.39 35.34
N LEU G 1064 -124.68 -91.01 34.10
CA LEU G 1064 -123.34 -91.04 33.51
C LEU G 1064 -122.76 -89.64 33.53
N GLU G 1065 -121.97 -89.35 34.56
CA GLU G 1065 -121.30 -88.05 34.67
C GLU G 1065 -119.99 -88.12 33.87
N ALA G 1066 -119.94 -87.36 32.79
CA ALA G 1066 -118.82 -87.47 31.86
C ALA G 1066 -117.66 -86.58 32.32
N PRO G 1067 -116.43 -86.90 31.93
CA PRO G 1067 -115.32 -86.01 32.24
C PRO G 1067 -115.40 -84.72 31.44
N ASP G 1068 -114.68 -83.72 31.93
CA ASP G 1068 -114.68 -82.41 31.28
C ASP G 1068 -114.12 -82.52 29.86
N GLN G 1069 -114.73 -81.77 28.95
CA GLN G 1069 -114.26 -81.73 27.57
C GLN G 1069 -112.95 -80.95 27.49
N ASP G 1070 -111.97 -81.50 26.80
CA ASP G 1070 -110.63 -80.94 26.74
C ASP G 1070 -110.39 -80.31 25.37
N HIS G 1071 -109.73 -79.15 25.37
CA HIS G 1071 -109.38 -78.45 24.15
C HIS G 1071 -107.88 -78.53 23.90
N ALA G 1072 -107.51 -78.83 22.65
CA ALA G 1072 -106.12 -78.87 22.24
C ALA G 1072 -105.98 -78.19 20.88
N ALA G 1073 -104.84 -77.54 20.66
CA ALA G 1073 -104.57 -76.83 19.43
C ALA G 1073 -103.27 -77.32 18.82
N ARG G 1074 -103.31 -77.70 17.54
CA ARG G 1074 -102.11 -78.16 16.87
C ARG G 1074 -101.18 -76.99 16.53
N ALA G 1075 -101.76 -75.88 16.06
CA ALA G 1075 -101.01 -74.68 15.67
C ALA G 1075 -99.96 -74.99 14.60
N GLU G 1076 -100.35 -75.81 13.62
CA GLU G 1076 -99.53 -76.16 12.46
C GLU G 1076 -98.22 -76.84 12.85
N VAL G 1077 -98.18 -77.49 14.01
CA VAL G 1077 -96.98 -78.23 14.40
C VAL G 1077 -96.79 -79.45 13.52
N CYS G 1078 -97.85 -80.22 13.30
CA CYS G 1078 -97.76 -81.41 12.47
C CYS G 1078 -97.50 -81.03 11.02
N SER G 1079 -96.61 -81.76 10.36
CA SER G 1079 -96.24 -81.47 8.99
C SER G 1079 -95.71 -82.72 8.32
N GLY G 1080 -96.01 -82.85 7.03
CA GLY G 1080 -95.34 -83.83 6.19
C GLY G 1080 -93.93 -83.37 5.94
N THR G 1081 -92.96 -84.22 6.29
CA THR G 1081 -91.53 -83.89 6.32
C THR G 1081 -91.25 -82.89 7.43
N GLY G 1082 -90.05 -82.96 8.02
CA GLY G 1082 -89.76 -82.16 9.20
C GLY G 1082 -89.83 -80.67 8.96
N GLU G 1083 -89.77 -80.25 7.69
CA GLU G 1083 -89.83 -78.84 7.34
C GLU G 1083 -91.12 -78.21 7.83
N ARG G 1084 -91.01 -77.05 8.47
CA ARG G 1084 -92.15 -76.40 9.09
C ARG G 1084 -92.76 -75.33 8.18
N PHE G 1085 -91.97 -74.73 7.30
CA PHE G 1085 -92.46 -73.64 6.47
C PHE G 1085 -91.55 -73.53 5.25
N ARG G 1086 -92.09 -72.93 4.19
CA ARG G 1086 -91.36 -72.72 2.95
C ARG G 1086 -91.34 -71.24 2.61
N ILE G 1087 -90.19 -70.76 2.15
CA ILE G 1087 -90.01 -69.35 1.82
C ILE G 1087 -89.89 -69.21 0.31
N PHE G 1088 -90.69 -68.30 -0.26
CA PHE G 1088 -90.64 -67.95 -1.67
C PHE G 1088 -90.20 -66.50 -1.77
N ARG G 1089 -89.20 -66.22 -2.58
CA ARG G 1089 -88.64 -64.89 -2.66
C ARG G 1089 -88.30 -64.57 -4.11
N ALA G 1090 -88.19 -63.28 -4.40
CA ALA G 1090 -87.68 -62.87 -5.70
C ALA G 1090 -86.19 -63.13 -5.77
N GLU G 1091 -85.65 -63.10 -6.99
CA GLU G 1091 -84.23 -63.33 -7.17
C GLU G 1091 -83.43 -62.18 -6.56
N LYS G 1092 -82.20 -62.49 -6.13
CA LYS G 1092 -81.36 -61.48 -5.49
C LYS G 1092 -81.06 -60.32 -6.44
N THR G 1093 -80.87 -60.61 -7.72
CA THR G 1093 -80.49 -59.58 -8.67
C THR G 1093 -81.57 -58.50 -8.81
N TYR G 1094 -82.82 -58.86 -8.52
CA TYR G 1094 -83.92 -57.90 -8.63
C TYR G 1094 -84.03 -56.99 -7.43
N ALA G 1095 -83.00 -56.92 -6.58
CA ALA G 1095 -83.06 -56.11 -5.39
C ALA G 1095 -83.21 -54.63 -5.74
N VAL G 1096 -84.07 -53.95 -4.99
CA VAL G 1096 -84.29 -52.52 -5.17
C VAL G 1096 -83.56 -51.78 -4.04
N LYS G 1097 -82.78 -50.77 -4.41
CA LYS G 1097 -82.06 -49.96 -3.44
C LYS G 1097 -82.56 -48.53 -3.35
N ALA G 1098 -83.47 -48.14 -4.23
CA ALA G 1098 -84.08 -46.81 -4.18
C ALA G 1098 -85.43 -46.88 -4.88
N GLY G 1099 -86.26 -45.87 -4.61
CA GLY G 1099 -87.56 -45.80 -5.24
C GLY G 1099 -88.67 -46.30 -4.35
N ARG G 1100 -89.87 -46.34 -4.94
CA ARG G 1100 -91.09 -46.67 -4.22
C ARG G 1100 -91.77 -47.83 -4.94
N TRP G 1101 -91.99 -48.92 -4.22
CA TRP G 1101 -92.40 -50.18 -4.83
C TRP G 1101 -93.58 -50.77 -4.07
N TYR G 1102 -94.38 -51.53 -4.82
CA TYR G 1102 -95.64 -52.11 -4.35
C TYR G 1102 -95.79 -53.50 -4.94
N PHE G 1103 -96.15 -54.47 -4.11
CA PHE G 1103 -96.48 -55.80 -4.63
C PHE G 1103 -97.55 -56.45 -3.77
N GLU G 1104 -98.41 -57.25 -4.40
CA GLU G 1104 -99.56 -57.81 -3.71
C GLU G 1104 -99.31 -59.26 -3.32
N PHE G 1105 -99.96 -59.68 -2.23
CA PHE G 1105 -99.94 -61.06 -1.79
C PHE G 1105 -101.36 -61.47 -1.43
N GLU G 1106 -101.90 -62.42 -2.18
CA GLU G 1106 -103.26 -62.91 -1.98
C GLU G 1106 -103.20 -64.18 -1.15
N THR G 1107 -104.02 -64.25 -0.10
CA THR G 1107 -103.99 -65.34 0.87
C THR G 1107 -105.18 -66.24 0.60
N VAL G 1108 -104.96 -67.38 -0.04
CA VAL G 1108 -106.06 -68.30 -0.30
C VAL G 1108 -106.58 -68.88 1.02
N THR G 1109 -105.68 -69.13 1.97
CA THR G 1109 -106.04 -69.60 3.29
C THR G 1109 -105.76 -68.50 4.31
N ALA G 1110 -105.99 -68.82 5.58
CA ALA G 1110 -105.72 -67.93 6.69
C ALA G 1110 -104.94 -68.70 7.76
N GLY G 1111 -103.62 -68.74 7.60
CA GLY G 1111 -102.78 -69.49 8.52
C GLY G 1111 -101.45 -68.83 8.82
N ASP G 1112 -100.45 -69.63 9.16
CA ASP G 1112 -99.13 -69.11 9.52
C ASP G 1112 -98.42 -68.66 8.24
N MET G 1113 -98.74 -67.43 7.83
CA MET G 1113 -98.20 -66.86 6.61
C MET G 1113 -97.63 -65.49 6.90
N ARG G 1114 -96.48 -65.20 6.29
CA ARG G 1114 -95.80 -63.94 6.45
C ARG G 1114 -95.41 -63.41 5.07
N VAL G 1115 -95.41 -62.09 4.93
CA VAL G 1115 -95.07 -61.45 3.66
C VAL G 1115 -94.33 -60.16 3.97
N GLY G 1116 -93.35 -59.82 3.13
CA GLY G 1116 -92.61 -58.59 3.35
C GLY G 1116 -91.40 -58.52 2.43
N TRP G 1117 -90.34 -57.91 2.95
CA TRP G 1117 -89.14 -57.66 2.19
C TRP G 1117 -87.93 -58.22 2.91
N SER G 1118 -87.11 -58.98 2.19
CA SER G 1118 -85.93 -59.60 2.75
C SER G 1118 -84.67 -59.10 2.05
N ARG G 1119 -83.58 -59.09 2.78
CA ARG G 1119 -82.29 -58.79 2.18
C ARG G 1119 -81.78 -60.01 1.41
N PRO G 1120 -80.86 -59.80 0.47
CA PRO G 1120 -80.32 -60.94 -0.28
C PRO G 1120 -79.57 -61.94 0.58
N GLY G 1121 -79.41 -61.64 1.88
CA GLY G 1121 -78.79 -62.55 2.81
C GLY G 1121 -79.75 -63.35 3.67
N CYS G 1122 -81.04 -63.38 3.35
CA CYS G 1122 -81.99 -64.10 4.16
C CYS G 1122 -81.74 -65.60 4.08
N GLN G 1123 -81.94 -66.29 5.20
CA GLN G 1123 -81.71 -67.73 5.22
C GLN G 1123 -83.02 -68.48 5.00
N PRO G 1124 -83.00 -69.51 4.15
CA PRO G 1124 -84.23 -70.25 3.86
C PRO G 1124 -84.67 -71.16 5.00
N ASP G 1125 -83.86 -71.35 6.03
CA ASP G 1125 -84.24 -72.23 7.13
C ASP G 1125 -84.86 -71.48 8.30
N GLN G 1126 -84.52 -70.20 8.47
CA GLN G 1126 -85.01 -69.43 9.61
C GLN G 1126 -86.29 -68.71 9.26
N GLU G 1127 -87.16 -68.56 10.26
CA GLU G 1127 -88.43 -67.88 10.05
C GLU G 1127 -88.22 -66.40 9.78
N LEU G 1128 -89.11 -65.83 8.97
CA LEU G 1128 -89.02 -64.42 8.63
C LEU G 1128 -89.23 -63.56 9.86
N GLY G 1129 -88.40 -62.53 10.01
CA GLY G 1129 -88.52 -61.57 11.09
C GLY G 1129 -87.85 -62.00 12.38
N SER G 1130 -87.46 -63.27 12.50
CA SER G 1130 -86.76 -63.72 13.70
C SER G 1130 -85.39 -63.07 13.80
N ASP G 1131 -84.78 -62.77 12.66
CA ASP G 1131 -83.48 -62.13 12.58
C ASP G 1131 -83.62 -60.78 11.87
N GLU G 1132 -82.48 -60.15 11.58
CA GLU G 1132 -82.45 -58.85 10.94
C GLU G 1132 -82.59 -58.91 9.43
N ARG G 1133 -82.61 -60.10 8.83
CA ARG G 1133 -82.56 -60.21 7.38
C ARG G 1133 -83.86 -59.75 6.74
N ALA G 1134 -84.98 -60.00 7.37
CA ALA G 1134 -86.27 -59.78 6.73
C ALA G 1134 -87.18 -58.92 7.61
N PHE G 1135 -88.10 -58.24 6.94
CA PHE G 1135 -89.16 -57.47 7.58
C PHE G 1135 -90.48 -58.02 7.05
N ALA G 1136 -91.29 -58.60 7.93
CA ALA G 1136 -92.46 -59.34 7.49
C ALA G 1136 -93.68 -58.90 8.30
N PHE G 1137 -94.84 -59.35 7.84
CA PHE G 1137 -96.11 -59.11 8.53
C PHE G 1137 -96.86 -60.43 8.64
N ASP G 1138 -97.05 -60.89 9.88
CA ASP G 1138 -97.81 -62.10 10.15
C ASP G 1138 -99.23 -61.69 10.51
N GLY G 1139 -100.15 -61.84 9.55
CA GLY G 1139 -101.53 -61.49 9.82
C GLY G 1139 -102.21 -62.51 10.72
N PHE G 1140 -101.67 -63.71 10.79
CA PHE G 1140 -102.22 -64.74 11.66
C PHE G 1140 -102.27 -64.28 13.10
N LYS G 1141 -101.18 -63.69 13.58
CA LYS G 1141 -101.11 -63.14 14.93
C LYS G 1141 -101.12 -61.62 14.96
N ALA G 1142 -101.29 -60.97 13.81
CA ALA G 1142 -101.30 -59.50 13.71
C ALA G 1142 -100.02 -58.91 14.27
N GLN G 1143 -98.87 -59.41 13.80
CA GLN G 1143 -97.58 -59.00 14.33
C GLN G 1143 -96.63 -58.61 13.20
N ARG G 1144 -95.99 -57.47 13.34
CA ARG G 1144 -94.87 -57.12 12.47
C ARG G 1144 -93.61 -57.78 12.99
N TRP G 1145 -92.84 -58.36 12.07
CA TRP G 1145 -91.73 -59.23 12.42
C TRP G 1145 -90.43 -58.66 11.89
N HIS G 1146 -89.57 -58.21 12.81
CA HIS G 1146 -88.18 -57.88 12.48
C HIS G 1146 -87.41 -57.89 13.79
N GLN G 1147 -86.50 -58.86 13.94
CA GLN G 1147 -85.73 -59.03 15.17
C GLN G 1147 -86.65 -59.16 16.38
N GLY G 1148 -87.77 -59.84 16.19
CA GLY G 1148 -88.79 -59.94 17.22
C GLY G 1148 -90.16 -59.70 16.66
N ASN G 1149 -91.16 -59.57 17.53
CA ASN G 1149 -92.54 -59.34 17.10
C ASN G 1149 -93.16 -58.20 17.89
N GLU G 1150 -94.04 -57.45 17.23
CA GLU G 1150 -94.82 -56.39 17.86
C GLU G 1150 -96.29 -56.62 17.53
N HIS G 1151 -97.14 -55.64 17.81
CA HIS G 1151 -98.54 -55.72 17.41
C HIS G 1151 -98.78 -54.72 16.29
N TYR G 1152 -99.35 -55.18 15.18
CA TYR G 1152 -99.53 -54.33 14.01
C TYR G 1152 -100.63 -54.94 13.14
N GLY G 1153 -101.70 -54.19 12.93
CA GLY G 1153 -102.73 -54.57 11.97
C GLY G 1153 -103.70 -55.59 12.53
N ARG G 1154 -104.61 -55.99 11.64
CA ARG G 1154 -105.63 -56.98 11.97
C ARG G 1154 -105.25 -58.34 11.36
N SER G 1155 -106.14 -59.31 11.56
CA SER G 1155 -105.95 -60.64 11.00
C SER G 1155 -106.74 -60.81 9.72
N TRP G 1156 -106.11 -61.41 8.72
CA TRP G 1156 -106.75 -61.61 7.43
C TRP G 1156 -107.65 -62.84 7.45
N GLN G 1157 -108.45 -62.96 6.39
CA GLN G 1157 -109.31 -64.11 6.14
C GLN G 1157 -108.92 -64.73 4.82
N ALA G 1158 -109.71 -65.71 4.38
CA ALA G 1158 -109.49 -66.33 3.08
C ALA G 1158 -109.72 -65.32 1.97
N GLY G 1159 -108.88 -65.38 0.95
CA GLY G 1159 -108.98 -64.47 -0.18
C GLY G 1159 -108.77 -63.02 0.19
N ASP G 1160 -107.79 -62.75 1.04
CA ASP G 1160 -107.44 -61.40 1.46
C ASP G 1160 -106.14 -60.99 0.78
N VAL G 1161 -106.12 -59.78 0.23
CA VAL G 1161 -104.98 -59.28 -0.51
C VAL G 1161 -104.27 -58.24 0.35
N VAL G 1162 -103.05 -58.55 0.73
CA VAL G 1162 -102.20 -57.63 1.48
C VAL G 1162 -101.18 -57.07 0.51
N GLY G 1163 -101.18 -55.74 0.36
CA GLY G 1163 -100.20 -55.08 -0.48
C GLY G 1163 -99.06 -54.53 0.36
N CYS G 1164 -97.83 -54.87 -0.02
CA CYS G 1164 -96.64 -54.44 0.69
C CYS G 1164 -95.99 -53.32 -0.12
N MET G 1165 -95.66 -52.22 0.56
CA MET G 1165 -95.11 -51.05 -0.10
C MET G 1165 -93.85 -50.61 0.63
N VAL G 1166 -92.80 -50.36 -0.12
CA VAL G 1166 -91.53 -49.90 0.44
C VAL G 1166 -91.10 -48.64 -0.29
N ASP G 1167 -90.77 -47.61 0.47
CA ASP G 1167 -90.18 -46.39 -0.07
C ASP G 1167 -88.77 -46.30 0.50
N MET G 1168 -87.77 -46.50 -0.37
CA MET G 1168 -86.38 -46.55 0.04
C MET G 1168 -85.73 -45.18 0.09
N ASN G 1169 -86.49 -44.13 -0.21
CA ASN G 1169 -85.99 -42.77 -0.13
C ASN G 1169 -85.89 -42.25 1.30
N GLU G 1170 -86.98 -42.29 2.05
CA GLU G 1170 -86.93 -42.01 3.48
C GLU G 1170 -87.13 -43.27 4.32
N HIS G 1171 -86.95 -44.45 3.72
CA HIS G 1171 -86.81 -45.71 4.46
C HIS G 1171 -88.07 -46.06 5.24
N THR G 1172 -89.19 -46.20 4.55
CA THR G 1172 -90.44 -46.60 5.16
C THR G 1172 -90.99 -47.85 4.49
N MET G 1173 -91.73 -48.64 5.27
CA MET G 1173 -92.45 -49.80 4.75
C MET G 1173 -93.82 -49.84 5.39
N MET G 1174 -94.85 -50.06 4.56
CA MET G 1174 -96.23 -50.02 5.01
C MET G 1174 -97.03 -51.11 4.31
N PHE G 1175 -98.08 -51.56 4.98
CA PHE G 1175 -98.88 -52.68 4.53
C PHE G 1175 -100.34 -52.28 4.48
N THR G 1176 -101.05 -52.73 3.44
CA THR G 1176 -102.47 -52.46 3.30
C THR G 1176 -103.21 -53.77 3.11
N LEU G 1177 -104.03 -54.14 4.09
CA LEU G 1177 -104.84 -55.35 4.01
C LEU G 1177 -106.19 -54.98 3.39
N ASN G 1178 -106.45 -55.53 2.21
CA ASN G 1178 -107.67 -55.29 1.44
C ASN G 1178 -107.88 -53.82 1.11
N GLY G 1179 -106.82 -53.01 1.14
CA GLY G 1179 -106.87 -51.62 0.77
C GLY G 1179 -106.65 -50.66 1.92
N GLU G 1180 -107.24 -50.94 3.08
CA GLU G 1180 -107.04 -50.09 4.25
C GLU G 1180 -105.62 -50.24 4.76
N ILE G 1181 -105.07 -49.15 5.29
CA ILE G 1181 -103.69 -49.15 5.78
C ILE G 1181 -103.67 -49.79 7.16
N LEU G 1182 -102.84 -50.82 7.32
CA LEU G 1182 -102.68 -51.46 8.62
C LEU G 1182 -101.96 -50.53 9.58
N LEU G 1183 -102.38 -50.55 10.84
CA LEU G 1183 -101.84 -49.66 11.85
C LEU G 1183 -101.37 -50.45 13.06
N ASP G 1184 -100.35 -49.93 13.72
CA ASP G 1184 -99.87 -50.50 14.97
C ASP G 1184 -100.72 -49.98 16.13
N ASP G 1185 -100.23 -50.17 17.35
CA ASP G 1185 -100.95 -49.65 18.52
C ASP G 1185 -101.08 -48.14 18.45
N SER G 1186 -100.01 -47.45 18.06
CA SER G 1186 -100.10 -46.04 17.76
C SER G 1186 -100.73 -45.82 16.39
N GLY G 1187 -101.07 -44.57 16.11
CA GLY G 1187 -101.75 -44.24 14.87
C GLY G 1187 -100.84 -44.22 13.66
N SER G 1188 -99.55 -44.46 13.88
CA SER G 1188 -98.57 -44.43 12.79
C SER G 1188 -98.88 -45.50 11.75
N GLU G 1189 -98.70 -45.16 10.49
CA GLU G 1189 -98.89 -46.09 9.39
C GLU G 1189 -97.61 -46.78 8.95
N LEU G 1190 -96.49 -46.48 9.60
CA LEU G 1190 -95.20 -47.06 9.24
C LEU G 1190 -95.01 -48.35 10.04
N ALA G 1191 -94.97 -49.48 9.34
CA ALA G 1191 -94.65 -50.74 10.00
C ALA G 1191 -93.24 -50.72 10.57
N PHE G 1192 -92.29 -50.19 9.81
CA PHE G 1192 -90.91 -50.07 10.23
C PHE G 1192 -90.43 -48.66 9.89
N LYS G 1193 -90.12 -47.87 10.92
CA LYS G 1193 -89.92 -46.44 10.74
C LYS G 1193 -88.65 -46.15 9.95
N ASP G 1194 -87.54 -46.78 10.31
CA ASP G 1194 -86.28 -46.49 9.64
C ASP G 1194 -85.43 -47.75 9.58
N PHE G 1195 -84.67 -47.88 8.51
CA PHE G 1195 -83.80 -49.03 8.28
C PHE G 1195 -82.71 -48.65 7.30
N ASP G 1196 -81.54 -49.27 7.47
CA ASP G 1196 -80.44 -49.01 6.57
C ASP G 1196 -80.73 -49.60 5.19
N VAL G 1197 -80.29 -48.89 4.15
CA VAL G 1197 -80.49 -49.38 2.79
C VAL G 1197 -79.79 -50.72 2.58
N GLY G 1198 -78.54 -50.82 3.02
CA GLY G 1198 -77.79 -52.05 2.86
C GLY G 1198 -77.63 -52.40 1.40
N ASP G 1199 -77.88 -53.66 1.08
CA ASP G 1199 -77.73 -54.18 -0.27
C ASP G 1199 -79.05 -54.34 -1.01
N GLY G 1200 -80.14 -53.79 -0.48
CA GLY G 1200 -81.42 -53.80 -1.15
C GLY G 1200 -82.41 -54.73 -0.47
N PHE G 1201 -83.63 -54.72 -0.99
CA PHE G 1201 -84.71 -55.55 -0.49
C PHE G 1201 -85.43 -56.21 -1.66
N ILE G 1202 -85.90 -57.43 -1.43
CA ILE G 1202 -86.63 -58.19 -2.43
C ILE G 1202 -87.91 -58.74 -1.81
N PRO G 1203 -88.98 -58.90 -2.59
CA PRO G 1203 -90.21 -59.48 -2.04
C PRO G 1203 -89.97 -60.89 -1.52
N VAL G 1204 -90.58 -61.21 -0.39
CA VAL G 1204 -90.37 -62.47 0.30
C VAL G 1204 -91.65 -62.87 0.99
N CYS G 1205 -91.88 -64.17 1.10
CA CYS G 1205 -93.07 -64.73 1.73
C CYS G 1205 -92.72 -66.06 2.36
N SER G 1206 -93.39 -66.35 3.47
CA SER G 1206 -93.23 -67.61 4.19
C SER G 1206 -94.59 -68.23 4.41
N LEU G 1207 -94.72 -69.50 4.05
CA LEU G 1207 -95.98 -70.24 4.16
C LEU G 1207 -95.78 -71.43 5.08
N GLY G 1208 -96.70 -71.61 6.03
CA GLY G 1208 -96.64 -72.73 6.94
C GLY G 1208 -97.36 -73.95 6.40
N VAL G 1209 -97.77 -74.81 7.34
CA VAL G 1209 -98.38 -76.08 6.96
C VAL G 1209 -99.75 -75.84 6.35
N ALA G 1210 -99.97 -76.41 5.17
CA ALA G 1210 -101.26 -76.35 4.48
C ALA G 1210 -101.72 -74.92 4.27
N GLN G 1211 -100.82 -74.08 3.78
CA GLN G 1211 -101.13 -72.69 3.48
C GLN G 1211 -100.88 -72.41 2.00
N VAL G 1212 -101.79 -71.66 1.39
CA VAL G 1212 -101.74 -71.36 -0.04
C VAL G 1212 -101.77 -69.85 -0.24
N GLY G 1213 -100.83 -69.34 -1.02
CA GLY G 1213 -100.76 -67.92 -1.31
C GLY G 1213 -100.28 -67.68 -2.72
N ARG G 1214 -100.58 -66.49 -3.21
CA ARG G 1214 -100.16 -66.04 -4.53
C ARG G 1214 -99.45 -64.70 -4.38
N MET G 1215 -98.38 -64.52 -5.13
CA MET G 1215 -97.63 -63.26 -5.10
C MET G 1215 -97.72 -62.60 -6.46
N ASN G 1216 -98.27 -61.38 -6.49
CA ASN G 1216 -98.42 -60.61 -7.72
C ASN G 1216 -97.40 -59.48 -7.70
N PHE G 1217 -96.45 -59.55 -8.63
CA PHE G 1217 -95.45 -58.51 -8.82
C PHE G 1217 -95.93 -57.41 -9.75
N GLY G 1218 -97.15 -57.54 -10.28
CA GLY G 1218 -97.73 -56.53 -11.13
C GLY G 1218 -97.05 -56.35 -12.47
N LYS G 1219 -96.66 -57.44 -13.12
CA LYS G 1219 -96.22 -57.35 -14.51
C LYS G 1219 -97.35 -56.85 -15.39
N ASP G 1220 -98.56 -57.37 -15.18
CA ASP G 1220 -99.76 -56.80 -15.75
C ASP G 1220 -100.49 -56.02 -14.65
N VAL G 1221 -100.49 -54.68 -14.77
CA VAL G 1221 -101.02 -53.83 -13.73
C VAL G 1221 -102.49 -54.11 -13.46
N SER G 1222 -103.24 -54.52 -14.49
CA SER G 1222 -104.65 -54.80 -14.31
C SER G 1222 -104.88 -55.94 -13.32
N THR G 1223 -103.92 -56.86 -13.22
CA THR G 1223 -104.07 -58.00 -12.31
C THR G 1223 -104.10 -57.53 -10.86
N LEU G 1224 -103.29 -56.53 -10.51
CA LEU G 1224 -103.26 -56.00 -9.16
C LEU G 1224 -104.64 -55.46 -8.78
N LYS G 1225 -105.27 -56.07 -7.79
CA LYS G 1225 -106.67 -55.79 -7.51
C LYS G 1225 -106.86 -54.55 -6.65
N TYR G 1226 -105.97 -54.32 -5.69
CA TYR G 1226 -106.12 -53.22 -4.74
C TYR G 1226 -105.10 -52.11 -4.95
N PHE G 1227 -104.40 -52.11 -6.09
CA PHE G 1227 -103.36 -51.11 -6.34
C PHE G 1227 -103.95 -49.71 -6.47
N THR G 1228 -105.07 -49.58 -7.17
CA THR G 1228 -105.59 -48.26 -7.48
C THR G 1228 -106.01 -47.51 -6.22
N ILE G 1229 -106.66 -48.19 -5.28
CA ILE G 1229 -107.21 -47.51 -4.11
C ILE G 1229 -106.12 -47.15 -3.13
N CYS G 1230 -104.98 -47.85 -3.18
CA CYS G 1230 -103.87 -47.56 -2.28
C CYS G 1230 -102.57 -47.89 -2.98
N GLY G 1231 -101.71 -46.89 -3.13
CA GLY G 1231 -100.40 -47.08 -3.73
C GLY G 1231 -100.20 -46.29 -5.02
N LEU G 1232 -101.23 -46.25 -5.87
CA LEU G 1232 -101.08 -45.59 -7.16
C LEU G 1232 -100.91 -44.08 -6.99
N GLN G 1233 -101.88 -43.42 -6.36
CA GLN G 1233 -101.78 -41.99 -6.16
C GLN G 1233 -100.63 -41.64 -5.24
N GLU G 1234 -100.32 -42.51 -4.27
CA GLU G 1234 -99.15 -42.30 -3.44
C GLU G 1234 -97.87 -42.36 -4.27
N GLY G 1235 -97.88 -43.10 -5.38
CA GLY G 1235 -96.75 -43.15 -6.28
C GLY G 1235 -95.93 -44.41 -6.20
N TYR G 1236 -96.27 -45.37 -5.34
CA TYR G 1236 -95.58 -46.64 -5.32
C TYR G 1236 -95.78 -47.38 -6.65
N GLU G 1237 -94.70 -47.97 -7.14
CA GLU G 1237 -94.77 -48.63 -8.43
C GLU G 1237 -94.81 -50.15 -8.27
N PRO G 1238 -95.44 -50.87 -9.20
CA PRO G 1238 -95.38 -52.32 -9.17
C PRO G 1238 -93.94 -52.81 -9.27
N PHE G 1239 -93.67 -53.92 -8.58
CA PHE G 1239 -92.29 -54.42 -8.53
C PHE G 1239 -91.81 -54.84 -9.91
N ALA G 1240 -92.71 -55.31 -10.76
CA ALA G 1240 -92.39 -55.72 -12.12
C ALA G 1240 -92.98 -54.75 -13.14
N VAL G 1241 -92.91 -53.45 -12.85
CA VAL G 1241 -93.54 -52.46 -13.69
C VAL G 1241 -92.85 -52.37 -15.05
N ASN G 1242 -91.53 -52.46 -15.06
CA ASN G 1242 -90.74 -52.25 -16.27
C ASN G 1242 -89.91 -53.49 -16.62
N THR G 1243 -90.53 -54.66 -16.54
CA THR G 1243 -89.86 -55.92 -16.83
C THR G 1243 -90.56 -56.60 -18.01
N ASN G 1244 -89.76 -56.99 -19.00
CA ASN G 1244 -90.29 -57.76 -20.13
C ASN G 1244 -90.27 -59.26 -19.89
N ARG G 1245 -89.61 -59.71 -18.83
CA ARG G 1245 -89.51 -61.12 -18.50
C ARG G 1245 -90.14 -61.40 -17.14
N ASP G 1246 -90.61 -62.62 -16.95
CA ASP G 1246 -91.15 -63.02 -15.67
C ASP G 1246 -90.05 -63.01 -14.60
N ILE G 1247 -90.38 -62.51 -13.42
CA ILE G 1247 -89.41 -62.45 -12.34
C ILE G 1247 -89.14 -63.86 -11.83
N THR G 1248 -87.88 -64.26 -11.84
CA THR G 1248 -87.47 -65.58 -11.40
C THR G 1248 -87.70 -65.71 -9.91
N MET G 1249 -88.23 -66.86 -9.49
CA MET G 1249 -88.58 -67.09 -8.09
C MET G 1249 -87.65 -68.14 -7.49
N TRP G 1250 -87.18 -67.87 -6.27
CA TRP G 1250 -86.33 -68.79 -5.55
C TRP G 1250 -87.02 -69.18 -4.25
N LEU G 1251 -87.14 -70.47 -4.01
CA LEU G 1251 -87.80 -70.98 -2.82
C LEU G 1251 -86.82 -71.79 -1.96
N SER G 1252 -87.29 -72.15 -0.78
CA SER G 1252 -86.49 -72.94 0.14
C SER G 1252 -86.43 -74.38 -0.32
N LYS G 1253 -85.21 -74.91 -0.46
CA LYS G 1253 -85.03 -76.28 -0.91
C LYS G 1253 -85.59 -77.27 0.10
N ARG G 1254 -86.39 -78.22 -0.39
CA ARG G 1254 -86.91 -79.28 0.46
C ARG G 1254 -85.87 -80.34 0.78
N LEU G 1255 -85.07 -80.73 -0.20
CA LEU G 1255 -84.15 -81.84 -0.01
C LEU G 1255 -82.79 -81.30 0.45
N PRO G 1256 -82.31 -81.72 1.62
CA PRO G 1256 -81.01 -81.23 2.09
C PRO G 1256 -79.87 -81.71 1.22
N GLN G 1257 -78.82 -80.91 1.17
CA GLN G 1257 -77.61 -81.23 0.42
C GLN G 1257 -76.39 -81.06 1.31
N PHE G 1258 -75.29 -81.67 0.88
CA PHE G 1258 -74.02 -81.58 1.60
C PHE G 1258 -73.28 -80.33 1.15
N LEU G 1259 -72.82 -79.54 2.11
CA LEU G 1259 -72.01 -78.37 1.83
C LEU G 1259 -70.94 -78.23 2.89
N GLN G 1260 -69.84 -77.58 2.53
CA GLN G 1260 -68.69 -77.45 3.41
C GLN G 1260 -69.06 -76.70 4.68
N VAL G 1261 -68.56 -77.19 5.81
CA VAL G 1261 -68.87 -76.61 7.11
C VAL G 1261 -68.35 -75.17 7.14
N PRO G 1262 -69.22 -74.19 7.37
CA PRO G 1262 -68.76 -72.79 7.43
C PRO G 1262 -67.84 -72.56 8.61
N SER G 1263 -66.89 -71.64 8.42
CA SER G 1263 -65.99 -71.29 9.50
C SER G 1263 -66.73 -70.61 10.64
N ASN G 1264 -67.82 -69.92 10.33
CA ASN G 1264 -68.60 -69.19 11.32
C ASN G 1264 -69.72 -70.02 11.91
N HIS G 1265 -69.78 -71.31 11.61
CA HIS G 1265 -70.83 -72.17 12.16
C HIS G 1265 -70.76 -72.17 13.68
N GLU G 1266 -71.93 -72.01 14.29
CA GLU G 1266 -72.02 -71.88 15.75
C GLU G 1266 -72.04 -73.22 16.47
N HIS G 1267 -72.06 -74.34 15.75
CA HIS G 1267 -72.16 -75.64 16.40
C HIS G 1267 -71.02 -76.58 16.09
N ILE G 1268 -70.57 -76.64 14.83
CA ILE G 1268 -69.58 -77.62 14.41
C ILE G 1268 -68.31 -76.89 13.98
N GLU G 1269 -67.17 -77.37 14.48
CA GLU G 1269 -65.87 -76.84 14.11
C GLU G 1269 -65.00 -77.98 13.58
N VAL G 1270 -64.33 -77.72 12.47
CA VAL G 1270 -63.46 -78.69 11.82
C VAL G 1270 -62.06 -78.10 11.75
N THR G 1271 -61.07 -78.85 12.23
CA THR G 1271 -59.68 -78.45 12.19
C THR G 1271 -58.87 -79.49 11.45
N ARG G 1272 -57.90 -79.04 10.66
CA ARG G 1272 -57.05 -79.92 9.88
C ARG G 1272 -55.72 -80.12 10.62
N ILE G 1273 -55.46 -81.35 11.02
CA ILE G 1273 -54.21 -81.69 11.70
C ILE G 1273 -53.26 -82.26 10.66
N ASP G 1274 -52.13 -81.58 10.46
CA ASP G 1274 -51.15 -82.03 9.50
C ASP G 1274 -50.48 -83.32 9.99
N GLY G 1275 -50.03 -84.12 9.03
CA GLY G 1275 -49.40 -85.39 9.36
C GLY G 1275 -47.90 -85.28 9.50
N THR G 1276 -47.40 -85.59 10.69
CA THR G 1276 -45.95 -85.59 10.92
C THR G 1276 -45.37 -86.90 10.40
N ILE G 1277 -44.10 -87.15 10.73
CA ILE G 1277 -43.45 -88.38 10.30
C ILE G 1277 -44.12 -89.59 10.94
N ASP G 1278 -44.59 -89.44 12.18
CA ASP G 1278 -45.22 -90.53 12.90
C ASP G 1278 -46.74 -90.43 12.93
N SER G 1279 -47.32 -89.36 12.42
CA SER G 1279 -48.75 -89.12 12.49
C SER G 1279 -49.34 -89.01 11.10
N SER G 1280 -50.49 -89.63 10.89
CA SER G 1280 -51.21 -89.48 9.63
C SER G 1280 -52.01 -88.18 9.65
N PRO G 1281 -52.34 -87.65 8.47
CA PRO G 1281 -53.21 -86.46 8.43
C PRO G 1281 -54.56 -86.73 9.05
N CYS G 1282 -55.09 -85.72 9.74
CA CYS G 1282 -56.31 -85.85 10.50
C CYS G 1282 -57.19 -84.62 10.32
N LEU G 1283 -58.49 -84.87 10.22
CA LEU G 1283 -59.51 -83.84 10.20
C LEU G 1283 -60.43 -84.06 11.40
N LYS G 1284 -60.37 -83.17 12.38
CA LYS G 1284 -61.00 -83.40 13.67
C LYS G 1284 -62.30 -82.60 13.74
N VAL G 1285 -63.40 -83.31 13.98
CA VAL G 1285 -64.72 -82.70 14.08
C VAL G 1285 -65.13 -82.65 15.55
N THR G 1286 -65.44 -81.45 16.02
CA THR G 1286 -65.78 -81.19 17.40
C THR G 1286 -66.92 -80.17 17.45
N GLN G 1287 -67.66 -80.18 18.56
CA GLN G 1287 -68.76 -79.26 18.78
C GLN G 1287 -68.26 -78.10 19.64
N LYS G 1288 -68.17 -76.92 19.03
CA LYS G 1288 -67.77 -75.74 19.81
C LYS G 1288 -68.90 -75.31 20.74
N SER G 1289 -70.15 -75.61 20.37
CA SER G 1289 -71.29 -75.19 21.18
C SER G 1289 -71.57 -76.13 22.33
N PHE G 1290 -70.82 -77.24 22.45
CA PHE G 1290 -71.04 -78.17 23.54
C PHE G 1290 -70.82 -77.50 24.89
N GLY G 1291 -71.67 -77.82 25.85
CA GLY G 1291 -71.60 -77.24 27.17
C GLY G 1291 -72.18 -75.84 27.28
N SER G 1292 -72.88 -75.36 26.25
CA SER G 1292 -73.45 -74.03 26.24
C SER G 1292 -74.94 -74.11 25.96
N GLN G 1293 -75.65 -73.03 26.28
CA GLN G 1293 -77.08 -72.96 26.02
C GLN G 1293 -77.34 -72.96 24.52
N ASN G 1294 -78.52 -73.47 24.15
CA ASN G 1294 -79.01 -73.62 22.78
C ASN G 1294 -78.16 -74.59 21.97
N SER G 1295 -77.32 -75.40 22.62
CA SER G 1295 -76.57 -76.44 21.90
C SER G 1295 -77.54 -77.46 21.33
N ASN G 1296 -77.21 -78.01 20.16
CA ASN G 1296 -78.12 -78.91 19.45
C ASN G 1296 -77.76 -80.35 19.78
N THR G 1297 -78.72 -81.09 20.32
CA THR G 1297 -78.54 -82.52 20.58
C THR G 1297 -79.18 -83.30 19.43
N ASP G 1298 -78.61 -83.12 18.24
CA ASP G 1298 -79.11 -83.77 17.04
C ASP G 1298 -77.95 -84.42 16.30
N ILE G 1299 -78.26 -85.51 15.61
CA ILE G 1299 -77.23 -86.20 14.82
C ILE G 1299 -76.86 -85.36 13.62
N MET G 1300 -75.56 -85.25 13.35
CA MET G 1300 -75.04 -84.54 12.20
C MET G 1300 -74.39 -85.54 11.26
N PHE G 1301 -74.57 -85.29 9.96
CA PHE G 1301 -74.11 -86.16 8.90
C PHE G 1301 -72.95 -85.48 8.18
N TYR G 1302 -71.74 -86.01 8.37
CA TYR G 1302 -70.53 -85.46 7.77
C TYR G 1302 -70.05 -86.40 6.68
N ARG G 1303 -69.44 -85.83 5.65
CA ARG G 1303 -68.89 -86.61 4.54
C ARG G 1303 -67.65 -85.90 4.02
N LEU G 1304 -66.81 -86.65 3.33
CA LEU G 1304 -65.67 -86.07 2.67
C LEU G 1304 -66.06 -85.55 1.29
N SER G 1305 -65.32 -84.56 0.82
CA SER G 1305 -65.74 -83.85 -0.38
C SER G 1305 -65.52 -84.63 -1.67
N MET G 1306 -64.86 -85.78 -1.63
CA MET G 1306 -64.51 -86.47 -2.85
C MET G 1306 -64.76 -87.97 -2.74
N PRO G 1307 -65.21 -88.59 -3.83
CA PRO G 1307 -65.55 -90.02 -3.77
C PRO G 1307 -64.44 -90.94 -4.24
N ILE G 1308 -64.42 -92.16 -3.72
CA ILE G 1308 -63.67 -93.25 -4.31
C ILE G 1308 -64.53 -93.89 -5.39
N GLU G 1309 -63.99 -94.01 -6.59
CA GLU G 1309 -64.72 -94.56 -7.73
C GLU G 1309 -64.33 -96.01 -7.92
N CYS G 1310 -65.33 -96.90 -7.90
CA CYS G 1310 -65.06 -98.31 -8.13
C CYS G 1310 -64.74 -98.54 -9.61
N ALA G 1311 -64.19 -99.72 -9.89
CA ALA G 1311 -63.78 -100.06 -11.25
C ALA G 1311 -65.00 -100.14 -12.17
N GLU G 1312 -64.76 -99.79 -13.44
CA GLU G 1312 -65.84 -99.86 -14.42
C GLU G 1312 -66.33 -101.29 -14.60
N VAL G 1313 -65.41 -102.25 -14.68
CA VAL G 1313 -65.74 -103.66 -14.78
C VAL G 1313 -65.01 -104.40 -13.67
N PHE G 1314 -65.75 -105.18 -12.89
CA PHE G 1314 -65.15 -105.96 -11.83
C PHE G 1314 -64.57 -107.25 -12.39
N SER G 1315 -63.41 -107.63 -11.85
CA SER G 1315 -62.72 -108.83 -12.30
C SER G 1315 -63.53 -110.08 -11.94
N LYS G 1316 -63.27 -111.16 -12.65
CA LYS G 1316 -63.97 -112.42 -12.40
C LYS G 1316 -63.27 -113.22 -11.30
N ARG G 1414 -42.59 -105.59 6.40
CA ARG G 1414 -42.84 -104.50 5.45
C ARG G 1414 -43.63 -104.98 4.25
N ASP G 1415 -44.66 -104.22 3.88
CA ASP G 1415 -45.49 -104.58 2.74
C ASP G 1415 -44.72 -104.43 1.44
N ASP G 1416 -44.99 -105.30 0.48
CA ASP G 1416 -44.32 -105.26 -0.80
C ASP G 1416 -44.68 -103.99 -1.55
N TYR G 1417 -43.66 -103.27 -2.02
CA TYR G 1417 -43.90 -102.04 -2.76
C TYR G 1417 -44.59 -102.32 -4.08
N ASP G 1418 -44.21 -103.42 -4.74
CA ASP G 1418 -44.90 -103.84 -5.96
C ASP G 1418 -46.36 -104.15 -5.69
N PHE G 1419 -46.64 -104.80 -4.55
CA PHE G 1419 -48.02 -105.07 -4.17
C PHE G 1419 -48.79 -103.77 -3.96
N LEU G 1420 -48.15 -102.78 -3.31
CA LEU G 1420 -48.81 -101.50 -3.09
C LEU G 1420 -49.09 -100.83 -4.42
N MET G 1421 -48.17 -100.94 -5.36
CA MET G 1421 -48.35 -100.37 -6.70
C MET G 1421 -49.47 -101.04 -7.47
N GLN G 1422 -49.61 -102.36 -7.39
CA GLN G 1422 -50.61 -103.05 -8.19
C GLN G 1422 -51.98 -103.11 -7.52
N THR G 1423 -52.06 -102.93 -6.20
CA THR G 1423 -53.33 -103.06 -5.51
C THR G 1423 -54.20 -101.83 -5.73
N SER G 1424 -55.50 -102.00 -5.51
CA SER G 1424 -56.46 -100.92 -5.61
C SER G 1424 -57.24 -100.69 -4.32
N THR G 1425 -56.99 -101.47 -3.29
CA THR G 1425 -57.71 -101.31 -2.04
C THR G 1425 -57.27 -100.04 -1.32
N TYR G 1426 -58.24 -99.25 -0.89
CA TYR G 1426 -57.99 -98.00 -0.20
C TYR G 1426 -58.54 -98.04 1.23
N TYR G 1427 -57.95 -97.23 2.08
CA TYR G 1427 -58.23 -97.27 3.51
C TYR G 1427 -58.38 -95.87 4.07
N TYR G 1428 -59.32 -95.71 5.00
CA TYR G 1428 -59.30 -94.56 5.90
C TYR G 1428 -59.75 -95.04 7.27
N SER G 1429 -59.69 -94.17 8.26
CA SER G 1429 -60.09 -94.56 9.60
C SER G 1429 -60.80 -93.39 10.29
N VAL G 1430 -61.55 -93.74 11.32
CA VAL G 1430 -62.24 -92.78 12.16
C VAL G 1430 -61.93 -93.12 13.61
N ARG G 1431 -61.36 -92.16 14.33
CA ARG G 1431 -61.11 -92.28 15.75
C ARG G 1431 -62.22 -91.56 16.49
N ILE G 1432 -63.07 -92.32 17.18
CA ILE G 1432 -64.06 -91.72 18.06
C ILE G 1432 -63.38 -91.36 19.37
N PHE G 1433 -63.38 -90.09 19.69
CA PHE G 1433 -62.69 -89.63 20.88
C PHE G 1433 -63.33 -90.23 22.12
N PRO G 1434 -62.53 -90.68 23.10
CA PRO G 1434 -63.11 -91.34 24.27
C PRO G 1434 -64.09 -90.42 24.98
N GLY G 1435 -65.21 -90.99 25.40
CA GLY G 1435 -66.29 -90.21 25.99
C GLY G 1435 -67.40 -89.86 25.04
N GLN G 1436 -67.15 -89.89 23.73
CA GLN G 1436 -68.21 -89.76 22.75
C GLN G 1436 -68.89 -91.10 22.60
N GLU G 1437 -70.18 -91.15 22.92
CA GLU G 1437 -70.91 -92.41 22.92
C GLU G 1437 -70.89 -93.02 21.52
N PRO G 1438 -70.17 -94.11 21.30
CA PRO G 1438 -70.05 -94.67 19.95
C PRO G 1438 -71.34 -95.24 19.40
N ALA G 1439 -72.30 -95.58 20.26
CA ALA G 1439 -73.62 -95.99 19.76
C ALA G 1439 -74.27 -94.86 18.98
N ASN G 1440 -73.91 -93.62 19.30
CA ASN G 1440 -74.37 -92.45 18.57
C ASN G 1440 -73.50 -92.12 17.37
N VAL G 1441 -72.47 -92.92 17.09
CA VAL G 1441 -71.53 -92.67 16.01
C VAL G 1441 -71.64 -93.80 15.00
N TRP G 1442 -71.77 -93.45 13.73
CA TRP G 1442 -71.80 -94.40 12.64
C TRP G 1442 -70.67 -94.08 11.66
N VAL G 1443 -70.00 -95.11 11.17
CA VAL G 1443 -68.88 -94.95 10.24
C VAL G 1443 -69.11 -95.84 9.03
N GLY G 1444 -68.83 -95.30 7.87
CA GLY G 1444 -68.96 -96.06 6.64
C GLY G 1444 -68.87 -95.15 5.42
N TRP G 1445 -69.42 -95.63 4.32
CA TRP G 1445 -69.43 -94.93 3.04
C TRP G 1445 -70.86 -94.62 2.64
N ILE G 1446 -71.04 -93.51 1.92
CA ILE G 1446 -72.33 -93.15 1.35
C ILE G 1446 -72.12 -92.72 -0.08
N THR G 1447 -73.20 -92.76 -0.85
CA THR G 1447 -73.17 -92.31 -2.24
C THR G 1447 -73.76 -90.91 -2.36
N SER G 1448 -73.81 -90.42 -3.60
CA SER G 1448 -74.32 -89.07 -3.83
C SER G 1448 -75.81 -88.98 -3.57
N ASP G 1449 -76.51 -90.11 -3.59
CA ASP G 1449 -77.96 -90.09 -3.49
C ASP G 1449 -78.45 -89.78 -2.07
N PHE G 1450 -77.57 -89.86 -1.08
CA PHE G 1450 -77.98 -89.69 0.32
C PHE G 1450 -78.55 -88.31 0.58
N HIS G 1451 -79.85 -88.23 0.85
CA HIS G 1451 -80.54 -86.97 1.12
C HIS G 1451 -81.52 -87.13 2.26
N GLN G 1452 -81.14 -87.86 3.30
CA GLN G 1452 -82.03 -88.15 4.42
C GLN G 1452 -81.51 -87.45 5.68
N TYR G 1453 -82.39 -86.72 6.35
CA TYR G 1453 -82.06 -86.00 7.57
C TYR G 1453 -83.02 -86.38 8.69
N ASP G 1454 -83.25 -87.67 8.87
CA ASP G 1454 -84.05 -88.12 10.00
C ASP G 1454 -83.26 -87.94 11.28
N THR G 1455 -83.89 -87.30 12.27
CA THR G 1455 -83.21 -87.09 13.55
C THR G 1455 -82.88 -88.41 14.23
N GLY G 1456 -83.69 -89.43 13.97
CA GLY G 1456 -83.37 -90.76 14.45
C GLY G 1456 -82.85 -91.64 13.33
N PHE G 1457 -81.53 -91.84 13.29
CA PHE G 1457 -80.92 -92.65 12.25
C PHE G 1457 -80.57 -94.03 12.79
N ASP G 1458 -80.93 -95.05 12.02
CA ASP G 1458 -80.58 -96.42 12.32
C ASP G 1458 -80.31 -97.16 11.02
N LEU G 1459 -79.54 -98.24 11.12
CA LEU G 1459 -79.12 -98.97 9.93
C LEU G 1459 -80.27 -99.69 9.24
N ASP G 1460 -81.44 -99.76 9.87
CA ASP G 1460 -82.57 -100.45 9.26
C ASP G 1460 -83.34 -99.54 8.31
N ARG G 1461 -83.31 -98.23 8.55
CA ARG G 1461 -84.08 -97.27 7.76
C ARG G 1461 -83.39 -96.89 6.45
N VAL G 1462 -82.13 -97.27 6.28
CA VAL G 1462 -81.41 -96.92 5.05
C VAL G 1462 -82.14 -97.46 3.84
N ARG G 1463 -82.17 -96.67 2.77
CA ARG G 1463 -82.93 -97.00 1.57
C ARG G 1463 -82.17 -98.07 0.79
N THR G 1464 -82.86 -99.15 0.44
CA THR G 1464 -82.23 -100.24 -0.28
C THR G 1464 -83.23 -100.89 -1.22
N VAL G 1465 -82.70 -101.51 -2.28
CA VAL G 1465 -83.47 -102.25 -3.25
C VAL G 1465 -82.63 -103.43 -3.70
N THR G 1466 -83.29 -104.44 -4.26
CA THR G 1466 -82.58 -105.62 -4.78
C THR G 1466 -83.13 -105.92 -6.17
N VAL G 1467 -82.38 -105.53 -7.20
CA VAL G 1467 -82.77 -105.85 -8.57
C VAL G 1467 -82.39 -107.30 -8.83
N THR G 1468 -83.37 -108.17 -9.02
CA THR G 1468 -83.12 -109.58 -9.30
C THR G 1468 -83.41 -109.81 -10.78
N LEU G 1469 -82.37 -110.18 -11.52
CA LEU G 1469 -82.50 -110.49 -12.93
C LEU G 1469 -82.42 -112.00 -13.11
N GLY G 1470 -83.45 -112.57 -13.73
CA GLY G 1470 -83.52 -113.99 -13.94
C GLY G 1470 -83.64 -114.31 -15.42
N ASP G 1471 -83.38 -115.58 -15.73
CA ASP G 1471 -83.44 -116.03 -17.12
C ASP G 1471 -84.90 -116.11 -17.59
N GLU G 1472 -85.08 -116.55 -18.83
CA GLU G 1472 -86.42 -116.69 -19.39
C GLU G 1472 -87.25 -117.71 -18.62
N LYS G 1473 -86.62 -118.76 -18.08
CA LYS G 1473 -87.35 -119.72 -17.26
C LYS G 1473 -87.84 -119.09 -15.96
N GLY G 1474 -87.11 -118.11 -15.45
CA GLY G 1474 -87.44 -117.45 -14.20
C GLY G 1474 -86.41 -117.64 -13.11
N LYS G 1475 -85.43 -118.52 -13.31
CA LYS G 1475 -84.40 -118.72 -12.32
C LYS G 1475 -83.54 -117.46 -12.21
N VAL G 1476 -83.38 -116.96 -10.98
CA VAL G 1476 -82.71 -115.69 -10.73
C VAL G 1476 -81.21 -115.91 -10.95
N HIS G 1477 -80.71 -115.49 -12.11
CA HIS G 1477 -79.30 -115.69 -12.40
C HIS G 1477 -78.42 -114.69 -11.65
N GLU G 1478 -78.98 -113.53 -11.29
CA GLU G 1478 -78.20 -112.59 -10.50
C GLU G 1478 -79.13 -111.70 -9.68
N SER G 1479 -78.60 -111.18 -8.58
CA SER G 1479 -79.32 -110.27 -7.70
C SER G 1479 -78.34 -109.20 -7.22
N ILE G 1480 -78.73 -107.94 -7.37
CA ILE G 1480 -77.86 -106.81 -7.04
C ILE G 1480 -78.55 -106.00 -5.95
N LYS G 1481 -77.88 -105.82 -4.82
CA LYS G 1481 -78.38 -104.96 -3.76
C LYS G 1481 -77.82 -103.56 -3.95
N ARG G 1482 -78.71 -102.57 -3.94
CA ARG G 1482 -78.33 -101.18 -4.14
C ARG G 1482 -78.83 -100.35 -2.96
N SER G 1483 -77.92 -99.57 -2.38
CA SER G 1483 -78.25 -98.69 -1.26
C SER G 1483 -77.34 -97.49 -1.32
N ASN G 1484 -77.84 -96.36 -0.81
CA ASN G 1484 -77.04 -95.15 -0.81
C ASN G 1484 -76.11 -95.11 0.40
N CYS G 1485 -76.44 -95.85 1.45
CA CYS G 1485 -75.72 -95.82 2.72
C CYS G 1485 -75.09 -97.17 3.01
N TYR G 1486 -73.78 -97.17 3.25
CA TYR G 1486 -73.03 -98.36 3.64
C TYR G 1486 -72.19 -98.00 4.87
N MET G 1487 -72.78 -98.14 6.06
CA MET G 1487 -72.14 -97.71 7.29
C MET G 1487 -72.37 -98.74 8.39
N VAL G 1488 -71.52 -98.66 9.41
CA VAL G 1488 -71.61 -99.51 10.58
C VAL G 1488 -71.57 -98.63 11.82
N CYS G 1489 -72.03 -99.20 12.94
CA CYS G 1489 -72.06 -98.48 14.20
C CYS G 1489 -70.90 -98.90 15.09
N ALA G 1490 -70.26 -97.90 15.70
CA ALA G 1490 -69.14 -98.19 16.59
C ALA G 1490 -69.58 -98.90 17.86
N GLY G 1491 -70.77 -98.57 18.37
CA GLY G 1491 -71.27 -99.25 19.55
C GLY G 1491 -71.37 -100.76 19.35
N GLU G 1492 -71.92 -101.17 18.21
CA GLU G 1492 -71.99 -102.60 17.92
C GLU G 1492 -70.63 -103.14 17.52
N SER G 1493 -69.78 -102.32 16.91
CA SER G 1493 -68.44 -102.77 16.57
C SER G 1493 -67.60 -103.04 17.81
N MET G 1494 -68.03 -102.54 18.97
CA MET G 1494 -67.35 -102.88 20.23
C MET G 1494 -67.62 -104.35 20.56
N SER G 1495 -67.02 -105.23 19.76
CA SER G 1495 -67.15 -106.65 20.05
C SER G 1495 -66.53 -107.02 21.39
N PRO G 1496 -65.32 -106.57 21.75
CA PRO G 1496 -64.85 -106.83 23.11
C PRO G 1496 -65.64 -106.07 24.17
N GLY G 1497 -66.18 -104.91 23.83
CA GLY G 1497 -66.89 -104.07 24.79
C GLY G 1497 -65.97 -103.09 25.50
N GLN G 1498 -66.49 -101.87 25.68
CA GLN G 1498 -65.72 -100.75 26.25
C GLN G 1498 -64.42 -100.51 25.49
N GLY G 1499 -64.41 -100.75 24.18
CA GLY G 1499 -63.23 -100.42 23.40
C GLY G 1499 -62.99 -98.92 23.32
N ARG G 1500 -64.07 -98.14 23.27
CA ARG G 1500 -63.98 -96.68 23.28
C ARG G 1500 -63.58 -96.13 24.64
N ASN G 1501 -63.63 -96.93 25.70
CA ASN G 1501 -63.35 -96.44 27.05
C ASN G 1501 -61.85 -96.25 27.26
N ASN G 1502 -61.09 -97.35 27.20
CA ASN G 1502 -59.66 -97.29 27.51
C ASN G 1502 -58.92 -96.37 26.55
N ASN G 1503 -59.23 -96.50 25.26
CA ASN G 1503 -58.66 -95.63 24.24
C ASN G 1503 -59.77 -95.27 23.25
N GLY G 1504 -59.49 -94.26 22.43
CA GLY G 1504 -60.42 -93.94 21.36
C GLY G 1504 -60.63 -95.12 20.44
N LEU G 1505 -61.88 -95.37 20.09
CA LEU G 1505 -62.18 -96.47 19.18
C LEU G 1505 -61.77 -96.09 17.77
N GLU G 1506 -61.23 -97.07 17.03
CA GLU G 1506 -60.76 -96.84 15.66
C GLU G 1506 -61.54 -97.77 14.73
N ILE G 1507 -62.41 -97.18 13.90
CA ILE G 1507 -63.02 -97.94 12.82
C ILE G 1507 -62.28 -97.66 11.54
N GLY G 1508 -61.74 -98.71 10.91
CA GLY G 1508 -61.03 -98.55 9.67
C GLY G 1508 -61.82 -99.13 8.51
N CYS G 1509 -62.12 -98.29 7.53
CA CYS G 1509 -62.89 -98.68 6.37
C CYS G 1509 -61.93 -98.96 5.22
N VAL G 1510 -62.03 -100.15 4.65
CA VAL G 1510 -61.25 -100.54 3.47
C VAL G 1510 -62.21 -100.87 2.34
N VAL G 1511 -61.94 -100.28 1.17
CA VAL G 1511 -62.74 -100.47 -0.03
C VAL G 1511 -61.86 -101.08 -1.11
N ASP G 1512 -62.33 -102.16 -1.73
CA ASP G 1512 -61.63 -102.79 -2.84
C ASP G 1512 -62.24 -102.28 -4.13
N ALA G 1513 -61.64 -101.24 -4.69
CA ALA G 1513 -62.17 -100.62 -5.91
C ALA G 1513 -62.19 -101.59 -7.09
N ALA G 1514 -61.36 -102.62 -7.08
CA ALA G 1514 -61.35 -103.59 -8.16
C ALA G 1514 -62.48 -104.60 -8.06
N SER G 1515 -63.01 -104.83 -6.86
CA SER G 1515 -64.08 -105.80 -6.66
C SER G 1515 -65.31 -105.24 -5.99
N GLY G 1516 -65.26 -104.02 -5.46
CA GLY G 1516 -66.42 -103.44 -4.82
C GLY G 1516 -66.75 -104.00 -3.47
N LEU G 1517 -65.77 -104.55 -2.75
CA LEU G 1517 -66.02 -105.08 -1.42
C LEU G 1517 -65.66 -104.02 -0.38
N LEU G 1518 -66.61 -103.73 0.51
CA LEU G 1518 -66.41 -102.77 1.58
C LEU G 1518 -66.35 -103.56 2.88
N THR G 1519 -65.24 -103.43 3.62
CA THR G 1519 -65.09 -104.12 4.89
C THR G 1519 -64.55 -103.16 5.94
N PHE G 1520 -64.76 -103.52 7.20
CA PHE G 1520 -64.47 -102.65 8.33
C PHE G 1520 -63.69 -103.43 9.36
N ILE G 1521 -62.66 -102.79 9.93
CA ILE G 1521 -61.84 -103.40 10.96
C ILE G 1521 -61.89 -102.50 12.19
N ALA G 1522 -62.26 -103.08 13.33
CA ALA G 1522 -62.30 -102.35 14.59
C ALA G 1522 -61.37 -103.03 15.58
N ASN G 1523 -60.46 -102.24 16.16
CA ASN G 1523 -59.48 -102.73 17.13
C ASN G 1523 -58.67 -103.88 16.57
N GLY G 1524 -58.30 -103.81 15.30
CA GLY G 1524 -57.41 -104.78 14.69
C GLY G 1524 -58.05 -106.07 14.22
N LYS G 1525 -59.37 -106.20 14.33
CA LYS G 1525 -60.07 -107.40 13.87
C LYS G 1525 -61.18 -106.99 12.93
N GLU G 1526 -61.38 -107.79 11.88
CA GLU G 1526 -62.34 -107.45 10.83
C GLU G 1526 -63.75 -107.76 11.30
N LEU G 1527 -64.63 -106.76 11.26
CA LEU G 1527 -66.00 -106.93 11.71
C LEU G 1527 -66.80 -107.77 10.71
N SER G 1528 -67.84 -108.42 11.23
CA SER G 1528 -68.63 -109.34 10.40
C SER G 1528 -69.34 -108.62 9.27
N THR G 1529 -69.89 -107.45 9.53
CA THR G 1529 -70.67 -106.74 8.51
C THR G 1529 -69.76 -106.31 7.36
N TYR G 1530 -70.17 -106.67 6.14
CA TYR G 1530 -69.45 -106.29 4.93
C TYR G 1530 -70.46 -105.98 3.86
N TYR G 1531 -70.06 -105.18 2.88
CA TYR G 1531 -70.96 -104.74 1.82
C TYR G 1531 -70.36 -105.07 0.47
N GLN G 1532 -71.22 -105.32 -0.51
CA GLN G 1532 -70.80 -105.51 -1.90
C GLN G 1532 -71.53 -104.51 -2.77
N VAL G 1533 -70.78 -103.68 -3.48
CA VAL G 1533 -71.35 -102.64 -4.30
C VAL G 1533 -71.16 -102.99 -5.77
N GLU G 1534 -72.07 -102.49 -6.60
CA GLU G 1534 -72.01 -102.71 -8.04
C GLU G 1534 -70.91 -101.84 -8.66
N PRO G 1535 -70.44 -102.21 -9.85
CA PRO G 1535 -69.36 -101.45 -10.48
C PRO G 1535 -69.77 -100.01 -10.76
N SER G 1536 -68.77 -99.13 -10.79
CA SER G 1536 -68.85 -97.71 -11.10
C SER G 1536 -69.49 -96.91 -9.97
N THR G 1537 -69.63 -97.48 -8.79
CA THR G 1537 -70.19 -96.73 -7.67
C THR G 1537 -69.16 -95.75 -7.13
N LYS G 1538 -69.61 -94.53 -6.83
CA LYS G 1538 -68.78 -93.52 -6.17
C LYS G 1538 -69.18 -93.49 -4.70
N LEU G 1539 -68.23 -93.82 -3.83
CA LEU G 1539 -68.47 -93.89 -2.39
C LEU G 1539 -67.80 -92.73 -1.69
N PHE G 1540 -68.55 -91.99 -0.92
CA PHE G 1540 -68.02 -90.88 -0.13
C PHE G 1540 -67.79 -91.34 1.30
N PRO G 1541 -66.60 -91.15 1.85
CA PRO G 1541 -66.42 -91.41 3.28
C PRO G 1541 -67.39 -90.56 4.09
N ALA G 1542 -68.00 -91.17 5.10
CA ALA G 1542 -69.07 -90.50 5.82
C ALA G 1542 -69.12 -90.98 7.26
N VAL G 1543 -69.46 -90.05 8.15
CA VAL G 1543 -69.65 -90.35 9.57
C VAL G 1543 -70.93 -89.64 10.02
N PHE G 1544 -71.84 -90.39 10.63
CA PHE G 1544 -73.02 -89.81 11.24
C PHE G 1544 -72.87 -89.88 12.75
N ALA G 1545 -72.88 -88.74 13.41
CA ALA G 1545 -72.57 -88.72 14.82
C ALA G 1545 -73.51 -87.80 15.57
N GLN G 1546 -73.97 -88.24 16.74
CA GLN G 1546 -74.67 -87.40 17.69
C GLN G 1546 -73.70 -87.04 18.79
N ALA G 1547 -73.36 -85.76 18.90
CA ALA G 1547 -72.29 -85.34 19.78
C ALA G 1547 -72.69 -85.48 21.23
N THR G 1548 -71.98 -86.34 21.96
CA THR G 1548 -72.13 -86.47 23.40
C THR G 1548 -70.90 -85.98 24.15
N SER G 1549 -70.05 -85.19 23.50
CA SER G 1549 -68.82 -84.73 24.10
C SER G 1549 -68.37 -83.49 23.33
N PRO G 1550 -67.52 -82.66 23.94
CA PRO G 1550 -67.00 -81.51 23.18
C PRO G 1550 -66.23 -81.92 21.94
N ASN G 1551 -65.48 -83.02 22.00
CA ASN G 1551 -64.76 -83.56 20.86
C ASN G 1551 -65.54 -84.76 20.34
N VAL G 1552 -65.88 -84.75 19.06
CA VAL G 1552 -66.78 -85.75 18.52
C VAL G 1552 -66.00 -86.89 17.87
N PHE G 1553 -65.23 -86.61 16.83
CA PHE G 1553 -64.47 -87.67 16.18
C PHE G 1553 -63.34 -87.08 15.35
N GLN G 1554 -62.60 -87.98 14.70
CA GLN G 1554 -61.45 -87.59 13.89
C GLN G 1554 -61.31 -88.49 12.67
N PHE G 1555 -61.37 -87.89 11.49
CA PHE G 1555 -61.02 -88.57 10.26
C PHE G 1555 -59.50 -88.72 10.21
N GLU G 1556 -59.01 -89.94 10.07
CA GLU G 1556 -57.59 -90.20 9.87
C GLU G 1556 -57.38 -90.76 8.49
N LEU G 1557 -56.53 -90.11 7.70
CA LEU G 1557 -56.27 -90.51 6.33
C LEU G 1557 -54.99 -91.34 6.22
N GLY G 1558 -54.73 -92.16 7.24
CA GLY G 1558 -53.58 -93.02 7.25
C GLY G 1558 -53.78 -94.26 6.42
N ARG G 1559 -52.82 -95.18 6.55
CA ARG G 1559 -52.83 -96.41 5.78
C ARG G 1559 -52.35 -97.56 6.65
N ILE G 1560 -52.74 -98.77 6.26
CA ILE G 1560 -52.38 -99.97 7.01
C ILE G 1560 -51.63 -100.93 6.09
N LYS G 1561 -51.31 -102.11 6.61
CA LYS G 1561 -50.58 -103.11 5.86
C LYS G 1561 -51.30 -103.46 4.56
N ASN G 1562 -50.57 -103.41 3.45
CA ASN G 1562 -51.03 -103.83 2.13
C ASN G 1562 -52.21 -103.04 1.60
N VAL G 1563 -52.53 -101.89 2.18
CA VAL G 1563 -53.64 -101.06 1.72
C VAL G 1563 -53.12 -99.65 1.46
N MET G 1564 -53.35 -99.14 0.26
CA MET G 1564 -52.86 -97.83 -0.11
C MET G 1564 -53.83 -96.75 0.41
N PRO G 1565 -53.30 -95.64 0.92
CA PRO G 1565 -54.16 -94.67 1.61
C PRO G 1565 -55.16 -94.01 0.67
N LEU G 1566 -56.09 -93.28 1.30
CA LEU G 1566 -57.26 -92.71 0.64
C LEU G 1566 -56.91 -91.65 -0.39
N SER G 1567 -55.89 -90.84 -0.15
CA SER G 1567 -55.50 -89.80 -1.08
C SER G 1567 -55.10 -90.36 -2.44
N ALA G 1568 -54.49 -91.55 -2.47
CA ALA G 1568 -54.14 -92.17 -3.74
C ALA G 1568 -55.38 -92.48 -4.56
N GLY G 1569 -56.42 -93.00 -3.92
CA GLY G 1569 -57.68 -93.27 -4.61
C GLY G 1569 -58.38 -92.01 -5.04
N LEU G 1570 -58.34 -90.98 -4.19
CA LEU G 1570 -59.05 -89.74 -4.50
C LEU G 1570 -58.39 -88.99 -5.66
N PHE G 1571 -57.11 -88.66 -5.51
CA PHE G 1571 -56.40 -87.90 -6.52
C PHE G 1571 -55.76 -88.82 -7.55
N LYS G 1572 -55.82 -88.39 -8.81
CA LYS G 1572 -55.20 -89.11 -9.92
C LYS G 1572 -53.69 -88.92 -9.97
N SER G 1573 -53.20 -87.76 -9.53
CA SER G 1573 -51.76 -87.51 -9.53
C SER G 1573 -51.03 -88.44 -8.57
N GLU G 1574 -51.63 -88.72 -7.40
CA GLU G 1574 -51.01 -89.55 -6.39
C GLU G 1574 -51.48 -91.00 -6.48
N HIS G 1575 -51.83 -91.47 -7.67
CA HIS G 1575 -52.32 -92.84 -7.82
C HIS G 1575 -51.26 -93.86 -7.45
N LYS G 1576 -49.99 -93.47 -7.46
CA LYS G 1576 -48.89 -94.34 -7.11
C LYS G 1576 -48.07 -93.80 -5.94
N ASN G 1577 -48.68 -92.98 -5.07
CA ASN G 1577 -47.94 -92.39 -3.96
C ASN G 1577 -48.37 -93.06 -2.66
N PRO G 1578 -47.54 -93.92 -2.07
CA PRO G 1578 -47.93 -94.56 -0.80
C PRO G 1578 -48.09 -93.59 0.35
N VAL G 1579 -47.48 -92.41 0.27
CA VAL G 1579 -47.51 -91.48 1.40
C VAL G 1579 -48.92 -90.92 1.54
N PRO G 1580 -49.53 -90.99 2.73
CA PRO G 1580 -50.85 -90.37 2.92
C PRO G 1580 -50.77 -88.86 2.77
N GLN G 1581 -51.86 -88.27 2.27
CA GLN G 1581 -51.93 -86.84 2.04
C GLN G 1581 -53.33 -86.33 2.32
N CYS G 1582 -53.40 -85.07 2.73
CA CYS G 1582 -54.68 -84.38 2.94
C CYS G 1582 -54.62 -83.02 2.25
N PRO G 1583 -54.72 -82.99 0.93
CA PRO G 1583 -54.64 -81.72 0.20
C PRO G 1583 -55.85 -80.85 0.50
N PRO G 1584 -55.76 -79.55 0.23
CA PRO G 1584 -56.83 -78.63 0.63
C PRO G 1584 -58.18 -78.93 0.01
N ARG G 1585 -58.22 -79.64 -1.12
CA ARG G 1585 -59.50 -79.96 -1.75
C ARG G 1585 -60.36 -80.81 -0.82
N LEU G 1586 -59.75 -81.79 -0.16
CA LEU G 1586 -60.49 -82.61 0.79
C LEU G 1586 -60.90 -81.78 1.99
N HIS G 1587 -62.20 -81.84 2.33
CA HIS G 1587 -62.72 -81.09 3.46
C HIS G 1587 -64.04 -81.70 3.90
N VAL G 1588 -64.39 -81.46 5.16
CA VAL G 1588 -65.62 -82.03 5.70
C VAL G 1588 -66.82 -81.22 5.25
N GLN G 1589 -67.87 -81.92 4.83
CA GLN G 1589 -69.12 -81.31 4.41
C GLN G 1589 -70.25 -81.91 5.23
N PHE G 1590 -71.13 -81.05 5.75
CA PHE G 1590 -72.21 -81.50 6.60
C PHE G 1590 -73.54 -81.28 5.91
N LEU G 1591 -74.47 -82.20 6.14
CA LEU G 1591 -75.79 -82.10 5.52
C LEU G 1591 -76.55 -80.91 6.11
N SER G 1592 -77.20 -80.14 5.25
CA SER G 1592 -77.84 -78.90 5.70
C SER G 1592 -79.01 -78.55 4.79
N HIS G 1593 -79.85 -77.62 5.27
CA HIS G 1593 -81.02 -77.16 4.54
C HIS G 1593 -80.95 -75.67 4.21
N VAL G 1594 -79.76 -75.07 4.19
CA VAL G 1594 -79.64 -73.63 4.11
C VAL G 1594 -79.55 -73.20 2.64
N LEU G 1595 -79.85 -74.13 1.73
CA LEU G 1595 -79.74 -73.86 0.31
C LEU G 1595 -81.08 -73.43 -0.29
N TRP G 1596 -81.00 -72.58 -1.31
CA TRP G 1596 -82.17 -72.13 -2.07
C TRP G 1596 -82.32 -72.97 -3.33
N SER G 1597 -83.44 -72.78 -4.02
CA SER G 1597 -83.72 -73.50 -5.25
C SER G 1597 -84.52 -72.63 -6.20
N ARG G 1598 -84.12 -72.64 -7.47
CA ARG G 1598 -84.71 -71.77 -8.48
C ARG G 1598 -85.84 -72.48 -9.21
N MET G 1599 -87.05 -71.87 -9.19
CA MET G 1599 -88.09 -72.50 -9.99
C MET G 1599 -87.85 -72.19 -11.46
N PRO G 1600 -88.06 -73.15 -12.35
CA PRO G 1600 -87.91 -72.88 -13.78
C PRO G 1600 -88.91 -71.84 -14.24
N ASN G 1601 -88.48 -71.01 -15.20
CA ASN G 1601 -89.37 -69.99 -15.74
C ASN G 1601 -90.53 -70.63 -16.50
N GLN G 1602 -90.27 -71.77 -17.13
CA GLN G 1602 -91.29 -72.47 -17.91
C GLN G 1602 -91.22 -73.96 -17.62
N PHE G 1603 -92.40 -74.58 -17.56
CA PHE G 1603 -92.52 -76.01 -17.34
C PHE G 1603 -93.09 -76.69 -18.57
N LEU G 1604 -92.97 -78.01 -18.61
CA LEU G 1604 -93.54 -78.78 -19.71
C LEU G 1604 -95.06 -78.66 -19.71
N LYS G 1605 -95.62 -78.46 -20.90
CA LYS G 1605 -97.07 -78.39 -21.06
C LYS G 1605 -97.61 -79.80 -21.28
N VAL G 1606 -98.32 -80.32 -20.28
CA VAL G 1606 -98.89 -81.67 -20.32
C VAL G 1606 -100.38 -81.56 -20.12
N ASP G 1607 -101.15 -82.20 -21.00
CA ASP G 1607 -102.60 -82.22 -20.86
C ASP G 1607 -103.08 -83.63 -20.56
N VAL G 1608 -103.98 -83.74 -19.61
CA VAL G 1608 -104.48 -85.02 -19.11
C VAL G 1608 -105.99 -84.96 -19.05
N SER G 1609 -106.65 -86.05 -19.44
CA SER G 1609 -108.10 -86.09 -19.44
C SER G 1609 -108.60 -87.52 -19.59
N ARG G 1610 -109.76 -87.79 -19.01
CA ARG G 1610 -110.40 -89.09 -19.19
C ARG G 1610 -111.09 -89.13 -20.54
N ILE G 1611 -110.53 -89.88 -21.48
CA ILE G 1611 -111.12 -89.96 -22.82
C ILE G 1611 -112.47 -90.66 -22.76
N SER G 1612 -112.54 -91.82 -22.10
CA SER G 1612 -113.79 -92.56 -21.99
C SER G 1612 -113.64 -93.60 -20.90
N GLU G 1613 -114.74 -94.31 -20.65
CA GLU G 1613 -114.72 -95.40 -19.68
C GLU G 1613 -113.74 -96.48 -20.10
N ARG G 1614 -113.75 -96.84 -21.39
CA ARG G 1614 -112.84 -97.87 -21.89
C ARG G 1614 -111.42 -97.33 -22.04
N GLN G 1615 -111.29 -96.07 -22.48
CA GLN G 1615 -109.99 -95.56 -22.86
C GLN G 1615 -109.10 -95.23 -21.66
N GLY G 1616 -109.65 -95.12 -20.48
CA GLY G 1616 -108.85 -94.73 -19.35
C GLY G 1616 -108.47 -93.26 -19.41
N TRP G 1617 -107.47 -92.91 -18.63
CA TRP G 1617 -106.97 -91.54 -18.64
C TRP G 1617 -105.90 -91.38 -19.69
N LEU G 1618 -105.76 -90.16 -20.21
CA LEU G 1618 -104.78 -89.87 -21.24
C LEU G 1618 -103.87 -88.74 -20.77
N VAL G 1619 -102.56 -88.99 -20.90
CA VAL G 1619 -101.51 -88.04 -20.56
C VAL G 1619 -100.72 -87.77 -21.82
N GLN G 1620 -100.73 -86.53 -22.29
CA GLN G 1620 -100.10 -86.17 -23.56
C GLN G 1620 -99.18 -84.99 -23.36
N CYS G 1621 -98.02 -85.04 -24.00
CA CYS G 1621 -97.05 -83.94 -23.98
C CYS G 1621 -96.35 -83.92 -25.33
N LEU G 1622 -96.39 -82.77 -26.01
CA LEU G 1622 -95.90 -82.68 -27.37
C LEU G 1622 -94.93 -81.52 -27.61
N ASP G 1623 -94.74 -80.64 -26.63
CA ASP G 1623 -93.88 -79.48 -26.81
C ASP G 1623 -92.55 -79.69 -26.12
N PRO G 1624 -91.42 -79.54 -26.82
CA PRO G 1624 -90.12 -79.82 -26.23
C PRO G 1624 -89.53 -78.64 -25.47
N LEU G 1625 -88.88 -78.95 -24.35
CA LEU G 1625 -88.15 -77.99 -23.55
C LEU G 1625 -86.84 -78.61 -23.12
N GLN G 1626 -85.83 -77.76 -22.89
CA GLN G 1626 -84.52 -78.23 -22.46
C GLN G 1626 -83.92 -77.21 -21.51
N PHE G 1627 -83.08 -77.69 -20.61
CA PHE G 1627 -82.30 -76.85 -19.73
C PHE G 1627 -80.85 -77.31 -19.76
N MET G 1628 -79.92 -76.37 -19.74
CA MET G 1628 -78.52 -76.72 -19.79
C MET G 1628 -78.00 -76.96 -18.37
N SER G 1629 -77.58 -78.19 -18.11
CA SER G 1629 -77.22 -78.63 -16.77
C SER G 1629 -75.71 -78.55 -16.61
N LEU G 1630 -75.27 -77.94 -15.52
CA LEU G 1630 -73.85 -77.86 -15.19
C LEU G 1630 -73.53 -78.94 -14.17
N HIS G 1631 -72.57 -79.79 -14.47
CA HIS G 1631 -72.25 -80.96 -13.65
C HIS G 1631 -70.97 -80.67 -12.87
N ILE G 1632 -71.08 -80.71 -11.54
CA ILE G 1632 -69.93 -80.64 -10.66
C ILE G 1632 -69.28 -82.02 -10.63
N PRO G 1633 -68.04 -82.15 -11.09
CA PRO G 1633 -67.46 -83.50 -11.23
C PRO G 1633 -67.20 -84.20 -9.91
N GLU G 1634 -66.59 -83.51 -8.95
CA GLU G 1634 -66.17 -84.18 -7.71
C GLU G 1634 -67.36 -84.59 -6.86
N GLU G 1635 -68.45 -83.82 -6.90
CA GLU G 1635 -69.62 -84.11 -6.08
C GLU G 1635 -70.64 -84.99 -6.78
N ASN G 1636 -70.42 -85.31 -8.05
CA ASN G 1636 -71.35 -86.12 -8.84
C ASN G 1636 -72.75 -85.50 -8.81
N ARG G 1637 -72.80 -84.18 -8.88
CA ARG G 1637 -74.04 -83.43 -8.84
C ARG G 1637 -74.30 -82.79 -10.20
N SER G 1638 -75.48 -82.20 -10.34
CA SER G 1638 -75.86 -81.51 -11.56
C SER G 1638 -76.85 -80.43 -11.21
N VAL G 1639 -76.60 -79.21 -11.66
CA VAL G 1639 -77.46 -78.07 -11.41
C VAL G 1639 -77.71 -77.35 -12.73
N ASP G 1640 -78.92 -76.81 -12.87
CA ASP G 1640 -79.20 -75.98 -14.03
C ASP G 1640 -78.28 -74.77 -14.03
N ILE G 1641 -77.75 -74.45 -15.21
CA ILE G 1641 -76.74 -73.39 -15.30
C ILE G 1641 -77.30 -72.05 -14.89
N LEU G 1642 -78.61 -71.84 -15.00
CA LEU G 1642 -79.21 -70.60 -14.55
C LEU G 1642 -79.18 -70.46 -13.03
N GLU G 1643 -78.94 -71.56 -12.31
CA GLU G 1643 -78.79 -71.49 -10.86
C GLU G 1643 -77.49 -70.81 -10.45
N LEU G 1644 -76.57 -70.58 -11.38
CA LEU G 1644 -75.31 -69.93 -11.08
C LEU G 1644 -75.46 -68.42 -10.93
N THR G 1645 -76.67 -67.90 -11.13
CA THR G 1645 -76.92 -66.48 -10.90
C THR G 1645 -76.70 -66.08 -9.45
N GLU G 1646 -76.84 -67.02 -8.52
CA GLU G 1646 -76.62 -66.76 -7.11
C GLU G 1646 -75.39 -67.45 -6.54
N GLN G 1647 -74.81 -68.40 -7.27
CA GLN G 1647 -73.57 -69.05 -6.84
C GLN G 1647 -72.41 -68.33 -7.52
N GLU G 1648 -71.89 -67.31 -6.82
CA GLU G 1648 -70.91 -66.43 -7.43
C GLU G 1648 -69.60 -67.14 -7.74
N GLU G 1649 -69.14 -68.01 -6.84
CA GLU G 1649 -67.86 -68.68 -7.06
C GLU G 1649 -67.89 -69.58 -8.28
N LEU G 1650 -68.96 -70.38 -8.43
CA LEU G 1650 -69.07 -71.23 -9.61
C LEU G 1650 -69.22 -70.39 -10.88
N LEU G 1651 -69.97 -69.29 -10.80
CA LEU G 1651 -70.12 -68.42 -11.96
C LEU G 1651 -68.77 -67.89 -12.43
N LYS G 1652 -67.95 -67.40 -11.49
CA LYS G 1652 -66.65 -66.85 -11.86
C LYS G 1652 -65.73 -67.93 -12.40
N PHE G 1653 -65.70 -69.09 -11.74
CA PHE G 1653 -64.83 -70.17 -12.20
C PHE G 1653 -65.22 -70.64 -13.58
N HIS G 1654 -66.52 -70.77 -13.84
CA HIS G 1654 -66.97 -71.18 -15.16
C HIS G 1654 -66.74 -70.12 -16.22
N TYR G 1655 -66.86 -68.84 -15.88
CA TYR G 1655 -66.51 -67.79 -16.83
C TYR G 1655 -65.04 -67.86 -17.22
N HIS G 1656 -64.17 -68.07 -16.24
CA HIS G 1656 -62.76 -68.23 -16.56
C HIS G 1656 -62.48 -69.53 -17.31
N THR G 1657 -63.24 -70.59 -17.05
CA THR G 1657 -63.12 -71.80 -17.86
C THR G 1657 -63.49 -71.54 -19.32
N LEU G 1658 -64.55 -70.76 -19.54
CA LEU G 1658 -64.91 -70.38 -20.90
C LEU G 1658 -63.82 -69.55 -21.55
N ARG G 1659 -63.21 -68.64 -20.79
CA ARG G 1659 -62.11 -67.85 -21.33
C ARG G 1659 -60.93 -68.75 -21.70
N LEU G 1660 -60.66 -69.77 -20.89
CA LEU G 1660 -59.60 -70.72 -21.24
C LEU G 1660 -59.96 -71.50 -22.49
N TYR G 1661 -61.23 -71.88 -22.64
CA TYR G 1661 -61.66 -72.55 -23.85
C TYR G 1661 -61.43 -71.69 -25.07
N SER G 1662 -61.72 -70.40 -24.98
CA SER G 1662 -61.44 -69.49 -26.08
C SER G 1662 -59.95 -69.38 -26.34
N ALA G 1663 -59.15 -69.26 -25.29
CA ALA G 1663 -57.71 -69.06 -25.43
C ALA G 1663 -57.01 -70.26 -26.06
N VAL G 1664 -57.40 -71.48 -25.70
CA VAL G 1664 -56.68 -72.64 -26.22
C VAL G 1664 -56.92 -72.81 -27.72
N CYS G 1665 -58.08 -72.38 -28.22
CA CYS G 1665 -58.39 -72.48 -29.64
C CYS G 1665 -58.21 -71.16 -30.36
N ALA G 1666 -57.68 -70.15 -29.68
CA ALA G 1666 -57.47 -68.84 -30.28
C ALA G 1666 -56.40 -68.90 -31.36
N LEU G 1667 -56.54 -68.01 -32.34
CA LEU G 1667 -55.57 -67.84 -33.42
C LEU G 1667 -55.39 -69.12 -34.23
N GLY G 1668 -56.49 -69.58 -34.82
CA GLY G 1668 -56.42 -70.65 -35.80
C GLY G 1668 -55.88 -71.98 -35.29
N ASN G 1669 -56.27 -72.37 -34.08
CA ASN G 1669 -55.93 -73.71 -33.59
C ASN G 1669 -57.10 -74.63 -33.87
N HIS G 1670 -57.18 -75.06 -35.13
CA HIS G 1670 -58.34 -75.78 -35.62
C HIS G 1670 -58.51 -77.14 -34.94
N ARG G 1671 -57.39 -77.82 -34.66
CA ARG G 1671 -57.48 -79.11 -33.99
C ARG G 1671 -58.06 -78.95 -32.59
N VAL G 1672 -57.62 -77.92 -31.86
CA VAL G 1672 -58.16 -77.68 -30.53
C VAL G 1672 -59.62 -77.27 -30.61
N ALA G 1673 -59.99 -76.53 -31.67
CA ALA G 1673 -61.40 -76.19 -31.86
C ALA G 1673 -62.24 -77.44 -32.08
N HIS G 1674 -61.74 -78.37 -32.89
CA HIS G 1674 -62.44 -79.62 -33.10
C HIS G 1674 -62.58 -80.39 -31.80
N ALA G 1675 -61.52 -80.40 -30.98
CA ALA G 1675 -61.60 -81.06 -29.68
C ALA G 1675 -62.64 -80.41 -28.79
N LEU G 1676 -62.68 -79.08 -28.78
CA LEU G 1676 -63.63 -78.35 -27.95
C LEU G 1676 -65.07 -78.51 -28.41
N CYS G 1677 -65.28 -78.83 -29.69
CA CYS G 1677 -66.65 -79.10 -30.13
C CYS G 1677 -67.25 -80.28 -29.38
N SER G 1678 -66.42 -81.21 -28.90
CA SER G 1678 -66.93 -82.29 -28.08
C SER G 1678 -67.45 -81.79 -26.73
N HIS G 1679 -66.71 -80.90 -26.08
CA HIS G 1679 -67.09 -80.41 -24.76
C HIS G 1679 -68.24 -79.42 -24.81
N VAL G 1680 -68.24 -78.54 -25.80
CA VAL G 1680 -69.31 -77.55 -25.97
C VAL G 1680 -69.94 -77.82 -27.33
N ASP G 1681 -71.14 -78.41 -27.31
CA ASP G 1681 -71.83 -78.76 -28.52
C ASP G 1681 -72.58 -77.56 -29.10
N GLU G 1682 -72.92 -77.65 -30.37
CA GLU G 1682 -73.64 -76.56 -31.02
C GLU G 1682 -75.05 -76.38 -30.49
N PRO G 1683 -75.77 -77.42 -30.03
CA PRO G 1683 -77.04 -77.14 -29.33
C PRO G 1683 -76.84 -76.32 -28.07
N GLN G 1684 -75.80 -76.61 -27.29
CA GLN G 1684 -75.52 -75.81 -26.10
C GLN G 1684 -75.18 -74.38 -26.50
N LEU G 1685 -74.37 -74.22 -27.54
CA LEU G 1685 -74.01 -72.88 -27.99
C LEU G 1685 -75.25 -72.10 -28.42
N LEU G 1686 -76.15 -72.73 -29.18
CA LEU G 1686 -77.35 -72.03 -29.63
C LEU G 1686 -78.29 -71.71 -28.48
N TYR G 1687 -78.39 -72.63 -27.51
CA TYR G 1687 -79.23 -72.36 -26.35
C TYR G 1687 -78.69 -71.18 -25.56
N ALA G 1688 -77.36 -71.09 -25.45
CA ALA G 1688 -76.76 -69.90 -24.84
C ALA G 1688 -76.99 -68.66 -25.68
N ILE G 1689 -76.98 -68.82 -27.00
CA ILE G 1689 -77.29 -67.71 -27.90
C ILE G 1689 -78.65 -67.13 -27.56
N GLU G 1690 -79.65 -67.98 -27.40
CA GLU G 1690 -81.03 -67.54 -27.38
C GLU G 1690 -81.58 -67.29 -25.98
N ASN G 1691 -81.03 -67.93 -24.95
CA ASN G 1691 -81.63 -67.87 -23.63
C ASN G 1691 -81.63 -66.45 -23.08
N LYS G 1692 -82.76 -66.05 -22.49
CA LYS G 1692 -82.95 -64.69 -22.01
C LYS G 1692 -82.76 -64.56 -20.50
N TYR G 1693 -82.40 -65.64 -19.80
CA TYR G 1693 -82.18 -65.59 -18.37
C TYR G 1693 -80.73 -65.90 -17.99
N MET G 1694 -79.86 -66.14 -18.96
CA MET G 1694 -78.50 -66.53 -18.67
C MET G 1694 -77.74 -65.37 -18.01
N PRO G 1695 -76.87 -65.65 -17.06
CA PRO G 1695 -76.05 -64.59 -16.46
C PRO G 1695 -75.18 -63.91 -17.50
N GLY G 1696 -74.90 -62.63 -17.26
CA GLY G 1696 -74.20 -61.83 -18.25
C GLY G 1696 -72.82 -62.36 -18.55
N LEU G 1697 -72.09 -62.79 -17.52
CA LEU G 1697 -70.75 -63.31 -17.74
C LEU G 1697 -70.77 -64.55 -18.61
N LEU G 1698 -71.70 -65.47 -18.33
CA LEU G 1698 -71.80 -66.68 -19.14
C LEU G 1698 -72.25 -66.37 -20.56
N ARG G 1699 -73.16 -65.41 -20.72
CA ARG G 1699 -73.56 -64.98 -22.05
C ARG G 1699 -72.38 -64.46 -22.85
N ALA G 1700 -71.60 -63.56 -22.27
CA ALA G 1700 -70.44 -62.98 -22.93
C ALA G 1700 -69.34 -63.99 -23.18
N GLY G 1701 -69.23 -65.03 -22.35
CA GLY G 1701 -68.26 -66.06 -22.60
C GLY G 1701 -68.70 -67.03 -23.68
N TYR G 1702 -69.99 -67.34 -23.71
CA TYR G 1702 -70.48 -68.31 -24.68
C TYR G 1702 -70.53 -67.72 -26.09
N TYR G 1703 -70.87 -66.43 -26.22
CA TYR G 1703 -70.76 -65.86 -27.56
C TYR G 1703 -69.31 -65.84 -28.02
N ASP G 1704 -68.38 -65.60 -27.10
CA ASP G 1704 -66.97 -65.63 -27.44
C ASP G 1704 -66.55 -67.02 -27.91
N LEU G 1705 -67.00 -68.07 -27.23
CA LEU G 1705 -66.71 -69.41 -27.72
C LEU G 1705 -67.32 -69.68 -29.08
N LEU G 1706 -68.58 -69.27 -29.29
CA LEU G 1706 -69.21 -69.50 -30.59
C LEU G 1706 -68.46 -68.79 -31.70
N ILE G 1707 -67.92 -67.61 -31.40
CA ILE G 1707 -67.13 -66.88 -32.40
C ILE G 1707 -65.78 -67.55 -32.64
N ASP G 1708 -65.08 -67.94 -31.57
CA ASP G 1708 -63.71 -68.45 -31.73
C ASP G 1708 -63.67 -69.84 -32.34
N ILE G 1709 -64.55 -70.74 -31.89
CA ILE G 1709 -64.53 -72.10 -32.42
C ILE G 1709 -64.90 -72.18 -33.88
N HIS G 1710 -65.79 -71.31 -34.37
CA HIS G 1710 -66.35 -71.51 -35.70
C HIS G 1710 -66.06 -70.35 -36.66
N LEU G 1711 -66.05 -69.12 -36.17
CA LEU G 1711 -66.08 -67.96 -37.04
C LEU G 1711 -64.79 -67.16 -37.06
N SER G 1712 -63.95 -67.29 -36.03
CA SER G 1712 -62.82 -66.38 -35.88
C SER G 1712 -61.82 -66.52 -37.02
N SER G 1713 -61.57 -67.75 -37.48
CA SER G 1713 -60.55 -67.95 -38.51
C SER G 1713 -60.94 -67.26 -39.81
N TYR G 1714 -62.15 -67.52 -40.30
CA TYR G 1714 -62.59 -66.87 -41.52
C TYR G 1714 -62.71 -65.37 -41.34
N ALA G 1715 -63.19 -64.92 -40.16
CA ALA G 1715 -63.31 -63.48 -39.93
C ALA G 1715 -61.95 -62.80 -40.02
N THR G 1716 -60.92 -63.38 -39.40
CA THR G 1716 -59.61 -62.74 -39.44
C THR G 1716 -58.97 -62.85 -40.82
N ALA G 1717 -59.24 -63.93 -41.56
CA ALA G 1717 -58.75 -63.99 -42.93
C ALA G 1717 -59.36 -62.87 -43.77
N ARG G 1718 -60.67 -62.67 -43.66
CA ARG G 1718 -61.31 -61.59 -44.39
C ARG G 1718 -60.78 -60.23 -43.95
N LEU G 1719 -60.54 -60.04 -42.66
CA LEU G 1719 -59.98 -58.78 -42.20
C LEU G 1719 -58.57 -58.53 -42.71
N MET G 1720 -57.73 -59.56 -42.78
CA MET G 1720 -56.41 -59.38 -43.36
C MET G 1720 -56.46 -59.10 -44.86
N MET G 1721 -57.44 -59.63 -45.57
CA MET G 1721 -57.52 -59.40 -47.02
C MET G 1721 -58.43 -58.22 -47.34
N ASN G 1722 -58.93 -57.55 -46.32
CA ASN G 1722 -59.85 -56.44 -46.50
C ASN G 1722 -59.29 -55.27 -47.29
N ASN G 1723 -58.09 -54.79 -46.96
CA ASN G 1723 -57.60 -53.53 -47.49
C ASN G 1723 -56.91 -53.68 -48.84
N GLU G 1724 -56.88 -54.89 -49.41
CA GLU G 1724 -56.20 -55.16 -50.67
C GLU G 1724 -57.24 -55.61 -51.68
N TYR G 1725 -57.45 -54.79 -52.71
CA TYR G 1725 -58.52 -55.02 -53.70
C TYR G 1725 -57.91 -55.60 -54.96
N ILE G 1726 -58.13 -56.91 -55.17
CA ILE G 1726 -57.78 -57.56 -56.42
C ILE G 1726 -59.09 -57.92 -57.11
N VAL G 1727 -59.37 -57.27 -58.23
CA VAL G 1727 -60.66 -57.38 -58.90
C VAL G 1727 -60.44 -58.00 -60.28
N PRO G 1728 -61.08 -59.13 -60.60
CA PRO G 1728 -60.98 -59.67 -61.95
C PRO G 1728 -61.64 -58.76 -62.96
N MET G 1729 -61.16 -58.81 -64.20
CA MET G 1729 -61.72 -58.00 -65.27
C MET G 1729 -62.56 -58.90 -66.17
N THR G 1730 -63.83 -59.02 -65.81
CA THR G 1730 -64.75 -59.97 -66.42
C THR G 1730 -66.08 -59.28 -66.68
N GLU G 1731 -66.92 -59.94 -67.48
CA GLU G 1731 -68.19 -59.35 -67.90
C GLU G 1731 -69.04 -58.93 -66.72
N GLU G 1732 -69.06 -59.71 -65.64
CA GLU G 1732 -69.81 -59.30 -64.46
C GLU G 1732 -69.20 -58.07 -63.82
N THR G 1733 -67.87 -57.92 -63.87
CA THR G 1733 -67.22 -56.71 -63.37
C THR G 1733 -67.54 -55.50 -64.22
N LYS G 1734 -67.73 -55.68 -65.53
CA LYS G 1734 -67.99 -54.55 -66.41
C LYS G 1734 -69.29 -53.82 -66.04
N SER G 1735 -70.25 -54.53 -65.47
CA SER G 1735 -71.58 -53.95 -65.26
C SER G 1735 -71.59 -52.99 -64.08
N ILE G 1736 -70.60 -53.05 -63.20
CA ILE G 1736 -70.59 -52.27 -61.97
C ILE G 1736 -70.53 -50.78 -62.28
N THR G 1737 -71.38 -50.00 -61.63
CA THR G 1737 -71.42 -48.55 -61.77
C THR G 1737 -71.49 -47.89 -60.40
N LEU G 1738 -71.02 -46.64 -60.34
CA LEU G 1738 -71.06 -45.91 -59.08
C LEU G 1738 -72.48 -45.73 -58.57
N PHE G 1739 -73.38 -45.36 -59.46
CA PHE G 1739 -74.73 -45.07 -59.01
C PHE G 1739 -75.72 -46.02 -59.67
N PRO G 1740 -76.67 -46.57 -58.90
CA PRO G 1740 -77.56 -47.61 -59.46
C PRO G 1740 -78.39 -47.14 -60.64
N ASP G 1741 -78.81 -45.87 -60.67
CA ASP G 1741 -79.70 -45.39 -61.70
C ASP G 1741 -79.26 -43.98 -62.13
N GLU G 1742 -80.08 -43.35 -62.97
CA GLU G 1742 -79.78 -41.99 -63.43
C GLU G 1742 -79.75 -41.00 -62.28
N ASN G 1743 -80.71 -41.09 -61.37
CA ASN G 1743 -80.67 -40.26 -60.17
C ASN G 1743 -79.44 -40.59 -59.35
N LYS G 1744 -78.60 -39.59 -59.10
CA LYS G 1744 -77.33 -39.81 -58.41
C LYS G 1744 -77.61 -39.97 -56.91
N LYS G 1745 -78.27 -41.07 -56.59
CA LYS G 1745 -78.59 -41.42 -55.22
C LYS G 1745 -77.78 -42.64 -54.82
N HIS G 1746 -77.11 -42.56 -53.68
CA HIS G 1746 -76.30 -43.67 -53.21
C HIS G 1746 -77.17 -44.88 -52.92
N GLY G 1747 -76.72 -46.04 -53.40
CA GLY G 1747 -77.34 -47.28 -53.01
C GLY G 1747 -77.04 -47.62 -51.57
N LEU G 1748 -77.82 -48.53 -51.02
CA LEU G 1748 -77.60 -48.93 -49.64
C LEU G 1748 -76.25 -49.61 -49.51
N PRO G 1749 -75.45 -49.27 -48.50
CA PRO G 1749 -74.11 -49.85 -48.39
C PRO G 1749 -74.16 -51.37 -48.28
N GLY G 1750 -73.20 -52.01 -48.92
CA GLY G 1750 -73.14 -53.47 -48.93
C GLY G 1750 -73.94 -54.14 -50.02
N ILE G 1751 -75.20 -53.72 -50.19
CA ILE G 1751 -76.04 -54.31 -51.22
C ILE G 1751 -75.48 -53.96 -52.59
N GLY G 1752 -75.33 -54.98 -53.43
CA GLY G 1752 -74.85 -54.77 -54.78
C GLY G 1752 -74.05 -55.97 -55.25
N LEU G 1753 -73.46 -55.82 -56.42
CA LEU G 1753 -72.62 -56.84 -57.02
C LEU G 1753 -71.16 -56.43 -56.86
N SER G 1754 -70.42 -57.20 -56.05
CA SER G 1754 -68.99 -56.99 -55.85
C SER G 1754 -68.23 -58.16 -56.44
N THR G 1755 -67.27 -57.87 -57.31
CA THR G 1755 -66.53 -58.89 -58.01
C THR G 1755 -65.10 -59.06 -57.52
N SER G 1756 -64.67 -58.26 -56.55
CA SER G 1756 -63.29 -58.34 -56.06
C SER G 1756 -63.03 -59.71 -55.45
N LEU G 1757 -61.81 -60.21 -55.65
CA LEU G 1757 -61.46 -61.53 -55.17
C LEU G 1757 -61.54 -61.59 -53.64
N ARG G 1758 -62.08 -62.68 -53.14
CA ARG G 1758 -62.38 -62.85 -51.73
C ARG G 1758 -61.92 -64.24 -51.28
N PRO G 1759 -61.40 -64.35 -50.06
CA PRO G 1759 -60.94 -65.66 -49.59
C PRO G 1759 -62.05 -66.69 -49.54
N ARG G 1760 -61.69 -67.93 -49.81
CA ARG G 1760 -62.65 -69.02 -49.78
C ARG G 1760 -63.09 -69.33 -48.35
N MET G 1761 -64.32 -69.78 -48.21
CA MET G 1761 -64.87 -70.21 -46.93
C MET G 1761 -65.06 -71.72 -46.96
N GLN G 1762 -64.30 -72.42 -46.14
CA GLN G 1762 -64.35 -73.88 -46.09
C GLN G 1762 -64.38 -74.33 -44.64
N PHE G 1763 -65.24 -75.30 -44.33
CA PHE G 1763 -65.41 -75.81 -42.98
C PHE G 1763 -65.37 -77.33 -43.00
N SER G 1764 -65.01 -77.92 -41.87
CA SER G 1764 -64.87 -79.37 -41.74
C SER G 1764 -65.85 -79.86 -40.68
N SER G 1765 -66.50 -80.98 -40.95
CA SER G 1765 -67.45 -81.54 -40.00
C SER G 1765 -66.69 -82.14 -38.81
N PRO G 1766 -67.07 -81.78 -37.58
CA PRO G 1766 -66.34 -82.27 -36.41
C PRO G 1766 -66.88 -83.59 -35.90
N SER G 1767 -66.52 -84.69 -36.55
CA SER G 1767 -66.91 -86.03 -36.12
C SER G 1767 -65.71 -86.77 -35.56
N PHE G 1768 -65.92 -87.47 -34.45
CA PHE G 1768 -64.84 -88.18 -33.78
C PHE G 1768 -64.81 -89.67 -34.08
N VAL G 1769 -65.86 -90.21 -34.71
CA VAL G 1769 -65.79 -91.60 -35.16
C VAL G 1769 -64.89 -91.73 -36.37
N SER G 1770 -64.74 -90.66 -37.14
CA SER G 1770 -63.83 -90.67 -38.27
C SER G 1770 -62.38 -90.74 -37.79
N ILE G 1771 -61.50 -91.21 -38.65
CA ILE G 1771 -60.11 -91.46 -38.29
C ILE G 1771 -59.13 -90.52 -38.96
N SER G 1772 -59.44 -90.00 -40.14
CA SER G 1772 -58.53 -89.14 -40.87
C SER G 1772 -58.26 -87.85 -40.10
N ASN G 1773 -57.00 -87.41 -40.12
CA ASN G 1773 -56.60 -86.21 -39.39
C ASN G 1773 -56.76 -84.94 -40.19
N GLU G 1774 -56.94 -85.04 -41.52
CA GLU G 1774 -57.09 -83.85 -42.34
C GLU G 1774 -58.32 -83.05 -41.96
N CYS G 1775 -59.33 -83.67 -41.37
CA CYS G 1775 -60.50 -82.96 -40.88
C CYS G 1775 -60.15 -81.95 -39.80
N TYR G 1776 -58.99 -82.08 -39.15
CA TYR G 1776 -58.55 -81.04 -38.22
C TYR G 1776 -58.34 -79.72 -38.95
N GLN G 1777 -57.87 -79.78 -40.20
CA GLN G 1777 -57.80 -78.57 -41.01
C GLN G 1777 -59.19 -77.99 -41.19
N TYR G 1778 -59.26 -76.65 -41.26
CA TYR G 1778 -60.49 -75.89 -41.45
C TYR G 1778 -61.27 -75.82 -40.13
N SER G 1779 -61.93 -74.70 -39.90
CA SER G 1779 -62.71 -74.52 -38.68
C SER G 1779 -63.96 -75.41 -38.72
N PRO G 1780 -64.43 -75.88 -37.56
CA PRO G 1780 -65.61 -76.75 -37.53
C PRO G 1780 -66.85 -76.06 -38.10
N GLU G 1781 -67.70 -76.86 -38.74
CA GLU G 1781 -68.92 -76.35 -39.36
C GLU G 1781 -69.95 -75.95 -38.30
N PHE G 1782 -70.76 -74.97 -38.66
CA PHE G 1782 -71.84 -74.47 -37.82
C PHE G 1782 -73.06 -74.19 -38.68
N PRO G 1783 -74.26 -74.28 -38.11
CA PRO G 1783 -75.47 -73.91 -38.87
C PRO G 1783 -75.57 -72.40 -39.06
N LEU G 1784 -74.84 -71.88 -40.04
CA LEU G 1784 -74.74 -70.45 -40.25
C LEU G 1784 -76.07 -69.79 -40.59
N ASP G 1785 -76.93 -70.44 -41.38
CA ASP G 1785 -78.22 -69.85 -41.69
C ASP G 1785 -79.09 -69.68 -40.45
N ILE G 1786 -79.17 -70.72 -39.62
CA ILE G 1786 -79.95 -70.62 -38.38
C ILE G 1786 -79.34 -69.57 -37.46
N LEU G 1787 -78.01 -69.54 -37.38
CA LEU G 1787 -77.35 -68.55 -36.56
C LEU G 1787 -77.68 -67.14 -37.02
N LYS G 1788 -77.66 -66.91 -38.33
CA LYS G 1788 -77.98 -65.60 -38.88
C LYS G 1788 -79.42 -65.22 -38.57
N SER G 1789 -80.36 -66.15 -38.77
CA SER G 1789 -81.75 -65.86 -38.48
C SER G 1789 -81.98 -65.51 -37.01
N LYS G 1790 -81.39 -66.30 -36.10
CA LYS G 1790 -81.51 -66.00 -34.68
C LYS G 1790 -80.84 -64.67 -34.33
N THR G 1791 -79.70 -64.34 -34.94
CA THR G 1791 -79.05 -63.08 -34.66
C THR G 1791 -79.93 -61.91 -35.07
N ILE G 1792 -80.52 -61.97 -36.27
CA ILE G 1792 -81.41 -60.90 -36.70
C ILE G 1792 -82.61 -60.79 -35.78
N GLN G 1793 -83.22 -61.92 -35.43
CA GLN G 1793 -84.39 -61.90 -34.55
C GLN G 1793 -84.05 -61.28 -33.21
N MET G 1794 -82.93 -61.69 -32.61
CA MET G 1794 -82.58 -61.21 -31.28
C MET G 1794 -82.18 -59.75 -31.31
N LEU G 1795 -81.52 -59.31 -32.39
CA LEU G 1795 -81.23 -57.89 -32.52
C LEU G 1795 -82.51 -57.06 -32.59
N THR G 1796 -83.48 -57.53 -33.37
CA THR G 1796 -84.74 -56.82 -33.47
C THR G 1796 -85.45 -56.75 -32.12
N GLU G 1797 -85.53 -57.88 -31.42
CA GLU G 1797 -86.18 -57.90 -30.11
C GLU G 1797 -85.43 -57.03 -29.11
N ALA G 1798 -84.10 -57.06 -29.14
CA ALA G 1798 -83.31 -56.25 -28.22
C ALA G 1798 -83.53 -54.77 -28.47
N VAL G 1799 -83.59 -54.36 -29.73
CA VAL G 1799 -83.85 -52.96 -30.03
C VAL G 1799 -85.23 -52.57 -29.52
N LYS G 1800 -86.24 -53.41 -29.77
CA LYS G 1800 -87.59 -53.08 -29.33
C LYS G 1800 -87.68 -52.99 -27.81
N GLU G 1801 -87.01 -53.90 -27.10
CA GLU G 1801 -87.04 -53.86 -25.64
C GLU G 1801 -86.27 -52.67 -25.09
N GLY G 1802 -85.05 -52.42 -25.60
CA GLY G 1802 -84.24 -51.34 -25.09
C GLY G 1802 -84.78 -49.97 -25.45
N SER G 1803 -85.69 -49.91 -26.43
CA SER G 1803 -86.36 -48.65 -26.73
C SER G 1803 -87.25 -48.17 -25.58
N LEU G 1804 -87.52 -49.03 -24.60
CA LEU G 1804 -88.28 -48.67 -23.41
C LEU G 1804 -87.41 -48.59 -22.16
N HIS G 1805 -86.13 -48.97 -22.26
CA HIS G 1805 -85.21 -49.00 -21.13
C HIS G 1805 -85.78 -49.82 -19.98
N ALA G 1806 -86.01 -51.11 -20.22
CA ALA G 1806 -86.56 -51.98 -19.20
C ALA G 1806 -85.57 -52.17 -18.05
N ARG G 1807 -86.12 -52.51 -16.90
CA ARG G 1807 -85.33 -52.75 -15.69
C ARG G 1807 -84.69 -54.13 -15.69
N ASP G 1808 -84.98 -54.98 -16.67
CA ASP G 1808 -84.49 -56.35 -16.71
C ASP G 1808 -83.85 -56.65 -18.06
N PRO G 1809 -82.69 -56.06 -18.34
CA PRO G 1809 -81.97 -56.39 -19.57
C PRO G 1809 -81.43 -57.82 -19.51
N VAL G 1810 -81.29 -58.43 -20.69
CA VAL G 1810 -80.74 -59.78 -20.74
C VAL G 1810 -79.28 -59.73 -20.31
N GLY G 1811 -78.93 -60.58 -19.36
CA GLY G 1811 -77.59 -60.59 -18.79
C GLY G 1811 -77.39 -59.65 -17.62
N GLY G 1812 -78.40 -58.85 -17.28
CA GLY G 1812 -78.32 -57.97 -16.14
C GLY G 1812 -77.98 -56.53 -16.46
N THR G 1813 -77.28 -56.27 -17.56
CA THR G 1813 -76.93 -54.91 -17.95
C THR G 1813 -77.12 -54.74 -19.44
N THR G 1814 -77.28 -53.48 -19.85
CA THR G 1814 -77.36 -53.16 -21.27
C THR G 1814 -76.10 -53.61 -22.00
N GLU G 1815 -74.94 -53.52 -21.33
CA GLU G 1815 -73.72 -54.03 -21.94
C GLU G 1815 -73.81 -55.52 -22.22
N PHE G 1816 -74.22 -56.30 -21.23
CA PHE G 1816 -74.32 -57.74 -21.44
C PHE G 1816 -75.38 -58.07 -22.48
N LEU G 1817 -76.39 -57.21 -22.62
CA LEU G 1817 -77.40 -57.46 -23.64
C LEU G 1817 -76.87 -57.19 -25.04
N PHE G 1818 -76.16 -56.09 -25.23
CA PHE G 1818 -75.84 -55.61 -26.57
C PHE G 1818 -74.43 -55.93 -27.04
N VAL G 1819 -73.41 -55.72 -26.20
CA VAL G 1819 -72.03 -55.91 -26.64
C VAL G 1819 -71.81 -57.31 -27.20
N PRO G 1820 -72.22 -58.40 -26.53
CA PRO G 1820 -72.01 -59.72 -27.14
C PRO G 1820 -72.84 -59.94 -28.39
N LEU G 1821 -74.10 -59.49 -28.39
CA LEU G 1821 -74.95 -59.64 -29.57
C LEU G 1821 -74.37 -58.89 -30.76
N ILE G 1822 -74.03 -57.62 -30.58
CA ILE G 1822 -73.43 -56.84 -31.65
C ILE G 1822 -72.07 -57.37 -32.07
N LYS G 1823 -71.31 -57.95 -31.15
CA LYS G 1823 -70.08 -58.64 -31.53
C LYS G 1823 -70.31 -59.80 -32.47
N LEU G 1824 -71.26 -60.67 -32.15
CA LEU G 1824 -71.59 -61.77 -33.06
C LEU G 1824 -72.10 -61.25 -34.40
N PHE G 1825 -72.94 -60.23 -34.36
CA PHE G 1825 -73.49 -59.65 -35.59
C PHE G 1825 -72.38 -59.08 -36.46
N TYR G 1826 -71.44 -58.37 -35.86
CA TYR G 1826 -70.31 -57.82 -36.60
C TYR G 1826 -69.43 -58.90 -37.17
N THR G 1827 -69.18 -59.97 -36.41
CA THR G 1827 -68.40 -61.08 -36.96
C THR G 1827 -69.08 -61.71 -38.17
N LEU G 1828 -70.39 -61.92 -38.09
CA LEU G 1828 -71.12 -62.48 -39.22
C LEU G 1828 -71.06 -61.54 -40.42
N LEU G 1829 -71.22 -60.24 -40.19
CA LEU G 1829 -71.15 -59.28 -41.27
C LEU G 1829 -69.77 -59.27 -41.92
N ILE G 1830 -68.72 -59.35 -41.11
CA ILE G 1830 -67.36 -59.40 -41.62
C ILE G 1830 -67.17 -60.63 -42.51
N MET G 1831 -67.68 -61.77 -42.05
CA MET G 1831 -67.56 -62.98 -42.86
C MET G 1831 -68.37 -62.87 -44.14
N GLY G 1832 -69.47 -62.13 -44.11
CA GLY G 1832 -70.26 -61.91 -45.29
C GLY G 1832 -71.43 -62.84 -45.48
N ILE G 1833 -71.93 -63.46 -44.40
CA ILE G 1833 -73.07 -64.36 -44.52
C ILE G 1833 -74.32 -63.59 -44.95
N PHE G 1834 -74.50 -62.39 -44.41
CA PHE G 1834 -75.70 -61.62 -44.68
C PHE G 1834 -75.83 -61.30 -46.16
N HIS G 1835 -77.04 -61.45 -46.69
CA HIS G 1835 -77.29 -61.32 -48.13
C HIS G 1835 -78.50 -60.44 -48.37
N ASN G 1836 -78.28 -59.31 -49.03
CA ASN G 1836 -79.34 -58.50 -49.62
C ASN G 1836 -80.45 -58.12 -48.64
N GLU G 1837 -81.52 -58.92 -48.60
CA GLU G 1837 -82.67 -58.56 -47.78
C GLU G 1837 -82.33 -58.54 -46.30
N ASP G 1838 -81.52 -59.50 -45.83
CA ASP G 1838 -81.10 -59.49 -44.44
C ASP G 1838 -80.26 -58.25 -44.14
N LEU G 1839 -79.39 -57.87 -45.07
CA LEU G 1839 -78.60 -56.66 -44.90
C LEU G 1839 -79.50 -55.43 -44.85
N LYS G 1840 -80.57 -55.42 -45.65
CA LYS G 1840 -81.52 -54.32 -45.59
C LYS G 1840 -82.21 -54.25 -44.23
N HIS G 1841 -82.63 -55.40 -43.70
CA HIS G 1841 -83.30 -55.40 -42.40
C HIS G 1841 -82.37 -54.95 -41.29
N ILE G 1842 -81.12 -55.43 -41.29
CA ILE G 1842 -80.19 -55.02 -40.25
C ILE G 1842 -79.82 -53.55 -40.40
N LEU G 1843 -79.73 -53.03 -41.62
CA LEU G 1843 -79.50 -51.61 -41.80
C LEU G 1843 -80.68 -50.78 -41.31
N GLN G 1844 -81.91 -51.25 -41.52
CA GLN G 1844 -83.07 -50.57 -40.97
C GLN G 1844 -83.06 -50.58 -39.45
N LEU G 1845 -82.62 -51.70 -38.86
CA LEU G 1845 -82.43 -51.73 -37.42
C LEU G 1845 -81.41 -50.71 -36.97
N ILE G 1846 -80.31 -50.59 -37.72
CA ILE G 1846 -79.27 -49.61 -37.39
C ILE G 1846 -79.83 -48.20 -37.43
N GLU G 1847 -80.49 -47.84 -38.53
CA GLU G 1847 -81.08 -46.52 -38.66
C GLU G 1847 -82.24 -46.55 -39.65
N PRO G 1848 -83.48 -46.47 -39.18
CA PRO G 1848 -84.62 -46.57 -40.10
C PRO G 1848 -84.71 -45.41 -41.08
N SER G 1849 -84.18 -44.24 -40.71
CA SER G 1849 -84.39 -43.05 -41.52
C SER G 1849 -83.50 -43.05 -42.76
N VAL G 1850 -82.19 -43.22 -42.56
CA VAL G 1850 -81.24 -43.09 -43.66
C VAL G 1850 -81.40 -44.22 -44.66
N PHE G 1851 -81.57 -45.45 -44.17
CA PHE G 1851 -81.51 -46.64 -45.02
C PHE G 1851 -82.89 -47.12 -45.46
N LYS G 1852 -83.92 -46.29 -45.37
CA LYS G 1852 -85.19 -46.65 -45.96
C LYS G 1852 -85.06 -46.61 -47.48
N GLU G 1853 -85.56 -47.66 -48.14
CA GLU G 1853 -85.35 -47.80 -49.57
C GLU G 1853 -86.21 -46.82 -50.36
N ALA G 1854 -85.59 -46.15 -51.32
CA ALA G 1854 -86.29 -45.18 -52.16
C ALA G 1854 -86.17 -45.55 -53.64
N PRO G 1889 -90.94 -42.01 -35.46
CA PRO G 1889 -91.27 -42.88 -34.33
C PRO G 1889 -90.16 -43.88 -34.01
N LYS G 1890 -89.86 -44.75 -34.98
CA LYS G 1890 -88.83 -45.77 -34.78
C LYS G 1890 -87.46 -45.11 -34.73
N GLU G 1891 -86.65 -45.50 -33.75
CA GLU G 1891 -85.29 -45.01 -33.60
C GLU G 1891 -84.33 -46.18 -33.69
N GLY G 1892 -83.29 -46.04 -34.50
CA GLY G 1892 -82.29 -47.07 -34.65
C GLY G 1892 -81.32 -47.10 -33.49
N LEU G 1893 -80.37 -48.04 -33.58
CA LEU G 1893 -79.41 -48.22 -32.50
C LEU G 1893 -78.55 -46.97 -32.27
N LEU G 1894 -78.39 -46.14 -33.30
CA LEU G 1894 -77.47 -45.02 -33.21
C LEU G 1894 -77.92 -44.00 -32.17
N GLN G 1895 -79.22 -43.84 -31.97
CA GLN G 1895 -79.75 -42.80 -31.11
C GLN G 1895 -80.58 -43.36 -29.94
N MET G 1896 -80.08 -44.40 -29.28
CA MET G 1896 -80.77 -44.99 -28.15
C MET G 1896 -80.04 -44.80 -26.83
N LYS G 1897 -79.13 -43.82 -26.75
CA LYS G 1897 -78.37 -43.53 -25.54
C LYS G 1897 -77.65 -44.80 -25.06
N LEU G 1898 -76.70 -45.23 -25.87
CA LEU G 1898 -75.99 -46.48 -25.70
C LEU G 1898 -74.80 -46.31 -24.77
N PRO G 1899 -74.40 -47.39 -24.09
CA PRO G 1899 -73.16 -47.34 -23.29
C PRO G 1899 -71.93 -47.27 -24.19
N GLU G 1900 -70.81 -46.92 -23.56
CA GLU G 1900 -69.56 -46.78 -24.31
C GLU G 1900 -69.09 -48.08 -24.96
N PRO G 1901 -69.09 -49.24 -24.30
CA PRO G 1901 -68.69 -50.46 -25.01
C PRO G 1901 -69.56 -50.75 -26.23
N VAL G 1902 -70.86 -50.47 -26.14
CA VAL G 1902 -71.74 -50.66 -27.29
C VAL G 1902 -71.41 -49.65 -28.38
N LYS G 1903 -71.11 -48.42 -27.98
CA LYS G 1903 -70.71 -47.39 -28.95
C LYS G 1903 -69.47 -47.80 -29.72
N LEU G 1904 -68.50 -48.43 -29.06
CA LEU G 1904 -67.30 -48.86 -29.75
C LEU G 1904 -67.60 -49.87 -30.86
N GLN G 1905 -68.41 -50.88 -30.57
CA GLN G 1905 -68.79 -51.84 -31.59
C GLN G 1905 -69.65 -51.23 -32.68
N MET G 1906 -70.49 -50.25 -32.34
CA MET G 1906 -71.25 -49.57 -33.38
C MET G 1906 -70.31 -48.79 -34.30
N CYS G 1907 -69.26 -48.21 -33.72
CA CYS G 1907 -68.24 -47.56 -34.54
C CYS G 1907 -67.57 -48.56 -35.47
N LEU G 1908 -67.30 -49.76 -34.97
CA LEU G 1908 -66.73 -50.81 -35.83
C LEU G 1908 -67.68 -51.14 -36.98
N LEU G 1909 -68.97 -51.24 -36.70
CA LEU G 1909 -69.95 -51.53 -37.75
C LEU G 1909 -69.94 -50.43 -38.81
N LEU G 1910 -69.94 -49.18 -38.38
CA LEU G 1910 -69.90 -48.07 -39.33
C LEU G 1910 -68.61 -48.07 -40.14
N GLN G 1911 -67.49 -48.44 -39.51
CA GLN G 1911 -66.23 -48.60 -40.24
C GLN G 1911 -66.35 -49.66 -41.32
N TYR G 1912 -66.99 -50.78 -41.03
CA TYR G 1912 -67.19 -51.81 -42.05
C TYR G 1912 -68.03 -51.28 -43.20
N LEU G 1913 -69.09 -50.52 -42.89
CA LEU G 1913 -69.91 -49.97 -43.95
C LEU G 1913 -69.12 -49.01 -44.84
N CYS G 1914 -68.28 -48.17 -44.23
CA CYS G 1914 -67.43 -47.27 -45.01
C CYS G 1914 -66.47 -48.05 -45.88
N ASP G 1915 -65.90 -49.14 -45.36
CA ASP G 1915 -64.99 -49.96 -46.15
C ASP G 1915 -65.71 -50.58 -47.33
N CYS G 1916 -66.96 -51.00 -47.13
CA CYS G 1916 -67.75 -51.53 -48.24
C CYS G 1916 -67.96 -50.46 -49.31
N GLN G 1917 -68.25 -49.23 -48.89
CA GLN G 1917 -68.41 -48.15 -49.86
C GLN G 1917 -67.12 -47.92 -50.64
N VAL G 1918 -65.98 -47.92 -49.96
CA VAL G 1918 -64.70 -47.72 -50.66
C VAL G 1918 -64.44 -48.84 -51.66
N ARG G 1919 -64.71 -50.09 -51.27
CA ARG G 1919 -64.52 -51.19 -52.20
C ARG G 1919 -65.44 -51.06 -53.42
N HIS G 1920 -66.68 -50.64 -53.20
CA HIS G 1920 -67.58 -50.42 -54.33
C HIS G 1920 -67.04 -49.35 -55.26
N ARG G 1921 -66.51 -48.27 -54.70
CA ARG G 1921 -65.92 -47.22 -55.53
C ARG G 1921 -64.75 -47.75 -56.34
N ILE G 1922 -63.89 -48.54 -55.71
CA ILE G 1922 -62.72 -49.08 -56.41
C ILE G 1922 -63.15 -49.98 -57.55
N GLU G 1923 -64.14 -50.84 -57.32
CA GLU G 1923 -64.64 -51.69 -58.39
C GLU G 1923 -65.27 -50.89 -59.52
N ALA G 1924 -65.99 -49.82 -59.19
CA ALA G 1924 -66.56 -48.98 -60.26
C ALA G 1924 -65.48 -48.32 -61.08
N ILE G 1925 -64.42 -47.82 -60.42
CA ILE G 1925 -63.31 -47.25 -61.16
C ILE G 1925 -62.66 -48.27 -62.08
N VAL G 1926 -62.42 -49.50 -61.58
CA VAL G 1926 -61.87 -50.54 -62.44
C VAL G 1926 -62.79 -50.88 -63.61
N ALA G 1927 -64.11 -50.93 -63.38
CA ALA G 1927 -65.06 -51.16 -64.46
C ALA G 1927 -64.99 -50.09 -65.54
N PHE G 1928 -64.91 -48.82 -65.13
CA PHE G 1928 -64.76 -47.74 -66.11
C PHE G 1928 -63.43 -47.86 -66.84
N SER G 1929 -62.39 -48.30 -66.14
CA SER G 1929 -61.07 -48.40 -66.73
C SER G 1929 -61.08 -49.25 -67.99
N ASP G 1930 -61.90 -50.31 -68.00
CA ASP G 1930 -61.93 -51.20 -69.15
C ASP G 1930 -62.21 -50.46 -70.45
N ASP G 1931 -63.41 -49.87 -70.57
CA ASP G 1931 -63.74 -49.23 -71.83
C ASP G 1931 -62.93 -47.96 -72.04
N PHE G 1932 -62.55 -47.25 -70.96
CA PHE G 1932 -61.73 -46.06 -71.17
C PHE G 1932 -60.40 -46.41 -71.81
N VAL G 1933 -59.69 -47.40 -71.28
CA VAL G 1933 -58.41 -47.77 -71.86
C VAL G 1933 -58.58 -48.47 -73.19
N ALA G 1934 -59.71 -49.15 -73.42
CA ALA G 1934 -59.94 -49.73 -74.73
C ALA G 1934 -60.02 -48.64 -75.79
N LYS G 1935 -60.83 -47.61 -75.54
CA LYS G 1935 -60.90 -46.49 -76.48
C LYS G 1935 -59.57 -45.76 -76.59
N LEU G 1936 -58.86 -45.57 -75.48
CA LEU G 1936 -57.57 -44.90 -75.52
C LEU G 1936 -56.55 -45.67 -76.35
N GLN G 1937 -56.46 -46.99 -76.18
CA GLN G 1937 -55.59 -47.82 -77.00
C GLN G 1937 -55.99 -47.81 -78.47
N ASP G 1938 -57.28 -47.90 -78.77
CA ASP G 1938 -57.71 -47.81 -80.16
C ASP G 1938 -57.30 -46.49 -80.79
N ASN G 1939 -57.49 -45.38 -80.08
CA ASN G 1939 -57.17 -44.08 -80.64
C ASN G 1939 -55.65 -43.92 -80.77
N GLN G 1940 -54.89 -44.46 -79.82
CA GLN G 1940 -53.43 -44.39 -79.94
C GLN G 1940 -52.94 -45.18 -81.14
N ARG G 1941 -53.51 -46.36 -81.36
CA ARG G 1941 -53.15 -47.13 -82.57
C ARG G 1941 -53.53 -46.37 -83.83
N PHE G 1942 -54.70 -45.74 -83.83
CA PHE G 1942 -55.11 -44.95 -84.99
C PHE G 1942 -54.16 -43.80 -85.24
N ARG G 1943 -53.77 -43.09 -84.19
CA ARG G 1943 -52.83 -41.97 -84.35
C ARG G 1943 -51.48 -42.48 -84.86
N TYR G 1944 -51.02 -43.60 -84.32
CA TYR G 1944 -49.77 -44.18 -84.80
C TYR G 1944 -49.83 -44.50 -86.28
N ASN G 1945 -50.85 -45.24 -86.71
CA ASN G 1945 -51.00 -45.62 -88.10
C ASN G 1945 -51.28 -44.43 -89.01
N GLU G 1946 -51.78 -43.33 -88.47
CA GLU G 1946 -51.91 -42.10 -89.24
C GLU G 1946 -50.57 -41.41 -89.43
N VAL G 1947 -49.78 -41.30 -88.35
CA VAL G 1947 -48.47 -40.65 -88.43
C VAL G 1947 -47.47 -41.44 -89.25
N MET G 1948 -47.59 -42.77 -89.31
CA MET G 1948 -46.64 -43.57 -90.08
C MET G 1948 -46.59 -43.21 -91.56
N GLN G 1949 -47.64 -42.59 -92.09
CA GLN G 1949 -47.59 -42.11 -93.46
C GLN G 1949 -46.70 -40.88 -93.59
N ALA G 1950 -46.60 -40.09 -92.53
CA ALA G 1950 -45.81 -38.85 -92.55
C ALA G 1950 -44.37 -39.06 -92.11
N LEU G 1951 -43.99 -40.29 -91.79
CA LEU G 1951 -42.61 -40.56 -91.40
C LEU G 1951 -41.65 -40.25 -92.53
N ASN G 1952 -41.98 -40.67 -93.76
CA ASN G 1952 -41.15 -40.33 -94.90
C ASN G 1952 -41.26 -38.86 -95.25
N MET G 1953 -42.42 -38.25 -94.98
CA MET G 1953 -42.64 -36.85 -95.34
C MET G 1953 -41.79 -35.90 -94.50
N SER G 1954 -41.71 -36.17 -93.19
CA SER G 1954 -40.99 -35.29 -92.27
C SER G 1954 -39.88 -36.08 -91.60
N ALA G 1955 -38.63 -35.62 -91.76
CA ALA G 1955 -37.50 -36.26 -91.11
C ALA G 1955 -37.41 -35.90 -89.63
N ALA G 1956 -37.72 -34.64 -89.29
CA ALA G 1956 -37.69 -34.23 -87.89
C ALA G 1956 -38.82 -34.88 -87.11
N LEU G 1957 -39.83 -35.39 -87.80
CA LEU G 1957 -40.99 -36.00 -87.14
C LEU G 1957 -40.57 -37.11 -86.20
N THR G 1958 -39.57 -37.90 -86.57
CA THR G 1958 -39.08 -38.99 -85.75
C THR G 1958 -38.41 -38.50 -84.47
N ALA G 1959 -38.18 -37.20 -84.36
CA ALA G 1959 -37.62 -36.60 -83.15
C ALA G 1959 -38.57 -35.66 -82.43
N ARG G 1960 -39.63 -35.19 -83.08
CA ARG G 1960 -40.55 -34.22 -82.48
C ARG G 1960 -41.96 -34.76 -82.28
N LYS G 1961 -42.50 -35.51 -83.25
CA LYS G 1961 -43.88 -35.97 -83.11
C LYS G 1961 -43.94 -37.39 -82.57
N THR G 1962 -43.07 -38.26 -83.06
CA THR G 1962 -43.04 -39.64 -82.57
C THR G 1962 -42.28 -39.72 -81.24
N LYS G 1963 -42.88 -39.11 -80.22
CA LYS G 1963 -42.36 -39.18 -78.87
C LYS G 1963 -43.24 -40.00 -77.94
N GLU G 1964 -44.57 -39.91 -78.09
CA GLU G 1964 -45.47 -40.70 -77.26
C GLU G 1964 -45.28 -42.19 -77.50
N PHE G 1965 -45.15 -42.60 -78.76
CA PHE G 1965 -45.01 -44.01 -79.08
C PHE G 1965 -43.68 -44.57 -78.59
N ARG G 1966 -42.65 -43.74 -78.52
CA ARG G 1966 -41.36 -44.16 -78.00
C ARG G 1966 -41.21 -43.95 -76.50
N SER G 1967 -42.19 -43.27 -75.88
CA SER G 1967 -42.08 -42.92 -74.47
C SER G 1967 -42.38 -44.12 -73.58
N PRO G 1968 -41.85 -44.13 -72.35
CA PRO G 1968 -42.09 -45.25 -71.43
C PRO G 1968 -43.57 -45.43 -71.16
N PRO G 1969 -44.04 -46.68 -71.00
CA PRO G 1969 -45.49 -46.91 -71.00
C PRO G 1969 -46.24 -46.13 -69.94
N GLN G 1970 -45.66 -45.98 -68.75
CA GLN G 1970 -46.30 -45.18 -67.72
C GLN G 1970 -46.37 -43.72 -68.12
N GLU G 1971 -45.30 -43.21 -68.72
CA GLU G 1971 -45.28 -41.79 -69.04
C GLU G 1971 -46.14 -41.50 -70.26
N GLN G 1972 -46.41 -42.51 -71.08
CA GLN G 1972 -47.37 -42.37 -72.17
C GLN G 1972 -48.75 -42.03 -71.63
N ILE G 1973 -49.26 -42.84 -70.71
CA ILE G 1973 -50.54 -42.47 -70.12
C ILE G 1973 -50.39 -41.23 -69.24
N ASN G 1974 -49.17 -40.93 -68.79
CA ASN G 1974 -48.99 -39.70 -68.03
C ASN G 1974 -49.31 -38.47 -68.88
N MET G 1975 -48.84 -38.42 -70.13
CA MET G 1975 -49.32 -37.25 -70.90
C MET G 1975 -50.73 -37.49 -71.41
N LEU G 1976 -51.12 -38.74 -71.68
CA LEU G 1976 -52.48 -39.04 -72.15
C LEU G 1976 -53.56 -38.70 -71.13
N LEU G 1977 -53.21 -38.52 -69.86
CA LEU G 1977 -54.17 -38.18 -68.83
C LEU G 1977 -53.96 -36.76 -68.32
N ASN G 1978 -53.34 -35.90 -69.13
CA ASN G 1978 -53.08 -34.52 -68.75
C ASN G 1978 -54.09 -33.54 -69.32
N PHE G 1979 -55.23 -34.02 -69.80
CA PHE G 1979 -56.28 -33.08 -70.20
C PHE G 1979 -56.98 -32.47 -68.99
N LYS G 1980 -56.55 -32.82 -67.78
CA LYS G 1980 -56.98 -32.10 -66.60
C LYS G 1980 -56.53 -30.64 -66.70
N ASP G 1981 -57.29 -29.75 -66.06
CA ASP G 1981 -57.04 -28.31 -66.12
C ASP G 1981 -57.16 -27.83 -67.56
N ASP G 1982 -56.33 -26.85 -67.93
CA ASP G 1982 -56.39 -26.26 -69.26
C ASP G 1982 -55.04 -26.22 -69.95
N LYS G 1983 -54.05 -26.96 -69.45
CA LYS G 1983 -52.74 -26.98 -70.10
C LYS G 1983 -52.85 -27.55 -71.51
N SER G 1984 -53.61 -28.64 -71.68
CA SER G 1984 -54.07 -29.12 -72.98
C SER G 1984 -52.94 -29.43 -73.95
N GLU G 1985 -51.82 -29.95 -73.44
CA GLU G 1985 -50.83 -30.56 -74.33
C GLU G 1985 -51.09 -32.05 -74.54
N CYS G 1986 -52.13 -32.57 -73.91
CA CYS G 1986 -52.42 -34.00 -73.98
C CYS G 1986 -52.97 -34.37 -75.35
N PRO G 1987 -52.41 -35.37 -76.02
CA PRO G 1987 -52.94 -35.79 -77.34
C PRO G 1987 -54.15 -36.69 -77.20
N CYS G 1988 -55.23 -36.14 -76.64
CA CYS G 1988 -56.45 -36.90 -76.41
C CYS G 1988 -57.65 -36.17 -77.02
N PRO G 1989 -58.48 -36.85 -77.79
CA PRO G 1989 -59.64 -36.17 -78.39
C PRO G 1989 -60.70 -35.80 -77.37
N GLU G 1990 -61.57 -34.88 -77.79
CA GLU G 1990 -62.51 -34.27 -76.88
C GLU G 1990 -63.46 -35.28 -76.26
N GLU G 1991 -63.93 -36.26 -77.05
CA GLU G 1991 -64.88 -37.23 -76.52
C GLU G 1991 -64.24 -38.09 -75.43
N ILE G 1992 -62.99 -38.51 -75.64
CA ILE G 1992 -62.30 -39.33 -74.65
C ILE G 1992 -62.02 -38.51 -73.39
N ARG G 1993 -61.68 -37.23 -73.57
CA ARG G 1993 -61.53 -36.37 -72.40
C ARG G 1993 -62.85 -36.22 -71.65
N ASP G 1994 -63.96 -36.06 -72.38
CA ASP G 1994 -65.26 -35.85 -71.74
C ASP G 1994 -65.71 -37.08 -70.95
N GLN G 1995 -65.40 -38.27 -71.47
CA GLN G 1995 -65.77 -39.48 -70.72
C GLN G 1995 -65.16 -39.46 -69.33
N LEU G 1996 -63.85 -39.21 -69.24
CA LEU G 1996 -63.18 -39.21 -67.94
C LEU G 1996 -63.60 -38.00 -67.11
N LEU G 1997 -63.86 -36.87 -67.75
CA LEU G 1997 -64.35 -35.71 -67.01
C LEU G 1997 -65.69 -35.98 -66.34
N ASP G 1998 -66.59 -36.67 -67.03
CA ASP G 1998 -67.87 -37.04 -66.45
C ASP G 1998 -67.70 -38.09 -65.35
N PHE G 1999 -66.86 -39.10 -65.59
CA PHE G 1999 -66.66 -40.12 -64.57
C PHE G 1999 -66.04 -39.56 -63.30
N HIS G 2000 -65.09 -38.64 -63.43
CA HIS G 2000 -64.48 -38.03 -62.26
C HIS G 2000 -65.45 -37.17 -61.48
N GLU G 2001 -66.33 -36.42 -62.14
CA GLU G 2001 -67.36 -35.69 -61.43
C GLU G 2001 -68.31 -36.64 -60.71
N ASP G 2002 -68.69 -37.74 -61.36
CA ASP G 2002 -69.56 -38.71 -60.70
C ASP G 2002 -68.87 -39.32 -59.49
N LEU G 2003 -67.59 -39.64 -59.61
CA LEU G 2003 -66.82 -40.17 -58.49
C LEU G 2003 -66.71 -39.20 -57.34
N MET G 2004 -66.45 -37.92 -57.63
CA MET G 2004 -66.42 -36.93 -56.57
C MET G 2004 -67.78 -36.78 -55.90
N THR G 2005 -68.86 -36.79 -56.67
CA THR G 2005 -70.19 -36.72 -56.09
C THR G 2005 -70.46 -37.91 -55.18
N HIS G 2006 -70.08 -39.12 -55.62
CA HIS G 2006 -70.22 -40.29 -54.77
C HIS G 2006 -69.39 -40.21 -53.51
N CYS G 2007 -68.14 -39.73 -53.61
CA CYS G 2007 -67.29 -39.57 -52.45
C CYS G 2007 -67.74 -38.43 -51.54
N GLY G 2008 -68.65 -37.57 -52.02
CA GLY G 2008 -69.15 -36.47 -51.23
C GLY G 2008 -68.29 -35.23 -51.27
N ILE G 2009 -67.21 -35.23 -52.04
CA ILE G 2009 -66.36 -34.04 -52.14
C ILE G 2009 -67.13 -32.88 -52.73
N GLU G 2010 -67.90 -33.15 -53.78
CA GLU G 2010 -68.72 -32.12 -54.40
C GLU G 2010 -69.92 -31.80 -53.53
N LYS G 2053 -82.40 -31.85 -41.13
CA LYS G 2053 -83.07 -32.47 -42.27
C LYS G 2053 -82.53 -33.88 -42.53
N LYS G 2054 -83.01 -34.50 -43.60
CA LYS G 2054 -82.60 -35.86 -43.93
C LYS G 2054 -81.13 -35.89 -44.31
N SER G 2055 -80.39 -36.80 -43.66
CA SER G 2055 -78.99 -36.99 -43.99
C SER G 2055 -78.84 -37.64 -45.36
N SER G 2056 -79.61 -38.70 -45.60
CA SER G 2056 -79.71 -39.44 -46.86
C SER G 2056 -78.37 -40.06 -47.28
N THR G 2057 -77.32 -39.96 -46.47
CA THR G 2057 -76.02 -40.48 -46.83
C THR G 2057 -75.33 -41.00 -45.57
N LEU G 2058 -74.69 -42.17 -45.71
CA LEU G 2058 -73.94 -42.74 -44.59
C LEU G 2058 -72.87 -41.78 -44.09
N GLN G 2059 -72.26 -41.03 -45.01
CA GLN G 2059 -71.22 -40.08 -44.64
C GLN G 2059 -71.77 -39.02 -43.68
N GLN G 2060 -72.87 -38.37 -44.06
CA GLN G 2060 -73.46 -37.36 -43.21
C GLN G 2060 -74.00 -37.97 -41.93
N LEU G 2061 -74.55 -39.18 -42.00
CA LEU G 2061 -75.05 -39.83 -40.80
C LEU G 2061 -73.94 -40.03 -39.77
N ILE G 2062 -72.79 -40.56 -40.21
CA ILE G 2062 -71.67 -40.78 -39.30
C ILE G 2062 -71.13 -39.45 -38.80
N SER G 2063 -70.98 -38.47 -39.69
CA SER G 2063 -70.48 -37.16 -39.28
C SER G 2063 -71.37 -36.50 -38.23
N GLU G 2064 -72.67 -36.65 -38.33
CA GLU G 2064 -73.58 -36.17 -37.29
C GLU G 2064 -73.49 -37.00 -36.02
N THR G 2065 -73.39 -38.32 -36.15
CA THR G 2065 -73.50 -39.20 -34.98
C THR G 2065 -72.28 -39.08 -34.08
N MET G 2066 -71.07 -39.08 -34.66
CA MET G 2066 -69.87 -38.95 -33.84
C MET G 2066 -69.87 -37.64 -33.07
N VAL G 2067 -70.17 -36.53 -33.76
CA VAL G 2067 -70.18 -35.23 -33.11
C VAL G 2067 -71.26 -35.17 -32.05
N ARG G 2068 -72.44 -35.76 -32.33
CA ARG G 2068 -73.51 -35.75 -31.35
C ARG G 2068 -73.10 -36.50 -30.10
N TRP G 2069 -72.48 -37.67 -30.25
CA TRP G 2069 -72.03 -38.43 -29.09
C TRP G 2069 -71.01 -37.63 -28.29
N ALA G 2070 -70.03 -37.05 -28.98
CA ALA G 2070 -68.96 -36.33 -28.30
C ALA G 2070 -69.50 -35.13 -27.54
N GLN G 2071 -70.45 -34.40 -28.14
CA GLN G 2071 -70.98 -33.22 -27.47
C GLN G 2071 -71.99 -33.59 -26.40
N GLU G 2072 -72.63 -34.75 -26.52
CA GLU G 2072 -73.56 -35.19 -25.49
C GLU G 2072 -72.85 -35.61 -24.23
N SER G 2073 -71.79 -36.42 -24.35
CA SER G 2073 -71.16 -36.98 -23.16
C SER G 2073 -69.65 -36.87 -23.27
N VAL G 2074 -69.01 -36.82 -22.10
CA VAL G 2074 -67.56 -36.85 -22.01
C VAL G 2074 -67.13 -38.31 -22.08
N ILE G 2075 -66.45 -38.68 -23.17
CA ILE G 2075 -66.11 -40.08 -23.40
C ILE G 2075 -64.92 -40.45 -22.53
N GLU G 2076 -65.08 -41.52 -21.75
CA GLU G 2076 -64.03 -41.97 -20.85
C GLU G 2076 -63.05 -42.93 -21.52
N ASP G 2077 -63.47 -43.61 -22.57
CA ASP G 2077 -62.65 -44.63 -23.20
C ASP G 2077 -61.79 -44.03 -24.30
N PRO G 2078 -60.47 -43.97 -24.14
CA PRO G 2078 -59.62 -43.43 -25.21
C PRO G 2078 -59.72 -44.20 -26.51
N GLU G 2079 -59.92 -45.51 -26.44
CA GLU G 2079 -60.15 -46.29 -27.66
C GLU G 2079 -61.42 -45.85 -28.36
N LEU G 2080 -62.48 -45.57 -27.61
CA LEU G 2080 -63.69 -45.04 -28.23
C LEU G 2080 -63.42 -43.68 -28.86
N VAL G 2081 -62.69 -42.81 -28.17
CA VAL G 2081 -62.41 -41.49 -28.73
C VAL G 2081 -61.67 -41.62 -30.05
N ARG G 2082 -60.64 -42.47 -30.07
CA ARG G 2082 -59.91 -42.70 -31.33
C ARG G 2082 -60.83 -43.25 -32.41
N ALA G 2083 -61.71 -44.18 -32.04
CA ALA G 2083 -62.60 -44.76 -33.05
C ALA G 2083 -63.50 -43.71 -33.67
N MET G 2084 -64.18 -42.91 -32.85
CA MET G 2084 -65.09 -41.92 -33.39
C MET G 2084 -64.36 -40.87 -34.22
N PHE G 2085 -63.18 -40.42 -33.77
CA PHE G 2085 -62.51 -39.38 -34.51
C PHE G 2085 -61.90 -39.92 -35.80
N VAL G 2086 -61.47 -41.19 -35.79
CA VAL G 2086 -61.03 -41.82 -37.03
C VAL G 2086 -62.19 -41.90 -38.02
N LEU G 2087 -63.38 -42.29 -37.55
CA LEU G 2087 -64.53 -42.35 -38.43
C LEU G 2087 -64.88 -40.98 -38.99
N LEU G 2088 -64.86 -39.95 -38.14
CA LEU G 2088 -65.19 -38.61 -38.59
C LEU G 2088 -64.19 -38.12 -39.63
N HIS G 2089 -62.90 -38.36 -39.39
CA HIS G 2089 -61.89 -37.96 -40.36
C HIS G 2089 -62.05 -38.72 -41.67
N ARG G 2090 -62.41 -40.01 -41.60
CA ARG G 2090 -62.64 -40.76 -42.83
C ARG G 2090 -63.82 -40.21 -43.62
N GLN G 2091 -64.90 -39.84 -42.93
CA GLN G 2091 -66.03 -39.25 -43.63
C GLN G 2091 -65.65 -37.93 -44.29
N TYR G 2092 -64.89 -37.10 -43.59
CA TYR G 2092 -64.58 -35.78 -44.16
C TYR G 2092 -63.55 -35.88 -45.28
N ASP G 2093 -62.53 -36.71 -45.13
CA ASP G 2093 -61.51 -36.89 -46.16
C ASP G 2093 -61.81 -38.14 -46.98
N GLY G 2094 -62.82 -38.02 -47.84
CA GLY G 2094 -63.18 -39.14 -48.69
C GLY G 2094 -62.13 -39.46 -49.72
N ILE G 2095 -61.52 -38.42 -50.30
CA ILE G 2095 -60.53 -38.63 -51.36
C ILE G 2095 -59.30 -39.33 -50.81
N GLY G 2096 -59.00 -39.16 -49.52
CA GLY G 2096 -57.89 -39.87 -48.92
C GLY G 2096 -58.06 -41.37 -48.92
N GLY G 2097 -59.30 -41.86 -48.76
CA GLY G 2097 -59.54 -43.28 -48.88
C GLY G 2097 -59.15 -43.82 -50.24
N LEU G 2098 -59.51 -43.09 -51.30
CA LEU G 2098 -59.09 -43.49 -52.64
C LEU G 2098 -57.58 -43.41 -52.78
N VAL G 2099 -56.96 -42.35 -52.24
CA VAL G 2099 -55.52 -42.20 -52.33
C VAL G 2099 -54.80 -43.38 -51.70
N ARG G 2100 -55.33 -43.88 -50.57
CA ARG G 2100 -54.74 -45.04 -49.92
C ARG G 2100 -55.11 -46.35 -50.60
N ALA G 2101 -56.27 -46.44 -51.22
CA ALA G 2101 -56.77 -47.73 -51.72
C ALA G 2101 -56.23 -48.04 -53.11
N LEU G 2102 -56.19 -47.04 -53.99
CA LEU G 2102 -55.80 -47.28 -55.37
C LEU G 2102 -54.42 -47.93 -55.52
N PRO G 2103 -53.38 -47.54 -54.76
CA PRO G 2103 -52.10 -48.26 -54.85
C PRO G 2103 -52.21 -49.74 -54.53
N LYS G 2104 -53.21 -50.14 -53.75
CA LYS G 2104 -53.43 -51.54 -53.41
C LYS G 2104 -54.39 -52.23 -54.38
N THR G 2105 -54.78 -51.54 -55.45
CA THR G 2105 -55.73 -52.08 -56.41
C THR G 2105 -54.97 -52.73 -57.57
N TYR G 2106 -55.38 -53.95 -57.91
CA TYR G 2106 -54.80 -54.66 -59.04
C TYR G 2106 -55.90 -55.29 -59.86
N THR G 2107 -55.71 -55.32 -61.18
CA THR G 2107 -56.64 -55.94 -62.10
C THR G 2107 -55.96 -57.12 -62.78
N ILE G 2108 -56.64 -58.25 -62.81
CA ILE G 2108 -56.10 -59.47 -63.41
C ILE G 2108 -57.05 -59.95 -64.48
N ASN G 2109 -56.51 -60.72 -65.43
CA ASN G 2109 -57.33 -61.30 -66.48
C ASN G 2109 -58.25 -62.37 -65.89
N GLY G 2110 -59.36 -62.61 -66.58
CA GLY G 2110 -60.32 -63.61 -66.13
C GLY G 2110 -59.76 -65.01 -66.09
N VAL G 2111 -58.81 -65.33 -66.96
CA VAL G 2111 -58.27 -66.69 -67.00
C VAL G 2111 -57.40 -66.96 -65.79
N SER G 2112 -56.85 -65.93 -65.17
CA SER G 2112 -55.93 -66.09 -64.06
C SER G 2112 -56.61 -66.07 -62.70
N VAL G 2113 -57.94 -66.08 -62.67
CA VAL G 2113 -58.67 -65.89 -61.42
C VAL G 2113 -58.38 -67.02 -60.44
N GLU G 2114 -58.45 -68.27 -60.92
CA GLU G 2114 -58.27 -69.41 -60.02
C GLU G 2114 -56.85 -69.44 -59.46
N ASP G 2115 -55.85 -69.23 -60.32
CA ASP G 2115 -54.47 -69.22 -59.86
C ASP G 2115 -54.23 -68.09 -58.87
N THR G 2116 -54.83 -66.91 -59.12
CA THR G 2116 -54.67 -65.80 -58.20
C THR G 2116 -55.33 -66.09 -56.85
N ILE G 2117 -56.49 -66.76 -56.86
CA ILE G 2117 -57.12 -67.12 -55.59
C ILE G 2117 -56.26 -68.11 -54.83
N ASN G 2118 -55.68 -69.11 -55.52
CA ASN G 2118 -54.80 -70.05 -54.84
C ASN G 2118 -53.59 -69.33 -54.24
N LEU G 2119 -52.99 -68.42 -55.00
CA LEU G 2119 -51.84 -67.69 -54.49
C LEU G 2119 -52.22 -66.79 -53.32
N LEU G 2120 -53.40 -66.19 -53.37
CA LEU G 2120 -53.88 -65.37 -52.26
C LEU G 2120 -54.09 -66.21 -51.01
N ALA G 2121 -54.63 -67.43 -51.17
CA ALA G 2121 -54.77 -68.32 -50.03
C ALA G 2121 -53.40 -68.70 -49.45
N SER G 2122 -52.43 -68.96 -50.32
CA SER G 2122 -51.09 -69.28 -49.84
C SER G 2122 -50.49 -68.10 -49.08
N LEU G 2123 -50.67 -66.89 -49.61
CA LEU G 2123 -50.14 -65.70 -48.94
C LEU G 2123 -50.83 -65.49 -47.60
N GLY G 2124 -52.13 -65.74 -47.53
CA GLY G 2124 -52.83 -65.70 -46.26
C GLY G 2124 -52.35 -66.71 -45.25
N GLN G 2125 -52.07 -67.93 -45.69
CA GLN G 2125 -51.49 -68.92 -44.79
C GLN G 2125 -50.13 -68.47 -44.27
N ILE G 2126 -49.30 -67.90 -45.13
CA ILE G 2126 -48.02 -67.37 -44.66
C ILE G 2126 -48.22 -66.23 -43.69
N ARG G 2127 -49.15 -65.32 -43.97
CA ARG G 2127 -49.41 -64.18 -43.11
C ARG G 2127 -49.90 -64.60 -41.72
N SER G 2128 -50.76 -65.62 -41.66
CA SER G 2128 -51.29 -66.06 -40.38
C SER G 2128 -50.19 -66.60 -39.48
N LEU G 2129 -49.07 -67.04 -40.05
CA LEU G 2129 -47.97 -67.57 -39.25
C LEU G 2129 -47.31 -66.49 -38.40
N LEU G 2130 -47.53 -65.22 -38.72
CA LEU G 2130 -46.99 -64.15 -37.88
C LEU G 2130 -47.61 -64.17 -36.50
N SER G 2131 -48.90 -64.53 -36.43
CA SER G 2131 -49.60 -64.50 -35.15
C SER G 2131 -49.19 -65.64 -34.25
N VAL G 2132 -48.64 -66.71 -34.79
CA VAL G 2132 -48.25 -67.87 -34.00
C VAL G 2132 -46.75 -67.86 -33.79
N ARG G 2133 -46.31 -68.56 -32.75
CA ARG G 2133 -44.89 -68.64 -32.46
C ARG G 2133 -44.24 -69.74 -33.29
N MET G 2134 -42.93 -69.63 -33.48
CA MET G 2134 -42.20 -70.51 -34.36
C MET G 2134 -42.17 -71.93 -33.81
N GLY G 2135 -42.44 -72.91 -34.66
CA GLY G 2135 -42.38 -74.31 -34.30
C GLY G 2135 -42.15 -75.19 -35.51
N LYS G 2136 -42.16 -76.49 -35.27
CA LYS G 2136 -41.90 -77.45 -36.36
C LYS G 2136 -43.03 -77.44 -37.37
N GLU G 2137 -44.28 -77.51 -36.90
CA GLU G 2137 -45.41 -77.51 -37.82
C GLU G 2137 -45.52 -76.17 -38.55
N GLU G 2138 -45.23 -75.07 -37.87
CA GLU G 2138 -45.23 -73.77 -38.53
C GLU G 2138 -44.13 -73.70 -39.57
N GLU G 2139 -42.98 -74.30 -39.29
CA GLU G 2139 -41.91 -74.36 -40.28
C GLU G 2139 -42.35 -75.12 -41.52
N LYS G 2140 -43.00 -76.27 -41.32
CA LYS G 2140 -43.49 -77.04 -42.47
C LYS G 2140 -44.52 -76.25 -43.27
N LEU G 2141 -45.46 -75.60 -42.57
CA LEU G 2141 -46.48 -74.81 -43.24
C LEU G 2141 -45.85 -73.68 -44.04
N MET G 2142 -44.89 -72.98 -43.44
CA MET G 2142 -44.20 -71.91 -44.14
C MET G 2142 -43.46 -72.43 -45.37
N ILE G 2143 -42.82 -73.58 -45.25
CA ILE G 2143 -42.04 -74.12 -46.36
C ILE G 2143 -42.94 -74.45 -47.54
N ARG G 2144 -44.02 -75.22 -47.33
CA ARG G 2144 -44.80 -75.60 -48.50
C ARG G 2144 -45.63 -74.42 -48.99
N GLY G 2145 -45.95 -73.47 -48.10
CA GLY G 2145 -46.56 -72.24 -48.53
C GLY G 2145 -45.71 -71.41 -49.47
N LEU G 2146 -44.42 -71.28 -49.16
CA LEU G 2146 -43.51 -70.66 -50.11
C LEU G 2146 -43.35 -71.48 -51.38
N GLY G 2147 -43.35 -72.80 -51.29
CA GLY G 2147 -43.26 -73.64 -52.47
C GLY G 2147 -44.40 -73.41 -53.44
N ASP G 2148 -45.62 -73.29 -52.90
CA ASP G 2148 -46.77 -73.01 -53.76
C ASP G 2148 -46.62 -71.68 -54.47
N ILE G 2149 -46.05 -70.68 -53.78
CA ILE G 2149 -45.86 -69.37 -54.39
C ILE G 2149 -44.91 -69.47 -55.58
N MET G 2150 -43.79 -70.18 -55.42
CA MET G 2150 -42.88 -70.40 -56.54
C MET G 2150 -43.57 -71.14 -57.67
N ASN G 2151 -44.35 -72.16 -57.35
CA ASN G 2151 -44.98 -72.96 -58.40
C ASN G 2151 -46.05 -72.17 -59.16
N ASN G 2152 -46.72 -71.23 -58.51
CA ASN G 2152 -47.78 -70.49 -59.17
C ASN G 2152 -47.24 -69.59 -60.27
N LYS G 2153 -47.93 -69.56 -61.40
CA LYS G 2153 -47.49 -68.76 -62.54
C LYS G 2153 -47.75 -67.28 -62.32
N VAL G 2154 -48.73 -66.93 -61.50
CA VAL G 2154 -49.06 -65.53 -61.27
C VAL G 2154 -47.90 -64.81 -60.59
N PHE G 2155 -47.08 -65.56 -59.85
CA PHE G 2155 -45.95 -64.96 -59.14
C PHE G 2155 -44.99 -64.28 -60.11
N TYR G 2156 -44.76 -64.91 -61.25
CA TYR G 2156 -43.84 -64.36 -62.25
C TYR G 2156 -44.53 -63.34 -63.15
N GLN G 2157 -45.78 -63.61 -63.55
CA GLN G 2157 -46.43 -62.76 -64.54
C GLN G 2157 -46.82 -61.41 -63.94
N HIS G 2158 -47.04 -61.35 -62.63
CA HIS G 2158 -47.51 -60.13 -61.97
C HIS G 2158 -46.62 -59.83 -60.77
N PRO G 2159 -45.37 -59.40 -61.00
CA PRO G 2159 -44.52 -59.04 -59.86
C PRO G 2159 -45.00 -57.79 -59.14
N ASN G 2160 -45.63 -56.87 -59.86
CA ASN G 2160 -46.18 -55.68 -59.22
C ASN G 2160 -47.26 -56.04 -58.21
N LEU G 2161 -48.12 -57.00 -58.56
CA LEU G 2161 -49.11 -57.47 -57.62
C LEU G 2161 -48.48 -58.01 -56.36
N MET G 2162 -47.40 -58.79 -56.48
CA MET G 2162 -46.77 -59.37 -55.32
C MET G 2162 -46.11 -58.30 -54.46
N ARG G 2163 -45.47 -57.34 -55.10
CA ARG G 2163 -44.87 -56.23 -54.36
C ARG G 2163 -45.93 -55.42 -53.63
N ALA G 2164 -47.08 -55.18 -54.26
CA ALA G 2164 -48.17 -54.48 -53.60
C ALA G 2164 -48.73 -55.29 -52.43
N LEU G 2165 -48.85 -56.60 -52.60
CA LEU G 2165 -49.34 -57.47 -51.54
C LEU G 2165 -48.33 -57.51 -50.40
N GLY G 2166 -47.09 -57.14 -50.70
CA GLY G 2166 -46.06 -57.04 -49.69
C GLY G 2166 -45.65 -58.37 -49.09
N MET G 2167 -45.47 -59.37 -49.96
CA MET G 2167 -45.03 -60.68 -49.48
C MET G 2167 -43.64 -60.62 -48.89
N HIS G 2168 -42.75 -59.85 -49.51
CA HIS G 2168 -41.36 -59.81 -49.04
C HIS G 2168 -41.26 -59.23 -47.64
N GLU G 2169 -42.08 -58.24 -47.30
CA GLU G 2169 -42.12 -57.77 -45.91
C GLU G 2169 -42.56 -58.87 -44.96
N THR G 2170 -43.55 -59.67 -45.35
CA THR G 2170 -44.02 -60.74 -44.47
C THR G 2170 -42.93 -61.79 -44.25
N VAL G 2171 -42.25 -62.19 -45.32
CA VAL G 2171 -41.17 -63.16 -45.19
C VAL G 2171 -40.05 -62.58 -44.34
N MET G 2172 -39.75 -61.30 -44.53
CA MET G 2172 -38.77 -60.62 -43.69
C MET G 2172 -39.17 -60.68 -42.22
N GLU G 2173 -40.45 -60.43 -41.94
CA GLU G 2173 -40.91 -60.38 -40.56
C GLU G 2173 -40.80 -61.76 -39.92
N VAL G 2174 -41.11 -62.81 -40.65
CA VAL G 2174 -40.93 -64.16 -40.12
C VAL G 2174 -39.46 -64.43 -39.82
N MET G 2175 -38.58 -64.04 -40.75
CA MET G 2175 -37.15 -64.24 -40.51
C MET G 2175 -36.65 -63.44 -39.31
N VAL G 2176 -37.14 -62.20 -39.15
CA VAL G 2176 -36.80 -61.39 -38.00
C VAL G 2176 -37.29 -62.06 -36.72
N ASN G 2177 -38.48 -62.65 -36.75
CA ASN G 2177 -38.98 -63.35 -35.58
C ASN G 2177 -38.05 -64.49 -35.20
N VAL G 2178 -37.57 -65.25 -36.19
CA VAL G 2178 -36.68 -66.36 -35.88
C VAL G 2178 -35.34 -65.86 -35.34
N LEU G 2179 -34.78 -64.84 -35.98
CA LEU G 2179 -33.48 -64.34 -35.54
C LEU G 2179 -33.56 -63.68 -34.17
N GLY G 2180 -34.69 -63.08 -33.82
CA GLY G 2180 -34.91 -62.65 -32.46
C GLY G 2180 -35.03 -63.83 -31.52
N GLY G 2181 -35.79 -64.84 -31.93
CA GLY G 2181 -35.98 -66.04 -31.15
C GLY G 2181 -35.00 -67.15 -31.51
N GLY G 2182 -33.73 -66.80 -31.56
CA GLY G 2182 -32.67 -67.79 -31.75
C GLY G 2182 -31.49 -67.39 -32.59
N GLU G 2183 -31.20 -66.09 -32.66
CA GLU G 2183 -29.96 -65.60 -33.27
C GLU G 2183 -28.75 -65.89 -32.41
N SER G 2184 -28.70 -65.39 -31.17
CA SER G 2184 -27.51 -65.56 -30.34
C SER G 2184 -27.36 -66.99 -29.86
N LYS G 2185 -28.47 -67.70 -29.68
CA LYS G 2185 -28.44 -69.08 -29.23
C LYS G 2185 -28.22 -70.07 -30.36
N GLU G 2186 -27.61 -69.64 -31.46
CA GLU G 2186 -27.42 -70.42 -32.68
C GLU G 2186 -28.76 -70.56 -33.39
N ILE G 2187 -28.75 -70.42 -34.71
CA ILE G 2187 -29.98 -70.27 -35.48
C ILE G 2187 -30.84 -71.53 -35.38
N THR G 2188 -31.97 -71.41 -34.69
CA THR G 2188 -32.92 -72.50 -34.63
C THR G 2188 -33.81 -72.49 -35.86
N PHE G 2189 -34.33 -73.67 -36.20
CA PHE G 2189 -35.10 -73.87 -37.42
C PHE G 2189 -34.34 -73.34 -38.63
N PRO G 2190 -33.10 -73.78 -38.86
CA PRO G 2190 -32.31 -73.20 -39.96
C PRO G 2190 -32.91 -73.44 -41.33
N LYS G 2191 -33.66 -74.54 -41.50
CA LYS G 2191 -34.20 -74.87 -42.81
C LYS G 2191 -35.18 -73.80 -43.30
N MET G 2192 -36.05 -73.32 -42.42
CA MET G 2192 -37.03 -72.33 -42.86
C MET G 2192 -36.36 -70.99 -43.12
N VAL G 2193 -35.33 -70.64 -42.33
CA VAL G 2193 -34.56 -69.44 -42.62
C VAL G 2193 -33.90 -69.53 -43.98
N ALA G 2194 -33.33 -70.68 -44.29
CA ALA G 2194 -32.72 -70.90 -45.60
C ALA G 2194 -33.75 -70.75 -46.71
N ASN G 2195 -34.93 -71.34 -46.51
CA ASN G 2195 -35.98 -71.23 -47.52
C ASN G 2195 -36.44 -69.79 -47.70
N CYS G 2196 -36.57 -69.04 -46.61
CA CYS G 2196 -36.95 -67.63 -46.70
C CYS G 2196 -35.90 -66.85 -47.47
N CYS G 2197 -34.62 -67.10 -47.18
CA CYS G 2197 -33.56 -66.37 -47.87
C CYS G 2197 -33.54 -66.71 -49.36
N ARG G 2198 -33.73 -67.99 -49.70
CA ARG G 2198 -33.80 -68.38 -51.10
C ARG G 2198 -34.97 -67.71 -51.79
N PHE G 2199 -36.12 -67.66 -51.12
CA PHE G 2199 -37.30 -67.01 -51.69
C PHE G 2199 -37.03 -65.53 -51.92
N LEU G 2200 -36.39 -64.87 -50.96
CA LEU G 2200 -36.13 -63.44 -51.11
C LEU G 2200 -35.12 -63.17 -52.21
N CYS G 2201 -34.10 -64.02 -52.37
CA CYS G 2201 -33.17 -63.86 -53.47
C CYS G 2201 -33.85 -64.08 -54.82
N TYR G 2202 -34.71 -65.08 -54.92
CA TYR G 2202 -35.49 -65.26 -56.14
C TYR G 2202 -36.38 -64.05 -56.40
N PHE G 2203 -36.94 -63.47 -55.33
CA PHE G 2203 -37.73 -62.26 -55.48
C PHE G 2203 -36.89 -61.12 -56.06
N CYS G 2204 -35.64 -60.99 -55.60
CA CYS G 2204 -34.75 -59.99 -56.18
C CYS G 2204 -34.51 -60.26 -57.66
N ARG G 2205 -34.29 -61.53 -58.02
CA ARG G 2205 -33.98 -61.86 -59.41
C ARG G 2205 -35.18 -61.77 -60.33
N ILE G 2206 -36.41 -61.81 -59.80
CA ILE G 2206 -37.59 -61.77 -60.67
C ILE G 2206 -37.63 -60.46 -61.45
N SER G 2207 -37.52 -59.33 -60.76
CA SER G 2207 -37.65 -58.04 -61.41
C SER G 2207 -36.74 -57.03 -60.75
N ARG G 2208 -36.39 -55.99 -61.51
CA ARG G 2208 -35.47 -54.97 -61.00
C ARG G 2208 -36.12 -54.09 -59.95
N GLN G 2209 -37.43 -53.83 -60.09
CA GLN G 2209 -38.13 -53.07 -59.06
C GLN G 2209 -38.16 -53.82 -57.74
N ASN G 2210 -38.40 -55.13 -57.79
CA ASN G 2210 -38.34 -55.94 -56.57
C ASN G 2210 -36.97 -55.85 -55.94
N GLN G 2211 -35.92 -55.73 -56.76
CA GLN G 2211 -34.58 -55.59 -56.22
C GLN G 2211 -34.45 -54.31 -55.40
N LYS G 2212 -35.02 -53.20 -55.88
CA LYS G 2212 -34.96 -51.97 -55.12
C LYS G 2212 -35.81 -52.06 -53.85
N ALA G 2213 -37.00 -52.65 -53.97
CA ALA G 2213 -37.85 -52.81 -52.79
C ALA G 2213 -37.15 -53.63 -51.73
N MET G 2214 -36.36 -54.63 -52.15
CA MET G 2214 -35.63 -55.45 -51.20
C MET G 2214 -34.42 -54.70 -50.65
N PHE G 2215 -33.76 -53.90 -51.51
CA PHE G 2215 -32.64 -53.08 -51.07
C PHE G 2215 -33.04 -52.08 -50.01
N ASP G 2216 -34.29 -51.66 -50.01
CA ASP G 2216 -34.75 -50.74 -48.97
C ASP G 2216 -34.66 -51.33 -47.57
N HIS G 2217 -34.52 -52.66 -47.44
CA HIS G 2217 -34.36 -53.30 -46.15
C HIS G 2217 -32.91 -53.72 -45.88
N LEU G 2218 -31.96 -53.08 -46.55
CA LEU G 2218 -30.57 -53.52 -46.47
C LEU G 2218 -30.01 -53.36 -45.06
N SER G 2219 -30.38 -52.29 -44.36
CA SER G 2219 -29.76 -51.96 -43.09
C SER G 2219 -29.96 -53.08 -42.07
N TYR G 2220 -31.18 -53.60 -41.96
CA TYR G 2220 -31.43 -54.68 -41.02
C TYR G 2220 -30.66 -55.94 -41.42
N LEU G 2221 -30.69 -56.28 -42.71
CA LEU G 2221 -30.05 -57.50 -43.16
C LEU G 2221 -28.55 -57.48 -42.88
N LEU G 2222 -27.91 -56.33 -43.10
CA LEU G 2222 -26.48 -56.22 -42.84
C LEU G 2222 -26.19 -56.36 -41.35
N GLU G 2223 -27.13 -55.95 -40.49
CA GLU G 2223 -26.94 -56.15 -39.06
C GLU G 2223 -27.13 -57.61 -38.68
N ASN G 2224 -27.99 -58.32 -39.40
CA ASN G 2224 -28.16 -59.76 -39.24
C ASN G 2224 -27.35 -60.55 -40.26
N SER G 2225 -26.23 -60.01 -40.72
CA SER G 2225 -25.39 -60.73 -41.67
C SER G 2225 -24.83 -62.01 -41.04
N SER G 2226 -24.41 -61.94 -39.78
CA SER G 2226 -23.73 -63.06 -39.11
C SER G 2226 -24.78 -64.02 -38.53
N VAL G 2227 -25.51 -64.67 -39.43
CA VAL G 2227 -26.52 -65.66 -39.07
C VAL G 2227 -26.01 -67.07 -39.26
N GLY G 2228 -25.67 -67.44 -40.49
CA GLY G 2228 -25.24 -68.79 -40.77
C GLY G 2228 -24.07 -68.85 -41.73
N LEU G 2229 -23.22 -67.81 -41.68
CA LEU G 2229 -22.11 -67.73 -42.63
C LEU G 2229 -21.15 -68.89 -42.43
N ALA G 2230 -20.83 -69.23 -41.18
CA ALA G 2230 -19.82 -70.25 -40.93
C ALA G 2230 -20.36 -71.65 -41.19
N SER G 2231 -21.68 -71.79 -41.35
CA SER G 2231 -22.26 -73.10 -41.59
C SER G 2231 -22.42 -73.33 -43.09
N PRO G 2232 -21.67 -74.25 -43.69
CA PRO G 2232 -21.85 -74.55 -45.11
C PRO G 2232 -23.15 -75.33 -45.32
N ALA G 2233 -23.40 -75.68 -46.58
CA ALA G 2233 -24.64 -76.31 -47.03
C ALA G 2233 -25.81 -75.35 -46.86
N MET G 2234 -25.53 -74.15 -46.36
CA MET G 2234 -26.50 -73.08 -46.25
C MET G 2234 -26.04 -71.86 -47.04
N ARG G 2235 -24.94 -72.01 -47.79
CA ARG G 2235 -24.45 -70.93 -48.64
C ARG G 2235 -25.52 -70.52 -49.64
N GLY G 2236 -25.65 -69.21 -49.86
CA GLY G 2236 -26.72 -68.69 -50.66
C GLY G 2236 -28.05 -68.60 -49.95
N SER G 2237 -28.10 -68.92 -48.66
CA SER G 2237 -29.32 -68.91 -47.89
C SER G 2237 -29.20 -68.13 -46.59
N THR G 2238 -28.26 -67.21 -46.49
CA THR G 2238 -28.13 -66.36 -45.31
C THR G 2238 -28.59 -64.95 -45.65
N PRO G 2239 -28.92 -64.14 -44.63
CA PRO G 2239 -29.32 -62.76 -44.92
C PRO G 2239 -28.27 -61.95 -45.67
N LEU G 2240 -27.00 -62.27 -45.48
CA LEU G 2240 -25.95 -61.61 -46.25
C LEU G 2240 -26.08 -61.90 -47.74
N ASP G 2241 -26.43 -63.15 -48.09
CA ASP G 2241 -26.68 -63.47 -49.49
C ASP G 2241 -27.87 -62.69 -50.03
N VAL G 2242 -28.90 -62.51 -49.21
CA VAL G 2242 -30.06 -61.75 -49.64
C VAL G 2242 -29.68 -60.29 -49.88
N ALA G 2243 -28.83 -59.73 -49.01
CA ALA G 2243 -28.34 -58.37 -49.23
C ALA G 2243 -27.53 -58.27 -50.52
N ALA G 2244 -26.69 -59.28 -50.78
CA ALA G 2244 -25.94 -59.30 -52.02
C ALA G 2244 -26.85 -59.33 -53.23
N ALA G 2245 -27.92 -60.14 -53.17
CA ALA G 2245 -28.91 -60.14 -54.23
C ALA G 2245 -29.63 -58.79 -54.34
N SER G 2246 -29.81 -58.11 -53.22
CA SER G 2246 -30.46 -56.80 -53.24
C SER G 2246 -29.59 -55.77 -53.95
N VAL G 2247 -28.28 -55.86 -53.79
CA VAL G 2247 -27.40 -54.82 -54.34
C VAL G 2247 -26.55 -55.40 -55.47
N MET G 2248 -27.02 -56.47 -56.09
CA MET G 2248 -26.29 -57.15 -57.15
C MET G 2248 -26.70 -56.57 -58.50
N ASP G 2249 -25.72 -56.18 -59.30
CA ASP G 2249 -25.82 -55.82 -60.71
C ASP G 2249 -26.73 -54.61 -60.96
N ASN G 2250 -27.06 -53.82 -59.95
CA ASN G 2250 -27.85 -52.61 -60.13
C ASN G 2250 -26.96 -51.41 -59.85
N ASN G 2251 -26.64 -50.64 -60.89
CA ASN G 2251 -25.80 -49.46 -60.71
C ASN G 2251 -26.46 -48.45 -59.79
N GLU G 2252 -27.77 -48.23 -59.96
CA GLU G 2252 -28.47 -47.26 -59.13
C GLU G 2252 -28.39 -47.64 -57.66
N LEU G 2253 -28.67 -48.90 -57.34
CA LEU G 2253 -28.63 -49.35 -55.96
C LEU G 2253 -27.21 -49.33 -55.41
N ALA G 2254 -26.22 -49.72 -56.22
CA ALA G 2254 -24.83 -49.69 -55.77
C ALA G 2254 -24.40 -48.28 -55.43
N LEU G 2255 -24.77 -47.31 -56.27
CA LEU G 2255 -24.46 -45.92 -55.97
C LEU G 2255 -25.20 -45.44 -54.74
N ALA G 2256 -26.47 -45.83 -54.60
CA ALA G 2256 -27.27 -45.37 -53.46
C ALA G 2256 -26.77 -45.98 -52.16
N LEU G 2257 -26.03 -47.08 -52.25
CA LEU G 2257 -25.49 -47.73 -51.06
C LEU G 2257 -24.59 -46.78 -50.28
N ARG G 2258 -24.79 -46.74 -48.97
CA ARG G 2258 -24.14 -45.75 -48.13
C ARG G 2258 -22.81 -46.28 -47.58
N GLU G 2259 -22.03 -45.37 -47.00
CA GLU G 2259 -20.75 -45.70 -46.40
C GLU G 2259 -20.89 -46.44 -45.07
N PRO G 2260 -21.83 -46.08 -44.18
CA PRO G 2260 -22.00 -46.89 -42.96
C PRO G 2260 -22.37 -48.33 -43.24
N ASP G 2261 -23.12 -48.59 -44.30
CA ASP G 2261 -23.46 -49.96 -44.65
C ASP G 2261 -22.21 -50.77 -44.97
N LEU G 2262 -21.27 -50.18 -45.70
CA LEU G 2262 -19.99 -50.85 -45.93
C LEU G 2262 -19.18 -50.93 -44.66
N GLU G 2263 -19.31 -49.93 -43.79
CA GLU G 2263 -18.55 -49.93 -42.54
C GLU G 2263 -18.96 -51.09 -41.65
N LYS G 2264 -20.25 -51.43 -41.64
CA LYS G 2264 -20.71 -52.59 -40.88
C LYS G 2264 -20.02 -53.86 -41.35
N VAL G 2265 -19.95 -54.05 -42.67
CA VAL G 2265 -19.31 -55.24 -43.22
C VAL G 2265 -17.82 -55.24 -42.91
N VAL G 2266 -17.19 -54.07 -42.99
CA VAL G 2266 -15.77 -53.98 -42.67
C VAL G 2266 -15.52 -54.34 -41.22
N ARG G 2267 -16.39 -53.88 -40.32
CA ARG G 2267 -16.25 -54.22 -38.91
C ARG G 2267 -16.43 -55.72 -38.68
N TYR G 2268 -17.42 -56.31 -39.35
CA TYR G 2268 -17.60 -57.76 -39.24
C TYR G 2268 -16.37 -58.51 -39.73
N LEU G 2269 -15.82 -58.08 -40.87
CA LEU G 2269 -14.61 -58.71 -41.39
C LEU G 2269 -13.43 -58.54 -40.46
N ALA G 2270 -13.29 -57.37 -39.83
CA ALA G 2270 -12.25 -57.16 -38.84
C ALA G 2270 -12.42 -58.12 -37.67
N GLY G 2271 -13.64 -58.28 -37.18
CA GLY G 2271 -13.88 -59.22 -36.10
C GLY G 2271 -13.53 -60.64 -36.51
N CYS G 2272 -13.89 -61.04 -37.73
CA CYS G 2272 -13.56 -62.38 -38.22
C CYS G 2272 -12.07 -62.56 -38.43
N GLY G 2273 -11.33 -61.50 -38.74
CA GLY G 2273 -9.90 -61.61 -38.90
C GLY G 2273 -9.16 -61.60 -37.58
N LEU G 2274 -9.79 -61.03 -36.55
CA LEU G 2274 -9.14 -60.98 -35.24
C LEU G 2274 -9.44 -62.23 -34.40
N GLN G 2275 -10.70 -62.66 -34.36
CA GLN G 2275 -11.11 -63.74 -33.48
C GLN G 2275 -11.57 -64.95 -34.29
N SER G 2276 -11.36 -66.13 -33.73
CA SER G 2276 -11.72 -67.38 -34.39
C SER G 2276 -13.21 -67.64 -34.26
N CYS G 2277 -13.66 -68.71 -34.93
CA CYS G 2277 -15.07 -69.07 -34.89
C CYS G 2277 -15.38 -69.92 -33.67
N GLN G 2278 -16.24 -69.40 -32.81
CA GLN G 2278 -16.62 -70.08 -31.58
C GLN G 2278 -17.32 -71.40 -31.84
N MET G 2279 -18.22 -71.44 -32.82
CA MET G 2279 -18.91 -72.69 -33.13
C MET G 2279 -17.96 -73.74 -33.69
N LEU G 2280 -17.02 -73.34 -34.54
CA LEU G 2280 -16.00 -74.28 -35.02
C LEU G 2280 -15.11 -74.81 -33.90
N VAL G 2281 -14.62 -73.93 -33.02
CA VAL G 2281 -13.80 -74.43 -31.93
C VAL G 2281 -14.63 -75.29 -30.98
N SER G 2282 -15.94 -75.02 -30.89
CA SER G 2282 -16.81 -75.91 -30.13
C SER G 2282 -16.89 -77.29 -30.77
N LYS G 2283 -17.01 -77.34 -32.10
CA LYS G 2283 -16.95 -78.63 -32.78
C LYS G 2283 -15.57 -79.27 -32.69
N GLY G 2284 -14.56 -78.50 -32.32
CA GLY G 2284 -13.23 -79.04 -32.13
C GLY G 2284 -12.24 -78.78 -33.23
N TYR G 2285 -12.52 -77.84 -34.13
CA TYR G 2285 -11.56 -77.50 -35.16
C TYR G 2285 -10.31 -76.90 -34.51
N PRO G 2286 -9.14 -77.13 -35.10
CA PRO G 2286 -7.91 -76.53 -34.55
C PRO G 2286 -8.03 -75.01 -34.51
N ASP G 2287 -7.62 -74.43 -33.39
CA ASP G 2287 -7.89 -73.03 -33.11
C ASP G 2287 -6.78 -72.17 -33.70
N ILE G 2288 -7.06 -71.58 -34.86
CA ILE G 2288 -6.24 -70.51 -35.42
C ILE G 2288 -6.92 -69.20 -35.06
N GLY G 2289 -6.12 -68.13 -34.90
CA GLY G 2289 -6.64 -66.91 -34.32
C GLY G 2289 -7.76 -66.27 -35.12
N TRP G 2290 -7.81 -66.55 -36.42
CA TRP G 2290 -8.69 -65.84 -37.33
C TRP G 2290 -9.70 -66.78 -37.97
N ASN G 2291 -10.74 -66.18 -38.57
CA ASN G 2291 -11.86 -66.91 -39.14
C ASN G 2291 -11.91 -66.72 -40.66
N PRO G 2292 -11.45 -67.69 -41.44
CA PRO G 2292 -11.54 -67.54 -42.90
C PRO G 2292 -12.94 -67.75 -43.42
N VAL G 2293 -13.68 -68.72 -42.86
CA VAL G 2293 -14.97 -69.11 -43.42
C VAL G 2293 -15.95 -67.96 -43.36
N GLU G 2294 -16.01 -67.26 -42.23
CA GLU G 2294 -16.91 -66.12 -42.11
C GLU G 2294 -16.40 -64.94 -42.93
N GLY G 2295 -15.08 -64.76 -42.98
CA GLY G 2295 -14.52 -63.62 -43.68
C GLY G 2295 -14.77 -63.66 -45.18
N GLU G 2296 -14.76 -64.86 -45.76
CA GLU G 2296 -14.96 -64.97 -47.20
C GLU G 2296 -16.34 -64.49 -47.64
N ARG G 2297 -17.37 -64.73 -46.83
CA ARG G 2297 -18.71 -64.27 -47.17
C ARG G 2297 -18.79 -62.75 -47.21
N TYR G 2298 -18.21 -62.09 -46.21
CA TYR G 2298 -18.15 -60.64 -46.20
C TYR G 2298 -17.34 -60.11 -47.37
N LEU G 2299 -16.24 -60.78 -47.72
CA LEU G 2299 -15.49 -60.38 -48.90
C LEU G 2299 -16.33 -60.48 -50.17
N ASP G 2300 -17.13 -61.54 -50.30
CA ASP G 2300 -18.01 -61.67 -51.46
C ASP G 2300 -19.02 -60.53 -51.51
N PHE G 2301 -19.62 -60.19 -50.36
CA PHE G 2301 -20.58 -59.10 -50.35
C PHE G 2301 -19.92 -57.78 -50.74
N LEU G 2302 -18.72 -57.53 -50.22
CA LEU G 2302 -18.01 -56.31 -50.60
C LEU G 2302 -17.68 -56.31 -52.08
N ARG G 2303 -17.34 -57.48 -52.64
CA ARG G 2303 -17.11 -57.59 -54.07
C ARG G 2303 -18.34 -57.17 -54.86
N PHE G 2304 -19.50 -57.71 -54.49
CA PHE G 2304 -20.74 -57.33 -55.17
C PHE G 2304 -21.09 -55.87 -54.97
N ALA G 2305 -20.70 -55.27 -53.85
CA ALA G 2305 -20.97 -53.86 -53.63
C ALA G 2305 -20.08 -52.98 -54.49
N VAL G 2306 -18.83 -53.38 -54.71
CA VAL G 2306 -17.89 -52.48 -55.39
C VAL G 2306 -17.88 -52.69 -56.89
N PHE G 2307 -18.18 -53.90 -57.37
CA PHE G 2307 -17.99 -54.23 -58.77
C PHE G 2307 -19.34 -54.57 -59.37
N CYS G 2308 -19.68 -53.95 -60.50
CA CYS G 2308 -20.99 -54.08 -61.09
C CYS G 2308 -20.91 -54.02 -62.61
N ASN G 2309 -21.48 -55.04 -63.26
CA ASN G 2309 -21.63 -55.09 -64.71
C ASN G 2309 -20.29 -54.94 -65.42
N GLY G 2310 -19.27 -55.61 -64.88
CA GLY G 2310 -17.94 -55.55 -65.46
C GLY G 2310 -17.22 -54.26 -65.14
N GLU G 2311 -17.98 -53.23 -64.75
CA GLU G 2311 -17.41 -51.97 -64.34
C GLU G 2311 -17.17 -51.96 -62.83
N SER G 2312 -16.21 -51.15 -62.41
CA SER G 2312 -15.91 -50.97 -61.00
C SER G 2312 -16.47 -49.65 -60.53
N VAL G 2313 -17.40 -49.70 -59.57
CA VAL G 2313 -17.99 -48.51 -59.01
C VAL G 2313 -16.90 -47.79 -58.21
N GLU G 2314 -16.40 -46.68 -58.75
CA GLU G 2314 -15.27 -45.99 -58.13
C GLU G 2314 -15.62 -45.47 -56.75
N GLU G 2315 -16.82 -44.92 -56.59
CA GLU G 2315 -17.20 -44.34 -55.30
C GLU G 2315 -17.21 -45.40 -54.21
N ASN G 2316 -17.74 -46.58 -54.52
CA ASN G 2316 -17.76 -47.66 -53.54
C ASN G 2316 -16.37 -48.25 -53.32
N ALA G 2317 -15.60 -48.43 -54.39
CA ALA G 2317 -14.28 -49.02 -54.28
C ALA G 2317 -13.35 -48.16 -53.44
N ASN G 2318 -13.43 -46.84 -53.62
CA ASN G 2318 -12.59 -45.95 -52.82
C ASN G 2318 -12.92 -46.04 -51.34
N VAL G 2319 -14.19 -46.10 -50.98
CA VAL G 2319 -14.57 -46.25 -49.59
C VAL G 2319 -14.07 -47.58 -49.04
N VAL G 2320 -14.25 -48.65 -49.82
CA VAL G 2320 -13.90 -49.99 -49.32
C VAL G 2320 -12.40 -50.11 -49.12
N VAL G 2321 -11.61 -49.63 -50.07
CA VAL G 2321 -10.17 -49.73 -49.95
C VAL G 2321 -9.67 -48.93 -48.75
N ARG G 2322 -10.21 -47.71 -48.58
CA ARG G 2322 -9.82 -46.89 -47.45
C ARG G 2322 -10.17 -47.55 -46.13
N LEU G 2323 -11.36 -48.13 -46.03
CA LEU G 2323 -11.73 -48.81 -44.79
C LEU G 2323 -10.84 -50.03 -44.54
N LEU G 2324 -10.53 -50.78 -45.60
CA LEU G 2324 -9.71 -51.98 -45.44
C LEU G 2324 -8.30 -51.62 -44.97
N ILE G 2325 -7.72 -50.55 -45.53
CA ILE G 2325 -6.40 -50.15 -45.06
C ILE G 2325 -6.46 -49.44 -43.71
N ARG G 2326 -7.60 -48.83 -43.38
CA ARG G 2326 -7.79 -48.28 -42.04
C ARG G 2326 -7.75 -49.39 -40.99
N ARG G 2327 -8.38 -50.51 -41.29
CA ARG G 2327 -8.35 -51.66 -40.39
C ARG G 2327 -7.57 -52.80 -41.03
N PRO G 2328 -6.25 -52.85 -40.83
CA PRO G 2328 -5.44 -53.89 -41.49
C PRO G 2328 -5.73 -55.30 -41.00
N GLU G 2329 -6.54 -55.45 -39.94
CA GLU G 2329 -6.81 -56.79 -39.41
C GLU G 2329 -7.73 -57.58 -40.34
N CYS G 2330 -8.26 -56.94 -41.38
CA CYS G 2330 -9.15 -57.62 -42.31
C CYS G 2330 -8.41 -58.34 -43.43
N PHE G 2331 -7.08 -58.26 -43.48
CA PHE G 2331 -6.31 -58.80 -44.60
C PHE G 2331 -5.82 -60.21 -44.38
N GLY G 2332 -6.19 -60.85 -43.27
CA GLY G 2332 -5.62 -62.13 -42.92
C GLY G 2332 -4.27 -61.96 -42.27
N PRO G 2333 -3.82 -62.97 -41.53
CA PRO G 2333 -2.55 -62.84 -40.80
C PRO G 2333 -1.36 -62.56 -41.70
N ALA G 2334 -1.33 -63.14 -42.90
CA ALA G 2334 -0.17 -63.00 -43.76
C ALA G 2334 0.00 -61.57 -44.24
N LEU G 2335 -1.08 -60.94 -44.71
CA LEU G 2335 -1.02 -59.62 -45.28
C LEU G 2335 -1.18 -58.52 -44.26
N ARG G 2336 -0.93 -58.82 -42.98
CA ARG G 2336 -0.90 -57.77 -41.96
C ARG G 2336 0.22 -56.77 -42.24
N GLY G 2337 1.38 -57.26 -42.65
CA GLY G 2337 2.58 -56.47 -42.65
C GLY G 2337 3.28 -56.42 -41.30
N GLU G 2338 2.70 -57.04 -40.28
CA GLU G 2338 3.27 -57.08 -38.94
C GLU G 2338 3.88 -58.47 -38.75
N GLY G 2339 5.09 -58.66 -39.25
CA GLY G 2339 5.73 -59.95 -39.20
C GLY G 2339 4.98 -61.02 -39.96
N GLY G 2340 4.40 -60.64 -41.10
CA GLY G 2340 3.67 -61.57 -41.93
C GLY G 2340 4.56 -62.26 -42.95
N ASN G 2341 4.23 -63.51 -43.23
CA ASN G 2341 5.02 -64.32 -44.15
C ASN G 2341 4.71 -64.04 -45.62
N GLY G 2342 3.66 -63.27 -45.89
CA GLY G 2342 3.30 -62.94 -47.26
C GLY G 2342 2.27 -63.90 -47.83
N LEU G 2343 1.66 -63.48 -48.94
CA LEU G 2343 0.60 -64.26 -49.57
C LEU G 2343 1.13 -65.59 -50.07
N LEU G 2344 2.30 -65.59 -50.71
CA LEU G 2344 2.84 -66.82 -51.27
C LEU G 2344 3.14 -67.85 -50.19
N ALA G 2345 3.78 -67.41 -49.11
CA ALA G 2345 4.08 -68.32 -48.00
C ALA G 2345 2.80 -68.77 -47.31
N ALA G 2346 1.82 -67.88 -47.19
CA ALA G 2346 0.55 -68.25 -46.58
C ALA G 2346 -0.15 -69.34 -47.37
N MET G 2347 -0.17 -69.24 -48.70
CA MET G 2347 -0.85 -70.27 -49.48
C MET G 2347 -0.05 -71.57 -49.49
N GLU G 2348 1.28 -71.50 -49.38
CA GLU G 2348 2.04 -72.73 -49.17
C GLU G 2348 1.67 -73.39 -47.85
N GLU G 2349 1.52 -72.58 -46.79
CA GLU G 2349 1.07 -73.11 -45.52
C GLU G 2349 -0.33 -73.71 -45.64
N ALA G 2350 -1.21 -73.07 -46.41
CA ALA G 2350 -2.53 -73.62 -46.64
C ALA G 2350 -2.48 -74.94 -47.38
N ILE G 2351 -1.58 -75.07 -48.36
CA ILE G 2351 -1.36 -76.36 -49.01
C ILE G 2351 -0.98 -77.40 -47.98
N LYS G 2352 0.00 -77.09 -47.13
CA LYS G 2352 0.46 -78.03 -46.12
C LYS G 2352 -0.69 -78.44 -45.21
N ILE G 2353 -1.54 -77.47 -44.84
CA ILE G 2353 -2.73 -77.79 -44.05
C ILE G 2353 -3.61 -78.76 -44.81
N ALA G 2354 -3.78 -78.54 -46.12
CA ALA G 2354 -4.60 -79.41 -46.95
C ALA G 2354 -4.09 -80.84 -46.99
N GLU G 2355 -2.78 -81.07 -47.08
CA GLU G 2355 -2.30 -82.44 -46.99
C GLU G 2355 -2.31 -82.98 -45.57
N ASP G 2356 -2.17 -82.14 -44.55
CA ASP G 2356 -2.16 -82.63 -43.17
C ASP G 2356 -3.58 -82.89 -42.67
N PRO G 2357 -3.98 -84.14 -42.51
CA PRO G 2357 -5.36 -84.42 -42.09
C PRO G 2357 -5.66 -83.98 -40.67
N SER G 2358 -4.65 -84.06 -39.80
CA SER G 2358 -4.87 -83.76 -38.39
C SER G 2358 -5.28 -82.30 -38.19
N ARG G 2359 -4.57 -81.38 -38.83
CA ARG G 2359 -4.87 -79.96 -38.69
C ARG G 2359 -5.94 -79.50 -39.67
N ASP G 2360 -6.31 -80.34 -40.64
CA ASP G 2360 -7.32 -79.94 -41.61
C ASP G 2360 -8.73 -80.17 -41.07
N GLY G 2361 -9.03 -81.40 -40.66
CA GLY G 2361 -10.36 -81.74 -40.20
C GLY G 2361 -10.59 -81.38 -38.75
N PRO G 2362 -11.84 -81.51 -38.29
CA PRO G 2362 -12.15 -81.22 -36.88
C PRO G 2362 -11.40 -82.13 -35.92
N SER G 2363 -11.16 -83.37 -36.36
CA SER G 2363 -10.42 -84.36 -35.58
C SER G 2363 -11.06 -84.62 -34.22
N PRO G 2364 -12.23 -85.27 -34.17
CA PRO G 2364 -12.91 -85.58 -32.90
C PRO G 2364 -12.11 -86.56 -32.05
N GLU G 2377 -20.16 -84.57 -43.88
CA GLU G 2377 -20.65 -83.58 -44.84
C GLU G 2377 -19.79 -82.32 -44.80
N GLU G 2378 -20.09 -81.37 -45.69
CA GLU G 2378 -19.34 -80.12 -45.73
C GLU G 2378 -19.50 -79.32 -44.45
N ASP G 2379 -20.73 -79.24 -43.93
CA ASP G 2379 -20.94 -78.51 -42.67
C ASP G 2379 -20.23 -79.20 -41.51
N ASP G 2380 -20.28 -80.53 -41.47
CA ASP G 2380 -19.59 -81.26 -40.41
C ASP G 2380 -18.09 -81.21 -40.60
N THR G 2381 -17.62 -81.30 -41.85
CA THR G 2381 -16.20 -81.33 -42.17
C THR G 2381 -15.88 -80.19 -43.13
N ILE G 2382 -15.28 -79.13 -42.60
CA ILE G 2382 -14.82 -78.00 -43.40
C ILE G 2382 -13.30 -78.10 -43.51
N HIS G 2383 -12.79 -78.02 -44.73
CA HIS G 2383 -11.36 -78.06 -44.96
C HIS G 2383 -10.74 -76.71 -44.64
N MET G 2384 -9.92 -76.65 -43.58
CA MET G 2384 -9.36 -75.36 -43.16
C MET G 2384 -8.37 -74.81 -44.19
N GLY G 2385 -7.58 -75.68 -44.81
CA GLY G 2385 -6.68 -75.22 -45.85
C GLY G 2385 -7.41 -74.61 -47.02
N ASN G 2386 -8.46 -75.28 -47.50
CA ASN G 2386 -9.25 -74.73 -48.59
C ASN G 2386 -9.96 -73.45 -48.15
N ALA G 2387 -10.39 -73.38 -46.89
CA ALA G 2387 -11.04 -72.18 -46.40
C ALA G 2387 -10.09 -70.99 -46.41
N ILE G 2388 -8.85 -71.20 -45.96
CA ILE G 2388 -7.86 -70.13 -45.98
C ILE G 2388 -7.55 -69.72 -47.42
N MET G 2389 -7.40 -70.71 -48.29
CA MET G 2389 -7.15 -70.44 -49.70
C MET G 2389 -8.26 -69.59 -50.30
N THR G 2390 -9.52 -69.97 -50.03
CA THR G 2390 -10.65 -69.24 -50.57
C THR G 2390 -10.73 -67.84 -49.99
N PHE G 2391 -10.43 -67.69 -48.70
CA PHE G 2391 -10.42 -66.36 -48.09
C PHE G 2391 -9.44 -65.45 -48.80
N TYR G 2392 -8.20 -65.91 -48.97
CA TYR G 2392 -7.22 -65.07 -49.63
C TYR G 2392 -7.60 -64.81 -51.08
N SER G 2393 -8.11 -65.82 -51.78
CA SER G 2393 -8.54 -65.62 -53.15
C SER G 2393 -9.61 -64.54 -53.22
N ALA G 2394 -10.58 -64.58 -52.32
CA ALA G 2394 -11.62 -63.56 -52.27
C ALA G 2394 -11.04 -62.19 -51.97
N LEU G 2395 -10.06 -62.10 -51.07
CA LEU G 2395 -9.49 -60.80 -50.72
C LEU G 2395 -8.78 -60.17 -51.92
N ILE G 2396 -7.89 -60.92 -52.56
CA ILE G 2396 -7.21 -60.39 -53.74
C ILE G 2396 -8.19 -60.13 -54.89
N ASP G 2397 -9.24 -60.96 -55.01
CA ASP G 2397 -10.26 -60.67 -56.02
C ASP G 2397 -10.93 -59.34 -55.76
N LEU G 2398 -11.34 -59.11 -54.51
CA LEU G 2398 -12.01 -57.86 -54.15
C LEU G 2398 -11.09 -56.67 -54.40
N LEU G 2399 -9.83 -56.79 -54.03
CA LEU G 2399 -8.90 -55.67 -54.25
C LEU G 2399 -8.70 -55.41 -55.74
N GLY G 2400 -8.58 -56.48 -56.53
CA GLY G 2400 -8.45 -56.29 -57.97
C GLY G 2400 -9.66 -55.61 -58.58
N ARG G 2401 -10.85 -55.99 -58.11
CA ARG G 2401 -12.05 -55.32 -58.61
C ARG G 2401 -12.11 -53.87 -58.15
N CYS G 2402 -11.64 -53.60 -56.94
CA CYS G 2402 -11.62 -52.23 -56.43
C CYS G 2402 -10.61 -51.36 -57.17
N ALA G 2403 -9.62 -51.98 -57.81
CA ALA G 2403 -8.64 -51.21 -58.56
C ALA G 2403 -9.31 -50.34 -59.61
N PRO G 2404 -8.80 -49.14 -59.85
CA PRO G 2404 -9.46 -48.20 -60.76
C PRO G 2404 -9.36 -48.63 -62.20
N GLU G 2405 -10.16 -48.00 -63.05
CA GLU G 2405 -10.25 -48.38 -64.45
C GLU G 2405 -9.11 -47.77 -65.27
N MET G 2406 -8.79 -48.45 -66.37
CA MET G 2406 -7.67 -48.03 -67.21
C MET G 2406 -7.96 -46.72 -67.92
N HIS G 2407 -9.21 -46.47 -68.33
CA HIS G 2407 -9.51 -45.20 -68.98
C HIS G 2407 -9.33 -44.04 -68.01
N LEU G 2408 -9.78 -44.21 -66.75
CA LEU G 2408 -9.57 -43.17 -65.75
C LEU G 2408 -8.09 -42.97 -65.46
N ILE G 2409 -7.33 -44.06 -65.34
CA ILE G 2409 -5.92 -43.91 -65.02
C ILE G 2409 -5.17 -43.27 -66.18
N HIS G 2410 -5.59 -43.52 -67.42
CA HIS G 2410 -5.01 -42.82 -68.57
C HIS G 2410 -5.39 -41.35 -68.55
N ALA G 2411 -6.63 -41.03 -68.17
CA ALA G 2411 -7.01 -39.64 -67.96
C ALA G 2411 -6.16 -38.99 -66.88
N GLY G 2412 -5.64 -39.78 -65.95
CA GLY G 2412 -4.69 -39.26 -64.98
C GLY G 2412 -5.28 -38.73 -63.71
N LYS G 2413 -6.38 -39.32 -63.23
CA LYS G 2413 -6.97 -38.88 -61.98
C LYS G 2413 -6.05 -39.22 -60.81
N GLY G 2414 -5.73 -38.19 -60.02
CA GLY G 2414 -4.85 -38.38 -58.88
C GLY G 2414 -5.38 -39.36 -57.86
N GLU G 2415 -6.68 -39.32 -57.59
CA GLU G 2415 -7.25 -40.26 -56.64
C GLU G 2415 -7.13 -41.70 -57.16
N ALA G 2416 -7.35 -41.88 -58.46
CA ALA G 2416 -7.24 -43.21 -59.05
C ALA G 2416 -5.81 -43.73 -58.98
N ILE G 2417 -4.83 -42.89 -59.35
CA ILE G 2417 -3.44 -43.35 -59.28
C ILE G 2417 -3.04 -43.61 -57.84
N ARG G 2418 -3.56 -42.82 -56.91
CA ARG G 2418 -3.29 -43.07 -55.50
C ARG G 2418 -3.82 -44.43 -55.08
N ILE G 2419 -5.06 -44.75 -55.45
CA ILE G 2419 -5.64 -46.03 -55.07
C ILE G 2419 -4.85 -47.18 -55.67
N ARG G 2420 -4.48 -47.05 -56.95
CA ARG G 2420 -3.70 -48.11 -57.58
C ARG G 2420 -2.35 -48.28 -56.93
N SER G 2421 -1.69 -47.18 -56.53
CA SER G 2421 -0.43 -47.28 -55.82
C SER G 2421 -0.59 -47.95 -54.46
N ILE G 2422 -1.69 -47.64 -53.77
CA ILE G 2422 -1.93 -48.27 -52.46
C ILE G 2422 -2.10 -49.78 -52.64
N LEU G 2423 -2.85 -50.19 -53.66
CA LEU G 2423 -3.03 -51.62 -53.90
C LEU G 2423 -1.71 -52.29 -54.29
N ARG G 2424 -0.90 -51.58 -55.09
CA ARG G 2424 0.42 -52.09 -55.44
C ARG G 2424 1.29 -52.30 -54.21
N SER G 2425 1.23 -51.36 -53.27
CA SER G 2425 1.95 -51.53 -52.01
C SER G 2425 1.39 -52.70 -51.22
N LEU G 2426 0.06 -52.86 -51.23
CA LEU G 2426 -0.57 -53.92 -50.44
C LEU G 2426 -0.11 -55.30 -50.91
N ILE G 2427 -0.09 -55.53 -52.22
CA ILE G 2427 0.27 -56.83 -52.74
C ILE G 2427 1.52 -56.70 -53.62
N PRO G 2428 2.60 -57.41 -53.31
CA PRO G 2428 3.77 -57.40 -54.19
C PRO G 2428 3.58 -58.29 -55.40
N LEU G 2429 4.38 -58.04 -56.43
CA LEU G 2429 4.26 -58.78 -57.67
C LEU G 2429 4.77 -60.21 -57.54
N GLY G 2430 5.88 -60.40 -56.82
CA GLY G 2430 6.44 -61.72 -56.67
C GLY G 2430 5.50 -62.70 -56.01
N ASP G 2431 4.70 -62.23 -55.05
CA ASP G 2431 3.73 -63.10 -54.41
C ASP G 2431 2.69 -63.62 -55.40
N LEU G 2432 2.17 -62.72 -56.24
CA LEU G 2432 1.22 -63.15 -57.27
C LEU G 2432 1.86 -64.12 -58.25
N VAL G 2433 3.11 -63.85 -58.64
CA VAL G 2433 3.80 -64.74 -59.56
C VAL G 2433 3.95 -66.13 -58.93
N GLY G 2434 4.33 -66.18 -57.65
CA GLY G 2434 4.46 -67.46 -56.98
C GLY G 2434 3.15 -68.22 -56.86
N VAL G 2435 2.07 -67.51 -56.52
CA VAL G 2435 0.78 -68.17 -56.46
C VAL G 2435 0.36 -68.73 -57.81
N ILE G 2436 0.55 -67.96 -58.88
CA ILE G 2436 0.25 -68.48 -60.20
C ILE G 2436 1.16 -69.65 -60.56
N SER G 2437 2.41 -69.62 -60.10
CA SER G 2437 3.34 -70.70 -60.41
C SER G 2437 2.96 -72.00 -59.70
N ILE G 2438 2.34 -71.89 -58.52
CA ILE G 2438 1.93 -73.08 -57.79
C ILE G 2438 1.01 -73.93 -58.67
N ALA G 2439 1.28 -75.23 -58.72
CA ALA G 2439 0.60 -76.15 -59.61
C ALA G 2439 -0.50 -76.92 -58.87
N PHE G 2440 -1.22 -77.73 -59.63
CA PHE G 2440 -2.34 -78.50 -59.11
C PHE G 2440 -1.99 -79.98 -59.04
N GLN G 2441 -2.72 -80.70 -58.19
CA GLN G 2441 -2.62 -82.15 -58.18
C GLN G 2441 -3.34 -82.72 -59.38
N MET G 2442 -2.78 -83.78 -59.95
CA MET G 2442 -3.40 -84.34 -61.14
C MET G 2442 -4.17 -85.60 -60.80
N PRO G 2443 -5.50 -85.59 -60.92
CA PRO G 2443 -6.26 -86.84 -60.79
C PRO G 2443 -5.84 -87.84 -61.85
N THR G 2444 -5.83 -89.11 -61.48
CA THR G 2444 -5.28 -90.16 -62.33
C THR G 2444 -6.24 -91.35 -62.39
N ILE G 2445 -5.99 -92.23 -63.36
CA ILE G 2445 -6.67 -93.51 -63.37
C ILE G 2445 -5.98 -94.46 -62.40
N ALA G 2446 -6.76 -95.33 -61.78
CA ALA G 2446 -6.21 -96.29 -60.84
C ALA G 2446 -5.63 -97.49 -61.57
N LYS G 2447 -5.21 -98.49 -60.79
CA LYS G 2447 -4.70 -99.72 -61.38
C LYS G 2447 -5.76 -100.41 -62.24
N ASP G 2448 -7.00 -100.44 -61.76
CA ASP G 2448 -8.08 -101.00 -62.54
C ASP G 2448 -8.33 -100.19 -63.80
N GLY G 2449 -8.19 -98.88 -63.71
CA GLY G 2449 -8.45 -97.97 -64.81
C GLY G 2449 -9.44 -96.88 -64.48
N ASN G 2450 -10.26 -97.03 -63.44
CA ASN G 2450 -11.17 -95.98 -63.02
C ASN G 2450 -10.38 -94.78 -62.50
N VAL G 2451 -10.86 -93.58 -62.81
CA VAL G 2451 -10.15 -92.37 -62.42
C VAL G 2451 -10.28 -92.18 -60.92
N VAL G 2452 -9.18 -91.83 -60.27
CA VAL G 2452 -9.19 -91.40 -58.88
C VAL G 2452 -9.22 -89.88 -58.85
N GLU G 2453 -10.15 -89.32 -58.09
CA GLU G 2453 -10.38 -87.88 -58.08
C GLU G 2453 -10.20 -87.34 -56.68
N PRO G 2454 -9.20 -86.50 -56.43
CA PRO G 2454 -9.12 -85.81 -55.14
C PRO G 2454 -10.32 -84.90 -54.95
N ASP G 2455 -10.73 -84.73 -53.69
CA ASP G 2455 -11.86 -83.87 -53.39
C ASP G 2455 -11.56 -82.44 -53.79
N MET G 2456 -12.20 -81.99 -54.87
CA MET G 2456 -11.96 -80.62 -55.34
C MET G 2456 -12.35 -79.57 -54.32
N SER G 2457 -13.32 -79.85 -53.45
CA SER G 2457 -13.64 -78.89 -52.40
C SER G 2457 -12.50 -78.76 -51.40
N ALA G 2458 -11.53 -79.66 -51.44
CA ALA G 2458 -10.36 -79.60 -50.58
C ALA G 2458 -9.09 -79.40 -51.41
N GLY G 2459 -8.30 -78.42 -51.05
CA GLY G 2459 -7.03 -78.17 -51.71
C GLY G 2459 -7.07 -76.92 -52.57
N PHE G 2460 -6.10 -76.85 -53.48
CA PHE G 2460 -5.89 -75.67 -54.30
C PHE G 2460 -6.66 -75.81 -55.61
N CYS G 2461 -7.43 -74.78 -55.96
CA CYS G 2461 -8.37 -74.85 -57.06
C CYS G 2461 -8.13 -73.75 -58.08
N PRO G 2462 -8.48 -73.99 -59.35
CA PRO G 2462 -8.20 -72.98 -60.39
C PRO G 2462 -8.87 -71.63 -60.15
N ASP G 2463 -10.06 -71.64 -59.53
CA ASP G 2463 -10.71 -70.37 -59.22
C ASP G 2463 -9.86 -69.53 -58.28
N HIS G 2464 -9.03 -70.18 -57.47
CA HIS G 2464 -8.12 -69.45 -56.59
C HIS G 2464 -7.12 -68.64 -57.41
N LYS G 2465 -6.54 -69.25 -58.43
CA LYS G 2465 -5.62 -68.52 -59.31
C LYS G 2465 -6.35 -67.53 -60.20
N ALA G 2466 -7.64 -67.74 -60.44
CA ALA G 2466 -8.38 -66.79 -61.26
C ALA G 2466 -8.36 -65.39 -60.64
N ALA G 2467 -8.55 -65.30 -59.32
CA ALA G 2467 -8.46 -64.01 -58.64
C ALA G 2467 -7.07 -63.41 -58.74
N MET G 2468 -6.02 -64.24 -58.62
CA MET G 2468 -4.67 -63.74 -58.74
C MET G 2468 -4.43 -63.13 -60.11
N VAL G 2469 -4.90 -63.82 -61.16
CA VAL G 2469 -4.76 -63.29 -62.51
C VAL G 2469 -5.57 -62.01 -62.68
N LEU G 2470 -6.78 -61.96 -62.09
CA LEU G 2470 -7.57 -60.74 -62.17
C LEU G 2470 -6.84 -59.55 -61.57
N PHE G 2471 -6.26 -59.74 -60.38
CA PHE G 2471 -5.50 -58.66 -59.75
C PHE G 2471 -4.29 -58.28 -60.59
N LEU G 2472 -3.58 -59.29 -61.11
CA LEU G 2472 -2.39 -59.00 -61.91
C LEU G 2472 -2.75 -58.17 -63.14
N ASP G 2473 -3.88 -58.49 -63.77
CA ASP G 2473 -4.29 -57.75 -64.96
C ASP G 2473 -4.74 -56.34 -64.60
N ARG G 2474 -5.60 -56.20 -63.59
CA ARG G 2474 -6.24 -54.91 -63.37
C ARG G 2474 -5.35 -53.94 -62.60
N VAL G 2475 -4.42 -54.42 -61.79
CA VAL G 2475 -3.57 -53.57 -60.95
C VAL G 2475 -2.22 -53.32 -61.62
N TYR G 2476 -1.44 -54.38 -61.83
CA TYR G 2476 -0.14 -54.21 -62.47
C TYR G 2476 -0.27 -54.02 -63.97
N GLY G 2477 -1.05 -54.87 -64.63
CA GLY G 2477 -1.18 -54.79 -66.07
C GLY G 2477 0.00 -55.40 -66.78
N ILE G 2478 -0.25 -56.11 -67.88
CA ILE G 2478 0.82 -56.75 -68.62
C ILE G 2478 1.21 -55.85 -69.79
N GLU G 2479 2.27 -55.07 -69.62
CA GLU G 2479 2.71 -54.13 -70.64
C GLU G 2479 4.18 -54.33 -71.02
N VAL G 2480 4.85 -55.31 -70.44
CA VAL G 2480 6.25 -55.60 -70.74
C VAL G 2480 6.33 -57.01 -71.29
N GLN G 2481 6.99 -57.14 -72.45
CA GLN G 2481 7.16 -58.46 -73.05
C GLN G 2481 7.98 -59.38 -72.15
N ASP G 2482 8.99 -58.83 -71.49
CA ASP G 2482 9.81 -59.64 -70.58
C ASP G 2482 8.96 -60.22 -69.46
N PHE G 2483 8.11 -59.39 -68.84
CA PHE G 2483 7.27 -59.89 -67.76
C PHE G 2483 6.22 -60.86 -68.30
N LEU G 2484 5.69 -60.59 -69.48
CA LEU G 2484 4.72 -61.51 -70.08
C LEU G 2484 5.33 -62.89 -70.27
N LEU G 2485 6.52 -62.96 -70.87
CA LEU G 2485 7.17 -64.25 -71.07
C LEU G 2485 7.61 -64.88 -69.77
N HIS G 2486 8.00 -64.09 -68.76
CA HIS G 2486 8.34 -64.68 -67.47
C HIS G 2486 7.13 -65.31 -66.80
N LEU G 2487 5.99 -64.62 -66.83
CA LEU G 2487 4.75 -65.19 -66.31
C LEU G 2487 4.35 -66.45 -67.07
N LEU G 2488 4.50 -66.44 -68.40
CA LEU G 2488 4.23 -67.64 -69.18
C LEU G 2488 5.17 -68.78 -68.81
N GLU G 2489 6.44 -68.48 -68.56
CA GLU G 2489 7.37 -69.47 -68.03
C GLU G 2489 6.88 -70.07 -66.71
N VAL G 2490 6.50 -69.23 -65.76
CA VAL G 2490 6.35 -69.70 -64.39
C VAL G 2490 4.98 -70.31 -64.13
N GLY G 2491 3.91 -69.73 -64.65
CA GLY G 2491 2.59 -70.16 -64.20
C GLY G 2491 1.54 -70.47 -65.26
N PHE G 2492 1.79 -70.09 -66.51
CA PHE G 2492 0.74 -70.23 -67.51
C PHE G 2492 0.95 -71.46 -68.38
N LEU G 2493 2.13 -71.60 -68.97
CA LEU G 2493 2.43 -72.71 -69.85
C LEU G 2493 2.31 -74.06 -69.14
N PRO G 2494 2.79 -74.22 -67.90
CA PRO G 2494 2.53 -75.48 -67.19
C PRO G 2494 1.04 -75.78 -67.04
N ASP G 2495 0.22 -74.77 -66.76
CA ASP G 2495 -1.22 -74.98 -66.65
C ASP G 2495 -1.79 -75.44 -67.99
N LEU G 2496 -1.38 -74.77 -69.07
CA LEU G 2496 -1.88 -75.14 -70.39
C LEU G 2496 -1.47 -76.57 -70.75
N ARG G 2497 -0.23 -76.93 -70.45
CA ARG G 2497 0.24 -78.29 -70.72
C ARG G 2497 -0.49 -79.32 -69.88
N ALA G 2498 -0.76 -79.04 -68.62
CA ALA G 2498 -1.56 -79.94 -67.81
C ALA G 2498 -2.96 -80.11 -68.36
N ALA G 2499 -3.59 -79.01 -68.78
CA ALA G 2499 -4.92 -79.12 -69.38
C ALA G 2499 -4.88 -79.98 -70.64
N ALA G 2500 -3.84 -79.80 -71.46
CA ALA G 2500 -3.71 -80.63 -72.65
C ALA G 2500 -3.51 -82.10 -72.30
N SER G 2501 -2.67 -82.39 -71.32
CA SER G 2501 -2.41 -83.76 -70.90
C SER G 2501 -3.62 -84.43 -70.26
N LEU G 2502 -4.55 -83.66 -69.71
CA LEU G 2502 -5.78 -84.20 -69.14
C LEU G 2502 -6.91 -84.29 -70.16
N ASP G 2503 -6.59 -84.52 -71.43
CA ASP G 2503 -7.59 -84.58 -72.48
C ASP G 2503 -7.98 -86.00 -72.86
N THR G 2504 -7.51 -87.01 -72.14
CA THR G 2504 -7.94 -88.38 -72.43
C THR G 2504 -9.42 -88.55 -72.08
N ALA G 2505 -10.06 -89.52 -72.73
CA ALA G 2505 -11.51 -89.68 -72.59
C ALA G 2505 -11.91 -89.90 -71.14
N ALA G 2506 -11.15 -90.69 -70.39
CA ALA G 2506 -11.48 -90.92 -68.98
C ALA G 2506 -11.17 -89.68 -68.14
N LEU G 2507 -10.01 -89.07 -68.37
CA LEU G 2507 -9.58 -87.95 -67.55
C LEU G 2507 -10.23 -86.63 -67.97
N SER G 2508 -10.85 -86.57 -69.14
CA SER G 2508 -11.53 -85.34 -69.55
C SER G 2508 -12.76 -85.08 -68.70
N ALA G 2509 -13.52 -86.14 -68.37
CA ALA G 2509 -14.77 -85.98 -67.66
C ALA G 2509 -14.57 -85.56 -66.21
N THR G 2510 -13.37 -85.68 -65.67
CA THR G 2510 -13.10 -85.31 -64.29
C THR G 2510 -13.41 -83.84 -64.04
N ASP G 2511 -14.01 -83.56 -62.88
CA ASP G 2511 -14.41 -82.20 -62.55
C ASP G 2511 -13.21 -81.26 -62.51
N MET G 2512 -12.02 -81.80 -62.20
CA MET G 2512 -10.83 -80.97 -62.21
C MET G 2512 -10.59 -80.41 -63.60
N ALA G 2513 -10.76 -81.25 -64.63
CA ALA G 2513 -10.54 -80.81 -66.00
C ALA G 2513 -11.52 -79.71 -66.37
N LEU G 2514 -12.79 -79.86 -65.96
CA LEU G 2514 -13.77 -78.83 -66.22
C LEU G 2514 -13.39 -77.52 -65.55
N ALA G 2515 -12.98 -77.59 -64.28
CA ALA G 2515 -12.59 -76.37 -63.57
C ALA G 2515 -11.38 -75.71 -64.21
N LEU G 2516 -10.40 -76.52 -64.62
CA LEU G 2516 -9.19 -75.97 -65.21
C LEU G 2516 -9.48 -75.35 -66.57
N ASN G 2517 -10.33 -75.99 -67.37
CA ASN G 2517 -10.73 -75.40 -68.64
C ASN G 2517 -11.47 -74.10 -68.43
N ARG G 2518 -12.35 -74.06 -67.42
CA ARG G 2518 -13.03 -72.81 -67.08
C ARG G 2518 -12.02 -71.72 -66.75
N TYR G 2519 -11.08 -72.03 -65.86
CA TYR G 2519 -10.07 -71.04 -65.48
C TYR G 2519 -9.31 -70.54 -66.69
N LEU G 2520 -8.81 -71.46 -67.52
CA LEU G 2520 -8.06 -71.07 -68.71
C LEU G 2520 -8.89 -70.15 -69.59
N CYS G 2521 -10.01 -70.67 -70.11
CA CYS G 2521 -10.80 -69.95 -71.10
C CYS G 2521 -11.47 -68.70 -70.55
N THR G 2522 -11.50 -68.51 -69.22
CA THR G 2522 -12.14 -67.32 -68.71
C THR G 2522 -11.13 -66.27 -68.26
N ALA G 2523 -9.92 -66.68 -67.86
CA ALA G 2523 -8.95 -65.72 -67.35
C ALA G 2523 -7.68 -65.67 -68.17
N VAL G 2524 -7.08 -66.81 -68.49
CA VAL G 2524 -5.73 -66.81 -69.07
C VAL G 2524 -5.78 -66.39 -70.53
N LEU G 2525 -6.61 -67.09 -71.31
CA LEU G 2525 -6.69 -66.80 -72.74
C LEU G 2525 -7.15 -65.37 -73.04
N PRO G 2526 -8.17 -64.81 -72.37
CA PRO G 2526 -8.48 -63.39 -72.62
C PRO G 2526 -7.31 -62.46 -72.33
N LEU G 2527 -6.53 -62.75 -71.28
CA LEU G 2527 -5.39 -61.91 -70.97
C LEU G 2527 -4.34 -61.97 -72.09
N LEU G 2528 -4.04 -63.17 -72.56
CA LEU G 2528 -3.11 -63.33 -73.67
C LEU G 2528 -3.63 -62.69 -74.95
N THR G 2529 -4.94 -62.72 -75.18
CA THR G 2529 -5.54 -62.05 -76.32
C THR G 2529 -5.37 -60.53 -76.23
N ARG G 2530 -5.63 -59.96 -75.07
CA ARG G 2530 -5.46 -58.53 -74.86
C ARG G 2530 -3.99 -58.12 -74.87
N CYS G 2531 -3.07 -59.05 -74.62
CA CYS G 2531 -1.65 -58.79 -74.65
C CYS G 2531 -1.01 -59.23 -75.98
N ALA G 2532 -1.81 -59.30 -77.03
CA ALA G 2532 -1.32 -59.78 -78.32
C ALA G 2532 -0.19 -58.95 -78.89
N PRO G 2533 -0.25 -57.61 -78.92
CA PRO G 2533 0.86 -56.85 -79.55
C PRO G 2533 2.21 -57.12 -78.93
N LEU G 2534 2.27 -57.33 -77.61
CA LEU G 2534 3.54 -57.58 -76.95
C LEU G 2534 4.24 -58.80 -77.54
N PHE G 2535 3.48 -59.75 -78.07
CA PHE G 2535 4.04 -60.95 -78.68
C PHE G 2535 4.80 -60.66 -79.96
N ALA G 2536 4.91 -59.41 -80.42
CA ALA G 2536 5.68 -59.13 -81.62
C ALA G 2536 7.16 -59.48 -81.43
N GLY G 2537 7.72 -59.11 -80.29
CA GLY G 2537 9.12 -59.39 -80.01
C GLY G 2537 9.34 -60.71 -79.29
N THR G 2538 9.15 -61.82 -80.01
CA THR G 2538 9.35 -63.15 -79.46
C THR G 2538 10.38 -63.96 -80.23
N GLU G 2539 11.36 -63.29 -80.86
CA GLU G 2539 12.39 -63.99 -81.60
C GLU G 2539 13.21 -64.91 -80.69
N HIS G 2540 13.57 -64.43 -79.50
CA HIS G 2540 14.49 -65.16 -78.64
C HIS G 2540 13.82 -66.40 -78.03
N HIS G 2541 12.59 -66.25 -77.55
CA HIS G 2541 11.87 -67.38 -76.97
C HIS G 2541 11.02 -68.12 -78.01
N ALA G 2542 11.68 -68.54 -79.09
CA ALA G 2542 10.97 -69.27 -80.13
C ALA G 2542 10.43 -70.59 -79.61
N SER G 2543 11.22 -71.30 -78.80
CA SER G 2543 10.74 -72.55 -78.22
C SER G 2543 9.53 -72.31 -77.32
N LEU G 2544 9.59 -71.23 -76.53
CA LEU G 2544 8.46 -70.88 -75.67
C LEU G 2544 7.20 -70.62 -76.48
N ILE G 2545 7.29 -69.77 -77.51
CA ILE G 2545 6.10 -69.42 -78.26
C ILE G 2545 5.57 -70.64 -79.03
N ASP G 2546 6.47 -71.48 -79.53
CA ASP G 2546 6.04 -72.72 -80.19
C ASP G 2546 5.32 -73.65 -79.22
N SER G 2547 5.83 -73.81 -78.00
CA SER G 2547 5.16 -74.62 -76.99
C SER G 2547 3.79 -74.07 -76.67
N LEU G 2548 3.68 -72.75 -76.51
CA LEU G 2548 2.36 -72.15 -76.28
C LEU G 2548 1.42 -72.48 -77.43
N LEU G 2549 1.87 -72.29 -78.67
CA LEU G 2549 1.01 -72.53 -79.81
C LEU G 2549 0.56 -73.98 -79.85
N HIS G 2550 1.48 -74.92 -79.60
CA HIS G 2550 1.11 -76.33 -79.67
C HIS G 2550 0.14 -76.71 -78.56
N THR G 2551 0.36 -76.19 -77.35
CA THR G 2551 -0.56 -76.49 -76.26
C THR G 2551 -1.95 -75.92 -76.54
N VAL G 2552 -2.02 -74.69 -77.04
CA VAL G 2552 -3.31 -74.10 -77.37
C VAL G 2552 -4.00 -74.89 -78.45
N TYR G 2553 -3.26 -75.32 -79.48
CA TYR G 2553 -3.88 -76.12 -80.53
C TYR G 2553 -4.38 -77.46 -80.01
N ARG G 2554 -3.62 -78.11 -79.14
CA ARG G 2554 -4.07 -79.38 -78.56
C ARG G 2554 -5.34 -79.17 -77.73
N LEU G 2555 -5.39 -78.09 -76.96
CA LEU G 2555 -6.61 -77.78 -76.22
C LEU G 2555 -7.77 -77.56 -77.18
N SER G 2556 -7.53 -76.86 -78.29
CA SER G 2556 -8.55 -76.62 -79.29
C SER G 2556 -9.13 -77.91 -79.86
N LYS G 2557 -8.31 -78.93 -80.07
CA LYS G 2557 -8.79 -80.24 -80.48
C LYS G 2557 -9.38 -81.05 -79.34
N GLY G 2558 -9.13 -80.64 -78.10
CA GLY G 2558 -9.81 -81.27 -76.98
C GLY G 2558 -11.32 -81.20 -77.15
N CYS G 2559 -12.01 -82.23 -76.65
CA CYS G 2559 -13.42 -82.42 -76.94
C CYS G 2559 -14.35 -81.89 -75.86
N SER G 2560 -13.97 -81.99 -74.59
CA SER G 2560 -14.87 -81.67 -73.49
C SER G 2560 -15.18 -80.17 -73.40
N LEU G 2561 -14.58 -79.35 -74.26
CA LEU G 2561 -14.80 -77.92 -74.21
C LEU G 2561 -16.24 -77.57 -74.52
N THR G 2562 -16.72 -76.48 -73.93
CA THR G 2562 -18.00 -75.92 -74.31
C THR G 2562 -17.84 -75.07 -75.55
N LYS G 2563 -18.98 -74.65 -76.11
CA LYS G 2563 -18.96 -73.82 -77.31
C LYS G 2563 -18.27 -72.48 -77.04
N ALA G 2564 -18.59 -71.86 -75.90
CA ALA G 2564 -17.96 -70.59 -75.56
C ALA G 2564 -16.47 -70.78 -75.31
N GLN G 2565 -16.09 -71.88 -74.66
CA GLN G 2565 -14.68 -72.16 -74.43
C GLN G 2565 -13.93 -72.31 -75.75
N ARG G 2566 -14.52 -73.04 -76.70
CA ARG G 2566 -13.90 -73.20 -78.01
C ARG G 2566 -13.78 -71.86 -78.71
N ASP G 2567 -14.83 -71.03 -78.61
CA ASP G 2567 -14.79 -69.72 -79.25
C ASP G 2567 -13.66 -68.86 -78.67
N SER G 2568 -13.51 -68.89 -77.35
CA SER G 2568 -12.45 -68.12 -76.70
C SER G 2568 -11.08 -68.62 -77.13
N ILE G 2569 -10.90 -69.94 -77.19
CA ILE G 2569 -9.62 -70.50 -77.61
C ILE G 2569 -9.30 -70.09 -79.03
N GLU G 2570 -10.30 -70.17 -79.92
CA GLU G 2570 -10.10 -69.78 -81.31
C GLU G 2570 -9.71 -68.32 -81.42
N VAL G 2571 -10.42 -67.45 -80.71
CA VAL G 2571 -10.14 -66.02 -80.76
C VAL G 2571 -8.72 -65.75 -80.26
N CYS G 2572 -8.35 -66.36 -79.14
CA CYS G 2572 -7.02 -66.13 -78.57
C CYS G 2572 -5.92 -66.59 -79.52
N LEU G 2573 -6.09 -67.80 -80.08
CA LEU G 2573 -5.06 -68.33 -80.96
C LEU G 2573 -4.93 -67.50 -82.24
N LEU G 2574 -6.06 -67.10 -82.83
CA LEU G 2574 -6.00 -66.24 -84.00
C LEU G 2574 -5.33 -64.91 -83.67
N SER G 2575 -5.68 -64.30 -82.54
CA SER G 2575 -5.09 -63.03 -82.17
C SER G 2575 -3.57 -63.14 -82.00
N ILE G 2576 -3.13 -64.20 -81.31
CA ILE G 2576 -1.69 -64.34 -81.08
C ILE G 2576 -0.96 -64.60 -82.38
N CYS G 2577 -1.46 -65.54 -83.19
CA CYS G 2577 -0.80 -65.86 -84.45
C CYS G 2577 -0.84 -64.67 -85.40
N GLY G 2578 -1.77 -63.74 -85.19
CA GLY G 2578 -1.83 -62.57 -86.05
CA GLY G 2578 -1.83 -62.57 -86.05
C GLY G 2578 -0.58 -61.72 -85.97
N GLN G 2579 -0.10 -61.45 -84.76
CA GLN G 2579 1.09 -60.63 -84.59
C GLN G 2579 2.36 -61.45 -84.37
N LEU G 2580 2.28 -62.78 -84.29
CA LEU G 2580 3.53 -63.52 -84.25
C LEU G 2580 4.26 -63.42 -85.59
N ARG G 2581 5.59 -63.48 -85.50
CA ARG G 2581 6.43 -63.35 -86.68
C ARG G 2581 6.33 -64.61 -87.55
N PRO G 2582 6.31 -64.45 -88.88
CA PRO G 2582 5.92 -65.57 -89.75
C PRO G 2582 6.74 -66.84 -89.61
N SER G 2583 8.07 -66.76 -89.46
CA SER G 2583 8.86 -67.99 -89.48
C SER G 2583 8.54 -68.86 -88.28
N MET G 2584 7.98 -68.26 -87.22
CA MET G 2584 7.69 -69.03 -86.02
C MET G 2584 6.29 -69.63 -86.06
N MET G 2585 5.50 -69.33 -87.08
CA MET G 2585 4.37 -70.18 -87.41
C MET G 2585 4.79 -71.58 -87.84
N GLN G 2586 5.98 -71.75 -88.41
CA GLN G 2586 6.30 -72.95 -89.16
C GLN G 2586 6.08 -74.21 -88.34
N HIS G 2587 6.46 -74.19 -87.06
CA HIS G 2587 6.30 -75.37 -86.22
C HIS G 2587 4.83 -75.72 -86.06
N LEU G 2588 3.98 -74.72 -85.80
CA LEU G 2588 2.54 -74.98 -85.70
C LEU G 2588 1.95 -75.38 -87.04
N LEU G 2589 2.46 -74.80 -88.12
CA LEU G 2589 2.00 -75.14 -89.45
C LEU G 2589 2.28 -76.61 -89.76
N ARG G 2590 3.44 -77.10 -89.33
CA ARG G 2590 3.78 -78.50 -89.54
C ARG G 2590 2.75 -79.42 -88.91
N ARG G 2591 2.24 -79.05 -87.73
CA ARG G 2591 1.17 -79.82 -87.11
C ARG G 2591 -0.18 -79.57 -87.77
N LEU G 2592 -0.38 -78.38 -88.33
CA LEU G 2592 -1.67 -78.05 -88.93
C LEU G 2592 -1.87 -78.81 -90.24
N VAL G 2593 -0.80 -78.99 -91.02
CA VAL G 2593 -0.96 -79.45 -92.40
C VAL G 2593 -1.52 -80.85 -92.47
N PHE G 2594 -1.15 -81.73 -91.53
CA PHE G 2594 -1.63 -83.10 -91.63
C PHE G 2594 -2.95 -83.30 -90.91
N ASP G 2595 -3.42 -82.32 -90.14
CA ASP G 2595 -4.69 -82.43 -89.44
C ASP G 2595 -5.84 -81.73 -90.15
N VAL G 2596 -5.54 -80.79 -91.04
CA VAL G 2596 -6.58 -80.10 -91.80
C VAL G 2596 -7.27 -81.00 -92.83
N PRO G 2597 -6.59 -81.92 -93.54
CA PRO G 2597 -7.27 -82.62 -94.65
C PRO G 2597 -8.48 -83.42 -94.22
N LEU G 2598 -8.66 -83.65 -92.92
CA LEU G 2598 -9.87 -84.34 -92.45
C LEU G 2598 -11.12 -83.54 -92.81
N LEU G 2599 -11.05 -82.22 -92.74
CA LEU G 2599 -12.18 -81.34 -93.00
C LEU G 2599 -13.38 -81.72 -92.13
N ASN G 2600 -13.10 -82.08 -90.89
CA ASN G 2600 -14.16 -82.29 -89.91
C ASN G 2600 -14.48 -80.96 -89.23
N GLU G 2601 -15.34 -81.02 -88.21
CA GLU G 2601 -15.71 -79.81 -87.50
C GLU G 2601 -14.52 -79.20 -86.76
N HIS G 2602 -13.59 -80.05 -86.31
CA HIS G 2602 -12.40 -79.53 -85.64
C HIS G 2602 -11.48 -78.78 -86.59
N ALA G 2603 -11.68 -78.96 -87.89
CA ALA G 2603 -10.81 -78.35 -88.88
C ALA G 2603 -11.23 -76.93 -89.25
N LYS G 2604 -12.30 -76.41 -88.65
CA LYS G 2604 -12.78 -75.09 -89.02
C LYS G 2604 -11.77 -74.01 -88.65
N MET G 2605 -11.31 -73.98 -87.41
CA MET G 2605 -10.45 -72.88 -87.00
C MET G 2605 -9.03 -73.00 -87.54
N PRO G 2606 -8.48 -74.21 -87.81
CA PRO G 2606 -7.19 -74.24 -88.52
C PRO G 2606 -7.25 -73.53 -89.85
N LEU G 2607 -8.38 -73.64 -90.54
CA LEU G 2607 -8.57 -73.00 -91.82
C LEU G 2607 -8.50 -71.48 -91.68
N LYS G 2608 -9.18 -70.94 -90.67
CA LYS G 2608 -9.13 -69.50 -90.44
C LYS G 2608 -7.72 -69.04 -90.10
N LEU G 2609 -7.02 -69.81 -89.26
CA LEU G 2609 -5.65 -69.45 -88.91
C LEU G 2609 -4.77 -69.42 -90.16
N LEU G 2610 -4.89 -70.46 -91.00
CA LEU G 2610 -4.12 -70.51 -92.23
C LEU G 2610 -4.45 -69.36 -93.16
N THR G 2611 -5.74 -69.03 -93.31
CA THR G 2611 -6.15 -67.92 -94.16
C THR G 2611 -5.52 -66.63 -93.69
N ASN G 2612 -5.62 -66.34 -92.38
CA ASN G 2612 -5.05 -65.11 -91.86
C ASN G 2612 -3.54 -65.08 -92.04
N HIS G 2613 -2.86 -66.18 -91.74
CA HIS G 2613 -1.41 -66.20 -91.87
C HIS G 2613 -0.99 -65.94 -93.31
N TYR G 2614 -1.56 -66.68 -94.26
CA TYR G 2614 -1.13 -66.53 -95.64
C TYR G 2614 -1.52 -65.19 -96.23
N GLU G 2615 -2.69 -64.66 -95.89
CA GLU G 2615 -3.05 -63.32 -96.34
C GLU G 2615 -2.10 -62.27 -95.80
N ARG G 2616 -1.69 -62.39 -94.54
CA ARG G 2616 -0.80 -61.39 -93.97
C ARG G 2616 0.62 -61.54 -94.51
N CYS G 2617 1.06 -62.75 -94.82
CA CYS G 2617 2.47 -63.02 -95.09
C CYS G 2617 2.71 -63.52 -96.50
N TRP G 2618 1.80 -63.23 -97.44
CA TRP G 2618 1.99 -63.70 -98.81
C TRP G 2618 3.26 -63.15 -99.42
N LYS G 2619 3.63 -61.91 -99.05
CA LYS G 2619 4.87 -61.33 -99.56
C LYS G 2619 6.08 -62.14 -99.13
N TYR G 2620 6.07 -62.62 -97.88
CA TYR G 2620 7.16 -63.46 -97.39
C TYR G 2620 7.31 -64.71 -98.24
N TYR G 2621 6.21 -65.18 -98.84
CA TYR G 2621 6.21 -66.39 -99.66
C TYR G 2621 6.39 -66.08 -101.14
N CYS G 2622 5.61 -65.14 -101.68
CA CYS G 2622 5.62 -64.90 -103.12
C CYS G 2622 6.94 -64.29 -103.57
N LEU G 2623 7.26 -63.11 -103.07
CA LEU G 2623 8.45 -62.41 -103.52
C LEU G 2623 9.71 -63.14 -103.05
N PRO G 2624 10.74 -63.23 -103.90
CA PRO G 2624 11.98 -63.86 -103.45
C PRO G 2624 12.59 -63.17 -102.23
N GLY G 2625 12.50 -61.84 -102.18
CA GLY G 2625 12.99 -61.14 -101.01
C GLY G 2625 12.08 -61.30 -99.80
N GLY G 2626 10.78 -61.29 -100.03
CA GLY G 2626 9.83 -61.30 -98.93
C GLY G 2626 9.88 -60.00 -98.15
N TRP G 2627 9.46 -60.08 -96.89
CA TRP G 2627 9.67 -58.96 -95.99
C TRP G 2627 11.18 -58.74 -95.81
N GLY G 2628 11.59 -57.47 -95.93
CA GLY G 2628 13.01 -57.18 -95.85
C GLY G 2628 13.63 -57.58 -94.52
N ASN G 2629 12.94 -57.23 -93.43
CA ASN G 2629 13.41 -57.63 -92.10
C ASN G 2629 13.27 -59.14 -91.90
N PHE G 2630 12.19 -59.73 -92.40
CA PHE G 2630 11.93 -61.14 -92.14
C PHE G 2630 12.72 -62.04 -93.09
N GLY G 2631 12.69 -61.73 -94.38
CA GLY G 2631 13.38 -62.56 -95.36
C GLY G 2631 12.44 -63.41 -96.18
N ALA G 2632 12.84 -64.66 -96.45
CA ALA G 2632 12.04 -65.58 -97.24
C ALA G 2632 11.98 -66.92 -96.51
N ALA G 2633 11.18 -67.83 -97.08
CA ALA G 2633 10.96 -69.12 -96.45
C ALA G 2633 12.22 -69.99 -96.56
N SER G 2634 12.23 -71.07 -95.78
CA SER G 2634 13.32 -72.04 -95.77
C SER G 2634 13.10 -73.16 -96.77
N GLU G 2635 12.06 -73.06 -97.60
CA GLU G 2635 11.73 -73.95 -98.71
C GLU G 2635 11.18 -75.29 -98.22
N GLU G 2636 11.45 -75.63 -96.96
CA GLU G 2636 10.76 -76.77 -96.37
C GLU G 2636 9.35 -76.37 -95.97
N GLU G 2637 9.21 -75.15 -95.45
CA GLU G 2637 7.89 -74.57 -95.24
C GLU G 2637 7.14 -74.47 -96.57
N LEU G 2638 7.84 -74.17 -97.66
CA LEU G 2638 7.20 -74.12 -98.96
C LEU G 2638 6.69 -75.49 -99.39
N HIS G 2639 7.50 -76.53 -99.22
CA HIS G 2639 7.05 -77.87 -99.56
C HIS G 2639 5.85 -78.28 -98.71
N LEU G 2640 5.91 -78.01 -97.41
CA LEU G 2640 4.80 -78.33 -96.52
C LEU G 2640 3.54 -77.55 -96.91
N SER G 2641 3.69 -76.28 -97.27
CA SER G 2641 2.55 -75.50 -97.72
C SER G 2641 1.95 -76.04 -99.01
N ARG G 2642 2.80 -76.51 -99.93
CA ARG G 2642 2.29 -77.10 -101.16
C ARG G 2642 1.49 -78.36 -100.87
N LYS G 2643 2.02 -79.24 -100.02
CA LYS G 2643 1.28 -80.46 -99.73
C LYS G 2643 0.01 -80.14 -98.95
N LEU G 2644 0.05 -79.09 -98.13
CA LEU G 2644 -1.14 -78.59 -97.45
C LEU G 2644 -2.20 -78.17 -98.46
N PHE G 2645 -1.81 -77.34 -99.42
CA PHE G 2645 -2.73 -76.90 -100.46
C PHE G 2645 -3.33 -78.08 -101.20
N TRP G 2646 -2.50 -79.03 -101.61
CA TRP G 2646 -3.02 -80.16 -102.37
C TRP G 2646 -3.95 -81.02 -101.53
N GLY G 2647 -3.62 -81.23 -100.26
CA GLY G 2647 -4.49 -82.02 -99.40
C GLY G 2647 -5.85 -81.36 -99.21
N ILE G 2648 -5.85 -80.05 -98.95
CA ILE G 2648 -7.12 -79.34 -98.78
C ILE G 2648 -7.93 -79.40 -100.08
N PHE G 2649 -7.25 -79.22 -101.22
CA PHE G 2649 -7.94 -79.25 -102.50
C PHE G 2649 -8.60 -80.60 -102.75
N ASP G 2650 -7.85 -81.69 -102.57
CA ASP G 2650 -8.41 -83.01 -102.79
C ASP G 2650 -9.53 -83.32 -101.80
N ALA G 2651 -9.36 -82.92 -100.54
CA ALA G 2651 -10.39 -83.19 -99.55
C ALA G 2651 -11.67 -82.43 -99.89
N LEU G 2652 -11.54 -81.18 -100.36
CA LEU G 2652 -12.71 -80.44 -100.81
C LEU G 2652 -13.37 -81.15 -102.00
N SER G 2653 -12.54 -81.68 -102.91
CA SER G 2653 -13.09 -82.40 -104.06
C SER G 2653 -13.90 -83.61 -103.61
N GLN G 2654 -13.38 -84.37 -102.66
CA GLN G 2654 -14.09 -85.59 -102.24
C GLN G 2654 -15.30 -85.28 -101.37
N LYS G 2655 -15.19 -84.32 -100.47
CA LYS G 2655 -16.24 -84.08 -99.48
C LYS G 2655 -17.50 -83.54 -100.13
N LYS G 2656 -18.64 -84.01 -99.65
CA LYS G 2656 -19.93 -83.51 -100.13
C LYS G 2656 -20.09 -82.04 -99.77
N TYR G 2657 -20.77 -81.30 -100.64
CA TYR G 2657 -20.88 -79.86 -100.48
C TYR G 2657 -21.66 -79.49 -99.23
N GLU G 2658 -20.98 -78.80 -98.30
CA GLU G 2658 -21.63 -78.16 -97.17
C GLU G 2658 -21.42 -76.65 -97.33
N GLN G 2659 -22.49 -75.88 -97.19
CA GLN G 2659 -22.43 -74.46 -97.52
C GLN G 2659 -21.42 -73.73 -96.65
N GLU G 2660 -21.54 -73.87 -95.33
CA GLU G 2660 -20.64 -73.15 -94.44
C GLU G 2660 -19.21 -73.62 -94.59
N LEU G 2661 -19.01 -74.95 -94.65
CA LEU G 2661 -17.65 -75.49 -94.77
C LEU G 2661 -17.00 -75.03 -96.07
N PHE G 2662 -17.75 -75.04 -97.17
CA PHE G 2662 -17.19 -74.65 -98.45
C PHE G 2662 -17.00 -73.15 -98.58
N LYS G 2663 -17.80 -72.33 -97.88
CA LYS G 2663 -17.54 -70.90 -97.85
C LYS G 2663 -16.39 -70.55 -96.91
N LEU G 2664 -16.06 -71.44 -95.99
CA LEU G 2664 -14.88 -71.20 -95.16
C LEU G 2664 -13.60 -71.67 -95.84
N ALA G 2665 -13.66 -72.79 -96.54
CA ALA G 2665 -12.44 -73.36 -97.12
C ALA G 2665 -12.00 -72.61 -98.36
N LEU G 2666 -12.94 -72.04 -99.11
CA LEU G 2666 -12.63 -71.33 -100.34
C LEU G 2666 -11.64 -70.19 -100.13
N PRO G 2667 -11.86 -69.27 -99.17
CA PRO G 2667 -10.87 -68.21 -98.96
C PRO G 2667 -9.52 -68.78 -98.55
N CYS G 2668 -9.52 -69.84 -97.74
CA CYS G 2668 -8.26 -70.45 -97.33
C CYS G 2668 -7.52 -71.03 -98.52
N LEU G 2669 -8.23 -71.78 -99.37
CA LEU G 2669 -7.62 -72.40 -100.53
C LEU G 2669 -7.08 -71.34 -101.48
N SER G 2670 -7.87 -70.30 -101.75
CA SER G 2670 -7.43 -69.22 -102.61
C SER G 2670 -6.23 -68.48 -102.03
N ALA G 2671 -6.24 -68.20 -100.73
CA ALA G 2671 -5.14 -67.48 -100.10
C ALA G 2671 -3.84 -68.29 -100.15
N VAL G 2672 -3.91 -69.59 -99.86
CA VAL G 2672 -2.70 -70.39 -99.89
C VAL G 2672 -2.19 -70.54 -101.32
N ALA G 2673 -3.11 -70.67 -102.28
CA ALA G 2673 -2.70 -70.73 -103.68
C ALA G 2673 -2.02 -69.44 -104.11
N GLY G 2674 -2.57 -68.30 -103.71
CA GLY G 2674 -1.94 -67.04 -104.04
C GLY G 2674 -0.58 -66.88 -103.38
N ALA G 2675 -0.47 -67.29 -102.12
CA ALA G 2675 0.80 -67.18 -101.41
C ALA G 2675 1.86 -68.06 -102.05
N LEU G 2676 1.48 -69.25 -102.51
CA LEU G 2676 2.42 -70.10 -103.20
C LEU G 2676 2.84 -69.44 -104.51
N PRO G 2677 4.14 -69.25 -104.75
CA PRO G 2677 4.58 -68.61 -105.99
C PRO G 2677 4.27 -69.47 -107.19
N PRO G 2678 3.57 -68.93 -108.19
CA PRO G 2678 3.30 -69.72 -109.39
C PRO G 2678 4.55 -70.15 -110.12
N ASP G 2679 5.59 -69.30 -110.11
CA ASP G 2679 6.85 -69.67 -110.75
C ASP G 2679 7.60 -70.73 -109.95
N TYR G 2680 7.21 -70.96 -108.71
CA TYR G 2680 7.85 -71.95 -107.88
C TYR G 2680 7.77 -73.35 -108.48
N MET G 2681 8.84 -74.12 -108.27
CA MET G 2681 8.94 -75.50 -108.69
C MET G 2681 9.03 -76.39 -107.45
N GLU G 2682 8.15 -77.39 -107.38
CA GLU G 2682 8.23 -78.34 -106.28
C GLU G 2682 9.52 -79.15 -106.37
N SER G 2683 10.16 -79.37 -105.24
CA SER G 2683 11.33 -80.23 -105.20
C SER G 2683 10.90 -81.69 -105.12
N ASN G 2684 11.47 -82.53 -106.00
CA ASN G 2684 11.14 -83.94 -105.97
C ASN G 2684 11.70 -84.63 -104.73
N TYR G 2685 12.64 -83.98 -104.05
CA TYR G 2685 13.23 -84.56 -102.85
C TYR G 2685 12.22 -84.49 -101.70
N VAL G 2686 11.78 -85.66 -101.24
CA VAL G 2686 10.74 -85.69 -100.21
C VAL G 2686 11.34 -85.34 -98.86
N SER G 2687 10.46 -85.12 -97.88
CA SER G 2687 10.90 -84.92 -96.51
C SER G 2687 10.91 -86.24 -95.75
N MET G 2688 11.80 -86.32 -94.78
CA MET G 2688 11.98 -87.53 -93.98
C MET G 2688 11.70 -87.23 -92.51
N MET G 2689 11.80 -88.26 -91.67
CA MET G 2689 11.31 -88.22 -90.29
C MET G 2689 9.91 -87.60 -90.23
N GLU G 2690 8.95 -88.30 -90.84
CA GLU G 2690 7.55 -87.92 -90.71
C GLU G 2690 7.07 -88.09 -89.28
N LYS G 2691 6.71 -86.96 -88.66
CA LYS G 2691 6.30 -86.99 -87.25
C LYS G 2691 4.93 -87.63 -87.06
N GLN G 2692 4.17 -87.85 -88.14
CA GLN G 2692 2.85 -88.44 -88.03
C GLN G 2692 2.88 -89.86 -87.44
N SER G 2693 3.98 -90.60 -87.67
CA SER G 2693 4.09 -91.93 -87.07
C SER G 2693 4.11 -91.85 -85.55
N SER G 2694 4.90 -90.92 -85.00
CA SER G 2694 4.87 -90.71 -83.55
C SER G 2694 3.59 -90.04 -83.11
N MET G 2695 2.92 -89.31 -84.00
CA MET G 2695 1.72 -88.56 -83.65
C MET G 2695 0.48 -89.37 -84.05
N ASP G 2696 0.29 -90.49 -83.36
CA ASP G 2696 -0.82 -91.38 -83.67
C ASP G 2696 -2.13 -90.82 -83.16
N SER G 2697 -3.22 -91.54 -83.44
CA SER G 2697 -4.54 -91.08 -83.05
C SER G 2697 -4.71 -91.05 -81.54
N GLU G 2698 -4.30 -92.12 -80.86
CA GLU G 2698 -4.47 -92.20 -79.41
C GLU G 2698 -3.53 -91.21 -78.72
N GLY G 2699 -4.08 -90.42 -77.79
CA GLY G 2699 -3.32 -89.41 -77.10
C GLY G 2699 -2.68 -88.37 -77.98
N ASN G 2700 -2.92 -88.39 -79.29
CA ASN G 2700 -2.34 -87.50 -80.29
C ASN G 2700 -0.83 -87.57 -80.33
N PHE G 2701 -0.21 -88.60 -79.73
CA PHE G 2701 1.23 -88.74 -79.74
C PHE G 2701 1.60 -90.11 -79.22
N ASN G 2702 2.62 -90.71 -79.83
CA ASN G 2702 3.14 -92.01 -79.41
C ASN G 2702 4.63 -91.91 -79.15
N PRO G 2703 5.11 -92.34 -77.99
CA PRO G 2703 6.55 -92.27 -77.71
C PRO G 2703 7.34 -93.45 -78.25
N GLN G 2704 7.68 -93.43 -79.54
CA GLN G 2704 8.54 -94.48 -80.06
C GLN G 2704 9.74 -93.87 -80.79
N PRO G 2705 10.94 -94.37 -80.57
CA PRO G 2705 12.10 -93.91 -81.34
C PRO G 2705 12.29 -94.74 -82.60
N VAL G 2706 13.39 -94.45 -83.29
CA VAL G 2706 13.80 -95.21 -84.47
C VAL G 2706 14.62 -96.40 -83.96
N ASP G 2707 14.10 -97.61 -84.16
CA ASP G 2707 14.83 -98.81 -83.78
C ASP G 2707 16.07 -98.98 -84.65
N THR G 2708 17.16 -99.43 -84.05
CA THR G 2708 18.44 -99.52 -84.74
C THR G 2708 19.23 -100.78 -84.39
N SER G 2709 18.59 -101.82 -83.88
CA SER G 2709 19.31 -102.98 -83.36
C SER G 2709 20.08 -103.71 -84.44
N ASN G 2710 19.74 -103.47 -85.71
CA ASN G 2710 20.34 -104.24 -86.80
C ASN G 2710 21.77 -103.81 -87.10
N ILE G 2711 22.08 -102.51 -87.04
CA ILE G 2711 23.41 -102.04 -87.45
C ILE G 2711 24.45 -102.38 -86.38
N THR G 2712 25.69 -102.55 -86.83
CA THR G 2712 26.84 -102.80 -85.96
C THR G 2712 27.77 -101.59 -86.02
N ILE G 2713 28.50 -101.37 -84.93
CA ILE G 2713 29.41 -100.22 -84.86
C ILE G 2713 30.73 -100.58 -85.56
N PRO G 2714 31.37 -99.63 -86.26
CA PRO G 2714 32.70 -99.92 -86.82
C PRO G 2714 33.82 -99.66 -85.82
N GLU G 2715 35.07 -99.85 -86.25
CA GLU G 2715 36.23 -99.66 -85.40
C GLU G 2715 36.89 -98.29 -85.55
N LYS G 2716 36.91 -97.73 -86.76
CA LYS G 2716 37.34 -96.35 -86.92
C LYS G 2716 36.43 -95.41 -86.16
N LEU G 2717 35.14 -95.75 -86.09
CA LEU G 2717 34.24 -95.04 -85.19
C LEU G 2717 34.49 -95.43 -83.75
N GLU G 2718 35.02 -96.64 -83.52
CA GLU G 2718 35.27 -97.08 -82.15
C GLU G 2718 36.39 -96.27 -81.50
N TYR G 2719 37.39 -95.86 -82.29
CA TYR G 2719 38.43 -95.00 -81.72
C TYR G 2719 37.85 -93.66 -81.28
N PHE G 2720 36.98 -93.07 -82.11
CA PHE G 2720 36.29 -91.84 -81.72
C PHE G 2720 35.44 -92.07 -80.49
N ILE G 2721 34.78 -93.22 -80.41
CA ILE G 2721 33.98 -93.56 -79.24
C ILE G 2721 34.85 -93.64 -78.00
N ASN G 2722 36.05 -94.23 -78.14
CA ASN G 2722 36.98 -94.31 -77.01
C ASN G 2722 37.40 -92.92 -76.56
N LYS G 2723 37.71 -92.03 -77.50
CA LYS G 2723 38.12 -90.68 -77.14
C LYS G 2723 36.98 -89.93 -76.46
N TYR G 2724 35.76 -90.06 -76.98
CA TYR G 2724 34.64 -89.36 -76.37
C TYR G 2724 34.28 -89.96 -75.02
N ALA G 2725 34.52 -91.25 -74.82
CA ALA G 2725 34.34 -91.84 -73.50
C ALA G 2725 35.42 -91.36 -72.53
N GLU G 2726 36.63 -91.14 -73.04
CA GLU G 2726 37.65 -90.47 -72.25
C GLU G 2726 37.15 -89.11 -71.80
N HIS G 2727 36.56 -88.35 -72.72
CA HIS G 2727 36.04 -87.03 -72.37
C HIS G 2727 34.91 -87.14 -71.35
N SER G 2728 34.03 -88.14 -71.52
CA SER G 2728 32.93 -88.35 -70.59
C SER G 2728 33.45 -88.64 -69.19
N HIS G 2729 34.42 -89.55 -69.09
CA HIS G 2729 35.03 -89.85 -67.81
C HIS G 2729 35.69 -88.61 -67.22
N ASP G 2730 36.36 -87.83 -68.05
CA ASP G 2730 37.06 -86.65 -67.55
C ASP G 2730 36.10 -85.64 -66.97
N LYS G 2731 35.05 -85.27 -67.72
CA LYS G 2731 34.09 -84.33 -67.18
C LYS G 2731 33.33 -84.90 -65.98
N TRP G 2732 33.09 -86.21 -65.95
CA TRP G 2732 32.49 -86.81 -64.76
C TRP G 2732 33.41 -86.66 -63.55
N SER G 2733 34.72 -86.86 -63.78
CA SER G 2733 35.69 -86.76 -62.69
C SER G 2733 35.76 -85.35 -62.15
N MET G 2734 35.81 -84.34 -63.03
CA MET G 2734 35.80 -82.97 -62.50
C MET G 2734 34.45 -82.57 -61.95
N ASP G 2735 33.36 -83.22 -62.39
CA ASP G 2735 32.08 -83.02 -61.71
C ASP G 2735 32.17 -83.50 -60.27
N LYS G 2736 32.78 -84.66 -60.05
CA LYS G 2736 32.97 -85.15 -58.68
C LYS G 2736 33.92 -84.26 -57.89
N LEU G 2737 34.97 -83.74 -58.52
CA LEU G 2737 35.86 -82.80 -57.83
C LEU G 2737 35.12 -81.54 -57.41
N ALA G 2738 34.30 -80.98 -58.32
CA ALA G 2738 33.56 -79.77 -57.99
C ALA G 2738 32.54 -80.03 -56.90
N ASN G 2739 31.87 -81.19 -56.95
CA ASN G 2739 30.88 -81.51 -55.92
C ASN G 2739 31.54 -81.76 -54.57
N GLY G 2740 32.75 -82.30 -54.57
CA GLY G 2740 33.48 -82.55 -53.35
C GLY G 2740 33.50 -83.99 -52.88
N TRP G 2741 33.27 -84.96 -53.76
CA TRP G 2741 33.30 -86.36 -53.37
C TRP G 2741 34.67 -86.74 -52.81
N ILE G 2742 34.67 -87.38 -51.64
CA ILE G 2742 35.91 -87.72 -50.97
C ILE G 2742 36.57 -88.90 -51.67
N TYR G 2743 37.90 -88.86 -51.72
CA TYR G 2743 38.70 -89.92 -52.35
C TYR G 2743 38.97 -90.99 -51.29
N GLY G 2744 38.49 -92.19 -51.55
CA GLY G 2744 38.71 -93.30 -50.65
C GLY G 2744 38.27 -94.61 -51.28
N GLU G 2745 38.95 -95.69 -50.91
CA GLU G 2745 38.70 -96.99 -51.54
C GLU G 2745 37.26 -97.44 -51.31
N ILE G 2746 36.75 -97.28 -50.10
CA ILE G 2746 35.37 -97.64 -49.81
C ILE G 2746 34.44 -96.69 -50.56
N TYR G 2747 33.37 -97.22 -51.12
CA TYR G 2747 32.38 -96.44 -51.85
C TYR G 2747 31.11 -96.34 -51.03
N SER G 2748 30.86 -95.15 -50.48
CA SER G 2748 29.66 -94.90 -49.69
C SER G 2748 29.08 -93.56 -50.11
N ASP G 2749 27.89 -93.59 -50.72
CA ASP G 2749 27.24 -92.36 -51.15
C ASP G 2749 26.87 -91.48 -49.96
N SER G 2750 26.38 -92.09 -48.88
CA SER G 2750 26.05 -91.33 -47.68
C SER G 2750 27.29 -90.68 -47.08
N SER G 2751 28.40 -91.42 -47.04
CA SER G 2751 29.66 -90.84 -46.57
C SER G 2751 30.34 -89.99 -47.63
N LYS G 2752 29.80 -89.96 -48.84
CA LYS G 2752 30.31 -89.22 -50.00
C LYS G 2752 31.68 -89.74 -50.46
N VAL G 2753 32.10 -90.92 -50.01
CA VAL G 2753 33.43 -91.41 -50.35
C VAL G 2753 33.35 -92.34 -51.57
N GLN G 2754 34.36 -92.23 -52.44
CA GLN G 2754 34.45 -93.05 -53.63
C GLN G 2754 35.90 -93.07 -54.12
N PRO G 2755 36.34 -94.14 -54.77
CA PRO G 2755 37.71 -94.21 -55.30
C PRO G 2755 37.89 -93.95 -56.79
N LEU G 2756 36.87 -93.50 -57.53
CA LEU G 2756 36.88 -93.57 -58.98
C LEU G 2756 37.43 -92.30 -59.65
N MET G 2757 38.36 -91.60 -59.02
CA MET G 2757 39.02 -90.48 -59.68
C MET G 2757 40.27 -90.89 -60.44
N LYS G 2758 40.37 -92.17 -60.78
CA LYS G 2758 41.49 -92.73 -61.51
C LYS G 2758 41.31 -92.53 -63.01
N PRO G 2759 42.41 -92.34 -63.75
CA PRO G 2759 42.32 -91.96 -65.17
C PRO G 2759 41.58 -92.99 -66.01
N TYR G 2760 41.17 -92.56 -67.21
CA TYR G 2760 40.30 -93.38 -68.05
C TYR G 2760 40.96 -94.70 -68.42
N LYS G 2761 42.25 -94.66 -68.81
CA LYS G 2761 42.96 -95.90 -69.11
C LYS G 2761 43.06 -96.77 -67.86
N LEU G 2762 43.31 -96.14 -66.71
CA LEU G 2762 43.26 -96.88 -65.46
C LEU G 2762 41.83 -97.26 -65.10
N LEU G 2763 40.85 -96.44 -65.48
CA LEU G 2763 39.48 -96.56 -65.01
C LEU G 2763 38.92 -97.95 -65.25
N SER G 2764 37.97 -98.34 -64.39
CA SER G 2764 37.34 -99.63 -64.51
C SER G 2764 36.71 -99.80 -65.89
N GLU G 2765 36.89 -100.99 -66.46
CA GLU G 2765 36.32 -101.28 -67.78
C GLU G 2765 34.81 -101.18 -67.75
N LYS G 2766 34.18 -101.50 -66.61
CA LYS G 2766 32.74 -101.37 -66.49
C LYS G 2766 32.31 -99.91 -66.63
N GLU G 2767 33.00 -99.00 -65.95
CA GLU G 2767 32.70 -97.58 -66.08
C GLU G 2767 32.95 -97.11 -67.51
N LYS G 2768 34.09 -97.51 -68.09
CA LYS G 2768 34.34 -97.27 -69.50
C LYS G 2768 33.21 -97.84 -70.34
N GLU G 2769 32.70 -99.01 -69.97
CA GLU G 2769 31.64 -99.64 -70.75
C GLU G 2769 30.31 -98.94 -70.55
N ILE G 2770 30.06 -98.38 -69.35
CA ILE G 2770 28.78 -97.71 -69.15
C ILE G 2770 28.80 -96.32 -69.77
N TYR G 2771 29.98 -95.80 -70.09
CA TYR G 2771 30.01 -94.68 -71.04
C TYR G 2771 29.83 -95.17 -72.47
N ARG G 2772 30.56 -96.22 -72.86
CA ARG G 2772 30.59 -96.66 -74.25
C ARG G 2772 29.22 -97.10 -74.74
N TRP G 2773 28.44 -97.75 -73.88
CA TRP G 2773 27.16 -98.33 -74.28
C TRP G 2773 26.25 -97.24 -74.83
N PRO G 2774 25.84 -96.24 -74.04
CA PRO G 2774 24.95 -95.20 -74.61
C PRO G 2774 25.54 -94.57 -75.85
N ILE G 2775 26.87 -94.42 -75.88
CA ILE G 2775 27.56 -93.93 -77.06
C ILE G 2775 27.33 -94.90 -78.22
N LYS G 2776 27.39 -96.21 -77.92
CA LYS G 2776 27.19 -97.20 -78.98
C LYS G 2776 25.79 -97.09 -79.58
N GLU G 2777 24.74 -97.07 -78.75
CA GLU G 2777 23.41 -96.91 -79.33
C GLU G 2777 23.22 -95.53 -79.95
N SER G 2778 23.99 -94.53 -79.49
CA SER G 2778 23.87 -93.21 -80.09
C SER G 2778 24.36 -93.21 -81.53
N LEU G 2779 25.59 -93.67 -81.76
CA LEU G 2779 26.08 -93.79 -83.13
C LEU G 2779 25.29 -94.82 -83.91
N LYS G 2780 24.72 -95.80 -83.20
CA LYS G 2780 23.92 -96.83 -83.85
C LYS G 2780 22.64 -96.25 -84.46
N THR G 2781 21.94 -95.41 -83.69
CA THR G 2781 20.77 -94.71 -84.23
C THR G 2781 21.18 -93.70 -85.28
N MET G 2782 22.33 -93.04 -85.09
CA MET G 2782 22.83 -92.11 -86.10
C MET G 2782 23.02 -92.81 -87.44
N LEU G 2783 23.54 -94.03 -87.43
CA LEU G 2783 23.67 -94.80 -88.65
C LEU G 2783 22.32 -95.35 -89.13
N ALA G 2784 21.40 -95.62 -88.20
CA ALA G 2784 20.06 -96.03 -88.58
C ALA G 2784 19.38 -94.95 -89.40
N TRP G 2785 19.66 -93.68 -89.09
CA TRP G 2785 19.22 -92.57 -89.91
C TRP G 2785 19.94 -92.50 -91.25
N GLY G 2786 20.89 -93.40 -91.49
CA GLY G 2786 21.64 -93.42 -92.73
C GLY G 2786 22.74 -92.42 -92.82
N TRP G 2787 22.95 -91.62 -91.77
CA TRP G 2787 23.95 -90.55 -91.81
C TRP G 2787 25.35 -91.14 -91.92
N ARG G 2788 26.06 -90.80 -92.99
CA ARG G 2788 27.40 -91.30 -93.23
C ARG G 2788 28.38 -90.40 -92.50
N ILE G 2789 29.43 -91.00 -91.95
CA ILE G 2789 30.43 -90.33 -91.14
C ILE G 2789 31.79 -90.51 -91.81
N GLU G 2790 32.52 -89.42 -91.98
CA GLU G 2790 33.82 -89.43 -92.66
C GLU G 2790 34.89 -88.89 -91.72
N ARG G 2791 35.97 -89.65 -91.56
CA ARG G 2791 37.13 -89.16 -90.82
C ARG G 2791 38.04 -88.36 -91.74
N THR G 2792 38.36 -87.13 -91.33
CA THR G 2792 39.27 -86.32 -92.12
C THR G 2792 40.70 -86.86 -92.01
N ARG G 2793 41.52 -86.48 -92.99
CA ARG G 2793 42.90 -86.95 -93.03
C ARG G 2793 43.71 -86.33 -91.91
N GLU G 2794 43.44 -85.07 -91.56
CA GLU G 2794 44.09 -84.48 -90.39
C GLU G 2794 43.68 -85.20 -89.11
N GLY G 2795 42.40 -85.59 -89.01
CA GLY G 2795 41.98 -86.40 -87.88
C GLY G 2795 42.67 -87.75 -87.82
N ASP G 2796 42.85 -88.40 -88.96
CA ASP G 2796 43.60 -89.65 -89.02
C ASP G 2796 45.06 -89.46 -88.60
N SER G 2797 45.68 -88.37 -89.04
CA SER G 2797 47.02 -88.03 -88.59
C SER G 2797 47.04 -87.84 -87.09
N MET G 2798 45.96 -87.30 -86.53
CA MET G 2798 45.89 -87.10 -85.09
C MET G 2798 45.93 -88.44 -84.34
N ALA G 2799 45.16 -89.42 -84.82
CA ALA G 2799 45.17 -90.74 -84.22
C ALA G 2799 46.50 -91.42 -84.42
N LEU G 2800 47.13 -91.21 -85.58
CA LEU G 2800 48.46 -91.79 -85.82
C LEU G 2800 49.51 -91.22 -84.87
N TYR G 2801 49.46 -89.90 -84.65
CA TYR G 2801 50.41 -89.27 -83.74
C TYR G 2801 50.16 -89.69 -82.30
N ASN G 2802 48.90 -89.88 -81.94
CA ASN G 2802 48.50 -90.27 -80.59
C ASN G 2802 48.96 -89.26 -79.55
N GLY G 2820 51.72 -76.87 -65.85
CA GLY G 2820 52.06 -78.27 -65.96
C GLY G 2820 51.06 -79.05 -66.79
N TYR G 2821 50.87 -80.32 -66.42
CA TYR G 2821 49.92 -81.20 -67.11
C TYR G 2821 48.57 -81.08 -66.43
N SER G 2822 47.74 -80.17 -66.93
CA SER G 2822 46.42 -79.93 -66.36
C SER G 2822 45.35 -80.63 -67.19
N PRO G 2823 44.56 -81.52 -66.60
CA PRO G 2823 43.46 -82.15 -67.36
C PRO G 2823 42.37 -81.13 -67.64
N ARG G 2824 42.30 -80.68 -68.88
CA ARG G 2824 41.41 -79.60 -69.28
C ARG G 2824 40.34 -80.12 -70.24
N ALA G 2825 39.10 -79.73 -69.98
CA ALA G 2825 37.97 -80.06 -70.82
C ALA G 2825 37.96 -79.16 -72.05
N ILE G 2826 36.88 -79.23 -72.82
CA ILE G 2826 36.76 -78.49 -74.06
C ILE G 2826 35.55 -77.58 -73.97
N ASP G 2827 35.74 -76.31 -74.34
CA ASP G 2827 34.71 -75.30 -74.24
C ASP G 2827 33.66 -75.53 -75.32
N MET G 2828 32.76 -76.48 -75.01
CA MET G 2828 31.68 -76.87 -75.89
C MET G 2828 30.83 -75.70 -76.35
N SER G 2829 30.56 -74.76 -75.43
CA SER G 2829 29.77 -73.58 -75.78
C SER G 2829 30.53 -72.67 -76.73
N ASN G 2830 31.84 -72.50 -76.52
CA ASN G 2830 32.61 -71.61 -77.37
C ASN G 2830 32.70 -72.17 -78.79
N VAL G 2831 32.88 -73.48 -78.93
CA VAL G 2831 32.91 -74.04 -80.28
C VAL G 2831 31.52 -73.97 -80.91
N THR G 2832 31.48 -73.90 -82.24
CA THR G 2832 30.25 -73.59 -82.98
C THR G 2832 29.86 -74.73 -83.91
N LEU G 2833 28.57 -74.85 -84.21
CA LEU G 2833 28.03 -75.90 -85.05
C LEU G 2833 27.28 -75.30 -86.24
N SER G 2834 27.31 -76.01 -87.37
CA SER G 2834 26.62 -75.57 -88.57
C SER G 2834 25.12 -75.80 -88.44
N ARG G 2835 24.36 -75.11 -89.30
CA ARG G 2835 22.89 -75.12 -89.18
C ARG G 2835 22.30 -76.49 -89.48
N ASP G 2836 22.80 -77.15 -90.52
CA ASP G 2836 22.29 -78.48 -90.86
C ASP G 2836 22.57 -79.47 -89.73
N LEU G 2837 23.76 -79.39 -89.15
CA LEU G 2837 24.07 -80.19 -87.98
C LEU G 2837 23.24 -79.79 -86.78
N HIS G 2838 22.84 -78.52 -86.67
CA HIS G 2838 21.91 -78.11 -85.63
CA HIS G 2838 21.90 -78.11 -85.62
C HIS G 2838 20.58 -78.82 -85.78
N ALA G 2839 20.08 -78.88 -87.01
CA ALA G 2839 18.83 -79.59 -87.28
C ALA G 2839 18.96 -81.07 -86.97
N MET G 2840 20.11 -81.66 -87.31
CA MET G 2840 20.36 -83.05 -86.92
C MET G 2840 20.39 -83.20 -85.41
N ALA G 2841 20.98 -82.23 -84.70
CA ALA G 2841 20.99 -82.26 -83.25
C ALA G 2841 19.58 -82.21 -82.69
N GLU G 2842 18.73 -81.36 -83.27
CA GLU G 2842 17.34 -81.27 -82.84
C GLU G 2842 16.58 -82.56 -83.08
N MET G 2843 16.72 -83.18 -84.26
CA MET G 2843 15.98 -84.41 -84.51
C MET G 2843 16.51 -85.56 -83.65
N MET G 2844 17.82 -85.65 -83.42
CA MET G 2844 18.28 -86.69 -82.51
C MET G 2844 17.85 -86.40 -81.08
N ALA G 2845 17.79 -85.13 -80.68
CA ALA G 2845 17.33 -84.80 -79.35
C ALA G 2845 15.89 -85.23 -79.16
N GLU G 2846 15.03 -84.95 -80.14
CA GLU G 2846 13.65 -85.41 -80.03
C GLU G 2846 13.56 -86.93 -80.11
N ASN G 2847 14.47 -87.59 -80.82
CA ASN G 2847 14.45 -89.05 -80.86
C ASN G 2847 14.84 -89.67 -79.52
N TYR G 2848 15.85 -89.12 -78.86
CA TYR G 2848 16.22 -89.66 -77.56
C TYR G 2848 15.24 -89.25 -76.49
N HIS G 2849 14.55 -88.12 -76.71
CA HIS G 2849 13.39 -87.83 -75.87
C HIS G 2849 12.30 -88.85 -76.09
N ASN G 2850 12.15 -89.34 -77.32
CA ASN G 2850 11.21 -90.43 -77.59
C ASN G 2850 11.64 -91.70 -76.87
N ILE G 2851 12.95 -91.96 -76.81
CA ILE G 2851 13.46 -93.11 -76.07
C ILE G 2851 13.10 -92.98 -74.59
N TRP G 2852 13.40 -91.81 -74.01
CA TRP G 2852 13.06 -91.54 -72.62
C TRP G 2852 11.57 -91.62 -72.37
N ALA G 2853 10.76 -91.15 -73.32
CA ALA G 2853 9.33 -91.17 -73.16
C ALA G 2853 8.78 -92.58 -73.32
N LYS G 2854 9.43 -93.42 -74.10
CA LYS G 2854 9.06 -94.83 -74.15
C LYS G 2854 9.33 -95.51 -72.81
N LYS G 2855 10.50 -95.23 -72.21
CA LYS G 2855 10.76 -95.78 -70.88
C LYS G 2855 9.73 -95.27 -69.88
N LYS G 2856 9.43 -93.97 -69.92
CA LYS G 2856 8.50 -93.39 -68.96
C LYS G 2856 7.07 -93.85 -69.23
N LYS G 2857 6.76 -94.20 -70.48
CA LYS G 2857 5.44 -94.71 -70.81
C LYS G 2857 5.27 -96.13 -70.31
N MET G 2858 6.32 -96.96 -70.47
CA MET G 2858 6.31 -98.28 -69.83
C MET G 2858 6.15 -98.14 -68.33
N GLU G 2859 6.82 -97.15 -67.72
CA GLU G 2859 6.60 -96.89 -66.32
C GLU G 2859 5.15 -96.52 -66.05
N LEU G 2860 4.54 -95.75 -66.95
CA LEU G 2860 3.16 -95.32 -66.76
C LEU G 2860 2.21 -96.51 -66.76
N GLU G 2861 2.40 -97.45 -67.69
CA GLU G 2861 1.53 -98.64 -67.68
C GLU G 2861 1.79 -99.51 -66.46
N SER G 2862 3.06 -99.62 -66.03
CA SER G 2862 3.34 -100.42 -64.84
C SER G 2862 2.71 -99.77 -63.59
N LYS G 2863 2.72 -98.44 -63.54
CA LYS G 2863 2.16 -97.74 -62.39
C LYS G 2863 0.64 -97.76 -62.40
N GLY G 2864 0.04 -97.81 -63.60
CA GLY G 2864 -1.40 -97.79 -63.74
C GLY G 2864 -2.02 -96.41 -63.74
N GLY G 2865 -1.22 -95.36 -63.62
CA GLY G 2865 -1.73 -94.00 -63.60
C GLY G 2865 -0.63 -92.99 -63.39
N GLY G 2866 -0.97 -91.71 -63.29
CA GLY G 2866 0.02 -90.69 -63.09
C GLY G 2866 0.61 -90.12 -64.37
N ASN G 2867 -0.26 -89.56 -65.22
CA ASN G 2867 0.21 -88.92 -66.45
C ASN G 2867 1.28 -87.89 -66.15
N HIS G 2868 2.49 -88.16 -66.64
CA HIS G 2868 3.62 -87.29 -66.33
C HIS G 2868 3.53 -86.01 -67.18
N PRO G 2869 3.80 -84.85 -66.58
CA PRO G 2869 3.64 -83.59 -67.32
C PRO G 2869 4.54 -83.47 -68.54
N LEU G 2870 5.66 -84.17 -68.58
CA LEU G 2870 6.62 -84.04 -69.68
C LEU G 2870 6.46 -85.14 -70.73
N LEU G 2871 5.39 -85.93 -70.67
CA LEU G 2871 5.14 -86.92 -71.71
C LEU G 2871 4.76 -86.28 -73.03
N VAL G 2872 4.50 -84.98 -73.06
CA VAL G 2872 4.20 -84.24 -74.28
C VAL G 2872 5.43 -84.29 -75.19
N PRO G 2873 5.27 -84.12 -76.50
CA PRO G 2873 6.42 -84.28 -77.40
C PRO G 2873 7.55 -83.32 -77.11
N TYR G 2874 8.73 -83.71 -77.59
CA TYR G 2874 9.94 -82.91 -77.37
C TYR G 2874 9.79 -81.50 -77.91
N ASP G 2875 9.15 -81.36 -79.07
CA ASP G 2875 8.88 -80.03 -79.62
C ASP G 2875 7.99 -79.24 -78.66
N THR G 2876 6.95 -79.88 -78.12
CA THR G 2876 6.07 -79.23 -77.16
C THR G 2876 6.78 -78.85 -75.88
N LEU G 2877 7.86 -79.55 -75.51
CA LEU G 2877 8.56 -79.26 -74.27
C LEU G 2877 9.15 -77.86 -74.30
N THR G 2878 9.43 -77.33 -73.11
CA THR G 2878 10.04 -76.01 -72.99
C THR G 2878 11.52 -76.07 -73.35
N ALA G 2879 12.09 -74.91 -73.62
CA ALA G 2879 13.52 -74.84 -73.93
C ALA G 2879 14.36 -75.31 -72.75
N LYS G 2880 13.95 -74.96 -71.54
CA LYS G 2880 14.70 -75.37 -70.35
C LYS G 2880 14.75 -76.88 -70.22
N GLU G 2881 13.60 -77.55 -70.41
CA GLU G 2881 13.58 -79.01 -70.35
C GLU G 2881 14.33 -79.61 -71.52
N LYS G 2882 14.25 -78.99 -72.70
CA LYS G 2882 14.94 -79.54 -73.87
C LYS G 2882 16.45 -79.44 -73.73
N ALA G 2883 16.94 -78.56 -72.86
CA ALA G 2883 18.37 -78.38 -72.68
C ALA G 2883 19.08 -79.63 -72.20
N LYS G 2884 18.40 -80.50 -71.45
CA LYS G 2884 19.03 -81.71 -70.95
C LYS G 2884 19.50 -82.60 -72.09
N ASP G 2885 18.73 -82.65 -73.17
CA ASP G 2885 19.14 -83.44 -74.33
C ASP G 2885 19.97 -82.59 -75.28
N ARG G 2886 19.74 -81.27 -75.28
CA ARG G 2886 20.55 -80.40 -76.13
C ARG G 2886 22.01 -80.45 -75.74
N GLU G 2887 22.32 -80.55 -74.44
CA GLU G 2887 23.73 -80.56 -74.06
C GLU G 2887 24.43 -81.79 -74.64
N LYS G 2888 23.78 -82.95 -74.55
CA LYS G 2888 24.37 -84.17 -75.10
C LYS G 2888 24.49 -84.08 -76.61
N ALA G 2889 23.46 -83.52 -77.27
CA ALA G 2889 23.54 -83.33 -78.72
C ALA G 2889 24.74 -82.47 -79.09
N GLN G 2890 24.88 -81.33 -78.43
CA GLN G 2890 25.95 -80.40 -78.73
C GLN G 2890 27.31 -81.05 -78.48
N ASP G 2891 27.47 -81.71 -77.33
CA ASP G 2891 28.79 -82.24 -77.02
C ASP G 2891 29.17 -83.37 -77.97
N ILE G 2892 28.23 -84.25 -78.30
CA ILE G 2892 28.60 -85.37 -79.17
C ILE G 2892 28.89 -84.88 -80.58
N LEU G 2893 28.03 -84.03 -81.15
CA LEU G 2893 28.29 -83.54 -82.50
C LEU G 2893 29.53 -82.64 -82.56
N LYS G 2894 29.80 -81.88 -81.51
CA LYS G 2894 30.91 -80.96 -81.56
C LYS G 2894 32.23 -81.65 -81.23
N PHE G 2895 32.18 -82.74 -80.45
CA PHE G 2895 33.31 -83.66 -80.36
C PHE G 2895 33.55 -84.35 -81.68
N LEU G 2896 32.48 -84.66 -82.41
CA LEU G 2896 32.59 -85.17 -83.76
C LEU G 2896 33.36 -84.18 -84.64
N GLN G 2897 32.98 -82.90 -84.58
CA GLN G 2897 33.73 -81.84 -85.22
C GLN G 2897 35.17 -81.75 -84.74
N ILE G 2898 35.41 -81.91 -83.43
CA ILE G 2898 36.76 -81.88 -82.87
C ILE G 2898 37.64 -82.92 -83.52
N ASN G 2899 37.21 -84.18 -83.50
CA ASN G 2899 37.98 -85.23 -84.15
C ASN G 2899 37.84 -85.19 -85.67
N GLY G 2900 37.12 -84.20 -86.20
CA GLY G 2900 37.10 -83.95 -87.62
C GLY G 2900 36.16 -84.82 -88.39
N TYR G 2901 35.51 -85.78 -87.72
CA TYR G 2901 34.51 -86.60 -88.37
C TYR G 2901 33.35 -85.71 -88.83
N ALA G 2902 33.10 -85.70 -90.13
CA ALA G 2902 31.96 -84.99 -90.69
C ALA G 2902 30.82 -86.00 -90.87
N VAL G 2903 29.69 -85.72 -90.22
CA VAL G 2903 28.49 -86.51 -90.46
C VAL G 2903 27.59 -85.75 -91.43
N SER G 2904 27.00 -86.45 -92.38
CA SER G 2904 26.20 -85.79 -93.40
C SER G 2904 24.81 -86.41 -93.44
N ARG G 2905 24.02 -85.96 -94.41
CA ARG G 2905 22.64 -86.40 -94.52
C ARG G 2905 22.58 -87.89 -94.84
N GLY G 2906 21.52 -88.54 -94.39
CA GLY G 2906 21.39 -89.97 -94.62
C GLY G 2906 21.37 -90.35 -96.08
N PHE G 2907 20.84 -89.47 -96.92
CA PHE G 2907 20.74 -89.71 -98.37
C PHE G 2907 20.92 -88.39 -99.10
N LYS G 2908 21.92 -88.32 -99.98
CA LYS G 2908 22.02 -87.18 -100.89
C LYS G 2908 21.02 -87.26 -102.03
N ASP G 2909 20.51 -86.09 -102.41
CA ASP G 2909 19.59 -85.96 -103.53
C ASP G 2909 20.26 -86.39 -104.82
N LEU G 2910 19.57 -87.20 -105.62
CA LEU G 2910 20.17 -87.75 -106.83
C LEU G 2910 20.23 -86.72 -107.95
N GLU G 2911 19.12 -86.00 -108.15
CA GLU G 2911 19.02 -85.00 -109.22
C GLU G 2911 17.68 -84.29 -109.04
N LEU G 2912 17.64 -83.03 -109.45
CA LEU G 2912 16.42 -82.22 -109.43
C LEU G 2912 16.08 -81.81 -110.85
N ASP G 2913 14.90 -82.20 -111.31
CA ASP G 2913 14.45 -81.91 -112.67
C ASP G 2913 13.92 -80.49 -112.82
N THR G 2914 14.70 -79.50 -112.37
CA THR G 2914 14.34 -78.10 -112.49
C THR G 2914 14.21 -77.65 -113.95
N PRO G 2915 15.08 -78.10 -114.89
CA PRO G 2915 14.84 -77.74 -116.30
C PRO G 2915 13.48 -78.19 -116.81
N SER G 2916 12.99 -79.35 -116.38
CA SER G 2916 11.67 -79.80 -116.80
C SER G 2916 10.60 -79.02 -116.04
N ILE G 2917 9.78 -78.28 -116.77
CA ILE G 2917 8.84 -77.34 -116.17
C ILE G 2917 7.58 -77.99 -115.65
N GLU G 2918 7.49 -79.33 -115.70
CA GLU G 2918 6.26 -80.00 -115.28
C GLU G 2918 6.05 -79.87 -113.76
N LYS G 2919 7.13 -79.63 -113.01
CA LYS G 2919 7.02 -79.54 -111.56
C LYS G 2919 6.72 -78.12 -111.07
N ARG G 2920 6.49 -77.17 -111.97
CA ARG G 2920 6.10 -75.84 -111.56
C ARG G 2920 4.78 -75.89 -110.81
N PHE G 2921 4.65 -75.04 -109.78
CA PHE G 2921 3.40 -75.00 -109.04
C PHE G 2921 2.25 -74.59 -109.95
N ALA G 2922 2.49 -73.59 -110.81
CA ALA G 2922 1.48 -73.23 -111.79
C ALA G 2922 1.20 -74.39 -112.74
N TYR G 2923 2.22 -75.18 -113.07
CA TYR G 2923 2.04 -76.29 -114.01
C TYR G 2923 1.02 -77.28 -113.49
N SER G 2924 1.31 -77.90 -112.33
CA SER G 2924 0.42 -78.93 -111.80
C SER G 2924 -0.95 -78.37 -111.44
N PHE G 2925 -0.98 -77.18 -110.83
CA PHE G 2925 -2.25 -76.59 -110.43
C PHE G 2925 -3.13 -76.29 -111.63
N LEU G 2926 -2.57 -75.61 -112.63
CA LEU G 2926 -3.35 -75.29 -113.82
C LEU G 2926 -3.72 -76.55 -114.58
N GLN G 2927 -2.86 -77.58 -114.51
CA GLN G 2927 -3.18 -78.85 -115.16
C GLN G 2927 -4.40 -79.50 -114.52
N GLN G 2928 -4.42 -79.57 -113.19
CA GLN G 2928 -5.60 -80.12 -112.52
C GLN G 2928 -6.81 -79.24 -112.77
N LEU G 2929 -6.59 -77.93 -112.90
CA LEU G 2929 -7.66 -77.01 -113.26
C LEU G 2929 -8.28 -77.42 -114.61
N ILE G 2930 -7.42 -77.71 -115.58
CA ILE G 2930 -7.91 -78.14 -116.89
C ILE G 2930 -8.62 -79.48 -116.80
N ARG G 2931 -8.08 -80.42 -116.02
CA ARG G 2931 -8.75 -81.70 -115.87
C ARG G 2931 -10.16 -81.51 -115.34
N TYR G 2932 -10.30 -80.70 -114.29
CA TYR G 2932 -11.63 -80.47 -113.72
C TYR G 2932 -12.52 -79.69 -114.68
N VAL G 2933 -11.95 -78.75 -115.43
CA VAL G 2933 -12.74 -78.00 -116.40
C VAL G 2933 -13.30 -78.93 -117.47
N ASP G 2934 -12.46 -79.81 -118.00
CA ASP G 2934 -12.92 -80.75 -119.03
C ASP G 2934 -13.94 -81.73 -118.47
N GLU G 2935 -13.70 -82.22 -117.25
CA GLU G 2935 -14.65 -83.13 -116.63
C GLU G 2935 -16.00 -82.46 -116.44
N ALA G 2936 -16.00 -81.22 -115.95
CA ALA G 2936 -17.25 -80.49 -115.77
C ALA G 2936 -17.88 -80.15 -117.11
N HIS G 2937 -17.07 -79.96 -118.14
CA HIS G 2937 -17.62 -79.66 -119.46
C HIS G 2937 -18.39 -80.85 -120.01
N GLN G 2938 -17.80 -82.04 -119.95
CA GLN G 2938 -18.54 -83.21 -120.41
C GLN G 2938 -19.67 -83.56 -119.45
N TYR G 2939 -19.51 -83.23 -118.16
CA TYR G 2939 -20.61 -83.35 -117.21
C TYR G 2939 -21.81 -82.52 -117.64
N ILE G 2940 -21.58 -81.26 -118.00
CA ILE G 2940 -22.69 -80.41 -118.40
C ILE G 2940 -23.17 -80.74 -119.81
N LEU G 2941 -22.32 -81.38 -120.62
CA LEU G 2941 -22.80 -81.90 -121.90
C LEU G 2941 -23.80 -83.04 -121.69
N GLU G 2942 -23.53 -83.92 -120.73
CA GLU G 2942 -24.55 -84.90 -120.33
C GLU G 2942 -25.74 -84.20 -119.69
N PHE G 2943 -25.49 -83.13 -118.94
CA PHE G 2943 -26.55 -82.32 -118.34
C PHE G 2943 -27.40 -81.61 -119.38
N ASP G 2944 -26.93 -81.51 -120.63
CA ASP G 2944 -27.72 -80.85 -121.66
C ASP G 2944 -29.08 -81.50 -121.82
N GLY G 2945 -29.13 -82.83 -121.79
CA GLY G 2945 -30.41 -83.52 -121.69
C GLY G 2945 -31.10 -83.27 -120.37
N GLY G 2946 -30.32 -83.20 -119.29
CA GLY G 2946 -30.91 -82.96 -117.98
C GLY G 2946 -31.27 -81.51 -117.75
N SER G 2947 -30.65 -80.59 -118.50
CA SER G 2947 -30.96 -79.17 -118.35
C SER G 2947 -32.41 -78.88 -118.70
N ARG G 2948 -32.89 -79.42 -119.82
CA ARG G 2948 -34.29 -79.28 -120.17
C ARG G 2948 -35.15 -80.41 -119.60
N GLY G 2949 -34.52 -81.41 -118.98
CA GLY G 2949 -35.25 -82.48 -118.34
C GLY G 2949 -35.52 -82.19 -116.88
N LYS G 2950 -36.39 -83.02 -116.29
CA LYS G 2950 -36.80 -82.84 -114.90
C LYS G 2950 -35.74 -83.29 -113.91
N GLY G 2951 -35.01 -84.35 -114.22
CA GLY G 2951 -34.05 -84.90 -113.28
C GLY G 2951 -32.68 -84.27 -113.33
N GLU G 2952 -32.38 -83.43 -112.33
CA GLU G 2952 -31.06 -82.82 -112.20
C GLU G 2952 -30.14 -83.62 -111.28
N HIS G 2953 -30.58 -84.80 -110.83
CA HIS G 2953 -29.74 -85.66 -110.02
C HIS G 2953 -28.72 -86.36 -110.89
N PHE G 2954 -27.46 -86.32 -110.48
CA PHE G 2954 -26.36 -86.91 -111.22
C PHE G 2954 -25.30 -87.42 -110.28
N PRO G 2955 -24.54 -88.43 -110.68
CA PRO G 2955 -23.36 -88.81 -109.88
C PRO G 2955 -22.35 -87.69 -109.77
N TYR G 2956 -22.37 -86.75 -110.71
CA TYR G 2956 -21.48 -85.60 -110.70
C TYR G 2956 -22.17 -84.33 -110.24
N GLU G 2957 -23.33 -84.45 -109.57
CA GLU G 2957 -24.05 -83.27 -109.12
C GLU G 2957 -23.22 -82.48 -108.11
N GLN G 2958 -22.80 -83.13 -107.02
CA GLN G 2958 -21.97 -82.45 -106.04
C GLN G 2958 -20.61 -82.09 -106.63
N GLU G 2959 -20.16 -82.85 -107.63
CA GLU G 2959 -18.90 -82.53 -108.29
C GLU G 2959 -18.99 -81.18 -108.99
N ILE G 2960 -20.04 -80.98 -109.79
CA ILE G 2960 -20.17 -79.71 -110.50
C ILE G 2960 -20.51 -78.59 -109.53
N LYS G 2961 -21.23 -78.89 -108.45
CA LYS G 2961 -21.46 -77.87 -107.44
C LYS G 2961 -20.16 -77.40 -106.81
N PHE G 2962 -19.30 -78.35 -106.41
CA PHE G 2962 -18.00 -77.98 -105.86
C PHE G 2962 -17.18 -77.20 -106.88
N PHE G 2963 -17.19 -77.66 -108.14
CA PHE G 2963 -16.51 -76.92 -109.19
C PHE G 2963 -16.96 -75.47 -109.23
N ALA G 2964 -18.25 -75.24 -109.49
CA ALA G 2964 -18.77 -73.89 -109.67
C ALA G 2964 -18.58 -73.03 -108.42
N LYS G 2965 -18.65 -73.63 -107.23
CA LYS G 2965 -18.63 -72.81 -106.02
C LYS G 2965 -17.22 -72.55 -105.51
N VAL G 2966 -16.26 -73.42 -105.83
CA VAL G 2966 -14.89 -73.31 -105.33
C VAL G 2966 -13.89 -73.08 -106.46
N VAL G 2967 -13.83 -74.02 -107.40
CA VAL G 2967 -12.73 -74.04 -108.37
C VAL G 2967 -12.79 -72.79 -109.24
N LEU G 2968 -13.97 -72.48 -109.79
CA LEU G 2968 -14.10 -71.30 -110.63
C LEU G 2968 -13.80 -70.01 -109.85
N PRO G 2969 -14.37 -69.77 -108.66
CA PRO G 2969 -13.91 -68.63 -107.88
C PRO G 2969 -12.44 -68.72 -107.53
N LEU G 2970 -11.93 -69.94 -107.32
CA LEU G 2970 -10.50 -70.11 -107.10
C LEU G 2970 -9.71 -69.68 -108.32
N ILE G 2971 -10.18 -70.04 -109.52
CA ILE G 2971 -9.51 -69.60 -110.74
C ILE G 2971 -9.52 -68.08 -110.82
N ASP G 2972 -10.67 -67.46 -110.53
CA ASP G 2972 -10.78 -66.01 -110.60
C ASP G 2972 -9.78 -65.34 -109.67
N GLN G 2973 -9.79 -65.74 -108.40
CA GLN G 2973 -8.92 -65.10 -107.41
C GLN G 2973 -7.46 -65.39 -107.69
N TYR G 2974 -7.16 -66.60 -108.18
CA TYR G 2974 -5.79 -67.00 -108.45
C TYR G 2974 -5.20 -66.20 -109.60
N PHE G 2975 -5.96 -66.07 -110.69
CA PHE G 2975 -5.50 -65.26 -111.81
C PHE G 2975 -5.43 -63.79 -111.43
N LYS G 2976 -6.36 -63.32 -110.58
CA LYS G 2976 -6.28 -61.97 -110.06
C LYS G 2976 -5.00 -61.73 -109.26
N ASN G 2977 -4.61 -62.68 -108.42
CA ASN G 2977 -3.40 -62.53 -107.63
C ASN G 2977 -2.16 -62.58 -108.51
N HIS G 2978 -2.13 -63.47 -109.49
CA HIS G 2978 -0.96 -63.69 -110.32
C HIS G 2978 -1.16 -63.22 -111.76
N ARG G 2979 -1.82 -62.07 -111.94
CA ARG G 2979 -1.97 -61.50 -113.27
C ARG G 2979 -0.63 -61.39 -113.98
N LEU G 2980 0.34 -60.76 -113.33
CA LEU G 2980 1.60 -60.45 -113.99
C LEU G 2980 2.39 -61.70 -114.35
N TYR G 2981 2.29 -62.76 -113.54
CA TYR G 2981 3.01 -63.99 -113.84
C TYR G 2981 2.54 -64.59 -115.17
N PHE G 2982 1.22 -64.63 -115.39
CA PHE G 2982 0.71 -65.07 -116.68
C PHE G 2982 0.99 -64.02 -117.76
N LEU G 2983 0.81 -62.74 -117.42
CA LEU G 2983 1.01 -61.69 -118.40
C LEU G 2983 2.46 -61.56 -118.80
N SER G 2984 3.38 -62.09 -117.97
CA SER G 2984 4.79 -62.03 -118.30
C SER G 2984 5.09 -62.90 -119.52
N ALA G 2985 5.64 -62.27 -120.54
CA ALA G 2985 5.98 -62.94 -121.79
C ALA G 2985 7.38 -62.52 -122.24
N ALA G 2986 8.31 -62.49 -121.29
CA ALA G 2986 9.71 -62.12 -121.52
C ALA G 2986 9.85 -60.70 -122.07
N SER G 2987 8.89 -59.82 -121.80
CA SER G 2987 8.98 -58.42 -122.16
C SER G 2987 9.48 -57.55 -121.01
N ARG G 2988 10.24 -58.15 -120.09
CA ARG G 2988 10.74 -57.53 -118.86
C ARG G 2988 9.66 -56.99 -117.94
N PRO G 2989 8.59 -57.75 -117.62
CA PRO G 2989 7.78 -57.39 -116.44
C PRO G 2989 8.25 -58.18 -115.24
N LEU G 2990 7.76 -57.84 -114.04
CA LEU G 2990 8.15 -58.54 -112.81
C LEU G 2990 9.66 -58.73 -112.75
N CYS G 2991 10.39 -57.61 -112.65
CA CYS G 2991 11.84 -57.62 -112.82
C CYS G 2991 12.52 -58.53 -111.80
N SER G 2992 11.85 -58.84 -110.69
CA SER G 2992 12.41 -59.79 -109.73
C SER G 2992 12.66 -61.15 -110.37
N GLY G 2993 11.77 -61.60 -111.22
CA GLY G 2993 11.94 -62.84 -111.97
C GLY G 2993 10.79 -63.80 -111.74
N GLY G 2994 10.85 -64.92 -112.44
CA GLY G 2994 9.84 -65.95 -112.31
C GLY G 2994 8.64 -65.77 -113.21
N HIS G 2995 8.87 -65.68 -114.51
CA HIS G 2995 7.78 -65.54 -115.47
C HIS G 2995 7.22 -66.91 -115.84
N ALA G 2996 6.03 -66.89 -116.44
CA ALA G 2996 5.41 -68.12 -116.91
C ALA G 2996 6.14 -68.66 -118.13
N SER G 2997 6.18 -69.99 -118.24
CA SER G 2997 6.84 -70.62 -119.37
C SER G 2997 5.97 -70.54 -120.61
N ASN G 2998 6.57 -70.90 -121.75
CA ASN G 2998 5.80 -70.96 -123.00
C ASN G 2998 4.68 -71.98 -122.90
N LYS G 2999 4.97 -73.17 -122.35
CA LYS G 2999 3.92 -74.15 -122.14
C LYS G 2999 2.89 -73.68 -121.13
N GLU G 3000 3.33 -72.93 -120.11
CA GLU G 3000 2.38 -72.31 -119.18
C GLU G 3000 1.39 -71.43 -119.93
N LYS G 3001 1.92 -70.59 -120.82
CA LYS G 3001 1.07 -69.69 -121.59
C LYS G 3001 0.13 -70.47 -122.52
N GLU G 3002 0.68 -71.50 -123.17
CA GLU G 3002 -0.15 -72.37 -124.02
C GLU G 3002 -1.31 -72.97 -123.25
N MET G 3003 -1.03 -73.53 -122.08
CA MET G 3003 -2.03 -74.24 -121.30
C MET G 3003 -3.03 -73.28 -120.68
N VAL G 3004 -2.59 -72.06 -120.34
CA VAL G 3004 -3.52 -71.03 -119.90
C VAL G 3004 -4.48 -70.64 -121.02
N THR G 3005 -3.95 -70.45 -122.23
CA THR G 3005 -4.80 -70.13 -123.37
C THR G 3005 -5.78 -71.24 -123.70
N SER G 3006 -5.35 -72.49 -123.62
CA SER G 3006 -6.24 -73.62 -123.80
C SER G 3006 -7.34 -73.65 -122.75
N LEU G 3007 -6.98 -73.35 -121.50
CA LEU G 3007 -7.99 -73.23 -120.44
C LEU G 3007 -8.99 -72.14 -120.79
N PHE G 3008 -8.51 -71.01 -121.31
CA PHE G 3008 -9.41 -69.94 -121.73
C PHE G 3008 -10.39 -70.42 -122.79
N CYS G 3009 -9.86 -71.08 -123.82
CA CYS G 3009 -10.72 -71.52 -124.91
C CYS G 3009 -11.78 -72.51 -124.41
N LYS G 3010 -11.36 -73.45 -123.57
CA LYS G 3010 -12.30 -74.47 -123.11
C LYS G 3010 -13.31 -73.90 -122.12
N LEU G 3011 -12.90 -72.93 -121.31
CA LEU G 3011 -13.86 -72.22 -120.45
C LEU G 3011 -14.86 -71.41 -121.27
N GLY G 3012 -14.42 -70.76 -122.34
CA GLY G 3012 -15.37 -70.11 -123.23
C GLY G 3012 -16.33 -71.06 -123.87
N VAL G 3013 -15.85 -72.23 -124.30
CA VAL G 3013 -16.73 -73.26 -124.83
C VAL G 3013 -17.75 -73.68 -123.78
N LEU G 3014 -17.28 -73.87 -122.54
CA LEU G 3014 -18.15 -74.26 -121.45
C LEU G 3014 -19.24 -73.22 -121.20
N VAL G 3015 -18.86 -71.94 -121.16
CA VAL G 3015 -19.83 -70.88 -120.87
C VAL G 3015 -20.73 -70.58 -122.05
N ARG G 3016 -20.37 -71.02 -123.25
CA ARG G 3016 -21.17 -70.74 -124.43
C ARG G 3016 -22.53 -71.40 -124.32
N HIS G 3017 -23.58 -70.57 -124.38
CA HIS G 3017 -24.98 -71.01 -124.31
C HIS G 3017 -25.28 -71.89 -123.10
N ARG G 3018 -24.78 -71.52 -121.92
CA ARG G 3018 -25.06 -72.27 -120.71
C ARG G 3018 -25.31 -71.37 -119.51
N ILE G 3019 -25.60 -70.08 -119.74
CA ILE G 3019 -25.87 -69.17 -118.62
C ILE G 3019 -27.16 -69.57 -117.92
N SER G 3020 -28.14 -70.05 -118.68
CA SER G 3020 -29.37 -70.55 -118.08
C SER G 3020 -29.14 -71.86 -117.33
N LEU G 3021 -28.23 -72.71 -117.84
CA LEU G 3021 -27.88 -73.93 -117.13
C LEU G 3021 -27.22 -73.60 -115.80
N PHE G 3022 -26.38 -72.57 -115.77
CA PHE G 3022 -25.78 -72.13 -114.52
C PHE G 3022 -26.83 -71.43 -113.66
N GLY G 3023 -26.89 -71.82 -112.39
CA GLY G 3023 -27.88 -71.26 -111.48
C GLY G 3023 -27.46 -69.94 -110.88
N ASN G 3024 -27.51 -68.88 -111.71
CA ASN G 3024 -27.14 -67.52 -111.31
C ASN G 3024 -25.65 -67.41 -111.02
N ASP G 3025 -24.94 -68.53 -111.08
CA ASP G 3025 -23.49 -68.54 -111.06
C ASP G 3025 -22.90 -68.21 -112.42
N ALA G 3026 -23.76 -68.09 -113.44
CA ALA G 3026 -23.30 -67.65 -114.75
C ALA G 3026 -22.56 -66.33 -114.67
N THR G 3027 -22.98 -65.43 -113.77
CA THR G 3027 -22.24 -64.18 -113.57
C THR G 3027 -20.85 -64.45 -113.00
N SER G 3028 -20.73 -65.43 -112.10
CA SER G 3028 -19.42 -65.78 -111.55
C SER G 3028 -18.50 -66.28 -112.64
N ILE G 3029 -19.00 -67.18 -113.50
CA ILE G 3029 -18.20 -67.61 -114.65
C ILE G 3029 -17.92 -66.47 -115.63
N VAL G 3030 -18.86 -65.53 -115.78
CA VAL G 3030 -18.60 -64.37 -116.62
C VAL G 3030 -17.42 -63.58 -116.11
N ASN G 3031 -17.39 -63.31 -114.80
CA ASN G 3031 -16.27 -62.59 -114.20
C ASN G 3031 -14.99 -63.41 -114.30
N CYS G 3032 -15.11 -64.73 -114.18
CA CYS G 3032 -13.95 -65.61 -114.30
C CYS G 3032 -13.33 -65.49 -115.68
N LEU G 3033 -14.15 -65.64 -116.72
CA LEU G 3033 -13.68 -65.48 -118.08
C LEU G 3033 -13.19 -64.06 -118.36
N HIS G 3034 -13.78 -63.06 -117.70
CA HIS G 3034 -13.31 -61.69 -117.78
C HIS G 3034 -11.86 -61.59 -117.32
N ILE G 3035 -11.61 -61.91 -116.05
CA ILE G 3035 -10.25 -61.81 -115.51
C ILE G 3035 -9.32 -62.71 -116.31
N LEU G 3036 -9.83 -63.82 -116.84
CA LEU G 3036 -9.03 -64.66 -117.71
C LEU G 3036 -8.60 -63.88 -118.95
N GLY G 3037 -9.53 -63.10 -119.52
CA GLY G 3037 -9.19 -62.26 -120.65
C GLY G 3037 -8.17 -61.20 -120.34
N GLN G 3038 -8.29 -60.53 -119.19
CA GLN G 3038 -7.22 -59.59 -118.83
C GLN G 3038 -5.93 -60.30 -118.43
N THR G 3039 -5.95 -61.61 -118.23
CA THR G 3039 -4.72 -62.36 -117.96
C THR G 3039 -4.25 -63.15 -119.19
N LEU G 3040 -4.89 -62.94 -120.33
CA LEU G 3040 -4.47 -63.61 -121.57
C LEU G 3040 -3.28 -62.86 -122.16
N ASP G 3041 -2.25 -63.61 -122.53
CA ASP G 3041 -1.22 -63.14 -123.44
C ASP G 3041 -0.91 -64.28 -124.41
N ALA G 3042 -0.69 -63.94 -125.68
CA ALA G 3042 -0.63 -64.95 -126.72
C ALA G 3042 0.44 -64.74 -127.78
N ARG G 3043 1.42 -63.85 -127.55
CA ARG G 3043 2.42 -63.59 -128.59
C ARG G 3043 3.31 -64.81 -128.83
N THR G 3044 3.87 -65.37 -127.76
CA THR G 3044 4.72 -66.54 -127.93
C THR G 3044 3.89 -67.75 -128.34
N VAL G 3045 2.61 -67.78 -127.94
CA VAL G 3045 1.71 -68.82 -128.41
C VAL G 3045 1.56 -68.74 -129.93
N MET G 3046 1.36 -67.54 -130.45
CA MET G 3046 1.21 -67.37 -131.88
C MET G 3046 2.48 -67.76 -132.62
N LYS G 3047 3.65 -67.34 -132.13
CA LYS G 3047 4.87 -67.68 -132.86
C LYS G 3047 5.17 -69.17 -132.77
N THR G 3048 5.13 -69.75 -131.57
CA THR G 3048 5.42 -71.16 -131.35
C THR G 3048 4.40 -71.72 -130.38
N GLY G 3049 3.55 -72.64 -130.84
CA GLY G 3049 2.56 -73.21 -129.96
C GLY G 3049 1.88 -74.40 -130.57
N LEU G 3050 0.97 -74.98 -129.80
CA LEU G 3050 0.23 -76.16 -130.23
C LEU G 3050 -0.84 -75.75 -131.25
N GLU G 3051 -0.87 -76.47 -132.37
CA GLU G 3051 -1.81 -76.13 -133.44
C GLU G 3051 -3.25 -76.28 -132.97
N SER G 3052 -3.54 -77.31 -132.18
CA SER G 3052 -4.89 -77.44 -131.63
C SER G 3052 -5.21 -76.31 -130.68
N VAL G 3053 -4.20 -75.83 -129.93
CA VAL G 3053 -4.42 -74.67 -129.07
C VAL G 3053 -4.78 -73.45 -129.91
N LYS G 3054 -4.05 -73.22 -131.01
CA LYS G 3054 -4.39 -72.11 -131.89
C LYS G 3054 -5.80 -72.28 -132.48
N SER G 3055 -6.14 -73.51 -132.88
CA SER G 3055 -7.48 -73.78 -133.37
C SER G 3055 -8.54 -73.48 -132.32
N ALA G 3056 -8.20 -73.68 -131.04
CA ALA G 3056 -9.15 -73.37 -129.98
C ALA G 3056 -9.48 -71.89 -129.95
N LEU G 3057 -8.48 -71.03 -130.00
CA LEU G 3057 -8.74 -69.58 -130.02
C LEU G 3057 -9.43 -69.14 -131.29
N ARG G 3058 -9.05 -69.71 -132.44
CA ARG G 3058 -9.77 -69.41 -133.67
C ARG G 3058 -11.23 -69.80 -133.58
N ALA G 3059 -11.51 -70.97 -133.00
CA ALA G 3059 -12.88 -71.43 -132.82
C ALA G 3059 -13.64 -70.51 -131.88
N PHE G 3060 -13.00 -70.09 -130.80
CA PHE G 3060 -13.66 -69.17 -129.88
C PHE G 3060 -14.02 -67.86 -130.59
N LEU G 3061 -13.09 -67.31 -131.34
CA LEU G 3061 -13.32 -66.03 -131.99
C LEU G 3061 -14.40 -66.12 -133.06
N ASP G 3062 -14.31 -67.12 -133.95
CA ASP G 3062 -15.31 -67.19 -135.00
C ASP G 3062 -16.65 -67.71 -134.49
N ASN G 3063 -16.67 -68.39 -133.34
CA ASN G 3063 -17.93 -68.72 -132.71
C ASN G 3063 -18.60 -67.47 -132.16
N ALA G 3064 -17.82 -66.60 -131.50
CA ALA G 3064 -18.35 -65.31 -131.09
C ALA G 3064 -18.82 -64.48 -132.27
N ALA G 3065 -18.16 -64.59 -133.42
CA ALA G 3065 -18.59 -63.91 -134.64
C ALA G 3065 -19.89 -64.48 -135.22
N GLU G 3066 -20.03 -65.80 -135.27
CA GLU G 3066 -21.25 -66.39 -135.82
C GLU G 3066 -22.42 -66.15 -134.87
N ASP G 3067 -22.16 -66.06 -133.56
CA ASP G 3067 -23.21 -65.69 -132.63
C ASP G 3067 -23.70 -64.27 -132.91
N LEU G 3068 -22.76 -63.37 -133.20
CA LEU G 3068 -23.12 -62.02 -133.59
C LEU G 3068 -23.91 -62.01 -134.89
N GLU G 3069 -23.54 -62.87 -135.85
CA GLU G 3069 -24.31 -63.01 -137.08
C GLU G 3069 -25.72 -63.49 -136.81
N LYS G 3070 -25.87 -64.43 -135.87
CA LYS G 3070 -27.19 -64.91 -135.50
C LYS G 3070 -28.02 -63.79 -134.86
N THR G 3071 -27.37 -62.95 -134.05
CA THR G 3071 -28.07 -61.78 -133.51
C THR G 3071 -28.49 -60.85 -134.63
N MET G 3072 -27.62 -60.65 -135.62
CA MET G 3072 -27.98 -59.92 -136.83
C MET G 3072 -29.29 -60.42 -137.39
N GLU G 3073 -29.32 -61.70 -137.75
CA GLU G 3073 -30.47 -62.30 -138.39
C GLU G 3073 -31.72 -62.22 -137.52
N ASN G 3074 -31.60 -62.50 -136.22
CA ASN G 3074 -32.76 -62.45 -135.35
C ASN G 3074 -33.34 -61.05 -135.22
N LEU G 3075 -32.50 -60.05 -134.97
CA LEU G 3075 -33.06 -58.72 -134.81
C LEU G 3075 -33.58 -58.16 -136.13
N LYS G 3076 -33.00 -58.55 -137.26
CA LYS G 3076 -33.55 -58.15 -138.55
C LYS G 3076 -34.91 -58.79 -138.82
N GLN G 3077 -35.05 -60.09 -138.59
CA GLN G 3077 -36.36 -60.71 -138.80
C GLN G 3077 -37.38 -60.14 -137.82
N GLY G 3078 -36.99 -59.95 -136.57
CA GLY G 3078 -37.79 -59.21 -135.63
C GLY G 3078 -36.92 -58.46 -134.64
N GLN G 3079 -37.07 -57.13 -134.59
CA GLN G 3079 -36.36 -56.30 -133.62
C GLN G 3079 -36.51 -56.82 -132.19
N PHE G 3080 -37.55 -57.62 -131.92
CA PHE G 3080 -37.77 -58.18 -130.60
C PHE G 3080 -36.56 -58.97 -130.13
N THR G 3081 -36.17 -58.77 -128.87
CA THR G 3081 -35.05 -59.48 -128.29
C THR G 3081 -35.51 -60.40 -127.16
N LYS G 3088 -37.64 -70.26 -127.31
CA LYS G 3088 -36.93 -69.33 -126.44
C LYS G 3088 -35.43 -69.49 -126.58
N GLY G 3089 -35.01 -70.39 -127.47
CA GLY G 3089 -33.60 -70.65 -127.64
C GLY G 3089 -32.84 -69.44 -128.17
N VAL G 3090 -33.40 -68.77 -129.18
CA VAL G 3090 -32.73 -67.58 -129.71
C VAL G 3090 -32.75 -66.45 -128.69
N THR G 3091 -33.80 -66.35 -127.88
CA THR G 3091 -33.82 -65.36 -126.82
C THR G 3091 -32.73 -65.66 -125.79
N GLN G 3092 -32.52 -66.93 -125.47
CA GLN G 3092 -31.42 -67.30 -124.58
C GLN G 3092 -30.07 -66.96 -125.21
N ILE G 3093 -29.97 -67.13 -126.53
CA ILE G 3093 -28.74 -66.72 -127.23
C ILE G 3093 -28.52 -65.23 -127.11
N ILE G 3094 -29.59 -64.43 -127.24
CA ILE G 3094 -29.47 -62.98 -127.08
C ILE G 3094 -29.03 -62.63 -125.67
N ASN G 3095 -29.59 -63.33 -124.69
CA ASN G 3095 -29.20 -63.11 -123.30
C ASN G 3095 -27.73 -63.43 -123.09
N TYR G 3096 -27.29 -64.57 -123.62
CA TYR G 3096 -25.88 -64.93 -123.57
C TYR G 3096 -25.03 -63.82 -124.18
N THR G 3097 -25.44 -63.32 -125.35
CA THR G 3097 -24.72 -62.23 -125.99
C THR G 3097 -24.61 -61.03 -125.06
N THR G 3098 -25.75 -60.44 -124.72
CA THR G 3098 -25.80 -59.19 -123.98
C THR G 3098 -25.29 -59.30 -122.54
N VAL G 3099 -25.10 -60.51 -122.02
CA VAL G 3099 -24.60 -60.70 -120.66
C VAL G 3099 -23.11 -60.99 -120.65
N ALA G 3100 -22.63 -61.83 -121.57
CA ALA G 3100 -21.25 -62.27 -121.52
C ALA G 3100 -20.48 -62.02 -122.81
N LEU G 3101 -21.10 -62.18 -123.97
CA LEU G 3101 -20.36 -62.18 -125.23
C LEU G 3101 -19.82 -60.78 -125.53
N LEU G 3102 -20.66 -59.76 -125.41
CA LEU G 3102 -20.17 -58.39 -125.53
C LEU G 3102 -19.12 -58.08 -124.46
N PRO G 3103 -19.34 -58.40 -123.18
CA PRO G 3103 -18.25 -58.19 -122.20
C PRO G 3103 -16.99 -58.97 -122.52
N MET G 3104 -17.09 -60.25 -122.91
CA MET G 3104 -15.88 -61.03 -123.12
C MET G 3104 -15.09 -60.48 -124.31
N LEU G 3105 -15.78 -60.16 -125.40
CA LEU G 3105 -15.09 -59.60 -126.57
C LEU G 3105 -14.51 -58.23 -126.26
N SER G 3106 -15.26 -57.40 -125.53
CA SER G 3106 -14.73 -56.11 -125.12
C SER G 3106 -13.45 -56.27 -124.32
N SER G 3107 -13.45 -57.14 -123.32
CA SER G 3107 -12.26 -57.37 -122.52
C SER G 3107 -11.13 -57.91 -123.38
N LEU G 3108 -11.44 -58.86 -124.26
CA LEU G 3108 -10.41 -59.49 -125.08
C LEU G 3108 -9.70 -58.46 -125.95
N PHE G 3109 -10.47 -57.66 -126.69
CA PHE G 3109 -9.85 -56.71 -127.61
C PHE G 3109 -9.22 -55.53 -126.89
N GLU G 3110 -9.81 -55.09 -125.77
CA GLU G 3110 -9.16 -54.03 -125.02
C GLU G 3110 -7.82 -54.49 -124.47
N HIS G 3111 -7.75 -55.75 -124.00
CA HIS G 3111 -6.49 -56.30 -123.51
C HIS G 3111 -5.51 -56.49 -124.66
N ILE G 3112 -5.99 -56.90 -125.83
CA ILE G 3112 -5.13 -57.06 -127.00
C ILE G 3112 -4.51 -55.72 -127.36
N GLY G 3113 -5.31 -54.66 -127.33
CA GLY G 3113 -4.77 -53.33 -127.57
C GLY G 3113 -3.78 -52.90 -126.51
N GLN G 3114 -4.08 -53.20 -125.24
CA GLN G 3114 -3.18 -52.82 -124.15
C GLN G 3114 -1.81 -53.49 -124.31
N HIS G 3115 -1.81 -54.77 -124.65
CA HIS G 3115 -0.56 -55.51 -124.82
C HIS G 3115 -0.03 -55.47 -126.25
N GLN G 3116 -0.67 -54.72 -127.14
CA GLN G 3116 -0.23 -54.58 -128.52
C GLN G 3116 -0.14 -55.94 -129.20
N PHE G 3117 -1.24 -56.70 -129.14
CA PHE G 3117 -1.29 -58.05 -129.68
C PHE G 3117 -2.13 -58.15 -130.95
N GLY G 3118 -2.53 -57.01 -131.53
CA GLY G 3118 -3.38 -57.07 -132.71
C GLY G 3118 -2.62 -57.48 -133.96
N GLU G 3119 -1.30 -57.48 -133.91
CA GLU G 3119 -0.47 -57.75 -135.07
C GLU G 3119 -0.07 -59.21 -135.22
N ASP G 3120 -0.46 -60.08 -134.29
CA ASP G 3120 -0.05 -61.47 -134.37
C ASP G 3120 -1.21 -62.45 -134.25
N LEU G 3121 -2.19 -62.13 -133.40
CA LEU G 3121 -3.32 -63.05 -133.20
C LEU G 3121 -4.20 -63.12 -134.44
N ILE G 3122 -4.51 -61.97 -135.03
CA ILE G 3122 -5.54 -61.83 -136.06
C ILE G 3122 -4.87 -61.56 -137.41
N LEU G 3123 -4.56 -62.64 -138.13
CA LEU G 3123 -4.01 -62.48 -139.47
C LEU G 3123 -4.83 -63.18 -140.55
N GLU G 3124 -5.15 -64.45 -140.34
CA GLU G 3124 -5.73 -65.30 -141.39
C GLU G 3124 -7.13 -65.76 -140.97
N ASP G 3125 -8.14 -65.17 -141.62
CA ASP G 3125 -9.55 -65.49 -141.43
C ASP G 3125 -10.03 -65.03 -140.07
N VAL G 3126 -9.09 -64.68 -139.19
CA VAL G 3126 -9.45 -64.01 -137.96
C VAL G 3126 -9.87 -62.58 -138.28
N GLN G 3127 -9.21 -61.98 -139.28
CA GLN G 3127 -9.64 -60.69 -139.79
C GLN G 3127 -11.04 -60.78 -140.39
N VAL G 3128 -11.35 -61.90 -141.05
CA VAL G 3128 -12.68 -62.08 -141.61
C VAL G 3128 -13.72 -62.19 -140.51
N SER G 3129 -13.44 -63.02 -139.49
CA SER G 3129 -14.35 -63.16 -138.37
C SER G 3129 -14.56 -61.84 -137.65
N CYS G 3130 -13.49 -61.07 -137.44
CA CYS G 3130 -13.64 -59.79 -136.77
C CYS G 3130 -14.25 -58.73 -137.67
N TYR G 3131 -14.16 -58.87 -138.98
CA TYR G 3131 -14.95 -58.01 -139.86
C TYR G 3131 -16.43 -58.32 -139.75
N ARG G 3132 -16.80 -59.59 -139.66
CA ARG G 3132 -18.17 -59.94 -139.33
C ARG G 3132 -18.58 -59.32 -137.99
N ILE G 3133 -17.69 -59.40 -137.01
CA ILE G 3133 -17.96 -58.82 -135.70
C ILE G 3133 -18.16 -57.31 -135.81
N LEU G 3134 -17.30 -56.66 -136.59
CA LEU G 3134 -17.38 -55.21 -136.77
C LEU G 3134 -18.69 -54.81 -137.41
N THR G 3135 -19.07 -55.49 -138.50
CA THR G 3135 -20.34 -55.20 -139.15
C THR G 3135 -21.50 -55.42 -138.19
N SER G 3136 -21.45 -56.50 -137.43
CA SER G 3136 -22.53 -56.80 -136.48
C SER G 3136 -22.65 -55.71 -135.41
N LEU G 3137 -21.53 -55.36 -134.79
CA LEU G 3137 -21.56 -54.41 -133.68
C LEU G 3137 -21.91 -53.02 -134.17
N TYR G 3138 -21.45 -52.65 -135.36
CA TYR G 3138 -21.85 -51.38 -135.96
C TYR G 3138 -23.32 -51.39 -136.32
N ALA G 3139 -23.85 -52.56 -136.72
CA ALA G 3139 -25.27 -52.68 -136.99
C ALA G 3139 -26.09 -52.42 -135.73
N LEU G 3140 -25.66 -52.97 -134.59
CA LEU G 3140 -26.35 -52.62 -133.35
C LEU G 3140 -26.19 -51.14 -133.02
N GLY G 3141 -24.99 -50.61 -133.19
CA GLY G 3141 -24.76 -49.21 -132.88
C GLY G 3141 -25.53 -48.23 -133.74
N THR G 3142 -25.91 -48.64 -134.95
CA THR G 3142 -26.74 -47.82 -135.81
C THR G 3142 -28.20 -48.27 -135.85
N SER G 3143 -28.56 -49.32 -135.13
CA SER G 3143 -29.93 -49.79 -135.13
C SER G 3143 -30.83 -48.84 -134.36
N LYS G 3144 -32.08 -48.74 -134.82
CA LYS G 3144 -33.07 -47.87 -134.19
C LYS G 3144 -34.03 -48.64 -133.30
N SER G 3145 -33.71 -49.90 -132.98
CA SER G 3145 -34.60 -50.73 -132.19
C SER G 3145 -34.71 -50.19 -130.77
N ILE G 3146 -35.93 -50.23 -130.22
CA ILE G 3146 -36.11 -49.93 -128.81
C ILE G 3146 -35.44 -51.01 -127.96
N TYR G 3147 -35.38 -52.24 -128.48
CA TYR G 3147 -34.82 -53.35 -127.74
C TYR G 3147 -33.31 -53.21 -127.59
N VAL G 3148 -32.65 -52.64 -128.61
CA VAL G 3148 -31.19 -52.58 -128.62
C VAL G 3148 -30.73 -51.42 -127.75
N GLU G 3149 -31.68 -50.68 -127.18
CA GLU G 3149 -31.36 -49.46 -126.47
C GLU G 3149 -30.74 -49.72 -125.09
N ARG G 3150 -31.26 -50.69 -124.34
CA ARG G 3150 -30.84 -50.80 -122.95
C ARG G 3150 -29.52 -51.55 -122.81
N GLN G 3151 -29.04 -52.13 -123.91
CA GLN G 3151 -27.65 -52.59 -123.93
C GLN G 3151 -26.77 -51.70 -124.80
N ARG G 3152 -27.28 -50.56 -125.23
CA ARG G 3152 -26.50 -49.67 -126.09
C ARG G 3152 -25.26 -49.15 -125.36
N SER G 3153 -25.34 -49.00 -124.04
CA SER G 3153 -24.18 -48.56 -123.28
C SER G 3153 -23.05 -49.58 -123.38
N ALA G 3154 -23.37 -50.86 -123.21
CA ALA G 3154 -22.37 -51.90 -123.38
C ALA G 3154 -21.92 -51.98 -124.84
N LEU G 3155 -22.83 -51.70 -125.76
CA LEU G 3155 -22.48 -51.69 -127.17
C LEU G 3155 -21.40 -50.66 -127.48
N GLY G 3156 -21.54 -49.46 -126.91
CA GLY G 3156 -20.55 -48.42 -127.12
C GLY G 3156 -19.17 -48.75 -126.60
N GLU G 3157 -19.09 -49.34 -125.40
CA GLU G 3157 -17.80 -49.71 -124.84
C GLU G 3157 -17.22 -50.95 -125.51
N CYS G 3158 -18.05 -51.82 -126.08
CA CYS G 3158 -17.54 -52.94 -126.86
C CYS G 3158 -17.03 -52.51 -128.22
N LEU G 3159 -17.71 -51.57 -128.88
CA LEU G 3159 -17.25 -51.11 -130.18
C LEU G 3159 -15.92 -50.38 -130.08
N ALA G 3160 -15.76 -49.55 -129.06
CA ALA G 3160 -14.49 -48.87 -128.84
C ALA G 3160 -13.38 -49.88 -128.54
N ALA G 3161 -13.67 -50.88 -127.71
CA ALA G 3161 -12.67 -51.90 -127.40
C ALA G 3161 -12.27 -52.67 -128.65
N PHE G 3162 -13.23 -53.01 -129.51
CA PHE G 3162 -12.91 -53.66 -130.77
C PHE G 3162 -12.04 -52.77 -131.64
N ALA G 3163 -12.45 -51.52 -131.84
CA ALA G 3163 -11.67 -50.62 -132.68
C ALA G 3163 -10.36 -50.22 -132.00
N GLY G 3164 -10.24 -50.46 -130.70
CA GLY G 3164 -9.00 -50.14 -130.02
C GLY G 3164 -7.87 -51.07 -130.40
N ALA G 3165 -8.20 -52.26 -130.88
CA ALA G 3165 -7.21 -53.25 -131.28
C ALA G 3165 -7.68 -53.93 -132.56
N PHE G 3166 -6.98 -53.67 -133.66
CA PHE G 3166 -7.33 -54.30 -134.93
C PHE G 3166 -6.11 -54.21 -135.83
N PRO G 3167 -5.72 -55.28 -136.53
CA PRO G 3167 -4.42 -55.32 -137.20
C PRO G 3167 -4.24 -54.30 -138.32
N VAL G 3168 -5.31 -53.86 -138.97
CA VAL G 3168 -5.22 -52.95 -140.11
C VAL G 3168 -6.13 -51.76 -139.86
N ALA G 3169 -5.77 -50.63 -140.44
CA ALA G 3169 -6.61 -49.44 -140.33
C ALA G 3169 -7.86 -49.61 -141.16
N PHE G 3170 -8.97 -49.99 -140.52
CA PHE G 3170 -10.18 -50.32 -141.26
C PHE G 3170 -10.92 -49.08 -141.76
N LEU G 3171 -10.31 -47.90 -141.71
CA LEU G 3171 -10.91 -46.69 -142.24
C LEU G 3171 -10.01 -45.98 -143.24
N GLU G 3172 -8.97 -46.64 -143.72
CA GLU G 3172 -8.02 -46.06 -144.68
C GLU G 3172 -8.04 -46.86 -145.97
N THR G 3173 -9.25 -47.15 -146.46
CA THR G 3173 -9.43 -48.03 -147.61
C THR G 3173 -8.58 -47.63 -148.80
N HIS G 3174 -8.49 -46.32 -149.07
CA HIS G 3174 -7.76 -45.85 -150.23
C HIS G 3174 -6.25 -46.05 -150.08
N LEU G 3175 -5.78 -46.18 -148.83
CA LEU G 3175 -4.37 -46.48 -148.58
C LEU G 3175 -4.16 -47.73 -147.74
N ASP G 3176 -5.17 -48.60 -147.64
CA ASP G 3176 -4.98 -49.86 -146.94
C ASP G 3176 -4.07 -50.81 -147.71
N LYS G 3177 -3.84 -50.55 -149.01
CA LYS G 3177 -2.83 -51.30 -149.74
C LYS G 3177 -1.46 -51.12 -149.13
N HIS G 3178 -1.22 -49.98 -148.48
CA HIS G 3178 0.09 -49.68 -147.93
C HIS G 3178 0.44 -50.60 -146.76
N ASN G 3179 -0.55 -51.23 -146.14
CA ASN G 3179 -0.32 -52.12 -145.02
C ASN G 3179 -0.01 -53.52 -145.54
N ILE G 3180 1.16 -54.04 -145.18
CA ILE G 3180 1.51 -55.41 -145.54
C ILE G 3180 0.72 -56.40 -144.69
N TYR G 3181 0.32 -55.98 -143.48
CA TYR G 3181 -0.46 -56.84 -142.60
C TYR G 3181 -1.87 -57.04 -143.09
N SER G 3182 -2.28 -56.31 -144.13
CA SER G 3182 -3.63 -56.44 -144.68
C SER G 3182 -3.90 -57.88 -145.12
N ILE G 3183 -5.12 -58.34 -144.83
CA ILE G 3183 -5.48 -59.71 -145.21
C ILE G 3183 -5.42 -59.87 -146.72
N TYR G 3184 -5.71 -58.82 -147.47
CA TYR G 3184 -5.57 -58.89 -148.92
C TYR G 3184 -4.12 -59.08 -149.32
N ASN G 3185 -3.20 -58.36 -148.67
CA ASN G 3185 -1.78 -58.53 -148.96
C ASN G 3185 -1.32 -59.95 -148.63
N THR G 3186 -1.81 -60.49 -147.51
CA THR G 3186 -1.43 -61.84 -147.11
C THR G 3186 -1.98 -62.88 -148.08
N LYS G 3187 -3.24 -62.71 -148.50
CA LYS G 3187 -3.90 -63.69 -149.35
C LYS G 3187 -3.61 -63.51 -150.83
N SER G 3188 -2.88 -62.45 -151.19
CA SER G 3188 -2.49 -62.17 -152.59
C SER G 3188 -3.78 -62.17 -153.43
N SER G 3189 -3.86 -62.91 -154.52
CA SER G 3189 -5.03 -62.91 -155.37
C SER G 3189 -5.77 -64.24 -155.42
N ARG G 3190 -5.07 -65.33 -155.76
CA ARG G 3190 -5.74 -66.62 -155.83
C ARG G 3190 -6.28 -67.06 -154.48
N GLU G 3191 -5.51 -66.84 -153.41
CA GLU G 3191 -5.98 -67.22 -152.08
C GLU G 3191 -7.10 -66.29 -151.63
N ARG G 3192 -7.01 -65.02 -152.00
CA ARG G 3192 -8.10 -64.09 -151.75
C ARG G 3192 -9.38 -64.53 -152.42
N ALA G 3193 -9.31 -65.11 -153.60
CA ALA G 3193 -10.47 -65.68 -154.27
C ALA G 3193 -10.92 -67.01 -153.66
N ALA G 3194 -9.98 -67.85 -153.26
CA ALA G 3194 -10.33 -69.13 -152.64
C ALA G 3194 -11.08 -68.91 -151.34
N LEU G 3195 -10.62 -67.97 -150.52
CA LEU G 3195 -11.39 -67.52 -149.39
C LEU G 3195 -12.52 -66.61 -149.86
N SER G 3196 -13.58 -66.51 -149.07
CA SER G 3196 -14.74 -65.70 -149.41
C SER G 3196 -14.45 -64.21 -149.14
N LEU G 3197 -13.37 -63.74 -149.78
CA LEU G 3197 -12.93 -62.35 -149.63
C LEU G 3197 -13.47 -61.51 -150.76
N PRO G 3198 -14.08 -60.35 -150.47
CA PRO G 3198 -14.69 -59.55 -151.53
C PRO G 3198 -13.68 -58.85 -152.44
N THR G 3199 -12.39 -58.96 -152.16
CA THR G 3199 -11.26 -58.43 -152.93
C THR G 3199 -11.16 -56.91 -152.83
N ASN G 3200 -12.11 -56.24 -152.19
CA ASN G 3200 -12.04 -54.80 -151.95
C ASN G 3200 -12.31 -54.56 -150.48
N VAL G 3201 -11.49 -53.72 -149.85
CA VAL G 3201 -11.71 -53.40 -148.45
C VAL G 3201 -13.01 -52.63 -148.26
N GLU G 3202 -13.35 -51.75 -149.20
CA GLU G 3202 -14.67 -51.12 -149.19
C GLU G 3202 -15.76 -52.16 -149.29
N ASP G 3203 -15.47 -53.28 -149.97
CA ASP G 3203 -16.46 -54.33 -150.14
C ASP G 3203 -16.57 -55.22 -148.91
N VAL G 3204 -15.49 -55.34 -148.13
CA VAL G 3204 -15.58 -56.16 -146.92
C VAL G 3204 -16.16 -55.34 -145.78
N CYS G 3205 -16.09 -54.01 -145.87
CA CYS G 3205 -16.76 -53.13 -144.91
C CYS G 3205 -17.62 -52.12 -145.67
N PRO G 3206 -18.73 -52.59 -146.28
CA PRO G 3206 -19.58 -51.65 -147.02
C PRO G 3206 -20.42 -50.77 -146.11
N ASN G 3207 -21.03 -51.35 -145.08
CA ASN G 3207 -22.00 -50.59 -144.28
C ASN G 3207 -21.33 -49.46 -143.50
N ILE G 3208 -20.22 -49.76 -142.83
CA ILE G 3208 -19.52 -48.75 -142.05
C ILE G 3208 -18.85 -47.77 -143.02
N PRO G 3209 -19.05 -46.47 -142.84
CA PRO G 3209 -18.45 -45.50 -143.78
C PRO G 3209 -16.95 -45.39 -143.62
N SER G 3210 -16.30 -44.78 -144.59
CA SER G 3210 -14.86 -44.56 -144.50
C SER G 3210 -14.55 -43.50 -143.45
N LEU G 3211 -13.26 -43.29 -143.22
CA LEU G 3211 -12.84 -42.26 -142.27
C LEU G 3211 -13.30 -40.87 -142.72
N GLU G 3212 -13.18 -40.59 -144.02
CA GLU G 3212 -13.61 -39.30 -144.53
C GLU G 3212 -15.11 -39.08 -144.38
N LYS G 3213 -15.92 -40.09 -144.71
CA LYS G 3213 -17.36 -39.97 -144.54
C LYS G 3213 -17.72 -39.81 -143.07
N LEU G 3214 -17.05 -40.57 -142.20
CA LEU G 3214 -17.31 -40.46 -140.77
C LEU G 3214 -16.97 -39.07 -140.24
N MET G 3215 -15.84 -38.51 -140.66
CA MET G 3215 -15.44 -37.21 -140.14
C MET G 3215 -16.28 -36.08 -140.73
N GLU G 3216 -16.69 -36.17 -142.00
CA GLU G 3216 -17.60 -35.15 -142.51
C GLU G 3216 -18.96 -35.25 -141.82
N GLU G 3217 -19.40 -36.47 -141.50
CA GLU G 3217 -20.57 -36.60 -140.65
C GLU G 3217 -20.34 -35.92 -139.31
N ILE G 3218 -19.15 -36.09 -138.74
CA ILE G 3218 -18.87 -35.50 -137.43
C ILE G 3218 -18.96 -33.98 -137.50
N VAL G 3219 -18.37 -33.38 -138.54
CA VAL G 3219 -18.35 -31.93 -138.62
C VAL G 3219 -19.75 -31.39 -138.86
N GLU G 3220 -20.54 -32.06 -139.71
CA GLU G 3220 -21.91 -31.58 -139.90
C GLU G 3220 -22.75 -31.81 -138.64
N LEU G 3221 -22.43 -32.83 -137.85
CA LEU G 3221 -23.13 -33.02 -136.58
C LEU G 3221 -22.81 -31.89 -135.60
N ALA G 3222 -21.55 -31.46 -135.55
CA ALA G 3222 -21.22 -30.33 -134.69
C ALA G 3222 -21.89 -29.06 -135.19
N GLU G 3223 -22.02 -28.92 -136.52
CA GLU G 3223 -22.80 -27.82 -137.07
C GLU G 3223 -24.24 -27.88 -136.59
N SER G 3224 -24.84 -29.08 -136.59
CA SER G 3224 -26.23 -29.22 -136.20
C SER G 3224 -26.42 -28.97 -134.71
N GLY G 3225 -25.74 -29.74 -133.87
CA GLY G 3225 -25.85 -29.64 -132.43
C GLY G 3225 -27.23 -30.00 -131.91
N ILE G 3226 -27.91 -30.92 -132.58
CA ILE G 3226 -29.24 -31.35 -132.15
C ILE G 3226 -29.11 -32.39 -131.05
N ARG G 3227 -30.23 -32.75 -130.45
CA ARG G 3227 -30.23 -33.42 -129.15
C ARG G 3227 -29.97 -34.92 -129.29
N TYR G 3228 -29.52 -35.51 -128.17
CA TYR G 3228 -29.08 -36.90 -128.14
C TYR G 3228 -30.19 -37.87 -128.52
N THR G 3229 -31.43 -37.60 -128.12
CA THR G 3229 -32.51 -38.51 -128.44
C THR G 3229 -32.72 -38.65 -129.94
N GLN G 3230 -32.69 -37.54 -130.68
CA GLN G 3230 -32.89 -37.62 -132.12
C GLN G 3230 -31.62 -38.05 -132.85
N MET G 3231 -30.44 -37.81 -132.27
CA MET G 3231 -29.28 -38.51 -132.81
C MET G 3231 -28.61 -39.27 -131.68
N PRO G 3232 -28.98 -40.51 -131.41
CA PRO G 3232 -28.28 -41.27 -130.38
C PRO G 3232 -26.96 -41.85 -130.86
N HIS G 3233 -26.98 -42.38 -132.09
CA HIS G 3233 -25.98 -43.37 -132.51
C HIS G 3233 -24.55 -42.86 -132.42
N VAL G 3234 -24.29 -41.68 -132.97
CA VAL G 3234 -22.91 -41.23 -133.08
C VAL G 3234 -22.28 -41.09 -131.70
N MET G 3235 -22.81 -40.18 -130.88
CA MET G 3235 -22.19 -39.97 -129.58
C MET G 3235 -22.49 -41.09 -128.60
N GLU G 3236 -23.14 -42.18 -129.04
CA GLU G 3236 -23.23 -43.29 -128.11
C GLU G 3236 -22.24 -44.39 -128.44
N VAL G 3237 -21.97 -44.65 -129.71
CA VAL G 3237 -21.08 -45.74 -130.11
C VAL G 3237 -19.91 -45.23 -130.96
N ILE G 3238 -20.20 -44.35 -131.92
CA ILE G 3238 -19.22 -44.05 -132.97
C ILE G 3238 -18.06 -43.24 -132.41
N LEU G 3239 -18.35 -42.19 -131.65
CA LEU G 3239 -17.29 -41.35 -131.10
C LEU G 3239 -16.31 -42.14 -130.24
N PRO G 3240 -16.77 -43.04 -129.37
CA PRO G 3240 -15.80 -43.90 -128.65
C PRO G 3240 -14.91 -44.69 -129.58
N MET G 3241 -15.48 -45.41 -130.55
CA MET G 3241 -14.66 -46.16 -131.48
C MET G 3241 -13.86 -45.25 -132.40
N LEU G 3242 -14.41 -44.08 -132.74
CA LEU G 3242 -13.60 -43.09 -133.46
C LEU G 3242 -12.33 -42.77 -132.69
N CYS G 3243 -12.46 -42.41 -131.40
CA CYS G 3243 -11.29 -42.04 -130.62
C CYS G 3243 -10.34 -43.22 -130.46
N SER G 3244 -10.88 -44.43 -130.27
CA SER G 3244 -10.02 -45.60 -130.15
C SER G 3244 -9.22 -45.83 -131.42
N TYR G 3245 -9.87 -45.70 -132.59
CA TYR G 3245 -9.16 -45.81 -133.86
C TYR G 3245 -8.13 -44.71 -134.00
N MET G 3246 -8.47 -43.50 -133.54
CA MET G 3246 -7.58 -42.37 -133.64
C MET G 3246 -6.29 -42.64 -132.88
N SER G 3247 -6.44 -43.15 -131.65
CA SER G 3247 -5.29 -43.54 -130.85
C SER G 3247 -4.53 -44.72 -131.46
N ARG G 3248 -5.25 -45.70 -131.99
CA ARG G 3248 -4.64 -46.87 -132.60
C ARG G 3248 -3.74 -46.54 -133.77
N TRP G 3249 -4.13 -45.57 -134.60
CA TRP G 3249 -3.34 -45.22 -135.78
C TRP G 3249 -2.76 -43.82 -135.70
N TRP G 3250 -2.71 -43.25 -134.49
CA TRP G 3250 -2.13 -41.91 -134.33
C TRP G 3250 -0.65 -41.91 -134.65
N GLU G 3251 0.11 -42.88 -134.13
CA GLU G 3251 1.53 -42.96 -134.44
C GLU G 3251 1.76 -43.24 -135.91
N HIS G 3252 0.82 -43.92 -136.57
CA HIS G 3252 0.97 -44.22 -137.98
C HIS G 3252 0.76 -42.99 -138.85
N GLY G 3253 0.19 -41.92 -138.30
CA GLY G 3253 0.01 -40.69 -139.02
C GLY G 3253 1.33 -40.05 -139.38
N PRO G 3254 1.44 -39.56 -140.62
CA PRO G 3254 2.74 -39.05 -141.10
C PRO G 3254 3.32 -37.93 -140.25
N GLU G 3255 2.48 -37.16 -139.56
CA GLU G 3255 3.00 -36.18 -138.61
C GLU G 3255 3.78 -36.85 -137.50
N ASN G 3256 3.32 -38.02 -137.07
CA ASN G 3256 3.99 -38.73 -135.97
C ASN G 3256 5.17 -39.54 -136.49
N ASN G 3257 5.02 -40.19 -137.64
CA ASN G 3257 6.16 -40.84 -138.28
C ASN G 3257 6.47 -40.18 -139.62
N PRO G 3258 7.40 -39.22 -139.65
CA PRO G 3258 7.68 -38.52 -140.92
C PRO G 3258 8.23 -39.43 -142.00
N GLU G 3259 9.05 -40.42 -141.64
CA GLU G 3259 9.58 -41.34 -142.62
C GLU G 3259 8.47 -42.22 -143.18
N ARG G 3260 8.68 -42.73 -144.39
CA ARG G 3260 7.74 -43.62 -145.05
C ARG G 3260 6.39 -42.93 -145.28
N ALA G 3261 6.43 -41.61 -145.46
CA ALA G 3261 5.27 -40.84 -145.86
C ALA G 3261 4.96 -41.05 -147.33
N GLU G 3262 3.74 -40.67 -147.73
CA GLU G 3262 3.07 -41.06 -148.98
C GLU G 3262 3.09 -42.58 -149.14
N MET G 3263 3.66 -43.29 -148.17
CA MET G 3263 3.63 -44.73 -148.15
C MET G 3263 2.84 -45.20 -146.94
N CYS G 3264 2.47 -44.27 -146.06
CA CYS G 3264 1.75 -44.61 -144.84
C CYS G 3264 0.38 -45.15 -145.16
N CYS G 3265 -0.01 -46.22 -144.46
CA CYS G 3265 -1.36 -46.74 -144.60
C CYS G 3265 -2.39 -45.74 -144.11
N THR G 3266 -2.08 -45.05 -143.01
CA THR G 3266 -2.98 -44.06 -142.43
C THR G 3266 -2.47 -42.67 -142.76
N ALA G 3267 -3.29 -41.89 -143.48
CA ALA G 3267 -3.00 -40.49 -143.74
C ALA G 3267 -3.63 -39.64 -142.63
N LEU G 3268 -3.34 -40.05 -141.40
CA LEU G 3268 -3.86 -39.36 -140.24
C LEU G 3268 -3.23 -37.98 -140.11
N ASN G 3269 -3.96 -37.07 -139.46
CA ASN G 3269 -3.49 -35.71 -139.26
C ASN G 3269 -3.72 -35.30 -137.82
N SER G 3270 -2.70 -34.71 -137.19
CA SER G 3270 -2.85 -34.24 -135.82
C SER G 3270 -3.81 -33.06 -135.73
N GLU G 3271 -3.81 -32.19 -136.74
CA GLU G 3271 -4.82 -31.15 -136.78
C GLU G 3271 -6.21 -31.74 -136.95
N HIS G 3272 -6.33 -32.82 -137.72
CA HIS G 3272 -7.59 -33.54 -137.78
C HIS G 3272 -7.96 -34.08 -136.40
N MET G 3273 -6.96 -34.53 -135.63
CA MET G 3273 -7.24 -35.04 -134.31
C MET G 3273 -7.81 -33.94 -133.43
N ASN G 3274 -7.19 -32.76 -133.50
CA ASN G 3274 -7.63 -31.61 -132.72
C ASN G 3274 -9.02 -31.17 -133.14
N THR G 3275 -9.29 -31.20 -134.45
CA THR G 3275 -10.64 -30.86 -134.93
C THR G 3275 -11.67 -31.84 -134.41
N LEU G 3276 -11.35 -33.14 -134.42
CA LEU G 3276 -12.29 -34.11 -133.87
C LEU G 3276 -12.54 -33.84 -132.39
N LEU G 3277 -11.47 -33.55 -131.65
CA LEU G 3277 -11.64 -33.23 -130.23
C LEU G 3277 -12.51 -31.98 -130.03
N GLY G 3278 -12.28 -30.93 -130.82
CA GLY G 3278 -13.08 -29.73 -130.71
C GLY G 3278 -14.52 -29.95 -131.10
N ASN G 3279 -14.76 -30.78 -132.12
CA ASN G 3279 -16.12 -31.15 -132.49
C ASN G 3279 -16.80 -31.83 -131.31
N ILE G 3280 -16.08 -32.74 -130.65
CA ILE G 3280 -16.57 -33.38 -129.45
C ILE G 3280 -16.91 -32.33 -128.39
N LEU G 3281 -16.04 -31.34 -128.23
CA LEU G 3281 -16.31 -30.27 -127.28
C LEU G 3281 -17.56 -29.49 -127.60
N LYS G 3282 -17.78 -29.13 -128.87
CA LYS G 3282 -19.00 -28.42 -129.23
C LYS G 3282 -20.24 -29.26 -128.93
N ILE G 3283 -20.25 -30.51 -129.40
CA ILE G 3283 -21.42 -31.34 -129.16
C ILE G 3283 -21.58 -31.61 -127.68
N ILE G 3284 -20.50 -31.54 -126.90
CA ILE G 3284 -20.62 -31.80 -125.48
C ILE G 3284 -21.17 -30.56 -124.77
N TYR G 3285 -20.90 -29.36 -125.30
CA TYR G 3285 -21.61 -28.19 -124.78
C TYR G 3285 -23.10 -28.30 -125.08
N ASN G 3286 -23.44 -28.77 -126.27
CA ASN G 3286 -24.86 -28.99 -126.56
C ASN G 3286 -25.45 -30.03 -125.61
N ASN G 3287 -24.70 -31.09 -125.32
CA ASN G 3287 -25.19 -32.10 -124.37
C ASN G 3287 -25.39 -31.50 -122.98
N LEU G 3288 -24.45 -30.69 -122.51
CA LEU G 3288 -24.61 -30.02 -121.23
C LEU G 3288 -25.81 -29.08 -121.22
N GLY G 3289 -26.11 -28.45 -122.35
CA GLY G 3289 -27.31 -27.65 -122.45
C GLY G 3289 -28.60 -28.44 -122.55
N ILE G 3290 -28.56 -29.68 -123.02
CA ILE G 3290 -29.76 -30.49 -123.16
C ILE G 3290 -29.88 -31.44 -121.98
N ASP G 3291 -29.22 -31.10 -120.88
CA ASP G 3291 -29.33 -31.80 -119.60
C ASP G 3291 -28.61 -33.15 -119.62
N GLU G 3292 -28.15 -33.57 -120.80
CA GLU G 3292 -27.26 -34.71 -121.00
C GLU G 3292 -27.68 -35.98 -120.25
N GLY G 3293 -26.75 -36.93 -120.12
CA GLY G 3293 -26.91 -38.06 -119.24
C GLY G 3293 -25.57 -38.47 -118.66
N ALA G 3294 -25.40 -39.76 -118.39
CA ALA G 3294 -24.09 -40.29 -118.01
C ALA G 3294 -23.38 -40.93 -119.20
N TRP G 3295 -24.10 -41.18 -120.29
CA TRP G 3295 -23.48 -41.63 -121.53
C TRP G 3295 -22.40 -40.67 -121.99
N MET G 3296 -22.61 -39.37 -121.76
CA MET G 3296 -21.61 -38.39 -122.15
C MET G 3296 -20.41 -38.42 -121.20
N LYS G 3297 -20.64 -38.75 -119.93
CA LYS G 3297 -19.52 -38.96 -119.02
C LYS G 3297 -18.68 -40.16 -119.44
N ARG G 3298 -19.35 -41.23 -119.86
CA ARG G 3298 -18.62 -42.36 -120.44
C ARG G 3298 -17.89 -41.97 -121.71
N LEU G 3299 -18.48 -41.08 -122.52
CA LEU G 3299 -17.76 -40.53 -123.65
C LEU G 3299 -16.49 -39.82 -123.21
N ALA G 3300 -16.60 -39.00 -122.17
CA ALA G 3300 -15.43 -38.27 -121.69
C ALA G 3300 -14.34 -39.22 -121.22
N VAL G 3301 -14.71 -40.27 -120.48
CA VAL G 3301 -13.69 -41.18 -120.00
C VAL G 3301 -13.13 -42.03 -121.13
N PHE G 3302 -13.91 -42.25 -122.21
CA PHE G 3302 -13.36 -42.93 -123.37
C PHE G 3302 -12.39 -42.05 -124.12
N SER G 3303 -12.66 -40.74 -124.15
CA SER G 3303 -11.83 -39.78 -124.88
C SER G 3303 -10.69 -39.25 -124.05
N GLN G 3304 -10.61 -39.63 -122.76
CA GLN G 3304 -9.47 -39.22 -121.95
C GLN G 3304 -8.14 -39.52 -122.61
N PRO G 3305 -7.91 -40.69 -123.22
CA PRO G 3305 -6.63 -40.90 -123.91
C PRO G 3305 -6.34 -39.88 -125.00
N ILE G 3306 -7.36 -39.41 -125.71
CA ILE G 3306 -7.13 -38.41 -126.75
C ILE G 3306 -6.69 -37.09 -126.13
N ILE G 3307 -7.38 -36.66 -125.06
CA ILE G 3307 -6.96 -35.44 -124.38
C ILE G 3307 -5.69 -35.63 -123.57
N ASN G 3308 -5.17 -36.87 -123.52
CA ASN G 3308 -3.82 -37.11 -123.03
C ASN G 3308 -2.77 -36.96 -124.11
N LYS G 3309 -2.99 -37.55 -125.29
CA LYS G 3309 -2.04 -37.35 -126.39
C LYS G 3309 -2.05 -35.91 -126.91
N VAL G 3310 -3.12 -35.14 -126.66
CA VAL G 3310 -3.12 -33.76 -127.14
C VAL G 3310 -2.02 -32.98 -126.44
N LYS G 3311 -1.42 -32.03 -127.15
CA LYS G 3311 -0.21 -31.37 -126.67
C LYS G 3311 -0.52 -30.28 -125.65
N PRO G 3312 0.45 -29.91 -124.81
CA PRO G 3312 0.21 -28.85 -123.82
C PRO G 3312 -0.07 -27.49 -124.44
N GLN G 3313 0.72 -27.07 -125.43
CA GLN G 3313 0.38 -25.85 -126.17
C GLN G 3313 -1.00 -25.98 -126.80
N LEU G 3314 -1.40 -27.22 -127.13
CA LEU G 3314 -2.77 -27.45 -127.57
C LEU G 3314 -3.73 -27.46 -126.39
N LEU G 3315 -3.26 -27.91 -125.22
CA LEU G 3315 -4.11 -27.86 -124.02
C LEU G 3315 -4.55 -26.43 -123.73
N LYS G 3316 -3.61 -25.50 -123.75
CA LYS G 3316 -3.94 -24.10 -123.50
C LYS G 3316 -4.82 -23.55 -124.61
N THR G 3317 -5.72 -22.63 -124.24
CA THR G 3317 -6.65 -21.97 -125.15
C THR G 3317 -7.60 -22.95 -125.84
N HIS G 3318 -7.61 -24.21 -125.41
CA HIS G 3318 -8.56 -25.16 -125.95
C HIS G 3318 -9.34 -25.82 -124.83
N PHE G 3319 -8.68 -26.15 -123.73
CA PHE G 3319 -9.36 -26.68 -122.56
C PHE G 3319 -9.71 -25.61 -121.54
N LEU G 3320 -8.90 -24.58 -121.38
CA LEU G 3320 -9.30 -23.46 -120.52
C LEU G 3320 -10.65 -22.95 -121.00
N PRO G 3321 -10.88 -22.84 -122.32
CA PRO G 3321 -12.26 -22.67 -122.80
C PRO G 3321 -13.18 -23.79 -122.33
N LEU G 3322 -12.70 -25.04 -122.30
CA LEU G 3322 -13.58 -26.14 -121.89
C LEU G 3322 -13.94 -26.02 -120.41
N MET G 3323 -12.95 -25.72 -119.55
CA MET G 3323 -13.32 -25.45 -118.17
C MET G 3323 -14.23 -24.24 -118.02
N GLU G 3324 -14.10 -23.20 -118.85
CA GLU G 3324 -14.97 -22.05 -118.61
C GLU G 3324 -16.39 -22.31 -119.11
N LYS G 3325 -16.55 -23.05 -120.20
CA LYS G 3325 -17.87 -23.56 -120.55
C LYS G 3325 -18.46 -24.40 -119.43
N LEU G 3326 -17.67 -25.36 -118.91
CA LEU G 3326 -18.19 -26.22 -117.86
C LEU G 3326 -18.57 -25.43 -116.62
N LYS G 3327 -17.78 -24.41 -116.27
CA LYS G 3327 -18.01 -23.70 -115.03
C LYS G 3327 -19.03 -22.58 -115.17
N LYS G 3328 -19.34 -22.14 -116.40
CA LYS G 3328 -20.54 -21.33 -116.57
C LYS G 3328 -21.78 -22.22 -116.52
N LYS G 3329 -21.66 -23.45 -117.02
CA LYS G 3329 -22.65 -24.49 -116.76
C LYS G 3329 -22.17 -25.37 -115.59
N ALA G 3330 -21.82 -24.70 -114.49
CA ALA G 3330 -21.23 -25.39 -113.35
C ALA G 3330 -22.20 -26.39 -112.72
N ALA G 3331 -23.50 -26.17 -112.89
CA ALA G 3331 -24.51 -27.05 -112.32
C ALA G 3331 -24.62 -28.34 -113.14
N THR G 3332 -23.49 -29.05 -113.20
CA THR G 3332 -23.40 -30.31 -113.92
C THR G 3332 -22.65 -31.33 -113.08
N VAL G 3333 -23.17 -32.55 -113.05
CA VAL G 3333 -22.49 -33.65 -112.38
C VAL G 3333 -21.22 -34.03 -113.14
N VAL G 3334 -21.12 -33.60 -114.40
CA VAL G 3334 -20.01 -34.00 -115.25
C VAL G 3334 -18.70 -33.46 -114.71
N SER G 3335 -17.71 -34.35 -114.59
CA SER G 3335 -16.37 -33.99 -114.16
C SER G 3335 -15.44 -34.13 -115.34
N GLU G 3336 -15.31 -33.08 -116.14
CA GLU G 3336 -14.36 -33.09 -117.25
C GLU G 3336 -12.94 -33.23 -116.72
N GLU G 3337 -12.17 -34.11 -117.36
CA GLU G 3337 -10.82 -34.46 -116.91
C GLU G 3337 -10.83 -34.96 -115.47
N VAL G 3599 -35.17 -51.59 -86.42
CA VAL G 3599 -34.80 -50.18 -86.51
C VAL G 3599 -35.90 -49.31 -85.91
N VAL G 3600 -37.03 -49.22 -86.62
CA VAL G 3600 -38.17 -48.48 -86.08
C VAL G 3600 -38.71 -49.18 -84.84
N ALA G 3601 -38.79 -50.51 -84.86
CA ALA G 3601 -39.23 -51.25 -83.69
C ALA G 3601 -38.24 -51.10 -82.53
N CYS G 3602 -36.95 -51.04 -82.84
CA CYS G 3602 -35.95 -50.84 -81.78
C CYS G 3602 -36.07 -49.45 -81.17
N PHE G 3603 -36.26 -48.42 -81.99
CA PHE G 3603 -36.48 -47.07 -81.46
C PHE G 3603 -37.75 -47.01 -80.63
N ARG G 3604 -38.83 -47.62 -81.11
CA ARG G 3604 -40.04 -47.75 -80.31
C ARG G 3604 -39.79 -48.72 -79.16
N MET G 3605 -40.57 -48.57 -78.10
CA MET G 3605 -40.72 -49.62 -77.11
C MET G 3605 -42.12 -50.17 -77.27
N ALA G 3606 -42.53 -51.04 -76.35
CA ALA G 3606 -43.91 -51.52 -76.34
C ALA G 3606 -44.85 -50.34 -76.16
N PRO G 3607 -45.78 -50.10 -77.09
CA PRO G 3607 -46.74 -49.02 -76.91
C PRO G 3607 -48.01 -49.46 -76.20
N LEU G 3608 -48.84 -48.49 -75.82
CA LEU G 3608 -50.03 -48.80 -75.04
C LEU G 3608 -51.01 -49.64 -75.85
N TYR G 3609 -51.17 -49.35 -77.14
CA TYR G 3609 -52.13 -50.10 -77.95
C TYR G 3609 -51.68 -51.55 -78.14
N ASN G 3610 -50.39 -51.82 -77.99
CA ASN G 3610 -49.87 -53.18 -78.04
C ASN G 3610 -49.83 -53.84 -76.67
N LEU G 3611 -49.86 -53.07 -75.59
CA LEU G 3611 -49.91 -53.66 -74.26
C LEU G 3611 -51.26 -54.35 -74.04
N PRO G 3612 -51.28 -55.44 -73.27
CA PRO G 3612 -52.56 -56.11 -72.97
C PRO G 3612 -53.46 -55.20 -72.15
N ARG G 3613 -54.76 -55.51 -72.19
CA ARG G 3613 -55.75 -54.62 -71.59
C ARG G 3613 -55.55 -54.50 -70.08
N HIS G 3614 -55.28 -55.61 -69.40
CA HIS G 3614 -55.18 -55.56 -67.94
C HIS G 3614 -53.93 -54.81 -67.47
N ARG G 3615 -52.81 -55.00 -68.18
CA ARG G 3615 -51.61 -54.23 -67.87
C ARG G 3615 -51.88 -52.74 -68.05
N ALA G 3616 -52.52 -52.38 -69.15
CA ALA G 3616 -52.84 -50.98 -69.42
C ALA G 3616 -53.81 -50.45 -68.37
N VAL G 3617 -54.70 -51.29 -67.88
CA VAL G 3617 -55.66 -50.87 -66.85
C VAL G 3617 -54.95 -50.57 -65.54
N ASN G 3618 -54.02 -51.45 -65.15
CA ASN G 3618 -53.25 -51.18 -63.94
C ASN G 3618 -52.45 -49.90 -64.07
N LEU G 3619 -51.80 -49.71 -65.22
CA LEU G 3619 -51.09 -48.47 -65.47
C LEU G 3619 -52.03 -47.27 -65.35
N PHE G 3620 -53.20 -47.35 -65.97
CA PHE G 3620 -54.13 -46.23 -65.96
C PHE G 3620 -54.62 -45.94 -64.56
N LEU G 3621 -54.83 -46.97 -63.75
CA LEU G 3621 -55.23 -46.75 -62.36
C LEU G 3621 -54.18 -45.96 -61.61
N GLN G 3622 -52.90 -46.37 -61.75
CA GLN G 3622 -51.85 -45.65 -61.07
C GLN G 3622 -51.74 -44.21 -61.57
N GLY G 3623 -51.83 -44.03 -62.89
CA GLY G 3623 -51.72 -42.69 -63.45
C GLY G 3623 -52.86 -41.80 -63.03
N TYR G 3624 -54.08 -42.34 -63.01
CA TYR G 3624 -55.24 -41.60 -62.56
C TYR G 3624 -55.10 -41.21 -61.10
N GLU G 3625 -54.60 -42.13 -60.27
CA GLU G 3625 -54.39 -41.82 -58.86
C GLU G 3625 -53.43 -40.67 -58.68
N LYS G 3626 -52.30 -40.69 -59.42
CA LYS G 3626 -51.30 -39.66 -59.20
C LYS G 3626 -51.69 -38.34 -59.85
N SER G 3627 -52.44 -38.38 -60.95
CA SER G 3627 -52.67 -37.16 -61.72
C SER G 3627 -53.97 -36.47 -61.31
N TRP G 3628 -55.00 -37.23 -60.94
CA TRP G 3628 -56.33 -36.67 -60.72
C TRP G 3628 -56.72 -36.75 -59.24
N ILE G 3629 -56.67 -37.94 -58.65
CA ILE G 3629 -57.17 -38.11 -57.28
C ILE G 3629 -56.31 -37.33 -56.30
N GLU G 3630 -54.98 -37.47 -56.41
CA GLU G 3630 -54.09 -36.79 -55.48
C GLU G 3630 -54.17 -35.27 -55.64
N THR G 3631 -54.24 -34.80 -56.88
CA THR G 3631 -54.22 -33.36 -57.11
C THR G 3631 -55.52 -32.70 -56.68
N GLU G 3632 -56.62 -33.47 -56.62
CA GLU G 3632 -57.88 -32.92 -56.19
C GLU G 3632 -57.80 -32.44 -54.75
N GLU G 3633 -58.26 -31.22 -54.50
CA GLU G 3633 -58.20 -30.61 -53.19
C GLU G 3633 -59.55 -30.03 -52.82
N HIS G 3634 -59.98 -30.28 -51.59
CA HIS G 3634 -61.22 -29.73 -51.05
C HIS G 3634 -60.93 -29.16 -49.67
N TYR G 3635 -61.49 -27.99 -49.39
CA TYR G 3635 -61.21 -27.26 -48.16
C TYR G 3635 -62.34 -27.52 -47.17
N PHE G 3636 -62.02 -28.24 -46.09
CA PHE G 3636 -62.99 -28.58 -45.07
C PHE G 3636 -62.48 -28.32 -43.66
N GLU G 3637 -61.23 -27.90 -43.51
CA GLU G 3637 -60.60 -27.83 -42.20
C GLU G 3637 -61.31 -26.82 -41.31
N ASP G 3638 -61.61 -25.64 -41.85
CA ASP G 3638 -62.19 -24.58 -41.02
C ASP G 3638 -63.58 -24.98 -40.53
N LYS G 3639 -64.42 -25.49 -41.43
CA LYS G 3639 -65.77 -25.87 -41.02
C LYS G 3639 -65.73 -27.07 -40.07
N LEU G 3640 -64.83 -28.02 -40.31
CA LEU G 3640 -64.71 -29.16 -39.39
C LEU G 3640 -64.30 -28.70 -38.00
N ILE G 3641 -63.32 -27.81 -37.92
CA ILE G 3641 -62.86 -27.33 -36.62
C ILE G 3641 -63.96 -26.53 -35.93
N GLU G 3642 -64.72 -25.74 -36.70
CA GLU G 3642 -65.81 -24.99 -36.10
C GLU G 3642 -66.89 -25.92 -35.55
N ASP G 3643 -67.24 -26.96 -36.30
CA ASP G 3643 -68.23 -27.92 -35.83
C ASP G 3643 -67.74 -28.64 -34.58
N LEU G 3644 -66.48 -29.04 -34.55
CA LEU G 3644 -65.95 -29.69 -33.35
C LEU G 3644 -65.92 -28.74 -32.17
N ALA G 3645 -65.60 -27.46 -32.41
CA ALA G 3645 -65.47 -26.52 -31.31
C ALA G 3645 -66.82 -26.09 -30.77
N LYS G 3646 -67.87 -26.19 -31.58
CA LYS G 3646 -69.20 -25.79 -31.11
C LYS G 3646 -69.61 -26.64 -29.90
N PRO G 3647 -70.05 -26.02 -28.81
CA PRO G 3647 -70.75 -26.79 -27.79
C PRO G 3647 -72.08 -27.25 -28.33
N GLY G 3648 -72.21 -28.54 -28.61
CA GLY G 3648 -73.34 -29.03 -29.38
C GLY G 3648 -74.62 -29.04 -28.58
N ALA G 3649 -75.18 -27.86 -28.35
CA ALA G 3649 -76.32 -27.67 -27.44
C ALA G 3649 -76.02 -28.20 -26.06
N GLU G 3650 -74.75 -28.09 -25.64
CA GLU G 3650 -74.37 -28.56 -24.31
C GLU G 3650 -75.04 -27.80 -23.19
N PRO G 3651 -75.06 -26.46 -23.17
CA PRO G 3651 -75.82 -25.75 -22.12
C PRO G 3651 -77.31 -26.07 -22.17
N PRO G 3652 -77.92 -26.21 -23.35
CA PRO G 3652 -79.29 -26.74 -23.36
C PRO G 3652 -79.40 -28.13 -22.74
N GLU G 3653 -78.39 -28.97 -22.91
CA GLU G 3653 -78.38 -30.26 -22.24
C GLU G 3653 -78.24 -30.04 -20.73
N GLU G 3654 -79.14 -30.66 -19.96
CA GLU G 3654 -79.19 -30.45 -18.52
C GLU G 3654 -78.18 -31.37 -17.83
N ASP G 3655 -77.00 -30.81 -17.55
CA ASP G 3655 -75.98 -31.55 -16.83
C ASP G 3655 -75.97 -31.17 -15.35
N GLU G 3656 -76.34 -29.92 -15.04
CA GLU G 3656 -76.26 -29.37 -13.68
C GLU G 3656 -74.88 -29.64 -13.07
N GLY G 3657 -73.84 -29.24 -13.79
CA GLY G 3657 -72.48 -29.45 -13.33
C GLY G 3657 -71.51 -28.60 -14.10
N THR G 3658 -70.24 -28.97 -14.00
CA THR G 3658 -69.17 -28.27 -14.71
C THR G 3658 -69.36 -28.39 -16.21
N LYS G 3659 -68.93 -27.35 -16.93
CA LYS G 3659 -69.06 -27.31 -18.38
C LYS G 3659 -68.41 -28.52 -19.03
N ARG G 3660 -69.19 -29.25 -19.82
CA ARG G 3660 -68.65 -30.41 -20.52
C ARG G 3660 -67.68 -29.96 -21.62
N VAL G 3661 -66.59 -30.71 -21.76
CA VAL G 3661 -65.61 -30.40 -22.77
C VAL G 3661 -66.18 -30.67 -24.16
N ASP G 3662 -65.93 -29.75 -25.08
CA ASP G 3662 -66.39 -29.88 -26.44
C ASP G 3662 -65.54 -30.91 -27.18
N PRO G 3663 -66.03 -31.42 -28.31
CA PRO G 3663 -65.30 -32.49 -29.02
C PRO G 3663 -63.86 -32.13 -29.38
N LEU G 3664 -63.61 -30.89 -29.77
CA LEU G 3664 -62.24 -30.48 -30.06
C LEU G 3664 -61.37 -30.56 -28.81
N HIS G 3665 -61.93 -30.15 -27.67
CA HIS G 3665 -61.22 -30.28 -26.41
C HIS G 3665 -60.92 -31.74 -26.09
N GLN G 3666 -61.89 -32.63 -26.35
CA GLN G 3666 -61.67 -34.04 -26.10
C GLN G 3666 -60.56 -34.59 -26.99
N LEU G 3667 -60.54 -34.18 -28.25
CA LEU G 3667 -59.50 -34.64 -29.17
C LEU G 3667 -58.12 -34.19 -28.71
N ILE G 3668 -58.00 -32.90 -28.36
CA ILE G 3668 -56.72 -32.39 -27.88
C ILE G 3668 -56.29 -33.04 -26.58
N LEU G 3669 -57.22 -33.28 -25.65
CA LEU G 3669 -56.91 -33.98 -24.41
C LEU G 3669 -56.47 -35.41 -24.64
N LEU G 3670 -57.09 -36.12 -25.58
CA LEU G 3670 -56.61 -37.45 -25.96
C LEU G 3670 -55.19 -37.39 -26.48
N PHE G 3671 -54.92 -36.44 -27.39
CA PHE G 3671 -53.57 -36.32 -27.93
C PHE G 3671 -52.56 -35.93 -26.86
N SER G 3672 -52.99 -35.16 -25.85
CA SER G 3672 -52.09 -34.79 -24.77
C SER G 3672 -51.82 -35.97 -23.84
N ARG G 3673 -52.86 -36.75 -23.53
CA ARG G 3673 -52.67 -37.93 -22.68
C ARG G 3673 -51.75 -38.94 -23.35
N THR G 3674 -51.93 -39.14 -24.67
CA THR G 3674 -51.07 -40.08 -25.38
C THR G 3674 -49.61 -39.65 -25.31
N ALA G 3675 -49.34 -38.36 -25.49
CA ALA G 3675 -47.98 -37.86 -25.39
C ALA G 3675 -47.44 -38.00 -23.98
N LEU G 3676 -48.27 -37.70 -22.97
CA LEU G 3676 -47.81 -37.76 -21.59
C LEU G 3676 -47.56 -39.17 -21.10
N THR G 3677 -48.24 -40.17 -21.65
CA THR G 3677 -47.95 -41.55 -21.30
C THR G 3677 -46.51 -41.90 -21.68
N GLU G 3678 -45.79 -42.51 -20.76
CA GLU G 3678 -44.37 -42.79 -20.97
C GLU G 3678 -44.21 -44.03 -21.81
N LYS G 3679 -43.52 -43.88 -22.95
CA LYS G 3679 -43.12 -45.00 -23.78
C LYS G 3679 -41.68 -44.77 -24.22
N CYS G 3680 -40.99 -45.86 -24.54
CA CYS G 3680 -39.59 -45.76 -24.93
C CYS G 3680 -39.43 -44.95 -26.22
N LYS G 3681 -40.44 -44.93 -27.08
CA LYS G 3681 -40.38 -44.21 -28.34
C LYS G 3681 -41.75 -43.68 -28.69
N LEU G 3682 -41.77 -42.52 -29.34
CA LEU G 3682 -43.02 -41.90 -29.75
C LEU G 3682 -43.56 -42.61 -30.98
N GLU G 3683 -44.57 -43.45 -30.78
CA GLU G 3683 -45.14 -44.25 -31.87
C GLU G 3683 -45.87 -43.36 -32.86
N GLU G 3684 -45.69 -43.64 -34.15
CA GLU G 3684 -46.37 -42.86 -35.17
C GLU G 3684 -47.87 -43.12 -35.11
N ASP G 3685 -48.65 -42.04 -35.09
CA ASP G 3685 -50.09 -42.12 -34.98
C ASP G 3685 -50.72 -41.41 -36.17
N PHE G 3686 -51.40 -42.18 -37.03
CA PHE G 3686 -52.07 -41.59 -38.19
C PHE G 3686 -53.12 -40.58 -37.75
N LEU G 3687 -53.80 -40.83 -36.64
CA LEU G 3687 -54.79 -39.88 -36.15
C LEU G 3687 -54.16 -38.53 -35.85
N TYR G 3688 -53.01 -38.53 -35.17
CA TYR G 3688 -52.33 -37.27 -34.91
C TYR G 3688 -51.83 -36.66 -36.20
N MET G 3689 -51.28 -37.48 -37.10
CA MET G 3689 -50.81 -37.03 -38.40
C MET G 3689 -51.88 -36.28 -39.19
N ALA G 3690 -53.14 -36.70 -39.07
CA ALA G 3690 -54.23 -36.08 -39.79
C ALA G 3690 -54.79 -34.87 -39.06
N TYR G 3691 -55.06 -35.02 -37.77
CA TYR G 3691 -55.77 -33.95 -37.06
C TYR G 3691 -54.86 -32.78 -36.74
N ALA G 3692 -53.57 -33.03 -36.48
CA ALA G 3692 -52.64 -31.91 -36.32
C ALA G 3692 -52.57 -31.08 -37.60
N ASP G 3693 -52.54 -31.75 -38.76
CA ASP G 3693 -52.54 -31.03 -40.02
C ASP G 3693 -53.82 -30.25 -40.22
N ILE G 3694 -54.97 -30.86 -39.88
CA ILE G 3694 -56.24 -30.15 -40.03
C ILE G 3694 -56.27 -28.91 -39.16
N MET G 3695 -55.85 -29.03 -37.91
CA MET G 3695 -55.82 -27.88 -37.02
C MET G 3695 -54.83 -26.82 -37.49
N ALA G 3696 -53.67 -27.24 -38.00
CA ALA G 3696 -52.71 -26.29 -38.52
C ALA G 3696 -53.26 -25.50 -39.70
N LYS G 3697 -53.96 -26.19 -40.61
CA LYS G 3697 -54.55 -25.48 -41.75
C LYS G 3697 -55.66 -24.55 -41.29
N SER G 3698 -56.44 -24.97 -40.30
CA SER G 3698 -57.54 -24.15 -39.84
C SER G 3698 -57.06 -22.82 -39.28
N CYS G 3699 -55.93 -22.82 -38.58
CA CYS G 3699 -55.43 -21.58 -37.98
C CYS G 3699 -55.11 -20.53 -39.04
N HIS G 3700 -54.31 -20.89 -40.04
CA HIS G 3700 -53.94 -19.89 -41.03
C HIS G 3700 -55.11 -19.55 -41.95
N ASP G 3701 -55.81 -20.56 -42.46
CA ASP G 3701 -56.99 -20.37 -43.30
C ASP G 3701 -56.71 -19.34 -44.41
N GLU G 3702 -55.53 -19.45 -44.99
CA GLU G 3702 -55.08 -18.49 -46.00
C GLU G 3702 -55.11 -19.10 -47.39
N GLU G 3710 -51.90 -6.54 -54.89
CA GLU G 3710 -51.93 -7.41 -53.71
C GLU G 3710 -52.01 -6.59 -52.43
N VAL G 3711 -51.97 -5.26 -52.57
CA VAL G 3711 -52.02 -4.39 -51.41
C VAL G 3711 -53.40 -4.47 -50.76
N LYS G 3712 -53.43 -4.35 -49.44
CA LYS G 3712 -54.67 -4.35 -48.69
C LYS G 3712 -54.70 -3.15 -47.75
N SER G 3713 -55.92 -2.69 -47.47
CA SER G 3713 -56.08 -1.53 -46.60
C SER G 3713 -55.81 -1.90 -45.15
N PHE G 3714 -55.64 -0.86 -44.33
CA PHE G 3714 -55.38 -1.07 -42.91
C PHE G 3714 -56.51 -1.82 -42.24
N GLU G 3715 -57.76 -1.46 -42.54
CA GLU G 3715 -58.89 -2.10 -41.89
C GLU G 3715 -58.96 -3.59 -42.20
N GLU G 3716 -58.76 -3.96 -43.46
CA GLU G 3716 -58.85 -5.38 -43.81
C GLU G 3716 -57.64 -6.16 -43.32
N LYS G 3717 -56.46 -5.53 -43.29
CA LYS G 3717 -55.32 -6.19 -42.67
C LYS G 3717 -55.57 -6.45 -41.20
N GLU G 3718 -56.11 -5.46 -40.48
CA GLU G 3718 -56.43 -5.66 -39.07
C GLU G 3718 -57.51 -6.70 -38.89
N MET G 3719 -58.48 -6.75 -39.81
CA MET G 3719 -59.51 -7.78 -39.73
C MET G 3719 -58.90 -9.17 -39.90
N GLU G 3720 -57.94 -9.32 -40.83
CA GLU G 3720 -57.26 -10.60 -40.97
C GLU G 3720 -56.50 -10.96 -39.70
N LYS G 3721 -55.83 -9.99 -39.10
CA LYS G 3721 -55.12 -10.27 -37.85
C LYS G 3721 -56.08 -10.71 -36.76
N GLN G 3722 -57.21 -10.02 -36.63
CA GLN G 3722 -58.20 -10.39 -35.62
C GLN G 3722 -58.80 -11.75 -35.86
N LYS G 3723 -59.08 -12.09 -37.12
CA LYS G 3723 -59.59 -13.41 -37.47
C LYS G 3723 -58.57 -14.51 -37.18
N LEU G 3724 -57.30 -14.25 -37.48
CA LEU G 3724 -56.25 -15.21 -37.15
C LEU G 3724 -56.12 -15.40 -35.65
N LEU G 3725 -56.22 -14.33 -34.87
CA LEU G 3725 -56.19 -14.47 -33.42
C LEU G 3725 -57.33 -15.33 -32.90
N TYR G 3726 -58.55 -15.15 -33.41
CA TYR G 3726 -59.68 -15.97 -32.99
C TYR G 3726 -59.54 -17.42 -33.41
N GLN G 3727 -59.06 -17.68 -34.63
CA GLN G 3727 -58.82 -19.04 -35.06
C GLN G 3727 -57.71 -19.73 -34.28
N GLN G 3728 -56.72 -18.97 -33.81
CA GLN G 3728 -55.69 -19.54 -32.93
C GLN G 3728 -56.20 -19.74 -31.52
N ALA G 3729 -57.07 -18.85 -31.04
CA ALA G 3729 -57.71 -19.04 -29.75
C ALA G 3729 -58.61 -20.25 -29.70
N ARG G 3730 -59.28 -20.57 -30.82
CA ARG G 3730 -60.11 -21.75 -30.89
C ARG G 3730 -59.34 -23.02 -30.52
N LEU G 3731 -58.04 -23.05 -30.76
CA LEU G 3731 -57.21 -24.19 -30.40
C LEU G 3731 -56.47 -24.01 -29.08
N HIS G 3732 -55.82 -22.87 -28.88
CA HIS G 3732 -54.98 -22.73 -27.69
C HIS G 3732 -55.82 -22.52 -26.45
N ASP G 3733 -57.13 -22.31 -26.61
CA ASP G 3733 -58.02 -22.30 -25.45
C ASP G 3733 -58.29 -23.71 -24.95
N ARG G 3734 -57.94 -24.71 -25.74
CA ARG G 3734 -58.29 -26.10 -25.44
C ARG G 3734 -57.08 -27.00 -25.25
N GLY G 3735 -55.91 -26.43 -25.01
CA GLY G 3735 -54.73 -27.20 -24.69
C GLY G 3735 -53.82 -27.53 -25.83
N ALA G 3736 -54.00 -26.92 -27.01
CA ALA G 3736 -53.13 -27.19 -28.14
C ALA G 3736 -51.69 -26.77 -27.87
N ALA G 3737 -51.49 -25.63 -27.20
CA ALA G 3737 -50.14 -25.18 -26.90
C ALA G 3737 -49.42 -26.16 -26.00
N GLU G 3738 -50.13 -26.72 -25.01
CA GLU G 3738 -49.52 -27.71 -24.14
C GLU G 3738 -49.28 -29.02 -24.88
N MET G 3739 -50.20 -29.43 -25.75
CA MET G 3739 -50.04 -30.67 -26.47
C MET G 3739 -48.85 -30.62 -27.43
N VAL G 3740 -48.66 -29.50 -28.14
CA VAL G 3740 -47.54 -29.41 -29.06
C VAL G 3740 -46.20 -29.32 -28.37
N LEU G 3741 -46.18 -29.01 -27.06
CA LEU G 3741 -44.97 -29.11 -26.26
C LEU G 3741 -44.75 -30.53 -25.75
N GLN G 3742 -45.83 -31.18 -25.30
CA GLN G 3742 -45.71 -32.54 -24.79
C GLN G 3742 -45.28 -33.49 -25.89
N THR G 3743 -45.79 -33.32 -27.11
CA THR G 3743 -45.40 -34.21 -28.19
C THR G 3743 -43.92 -34.04 -28.53
N ILE G 3744 -43.43 -32.81 -28.56
CA ILE G 3744 -42.01 -32.58 -28.81
C ILE G 3744 -41.17 -33.18 -27.69
N SER G 3745 -41.62 -33.03 -26.43
CA SER G 3745 -40.89 -33.63 -25.32
C SER G 3745 -40.84 -35.15 -25.43
N ALA G 3746 -41.95 -35.77 -25.83
CA ALA G 3746 -41.97 -37.23 -25.95
C ALA G 3746 -41.22 -37.70 -27.19
N SER G 3747 -40.98 -36.81 -28.14
CA SER G 3747 -40.21 -37.18 -29.32
C SER G 3747 -38.81 -37.65 -28.98
N LYS G 3748 -38.25 -37.18 -27.86
CA LYS G 3748 -36.93 -37.60 -27.39
C LYS G 3748 -35.85 -37.39 -28.45
N GLY G 3749 -35.98 -36.30 -29.20
CA GLY G 3749 -34.99 -35.95 -30.21
C GLY G 3749 -34.89 -36.94 -31.35
N GLU G 3750 -36.01 -37.46 -31.82
CA GLU G 3750 -36.04 -38.38 -32.95
C GLU G 3750 -36.86 -37.71 -34.06
N THR G 3751 -36.19 -37.38 -35.16
CA THR G 3751 -36.87 -36.77 -36.28
C THR G 3751 -37.85 -37.75 -36.90
N GLY G 3752 -39.08 -37.29 -37.11
CA GLY G 3752 -40.11 -38.12 -37.68
C GLY G 3752 -41.31 -37.30 -38.09
N PRO G 3753 -42.27 -37.93 -38.78
CA PRO G 3753 -43.47 -37.19 -39.19
C PRO G 3753 -44.23 -36.60 -38.03
N MET G 3754 -44.27 -37.29 -36.88
CA MET G 3754 -45.04 -36.80 -35.74
C MET G 3754 -44.52 -35.44 -35.28
N VAL G 3755 -43.22 -35.34 -35.04
CA VAL G 3755 -42.65 -34.06 -34.63
C VAL G 3755 -42.69 -33.06 -35.79
N ALA G 3756 -42.60 -33.55 -37.02
CA ALA G 3756 -42.68 -32.67 -38.19
C ALA G 3756 -44.03 -31.96 -38.28
N ALA G 3757 -45.11 -32.63 -37.92
CA ALA G 3757 -46.44 -32.03 -37.89
C ALA G 3757 -46.72 -31.28 -36.59
N THR G 3758 -46.15 -31.72 -35.47
CA THR G 3758 -46.25 -30.96 -34.24
C THR G 3758 -45.62 -29.59 -34.38
N LEU G 3759 -44.46 -29.51 -35.06
CA LEU G 3759 -43.84 -28.21 -35.31
C LEU G 3759 -44.73 -27.34 -36.17
N LYS G 3760 -45.36 -27.92 -37.19
CA LYS G 3760 -46.25 -27.15 -38.05
C LYS G 3760 -47.44 -26.61 -37.27
N LEU G 3761 -48.02 -27.44 -36.39
CA LEU G 3761 -49.13 -26.97 -35.58
C LEU G 3761 -48.70 -25.87 -34.63
N GLY G 3762 -47.52 -26.01 -34.02
CA GLY G 3762 -47.02 -24.97 -33.15
C GLY G 3762 -46.81 -23.66 -33.90
N ILE G 3763 -46.24 -23.73 -35.09
CA ILE G 3763 -46.08 -22.54 -35.91
C ILE G 3763 -47.42 -21.93 -36.24
N ALA G 3764 -48.40 -22.77 -36.58
CA ALA G 3764 -49.72 -22.25 -36.96
C ALA G 3764 -50.37 -21.51 -35.80
N ILE G 3765 -50.25 -22.05 -34.59
CA ILE G 3765 -50.90 -21.37 -33.46
C ILE G 3765 -50.06 -20.22 -32.97
N LEU G 3766 -48.78 -20.16 -33.33
CA LEU G 3766 -47.89 -19.11 -32.87
C LEU G 3766 -47.65 -18.00 -33.89
N ASN G 3767 -48.22 -18.11 -35.09
CA ASN G 3767 -47.98 -17.10 -36.12
C ASN G 3767 -48.43 -15.73 -35.65
N GLY G 3768 -47.68 -14.71 -36.03
CA GLY G 3768 -47.96 -13.36 -35.58
C GLY G 3768 -47.42 -13.05 -34.21
N GLY G 3769 -46.64 -13.93 -33.61
CA GLY G 3769 -46.12 -13.70 -32.29
C GLY G 3769 -47.21 -13.66 -31.23
N ASN G 3770 -48.06 -14.69 -31.22
CA ASN G 3770 -49.16 -14.74 -30.28
C ASN G 3770 -48.65 -14.74 -28.85
N SER G 3771 -48.85 -13.62 -28.16
CA SER G 3771 -48.33 -13.47 -26.80
C SER G 3771 -49.02 -14.40 -25.82
N THR G 3772 -50.33 -14.63 -26.00
CA THR G 3772 -51.04 -15.55 -25.12
C THR G 3772 -50.48 -16.96 -25.24
N VAL G 3773 -50.25 -17.41 -26.46
CA VAL G 3773 -49.65 -18.72 -26.67
C VAL G 3773 -48.24 -18.79 -26.13
N GLN G 3774 -47.43 -17.73 -26.32
CA GLN G 3774 -46.09 -17.73 -25.76
C GLN G 3774 -46.12 -17.83 -24.25
N GLN G 3775 -47.01 -17.08 -23.60
CA GLN G 3775 -47.11 -17.14 -22.15
C GLN G 3775 -47.57 -18.49 -21.67
N LYS G 3776 -48.55 -19.09 -22.36
CA LYS G 3776 -48.99 -20.43 -21.99
C LYS G 3776 -47.86 -21.44 -22.11
N MET G 3777 -47.10 -21.37 -23.20
CA MET G 3777 -45.99 -22.28 -23.40
C MET G 3777 -44.93 -22.12 -22.33
N LEU G 3778 -44.56 -20.88 -22.00
CA LEU G 3778 -43.55 -20.65 -20.98
C LEU G 3778 -44.03 -21.07 -19.60
N ASP G 3779 -45.29 -20.78 -19.26
CA ASP G 3779 -45.83 -21.15 -17.96
C ASP G 3779 -45.88 -22.67 -17.81
N TYR G 3780 -46.31 -23.39 -18.86
CA TYR G 3780 -46.36 -24.84 -18.78
C TYR G 3780 -44.99 -25.41 -18.53
N LEU G 3781 -43.98 -24.92 -19.28
CA LEU G 3781 -42.63 -25.43 -19.12
C LEU G 3781 -42.09 -25.15 -17.73
N LYS G 3782 -42.29 -23.93 -17.24
CA LYS G 3782 -41.79 -23.58 -15.91
C LYS G 3782 -42.47 -24.41 -14.83
N GLU G 3783 -43.78 -24.61 -14.96
CA GLU G 3783 -44.52 -25.35 -13.94
C GLU G 3783 -44.14 -26.82 -13.93
N LYS G 3784 -44.09 -27.45 -15.10
CA LYS G 3784 -43.81 -28.87 -15.15
C LYS G 3784 -42.32 -29.19 -15.02
N LYS G 3785 -41.46 -28.17 -15.12
CA LYS G 3785 -40.02 -28.36 -15.03
C LYS G 3785 -39.54 -29.42 -16.01
N ASP G 3786 -40.00 -29.29 -17.25
CA ASP G 3786 -39.73 -30.28 -18.28
C ASP G 3786 -38.33 -30.08 -18.86
N VAL G 3787 -37.41 -30.98 -18.54
CA VAL G 3787 -36.10 -31.00 -19.18
C VAL G 3787 -36.15 -31.76 -20.49
N GLY G 3788 -37.08 -32.70 -20.64
CA GLY G 3788 -37.17 -33.48 -21.86
C GLY G 3788 -37.45 -32.63 -23.08
N PHE G 3789 -38.21 -31.54 -22.90
CA PHE G 3789 -38.51 -30.67 -24.03
C PHE G 3789 -37.23 -30.10 -24.63
N PHE G 3790 -36.35 -29.53 -23.80
CA PHE G 3790 -35.13 -28.94 -24.32
C PHE G 3790 -34.14 -30.00 -24.78
N GLN G 3791 -34.11 -31.15 -24.09
CA GLN G 3791 -33.25 -32.23 -24.57
C GLN G 3791 -33.68 -32.71 -25.95
N SER G 3792 -34.99 -32.83 -26.16
CA SER G 3792 -35.49 -33.22 -27.47
C SER G 3792 -35.24 -32.14 -28.51
N LEU G 3793 -35.33 -30.87 -28.11
CA LEU G 3793 -34.99 -29.79 -29.04
C LEU G 3793 -33.56 -29.88 -29.51
N ALA G 3794 -32.62 -30.08 -28.58
CA ALA G 3794 -31.23 -30.25 -28.95
C ALA G 3794 -31.01 -31.48 -29.83
N GLY G 3795 -31.68 -32.59 -29.50
CA GLY G 3795 -31.59 -33.78 -30.33
C GLY G 3795 -32.09 -33.56 -31.73
N LEU G 3796 -33.20 -32.86 -31.89
CA LEU G 3796 -33.72 -32.56 -33.23
C LEU G 3796 -32.76 -31.67 -33.99
N MET G 3797 -32.18 -30.67 -33.31
CA MET G 3797 -31.20 -29.82 -33.99
C MET G 3797 -30.01 -30.63 -34.49
N GLN G 3798 -29.51 -31.54 -33.66
CA GLN G 3798 -28.41 -32.40 -34.11
C GLN G 3798 -28.84 -33.28 -35.26
N SER G 3799 -30.08 -33.80 -35.22
CA SER G 3799 -30.56 -34.69 -36.26
C SER G 3799 -30.86 -33.96 -37.56
N CYS G 3800 -30.99 -32.63 -37.54
CA CYS G 3800 -31.26 -31.89 -38.76
C CYS G 3800 -30.12 -32.09 -39.76
N SER G 3801 -30.49 -32.33 -41.01
CA SER G 3801 -29.52 -32.66 -42.05
C SER G 3801 -29.02 -31.39 -42.74
N VAL G 3802 -27.95 -31.56 -43.51
CA VAL G 3802 -27.33 -30.47 -44.26
C VAL G 3802 -26.95 -30.96 -45.64
N LEU G 3803 -26.37 -30.06 -46.42
CA LEU G 3803 -25.90 -30.40 -47.76
C LEU G 3803 -24.86 -31.52 -47.69
N ASP G 3804 -25.00 -32.51 -48.56
CA ASP G 3804 -24.06 -33.64 -48.61
C ASP G 3804 -23.49 -33.75 -50.01
N LEU G 3805 -22.23 -33.33 -50.17
CA LEU G 3805 -21.61 -33.29 -51.47
C LEU G 3805 -21.40 -34.70 -52.03
N ASN G 3806 -21.15 -35.66 -51.16
CA ASN G 3806 -21.00 -37.05 -51.62
C ASN G 3806 -22.30 -37.56 -52.23
N ALA G 3807 -23.42 -37.29 -51.58
CA ALA G 3807 -24.72 -37.66 -52.13
C ALA G 3807 -24.98 -36.94 -53.44
N PHE G 3808 -24.60 -35.65 -53.51
CA PHE G 3808 -24.78 -34.92 -54.77
C PHE G 3808 -23.96 -35.54 -55.90
N GLU G 3809 -22.71 -35.93 -55.60
CA GLU G 3809 -21.88 -36.56 -56.62
C GLU G 3809 -22.47 -37.89 -57.08
N ARG G 3810 -22.95 -38.70 -56.14
CA ARG G 3810 -23.58 -39.96 -56.53
C ARG G 3810 -24.83 -39.74 -57.37
N GLN G 3811 -25.65 -38.76 -56.99
CA GLN G 3811 -26.83 -38.41 -57.77
C GLN G 3811 -26.48 -37.94 -59.17
N ASN G 3812 -25.45 -37.12 -59.32
CA ASN G 3812 -25.01 -36.67 -60.63
C ASN G 3812 -24.47 -37.83 -61.46
N LYS G 3813 -23.73 -38.75 -60.84
CA LYS G 3813 -23.22 -39.90 -61.57
C LYS G 3813 -24.36 -40.79 -62.06
N ALA G 3814 -25.40 -40.95 -61.25
CA ALA G 3814 -26.56 -41.73 -61.68
C ALA G 3814 -27.21 -41.11 -62.93
N GLU G 3815 -27.39 -39.78 -62.91
CA GLU G 3815 -27.94 -39.09 -64.06
C GLU G 3815 -27.03 -39.23 -65.28
N GLY G 3816 -25.72 -39.12 -65.05
CA GLY G 3816 -24.77 -39.26 -66.16
C GLY G 3816 -24.84 -40.62 -66.81
N LEU G 3817 -24.95 -41.68 -66.00
CA LEU G 3817 -25.12 -43.01 -66.58
C LEU G 3817 -26.46 -43.12 -67.30
N GLY G 3818 -27.53 -42.56 -66.73
CA GLY G 3818 -28.79 -42.45 -67.43
C GLY G 3818 -29.99 -43.10 -66.78
N MET G 3819 -29.86 -43.63 -65.57
CA MET G 3819 -31.03 -44.16 -64.87
C MET G 3819 -31.98 -43.02 -64.51
N VAL G 3820 -33.27 -43.27 -64.69
CA VAL G 3820 -34.27 -42.24 -64.42
C VAL G 3820 -34.34 -41.97 -62.93
N THR G 3821 -34.30 -40.69 -62.57
CA THR G 3821 -34.34 -40.32 -61.16
C THR G 3821 -35.72 -40.56 -60.57
N GLU G 3822 -35.76 -41.31 -59.46
CA GLU G 3822 -37.01 -41.49 -58.74
C GLU G 3822 -37.52 -40.16 -58.17
N GLU G 3823 -36.60 -39.34 -57.69
CA GLU G 3823 -36.90 -38.01 -57.17
C GLU G 3823 -36.15 -36.98 -57.99
N GLY G 3824 -36.87 -35.97 -58.48
CA GLY G 3824 -36.25 -35.02 -59.40
C GLY G 3824 -35.47 -33.93 -58.68
N SER G 3825 -35.82 -33.66 -57.42
CA SER G 3825 -35.24 -32.55 -56.68
C SER G 3825 -34.01 -32.94 -55.88
N GLY G 3826 -33.55 -34.19 -55.99
CA GLY G 3826 -32.41 -34.64 -55.21
C GLY G 3826 -32.68 -34.61 -53.72
N GLU G 3827 -33.82 -35.19 -53.32
CA GLU G 3827 -34.23 -35.10 -51.91
C GLU G 3827 -33.24 -35.77 -50.98
N LYS G 3828 -32.39 -36.66 -51.51
CA LYS G 3828 -31.33 -37.23 -50.69
C LYS G 3828 -30.39 -36.15 -50.15
N VAL G 3829 -30.03 -35.20 -51.01
CA VAL G 3829 -29.25 -34.05 -50.58
C VAL G 3829 -30.18 -33.08 -49.87
N LEU G 3830 -29.77 -32.63 -48.68
CA LEU G 3830 -30.64 -31.81 -47.83
C LEU G 3830 -31.94 -32.55 -47.56
N GLN G 3831 -31.86 -33.66 -46.83
CA GLN G 3831 -32.95 -34.61 -46.63
C GLN G 3831 -34.29 -33.94 -46.36
N ASP G 3832 -34.37 -33.14 -45.30
CA ASP G 3832 -35.62 -32.48 -44.93
C ASP G 3832 -35.35 -31.02 -44.62
N ASP G 3833 -35.42 -30.18 -45.64
CA ASP G 3833 -35.31 -28.74 -45.46
C ASP G 3833 -36.58 -28.12 -44.91
N GLU G 3834 -37.71 -28.79 -45.08
CA GLU G 3834 -38.95 -28.31 -44.47
C GLU G 3834 -38.91 -28.46 -42.95
N PHE G 3835 -38.40 -29.60 -42.47
CA PHE G 3835 -38.37 -29.82 -41.02
C PHE G 3835 -37.43 -28.85 -40.33
N THR G 3836 -36.25 -28.62 -40.90
CA THR G 3836 -35.30 -27.70 -40.28
C THR G 3836 -35.86 -26.28 -40.24
N CYS G 3837 -36.44 -25.83 -41.35
CA CYS G 3837 -37.04 -24.51 -41.40
C CYS G 3837 -38.19 -24.40 -40.42
N ASP G 3838 -39.03 -25.43 -40.31
CA ASP G 3838 -40.14 -25.40 -39.37
C ASP G 3838 -39.64 -25.35 -37.93
N LEU G 3839 -38.60 -26.14 -37.61
CA LEU G 3839 -38.05 -26.11 -36.27
C LEU G 3839 -37.52 -24.74 -35.90
N PHE G 3840 -36.72 -24.13 -36.78
CA PHE G 3840 -36.17 -22.83 -36.44
C PHE G 3840 -37.21 -21.72 -36.50
N ARG G 3841 -38.23 -21.86 -37.34
CA ARG G 3841 -39.34 -20.91 -37.35
C ARG G 3841 -40.12 -21.00 -36.04
N PHE G 3842 -40.33 -22.22 -35.54
CA PHE G 3842 -40.98 -22.40 -34.24
C PHE G 3842 -40.16 -21.74 -33.14
N LEU G 3843 -38.85 -21.97 -33.14
CA LEU G 3843 -37.98 -21.38 -32.15
C LEU G 3843 -37.94 -19.85 -32.23
N GLN G 3844 -38.01 -19.29 -33.42
CA GLN G 3844 -38.12 -17.84 -33.61
C GLN G 3844 -39.45 -17.27 -33.14
N LEU G 3845 -40.56 -17.93 -33.50
CA LEU G 3845 -41.87 -17.50 -33.03
C LEU G 3845 -41.96 -17.56 -31.51
N LEU G 3846 -41.20 -18.47 -30.90
CA LEU G 3846 -41.17 -18.54 -29.45
C LEU G 3846 -40.57 -17.28 -28.83
N CYS G 3847 -39.85 -16.49 -29.62
CA CYS G 3847 -39.18 -15.30 -29.10
C CYS G 3847 -39.59 -14.01 -29.82
N GLU G 3848 -40.47 -14.09 -30.82
CA GLU G 3848 -40.87 -12.89 -31.53
C GLU G 3848 -41.58 -11.92 -30.60
N GLY G 3849 -41.58 -10.65 -31.01
CA GLY G 3849 -42.10 -9.60 -30.16
C GLY G 3849 -41.18 -9.21 -29.03
N HIS G 3850 -39.92 -9.64 -29.07
CA HIS G 3850 -38.95 -9.37 -28.01
C HIS G 3850 -39.45 -9.91 -26.67
N ASN G 3851 -39.73 -11.21 -26.64
CA ASN G 3851 -40.15 -11.89 -25.42
C ASN G 3851 -38.91 -12.20 -24.59
N SER G 3852 -38.54 -11.26 -23.71
CA SER G 3852 -37.31 -11.39 -22.94
C SER G 3852 -37.35 -12.59 -22.01
N ASP G 3853 -38.50 -12.87 -21.38
CA ASP G 3853 -38.59 -14.00 -20.48
C ASP G 3853 -38.24 -15.30 -21.18
N PHE G 3854 -38.87 -15.56 -22.32
CA PHE G 3854 -38.60 -16.82 -23.00
C PHE G 3854 -37.23 -16.82 -23.65
N GLN G 3855 -36.75 -15.64 -24.08
CA GLN G 3855 -35.40 -15.53 -24.61
C GLN G 3855 -34.38 -15.98 -23.58
N ASN G 3856 -34.52 -15.49 -22.35
CA ASN G 3856 -33.60 -15.90 -21.29
C ASN G 3856 -33.81 -17.34 -20.89
N TYR G 3857 -35.05 -17.81 -20.91
CA TYR G 3857 -35.34 -19.17 -20.47
C TYR G 3857 -34.77 -20.19 -21.45
N LEU G 3858 -34.68 -19.83 -22.73
CA LEU G 3858 -34.04 -20.71 -23.70
C LEU G 3858 -32.57 -20.89 -23.38
N ARG G 3859 -31.88 -19.80 -23.01
CA ARG G 3859 -30.46 -19.90 -22.70
C ARG G 3859 -30.23 -20.64 -21.39
N THR G 3860 -30.96 -20.28 -20.34
CA THR G 3860 -30.76 -20.88 -19.03
C THR G 3860 -32.12 -21.23 -18.44
N GLN G 3861 -32.38 -22.53 -18.28
CA GLN G 3861 -33.59 -23.01 -17.62
C GLN G 3861 -33.31 -23.04 -16.13
N THR G 3862 -33.71 -21.97 -15.44
CA THR G 3862 -33.32 -21.78 -14.05
C THR G 3862 -33.92 -22.86 -13.15
N GLY G 3863 -35.22 -23.12 -13.30
CA GLY G 3863 -35.87 -24.09 -12.43
C GLY G 3863 -35.37 -25.51 -12.63
N ASN G 3864 -35.07 -25.86 -13.87
CA ASN G 3864 -34.72 -27.24 -14.20
C ASN G 3864 -33.39 -27.63 -13.58
N ASN G 3865 -33.26 -28.93 -13.29
CA ASN G 3865 -31.99 -29.45 -12.78
C ASN G 3865 -30.90 -29.37 -13.84
N THR G 3866 -31.24 -29.66 -15.09
CA THR G 3866 -30.28 -29.67 -16.19
C THR G 3866 -30.70 -28.63 -17.22
N THR G 3867 -29.73 -27.83 -17.68
CA THR G 3867 -29.97 -26.75 -18.61
C THR G 3867 -29.29 -27.05 -19.95
N VAL G 3868 -30.03 -26.83 -21.03
CA VAL G 3868 -29.52 -26.99 -22.38
C VAL G 3868 -29.55 -25.63 -23.06
N ASN G 3869 -28.43 -25.25 -23.67
CA ASN G 3869 -28.30 -23.93 -24.30
C ASN G 3869 -28.76 -24.04 -25.76
N ILE G 3870 -30.06 -23.85 -25.95
CA ILE G 3870 -30.63 -23.80 -27.29
C ILE G 3870 -29.99 -22.71 -28.13
N ILE G 3871 -29.63 -21.59 -27.50
CA ILE G 3871 -29.03 -20.48 -28.22
C ILE G 3871 -27.69 -20.91 -28.83
N ILE G 3872 -26.94 -21.73 -28.12
CA ILE G 3872 -25.64 -22.18 -28.64
C ILE G 3872 -25.83 -23.33 -29.61
N SER G 3873 -26.85 -24.17 -29.40
CA SER G 3873 -27.12 -25.23 -30.37
C SER G 3873 -27.50 -24.65 -31.73
N THR G 3874 -28.23 -23.54 -31.72
CA THR G 3874 -28.55 -22.87 -32.98
C THR G 3874 -27.28 -22.41 -33.69
N VAL G 3875 -26.32 -21.87 -32.94
CA VAL G 3875 -25.06 -21.45 -33.55
C VAL G 3875 -24.29 -22.65 -34.09
N ASP G 3876 -24.34 -23.78 -33.39
CA ASP G 3876 -23.69 -24.98 -33.89
C ASP G 3876 -24.29 -25.43 -35.22
N TYR G 3877 -25.61 -25.44 -35.32
CA TYR G 3877 -26.23 -25.79 -36.61
C TYR G 3877 -25.88 -24.77 -37.68
N LEU G 3878 -25.82 -23.49 -37.32
CA LEU G 3878 -25.40 -22.48 -38.30
C LEU G 3878 -23.99 -22.76 -38.80
N LEU G 3879 -23.09 -23.13 -37.91
CA LEU G 3879 -21.74 -23.47 -38.31
C LEU G 3879 -21.71 -24.68 -39.23
N ARG G 3880 -22.50 -25.71 -38.95
CA ARG G 3880 -22.54 -26.86 -39.83
C ARG G 3880 -23.11 -26.55 -41.21
N VAL G 3881 -24.22 -25.81 -41.29
CA VAL G 3881 -24.78 -25.45 -42.59
C VAL G 3881 -23.85 -24.50 -43.35
N GLN G 3882 -23.11 -23.63 -42.65
CA GLN G 3882 -22.10 -22.82 -43.33
C GLN G 3882 -21.04 -23.69 -43.96
N GLU G 3883 -20.55 -24.70 -43.26
CA GLU G 3883 -19.54 -25.58 -43.84
C GLU G 3883 -20.09 -26.33 -45.04
N SER G 3884 -21.35 -26.77 -44.96
CA SER G 3884 -21.97 -27.45 -46.09
C SER G 3884 -22.03 -26.54 -47.31
N ILE G 3885 -22.49 -25.30 -47.11
CA ILE G 3885 -22.59 -24.34 -48.21
C ILE G 3885 -21.20 -24.04 -48.78
N SER G 3886 -20.21 -23.86 -47.91
CA SER G 3886 -18.86 -23.57 -48.38
C SER G 3886 -18.28 -24.72 -49.20
N ASP G 3887 -18.50 -25.96 -48.76
CA ASP G 3887 -18.02 -27.11 -49.52
C ASP G 3887 -18.72 -27.19 -50.88
N PHE G 3888 -20.02 -26.92 -50.90
CA PHE G 3888 -20.76 -27.01 -52.16
C PHE G 3888 -20.32 -25.92 -53.12
N TYR G 3889 -20.04 -24.72 -52.59
CA TYR G 3889 -19.42 -23.67 -53.38
C TYR G 3889 -18.06 -24.08 -53.92
N TRP G 3890 -17.22 -24.69 -53.08
CA TRP G 3890 -15.91 -25.12 -53.55
C TRP G 3890 -16.05 -26.16 -54.65
N TYR G 3891 -17.08 -27.00 -54.59
CA TYR G 3891 -17.36 -27.92 -55.67
C TYR G 3891 -17.69 -27.18 -56.96
N TYR G 3892 -18.58 -26.20 -56.89
CA TYR G 3892 -19.03 -25.53 -58.11
C TYR G 3892 -18.11 -24.42 -58.58
N SER G 3893 -17.08 -24.07 -57.82
CA SER G 3893 -16.23 -22.94 -58.19
C SER G 3893 -15.48 -23.21 -59.48
N GLY G 3894 -14.90 -24.41 -59.60
CA GLY G 3894 -14.17 -24.74 -60.82
C GLY G 3894 -15.07 -24.80 -62.04
N LYS G 3895 -16.27 -25.34 -61.87
CA LYS G 3895 -17.19 -25.46 -62.99
C LYS G 3895 -17.69 -24.08 -63.41
N ASP G 3896 -17.75 -23.86 -64.73
CA ASP G 3896 -18.15 -22.56 -65.23
C ASP G 3896 -19.63 -22.30 -65.01
N VAL G 3897 -20.46 -23.33 -65.20
CA VAL G 3897 -21.91 -23.19 -65.14
C VAL G 3897 -22.44 -24.08 -64.02
N ILE G 3898 -23.45 -23.58 -63.32
CA ILE G 3898 -24.11 -24.34 -62.26
C ILE G 3898 -25.39 -24.94 -62.84
N ASP G 3899 -25.53 -26.25 -62.75
CA ASP G 3899 -26.70 -26.91 -63.31
C ASP G 3899 -27.93 -26.62 -62.45
N GLU G 3900 -29.08 -27.09 -62.96
CA GLU G 3900 -30.35 -26.82 -62.28
C GLU G 3900 -30.38 -27.44 -60.90
N GLN G 3901 -29.87 -28.67 -60.77
CA GLN G 3901 -29.90 -29.34 -59.47
C GLN G 3901 -29.04 -28.61 -58.45
N GLY G 3902 -27.86 -28.17 -58.87
CA GLY G 3902 -27.01 -27.40 -57.97
C GLY G 3902 -27.62 -26.07 -57.61
N GLN G 3903 -28.26 -25.41 -58.56
CA GLN G 3903 -28.92 -24.13 -58.32
C GLN G 3903 -30.11 -24.26 -57.39
N ARG G 3904 -30.79 -25.40 -57.41
CA ARG G 3904 -31.84 -25.70 -56.44
C ARG G 3904 -31.31 -26.03 -55.06
N ASN G 3905 -30.21 -26.80 -54.99
CA ASN G 3905 -29.62 -27.12 -53.69
C ASN G 3905 -29.08 -25.87 -53.01
N PHE G 3906 -28.42 -24.99 -53.76
CA PHE G 3906 -28.03 -23.70 -53.21
C PHE G 3906 -29.23 -22.94 -52.67
N SER G 3907 -30.34 -22.93 -53.43
CA SER G 3907 -31.51 -22.19 -52.98
C SER G 3907 -32.04 -22.73 -51.65
N LYS G 3908 -32.16 -24.05 -51.54
CA LYS G 3908 -32.67 -24.63 -50.30
C LYS G 3908 -31.73 -24.38 -49.13
N ALA G 3909 -30.43 -24.56 -49.33
CA ALA G 3909 -29.46 -24.28 -48.28
C ALA G 3909 -29.46 -22.82 -47.85
N ILE G 3910 -29.55 -21.90 -48.81
CA ILE G 3910 -29.59 -20.48 -48.48
C ILE G 3910 -30.85 -20.16 -47.70
N GLN G 3911 -31.99 -20.77 -48.06
CA GLN G 3911 -33.20 -20.54 -47.31
C GLN G 3911 -33.06 -21.03 -45.86
N VAL G 3912 -32.46 -22.20 -45.67
CA VAL G 3912 -32.26 -22.72 -44.32
C VAL G 3912 -31.35 -21.79 -43.52
N ALA G 3913 -30.25 -21.35 -44.13
CA ALA G 3913 -29.33 -20.45 -43.44
C ALA G 3913 -30.00 -19.13 -43.10
N LYS G 3914 -30.84 -18.62 -44.02
CA LYS G 3914 -31.58 -17.40 -43.76
C LYS G 3914 -32.51 -17.56 -42.56
N GLN G 3915 -33.20 -18.69 -42.48
CA GLN G 3915 -34.07 -18.92 -41.33
C GLN G 3915 -33.28 -18.99 -40.04
N VAL G 3916 -32.12 -19.66 -40.07
CA VAL G 3916 -31.31 -19.74 -38.86
C VAL G 3916 -30.81 -18.36 -38.44
N PHE G 3917 -30.40 -17.54 -39.39
CA PHE G 3917 -29.96 -16.19 -39.06
C PHE G 3917 -31.09 -15.37 -38.46
N ASN G 3918 -32.30 -15.51 -39.02
CA ASN G 3918 -33.45 -14.80 -38.46
C ASN G 3918 -33.73 -15.27 -37.04
N THR G 3919 -33.61 -16.57 -36.78
CA THR G 3919 -33.83 -17.08 -35.44
C THR G 3919 -32.81 -16.51 -34.46
N LEU G 3920 -31.54 -16.45 -34.87
CA LEU G 3920 -30.53 -15.87 -34.00
C LEU G 3920 -30.78 -14.38 -33.74
N THR G 3921 -31.20 -13.65 -34.77
CA THR G 3921 -31.53 -12.25 -34.59
C THR G 3921 -32.67 -12.07 -33.60
N GLU G 3922 -33.70 -12.92 -33.69
CA GLU G 3922 -34.77 -12.87 -32.73
C GLU G 3922 -34.30 -13.23 -31.33
N TYR G 3923 -33.33 -14.14 -31.23
CA TYR G 3923 -32.75 -14.45 -29.92
C TYR G 3923 -32.08 -13.22 -29.32
N ILE G 3924 -31.32 -12.47 -30.11
CA ILE G 3924 -30.39 -11.49 -29.57
C ILE G 3924 -31.00 -10.09 -29.50
N GLN G 3925 -32.10 -9.83 -30.20
CA GLN G 3925 -32.72 -8.51 -30.09
C GLN G 3925 -33.37 -8.32 -28.74
N GLY G 3926 -33.98 -7.15 -28.53
CA GLY G 3926 -34.52 -6.80 -27.24
C GLY G 3926 -33.40 -6.68 -26.23
N PRO G 3927 -32.33 -5.96 -26.60
CA PRO G 3927 -31.01 -6.11 -25.95
C PRO G 3927 -30.87 -7.21 -24.92
N CYS G 3928 -31.10 -8.46 -25.34
CA CYS G 3928 -30.92 -9.61 -24.46
C CYS G 3928 -29.43 -9.83 -24.27
N THR G 3929 -28.89 -9.23 -23.21
CA THR G 3929 -27.45 -9.22 -23.02
C THR G 3929 -26.89 -10.62 -22.80
N GLY G 3930 -27.63 -11.49 -22.11
CA GLY G 3930 -27.14 -12.84 -21.90
C GLY G 3930 -26.92 -13.59 -23.19
N ASN G 3931 -27.92 -13.55 -24.08
CA ASN G 3931 -27.77 -14.20 -25.37
C ASN G 3931 -26.72 -13.50 -26.23
N GLN G 3932 -26.63 -12.18 -26.12
CA GLN G 3932 -25.58 -11.47 -26.87
C GLN G 3932 -24.20 -11.96 -26.47
N GLN G 3933 -23.95 -12.09 -25.16
CA GLN G 3933 -22.65 -12.57 -24.69
C GLN G 3933 -22.43 -14.03 -25.08
N SER G 3934 -23.49 -14.85 -25.00
CA SER G 3934 -23.35 -16.24 -25.40
C SER G 3934 -22.94 -16.36 -26.85
N LEU G 3935 -23.58 -15.61 -27.74
CA LEU G 3935 -23.16 -15.62 -29.14
C LEU G 3935 -21.75 -15.06 -29.31
N ALA G 3936 -21.42 -14.03 -28.55
CA ALA G 3936 -20.10 -13.41 -28.68
C ALA G 3936 -19.01 -14.42 -28.35
N HIS G 3937 -19.21 -15.25 -27.34
CA HIS G 3937 -18.23 -16.25 -26.97
C HIS G 3937 -18.45 -17.60 -27.65
N SER G 3938 -19.51 -17.74 -28.45
CA SER G 3938 -19.74 -18.99 -29.17
C SER G 3938 -18.93 -19.05 -30.45
N ARG G 3939 -19.24 -20.04 -31.31
CA ARG G 3939 -18.55 -20.24 -32.56
C ARG G 3939 -19.22 -19.51 -33.72
N LEU G 3940 -19.98 -18.47 -33.42
CA LEU G 3940 -20.65 -17.71 -34.48
C LEU G 3940 -19.65 -17.05 -35.43
N TRP G 3941 -18.50 -16.64 -34.90
CA TRP G 3941 -17.55 -15.89 -35.70
C TRP G 3941 -17.01 -16.68 -36.86
N ASP G 3942 -16.75 -17.97 -36.68
CA ASP G 3942 -16.30 -18.82 -37.78
C ASP G 3942 -17.36 -18.94 -38.87
N ALA G 3943 -18.62 -19.11 -38.48
CA ALA G 3943 -19.68 -19.18 -39.47
C ALA G 3943 -19.77 -17.88 -40.26
N VAL G 3944 -19.68 -16.75 -39.57
CA VAL G 3944 -19.80 -15.46 -40.27
C VAL G 3944 -18.61 -15.24 -41.18
N VAL G 3945 -17.40 -15.58 -40.73
CA VAL G 3945 -16.23 -15.40 -41.57
C VAL G 3945 -16.23 -16.34 -42.77
N GLY G 3946 -16.88 -17.50 -42.66
CA GLY G 3946 -17.03 -18.34 -43.82
C GLY G 3946 -18.04 -17.82 -44.81
N PHE G 3947 -19.19 -17.37 -44.30
CA PHE G 3947 -20.17 -16.73 -45.18
C PHE G 3947 -19.60 -15.51 -45.86
N LEU G 3948 -18.69 -14.78 -45.20
CA LEU G 3948 -18.09 -13.62 -45.85
C LEU G 3948 -17.29 -14.02 -47.08
N HIS G 3949 -16.49 -15.08 -46.96
CA HIS G 3949 -15.75 -15.59 -48.10
C HIS G 3949 -16.70 -16.04 -49.21
N VAL G 3950 -17.74 -16.79 -48.83
CA VAL G 3950 -18.67 -17.30 -49.83
C VAL G 3950 -19.33 -16.14 -50.58
N PHE G 3951 -19.81 -15.14 -49.84
CA PHE G 3951 -20.42 -13.98 -50.48
C PHE G 3951 -19.43 -13.25 -51.38
N ALA G 3952 -18.21 -13.03 -50.88
CA ALA G 3952 -17.25 -12.24 -51.63
C ALA G 3952 -16.91 -12.90 -52.95
N HIS G 3953 -16.87 -14.23 -52.99
CA HIS G 3953 -16.53 -14.85 -54.26
C HIS G 3953 -17.74 -15.12 -55.16
N MET G 3954 -18.88 -15.51 -54.59
CA MET G 3954 -20.06 -15.70 -55.42
C MET G 3954 -20.60 -14.40 -56.00
N GLN G 3955 -20.45 -13.27 -55.30
CA GLN G 3955 -20.90 -12.00 -55.87
C GLN G 3955 -20.17 -11.65 -57.16
N MET G 3956 -18.93 -12.10 -57.31
CA MET G 3956 -18.17 -11.88 -58.53
C MET G 3956 -18.28 -13.04 -59.51
N LYS G 3957 -18.66 -14.22 -59.06
CA LYS G 3957 -18.83 -15.36 -59.95
C LYS G 3957 -20.20 -15.35 -60.63
N LEU G 3958 -21.28 -15.31 -59.85
CA LEU G 3958 -22.62 -15.39 -60.42
C LEU G 3958 -22.97 -14.16 -61.24
N SER G 3959 -22.55 -12.97 -60.80
CA SER G 3959 -23.00 -11.74 -61.42
C SER G 3959 -22.56 -11.65 -62.88
N GLN G 3960 -21.47 -12.32 -63.23
CA GLN G 3960 -21.00 -12.30 -64.61
C GLN G 3960 -21.99 -13.01 -65.54
N ASP G 3961 -22.54 -14.14 -65.10
CA ASP G 3961 -23.45 -14.94 -65.91
C ASP G 3961 -24.89 -14.57 -65.62
N SER G 3962 -25.70 -14.45 -66.67
CA SER G 3962 -27.07 -14.01 -66.51
C SER G 3962 -28.04 -15.14 -66.18
N SER G 3963 -27.56 -16.36 -65.98
CA SER G 3963 -28.46 -17.48 -65.73
C SER G 3963 -28.63 -17.80 -64.25
N GLN G 3964 -28.02 -17.02 -63.36
CA GLN G 3964 -28.11 -17.26 -61.92
C GLN G 3964 -28.52 -15.99 -61.18
N ILE G 3965 -29.39 -15.18 -61.80
CA ILE G 3965 -29.83 -13.94 -61.18
C ILE G 3965 -30.65 -14.22 -59.93
N GLU G 3966 -31.53 -15.23 -60.00
CA GLU G 3966 -32.31 -15.61 -58.83
C GLU G 3966 -31.42 -16.11 -57.70
N LEU G 3967 -30.41 -16.91 -58.02
CA LEU G 3967 -29.46 -17.36 -57.00
C LEU G 3967 -28.72 -16.19 -56.38
N LEU G 3968 -28.33 -15.21 -57.20
CA LEU G 3968 -27.67 -14.02 -56.67
C LEU G 3968 -28.59 -13.25 -55.75
N LYS G 3969 -29.88 -13.14 -56.11
CA LYS G 3969 -30.84 -12.47 -55.24
C LYS G 3969 -30.95 -13.17 -53.88
N GLU G 3970 -31.12 -14.49 -53.90
CA GLU G 3970 -31.23 -15.23 -52.65
C GLU G 3970 -29.97 -15.07 -51.81
N LEU G 3971 -28.80 -15.14 -52.46
CA LEU G 3971 -27.54 -15.03 -51.76
C LEU G 3971 -27.34 -13.66 -51.13
N MET G 3972 -27.68 -12.58 -51.83
CA MET G 3972 -27.56 -11.24 -51.26
C MET G 3972 -28.63 -10.96 -50.22
N ASP G 3973 -29.75 -11.67 -50.25
CA ASP G 3973 -30.69 -11.64 -49.13
C ASP G 3973 -30.09 -12.29 -47.89
N LEU G 3974 -29.40 -13.41 -48.06
CA LEU G 3974 -28.70 -14.03 -46.94
C LEU G 3974 -27.66 -13.08 -46.36
N GLN G 3975 -26.96 -12.34 -47.22
CA GLN G 3975 -26.00 -11.34 -46.75
C GLN G 3975 -26.69 -10.28 -45.91
N LYS G 3976 -27.84 -9.79 -46.38
CA LYS G 3976 -28.57 -8.79 -45.63
C LYS G 3976 -28.96 -9.31 -44.26
N ASP G 3977 -29.45 -10.55 -44.18
CA ASP G 3977 -29.80 -11.10 -42.88
C ASP G 3977 -28.60 -11.28 -41.97
N MET G 3978 -27.45 -11.69 -42.51
CA MET G 3978 -26.26 -11.81 -41.67
C MET G 3978 -25.83 -10.45 -41.12
N VAL G 3979 -25.86 -9.41 -41.95
CA VAL G 3979 -25.49 -8.08 -41.46
C VAL G 3979 -26.50 -7.59 -40.44
N VAL G 3980 -27.77 -7.92 -40.63
CA VAL G 3980 -28.79 -7.55 -39.65
C VAL G 3980 -28.51 -8.20 -38.31
N MET G 3981 -28.12 -9.48 -38.34
CA MET G 3981 -27.79 -10.18 -37.10
C MET G 3981 -26.58 -9.54 -36.43
N LEU G 3982 -25.59 -9.13 -37.22
CA LEU G 3982 -24.43 -8.45 -36.64
C LEU G 3982 -24.84 -7.15 -35.96
N LEU G 3983 -25.70 -6.37 -36.61
CA LEU G 3983 -26.19 -5.14 -35.99
C LEU G 3983 -26.94 -5.43 -34.70
N SER G 3984 -27.78 -6.47 -34.71
CA SER G 3984 -28.52 -6.83 -33.50
C SER G 3984 -27.59 -7.26 -32.39
N MET G 3985 -26.45 -7.88 -32.73
CA MET G 3985 -25.44 -8.14 -31.71
C MET G 3985 -24.87 -6.83 -31.19
N LEU G 3986 -24.65 -5.87 -32.06
CA LEU G 3986 -24.07 -4.59 -31.66
C LEU G 3986 -25.05 -3.68 -30.93
N GLU G 3987 -26.33 -4.05 -30.87
CA GLU G 3987 -27.29 -3.26 -30.11
C GLU G 3987 -26.86 -3.17 -28.65
N GLY G 3988 -27.07 -2.01 -28.04
CA GLY G 3988 -26.70 -1.81 -26.65
C GLY G 3988 -25.23 -1.95 -26.38
N ASN G 3989 -24.39 -1.45 -27.29
CA ASN G 3989 -22.95 -1.59 -27.13
C ASN G 3989 -22.42 -0.62 -26.10
N VAL G 3990 -21.20 -0.88 -25.64
CA VAL G 3990 -20.49 -0.02 -24.71
C VAL G 3990 -19.12 0.26 -25.30
N VAL G 3991 -18.51 1.36 -24.85
CA VAL G 3991 -17.19 1.71 -25.36
C VAL G 3991 -16.18 0.67 -24.93
N ASN G 3992 -15.39 0.20 -25.90
CA ASN G 3992 -14.41 -0.87 -25.68
C ASN G 3992 -15.10 -2.14 -25.17
N GLY G 3993 -16.16 -2.54 -25.87
CA GLY G 3993 -16.90 -3.73 -25.47
C GLY G 3993 -16.30 -5.01 -26.03
N THR G 3994 -16.55 -6.11 -25.33
CA THR G 3994 -16.02 -7.40 -25.75
C THR G 3994 -16.63 -7.84 -27.08
N ILE G 3995 -17.93 -7.58 -27.28
CA ILE G 3995 -18.56 -7.94 -28.55
C ILE G 3995 -17.93 -7.15 -29.69
N GLY G 3996 -17.68 -5.86 -29.47
CA GLY G 3996 -16.99 -5.08 -30.47
C GLY G 3996 -15.60 -5.61 -30.76
N LYS G 3997 -14.87 -6.00 -29.70
CA LYS G 3997 -13.55 -6.58 -29.91
C LYS G 3997 -13.63 -7.83 -30.78
N GLN G 3998 -14.56 -8.73 -30.46
CA GLN G 3998 -14.69 -9.97 -31.22
C GLN G 3998 -15.05 -9.68 -32.68
N MET G 3999 -15.99 -8.78 -32.91
CA MET G 3999 -16.41 -8.48 -34.28
C MET G 3999 -15.31 -7.80 -35.09
N VAL G 4000 -14.54 -6.90 -34.47
CA VAL G 4000 -13.43 -6.29 -35.19
C VAL G 4000 -12.35 -7.32 -35.47
N ASP G 4001 -12.10 -8.26 -34.56
CA ASP G 4001 -11.16 -9.34 -34.87
C ASP G 4001 -11.64 -10.16 -36.06
N MET G 4002 -12.95 -10.46 -36.11
CA MET G 4002 -13.50 -11.17 -37.25
C MET G 4002 -13.30 -10.40 -38.55
N LEU G 4003 -13.57 -9.09 -38.52
CA LEU G 4003 -13.41 -8.28 -39.72
C LEU G 4003 -11.96 -8.24 -40.17
N VAL G 4004 -11.04 -8.12 -39.21
CA VAL G 4004 -9.61 -8.13 -39.56
C VAL G 4004 -9.24 -9.47 -40.18
N GLU G 4005 -9.77 -10.57 -39.65
CA GLU G 4005 -9.51 -11.87 -40.23
C GLU G 4005 -10.02 -11.95 -41.66
N SER G 4006 -11.23 -11.45 -41.92
CA SER G 4006 -11.85 -11.53 -43.23
C SER G 4006 -11.67 -10.26 -44.05
N SER G 4007 -10.59 -9.50 -43.79
CA SER G 4007 -10.42 -8.20 -44.44
C SER G 4007 -10.47 -8.30 -45.95
N ASN G 4008 -9.85 -9.33 -46.53
CA ASN G 4008 -9.82 -9.45 -47.99
C ASN G 4008 -11.21 -9.63 -48.56
N ASN G 4009 -12.01 -10.51 -47.96
CA ASN G 4009 -13.36 -10.74 -48.47
C ASN G 4009 -14.22 -9.49 -48.31
N VAL G 4010 -14.11 -8.81 -47.17
CA VAL G 4010 -14.87 -7.57 -46.98
C VAL G 4010 -14.37 -6.50 -47.95
N GLU G 4011 -13.07 -6.47 -48.22
CA GLU G 4011 -12.56 -5.52 -49.20
C GLU G 4011 -13.17 -5.76 -50.57
N MET G 4012 -13.25 -7.03 -51.00
CA MET G 4012 -13.84 -7.33 -52.29
C MET G 4012 -15.32 -6.96 -52.32
N ILE G 4013 -16.05 -7.29 -51.25
CA ILE G 4013 -17.48 -6.98 -51.18
C ILE G 4013 -17.69 -5.47 -51.24
N LEU G 4014 -16.87 -4.72 -50.51
CA LEU G 4014 -17.00 -3.27 -50.49
C LEU G 4014 -16.65 -2.65 -51.83
N LYS G 4015 -15.63 -3.18 -52.51
CA LYS G 4015 -15.35 -2.71 -53.87
C LYS G 4015 -16.53 -2.97 -54.79
N PHE G 4016 -17.13 -4.16 -54.69
CA PHE G 4016 -18.32 -4.47 -55.49
C PHE G 4016 -19.43 -3.46 -55.23
N PHE G 4017 -19.70 -3.18 -53.95
CA PHE G 4017 -20.79 -2.26 -53.61
C PHE G 4017 -20.48 -0.84 -54.06
N ASP G 4018 -19.24 -0.38 -53.88
CA ASP G 4018 -18.87 0.96 -54.32
C ASP G 4018 -19.04 1.08 -55.83
N MET G 4019 -18.64 0.05 -56.57
CA MET G 4019 -18.77 0.06 -58.01
C MET G 4019 -20.23 0.15 -58.44
N PHE G 4020 -21.08 -0.71 -57.87
CA PHE G 4020 -22.47 -0.68 -58.29
C PHE G 4020 -23.28 0.44 -57.64
N LEU G 4021 -22.71 1.20 -56.72
CA LEU G 4021 -23.33 2.43 -56.27
C LEU G 4021 -22.90 3.63 -57.10
N LYS G 4022 -21.68 3.62 -57.62
CA LYS G 4022 -21.26 4.60 -58.62
C LYS G 4022 -21.93 4.39 -59.96
N LEU G 4023 -22.41 3.17 -60.23
CA LEU G 4023 -23.20 2.93 -61.43
C LEU G 4023 -24.39 3.88 -61.53
N LYS G 4024 -25.02 4.19 -60.40
CA LYS G 4024 -26.16 5.11 -60.41
C LYS G 4024 -25.75 6.50 -60.87
N ASP G 4025 -24.63 7.02 -60.35
CA ASP G 4025 -24.14 8.32 -60.80
C ASP G 4025 -23.77 8.28 -62.28
N LEU G 4026 -23.15 7.18 -62.72
CA LEU G 4026 -22.83 7.02 -64.13
C LEU G 4026 -24.09 7.11 -65.01
N THR G 4027 -25.15 6.41 -64.62
CA THR G 4027 -26.39 6.46 -65.39
C THR G 4027 -27.09 7.80 -65.26
N SER G 4028 -26.86 8.54 -64.18
CA SER G 4028 -27.43 9.88 -64.02
C SER G 4028 -26.56 10.95 -64.66
N SER G 4029 -25.41 10.59 -65.20
CA SER G 4029 -24.54 11.57 -65.83
C SER G 4029 -25.21 12.18 -67.07
N ASP G 4030 -24.84 13.43 -67.36
CA ASP G 4030 -25.39 14.11 -68.52
C ASP G 4030 -24.96 13.44 -69.82
N THR G 4031 -23.76 12.84 -69.84
CA THR G 4031 -23.31 12.13 -71.03
C THR G 4031 -24.25 10.97 -71.36
N PHE G 4032 -24.64 10.19 -70.36
CA PHE G 4032 -25.60 9.13 -70.60
C PHE G 4032 -26.97 9.68 -70.97
N LYS G 4033 -27.37 10.81 -70.39
CA LYS G 4033 -28.64 11.43 -70.75
C LYS G 4033 -28.68 11.89 -72.20
N GLU G 4034 -27.55 12.32 -72.76
CA GLU G 4034 -27.54 12.72 -74.16
C GLU G 4034 -27.30 11.52 -75.08
N TYR G 4035 -26.67 10.46 -74.56
CA TYR G 4035 -26.62 9.20 -75.30
C TYR G 4035 -27.97 8.53 -75.38
N ASP G 4036 -28.88 8.83 -74.46
CA ASP G 4036 -30.25 8.31 -74.48
C ASP G 4036 -31.22 9.48 -74.40
N PRO G 4037 -31.33 10.28 -75.46
CA PRO G 4037 -32.32 11.37 -75.44
C PRO G 4037 -33.75 10.87 -75.31
N ASP G 4038 -34.06 9.73 -75.92
CA ASP G 4038 -35.38 9.15 -75.81
C ASP G 4038 -35.48 8.24 -74.58
N GLY G 4039 -36.71 7.91 -74.22
CA GLY G 4039 -36.98 7.17 -73.01
C GLY G 4039 -36.93 5.66 -73.10
N LYS G 4040 -36.57 5.11 -74.26
CA LYS G 4040 -36.52 3.66 -74.40
C LYS G 4040 -35.49 3.04 -73.46
N GLY G 4041 -34.31 3.67 -73.36
CA GLY G 4041 -33.26 3.20 -72.47
C GLY G 4041 -32.53 1.97 -72.94
N VAL G 4042 -32.88 1.43 -74.10
CA VAL G 4042 -32.27 0.19 -74.59
C VAL G 4042 -31.00 0.61 -75.31
N ILE G 4043 -29.88 0.61 -74.59
CA ILE G 4043 -28.64 1.27 -75.03
C ILE G 4043 -27.62 0.21 -75.45
N SER G 4044 -26.92 0.52 -76.54
CA SER G 4044 -25.97 -0.44 -77.12
C SER G 4044 -24.78 -0.65 -76.21
N LYS G 4045 -24.12 -1.81 -76.38
CA LYS G 4045 -22.97 -2.18 -75.56
C LYS G 4045 -21.83 -1.19 -75.74
N ARG G 4046 -21.51 -0.84 -76.99
CA ARG G 4046 -20.44 0.12 -77.22
C ARG G 4046 -20.80 1.49 -76.67
N ASP G 4047 -22.07 1.87 -76.77
CA ASP G 4047 -22.51 3.14 -76.18
C ASP G 4047 -22.29 3.15 -74.68
N PHE G 4048 -22.66 2.07 -74.00
CA PHE G 4048 -22.44 2.00 -72.56
C PHE G 4048 -20.96 2.02 -72.23
N HIS G 4049 -20.15 1.31 -73.01
CA HIS G 4049 -18.71 1.28 -72.76
C HIS G 4049 -18.09 2.66 -72.89
N LYS G 4050 -18.44 3.39 -73.95
CA LYS G 4050 -17.87 4.72 -74.13
C LYS G 4050 -18.43 5.72 -73.12
N ALA G 4051 -19.67 5.54 -72.69
CA ALA G 4051 -20.20 6.36 -71.60
C ALA G 4051 -19.42 6.12 -70.32
N MET G 4052 -19.10 4.86 -70.02
CA MET G 4052 -18.31 4.57 -68.84
C MET G 4052 -16.91 5.17 -68.96
N GLU G 4053 -16.30 5.07 -70.14
CA GLU G 4053 -15.01 5.69 -70.35
C GLU G 4053 -15.07 7.19 -70.15
N SER G 4054 -16.18 7.82 -70.54
CA SER G 4054 -16.33 9.26 -70.34
C SER G 4054 -16.58 9.60 -68.87
N HIS G 4055 -17.14 8.66 -68.10
CA HIS G 4055 -17.45 8.93 -66.70
C HIS G 4055 -16.23 9.37 -65.91
N LYS G 4056 -15.06 8.81 -66.22
CA LYS G 4056 -13.79 9.17 -65.58
C LYS G 4056 -13.72 8.74 -64.13
N HIS G 4057 -14.81 8.19 -63.60
CA HIS G 4057 -14.80 7.63 -62.25
C HIS G 4057 -14.59 6.12 -62.22
N TYR G 4058 -14.51 5.48 -63.38
CA TYR G 4058 -14.39 4.03 -63.46
C TYR G 4058 -13.03 3.67 -64.03
N THR G 4059 -12.28 2.85 -63.29
CA THR G 4059 -11.00 2.39 -63.79
C THR G 4059 -11.21 1.33 -64.88
N GLN G 4060 -10.09 0.87 -65.44
CA GLN G 4060 -10.17 -0.09 -66.52
C GLN G 4060 -10.81 -1.40 -66.04
N SER G 4061 -10.30 -1.95 -64.93
CA SER G 4061 -10.79 -3.23 -64.44
C SER G 4061 -12.27 -3.13 -64.08
N GLU G 4062 -12.68 -2.02 -63.46
CA GLU G 4062 -14.09 -1.77 -63.25
C GLU G 4062 -14.86 -1.76 -64.56
N THR G 4063 -14.25 -1.24 -65.62
CA THR G 4063 -14.92 -1.23 -66.91
C THR G 4063 -15.16 -2.64 -67.43
N GLU G 4064 -14.12 -3.50 -67.41
CA GLU G 4064 -14.36 -4.87 -67.88
C GLU G 4064 -15.38 -5.58 -67.00
N PHE G 4065 -15.34 -5.34 -65.68
CA PHE G 4065 -16.30 -6.03 -64.83
C PHE G 4065 -17.73 -5.60 -65.13
N LEU G 4066 -17.96 -4.29 -65.30
CA LEU G 4066 -19.30 -3.85 -65.69
C LEU G 4066 -19.72 -4.42 -67.02
N LEU G 4067 -18.81 -4.44 -68.00
CA LEU G 4067 -19.18 -4.99 -69.31
C LEU G 4067 -19.52 -6.47 -69.21
N SER G 4068 -18.76 -7.22 -68.39
CA SER G 4068 -19.04 -8.65 -68.24
C SER G 4068 -20.38 -8.87 -67.55
N CYS G 4069 -20.63 -8.15 -66.46
CA CYS G 4069 -21.90 -8.28 -65.75
C CYS G 4069 -23.08 -7.71 -66.52
N ALA G 4070 -22.82 -6.90 -67.54
CA ALA G 4070 -23.87 -6.29 -68.34
C ALA G 4070 -24.39 -7.30 -69.35
N GLU G 4071 -25.70 -7.48 -69.40
CA GLU G 4071 -26.34 -8.44 -70.29
C GLU G 4071 -27.07 -7.72 -71.41
N THR G 4072 -26.92 -8.24 -72.62
CA THR G 4072 -27.48 -7.61 -73.81
C THR G 4072 -28.33 -8.61 -74.58
N ASP G 4073 -29.20 -8.08 -75.43
CA ASP G 4073 -30.01 -8.91 -76.32
C ASP G 4073 -29.24 -9.16 -77.61
N GLU G 4074 -29.92 -9.73 -78.61
CA GLU G 4074 -29.30 -9.92 -79.92
C GLU G 4074 -29.09 -8.57 -80.61
N ASN G 4075 -29.82 -7.54 -80.19
CA ASN G 4075 -29.69 -6.23 -80.83
C ASN G 4075 -28.45 -5.49 -80.34
N GLU G 4076 -27.65 -6.13 -79.47
CA GLU G 4076 -26.44 -5.56 -78.89
C GLU G 4076 -26.75 -4.33 -78.04
N THR G 4077 -28.00 -4.21 -77.60
CA THR G 4077 -28.47 -3.05 -76.85
C THR G 4077 -29.00 -3.52 -75.50
N LEU G 4078 -28.73 -2.73 -74.46
CA LEU G 4078 -28.94 -3.16 -73.08
C LEU G 4078 -29.98 -2.30 -72.38
N ASP G 4079 -30.74 -2.92 -71.47
CA ASP G 4079 -31.75 -2.24 -70.67
C ASP G 4079 -31.11 -1.75 -69.38
N TYR G 4080 -30.66 -0.49 -69.38
CA TYR G 4080 -29.92 0.02 -68.23
C TYR G 4080 -30.83 0.15 -67.02
N GLU G 4081 -32.12 0.43 -67.23
CA GLU G 4081 -33.03 0.52 -66.10
C GLU G 4081 -33.03 -0.76 -65.28
N GLU G 4082 -33.24 -1.89 -65.93
CA GLU G 4082 -33.28 -3.17 -65.23
C GLU G 4082 -31.90 -3.58 -64.72
N PHE G 4083 -30.86 -3.27 -65.50
CA PHE G 4083 -29.48 -3.53 -65.07
C PHE G 4083 -29.18 -2.84 -63.74
N VAL G 4084 -29.41 -1.52 -63.68
CA VAL G 4084 -29.08 -0.76 -62.49
C VAL G 4084 -30.02 -1.12 -61.35
N LYS G 4085 -31.28 -1.45 -61.67
CA LYS G 4085 -32.15 -1.96 -60.62
C LYS G 4085 -31.52 -3.18 -59.95
N ARG G 4086 -31.34 -4.26 -60.74
CA ARG G 4086 -30.83 -5.51 -60.20
C ARG G 4086 -29.56 -5.33 -59.39
N PHE G 4087 -28.61 -4.54 -59.89
CA PHE G 4087 -27.31 -4.49 -59.22
C PHE G 4087 -27.24 -3.39 -58.14
N HIS G 4088 -27.87 -2.25 -58.37
CA HIS G 4088 -27.78 -1.13 -57.44
C HIS G 4088 -28.61 -1.36 -56.18
N GLU G 4089 -29.86 -1.83 -56.32
CA GLU G 4089 -30.74 -1.83 -55.14
C GLU G 4089 -30.23 -2.74 -54.03
N PRO G 4090 -29.88 -4.01 -54.28
CA PRO G 4090 -29.22 -4.80 -53.22
C PRO G 4090 -27.93 -4.17 -52.76
N ALA G 4091 -27.15 -3.62 -53.71
CA ALA G 4091 -25.95 -2.89 -53.31
C ALA G 4091 -26.30 -1.78 -52.34
N LYS G 4092 -27.33 -1.00 -52.65
CA LYS G 4092 -27.71 0.11 -51.78
C LYS G 4092 -28.07 -0.36 -50.38
N ASP G 4093 -28.98 -1.33 -50.25
CA ASP G 4093 -29.46 -1.63 -48.90
C ASP G 4093 -28.41 -2.39 -48.09
N ILE G 4094 -27.73 -3.37 -48.70
CA ILE G 4094 -26.70 -4.09 -47.96
C ILE G 4094 -25.54 -3.15 -47.62
N GLY G 4095 -25.22 -2.22 -48.51
CA GLY G 4095 -24.18 -1.26 -48.21
C GLY G 4095 -24.56 -0.32 -47.08
N PHE G 4096 -25.84 0.07 -47.03
CA PHE G 4096 -26.27 0.89 -45.91
C PHE G 4096 -26.13 0.14 -44.59
N ASN G 4097 -26.54 -1.12 -44.56
CA ASN G 4097 -26.38 -1.89 -43.33
C ASN G 4097 -24.92 -2.04 -42.95
N VAL G 4098 -24.04 -2.29 -43.92
CA VAL G 4098 -22.63 -2.43 -43.63
C VAL G 4098 -22.06 -1.11 -43.11
N ALA G 4099 -22.47 0.01 -43.71
CA ALA G 4099 -22.00 1.31 -43.25
C ALA G 4099 -22.45 1.59 -41.84
N VAL G 4100 -23.69 1.24 -41.51
CA VAL G 4100 -24.17 1.39 -40.13
C VAL G 4100 -23.34 0.53 -39.19
N LEU G 4101 -23.05 -0.71 -39.59
CA LEU G 4101 -22.23 -1.59 -38.76
C LEU G 4101 -20.87 -0.98 -38.46
N LEU G 4102 -20.17 -0.53 -39.51
CA LEU G 4102 -18.84 0.04 -39.35
C LEU G 4102 -18.87 1.35 -38.57
N THR G 4103 -19.87 2.20 -38.79
CA THR G 4103 -19.98 3.43 -38.02
C THR G 4103 -20.19 3.13 -36.55
N ASN G 4104 -21.05 2.17 -36.25
CA ASN G 4104 -21.26 1.78 -34.86
C ASN G 4104 -19.97 1.31 -34.22
N LEU G 4105 -19.24 0.42 -34.92
CA LEU G 4105 -17.98 -0.09 -34.38
C LEU G 4105 -16.98 1.04 -34.17
N SER G 4106 -16.85 1.94 -35.14
CA SER G 4106 -15.88 3.01 -35.04
C SER G 4106 -16.21 3.95 -33.89
N GLU G 4107 -17.48 4.34 -33.77
CA GLU G 4107 -17.87 5.27 -32.72
C GLU G 4107 -17.70 4.65 -31.34
N HIS G 4108 -17.99 3.35 -31.20
CA HIS G 4108 -17.89 2.74 -29.89
C HIS G 4108 -16.45 2.39 -29.53
N MET G 4109 -15.60 2.17 -30.54
CA MET G 4109 -14.18 1.94 -30.31
C MET G 4109 -13.37 2.95 -31.12
N PRO G 4110 -12.95 4.07 -30.53
CA PRO G 4110 -12.28 5.10 -31.32
C PRO G 4110 -10.79 4.90 -31.47
N ASN G 4111 -10.17 4.00 -30.70
CA ASN G 4111 -8.71 3.90 -30.66
C ASN G 4111 -8.27 2.46 -30.96
N ASP G 4112 -8.84 1.89 -32.01
CA ASP G 4112 -8.38 0.61 -32.55
C ASP G 4112 -7.76 0.86 -33.91
N THR G 4113 -6.44 0.66 -34.01
CA THR G 4113 -5.75 0.92 -35.27
C THR G 4113 -6.23 -0.02 -36.36
N ARG G 4114 -6.54 -1.27 -36.00
CA ARG G 4114 -7.09 -2.20 -36.97
C ARG G 4114 -8.41 -1.69 -37.53
N LEU G 4115 -9.29 -1.20 -36.66
CA LEU G 4115 -10.55 -0.63 -37.13
C LEU G 4115 -10.32 0.60 -37.99
N GLN G 4116 -9.32 1.42 -37.62
CA GLN G 4116 -9.03 2.61 -38.42
C GLN G 4116 -8.58 2.25 -39.82
N THR G 4117 -7.68 1.27 -39.94
CA THR G 4117 -7.25 0.83 -41.27
C THR G 4117 -8.42 0.21 -42.04
N PHE G 4118 -9.26 -0.55 -41.36
CA PHE G 4118 -10.40 -1.16 -42.02
C PHE G 4118 -11.37 -0.10 -42.54
N LEU G 4119 -11.58 0.96 -41.75
CA LEU G 4119 -12.41 2.07 -42.20
C LEU G 4119 -11.79 2.77 -43.40
N GLU G 4120 -10.46 2.96 -43.37
CA GLU G 4120 -9.79 3.57 -44.50
C GLU G 4120 -10.03 2.75 -45.77
N LEU G 4121 -9.98 1.42 -45.65
CA LEU G 4121 -10.34 0.58 -46.77
C LEU G 4121 -11.80 0.77 -47.17
N ALA G 4122 -12.67 1.02 -46.19
CA ALA G 4122 -14.09 1.20 -46.43
C ALA G 4122 -14.51 2.65 -46.61
N GLU G 4123 -13.56 3.52 -47.01
CA GLU G 4123 -13.82 4.96 -47.00
C GLU G 4123 -14.96 5.35 -47.94
N SER G 4124 -14.93 4.89 -49.20
CA SER G 4124 -15.85 5.40 -50.20
C SER G 4124 -17.30 5.05 -49.87
N VAL G 4125 -17.53 3.80 -49.44
CA VAL G 4125 -18.89 3.38 -49.12
C VAL G 4125 -19.43 4.19 -47.94
N LEU G 4126 -18.61 4.41 -46.92
CA LEU G 4126 -19.03 5.21 -45.78
C LEU G 4126 -19.23 6.67 -46.14
N ASN G 4127 -18.68 7.13 -47.27
CA ASN G 4127 -18.95 8.47 -47.76
C ASN G 4127 -20.20 8.57 -48.61
N TYR G 4128 -20.58 7.50 -49.30
CA TYR G 4128 -21.82 7.52 -50.06
C TYR G 4128 -23.03 7.65 -49.13
N PHE G 4129 -23.03 6.92 -48.03
CA PHE G 4129 -24.18 6.83 -47.14
C PHE G 4129 -24.18 7.86 -46.03
N GLN G 4130 -23.18 8.74 -45.98
CA GLN G 4130 -23.13 9.74 -44.92
C GLN G 4130 -24.38 10.63 -44.90
N PRO G 4131 -24.87 11.15 -46.03
CA PRO G 4131 -26.15 11.86 -45.98
C PRO G 4131 -27.32 11.00 -45.53
N PHE G 4132 -27.28 9.70 -45.81
CA PHE G 4132 -28.42 8.84 -45.50
C PHE G 4132 -28.33 8.28 -44.08
N LEU G 4133 -27.13 8.15 -43.55
CA LEU G 4133 -26.98 7.61 -42.20
C LEU G 4133 -27.34 8.69 -41.18
N GLY G 4134 -28.33 8.39 -40.35
CA GLY G 4134 -28.72 9.30 -39.28
C GLY G 4134 -28.51 8.64 -37.94
N ARG G 4135 -27.99 9.42 -36.99
CA ARG G 4135 -27.61 8.90 -35.68
C ARG G 4135 -28.15 9.84 -34.61
N ILE G 4136 -28.69 9.26 -33.55
CA ILE G 4136 -29.18 10.00 -32.39
C ILE G 4136 -28.72 9.28 -31.13
N GLU G 4137 -28.91 9.95 -30.01
CA GLU G 4137 -28.65 9.37 -28.69
C GLU G 4137 -29.92 9.36 -27.87
N ILE G 4138 -30.20 8.23 -27.23
CA ILE G 4138 -31.40 8.08 -26.43
C ILE G 4138 -31.02 7.59 -25.04
N MET G 4139 -31.93 7.82 -24.09
CA MET G 4139 -31.74 7.40 -22.72
C MET G 4139 -32.19 5.95 -22.62
N GLY G 4140 -31.24 5.03 -22.69
CA GLY G 4140 -31.55 3.64 -22.96
C GLY G 4140 -32.29 2.94 -21.84
N SER G 4141 -32.79 1.75 -22.18
CA SER G 4141 -33.56 0.96 -21.22
C SER G 4141 -32.70 0.50 -20.06
N ALA G 4142 -31.40 0.31 -20.27
CA ALA G 4142 -30.49 -0.16 -19.25
C ALA G 4142 -29.91 0.97 -18.41
N LYS G 4143 -30.62 2.09 -18.30
CA LYS G 4143 -30.15 3.27 -17.56
C LYS G 4143 -28.81 3.75 -18.08
N ARG G 4144 -28.63 3.74 -19.40
CA ARG G 4144 -27.39 4.18 -20.03
C ARG G 4144 -27.69 4.73 -21.41
N ILE G 4145 -26.98 5.79 -21.77
CA ILE G 4145 -27.21 6.47 -23.05
C ILE G 4145 -26.71 5.58 -24.18
N GLU G 4146 -27.54 5.40 -25.20
CA GLU G 4146 -27.22 4.54 -26.33
C GLU G 4146 -27.36 5.33 -27.63
N ARG G 4147 -26.68 4.85 -28.67
CA ARG G 4147 -26.73 5.47 -29.98
C ARG G 4147 -27.64 4.65 -30.89
N VAL G 4148 -28.53 5.33 -31.59
CA VAL G 4148 -29.45 4.70 -32.52
C VAL G 4148 -29.15 5.20 -33.93
N TYR G 4149 -29.05 4.26 -34.86
CA TYR G 4149 -28.73 4.56 -36.25
C TYR G 4149 -29.91 4.17 -37.13
N PHE G 4150 -30.20 4.98 -38.13
CA PHE G 4150 -31.33 4.75 -39.02
C PHE G 4150 -31.06 5.38 -40.37
N GLU G 4151 -32.04 5.21 -41.27
CA GLU G 4151 -31.93 5.69 -42.64
C GLU G 4151 -32.81 6.93 -42.80
N ILE G 4152 -32.18 8.08 -43.04
CA ILE G 4152 -32.91 9.30 -43.37
C ILE G 4152 -33.12 9.31 -44.87
N SER G 4153 -34.38 9.31 -45.29
CA SER G 4153 -34.69 9.25 -46.70
C SER G 4153 -34.35 10.57 -47.41
N GLU G 4154 -34.01 10.45 -48.68
CA GLU G 4154 -33.64 11.62 -49.47
C GLU G 4154 -34.81 12.59 -49.60
N SER G 4155 -36.01 12.06 -49.82
CA SER G 4155 -37.20 12.91 -49.89
C SER G 4155 -37.44 13.63 -48.58
N SER G 4156 -37.28 12.92 -47.45
CA SER G 4156 -37.41 13.57 -46.16
C SER G 4156 -36.40 14.68 -45.98
N ARG G 4157 -35.15 14.45 -46.35
CA ARG G 4157 -34.16 15.51 -46.18
C ARG G 4157 -34.48 16.72 -47.06
N THR G 4158 -34.89 16.50 -48.31
CA THR G 4158 -35.24 17.62 -49.17
C THR G 4158 -36.41 18.41 -48.61
N GLN G 4159 -37.46 17.71 -48.17
CA GLN G 4159 -38.60 18.42 -47.59
C GLN G 4159 -38.21 19.15 -46.32
N TRP G 4160 -37.22 18.61 -45.58
CA TRP G 4160 -36.78 19.28 -44.37
C TRP G 4160 -36.05 20.58 -44.67
N GLU G 4161 -35.12 20.55 -45.61
CA GLU G 4161 -34.45 21.79 -46.01
C GLU G 4161 -35.21 22.58 -47.07
N LYS G 4162 -36.49 22.31 -47.27
CA LYS G 4162 -37.33 23.30 -47.93
C LYS G 4162 -37.46 24.54 -47.06
N PRO G 4163 -37.49 25.74 -47.66
CA PRO G 4163 -37.46 26.97 -46.86
C PRO G 4163 -38.63 27.14 -45.91
N GLN G 4164 -39.83 26.69 -46.30
CA GLN G 4164 -41.00 26.84 -45.44
C GLN G 4164 -40.80 26.09 -44.13
N VAL G 4165 -40.25 24.88 -44.21
CA VAL G 4165 -39.98 24.10 -43.01
C VAL G 4165 -38.96 24.78 -42.13
N LYS G 4166 -37.95 25.43 -42.74
CA LYS G 4166 -36.99 26.19 -41.95
C LYS G 4166 -37.64 27.36 -41.24
N GLU G 4167 -38.54 28.07 -41.92
CA GLU G 4167 -39.26 29.16 -41.26
C GLU G 4167 -40.10 28.65 -40.10
N SER G 4168 -40.78 27.53 -40.29
CA SER G 4168 -41.57 26.94 -39.21
C SER G 4168 -40.67 26.53 -38.05
N LYS G 4169 -39.50 25.98 -38.36
CA LYS G 4169 -38.55 25.60 -37.32
C LYS G 4169 -38.08 26.80 -36.52
N ARG G 4170 -37.75 27.89 -37.21
CA ARG G 4170 -37.32 29.10 -36.49
C ARG G 4170 -38.44 29.64 -35.62
N GLN G 4171 -39.67 29.64 -36.13
CA GLN G 4171 -40.79 30.10 -35.33
C GLN G 4171 -40.99 29.23 -34.10
N PHE G 4172 -40.91 27.90 -34.27
CA PHE G 4172 -41.07 27.00 -33.13
C PHE G 4172 -39.98 27.18 -32.09
N ILE G 4173 -38.73 27.35 -32.54
CA ILE G 4173 -37.64 27.57 -31.60
C ILE G 4173 -37.84 28.87 -30.85
N PHE G 4174 -38.22 29.94 -31.55
CA PHE G 4174 -38.50 31.20 -30.87
C PHE G 4174 -39.59 31.03 -29.82
N ASP G 4175 -40.67 30.34 -30.16
CA ASP G 4175 -41.77 30.16 -29.22
C ASP G 4175 -41.32 29.36 -28.00
N VAL G 4176 -40.68 28.22 -28.22
CA VAL G 4176 -40.30 27.35 -27.10
C VAL G 4176 -39.23 28.00 -26.23
N VAL G 4177 -38.40 28.86 -26.79
CA VAL G 4177 -37.39 29.54 -25.98
C VAL G 4177 -37.97 30.69 -25.19
N ASN G 4178 -38.82 31.53 -25.81
CA ASN G 4178 -39.35 32.67 -25.08
C ASN G 4178 -40.42 32.25 -24.09
N GLU G 4179 -41.48 31.61 -24.56
CA GLU G 4179 -42.56 31.15 -23.70
C GLU G 4179 -42.55 29.62 -23.67
N GLY G 4180 -41.78 29.08 -22.75
CA GLY G 4180 -41.66 27.63 -22.64
C GLY G 4180 -41.01 27.24 -21.33
N GLY G 4181 -41.38 26.05 -20.85
CA GLY G 4181 -40.78 25.47 -19.66
C GLY G 4181 -40.06 24.19 -20.03
N GLU G 4182 -39.00 23.86 -19.27
CA GLU G 4182 -38.26 22.65 -19.53
C GLU G 4182 -39.11 21.41 -19.27
N LYS G 4183 -40.20 21.57 -18.51
CA LYS G 4183 -41.14 20.47 -18.35
C LYS G 4183 -41.84 20.13 -19.66
N GLU G 4184 -42.32 21.15 -20.36
CA GLU G 4184 -43.09 20.98 -21.58
C GLU G 4184 -42.26 21.05 -22.85
N LYS G 4185 -40.95 21.24 -22.74
CA LYS G 4185 -40.13 21.44 -23.93
C LYS G 4185 -40.16 20.21 -24.83
N MET G 4186 -39.99 19.03 -24.25
CA MET G 4186 -39.95 17.82 -25.06
C MET G 4186 -41.31 17.40 -25.58
N GLU G 4187 -42.39 17.79 -24.91
CA GLU G 4187 -43.73 17.59 -25.46
C GLU G 4187 -43.99 18.50 -26.64
N LEU G 4188 -43.62 19.78 -26.51
CA LEU G 4188 -43.77 20.71 -27.61
C LEU G 4188 -42.90 20.29 -28.80
N PHE G 4189 -41.71 19.79 -28.54
CA PHE G 4189 -40.84 19.37 -29.63
C PHE G 4189 -41.44 18.20 -30.40
N VAL G 4190 -42.03 17.24 -29.69
CA VAL G 4190 -42.69 16.12 -30.37
C VAL G 4190 -43.93 16.57 -31.12
N ASN G 4191 -44.70 17.51 -30.58
CA ASN G 4191 -45.83 18.04 -31.33
C ASN G 4191 -45.37 18.71 -32.62
N PHE G 4192 -44.31 19.52 -32.53
CA PHE G 4192 -43.72 20.13 -33.72
C PHE G 4192 -43.23 19.08 -34.70
N CYS G 4193 -42.60 18.01 -34.20
CA CYS G 4193 -42.12 16.96 -35.08
C CYS G 4193 -43.27 16.29 -35.81
N GLU G 4194 -44.37 16.01 -35.11
CA GLU G 4194 -45.52 15.39 -35.75
C GLU G 4194 -46.10 16.29 -36.84
N ASP G 4195 -46.29 17.57 -36.52
CA ASP G 4195 -46.84 18.50 -37.50
C ASP G 4195 -45.93 18.63 -38.71
N THR G 4196 -44.63 18.75 -38.47
CA THR G 4196 -43.67 18.89 -39.56
C THR G 4196 -43.64 17.64 -40.42
N ILE G 4197 -43.69 16.47 -39.79
CA ILE G 4197 -43.69 15.22 -40.55
C ILE G 4197 -44.93 15.15 -41.44
N PHE G 4198 -46.09 15.50 -40.90
CA PHE G 4198 -47.30 15.46 -41.72
C PHE G 4198 -47.21 16.43 -42.89
N GLU G 4199 -46.77 17.67 -42.64
CA GLU G 4199 -46.67 18.63 -43.73
C GLU G 4199 -45.61 18.24 -44.76
N MET G 4200 -44.51 17.63 -44.32
CA MET G 4200 -43.48 17.14 -45.22
C MET G 4200 -43.98 16.02 -46.10
N GLN G 4201 -44.70 15.06 -45.52
CA GLN G 4201 -45.29 13.98 -46.31
C GLN G 4201 -46.32 14.51 -47.29
N LEU G 4202 -47.15 15.47 -46.88
CA LEU G 4202 -48.10 16.08 -47.80
C LEU G 4202 -47.40 16.81 -48.94
N ALA G 4203 -46.32 17.54 -48.64
CA ALA G 4203 -45.57 18.21 -49.68
C ALA G 4203 -44.94 17.22 -50.65
N ALA G 4204 -44.39 16.12 -50.15
CA ALA G 4204 -43.85 15.09 -51.02
C ALA G 4204 -44.94 14.50 -51.90
N GLN G 4205 -46.13 14.30 -51.34
CA GLN G 4205 -47.25 13.78 -52.11
C GLN G 4205 -47.65 14.73 -53.24
N ILE G 4206 -47.79 16.03 -52.92
CA ILE G 4206 -48.27 16.97 -53.92
C ILE G 4206 -47.21 17.24 -54.98
N SER G 4207 -45.94 17.19 -54.60
CA SER G 4207 -44.85 17.41 -55.55
C SER G 4207 -44.48 16.10 -56.21
N GLU G 4208 -45.39 15.61 -57.04
CA GLU G 4208 -45.23 14.35 -57.75
C GLU G 4208 -45.03 14.61 -59.23
N SER G 4209 -43.97 14.04 -59.79
CA SER G 4209 -43.66 14.19 -61.20
C SER G 4209 -44.28 13.07 -62.02
N SER G 4237 -29.63 41.15 -64.04
CA SER G 4237 -30.07 40.47 -65.26
C SER G 4237 -28.90 40.17 -66.18
N ILE G 4238 -29.03 39.08 -66.94
CA ILE G 4238 -27.98 38.71 -67.89
C ILE G 4238 -27.77 39.81 -68.91
N LEU G 4239 -28.84 40.45 -69.37
CA LEU G 4239 -28.70 41.55 -70.32
C LEU G 4239 -27.91 42.69 -69.72
N THR G 4240 -28.23 43.07 -68.47
CA THR G 4240 -27.51 44.16 -67.82
C THR G 4240 -26.03 43.82 -67.63
N VAL G 4241 -25.74 42.61 -67.17
CA VAL G 4241 -24.35 42.18 -66.98
C VAL G 4241 -23.59 42.18 -68.31
N ARG G 4242 -24.20 41.64 -69.37
CA ARG G 4242 -23.53 41.60 -70.66
C ARG G 4242 -23.29 43.00 -71.20
N SER G 4243 -24.27 43.89 -71.05
CA SER G 4243 -24.09 45.26 -71.52
C SER G 4243 -22.97 45.96 -70.76
N ALA G 4244 -22.94 45.80 -69.43
CA ALA G 4244 -21.89 46.44 -68.65
C ALA G 4244 -20.52 45.89 -69.00
N LEU G 4245 -20.41 44.57 -69.16
CA LEU G 4245 -19.13 43.97 -69.50
C LEU G 4245 -18.66 44.38 -70.90
N PHE G 4246 -19.58 44.43 -71.86
CA PHE G 4246 -19.20 44.88 -73.20
C PHE G 4246 -18.78 46.34 -73.18
N ALA G 4247 -19.46 47.17 -72.38
CA ALA G 4247 -19.05 48.55 -72.23
C ALA G 4247 -17.63 48.66 -71.67
N LEU G 4248 -17.34 47.90 -70.61
CA LEU G 4248 -15.97 47.84 -70.09
C LEU G 4248 -14.97 47.45 -71.17
N ARG G 4249 -15.22 46.35 -71.88
CA ARG G 4249 -14.26 45.86 -72.87
C ARG G 4249 -14.04 46.90 -73.96
N TYR G 4250 -15.11 47.41 -74.54
CA TYR G 4250 -15.00 48.36 -75.65
C TYR G 4250 -14.31 49.64 -75.22
N ASN G 4251 -14.68 50.17 -74.04
CA ASN G 4251 -14.11 51.44 -73.62
C ASN G 4251 -12.65 51.30 -73.24
N ILE G 4252 -12.29 50.20 -72.57
CA ILE G 4252 -10.88 50.01 -72.21
C ILE G 4252 -10.04 49.78 -73.46
N LEU G 4253 -10.57 49.04 -74.45
CA LEU G 4253 -9.84 48.86 -75.69
C LEU G 4253 -9.69 50.18 -76.42
N THR G 4254 -10.73 51.02 -76.39
CA THR G 4254 -10.63 52.35 -76.98
C THR G 4254 -9.54 53.17 -76.31
N LEU G 4255 -9.46 53.10 -74.98
CA LEU G 4255 -8.39 53.81 -74.27
C LEU G 4255 -7.03 53.28 -74.64
N MET G 4256 -6.86 51.96 -74.70
CA MET G 4256 -5.56 51.36 -74.97
C MET G 4256 -5.14 51.46 -76.44
N ARG G 4257 -6.08 51.77 -77.34
CA ARG G 4257 -5.71 51.88 -78.75
C ARG G 4257 -4.69 52.98 -78.97
N MET G 4258 -4.81 54.10 -78.26
CA MET G 4258 -3.89 55.21 -78.49
C MET G 4258 -2.46 54.81 -78.13
N LEU G 4259 -2.31 53.89 -77.18
CA LEU G 4259 -0.98 53.35 -76.88
C LEU G 4259 -0.59 52.28 -77.89
N SER G 4260 -1.56 51.50 -78.38
CA SER G 4260 -1.26 50.37 -79.25
C SER G 4260 -1.05 50.76 -80.71
N LEU G 4261 -1.35 52.01 -81.09
CA LEU G 4261 -1.26 52.40 -82.49
C LEU G 4261 0.16 52.59 -82.98
N LYS G 4262 1.16 52.57 -82.09
CA LYS G 4262 2.55 52.83 -82.45
C LYS G 4262 2.74 54.22 -83.04
N SER G 4263 1.80 55.11 -82.77
CA SER G 4263 1.86 56.49 -83.22
C SER G 4263 2.59 57.39 -82.22
N LEU G 4264 3.17 56.81 -81.17
CA LEU G 4264 3.84 57.58 -80.14
C LEU G 4264 5.30 57.84 -80.51
N LYS G 4265 5.61 57.71 -81.81
CA LYS G 4265 6.95 57.99 -82.31
C LYS G 4265 7.29 59.47 -82.26
N LYS G 4266 6.35 60.34 -82.66
CA LYS G 4266 6.58 61.78 -82.55
C LYS G 4266 6.70 62.22 -81.10
N GLN G 4267 5.85 61.67 -80.23
CA GLN G 4267 5.96 61.96 -78.80
C GLN G 4267 7.27 61.41 -78.25
N MET G 4268 7.70 60.23 -78.71
CA MET G 4268 8.99 59.71 -78.26
C MET G 4268 10.13 60.62 -78.68
N LYS G 4269 10.08 61.15 -79.91
CA LYS G 4269 11.09 62.09 -80.35
C LYS G 4269 11.09 63.35 -79.49
N LYS G 4270 9.90 63.85 -79.15
CA LYS G 4270 9.80 65.01 -78.28
C LYS G 4270 10.25 64.70 -76.84
N VAL G 4271 10.23 63.43 -76.44
CA VAL G 4271 10.68 63.04 -75.11
C VAL G 4271 12.18 62.76 -75.07
N LYS G 4272 12.80 62.45 -76.22
CA LYS G 4272 14.23 62.17 -76.24
C LYS G 4272 15.03 63.27 -75.54
N LYS G 4273 14.60 64.51 -75.68
CA LYS G 4273 15.15 65.62 -74.92
C LYS G 4273 14.36 65.75 -73.62
N MET G 4274 15.05 65.66 -72.49
CA MET G 4274 14.42 65.62 -71.18
C MET G 4274 13.78 66.97 -70.88
N THR G 4275 12.50 66.95 -70.48
CA THR G 4275 11.76 68.17 -70.17
C THR G 4275 10.86 67.92 -68.97
N VAL G 4276 10.99 68.76 -67.95
CA VAL G 4276 10.20 68.61 -66.74
C VAL G 4276 8.71 68.81 -67.05
N LYS G 4277 8.41 69.85 -67.83
CA LYS G 4277 7.02 70.08 -68.20
C LYS G 4277 6.46 68.92 -69.00
N ASP G 4278 7.25 68.38 -69.93
CA ASP G 4278 6.81 67.22 -70.69
C ASP G 4278 6.51 66.02 -69.81
N MET G 4279 7.41 65.73 -68.86
CA MET G 4279 7.23 64.54 -68.04
C MET G 4279 6.03 64.69 -67.11
N VAL G 4280 5.86 65.86 -66.50
CA VAL G 4280 4.71 66.05 -65.62
C VAL G 4280 3.41 66.05 -66.44
N THR G 4281 3.45 66.62 -67.65
CA THR G 4281 2.27 66.61 -68.50
C THR G 4281 1.88 65.20 -68.87
N ALA G 4282 2.85 64.36 -69.23
CA ALA G 4282 2.55 62.97 -69.58
C ALA G 4282 2.00 62.22 -68.38
N PHE G 4283 2.62 62.40 -67.22
CA PHE G 4283 2.18 61.69 -66.02
C PHE G 4283 0.76 62.07 -65.65
N PHE G 4284 0.41 63.35 -65.76
CA PHE G 4284 -0.94 63.77 -65.44
C PHE G 4284 -1.93 63.37 -66.52
N SER G 4285 -1.48 63.38 -67.78
CA SER G 4285 -2.37 63.10 -68.90
C SER G 4285 -2.78 61.64 -68.93
N SER G 4286 -1.89 60.76 -68.46
CA SER G 4286 -2.27 59.35 -68.38
C SER G 4286 -3.49 59.15 -67.49
N TYR G 4287 -3.47 59.74 -66.30
CA TYR G 4287 -4.59 59.58 -65.37
C TYR G 4287 -5.80 60.37 -65.85
N TRP G 4288 -5.58 61.51 -66.52
CA TRP G 4288 -6.70 62.24 -67.09
C TRP G 4288 -7.42 61.41 -68.15
N SER G 4289 -6.65 60.72 -69.00
CA SER G 4289 -7.24 59.83 -69.99
C SER G 4289 -7.96 58.66 -69.34
N ILE G 4290 -7.40 58.11 -68.26
CA ILE G 4290 -8.10 57.04 -67.54
C ILE G 4290 -9.44 57.54 -67.02
N PHE G 4291 -9.46 58.74 -66.45
CA PHE G 4291 -10.70 59.30 -65.92
C PHE G 4291 -11.72 59.56 -67.02
N MET G 4292 -11.25 60.07 -68.17
CA MET G 4292 -12.17 60.28 -69.29
C MET G 4292 -12.73 58.96 -69.79
N THR G 4293 -11.90 57.91 -69.83
CA THR G 4293 -12.38 56.59 -70.22
C THR G 4293 -13.43 56.09 -69.24
N LEU G 4294 -13.23 56.34 -67.95
CA LEU G 4294 -14.24 55.97 -66.96
C LEU G 4294 -15.54 56.71 -67.20
N LEU G 4295 -15.45 58.00 -67.54
CA LEU G 4295 -16.65 58.77 -67.83
C LEU G 4295 -17.41 58.19 -69.02
N HIS G 4296 -16.67 57.86 -70.09
CA HIS G 4296 -17.31 57.27 -71.27
C HIS G 4296 -17.95 55.92 -70.93
N PHE G 4297 -17.28 55.13 -70.10
CA PHE G 4297 -17.83 53.85 -69.69
C PHE G 4297 -19.13 54.02 -68.92
N VAL G 4298 -19.15 54.98 -67.99
CA VAL G 4298 -20.36 55.23 -67.21
C VAL G 4298 -21.50 55.69 -68.13
N ALA G 4299 -21.19 56.57 -69.07
CA ALA G 4299 -22.21 57.04 -69.99
C ALA G 4299 -22.76 55.90 -70.84
N SER G 4300 -21.88 55.02 -71.32
CA SER G 4300 -22.32 53.89 -72.12
C SER G 4300 -23.20 52.96 -71.32
N VAL G 4301 -22.84 52.70 -70.06
CA VAL G 4301 -23.66 51.84 -69.22
C VAL G 4301 -25.03 52.46 -68.99
N PHE G 4302 -25.07 53.77 -68.74
CA PHE G 4302 -26.34 54.44 -68.54
C PHE G 4302 -27.22 54.34 -69.79
N ARG G 4303 -26.62 54.55 -70.96
CA ARG G 4303 -27.38 54.46 -72.21
C ARG G 4303 -27.91 53.04 -72.41
N GLY G 4304 -27.08 52.03 -72.16
CA GLY G 4304 -27.52 50.66 -72.32
C GLY G 4304 -28.64 50.29 -71.38
N PHE G 4305 -28.53 50.70 -70.12
CA PHE G 4305 -29.59 50.41 -69.15
C PHE G 4305 -30.87 51.14 -69.52
N PHE G 4306 -30.76 52.37 -70.02
CA PHE G 4306 -31.94 53.11 -70.46
C PHE G 4306 -32.62 52.40 -71.62
N ARG G 4307 -31.83 51.91 -72.59
CA ARG G 4307 -32.42 51.15 -73.69
C ARG G 4307 -33.10 49.89 -73.19
N ILE G 4308 -32.46 49.17 -72.25
CA ILE G 4308 -33.02 47.91 -71.77
C ILE G 4308 -34.35 48.15 -71.05
N ILE G 4309 -34.39 49.16 -70.20
CA ILE G 4309 -35.64 49.44 -69.47
C ILE G 4309 -36.70 50.00 -70.41
N CYS G 4310 -36.29 50.72 -71.45
CA CYS G 4310 -37.24 51.29 -72.40
C CYS G 4310 -37.16 50.58 -73.75
N PHE G 4480 -64.09 5.45 -67.18
CA PHE G 4480 -63.73 6.84 -66.93
C PHE G 4480 -63.83 7.20 -65.45
N TRP G 4481 -64.40 6.30 -64.65
CA TRP G 4481 -64.52 6.54 -63.22
C TRP G 4481 -63.18 6.76 -62.56
N LYS G 4482 -62.14 6.06 -63.06
CA LYS G 4482 -60.81 6.22 -62.48
C LYS G 4482 -60.08 7.40 -63.11
N LYS G 4483 -60.32 7.63 -64.40
CA LYS G 4483 -59.65 8.74 -65.09
C LYS G 4483 -60.10 10.09 -64.54
N ILE G 4484 -61.39 10.22 -64.22
CA ILE G 4484 -61.87 11.48 -63.66
C ILE G 4484 -61.25 11.72 -62.28
N ILE G 4485 -61.15 10.68 -61.47
CA ILE G 4485 -60.51 10.82 -60.17
C ILE G 4485 -59.04 11.21 -60.33
N ALA G 4486 -58.36 10.62 -61.32
CA ALA G 4486 -56.98 10.99 -61.58
C ALA G 4486 -56.87 12.46 -61.97
N TYR G 4487 -57.77 12.94 -62.82
CA TYR G 4487 -57.72 14.35 -63.23
C TYR G 4487 -57.99 15.28 -62.06
N GLN G 4488 -58.96 14.94 -61.21
CA GLN G 4488 -59.20 15.73 -60.01
C GLN G 4488 -57.98 15.74 -59.12
N GLN G 4489 -57.31 14.59 -58.98
CA GLN G 4489 -56.10 14.54 -58.18
C GLN G 4489 -55.02 15.45 -58.74
N LYS G 4490 -54.84 15.44 -60.06
CA LYS G 4490 -53.84 16.30 -60.68
C LYS G 4490 -54.16 17.76 -60.43
N LEU G 4491 -55.42 18.16 -60.59
CA LEU G 4491 -55.79 19.56 -60.36
C LEU G 4491 -55.59 19.95 -58.89
N LEU G 4492 -56.00 19.07 -57.97
CA LEU G 4492 -55.82 19.32 -56.55
C LEU G 4492 -54.36 19.54 -56.22
N ASN G 4493 -53.50 18.65 -56.73
CA ASN G 4493 -52.07 18.77 -56.45
C ASN G 4493 -51.50 20.05 -57.05
N TYR G 4494 -51.93 20.41 -58.27
CA TYR G 4494 -51.44 21.62 -58.90
C TYR G 4494 -51.78 22.85 -58.06
N PHE G 4495 -53.04 22.95 -57.62
CA PHE G 4495 -53.44 24.10 -56.83
C PHE G 4495 -52.69 24.14 -55.50
N ALA G 4496 -52.57 22.99 -54.83
CA ALA G 4496 -51.86 22.96 -53.55
C ALA G 4496 -50.40 23.36 -53.72
N ARG G 4497 -49.77 22.91 -54.81
CA ARG G 4497 -48.37 23.22 -55.04
C ARG G 4497 -48.14 24.67 -55.45
N ASN G 4498 -49.08 25.28 -56.17
CA ASN G 4498 -48.94 26.66 -56.64
C ASN G 4498 -49.73 27.65 -55.79
N PHE G 4499 -50.13 27.23 -54.59
CA PHE G 4499 -50.95 28.08 -53.73
C PHE G 4499 -50.30 29.43 -53.44
N TYR G 4500 -49.04 29.44 -53.00
CA TYR G 4500 -48.39 30.69 -52.63
C TYR G 4500 -48.13 31.61 -53.80
N ASN G 4501 -47.75 31.06 -54.96
CA ASN G 4501 -47.55 31.90 -56.14
C ASN G 4501 -48.84 32.62 -56.51
N MET G 4502 -49.98 31.92 -56.39
CA MET G 4502 -51.26 32.56 -56.66
C MET G 4502 -51.56 33.65 -55.63
N ARG G 4503 -51.19 33.44 -54.37
CA ARG G 4503 -51.38 34.47 -53.36
C ARG G 4503 -50.55 35.71 -53.64
N MET G 4504 -49.32 35.55 -54.09
CA MET G 4504 -48.52 36.70 -54.50
C MET G 4504 -49.05 37.37 -55.76
N LEU G 4505 -49.53 36.59 -56.72
CA LEU G 4505 -50.12 37.16 -57.92
C LEU G 4505 -51.35 37.98 -57.59
N ALA G 4506 -52.13 37.54 -56.60
CA ALA G 4506 -53.29 38.31 -56.18
C ALA G 4506 -52.90 39.68 -55.67
N LEU G 4507 -51.84 39.75 -54.85
CA LEU G 4507 -51.37 41.03 -54.35
C LEU G 4507 -50.84 41.91 -55.46
N PHE G 4508 -50.09 41.34 -56.40
CA PHE G 4508 -49.60 42.11 -57.54
C PHE G 4508 -50.75 42.69 -58.35
N VAL G 4509 -51.78 41.87 -58.62
CA VAL G 4509 -52.94 42.34 -59.35
C VAL G 4509 -53.67 43.41 -58.56
N ALA G 4510 -53.73 43.28 -57.23
CA ALA G 4510 -54.32 44.30 -56.39
C ALA G 4510 -53.60 45.65 -56.49
N PHE G 4511 -52.28 45.65 -56.45
CA PHE G 4511 -51.51 46.87 -56.68
C PHE G 4511 -51.73 47.45 -58.06
N ALA G 4512 -51.80 46.61 -59.09
CA ALA G 4512 -52.08 47.10 -60.44
C ALA G 4512 -53.48 47.73 -60.54
N ILE G 4513 -54.47 47.08 -59.96
CA ILE G 4513 -55.84 47.60 -60.00
C ILE G 4513 -55.93 48.91 -59.26
N ASN G 4514 -55.30 49.00 -58.09
CA ASN G 4514 -55.34 50.25 -57.33
C ASN G 4514 -54.55 51.35 -58.03
N PHE G 4515 -53.43 51.01 -58.67
CA PHE G 4515 -52.70 51.99 -59.46
C PHE G 4515 -53.57 52.55 -60.59
N ILE G 4516 -54.32 51.69 -61.28
CA ILE G 4516 -55.27 52.19 -62.28
C ILE G 4516 -56.38 53.03 -61.66
N LEU G 4517 -56.96 52.58 -60.55
CA LEU G 4517 -58.01 53.32 -59.86
C LEU G 4517 -57.57 54.69 -59.39
N LEU G 4518 -56.27 54.88 -59.20
CA LEU G 4518 -55.75 56.18 -58.79
C LEU G 4518 -55.97 57.25 -59.84
N PHE G 4519 -56.42 56.88 -61.04
CA PHE G 4519 -56.74 57.83 -62.10
C PHE G 4519 -58.24 57.98 -62.34
N TYR G 4520 -59.06 57.79 -61.29
CA TYR G 4520 -60.49 58.06 -61.37
C TYR G 4520 -60.76 59.54 -61.14
N LYS G 4521 -61.86 60.01 -61.71
CA LYS G 4521 -62.35 61.35 -61.42
C LYS G 4521 -63.87 61.31 -61.36
N VAL G 4522 -64.43 62.30 -60.68
CA VAL G 4522 -65.88 62.46 -60.61
C VAL G 4522 -66.31 63.46 -61.66
N SER G 4523 -67.48 63.24 -62.25
CA SER G 4523 -67.97 64.08 -63.33
C SER G 4523 -69.48 64.22 -63.21
N THR G 4524 -70.04 65.09 -64.04
CA THR G 4524 -71.47 65.30 -64.13
C THR G 4524 -72.12 64.02 -64.65
N ILE G 4555 -77.11 67.51 -59.48
CA ILE G 4555 -76.38 66.94 -60.60
C ILE G 4555 -76.10 65.46 -60.36
N ALA G 4556 -76.19 64.66 -61.42
CA ALA G 4556 -75.90 63.24 -61.31
C ALA G 4556 -74.43 63.03 -61.01
N VAL G 4557 -74.14 62.03 -60.17
CA VAL G 4557 -72.79 61.73 -59.73
C VAL G 4557 -72.43 60.33 -60.18
N HIS G 4558 -71.40 60.22 -61.00
CA HIS G 4558 -70.82 58.93 -61.38
C HIS G 4558 -69.33 59.11 -61.59
N TYR G 4559 -68.59 58.03 -61.39
CA TYR G 4559 -67.13 58.04 -61.46
C TYR G 4559 -66.69 57.43 -62.78
N VAL G 4560 -65.89 58.19 -63.53
CA VAL G 4560 -65.44 57.79 -64.86
C VAL G 4560 -63.92 57.82 -64.87
N LEU G 4561 -63.32 56.82 -65.53
CA LEU G 4561 -61.87 56.75 -65.65
C LEU G 4561 -61.40 57.79 -66.66
N GLU G 4562 -60.43 58.61 -66.29
CA GLU G 4562 -59.85 59.60 -67.17
C GLU G 4562 -58.43 59.20 -67.52
N GLU G 4563 -58.14 59.10 -68.81
CA GLU G 4563 -56.82 58.68 -69.28
C GLU G 4563 -56.67 59.08 -70.73
N SER G 4564 -55.42 59.09 -71.19
CA SER G 4564 -55.16 59.39 -72.60
C SER G 4564 -55.14 58.10 -73.43
N SER G 4565 -54.81 56.97 -72.81
CA SER G 4565 -54.70 55.72 -73.54
C SER G 4565 -56.06 55.24 -74.02
N GLY G 4566 -57.06 55.25 -73.15
CA GLY G 4566 -58.36 54.68 -73.44
C GLY G 4566 -58.44 53.19 -73.30
N TYR G 4567 -57.29 52.49 -73.32
CA TYR G 4567 -57.24 51.05 -73.14
C TYR G 4567 -57.16 50.65 -71.68
N MET G 4568 -57.04 51.62 -70.77
CA MET G 4568 -56.87 51.29 -69.36
C MET G 4568 -58.17 50.78 -68.75
N GLU G 4569 -59.31 51.30 -69.18
CA GLU G 4569 -60.59 50.80 -68.67
C GLU G 4569 -60.82 49.34 -69.05
N PRO G 4570 -60.63 48.91 -70.30
CA PRO G 4570 -60.65 47.47 -70.57
C PRO G 4570 -59.58 46.73 -69.79
N THR G 4571 -58.42 47.35 -69.61
CA THR G 4571 -57.38 46.74 -68.79
C THR G 4571 -57.86 46.55 -67.36
N LEU G 4572 -58.57 47.55 -66.82
CA LEU G 4572 -59.16 47.41 -65.49
C LEU G 4572 -60.19 46.29 -65.43
N ARG G 4573 -61.05 46.14 -66.44
CA ARG G 4573 -61.99 45.03 -66.45
C ARG G 4573 -61.29 43.68 -66.45
N ILE G 4574 -60.28 43.54 -67.31
CA ILE G 4574 -59.53 42.28 -67.37
C ILE G 4574 -58.84 42.00 -66.05
N LEU G 4575 -58.26 43.04 -65.44
CA LEU G 4575 -57.56 42.86 -64.17
C LEU G 4575 -58.51 42.47 -63.06
N ALA G 4576 -59.71 43.06 -63.05
CA ALA G 4576 -60.70 42.68 -62.04
C ALA G 4576 -61.11 41.23 -62.20
N ILE G 4577 -61.37 40.81 -63.45
CA ILE G 4577 -61.72 39.40 -63.68
C ILE G 4577 -60.58 38.49 -63.24
N LEU G 4578 -59.35 38.84 -63.59
CA LEU G 4578 -58.20 38.03 -63.21
C LEU G 4578 -58.05 37.95 -61.70
N HIS G 4579 -58.25 39.07 -61.00
CA HIS G 4579 -58.17 39.05 -59.55
C HIS G 4579 -59.21 38.13 -58.95
N THR G 4580 -60.45 38.21 -59.44
CA THR G 4580 -61.49 37.33 -58.93
C THR G 4580 -61.20 35.86 -59.21
N VAL G 4581 -60.66 35.53 -60.37
CA VAL G 4581 -60.32 34.14 -60.68
C VAL G 4581 -59.16 33.64 -59.82
N ILE G 4582 -58.11 34.46 -59.66
CA ILE G 4582 -56.96 34.05 -58.87
C ILE G 4582 -57.34 33.88 -57.42
N SER G 4583 -58.26 34.70 -56.91
CA SER G 4583 -58.68 34.54 -55.52
C SER G 4583 -59.41 33.22 -55.31
N PHE G 4584 -60.28 32.84 -56.25
CA PHE G 4584 -60.92 31.53 -56.17
C PHE G 4584 -59.90 30.41 -56.21
N PHE G 4585 -58.91 30.54 -57.10
CA PHE G 4585 -57.85 29.55 -57.13
C PHE G 4585 -57.06 29.50 -55.83
N CYS G 4586 -56.88 30.64 -55.15
CA CYS G 4586 -56.26 30.68 -53.84
C CYS G 4586 -57.09 29.95 -52.78
N ILE G 4587 -58.40 30.12 -52.79
CA ILE G 4587 -59.24 29.33 -51.89
C ILE G 4587 -59.10 27.84 -52.17
N ILE G 4588 -59.12 27.44 -53.44
CA ILE G 4588 -58.96 26.02 -53.77
C ILE G 4588 -57.60 25.51 -53.28
N GLY G 4589 -56.54 26.28 -53.54
CA GLY G 4589 -55.21 25.87 -53.11
C GLY G 4589 -55.11 25.75 -51.61
N TYR G 4590 -55.70 26.69 -50.88
CA TYR G 4590 -55.76 26.57 -49.43
C TYR G 4590 -56.45 25.28 -49.01
N TYR G 4591 -57.62 25.01 -49.57
CA TYR G 4591 -58.38 23.84 -49.18
C TYR G 4591 -57.65 22.55 -49.52
N CYS G 4592 -56.82 22.57 -50.58
CA CYS G 4592 -56.03 21.39 -50.91
C CYS G 4592 -54.82 21.23 -49.99
N LEU G 4593 -54.18 22.33 -49.61
CA LEU G 4593 -52.89 22.25 -48.94
C LEU G 4593 -52.97 22.39 -47.42
N LYS G 4594 -53.53 23.50 -46.95
CA LYS G 4594 -53.42 23.83 -45.54
C LYS G 4594 -54.49 23.14 -44.71
N VAL G 4595 -55.66 22.92 -45.28
CA VAL G 4595 -56.78 22.29 -44.58
C VAL G 4595 -56.42 20.91 -44.04
N PRO G 4596 -55.72 20.06 -44.80
CA PRO G 4596 -55.30 18.77 -44.20
C PRO G 4596 -54.49 18.92 -42.94
N LEU G 4597 -53.62 19.93 -42.84
CA LEU G 4597 -52.86 20.12 -41.61
C LEU G 4597 -53.77 20.49 -40.44
N VAL G 4598 -54.76 21.36 -40.69
CA VAL G 4598 -55.68 21.75 -39.63
C VAL G 4598 -56.49 20.55 -39.17
N ILE G 4599 -56.98 19.75 -40.11
CA ILE G 4599 -57.73 18.54 -39.75
C ILE G 4599 -56.84 17.59 -38.97
N PHE G 4600 -55.59 17.40 -39.40
CA PHE G 4600 -54.68 16.52 -38.68
C PHE G 4600 -54.46 16.99 -37.26
N LYS G 4601 -54.22 18.30 -37.08
CA LYS G 4601 -53.98 18.81 -35.74
C LYS G 4601 -55.19 18.66 -34.85
N ARG G 4602 -56.38 19.02 -35.35
CA ARG G 4602 -57.58 18.89 -34.53
C ARG G 4602 -57.89 17.43 -34.21
N GLU G 4603 -57.72 16.54 -35.19
CA GLU G 4603 -58.02 15.14 -35.02
C GLU G 4603 -57.00 14.44 -34.13
N LYS G 4604 -55.80 14.98 -34.01
CA LYS G 4604 -54.83 14.52 -33.03
C LYS G 4604 -55.12 15.03 -31.64
N GLU G 4605 -55.48 16.32 -31.52
CA GLU G 4605 -55.79 16.88 -30.22
C GLU G 4605 -56.99 16.19 -29.59
N VAL G 4606 -58.02 15.92 -30.39
CA VAL G 4606 -59.21 15.25 -29.85
C VAL G 4606 -58.85 13.84 -29.40
N ALA G 4607 -57.98 13.16 -30.14
CA ALA G 4607 -57.57 11.81 -29.75
C ALA G 4607 -56.81 11.84 -28.43
N ARG G 4608 -55.87 12.77 -28.28
CA ARG G 4608 -55.12 12.86 -27.04
C ARG G 4608 -56.02 13.22 -25.86
N LYS G 4609 -56.96 14.16 -26.07
CA LYS G 4609 -57.88 14.52 -25.00
C LYS G 4609 -58.77 13.35 -24.62
N LEU G 4610 -59.22 12.58 -25.61
CA LEU G 4610 -60.06 11.42 -25.33
C LEU G 4610 -59.31 10.34 -24.57
N GLU G 4611 -58.04 10.09 -24.95
CA GLU G 4611 -57.30 9.00 -24.35
C GLU G 4611 -56.71 9.38 -23.00
N PHE G 4612 -55.84 10.39 -22.98
CA PHE G 4612 -55.07 10.68 -21.78
C PHE G 4612 -55.79 11.65 -20.84
N ASP G 4613 -56.99 12.08 -21.19
CA ASP G 4613 -57.78 12.95 -20.32
C ASP G 4613 -59.21 12.48 -20.11
N GLY G 4614 -59.75 11.64 -20.99
CA GLY G 4614 -61.12 11.20 -20.88
C GLY G 4614 -62.09 12.37 -21.01
N LEU G 4615 -61.84 13.24 -21.98
CA LEU G 4615 -62.60 14.47 -22.10
C LEU G 4615 -64.04 14.23 -22.56
N TYR G 4616 -64.35 13.03 -23.05
CA TYR G 4616 -65.73 12.65 -23.32
C TYR G 4616 -66.15 11.41 -22.53
N ILE G 4617 -65.28 10.92 -21.64
CA ILE G 4617 -65.60 9.77 -20.82
C ILE G 4617 -65.52 10.16 -19.34
N THR G 4618 -64.32 10.56 -18.90
CA THR G 4618 -64.15 10.95 -17.51
C THR G 4618 -64.95 12.21 -17.20
N GLU G 4619 -64.94 13.17 -18.11
CA GLU G 4619 -65.69 14.41 -17.93
C GLU G 4619 -66.24 14.86 -19.28
N GLN G 4620 -66.85 16.04 -19.29
CA GLN G 4620 -67.60 16.55 -20.43
C GLN G 4620 -67.13 17.97 -20.76
N PRO G 4621 -67.33 18.40 -22.01
CA PRO G 4621 -66.82 19.72 -22.42
C PRO G 4621 -67.33 20.84 -21.54
N SER G 4622 -66.62 21.97 -21.58
CA SER G 4622 -66.85 23.05 -20.62
C SER G 4622 -68.17 23.77 -20.84
N GLU G 4623 -68.98 23.33 -21.81
CA GLU G 4623 -70.30 23.90 -22.10
C GLU G 4623 -70.20 25.31 -22.67
N ASP G 4624 -68.99 25.78 -22.96
CA ASP G 4624 -68.79 27.00 -23.74
C ASP G 4624 -67.63 26.86 -24.72
N ASP G 4625 -67.21 25.65 -25.03
CA ASP G 4625 -66.10 25.40 -25.95
C ASP G 4625 -66.68 24.94 -27.29
N ILE G 4626 -66.76 25.87 -28.24
CA ILE G 4626 -67.29 25.56 -29.56
C ILE G 4626 -66.52 24.39 -30.16
N LYS G 4627 -65.19 24.42 -30.03
CA LYS G 4627 -64.37 23.33 -30.50
C LYS G 4627 -64.76 22.02 -29.82
N GLY G 4628 -65.01 22.05 -28.51
CA GLY G 4628 -65.35 20.83 -27.81
C GLY G 4628 -66.66 20.21 -28.27
N GLN G 4629 -67.72 21.02 -28.30
CA GLN G 4629 -69.03 20.45 -28.67
C GLN G 4629 -69.09 20.14 -30.16
N TRP G 4630 -68.23 20.77 -30.98
CA TRP G 4630 -68.17 20.36 -32.37
C TRP G 4630 -67.39 19.06 -32.55
N ASP G 4631 -66.30 18.89 -31.79
CA ASP G 4631 -65.52 17.68 -31.87
C ASP G 4631 -66.21 16.48 -31.22
N ARG G 4632 -67.23 16.74 -30.40
CA ARG G 4632 -68.02 15.62 -29.89
C ARG G 4632 -68.67 14.83 -31.02
N LEU G 4633 -68.83 15.44 -32.19
CA LEU G 4633 -69.43 14.73 -33.32
C LEU G 4633 -68.48 13.68 -33.90
N VAL G 4634 -67.20 14.00 -34.01
CA VAL G 4634 -66.30 13.19 -34.82
C VAL G 4634 -65.99 11.83 -34.20
N ILE G 4635 -66.12 11.69 -32.88
CA ILE G 4635 -65.76 10.44 -32.22
C ILE G 4635 -66.59 9.25 -32.66
N ASN G 4636 -67.80 9.48 -33.16
CA ASN G 4636 -68.67 8.40 -33.60
C ASN G 4636 -68.44 8.02 -35.06
N THR G 4637 -67.61 8.76 -35.78
CA THR G 4637 -67.44 8.53 -37.20
C THR G 4637 -66.54 7.33 -37.47
N GLN G 4638 -66.89 6.57 -38.50
CA GLN G 4638 -66.07 5.43 -38.91
C GLN G 4638 -64.74 5.88 -39.48
N SER G 4639 -64.71 7.06 -40.12
CA SER G 4639 -63.51 7.56 -40.79
C SER G 4639 -62.61 8.37 -39.88
N PHE G 4640 -62.61 8.09 -38.58
CA PHE G 4640 -61.79 8.81 -37.62
C PHE G 4640 -60.38 8.21 -37.78
N PRO G 4641 -59.37 8.62 -37.00
CA PRO G 4641 -58.05 8.90 -37.59
C PRO G 4641 -57.96 8.89 -39.11
N ASN G 4642 -58.71 9.75 -39.81
CA ASN G 4642 -58.52 9.85 -41.25
C ASN G 4642 -57.16 10.45 -41.58
N ASN G 4643 -56.78 11.53 -40.91
CA ASN G 4643 -55.51 12.19 -41.16
C ASN G 4643 -54.45 11.83 -40.14
N TYR G 4644 -54.85 11.67 -38.88
CA TYR G 4644 -53.91 11.31 -37.84
C TYR G 4644 -53.45 9.87 -38.02
N TRP G 4645 -52.17 9.63 -37.70
CA TRP G 4645 -51.55 8.33 -37.94
C TRP G 4645 -52.08 7.22 -37.06
N ASP G 4646 -52.30 7.50 -35.77
CA ASP G 4646 -52.64 6.46 -34.82
C ASP G 4646 -54.04 5.94 -35.12
N LYS G 4647 -54.13 4.82 -35.81
CA LYS G 4647 -55.39 4.22 -36.21
C LYS G 4647 -56.00 3.37 -35.11
N PHE G 4648 -55.34 3.27 -33.96
CA PHE G 4648 -55.78 2.44 -32.85
C PHE G 4648 -56.29 3.28 -31.67
N VAL G 4649 -56.68 4.52 -31.93
CA VAL G 4649 -57.09 5.42 -30.84
C VAL G 4649 -58.32 4.87 -30.13
N LYS G 4650 -59.32 4.42 -30.89
CA LYS G 4650 -60.53 3.89 -30.28
C LYS G 4650 -60.24 2.66 -29.43
N ARG G 4651 -59.41 1.75 -29.94
CA ARG G 4651 -59.06 0.55 -29.18
C ARG G 4651 -58.29 0.91 -27.91
N LYS G 4652 -57.40 1.90 -28.00
CA LYS G 4652 -56.68 2.34 -26.80
C LYS G 4652 -57.64 2.91 -25.77
N VAL G 4653 -58.61 3.69 -26.22
CA VAL G 4653 -59.58 4.27 -25.29
C VAL G 4653 -60.39 3.17 -24.62
N MET G 4654 -60.83 2.17 -25.40
CA MET G 4654 -61.56 1.06 -24.80
C MET G 4654 -60.70 0.27 -23.82
N ASP G 4655 -59.44 0.02 -24.16
CA ASP G 4655 -58.55 -0.68 -23.24
C ASP G 4655 -58.28 0.11 -21.97
N LYS G 4656 -58.34 1.44 -22.04
CA LYS G 4656 -58.12 2.24 -20.84
C LYS G 4656 -59.36 2.35 -19.96
N TYR G 4657 -60.49 2.73 -20.53
CA TYR G 4657 -61.68 3.04 -19.74
C TYR G 4657 -62.77 1.98 -19.86
N GLY G 4658 -62.57 0.94 -20.66
CA GLY G 4658 -63.65 0.00 -20.93
C GLY G 4658 -64.18 -0.70 -19.71
N GLU G 4659 -63.30 -1.16 -18.82
CA GLU G 4659 -63.74 -1.93 -17.66
C GLU G 4659 -64.46 -1.05 -16.65
N PHE G 4660 -63.92 0.13 -16.36
CA PHE G 4660 -64.43 0.91 -15.23
C PHE G 4660 -65.77 1.57 -15.55
N TYR G 4661 -65.92 2.10 -16.77
CA TYR G 4661 -67.09 2.87 -17.14
C TYR G 4661 -68.06 2.12 -18.04
N GLY G 4662 -67.67 0.98 -18.59
CA GLY G 4662 -68.61 0.21 -19.40
C GLY G 4662 -68.20 0.06 -20.85
N ARG G 4663 -67.79 -1.16 -21.19
CA ARG G 4663 -67.29 -1.43 -22.54
C ARG G 4663 -68.35 -1.19 -23.59
N ASP G 4664 -69.61 -1.59 -23.33
CA ASP G 4664 -70.66 -1.41 -24.31
C ASP G 4664 -70.94 0.05 -24.58
N ARG G 4665 -71.04 0.87 -23.54
CA ARG G 4665 -71.38 2.27 -23.77
C ARG G 4665 -70.22 3.01 -24.39
N ILE G 4666 -68.99 2.60 -24.06
CA ILE G 4666 -67.82 3.20 -24.71
C ILE G 4666 -67.77 2.81 -26.18
N SER G 4667 -68.15 1.58 -26.51
CA SER G 4667 -68.26 1.20 -27.91
C SER G 4667 -69.31 2.02 -28.63
N GLU G 4668 -70.45 2.29 -28.00
CA GLU G 4668 -71.43 3.18 -28.59
C GLU G 4668 -70.88 4.59 -28.78
N LEU G 4669 -70.16 5.09 -27.77
CA LEU G 4669 -69.60 6.44 -27.83
C LEU G 4669 -68.57 6.57 -28.95
N LEU G 4670 -67.76 5.55 -29.14
CA LEU G 4670 -66.73 5.57 -30.16
C LEU G 4670 -67.22 5.02 -31.50
N GLY G 4671 -68.48 4.61 -31.58
CA GLY G 4671 -69.03 4.18 -32.86
C GLY G 4671 -68.43 2.91 -33.39
N MET G 4672 -68.14 1.96 -32.51
CA MET G 4672 -67.68 0.64 -32.93
C MET G 4672 -68.70 -0.43 -32.53
N ASP G 4673 -68.48 -1.64 -33.01
CA ASP G 4673 -69.44 -2.73 -32.93
C ASP G 4673 -68.97 -3.76 -31.91
N LYS G 4674 -69.74 -3.90 -30.82
CA LYS G 4674 -69.44 -4.92 -29.83
C LYS G 4674 -69.75 -6.32 -30.33
N ALA G 4675 -71.00 -6.58 -30.69
CA ALA G 4675 -71.44 -7.91 -31.09
C ALA G 4675 -71.20 -8.24 -32.55
N ALA G 4676 -70.84 -7.26 -33.37
CA ALA G 4676 -70.59 -7.52 -34.78
C ALA G 4676 -69.13 -7.83 -35.08
N LEU G 4677 -68.19 -7.28 -34.30
CA LEU G 4677 -66.78 -7.54 -34.54
C LEU G 4677 -66.45 -9.01 -34.36
N ASP G 4678 -66.89 -9.60 -33.25
CA ASP G 4678 -66.64 -11.02 -33.03
C ASP G 4678 -67.42 -11.90 -33.99
N PHE G 4679 -68.65 -11.48 -34.34
CA PHE G 4679 -69.42 -12.22 -35.33
C PHE G 4679 -68.72 -12.26 -36.67
N SER G 4680 -68.04 -11.17 -37.05
CA SER G 4680 -67.29 -11.15 -38.29
C SER G 4680 -66.14 -12.15 -38.26
N ASP G 4681 -65.40 -12.21 -37.15
CA ASP G 4681 -64.32 -13.18 -37.04
C ASP G 4681 -64.86 -14.60 -36.94
N ALA G 4682 -66.12 -14.75 -36.54
CA ALA G 4682 -66.75 -16.06 -36.55
C ALA G 4682 -66.90 -16.56 -37.99
N ARG G 4683 -67.44 -17.77 -38.13
CA ARG G 4683 -67.50 -18.41 -39.43
C ARG G 4683 -68.82 -18.10 -40.13
N GLU G 4684 -68.74 -17.32 -41.20
CA GLU G 4684 -69.88 -17.07 -42.08
C GLU G 4684 -69.35 -16.65 -43.44
N LYS G 4685 -70.23 -16.68 -44.44
CA LYS G 4685 -69.85 -16.28 -45.79
C LYS G 4685 -69.80 -14.77 -45.90
N LYS G 4686 -68.79 -14.26 -46.61
CA LYS G 4686 -68.58 -12.83 -46.79
C LYS G 4686 -68.72 -12.48 -48.26
N LYS G 4687 -69.21 -11.27 -48.54
CA LYS G 4687 -69.48 -10.84 -49.92
C LYS G 4687 -68.70 -9.57 -50.22
N PRO G 4688 -67.92 -9.55 -51.29
CA PRO G 4688 -67.16 -8.34 -51.63
C PRO G 4688 -68.06 -7.27 -52.27
N LYS G 4689 -67.48 -6.09 -52.42
CA LYS G 4689 -68.17 -4.94 -53.02
C LYS G 4689 -67.21 -4.26 -53.99
N LYS G 4690 -67.75 -3.42 -54.87
CA LYS G 4690 -66.97 -2.74 -55.89
C LYS G 4690 -67.29 -1.25 -55.80
N ASP G 4691 -66.24 -0.42 -55.82
CA ASP G 4691 -66.37 0.95 -55.32
C ASP G 4691 -67.13 1.86 -56.28
N SER G 4692 -66.90 1.72 -57.58
CA SER G 4692 -67.39 2.75 -58.52
C SER G 4692 -68.90 2.78 -58.60
N SER G 4693 -69.59 1.78 -58.05
CA SER G 4693 -71.04 1.81 -58.00
C SER G 4693 -71.52 3.02 -57.21
N LEU G 4694 -72.62 3.62 -57.66
CA LEU G 4694 -73.13 4.84 -57.02
C LEU G 4694 -73.48 4.58 -55.56
N SER G 4695 -74.16 3.46 -55.28
CA SER G 4695 -74.50 3.13 -53.90
C SER G 4695 -73.23 2.95 -53.07
N ALA G 4696 -72.22 2.27 -53.63
CA ALA G 4696 -70.99 2.03 -52.89
C ALA G 4696 -70.29 3.34 -52.56
N VAL G 4697 -70.17 4.24 -53.53
CA VAL G 4697 -69.44 5.47 -53.28
C VAL G 4697 -70.20 6.38 -52.32
N LEU G 4698 -71.53 6.47 -52.48
CA LEU G 4698 -72.31 7.33 -51.60
C LEU G 4698 -72.36 6.78 -50.19
N ASN G 4699 -72.26 5.46 -50.04
CA ASN G 4699 -72.16 4.87 -48.70
C ASN G 4699 -70.76 5.09 -48.13
N SER G 4700 -69.74 5.05 -48.97
CA SER G 4700 -68.37 5.32 -48.52
C SER G 4700 -68.23 6.75 -48.05
N ILE G 4701 -68.99 7.67 -48.62
CA ILE G 4701 -69.00 9.05 -48.14
C ILE G 4701 -69.51 9.07 -46.71
N ASP G 4702 -68.63 9.37 -45.76
CA ASP G 4702 -68.99 9.43 -44.35
C ASP G 4702 -69.55 10.82 -44.07
N VAL G 4703 -70.89 10.93 -44.06
CA VAL G 4703 -71.53 12.24 -44.01
C VAL G 4703 -71.20 12.95 -42.71
N LYS G 4704 -71.15 12.22 -41.59
CA LYS G 4704 -70.91 12.85 -40.30
C LYS G 4704 -69.49 13.39 -40.20
N TYR G 4705 -68.51 12.59 -40.62
CA TYR G 4705 -67.13 13.05 -40.58
C TYR G 4705 -66.91 14.23 -41.52
N GLN G 4706 -67.51 14.19 -42.72
CA GLN G 4706 -67.38 15.30 -43.64
C GLN G 4706 -68.05 16.55 -43.09
N MET G 4707 -69.19 16.41 -42.42
CA MET G 4707 -69.83 17.56 -41.77
C MET G 4707 -68.92 18.15 -40.70
N TRP G 4708 -68.31 17.31 -39.88
CA TRP G 4708 -67.39 17.81 -38.86
C TRP G 4708 -66.19 18.51 -39.50
N LYS G 4709 -65.65 17.94 -40.58
CA LYS G 4709 -64.54 18.55 -41.28
C LYS G 4709 -64.91 19.91 -41.84
N LEU G 4710 -66.09 20.01 -42.44
CA LEU G 4710 -66.54 21.29 -42.98
C LEU G 4710 -66.74 22.31 -41.87
N GLY G 4711 -67.24 21.87 -40.71
CA GLY G 4711 -67.36 22.79 -39.58
C GLY G 4711 -66.01 23.30 -39.12
N VAL G 4712 -65.02 22.41 -39.06
CA VAL G 4712 -63.67 22.82 -38.66
C VAL G 4712 -63.10 23.83 -39.67
N VAL G 4713 -63.28 23.54 -40.96
CA VAL G 4713 -62.79 24.46 -41.99
C VAL G 4713 -63.47 25.82 -41.88
N PHE G 4714 -64.78 25.83 -41.64
CA PHE G 4714 -65.50 27.08 -41.51
C PHE G 4714 -65.03 27.86 -40.29
N THR G 4715 -64.74 27.17 -39.20
CA THR G 4715 -64.24 27.83 -37.99
C THR G 4715 -62.76 28.19 -38.08
N ASP G 4716 -62.06 27.75 -39.12
CA ASP G 4716 -60.67 28.15 -39.30
C ASP G 4716 -60.57 29.65 -39.59
N ASN G 4717 -59.54 30.29 -39.04
CA ASN G 4717 -59.38 31.72 -39.20
C ASN G 4717 -58.88 32.08 -40.60
N SER G 4718 -57.88 31.35 -41.10
CA SER G 4718 -57.31 31.68 -42.40
C SER G 4718 -58.32 31.46 -43.53
N PHE G 4719 -59.12 30.41 -43.42
CA PHE G 4719 -60.18 30.20 -44.40
C PHE G 4719 -61.19 31.34 -44.37
N LEU G 4720 -61.50 31.85 -43.18
CA LEU G 4720 -62.40 32.99 -43.07
C LEU G 4720 -61.77 34.23 -43.69
N TYR G 4721 -60.47 34.43 -43.51
CA TYR G 4721 -59.80 35.55 -44.16
C TYR G 4721 -59.87 35.43 -45.68
N LEU G 4722 -59.62 34.24 -46.20
CA LEU G 4722 -59.73 34.04 -47.63
C LEU G 4722 -61.16 34.21 -48.15
N ALA G 4723 -62.16 33.84 -47.36
CA ALA G 4723 -63.54 34.12 -47.74
C ALA G 4723 -63.83 35.61 -47.77
N TRP G 4724 -63.27 36.36 -46.81
CA TRP G 4724 -63.41 37.81 -46.84
C TRP G 4724 -62.74 38.41 -48.06
N TYR G 4725 -61.57 37.87 -48.42
CA TYR G 4725 -60.91 38.26 -49.66
C TYR G 4725 -61.80 37.98 -50.87
N MET G 4726 -62.43 36.81 -50.88
CA MET G 4726 -63.41 36.47 -51.92
C MET G 4726 -64.51 37.52 -52.01
N THR G 4727 -65.12 37.85 -50.88
CA THR G 4727 -66.25 38.77 -50.88
C THR G 4727 -65.82 40.14 -51.37
N MET G 4728 -64.67 40.63 -50.92
CA MET G 4728 -64.19 41.94 -51.36
C MET G 4728 -63.89 41.92 -52.86
N SER G 4729 -63.27 40.85 -53.35
CA SER G 4729 -62.96 40.76 -54.77
C SER G 4729 -64.24 40.75 -55.61
N VAL G 4730 -65.26 40.03 -55.17
CA VAL G 4730 -66.52 40.01 -55.90
C VAL G 4730 -67.18 41.38 -55.87
N LEU G 4731 -67.21 42.02 -54.69
CA LEU G 4731 -67.86 43.32 -54.58
C LEU G 4731 -67.11 44.39 -55.36
N GLY G 4732 -65.82 44.17 -55.63
CA GLY G 4732 -65.08 45.12 -56.43
C GLY G 4732 -65.65 45.27 -57.83
N HIS G 4733 -66.33 44.26 -58.34
CA HIS G 4733 -66.92 44.37 -59.67
C HIS G 4733 -68.08 45.35 -59.66
N TYR G 4734 -68.87 45.37 -58.59
CA TYR G 4734 -69.94 46.35 -58.48
C TYR G 4734 -69.40 47.73 -58.18
N ASN G 4735 -68.42 47.82 -57.27
CA ASN G 4735 -67.77 49.09 -56.96
C ASN G 4735 -66.26 48.85 -56.93
N ASN G 4736 -65.55 49.43 -57.89
CA ASN G 4736 -64.14 49.10 -58.07
C ASN G 4736 -63.27 49.49 -56.88
N PHE G 4737 -63.70 50.45 -56.06
CA PHE G 4737 -62.89 50.85 -54.94
C PHE G 4737 -62.87 49.82 -53.83
N PHE G 4738 -63.71 48.78 -53.92
CA PHE G 4738 -63.63 47.71 -52.94
C PHE G 4738 -62.32 46.93 -53.07
N PHE G 4739 -61.66 47.05 -54.22
CA PHE G 4739 -60.36 46.43 -54.39
C PHE G 4739 -59.28 47.07 -53.52
N ALA G 4740 -59.53 48.27 -53.00
CA ALA G 4740 -58.58 48.91 -52.10
C ALA G 4740 -58.44 48.16 -50.79
N ALA G 4741 -59.47 47.42 -50.37
CA ALA G 4741 -59.37 46.65 -49.14
C ALA G 4741 -58.30 45.56 -49.24
N HIS G 4742 -57.99 45.12 -50.45
CA HIS G 4742 -57.00 44.07 -50.64
C HIS G 4742 -55.58 44.57 -50.38
N LEU G 4743 -55.37 45.87 -50.32
CA LEU G 4743 -54.06 46.39 -49.93
C LEU G 4743 -53.76 46.16 -48.46
N LEU G 4744 -54.74 45.76 -47.67
CA LEU G 4744 -54.54 45.40 -46.28
C LEU G 4744 -53.89 44.02 -46.13
N ASP G 4745 -53.58 43.37 -47.26
CA ASP G 4745 -52.97 42.06 -47.26
C ASP G 4745 -51.45 42.11 -47.24
N ILE G 4746 -50.86 43.31 -47.33
CA ILE G 4746 -49.40 43.40 -47.33
C ILE G 4746 -48.83 42.95 -45.99
N ALA G 4747 -49.59 43.16 -44.92
CA ALA G 4747 -49.12 42.77 -43.59
C ALA G 4747 -48.84 41.27 -43.52
N MET G 4748 -49.75 40.46 -44.06
CA MET G 4748 -49.54 39.03 -44.11
C MET G 4748 -48.82 38.57 -45.37
N GLY G 4749 -48.54 39.49 -46.29
CA GLY G 4749 -47.74 39.17 -47.45
C GLY G 4749 -46.25 39.22 -47.19
N PHE G 4750 -45.79 40.23 -46.47
CA PHE G 4750 -44.36 40.42 -46.21
C PHE G 4750 -44.06 40.30 -44.73
N LYS G 4751 -42.96 39.60 -44.41
CA LYS G 4751 -42.53 39.45 -43.03
C LYS G 4751 -41.94 40.73 -42.48
N THR G 4752 -41.19 41.46 -43.32
CA THR G 4752 -40.51 42.66 -42.86
C THR G 4752 -41.50 43.72 -42.40
N LEU G 4753 -42.60 43.89 -43.15
CA LEU G 4753 -43.66 44.79 -42.69
C LEU G 4753 -44.33 44.23 -41.44
N ARG G 4754 -44.41 42.90 -41.34
CA ARG G 4754 -44.99 42.30 -40.14
C ARG G 4754 -44.18 42.62 -38.90
N THR G 4755 -42.86 42.77 -39.04
CA THR G 4755 -42.04 43.18 -37.90
C THR G 4755 -42.44 44.56 -37.40
N ILE G 4756 -42.55 45.53 -38.32
CA ILE G 4756 -42.93 46.88 -37.93
C ILE G 4756 -44.32 46.88 -37.31
N LEU G 4757 -45.25 46.13 -37.89
CA LEU G 4757 -46.59 46.09 -37.34
C LEU G 4757 -46.64 45.38 -35.98
N SER G 4758 -45.79 44.37 -35.78
CA SER G 4758 -45.72 43.71 -34.48
C SER G 4758 -45.14 44.66 -33.44
N SER G 4759 -44.29 45.58 -33.87
CA SER G 4759 -43.81 46.61 -32.94
C SER G 4759 -44.97 47.41 -32.37
N VAL G 4760 -46.07 47.52 -33.10
CA VAL G 4760 -47.25 48.22 -32.59
C VAL G 4760 -48.14 47.27 -31.82
N THR G 4761 -48.42 46.10 -32.40
CA THR G 4761 -49.41 45.19 -31.81
C THR G 4761 -48.87 44.48 -30.57
N HIS G 4762 -47.57 44.61 -30.30
CA HIS G 4762 -46.98 43.95 -29.14
C HIS G 4762 -47.58 44.47 -27.84
N ASN G 4763 -47.82 45.76 -27.77
CA ASN G 4763 -48.41 46.41 -26.61
C ASN G 4763 -49.78 46.99 -26.94
N GLY G 4764 -50.59 46.23 -27.67
CA GLY G 4764 -51.88 46.74 -28.09
C GLY G 4764 -52.83 46.97 -26.94
N LYS G 4765 -52.83 46.08 -25.95
CA LYS G 4765 -53.68 46.27 -24.79
C LYS G 4765 -53.29 47.54 -24.02
N GLN G 4766 -51.98 47.75 -23.85
CA GLN G 4766 -51.51 48.96 -23.20
C GLN G 4766 -51.89 50.20 -23.99
N LEU G 4767 -51.79 50.13 -25.32
CA LEU G 4767 -52.16 51.24 -26.17
C LEU G 4767 -53.64 51.57 -26.11
N VAL G 4768 -54.50 50.56 -26.05
CA VAL G 4768 -55.93 50.78 -25.88
C VAL G 4768 -56.26 51.38 -24.52
N LEU G 4769 -55.62 50.86 -23.47
CA LEU G 4769 -55.85 51.42 -22.14
C LEU G 4769 -55.35 52.85 -22.05
N THR G 4770 -54.28 53.18 -22.75
CA THR G 4770 -53.81 54.56 -22.78
C THR G 4770 -54.83 55.48 -23.41
N VAL G 4771 -55.46 55.04 -24.51
CA VAL G 4771 -56.51 55.85 -25.13
C VAL G 4771 -57.69 55.99 -24.20
N GLY G 4772 -58.06 54.92 -23.49
CA GLY G 4772 -59.15 55.03 -22.53
C GLY G 4772 -58.85 56.00 -21.41
N LEU G 4773 -57.63 55.97 -20.88
CA LEU G 4773 -57.22 56.92 -19.86
C LEU G 4773 -57.23 58.34 -20.39
N LEU G 4774 -56.79 58.53 -21.64
CA LEU G 4774 -56.86 59.85 -22.25
C LEU G 4774 -58.29 60.33 -22.34
N ALA G 4775 -59.21 59.44 -22.74
CA ALA G 4775 -60.62 59.80 -22.79
C ALA G 4775 -61.17 60.19 -21.44
N VAL G 4776 -60.83 59.46 -20.39
CA VAL G 4776 -61.28 59.80 -19.04
C VAL G 4776 -60.72 61.15 -18.59
N VAL G 4777 -59.44 61.39 -18.82
CA VAL G 4777 -58.83 62.66 -18.41
C VAL G 4777 -59.47 63.82 -19.15
N VAL G 4778 -59.67 63.67 -20.47
CA VAL G 4778 -60.36 64.68 -21.25
C VAL G 4778 -61.78 64.89 -20.79
N TYR G 4779 -62.48 63.84 -20.37
CA TYR G 4779 -63.81 64.01 -19.81
C TYR G 4779 -63.79 64.82 -18.53
N LEU G 4780 -62.81 64.57 -17.66
CA LEU G 4780 -62.71 65.38 -16.45
C LEU G 4780 -62.46 66.84 -16.77
N TYR G 4781 -61.54 67.10 -17.72
CA TYR G 4781 -61.32 68.48 -18.15
C TYR G 4781 -62.57 69.10 -18.73
N THR G 4782 -63.34 68.32 -19.49
CA THR G 4782 -64.57 68.82 -20.08
C THR G 4782 -65.60 69.15 -19.00
N VAL G 4783 -65.66 68.33 -17.94
CA VAL G 4783 -66.54 68.62 -16.82
C VAL G 4783 -66.17 69.95 -16.19
N VAL G 4784 -64.87 70.16 -15.93
CA VAL G 4784 -64.43 71.41 -15.34
C VAL G 4784 -64.79 72.59 -16.24
N ALA G 4785 -64.55 72.45 -17.55
CA ALA G 4785 -64.84 73.54 -18.48
C ALA G 4785 -66.33 73.83 -18.53
N PHE G 4786 -67.16 72.79 -18.57
CA PHE G 4786 -68.61 72.96 -18.61
C PHE G 4786 -69.15 73.57 -17.34
N ASN G 4787 -68.48 73.37 -16.21
CA ASN G 4787 -68.94 73.96 -14.96
C ASN G 4787 -68.47 75.41 -14.78
N PHE G 4788 -67.25 75.74 -15.24
CA PHE G 4788 -66.70 77.05 -14.90
C PHE G 4788 -66.33 77.91 -16.11
N PHE G 4789 -65.94 77.31 -17.22
CA PHE G 4789 -65.41 78.11 -18.32
C PHE G 4789 -66.25 78.01 -19.59
N ARG G 4790 -67.57 78.10 -19.47
CA ARG G 4790 -68.42 77.99 -20.64
C ARG G 4790 -68.32 79.17 -21.58
N LYS G 4791 -68.01 80.37 -21.08
CA LYS G 4791 -68.10 81.55 -21.93
C LYS G 4791 -66.89 81.71 -22.84
N PHE G 4792 -65.89 80.85 -22.70
CA PHE G 4792 -64.70 80.91 -23.54
C PHE G 4792 -64.81 80.08 -24.80
N TYR G 4793 -65.96 79.46 -25.06
CA TYR G 4793 -66.10 78.48 -26.13
C TYR G 4793 -66.98 79.00 -27.25
N ASN G 4794 -66.87 80.29 -27.56
CA ASN G 4794 -67.62 80.90 -28.66
C ASN G 4794 -66.75 80.82 -29.91
N LYS G 4795 -67.05 79.84 -30.77
CA LYS G 4795 -66.27 79.63 -31.98
C LYS G 4795 -66.93 80.32 -33.18
N SER G 4796 -67.60 81.44 -32.95
CA SER G 4796 -68.29 82.17 -34.00
C SER G 4796 -67.62 83.52 -34.19
N GLU G 4797 -67.29 83.84 -35.45
CA GLU G 4797 -66.64 85.11 -35.74
C GLU G 4797 -67.63 86.27 -35.67
N ASP G 4798 -68.79 86.12 -36.30
CA ASP G 4798 -69.80 87.18 -36.29
C ASP G 4798 -70.54 87.19 -34.95
N GLY G 4799 -70.70 88.38 -34.38
CA GLY G 4799 -71.36 88.48 -33.09
C GLY G 4799 -72.86 88.24 -33.17
N ASP G 4800 -73.41 88.27 -34.39
CA ASP G 4800 -74.85 88.08 -34.55
C ASP G 4800 -75.28 86.68 -34.14
N THR G 4801 -74.51 85.67 -34.52
CA THR G 4801 -74.85 84.29 -34.19
C THR G 4801 -73.75 83.71 -33.31
N PRO G 4802 -73.92 83.64 -32.00
CA PRO G 4802 -72.90 83.02 -31.15
C PRO G 4802 -72.98 81.50 -31.26
N ASP G 4803 -71.81 80.87 -31.45
CA ASP G 4803 -71.70 79.43 -31.59
C ASP G 4803 -71.03 78.89 -30.32
N MET G 4804 -71.87 78.43 -29.39
CA MET G 4804 -71.39 77.97 -28.10
C MET G 4804 -71.06 76.49 -28.17
N LYS G 4805 -69.80 76.14 -27.93
CA LYS G 4805 -69.33 74.76 -28.05
C LYS G 4805 -69.36 74.00 -26.73
N CYS G 4806 -69.64 74.67 -25.61
CA CYS G 4806 -69.67 73.98 -24.32
C CYS G 4806 -70.97 74.23 -23.58
N ASP G 4807 -72.04 74.61 -24.28
CA ASP G 4807 -73.34 74.70 -23.63
C ASP G 4807 -73.90 73.31 -23.34
N ASP G 4808 -73.59 72.33 -24.19
CA ASP G 4808 -74.02 70.96 -23.99
C ASP G 4808 -72.83 70.11 -23.59
N MET G 4809 -73.08 69.18 -22.66
CA MET G 4809 -72.01 68.36 -22.12
C MET G 4809 -71.38 67.51 -23.21
N LEU G 4810 -72.21 66.84 -24.02
CA LEU G 4810 -71.69 65.98 -25.08
C LEU G 4810 -70.95 66.78 -26.15
N THR G 4811 -71.50 67.95 -26.51
CA THR G 4811 -70.84 68.79 -27.50
C THR G 4811 -69.49 69.26 -27.01
N CYS G 4812 -69.42 69.64 -25.73
CA CYS G 4812 -68.16 70.09 -25.16
C CYS G 4812 -67.15 68.95 -25.11
N TYR G 4813 -67.61 67.74 -24.77
CA TYR G 4813 -66.71 66.59 -24.74
C TYR G 4813 -66.17 66.28 -26.13
N MET G 4814 -67.02 66.33 -27.15
CA MET G 4814 -66.55 66.09 -28.51
C MET G 4814 -65.59 67.19 -28.95
N PHE G 4815 -65.87 68.43 -28.55
CA PHE G 4815 -64.95 69.53 -28.84
C PHE G 4815 -63.56 69.25 -28.27
N HIS G 4816 -63.51 68.88 -26.99
CA HIS G 4816 -62.24 68.57 -26.36
C HIS G 4816 -61.54 67.38 -26.97
N MET G 4817 -62.27 66.32 -27.31
CA MET G 4817 -61.68 65.17 -27.96
C MET G 4817 -61.12 65.50 -29.34
N TYR G 4818 -61.83 66.29 -30.13
CA TYR G 4818 -61.43 66.55 -31.49
C TYR G 4818 -60.37 67.64 -31.55
N VAL G 4819 -60.75 68.87 -31.23
CA VAL G 4819 -59.88 70.01 -31.48
C VAL G 4819 -59.14 70.40 -30.22
N GLY G 4820 -59.33 69.62 -29.17
CA GLY G 4820 -58.54 69.82 -27.97
C GLY G 4820 -57.33 68.92 -27.98
N VAL G 4821 -57.49 67.73 -28.56
CA VAL G 4821 -56.38 66.79 -28.63
C VAL G 4821 -55.59 66.99 -29.92
N ARG G 4822 -56.28 67.22 -31.04
CA ARG G 4822 -55.56 67.38 -32.29
C ARG G 4822 -54.76 68.69 -32.31
N ALA G 4823 -55.10 69.63 -31.44
CA ALA G 4823 -54.37 70.88 -31.35
C ALA G 4823 -52.95 70.62 -30.85
N GLY G 4824 -52.01 71.39 -31.37
CA GLY G 4824 -50.62 71.23 -31.02
C GLY G 4824 -50.26 71.76 -29.65
N GLY G 4825 -51.06 72.70 -29.14
CA GLY G 4825 -50.82 73.30 -27.85
C GLY G 4825 -51.91 73.12 -26.82
N GLY G 4826 -52.83 72.19 -27.01
CA GLY G 4826 -53.91 72.00 -26.08
C GLY G 4826 -55.15 72.78 -26.46
N ILE G 4827 -56.12 72.74 -25.55
CA ILE G 4827 -57.40 73.39 -25.78
C ILE G 4827 -57.27 74.91 -25.78
N GLY G 4828 -56.30 75.45 -25.05
CA GLY G 4828 -56.10 76.88 -25.00
C GLY G 4828 -55.71 77.50 -26.32
N ASP G 4829 -55.20 76.70 -27.26
CA ASP G 4829 -54.94 77.18 -28.60
C ASP G 4829 -56.22 77.53 -29.34
N GLU G 4830 -57.31 76.83 -29.02
CA GLU G 4830 -58.57 77.04 -29.72
C GLU G 4830 -59.51 77.97 -28.97
N ILE G 4831 -59.72 77.75 -27.68
CA ILE G 4831 -60.65 78.60 -26.94
C ILE G 4831 -60.00 79.96 -26.68
N GLU G 4832 -60.82 80.96 -26.40
CA GLU G 4832 -60.39 82.35 -26.47
C GLU G 4832 -59.47 82.73 -25.32
N ASP G 4833 -58.81 83.88 -25.49
CA ASP G 4833 -57.79 84.32 -24.55
C ASP G 4833 -58.44 84.75 -23.24
N PRO G 4834 -57.82 84.46 -22.09
CA PRO G 4834 -58.46 84.73 -20.80
C PRO G 4834 -58.06 86.04 -20.14
N ALA G 4835 -57.31 86.88 -20.84
CA ALA G 4835 -56.75 88.07 -20.21
C ALA G 4835 -57.86 88.99 -19.72
N GLY G 4836 -57.62 89.60 -18.57
CA GLY G 4836 -58.58 90.52 -17.98
C GLY G 4836 -59.87 89.86 -17.56
N ASP G 4837 -59.78 88.72 -16.87
CA ASP G 4837 -60.96 88.03 -16.38
C ASP G 4837 -60.68 87.52 -14.97
N GLU G 4838 -61.75 87.37 -14.20
CA GLU G 4838 -61.62 86.91 -12.81
C GLU G 4838 -61.17 85.47 -12.71
N TYR G 4839 -61.33 84.67 -13.77
CA TYR G 4839 -60.84 83.30 -13.80
C TYR G 4839 -59.60 83.16 -14.66
N GLU G 4840 -58.82 84.23 -14.80
CA GLU G 4840 -57.66 84.20 -15.69
C GLU G 4840 -56.64 83.16 -15.26
N ILE G 4841 -56.24 83.19 -14.00
CA ILE G 4841 -55.22 82.26 -13.53
C ILE G 4841 -55.77 80.84 -13.52
N TYR G 4842 -57.06 80.68 -13.23
CA TYR G 4842 -57.67 79.35 -13.25
C TYR G 4842 -57.62 78.76 -14.64
N ARG G 4843 -57.95 79.56 -15.67
CA ARG G 4843 -57.92 79.04 -17.02
C ARG G 4843 -56.49 78.84 -17.51
N ILE G 4844 -55.56 79.66 -17.04
CA ILE G 4844 -54.16 79.45 -17.37
C ILE G 4844 -53.69 78.09 -16.85
N ILE G 4845 -54.02 77.79 -15.60
CA ILE G 4845 -53.68 76.48 -15.03
C ILE G 4845 -54.38 75.38 -15.81
N PHE G 4846 -55.64 75.59 -16.14
CA PHE G 4846 -56.41 74.62 -16.92
C PHE G 4846 -55.70 74.28 -18.22
N ASP G 4847 -55.33 75.29 -19.01
CA ASP G 4847 -54.69 75.07 -20.29
C ASP G 4847 -53.31 74.46 -20.15
N ILE G 4848 -52.50 74.95 -19.20
CA ILE G 4848 -51.15 74.43 -19.06
C ILE G 4848 -51.18 72.96 -18.63
N THR G 4849 -52.05 72.63 -17.68
CA THR G 4849 -52.16 71.25 -17.24
C THR G 4849 -52.71 70.36 -18.35
N PHE G 4850 -53.65 70.87 -19.15
CA PHE G 4850 -54.12 70.09 -20.28
C PHE G 4850 -52.99 69.80 -21.26
N PHE G 4851 -52.19 70.81 -21.57
CA PHE G 4851 -51.06 70.63 -22.48
C PHE G 4851 -50.07 69.63 -21.93
N PHE G 4852 -49.80 69.70 -20.62
CA PHE G 4852 -48.79 68.84 -20.02
C PHE G 4852 -49.26 67.39 -19.96
N PHE G 4853 -50.50 67.16 -19.51
CA PHE G 4853 -50.95 65.79 -19.29
C PHE G 4853 -51.40 65.12 -20.59
N VAL G 4854 -52.13 65.83 -21.43
CA VAL G 4854 -52.69 65.20 -22.63
C VAL G 4854 -51.67 65.24 -23.77
N ILE G 4855 -51.25 66.44 -24.14
CA ILE G 4855 -50.39 66.58 -25.32
C ILE G 4855 -49.00 66.03 -25.06
N VAL G 4856 -48.45 66.30 -23.88
CA VAL G 4856 -47.04 65.96 -23.63
C VAL G 4856 -46.90 64.54 -23.10
N ILE G 4857 -47.57 64.23 -21.99
CA ILE G 4857 -47.28 62.99 -21.29
C ILE G 4857 -47.92 61.79 -21.97
N LEU G 4858 -49.22 61.87 -22.28
CA LEU G 4858 -49.93 60.69 -22.77
C LEU G 4858 -49.42 60.25 -24.15
N LEU G 4859 -49.22 61.21 -25.05
CA LEU G 4859 -48.61 60.87 -26.33
C LEU G 4859 -47.20 60.32 -26.14
N ALA G 4860 -46.48 60.83 -25.15
CA ALA G 4860 -45.18 60.27 -24.80
C ALA G 4860 -45.33 58.82 -24.32
N ILE G 4861 -46.42 58.53 -23.60
CA ILE G 4861 -46.66 57.15 -23.18
C ILE G 4861 -46.87 56.26 -24.39
N ILE G 4862 -47.63 56.72 -25.38
CA ILE G 4862 -47.84 55.93 -26.59
C ILE G 4862 -46.52 55.67 -27.31
N GLN G 4863 -45.74 56.72 -27.53
CA GLN G 4863 -44.48 56.57 -28.22
C GLN G 4863 -43.53 55.67 -27.45
N GLY G 4864 -43.52 55.81 -26.13
CA GLY G 4864 -42.66 54.96 -25.31
C GLY G 4864 -43.08 53.50 -25.37
N LEU G 4865 -44.38 53.25 -25.44
CA LEU G 4865 -44.84 51.88 -25.61
C LEU G 4865 -44.34 51.30 -26.92
N ILE G 4866 -44.38 52.08 -28.00
CA ILE G 4866 -43.89 51.58 -29.29
C ILE G 4866 -42.39 51.30 -29.21
N ILE G 4867 -41.63 52.22 -28.62
CA ILE G 4867 -40.18 52.04 -28.54
C ILE G 4867 -39.83 50.84 -27.68
N ASP G 4868 -40.53 50.69 -26.55
CA ASP G 4868 -40.27 49.57 -25.66
C ASP G 4868 -40.64 48.25 -26.34
N ALA G 4869 -41.67 48.25 -27.18
CA ALA G 4869 -42.00 47.06 -27.93
C ALA G 4869 -40.89 46.68 -28.89
N PHE G 4870 -40.34 47.69 -29.60
CA PHE G 4870 -39.16 47.44 -30.42
C PHE G 4870 -38.05 46.78 -29.62
N GLY G 4871 -37.71 47.39 -28.48
CA GLY G 4871 -36.62 46.88 -27.66
C GLY G 4871 -36.88 45.47 -27.18
N GLU G 4872 -38.11 45.19 -26.75
CA GLU G 4872 -38.44 43.87 -26.23
C GLU G 4872 -38.37 42.82 -27.32
N LEU G 4873 -38.85 43.13 -28.53
CA LEU G 4873 -38.73 42.17 -29.62
C LEU G 4873 -37.28 41.88 -29.95
N ARG G 4874 -36.44 42.91 -30.00
CA ARG G 4874 -35.03 42.70 -30.26
C ARG G 4874 -34.39 41.86 -29.16
N ASP G 4875 -34.73 42.11 -27.90
CA ASP G 4875 -34.18 41.34 -26.80
C ASP G 4875 -34.65 39.89 -26.86
N GLN G 4876 -35.89 39.66 -27.26
CA GLN G 4876 -36.36 38.28 -27.40
C GLN G 4876 -35.58 37.54 -28.47
N GLN G 4877 -35.36 38.18 -29.63
CA GLN G 4877 -34.56 37.54 -30.67
C GLN G 4877 -33.15 37.23 -30.17
N GLU G 4878 -32.53 38.19 -29.48
CA GLU G 4878 -31.18 37.99 -28.99
C GLU G 4878 -31.13 36.88 -27.94
N GLN G 4879 -32.13 36.82 -27.06
CA GLN G 4879 -32.16 35.76 -26.07
C GLN G 4879 -32.28 34.40 -26.73
N VAL G 4880 -33.13 34.29 -27.76
CA VAL G 4880 -33.28 33.02 -28.46
C VAL G 4880 -31.95 32.59 -29.07
N LYS G 4881 -31.28 33.51 -29.77
CA LYS G 4881 -30.03 33.12 -30.43
C LYS G 4881 -28.95 32.77 -29.41
N GLU G 4882 -28.89 33.52 -28.30
CA GLU G 4882 -27.88 33.26 -27.28
C GLU G 4882 -28.10 31.90 -26.64
N ASP G 4883 -29.34 31.57 -26.28
CA ASP G 4883 -29.62 30.26 -25.70
C ASP G 4883 -29.29 29.16 -26.71
N MET G 4884 -29.70 29.33 -27.96
CA MET G 4884 -29.48 28.33 -28.99
C MET G 4884 -27.99 28.08 -29.20
N GLU G 4885 -27.17 29.13 -29.13
CA GLU G 4885 -25.74 28.99 -29.37
C GLU G 4885 -24.94 28.65 -28.12
N THR G 4886 -25.54 28.78 -26.93
CA THR G 4886 -24.77 28.50 -25.71
C THR G 4886 -25.08 27.13 -25.14
N LYS G 4887 -26.28 26.61 -25.34
CA LYS G 4887 -26.59 25.29 -24.80
C LYS G 4887 -27.27 24.43 -25.85
N CYS G 4888 -27.01 23.12 -25.78
CA CYS G 4888 -27.64 22.19 -26.70
C CYS G 4888 -29.14 22.12 -26.43
N PHE G 4889 -29.91 22.00 -27.51
CA PHE G 4889 -31.36 22.06 -27.38
C PHE G 4889 -31.91 20.88 -26.60
N ILE G 4890 -31.35 19.68 -26.84
CA ILE G 4890 -31.93 18.48 -26.25
C ILE G 4890 -31.40 18.25 -24.85
N CYS G 4891 -30.09 18.04 -24.71
CA CYS G 4891 -29.54 17.67 -23.40
C CYS G 4891 -29.49 18.87 -22.48
N GLY G 4892 -29.28 20.07 -23.01
CA GLY G 4892 -29.18 21.26 -22.20
C GLY G 4892 -27.83 21.51 -21.57
N ILE G 4893 -26.81 20.75 -21.94
CA ILE G 4893 -25.48 20.93 -21.39
C ILE G 4893 -24.84 22.17 -22.02
N GLY G 4894 -24.05 22.89 -21.21
CA GLY G 4894 -23.40 24.08 -21.68
C GLY G 4894 -22.40 23.82 -22.78
N ASN G 4895 -22.08 24.87 -23.52
CA ASN G 4895 -21.23 24.72 -24.70
C ASN G 4895 -19.78 24.45 -24.31
N ASP G 4896 -19.35 24.96 -23.15
CA ASP G 4896 -17.95 24.86 -22.77
C ASP G 4896 -17.51 23.42 -22.57
N TYR G 4897 -18.36 22.61 -21.95
CA TYR G 4897 -18.02 21.21 -21.70
C TYR G 4897 -17.70 20.49 -23.00
N PHE G 4898 -18.54 20.68 -24.01
CA PHE G 4898 -18.26 20.12 -25.32
C PHE G 4898 -17.08 20.81 -25.99
N ASP G 4899 -16.87 22.09 -25.70
CA ASP G 4899 -15.84 22.88 -26.35
C ASP G 4899 -14.45 22.63 -25.80
N THR G 4900 -14.34 21.85 -24.71
CA THR G 4900 -13.01 21.38 -24.31
C THR G 4900 -12.32 20.65 -25.45
N VAL G 4901 -13.07 19.94 -26.28
CA VAL G 4901 -12.60 19.44 -27.57
C VAL G 4901 -12.86 20.53 -28.59
N PRO G 4902 -11.91 20.87 -29.46
CA PRO G 4902 -12.14 21.93 -30.45
C PRO G 4902 -13.32 21.59 -31.34
N HIS G 4903 -14.18 22.59 -31.57
CA HIS G 4903 -15.40 22.43 -32.38
C HIS G 4903 -16.34 21.40 -31.78
N GLY G 4904 -16.15 21.11 -30.48
CA GLY G 4904 -16.92 20.07 -29.85
C GLY G 4904 -18.39 20.40 -29.74
N PHE G 4905 -18.72 21.67 -29.49
CA PHE G 4905 -20.13 22.04 -29.39
C PHE G 4905 -20.85 21.86 -30.71
N GLU G 4906 -20.25 22.31 -31.82
CA GLU G 4906 -20.92 22.16 -33.10
C GLU G 4906 -20.97 20.69 -33.51
N THR G 4907 -19.95 19.92 -33.14
CA THR G 4907 -19.99 18.48 -33.41
C THR G 4907 -21.13 17.81 -32.64
N HIS G 4908 -21.31 18.19 -31.38
CA HIS G 4908 -22.39 17.62 -30.58
C HIS G 4908 -23.76 18.03 -31.10
N THR G 4909 -23.92 19.31 -31.42
CA THR G 4909 -25.23 19.82 -31.80
C THR G 4909 -25.59 19.52 -33.25
N LEU G 4910 -24.63 19.12 -34.08
CA LEU G 4910 -24.88 18.83 -35.47
C LEU G 4910 -24.78 17.36 -35.81
N GLN G 4911 -24.11 16.55 -34.98
CA GLN G 4911 -23.96 15.12 -35.24
C GLN G 4911 -24.60 14.28 -34.16
N GLU G 4912 -24.30 14.54 -32.88
CA GLU G 4912 -24.81 13.69 -31.82
C GLU G 4912 -26.25 14.04 -31.47
N HIS G 4913 -26.49 15.26 -31.01
CA HIS G 4913 -27.82 15.72 -30.59
C HIS G 4913 -28.30 16.73 -31.62
N ASN G 4914 -29.04 16.26 -32.62
CA ASN G 4914 -29.59 17.11 -33.66
C ASN G 4914 -31.11 16.97 -33.70
N LEU G 4915 -31.80 18.09 -33.59
CA LEU G 4915 -33.26 18.04 -33.57
C LEU G 4915 -33.81 17.54 -34.90
N ALA G 4916 -33.13 17.86 -36.00
CA ALA G 4916 -33.51 17.29 -37.28
C ALA G 4916 -33.35 15.77 -37.27
N ASN G 4917 -32.29 15.28 -36.64
CA ASN G 4917 -32.09 13.84 -36.55
C ASN G 4917 -33.19 13.19 -35.72
N TYR G 4918 -33.60 13.83 -34.62
CA TYR G 4918 -34.71 13.28 -33.84
C TYR G 4918 -36.01 13.29 -34.63
N LEU G 4919 -36.27 14.35 -35.39
CA LEU G 4919 -37.47 14.37 -36.23
C LEU G 4919 -37.43 13.25 -37.27
N PHE G 4920 -36.27 13.04 -37.88
CA PHE G 4920 -36.14 11.97 -38.85
C PHE G 4920 -36.31 10.60 -38.20
N PHE G 4921 -35.82 10.44 -36.98
CA PHE G 4921 -36.05 9.21 -36.24
C PHE G 4921 -37.52 8.98 -35.95
N LEU G 4922 -38.25 10.01 -35.55
CA LEU G 4922 -39.69 9.87 -35.37
C LEU G 4922 -40.38 9.50 -36.68
N MET G 4923 -39.98 10.11 -37.79
CA MET G 4923 -40.55 9.76 -39.09
C MET G 4923 -40.28 8.29 -39.41
N TYR G 4924 -39.04 7.84 -39.18
CA TYR G 4924 -38.67 6.45 -39.44
C TYR G 4924 -39.49 5.50 -38.57
N LEU G 4925 -39.63 5.83 -37.29
CA LEU G 4925 -40.38 4.97 -36.38
C LEU G 4925 -41.84 4.88 -36.79
N ILE G 4926 -42.43 6.02 -37.19
CA ILE G 4926 -43.84 6.01 -37.59
C ILE G 4926 -44.03 5.19 -38.86
N ASN G 4927 -43.14 5.37 -39.84
CA ASN G 4927 -43.31 4.72 -41.14
C ASN G 4927 -42.80 3.28 -41.16
N LYS G 4928 -42.13 2.83 -40.11
CA LYS G 4928 -41.61 1.48 -40.05
C LYS G 4928 -42.59 0.57 -39.35
N ASP G 4929 -42.71 -0.66 -39.85
CA ASP G 4929 -43.69 -1.60 -39.33
C ASP G 4929 -43.38 -2.00 -37.89
N GLU G 4930 -44.43 -2.34 -37.15
CA GLU G 4930 -44.26 -2.74 -35.76
C GLU G 4930 -43.47 -4.02 -35.63
N THR G 4931 -43.73 -5.00 -36.50
CA THR G 4931 -43.05 -6.29 -36.41
C THR G 4931 -41.56 -6.14 -36.70
N GLU G 4932 -41.20 -5.27 -37.65
CA GLU G 4932 -39.82 -5.12 -38.07
C GLU G 4932 -39.01 -4.22 -37.15
N HIS G 4933 -39.62 -3.66 -36.11
CA HIS G 4933 -38.90 -2.82 -35.18
C HIS G 4933 -37.83 -3.61 -34.45
N THR G 4934 -36.67 -3.00 -34.26
CA THR G 4934 -35.63 -3.58 -33.43
C THR G 4934 -36.00 -3.39 -31.96
N GLY G 4935 -35.13 -3.86 -31.07
CA GLY G 4935 -35.40 -3.70 -29.65
C GLY G 4935 -35.44 -2.24 -29.23
N GLN G 4936 -34.43 -1.48 -29.65
CA GLN G 4936 -34.38 -0.05 -29.31
C GLN G 4936 -35.57 0.68 -29.92
N GLU G 4937 -35.88 0.37 -31.16
CA GLU G 4937 -37.01 1.01 -31.83
C GLU G 4937 -38.32 0.69 -31.13
N SER G 4938 -38.49 -0.56 -30.70
CA SER G 4938 -39.70 -0.94 -29.98
C SER G 4938 -39.79 -0.23 -28.64
N TYR G 4939 -38.66 -0.09 -27.94
CA TYR G 4939 -38.63 0.65 -26.68
C TYR G 4939 -39.08 2.10 -26.89
N VAL G 4940 -38.47 2.77 -27.86
CA VAL G 4940 -38.82 4.17 -28.12
C VAL G 4940 -40.27 4.27 -28.58
N TRP G 4941 -40.73 3.32 -29.39
CA TRP G 4941 -42.11 3.33 -29.86
C TRP G 4941 -43.09 3.20 -28.72
N LYS G 4942 -42.82 2.28 -27.79
CA LYS G 4942 -43.72 2.10 -26.65
C LYS G 4942 -43.77 3.36 -25.80
N MET G 4943 -42.60 3.96 -25.53
CA MET G 4943 -42.61 5.13 -24.66
C MET G 4943 -43.23 6.33 -25.36
N TYR G 4944 -43.07 6.42 -26.68
CA TYR G 4944 -43.72 7.49 -27.44
C TYR G 4944 -45.22 7.31 -27.50
N GLN G 4945 -45.69 6.06 -27.62
CA GLN G 4945 -47.12 5.80 -27.58
C GLN G 4945 -47.70 6.17 -26.22
N GLU G 4946 -47.01 5.84 -25.14
CA GLU G 4946 -47.46 6.22 -23.81
C GLU G 4946 -47.08 7.65 -23.45
N ARG G 4947 -46.49 8.39 -24.39
CA ARG G 4947 -46.20 9.81 -24.29
C ARG G 4947 -45.15 10.13 -23.24
N CYS G 4948 -44.35 9.15 -22.84
CA CYS G 4948 -43.30 9.36 -21.86
C CYS G 4948 -42.01 9.74 -22.59
N TRP G 4949 -41.41 10.86 -22.19
CA TRP G 4949 -40.29 11.44 -22.90
C TRP G 4949 -38.95 11.25 -22.20
N GLU G 4950 -38.83 10.23 -21.34
CA GLU G 4950 -37.56 10.01 -20.66
C GLU G 4950 -36.48 9.49 -21.59
N PHE G 4951 -36.83 9.04 -22.79
CA PHE G 4951 -35.81 8.53 -23.70
C PHE G 4951 -34.96 9.66 -24.27
N PHE G 4952 -35.47 10.89 -24.20
CA PHE G 4952 -34.67 12.03 -24.59
C PHE G 4952 -33.54 12.22 -23.58
N PRO G 4953 -32.29 12.34 -24.02
CA PRO G 4953 -31.19 12.56 -23.07
C PRO G 4953 -31.35 13.91 -22.38
N ALA G 4954 -31.62 13.86 -21.08
CA ALA G 4954 -31.81 15.06 -20.28
C ALA G 4954 -30.71 15.14 -19.24
N GLY G 4955 -29.78 16.07 -19.42
CA GLY G 4955 -28.68 16.27 -18.51
C GLY G 4955 -27.52 15.33 -18.68
N ASP G 4956 -27.58 14.42 -19.64
CA ASP G 4956 -26.52 13.46 -19.88
C ASP G 4956 -26.31 13.28 -21.37
N CYS G 4957 -25.11 12.85 -21.74
CA CYS G 4957 -24.77 12.62 -23.13
C CYS G 4957 -23.80 11.45 -23.21
N PHE G 4958 -23.48 11.07 -24.45
CA PHE G 4958 -22.50 10.02 -24.69
C PHE G 4958 -21.16 10.38 -24.05
N ARG G 4959 -20.73 11.62 -24.23
CA ARG G 4959 -19.42 12.04 -23.73
C ARG G 4959 -19.36 11.97 -22.21
N LYS G 4960 -20.40 12.47 -21.52
CA LYS G 4960 -20.42 12.37 -20.08
C LYS G 4960 -20.49 10.92 -19.61
N GLN G 4961 -21.31 10.11 -20.29
CA GLN G 4961 -21.54 8.76 -19.79
C GLN G 4961 -20.29 7.90 -19.97
N TYR G 4962 -19.59 8.06 -21.09
CA TYR G 4962 -18.36 7.30 -21.34
C TYR G 4962 -17.14 8.19 -21.26
N GLU G 4963 -17.16 9.18 -20.35
CA GLU G 4963 -16.06 10.13 -20.27
C GLU G 4963 -14.74 9.43 -19.95
N ASP G 4964 -14.76 8.48 -19.02
CA ASP G 4964 -13.53 7.84 -18.58
C ASP G 4964 -12.90 7.01 -19.70
N GLN G 4965 -13.68 6.14 -20.32
CA GLN G 4965 -13.12 5.24 -21.32
C GLN G 4965 -12.82 5.97 -22.63
N LEU G 4966 -13.76 6.80 -23.08
CA LEU G 4966 -13.56 7.51 -24.35
C LEU G 4966 -12.39 8.47 -24.27
N ASN G 4967 -12.24 9.16 -23.16
CA ASN G 4967 -11.19 10.17 -23.01
C ASN G 4967 -10.13 9.73 -22.00
N GLU H 10 -7.30 -16.13 -25.13
CA GLU H 10 -6.44 -16.30 -23.97
C GLU H 10 -5.52 -17.51 -24.15
N ILE H 11 -5.74 -18.25 -25.23
CA ILE H 11 -4.96 -19.45 -25.54
C ILE H 11 -4.37 -19.29 -26.94
N GLN H 12 -3.08 -19.57 -27.06
CA GLN H 12 -2.39 -19.39 -28.33
C GLN H 12 -2.84 -20.44 -29.34
N PHE H 13 -2.89 -20.03 -30.61
CA PHE H 13 -3.31 -20.90 -31.70
C PHE H 13 -2.17 -21.05 -32.68
N LEU H 14 -1.97 -22.28 -33.17
CA LEU H 14 -0.89 -22.53 -34.12
C LEU H 14 -1.22 -21.93 -35.48
N ARG H 15 -0.32 -21.13 -36.01
CA ARG H 15 -0.47 -20.50 -37.31
C ARG H 15 0.79 -20.73 -38.13
N THR H 16 0.76 -20.25 -39.37
CA THR H 16 1.89 -20.44 -40.26
C THR H 16 3.10 -19.61 -39.80
N ASP H 17 4.27 -19.98 -40.32
CA ASP H 17 5.56 -19.34 -40.04
C ASP H 17 5.97 -19.48 -38.58
N ASP H 18 5.41 -20.45 -37.85
CA ASP H 18 5.78 -20.69 -36.46
C ASP H 18 6.62 -21.95 -36.36
N GLU H 19 7.76 -21.85 -35.67
CA GLU H 19 8.62 -23.01 -35.47
C GLU H 19 7.98 -23.98 -34.50
N VAL H 20 7.87 -25.23 -34.91
CA VAL H 20 7.23 -26.26 -34.10
C VAL H 20 8.10 -27.51 -34.08
N VAL H 21 7.91 -28.31 -33.05
CA VAL H 21 8.56 -29.62 -32.93
C VAL H 21 7.48 -30.67 -32.67
N LEU H 22 7.64 -31.83 -33.29
CA LEU H 22 6.66 -32.91 -33.19
C LEU H 22 7.13 -33.90 -32.14
N GLN H 23 6.47 -33.88 -30.98
CA GLN H 23 6.77 -34.75 -29.86
C GLN H 23 5.85 -35.97 -29.89
N CYS H 24 6.37 -37.09 -29.39
CA CYS H 24 5.63 -38.32 -29.27
C CYS H 24 6.04 -39.04 -27.99
N THR H 25 5.21 -39.98 -27.57
CA THR H 25 5.41 -40.71 -26.32
C THR H 25 5.78 -42.15 -26.62
N ALA H 26 6.69 -42.69 -25.82
CA ALA H 26 7.15 -44.06 -25.95
C ALA H 26 7.05 -44.76 -24.60
N THR H 27 6.68 -46.04 -24.64
CA THR H 27 6.53 -46.86 -23.44
C THR H 27 7.60 -47.93 -23.33
N ILE H 28 8.85 -47.59 -23.67
CA ILE H 28 9.92 -48.59 -23.67
C ILE H 28 10.15 -49.09 -22.26
N HIS H 29 10.24 -50.42 -22.12
CA HIS H 29 10.39 -51.13 -20.84
C HIS H 29 9.58 -50.46 -19.73
N LYS H 30 8.33 -50.13 -20.06
CA LYS H 30 7.37 -49.60 -19.09
C LYS H 30 7.86 -48.30 -18.45
N GLU H 31 8.31 -47.37 -19.27
CA GLU H 31 8.52 -46.00 -18.80
C GLU H 31 8.06 -45.02 -19.87
N GLN H 32 7.65 -43.83 -19.43
CA GLN H 32 7.20 -42.80 -20.35
C GLN H 32 8.39 -41.98 -20.82
N GLN H 33 8.65 -42.02 -22.13
CA GLN H 33 9.76 -41.31 -22.74
C GLN H 33 9.23 -40.34 -23.78
N LYS H 34 9.71 -39.10 -23.75
CA LYS H 34 9.30 -38.07 -24.69
C LYS H 34 10.35 -37.96 -25.79
N LEU H 35 9.95 -38.23 -27.02
CA LEU H 35 10.84 -38.18 -28.17
C LEU H 35 10.37 -37.13 -29.13
N CYS H 36 11.27 -36.65 -29.98
CA CYS H 36 10.93 -35.65 -30.97
C CYS H 36 11.40 -36.10 -32.35
N LEU H 37 10.56 -35.86 -33.35
CA LEU H 37 10.86 -36.22 -34.73
C LEU H 37 11.90 -35.26 -35.27
N ALA H 38 13.05 -35.78 -35.70
CA ALA H 38 14.14 -34.96 -36.18
C ALA H 38 14.74 -35.59 -37.43
N ALA H 39 15.57 -34.81 -38.11
CA ALA H 39 16.30 -35.30 -39.27
C ALA H 39 17.43 -34.32 -39.57
N GLU H 40 18.61 -34.87 -39.84
CA GLU H 40 19.76 -34.08 -40.23
C GLU H 40 19.73 -33.95 -41.75
N GLY H 41 19.28 -32.80 -42.23
CA GLY H 41 19.03 -32.62 -43.65
C GLY H 41 20.24 -32.87 -44.52
N PHE H 42 21.39 -32.36 -44.11
CA PHE H 42 22.63 -32.64 -44.82
C PHE H 42 22.96 -34.13 -44.69
N GLY H 43 23.27 -34.75 -45.81
CA GLY H 43 23.53 -36.19 -45.79
C GLY H 43 22.23 -36.95 -45.75
N ASN H 44 22.09 -37.82 -44.76
CA ASN H 44 20.94 -38.72 -44.68
C ASN H 44 19.63 -37.95 -44.58
N ARG H 45 18.76 -38.14 -45.57
CA ARG H 45 17.43 -37.53 -45.55
C ARG H 45 16.45 -38.26 -44.66
N LEU H 46 16.75 -39.49 -44.24
CA LEU H 46 15.81 -40.25 -43.43
C LEU H 46 15.68 -39.64 -42.05
N CYS H 47 14.46 -39.64 -41.53
CA CYS H 47 14.19 -39.05 -40.22
C CYS H 47 14.39 -40.07 -39.12
N PHE H 48 14.81 -39.59 -37.94
CA PHE H 48 14.88 -40.42 -36.75
C PHE H 48 14.21 -39.67 -35.60
N LEU H 49 14.40 -40.20 -34.40
CA LEU H 49 13.80 -39.62 -33.20
C LEU H 49 14.90 -39.31 -32.21
N GLU H 50 14.87 -38.10 -31.66
CA GLU H 50 15.82 -37.68 -30.64
C GLU H 50 15.12 -37.60 -29.30
N SER H 51 15.74 -38.19 -28.28
CA SER H 51 15.14 -38.26 -26.95
C SER H 51 15.22 -36.90 -26.28
N THR H 52 14.06 -36.38 -25.85
CA THR H 52 13.99 -35.09 -25.18
C THR H 52 13.69 -35.20 -23.70
N SER H 53 13.14 -36.32 -23.24
CA SER H 53 12.87 -36.49 -21.81
C SER H 53 14.15 -36.61 -21.00
N ASN H 54 15.28 -36.92 -21.66
CA ASN H 54 16.57 -37.04 -20.99
C ASN H 54 17.37 -35.74 -21.04
N SER H 55 16.71 -34.58 -21.05
CA SER H 55 17.42 -33.31 -21.10
C SER H 55 18.32 -33.14 -19.88
N LYS H 56 18.02 -33.85 -18.79
CA LYS H 56 18.86 -33.79 -17.61
C LYS H 56 20.26 -34.34 -17.89
N ASN H 57 20.35 -35.43 -18.65
CA ASN H 57 21.63 -36.09 -18.87
C ASN H 57 22.17 -35.84 -20.26
N VAL H 58 21.33 -35.92 -21.28
CA VAL H 58 21.77 -35.77 -22.67
C VAL H 58 21.05 -34.59 -23.29
N PRO H 59 21.77 -33.55 -23.71
CA PRO H 59 21.13 -32.39 -24.35
C PRO H 59 20.41 -32.79 -25.62
N PRO H 60 19.24 -32.22 -25.88
CA PRO H 60 18.52 -32.53 -27.12
C PRO H 60 18.95 -31.63 -28.27
N ASP H 61 19.17 -32.23 -29.44
CA ASP H 61 19.60 -31.49 -30.62
C ASP H 61 18.39 -30.91 -31.35
N LEU H 62 17.74 -29.94 -30.70
CA LEU H 62 16.54 -29.33 -31.25
C LEU H 62 16.80 -28.55 -32.52
N SER H 63 18.06 -28.25 -32.84
CA SER H 63 18.38 -27.49 -34.04
C SER H 63 17.89 -28.23 -35.28
N ILE H 64 18.00 -29.55 -35.29
CA ILE H 64 17.49 -30.36 -36.40
C ILE H 64 16.08 -30.84 -36.16
N CYS H 65 15.53 -30.64 -34.96
CA CYS H 65 14.16 -31.00 -34.66
C CYS H 65 13.16 -29.91 -35.03
N THR H 66 13.59 -28.65 -35.07
CA THR H 66 12.66 -27.56 -35.33
C THR H 66 12.10 -27.66 -36.75
N PHE H 67 10.79 -27.41 -36.86
CA PHE H 67 10.09 -27.41 -38.13
C PHE H 67 9.22 -26.18 -38.21
N VAL H 68 9.02 -25.67 -39.43
CA VAL H 68 8.21 -24.47 -39.65
C VAL H 68 7.04 -24.81 -40.55
N LEU H 69 5.88 -24.25 -40.26
CA LEU H 69 4.66 -24.50 -41.02
C LEU H 69 4.57 -23.44 -42.12
N GLU H 70 4.85 -23.85 -43.36
CA GLU H 70 4.84 -22.91 -44.47
C GLU H 70 3.42 -22.52 -44.85
N GLN H 71 2.60 -23.51 -45.19
CA GLN H 71 1.22 -23.27 -45.58
C GLN H 71 0.30 -24.29 -44.94
N SER H 72 -0.95 -23.88 -44.70
CA SER H 72 -1.99 -24.74 -44.16
C SER H 72 -3.26 -24.52 -44.98
N LEU H 73 -3.43 -25.30 -46.04
CA LEU H 73 -4.55 -25.15 -46.95
C LEU H 73 -5.47 -26.35 -46.87
N SER H 74 -6.73 -26.14 -47.24
CA SER H 74 -7.69 -27.23 -47.26
C SER H 74 -7.33 -28.24 -48.34
N VAL H 75 -7.85 -29.46 -48.18
CA VAL H 75 -7.57 -30.51 -49.16
C VAL H 75 -8.15 -30.14 -50.52
N ARG H 76 -9.33 -29.49 -50.52
CA ARG H 76 -9.93 -29.06 -51.78
C ARG H 76 -9.04 -28.04 -52.48
N ALA H 77 -8.57 -27.04 -51.73
CA ALA H 77 -7.71 -26.02 -52.31
C ALA H 77 -6.40 -26.61 -52.80
N LEU H 78 -5.84 -27.55 -52.03
CA LEU H 78 -4.62 -28.23 -52.45
C LEU H 78 -4.81 -29.02 -53.74
N GLN H 79 -5.92 -29.75 -53.86
CA GLN H 79 -6.21 -30.46 -55.09
C GLN H 79 -6.37 -29.50 -56.26
N GLU H 80 -7.08 -28.39 -56.06
CA GLU H 80 -7.22 -27.41 -57.13
C GLU H 80 -5.87 -26.85 -57.55
N MET H 81 -5.01 -26.52 -56.59
CA MET H 81 -3.71 -25.96 -56.90
C MET H 81 -2.85 -26.97 -57.64
N LEU H 82 -2.90 -28.24 -57.22
CA LEU H 82 -2.17 -29.28 -57.92
C LEU H 82 -2.68 -29.45 -59.35
N ALA H 83 -3.99 -29.33 -59.54
CA ALA H 83 -4.55 -29.37 -60.89
C ALA H 83 -4.04 -28.20 -61.72
N ASN H 84 -3.92 -27.02 -61.12
CA ASN H 84 -3.40 -25.85 -61.80
C ASN H 84 -1.89 -25.99 -62.03
N HIS H 110 -0.64 -15.56 -42.57
CA HIS H 110 -0.66 -15.95 -41.16
C HIS H 110 -1.98 -16.58 -40.78
N ARG H 111 -2.50 -17.45 -41.63
CA ARG H 111 -3.73 -18.15 -41.34
C ARG H 111 -3.53 -19.15 -40.21
N THR H 112 -4.60 -19.42 -39.48
CA THR H 112 -4.54 -20.33 -38.35
C THR H 112 -4.88 -21.75 -38.80
N LEU H 113 -4.12 -22.72 -38.28
CA LEU H 113 -4.35 -24.11 -38.62
C LEU H 113 -5.72 -24.56 -38.12
N LEU H 114 -6.58 -24.94 -39.06
CA LEU H 114 -7.89 -25.49 -38.75
C LEU H 114 -7.84 -26.99 -39.00
N TYR H 115 -8.37 -27.76 -38.05
CA TYR H 115 -8.34 -29.21 -38.17
C TYR H 115 -9.01 -29.65 -39.47
N GLY H 116 -8.32 -30.51 -40.21
CA GLY H 116 -8.80 -30.96 -41.50
C GLY H 116 -8.07 -30.39 -42.70
N HIS H 117 -7.08 -29.54 -42.50
CA HIS H 117 -6.26 -29.06 -43.60
C HIS H 117 -5.08 -29.99 -43.83
N ALA H 118 -4.31 -29.70 -44.88
CA ALA H 118 -3.04 -30.36 -45.15
C ALA H 118 -1.95 -29.32 -44.99
N ILE H 119 -0.96 -29.62 -44.15
CA ILE H 119 0.06 -28.65 -43.77
C ILE H 119 1.39 -29.02 -44.42
N LEU H 120 2.20 -28.00 -44.67
CA LEU H 120 3.49 -28.14 -45.35
C LEU H 120 4.60 -27.84 -44.35
N LEU H 121 5.27 -28.88 -43.90
CA LEU H 121 6.36 -28.70 -42.95
C LEU H 121 7.68 -28.50 -43.69
N ARG H 122 8.45 -27.51 -43.27
CA ARG H 122 9.78 -27.26 -43.81
C ARG H 122 10.78 -27.39 -42.68
N HIS H 123 11.83 -28.17 -42.91
CA HIS H 123 12.86 -28.33 -41.90
C HIS H 123 13.68 -27.05 -41.82
N SER H 124 13.70 -26.44 -40.63
CA SER H 124 14.25 -25.10 -40.50
C SER H 124 15.73 -25.06 -40.88
N TYR H 125 16.51 -25.99 -40.37
CA TYR H 125 17.95 -25.99 -40.63
C TYR H 125 18.24 -26.26 -42.10
N SER H 126 17.64 -27.32 -42.65
CA SER H 126 18.03 -27.78 -43.98
C SER H 126 17.26 -27.04 -45.07
N GLY H 127 15.98 -26.77 -44.85
CA GLY H 127 15.15 -26.16 -45.86
C GLY H 127 14.34 -27.13 -46.69
N MET H 128 14.59 -28.43 -46.59
CA MET H 128 13.73 -29.40 -47.25
C MET H 128 12.47 -29.64 -46.46
N TYR H 129 11.52 -30.33 -47.08
CA TYR H 129 10.19 -30.53 -46.53
C TYR H 129 9.98 -31.98 -46.14
N LEU H 130 9.26 -32.19 -45.04
CA LEU H 130 8.92 -33.54 -44.60
C LEU H 130 7.99 -34.20 -45.60
N CYS H 131 8.23 -35.48 -45.89
CA CYS H 131 7.42 -36.20 -46.86
C CYS H 131 7.59 -37.69 -46.65
N CYS H 132 6.69 -38.46 -47.27
CA CYS H 132 6.88 -39.90 -47.35
C CYS H 132 7.79 -40.22 -48.52
N LEU H 133 8.90 -40.88 -48.24
CA LEU H 133 9.91 -41.12 -49.27
C LEU H 133 9.46 -42.15 -50.30
N SER H 134 8.36 -42.86 -50.03
CA SER H 134 7.80 -43.88 -50.92
C SER H 134 8.74 -45.08 -51.02
N THR H 135 9.89 -45.00 -50.36
CA THR H 135 10.80 -46.13 -50.24
C THR H 135 10.75 -46.66 -48.80
N SER H 136 11.11 -47.92 -48.65
CA SER H 136 10.99 -48.59 -47.36
C SER H 136 12.29 -49.27 -46.99
N ARG H 137 12.60 -49.27 -45.70
CA ARG H 137 13.72 -50.01 -45.16
C ARG H 137 13.35 -51.45 -44.84
N SER H 138 12.08 -51.81 -44.99
CA SER H 138 11.59 -53.16 -44.71
C SER H 138 11.90 -53.57 -43.27
N SER H 139 11.73 -52.62 -42.34
CA SER H 139 11.94 -52.88 -40.92
C SER H 139 10.70 -53.59 -40.33
N THR H 140 10.56 -54.87 -40.71
CA THR H 140 9.49 -55.76 -40.30
C THR H 140 8.11 -55.26 -40.71
N ASP H 141 8.02 -54.33 -41.66
CA ASP H 141 6.74 -53.83 -42.16
C ASP H 141 6.88 -53.53 -43.64
N LYS H 142 6.29 -54.40 -44.48
CA LYS H 142 6.30 -54.18 -45.91
C LYS H 142 5.47 -52.96 -46.27
N LEU H 143 4.33 -52.77 -45.59
CA LEU H 143 3.42 -51.69 -45.93
C LEU H 143 3.97 -50.33 -45.53
N ALA H 144 4.85 -50.29 -44.53
CA ALA H 144 5.36 -49.02 -44.04
C ALA H 144 6.26 -48.34 -45.08
N PHE H 145 6.14 -47.02 -45.15
CA PHE H 145 7.00 -46.21 -46.00
C PHE H 145 7.85 -45.29 -45.13
N ASP H 146 9.11 -45.13 -45.53
CA ASP H 146 10.02 -44.28 -44.78
C ASP H 146 9.65 -42.81 -44.96
N VAL H 147 9.90 -42.04 -43.89
CA VAL H 147 9.58 -40.61 -43.86
C VAL H 147 10.88 -39.84 -43.83
N GLY H 148 11.06 -38.95 -44.80
CA GLY H 148 12.29 -38.19 -44.90
C GLY H 148 12.08 -36.76 -45.35
N LEU H 149 13.11 -36.17 -45.96
CA LEU H 149 13.07 -34.79 -46.41
C LEU H 149 13.23 -34.73 -47.92
N GLN H 150 12.50 -33.80 -48.54
CA GLN H 150 12.51 -33.62 -50.00
C GLN H 150 12.68 -32.16 -50.34
N GLU H 151 13.45 -31.88 -51.39
CA GLU H 151 13.71 -30.51 -51.79
C GLU H 151 12.49 -29.85 -52.42
N ASP H 152 11.81 -30.55 -53.33
CA ASP H 152 10.71 -29.97 -54.09
C ASP H 152 9.40 -30.17 -53.35
N THR H 153 8.67 -29.07 -53.16
CA THR H 153 7.36 -29.11 -52.52
C THR H 153 6.27 -29.60 -53.46
N THR H 154 6.54 -29.70 -54.76
CA THR H 154 5.55 -30.19 -55.70
C THR H 154 5.25 -31.66 -55.44
N GLY H 155 4.05 -32.07 -55.81
CA GLY H 155 3.58 -33.42 -55.56
C GLY H 155 2.80 -33.53 -54.27
N GLU H 156 2.18 -34.70 -54.08
CA GLU H 156 1.33 -34.96 -52.93
C GLU H 156 2.07 -35.63 -51.79
N ALA H 157 3.39 -35.86 -51.94
CA ALA H 157 4.14 -36.52 -50.88
C ALA H 157 4.44 -35.58 -49.72
N CYS H 158 4.73 -34.32 -50.01
CA CYS H 158 5.14 -33.39 -48.95
C CYS H 158 4.00 -33.07 -48.00
N TRP H 159 2.79 -32.91 -48.54
CA TRP H 159 1.68 -32.42 -47.73
C TRP H 159 1.19 -33.50 -46.76
N TRP H 160 0.79 -33.05 -45.58
CA TRP H 160 0.31 -33.95 -44.51
C TRP H 160 -1.02 -33.41 -44.01
N THR H 161 -2.10 -34.14 -44.26
CA THR H 161 -3.38 -33.75 -43.70
C THR H 161 -3.34 -33.89 -42.18
N ILE H 162 -3.93 -32.93 -41.49
CA ILE H 162 -3.89 -32.88 -40.03
C ILE H 162 -5.25 -33.34 -39.53
N HIS H 163 -5.25 -34.13 -38.45
CA HIS H 163 -6.50 -34.62 -37.92
C HIS H 163 -6.48 -34.60 -36.40
N PRO H 164 -7.63 -34.34 -35.78
CA PRO H 164 -7.69 -34.36 -34.31
C PRO H 164 -7.43 -35.75 -33.76
N ALA H 165 -6.80 -35.80 -32.59
CA ALA H 165 -6.56 -37.08 -31.93
C ALA H 165 -7.83 -37.63 -31.32
N SER H 166 -8.63 -36.78 -30.70
CA SER H 166 -9.85 -37.19 -30.02
C SER H 166 -10.99 -36.26 -30.36
N LYS H 167 -12.16 -36.54 -29.78
CA LYS H 167 -13.39 -35.86 -30.14
C LYS H 167 -13.50 -34.47 -29.53
N GLN H 168 -12.57 -34.11 -28.63
CA GLN H 168 -12.67 -32.82 -27.95
C GLN H 168 -12.60 -31.63 -28.91
N ARG H 169 -12.03 -31.83 -30.11
CA ARG H 169 -11.97 -30.75 -31.09
C ARG H 169 -12.28 -31.36 -32.46
N SER H 170 -13.51 -31.15 -32.92
CA SER H 170 -13.92 -31.70 -34.21
C SER H 170 -13.19 -30.99 -35.34
N GLU H 171 -13.31 -31.55 -36.54
CA GLU H 171 -12.64 -30.99 -37.69
C GLU H 171 -13.16 -29.59 -37.98
N GLY H 172 -12.25 -28.69 -38.34
CA GLY H 172 -12.61 -27.32 -38.63
C GLY H 172 -12.30 -26.37 -37.49
N GLU H 173 -12.14 -26.91 -36.29
CA GLU H 173 -11.83 -26.06 -35.15
C GLU H 173 -10.36 -25.65 -35.18
N LYS H 174 -10.08 -24.47 -34.61
CA LYS H 174 -8.71 -23.99 -34.55
C LYS H 174 -7.88 -24.87 -33.63
N VAL H 175 -6.66 -25.17 -34.08
CA VAL H 175 -5.76 -26.04 -33.34
C VAL H 175 -5.03 -25.22 -32.29
N ARG H 176 -5.17 -25.58 -31.03
CA ARG H 176 -4.45 -24.90 -29.96
C ARG H 176 -3.00 -25.39 -29.92
N VAL H 177 -2.15 -24.62 -29.27
CA VAL H 177 -0.74 -24.97 -29.17
C VAL H 177 -0.57 -26.27 -28.41
N GLY H 178 -1.32 -26.44 -27.32
CA GLY H 178 -1.29 -27.68 -26.58
C GLY H 178 -2.38 -28.63 -27.04
N ASP H 179 -2.04 -29.54 -27.93
CA ASP H 179 -2.99 -30.49 -28.51
C ASP H 179 -2.23 -31.74 -28.94
N ASP H 180 -2.98 -32.81 -29.16
CA ASP H 180 -2.47 -34.02 -29.77
C ASP H 180 -3.04 -34.14 -31.17
N LEU H 181 -2.18 -34.40 -32.14
CA LEU H 181 -2.53 -34.34 -33.56
C LEU H 181 -2.06 -35.60 -34.25
N ILE H 182 -2.81 -36.06 -35.24
CA ILE H 182 -2.42 -37.22 -36.04
C ILE H 182 -2.30 -36.76 -37.49
N LEU H 183 -1.19 -37.11 -38.13
CA LEU H 183 -0.90 -36.67 -39.48
C LEU H 183 -1.10 -37.84 -40.45
N VAL H 184 -1.87 -37.59 -41.50
CA VAL H 184 -2.12 -38.59 -42.53
C VAL H 184 -1.45 -38.12 -43.82
N SER H 185 -0.58 -38.96 -44.36
CA SER H 185 0.09 -38.61 -45.60
C SER H 185 -0.91 -38.47 -46.73
N VAL H 186 -0.76 -37.41 -47.53
CA VAL H 186 -1.62 -37.25 -48.70
C VAL H 186 -1.33 -38.35 -49.71
N SER H 187 -0.05 -38.59 -50.00
CA SER H 187 0.31 -39.52 -51.06
C SER H 187 0.01 -40.97 -50.68
N SER H 188 0.41 -41.38 -49.48
CA SER H 188 0.36 -42.78 -49.10
C SER H 188 -0.81 -43.11 -48.18
N GLU H 189 -1.53 -42.11 -47.68
CA GLU H 189 -2.68 -42.32 -46.79
C GLU H 189 -2.29 -43.16 -45.57
N ARG H 190 -1.11 -42.88 -45.03
CA ARG H 190 -0.63 -43.52 -43.81
C ARG H 190 -0.39 -42.46 -42.75
N TYR H 191 -0.18 -42.91 -41.52
CA TYR H 191 0.06 -42.04 -40.39
C TYR H 191 1.55 -41.94 -40.09
N LEU H 192 1.98 -40.77 -39.62
CA LEU H 192 3.28 -40.68 -38.96
C LEU H 192 3.26 -41.54 -37.71
N HIS H 193 3.97 -42.65 -37.76
CA HIS H 193 3.79 -43.70 -36.76
C HIS H 193 5.13 -44.07 -36.16
N LEU H 194 5.11 -44.40 -34.87
CA LEU H 194 6.30 -44.81 -34.13
C LEU H 194 6.34 -46.34 -34.10
N SER H 195 7.36 -46.92 -34.72
CA SER H 195 7.47 -48.36 -34.86
C SER H 195 8.32 -48.91 -33.72
N TYR H 196 7.74 -49.83 -32.94
CA TYR H 196 8.45 -50.51 -31.87
C TYR H 196 9.04 -51.84 -32.29
N GLY H 197 8.86 -52.24 -33.56
CA GLY H 197 9.24 -53.58 -33.96
C GLY H 197 10.73 -53.86 -33.76
N ASN H 198 11.57 -52.93 -34.19
CA ASN H 198 12.99 -53.06 -33.94
C ASN H 198 13.34 -52.48 -32.58
N GLY H 199 14.55 -52.82 -32.11
CA GLY H 199 15.03 -52.23 -30.87
C GLY H 199 15.13 -50.72 -30.95
N SER H 200 15.54 -50.20 -32.10
CA SER H 200 15.60 -48.77 -32.33
C SER H 200 14.25 -48.29 -32.85
N LEU H 201 13.71 -47.25 -32.21
CA LEU H 201 12.42 -46.72 -32.62
C LEU H 201 12.54 -46.01 -33.96
N HIS H 202 11.55 -46.23 -34.83
CA HIS H 202 11.55 -45.68 -36.17
C HIS H 202 10.27 -44.89 -36.42
N VAL H 203 10.40 -43.78 -37.12
CA VAL H 203 9.25 -43.01 -37.57
C VAL H 203 8.97 -43.40 -39.03
N ASP H 204 7.79 -43.96 -39.27
CA ASP H 204 7.42 -44.47 -40.58
C ASP H 204 5.96 -44.15 -40.86
N ALA H 205 5.63 -44.14 -42.14
CA ALA H 205 4.24 -44.01 -42.57
C ALA H 205 3.57 -45.37 -42.52
N ALA H 206 2.61 -45.52 -41.61
CA ALA H 206 1.97 -46.80 -41.40
C ALA H 206 0.48 -46.61 -41.19
N PHE H 207 -0.28 -47.69 -41.38
CA PHE H 207 -1.73 -47.63 -41.20
C PHE H 207 -2.09 -47.46 -39.73
N GLN H 208 -1.26 -47.98 -38.83
CA GLN H 208 -1.45 -47.71 -37.41
C GLN H 208 -1.13 -46.25 -37.12
N GLN H 209 -1.93 -45.63 -36.26
CA GLN H 209 -1.84 -44.20 -36.01
C GLN H 209 -1.23 -43.94 -34.64
N THR H 210 -0.37 -42.94 -34.56
CA THR H 210 0.27 -42.52 -33.33
C THR H 210 0.02 -41.04 -33.11
N LEU H 211 -0.38 -40.67 -31.89
CA LEU H 211 -0.67 -39.29 -31.57
C LEU H 211 0.62 -38.48 -31.49
N TRP H 212 0.65 -37.34 -32.16
CA TRP H 212 1.76 -36.42 -32.09
C TRP H 212 1.30 -35.10 -31.47
N SER H 213 2.19 -34.48 -30.69
CA SER H 213 1.91 -33.21 -30.06
C SER H 213 2.82 -32.15 -30.67
N VAL H 214 2.26 -31.00 -30.97
CA VAL H 214 3.02 -29.91 -31.58
C VAL H 214 3.42 -28.93 -30.49
N ALA H 215 4.73 -28.73 -30.32
CA ALA H 215 5.23 -27.80 -29.32
C ALA H 215 5.87 -26.60 -30.01
N PRO H 216 5.46 -25.40 -29.66
CA PRO H 216 5.96 -24.19 -30.35
C PRO H 216 7.34 -23.81 -29.85
N ILE H 217 8.34 -23.97 -30.70
CA ILE H 217 9.70 -23.53 -30.34
C ILE H 217 9.77 -22.01 -30.28
N SER H 218 9.25 -21.35 -31.32
CA SER H 218 9.30 -19.90 -31.40
C SER H 218 8.43 -19.44 -32.55
N SER H 219 8.08 -18.16 -32.52
CA SER H 219 7.36 -17.50 -33.60
C SER H 219 8.17 -16.29 -34.04
N GLY H 220 8.70 -16.34 -35.26
CA GLY H 220 9.57 -15.28 -35.73
C GLY H 220 8.81 -14.00 -36.06
N SER H 221 7.49 -14.10 -36.19
CA SER H 221 6.68 -12.93 -36.55
C SER H 221 6.79 -11.84 -35.48
N GLU H 222 6.73 -12.23 -34.21
CA GLU H 222 6.81 -11.28 -33.11
C GLU H 222 8.18 -11.21 -32.47
N ALA H 223 9.19 -11.83 -33.07
CA ALA H 223 10.54 -11.85 -32.52
C ALA H 223 11.15 -10.46 -32.64
N ALA H 224 11.75 -9.98 -31.56
CA ALA H 224 12.37 -8.66 -31.55
C ALA H 224 13.79 -8.75 -32.08
N GLN H 225 14.11 -7.89 -33.05
CA GLN H 225 15.43 -7.90 -33.66
C GLN H 225 16.46 -7.35 -32.69
N GLY H 226 17.69 -7.88 -32.78
CA GLY H 226 18.78 -7.39 -31.98
C GLY H 226 18.83 -7.89 -30.56
N TYR H 227 17.83 -8.67 -30.14
CA TYR H 227 17.78 -9.21 -28.79
C TYR H 227 17.99 -10.72 -28.84
N LEU H 228 18.83 -11.22 -27.93
CA LEU H 228 19.20 -12.63 -27.94
C LEU H 228 17.99 -13.51 -27.72
N ILE H 229 17.86 -14.55 -28.54
CA ILE H 229 16.82 -15.56 -28.40
C ILE H 229 17.48 -16.92 -28.38
N GLY H 230 16.81 -17.89 -27.78
CA GLY H 230 17.39 -19.21 -27.64
C GLY H 230 17.62 -19.89 -28.98
N GLY H 231 18.68 -20.68 -29.04
CA GLY H 231 19.03 -21.39 -30.25
C GLY H 231 19.82 -20.57 -31.25
N ASP H 232 20.21 -19.35 -30.93
CA ASP H 232 20.95 -18.52 -31.85
C ASP H 232 22.43 -18.82 -31.75
N VAL H 233 23.13 -18.73 -32.87
CA VAL H 233 24.57 -18.95 -32.93
C VAL H 233 25.27 -17.60 -32.81
N LEU H 234 26.16 -17.49 -31.85
CA LEU H 234 26.73 -16.21 -31.46
C LEU H 234 28.17 -16.36 -31.02
N ARG H 235 28.89 -15.25 -31.10
CA ARG H 235 30.29 -15.16 -30.69
C ARG H 235 30.33 -14.36 -29.39
N LEU H 236 31.09 -14.87 -28.42
CA LEU H 236 31.26 -14.21 -27.13
C LEU H 236 32.53 -13.36 -27.18
N LEU H 237 32.39 -12.13 -27.64
CA LEU H 237 33.52 -11.22 -27.63
C LEU H 237 33.83 -10.81 -26.20
N HIS H 238 35.12 -10.69 -25.89
CA HIS H 238 35.54 -10.38 -24.52
C HIS H 238 36.57 -9.26 -24.54
N GLY H 239 36.49 -8.41 -23.53
CA GLY H 239 37.47 -7.36 -23.34
C GLY H 239 37.41 -6.29 -24.42
N HIS H 240 38.32 -5.33 -24.30
CA HIS H 240 38.44 -4.28 -25.31
C HIS H 240 39.23 -4.74 -26.52
N MET H 241 40.11 -5.73 -26.35
CA MET H 241 40.88 -6.28 -27.46
C MET H 241 40.04 -7.11 -28.41
N ASP H 242 38.74 -7.27 -28.13
CA ASP H 242 37.80 -7.96 -28.99
C ASP H 242 38.24 -9.41 -29.23
N GLU H 243 38.65 -10.07 -28.15
CA GLU H 243 38.98 -11.48 -28.21
C GLU H 243 37.72 -12.32 -28.01
N CYS H 244 37.72 -13.51 -28.61
CA CYS H 244 36.56 -14.37 -28.62
C CYS H 244 36.88 -15.71 -27.98
N LEU H 245 35.88 -16.30 -27.32
CA LEU H 245 36.03 -17.60 -26.67
C LEU H 245 36.08 -18.68 -27.75
N THR H 246 37.28 -19.12 -28.08
CA THR H 246 37.48 -20.08 -29.15
C THR H 246 38.32 -21.26 -28.68
N VAL H 247 38.10 -22.41 -29.30
CA VAL H 247 38.87 -23.62 -29.03
C VAL H 247 40.20 -23.49 -29.78
N PRO H 248 41.21 -24.32 -29.47
CA PRO H 248 42.44 -24.28 -30.26
C PRO H 248 42.18 -24.52 -31.73
N SER H 249 43.19 -24.22 -32.54
CA SER H 249 43.04 -24.25 -33.99
C SER H 249 43.02 -25.68 -34.51
N GLY H 250 43.09 -25.81 -35.82
CA GLY H 250 43.10 -27.12 -36.46
C GLY H 250 44.41 -27.84 -36.25
N GLU H 251 44.66 -28.26 -35.01
CA GLU H 251 45.86 -29.01 -34.64
C GLU H 251 45.80 -30.46 -35.06
N HIS H 252 44.83 -30.81 -35.92
CA HIS H 252 44.57 -32.18 -36.36
C HIS H 252 44.17 -33.10 -35.21
N GLY H 253 43.89 -32.54 -34.04
CA GLY H 253 43.50 -33.35 -32.91
C GLY H 253 42.21 -32.88 -32.24
N GLU H 254 41.18 -33.73 -32.32
CA GLU H 254 39.95 -33.46 -31.59
C GLU H 254 40.20 -33.40 -30.09
N GLU H 255 41.16 -34.18 -29.59
CA GLU H 255 41.54 -34.11 -28.19
C GLU H 255 42.14 -32.76 -27.84
N GLN H 256 43.01 -32.23 -28.72
CA GLN H 256 43.61 -30.93 -28.47
C GLN H 256 42.60 -29.81 -28.64
N ARG H 257 41.52 -30.06 -29.38
CA ARG H 257 40.48 -29.07 -29.62
C ARG H 257 39.42 -29.07 -28.52
N ARG H 258 39.75 -29.53 -27.33
CA ARG H 258 38.77 -29.63 -26.24
C ARG H 258 38.88 -28.50 -25.22
N THR H 259 39.99 -27.78 -25.19
CA THR H 259 40.15 -26.67 -24.26
C THR H 259 39.54 -25.39 -24.82
N VAL H 260 39.50 -24.36 -23.98
CA VAL H 260 38.94 -23.07 -24.36
C VAL H 260 39.92 -21.98 -23.94
N HIS H 261 40.00 -20.94 -24.76
CA HIS H 261 40.88 -19.81 -24.48
C HIS H 261 40.39 -18.59 -25.24
N TYR H 262 40.67 -17.41 -24.69
CA TYR H 262 40.34 -16.16 -25.37
C TYR H 262 41.40 -15.89 -26.44
N GLU H 263 40.94 -15.55 -27.64
CA GLU H 263 41.84 -15.21 -28.74
C GLU H 263 41.16 -14.17 -29.61
N GLY H 264 41.95 -13.21 -30.10
CA GLY H 264 41.43 -12.18 -30.97
C GLY H 264 42.19 -12.05 -32.27
N GLY H 265 41.58 -11.42 -33.25
CA GLY H 265 42.21 -11.24 -34.55
C GLY H 265 41.35 -11.73 -35.69
N ALA H 266 41.91 -12.56 -36.57
CA ALA H 266 41.17 -13.12 -37.68
C ALA H 266 40.26 -14.27 -37.27
N VAL H 267 40.40 -14.78 -36.05
CA VAL H 267 39.54 -15.86 -35.57
C VAL H 267 38.09 -15.39 -35.48
N SER H 268 37.88 -14.09 -35.30
CA SER H 268 36.52 -13.58 -35.14
C SER H 268 35.69 -13.77 -36.41
N VAL H 269 36.34 -14.08 -37.52
CA VAL H 269 35.62 -14.25 -38.78
C VAL H 269 35.81 -15.71 -39.21
N HIS H 270 35.92 -16.60 -38.22
CA HIS H 270 36.05 -18.02 -38.47
C HIS H 270 34.94 -18.78 -37.76
N ALA H 271 34.71 -20.02 -38.20
CA ALA H 271 33.73 -20.89 -37.59
C ALA H 271 34.23 -21.52 -36.30
N ARG H 272 35.49 -21.31 -35.94
CA ARG H 272 36.08 -21.88 -34.74
C ARG H 272 35.59 -21.21 -33.46
N SER H 273 34.86 -20.11 -33.58
CA SER H 273 34.42 -19.35 -32.41
C SER H 273 32.90 -19.20 -32.33
N LEU H 274 32.15 -20.01 -33.07
CA LEU H 274 30.70 -19.93 -33.07
C LEU H 274 30.14 -20.80 -31.95
N TRP H 275 29.28 -20.21 -31.12
CA TRP H 275 28.65 -20.93 -30.01
C TRP H 275 27.15 -20.84 -30.15
N ARG H 276 26.47 -21.96 -29.91
CA ARG H 276 25.02 -22.03 -29.95
C ARG H 276 24.49 -22.08 -28.52
N LEU H 277 23.57 -21.20 -28.20
CA LEU H 277 22.98 -21.14 -26.87
C LEU H 277 21.70 -21.96 -26.87
N GLU H 278 21.74 -23.14 -26.25
CA GLU H 278 20.59 -24.03 -26.21
C GLU H 278 19.95 -23.95 -24.84
N THR H 279 18.69 -23.53 -24.80
CA THR H 279 17.96 -23.43 -23.55
C THR H 279 17.64 -24.82 -23.02
N LEU H 280 17.52 -24.93 -21.69
CA LEU H 280 17.22 -26.21 -21.07
C LEU H 280 15.78 -26.63 -21.26
N ARG H 281 14.92 -25.76 -21.77
CA ARG H 281 13.51 -26.08 -21.98
C ARG H 281 13.27 -26.43 -23.44
N VAL H 282 12.46 -27.46 -23.67
CA VAL H 282 12.12 -27.85 -25.04
C VAL H 282 11.05 -26.92 -25.59
N ALA H 283 9.94 -26.76 -24.88
CA ALA H 283 8.89 -25.86 -25.33
C ALA H 283 9.34 -24.40 -25.20
N TRP H 284 9.03 -23.61 -26.22
CA TRP H 284 9.35 -22.18 -26.26
C TRP H 284 10.83 -21.95 -26.03
N SER H 285 11.64 -22.76 -26.72
CA SER H 285 13.09 -22.62 -26.65
C SER H 285 13.60 -21.39 -27.38
N GLY H 286 12.87 -20.91 -28.38
CA GLY H 286 13.31 -19.76 -29.15
C GLY H 286 12.90 -18.45 -28.53
N SER H 287 12.35 -18.50 -27.32
CA SER H 287 11.93 -17.30 -26.62
C SER H 287 13.13 -16.43 -26.29
N HIS H 288 12.89 -15.14 -26.10
CA HIS H 288 13.95 -14.21 -25.73
C HIS H 288 14.62 -14.66 -24.44
N ILE H 289 15.95 -14.62 -24.43
CA ILE H 289 16.69 -14.99 -23.23
C ILE H 289 16.55 -13.90 -22.19
N ARG H 290 16.24 -14.30 -20.96
CA ARG H 290 16.11 -13.38 -19.83
C ARG H 290 17.32 -13.53 -18.92
N TRP H 291 17.64 -12.45 -18.21
CA TRP H 291 18.79 -12.47 -17.32
C TRP H 291 18.64 -13.55 -16.25
N GLY H 292 19.54 -14.52 -16.29
CA GLY H 292 19.47 -15.62 -15.34
C GLY H 292 18.89 -16.90 -15.88
N GLN H 293 18.64 -16.98 -17.18
CA GLN H 293 18.13 -18.22 -17.74
C GLN H 293 19.25 -19.24 -17.86
N PRO H 294 19.08 -20.45 -17.35
CA PRO H 294 20.11 -21.49 -17.54
C PRO H 294 20.07 -22.03 -18.96
N PHE H 295 21.26 -22.25 -19.53
CA PHE H 295 21.39 -22.79 -20.87
C PHE H 295 22.71 -23.54 -20.98
N ARG H 296 22.93 -24.14 -22.15
CA ARG H 296 24.19 -24.80 -22.48
C ARG H 296 24.79 -24.15 -23.71
N LEU H 297 26.11 -23.95 -23.69
CA LEU H 297 26.80 -23.44 -24.85
C LEU H 297 27.41 -24.61 -25.62
N ARG H 298 27.06 -24.72 -26.89
CA ARG H 298 27.53 -25.79 -27.76
C ARG H 298 28.48 -25.21 -28.79
N HIS H 299 29.67 -25.78 -28.89
CA HIS H 299 30.60 -25.37 -29.93
C HIS H 299 30.15 -25.96 -31.26
N VAL H 300 29.73 -25.11 -32.18
CA VAL H 300 29.10 -25.58 -33.41
C VAL H 300 30.07 -26.42 -34.23
N THR H 301 31.31 -25.95 -34.37
CA THR H 301 32.27 -26.64 -35.24
C THR H 301 32.62 -28.01 -34.69
N THR H 302 32.94 -28.09 -33.41
CA THR H 302 33.35 -29.35 -32.81
C THR H 302 32.20 -30.18 -32.27
N GLY H 303 31.02 -29.58 -32.09
CA GLY H 303 29.88 -30.31 -31.61
C GLY H 303 29.88 -30.62 -30.13
N LYS H 304 30.83 -30.08 -29.37
CA LYS H 304 30.94 -30.35 -27.95
C LYS H 304 30.29 -29.23 -27.15
N TYR H 305 29.86 -29.57 -25.94
CA TYR H 305 29.19 -28.62 -25.05
C TYR H 305 30.15 -28.10 -24.02
N LEU H 306 30.08 -26.80 -23.75
CA LEU H 306 30.93 -26.19 -22.73
C LEU H 306 30.55 -26.74 -21.37
N SER H 307 31.57 -27.05 -20.56
CA SER H 307 31.36 -27.65 -19.26
C SER H 307 32.45 -27.21 -18.30
N LEU H 308 32.17 -27.37 -17.02
CA LEU H 308 33.09 -26.98 -15.94
C LEU H 308 33.48 -28.24 -15.17
N MET H 309 34.77 -28.49 -15.08
CA MET H 309 35.26 -29.57 -14.24
C MET H 309 35.19 -29.18 -12.76
N GLU H 310 35.27 -30.19 -11.90
CA GLU H 310 35.38 -29.92 -10.47
C GLU H 310 36.68 -29.22 -10.14
N ASP H 311 37.71 -29.41 -10.98
CA ASP H 311 39.00 -28.78 -10.81
C ASP H 311 39.04 -27.34 -11.33
N LYS H 312 37.87 -26.72 -11.53
CA LYS H 312 37.76 -25.29 -11.82
C LYS H 312 38.39 -24.96 -13.18
N ASN H 313 38.42 -25.93 -14.09
CA ASN H 313 38.93 -25.72 -15.44
C ASN H 313 37.86 -26.16 -16.42
N LEU H 314 37.65 -25.35 -17.46
CA LEU H 314 36.61 -25.61 -18.45
C LEU H 314 37.11 -26.62 -19.48
N LEU H 315 36.29 -27.63 -19.76
CA LEU H 315 36.62 -28.65 -20.74
C LEU H 315 35.38 -28.97 -21.56
N LEU H 316 35.56 -29.07 -22.88
CA LEU H 316 34.47 -29.45 -23.76
C LEU H 316 34.23 -30.95 -23.69
N MET H 317 33.04 -31.36 -23.26
CA MET H 317 32.68 -32.76 -23.26
C MET H 317 31.61 -33.03 -24.30
N ASP H 318 31.46 -34.31 -24.62
CA ASP H 318 30.53 -34.76 -25.65
C ASP H 318 29.09 -34.64 -25.17
N LYS H 319 28.17 -35.01 -26.07
CA LYS H 319 26.74 -34.92 -25.76
C LYS H 319 26.37 -35.87 -24.63
N GLU H 320 26.93 -37.08 -24.62
CA GLU H 320 26.55 -38.08 -23.63
C GLU H 320 26.97 -37.65 -22.23
N LYS H 321 28.12 -37.01 -22.09
CA LYS H 321 28.61 -36.63 -20.77
C LYS H 321 28.39 -35.15 -20.52
N ALA H 322 27.30 -34.60 -21.04
CA ALA H 322 26.96 -33.18 -20.85
C ALA H 322 25.75 -33.12 -19.92
N ASP H 323 26.01 -33.16 -18.62
CA ASP H 323 24.94 -33.07 -17.64
C ASP H 323 24.53 -31.61 -17.45
N VAL H 324 23.33 -31.43 -16.90
CA VAL H 324 22.84 -30.08 -16.66
C VAL H 324 23.73 -29.36 -15.66
N LYS H 325 24.13 -30.06 -14.59
CA LYS H 325 24.98 -29.43 -13.58
C LYS H 325 26.34 -29.06 -14.15
N SER H 326 26.89 -29.90 -15.03
CA SER H 326 28.23 -29.66 -15.55
C SER H 326 28.22 -28.57 -16.62
N THR H 327 27.16 -28.50 -17.42
CA THR H 327 27.16 -27.69 -18.63
C THR H 327 26.22 -26.50 -18.56
N ALA H 328 25.56 -26.27 -17.44
CA ALA H 328 24.58 -25.19 -17.31
C ALA H 328 25.29 -23.88 -16.98
N PHE H 329 24.93 -22.82 -17.70
CA PHE H 329 25.47 -21.49 -17.46
C PHE H 329 24.34 -20.47 -17.54
N THR H 330 24.54 -19.32 -16.89
CA THR H 330 23.57 -18.24 -16.87
C THR H 330 24.26 -16.93 -17.18
N PHE H 331 23.47 -15.97 -17.65
CA PHE H 331 23.94 -14.62 -17.93
C PHE H 331 23.44 -13.68 -16.82
N ARG H 332 24.37 -12.90 -16.27
CA ARG H 332 24.06 -11.94 -15.23
C ARG H 332 24.41 -10.54 -15.70
N SER H 333 23.63 -9.56 -15.27
CA SER H 333 23.86 -8.17 -15.70
C SER H 333 25.08 -7.58 -15.00
N SER H 334 25.24 -7.86 -13.71
CA SER H 334 26.33 -7.28 -12.94
C SER H 334 26.91 -8.33 -12.01
N LYS H 335 28.07 -8.00 -11.44
CA LYS H 335 28.77 -8.90 -10.53
C LYS H 335 28.04 -9.08 -9.20
N GLU H 336 27.02 -8.27 -8.92
CA GLU H 336 26.28 -8.39 -7.67
C GLU H 336 25.71 -9.79 -7.50
N LYS H 337 25.81 -10.31 -6.29
CA LYS H 337 25.50 -11.71 -6.02
C LYS H 337 24.04 -11.94 -5.64
N LEU H 338 23.19 -10.93 -5.72
CA LEU H 338 21.79 -11.11 -5.39
C LEU H 338 21.15 -12.10 -6.36
N ASP H 339 20.33 -13.00 -5.80
CA ASP H 339 19.66 -14.03 -6.59
C ASP H 339 18.18 -13.68 -6.72
N VAL H 340 17.64 -13.88 -7.92
CA VAL H 340 16.23 -13.61 -8.19
C VAL H 340 15.40 -14.78 -7.69
N GLY H 341 16.06 -15.78 -7.10
CA GLY H 341 15.35 -16.96 -6.65
C GLY H 341 14.97 -17.81 -7.85
N VAL H 342 13.74 -18.34 -7.82
CA VAL H 342 13.19 -19.09 -8.93
C VAL H 342 12.05 -18.28 -9.54
N ARG H 343 12.18 -17.96 -10.82
CA ARG H 343 11.15 -17.25 -11.58
C ARG H 343 10.45 -18.24 -12.49
N LYS H 344 9.14 -18.09 -12.62
CA LYS H 344 8.39 -19.00 -13.47
C LYS H 344 8.78 -18.80 -14.93
N GLU H 345 8.88 -19.91 -15.67
CA GLU H 345 9.11 -19.80 -17.11
C GLU H 345 7.83 -19.44 -17.83
N VAL H 346 7.88 -18.36 -18.61
CA VAL H 346 6.69 -17.82 -19.26
C VAL H 346 6.51 -18.50 -20.61
N ASP H 347 5.28 -18.90 -20.91
CA ASP H 347 4.98 -19.45 -22.21
C ASP H 347 4.74 -18.33 -23.20
N GLY H 348 5.47 -18.36 -24.32
CA GLY H 348 5.37 -17.33 -25.33
C GLY H 348 6.74 -16.79 -25.70
N MET H 349 6.70 -15.67 -26.44
CA MET H 349 7.93 -15.07 -26.92
C MET H 349 8.77 -14.53 -25.77
N GLY H 350 8.13 -13.94 -24.78
CA GLY H 350 8.81 -13.44 -23.60
C GLY H 350 9.31 -12.02 -23.80
N THR H 351 9.97 -11.52 -22.76
CA THR H 351 10.47 -10.15 -22.75
C THR H 351 11.92 -10.12 -23.24
N SER H 352 12.22 -9.18 -24.13
CA SER H 352 13.57 -9.04 -24.66
C SER H 352 14.44 -8.24 -23.70
N GLU H 353 15.44 -8.89 -23.11
CA GLU H 353 16.29 -8.24 -22.14
C GLU H 353 17.74 -8.11 -22.62
N ILE H 354 18.36 -9.22 -22.98
CA ILE H 354 19.74 -9.18 -23.46
C ILE H 354 19.75 -8.71 -24.91
N LYS H 355 20.58 -7.73 -25.21
CA LYS H 355 20.66 -7.14 -26.53
C LYS H 355 22.08 -7.26 -27.08
N TYR H 356 22.19 -7.49 -28.38
CA TYR H 356 23.48 -7.67 -28.99
C TYR H 356 24.28 -6.37 -28.99
N GLY H 357 25.57 -6.48 -28.67
CA GLY H 357 26.45 -5.34 -28.72
C GLY H 357 26.31 -4.38 -27.55
N ASP H 358 25.09 -3.87 -27.33
CA ASP H 358 24.88 -2.88 -26.29
C ASP H 358 24.98 -3.49 -24.89
N SER H 359 24.38 -4.65 -24.68
CA SER H 359 24.36 -5.26 -23.36
C SER H 359 25.74 -5.80 -22.99
N VAL H 360 26.02 -5.81 -21.69
CA VAL H 360 27.22 -6.42 -21.14
C VAL H 360 26.78 -7.55 -20.23
N CYS H 361 27.27 -8.75 -20.50
CA CYS H 361 26.85 -9.94 -19.79
C CYS H 361 28.02 -10.54 -19.03
N TYR H 362 27.69 -11.28 -17.97
CA TYR H 362 28.68 -12.03 -17.20
C TYR H 362 28.24 -13.49 -17.16
N ILE H 363 29.14 -14.40 -17.50
CA ILE H 363 28.82 -15.82 -17.46
C ILE H 363 29.00 -16.34 -16.05
N GLN H 364 27.97 -17.01 -15.53
CA GLN H 364 28.04 -17.62 -14.21
C GLN H 364 27.64 -19.08 -14.31
N HIS H 365 28.51 -19.97 -13.84
CA HIS H 365 28.15 -21.38 -13.78
C HIS H 365 27.03 -21.58 -12.78
N VAL H 366 26.02 -22.36 -13.18
CA VAL H 366 24.80 -22.47 -12.40
C VAL H 366 25.06 -23.12 -11.04
N ASP H 367 25.79 -24.23 -11.02
CA ASP H 367 25.95 -24.98 -9.78
C ASP H 367 27.10 -24.45 -8.93
N THR H 368 28.26 -24.22 -9.53
CA THR H 368 29.40 -23.73 -8.78
C THR H 368 29.33 -22.25 -8.47
N GLY H 369 28.44 -21.51 -9.11
CA GLY H 369 28.32 -20.09 -8.89
C GLY H 369 29.51 -19.26 -9.32
N LEU H 370 30.47 -19.86 -10.01
CA LEU H 370 31.67 -19.14 -10.40
C LEU H 370 31.37 -18.22 -11.57
N TRP H 371 32.33 -17.34 -11.87
CA TRP H 371 32.25 -16.44 -13.00
C TRP H 371 33.37 -16.76 -13.98
N LEU H 372 33.04 -16.71 -15.27
CA LEU H 372 34.04 -16.91 -16.31
C LEU H 372 34.98 -15.72 -16.34
N THR H 373 36.28 -15.99 -16.42
CA THR H 373 37.27 -14.92 -16.39
C THR H 373 38.47 -15.33 -17.21
N TYR H 374 39.40 -14.40 -17.36
CA TYR H 374 40.62 -14.62 -18.11
C TYR H 374 41.81 -14.75 -17.19
N GLN H 375 42.61 -15.79 -17.41
CA GLN H 375 43.76 -16.04 -16.55
C GLN H 375 44.88 -15.04 -16.80
N SER H 376 44.91 -14.43 -17.98
CA SER H 376 45.84 -13.37 -18.38
C SER H 376 47.29 -13.86 -18.45
N VAL H 377 47.53 -15.17 -18.46
CA VAL H 377 48.88 -15.71 -18.54
C VAL H 377 49.22 -15.86 -20.02
N ASP H 378 50.11 -14.99 -20.51
CA ASP H 378 50.54 -15.03 -21.90
C ASP H 378 52.07 -14.99 -21.99
N SER H 386 47.39 -14.47 -32.03
CA SER H 386 48.08 -15.51 -31.29
C SER H 386 48.25 -15.13 -29.82
N ILE H 387 47.31 -14.33 -29.32
CA ILE H 387 47.37 -13.91 -27.93
C ILE H 387 47.23 -15.11 -26.98
N GLN H 388 46.30 -16.01 -27.28
CA GLN H 388 46.15 -17.28 -26.58
C GLN H 388 46.01 -17.08 -25.07
N ARG H 389 45.16 -16.14 -24.68
CA ARG H 389 44.86 -15.94 -23.27
C ARG H 389 43.93 -17.03 -22.77
N LYS H 390 44.41 -17.83 -21.82
CA LYS H 390 43.62 -18.93 -21.27
C LYS H 390 42.38 -18.39 -20.56
N ALA H 391 41.26 -19.08 -20.78
CA ALA H 391 40.00 -18.74 -20.16
C ALA H 391 39.75 -19.70 -19.00
N ILE H 392 39.56 -19.16 -17.79
CA ILE H 392 39.41 -19.97 -16.60
C ILE H 392 38.11 -19.57 -15.88
N MET H 393 37.88 -20.24 -14.76
CA MET H 393 36.67 -20.09 -13.97
C MET H 393 37.11 -19.64 -12.58
N HIS H 394 36.43 -18.65 -12.00
CA HIS H 394 36.90 -18.12 -10.73
C HIS H 394 35.74 -17.66 -9.86
N HIS H 395 35.92 -17.74 -8.53
CA HIS H 395 34.83 -17.40 -7.64
C HIS H 395 34.82 -15.91 -7.29
N GLU H 396 35.86 -15.18 -7.68
CA GLU H 396 35.81 -13.72 -7.76
C GLU H 396 36.04 -13.22 -9.17
N GLY H 397 37.12 -13.64 -9.81
CA GLY H 397 37.41 -13.22 -11.17
C GLY H 397 37.98 -11.81 -11.22
N HIS H 398 38.48 -11.48 -12.41
CA HIS H 398 39.00 -10.15 -12.63
C HIS H 398 37.85 -9.15 -12.80
N MET H 399 38.20 -7.87 -12.73
CA MET H 399 37.19 -6.82 -12.85
C MET H 399 36.53 -6.85 -14.23
N ASP H 400 37.32 -7.04 -15.29
CA ASP H 400 36.82 -6.94 -16.66
C ASP H 400 36.44 -8.32 -17.17
N ASP H 401 35.35 -8.86 -16.61
CA ASP H 401 34.77 -10.10 -17.06
C ASP H 401 33.56 -9.90 -17.96
N GLY H 402 33.19 -8.65 -18.22
CA GLY H 402 32.06 -8.37 -19.08
C GLY H 402 32.29 -8.80 -20.51
N ILE H 403 31.27 -9.38 -21.14
CA ILE H 403 31.38 -9.86 -22.51
C ILE H 403 30.31 -9.21 -23.36
N SER H 404 30.55 -9.18 -24.66
CA SER H 404 29.58 -8.74 -25.65
C SER H 404 29.18 -9.92 -26.52
N LEU H 405 27.97 -9.85 -27.05
CA LEU H 405 27.39 -10.92 -27.84
C LEU H 405 27.26 -10.47 -29.28
N SER H 406 27.76 -11.27 -30.22
CA SER H 406 27.65 -10.96 -31.63
C SER H 406 26.90 -12.06 -32.34
N ARG H 407 25.87 -11.70 -33.09
CA ARG H 407 25.11 -12.68 -33.85
C ARG H 407 25.96 -13.24 -34.99
N SER H 408 25.65 -14.45 -35.43
CA SER H 408 26.29 -15.01 -36.62
C SER H 408 25.29 -15.00 -37.76
N GLN H 409 25.78 -14.74 -38.97
CA GLN H 409 24.92 -14.75 -40.14
C GLN H 409 24.39 -16.16 -40.39
N HIS H 410 23.23 -16.23 -41.04
CA HIS H 410 22.61 -17.52 -41.30
C HIS H 410 23.50 -18.40 -42.16
N GLU H 411 24.13 -17.80 -43.17
CA GLU H 411 25.05 -18.56 -44.03
C GLU H 411 26.21 -19.12 -43.23
N GLU H 412 26.79 -18.30 -42.35
CA GLU H 412 27.90 -18.76 -41.53
C GLU H 412 27.48 -19.89 -40.60
N SER H 413 26.30 -19.77 -39.97
CA SER H 413 25.82 -20.83 -39.10
C SER H 413 25.60 -22.13 -39.85
N ARG H 414 24.97 -22.05 -41.03
CA ARG H 414 24.74 -23.24 -41.83
C ARG H 414 26.05 -23.88 -42.25
N THR H 415 27.03 -23.04 -42.63
CA THR H 415 28.33 -23.58 -43.02
C THR H 415 29.03 -24.25 -41.85
N ALA H 416 28.94 -23.67 -40.65
CA ALA H 416 29.56 -24.30 -39.49
C ALA H 416 28.92 -25.64 -39.16
N ARG H 417 27.59 -25.71 -39.22
CA ARG H 417 26.92 -26.98 -38.97
C ARG H 417 27.29 -28.02 -40.02
N VAL H 418 27.38 -27.59 -41.28
CA VAL H 418 27.79 -28.51 -42.35
C VAL H 418 29.20 -29.01 -42.11
N ILE H 419 30.09 -28.11 -41.67
CA ILE H 419 31.46 -28.50 -41.37
C ILE H 419 31.49 -29.55 -40.27
N GLN H 420 30.72 -29.35 -39.21
CA GLN H 420 30.69 -30.33 -38.13
C GLN H 420 30.17 -31.68 -38.59
N SER H 421 29.01 -31.68 -39.26
CA SER H 421 28.42 -32.92 -39.72
C SER H 421 29.25 -33.62 -40.79
N THR H 422 30.10 -32.88 -41.50
CA THR H 422 30.99 -33.48 -42.49
C THR H 422 32.24 -34.06 -41.85
N VAL H 423 32.83 -33.33 -40.89
CA VAL H 423 34.03 -33.84 -40.23
C VAL H 423 33.71 -35.10 -39.44
N PHE H 424 32.51 -35.17 -38.85
CA PHE H 424 32.13 -36.39 -38.14
C PHE H 424 32.10 -37.59 -39.08
N LEU H 425 31.40 -37.44 -40.21
CA LEU H 425 31.27 -38.56 -41.15
C LEU H 425 32.62 -38.95 -41.74
N PHE H 426 33.43 -37.96 -42.12
CA PHE H 426 34.71 -38.26 -42.74
C PHE H 426 35.74 -38.79 -41.75
N ASN H 427 35.56 -38.52 -40.46
CA ASN H 427 36.37 -39.18 -39.45
C ASN H 427 35.94 -40.62 -39.23
N ARG H 428 34.64 -40.89 -39.23
CA ARG H 428 34.17 -42.27 -39.16
C ARG H 428 34.67 -43.06 -40.36
N PHE H 429 34.62 -42.46 -41.55
CA PHE H 429 35.09 -43.12 -42.76
C PHE H 429 36.58 -43.45 -42.67
N ILE H 430 37.37 -42.49 -42.20
CA ILE H 430 38.82 -42.70 -42.09
C ILE H 430 39.12 -43.80 -41.09
N ARG H 431 38.42 -43.80 -39.95
CA ARG H 431 38.65 -44.84 -38.95
C ARG H 431 38.25 -46.21 -39.48
N GLY H 432 37.14 -46.27 -40.23
CA GLY H 432 36.75 -47.54 -40.83
C GLY H 432 37.77 -48.05 -41.83
N LEU H 433 38.31 -47.15 -42.66
CA LEU H 433 39.37 -47.55 -43.58
C LEU H 433 40.60 -48.02 -42.82
N ASP H 434 40.93 -47.36 -41.72
CA ASP H 434 42.08 -47.78 -40.92
C ASP H 434 41.88 -49.17 -40.36
N ALA H 435 40.68 -49.47 -39.85
CA ALA H 435 40.41 -50.81 -39.34
C ALA H 435 40.47 -51.83 -40.47
N LEU H 436 39.93 -51.49 -41.64
CA LEU H 436 39.98 -52.39 -42.78
C LEU H 436 41.40 -52.71 -43.18
N SER H 437 42.28 -51.71 -43.19
CA SER H 437 43.69 -51.95 -43.43
C SER H 437 44.35 -52.73 -42.29
N LYS H 438 43.86 -52.57 -41.07
CA LYS H 438 44.34 -53.34 -39.93
C LYS H 438 43.67 -54.70 -39.83
N LYS H 439 42.96 -55.11 -40.87
CA LYS H 439 42.41 -56.46 -40.99
C LYS H 439 41.40 -56.79 -39.91
N ALA H 440 40.29 -56.05 -39.89
CA ALA H 440 39.16 -56.35 -39.02
C ALA H 440 38.04 -56.96 -39.86
N LYS H 441 37.13 -57.65 -39.19
CA LYS H 441 36.00 -58.26 -39.87
C LYS H 441 35.08 -57.18 -40.43
N ALA H 442 34.46 -57.49 -41.57
CA ALA H 442 33.58 -56.52 -42.23
C ALA H 442 32.41 -56.14 -41.34
N SER H 443 31.85 -57.10 -40.61
CA SER H 443 30.75 -56.80 -39.69
C SER H 443 31.19 -55.83 -38.60
N THR H 444 32.38 -56.04 -38.04
CA THR H 444 32.89 -55.13 -37.02
C THR H 444 33.16 -53.74 -37.60
N VAL H 445 33.66 -53.69 -38.84
CA VAL H 445 33.97 -52.41 -39.45
C VAL H 445 32.69 -51.65 -39.75
N ASP H 446 32.65 -50.39 -39.33
CA ASP H 446 31.55 -49.48 -39.63
C ASP H 446 32.01 -48.60 -40.78
N LEU H 447 31.52 -48.89 -41.99
CA LEU H 447 31.97 -48.21 -43.19
C LEU H 447 30.80 -47.49 -43.83
N PRO H 448 30.60 -46.21 -43.56
CA PRO H 448 29.39 -45.50 -44.03
C PRO H 448 29.48 -45.10 -45.49
N ILE H 449 29.44 -46.10 -46.37
CA ILE H 449 29.65 -45.84 -47.80
C ILE H 449 28.54 -44.97 -48.38
N GLU H 450 27.28 -45.36 -48.15
CA GLU H 450 26.17 -44.62 -48.74
C GLU H 450 26.09 -43.21 -48.17
N SER H 451 26.29 -43.08 -46.86
CA SER H 451 26.25 -41.77 -46.23
C SER H 451 27.36 -40.88 -46.77
N VAL H 452 28.57 -41.43 -46.95
CA VAL H 452 29.66 -40.64 -47.50
C VAL H 452 29.34 -40.21 -48.92
N SER H 453 28.80 -41.10 -49.74
CA SER H 453 28.47 -40.74 -51.12
C SER H 453 27.44 -39.62 -51.16
N LEU H 454 26.37 -39.75 -50.36
CA LEU H 454 25.33 -38.73 -50.39
C LEU H 454 25.84 -37.40 -49.83
N SER H 455 26.66 -37.45 -48.78
CA SER H 455 27.25 -36.23 -48.24
C SER H 455 28.18 -35.57 -49.24
N LEU H 456 28.96 -36.34 -49.98
CA LEU H 456 29.79 -35.79 -51.05
C LEU H 456 28.98 -35.14 -52.14
N GLN H 457 27.86 -35.74 -52.54
CA GLN H 457 26.96 -35.10 -53.49
C GLN H 457 26.41 -33.78 -52.94
N ASP H 458 26.02 -33.77 -51.67
CA ASP H 458 25.50 -32.55 -51.07
C ASP H 458 26.57 -31.47 -51.01
N LEU H 459 27.81 -31.83 -50.68
CA LEU H 459 28.89 -30.86 -50.67
C LEU H 459 29.19 -30.32 -52.06
N ILE H 460 29.15 -31.19 -53.08
CA ILE H 460 29.33 -30.71 -54.44
C ILE H 460 28.25 -29.70 -54.79
N GLY H 461 26.99 -30.00 -54.47
CA GLY H 461 25.93 -29.03 -54.69
C GLY H 461 26.14 -27.74 -53.92
N TYR H 462 26.66 -27.86 -52.69
CA TYR H 462 26.90 -26.69 -51.86
C TYR H 462 27.95 -25.78 -52.48
N PHE H 463 29.01 -26.35 -53.02
CA PHE H 463 30.10 -25.58 -53.62
C PHE H 463 29.97 -25.46 -55.12
N HIS H 464 28.79 -25.75 -55.67
CA HIS H 464 28.57 -25.60 -57.10
C HIS H 464 28.73 -24.13 -57.51
N PRO H 465 29.47 -23.85 -58.58
CA PRO H 465 29.73 -22.47 -58.96
C PRO H 465 28.49 -21.83 -59.54
N PRO H 466 28.41 -20.50 -59.54
CA PRO H 466 27.23 -19.82 -60.08
C PRO H 466 27.08 -20.05 -61.57
N ASP H 467 25.84 -20.04 -62.03
CA ASP H 467 25.52 -20.26 -63.43
C ASP H 467 25.60 -18.94 -64.20
N GLU H 468 25.81 -19.08 -65.52
CA GLU H 468 26.04 -17.89 -66.35
C GLU H 468 24.75 -17.13 -66.63
N HIS H 469 23.60 -17.81 -66.62
CA HIS H 469 22.35 -17.14 -66.94
C HIS H 469 21.97 -16.12 -65.88
N LEU H 470 22.56 -16.23 -64.69
CA LEU H 470 22.20 -15.35 -63.58
C LEU H 470 22.55 -13.90 -63.90
N GLU H 471 21.74 -12.99 -63.39
CA GLU H 471 22.05 -11.57 -63.49
C GLU H 471 23.33 -11.27 -62.71
N HIS H 472 23.97 -10.14 -63.04
CA HIS H 472 25.30 -9.85 -62.52
C HIS H 472 25.31 -9.79 -61.00
N GLU H 473 24.33 -9.10 -60.40
CA GLU H 473 24.30 -8.97 -58.94
C GLU H 473 24.14 -10.32 -58.26
N ASP H 474 23.21 -11.14 -58.74
CA ASP H 474 23.00 -12.45 -58.14
C ASP H 474 24.23 -13.32 -58.30
N LYS H 475 24.85 -13.27 -59.47
CA LYS H 475 26.07 -14.04 -59.71
C LYS H 475 27.17 -13.62 -58.74
N GLN H 476 27.31 -12.32 -58.52
CA GLN H 476 28.32 -11.83 -57.58
C GLN H 476 28.01 -12.29 -56.17
N ASN H 477 26.73 -12.29 -55.78
CA ASN H 477 26.35 -12.76 -54.45
C ASN H 477 26.69 -14.23 -54.27
N ARG H 478 26.39 -15.06 -55.27
CA ARG H 478 26.74 -16.47 -55.18
C ARG H 478 28.25 -16.65 -55.11
N LEU H 479 29.01 -15.86 -55.88
CA LEU H 479 30.46 -15.96 -55.83
C LEU H 479 30.98 -15.60 -54.44
N ARG H 480 30.44 -14.54 -53.85
CA ARG H 480 30.87 -14.15 -52.49
C ARG H 480 30.53 -15.24 -51.49
N ALA H 481 29.34 -15.83 -51.59
CA ALA H 481 28.97 -16.90 -50.68
C ALA H 481 29.90 -18.09 -50.82
N LEU H 482 30.24 -18.47 -52.05
CA LEU H 482 31.15 -19.59 -52.25
C LEU H 482 32.53 -19.28 -51.69
N LYS H 483 33.01 -18.04 -51.89
CA LYS H 483 34.31 -17.67 -51.35
C LYS H 483 34.31 -17.76 -49.82
N ASN H 484 33.24 -17.29 -49.18
CA ASN H 484 33.16 -17.37 -47.73
C ASN H 484 33.12 -18.81 -47.26
N ARG H 485 32.36 -19.66 -47.97
CA ARG H 485 32.28 -21.08 -47.62
C ARG H 485 33.65 -21.74 -47.72
N GLN H 486 34.38 -21.45 -48.80
CA GLN H 486 35.71 -22.02 -48.97
C GLN H 486 36.64 -21.55 -47.86
N ASN H 487 36.56 -20.26 -47.52
CA ASN H 487 37.41 -19.73 -46.46
C ASN H 487 37.14 -20.44 -45.14
N LEU H 488 35.86 -20.58 -44.78
CA LEU H 488 35.53 -21.26 -43.53
C LEU H 488 36.00 -22.72 -43.54
N PHE H 489 35.76 -23.42 -44.66
CA PHE H 489 36.16 -24.82 -44.74
C PHE H 489 37.65 -24.98 -44.56
N GLN H 490 38.44 -24.16 -45.28
CA GLN H 490 39.89 -24.31 -45.17
C GLN H 490 40.42 -23.86 -43.83
N GLU H 491 39.79 -22.85 -43.20
CA GLU H 491 40.18 -22.44 -41.87
C GLU H 491 39.87 -23.50 -40.82
N GLU H 492 38.82 -24.29 -41.01
CA GLU H 492 38.58 -25.46 -40.18
C GLU H 492 39.34 -26.68 -40.69
N GLY H 493 40.12 -26.52 -41.75
CA GLY H 493 41.00 -27.57 -42.20
C GLY H 493 40.31 -28.75 -42.85
N MET H 494 39.32 -28.48 -43.70
CA MET H 494 38.61 -29.53 -44.40
C MET H 494 39.37 -30.05 -45.62
N ILE H 495 40.38 -29.32 -46.08
CA ILE H 495 41.22 -29.76 -47.19
C ILE H 495 42.10 -30.95 -46.81
N ASN H 496 42.77 -30.89 -45.66
CA ASN H 496 43.61 -32.00 -45.24
C ASN H 496 42.79 -33.26 -44.99
N LEU H 497 41.56 -33.12 -44.52
CA LEU H 497 40.70 -34.28 -44.32
C LEU H 497 40.36 -34.96 -45.64
N VAL H 498 40.04 -34.17 -46.66
CA VAL H 498 39.79 -34.71 -47.98
C VAL H 498 41.04 -35.39 -48.52
N LEU H 499 42.19 -34.76 -48.31
CA LEU H 499 43.45 -35.35 -48.75
C LEU H 499 43.70 -36.70 -48.07
N GLU H 500 43.42 -36.77 -46.76
CA GLU H 500 43.60 -38.02 -46.04
C GLU H 500 42.67 -39.11 -46.56
N CYS H 501 41.41 -38.75 -46.82
CA CYS H 501 40.48 -39.73 -47.37
C CYS H 501 40.95 -40.23 -48.73
N ILE H 502 41.42 -39.33 -49.58
CA ILE H 502 41.90 -39.71 -50.91
C ILE H 502 43.12 -40.62 -50.79
N ASP H 503 44.06 -40.26 -49.92
CA ASP H 503 45.26 -41.06 -49.75
C ASP H 503 44.93 -42.45 -49.23
N ARG H 504 44.03 -42.53 -48.24
CA ARG H 504 43.67 -43.84 -47.69
C ARG H 504 42.83 -44.65 -48.67
N LEU H 505 42.20 -44.00 -49.64
CA LEU H 505 41.48 -44.75 -50.65
C LEU H 505 42.38 -45.26 -51.76
N HIS H 506 43.46 -44.54 -52.08
CA HIS H 506 44.35 -45.02 -53.14
C HIS H 506 45.15 -46.26 -52.76
N VAL H 507 45.14 -46.69 -51.49
CA VAL H 507 45.91 -47.86 -51.12
C VAL H 507 45.40 -49.09 -51.86
N TYR H 508 44.10 -49.13 -52.15
CA TYR H 508 43.53 -50.22 -52.94
C TYR H 508 43.72 -49.92 -54.42
N SER H 509 44.29 -50.88 -55.14
CA SER H 509 44.66 -50.66 -56.53
C SER H 509 43.44 -50.44 -57.41
N SER H 510 42.39 -51.24 -57.21
CA SER H 510 41.24 -51.22 -58.10
C SER H 510 39.97 -51.47 -57.31
N ALA H 511 38.84 -51.32 -58.00
CA ALA H 511 37.54 -51.56 -57.38
C ALA H 511 37.41 -53.01 -56.95
N ALA H 512 37.94 -53.95 -57.73
CA ALA H 512 37.91 -55.35 -57.34
C ALA H 512 38.70 -55.58 -56.06
N HIS H 513 39.87 -54.96 -55.96
CA HIS H 513 40.67 -55.10 -54.75
C HIS H 513 39.96 -54.50 -53.53
N PHE H 514 39.33 -53.33 -53.71
CA PHE H 514 38.63 -52.72 -52.59
C PHE H 514 37.42 -53.56 -52.19
N ALA H 515 36.74 -54.16 -53.17
CA ALA H 515 35.64 -55.06 -52.87
C ALA H 515 36.11 -56.30 -52.11
N ASP H 516 37.25 -56.86 -52.51
CA ASP H 516 37.85 -57.97 -51.78
C ASP H 516 38.18 -57.59 -50.34
N VAL H 517 38.67 -56.37 -50.13
CA VAL H 517 39.00 -55.95 -48.77
C VAL H 517 37.74 -55.74 -47.95
N ALA H 518 36.87 -54.82 -48.38
CA ALA H 518 35.74 -54.41 -47.57
C ALA H 518 34.45 -55.15 -47.89
N GLY H 519 33.96 -55.01 -49.12
CA GLY H 519 32.67 -55.56 -49.50
C GLY H 519 32.28 -55.10 -50.88
N ARG H 520 31.22 -55.73 -51.40
CA ARG H 520 30.88 -55.50 -52.81
C ARG H 520 30.30 -54.11 -53.04
N GLU H 521 29.54 -53.56 -52.09
CA GLU H 521 29.11 -52.18 -52.23
C GLU H 521 30.29 -51.22 -52.22
N ALA H 522 31.26 -51.49 -51.35
CA ALA H 522 32.46 -50.66 -51.29
C ALA H 522 33.20 -50.71 -52.62
N GLY H 523 33.35 -51.90 -53.19
CA GLY H 523 33.97 -52.00 -54.50
C GLY H 523 33.20 -51.29 -55.58
N GLU H 524 31.86 -51.37 -55.54
CA GLU H 524 31.05 -50.68 -56.54
C GLU H 524 31.21 -49.17 -56.46
N SER H 525 31.24 -48.62 -55.25
CA SER H 525 31.23 -47.19 -55.06
C SER H 525 32.62 -46.58 -54.89
N TRP H 526 33.68 -47.38 -54.93
CA TRP H 526 35.02 -46.85 -54.70
C TRP H 526 35.42 -45.79 -55.72
N LYS H 527 35.25 -46.09 -57.02
CA LYS H 527 35.61 -45.12 -58.05
C LYS H 527 34.76 -43.86 -57.95
N SER H 528 33.46 -44.03 -57.69
CA SER H 528 32.58 -42.88 -57.56
C SER H 528 33.00 -42.00 -56.40
N ILE H 529 33.37 -42.61 -55.27
CA ILE H 529 33.79 -41.84 -54.11
C ILE H 529 35.08 -41.09 -54.41
N LEU H 530 36.03 -41.75 -55.09
CA LEU H 530 37.26 -41.04 -55.47
C LEU H 530 36.97 -39.86 -56.38
N ASN H 531 36.14 -40.04 -57.39
CA ASN H 531 35.83 -38.94 -58.31
C ASN H 531 35.13 -37.81 -57.58
N SER H 532 34.19 -38.13 -56.69
CA SER H 532 33.47 -37.10 -55.95
C SER H 532 34.40 -36.36 -55.00
N LEU H 533 35.34 -37.08 -54.40
CA LEU H 533 36.32 -36.43 -53.51
C LEU H 533 37.20 -35.47 -54.28
N TYR H 534 37.66 -35.89 -55.47
CA TYR H 534 38.49 -35.00 -56.27
C TYR H 534 37.71 -33.78 -56.73
N GLU H 535 36.44 -33.99 -57.12
CA GLU H 535 35.60 -32.85 -57.50
C GLU H 535 35.39 -31.90 -56.33
N LEU H 536 35.20 -32.46 -55.12
CA LEU H 536 35.04 -31.61 -53.95
C LEU H 536 36.30 -30.81 -53.68
N LEU H 537 37.47 -31.44 -53.80
CA LEU H 537 38.71 -30.70 -53.60
C LEU H 537 38.83 -29.57 -54.61
N ALA H 538 38.52 -29.85 -55.88
CA ALA H 538 38.58 -28.83 -56.90
C ALA H 538 37.63 -27.68 -56.61
N ALA H 539 36.42 -28.00 -56.15
CA ALA H 539 35.45 -26.98 -55.79
C ALA H 539 35.87 -26.18 -54.56
N LEU H 540 36.52 -26.80 -53.60
CA LEU H 540 37.01 -26.12 -52.41
C LEU H 540 38.15 -25.18 -52.70
N ILE H 541 39.02 -25.51 -53.66
CA ILE H 541 40.18 -24.66 -53.95
C ILE H 541 39.97 -23.76 -55.15
N ARG H 542 38.92 -23.93 -55.94
CA ARG H 542 38.77 -23.18 -57.18
C ARG H 542 38.51 -21.70 -56.89
N GLY H 543 39.27 -20.84 -57.56
CA GLY H 543 39.07 -19.42 -57.47
C GLY H 543 39.50 -18.78 -56.17
N ASN H 544 40.11 -19.54 -55.27
CA ASN H 544 40.50 -19.04 -53.96
C ASN H 544 42.03 -19.07 -53.87
N ARG H 545 42.64 -17.89 -53.97
CA ARG H 545 44.09 -17.81 -53.97
C ARG H 545 44.70 -18.27 -52.66
N LYS H 546 44.08 -17.97 -51.52
CA LYS H 546 44.59 -18.44 -50.24
C LYS H 546 44.61 -19.97 -50.17
N ASN H 547 43.52 -20.63 -50.58
CA ASN H 547 43.49 -22.09 -50.55
C ASN H 547 44.50 -22.67 -51.53
N CYS H 548 44.60 -22.09 -52.73
CA CYS H 548 45.55 -22.62 -53.70
C CYS H 548 46.99 -22.41 -53.25
N ALA H 549 47.25 -21.35 -52.49
CA ALA H 549 48.57 -21.15 -51.90
C ALA H 549 48.87 -22.13 -50.78
N GLN H 550 47.88 -22.43 -49.93
CA GLN H 550 48.06 -23.46 -48.92
C GLN H 550 48.18 -24.85 -49.50
N PHE H 551 47.69 -25.08 -50.72
CA PHE H 551 47.80 -26.37 -51.38
C PHE H 551 49.18 -26.60 -52.00
N SER H 552 50.08 -25.61 -51.92
CA SER H 552 51.39 -25.76 -52.54
C SER H 552 52.16 -26.93 -51.92
N GLY H 553 52.10 -27.06 -50.60
CA GLY H 553 52.81 -28.15 -49.95
C GLY H 553 52.36 -29.52 -50.45
N SER H 554 51.07 -29.66 -50.71
CA SER H 554 50.53 -30.94 -51.16
C SER H 554 50.60 -31.12 -52.67
N LEU H 555 50.92 -30.07 -53.43
CA LEU H 555 51.01 -30.22 -54.88
C LEU H 555 51.97 -31.33 -55.29
N ASP H 556 53.13 -31.41 -54.64
CA ASP H 556 54.10 -32.43 -55.01
C ASP H 556 53.55 -33.83 -54.79
N TRP H 557 52.84 -34.03 -53.68
CA TRP H 557 52.18 -35.32 -53.44
C TRP H 557 51.06 -35.57 -54.43
N LEU H 558 50.43 -34.50 -54.92
CA LEU H 558 49.30 -34.65 -55.83
C LEU H 558 49.75 -35.18 -57.19
N ILE H 559 50.88 -34.66 -57.70
CA ILE H 559 51.33 -35.00 -59.04
C ILE H 559 51.86 -36.42 -59.04
N SER H 560 52.14 -36.96 -57.86
CA SER H 560 52.69 -38.30 -57.74
C SER H 560 51.68 -39.40 -58.05
N ARG H 561 50.39 -39.08 -58.13
CA ARG H 561 49.37 -40.05 -58.50
C ARG H 561 48.72 -39.73 -59.83
N LEU H 562 49.33 -38.85 -60.64
CA LEU H 562 48.73 -38.46 -61.91
C LEU H 562 48.71 -39.63 -62.89
N GLU H 563 49.58 -40.61 -62.70
CA GLU H 563 49.68 -41.71 -63.67
C GLU H 563 48.48 -42.63 -63.59
N ARG H 564 47.86 -42.75 -62.42
CA ARG H 564 46.76 -43.70 -62.24
C ARG H 564 45.54 -43.25 -63.01
N LEU H 565 44.93 -44.18 -63.74
CA LEU H 565 43.68 -43.90 -64.44
C LEU H 565 42.51 -43.75 -63.48
N GLU H 566 42.64 -44.19 -62.23
CA GLU H 566 41.59 -44.03 -61.24
C GLU H 566 41.38 -42.58 -60.86
N ALA H 567 42.39 -41.72 -61.05
CA ALA H 567 42.33 -40.35 -60.56
C ALA H 567 42.93 -39.33 -61.52
N SER H 568 43.21 -39.71 -62.78
CA SER H 568 43.94 -38.82 -63.67
C SER H 568 43.17 -37.54 -63.94
N SER H 569 41.90 -37.64 -64.31
CA SER H 569 41.11 -36.47 -64.66
C SER H 569 40.95 -35.53 -63.47
N GLY H 570 40.63 -36.09 -62.30
CA GLY H 570 40.45 -35.25 -61.13
C GLY H 570 41.73 -34.56 -60.70
N ILE H 571 42.84 -35.30 -60.70
CA ILE H 571 44.12 -34.70 -60.35
C ILE H 571 44.50 -33.62 -61.35
N LEU H 572 44.25 -33.86 -62.64
CA LEU H 572 44.55 -32.84 -63.65
C LEU H 572 43.73 -31.59 -63.43
N GLU H 573 42.44 -31.74 -63.12
CA GLU H 573 41.59 -30.57 -62.88
C GLU H 573 42.06 -29.79 -61.65
N VAL H 574 42.39 -30.51 -60.57
CA VAL H 574 42.87 -29.84 -59.36
C VAL H 574 44.17 -29.11 -59.65
N LEU H 575 45.09 -29.76 -60.37
CA LEU H 575 46.35 -29.12 -60.72
C LEU H 575 46.14 -27.88 -61.57
N HIS H 576 45.25 -27.95 -62.56
CA HIS H 576 44.94 -26.79 -63.37
C HIS H 576 44.37 -25.64 -62.54
N CYS H 577 43.42 -25.92 -61.65
CA CYS H 577 42.87 -24.88 -60.81
C CYS H 577 43.95 -24.23 -59.96
N VAL H 578 44.80 -25.04 -59.34
CA VAL H 578 45.85 -24.50 -58.47
C VAL H 578 46.82 -23.64 -59.27
N LEU H 579 47.27 -24.14 -60.42
CA LEU H 579 48.24 -23.40 -61.22
C LEU H 579 47.66 -22.09 -61.73
N VAL H 580 46.40 -22.10 -62.16
CA VAL H 580 45.78 -20.86 -62.63
C VAL H 580 45.64 -19.86 -61.49
N GLU H 581 45.24 -20.34 -60.30
CA GLU H 581 44.87 -19.41 -59.24
C GLU H 581 46.09 -18.86 -58.50
N SER H 582 47.05 -19.72 -58.15
CA SER H 582 48.11 -19.33 -57.23
C SER H 582 49.42 -19.13 -57.96
N PRO H 583 49.98 -17.91 -57.96
CA PRO H 583 51.35 -17.75 -58.47
C PRO H 583 52.38 -18.53 -57.69
N GLU H 584 52.17 -18.70 -56.39
CA GLU H 584 53.14 -19.41 -55.57
C GLU H 584 53.23 -20.88 -55.96
N ALA H 585 52.17 -21.41 -56.59
CA ALA H 585 52.17 -22.80 -57.00
C ALA H 585 53.24 -23.07 -58.05
N LEU H 586 53.48 -22.12 -58.95
CA LEU H 586 54.44 -22.34 -60.02
C LEU H 586 55.86 -22.48 -59.49
N ASN H 587 56.19 -21.80 -58.40
CA ASN H 587 57.55 -21.76 -57.90
C ASN H 587 58.04 -23.10 -57.37
N ILE H 588 57.16 -24.08 -57.17
CA ILE H 588 57.60 -25.38 -56.69
C ILE H 588 57.62 -26.42 -57.80
N ILE H 589 57.02 -26.15 -58.96
CA ILE H 589 57.03 -27.11 -60.06
C ILE H 589 58.45 -27.21 -60.60
N LYS H 590 59.01 -28.42 -60.54
CA LYS H 590 60.38 -28.67 -60.95
C LYS H 590 60.39 -29.50 -62.23
N GLU H 591 61.59 -29.91 -62.64
CA GLU H 591 61.75 -30.67 -63.87
C GLU H 591 61.00 -31.99 -63.81
N GLY H 592 61.04 -32.66 -62.65
CA GLY H 592 60.39 -33.94 -62.53
C GLY H 592 58.89 -33.88 -62.77
N HIS H 593 58.23 -32.89 -62.16
CA HIS H 593 56.79 -32.73 -62.35
C HIS H 593 56.42 -32.40 -63.79
N ILE H 594 57.16 -31.50 -64.43
CA ILE H 594 56.93 -31.20 -65.85
C ILE H 594 57.13 -32.43 -66.72
N LYS H 595 58.17 -33.21 -66.47
CA LYS H 595 58.39 -34.45 -67.21
C LYS H 595 57.26 -35.45 -66.99
N SER H 596 56.75 -35.57 -65.77
CA SER H 596 55.62 -36.46 -65.53
C SER H 596 54.38 -35.98 -66.28
N ILE H 597 54.12 -34.68 -66.27
CA ILE H 597 52.97 -34.15 -66.99
C ILE H 597 53.09 -34.43 -68.48
N ILE H 598 54.30 -34.26 -69.04
CA ILE H 598 54.51 -34.55 -70.45
C ILE H 598 54.35 -36.03 -70.73
N SER H 599 54.88 -36.89 -69.87
CA SER H 599 54.75 -38.34 -70.06
C SER H 599 53.29 -38.77 -69.97
N LEU H 600 52.47 -37.97 -69.29
CA LEU H 600 51.03 -38.25 -69.30
C LEU H 600 50.47 -38.22 -70.71
N LEU H 601 50.94 -37.29 -71.55
CA LEU H 601 50.53 -37.29 -72.95
C LEU H 601 50.95 -38.56 -73.66
N ASP H 602 52.19 -39.02 -73.44
CA ASP H 602 52.67 -40.20 -74.12
C ASP H 602 51.94 -41.46 -73.68
N LYS H 603 51.54 -41.53 -72.40
CA LYS H 603 50.92 -42.75 -71.90
C LYS H 603 49.40 -42.77 -72.11
N HIS H 604 48.73 -41.64 -71.90
CA HIS H 604 47.28 -41.58 -71.99
C HIS H 604 46.78 -41.04 -73.33
N GLY H 605 47.67 -40.76 -74.27
CA GLY H 605 47.27 -40.22 -75.54
C GLY H 605 47.06 -38.71 -75.50
N ARG H 606 46.65 -38.17 -76.64
CA ARG H 606 46.45 -36.73 -76.75
C ARG H 606 45.27 -36.28 -75.90
N ASN H 607 45.47 -35.19 -75.17
CA ASN H 607 44.43 -34.60 -74.34
C ASN H 607 44.73 -33.13 -74.17
N HIS H 608 43.80 -32.27 -74.61
CA HIS H 608 44.05 -30.84 -74.58
C HIS H 608 44.12 -30.28 -73.16
N LYS H 609 43.60 -31.01 -72.18
CA LYS H 609 43.71 -30.55 -70.80
C LYS H 609 45.15 -30.55 -70.31
N VAL H 610 45.92 -31.58 -70.66
CA VAL H 610 47.34 -31.58 -70.33
C VAL H 610 48.03 -30.41 -71.01
N LEU H 611 47.66 -30.13 -72.26
CA LEU H 611 48.23 -29.00 -72.97
C LEU H 611 47.92 -27.69 -72.27
N ASP H 612 46.69 -27.54 -71.78
CA ASP H 612 46.32 -26.31 -71.08
C ASP H 612 47.05 -26.19 -69.76
N VAL H 613 47.26 -27.31 -69.05
CA VAL H 613 48.04 -27.27 -67.83
C VAL H 613 49.48 -26.84 -68.13
N LEU H 614 50.05 -27.38 -69.20
CA LEU H 614 51.39 -26.96 -69.61
C LEU H 614 51.44 -25.49 -70.00
N CYS H 615 50.41 -24.97 -70.67
CA CYS H 615 50.33 -23.55 -70.97
C CYS H 615 50.27 -22.70 -69.71
N SER H 616 49.46 -23.09 -68.73
CA SER H 616 49.42 -22.39 -67.46
C SER H 616 50.75 -22.48 -66.72
N LEU H 617 51.52 -23.53 -66.95
CA LEU H 617 52.87 -23.62 -66.41
C LEU H 617 53.84 -22.65 -67.06
N CYS H 618 53.45 -21.98 -68.14
CA CYS H 618 54.34 -21.07 -68.85
C CYS H 618 54.16 -19.62 -68.43
N VAL H 619 52.94 -19.10 -68.52
CA VAL H 619 52.64 -17.72 -68.15
C VAL H 619 51.45 -17.74 -67.20
N CYS H 620 51.63 -17.13 -66.02
CA CYS H 620 50.58 -17.01 -65.03
C CYS H 620 50.46 -15.56 -64.61
N HIS H 621 49.25 -15.01 -64.70
CA HIS H 621 48.97 -13.64 -64.28
C HIS H 621 49.89 -12.64 -65.00
N GLY H 622 50.12 -12.88 -66.29
CA GLY H 622 50.93 -12.00 -67.09
C GLY H 622 52.42 -12.11 -66.87
N VAL H 623 52.88 -13.09 -66.11
CA VAL H 623 54.30 -13.29 -65.83
C VAL H 623 54.74 -14.61 -66.41
N ALA H 624 55.81 -14.60 -67.18
CA ALA H 624 56.33 -15.78 -67.84
C ALA H 624 57.47 -16.38 -67.01
N VAL H 625 57.37 -17.67 -66.73
CA VAL H 625 58.43 -18.39 -66.02
C VAL H 625 59.36 -19.02 -67.05
N ARG H 626 60.53 -18.42 -67.23
CA ARG H 626 61.42 -18.84 -68.30
C ARG H 626 61.97 -20.24 -68.08
N SER H 627 62.20 -20.62 -66.83
CA SER H 627 62.67 -21.97 -66.56
C SER H 627 61.66 -23.01 -67.00
N ASN H 628 60.38 -22.81 -66.65
CA ASN H 628 59.35 -23.74 -67.08
C ASN H 628 59.19 -23.73 -68.59
N GLN H 629 59.26 -22.55 -69.20
CA GLN H 629 59.19 -22.47 -70.66
C GLN H 629 60.28 -23.31 -71.31
N HIS H 630 61.52 -23.13 -70.84
CA HIS H 630 62.64 -23.87 -71.41
C HIS H 630 62.48 -25.37 -71.20
N LEU H 631 62.09 -25.77 -69.99
CA LEU H 631 61.92 -27.19 -69.71
C LEU H 631 60.84 -27.81 -70.58
N ILE H 632 59.69 -27.16 -70.69
CA ILE H 632 58.61 -27.69 -71.52
C ILE H 632 59.05 -27.80 -72.97
N CYS H 633 59.69 -26.76 -73.50
CA CYS H 633 60.19 -26.82 -74.87
C CYS H 633 61.15 -28.00 -75.05
N ASP H 634 62.23 -28.03 -74.28
CA ASP H 634 63.27 -29.03 -74.46
C ASP H 634 62.82 -30.44 -74.14
N ASN H 635 61.74 -30.63 -73.39
CA ASN H 635 61.27 -31.97 -73.07
C ASN H 635 60.14 -32.44 -73.96
N LEU H 636 59.43 -31.52 -74.63
CA LEU H 636 58.31 -31.93 -75.47
C LEU H 636 58.60 -31.79 -76.96
N LEU H 637 59.08 -30.63 -77.40
CA LEU H 637 59.20 -30.34 -78.82
C LEU H 637 60.16 -31.24 -79.59
N PRO H 638 61.41 -31.45 -79.13
CA PRO H 638 62.38 -32.13 -79.98
C PRO H 638 61.99 -33.55 -80.36
N GLY H 639 61.20 -34.22 -79.52
CA GLY H 639 60.83 -35.60 -79.81
C GLY H 639 60.06 -35.75 -81.10
N ARG H 640 59.15 -34.82 -81.37
CA ARG H 640 58.28 -34.87 -82.54
C ARG H 640 57.53 -36.19 -82.60
N ASP H 641 57.07 -36.65 -81.43
CA ASP H 641 56.36 -37.92 -81.33
C ASP H 641 54.98 -37.81 -80.72
N LEU H 642 54.67 -36.71 -80.04
CA LEU H 642 53.37 -36.55 -79.39
C LEU H 642 52.52 -35.50 -80.10
N LEU H 643 53.03 -34.29 -80.28
CA LEU H 643 52.27 -33.26 -80.97
C LEU H 643 52.20 -33.55 -82.46
N LEU H 644 51.07 -33.18 -83.07
CA LEU H 644 50.91 -33.35 -84.50
C LEU H 644 51.86 -32.44 -85.26
N GLN H 645 52.47 -32.99 -86.31
CA GLN H 645 53.46 -32.28 -87.10
C GLN H 645 52.84 -31.77 -88.38
N THR H 646 53.36 -30.64 -88.87
CA THR H 646 52.84 -29.99 -90.06
C THR H 646 53.98 -29.68 -91.02
N ARG H 647 53.65 -29.67 -92.31
CA ARG H 647 54.64 -29.45 -93.35
C ARG H 647 53.91 -29.14 -94.65
N LEU H 648 54.55 -28.35 -95.50
CA LEU H 648 54.04 -28.06 -96.83
C LEU H 648 54.57 -29.11 -97.81
N VAL H 649 53.66 -29.74 -98.55
CA VAL H 649 54.00 -30.77 -99.52
C VAL H 649 53.51 -30.34 -100.88
N ASN H 650 54.38 -30.42 -101.88
CA ASN H 650 53.98 -30.09 -103.24
C ASN H 650 52.97 -31.10 -103.75
N HIS H 651 51.93 -30.59 -104.42
CA HIS H 651 50.96 -31.49 -105.04
C HIS H 651 51.63 -32.32 -106.12
N VAL H 652 51.32 -33.61 -106.14
CA VAL H 652 51.93 -34.55 -107.08
C VAL H 652 50.83 -35.21 -107.89
N SER H 653 50.96 -35.18 -109.21
CA SER H 653 50.02 -35.82 -110.11
C SER H 653 50.69 -36.97 -110.84
N SER H 654 49.85 -37.87 -111.33
CA SER H 654 50.30 -39.08 -112.03
C SER H 654 49.64 -39.13 -113.39
N MET H 655 50.41 -39.52 -114.41
CA MET H 655 49.93 -39.59 -115.78
C MET H 655 50.31 -40.93 -116.38
N ARG H 656 49.39 -41.52 -117.12
CA ARG H 656 49.53 -42.84 -117.72
C ARG H 656 48.87 -42.89 -119.09
N PRO H 657 49.30 -43.82 -119.95
CA PRO H 657 48.60 -44.02 -121.22
C PRO H 657 47.36 -44.88 -121.03
N ASN H 658 46.71 -45.18 -122.16
CA ASN H 658 45.53 -46.04 -122.14
C ASN H 658 45.87 -47.51 -121.94
N ILE H 659 47.09 -47.92 -122.25
CA ILE H 659 47.43 -49.33 -122.28
C ILE H 659 47.30 -49.95 -120.90
N PHE H 660 46.85 -51.20 -120.87
CA PHE H 660 46.52 -51.91 -119.63
C PHE H 660 47.22 -53.27 -119.62
N LEU H 661 48.53 -53.23 -119.85
CA LEU H 661 49.38 -54.40 -119.81
C LEU H 661 49.04 -55.32 -118.64
N GLY H 662 49.00 -56.62 -118.91
CA GLY H 662 48.69 -57.59 -117.88
C GLY H 662 49.30 -58.94 -118.20
N VAL H 663 49.22 -59.84 -117.22
CA VAL H 663 49.76 -61.20 -117.35
C VAL H 663 48.76 -62.17 -116.76
N SER H 664 48.56 -63.29 -117.46
CA SER H 664 47.65 -64.32 -116.99
C SER H 664 47.95 -65.61 -117.75
N GLU H 665 47.48 -66.72 -117.18
CA GLU H 665 47.65 -68.01 -117.84
C GLU H 665 46.68 -68.16 -118.99
N GLY H 666 47.20 -68.60 -120.14
CA GLY H 666 46.36 -68.81 -121.30
C GLY H 666 45.71 -67.54 -121.82
N SER H 667 46.46 -66.44 -121.85
CA SER H 667 45.95 -65.17 -122.33
C SER H 667 46.83 -64.68 -123.45
N ALA H 668 46.21 -64.19 -124.52
CA ALA H 668 46.95 -63.67 -125.66
C ALA H 668 47.56 -62.31 -125.34
N GLN H 669 48.58 -62.30 -124.48
CA GLN H 669 49.28 -61.08 -124.13
C GLN H 669 50.77 -61.36 -124.14
N TYR H 670 51.56 -60.37 -124.55
CA TYR H 670 53.00 -60.56 -124.68
C TYR H 670 53.67 -60.09 -123.38
N LYS H 671 54.57 -60.93 -122.85
CA LYS H 671 55.03 -60.75 -121.48
C LYS H 671 56.09 -59.67 -121.33
N LYS H 672 56.67 -59.18 -122.43
CA LYS H 672 57.78 -58.24 -122.37
C LYS H 672 57.37 -56.92 -123.00
N TRP H 673 57.76 -55.81 -122.38
CA TRP H 673 57.29 -54.50 -122.79
C TRP H 673 58.34 -53.44 -122.50
N TYR H 674 58.26 -52.33 -123.23
CA TYR H 674 59.31 -51.33 -123.21
C TYR H 674 58.74 -49.97 -123.60
N TYR H 675 59.21 -48.92 -122.95
CA TYR H 675 58.83 -47.56 -123.31
C TYR H 675 59.89 -46.58 -122.83
N GLU H 676 59.71 -45.30 -123.17
CA GLU H 676 60.70 -44.29 -122.83
C GLU H 676 60.02 -42.99 -122.41
N LEU H 677 60.77 -42.18 -121.67
CA LEU H 677 60.35 -40.85 -121.25
C LEU H 677 61.54 -39.92 -121.32
N MET H 678 61.39 -38.79 -122.02
CA MET H 678 62.48 -37.81 -122.10
C MET H 678 62.03 -36.52 -121.43
N VAL H 679 62.89 -35.98 -120.56
CA VAL H 679 62.57 -34.78 -119.80
C VAL H 679 63.08 -33.59 -120.59
N ASP H 680 62.19 -32.93 -121.33
CA ASP H 680 62.61 -31.75 -122.10
C ASP H 680 63.07 -30.64 -121.16
N HIS H 681 62.37 -30.44 -120.06
CA HIS H 681 62.73 -29.40 -119.09
C HIS H 681 62.26 -29.78 -117.71
N THR H 682 63.05 -29.42 -116.71
CA THR H 682 62.68 -29.62 -115.31
C THR H 682 63.40 -28.61 -114.45
N GLU H 683 62.67 -27.98 -113.53
CA GLU H 683 63.26 -27.04 -112.60
C GLU H 683 63.50 -27.73 -111.26
N PRO H 684 64.75 -27.76 -110.76
CA PRO H 684 65.00 -28.48 -109.50
C PRO H 684 64.19 -27.96 -108.33
N PHE H 685 64.01 -26.64 -108.21
CA PHE H 685 63.29 -26.05 -107.09
C PHE H 685 62.35 -24.96 -107.62
N VAL H 686 61.13 -25.38 -107.99
CA VAL H 686 60.10 -24.40 -108.34
C VAL H 686 59.63 -23.68 -107.07
N THR H 687 59.52 -24.42 -105.98
CA THR H 687 59.18 -23.89 -104.67
C THR H 687 60.29 -24.23 -103.69
N ALA H 688 60.05 -23.97 -102.40
CA ALA H 688 61.04 -24.29 -101.39
C ALA H 688 61.30 -25.79 -101.31
N GLU H 689 60.32 -26.61 -101.66
CA GLU H 689 60.50 -28.06 -101.66
C GLU H 689 61.03 -28.51 -103.02
N ALA H 690 61.74 -29.64 -103.00
CA ALA H 690 62.32 -30.17 -104.22
C ALA H 690 61.24 -30.66 -105.18
N THR H 691 61.47 -30.42 -106.47
CA THR H 691 60.52 -30.85 -107.48
C THR H 691 60.54 -32.37 -107.62
N HIS H 692 59.34 -32.95 -107.67
CA HIS H 692 59.16 -34.39 -107.78
C HIS H 692 59.04 -34.76 -109.25
N LEU H 693 59.82 -35.75 -109.67
CA LEU H 693 59.77 -36.29 -111.03
C LEU H 693 60.26 -37.74 -110.97
N ARG H 694 59.33 -38.68 -111.07
CA ARG H 694 59.66 -40.10 -111.01
C ARG H 694 58.91 -40.83 -112.12
N VAL H 695 59.52 -41.88 -112.66
CA VAL H 695 58.94 -42.61 -113.78
C VAL H 695 59.03 -44.10 -113.51
N GLY H 696 58.04 -44.85 -113.99
CA GLY H 696 58.10 -46.28 -113.85
C GLY H 696 56.77 -46.92 -114.24
N TRP H 697 56.45 -47.99 -113.54
CA TRP H 697 55.23 -48.75 -113.79
C TRP H 697 54.36 -48.80 -112.55
N ALA H 698 53.05 -48.93 -112.77
CA ALA H 698 52.11 -49.09 -111.68
C ALA H 698 51.13 -50.20 -112.05
N SER H 699 50.61 -50.86 -111.03
CA SER H 699 49.66 -51.95 -111.19
C SER H 699 48.30 -51.54 -110.65
N THR H 700 47.29 -52.32 -111.01
CA THR H 700 45.93 -52.12 -110.53
C THR H 700 45.50 -53.32 -109.71
N GLU H 701 44.95 -53.07 -108.53
CA GLU H 701 44.45 -54.16 -107.70
C GLU H 701 43.31 -54.87 -108.39
N GLY H 702 43.43 -56.18 -108.56
CA GLY H 702 42.47 -56.92 -109.35
C GLY H 702 42.51 -56.50 -110.81
N TYR H 703 41.36 -56.59 -111.47
CA TYR H 703 41.24 -56.17 -112.85
C TYR H 703 40.45 -54.87 -113.02
N SER H 704 40.26 -54.11 -111.94
CA SER H 704 39.67 -52.80 -112.08
C SER H 704 40.63 -51.86 -112.79
N PRO H 705 40.14 -50.96 -113.64
CA PRO H 705 41.02 -50.00 -114.32
C PRO H 705 41.53 -48.87 -113.44
N TYR H 706 41.06 -48.78 -112.22
CA TYR H 706 41.46 -47.77 -111.26
C TYR H 706 42.74 -48.20 -110.55
N PRO H 707 43.79 -47.37 -110.58
CA PRO H 707 45.02 -47.73 -109.86
C PRO H 707 44.76 -47.91 -108.38
N GLY H 708 45.42 -48.90 -107.80
CA GLY H 708 45.15 -49.25 -106.42
C GLY H 708 46.29 -48.98 -105.46
N GLY H 709 45.96 -48.84 -104.18
CA GLY H 709 46.95 -48.71 -103.14
C GLY H 709 47.47 -47.31 -102.89
N GLY H 710 47.03 -46.33 -103.67
CA GLY H 710 47.52 -44.97 -103.52
C GLY H 710 46.38 -43.98 -103.44
N GLU H 711 46.68 -42.84 -102.82
CA GLU H 711 45.70 -41.76 -102.71
C GLU H 711 45.45 -41.14 -104.07
N GLU H 712 44.19 -40.78 -104.32
CA GLU H 712 43.84 -40.16 -105.59
C GLU H 712 44.50 -38.80 -105.74
N TRP H 713 44.57 -38.04 -104.65
CA TRP H 713 45.23 -36.73 -104.64
C TRP H 713 46.09 -36.61 -103.39
N GLY H 714 47.15 -35.82 -103.49
CA GLY H 714 48.05 -35.61 -102.39
C GLY H 714 49.48 -35.48 -102.90
N GLY H 715 50.42 -35.67 -101.97
CA GLY H 715 51.82 -35.60 -102.28
C GLY H 715 52.47 -36.91 -102.69
N ASN H 716 51.69 -37.97 -102.85
CA ASN H 716 52.23 -39.26 -103.22
C ASN H 716 52.30 -39.41 -104.74
N GLY H 717 53.12 -40.35 -105.18
CA GLY H 717 53.27 -40.61 -106.59
C GLY H 717 53.75 -42.02 -106.83
N VAL H 718 54.48 -42.17 -107.94
CA VAL H 718 55.05 -43.46 -108.31
C VAL H 718 56.00 -43.91 -107.20
N GLY H 719 55.88 -45.16 -106.77
CA GLY H 719 56.78 -45.73 -105.79
C GLY H 719 56.44 -45.41 -104.36
N ASP H 720 55.40 -44.61 -104.11
CA ASP H 720 55.01 -44.28 -102.75
C ASP H 720 54.14 -45.34 -102.10
N ASP H 721 53.75 -46.38 -102.85
CA ASP H 721 52.99 -47.49 -102.32
C ASP H 721 53.54 -48.80 -102.87
N LEU H 722 52.99 -49.91 -102.39
CA LEU H 722 53.42 -51.23 -102.80
C LEU H 722 52.75 -51.71 -104.08
N PHE H 723 52.06 -50.81 -104.79
CA PHE H 723 51.47 -51.12 -106.09
C PHE H 723 52.19 -50.40 -107.22
N SER H 724 53.20 -49.60 -106.91
CA SER H 724 53.88 -48.80 -107.92
C SER H 724 55.38 -48.97 -107.76
N TYR H 725 56.10 -48.76 -108.86
CA TYR H 725 57.52 -49.06 -108.96
C TYR H 725 58.17 -47.95 -109.77
N GLY H 726 59.04 -47.16 -109.14
CA GLY H 726 59.52 -45.94 -109.75
C GLY H 726 61.03 -45.82 -109.70
N PHE H 727 61.52 -44.87 -110.50
CA PHE H 727 62.93 -44.53 -110.59
C PHE H 727 63.01 -43.02 -110.74
N ASP H 728 63.95 -42.40 -110.02
CA ASP H 728 64.10 -40.95 -110.12
C ASP H 728 65.48 -40.50 -110.56
N GLY H 729 66.32 -41.40 -111.08
CA GLY H 729 67.66 -41.07 -111.47
C GLY H 729 68.71 -41.47 -110.45
N LEU H 730 68.37 -41.40 -109.17
CA LEU H 730 69.24 -41.84 -108.10
C LEU H 730 68.64 -42.97 -107.26
N HIS H 731 67.32 -43.03 -107.15
CA HIS H 731 66.68 -43.97 -106.24
C HIS H 731 65.66 -44.80 -106.99
N LEU H 732 65.62 -46.08 -106.66
CA LEU H 732 64.47 -46.92 -106.94
C LEU H 732 63.47 -46.80 -105.81
N TRP H 733 62.21 -46.56 -106.16
CA TRP H 733 61.18 -46.20 -105.20
C TRP H 733 60.09 -47.27 -105.21
N SER H 734 59.78 -47.79 -104.03
CA SER H 734 58.69 -48.74 -103.87
C SER H 734 58.26 -48.75 -102.42
N GLY H 735 56.95 -48.81 -102.19
CA GLY H 735 56.43 -48.82 -100.84
C GLY H 735 56.83 -47.63 -100.01
N CYS H 736 56.88 -46.44 -100.61
CA CYS H 736 57.35 -45.23 -99.95
C CYS H 736 58.76 -45.38 -99.39
N ILE H 737 59.55 -46.28 -99.97
CA ILE H 737 60.93 -46.52 -99.56
C ILE H 737 61.83 -46.34 -100.77
N ALA H 738 62.91 -45.59 -100.60
CA ALA H 738 63.85 -45.30 -101.66
C ALA H 738 65.17 -46.01 -101.39
N ARG H 739 65.65 -46.75 -102.37
CA ARG H 739 66.97 -47.37 -102.31
C ARG H 739 67.87 -46.75 -103.36
N THR H 740 69.03 -46.27 -102.93
CA THR H 740 69.97 -45.65 -103.84
C THR H 740 70.53 -46.70 -104.78
N VAL H 741 70.47 -46.44 -106.09
CA VAL H 741 70.91 -47.38 -107.11
C VAL H 741 72.03 -46.75 -107.90
N SER H 742 73.08 -47.54 -108.15
CA SER H 742 74.24 -47.02 -108.86
C SER H 742 73.95 -46.89 -110.35
N SER H 743 74.64 -45.95 -110.99
CA SER H 743 74.48 -45.68 -112.41
C SER H 743 75.68 -44.88 -112.88
N PRO H 744 76.09 -45.02 -114.14
CA PRO H 744 77.16 -44.17 -114.67
C PRO H 744 76.72 -42.71 -114.69
N ASN H 745 77.53 -41.85 -114.08
CA ASN H 745 77.22 -40.42 -113.97
C ASN H 745 75.89 -40.20 -113.26
N GLN H 746 75.84 -40.59 -111.98
CA GLN H 746 74.63 -40.47 -111.19
C GLN H 746 74.17 -39.02 -111.13
N HIS H 747 72.87 -38.82 -111.33
CA HIS H 747 72.27 -37.51 -111.18
C HIS H 747 70.77 -37.64 -111.09
N LEU H 748 70.15 -36.72 -110.36
CA LEU H 748 68.70 -36.60 -110.40
C LEU H 748 68.27 -36.19 -111.80
N LEU H 749 67.06 -36.59 -112.18
CA LEU H 749 66.60 -36.40 -113.55
C LEU H 749 66.69 -34.93 -113.96
N ARG H 750 67.46 -34.66 -115.01
CA ARG H 750 67.72 -33.31 -115.46
C ARG H 750 67.06 -33.06 -116.81
N THR H 751 67.33 -31.89 -117.37
CA THR H 751 66.90 -31.56 -118.71
C THR H 751 67.59 -32.45 -119.73
N ASP H 752 66.82 -32.92 -120.71
CA ASP H 752 67.32 -33.75 -121.80
C ASP H 752 67.91 -35.06 -121.26
N ASP H 753 67.08 -35.77 -120.51
CA ASP H 753 67.40 -37.10 -120.01
C ASP H 753 66.37 -38.08 -120.54
N VAL H 754 66.84 -39.20 -121.08
CA VAL H 754 65.97 -40.22 -121.64
C VAL H 754 66.04 -41.45 -120.75
N ILE H 755 64.89 -41.83 -120.19
CA ILE H 755 64.78 -42.99 -119.30
C ILE H 755 64.01 -44.05 -120.06
N SER H 756 64.58 -45.24 -120.14
CA SER H 756 63.94 -46.35 -120.82
C SER H 756 63.53 -47.40 -119.80
N CYS H 757 62.25 -47.74 -119.78
CA CYS H 757 61.68 -48.66 -118.81
C CYS H 757 61.32 -49.97 -119.50
N CYS H 758 61.72 -51.08 -118.90
CA CYS H 758 61.48 -52.42 -119.43
C CYS H 758 60.77 -53.24 -118.38
N LEU H 759 59.75 -53.99 -118.81
CA LEU H 759 58.94 -54.82 -117.94
C LEU H 759 58.89 -56.24 -118.48
N ASP H 760 59.23 -57.21 -117.64
CA ASP H 760 59.08 -58.62 -117.95
C ASP H 760 58.14 -59.25 -116.93
N LEU H 761 56.98 -59.68 -117.40
CA LEU H 761 56.01 -60.33 -116.53
C LEU H 761 56.19 -61.84 -116.45
N SER H 762 56.97 -62.44 -117.35
CA SER H 762 57.25 -63.87 -117.27
C SER H 762 57.97 -64.19 -115.98
N ALA H 763 59.08 -63.49 -115.72
CA ALA H 763 59.72 -63.48 -114.41
C ALA H 763 59.62 -62.03 -113.93
N PRO H 764 58.86 -61.76 -112.87
CA PRO H 764 58.57 -60.36 -112.51
C PRO H 764 59.83 -59.51 -112.42
N SER H 765 59.99 -58.58 -113.35
CA SER H 765 61.22 -57.80 -113.43
C SER H 765 60.90 -56.43 -114.02
N ILE H 766 61.29 -55.38 -113.32
CA ILE H 766 61.21 -54.02 -113.82
C ILE H 766 62.63 -53.47 -113.85
N SER H 767 63.08 -53.02 -115.02
CA SER H 767 64.43 -52.55 -115.19
C SER H 767 64.42 -51.18 -115.87
N PHE H 768 65.46 -50.41 -115.60
CA PHE H 768 65.59 -49.07 -116.12
C PHE H 768 66.96 -48.90 -116.78
N ARG H 769 67.00 -48.04 -117.78
CA ARG H 769 68.26 -47.65 -118.41
C ARG H 769 68.22 -46.15 -118.68
N ILE H 770 69.20 -45.43 -118.13
CA ILE H 770 69.26 -43.98 -118.28
C ILE H 770 70.21 -43.66 -119.42
N ASN H 771 69.72 -42.89 -120.40
CA ASN H 771 70.51 -42.42 -121.53
C ASN H 771 71.22 -43.57 -122.24
N GLY H 772 70.61 -44.74 -122.24
CA GLY H 772 71.23 -45.92 -122.83
C GLY H 772 72.10 -46.72 -121.90
N GLN H 773 72.63 -46.11 -120.84
CA GLN H 773 73.40 -46.83 -119.86
C GLN H 773 72.49 -47.61 -118.94
N PRO H 774 72.91 -48.80 -118.49
CA PRO H 774 72.03 -49.64 -117.68
C PRO H 774 72.06 -49.28 -116.20
N VAL H 775 70.89 -49.11 -115.60
CA VAL H 775 70.80 -48.93 -114.16
C VAL H 775 71.03 -50.27 -113.47
N GLN H 776 71.80 -50.25 -112.38
CA GLN H 776 72.28 -51.47 -111.75
C GLN H 776 71.36 -51.98 -110.65
N GLY H 777 70.07 -51.75 -110.76
CA GLY H 777 69.11 -52.29 -109.81
C GLY H 777 67.81 -52.59 -110.50
N MET H 778 67.07 -53.55 -109.95
CA MET H 778 65.80 -53.93 -110.56
C MET H 778 64.82 -54.47 -109.53
N PHE H 779 63.53 -54.34 -109.83
CA PHE H 779 62.50 -54.92 -108.99
C PHE H 779 62.25 -56.36 -109.41
N GLU H 780 61.97 -57.22 -108.43
CA GLU H 780 61.80 -58.64 -108.66
C GLU H 780 60.59 -59.14 -107.88
N ASN H 781 59.97 -60.19 -108.42
CA ASN H 781 59.01 -61.02 -107.70
C ASN H 781 57.88 -60.18 -107.10
N PHE H 782 57.39 -59.23 -107.88
CA PHE H 782 56.24 -58.46 -107.44
C PHE H 782 54.95 -59.18 -107.81
N ASN H 783 53.87 -58.81 -107.14
CA ASN H 783 52.57 -59.42 -107.40
C ASN H 783 52.15 -59.15 -108.83
N ILE H 784 51.71 -60.19 -109.52
CA ILE H 784 51.35 -60.10 -110.94
C ILE H 784 49.87 -60.35 -111.16
N ASP H 785 49.06 -60.34 -110.11
CA ASP H 785 47.62 -60.56 -110.24
C ASP H 785 46.88 -59.24 -110.48
N GLY H 786 47.35 -58.53 -111.49
CA GLY H 786 46.77 -57.25 -111.83
C GLY H 786 47.18 -56.80 -113.21
N LEU H 787 46.85 -55.56 -113.52
CA LEU H 787 47.16 -54.97 -114.82
C LEU H 787 48.19 -53.86 -114.62
N PHE H 788 49.27 -53.94 -115.39
CA PHE H 788 50.34 -52.94 -115.30
C PHE H 788 50.18 -51.91 -116.39
N PHE H 789 50.83 -50.76 -116.18
CA PHE H 789 50.78 -49.66 -117.13
C PHE H 789 51.90 -48.68 -116.82
N PRO H 790 52.46 -48.02 -117.82
CA PRO H 790 53.45 -46.97 -117.56
C PRO H 790 52.83 -45.82 -116.81
N VAL H 791 53.66 -45.14 -116.01
CA VAL H 791 53.18 -44.04 -115.19
C VAL H 791 54.34 -43.10 -114.89
N VAL H 792 54.03 -41.81 -114.83
CA VAL H 792 54.98 -40.79 -114.39
C VAL H 792 54.31 -39.94 -113.33
N SER H 793 55.01 -39.72 -112.22
CA SER H 793 54.54 -38.86 -111.15
C SER H 793 55.39 -37.61 -111.12
N PHE H 794 54.78 -36.47 -110.85
CA PHE H 794 55.49 -35.21 -110.93
C PHE H 794 54.82 -34.14 -110.08
N SER H 795 55.59 -33.10 -109.82
CA SER H 795 55.08 -31.86 -109.24
C SER H 795 55.27 -30.76 -110.27
N ALA H 796 55.06 -29.51 -109.88
CA ALA H 796 55.18 -28.42 -110.82
C ALA H 796 56.60 -28.30 -111.36
N GLY H 797 56.70 -27.91 -112.62
CA GLY H 797 57.99 -27.72 -113.26
C GLY H 797 58.49 -28.88 -114.08
N ILE H 798 57.63 -29.51 -114.87
CA ILE H 798 58.04 -30.61 -115.73
C ILE H 798 57.60 -30.34 -117.16
N LYS H 799 58.40 -30.84 -118.09
CA LYS H 799 58.11 -30.82 -119.52
C LYS H 799 58.47 -32.19 -120.10
N VAL H 800 57.90 -33.24 -119.52
CA VAL H 800 58.30 -34.59 -119.93
C VAL H 800 57.59 -34.97 -121.21
N ARG H 801 58.08 -36.00 -121.89
CA ARG H 801 57.48 -36.49 -123.11
C ARG H 801 57.54 -38.01 -123.14
N PHE H 802 56.38 -38.63 -123.32
CA PHE H 802 56.23 -40.07 -123.43
C PHE H 802 56.60 -40.47 -124.84
N LEU H 803 57.54 -41.43 -124.95
CA LEU H 803 57.90 -42.08 -126.20
C LEU H 803 57.44 -43.52 -126.07
N LEU H 804 56.27 -43.82 -126.64
CA LEU H 804 55.65 -45.12 -126.49
C LEU H 804 56.01 -46.06 -127.63
N GLY H 805 56.87 -45.64 -128.54
CA GLY H 805 57.31 -46.48 -129.62
C GLY H 805 56.44 -46.34 -130.85
N GLY H 806 56.99 -46.73 -131.99
CA GLY H 806 56.21 -46.80 -133.21
C GLY H 806 55.79 -45.44 -133.72
N ARG H 807 54.52 -45.35 -134.13
CA ARG H 807 54.04 -44.11 -134.73
C ARG H 807 53.85 -43.02 -133.68
N HIS H 808 53.35 -43.39 -132.50
CA HIS H 808 53.08 -42.39 -131.47
C HIS H 808 54.36 -41.71 -131.03
N GLY H 809 55.36 -42.49 -130.64
CA GLY H 809 56.65 -41.95 -130.26
C GLY H 809 57.76 -42.71 -130.95
N GLU H 810 58.89 -42.03 -131.13
CA GLU H 810 60.03 -42.65 -131.78
C GLU H 810 61.13 -42.93 -130.77
N PHE H 811 61.39 -44.20 -130.51
CA PHE H 811 62.43 -44.59 -129.57
C PHE H 811 63.79 -44.07 -130.03
N LYS H 812 64.52 -43.46 -129.10
CA LYS H 812 65.89 -43.04 -129.41
C LYS H 812 66.85 -44.22 -129.31
N PHE H 813 66.75 -44.98 -128.23
CA PHE H 813 67.52 -46.21 -128.07
C PHE H 813 66.63 -47.41 -128.42
N LEU H 814 67.18 -48.31 -129.22
CA LEU H 814 66.41 -49.46 -129.67
C LEU H 814 66.02 -50.33 -128.48
N PRO H 815 64.82 -50.91 -128.47
CA PRO H 815 64.39 -51.71 -127.34
C PRO H 815 65.29 -52.92 -127.14
N PRO H 816 65.45 -53.38 -125.91
CA PRO H 816 66.20 -54.61 -125.67
C PRO H 816 65.53 -55.78 -126.37
N PRO H 817 66.30 -56.78 -126.77
CA PRO H 817 65.72 -57.91 -127.52
C PRO H 817 64.58 -58.57 -126.74
N GLY H 818 63.53 -58.93 -127.46
CA GLY H 818 62.37 -59.53 -126.84
C GLY H 818 61.30 -58.53 -126.45
N TYR H 819 61.69 -57.47 -125.75
CA TYR H 819 60.73 -56.48 -125.28
C TYR H 819 60.03 -55.82 -126.45
N ALA H 820 58.72 -55.75 -126.38
CA ALA H 820 57.92 -55.13 -127.42
C ALA H 820 57.48 -53.74 -127.00
N PRO H 821 57.48 -52.79 -127.92
CA PRO H 821 57.08 -51.42 -127.57
C PRO H 821 55.64 -51.33 -127.12
N CYS H 822 55.40 -50.40 -126.21
CA CYS H 822 54.14 -50.34 -125.47
C CYS H 822 52.93 -50.00 -126.32
N TYR H 823 53.13 -49.42 -127.50
CA TYR H 823 51.95 -49.05 -128.29
C TYR H 823 51.26 -50.28 -128.85
N GLU H 824 51.91 -51.43 -128.80
CA GLU H 824 51.42 -52.65 -129.40
C GLU H 824 50.36 -53.33 -128.55
N ALA H 825 50.06 -52.79 -127.37
CA ALA H 825 49.04 -53.34 -126.51
C ALA H 825 47.70 -52.63 -126.61
N VAL H 826 47.58 -51.62 -127.48
CA VAL H 826 46.31 -50.92 -127.63
C VAL H 826 45.30 -51.83 -128.29
N LEU H 827 44.07 -51.83 -127.78
CA LEU H 827 43.00 -52.59 -128.39
C LEU H 827 42.65 -51.99 -129.75
N PRO H 828 42.21 -52.82 -130.71
CA PRO H 828 42.01 -52.34 -132.08
C PRO H 828 41.06 -51.17 -132.20
N LYS H 829 39.97 -51.18 -131.44
CA LYS H 829 39.02 -50.07 -131.51
C LYS H 829 39.53 -48.83 -130.80
N GLU H 830 40.19 -49.01 -129.66
CA GLU H 830 40.58 -47.87 -128.83
C GLU H 830 41.78 -47.15 -129.43
N LYS H 831 42.03 -45.95 -128.91
CA LYS H 831 43.12 -45.11 -129.37
C LYS H 831 44.06 -44.82 -128.21
N LEU H 832 45.35 -44.89 -128.48
CA LEU H 832 46.34 -44.63 -127.43
C LEU H 832 46.40 -43.15 -127.11
N LYS H 833 46.13 -42.81 -125.86
CA LYS H 833 46.22 -41.43 -125.40
C LYS H 833 46.73 -41.42 -123.96
N VAL H 834 47.30 -40.31 -123.55
CA VAL H 834 47.85 -40.15 -122.21
C VAL H 834 46.85 -39.35 -121.39
N GLU H 835 46.36 -39.95 -120.31
CA GLU H 835 45.35 -39.34 -119.46
C GLU H 835 45.78 -39.43 -118.01
N HIS H 836 45.07 -38.69 -117.15
CA HIS H 836 45.36 -38.71 -115.73
C HIS H 836 45.13 -40.10 -115.15
N SER H 837 46.01 -40.49 -114.23
CA SER H 837 45.86 -41.79 -113.57
C SER H 837 44.58 -41.83 -112.75
N ARG H 838 44.24 -40.74 -112.07
CA ARG H 838 43.04 -40.68 -111.26
C ARG H 838 41.90 -40.02 -112.01
N GLU H 839 40.69 -40.21 -111.49
CA GLU H 839 39.49 -39.78 -112.21
C GLU H 839 39.39 -38.26 -112.26
N TYR H 840 39.57 -37.59 -111.13
CA TYR H 840 39.26 -36.17 -111.04
C TYR H 840 40.47 -35.33 -111.42
N LYS H 841 40.19 -34.12 -111.88
CA LYS H 841 41.21 -33.23 -112.42
C LYS H 841 40.72 -31.80 -112.27
N GLN H 842 41.57 -30.85 -112.68
CA GLN H 842 41.28 -29.44 -112.51
C GLN H 842 40.27 -28.98 -113.56
N GLU H 843 39.12 -28.51 -113.11
CA GLU H 843 38.06 -28.04 -113.98
C GLU H 843 37.00 -27.35 -113.13
N ARG H 844 36.10 -26.63 -113.80
CA ARG H 844 35.00 -25.96 -113.13
C ARG H 844 34.15 -26.97 -112.36
N THR H 845 33.75 -26.59 -111.14
CA THR H 845 33.06 -27.52 -110.26
C THR H 845 31.74 -27.99 -110.84
N TYR H 846 30.95 -27.08 -111.40
CA TYR H 846 29.67 -27.48 -111.98
C TYR H 846 29.84 -28.31 -113.24
N THR H 847 30.99 -28.23 -113.91
CA THR H 847 31.29 -29.08 -115.04
C THR H 847 31.94 -30.39 -114.63
N ARG H 848 32.49 -30.45 -113.43
CA ARG H 848 33.23 -31.62 -112.99
C ARG H 848 32.33 -32.84 -112.92
N ASP H 849 32.76 -33.91 -113.56
CA ASP H 849 31.99 -35.15 -113.62
C ASP H 849 32.27 -35.99 -112.39
N LEU H 850 31.22 -36.29 -111.63
CA LEU H 850 31.34 -37.21 -110.51
C LEU H 850 31.16 -38.63 -111.03
N LEU H 851 32.11 -39.50 -110.73
CA LEU H 851 32.10 -40.87 -111.22
C LEU H 851 31.84 -41.84 -110.09
N GLY H 852 30.97 -42.81 -110.34
CA GLY H 852 30.75 -43.89 -109.41
C GLY H 852 31.82 -44.95 -109.59
N PRO H 853 31.68 -46.07 -108.89
CA PRO H 853 32.65 -47.16 -109.06
C PRO H 853 32.69 -47.63 -110.51
N THR H 854 33.89 -47.90 -110.99
CA THR H 854 34.05 -48.40 -112.34
C THR H 854 33.82 -49.91 -112.38
N VAL H 855 33.45 -50.40 -113.56
CA VAL H 855 33.26 -51.82 -113.77
C VAL H 855 34.62 -52.47 -113.95
N SER H 856 34.70 -53.76 -113.60
CA SER H 856 35.95 -54.49 -113.75
C SER H 856 36.33 -54.59 -115.22
N LEU H 857 37.65 -54.63 -115.47
CA LEU H 857 38.16 -54.63 -116.83
C LEU H 857 38.75 -56.00 -117.15
N THR H 858 38.06 -57.06 -116.73
CA THR H 858 38.53 -58.42 -117.00
C THR H 858 38.64 -58.71 -118.50
N GLN H 859 37.88 -58.00 -119.32
CA GLN H 859 37.93 -58.19 -120.76
C GLN H 859 39.24 -57.72 -121.38
N ALA H 860 40.07 -56.99 -120.62
CA ALA H 860 41.36 -56.58 -121.14
C ALA H 860 42.24 -57.78 -121.45
N ALA H 861 42.21 -58.79 -120.59
CA ALA H 861 42.93 -60.04 -120.81
C ALA H 861 41.99 -61.02 -121.50
N PHE H 862 42.26 -61.31 -122.76
CA PHE H 862 41.41 -62.20 -123.55
C PHE H 862 41.92 -63.63 -123.38
N THR H 863 41.30 -64.35 -122.45
CA THR H 863 41.63 -65.76 -122.24
C THR H 863 40.55 -66.60 -122.90
N PRO H 864 40.87 -67.37 -123.93
CA PRO H 864 39.84 -68.17 -124.62
C PRO H 864 39.32 -69.27 -123.71
N ILE H 865 37.99 -69.35 -123.60
CA ILE H 865 37.32 -70.38 -122.84
C ILE H 865 36.44 -71.18 -123.80
N PRO H 866 36.95 -72.25 -124.39
CA PRO H 866 36.13 -73.04 -125.32
C PRO H 866 35.23 -74.01 -124.58
N VAL H 867 34.03 -74.23 -125.11
CA VAL H 867 33.12 -75.19 -124.50
C VAL H 867 33.69 -76.59 -124.64
N ASP H 868 33.85 -77.27 -123.51
CA ASP H 868 34.42 -78.62 -123.53
C ASP H 868 33.46 -79.58 -124.24
N THR H 869 34.03 -80.44 -125.09
CA THR H 869 33.24 -81.36 -125.89
C THR H 869 33.60 -82.82 -125.67
N SER H 870 34.47 -83.13 -124.71
CA SER H 870 34.84 -84.52 -124.46
C SER H 870 33.63 -85.34 -124.01
N GLN H 871 32.77 -84.74 -123.18
CA GLN H 871 31.62 -85.47 -122.66
C GLN H 871 30.59 -85.77 -123.74
N ILE H 872 30.70 -85.09 -124.89
CA ILE H 872 29.67 -85.21 -125.92
C ILE H 872 29.79 -86.56 -126.62
N VAL H 873 28.67 -87.26 -126.72
CA VAL H 873 28.56 -88.54 -127.39
C VAL H 873 27.80 -88.34 -128.69
N LEU H 874 28.16 -89.11 -129.72
CA LEU H 874 27.60 -88.87 -131.04
C LEU H 874 26.41 -89.78 -131.28
N PRO H 875 25.24 -89.23 -131.57
CA PRO H 875 24.06 -90.06 -131.85
C PRO H 875 24.26 -90.85 -133.15
N PRO H 876 23.59 -91.99 -133.29
CA PRO H 876 23.85 -92.86 -134.45
C PRO H 876 23.57 -92.20 -135.79
N HIS H 877 22.55 -91.35 -135.88
CA HIS H 877 22.24 -90.72 -137.16
C HIS H 877 23.38 -89.81 -137.63
N LEU H 878 23.81 -88.90 -136.77
CA LEU H 878 25.00 -88.11 -137.08
C LEU H 878 26.20 -89.02 -137.32
N GLU H 879 26.26 -90.15 -136.61
CA GLU H 879 27.38 -91.05 -136.76
C GLU H 879 27.49 -91.58 -138.18
N ARG H 880 26.38 -92.07 -138.75
CA ARG H 880 26.51 -92.68 -140.07
C ARG H 880 26.31 -91.65 -141.18
N ILE H 881 26.02 -90.40 -140.83
CA ILE H 881 25.95 -89.36 -141.85
C ILE H 881 27.17 -88.44 -141.82
N ARG H 882 28.05 -88.60 -140.84
CA ARG H 882 29.17 -87.68 -140.65
C ARG H 882 30.11 -87.63 -141.85
N GLU H 883 30.37 -88.76 -142.51
CA GLU H 883 31.27 -88.74 -143.65
C GLU H 883 30.66 -87.96 -144.81
N LYS H 884 29.36 -88.14 -145.06
CA LYS H 884 28.71 -87.36 -146.11
C LYS H 884 28.72 -85.88 -145.77
N LEU H 885 28.45 -85.54 -144.50
CA LEU H 885 28.61 -84.14 -144.08
C LEU H 885 30.00 -83.62 -144.39
N ALA H 886 31.04 -84.37 -143.99
CA ALA H 886 32.40 -83.89 -144.17
C ALA H 886 32.70 -83.65 -145.64
N GLU H 887 32.42 -84.64 -146.49
CA GLU H 887 32.76 -84.50 -147.90
C GLU H 887 31.94 -83.40 -148.57
N ASN H 888 30.65 -83.31 -148.25
CA ASN H 888 29.81 -82.31 -148.89
C ASN H 888 30.20 -80.91 -148.46
N ILE H 889 30.50 -80.73 -147.17
CA ILE H 889 30.96 -79.39 -146.73
C ILE H 889 32.37 -79.13 -147.27
N HIS H 890 33.20 -80.16 -147.44
CA HIS H 890 34.52 -79.92 -148.06
C HIS H 890 34.33 -79.44 -149.49
N GLU H 891 33.43 -80.09 -150.24
CA GLU H 891 33.14 -79.67 -151.63
C GLU H 891 32.51 -78.28 -151.59
N LEU H 892 31.67 -78.03 -150.59
CA LEU H 892 31.01 -76.70 -150.45
C LEU H 892 32.11 -75.64 -150.28
N TRP H 893 33.16 -75.97 -149.53
CA TRP H 893 34.28 -75.01 -149.32
C TRP H 893 35.02 -74.75 -150.63
N VAL H 894 35.20 -75.79 -151.45
CA VAL H 894 35.84 -75.60 -152.78
C VAL H 894 34.86 -74.82 -153.66
N MET H 895 33.59 -74.72 -153.25
CA MET H 895 32.67 -73.83 -153.97
C MET H 895 32.80 -72.40 -153.49
N ASN H 896 33.00 -72.24 -152.17
CA ASN H 896 33.22 -70.90 -151.57
C ASN H 896 34.50 -70.35 -152.21
N LYS H 897 35.49 -71.23 -152.40
CA LYS H 897 36.80 -70.81 -152.96
C LYS H 897 36.60 -70.31 -154.39
N ILE H 898 35.80 -71.01 -155.19
CA ILE H 898 35.61 -70.64 -156.63
C ILE H 898 34.75 -69.38 -156.69
N GLU H 899 33.84 -69.20 -155.73
CA GLU H 899 33.07 -67.96 -155.67
C GLU H 899 33.98 -66.77 -155.35
N LEU H 900 34.91 -66.95 -154.43
CA LEU H 900 35.90 -65.94 -154.11
C LEU H 900 36.92 -65.76 -155.24
N GLY H 901 36.93 -66.65 -156.23
CA GLY H 901 37.85 -66.53 -157.34
C GLY H 901 39.05 -67.46 -157.28
N TRP H 902 39.06 -68.41 -156.35
CA TRP H 902 40.19 -69.32 -156.22
C TRP H 902 40.06 -70.46 -157.21
N GLN H 903 41.16 -70.74 -157.91
CA GLN H 903 41.17 -71.74 -158.97
C GLN H 903 42.16 -72.85 -158.62
N TYR H 904 41.93 -74.02 -159.22
CA TYR H 904 42.62 -75.22 -158.82
C TYR H 904 43.97 -75.35 -159.52
N GLY H 905 44.95 -75.91 -158.80
CA GLY H 905 46.28 -76.10 -159.33
C GLY H 905 47.01 -77.24 -158.65
N PRO H 906 48.25 -77.50 -159.06
CA PRO H 906 49.00 -78.64 -158.51
C PRO H 906 49.65 -78.38 -157.16
N VAL H 907 50.12 -77.16 -156.92
CA VAL H 907 51.08 -76.89 -155.85
C VAL H 907 50.51 -75.84 -154.90
N ARG H 908 51.00 -75.84 -153.66
CA ARG H 908 50.55 -74.91 -152.62
C ARG H 908 51.43 -73.66 -152.65
N ASP H 909 51.00 -72.64 -153.39
CA ASP H 909 51.67 -71.34 -153.43
C ASP H 909 50.63 -70.25 -153.64
N ASP H 910 50.40 -69.46 -152.60
CA ASP H 910 49.26 -68.53 -152.59
C ASP H 910 49.38 -67.49 -153.69
N ASN H 911 50.60 -67.14 -154.10
CA ASN H 911 50.78 -66.13 -155.13
C ASN H 911 50.20 -66.58 -156.47
N LYS H 912 50.37 -67.87 -156.79
CA LYS H 912 49.93 -68.35 -158.10
C LYS H 912 48.45 -68.73 -158.11
N ARG H 913 47.81 -68.75 -156.94
CA ARG H 913 46.36 -68.88 -156.81
C ARG H 913 45.85 -70.21 -157.37
N GLN H 914 46.74 -71.18 -157.53
CA GLN H 914 46.41 -72.47 -158.13
C GLN H 914 46.79 -73.58 -157.18
N HIS H 915 45.81 -74.10 -156.42
CA HIS H 915 46.12 -75.05 -155.36
C HIS H 915 45.35 -76.35 -155.50
N PRO H 916 45.89 -77.50 -155.03
CA PRO H 916 45.17 -78.78 -155.07
C PRO H 916 44.10 -78.81 -153.97
N CYS H 917 44.06 -77.78 -153.12
CA CYS H 917 43.07 -77.70 -152.02
C CYS H 917 41.65 -77.64 -152.60
N LEU H 918 41.47 -76.96 -153.73
CA LEU H 918 40.10 -76.77 -154.28
C LEU H 918 39.68 -78.00 -155.08
N VAL H 919 40.64 -78.83 -155.49
CA VAL H 919 40.29 -80.07 -156.19
C VAL H 919 39.67 -81.02 -155.18
N GLU H 920 39.02 -82.08 -155.68
CA GLU H 920 38.32 -83.07 -154.87
C GLU H 920 39.22 -83.58 -153.73
N PHE H 921 38.56 -84.11 -152.70
CA PHE H 921 39.27 -84.52 -151.48
C PHE H 921 40.30 -85.61 -151.76
N SER H 922 40.06 -86.43 -152.78
CA SER H 922 41.03 -87.46 -153.13
C SER H 922 42.35 -86.85 -153.57
N LYS H 923 42.29 -85.83 -154.43
CA LYS H 923 43.51 -85.14 -154.85
C LYS H 923 43.99 -84.16 -153.79
N LEU H 924 43.12 -83.81 -152.84
CA LEU H 924 43.53 -83.06 -151.67
C LEU H 924 44.52 -83.91 -150.86
N PRO H 925 45.50 -83.28 -150.23
CA PRO H 925 46.29 -83.99 -149.22
C PRO H 925 45.38 -84.64 -148.18
N GLU H 926 45.54 -85.95 -148.03
CA GLU H 926 44.66 -86.70 -147.13
C GLU H 926 44.85 -86.25 -145.69
N GLN H 927 46.00 -85.63 -145.39
CA GLN H 927 46.21 -85.08 -144.02
C GLN H 927 45.18 -83.95 -143.81
N GLU H 928 45.13 -83.00 -144.73
CA GLU H 928 44.19 -81.85 -144.61
C GLU H 928 42.75 -82.38 -144.64
N ARG H 929 42.48 -83.36 -145.50
CA ARG H 929 41.09 -83.88 -145.64
C ARG H 929 40.66 -84.48 -144.30
N ASN H 930 41.54 -85.28 -143.68
CA ASN H 930 41.22 -85.88 -142.36
C ASN H 930 41.09 -84.77 -141.33
N TYR H 931 41.99 -83.79 -141.38
CA TYR H 931 41.98 -82.71 -140.35
C TYR H 931 40.68 -81.93 -140.48
N ASN H 932 40.21 -81.73 -141.71
CA ASN H 932 38.91 -81.03 -141.93
C ASN H 932 37.78 -81.86 -141.33
N LEU H 933 37.78 -83.18 -141.58
CA LEU H 933 36.69 -84.06 -141.10
C LEU H 933 36.69 -84.09 -139.57
N GLN H 934 37.86 -84.18 -138.95
CA GLN H 934 37.97 -84.18 -137.47
C GLN H 934 37.48 -82.83 -136.97
N MET H 935 37.81 -81.77 -137.70
CA MET H 935 37.39 -80.39 -137.31
C MET H 935 35.86 -80.38 -137.33
N SER H 936 35.26 -81.10 -138.27
CA SER H 936 33.78 -81.08 -138.40
C SER H 936 33.22 -81.97 -137.30
N LEU H 937 33.88 -83.10 -137.03
CA LEU H 937 33.44 -83.89 -135.89
C LEU H 937 33.38 -83.04 -134.62
N GLU H 938 34.44 -82.27 -134.37
CA GLU H 938 34.45 -81.41 -133.19
C GLU H 938 33.37 -80.33 -133.28
N THR H 939 33.14 -79.76 -134.45
CA THR H 939 32.12 -78.74 -134.66
C THR H 939 30.72 -79.28 -134.43
N LEU H 940 30.40 -80.46 -134.96
CA LEU H 940 29.10 -81.06 -134.68
C LEU H 940 28.96 -81.47 -133.22
N LYS H 941 30.06 -81.91 -132.59
CA LYS H 941 30.00 -82.23 -131.17
C LYS H 941 29.75 -80.98 -130.34
N THR H 942 30.36 -79.86 -130.71
CA THR H 942 30.07 -78.61 -130.02
C THR H 942 28.65 -78.16 -130.30
N LEU H 943 28.15 -78.43 -131.50
CA LEU H 943 26.75 -78.13 -131.82
C LEU H 943 25.82 -78.85 -130.88
N LEU H 944 26.07 -80.13 -130.68
CA LEU H 944 25.34 -80.94 -129.70
C LEU H 944 25.54 -80.42 -128.28
N ALA H 945 26.75 -79.96 -127.94
CA ALA H 945 26.98 -79.37 -126.62
C ALA H 945 26.24 -78.06 -126.43
N LEU H 946 25.80 -77.41 -127.49
CA LEU H 946 25.10 -76.13 -127.38
C LEU H 946 23.73 -76.25 -126.74
N GLY H 947 23.36 -77.44 -126.24
CA GLY H 947 22.05 -77.63 -125.68
C GLY H 947 20.95 -77.73 -126.71
N CYS H 948 21.30 -77.72 -127.99
CA CYS H 948 20.33 -77.79 -129.08
C CYS H 948 20.14 -79.25 -129.45
N HIS H 949 18.90 -79.73 -129.33
CA HIS H 949 18.62 -81.09 -129.74
C HIS H 949 18.50 -81.16 -131.26
N VAL H 950 18.86 -82.32 -131.81
CA VAL H 950 18.82 -82.50 -133.26
C VAL H 950 17.98 -83.72 -133.57
N GLY H 951 17.08 -83.60 -134.53
CA GLY H 951 16.23 -84.71 -134.90
C GLY H 951 16.16 -84.93 -136.40
N ILE H 952 16.34 -86.17 -136.84
CA ILE H 952 16.17 -86.48 -138.25
C ILE H 952 14.70 -86.34 -138.63
N SER H 953 14.45 -85.70 -139.77
CA SER H 953 13.07 -85.49 -140.21
C SER H 953 12.49 -86.76 -140.80
N ASP H 954 13.12 -87.30 -141.84
CA ASP H 954 12.61 -88.48 -142.51
C ASP H 954 13.73 -89.14 -143.29
N GLU H 955 13.54 -90.41 -143.63
CA GLU H 955 14.50 -91.13 -144.45
C GLU H 955 14.43 -90.70 -145.91
N HIS H 956 13.27 -90.22 -146.35
CA HIS H 956 13.11 -89.83 -147.75
C HIS H 956 13.89 -88.54 -148.04
N ALA H 957 14.10 -87.71 -147.03
CA ALA H 957 14.92 -86.52 -147.19
C ALA H 957 16.37 -86.87 -147.55
N GLU H 958 16.83 -88.07 -147.22
CA GLU H 958 18.11 -88.57 -147.69
C GLU H 958 17.99 -89.46 -148.92
N ASP H 959 16.86 -90.15 -149.07
CA ASP H 959 16.63 -90.94 -150.28
C ASP H 959 16.63 -90.07 -151.52
N LYS H 960 15.97 -88.92 -151.49
CA LYS H 960 16.05 -87.94 -152.56
C LYS H 960 16.93 -86.79 -152.05
N VAL H 961 18.07 -86.61 -152.73
CA VAL H 961 18.99 -85.53 -152.41
C VAL H 961 19.19 -84.67 -153.65
N LYS H 962 18.46 -83.56 -153.71
CA LYS H 962 18.55 -82.68 -154.87
C LYS H 962 19.81 -81.81 -154.76
N LYS H 963 20.31 -81.39 -155.92
CA LYS H 963 21.62 -80.80 -156.03
C LYS H 963 21.61 -79.83 -157.21
N MET H 964 21.72 -78.52 -156.93
CA MET H 964 21.66 -77.57 -158.04
C MET H 964 22.82 -77.80 -158.98
N LYS H 965 22.56 -77.63 -160.27
CA LYS H 965 23.65 -77.59 -161.24
C LYS H 965 24.27 -76.20 -161.25
N LEU H 966 25.59 -76.16 -161.41
CA LEU H 966 26.32 -74.91 -161.34
C LEU H 966 27.04 -74.64 -162.64
N PRO H 967 27.27 -73.38 -162.98
CA PRO H 967 28.03 -73.07 -164.20
C PRO H 967 29.43 -73.64 -164.14
N LYS H 968 29.95 -74.01 -165.31
CA LYS H 968 31.24 -74.70 -165.39
C LYS H 968 32.36 -73.87 -164.76
N ASN H 969 32.34 -72.55 -164.97
CA ASN H 969 33.32 -71.69 -164.30
C ASN H 969 33.15 -71.75 -162.79
N TYR H 970 31.90 -71.75 -162.32
CA TYR H 970 31.65 -71.87 -160.89
C TYR H 970 31.84 -73.31 -160.42
N GLN H 971 31.55 -74.29 -161.28
CA GLN H 971 31.64 -75.68 -160.88
C GLN H 971 33.09 -76.17 -160.90
N LEU H 972 33.39 -77.07 -159.98
CA LEU H 972 34.70 -77.70 -159.89
C LEU H 972 34.83 -78.78 -160.96
N THR H 973 36.05 -79.32 -161.09
CA THR H 973 36.27 -80.43 -162.00
C THR H 973 35.42 -81.64 -161.63
N SER H 974 34.99 -81.71 -160.37
CA SER H 974 34.13 -82.81 -159.94
C SER H 974 32.83 -82.84 -160.74
N GLY H 975 32.45 -84.04 -161.17
CA GLY H 975 31.27 -84.17 -162.02
C GLY H 975 29.99 -83.77 -161.30
N TYR H 976 29.77 -84.31 -160.11
CA TYR H 976 28.54 -83.98 -159.38
C TYR H 976 28.72 -82.65 -158.65
N LYS H 977 27.70 -81.80 -158.77
CA LYS H 977 27.78 -80.46 -158.21
C LYS H 977 27.76 -80.52 -156.69
N PRO H 978 28.65 -79.82 -156.01
CA PRO H 978 28.61 -79.79 -154.54
C PRO H 978 27.34 -79.17 -153.97
N ALA H 979 26.74 -78.26 -154.73
CA ALA H 979 25.62 -77.44 -154.26
C ALA H 979 24.46 -78.31 -153.80
N PRO H 980 24.21 -78.37 -152.49
CA PRO H 980 23.14 -79.24 -151.97
C PRO H 980 21.77 -78.60 -152.16
N MET H 981 20.73 -79.19 -151.59
CA MET H 981 19.38 -78.63 -151.69
C MET H 981 19.38 -77.12 -151.43
N ASP H 982 18.54 -76.39 -152.17
CA ASP H 982 18.76 -74.96 -152.36
C ASP H 982 18.60 -74.17 -151.07
N LEU H 983 19.49 -73.18 -150.90
CA LEU H 983 19.45 -72.30 -149.75
C LEU H 983 18.15 -71.50 -149.71
N SER H 984 17.53 -71.29 -150.87
CA SER H 984 16.23 -70.63 -150.90
C SER H 984 15.17 -71.49 -150.21
N PHE H 985 15.14 -72.77 -150.51
CA PHE H 985 14.21 -73.67 -149.82
C PHE H 985 14.57 -73.79 -148.35
N ILE H 986 15.86 -73.88 -148.03
CA ILE H 986 16.25 -74.00 -146.63
C ILE H 986 16.04 -72.67 -145.92
N LYS H 987 15.62 -72.74 -144.66
CA LYS H 987 15.27 -71.55 -143.92
C LYS H 987 16.07 -71.48 -142.62
N LEU H 988 16.39 -70.26 -142.21
CA LEU H 988 17.18 -70.01 -141.01
C LEU H 988 16.33 -69.20 -140.02
N THR H 989 16.17 -69.73 -138.81
CA THR H 989 15.43 -69.00 -137.79
C THR H 989 16.39 -68.09 -137.02
N PRO H 990 15.86 -67.06 -136.35
CA PRO H 990 16.74 -66.20 -135.52
C PRO H 990 17.49 -66.96 -134.44
N SER H 991 16.86 -67.96 -133.81
CA SER H 991 17.56 -68.77 -132.83
C SER H 991 18.67 -69.58 -133.49
N GLN H 992 18.42 -70.09 -134.70
CA GLN H 992 19.45 -70.80 -135.45
C GLN H 992 20.62 -69.87 -135.77
N GLU H 993 20.33 -68.63 -136.15
CA GLU H 993 21.42 -67.69 -136.40
C GLU H 993 22.17 -67.34 -135.11
N ALA H 994 21.47 -67.25 -133.99
CA ALA H 994 22.14 -67.02 -132.71
C ALA H 994 23.08 -68.16 -132.35
N MET H 995 22.66 -69.41 -132.55
CA MET H 995 23.59 -70.51 -132.32
C MET H 995 24.68 -70.60 -133.37
N VAL H 996 24.43 -70.14 -134.60
CA VAL H 996 25.51 -69.95 -135.56
C VAL H 996 26.56 -68.99 -135.03
N ASP H 997 26.12 -67.87 -134.46
CA ASP H 997 27.05 -66.94 -133.82
C ASP H 997 27.79 -67.59 -132.66
N LYS H 998 27.10 -68.38 -131.85
CA LYS H 998 27.75 -69.07 -130.74
C LYS H 998 28.82 -70.03 -131.24
N LEU H 999 28.50 -70.79 -132.29
CA LEU H 999 29.44 -71.75 -132.84
C LEU H 999 30.63 -71.04 -133.46
N ALA H 1000 30.40 -69.89 -134.10
CA ALA H 1000 31.49 -69.09 -134.62
C ALA H 1000 32.37 -68.58 -133.49
N GLU H 1001 31.76 -68.17 -132.38
CA GLU H 1001 32.52 -67.79 -131.20
C GLU H 1001 33.42 -68.92 -130.73
N ASN H 1002 32.86 -70.13 -130.62
CA ASN H 1002 33.64 -71.24 -130.08
C ASN H 1002 34.72 -71.70 -131.05
N ALA H 1003 34.45 -71.61 -132.35
CA ALA H 1003 35.47 -71.96 -133.33
C ALA H 1003 36.66 -71.02 -133.24
N HIS H 1004 36.40 -69.72 -133.12
CA HIS H 1004 37.49 -68.77 -132.89
C HIS H 1004 38.20 -69.00 -131.58
N ASN H 1005 37.47 -69.40 -130.53
CA ASN H 1005 38.10 -69.74 -129.28
C ASN H 1005 39.05 -70.93 -129.45
N VAL H 1006 38.61 -71.91 -130.22
CA VAL H 1006 39.46 -73.13 -130.33
C VAL H 1006 40.58 -72.79 -131.30
N TRP H 1007 40.33 -71.84 -132.20
CA TRP H 1007 41.40 -71.38 -133.10
C TRP H 1007 42.45 -70.70 -132.24
N ALA H 1008 42.01 -69.92 -131.26
CA ALA H 1008 42.94 -69.13 -130.41
C ALA H 1008 43.72 -70.04 -129.47
N ARG H 1009 43.03 -70.91 -128.74
CA ARG H 1009 43.70 -71.82 -127.82
C ARG H 1009 44.76 -72.63 -128.55
N ASP H 1010 44.49 -72.95 -129.80
CA ASP H 1010 45.51 -73.67 -130.61
C ASP H 1010 46.71 -72.75 -130.74
N ARG H 1011 46.46 -71.46 -130.96
CA ARG H 1011 47.54 -70.46 -131.10
C ARG H 1011 48.31 -70.31 -129.79
N ILE H 1012 47.60 -70.34 -128.66
CA ILE H 1012 48.26 -70.22 -127.33
C ILE H 1012 49.16 -71.43 -127.14
N ARG H 1013 48.69 -72.60 -127.59
CA ARG H 1013 49.55 -73.80 -127.54
C ARG H 1013 50.76 -73.51 -128.42
N GLN H 1014 50.52 -72.86 -129.56
CA GLN H 1014 51.62 -72.45 -130.45
C GLN H 1014 52.51 -71.49 -129.69
N GLY H 1015 51.92 -70.70 -128.79
CA GLY H 1015 52.69 -69.66 -128.08
C GLY H 1015 52.55 -68.34 -128.81
N TRP H 1016 51.72 -68.31 -129.85
CA TRP H 1016 51.46 -67.03 -130.54
C TRP H 1016 50.80 -66.08 -129.53
N THR H 1017 51.23 -64.81 -129.48
CA THR H 1017 50.55 -63.83 -128.59
C THR H 1017 50.06 -62.64 -129.40
N TYR H 1018 49.01 -61.96 -128.94
CA TYR H 1018 48.40 -60.84 -129.65
C TYR H 1018 49.45 -59.83 -130.08
N GLY H 1019 49.25 -59.26 -131.27
CA GLY H 1019 50.06 -58.17 -131.74
C GLY H 1019 49.29 -57.32 -132.74
N ILE H 1020 49.30 -56.01 -132.57
CA ILE H 1020 48.55 -55.13 -133.48
C ILE H 1020 49.03 -55.31 -134.90
N GLN H 1021 50.35 -55.52 -135.04
CA GLN H 1021 50.94 -55.84 -136.36
C GLN H 1021 50.95 -57.37 -136.44
N GLN H 1022 50.55 -57.95 -137.57
CA GLN H 1022 50.68 -59.43 -137.66
C GLN H 1022 52.15 -59.78 -137.77
N ASP H 1023 52.62 -60.77 -136.99
CA ASP H 1023 54.03 -61.22 -137.05
C ASP H 1023 54.06 -62.74 -136.99
N VAL H 1024 54.85 -63.39 -137.85
CA VAL H 1024 55.00 -64.83 -137.84
C VAL H 1024 56.25 -65.25 -137.08
N LYS H 1025 57.36 -64.53 -137.27
CA LYS H 1025 58.57 -64.83 -136.52
C LYS H 1025 58.38 -64.57 -135.04
N ASN H 1026 57.76 -63.45 -134.70
CA ASN H 1026 57.43 -63.13 -133.32
C ASN H 1026 56.08 -63.70 -132.91
N ARG H 1027 55.39 -64.40 -133.82
CA ARG H 1027 54.12 -65.06 -133.55
C ARG H 1027 53.12 -64.09 -132.92
N ARG H 1028 52.98 -62.92 -133.51
CA ARG H 1028 52.08 -61.88 -132.93
C ARG H 1028 50.86 -61.70 -133.84
N ASN H 1029 49.73 -62.32 -133.53
CA ASN H 1029 48.57 -62.22 -134.46
C ASN H 1029 47.55 -61.25 -133.89
N PRO H 1030 47.15 -60.17 -134.58
CA PRO H 1030 46.20 -59.25 -134.01
C PRO H 1030 44.83 -59.89 -134.22
N ARG H 1031 44.85 -61.19 -134.52
CA ARG H 1031 43.58 -61.93 -134.71
C ARG H 1031 43.33 -62.75 -133.44
N LEU H 1032 44.13 -62.52 -132.40
CA LEU H 1032 44.00 -63.28 -131.12
C LEU H 1032 43.16 -62.41 -130.18
N VAL H 1033 42.01 -61.94 -130.65
CA VAL H 1033 41.08 -61.11 -129.90
C VAL H 1033 39.75 -61.85 -129.88
N PRO H 1034 38.84 -61.54 -128.96
CA PRO H 1034 37.53 -62.21 -128.98
C PRO H 1034 36.80 -61.93 -130.29
N TYR H 1035 35.98 -62.90 -130.69
CA TYR H 1035 35.27 -62.82 -131.96
C TYR H 1035 34.40 -61.58 -132.04
N THR H 1036 33.99 -61.05 -130.88
CA THR H 1036 33.26 -59.78 -130.87
C THR H 1036 34.10 -58.66 -131.44
N LEU H 1037 35.39 -58.64 -131.12
CA LEU H 1037 36.28 -57.59 -131.60
C LEU H 1037 37.09 -57.99 -132.82
N LEU H 1038 36.79 -59.15 -133.42
CA LEU H 1038 37.55 -59.59 -134.59
C LEU H 1038 37.21 -58.71 -135.79
N ASP H 1039 38.13 -58.68 -136.76
CA ASP H 1039 37.90 -57.91 -137.98
C ASP H 1039 36.75 -58.50 -138.78
N ASP H 1040 36.05 -57.63 -139.50
CA ASP H 1040 34.87 -58.07 -140.30
C ASP H 1040 35.18 -59.16 -141.32
N ARG H 1041 36.31 -59.08 -142.03
CA ARG H 1041 36.54 -60.02 -143.16
C ARG H 1041 36.58 -61.47 -142.69
N THR H 1042 37.34 -61.76 -141.63
CA THR H 1042 37.38 -63.15 -141.11
C THR H 1042 36.02 -63.52 -140.52
N LYS H 1043 35.40 -62.57 -139.83
CA LYS H 1043 34.12 -62.92 -139.16
C LYS H 1043 33.16 -63.34 -140.27
N LYS H 1044 33.16 -62.60 -141.38
CA LYS H 1044 32.25 -62.93 -142.50
C LYS H 1044 32.61 -64.29 -143.09
N SER H 1045 33.90 -64.54 -143.33
CA SER H 1045 34.27 -65.82 -144.00
C SER H 1045 33.91 -67.01 -143.10
N ASN H 1046 34.25 -66.91 -141.82
CA ASN H 1046 33.97 -68.00 -140.87
C ASN H 1046 32.45 -68.16 -140.75
N LYS H 1047 31.74 -67.03 -140.67
CA LYS H 1047 30.27 -67.08 -140.50
C LYS H 1047 29.68 -67.76 -141.72
N ASP H 1048 30.20 -67.44 -142.91
CA ASP H 1048 29.61 -68.00 -144.16
C ASP H 1048 29.76 -69.51 -144.12
N SER H 1049 30.94 -70.01 -143.78
CA SER H 1049 31.17 -71.47 -143.78
C SER H 1049 30.29 -72.10 -142.71
N LEU H 1050 30.19 -71.42 -141.56
CA LEU H 1050 29.43 -71.99 -140.43
C LEU H 1050 27.95 -72.03 -140.79
N ARG H 1051 27.44 -70.97 -141.41
CA ARG H 1051 25.99 -70.94 -141.64
C ARG H 1051 25.61 -71.77 -142.85
N GLU H 1052 26.47 -71.83 -143.87
CA GLU H 1052 26.19 -72.76 -144.97
C GLU H 1052 26.31 -74.21 -144.49
N ALA H 1053 27.26 -74.47 -143.57
CA ALA H 1053 27.32 -75.80 -142.98
C ALA H 1053 26.04 -76.15 -142.22
N VAL H 1054 25.57 -75.26 -141.34
CA VAL H 1054 24.37 -75.56 -140.58
C VAL H 1054 23.12 -75.56 -141.46
N ARG H 1055 23.15 -74.86 -142.60
CA ARG H 1055 22.04 -74.93 -143.54
C ARG H 1055 22.04 -76.26 -144.28
N THR H 1056 23.22 -76.79 -144.60
CA THR H 1056 23.31 -78.15 -145.12
C THR H 1056 22.79 -79.15 -144.08
N LEU H 1057 23.06 -78.86 -142.80
CA LEU H 1057 22.52 -79.71 -141.74
C LEU H 1057 21.00 -79.77 -141.79
N LEU H 1058 20.35 -78.61 -141.96
CA LEU H 1058 18.90 -78.57 -142.09
C LEU H 1058 18.43 -79.24 -143.38
N GLY H 1059 19.14 -79.03 -144.48
CA GLY H 1059 18.75 -79.63 -145.74
C GLY H 1059 18.86 -81.14 -145.73
N TYR H 1060 19.72 -81.68 -144.87
CA TYR H 1060 19.76 -83.12 -144.63
C TYR H 1060 18.61 -83.60 -143.75
N GLY H 1061 17.60 -82.76 -143.52
CA GLY H 1061 16.47 -83.11 -142.72
C GLY H 1061 16.70 -82.94 -141.23
N TYR H 1062 17.95 -82.83 -140.81
CA TYR H 1062 18.24 -82.69 -139.39
C TYR H 1062 17.75 -81.35 -138.87
N ASN H 1063 16.68 -81.38 -138.10
CA ASN H 1063 16.09 -80.18 -137.52
C ASN H 1063 16.78 -79.90 -136.19
N LEU H 1064 17.26 -78.68 -136.02
CA LEU H 1064 17.99 -78.27 -134.83
C LEU H 1064 17.05 -77.45 -133.94
N GLU H 1065 16.43 -78.12 -132.97
CA GLU H 1065 15.55 -77.45 -132.02
C GLU H 1065 16.41 -76.90 -130.89
N ALA H 1066 16.47 -75.57 -130.82
CA ALA H 1066 17.39 -74.91 -129.90
C ALA H 1066 16.75 -74.78 -128.51
N PRO H 1067 17.55 -74.69 -127.45
CA PRO H 1067 16.97 -74.44 -126.12
C PRO H 1067 16.43 -73.03 -126.03
N ASP H 1068 15.56 -72.83 -125.03
CA ASP H 1068 14.95 -71.52 -124.84
C ASP H 1068 15.99 -70.46 -124.51
N GLN H 1069 15.80 -69.28 -125.06
CA GLN H 1069 16.70 -68.16 -124.78
C GLN H 1069 16.47 -67.66 -123.36
N ASP H 1070 17.57 -67.46 -122.63
CA ASP H 1070 17.52 -67.11 -121.22
C ASP H 1070 17.90 -65.65 -121.03
N HIS H 1071 17.19 -64.97 -120.14
CA HIS H 1071 17.46 -63.58 -119.81
C HIS H 1071 18.06 -63.46 -118.42
N ALA H 1072 19.12 -62.67 -118.30
CA ALA H 1072 19.75 -62.39 -117.03
C ALA H 1072 20.06 -60.90 -116.94
N ALA H 1073 20.00 -60.37 -115.71
CA ALA H 1073 20.23 -58.96 -115.46
C ALA H 1073 21.31 -58.81 -114.40
N ARG H 1074 22.34 -58.02 -114.70
CA ARG H 1074 23.41 -57.77 -113.73
C ARG H 1074 22.94 -56.82 -112.63
N ALA H 1075 22.21 -55.77 -113.00
CA ALA H 1075 21.72 -54.76 -112.06
C ALA H 1075 22.86 -54.12 -111.26
N GLU H 1076 23.96 -53.82 -111.96
CA GLU H 1076 25.12 -53.11 -111.41
C GLU H 1076 25.76 -53.88 -110.25
N VAL H 1077 25.59 -55.20 -110.19
CA VAL H 1077 26.23 -55.98 -109.14
C VAL H 1077 27.75 -56.02 -109.35
N CYS H 1078 28.18 -56.28 -110.58
CA CYS H 1078 29.61 -56.33 -110.87
C CYS H 1078 30.23 -54.94 -110.74
N SER H 1079 31.41 -54.89 -110.13
CA SER H 1079 32.09 -53.63 -109.89
C SER H 1079 33.59 -53.85 -109.75
N GLY H 1080 34.37 -52.89 -110.25
CA GLY H 1080 35.78 -52.83 -109.94
C GLY H 1080 35.94 -52.39 -108.51
N THR H 1081 36.64 -53.21 -107.72
CA THR H 1081 36.75 -53.06 -106.27
C THR H 1081 35.40 -53.36 -105.61
N GLY H 1082 35.43 -53.90 -104.40
CA GLY H 1082 34.19 -54.38 -103.78
C GLY H 1082 33.17 -53.29 -103.53
N GLU H 1083 33.61 -52.02 -103.56
CA GLU H 1083 32.73 -50.90 -103.35
C GLU H 1083 31.61 -50.88 -104.39
N ARG H 1084 30.38 -50.70 -103.93
CA ARG H 1084 29.21 -50.76 -104.81
C ARG H 1084 28.76 -49.38 -105.28
N PHE H 1085 29.02 -48.33 -104.50
CA PHE H 1085 28.55 -47.01 -104.84
C PHE H 1085 29.41 -45.99 -104.11
N ARG H 1086 29.43 -44.77 -104.64
CA ARG H 1086 30.19 -43.67 -104.06
C ARG H 1086 29.26 -42.51 -103.75
N ILE H 1087 29.46 -41.88 -102.60
CA ILE H 1087 28.61 -40.77 -102.15
C ILE H 1087 29.42 -39.49 -102.21
N PHE H 1088 28.86 -38.47 -102.86
CA PHE H 1088 29.43 -37.13 -102.93
C PHE H 1088 28.48 -36.18 -102.20
N ARG H 1089 29.01 -35.40 -101.27
CA ARG H 1089 28.17 -34.54 -100.45
C ARG H 1089 28.87 -33.21 -100.24
N ALA H 1090 28.07 -32.20 -99.89
CA ALA H 1090 28.64 -30.94 -99.49
C ALA H 1090 29.29 -31.07 -98.10
N GLU H 1091 30.12 -30.10 -97.75
CA GLU H 1091 30.77 -30.13 -96.45
C GLU H 1091 29.75 -29.94 -95.34
N LYS H 1092 30.06 -30.50 -94.17
CA LYS H 1092 29.13 -30.43 -93.04
C LYS H 1092 28.86 -29.00 -92.63
N THR H 1093 29.89 -28.15 -92.68
CA THR H 1093 29.75 -26.77 -92.22
C THR H 1093 28.72 -25.99 -93.04
N TYR H 1094 28.50 -26.39 -94.29
CA TYR H 1094 27.55 -25.71 -95.14
C TYR H 1094 26.11 -26.12 -94.88
N ALA H 1095 25.84 -26.78 -93.75
CA ALA H 1095 24.49 -27.24 -93.46
C ALA H 1095 23.53 -26.07 -93.32
N VAL H 1096 22.34 -26.23 -93.91
CA VAL H 1096 21.28 -25.24 -93.82
C VAL H 1096 20.26 -25.71 -92.80
N LYS H 1097 19.90 -24.83 -91.87
CA LYS H 1097 18.91 -25.13 -90.85
C LYS H 1097 17.63 -24.33 -91.01
N ALA H 1098 17.59 -23.37 -91.92
CA ALA H 1098 16.39 -22.60 -92.20
C ALA H 1098 16.49 -22.05 -93.61
N GLY H 1099 15.36 -21.63 -94.15
CA GLY H 1099 15.32 -21.05 -95.47
C GLY H 1099 14.90 -22.03 -96.54
N ARG H 1100 14.95 -21.55 -97.77
CA ARG H 1100 14.47 -22.30 -98.93
C ARG H 1100 15.60 -22.40 -99.95
N TRP H 1101 15.96 -23.63 -100.32
CA TRP H 1101 17.17 -23.89 -101.08
C TRP H 1101 16.88 -24.82 -102.24
N TYR H 1102 17.69 -24.65 -103.29
CA TYR H 1102 17.52 -25.35 -104.56
C TYR H 1102 18.89 -25.71 -105.10
N PHE H 1103 19.07 -26.94 -105.55
CA PHE H 1103 20.30 -27.31 -106.24
C PHE H 1103 20.02 -28.36 -107.30
N GLU H 1104 20.78 -28.32 -108.39
CA GLU H 1104 20.50 -29.18 -109.54
C GLU H 1104 21.44 -30.37 -109.57
N PHE H 1105 20.96 -31.46 -110.15
CA PHE H 1105 21.77 -32.67 -110.37
C PHE H 1105 21.50 -33.16 -111.78
N GLU H 1106 22.52 -33.10 -112.62
CA GLU H 1106 22.43 -33.53 -114.02
C GLU H 1106 22.94 -34.97 -114.13
N THR H 1107 22.16 -35.81 -114.79
CA THR H 1107 22.44 -37.25 -114.86
C THR H 1107 22.98 -37.55 -116.26
N VAL H 1108 24.29 -37.72 -116.39
CA VAL H 1108 24.85 -38.04 -117.69
C VAL H 1108 24.39 -39.42 -118.14
N THR H 1109 24.27 -40.36 -117.20
CA THR H 1109 23.75 -41.69 -117.47
C THR H 1109 22.39 -41.85 -116.81
N ALA H 1110 21.83 -43.05 -116.94
CA ALA H 1110 20.57 -43.41 -116.32
C ALA H 1110 20.74 -44.74 -115.60
N GLY H 1111 21.20 -44.69 -114.35
CA GLY H 1111 21.47 -45.89 -113.59
C GLY H 1111 21.13 -45.76 -112.12
N ASP H 1112 21.80 -46.54 -111.27
CA ASP H 1112 21.54 -46.55 -109.84
C ASP H 1112 22.13 -45.27 -109.24
N MET H 1113 21.34 -44.21 -109.31
CA MET H 1113 21.76 -42.90 -108.83
C MET H 1113 20.68 -42.32 -107.94
N ARG H 1114 21.12 -41.68 -106.86
CA ARG H 1114 20.24 -41.08 -105.89
C ARG H 1114 20.73 -39.67 -105.58
N VAL H 1115 19.81 -38.76 -105.31
CA VAL H 1115 20.14 -37.38 -105.01
C VAL H 1115 19.18 -36.86 -103.96
N GLY H 1116 19.65 -36.01 -103.06
CA GLY H 1116 18.79 -35.47 -102.04
C GLY H 1116 19.58 -34.73 -100.98
N TRP H 1117 19.09 -34.80 -99.75
CA TRP H 1117 19.65 -34.06 -98.64
C TRP H 1117 19.98 -35.02 -97.50
N SER H 1118 21.20 -34.92 -96.98
CA SER H 1118 21.66 -35.77 -95.90
C SER H 1118 22.01 -34.95 -94.67
N ARG H 1119 21.86 -35.55 -93.51
CA ARG H 1119 22.32 -34.93 -92.29
C ARG H 1119 23.83 -35.05 -92.17
N PRO H 1120 24.47 -34.20 -91.37
CA PRO H 1120 25.93 -34.30 -91.21
C PRO H 1120 26.39 -35.61 -90.58
N GLY H 1121 25.44 -36.46 -90.19
CA GLY H 1121 25.75 -37.78 -89.67
C GLY H 1121 25.62 -38.91 -90.65
N CYS H 1122 25.49 -38.65 -91.95
CA CYS H 1122 25.32 -39.70 -92.93
C CYS H 1122 26.58 -40.54 -93.02
N GLN H 1123 26.40 -41.85 -93.22
CA GLN H 1123 27.55 -42.74 -93.31
C GLN H 1123 27.91 -42.97 -94.78
N PRO H 1124 29.21 -42.91 -95.11
CA PRO H 1124 29.62 -43.11 -96.51
C PRO H 1124 29.54 -44.53 -96.98
N ASP H 1125 29.29 -45.49 -96.09
CA ASP H 1125 29.23 -46.90 -96.50
C ASP H 1125 27.81 -47.36 -96.77
N GLN H 1126 26.82 -46.75 -96.14
CA GLN H 1126 25.43 -47.18 -96.27
C GLN H 1126 24.74 -46.43 -97.40
N GLU H 1127 23.82 -47.11 -98.07
CA GLU H 1127 23.09 -46.52 -99.18
C GLU H 1127 22.16 -45.42 -98.68
N LEU H 1128 21.96 -44.40 -99.52
CA LEU H 1128 21.10 -43.29 -99.16
C LEU H 1128 19.66 -43.75 -99.00
N GLY H 1129 19.00 -43.27 -97.94
CA GLY H 1129 17.62 -43.55 -97.69
C GLY H 1129 17.36 -44.85 -96.97
N SER H 1130 18.37 -45.72 -96.87
CA SER H 1130 18.19 -46.97 -96.12
C SER H 1130 18.00 -46.70 -94.64
N ASP H 1131 18.59 -45.62 -94.14
CA ASP H 1131 18.48 -45.21 -92.76
C ASP H 1131 17.82 -43.83 -92.68
N GLU H 1132 17.81 -43.25 -91.48
CA GLU H 1132 17.19 -41.96 -91.25
C GLU H 1132 18.10 -40.78 -91.60
N ARG H 1133 19.35 -41.02 -91.97
CA ARG H 1133 20.29 -39.93 -92.15
C ARG H 1133 19.98 -39.10 -93.39
N ALA H 1134 19.50 -39.73 -94.44
CA ALA H 1134 19.37 -39.06 -95.73
C ALA H 1134 17.97 -39.21 -96.29
N PHE H 1135 17.59 -38.24 -97.12
CA PHE H 1135 16.35 -38.27 -97.88
C PHE H 1135 16.74 -38.14 -99.34
N ALA H 1136 16.46 -39.17 -100.13
CA ALA H 1136 16.98 -39.23 -101.50
C ALA H 1136 15.85 -39.59 -102.46
N PHE H 1137 16.15 -39.46 -103.75
CA PHE H 1137 15.23 -39.83 -104.82
C PHE H 1137 15.98 -40.70 -105.82
N ASP H 1138 15.56 -41.96 -105.94
CA ASP H 1138 16.13 -42.88 -106.91
C ASP H 1138 15.25 -42.88 -108.14
N GLY H 1139 15.67 -42.19 -109.19
CA GLY H 1139 14.89 -42.15 -110.42
C GLY H 1139 14.96 -43.46 -111.17
N PHE H 1140 15.99 -44.25 -110.91
CA PHE H 1140 16.13 -45.56 -111.55
C PHE H 1140 14.91 -46.43 -111.30
N LYS H 1141 14.47 -46.48 -110.04
CA LYS H 1141 13.28 -47.24 -109.68
C LYS H 1141 12.09 -46.34 -109.33
N ALA H 1142 12.22 -45.03 -109.51
CA ALA H 1142 11.15 -44.07 -109.21
C ALA H 1142 10.70 -44.19 -107.76
N GLN H 1143 11.65 -44.15 -106.83
CA GLN H 1143 11.38 -44.35 -105.42
C GLN H 1143 11.99 -43.25 -104.58
N ARG H 1144 11.19 -42.69 -103.67
CA ARG H 1144 11.72 -41.82 -102.64
C ARG H 1144 12.26 -42.66 -101.51
N TRP H 1145 13.44 -42.30 -101.01
CA TRP H 1145 14.20 -43.13 -100.09
C TRP H 1145 14.41 -42.39 -98.78
N HIS H 1146 13.75 -42.87 -97.72
CA HIS H 1146 14.05 -42.46 -96.35
C HIS H 1146 13.49 -43.53 -95.43
N GLN H 1147 14.39 -44.25 -94.75
CA GLN H 1147 14.00 -45.36 -93.87
C GLN H 1147 13.16 -46.38 -94.62
N GLY H 1148 13.49 -46.60 -95.88
CA GLY H 1148 12.71 -47.47 -96.75
C GLY H 1148 12.48 -46.83 -98.10
N ASN H 1149 11.61 -47.42 -98.92
CA ASN H 1149 11.33 -46.90 -100.25
C ASN H 1149 9.83 -46.83 -100.48
N GLU H 1150 9.41 -45.84 -101.25
CA GLU H 1150 8.03 -45.68 -101.68
C GLU H 1150 8.00 -45.53 -103.19
N HIS H 1151 6.88 -45.13 -103.75
CA HIS H 1151 6.80 -44.82 -105.18
C HIS H 1151 6.62 -43.33 -105.34
N TYR H 1152 7.48 -42.70 -106.14
CA TYR H 1152 7.47 -41.25 -106.30
C TYR H 1152 8.16 -40.89 -107.61
N GLY H 1153 7.42 -40.25 -108.51
CA GLY H 1153 8.00 -39.69 -109.71
C GLY H 1153 8.21 -40.71 -110.81
N ARG H 1154 8.79 -40.23 -111.90
CA ARG H 1154 9.10 -41.05 -113.05
C ARG H 1154 10.59 -41.40 -113.08
N SER H 1155 10.99 -42.11 -114.13
CA SER H 1155 12.39 -42.47 -114.31
C SER H 1155 13.06 -41.53 -115.29
N TRP H 1156 14.27 -41.10 -114.96
CA TRP H 1156 15.01 -40.18 -115.79
C TRP H 1156 15.71 -40.90 -116.94
N GLN H 1157 16.20 -40.11 -117.88
CA GLN H 1157 17.02 -40.58 -119.00
C GLN H 1157 18.37 -39.91 -118.95
N ALA H 1158 19.17 -40.13 -120.00
CA ALA H 1158 20.46 -39.47 -120.09
C ALA H 1158 20.27 -37.96 -120.25
N GLY H 1159 21.13 -37.20 -119.58
CA GLY H 1159 21.08 -35.76 -119.64
C GLY H 1159 19.80 -35.18 -119.06
N ASP H 1160 19.35 -35.73 -117.93
CA ASP H 1160 18.16 -35.26 -117.24
C ASP H 1160 18.59 -34.50 -115.99
N VAL H 1161 17.99 -33.33 -115.78
CA VAL H 1161 18.34 -32.48 -114.66
C VAL H 1161 17.23 -32.56 -113.62
N VAL H 1162 17.56 -33.09 -112.46
CA VAL H 1162 16.63 -33.15 -111.33
C VAL H 1162 17.03 -32.06 -110.35
N GLY H 1163 16.10 -31.16 -110.08
CA GLY H 1163 16.35 -30.11 -109.10
C GLY H 1163 15.73 -30.48 -107.76
N CYS H 1164 16.53 -30.41 -106.71
CA CYS H 1164 16.10 -30.73 -105.36
C CYS H 1164 15.89 -29.45 -104.60
N MET H 1165 14.73 -29.33 -103.93
CA MET H 1165 14.35 -28.12 -103.23
C MET H 1165 13.92 -28.48 -101.82
N VAL H 1166 14.45 -27.75 -100.84
CA VAL H 1166 14.11 -27.95 -99.44
C VAL H 1166 13.68 -26.63 -98.85
N ASP H 1167 12.52 -26.62 -98.19
CA ASP H 1167 12.06 -25.48 -97.42
C ASP H 1167 12.02 -25.91 -95.97
N MET H 1168 12.94 -25.36 -95.17
CA MET H 1168 13.12 -25.75 -93.79
C MET H 1168 12.20 -24.99 -92.84
N ASN H 1169 11.37 -24.10 -93.38
CA ASN H 1169 10.41 -23.35 -92.57
C ASN H 1169 9.21 -24.20 -92.17
N GLU H 1170 8.50 -24.79 -93.13
CA GLU H 1170 7.47 -25.77 -92.83
C GLU H 1170 7.89 -27.18 -93.18
N HIS H 1171 9.19 -27.42 -93.36
CA HIS H 1171 9.76 -28.77 -93.39
C HIS H 1171 9.25 -29.58 -94.58
N THR H 1172 9.47 -29.07 -95.79
CA THR H 1172 9.09 -29.77 -97.01
C THR H 1172 10.29 -29.97 -97.91
N MET H 1173 10.25 -31.06 -98.69
CA MET H 1173 11.26 -31.32 -99.72
C MET H 1173 10.56 -31.81 -100.97
N MET H 1174 10.94 -31.25 -102.11
CA MET H 1174 10.29 -31.55 -103.38
C MET H 1174 11.32 -31.63 -104.49
N PHE H 1175 11.00 -32.42 -105.51
CA PHE H 1175 11.93 -32.70 -106.60
C PHE H 1175 11.26 -32.38 -107.93
N THR H 1176 12.02 -31.80 -108.85
CA THR H 1176 11.53 -31.49 -110.18
C THR H 1176 12.45 -32.10 -111.22
N LEU H 1177 11.95 -33.09 -111.95
CA LEU H 1177 12.70 -33.74 -113.02
C LEU H 1177 12.44 -32.98 -114.32
N ASN H 1178 13.48 -32.36 -114.86
CA ASN H 1178 13.43 -31.57 -116.08
C ASN H 1178 12.44 -30.42 -116.00
N GLY H 1179 12.08 -29.98 -114.80
CA GLY H 1179 11.20 -28.84 -114.59
C GLY H 1179 9.86 -29.21 -114.00
N GLU H 1180 9.24 -30.28 -114.48
CA GLU H 1180 7.96 -30.70 -113.93
C GLU H 1180 8.15 -31.24 -112.52
N ILE H 1181 7.15 -31.02 -111.67
CA ILE H 1181 7.22 -31.45 -110.28
C ILE H 1181 6.90 -32.94 -110.21
N LEU H 1182 7.82 -33.71 -109.62
CA LEU H 1182 7.60 -35.13 -109.43
C LEU H 1182 6.51 -35.37 -108.39
N LEU H 1183 5.67 -36.37 -108.63
CA LEU H 1183 4.53 -36.66 -107.77
C LEU H 1183 4.56 -38.11 -107.33
N ASP H 1184 4.04 -38.36 -106.13
CA ASP H 1184 3.88 -39.71 -105.62
C ASP H 1184 2.57 -40.29 -106.17
N ASP H 1185 2.13 -41.40 -105.58
CA ASP H 1185 0.87 -42.00 -105.99
C ASP H 1185 -0.29 -41.03 -105.79
N SER H 1186 -0.31 -40.34 -104.66
CA SER H 1186 -1.25 -39.25 -104.47
C SER H 1186 -0.77 -38.01 -105.21
N GLY H 1187 -1.66 -37.02 -105.30
CA GLY H 1187 -1.36 -35.82 -106.05
C GLY H 1187 -0.43 -34.86 -105.34
N SER H 1188 -0.03 -35.22 -104.11
CA SER H 1188 0.84 -34.35 -103.32
C SER H 1188 2.18 -34.16 -104.00
N GLU H 1189 2.71 -32.95 -103.92
CA GLU H 1189 4.02 -32.62 -104.46
C GLU H 1189 5.13 -32.72 -103.44
N LEU H 1190 4.81 -33.09 -102.20
CA LEU H 1190 5.81 -33.19 -101.15
C LEU H 1190 6.39 -34.60 -101.14
N ALA H 1191 7.67 -34.72 -101.45
CA ALA H 1191 8.33 -36.01 -101.34
C ALA H 1191 8.36 -36.49 -99.89
N PHE H 1192 8.64 -35.59 -98.96
CA PHE H 1192 8.67 -35.89 -97.54
C PHE H 1192 7.91 -34.78 -96.81
N LYS H 1193 6.78 -35.15 -96.20
CA LYS H 1193 5.83 -34.15 -95.70
C LYS H 1193 6.41 -33.38 -94.52
N ASP H 1194 6.98 -34.07 -93.54
CA ASP H 1194 7.48 -33.39 -92.36
C ASP H 1194 8.70 -34.12 -91.82
N PHE H 1195 9.63 -33.36 -91.27
CA PHE H 1195 10.88 -33.89 -90.73
C PHE H 1195 11.44 -32.91 -89.71
N ASP H 1196 12.12 -33.45 -88.71
CA ASP H 1196 12.74 -32.60 -87.70
C ASP H 1196 13.92 -31.85 -88.30
N VAL H 1197 14.11 -30.60 -87.86
CA VAL H 1197 15.22 -29.80 -88.36
C VAL H 1197 16.55 -30.46 -88.00
N GLY H 1198 16.69 -30.91 -86.76
CA GLY H 1198 17.93 -31.54 -86.34
C GLY H 1198 19.10 -30.58 -86.46
N ASP H 1199 20.19 -31.09 -87.03
CA ASP H 1199 21.42 -30.31 -87.19
C ASP H 1199 21.62 -29.79 -88.61
N GLY H 1200 20.60 -29.86 -89.45
CA GLY H 1200 20.66 -29.29 -90.78
C GLY H 1200 20.73 -30.36 -91.86
N PHE H 1201 20.70 -29.91 -93.10
CA PHE H 1201 20.77 -30.77 -94.27
C PHE H 1201 21.77 -30.22 -95.26
N ILE H 1202 22.44 -31.13 -95.96
CA ILE H 1202 23.43 -30.76 -96.97
C ILE H 1202 23.15 -31.55 -98.25
N PRO H 1203 23.44 -30.99 -99.42
CA PRO H 1203 23.26 -31.76 -100.66
C PRO H 1203 24.10 -33.03 -100.67
N VAL H 1204 23.51 -34.11 -101.18
CA VAL H 1204 24.13 -35.42 -101.16
C VAL H 1204 23.69 -36.19 -102.40
N CYS H 1205 24.57 -37.04 -102.89
CA CYS H 1205 24.32 -37.85 -104.08
C CYS H 1205 25.06 -39.16 -103.96
N SER H 1206 24.46 -40.22 -104.52
CA SER H 1206 25.06 -41.55 -104.54
C SER H 1206 25.04 -42.06 -105.97
N LEU H 1207 26.19 -42.53 -106.43
CA LEU H 1207 26.37 -43.02 -107.79
C LEU H 1207 26.80 -44.48 -107.73
N GLY H 1208 26.14 -45.33 -108.54
CA GLY H 1208 26.48 -46.72 -108.61
C GLY H 1208 27.55 -47.02 -109.64
N VAL H 1209 27.54 -48.26 -110.11
CA VAL H 1209 28.58 -48.71 -111.03
C VAL H 1209 28.39 -48.04 -112.38
N ALA H 1210 29.47 -47.44 -112.88
CA ALA H 1210 29.49 -46.82 -114.21
C ALA H 1210 28.39 -45.78 -114.37
N GLN H 1211 28.26 -44.90 -113.38
CA GLN H 1211 27.30 -43.82 -113.41
C GLN H 1211 28.01 -42.47 -113.30
N VAL H 1212 27.55 -41.51 -114.10
CA VAL H 1212 28.18 -40.20 -114.17
C VAL H 1212 27.13 -39.13 -113.89
N GLY H 1213 27.44 -38.22 -112.97
CA GLY H 1213 26.54 -37.14 -112.64
C GLY H 1213 27.31 -35.88 -112.31
N ARG H 1214 26.60 -34.76 -112.39
CA ARG H 1214 27.14 -33.46 -112.08
C ARG H 1214 26.22 -32.79 -111.07
N MET H 1215 26.79 -32.10 -110.10
CA MET H 1215 26.00 -31.39 -109.09
C MET H 1215 26.26 -29.91 -109.22
N ASN H 1216 25.20 -29.14 -109.47
CA ASN H 1216 25.30 -27.69 -109.61
C ASN H 1216 24.69 -27.05 -108.38
N PHE H 1217 25.53 -26.37 -107.61
CA PHE H 1217 25.11 -25.62 -106.43
C PHE H 1217 24.68 -24.20 -106.78
N GLY H 1218 24.78 -23.83 -108.05
CA GLY H 1218 24.34 -22.52 -108.49
C GLY H 1218 25.16 -21.36 -108.00
N LYS H 1219 26.48 -21.52 -107.95
CA LYS H 1219 27.34 -20.37 -107.69
C LYS H 1219 27.18 -19.32 -108.80
N ASP H 1220 27.14 -19.78 -110.04
CA ASP H 1220 26.71 -18.94 -111.16
C ASP H 1220 25.29 -19.33 -111.52
N VAL H 1221 24.34 -18.44 -111.24
CA VAL H 1221 22.92 -18.75 -111.42
C VAL H 1221 22.60 -19.08 -112.87
N SER H 1222 23.32 -18.50 -113.83
CA SER H 1222 23.06 -18.77 -115.23
C SER H 1222 23.30 -20.24 -115.57
N THR H 1223 24.20 -20.90 -114.83
CA THR H 1223 24.49 -22.30 -115.11
C THR H 1223 23.28 -23.18 -114.84
N LEU H 1224 22.52 -22.87 -113.78
CA LEU H 1224 21.33 -23.63 -113.45
C LEU H 1224 20.34 -23.57 -114.61
N LYS H 1225 20.06 -24.73 -115.22
CA LYS H 1225 19.32 -24.74 -116.47
C LYS H 1225 17.81 -24.69 -116.25
N TYR H 1226 17.30 -25.33 -115.20
CA TYR H 1226 15.86 -25.42 -114.97
C TYR H 1226 15.41 -24.62 -113.76
N PHE H 1227 16.26 -23.72 -113.26
CA PHE H 1227 15.91 -22.96 -112.07
C PHE H 1227 14.76 -21.99 -112.33
N THR H 1228 14.76 -21.33 -113.49
CA THR H 1228 13.79 -20.27 -113.74
C THR H 1228 12.37 -20.82 -113.80
N ILE H 1229 12.17 -21.97 -114.44
CA ILE H 1229 10.82 -22.46 -114.67
C ILE H 1229 10.26 -23.08 -113.39
N CYS H 1230 11.13 -23.48 -112.46
CA CYS H 1230 10.67 -24.06 -111.20
C CYS H 1230 11.67 -23.73 -110.11
N GLY H 1231 11.22 -23.02 -109.07
CA GLY H 1231 12.06 -22.69 -107.95
C GLY H 1231 12.26 -21.20 -107.75
N LEU H 1232 12.46 -20.47 -108.84
CA LEU H 1232 12.74 -19.04 -108.73
C LEU H 1232 11.54 -18.27 -108.21
N GLN H 1233 10.41 -18.36 -108.92
CA GLN H 1233 9.21 -17.66 -108.47
C GLN H 1233 8.70 -18.22 -107.15
N GLU H 1234 8.89 -19.52 -106.92
CA GLU H 1234 8.55 -20.09 -105.62
C GLU H 1234 9.41 -19.49 -104.51
N GLY H 1235 10.62 -19.06 -104.85
CA GLY H 1235 11.49 -18.39 -103.89
C GLY H 1235 12.63 -19.23 -103.36
N TYR H 1236 12.77 -20.48 -103.80
CA TYR H 1236 13.91 -21.29 -103.42
C TYR H 1236 15.20 -20.67 -103.95
N GLU H 1237 16.24 -20.66 -103.12
CA GLU H 1237 17.48 -20.01 -103.51
C GLU H 1237 18.53 -21.06 -103.86
N PRO H 1238 19.46 -20.73 -104.75
CA PRO H 1238 20.58 -21.63 -105.03
C PRO H 1238 21.39 -21.88 -103.76
N PHE H 1239 21.91 -23.10 -103.64
CA PHE H 1239 22.62 -23.48 -102.43
C PHE H 1239 23.88 -22.65 -102.25
N ALA H 1240 24.50 -22.22 -103.34
CA ALA H 1240 25.70 -21.39 -103.30
C ALA H 1240 25.40 -19.98 -103.79
N VAL H 1241 24.24 -19.44 -103.39
CA VAL H 1241 23.81 -18.14 -103.91
C VAL H 1241 24.72 -17.03 -103.40
N ASN H 1242 25.14 -17.10 -102.14
CA ASN H 1242 25.89 -16.03 -101.51
C ASN H 1242 27.26 -16.51 -101.03
N THR H 1243 27.96 -17.27 -101.88
CA THR H 1243 29.27 -17.81 -101.56
C THR H 1243 30.29 -17.27 -102.54
N ASN H 1244 31.39 -16.72 -102.01
CA ASN H 1244 32.49 -16.27 -102.83
C ASN H 1244 33.52 -17.36 -103.11
N ARG H 1245 33.41 -18.51 -102.44
CA ARG H 1245 34.33 -19.62 -102.61
C ARG H 1245 33.57 -20.85 -103.10
N ASP H 1246 34.29 -21.72 -103.80
CA ASP H 1246 33.69 -22.98 -104.23
C ASP H 1246 33.35 -23.84 -103.02
N ILE H 1247 32.19 -24.48 -103.07
CA ILE H 1247 31.77 -25.34 -101.97
C ILE H 1247 32.61 -26.60 -101.96
N THR H 1248 33.27 -26.86 -100.83
CA THR H 1248 34.12 -28.02 -100.68
C THR H 1248 33.29 -29.28 -100.72
N MET H 1249 33.79 -30.30 -101.43
CA MET H 1249 33.05 -31.54 -101.63
C MET H 1249 33.75 -32.67 -100.88
N TRP H 1250 32.96 -33.49 -100.19
CA TRP H 1250 33.47 -34.65 -99.48
C TRP H 1250 32.82 -35.91 -100.06
N LEU H 1251 33.64 -36.87 -100.43
CA LEU H 1251 33.17 -38.11 -101.02
C LEU H 1251 33.54 -39.30 -100.14
N SER H 1252 32.99 -40.45 -100.52
CA SER H 1252 33.28 -41.68 -99.79
C SER H 1252 34.67 -42.18 -100.12
N LYS H 1253 35.47 -42.42 -99.08
CA LYS H 1253 36.83 -42.88 -99.27
C LYS H 1253 36.86 -44.28 -99.90
N ARG H 1254 37.66 -44.44 -100.95
CA ARG H 1254 37.84 -45.73 -101.58
C ARG H 1254 38.74 -46.66 -100.76
N LEU H 1255 39.83 -46.13 -100.22
CA LEU H 1255 40.81 -46.97 -99.55
C LEU H 1255 40.48 -47.05 -98.06
N PRO H 1256 40.24 -48.24 -97.52
CA PRO H 1256 39.93 -48.36 -96.10
C PRO H 1256 41.11 -47.99 -95.22
N GLN H 1257 40.80 -47.50 -94.03
CA GLN H 1257 41.80 -47.11 -93.04
C GLN H 1257 41.47 -47.75 -91.71
N PHE H 1258 42.47 -47.81 -90.84
CA PHE H 1258 42.31 -48.36 -89.50
C PHE H 1258 41.81 -47.27 -88.56
N LEU H 1259 40.76 -47.57 -87.82
CA LEU H 1259 40.23 -46.67 -86.81
C LEU H 1259 39.79 -47.47 -85.60
N GLN H 1260 39.79 -46.81 -84.44
CA GLN H 1260 39.49 -47.47 -83.18
C GLN H 1260 38.07 -48.03 -83.21
N VAL H 1261 37.91 -49.23 -82.66
CA VAL H 1261 36.62 -49.91 -82.66
C VAL H 1261 35.64 -49.08 -81.83
N PRO H 1262 34.52 -48.65 -82.42
CA PRO H 1262 33.54 -47.88 -81.66
C PRO H 1262 32.91 -48.71 -80.56
N SER H 1263 32.56 -48.03 -79.46
CA SER H 1263 31.89 -48.70 -78.35
C SER H 1263 30.51 -49.19 -78.77
N ASN H 1264 29.88 -48.50 -79.70
CA ASN H 1264 28.54 -48.82 -80.15
C ASN H 1264 28.53 -49.77 -81.34
N HIS H 1265 29.69 -50.30 -81.73
CA HIS H 1265 29.75 -51.23 -82.86
C HIS H 1265 28.88 -52.45 -82.59
N GLU H 1266 28.08 -52.82 -83.59
CA GLU H 1266 27.12 -53.90 -83.44
C GLU H 1266 27.71 -55.27 -83.67
N HIS H 1267 28.99 -55.37 -84.04
CA HIS H 1267 29.58 -56.67 -84.35
C HIS H 1267 30.78 -57.01 -83.49
N ILE H 1268 31.68 -56.06 -83.24
CA ILE H 1268 32.94 -56.33 -82.56
C ILE H 1268 32.96 -55.58 -81.25
N GLU H 1269 33.34 -56.30 -80.19
CA GLU H 1269 33.49 -55.72 -78.86
C GLU H 1269 34.89 -56.01 -78.34
N VAL H 1270 35.53 -54.98 -77.80
CA VAL H 1270 36.88 -55.07 -77.26
C VAL H 1270 36.83 -54.69 -75.79
N THR H 1271 37.39 -55.55 -74.94
CA THR H 1271 37.47 -55.31 -73.51
C THR H 1271 38.92 -55.36 -73.07
N ARG H 1272 39.28 -54.50 -72.13
CA ARG H 1272 40.64 -54.43 -71.62
C ARG H 1272 40.71 -55.17 -70.29
N ILE H 1273 41.47 -56.24 -70.25
CA ILE H 1273 41.67 -57.01 -69.02
C ILE H 1273 42.97 -56.55 -68.37
N ASP H 1274 42.86 -56.01 -67.17
CA ASP H 1274 44.03 -55.54 -66.45
C ASP H 1274 44.90 -56.72 -66.02
N GLY H 1275 46.20 -56.45 -65.91
CA GLY H 1275 47.14 -57.49 -65.54
C GLY H 1275 47.37 -57.58 -64.05
N THR H 1276 47.04 -58.73 -63.46
CA THR H 1276 47.28 -58.95 -62.05
C THR H 1276 48.74 -59.33 -61.84
N ILE H 1277 49.08 -59.78 -60.63
CA ILE H 1277 50.44 -60.19 -60.34
C ILE H 1277 50.82 -61.42 -61.17
N ASP H 1278 49.86 -62.30 -61.42
CA ASP H 1278 50.10 -63.52 -62.17
C ASP H 1278 49.61 -63.45 -63.61
N SER H 1279 48.94 -62.38 -64.00
CA SER H 1279 48.34 -62.26 -65.32
C SER H 1279 48.92 -61.05 -66.04
N SER H 1280 49.21 -61.23 -67.32
CA SER H 1280 49.64 -60.12 -68.15
C SER H 1280 48.42 -59.32 -68.64
N PRO H 1281 48.63 -58.06 -69.00
CA PRO H 1281 47.51 -57.29 -69.57
C PRO H 1281 47.00 -57.92 -70.86
N CYS H 1282 45.68 -57.84 -71.04
CA CYS H 1282 45.02 -58.50 -72.15
C CYS H 1282 43.94 -57.60 -72.74
N LEU H 1283 43.85 -57.63 -74.07
CA LEU H 1283 42.81 -56.97 -74.83
C LEU H 1283 42.04 -58.04 -75.60
N LYS H 1284 40.79 -58.29 -75.20
CA LYS H 1284 40.05 -59.43 -75.69
C LYS H 1284 39.06 -58.98 -76.75
N VAL H 1285 39.17 -59.57 -77.95
CA VAL H 1285 38.31 -59.25 -79.07
C VAL H 1285 37.30 -60.38 -79.24
N THR H 1286 36.02 -60.03 -79.21
CA THR H 1286 34.93 -60.97 -79.30
C THR H 1286 33.81 -60.37 -80.16
N GLN H 1287 32.99 -61.25 -80.71
CA GLN H 1287 31.85 -60.83 -81.55
C GLN H 1287 30.59 -60.84 -80.68
N LYS H 1288 30.07 -59.65 -80.41
CA LYS H 1288 28.81 -59.57 -79.67
C LYS H 1288 27.64 -60.02 -80.52
N SER H 1289 27.76 -59.87 -81.84
CA SER H 1289 26.66 -60.24 -82.75
C SER H 1289 26.65 -61.73 -83.06
N PHE H 1290 27.61 -62.50 -82.57
CA PHE H 1290 27.64 -63.93 -82.85
C PHE H 1290 26.39 -64.60 -82.29
N GLY H 1291 25.85 -65.55 -83.07
CA GLY H 1291 24.65 -66.24 -82.67
C GLY H 1291 23.36 -65.48 -82.91
N SER H 1292 23.42 -64.36 -83.61
CA SER H 1292 22.25 -63.54 -83.87
C SER H 1292 22.09 -63.32 -85.37
N GLN H 1293 20.89 -62.91 -85.76
CA GLN H 1293 20.61 -62.62 -87.17
C GLN H 1293 21.43 -61.41 -87.63
N ASN H 1294 21.72 -61.39 -88.93
CA ASN H 1294 22.50 -60.38 -89.62
C ASN H 1294 23.94 -60.34 -89.13
N SER H 1295 24.42 -61.35 -88.42
CA SER H 1295 25.82 -61.42 -88.02
C SER H 1295 26.69 -61.57 -89.25
N ASN H 1296 27.88 -60.97 -89.24
CA ASN H 1296 28.75 -60.92 -90.41
C ASN H 1296 29.76 -62.05 -90.33
N THR H 1297 29.75 -62.91 -91.35
CA THR H 1297 30.74 -63.98 -91.47
C THR H 1297 31.84 -63.51 -92.41
N ASP H 1298 32.55 -62.46 -91.99
CA ASP H 1298 33.63 -61.89 -92.78
C ASP H 1298 34.86 -61.71 -91.90
N ILE H 1299 36.03 -61.80 -92.54
CA ILE H 1299 37.28 -61.62 -91.83
C ILE H 1299 37.44 -60.16 -91.44
N MET H 1300 37.85 -59.92 -90.20
CA MET H 1300 38.12 -58.59 -89.70
C MET H 1300 39.61 -58.44 -89.41
N PHE H 1301 40.12 -57.26 -89.72
CA PHE H 1301 41.54 -56.94 -89.60
C PHE H 1301 41.75 -55.99 -88.44
N TYR H 1302 42.35 -56.49 -87.36
CA TYR H 1302 42.59 -55.72 -86.16
C TYR H 1302 44.08 -55.42 -86.05
N ARG H 1303 44.41 -54.27 -85.48
CA ARG H 1303 45.79 -53.87 -85.27
C ARG H 1303 45.88 -53.06 -83.99
N LEU H 1304 47.08 -52.98 -83.44
CA LEU H 1304 47.32 -52.14 -82.30
C LEU H 1304 47.63 -50.71 -82.75
N SER H 1305 47.33 -49.75 -81.89
CA SER H 1305 47.38 -48.35 -82.29
C SER H 1305 48.79 -47.81 -82.43
N MET H 1306 49.82 -48.54 -82.05
CA MET H 1306 51.17 -47.98 -82.03
C MET H 1306 52.17 -48.97 -82.59
N PRO H 1307 53.18 -48.47 -83.32
CA PRO H 1307 54.15 -49.36 -83.96
C PRO H 1307 55.43 -49.57 -83.16
N ILE H 1308 56.06 -50.72 -83.35
CA ILE H 1308 57.44 -50.92 -82.94
C ILE H 1308 58.34 -50.42 -84.06
N GLU H 1309 59.28 -49.55 -83.73
CA GLU H 1309 60.17 -48.94 -84.72
C GLU H 1309 61.50 -49.68 -84.70
N CYS H 1310 61.91 -50.20 -85.86
CA CYS H 1310 63.20 -50.87 -85.94
C CYS H 1310 64.32 -49.84 -85.88
N ALA H 1311 65.54 -50.34 -85.66
CA ALA H 1311 66.69 -49.46 -85.53
C ALA H 1311 66.99 -48.75 -86.85
N GLU H 1312 67.52 -47.53 -86.73
CA GLU H 1312 67.86 -46.75 -87.90
C GLU H 1312 68.93 -47.46 -88.72
N VAL H 1313 69.96 -48.00 -88.06
CA VAL H 1313 71.01 -48.75 -88.71
C VAL H 1313 71.12 -50.10 -88.02
N PHE H 1314 71.07 -51.17 -88.81
CA PHE H 1314 71.20 -52.51 -88.25
C PHE H 1314 72.68 -52.86 -88.06
N SER H 1315 72.96 -53.54 -86.96
CA SER H 1315 74.32 -53.91 -86.62
C SER H 1315 74.85 -54.94 -87.63
N LYS H 1316 76.17 -55.03 -87.72
CA LYS H 1316 76.81 -55.96 -88.64
C LYS H 1316 76.96 -57.33 -88.00
N ARG H 1414 66.16 -67.44 -63.91
CA ARG H 1414 65.81 -66.03 -64.03
C ARG H 1414 66.68 -65.33 -65.07
N ASP H 1415 66.05 -64.55 -65.94
CA ASP H 1415 66.77 -63.83 -66.97
C ASP H 1415 67.61 -62.72 -66.37
N ASP H 1416 68.77 -62.48 -66.98
CA ASP H 1416 69.67 -61.44 -66.48
C ASP H 1416 69.04 -60.06 -66.65
N TYR H 1417 69.02 -59.29 -65.57
CA TYR H 1417 68.45 -57.95 -65.62
C TYR H 1417 69.26 -57.05 -66.53
N ASP H 1418 70.59 -57.19 -66.51
CA ASP H 1418 71.43 -56.45 -67.43
C ASP H 1418 71.13 -56.82 -68.87
N PHE H 1419 70.90 -58.11 -69.14
CA PHE H 1419 70.51 -58.54 -70.47
C PHE H 1419 69.19 -57.91 -70.90
N LEU H 1420 68.24 -57.84 -69.98
CA LEU H 1420 66.95 -57.24 -70.29
C LEU H 1420 67.13 -55.76 -70.60
N MET H 1421 68.01 -55.09 -69.86
CA MET H 1421 68.31 -53.69 -70.10
C MET H 1421 68.98 -53.44 -71.43
N GLN H 1422 69.92 -54.29 -71.84
CA GLN H 1422 70.65 -54.05 -73.08
C GLN H 1422 69.94 -54.58 -74.32
N THR H 1423 69.01 -55.53 -74.17
CA THR H 1423 68.38 -56.13 -75.33
C THR H 1423 67.33 -55.19 -75.92
N SER H 1424 67.00 -55.43 -77.19
CA SER H 1424 65.97 -54.68 -77.88
C SER H 1424 64.84 -55.53 -78.41
N THR H 1425 64.90 -56.85 -78.20
CA THR H 1425 63.86 -57.74 -78.69
C THR H 1425 62.58 -57.56 -77.88
N TYR H 1426 61.46 -57.41 -78.58
CA TYR H 1426 60.16 -57.21 -77.96
C TYR H 1426 59.23 -58.35 -78.31
N TYR H 1427 58.24 -58.57 -77.44
CA TYR H 1427 57.37 -59.73 -77.52
C TYR H 1427 55.92 -59.33 -77.28
N TYR H 1428 55.01 -59.95 -78.03
CA TYR H 1428 53.62 -59.98 -77.62
C TYR H 1428 53.07 -61.35 -77.97
N SER H 1429 51.83 -61.61 -77.59
CA SER H 1429 51.23 -62.90 -77.87
C SER H 1429 49.75 -62.75 -78.20
N VAL H 1430 49.23 -63.76 -78.87
CA VAL H 1430 47.81 -63.83 -79.19
C VAL H 1430 47.31 -65.21 -78.78
N ARG H 1431 46.30 -65.22 -77.91
CA ARG H 1431 45.63 -66.44 -77.50
C ARG H 1431 44.35 -66.56 -78.31
N ILE H 1432 44.30 -67.55 -79.20
CA ILE H 1432 43.08 -67.87 -79.91
C ILE H 1432 42.20 -68.72 -78.99
N PHE H 1433 41.03 -68.20 -78.66
CA PHE H 1433 40.16 -68.90 -77.72
C PHE H 1433 39.74 -70.24 -78.31
N PRO H 1434 39.73 -71.30 -77.51
CA PRO H 1434 39.38 -72.62 -78.04
C PRO H 1434 38.01 -72.61 -78.69
N GLY H 1435 37.91 -73.26 -79.85
CA GLY H 1435 36.69 -73.24 -80.63
C GLY H 1435 36.68 -72.24 -81.75
N GLN H 1436 37.54 -71.22 -81.70
CA GLN H 1436 37.74 -70.32 -82.82
C GLN H 1436 38.68 -71.00 -83.81
N GLU H 1437 38.19 -71.26 -85.02
CA GLU H 1437 38.96 -71.98 -85.99
C GLU H 1437 40.25 -71.23 -86.31
N PRO H 1438 41.41 -71.74 -85.89
CA PRO H 1438 42.66 -70.99 -86.08
C PRO H 1438 43.08 -70.87 -87.54
N ALA H 1439 42.59 -71.74 -88.43
CA ALA H 1439 42.84 -71.55 -89.84
C ALA H 1439 42.27 -70.22 -90.33
N ASN H 1440 41.22 -69.74 -89.67
CA ASN H 1440 40.63 -68.45 -89.95
C ASN H 1440 41.32 -67.31 -89.20
N VAL H 1441 42.36 -67.60 -88.42
CA VAL H 1441 43.04 -66.61 -87.61
C VAL H 1441 44.48 -66.47 -88.10
N TRP H 1442 44.91 -65.24 -88.32
CA TRP H 1442 46.29 -64.94 -88.72
C TRP H 1442 46.89 -64.00 -87.69
N VAL H 1443 48.15 -64.24 -87.35
CA VAL H 1443 48.86 -63.43 -86.36
C VAL H 1443 50.19 -63.00 -86.95
N GLY H 1444 50.54 -61.74 -86.71
CA GLY H 1444 51.81 -61.21 -87.17
C GLY H 1444 51.84 -59.70 -87.04
N TRP H 1445 52.71 -59.10 -87.85
CA TRP H 1445 52.92 -57.66 -87.86
C TRP H 1445 52.54 -57.11 -89.22
N ILE H 1446 52.06 -55.87 -89.25
CA ILE H 1446 51.78 -55.16 -90.50
C ILE H 1446 52.34 -53.76 -90.41
N THR H 1447 52.55 -53.13 -91.55
CA THR H 1447 53.03 -51.77 -91.62
C THR H 1447 51.86 -50.82 -91.89
N SER H 1448 52.20 -49.53 -91.99
CA SER H 1448 51.16 -48.52 -92.21
C SER H 1448 50.55 -48.62 -93.60
N ASP H 1449 51.24 -49.27 -94.53
CA ASP H 1449 50.78 -49.30 -95.91
C ASP H 1449 49.61 -50.24 -96.12
N PHE H 1450 49.31 -51.11 -95.14
CA PHE H 1450 48.26 -52.10 -95.32
C PHE H 1450 46.90 -51.47 -95.51
N HIS H 1451 46.33 -51.61 -96.72
CA HIS H 1451 45.03 -51.06 -97.06
C HIS H 1451 44.23 -52.04 -97.90
N GLN H 1452 44.27 -53.31 -97.54
CA GLN H 1452 43.61 -54.36 -98.31
C GLN H 1452 42.47 -54.96 -97.48
N TYR H 1453 41.29 -55.03 -98.07
CA TYR H 1453 40.11 -55.57 -97.43
C TYR H 1453 39.50 -56.66 -98.29
N ASP H 1454 40.32 -57.59 -98.77
CA ASP H 1454 39.79 -58.74 -99.49
C ASP H 1454 39.11 -59.68 -98.51
N THR H 1455 37.87 -60.07 -98.84
CA THR H 1455 37.14 -60.98 -97.96
C THR H 1455 37.85 -62.32 -97.84
N GLY H 1456 38.57 -62.72 -98.89
CA GLY H 1456 39.40 -63.91 -98.82
C GLY H 1456 40.86 -63.55 -98.66
N PHE H 1457 41.38 -63.68 -97.45
CA PHE H 1457 42.77 -63.35 -97.18
C PHE H 1457 43.61 -64.62 -97.08
N ASP H 1458 44.74 -64.59 -97.75
CA ASP H 1458 45.71 -65.68 -97.68
C ASP H 1458 47.11 -65.08 -97.76
N LEU H 1459 48.08 -65.84 -97.26
CA LEU H 1459 49.45 -65.34 -97.18
C LEU H 1459 50.10 -65.18 -98.54
N ASP H 1460 49.48 -65.69 -99.60
CA ASP H 1460 50.07 -65.59 -100.93
C ASP H 1460 49.73 -64.27 -101.60
N ARG H 1461 48.60 -63.67 -101.24
CA ARG H 1461 48.12 -62.46 -101.88
C ARG H 1461 48.76 -61.19 -101.31
N VAL H 1462 49.50 -61.31 -100.21
CA VAL H 1462 50.12 -60.14 -99.59
C VAL H 1462 51.06 -59.48 -100.60
N ARG H 1463 51.07 -58.15 -100.60
CA ARG H 1463 51.84 -57.38 -101.56
C ARG H 1463 53.30 -57.41 -101.17
N THR H 1464 54.16 -57.76 -102.12
CA THR H 1464 55.59 -57.85 -101.87
C THR H 1464 56.38 -57.47 -103.10
N VAL H 1465 57.60 -57.01 -102.87
CA VAL H 1465 58.54 -56.66 -103.92
C VAL H 1465 59.93 -57.04 -103.43
N THR H 1466 60.87 -57.18 -104.37
CA THR H 1466 62.26 -57.48 -104.04
C THR H 1466 63.16 -56.53 -104.82
N VAL H 1467 63.66 -55.50 -104.14
CA VAL H 1467 64.60 -54.60 -104.79
C VAL H 1467 65.97 -55.26 -104.77
N THR H 1468 66.49 -55.60 -105.94
CA THR H 1468 67.80 -56.24 -106.06
C THR H 1468 68.76 -55.19 -106.59
N LEU H 1469 69.75 -54.84 -105.78
CA LEU H 1469 70.79 -53.90 -106.17
C LEU H 1469 72.07 -54.66 -106.45
N GLY H 1470 72.60 -54.48 -107.66
CA GLY H 1470 73.80 -55.17 -108.08
C GLY H 1470 74.88 -54.17 -108.46
N ASP H 1471 76.10 -54.69 -108.54
CA ASP H 1471 77.24 -53.86 -108.89
C ASP H 1471 77.19 -53.50 -110.38
N GLU H 1472 78.21 -52.76 -110.82
CA GLU H 1472 78.29 -52.36 -112.22
C GLU H 1472 78.42 -53.56 -113.15
N LYS H 1473 79.07 -54.64 -112.69
CA LYS H 1473 79.13 -55.85 -113.50
C LYS H 1473 77.76 -56.50 -113.65
N GLY H 1474 76.90 -56.34 -112.67
CA GLY H 1474 75.58 -56.93 -112.66
C GLY H 1474 75.36 -57.95 -111.57
N LYS H 1475 76.39 -58.34 -110.85
CA LYS H 1475 76.24 -59.28 -109.75
C LYS H 1475 75.43 -58.64 -108.63
N VAL H 1476 74.38 -59.32 -108.19
CA VAL H 1476 73.43 -58.77 -107.23
C VAL H 1476 74.13 -58.77 -105.86
N HIS H 1477 74.61 -57.60 -105.44
CA HIS H 1477 75.30 -57.53 -104.16
C HIS H 1477 74.32 -57.56 -103.00
N GLU H 1478 73.08 -57.12 -103.22
CA GLU H 1478 72.09 -57.21 -102.15
C GLU H 1478 70.69 -57.32 -102.74
N SER H 1479 69.78 -57.90 -101.96
CA SER H 1479 68.39 -58.02 -102.32
C SER H 1479 67.54 -57.79 -101.08
N ILE H 1480 66.56 -56.91 -101.18
CA ILE H 1480 65.73 -56.52 -100.05
C ILE H 1480 64.29 -56.88 -100.39
N LYS H 1481 63.67 -57.70 -99.54
CA LYS H 1481 62.25 -58.01 -99.68
C LYS H 1481 61.43 -57.03 -98.85
N ARG H 1482 60.44 -56.42 -99.49
CA ARG H 1482 59.59 -55.44 -98.85
C ARG H 1482 58.14 -55.87 -98.97
N SER H 1483 57.43 -55.89 -97.85
CA SER H 1483 56.02 -56.25 -97.82
C SER H 1483 55.36 -55.51 -96.67
N ASN H 1484 54.07 -55.21 -96.83
CA ASN H 1484 53.34 -54.51 -95.78
C ASN H 1484 52.85 -55.48 -94.71
N CYS H 1485 52.73 -56.75 -95.06
CA CYS H 1485 52.14 -57.75 -94.18
C CYS H 1485 53.18 -58.82 -93.83
N TYR H 1486 53.37 -59.05 -92.53
CA TYR H 1486 54.26 -60.10 -92.02
C TYR H 1486 53.48 -60.89 -90.98
N MET H 1487 52.74 -61.90 -91.41
CA MET H 1487 51.85 -62.64 -90.52
C MET H 1487 51.94 -64.13 -90.82
N VAL H 1488 51.50 -64.93 -89.84
CA VAL H 1488 51.44 -66.37 -89.97
C VAL H 1488 50.06 -66.84 -89.55
N CYS H 1489 49.71 -68.05 -89.97
CA CYS H 1489 48.42 -68.64 -89.67
C CYS H 1489 48.52 -69.62 -88.53
N ALA H 1490 47.56 -69.54 -87.60
CA ALA H 1490 47.57 -70.45 -86.46
C ALA H 1490 47.25 -71.88 -86.87
N GLY H 1491 46.40 -72.05 -87.87
CA GLY H 1491 46.09 -73.40 -88.35
C GLY H 1491 47.33 -74.13 -88.81
N GLU H 1492 48.19 -73.46 -89.59
CA GLU H 1492 49.42 -74.08 -90.02
C GLU H 1492 50.44 -74.12 -88.88
N SER H 1493 50.38 -73.17 -87.96
CA SER H 1493 51.28 -73.20 -86.82
C SER H 1493 50.97 -74.37 -85.90
N MET H 1494 49.80 -74.99 -86.03
CA MET H 1494 49.51 -76.22 -85.29
C MET H 1494 50.37 -77.35 -85.83
N SER H 1495 51.67 -77.26 -85.56
CA SER H 1495 52.56 -78.34 -85.96
C SER H 1495 52.21 -79.65 -85.26
N PRO H 1496 51.97 -79.69 -83.95
CA PRO H 1496 51.49 -80.96 -83.36
C PRO H 1496 50.09 -81.33 -83.81
N GLY H 1497 49.26 -80.34 -84.12
CA GLY H 1497 47.87 -80.59 -84.48
C GLY H 1497 46.95 -80.59 -83.28
N GLN H 1498 45.76 -79.99 -83.47
CA GLN H 1498 44.78 -79.79 -82.41
C GLN H 1498 45.36 -79.07 -81.19
N GLY H 1499 46.32 -78.18 -81.42
CA GLY H 1499 46.84 -77.37 -80.32
C GLY H 1499 45.80 -76.42 -79.77
N ARG H 1500 44.94 -75.88 -80.64
CA ARG H 1500 43.84 -75.02 -80.23
C ARG H 1500 42.73 -75.78 -79.52
N ASN H 1501 42.71 -77.11 -79.61
CA ASN H 1501 41.62 -77.90 -79.04
C ASN H 1501 41.74 -78.00 -77.53
N ASN H 1502 42.81 -78.63 -77.05
CA ASN H 1502 42.96 -78.88 -75.61
C ASN H 1502 43.02 -77.58 -74.83
N ASN H 1503 43.78 -76.61 -75.32
CA ASN H 1503 43.87 -75.29 -74.72
C ASN H 1503 43.88 -74.25 -75.84
N GLY H 1504 43.65 -73.00 -75.47
CA GLY H 1504 43.78 -71.93 -76.44
C GLY H 1504 45.18 -71.90 -77.02
N LEU H 1505 45.26 -71.74 -78.34
CA LEU H 1505 46.55 -71.66 -79.00
C LEU H 1505 47.20 -70.32 -78.72
N GLU H 1506 48.51 -70.32 -78.51
CA GLU H 1506 49.26 -69.11 -78.20
C GLU H 1506 50.32 -68.90 -79.29
N ILE H 1507 50.12 -67.87 -80.11
CA ILE H 1507 51.18 -67.45 -81.01
C ILE H 1507 51.92 -66.27 -80.41
N GLY H 1508 53.22 -66.41 -80.21
CA GLY H 1508 54.01 -65.33 -79.67
C GLY H 1508 54.92 -64.74 -80.72
N CYS H 1509 54.78 -63.45 -80.94
CA CYS H 1509 55.57 -62.73 -81.95
C CYS H 1509 56.70 -62.01 -81.23
N VAL H 1510 57.93 -62.27 -81.68
CA VAL H 1510 59.12 -61.58 -81.18
C VAL H 1510 59.78 -60.85 -82.34
N VAL H 1511 60.09 -59.57 -82.09
CA VAL H 1511 60.72 -58.70 -83.08
C VAL H 1511 62.05 -58.22 -82.51
N ASP H 1512 63.11 -58.37 -83.29
CA ASP H 1512 64.44 -57.89 -82.91
C ASP H 1512 64.63 -56.53 -83.57
N ALA H 1513 64.32 -55.46 -82.83
CA ALA H 1513 64.43 -54.11 -83.37
C ALA H 1513 65.85 -53.74 -83.77
N ALA H 1514 66.86 -54.40 -83.20
CA ALA H 1514 68.24 -54.12 -83.55
C ALA H 1514 68.66 -54.78 -84.86
N SER H 1515 67.99 -55.87 -85.26
CA SER H 1515 68.34 -56.58 -86.48
C SER H 1515 67.19 -56.74 -87.45
N GLY H 1516 65.96 -56.42 -87.05
CA GLY H 1516 64.84 -56.56 -87.96
C GLY H 1516 64.39 -57.98 -88.22
N LEU H 1517 64.64 -58.90 -87.30
CA LEU H 1517 64.21 -60.28 -87.46
C LEU H 1517 62.88 -60.48 -86.74
N LEU H 1518 61.89 -60.98 -87.46
CA LEU H 1518 60.57 -61.28 -86.91
C LEU H 1518 60.44 -62.78 -86.85
N THR H 1519 60.21 -63.32 -85.66
CA THR H 1519 60.02 -64.76 -85.50
C THR H 1519 58.82 -65.04 -84.60
N PHE H 1520 58.30 -66.25 -84.72
CA PHE H 1520 57.04 -66.65 -84.09
C PHE H 1520 57.24 -67.96 -83.36
N ILE H 1521 56.69 -68.06 -82.16
CA ILE H 1521 56.77 -69.27 -81.35
C ILE H 1521 55.35 -69.71 -81.03
N ALA H 1522 55.02 -70.95 -81.36
CA ALA H 1522 53.71 -71.53 -81.07
C ALA H 1522 53.89 -72.74 -80.19
N ASN H 1523 53.19 -72.77 -79.06
CA ASN H 1523 53.26 -73.85 -78.09
C ASN H 1523 54.69 -74.12 -77.63
N GLY H 1524 55.47 -73.06 -77.44
CA GLY H 1524 56.80 -73.20 -76.88
C GLY H 1524 57.90 -73.58 -77.86
N LYS H 1525 57.59 -73.72 -79.15
CA LYS H 1525 58.60 -74.04 -80.14
C LYS H 1525 58.55 -73.01 -81.26
N GLU H 1526 59.72 -72.65 -81.77
CA GLU H 1526 59.81 -71.58 -82.76
C GLU H 1526 59.42 -72.11 -84.14
N LEU H 1527 58.45 -71.45 -84.76
CA LEU H 1527 57.96 -71.88 -86.07
C LEU H 1527 58.97 -71.56 -87.16
N SER H 1528 58.90 -72.35 -88.24
CA SER H 1528 59.87 -72.22 -89.31
C SER H 1528 59.80 -70.86 -89.99
N THR H 1529 58.60 -70.34 -90.23
CA THR H 1529 58.46 -69.09 -90.96
C THR H 1529 59.03 -67.93 -90.16
N TYR H 1530 59.91 -67.17 -90.78
CA TYR H 1530 60.52 -66.00 -90.17
C TYR H 1530 60.65 -64.91 -91.24
N TYR H 1531 60.72 -63.66 -90.79
CA TYR H 1531 60.75 -62.53 -91.72
C TYR H 1531 61.96 -61.65 -91.39
N GLN H 1532 62.51 -61.01 -92.41
CA GLN H 1532 63.57 -60.03 -92.24
C GLN H 1532 63.12 -58.71 -92.84
N VAL H 1533 63.10 -57.66 -92.03
CA VAL H 1533 62.63 -56.36 -92.46
C VAL H 1533 63.81 -55.41 -92.56
N GLU H 1534 63.67 -54.42 -93.43
CA GLU H 1534 64.69 -53.40 -93.63
C GLU H 1534 64.68 -52.42 -92.45
N PRO H 1535 65.79 -51.71 -92.25
CA PRO H 1535 65.85 -50.77 -91.12
C PRO H 1535 64.82 -49.67 -91.23
N SER H 1536 64.42 -49.13 -90.07
CA SER H 1536 63.49 -48.03 -89.87
C SER H 1536 62.04 -48.43 -90.16
N THR H 1537 61.74 -49.73 -90.26
CA THR H 1537 60.36 -50.16 -90.47
C THR H 1537 59.57 -50.03 -89.18
N LYS H 1538 58.34 -49.52 -89.31
CA LYS H 1538 57.40 -49.47 -88.20
C LYS H 1538 56.41 -50.61 -88.37
N LEU H 1539 56.40 -51.53 -87.40
CA LEU H 1539 55.56 -52.71 -87.46
C LEU H 1539 54.43 -52.60 -86.45
N PHE H 1540 53.21 -52.75 -86.90
CA PHE H 1540 52.04 -52.72 -86.05
C PHE H 1540 51.61 -54.14 -85.73
N PRO H 1541 51.45 -54.51 -84.46
CA PRO H 1541 50.86 -55.81 -84.14
C PRO H 1541 49.49 -55.92 -84.78
N ALA H 1542 49.21 -57.07 -85.37
CA ALA H 1542 47.98 -57.22 -86.15
C ALA H 1542 47.50 -58.65 -86.11
N VAL H 1543 46.18 -58.81 -86.11
CA VAL H 1543 45.52 -60.11 -86.17
C VAL H 1543 44.39 -60.01 -87.17
N PHE H 1544 44.36 -60.92 -88.14
CA PHE H 1544 43.25 -61.03 -89.06
C PHE H 1544 42.47 -62.29 -88.72
N ALA H 1545 41.19 -62.13 -88.39
CA ALA H 1545 40.43 -63.26 -87.88
C ALA H 1545 39.04 -63.28 -88.47
N GLN H 1546 38.58 -64.46 -88.87
CA GLN H 1546 37.19 -64.70 -89.23
C GLN H 1546 36.52 -65.39 -88.05
N ALA H 1547 35.57 -64.71 -87.43
CA ALA H 1547 35.01 -65.19 -86.17
C ALA H 1547 34.16 -66.43 -86.40
N THR H 1548 34.58 -67.54 -85.80
CA THR H 1548 33.80 -68.77 -85.78
C THR H 1548 33.31 -69.11 -84.38
N SER H 1549 33.31 -68.14 -83.48
CA SER H 1549 32.92 -68.36 -82.09
C SER H 1549 32.55 -67.02 -81.49
N PRO H 1550 31.77 -67.03 -80.40
CA PRO H 1550 31.47 -65.75 -79.74
C PRO H 1550 32.71 -65.03 -79.27
N ASN H 1551 33.71 -65.75 -78.78
CA ASN H 1551 34.99 -65.18 -78.37
C ASN H 1551 36.00 -65.47 -79.46
N VAL H 1552 36.67 -64.42 -79.96
CA VAL H 1552 37.51 -64.58 -81.13
C VAL H 1552 38.96 -64.76 -80.72
N PHE H 1553 39.56 -63.78 -80.05
CA PHE H 1553 40.95 -63.92 -79.64
C PHE H 1553 41.29 -62.94 -78.54
N GLN H 1554 42.55 -62.97 -78.12
CA GLN H 1554 43.02 -62.12 -77.03
C GLN H 1554 44.46 -61.69 -77.27
N PHE H 1555 44.68 -60.39 -77.35
CA PHE H 1555 46.02 -59.81 -77.33
C PHE H 1555 46.55 -59.90 -75.91
N GLU H 1556 47.70 -60.54 -75.73
CA GLU H 1556 48.38 -60.58 -74.45
C GLU H 1556 49.69 -59.81 -74.56
N LEU H 1557 49.87 -58.81 -73.69
CA LEU H 1557 51.05 -57.96 -73.72
C LEU H 1557 52.08 -58.41 -72.69
N GLY H 1558 52.18 -59.72 -72.49
CA GLY H 1558 53.13 -60.29 -71.56
C GLY H 1558 54.52 -60.36 -72.15
N ARG H 1559 55.41 -61.04 -71.42
CA ARG H 1559 56.80 -61.16 -71.80
C ARG H 1559 57.29 -62.56 -71.49
N ILE H 1560 58.35 -62.97 -72.19
CA ILE H 1560 58.93 -64.30 -72.01
C ILE H 1560 60.40 -64.16 -71.63
N LYS H 1561 61.07 -65.29 -71.50
CA LYS H 1561 62.48 -65.30 -71.12
C LYS H 1561 63.32 -64.47 -72.08
N ASN H 1562 64.12 -63.56 -71.52
CA ASN H 1562 65.09 -62.75 -72.23
C ASN H 1562 64.49 -61.81 -73.27
N VAL H 1563 63.18 -61.59 -73.24
CA VAL H 1563 62.54 -60.68 -74.19
C VAL H 1563 61.73 -59.66 -73.41
N MET H 1564 61.99 -58.38 -73.68
CA MET H 1564 61.32 -57.31 -72.96
C MET H 1564 59.95 -57.05 -73.58
N PRO H 1565 58.92 -56.80 -72.76
CA PRO H 1565 57.55 -56.75 -73.27
C PRO H 1565 57.33 -55.57 -74.22
N LEU H 1566 56.16 -55.62 -74.86
CA LEU H 1566 55.81 -54.73 -75.96
C LEU H 1566 55.69 -53.27 -75.53
N SER H 1567 55.19 -53.00 -74.33
CA SER H 1567 55.05 -51.63 -73.85
C SER H 1567 56.37 -50.90 -73.77
N ALA H 1568 57.46 -51.60 -73.46
CA ALA H 1568 58.76 -50.97 -73.43
C ALA H 1568 59.18 -50.47 -74.82
N GLY H 1569 58.91 -51.27 -75.84
CA GLY H 1569 59.20 -50.85 -77.20
C GLY H 1569 58.29 -49.72 -77.67
N LEU H 1570 57.02 -49.78 -77.28
CA LEU H 1570 56.06 -48.78 -77.72
C LEU H 1570 56.34 -47.42 -77.07
N PHE H 1571 56.34 -47.38 -75.76
CA PHE H 1571 56.53 -46.13 -75.03
C PHE H 1571 58.01 -45.87 -74.75
N LYS H 1572 58.40 -44.61 -74.90
CA LYS H 1572 59.76 -44.18 -74.61
C LYS H 1572 60.04 -44.05 -73.12
N SER H 1573 59.02 -43.72 -72.33
CA SER H 1573 59.21 -43.61 -70.88
C SER H 1573 59.56 -44.96 -70.27
N GLU H 1574 58.92 -46.03 -70.74
CA GLU H 1574 59.14 -47.37 -70.20
C GLU H 1574 60.17 -48.16 -70.97
N HIS H 1575 61.14 -47.47 -71.58
CA HIS H 1575 62.15 -48.16 -72.38
C HIS H 1575 62.99 -49.11 -71.54
N LYS H 1576 63.02 -48.89 -70.23
CA LYS H 1576 63.78 -49.73 -69.30
C LYS H 1576 62.90 -50.36 -68.24
N ASN H 1577 61.61 -50.54 -68.52
CA ASN H 1577 60.69 -51.09 -67.54
C ASN H 1577 60.34 -52.52 -67.91
N PRO H 1578 60.86 -53.53 -67.22
CA PRO H 1578 60.51 -54.91 -67.57
C PRO H 1578 59.05 -55.25 -67.34
N VAL H 1579 58.36 -54.49 -66.50
CA VAL H 1579 56.97 -54.84 -66.18
C VAL H 1579 56.08 -54.58 -67.38
N PRO H 1580 55.28 -55.55 -67.82
CA PRO H 1580 54.35 -55.29 -68.93
C PRO H 1580 53.30 -54.28 -68.55
N GLN H 1581 52.86 -53.49 -69.53
CA GLN H 1581 51.88 -52.45 -69.30
C GLN H 1581 50.95 -52.34 -70.50
N CYS H 1582 49.73 -51.90 -70.23
CA CYS H 1582 48.73 -51.61 -71.29
C CYS H 1582 48.11 -50.26 -71.02
N PRO H 1583 48.85 -49.18 -71.29
CA PRO H 1583 48.32 -47.83 -71.03
C PRO H 1583 47.16 -47.52 -71.96
N PRO H 1584 46.34 -46.51 -71.62
CA PRO H 1584 45.12 -46.27 -72.38
C PRO H 1584 45.36 -45.91 -73.84
N ARG H 1585 46.55 -45.43 -74.19
CA ARG H 1585 46.83 -45.09 -75.59
C ARG H 1585 46.72 -46.32 -76.48
N LEU H 1586 47.24 -47.45 -76.02
CA LEU H 1586 47.12 -48.69 -76.79
C LEU H 1586 45.68 -49.14 -76.84
N HIS H 1587 45.18 -49.41 -78.05
CA HIS H 1587 43.81 -49.85 -78.23
C HIS H 1587 43.68 -50.53 -79.58
N VAL H 1588 42.66 -51.39 -79.70
CA VAL H 1588 42.47 -52.13 -80.94
C VAL H 1588 41.79 -51.25 -81.97
N GLN H 1589 42.30 -51.31 -83.20
CA GLN H 1589 41.75 -50.57 -84.33
C GLN H 1589 41.43 -51.56 -85.44
N PHE H 1590 40.24 -51.44 -86.02
CA PHE H 1590 39.80 -52.36 -87.05
C PHE H 1590 39.69 -51.64 -88.38
N LEU H 1591 40.02 -52.35 -89.45
CA LEU H 1591 39.95 -51.77 -90.78
C LEU H 1591 38.51 -51.50 -91.17
N SER H 1592 38.23 -50.33 -91.75
CA SER H 1592 36.86 -49.93 -92.02
C SER H 1592 36.83 -48.96 -93.20
N HIS H 1593 35.61 -48.77 -93.73
CA HIS H 1593 35.38 -47.87 -94.86
C HIS H 1593 34.44 -46.72 -94.50
N VAL H 1594 34.30 -46.38 -93.22
CA VAL H 1594 33.28 -45.44 -92.79
C VAL H 1594 33.83 -44.02 -92.81
N LEU H 1595 34.99 -43.83 -93.44
CA LEU H 1595 35.65 -42.54 -93.46
C LEU H 1595 35.32 -41.77 -94.73
N TRP H 1596 35.29 -40.45 -94.62
CA TRP H 1596 35.09 -39.55 -95.74
C TRP H 1596 36.43 -39.03 -96.25
N SER H 1597 36.39 -38.34 -97.39
CA SER H 1597 37.59 -37.79 -97.98
C SER H 1597 37.27 -36.48 -98.68
N ARG H 1598 38.12 -35.48 -98.49
CA ARG H 1598 37.89 -34.14 -99.00
C ARG H 1598 38.56 -33.95 -100.35
N MET H 1599 37.76 -33.58 -101.37
CA MET H 1599 38.45 -33.28 -102.63
C MET H 1599 39.14 -31.93 -102.53
N PRO H 1600 40.34 -31.79 -103.07
CA PRO H 1600 41.01 -30.49 -103.06
C PRO H 1600 40.21 -29.46 -103.85
N ASN H 1601 40.25 -28.22 -103.39
CA ASN H 1601 39.56 -27.14 -104.09
C ASN H 1601 40.18 -26.89 -105.45
N GLN H 1602 41.50 -27.08 -105.55
CA GLN H 1602 42.23 -26.85 -106.78
C GLN H 1602 43.22 -27.98 -107.03
N PHE H 1603 43.35 -28.37 -108.30
CA PHE H 1603 44.29 -29.41 -108.70
C PHE H 1603 45.38 -28.81 -109.58
N LEU H 1604 46.45 -29.58 -109.76
CA LEU H 1604 47.53 -29.14 -110.63
C LEU H 1604 47.05 -29.04 -112.07
N LYS H 1605 47.44 -27.95 -112.74
CA LYS H 1605 47.10 -27.74 -114.14
C LYS H 1605 48.17 -28.40 -115.00
N VAL H 1606 47.80 -29.49 -115.67
CA VAL H 1606 48.71 -30.25 -116.52
C VAL H 1606 48.12 -30.31 -117.91
N ASP H 1607 48.92 -29.96 -118.91
CA ASP H 1607 48.48 -30.05 -120.30
C ASP H 1607 49.27 -31.12 -121.03
N VAL H 1608 48.54 -31.93 -121.81
CA VAL H 1608 49.10 -33.09 -122.49
C VAL H 1608 48.62 -33.06 -123.94
N SER H 1609 49.53 -33.39 -124.87
CA SER H 1609 49.17 -33.37 -126.28
C SER H 1609 50.22 -34.10 -127.10
N ARG H 1610 49.79 -34.70 -128.21
CA ARG H 1610 50.73 -35.31 -129.14
C ARG H 1610 51.37 -34.25 -130.00
N ILE H 1611 52.64 -33.96 -129.76
CA ILE H 1611 53.33 -32.93 -130.53
C ILE H 1611 53.49 -33.35 -131.98
N SER H 1612 53.97 -34.57 -132.21
CA SER H 1612 54.15 -35.07 -133.57
C SER H 1612 54.34 -36.58 -133.51
N GLU H 1613 54.45 -37.18 -134.70
CA GLU H 1613 54.73 -38.60 -134.79
C GLU H 1613 56.06 -38.95 -134.14
N ARG H 1614 57.08 -38.13 -134.41
CA ARG H 1614 58.40 -38.37 -133.83
C ARG H 1614 58.46 -37.96 -132.37
N GLN H 1615 57.77 -36.86 -132.02
CA GLN H 1615 57.95 -36.28 -130.69
C GLN H 1615 57.23 -37.06 -129.60
N GLY H 1616 56.30 -37.93 -129.95
CA GLY H 1616 55.55 -38.62 -128.93
C GLY H 1616 54.56 -37.70 -128.25
N TRP H 1617 54.09 -38.14 -127.08
CA TRP H 1617 53.18 -37.32 -126.31
C TRP H 1617 53.96 -36.41 -125.38
N LEU H 1618 53.38 -35.27 -125.04
CA LEU H 1618 54.00 -34.29 -124.17
C LEU H 1618 53.10 -34.02 -122.97
N VAL H 1619 53.70 -34.09 -121.79
CA VAL H 1619 53.05 -33.83 -120.52
C VAL H 1619 53.80 -32.67 -119.87
N GLN H 1620 53.10 -31.55 -119.65
CA GLN H 1620 53.75 -30.35 -119.15
C GLN H 1620 52.95 -29.82 -117.96
N CYS H 1621 53.67 -29.36 -116.94
CA CYS H 1621 53.07 -28.74 -115.77
C CYS H 1621 54.03 -27.67 -115.26
N LEU H 1622 53.54 -26.44 -115.14
CA LEU H 1622 54.39 -25.30 -114.83
C LEU H 1622 53.90 -24.45 -113.68
N ASP H 1623 52.70 -24.70 -113.15
CA ASP H 1623 52.14 -23.88 -112.10
C ASP H 1623 52.25 -24.60 -110.75
N PRO H 1624 52.83 -23.97 -109.74
CA PRO H 1624 53.04 -24.66 -108.46
C PRO H 1624 51.85 -24.56 -107.52
N LEU H 1625 51.60 -25.66 -106.82
CA LEU H 1625 50.58 -25.73 -105.78
C LEU H 1625 51.16 -26.50 -104.59
N GLN H 1626 50.63 -26.19 -103.41
CA GLN H 1626 51.08 -26.85 -102.19
C GLN H 1626 49.91 -27.02 -101.25
N PHE H 1627 49.97 -28.05 -100.42
CA PHE H 1627 49.00 -28.26 -99.36
C PHE H 1627 49.76 -28.55 -98.07
N MET H 1628 49.26 -28.03 -96.96
CA MET H 1628 49.92 -28.24 -95.68
C MET H 1628 49.41 -29.53 -95.05
N SER H 1629 50.32 -30.48 -94.88
CA SER H 1629 49.97 -31.83 -94.45
C SER H 1629 50.21 -31.95 -92.95
N LEU H 1630 49.22 -32.47 -92.24
CA LEU H 1630 49.34 -32.72 -90.81
C LEU H 1630 49.65 -34.19 -90.61
N HIS H 1631 50.73 -34.48 -89.91
CA HIS H 1631 51.22 -35.84 -89.73
C HIS H 1631 50.88 -36.34 -88.34
N ILE H 1632 50.11 -37.41 -88.28
CA ILE H 1632 49.84 -38.10 -87.03
C ILE H 1632 51.05 -38.97 -86.71
N PRO H 1633 51.75 -38.72 -85.60
CA PRO H 1633 53.02 -39.44 -85.36
C PRO H 1633 52.85 -40.92 -85.09
N GLU H 1634 51.92 -41.29 -84.21
CA GLU H 1634 51.82 -42.69 -83.79
C GLU H 1634 51.32 -43.59 -84.91
N GLU H 1635 50.47 -43.07 -85.79
CA GLU H 1635 49.91 -43.87 -86.87
C GLU H 1635 50.72 -43.81 -88.15
N ASN H 1636 51.77 -42.98 -88.19
CA ASN H 1636 52.61 -42.82 -89.37
C ASN H 1636 51.75 -42.44 -90.58
N ARG H 1637 50.77 -41.59 -90.34
CA ARG H 1637 49.84 -41.13 -91.36
C ARG H 1637 50.08 -39.66 -91.66
N SER H 1638 49.40 -39.16 -92.68
CA SER H 1638 49.49 -37.77 -93.06
C SER H 1638 48.19 -37.36 -93.74
N VAL H 1639 47.59 -36.28 -93.27
CA VAL H 1639 46.34 -35.77 -93.82
C VAL H 1639 46.49 -34.28 -94.08
N ASP H 1640 45.85 -33.81 -95.14
CA ASP H 1640 45.81 -32.37 -95.39
C ASP H 1640 45.13 -31.68 -94.22
N ILE H 1641 45.70 -30.54 -93.80
CA ILE H 1641 45.22 -29.86 -92.61
C ILE H 1641 43.79 -29.37 -92.78
N LEU H 1642 43.37 -29.13 -94.02
CA LEU H 1642 41.99 -28.73 -94.27
C LEU H 1642 41.01 -29.86 -93.99
N GLU H 1643 41.49 -31.10 -93.91
CA GLU H 1643 40.62 -32.22 -93.56
C GLU H 1643 40.19 -32.19 -92.09
N LEU H 1644 40.81 -31.32 -91.28
CA LEU H 1644 40.46 -31.20 -89.87
C LEU H 1644 39.17 -30.40 -89.66
N THR H 1645 38.58 -29.89 -90.73
CA THR H 1645 37.28 -29.23 -90.63
C THR H 1645 36.19 -30.15 -90.13
N GLU H 1646 36.33 -31.46 -90.35
CA GLU H 1646 35.36 -32.44 -89.88
C GLU H 1646 35.88 -33.33 -88.77
N GLN H 1647 37.19 -33.34 -88.52
CA GLN H 1647 37.76 -34.10 -87.41
C GLN H 1647 37.91 -33.16 -86.23
N GLU H 1648 36.86 -33.12 -85.40
CA GLU H 1648 36.79 -32.13 -84.34
C GLU H 1648 37.86 -32.33 -83.28
N GLU H 1649 38.13 -33.59 -82.91
CA GLU H 1649 39.09 -33.86 -81.85
C GLU H 1649 40.50 -33.42 -82.25
N LEU H 1650 40.92 -33.74 -83.48
CA LEU H 1650 42.23 -33.32 -83.94
C LEU H 1650 42.30 -31.80 -84.07
N LEU H 1651 41.20 -31.18 -84.54
CA LEU H 1651 41.18 -29.73 -84.64
C LEU H 1651 41.40 -29.07 -83.29
N LYS H 1652 40.68 -29.55 -82.26
CA LYS H 1652 40.82 -28.95 -80.94
C LYS H 1652 42.21 -29.20 -80.37
N PHE H 1653 42.72 -30.42 -80.51
CA PHE H 1653 44.03 -30.73 -79.96
C PHE H 1653 45.11 -29.89 -80.64
N HIS H 1654 45.02 -29.72 -81.96
CA HIS H 1654 46.00 -28.91 -82.67
C HIS H 1654 45.86 -27.43 -82.35
N TYR H 1655 44.65 -26.92 -82.13
CA TYR H 1655 44.49 -25.54 -81.70
C TYR H 1655 45.15 -25.32 -80.35
N HIS H 1656 44.97 -26.25 -79.42
CA HIS H 1656 45.65 -26.13 -78.13
C HIS H 1656 47.16 -26.31 -78.25
N THR H 1657 47.62 -27.13 -79.20
CA THR H 1657 49.05 -27.22 -79.46
C THR H 1657 49.60 -25.89 -79.96
N LEU H 1658 48.86 -25.21 -80.84
CA LEU H 1658 49.28 -23.89 -81.29
C LEU H 1658 49.31 -22.90 -80.13
N ARG H 1659 48.32 -22.98 -79.25
CA ARG H 1659 48.32 -22.11 -78.08
C ARG H 1659 49.54 -22.38 -77.20
N LEU H 1660 49.92 -23.65 -77.05
CA LEU H 1660 51.12 -23.97 -76.29
C LEU H 1660 52.37 -23.42 -76.98
N TYR H 1661 52.41 -23.51 -78.31
CA TYR H 1661 53.53 -22.93 -79.05
C TYR H 1661 53.64 -21.44 -78.79
N SER H 1662 52.51 -20.74 -78.78
CA SER H 1662 52.54 -19.31 -78.46
C SER H 1662 53.00 -19.07 -77.02
N ALA H 1663 52.48 -19.86 -76.07
CA ALA H 1663 52.80 -19.66 -74.67
C ALA H 1663 54.27 -19.89 -74.35
N VAL H 1664 54.89 -20.91 -74.94
CA VAL H 1664 56.28 -21.21 -74.59
C VAL H 1664 57.22 -20.10 -75.05
N CYS H 1665 56.89 -19.43 -76.15
CA CYS H 1665 57.72 -18.34 -76.67
C CYS H 1665 57.17 -16.97 -76.30
N ALA H 1666 56.12 -16.92 -75.47
CA ALA H 1666 55.53 -15.67 -75.04
C ALA H 1666 56.49 -14.86 -74.18
N LEU H 1667 56.35 -13.54 -74.25
CA LEU H 1667 57.10 -12.59 -73.42
C LEU H 1667 58.60 -12.72 -73.64
N GLY H 1668 59.01 -12.52 -74.89
CA GLY H 1668 60.43 -12.38 -75.21
C GLY H 1668 61.28 -13.58 -74.91
N ASN H 1669 60.79 -14.79 -75.20
CA ASN H 1669 61.61 -16.00 -75.11
C ASN H 1669 62.18 -16.28 -76.50
N HIS H 1670 63.23 -15.54 -76.82
CA HIS H 1670 63.76 -15.55 -78.19
C HIS H 1670 64.36 -16.89 -78.55
N ARG H 1671 65.01 -17.56 -77.59
CA ARG H 1671 65.58 -18.87 -77.87
C ARG H 1671 64.49 -19.88 -78.21
N VAL H 1672 63.39 -19.85 -77.46
CA VAL H 1672 62.28 -20.76 -77.73
C VAL H 1672 61.63 -20.40 -79.07
N ALA H 1673 61.58 -19.11 -79.40
CA ALA H 1673 61.06 -18.71 -80.71
C ALA H 1673 61.93 -19.27 -81.83
N HIS H 1674 63.25 -19.19 -81.66
CA HIS H 1674 64.16 -19.76 -82.65
C HIS H 1674 63.95 -21.26 -82.78
N ALA H 1675 63.75 -21.94 -81.66
CA ALA H 1675 63.48 -23.38 -81.70
C ALA H 1675 62.18 -23.67 -82.44
N LEU H 1676 61.14 -22.89 -82.17
CA LEU H 1676 59.85 -23.08 -82.80
C LEU H 1676 59.87 -22.77 -84.29
N CYS H 1677 60.81 -21.93 -84.75
CA CYS H 1677 60.92 -21.71 -86.18
C CYS H 1677 61.22 -23.00 -86.93
N SER H 1678 61.87 -23.97 -86.27
CA SER H 1678 62.09 -25.26 -86.90
C SER H 1678 60.78 -26.02 -87.10
N HIS H 1679 59.91 -26.02 -86.10
CA HIS H 1679 58.66 -26.78 -86.16
C HIS H 1679 57.63 -26.11 -87.06
N VAL H 1680 57.54 -24.80 -87.01
CA VAL H 1680 56.60 -24.04 -87.83
C VAL H 1680 57.42 -23.10 -88.70
N ASP H 1681 57.55 -23.43 -89.97
CA ASP H 1681 58.36 -22.65 -90.89
C ASP H 1681 57.58 -21.46 -91.41
N GLU H 1682 58.31 -20.48 -91.95
CA GLU H 1682 57.66 -19.29 -92.47
C GLU H 1682 56.84 -19.58 -93.73
N PRO H 1683 57.18 -20.55 -94.60
CA PRO H 1683 56.23 -20.90 -95.66
C PRO H 1683 54.91 -21.43 -95.12
N GLN H 1684 54.95 -22.26 -94.07
CA GLN H 1684 53.71 -22.72 -93.46
C GLN H 1684 52.94 -21.55 -92.87
N LEU H 1685 53.63 -20.64 -92.19
CA LEU H 1685 52.97 -19.49 -91.61
C LEU H 1685 52.28 -18.66 -92.68
N LEU H 1686 52.98 -18.39 -93.79
CA LEU H 1686 52.40 -17.58 -94.86
C LEU H 1686 51.24 -18.30 -95.53
N TYR H 1687 51.35 -19.61 -95.71
CA TYR H 1687 50.24 -20.36 -96.30
C TYR H 1687 49.01 -20.29 -95.40
N ALA H 1688 49.22 -20.35 -94.08
CA ALA H 1688 48.11 -20.15 -93.15
C ALA H 1688 47.59 -18.72 -93.20
N ILE H 1689 48.49 -17.76 -93.42
CA ILE H 1689 48.09 -16.37 -93.60
C ILE H 1689 47.07 -16.26 -94.72
N GLU H 1690 47.39 -16.87 -95.86
CA GLU H 1690 46.67 -16.59 -97.10
C GLU H 1690 45.51 -17.54 -97.37
N ASN H 1691 45.54 -18.76 -96.85
CA ASN H 1691 44.56 -19.77 -97.23
C ASN H 1691 43.16 -19.36 -96.83
N LYS H 1692 42.21 -19.56 -97.74
CA LYS H 1692 40.83 -19.12 -97.56
C LYS H 1692 39.90 -20.25 -97.14
N TYR H 1693 40.42 -21.46 -96.96
CA TYR H 1693 39.61 -22.59 -96.52
C TYR H 1693 39.99 -23.13 -95.15
N MET H 1694 40.97 -22.50 -94.50
CA MET H 1694 41.46 -23.01 -93.23
C MET H 1694 40.38 -22.85 -92.15
N PRO H 1695 40.27 -23.82 -91.24
CA PRO H 1695 39.31 -23.68 -90.13
C PRO H 1695 39.63 -22.46 -89.29
N GLY H 1696 38.58 -21.89 -88.70
CA GLY H 1696 38.74 -20.64 -87.97
C GLY H 1696 39.68 -20.74 -86.79
N LEU H 1697 39.60 -21.85 -86.05
CA LEU H 1697 40.47 -22.02 -84.90
C LEU H 1697 41.94 -22.07 -85.32
N LEU H 1698 42.23 -22.82 -86.39
CA LEU H 1698 43.60 -22.91 -86.87
C LEU H 1698 44.07 -21.57 -87.41
N ARG H 1699 43.19 -20.84 -88.11
CA ARG H 1699 43.54 -19.50 -88.58
C ARG H 1699 43.92 -18.58 -87.43
N ALA H 1700 43.09 -18.52 -86.39
CA ALA H 1700 43.33 -17.68 -85.24
C ALA H 1700 44.55 -18.12 -84.45
N GLY H 1701 44.88 -19.41 -84.46
CA GLY H 1701 46.08 -19.86 -83.77
C GLY H 1701 47.34 -19.55 -84.57
N TYR H 1702 47.26 -19.68 -85.89
CA TYR H 1702 48.44 -19.48 -86.71
C TYR H 1702 48.79 -18.01 -86.83
N TYR H 1703 47.80 -17.11 -86.89
CA TYR H 1703 48.18 -15.71 -86.84
C TYR H 1703 48.81 -15.37 -85.49
N ASP H 1704 48.32 -15.99 -84.42
CA ASP H 1704 48.93 -15.77 -83.11
C ASP H 1704 50.37 -16.22 -83.08
N LEU H 1705 50.67 -17.39 -83.65
CA LEU H 1705 52.06 -17.82 -83.74
C LEU H 1705 52.89 -16.87 -84.58
N LEU H 1706 52.38 -16.43 -85.73
CA LEU H 1706 53.15 -15.52 -86.57
C LEU H 1706 53.45 -14.21 -85.83
N ILE H 1707 52.52 -13.76 -85.00
CA ILE H 1707 52.75 -12.55 -84.21
C ILE H 1707 53.75 -12.80 -83.09
N ASP H 1708 53.61 -13.89 -82.36
CA ASP H 1708 54.43 -14.11 -81.18
C ASP H 1708 55.87 -14.47 -81.54
N ILE H 1709 56.09 -15.34 -82.53
CA ILE H 1709 57.45 -15.74 -82.89
C ILE H 1709 58.26 -14.60 -83.46
N HIS H 1710 57.65 -13.67 -84.19
CA HIS H 1710 58.42 -12.70 -84.96
C HIS H 1710 58.19 -11.26 -84.55
N LEU H 1711 56.96 -10.91 -84.20
CA LEU H 1711 56.57 -9.51 -84.10
C LEU H 1711 56.30 -9.04 -82.67
N SER H 1712 56.02 -9.96 -81.76
CA SER H 1712 55.53 -9.58 -80.43
C SER H 1712 56.56 -8.77 -79.66
N SER H 1713 57.84 -9.15 -79.74
CA SER H 1713 58.86 -8.47 -78.96
C SER H 1713 59.00 -7.01 -79.35
N TYR H 1714 59.16 -6.75 -80.64
CA TYR H 1714 59.26 -5.36 -81.09
C TYR H 1714 57.96 -4.61 -80.85
N ALA H 1715 56.82 -5.26 -81.04
CA ALA H 1715 55.55 -4.59 -80.81
C ALA H 1715 55.42 -4.14 -79.35
N THR H 1716 55.79 -5.01 -78.41
CA THR H 1716 55.65 -4.63 -77.00
C THR H 1716 56.72 -3.62 -76.60
N ALA H 1717 57.90 -3.66 -77.21
CA ALA H 1717 58.88 -2.61 -76.94
C ALA H 1717 58.36 -1.25 -77.39
N ARG H 1718 57.79 -1.19 -78.59
CA ARG H 1718 57.22 0.06 -79.07
C ARG H 1718 56.06 0.52 -78.19
N LEU H 1719 55.21 -0.41 -77.74
CA LEU H 1719 54.12 -0.03 -76.85
C LEU H 1719 54.60 0.49 -75.51
N MET H 1720 55.66 -0.10 -74.93
CA MET H 1720 56.21 0.44 -73.70
C MET H 1720 56.85 1.81 -73.89
N MET H 1721 57.43 2.08 -75.05
CA MET H 1721 58.07 3.37 -75.27
C MET H 1721 57.13 4.37 -75.93
N ASN H 1722 55.87 3.97 -76.13
CA ASN H 1722 54.88 4.80 -76.80
C ASN H 1722 54.60 6.13 -76.10
N ASN H 1723 54.34 6.12 -74.79
CA ASN H 1723 53.84 7.29 -74.10
C ASN H 1723 54.92 8.26 -73.65
N GLU H 1724 56.17 7.98 -73.98
CA GLU H 1724 57.30 8.82 -73.56
C GLU H 1724 57.96 9.38 -74.80
N TYR H 1725 57.89 10.70 -74.96
CA TYR H 1725 58.36 11.37 -76.18
C TYR H 1725 59.71 12.01 -75.90
N ILE H 1726 60.77 11.40 -76.42
CA ILE H 1726 62.10 12.00 -76.41
C ILE H 1726 62.43 12.37 -77.85
N VAL H 1727 62.52 13.67 -78.13
CA VAL H 1727 62.66 14.17 -79.49
C VAL H 1727 64.00 14.90 -79.60
N PRO H 1728 64.87 14.49 -80.51
CA PRO H 1728 66.11 15.24 -80.73
C PRO H 1728 65.83 16.61 -81.30
N MET H 1729 66.72 17.56 -81.02
CA MET H 1729 66.59 18.91 -81.53
C MET H 1729 67.59 19.12 -82.66
N THR H 1730 67.13 18.79 -83.86
CA THR H 1730 67.97 18.72 -85.04
C THR H 1730 67.25 19.38 -86.21
N GLU H 1731 68.01 19.65 -87.28
CA GLU H 1731 67.48 20.38 -88.43
C GLU H 1731 66.23 19.71 -89.00
N GLU H 1732 66.19 18.38 -89.03
CA GLU H 1732 65.00 17.70 -89.51
C GLU H 1732 63.82 17.91 -88.55
N THR H 1733 64.10 18.01 -87.25
CA THR H 1733 63.05 18.31 -86.28
C THR H 1733 62.52 19.73 -86.43
N LYS H 1734 63.39 20.67 -86.83
CA LYS H 1734 62.96 22.06 -86.96
C LYS H 1734 61.86 22.23 -87.99
N SER H 1735 61.81 21.38 -89.01
CA SER H 1735 60.90 21.59 -90.11
C SER H 1735 59.46 21.23 -89.76
N ILE H 1736 59.25 20.47 -88.69
CA ILE H 1736 57.93 19.95 -88.34
C ILE H 1736 56.99 21.09 -87.99
N THR H 1737 55.78 21.06 -88.55
CA THR H 1737 54.75 22.05 -88.28
C THR H 1737 53.42 21.35 -88.01
N LEU H 1738 52.55 22.03 -87.27
CA LEU H 1738 51.24 21.47 -86.96
C LEU H 1738 50.43 21.22 -88.23
N PHE H 1739 50.43 22.17 -89.14
CA PHE H 1739 49.59 22.01 -90.32
C PHE H 1739 50.45 21.99 -91.57
N PRO H 1740 50.18 21.07 -92.51
CA PRO H 1740 51.06 20.93 -93.68
C PRO H 1740 51.17 22.18 -94.53
N ASP H 1741 50.11 22.96 -94.66
CA ASP H 1741 50.11 24.11 -95.56
C ASP H 1741 49.40 25.28 -94.87
N GLU H 1742 49.19 26.35 -95.64
CA GLU H 1742 48.50 27.52 -95.10
C GLU H 1742 47.07 27.21 -94.70
N ASN H 1743 46.36 26.44 -95.51
CA ASN H 1743 45.03 25.99 -95.13
C ASN H 1743 45.13 25.09 -93.91
N LYS H 1744 44.43 25.48 -92.84
CA LYS H 1744 44.52 24.77 -91.57
C LYS H 1744 43.69 23.48 -91.65
N LYS H 1745 44.18 22.58 -92.51
CA LYS H 1745 43.56 21.28 -92.71
C LYS H 1745 44.48 20.21 -92.15
N HIS H 1746 43.92 19.33 -91.32
CA HIS H 1746 44.71 18.27 -90.72
C HIS H 1746 45.25 17.33 -91.79
N GLY H 1747 46.53 17.00 -91.69
CA GLY H 1747 47.09 15.96 -92.51
C GLY H 1747 46.59 14.60 -92.09
N LEU H 1748 46.76 13.63 -92.97
CA LEU H 1748 46.32 12.28 -92.67
C LEU H 1748 47.12 11.75 -91.49
N PRO H 1749 46.47 11.12 -90.51
CA PRO H 1749 47.20 10.64 -89.33
C PRO H 1749 48.30 9.65 -89.70
N GLY H 1750 49.42 9.75 -89.01
CA GLY H 1750 50.55 8.88 -89.28
C GLY H 1750 51.49 9.36 -90.36
N ILE H 1751 50.94 9.79 -91.50
CA ILE H 1751 51.78 10.28 -92.58
C ILE H 1751 52.47 11.57 -92.15
N GLY H 1752 53.77 11.62 -92.35
CA GLY H 1752 54.53 12.81 -92.03
C GLY H 1752 55.93 12.45 -91.58
N LEU H 1753 56.66 13.46 -91.14
CA LEU H 1753 58.02 13.29 -90.64
C LEU H 1753 57.99 13.37 -89.12
N SER H 1754 58.30 12.26 -88.47
CA SER H 1754 58.39 12.19 -87.02
C SER H 1754 59.83 11.93 -86.63
N THR H 1755 60.37 12.77 -85.76
CA THR H 1755 61.77 12.70 -85.36
C THR H 1755 61.97 12.18 -83.96
N SER H 1756 60.91 11.86 -83.23
CA SER H 1756 61.04 11.39 -81.85
C SER H 1756 61.81 10.08 -81.82
N LEU H 1757 62.62 9.90 -80.78
CA LEU H 1757 63.45 8.71 -80.68
C LEU H 1757 62.58 7.47 -80.56
N ARG H 1758 62.98 6.42 -81.25
CA ARG H 1758 62.21 5.20 -81.39
C ARG H 1758 63.12 4.00 -81.20
N PRO H 1759 62.64 2.95 -80.55
CA PRO H 1759 63.49 1.76 -80.33
C PRO H 1759 63.95 1.13 -81.63
N ARG H 1760 65.16 0.60 -81.60
CA ARG H 1760 65.74 -0.06 -82.76
C ARG H 1760 65.02 -1.38 -83.05
N MET H 1761 64.95 -1.72 -84.33
CA MET H 1761 64.39 -2.99 -84.78
C MET H 1761 65.52 -3.87 -85.31
N GLN H 1762 65.78 -4.97 -84.62
CA GLN H 1762 66.85 -5.89 -84.98
C GLN H 1762 66.34 -7.32 -84.92
N PHE H 1763 66.68 -8.12 -85.92
CA PHE H 1763 66.24 -9.50 -86.02
C PHE H 1763 67.43 -10.39 -86.32
N SER H 1764 67.31 -11.67 -85.96
CA SER H 1764 68.39 -12.64 -86.14
C SER H 1764 67.89 -13.76 -87.04
N SER H 1765 68.74 -14.20 -87.96
CA SER H 1765 68.36 -15.27 -88.87
C SER H 1765 68.31 -16.60 -88.11
N PRO H 1766 67.22 -17.35 -88.22
CA PRO H 1766 67.10 -18.60 -87.46
C PRO H 1766 67.68 -19.80 -88.21
N SER H 1767 69.00 -19.94 -88.19
CA SER H 1767 69.67 -21.08 -88.82
C SER H 1767 70.22 -22.00 -87.75
N PHE H 1768 70.06 -23.31 -87.95
CA PHE H 1768 70.49 -24.30 -86.98
C PHE H 1768 71.82 -24.95 -87.33
N VAL H 1769 72.34 -24.74 -88.54
CA VAL H 1769 73.67 -25.22 -88.85
C VAL H 1769 74.71 -24.35 -88.18
N SER H 1770 74.38 -23.10 -87.90
CA SER H 1770 75.31 -22.23 -87.17
C SER H 1770 75.44 -22.69 -85.74
N ILE H 1771 76.55 -22.31 -85.11
CA ILE H 1771 76.89 -22.79 -83.77
C ILE H 1771 76.81 -21.71 -82.70
N SER H 1772 77.03 -20.45 -83.06
CA SER H 1772 77.03 -19.37 -82.07
C SER H 1772 75.66 -19.22 -81.43
N ASN H 1773 75.66 -18.97 -80.12
CA ASN H 1773 74.42 -18.85 -79.37
C ASN H 1773 73.88 -17.43 -79.34
N GLU H 1774 74.68 -16.43 -79.72
CA GLU H 1774 74.21 -15.05 -79.71
C GLU H 1774 73.05 -14.84 -80.66
N CYS H 1775 72.92 -15.67 -81.70
CA CYS H 1775 71.78 -15.60 -82.59
C CYS H 1775 70.46 -15.86 -81.88
N TYR H 1776 70.49 -16.49 -80.71
CA TYR H 1776 69.27 -16.62 -79.93
C TYR H 1776 68.74 -15.25 -79.52
N GLN H 1777 69.63 -14.30 -79.26
CA GLN H 1777 69.19 -12.94 -79.02
C GLN H 1777 68.48 -12.40 -80.26
N TYR H 1778 67.49 -11.54 -80.04
CA TYR H 1778 66.68 -10.91 -81.08
C TYR H 1778 65.66 -11.88 -81.63
N SER H 1779 64.49 -11.39 -82.00
CA SER H 1779 63.44 -12.23 -82.54
C SER H 1779 63.82 -12.71 -83.94
N PRO H 1780 63.37 -13.89 -84.34
CA PRO H 1780 63.72 -14.41 -85.68
C PRO H 1780 63.20 -13.52 -86.80
N GLU H 1781 63.95 -13.46 -87.89
CA GLU H 1781 63.62 -12.63 -89.02
C GLU H 1781 62.42 -13.20 -89.79
N PHE H 1782 61.66 -12.31 -90.41
CA PHE H 1782 60.51 -12.66 -91.21
C PHE H 1782 60.47 -11.76 -92.44
N PRO H 1783 59.90 -12.24 -93.55
CA PRO H 1783 59.74 -11.37 -94.73
C PRO H 1783 58.68 -10.32 -94.52
N LEU H 1784 59.04 -9.24 -93.84
CA LEU H 1784 58.08 -8.22 -93.44
C LEU H 1784 57.43 -7.52 -94.62
N ASP H 1785 58.16 -7.26 -95.71
CA ASP H 1785 57.56 -6.61 -96.86
C ASP H 1785 56.47 -7.47 -97.49
N ILE H 1786 56.76 -8.76 -97.69
CA ILE H 1786 55.76 -9.68 -98.26
C ILE H 1786 54.58 -9.81 -97.31
N LEU H 1787 54.86 -9.88 -96.01
CA LEU H 1787 53.78 -9.97 -95.03
C LEU H 1787 52.89 -8.73 -95.09
N LYS H 1788 53.49 -7.55 -95.20
CA LYS H 1788 52.71 -6.32 -95.30
C LYS H 1788 51.86 -6.30 -96.56
N SER H 1789 52.45 -6.68 -97.69
CA SER H 1789 51.69 -6.69 -98.94
C SER H 1789 50.51 -7.65 -98.87
N LYS H 1790 50.73 -8.86 -98.35
CA LYS H 1790 49.64 -9.81 -98.20
C LYS H 1790 48.59 -9.32 -97.22
N THR H 1791 49.00 -8.67 -96.13
CA THR H 1791 48.03 -8.14 -95.18
C THR H 1791 47.14 -7.08 -95.82
N ILE H 1792 47.74 -6.15 -96.57
CA ILE H 1792 46.93 -5.14 -97.25
C ILE H 1792 45.98 -5.78 -98.26
N GLN H 1793 46.50 -6.73 -99.05
CA GLN H 1793 45.67 -7.39 -100.04
C GLN H 1793 44.48 -8.10 -99.40
N MET H 1794 44.75 -8.85 -98.32
CA MET H 1794 43.68 -9.63 -97.70
C MET H 1794 42.69 -8.73 -96.99
N LEU H 1795 43.16 -7.63 -96.41
CA LEU H 1795 42.22 -6.68 -95.82
C LEU H 1795 41.30 -6.10 -96.89
N THR H 1796 41.86 -5.73 -98.04
CA THR H 1796 41.03 -5.19 -99.11
C THR H 1796 40.01 -6.21 -99.58
N GLU H 1797 40.45 -7.45 -99.82
CA GLU H 1797 39.52 -8.49 -100.26
C GLU H 1797 38.47 -8.78 -99.21
N ALA H 1798 38.85 -8.81 -97.94
CA ALA H 1798 37.91 -9.08 -96.88
C ALA H 1798 36.85 -7.99 -96.78
N VAL H 1799 37.27 -6.73 -96.92
CA VAL H 1799 36.29 -5.64 -96.91
C VAL H 1799 35.33 -5.77 -98.08
N LYS H 1800 35.87 -6.06 -99.27
CA LYS H 1800 34.99 -6.17 -100.45
C LYS H 1800 34.01 -7.33 -100.30
N GLU H 1801 34.47 -8.46 -99.76
CA GLU H 1801 33.59 -9.61 -99.59
C GLU H 1801 32.55 -9.34 -98.49
N GLY H 1802 32.99 -8.83 -97.34
CA GLY H 1802 32.06 -8.60 -96.24
C GLY H 1802 31.08 -7.49 -96.51
N SER H 1803 31.36 -6.64 -97.49
CA SER H 1803 30.41 -5.63 -97.91
C SER H 1803 29.13 -6.23 -98.49
N LEU H 1804 29.15 -7.52 -98.81
CA LEU H 1804 27.96 -8.23 -99.31
C LEU H 1804 27.41 -9.21 -98.28
N HIS H 1805 28.09 -9.38 -97.14
CA HIS H 1805 27.68 -10.34 -96.12
C HIS H 1805 27.50 -11.74 -96.69
N ALA H 1806 28.57 -12.31 -97.22
CA ALA H 1806 28.50 -13.63 -97.82
C ALA H 1806 28.22 -14.69 -96.75
N ARG H 1807 27.67 -15.81 -97.19
CA ARG H 1807 27.36 -16.94 -96.32
C ARG H 1807 28.58 -17.79 -96.01
N ASP H 1808 29.72 -17.50 -96.62
CA ASP H 1808 30.93 -18.30 -96.46
C ASP H 1808 32.12 -17.41 -96.08
N PRO H 1809 32.13 -16.88 -94.87
CA PRO H 1809 33.31 -16.11 -94.43
C PRO H 1809 34.50 -17.02 -94.23
N VAL H 1810 35.69 -16.46 -94.38
CA VAL H 1810 36.90 -17.23 -94.15
C VAL H 1810 37.00 -17.59 -92.68
N GLY H 1811 37.18 -18.88 -92.40
CA GLY H 1811 37.20 -19.36 -91.04
C GLY H 1811 35.86 -19.75 -90.47
N GLY H 1812 34.77 -19.51 -91.21
CA GLY H 1812 33.45 -19.90 -90.78
C GLY H 1812 32.62 -18.78 -90.17
N THR H 1813 33.25 -17.76 -89.60
CA THR H 1813 32.53 -16.65 -89.00
C THR H 1813 33.22 -15.34 -89.36
N THR H 1814 32.46 -14.26 -89.28
CA THR H 1814 33.03 -12.93 -89.48
C THR H 1814 34.13 -12.66 -88.47
N GLU H 1815 33.98 -13.16 -87.24
CA GLU H 1815 35.03 -13.01 -86.25
C GLU H 1815 36.32 -13.67 -86.72
N PHE H 1816 36.23 -14.93 -87.15
CA PHE H 1816 37.42 -15.63 -87.61
C PHE H 1816 38.01 -14.97 -88.85
N LEU H 1817 37.18 -14.32 -89.65
CA LEU H 1817 37.70 -13.62 -90.82
C LEU H 1817 38.45 -12.36 -90.44
N PHE H 1818 37.90 -11.56 -89.53
CA PHE H 1818 38.40 -10.21 -89.30
C PHE H 1818 39.29 -10.06 -88.07
N VAL H 1819 38.90 -10.63 -86.93
CA VAL H 1819 39.67 -10.44 -85.71
C VAL H 1819 41.13 -10.83 -85.87
N PRO H 1820 41.46 -12.00 -86.42
CA PRO H 1820 42.88 -12.32 -86.60
C PRO H 1820 43.58 -11.43 -87.62
N LEU H 1821 42.91 -11.13 -88.74
CA LEU H 1821 43.48 -10.26 -89.75
C LEU H 1821 43.77 -8.87 -89.20
N ILE H 1822 42.76 -8.26 -88.55
CA ILE H 1822 42.95 -6.94 -87.95
C ILE H 1822 43.96 -6.97 -86.82
N LYS H 1823 44.07 -8.07 -86.07
CA LYS H 1823 45.13 -8.21 -85.09
C LYS H 1823 46.52 -8.15 -85.71
N LEU H 1824 46.76 -8.91 -86.78
CA LEU H 1824 48.04 -8.83 -87.47
C LEU H 1824 48.30 -7.44 -88.03
N PHE H 1825 47.26 -6.83 -88.61
CA PHE H 1825 47.39 -5.49 -89.17
C PHE H 1825 47.76 -4.47 -88.09
N TYR H 1826 47.10 -4.56 -86.94
CA TYR H 1826 47.40 -3.66 -85.83
C TYR H 1826 48.81 -3.89 -85.30
N THR H 1827 49.25 -5.13 -85.20
CA THR H 1827 50.63 -5.38 -84.78
C THR H 1827 51.63 -4.77 -85.73
N LEU H 1828 51.42 -4.93 -87.04
CA LEU H 1828 52.32 -4.34 -88.02
C LEU H 1828 52.31 -2.82 -87.93
N LEU H 1829 51.13 -2.23 -87.74
CA LEU H 1829 51.05 -0.78 -87.61
C LEU H 1829 51.79 -0.30 -86.36
N ILE H 1830 51.64 -1.03 -85.26
CA ILE H 1830 52.34 -0.67 -84.03
C ILE H 1830 53.84 -0.71 -84.25
N MET H 1831 54.33 -1.76 -84.92
CA MET H 1831 55.75 -1.84 -85.19
C MET H 1831 56.21 -0.73 -86.13
N GLY H 1832 55.33 -0.28 -87.02
CA GLY H 1832 55.65 0.83 -87.90
C GLY H 1832 56.17 0.45 -89.26
N ILE H 1833 55.88 -0.77 -89.74
CA ILE H 1833 56.34 -1.19 -91.06
C ILE H 1833 55.68 -0.36 -92.15
N PHE H 1834 54.40 -0.07 -91.98
CA PHE H 1834 53.64 0.65 -93.00
C PHE H 1834 54.25 2.02 -93.26
N HIS H 1835 54.35 2.40 -94.53
CA HIS H 1835 55.02 3.63 -94.93
C HIS H 1835 54.18 4.38 -95.94
N ASN H 1836 53.74 5.58 -95.56
CA ASN H 1836 53.20 6.57 -96.49
C ASN H 1836 52.04 6.05 -97.34
N GLU H 1837 52.34 5.55 -98.54
CA GLU H 1837 51.30 5.15 -99.46
C GLU H 1837 50.49 3.97 -98.93
N ASP H 1838 51.18 3.00 -98.30
CA ASP H 1838 50.46 1.88 -97.69
C ASP H 1838 49.56 2.35 -96.57
N LEU H 1839 50.04 3.31 -95.77
CA LEU H 1839 49.22 3.89 -94.71
C LEU H 1839 48.01 4.60 -95.30
N LYS H 1840 48.19 5.27 -96.43
CA LYS H 1840 47.06 5.91 -97.10
C LYS H 1840 46.03 4.89 -97.56
N HIS H 1841 46.49 3.78 -98.15
CA HIS H 1841 45.56 2.77 -98.62
C HIS H 1841 44.81 2.11 -97.47
N ILE H 1842 45.50 1.79 -96.37
CA ILE H 1842 44.81 1.20 -95.24
C ILE H 1842 43.87 2.18 -94.57
N LEU H 1843 44.22 3.48 -94.53
CA LEU H 1843 43.28 4.47 -94.03
C LEU H 1843 42.05 4.60 -94.91
N GLN H 1844 42.22 4.51 -96.23
CA GLN H 1844 41.07 4.52 -97.12
C GLN H 1844 40.20 3.29 -96.90
N LEU H 1845 40.82 2.14 -96.65
CA LEU H 1845 40.05 0.96 -96.28
C LEU H 1845 39.27 1.18 -94.99
N ILE H 1846 39.90 1.84 -94.02
CA ILE H 1846 39.23 2.13 -92.75
C ILE H 1846 38.02 3.03 -92.98
N GLU H 1847 38.21 4.14 -93.68
CA GLU H 1847 37.12 5.06 -93.98
C GLU H 1847 37.44 5.85 -95.24
N PRO H 1848 36.77 5.56 -96.35
CA PRO H 1848 37.09 6.27 -97.60
C PRO H 1848 36.74 7.75 -97.56
N SER H 1849 35.77 8.14 -96.74
CA SER H 1849 35.27 9.51 -96.78
C SER H 1849 36.24 10.47 -96.09
N VAL H 1850 36.59 10.17 -94.84
CA VAL H 1850 37.38 11.11 -94.04
C VAL H 1850 38.79 11.23 -94.59
N PHE H 1851 39.40 10.10 -94.96
CA PHE H 1851 40.83 10.07 -95.29
C PHE H 1851 41.10 10.17 -96.79
N LYS H 1852 40.14 10.62 -97.58
CA LYS H 1852 40.44 10.92 -98.97
C LYS H 1852 41.33 12.16 -99.04
N GLU H 1853 42.38 12.06 -99.86
CA GLU H 1853 43.38 13.11 -99.88
C GLU H 1853 42.87 14.35 -100.60
N ALA H 1854 43.09 15.51 -99.98
CA ALA H 1854 42.64 16.78 -100.56
C ALA H 1854 43.83 17.73 -100.72
N PRO H 1889 29.21 5.45 -102.04
CA PRO H 1889 29.14 4.03 -102.39
C PRO H 1889 30.01 3.17 -101.50
N LYS H 1890 31.32 3.39 -101.55
CA LYS H 1890 32.25 2.60 -100.75
C LYS H 1890 32.09 2.92 -99.27
N GLU H 1891 32.01 1.88 -98.45
CA GLU H 1891 31.91 2.02 -97.00
C GLU H 1891 33.12 1.36 -96.35
N GLY H 1892 33.75 2.07 -95.42
CA GLY H 1892 34.89 1.54 -94.71
C GLY H 1892 34.49 0.57 -93.63
N LEU H 1893 35.50 0.05 -92.93
CA LEU H 1893 35.26 -0.94 -91.89
C LEU H 1893 34.40 -0.39 -90.77
N LEU H 1894 34.40 0.93 -90.56
CA LEU H 1894 33.73 1.50 -89.41
C LEU H 1894 32.22 1.29 -89.46
N GLN H 1895 31.65 1.26 -90.66
CA GLN H 1895 30.20 1.22 -90.83
C GLN H 1895 29.73 -0.02 -91.59
N MET H 1896 30.27 -1.18 -91.24
CA MET H 1896 29.89 -2.43 -91.90
C MET H 1896 29.16 -3.40 -90.95
N LYS H 1897 28.61 -2.89 -89.86
CA LYS H 1897 27.87 -3.71 -88.89
C LYS H 1897 28.75 -4.86 -88.41
N LEU H 1898 29.79 -4.50 -87.70
CA LEU H 1898 30.85 -5.41 -87.28
C LEU H 1898 30.49 -6.09 -85.96
N PRO H 1899 31.02 -7.29 -85.71
CA PRO H 1899 30.84 -7.93 -84.41
C PRO H 1899 31.62 -7.20 -83.33
N GLU H 1900 31.29 -7.53 -82.08
CA GLU H 1900 31.94 -6.88 -80.95
C GLU H 1900 33.44 -7.14 -80.87
N PRO H 1901 33.95 -8.37 -81.04
CA PRO H 1901 35.42 -8.55 -81.03
C PRO H 1901 36.11 -7.73 -82.09
N VAL H 1902 35.50 -7.59 -83.27
CA VAL H 1902 36.10 -6.77 -84.32
C VAL H 1902 36.04 -5.30 -83.93
N LYS H 1903 34.95 -4.88 -83.31
CA LYS H 1903 34.83 -3.51 -82.83
C LYS H 1903 35.92 -3.16 -81.83
N LEU H 1904 36.27 -4.10 -80.95
CA LEU H 1904 37.32 -3.82 -79.97
C LEU H 1904 38.67 -3.54 -80.65
N GLN H 1905 39.05 -4.36 -81.62
CA GLN H 1905 40.29 -4.12 -82.34
C GLN H 1905 40.23 -2.86 -83.18
N MET H 1906 39.07 -2.52 -83.72
CA MET H 1906 38.95 -1.26 -84.45
C MET H 1906 39.13 -0.08 -83.49
N CYS H 1907 38.63 -0.20 -82.27
CA CYS H 1907 38.88 0.81 -81.25
C CYS H 1907 40.37 0.93 -80.96
N LEU H 1908 41.07 -0.21 -80.90
CA LEU H 1908 42.51 -0.16 -80.71
C LEU H 1908 43.20 0.58 -81.84
N LEU H 1909 42.77 0.33 -83.08
CA LEU H 1909 43.35 1.02 -84.23
C LEU H 1909 43.14 2.53 -84.12
N LEU H 1910 41.92 2.94 -83.78
CA LEU H 1910 41.63 4.36 -83.62
C LEU H 1910 42.45 4.97 -82.49
N GLN H 1911 42.66 4.22 -81.41
CA GLN H 1911 43.53 4.68 -80.33
C GLN H 1911 44.95 4.91 -80.83
N TYR H 1912 45.47 4.01 -81.66
CA TYR H 1912 46.80 4.22 -82.22
C TYR H 1912 46.86 5.47 -83.07
N LEU H 1913 45.82 5.71 -83.88
CA LEU H 1913 45.80 6.91 -84.71
C LEU H 1913 45.80 8.18 -83.84
N CYS H 1914 45.01 8.17 -82.76
CA CYS H 1914 44.99 9.31 -81.86
C CYS H 1914 46.36 9.52 -81.21
N ASP H 1915 47.03 8.43 -80.83
CA ASP H 1915 48.36 8.55 -80.25
C ASP H 1915 49.34 9.15 -81.25
N CYS H 1916 49.22 8.76 -82.52
CA CYS H 1916 50.07 9.35 -83.56
C CYS H 1916 49.83 10.84 -83.66
N GLN H 1917 48.56 11.26 -83.61
CA GLN H 1917 48.26 12.69 -83.65
C GLN H 1917 48.88 13.43 -82.47
N VAL H 1918 48.79 12.85 -81.27
CA VAL H 1918 49.37 13.49 -80.08
C VAL H 1918 50.87 13.62 -80.22
N ARG H 1919 51.53 12.56 -80.72
CA ARG H 1919 52.98 12.64 -80.90
C ARG H 1919 53.35 13.71 -81.93
N HIS H 1920 52.57 13.82 -83.00
CA HIS H 1920 52.83 14.88 -83.98
C HIS H 1920 52.70 16.25 -83.34
N ARG H 1921 51.67 16.44 -82.51
CA ARG H 1921 51.51 17.72 -81.82
C ARG H 1921 52.70 18.01 -80.92
N ILE H 1922 53.17 17.01 -80.18
CA ILE H 1922 54.29 17.23 -79.27
C ILE H 1922 55.55 17.61 -80.05
N GLU H 1923 55.81 16.91 -81.16
CA GLU H 1923 56.95 17.28 -81.98
C GLU H 1923 56.83 18.68 -82.56
N ALA H 1924 55.63 19.09 -82.98
CA ALA H 1924 55.46 20.45 -83.49
C ALA H 1924 55.72 21.49 -82.40
N ILE H 1925 55.23 21.23 -81.18
CA ILE H 1925 55.51 22.14 -80.08
C ILE H 1925 57.01 22.23 -79.81
N VAL H 1926 57.71 21.10 -79.78
CA VAL H 1926 59.16 21.14 -79.61
C VAL H 1926 59.86 21.90 -80.74
N ALA H 1927 59.42 21.72 -81.98
CA ALA H 1927 59.99 22.46 -83.10
C ALA H 1927 59.81 23.97 -82.95
N PHE H 1928 58.62 24.40 -82.53
CA PHE H 1928 58.40 25.83 -82.27
C PHE H 1928 59.27 26.31 -81.11
N SER H 1929 59.47 25.46 -80.11
CA SER H 1929 60.24 25.83 -78.93
C SER H 1929 61.63 26.33 -79.32
N ASP H 1930 62.23 25.72 -80.34
CA ASP H 1930 63.59 26.11 -80.74
C ASP H 1930 63.70 27.59 -81.02
N ASP H 1931 63.01 28.07 -82.06
CA ASP H 1931 63.16 29.48 -82.40
C ASP H 1931 62.52 30.39 -81.36
N PHE H 1932 61.45 29.94 -80.70
CA PHE H 1932 60.87 30.80 -79.67
C PHE H 1932 61.86 31.07 -78.55
N VAL H 1933 62.50 30.03 -78.02
CA VAL H 1933 63.46 30.23 -76.95
C VAL H 1933 64.73 30.89 -77.45
N ALA H 1934 65.09 30.68 -78.72
CA ALA H 1934 66.24 31.39 -79.25
C ALA H 1934 66.01 32.90 -79.24
N LYS H 1935 64.86 33.34 -79.74
CA LYS H 1935 64.53 34.76 -79.69
C LYS H 1935 64.38 35.26 -78.25
N LEU H 1936 63.77 34.46 -77.38
CA LEU H 1936 63.62 34.86 -75.99
C LEU H 1936 64.96 35.04 -75.28
N GLN H 1937 65.90 34.11 -75.48
CA GLN H 1937 67.24 34.25 -74.94
C GLN H 1937 67.99 35.43 -75.52
N ASP H 1938 67.90 35.65 -76.83
CA ASP H 1938 68.53 36.83 -77.41
C ASP H 1938 67.99 38.12 -76.81
N ASN H 1939 66.67 38.22 -76.65
CA ASN H 1939 66.10 39.44 -76.12
C ASN H 1939 66.44 39.60 -74.64
N GLN H 1940 66.50 38.49 -73.89
CA GLN H 1940 66.89 38.60 -72.49
C GLN H 1940 68.34 39.07 -72.35
N ARG H 1941 69.23 38.55 -73.21
CA ARG H 1941 70.61 39.05 -73.19
C ARG H 1941 70.67 40.51 -73.56
N PHE H 1942 69.87 40.93 -74.55
CA PHE H 1942 69.84 42.33 -74.94
C PHE H 1942 69.36 43.21 -73.79
N ARG H 1943 68.30 42.79 -73.10
CA ARG H 1943 67.78 43.56 -71.97
C ARG H 1943 68.81 43.62 -70.85
N TYR H 1944 69.48 42.51 -70.58
CA TYR H 1944 70.54 42.51 -69.57
C TYR H 1944 71.64 43.50 -69.90
N ASN H 1945 72.19 43.43 -71.11
CA ASN H 1945 73.25 44.32 -71.54
C ASN H 1945 72.80 45.77 -71.66
N GLU H 1946 71.51 46.01 -71.83
CA GLU H 1946 70.98 47.37 -71.78
C GLU H 1946 70.91 47.90 -70.36
N VAL H 1947 70.40 47.08 -69.42
CA VAL H 1947 70.30 47.50 -68.03
C VAL H 1947 71.64 47.65 -67.36
N MET H 1948 72.67 46.90 -67.78
CA MET H 1948 73.97 47.01 -67.15
C MET H 1948 74.57 48.41 -67.22
N GLN H 1949 74.14 49.23 -68.17
CA GLN H 1949 74.59 50.62 -68.19
C GLN H 1949 73.95 51.45 -67.09
N ALA H 1950 72.75 51.07 -66.66
CA ALA H 1950 72.02 51.80 -65.63
C ALA H 1950 72.30 51.29 -64.22
N LEU H 1951 73.15 50.28 -64.09
CA LEU H 1951 73.49 49.77 -62.76
C LEU H 1951 74.17 50.84 -61.91
N ASN H 1952 75.12 51.57 -62.50
CA ASN H 1952 75.75 52.67 -61.78
C ASN H 1952 74.79 53.84 -61.61
N MET H 1953 73.86 54.01 -62.55
CA MET H 1953 72.95 55.14 -62.50
C MET H 1953 71.95 55.01 -61.36
N SER H 1954 71.41 53.82 -61.15
CA SER H 1954 70.39 53.59 -60.14
C SER H 1954 70.89 52.55 -59.15
N ALA H 1955 70.97 52.93 -57.86
CA ALA H 1955 71.37 51.99 -56.83
C ALA H 1955 70.25 51.03 -56.45
N ALA H 1956 69.01 51.52 -56.42
CA ALA H 1956 67.88 50.65 -56.11
C ALA H 1956 67.63 49.65 -57.23
N LEU H 1957 68.16 49.93 -58.43
CA LEU H 1957 67.93 49.07 -59.59
C LEU H 1957 68.34 47.63 -59.31
N THR H 1958 69.43 47.44 -58.57
CA THR H 1958 69.91 46.11 -58.22
C THR H 1958 68.96 45.37 -57.29
N ALA H 1959 67.96 46.06 -56.76
CA ALA H 1959 66.94 45.43 -55.93
C ALA H 1959 65.55 45.45 -56.54
N ARG H 1960 65.29 46.29 -57.53
CA ARG H 1960 63.95 46.40 -58.12
C ARG H 1960 63.88 45.95 -59.58
N LYS H 1961 64.87 46.29 -60.40
CA LYS H 1961 64.78 45.94 -61.82
C LYS H 1961 65.55 44.66 -62.12
N THR H 1962 66.73 44.49 -61.55
CA THR H 1962 67.51 43.29 -61.75
C THR H 1962 67.00 42.15 -60.87
N LYS H 1963 65.77 41.72 -61.16
CA LYS H 1963 65.16 40.58 -60.49
C LYS H 1963 65.02 39.37 -61.40
N GLU H 1964 64.70 39.57 -62.67
CA GLU H 1964 64.58 38.46 -63.60
C GLU H 1964 65.91 37.76 -63.79
N PHE H 1965 67.00 38.52 -63.94
CA PHE H 1965 68.31 37.92 -64.16
C PHE H 1965 68.80 37.15 -62.94
N ARG H 1966 68.39 37.57 -61.74
CA ARG H 1966 68.75 36.86 -60.51
C ARG H 1966 67.74 35.80 -60.13
N SER H 1967 66.61 35.73 -60.82
CA SER H 1967 65.54 34.82 -60.46
C SER H 1967 65.85 33.39 -60.89
N PRO H 1968 65.29 32.39 -60.21
CA PRO H 1968 65.54 30.99 -60.57
C PRO H 1968 65.13 30.70 -62.00
N PRO H 1969 65.87 29.84 -62.71
CA PRO H 1969 65.68 29.73 -64.17
C PRO H 1969 64.27 29.37 -64.57
N GLN H 1970 63.60 28.50 -63.81
CA GLN H 1970 62.22 28.16 -64.11
C GLN H 1970 61.31 29.37 -63.90
N GLU H 1971 61.55 30.13 -62.84
CA GLU H 1971 60.65 31.24 -62.54
C GLU H 1971 60.92 32.42 -63.47
N GLN H 1972 62.12 32.46 -64.08
CA GLN H 1972 62.38 33.44 -65.12
C GLN H 1972 61.45 33.26 -66.31
N ILE H 1973 61.39 32.05 -66.85
CA ILE H 1973 60.44 31.82 -67.92
C ILE H 1973 59.01 31.86 -67.38
N ASN H 1974 58.82 31.65 -66.07
CA ASN H 1974 57.49 31.79 -65.51
C ASN H 1974 56.97 33.21 -65.67
N MET H 1975 57.77 34.24 -65.37
CA MET H 1975 57.21 35.55 -65.68
C MET H 1975 57.31 35.86 -67.17
N LEU H 1976 58.33 35.33 -67.86
CA LEU H 1976 58.48 35.56 -69.29
C LEU H 1976 57.34 34.98 -70.13
N LEU H 1977 56.55 34.07 -69.57
CA LEU H 1977 55.43 33.47 -70.29
C LEU H 1977 54.10 33.91 -69.69
N ASN H 1978 54.08 35.06 -69.01
CA ASN H 1978 52.86 35.58 -68.39
C ASN H 1978 52.18 36.65 -69.23
N PHE H 1979 52.54 36.77 -70.51
CA PHE H 1979 51.78 37.67 -71.36
C PHE H 1979 50.42 37.10 -71.73
N LYS H 1980 50.08 35.91 -71.24
CA LYS H 1980 48.72 35.42 -71.32
C LYS H 1980 47.78 36.37 -70.57
N ASP H 1981 46.52 36.40 -71.03
CA ASP H 1981 45.52 37.30 -70.47
C ASP H 1981 45.95 38.75 -70.67
N ASP H 1982 45.65 39.62 -69.70
CA ASP H 1982 45.96 41.04 -69.82
C ASP H 1982 46.69 41.57 -68.59
N LYS H 1983 47.22 40.69 -67.74
CA LYS H 1983 47.96 41.18 -66.57
C LYS H 1983 49.20 41.96 -66.98
N SER H 1984 49.93 41.47 -67.99
CA SER H 1984 50.93 42.23 -68.72
C SER H 1984 52.04 42.79 -67.83
N GLU H 1985 52.44 42.04 -66.80
CA GLU H 1985 53.68 42.36 -66.11
C GLU H 1985 54.87 41.64 -66.72
N CYS H 1986 54.64 40.85 -67.76
CA CYS H 1986 55.70 40.04 -68.35
C CYS H 1986 56.63 40.93 -69.17
N PRO H 1987 57.94 40.86 -68.94
CA PRO H 1987 58.91 41.67 -69.72
C PRO H 1987 59.20 41.05 -71.09
N CYS H 1988 58.17 40.96 -71.92
CA CYS H 1988 58.29 40.36 -73.24
C CYS H 1988 57.78 41.31 -74.30
N PRO H 1989 58.52 41.53 -75.37
CA PRO H 1989 58.06 42.45 -76.41
C PRO H 1989 56.90 41.89 -77.22
N GLU H 1990 56.21 42.79 -77.91
CA GLU H 1990 54.95 42.46 -78.57
C GLU H 1990 55.13 41.39 -79.63
N GLU H 1991 56.22 41.44 -80.40
CA GLU H 1991 56.41 40.46 -81.46
C GLU H 1991 56.60 39.06 -80.88
N ILE H 1992 57.36 38.95 -79.80
CA ILE H 1992 57.59 37.64 -79.18
C ILE H 1992 56.30 37.13 -78.56
N ARG H 1993 55.52 38.03 -77.97
CA ARG H 1993 54.20 37.60 -77.47
C ARG H 1993 53.31 37.13 -78.61
N ASP H 1994 53.33 37.83 -79.74
CA ASP H 1994 52.45 37.49 -80.85
C ASP H 1994 52.81 36.13 -81.45
N GLN H 1995 54.11 35.81 -81.51
CA GLN H 1995 54.50 34.50 -82.02
C GLN H 1995 53.83 33.38 -81.23
N LEU H 1996 53.93 33.44 -79.90
CA LEU H 1996 53.35 32.38 -79.09
C LEU H 1996 51.83 32.45 -79.11
N LEU H 1997 51.25 33.65 -79.19
CA LEU H 1997 49.81 33.76 -79.29
C LEU H 1997 49.28 33.11 -80.56
N ASP H 1998 49.97 33.26 -81.68
CA ASP H 1998 49.58 32.61 -82.91
C ASP H 1998 49.79 31.09 -82.84
N PHE H 1999 50.92 30.66 -82.29
CA PHE H 1999 51.16 29.22 -82.19
C PHE H 1999 50.15 28.53 -81.29
N HIS H 2000 49.77 29.16 -80.18
CA HIS H 2000 48.78 28.58 -79.29
C HIS H 2000 47.41 28.48 -79.93
N GLU H 2001 46.99 29.50 -80.69
CA GLU H 2001 45.74 29.40 -81.44
C GLU H 2001 45.79 28.27 -82.47
N ASP H 2002 46.92 28.15 -83.17
CA ASP H 2002 47.05 27.05 -84.13
C ASP H 2002 47.00 25.70 -83.44
N LEU H 2003 47.65 25.57 -82.29
CA LEU H 2003 47.61 24.34 -81.52
C LEU H 2003 46.20 24.00 -81.03
N MET H 2004 45.47 24.99 -80.54
CA MET H 2004 44.08 24.75 -80.13
C MET H 2004 43.22 24.33 -81.33
N THR H 2005 43.41 24.98 -82.48
CA THR H 2005 42.66 24.58 -83.67
C THR H 2005 42.98 23.15 -84.06
N HIS H 2006 44.25 22.77 -84.02
CA HIS H 2006 44.62 21.39 -84.32
C HIS H 2006 44.04 20.40 -83.31
N CYS H 2007 44.06 20.74 -82.02
CA CYS H 2007 43.47 19.89 -81.00
C CYS H 2007 41.95 19.86 -81.06
N GLY H 2008 41.34 20.78 -81.81
CA GLY H 2008 39.90 20.82 -81.93
C GLY H 2008 39.19 21.58 -80.84
N ILE H 2009 39.93 22.17 -79.90
CA ILE H 2009 39.30 22.93 -78.82
C ILE H 2009 38.55 24.12 -79.39
N GLU H 2010 39.17 24.83 -80.34
CA GLU H 2010 38.53 25.96 -80.98
C GLU H 2010 37.45 25.49 -81.95
N LYS H 2053 26.98 15.87 -92.30
CA LYS H 2053 27.95 16.42 -93.24
C LYS H 2053 29.31 15.78 -93.07
N LYS H 2054 30.29 16.27 -93.82
CA LYS H 2054 31.63 15.71 -93.77
C LYS H 2054 32.27 15.95 -92.41
N SER H 2055 32.78 14.86 -91.81
CA SER H 2055 33.49 14.98 -90.55
C SER H 2055 34.82 15.68 -90.74
N SER H 2056 35.59 15.25 -91.75
CA SER H 2056 36.86 15.82 -92.17
C SER H 2056 37.93 15.75 -91.09
N THR H 2057 37.65 15.14 -89.95
CA THR H 2057 38.61 15.07 -88.85
C THR H 2057 38.46 13.74 -88.13
N LEU H 2058 39.59 13.13 -87.79
CA LEU H 2058 39.56 11.88 -87.06
C LEU H 2058 38.82 12.03 -85.73
N GLN H 2059 38.95 13.19 -85.11
CA GLN H 2059 38.27 13.44 -83.83
C GLN H 2059 36.76 13.32 -83.99
N GLN H 2060 36.19 14.04 -84.97
CA GLN H 2060 34.76 13.99 -85.20
C GLN H 2060 34.34 12.61 -85.67
N LEU H 2061 35.16 11.95 -86.48
CA LEU H 2061 34.83 10.62 -86.95
C LEU H 2061 34.68 9.65 -85.78
N ILE H 2062 35.64 9.65 -84.86
CA ILE H 2062 35.56 8.77 -83.70
C ILE H 2062 34.39 9.15 -82.80
N SER H 2063 34.20 10.44 -82.56
CA SER H 2063 33.08 10.90 -81.74
C SER H 2063 31.73 10.47 -82.29
N GLU H 2064 31.56 10.50 -83.61
CA GLU H 2064 30.35 9.98 -84.22
C GLU H 2064 30.27 8.46 -84.15
N THR H 2065 31.38 7.76 -84.37
CA THR H 2065 31.34 6.31 -84.51
C THR H 2065 31.04 5.63 -83.19
N MET H 2066 31.69 6.07 -82.11
CA MET H 2066 31.43 5.46 -80.80
C MET H 2066 29.98 5.62 -80.40
N VAL H 2067 29.45 6.85 -80.53
CA VAL H 2067 28.08 7.12 -80.16
C VAL H 2067 27.12 6.33 -81.05
N ARG H 2068 27.43 6.23 -82.35
CA ARG H 2068 26.57 5.48 -83.25
C ARG H 2068 26.52 4.02 -82.85
N TRP H 2069 27.67 3.42 -82.54
CA TRP H 2069 27.69 2.03 -82.11
C TRP H 2069 26.88 1.84 -80.84
N ALA H 2070 27.09 2.71 -79.86
CA ALA H 2070 26.42 2.57 -78.57
C ALA H 2070 24.91 2.71 -78.72
N GLN H 2071 24.45 3.65 -79.55
CA GLN H 2071 23.01 3.85 -79.71
C GLN H 2071 22.41 2.78 -80.62
N GLU H 2072 23.21 2.19 -81.52
CA GLU H 2072 22.70 1.14 -82.37
C GLU H 2072 22.46 -0.14 -81.60
N SER H 2073 23.43 -0.55 -80.78
CA SER H 2073 23.33 -1.86 -80.13
C SER H 2073 23.71 -1.75 -78.66
N VAL H 2074 23.16 -2.66 -77.88
CA VAL H 2074 23.51 -2.79 -76.47
C VAL H 2074 24.78 -3.63 -76.40
N ILE H 2075 25.88 -3.00 -75.97
CA ILE H 2075 27.17 -3.66 -75.98
C ILE H 2075 27.26 -4.61 -74.81
N GLU H 2076 27.59 -5.87 -75.09
CA GLU H 2076 27.67 -6.89 -74.05
C GLU H 2076 29.06 -6.96 -73.42
N ASP H 2077 30.08 -6.51 -74.13
CA ASP H 2077 31.45 -6.65 -73.64
C ASP H 2077 31.86 -5.42 -72.83
N PRO H 2078 32.07 -5.56 -71.52
CA PRO H 2078 32.51 -4.40 -70.72
C PRO H 2078 33.83 -3.82 -71.18
N GLU H 2079 34.75 -4.66 -71.66
CA GLU H 2079 35.99 -4.15 -72.22
C GLU H 2079 35.73 -3.27 -73.44
N LEU H 2080 34.80 -3.69 -74.30
CA LEU H 2080 34.43 -2.85 -75.43
C LEU H 2080 33.84 -1.54 -74.96
N VAL H 2081 32.96 -1.58 -73.96
CA VAL H 2081 32.34 -0.35 -73.46
C VAL H 2081 33.41 0.61 -72.96
N ARG H 2082 34.35 0.10 -72.17
CA ARG H 2082 35.45 0.94 -71.69
C ARG H 2082 36.26 1.49 -72.84
N ALA H 2083 36.54 0.67 -73.86
CA ALA H 2083 37.33 1.14 -74.98
C ALA H 2083 36.66 2.29 -75.70
N MET H 2084 35.38 2.13 -76.05
CA MET H 2084 34.70 3.19 -76.79
C MET H 2084 34.57 4.46 -75.96
N PHE H 2085 34.27 4.33 -74.67
CA PHE H 2085 34.08 5.55 -73.89
C PHE H 2085 35.41 6.22 -73.59
N VAL H 2086 36.49 5.45 -73.46
CA VAL H 2086 37.82 6.05 -73.36
C VAL H 2086 38.16 6.82 -74.62
N LEU H 2087 37.87 6.24 -75.79
CA LEU H 2087 38.13 6.94 -77.04
C LEU H 2087 37.32 8.22 -77.14
N LEU H 2088 36.03 8.15 -76.78
CA LEU H 2088 35.18 9.33 -76.85
C LEU H 2088 35.68 10.43 -75.92
N HIS H 2089 36.05 10.06 -74.70
CA HIS H 2089 36.59 11.05 -73.77
C HIS H 2089 37.89 11.64 -74.28
N ARG H 2090 38.74 10.83 -74.90
CA ARG H 2090 39.98 11.36 -75.46
C ARG H 2090 39.71 12.35 -76.58
N GLN H 2091 38.74 12.05 -77.45
CA GLN H 2091 38.40 13.00 -78.50
C GLN H 2091 37.88 14.30 -77.93
N TYR H 2092 37.03 14.23 -76.91
CA TYR H 2092 36.43 15.46 -76.40
C TYR H 2092 37.43 16.28 -75.58
N ASP H 2093 38.25 15.62 -74.76
CA ASP H 2093 39.25 16.32 -73.95
C ASP H 2093 40.62 16.23 -74.64
N GLY H 2094 40.77 17.01 -75.71
CA GLY H 2094 42.03 17.02 -76.42
C GLY H 2094 43.15 17.64 -75.62
N ILE H 2095 42.85 18.71 -74.88
CA ILE H 2095 43.89 19.40 -74.13
C ILE H 2095 44.43 18.51 -73.01
N GLY H 2096 43.62 17.58 -72.51
CA GLY H 2096 44.10 16.64 -71.52
C GLY H 2096 45.21 15.74 -72.02
N GLY H 2097 45.17 15.36 -73.30
CA GLY H 2097 46.27 14.60 -73.87
C GLY H 2097 47.57 15.36 -73.80
N LEU H 2098 47.55 16.64 -74.13
CA LEU H 2098 48.74 17.47 -73.99
C LEU H 2098 49.16 17.60 -72.54
N VAL H 2099 48.20 17.77 -71.64
CA VAL H 2099 48.51 17.91 -70.22
C VAL H 2099 49.23 16.67 -69.71
N ARG H 2100 48.82 15.49 -70.17
CA ARG H 2100 49.48 14.25 -69.77
C ARG H 2100 50.79 14.02 -70.50
N ALA H 2101 50.92 14.49 -71.75
CA ALA H 2101 52.07 14.13 -72.58
C ALA H 2101 53.26 15.04 -72.33
N LEU H 2102 53.01 16.34 -72.18
CA LEU H 2102 54.11 17.29 -72.04
C LEU H 2102 55.05 16.99 -70.88
N PRO H 2103 54.58 16.58 -69.69
CA PRO H 2103 55.53 16.19 -68.63
C PRO H 2103 56.45 15.05 -69.02
N LYS H 2104 56.04 14.21 -69.97
CA LYS H 2104 56.86 13.11 -70.44
C LYS H 2104 57.70 13.49 -71.66
N THR H 2105 57.69 14.77 -72.04
CA THR H 2105 58.43 15.24 -73.20
C THR H 2105 59.79 15.75 -72.78
N TYR H 2106 60.82 15.31 -73.48
CA TYR H 2106 62.19 15.76 -73.24
C TYR H 2106 62.86 16.06 -74.56
N THR H 2107 63.70 17.10 -74.57
CA THR H 2107 64.47 17.49 -75.73
C THR H 2107 65.95 17.31 -75.42
N ILE H 2108 66.67 16.67 -76.35
CA ILE H 2108 68.09 16.40 -76.18
C ILE H 2108 68.85 17.00 -77.35
N ASN H 2109 70.12 17.27 -77.13
CA ASN H 2109 70.97 17.78 -78.20
C ASN H 2109 71.21 16.70 -79.23
N GLY H 2110 71.51 17.14 -80.46
CA GLY H 2110 71.76 16.20 -81.54
C GLY H 2110 72.95 15.30 -81.32
N VAL H 2111 73.97 15.79 -80.60
CA VAL H 2111 75.17 15.00 -80.38
C VAL H 2111 74.89 13.83 -79.44
N SER H 2112 73.88 13.95 -78.59
CA SER H 2112 73.60 12.94 -77.58
C SER H 2112 72.61 11.88 -78.06
N VAL H 2113 72.25 11.88 -79.33
CA VAL H 2113 71.18 11.02 -79.82
C VAL H 2113 71.56 9.56 -79.66
N GLU H 2114 72.77 9.19 -80.08
CA GLU H 2114 73.17 7.78 -80.03
C GLU H 2114 73.24 7.28 -78.60
N ASP H 2115 73.83 8.06 -77.71
CA ASP H 2115 73.92 7.66 -76.31
C ASP H 2115 72.54 7.54 -75.69
N THR H 2116 71.63 8.47 -76.03
CA THR H 2116 70.27 8.40 -75.50
C THR H 2116 69.55 7.16 -76.01
N ILE H 2117 69.75 6.80 -77.29
CA ILE H 2117 69.13 5.58 -77.80
C ILE H 2117 69.66 4.35 -77.08
N ASN H 2118 70.97 4.29 -76.85
CA ASN H 2118 71.53 3.17 -76.12
C ASN H 2118 70.96 3.09 -74.70
N LEU H 2119 70.86 4.23 -74.03
CA LEU H 2119 70.29 4.22 -72.68
C LEU H 2119 68.82 3.84 -72.70
N LEU H 2120 68.07 4.27 -73.70
CA LEU H 2120 66.67 3.89 -73.84
C LEU H 2120 66.53 2.39 -74.04
N ALA H 2121 67.41 1.80 -74.86
CA ALA H 2121 67.39 0.36 -75.04
C ALA H 2121 67.71 -0.37 -73.74
N SER H 2122 68.68 0.14 -72.97
CA SER H 2122 68.99 -0.46 -71.68
C SER H 2122 67.79 -0.38 -70.72
N LEU H 2123 67.13 0.78 -70.70
CA LEU H 2123 65.97 0.94 -69.84
C LEU H 2123 64.84 0.01 -70.27
N GLY H 2124 64.66 -0.17 -71.57
CA GLY H 2124 63.68 -1.13 -72.06
C GLY H 2124 64.00 -2.56 -71.68
N GLN H 2125 65.27 -2.95 -71.75
CA GLN H 2125 65.66 -4.27 -71.30
C GLN H 2125 65.36 -4.46 -69.82
N ILE H 2126 65.64 -3.44 -68.99
CA ILE H 2126 65.31 -3.54 -67.58
C ILE H 2126 63.79 -3.63 -67.38
N ARG H 2127 63.03 -2.83 -68.11
CA ARG H 2127 61.57 -2.83 -68.00
C ARG H 2127 60.96 -4.17 -68.37
N SER H 2128 61.48 -4.81 -69.43
CA SER H 2128 60.93 -6.08 -69.85
C SER H 2128 61.10 -7.17 -68.78
N LEU H 2129 62.07 -7.00 -67.89
CA LEU H 2129 62.29 -7.98 -66.83
C LEU H 2129 61.14 -8.03 -65.83
N LEU H 2130 60.29 -7.01 -65.80
CA LEU H 2130 59.13 -7.04 -64.93
C LEU H 2130 58.16 -8.15 -65.36
N SER H 2131 58.06 -8.39 -66.66
CA SER H 2131 57.10 -9.37 -67.16
C SER H 2131 57.56 -10.80 -66.89
N VAL H 2132 58.86 -11.01 -66.67
CA VAL H 2132 59.38 -12.35 -66.45
C VAL H 2132 59.64 -12.55 -64.97
N ARG H 2133 59.69 -13.81 -64.55
CA ARG H 2133 59.95 -14.12 -63.16
C ARG H 2133 61.45 -14.15 -62.90
N MET H 2134 61.81 -13.96 -61.64
CA MET H 2134 63.20 -13.81 -61.25
C MET H 2134 63.97 -15.11 -61.46
N GLY H 2135 65.15 -14.99 -62.06
CA GLY H 2135 66.02 -16.13 -62.27
C GLY H 2135 67.47 -15.69 -62.41
N LYS H 2136 68.34 -16.68 -62.68
CA LYS H 2136 69.76 -16.39 -62.79
C LYS H 2136 70.06 -15.54 -64.02
N GLU H 2137 69.51 -15.93 -65.17
CA GLU H 2137 69.75 -15.17 -66.40
C GLU H 2137 69.14 -13.78 -66.30
N GLU H 2138 67.96 -13.67 -65.69
CA GLU H 2138 67.35 -12.35 -65.49
C GLU H 2138 68.20 -11.50 -64.55
N GLU H 2139 68.79 -12.12 -63.53
CA GLU H 2139 69.70 -11.40 -62.64
C GLU H 2139 70.89 -10.85 -63.41
N LYS H 2140 71.48 -11.68 -64.28
CA LYS H 2140 72.62 -11.20 -65.07
C LYS H 2140 72.21 -10.07 -66.00
N LEU H 2141 71.06 -10.22 -66.67
CA LEU H 2141 70.58 -9.17 -67.56
C LEU H 2141 70.34 -7.88 -66.81
N MET H 2142 69.71 -7.96 -65.65
CA MET H 2142 69.47 -6.78 -64.83
C MET H 2142 70.78 -6.13 -64.41
N ILE H 2143 71.78 -6.94 -64.03
CA ILE H 2143 73.04 -6.39 -63.56
C ILE H 2143 73.75 -5.62 -64.67
N ARG H 2144 73.93 -6.23 -65.84
CA ARG H 2144 74.70 -5.49 -66.84
C ARG H 2144 73.86 -4.38 -67.45
N GLY H 2145 72.53 -4.51 -67.42
CA GLY H 2145 71.67 -3.41 -67.80
C GLY H 2145 71.81 -2.19 -66.91
N LEU H 2146 71.87 -2.38 -65.60
CA LEU H 2146 72.20 -1.28 -64.70
C LEU H 2146 73.60 -0.75 -64.91
N GLY H 2147 74.56 -1.63 -65.21
CA GLY H 2147 75.92 -1.19 -65.46
C GLY H 2147 76.02 -0.24 -66.64
N ASP H 2148 75.29 -0.56 -67.72
CA ASP H 2148 75.28 0.31 -68.88
C ASP H 2148 74.71 1.68 -68.54
N ILE H 2149 73.69 1.70 -67.67
CA ILE H 2149 73.09 2.98 -67.27
C ILE H 2149 74.11 3.84 -66.55
N MET H 2150 74.85 3.25 -65.61
CA MET H 2150 75.91 4.00 -64.93
C MET H 2150 76.96 4.48 -65.92
N ASN H 2151 77.35 3.63 -66.87
CA ASN H 2151 78.42 4.00 -67.79
C ASN H 2151 77.99 5.11 -68.74
N ASN H 2152 76.70 5.18 -69.09
CA ASN H 2152 76.24 6.18 -70.04
C ASN H 2152 76.33 7.58 -69.46
N LYS H 2153 76.80 8.52 -70.28
CA LYS H 2153 76.97 9.90 -69.84
C LYS H 2153 75.64 10.63 -69.72
N VAL H 2154 74.63 10.19 -70.48
CA VAL H 2154 73.34 10.87 -70.45
C VAL H 2154 72.69 10.73 -69.07
N PHE H 2155 73.04 9.66 -68.35
CA PHE H 2155 72.46 9.42 -67.04
C PHE H 2155 72.76 10.58 -66.08
N TYR H 2156 73.98 11.12 -66.15
CA TYR H 2156 74.38 12.22 -65.29
C TYR H 2156 73.94 13.58 -65.85
N GLN H 2157 74.06 13.76 -67.16
CA GLN H 2157 73.80 15.07 -67.74
C GLN H 2157 72.32 15.42 -67.73
N HIS H 2158 71.45 14.41 -67.76
CA HIS H 2158 70.01 14.62 -67.84
C HIS H 2158 69.30 13.83 -66.75
N PRO H 2159 69.45 14.23 -65.48
CA PRO H 2159 68.71 13.52 -64.42
C PRO H 2159 67.21 13.70 -64.50
N ASN H 2160 66.75 14.86 -65.01
CA ASN H 2160 65.33 15.08 -65.18
C ASN H 2160 64.74 14.09 -66.16
N LEU H 2161 65.46 13.80 -67.25
CA LEU H 2161 64.99 12.79 -68.20
C LEU H 2161 64.84 11.43 -67.53
N MET H 2162 65.79 11.05 -66.68
CA MET H 2162 65.73 9.74 -66.04
C MET H 2162 64.57 9.69 -65.05
N ARG H 2163 64.37 10.76 -64.30
CA ARG H 2163 63.25 10.81 -63.37
C ARG H 2163 61.92 10.75 -64.11
N ALA H 2164 61.82 11.43 -65.26
CA ALA H 2164 60.59 11.35 -66.06
C ALA H 2164 60.38 9.95 -66.62
N LEU H 2165 61.46 9.30 -67.06
CA LEU H 2165 61.39 7.95 -67.58
C LEU H 2165 61.01 6.98 -66.45
N GLY H 2166 61.22 7.42 -65.22
CA GLY H 2166 60.83 6.64 -64.06
C GLY H 2166 61.60 5.35 -63.88
N MET H 2167 62.92 5.43 -64.05
CA MET H 2167 63.76 4.25 -63.86
C MET H 2167 63.74 3.77 -62.42
N HIS H 2168 63.74 4.72 -61.47
CA HIS H 2168 63.80 4.34 -60.06
C HIS H 2168 62.56 3.55 -59.63
N GLU H 2169 61.38 3.90 -60.17
CA GLU H 2169 60.21 3.08 -59.90
C GLU H 2169 60.38 1.67 -60.44
N THR H 2170 60.96 1.51 -61.63
CA THR H 2170 61.14 0.18 -62.20
C THR H 2170 62.10 -0.64 -61.35
N VAL H 2171 63.22 -0.05 -60.94
CA VAL H 2171 64.17 -0.76 -60.09
C VAL H 2171 63.51 -1.13 -58.77
N MET H 2172 62.72 -0.21 -58.21
CA MET H 2172 61.97 -0.50 -57.01
C MET H 2172 61.06 -1.70 -57.21
N GLU H 2173 60.36 -1.73 -58.34
CA GLU H 2173 59.39 -2.81 -58.58
C GLU H 2173 60.10 -4.15 -58.70
N VAL H 2174 61.26 -4.18 -59.34
CA VAL H 2174 62.03 -5.43 -59.40
C VAL H 2174 62.44 -5.85 -57.99
N MET H 2175 62.92 -4.91 -57.18
CA MET H 2175 63.32 -5.26 -55.82
C MET H 2175 62.12 -5.74 -54.99
N VAL H 2176 60.95 -5.11 -55.16
CA VAL H 2176 59.74 -5.57 -54.50
C VAL H 2176 59.39 -6.97 -54.94
N ASN H 2177 59.54 -7.27 -56.23
CA ASN H 2177 59.26 -8.62 -56.72
C ASN H 2177 60.15 -9.63 -56.02
N VAL H 2178 61.43 -9.30 -55.86
CA VAL H 2178 62.36 -10.24 -55.20
C VAL H 2178 61.99 -10.41 -53.74
N LEU H 2179 61.74 -9.30 -53.05
CA LEU H 2179 61.44 -9.39 -51.62
C LEU H 2179 60.11 -10.06 -51.35
N GLY H 2180 59.14 -9.96 -52.27
CA GLY H 2180 57.97 -10.79 -52.19
C GLY H 2180 58.28 -12.25 -52.46
N GLY H 2181 59.10 -12.51 -53.46
CA GLY H 2181 59.52 -13.86 -53.81
C GLY H 2181 60.82 -14.25 -53.17
N GLY H 2182 60.93 -14.03 -51.86
CA GLY H 2182 62.07 -14.51 -51.10
C GLY H 2182 62.58 -13.63 -49.97
N GLU H 2183 61.70 -12.79 -49.41
CA GLU H 2183 61.99 -12.04 -48.20
C GLU H 2183 62.03 -12.94 -46.98
N SER H 2184 60.93 -13.63 -46.65
CA SER H 2184 60.89 -14.42 -45.41
C SER H 2184 61.75 -15.67 -45.52
N LYS H 2185 61.90 -16.21 -46.73
CA LYS H 2185 62.70 -17.41 -46.96
C LYS H 2185 64.18 -17.11 -47.12
N GLU H 2186 64.65 -15.97 -46.59
CA GLU H 2186 66.02 -15.47 -46.74
C GLU H 2186 66.19 -14.96 -48.16
N ILE H 2187 66.86 -13.81 -48.31
CA ILE H 2187 66.87 -13.08 -49.57
C ILE H 2187 67.55 -13.90 -50.65
N THR H 2188 66.77 -14.35 -51.63
CA THR H 2188 67.31 -15.04 -52.79
C THR H 2188 67.79 -14.01 -53.81
N PHE H 2189 68.75 -14.43 -54.62
CA PHE H 2189 69.43 -13.57 -55.58
C PHE H 2189 69.91 -12.30 -54.88
N PRO H 2190 70.73 -12.42 -53.83
CA PRO H 2190 71.13 -11.21 -53.09
C PRO H 2190 71.97 -10.24 -53.91
N LYS H 2191 72.70 -10.75 -54.91
CA LYS H 2191 73.58 -9.88 -55.68
C LYS H 2191 72.80 -8.82 -56.44
N MET H 2192 71.69 -9.21 -57.06
CA MET H 2192 70.93 -8.24 -57.84
C MET H 2192 70.22 -7.24 -56.93
N VAL H 2193 69.77 -7.69 -55.76
CA VAL H 2193 69.20 -6.76 -54.78
C VAL H 2193 70.25 -5.75 -54.35
N ALA H 2194 71.47 -6.20 -54.09
CA ALA H 2194 72.56 -5.30 -53.73
C ALA H 2194 72.83 -4.30 -54.85
N ASN H 2195 72.85 -4.77 -56.10
CA ASN H 2195 73.09 -3.87 -57.22
C ASN H 2195 71.97 -2.85 -57.36
N CYS H 2196 70.71 -3.28 -57.19
CA CYS H 2196 69.60 -2.35 -57.23
C CYS H 2196 69.71 -1.30 -56.15
N CYS H 2197 70.07 -1.71 -54.94
CA CYS H 2197 70.20 -0.74 -53.85
C CYS H 2197 71.33 0.23 -54.11
N ARG H 2198 72.45 -0.25 -54.62
CA ARG H 2198 73.56 0.63 -54.97
C ARG H 2198 73.14 1.62 -56.05
N PHE H 2199 72.42 1.14 -57.06
CA PHE H 2199 71.94 2.02 -58.12
C PHE H 2199 71.00 3.09 -57.56
N LEU H 2200 70.10 2.70 -56.66
CA LEU H 2200 69.17 3.66 -56.10
C LEU H 2200 69.86 4.69 -55.22
N CYS H 2201 70.88 4.28 -54.46
CA CYS H 2201 71.66 5.23 -53.67
C CYS H 2201 72.44 6.19 -54.56
N TYR H 2202 73.02 5.69 -55.63
CA TYR H 2202 73.67 6.57 -56.59
C TYR H 2202 72.66 7.53 -57.22
N PHE H 2203 71.46 7.05 -57.48
CA PHE H 2203 70.39 7.91 -57.99
C PHE H 2203 70.09 9.03 -57.00
N CYS H 2204 70.05 8.72 -55.71
CA CYS H 2204 69.86 9.76 -54.71
C CYS H 2204 70.99 10.77 -54.73
N ARG H 2205 72.22 10.29 -54.84
CA ARG H 2205 73.37 11.19 -54.82
C ARG H 2205 73.53 12.01 -56.09
N ILE H 2206 72.93 11.60 -57.21
CA ILE H 2206 73.09 12.35 -58.46
C ILE H 2206 72.53 13.76 -58.31
N SER H 2207 71.30 13.88 -57.85
CA SER H 2207 70.66 15.19 -57.79
C SER H 2207 69.73 15.24 -56.59
N ARG H 2208 69.46 16.46 -56.12
CA ARG H 2208 68.64 16.64 -54.93
C ARG H 2208 67.17 16.35 -55.22
N GLN H 2209 66.71 16.64 -56.45
CA GLN H 2209 65.34 16.31 -56.81
C GLN H 2209 65.13 14.80 -56.83
N ASN H 2210 66.11 14.05 -57.36
CA ASN H 2210 66.03 12.60 -57.32
C ASN H 2210 65.95 12.11 -55.88
N GLN H 2211 66.61 12.81 -54.96
CA GLN H 2211 66.54 12.43 -53.56
C GLN H 2211 65.12 12.53 -53.03
N LYS H 2212 64.40 13.60 -53.39
CA LYS H 2212 63.01 13.74 -52.96
C LYS H 2212 62.13 12.68 -53.63
N ALA H 2213 62.33 12.45 -54.92
CA ALA H 2213 61.55 11.44 -55.62
C ALA H 2213 61.74 10.08 -54.97
N MET H 2214 62.95 9.80 -54.50
CA MET H 2214 63.21 8.53 -53.85
C MET H 2214 62.63 8.52 -52.44
N PHE H 2215 62.70 9.65 -51.74
CA PHE H 2215 62.11 9.76 -50.41
C PHE H 2215 60.62 9.53 -50.42
N ASP H 2216 59.96 9.82 -51.55
CA ASP H 2216 58.53 9.55 -51.64
C ASP H 2216 58.19 8.07 -51.49
N HIS H 2217 59.16 7.17 -51.63
CA HIS H 2217 58.95 5.75 -51.45
C HIS H 2217 59.49 5.24 -50.11
N LEU H 2218 59.64 6.14 -49.13
CA LEU H 2218 60.29 5.77 -47.88
C LEU H 2218 59.49 4.73 -47.11
N SER H 2219 58.16 4.83 -47.14
CA SER H 2219 57.33 3.99 -46.29
C SER H 2219 57.54 2.50 -46.59
N TYR H 2220 57.57 2.14 -47.88
CA TYR H 2220 57.78 0.74 -48.23
C TYR H 2220 59.17 0.28 -47.82
N LEU H 2221 60.17 1.11 -48.10
CA LEU H 2221 61.56 0.73 -47.81
C LEU H 2221 61.75 0.48 -46.33
N LEU H 2222 61.17 1.34 -45.49
CA LEU H 2222 61.31 1.14 -44.05
C LEU H 2222 60.62 -0.13 -43.59
N GLU H 2223 59.56 -0.56 -44.29
CA GLU H 2223 58.92 -1.82 -43.95
C GLU H 2223 59.78 -3.00 -44.41
N ASN H 2224 60.52 -2.82 -45.50
CA ASN H 2224 61.48 -3.82 -45.97
C ASN H 2224 62.89 -3.49 -45.50
N SER H 2225 63.04 -2.82 -44.36
CA SER H 2225 64.37 -2.53 -43.84
C SER H 2225 65.13 -3.81 -43.50
N SER H 2226 64.45 -4.79 -42.90
CA SER H 2226 65.10 -6.01 -42.43
C SER H 2226 65.22 -7.03 -43.56
N VAL H 2227 66.05 -6.68 -44.53
CA VAL H 2227 66.33 -7.53 -45.68
C VAL H 2227 67.67 -8.26 -45.54
N GLY H 2228 68.76 -7.50 -45.46
CA GLY H 2228 70.07 -8.10 -45.38
C GLY H 2228 70.98 -7.39 -44.40
N LEU H 2229 70.39 -6.82 -43.34
CA LEU H 2229 71.17 -6.06 -42.39
C LEU H 2229 72.20 -6.93 -41.68
N ALA H 2230 71.80 -8.13 -41.29
CA ALA H 2230 72.70 -8.99 -40.51
C ALA H 2230 73.79 -9.60 -41.38
N SER H 2231 73.65 -9.52 -42.69
CA SER H 2231 74.65 -10.11 -43.59
C SER H 2231 75.64 -9.04 -44.00
N PRO H 2232 76.90 -9.13 -43.57
CA PRO H 2232 77.92 -8.18 -44.01
C PRO H 2232 78.30 -8.44 -45.46
N ALA H 2233 79.24 -7.63 -45.95
CA ALA H 2233 79.67 -7.62 -47.35
C ALA H 2233 78.52 -7.16 -48.24
N MET H 2234 77.39 -6.84 -47.63
CA MET H 2234 76.24 -6.26 -48.32
C MET H 2234 75.89 -4.90 -47.70
N ARG H 2235 76.72 -4.42 -46.78
CA ARG H 2235 76.53 -3.11 -46.18
C ARG H 2235 76.51 -2.03 -47.26
N GLY H 2236 75.60 -1.07 -47.11
CA GLY H 2236 75.39 -0.09 -48.15
C GLY H 2236 74.57 -0.56 -49.31
N SER H 2237 74.04 -1.79 -49.25
CA SER H 2237 73.26 -2.36 -50.33
C SER H 2237 71.93 -2.95 -49.86
N THR H 2238 71.41 -2.50 -48.73
CA THR H 2238 70.11 -2.94 -48.26
C THR H 2238 69.11 -1.80 -48.43
N PRO H 2239 67.80 -2.11 -48.42
CA PRO H 2239 66.80 -1.04 -48.55
C PRO H 2239 66.90 0.01 -47.44
N LEU H 2240 67.37 -0.37 -46.26
CA LEU H 2240 67.58 0.62 -45.21
C LEU H 2240 68.64 1.64 -45.62
N ASP H 2241 69.71 1.18 -46.27
CA ASP H 2241 70.72 2.11 -46.77
C ASP H 2241 70.13 3.04 -47.82
N VAL H 2242 69.23 2.52 -48.66
CA VAL H 2242 68.59 3.35 -49.67
C VAL H 2242 67.72 4.40 -49.01
N ALA H 2243 67.00 4.03 -47.94
CA ALA H 2243 66.21 5.01 -47.20
C ALA H 2243 67.11 6.07 -46.57
N ALA H 2244 68.25 5.66 -46.03
CA ALA H 2244 69.19 6.62 -45.47
C ALA H 2244 69.69 7.59 -46.54
N ALA H 2245 69.99 7.08 -47.73
CA ALA H 2245 70.35 7.96 -48.84
C ALA H 2245 69.20 8.87 -49.24
N SER H 2246 67.96 8.39 -49.10
CA SER H 2246 66.80 9.21 -49.44
C SER H 2246 66.66 10.37 -48.47
N VAL H 2247 66.98 10.16 -47.20
CA VAL H 2247 66.73 11.19 -46.20
C VAL H 2247 68.06 11.73 -45.66
N MET H 2248 69.12 11.60 -46.44
CA MET H 2248 70.46 12.02 -46.04
C MET H 2248 70.69 13.45 -46.49
N ASP H 2249 71.12 14.29 -45.56
CA ASP H 2249 71.63 15.65 -45.78
C ASP H 2249 70.62 16.59 -46.41
N ASN H 2250 69.34 16.28 -46.40
CA ASN H 2250 68.30 17.16 -46.93
C ASN H 2250 67.45 17.64 -45.76
N ASN H 2251 67.55 18.93 -45.43
CA ASN H 2251 66.76 19.46 -44.33
C ASN H 2251 65.27 19.36 -44.62
N GLU H 2252 64.87 19.65 -45.85
CA GLU H 2252 63.45 19.60 -46.20
C GLU H 2252 62.90 18.19 -46.00
N LEU H 2253 63.61 17.19 -46.51
CA LEU H 2253 63.16 15.81 -46.38
C LEU H 2253 63.20 15.34 -44.93
N ALA H 2254 64.22 15.73 -44.17
CA ALA H 2254 64.31 15.35 -42.77
C ALA H 2254 63.14 15.92 -41.99
N LEU H 2255 62.79 17.19 -42.24
CA LEU H 2255 61.63 17.77 -41.59
C LEU H 2255 60.34 17.09 -42.03
N ALA H 2256 60.22 16.79 -43.32
CA ALA H 2256 59.00 16.17 -43.83
C ALA H 2256 58.84 14.75 -43.31
N LEU H 2257 59.92 14.14 -42.85
CA LEU H 2257 59.88 12.79 -42.31
C LEU H 2257 58.92 12.71 -41.12
N ARG H 2258 58.06 11.70 -41.13
CA ARG H 2258 56.98 11.59 -40.16
C ARG H 2258 57.42 10.81 -38.93
N GLU H 2259 56.59 10.87 -37.89
CA GLU H 2259 56.82 10.16 -36.64
C GLU H 2259 56.57 8.66 -36.76
N PRO H 2260 55.53 8.19 -37.47
CA PRO H 2260 55.39 6.73 -37.65
C PRO H 2260 56.57 6.09 -38.36
N ASP H 2261 57.19 6.81 -39.29
CA ASP H 2261 58.36 6.27 -39.98
C ASP H 2261 59.49 6.01 -39.00
N LEU H 2262 59.71 6.92 -38.06
CA LEU H 2262 60.69 6.68 -37.01
C LEU H 2262 60.23 5.58 -36.07
N GLU H 2263 58.92 5.49 -35.85
CA GLU H 2263 58.39 4.48 -34.95
C GLU H 2263 58.64 3.08 -35.48
N LYS H 2264 58.57 2.90 -36.79
CA LYS H 2264 58.88 1.61 -37.39
C LYS H 2264 60.32 1.20 -37.08
N VAL H 2265 61.25 2.15 -37.24
CA VAL H 2265 62.66 1.86 -36.97
C VAL H 2265 62.87 1.56 -35.49
N VAL H 2266 62.18 2.31 -34.62
CA VAL H 2266 62.30 2.08 -33.19
C VAL H 2266 61.78 0.70 -32.82
N ARG H 2267 60.68 0.28 -33.44
CA ARG H 2267 60.15 -1.06 -33.19
C ARG H 2267 61.12 -2.13 -33.66
N TYR H 2268 61.72 -1.93 -34.84
CA TYR H 2268 62.71 -2.89 -35.33
C TYR H 2268 63.90 -2.98 -34.38
N LEU H 2269 64.38 -1.83 -33.90
CA LEU H 2269 65.48 -1.82 -32.96
C LEU H 2269 65.11 -2.48 -31.64
N ALA H 2270 63.88 -2.29 -31.16
CA ALA H 2270 63.42 -2.98 -29.98
C ALA H 2270 63.42 -4.49 -30.19
N GLY H 2271 62.94 -4.95 -31.34
CA GLY H 2271 62.98 -6.37 -31.64
C GLY H 2271 64.39 -6.91 -31.68
N CYS H 2272 65.31 -6.17 -32.28
CA CYS H 2272 66.71 -6.58 -32.33
C CYS H 2272 67.37 -6.56 -30.95
N GLY H 2273 66.93 -5.70 -30.06
CA GLY H 2273 67.48 -5.67 -28.72
C GLY H 2273 66.89 -6.74 -27.81
N LEU H 2274 65.69 -7.21 -28.16
CA LEU H 2274 65.06 -8.24 -27.35
C LEU H 2274 65.44 -9.65 -27.79
N GLN H 2275 65.41 -9.91 -29.09
CA GLN H 2275 65.62 -11.25 -29.62
C GLN H 2275 66.91 -11.31 -30.44
N SER H 2276 67.55 -12.48 -30.42
CA SER H 2276 68.80 -12.69 -31.15
C SER H 2276 68.52 -12.92 -32.63
N CYS H 2277 69.61 -13.00 -33.39
CA CYS H 2277 69.50 -13.22 -34.82
C CYS H 2277 69.37 -14.70 -35.14
N GLN H 2278 68.23 -15.06 -35.75
CA GLN H 2278 67.93 -16.43 -36.09
C GLN H 2278 68.92 -17.00 -37.10
N MET H 2279 69.30 -16.22 -38.12
CA MET H 2279 70.24 -16.71 -39.11
C MET H 2279 71.64 -16.91 -38.50
N LEU H 2280 72.06 -16.02 -37.61
CA LEU H 2280 73.34 -16.23 -36.92
C LEU H 2280 73.31 -17.45 -36.02
N VAL H 2281 72.25 -17.65 -35.23
CA VAL H 2281 72.22 -18.84 -34.40
C VAL H 2281 72.10 -20.10 -35.26
N SER H 2282 71.51 -19.97 -36.45
CA SER H 2282 71.52 -21.09 -37.39
C SER H 2282 72.93 -21.40 -37.86
N LYS H 2283 73.72 -20.37 -38.17
CA LYS H 2283 75.11 -20.60 -38.50
C LYS H 2283 75.92 -21.08 -37.30
N GLY H 2284 75.37 -20.94 -36.09
CA GLY H 2284 76.03 -21.47 -34.92
C GLY H 2284 76.72 -20.45 -34.04
N TYR H 2285 76.46 -19.16 -34.24
CA TYR H 2285 77.04 -18.16 -33.37
C TYR H 2285 76.53 -18.35 -31.94
N PRO H 2286 77.36 -18.05 -30.94
CA PRO H 2286 76.90 -18.16 -29.55
C PRO H 2286 75.69 -17.28 -29.32
N ASP H 2287 74.69 -17.83 -28.64
CA ASP H 2287 73.38 -17.21 -28.54
C ASP H 2287 73.35 -16.24 -27.37
N ILE H 2288 73.52 -14.96 -27.65
CA ILE H 2288 73.23 -13.88 -26.70
C ILE H 2288 71.83 -13.37 -27.01
N GLY H 2289 71.14 -12.88 -25.99
CA GLY H 2289 69.72 -12.60 -26.13
C GLY H 2289 69.41 -11.54 -27.17
N TRP H 2290 70.37 -10.68 -27.47
CA TRP H 2290 70.13 -9.50 -28.29
C TRP H 2290 70.96 -9.53 -29.56
N ASN H 2291 70.58 -8.67 -30.51
CA ASN H 2291 71.19 -8.61 -31.83
C ASN H 2291 71.91 -7.28 -32.05
N PRO H 2292 73.23 -7.26 -31.93
CA PRO H 2292 73.95 -6.00 -32.18
C PRO H 2292 74.05 -5.66 -33.66
N VAL H 2293 74.26 -6.68 -34.51
CA VAL H 2293 74.56 -6.44 -35.91
C VAL H 2293 73.37 -5.76 -36.59
N GLU H 2294 72.16 -6.25 -36.34
CA GLU H 2294 70.99 -5.63 -36.93
C GLU H 2294 70.69 -4.28 -36.28
N GLY H 2295 70.93 -4.17 -34.98
CA GLY H 2295 70.61 -2.93 -34.29
C GLY H 2295 71.45 -1.75 -34.74
N GLU H 2296 72.72 -2.02 -35.08
CA GLU H 2296 73.60 -0.93 -35.50
C GLU H 2296 73.12 -0.26 -36.77
N ARG H 2297 72.56 -1.02 -37.72
CA ARG H 2297 72.06 -0.44 -38.95
C ARG H 2297 70.89 0.52 -38.69
N TYR H 2298 69.95 0.10 -37.84
CA TYR H 2298 68.85 0.96 -37.47
C TYR H 2298 69.33 2.19 -36.72
N LEU H 2299 70.34 2.04 -35.87
CA LEU H 2299 70.93 3.20 -35.21
C LEU H 2299 71.53 4.17 -36.21
N ASP H 2300 72.20 3.66 -37.25
CA ASP H 2300 72.75 4.55 -38.28
C ASP H 2300 71.64 5.29 -39.01
N PHE H 2301 70.56 4.58 -39.35
CA PHE H 2301 69.46 5.27 -40.03
C PHE H 2301 68.85 6.35 -39.16
N LEU H 2302 68.67 6.06 -37.86
CA LEU H 2302 68.15 7.07 -36.95
C LEU H 2302 69.09 8.25 -36.85
N ARG H 2303 70.40 7.99 -36.85
CA ARG H 2303 71.38 9.06 -36.86
C ARG H 2303 71.21 9.97 -38.05
N PHE H 2304 71.10 9.38 -39.25
CA PHE H 2304 70.89 10.18 -40.45
C PHE H 2304 69.56 10.91 -40.44
N ALA H 2305 68.55 10.36 -39.77
CA ALA H 2305 67.26 11.04 -39.68
C ALA H 2305 67.32 12.25 -38.74
N VAL H 2306 68.08 12.14 -37.65
CA VAL H 2306 68.03 13.20 -36.64
C VAL H 2306 69.08 14.27 -36.88
N PHE H 2307 70.21 13.93 -37.51
CA PHE H 2307 71.33 14.85 -37.60
C PHE H 2307 71.59 15.16 -39.06
N CYS H 2308 71.69 16.44 -39.39
CA CYS H 2308 71.79 16.88 -40.78
C CYS H 2308 72.66 18.12 -40.89
N ASN H 2309 73.66 18.05 -41.77
CA ASN H 2309 74.52 19.18 -42.12
C ASN H 2309 75.17 19.80 -40.89
N GLY H 2310 75.63 18.94 -39.98
CA GLY H 2310 76.27 19.41 -38.76
C GLY H 2310 75.28 19.91 -37.73
N GLU H 2311 74.07 20.22 -38.18
CA GLU H 2311 73.01 20.65 -37.30
C GLU H 2311 72.19 19.44 -36.85
N SER H 2312 71.56 19.56 -35.68
CA SER H 2312 70.68 18.53 -35.16
C SER H 2312 69.24 18.97 -35.35
N VAL H 2313 68.49 18.19 -36.12
CA VAL H 2313 67.08 18.48 -36.34
C VAL H 2313 66.35 18.24 -35.02
N GLU H 2314 65.94 19.33 -34.37
CA GLU H 2314 65.35 19.21 -33.03
C GLU H 2314 64.05 18.43 -33.06
N GLU H 2315 63.22 18.67 -34.08
CA GLU H 2315 61.92 18.00 -34.13
C GLU H 2315 62.09 16.49 -34.24
N ASN H 2316 63.04 16.04 -35.05
CA ASN H 2316 63.29 14.61 -35.17
C ASN H 2316 63.98 14.04 -33.94
N ALA H 2317 64.94 14.78 -33.39
CA ALA H 2317 65.68 14.30 -32.22
C ALA H 2317 64.77 14.12 -31.02
N ASN H 2318 63.84 15.05 -30.83
CA ASN H 2318 62.91 14.93 -29.71
C ASN H 2318 62.02 13.71 -29.84
N VAL H 2319 61.53 13.41 -31.04
CA VAL H 2319 60.73 12.22 -31.24
C VAL H 2319 61.56 10.97 -30.99
N VAL H 2320 62.79 10.95 -31.51
CA VAL H 2320 63.61 9.75 -31.41
C VAL H 2320 63.99 9.46 -29.95
N VAL H 2321 64.38 10.50 -29.22
CA VAL H 2321 64.76 10.30 -27.82
C VAL H 2321 63.57 9.82 -27.01
N ARG H 2322 62.40 10.42 -27.22
CA ARG H 2322 61.21 10.01 -26.51
C ARG H 2322 60.85 8.57 -26.82
N LEU H 2323 60.93 8.16 -28.09
CA LEU H 2323 60.63 6.77 -28.43
C LEU H 2323 61.65 5.82 -27.79
N LEU H 2324 62.93 6.20 -27.81
CA LEU H 2324 63.96 5.34 -27.27
C LEU H 2324 63.79 5.14 -25.77
N ILE H 2325 63.45 6.21 -25.04
CA ILE H 2325 63.20 6.05 -23.61
C ILE H 2325 61.86 5.40 -23.33
N ARG H 2326 60.90 5.52 -24.25
CA ARG H 2326 59.64 4.80 -24.12
C ARG H 2326 59.89 3.29 -24.19
N ARG H 2327 60.76 2.86 -25.09
CA ARG H 2327 61.12 1.46 -25.19
C ARG H 2327 62.58 1.26 -24.79
N PRO H 2328 62.84 1.04 -23.49
CA PRO H 2328 64.24 0.91 -23.05
C PRO H 2328 64.95 -0.31 -23.57
N GLU H 2329 64.24 -1.23 -24.23
CA GLU H 2329 64.88 -2.44 -24.72
C GLU H 2329 65.79 -2.15 -25.91
N CYS H 2330 65.78 -0.92 -26.42
CA CYS H 2330 66.62 -0.56 -27.56
C CYS H 2330 68.02 -0.13 -27.16
N PHE H 2331 68.34 -0.08 -25.88
CA PHE H 2331 69.60 0.49 -25.42
C PHE H 2331 70.69 -0.56 -25.23
N GLY H 2332 70.44 -1.81 -25.56
CA GLY H 2332 71.36 -2.88 -25.26
C GLY H 2332 71.19 -3.34 -23.83
N PRO H 2333 71.66 -4.55 -23.52
CA PRO H 2333 71.46 -5.09 -22.17
C PRO H 2333 72.08 -4.23 -21.08
N ALA H 2334 73.24 -3.61 -21.35
CA ALA H 2334 73.94 -2.87 -20.31
C ALA H 2334 73.16 -1.63 -19.89
N LEU H 2335 72.67 -0.86 -20.86
CA LEU H 2335 72.02 0.40 -20.58
C LEU H 2335 70.53 0.24 -20.34
N ARG H 2336 70.07 -0.97 -20.00
CA ARG H 2336 68.68 -1.15 -19.59
C ARG H 2336 68.37 -0.36 -18.33
N GLY H 2337 69.29 -0.36 -17.37
CA GLY H 2337 68.99 0.09 -16.03
C GLY H 2337 68.35 -0.98 -15.16
N GLU H 2338 68.07 -2.15 -15.72
CA GLU H 2338 67.47 -3.26 -15.00
C GLU H 2338 68.59 -4.26 -14.70
N GLY H 2339 69.35 -4.00 -13.64
CA GLY H 2339 70.47 -4.84 -13.30
C GLY H 2339 71.54 -4.86 -14.38
N GLY H 2340 71.77 -3.70 -15.00
CA GLY H 2340 72.78 -3.58 -16.03
C GLY H 2340 74.13 -3.20 -15.46
N ASN H 2341 75.18 -3.72 -16.10
CA ASN H 2341 76.53 -3.48 -15.65
C ASN H 2341 77.10 -2.14 -16.09
N GLY H 2342 76.40 -1.42 -16.96
CA GLY H 2342 76.85 -0.13 -17.43
C GLY H 2342 77.66 -0.22 -18.71
N LEU H 2343 77.82 0.93 -19.35
CA LEU H 2343 78.50 0.99 -20.64
C LEU H 2343 79.97 0.57 -20.51
N LEU H 2344 80.65 1.06 -19.46
CA LEU H 2344 82.06 0.75 -19.29
C LEU H 2344 82.29 -0.74 -19.08
N ALA H 2345 81.49 -1.35 -18.22
CA ALA H 2345 81.62 -2.78 -17.99
C ALA H 2345 81.22 -3.59 -19.23
N ALA H 2346 80.20 -3.11 -19.96
CA ALA H 2346 79.80 -3.80 -21.17
C ALA H 2346 80.92 -3.79 -22.21
N MET H 2347 81.61 -2.67 -22.38
CA MET H 2347 82.68 -2.66 -23.37
C MET H 2347 83.91 -3.44 -22.89
N GLU H 2348 84.13 -3.52 -21.59
CA GLU H 2348 85.15 -4.45 -21.09
C GLU H 2348 84.78 -5.89 -21.43
N GLU H 2349 83.51 -6.25 -21.25
CA GLU H 2349 83.05 -7.58 -21.63
C GLU H 2349 83.22 -7.81 -23.13
N ALA H 2350 82.95 -6.79 -23.93
CA ALA H 2350 83.15 -6.89 -25.37
C ALA H 2350 84.62 -7.10 -25.71
N ILE H 2351 85.52 -6.41 -25.00
CA ILE H 2351 86.95 -6.66 -25.17
C ILE H 2351 87.25 -8.13 -24.91
N LYS H 2352 86.77 -8.64 -23.76
CA LYS H 2352 87.02 -10.03 -23.40
C LYS H 2352 86.49 -10.98 -24.47
N ILE H 2353 85.32 -10.67 -25.03
CA ILE H 2353 84.79 -11.45 -26.14
C ILE H 2353 85.75 -11.41 -27.32
N ALA H 2354 86.29 -10.23 -27.60
CA ALA H 2354 87.23 -10.07 -28.70
C ALA H 2354 88.49 -10.92 -28.54
N GLU H 2355 89.06 -11.01 -27.35
CA GLU H 2355 90.19 -11.93 -27.16
C GLU H 2355 89.78 -13.38 -27.10
N ASP H 2356 88.56 -13.69 -26.64
CA ASP H 2356 88.14 -15.09 -26.56
C ASP H 2356 87.67 -15.60 -27.90
N PRO H 2357 88.43 -16.47 -28.56
CA PRO H 2357 88.04 -16.95 -29.90
C PRO H 2357 86.78 -17.80 -29.89
N SER H 2358 86.60 -18.58 -28.82
CA SER H 2358 85.49 -19.52 -28.76
C SER H 2358 84.15 -18.79 -28.80
N ARG H 2359 84.00 -17.74 -28.00
CA ARG H 2359 82.75 -17.00 -27.95
C ARG H 2359 82.69 -15.90 -29.01
N ASP H 2360 83.81 -15.63 -29.68
CA ASP H 2360 83.81 -14.58 -30.71
C ASP H 2360 83.30 -15.11 -32.04
N GLY H 2361 83.93 -16.17 -32.56
CA GLY H 2361 83.57 -16.72 -33.85
C GLY H 2361 82.38 -17.65 -33.79
N PRO H 2362 81.88 -18.05 -34.96
CA PRO H 2362 80.75 -19.00 -35.01
C PRO H 2362 81.10 -20.34 -34.36
N SER H 2363 82.36 -20.74 -34.47
CA SER H 2363 82.85 -21.98 -33.88
C SER H 2363 82.09 -23.21 -34.36
N PRO H 2364 82.26 -23.60 -35.63
CA PRO H 2364 81.58 -24.78 -36.17
C PRO H 2364 82.03 -26.07 -35.50
N GLU H 2377 85.32 -15.21 -44.45
CA GLU H 2377 85.01 -13.85 -44.83
C GLU H 2377 84.23 -13.14 -43.72
N GLU H 2378 83.95 -11.85 -43.92
CA GLU H 2378 83.21 -11.09 -42.92
C GLU H 2378 81.81 -11.63 -42.72
N ASP H 2379 81.11 -11.96 -43.81
CA ASP H 2379 79.77 -12.52 -43.67
C ASP H 2379 79.80 -13.87 -42.99
N ASP H 2380 80.79 -14.71 -43.33
CA ASP H 2380 80.90 -16.01 -42.69
C ASP H 2380 81.37 -15.87 -41.24
N THR H 2381 82.29 -14.95 -40.99
CA THR H 2381 82.87 -14.74 -39.67
C THR H 2381 82.65 -13.31 -39.23
N ILE H 2382 81.68 -13.10 -38.35
CA ILE H 2382 81.41 -11.79 -37.75
C ILE H 2382 81.94 -11.81 -36.34
N HIS H 2383 82.73 -10.79 -36.00
CA HIS H 2383 83.27 -10.67 -34.65
C HIS H 2383 82.20 -10.13 -33.70
N MET H 2384 81.75 -10.96 -32.75
CA MET H 2384 80.67 -10.53 -31.87
C MET H 2384 81.11 -9.41 -30.94
N GLY H 2385 82.35 -9.46 -30.45
CA GLY H 2385 82.83 -8.38 -29.61
C GLY H 2385 82.86 -7.05 -30.34
N ASN H 2386 83.38 -7.04 -31.57
CA ASN H 2386 83.39 -5.82 -32.36
C ASN H 2386 81.97 -5.38 -32.71
N ALA H 2387 81.07 -6.34 -32.92
CA ALA H 2387 79.69 -5.99 -33.22
C ALA H 2387 79.03 -5.30 -32.03
N ILE H 2388 79.25 -5.82 -30.83
CA ILE H 2388 78.69 -5.18 -29.63
C ILE H 2388 79.30 -3.80 -29.44
N MET H 2389 80.62 -3.70 -29.64
CA MET H 2389 81.30 -2.41 -29.53
C MET H 2389 80.70 -1.40 -30.49
N THR H 2390 80.50 -1.81 -31.75
CA THR H 2390 79.97 -0.91 -32.75
C THR H 2390 78.52 -0.53 -32.44
N PHE H 2391 77.74 -1.48 -31.94
CA PHE H 2391 76.37 -1.17 -31.56
C PHE H 2391 76.34 -0.08 -30.50
N TYR H 2392 77.13 -0.26 -29.43
CA TYR H 2392 77.13 0.76 -28.37
C TYR H 2392 77.67 2.08 -28.89
N SER H 2393 78.73 2.04 -29.70
CA SER H 2393 79.25 3.28 -30.26
C SER H 2393 78.19 4.00 -31.06
N ALA H 2394 77.43 3.28 -31.87
CA ALA H 2394 76.35 3.89 -32.65
C ALA H 2394 75.28 4.46 -31.74
N LEU H 2395 74.94 3.76 -30.66
CA LEU H 2395 73.89 4.25 -29.77
C LEU H 2395 74.29 5.56 -29.10
N ILE H 2396 75.48 5.61 -28.49
CA ILE H 2396 75.93 6.85 -27.89
C ILE H 2396 76.15 7.94 -28.94
N ASP H 2397 76.58 7.58 -30.15
CA ASP H 2397 76.69 8.59 -31.20
C ASP H 2397 75.34 9.19 -31.53
N LEU H 2398 74.31 8.35 -31.68
CA LEU H 2398 72.98 8.84 -32.00
C LEU H 2398 72.45 9.72 -30.89
N LEU H 2399 72.65 9.32 -29.64
CA LEU H 2399 72.17 10.13 -28.53
C LEU H 2399 72.89 11.48 -28.48
N GLY H 2400 74.21 11.48 -28.71
CA GLY H 2400 74.94 12.72 -28.74
C GLY H 2400 74.46 13.65 -29.84
N ARG H 2401 74.16 13.09 -31.01
CA ARG H 2401 73.62 13.91 -32.09
C ARG H 2401 72.23 14.42 -31.76
N CYS H 2402 71.44 13.60 -31.08
CA CYS H 2402 70.09 14.02 -30.68
C CYS H 2402 70.13 15.10 -29.61
N ALA H 2403 71.24 15.22 -28.89
CA ALA H 2403 71.34 16.25 -27.86
C ALA H 2403 71.12 17.63 -28.46
N PRO H 2404 70.45 18.53 -27.72
CA PRO H 2404 70.10 19.84 -28.28
C PRO H 2404 71.30 20.74 -28.49
N GLU H 2405 71.10 21.82 -29.24
CA GLU H 2405 72.19 22.70 -29.60
C GLU H 2405 72.50 23.69 -28.47
N MET H 2406 73.76 24.16 -28.47
CA MET H 2406 74.21 25.05 -27.41
C MET H 2406 73.54 26.41 -27.49
N HIS H 2407 73.27 26.92 -28.69
CA HIS H 2407 72.60 28.21 -28.79
C HIS H 2407 71.18 28.12 -28.22
N LEU H 2408 70.46 27.04 -28.52
CA LEU H 2408 69.14 26.85 -27.94
C LEU H 2408 69.20 26.70 -26.44
N ILE H 2409 70.17 25.93 -25.93
CA ILE H 2409 70.23 25.73 -24.49
C ILE H 2409 70.62 27.02 -23.78
N HIS H 2410 71.42 27.88 -24.42
CA HIS H 2410 71.71 29.19 -23.86
C HIS H 2410 70.47 30.07 -23.89
N ALA H 2411 69.68 29.99 -24.97
CA ALA H 2411 68.40 30.67 -24.99
C ALA H 2411 67.48 30.18 -23.88
N GLY H 2412 67.68 28.95 -23.42
CA GLY H 2412 66.96 28.46 -22.26
C GLY H 2412 65.65 27.77 -22.54
N LYS H 2413 65.54 27.07 -23.66
CA LYS H 2413 64.31 26.35 -23.95
C LYS H 2413 64.13 25.19 -22.99
N GLY H 2414 62.96 25.16 -22.34
CA GLY H 2414 62.68 24.12 -21.38
C GLY H 2414 62.69 22.73 -21.96
N GLU H 2415 62.16 22.57 -23.18
CA GLU H 2415 62.17 21.26 -23.81
C GLU H 2415 63.61 20.81 -24.09
N ALA H 2416 64.46 21.74 -24.52
CA ALA H 2416 65.85 21.41 -24.79
C ALA H 2416 66.59 21.01 -23.51
N ILE H 2417 66.41 21.78 -22.44
CA ILE H 2417 67.08 21.43 -21.19
C ILE H 2417 66.55 20.11 -20.66
N ARG H 2418 65.26 19.85 -20.85
CA ARG H 2418 64.70 18.56 -20.46
C ARG H 2418 65.36 17.42 -21.22
N ILE H 2419 65.50 17.56 -22.53
CA ILE H 2419 66.11 16.49 -23.34
C ILE H 2419 67.55 16.27 -22.91
N ARG H 2420 68.29 17.36 -22.70
CA ARG H 2420 69.67 17.21 -22.28
C ARG H 2420 69.78 16.54 -20.91
N SER H 2421 68.88 16.87 -19.98
CA SER H 2421 68.87 16.22 -18.69
C SER H 2421 68.54 14.73 -18.81
N ILE H 2422 67.61 14.39 -19.70
CA ILE H 2422 67.28 12.97 -19.90
C ILE H 2422 68.49 12.21 -20.42
N LEU H 2423 69.20 12.80 -21.38
CA LEU H 2423 70.40 12.14 -21.90
C LEU H 2423 71.47 12.02 -20.84
N ARG H 2424 71.62 13.05 -20.01
CA ARG H 2424 72.56 13.00 -18.89
C ARG H 2424 72.22 11.87 -17.94
N SER H 2425 70.94 11.68 -17.65
CA SER H 2425 70.52 10.56 -16.82
C SER H 2425 70.80 9.24 -17.52
N LEU H 2426 70.59 9.18 -18.83
CA LEU H 2426 70.78 7.93 -19.57
C LEU H 2426 72.22 7.47 -19.52
N ILE H 2427 73.18 8.37 -19.71
CA ILE H 2427 74.58 8.00 -19.73
C ILE H 2427 75.32 8.74 -18.63
N PRO H 2428 75.97 8.04 -17.70
CA PRO H 2428 76.77 8.73 -16.68
C PRO H 2428 78.12 9.15 -17.23
N LEU H 2429 78.73 10.12 -16.54
CA LEU H 2429 80.00 10.67 -17.00
C LEU H 2429 81.16 9.69 -16.81
N GLY H 2430 81.16 8.97 -15.69
CA GLY H 2430 82.24 8.05 -15.42
C GLY H 2430 82.36 6.95 -16.46
N ASP H 2431 81.23 6.49 -16.99
CA ASP H 2431 81.27 5.47 -18.03
C ASP H 2431 81.98 5.98 -19.28
N LEU H 2432 81.64 7.21 -19.70
CA LEU H 2432 82.32 7.79 -20.85
C LEU H 2432 83.80 7.98 -20.59
N VAL H 2433 84.15 8.43 -19.38
CA VAL H 2433 85.57 8.60 -19.04
C VAL H 2433 86.29 7.27 -19.12
N GLY H 2434 85.69 6.20 -18.58
CA GLY H 2434 86.32 4.88 -18.66
C GLY H 2434 86.48 4.38 -20.07
N VAL H 2435 85.45 4.55 -20.92
CA VAL H 2435 85.59 4.13 -22.31
C VAL H 2435 86.70 4.89 -23.01
N ILE H 2436 86.79 6.21 -22.80
CA ILE H 2436 87.88 6.97 -23.39
C ILE H 2436 89.23 6.52 -22.82
N SER H 2437 89.27 6.13 -21.55
CA SER H 2437 90.51 5.71 -20.93
C SER H 2437 90.98 4.38 -21.50
N ILE H 2438 90.06 3.51 -21.90
CA ILE H 2438 90.44 2.22 -22.48
C ILE H 2438 91.36 2.44 -23.67
N ALA H 2439 92.46 1.69 -23.70
CA ALA H 2439 93.51 1.87 -24.69
C ALA H 2439 93.38 0.85 -25.82
N PHE H 2440 94.26 0.98 -26.80
CA PHE H 2440 94.25 0.14 -27.98
C PHE H 2440 95.43 -0.82 -27.98
N GLN H 2441 95.29 -1.91 -28.72
CA GLN H 2441 96.43 -2.80 -28.94
C GLN H 2441 97.38 -2.16 -29.94
N MET H 2442 98.67 -2.35 -29.71
CA MET H 2442 99.64 -1.73 -30.60
C MET H 2442 100.21 -2.74 -31.58
N PRO H 2443 99.92 -2.60 -32.87
CA PRO H 2443 100.61 -3.43 -33.87
C PRO H 2443 102.11 -3.19 -33.84
N THR H 2444 102.87 -4.25 -34.06
CA THR H 2444 104.31 -4.22 -33.88
C THR H 2444 105.00 -4.86 -35.08
N ILE H 2445 106.32 -4.62 -35.17
CA ILE H 2445 107.13 -5.36 -36.11
C ILE H 2445 107.48 -6.73 -35.52
N ALA H 2446 107.56 -7.73 -36.40
CA ALA H 2446 107.90 -9.07 -35.94
C ALA H 2446 109.40 -9.22 -35.77
N LYS H 2447 109.83 -10.45 -35.48
CA LYS H 2447 111.25 -10.73 -35.33
C LYS H 2447 112.00 -10.43 -36.63
N ASP H 2448 111.41 -10.81 -37.76
CA ASP H 2448 112.03 -10.49 -39.05
C ASP H 2448 112.07 -8.99 -39.28
N GLY H 2449 111.05 -8.28 -38.83
CA GLY H 2449 110.93 -6.84 -39.03
C GLY H 2449 109.64 -6.43 -39.70
N ASN H 2450 108.93 -7.33 -40.37
CA ASN H 2450 107.64 -7.00 -40.96
C ASN H 2450 106.63 -6.72 -39.86
N VAL H 2451 105.76 -5.74 -40.10
CA VAL H 2451 104.79 -5.35 -39.09
C VAL H 2451 103.73 -6.43 -38.97
N VAL H 2452 103.37 -6.76 -37.73
CA VAL H 2452 102.22 -7.63 -37.47
C VAL H 2452 101.03 -6.73 -37.14
N GLU H 2453 99.91 -6.97 -37.81
CA GLU H 2453 98.75 -6.11 -37.71
C GLU H 2453 97.55 -6.92 -37.21
N PRO H 2454 97.03 -6.63 -36.03
CA PRO H 2454 95.77 -7.26 -35.63
C PRO H 2454 94.64 -6.83 -36.55
N ASP H 2455 93.66 -7.72 -36.73
CA ASP H 2455 92.54 -7.41 -37.59
C ASP H 2455 91.75 -6.24 -37.04
N MET H 2456 91.86 -5.09 -37.70
CA MET H 2456 91.16 -3.91 -37.23
C MET H 2456 89.65 -4.07 -37.23
N SER H 2457 89.10 -4.91 -38.10
CA SER H 2457 87.68 -5.17 -38.05
C SER H 2457 87.28 -5.92 -36.79
N ALA H 2458 88.24 -6.44 -36.05
CA ALA H 2458 88.00 -7.14 -34.79
C ALA H 2458 88.67 -6.37 -33.65
N GLY H 2459 87.90 -6.10 -32.61
CA GLY H 2459 88.44 -5.45 -31.42
C GLY H 2459 87.97 -4.03 -31.29
N PHE H 2460 88.71 -3.27 -30.47
CA PHE H 2460 88.32 -1.91 -30.12
C PHE H 2460 89.00 -0.93 -31.07
N CYS H 2461 88.22 -0.02 -31.63
CA CYS H 2461 88.68 0.84 -32.71
C CYS H 2461 88.49 2.31 -32.36
N PRO H 2462 89.32 3.19 -32.93
CA PRO H 2462 89.22 4.63 -32.58
C PRO H 2462 87.88 5.25 -32.90
N ASP H 2463 87.21 4.79 -33.95
CA ASP H 2463 85.88 5.32 -34.25
C ASP H 2463 84.92 5.06 -33.12
N HIS H 2464 85.15 3.99 -32.35
CA HIS H 2464 84.32 3.72 -31.19
C HIS H 2464 84.44 4.82 -30.15
N LYS H 2465 85.66 5.26 -29.86
CA LYS H 2465 85.86 6.38 -28.94
C LYS H 2465 85.42 7.70 -29.54
N ALA H 2466 85.38 7.80 -30.87
CA ALA H 2466 84.93 9.05 -31.50
C ALA H 2466 83.51 9.39 -31.07
N ALA H 2467 82.62 8.39 -31.04
CA ALA H 2467 81.26 8.62 -30.57
C ALA H 2467 81.21 9.02 -29.11
N MET H 2468 82.06 8.40 -28.28
CA MET H 2468 82.10 8.77 -26.87
C MET H 2468 82.50 10.22 -26.69
N VAL H 2469 83.51 10.66 -27.45
CA VAL H 2469 83.93 12.05 -27.38
C VAL H 2469 82.84 12.97 -27.90
N LEU H 2470 82.14 12.58 -28.97
CA LEU H 2470 81.04 13.39 -29.47
C LEU H 2470 79.97 13.60 -28.42
N PHE H 2471 79.56 12.52 -27.74
CA PHE H 2471 78.58 12.64 -26.67
C PHE H 2471 79.09 13.51 -25.55
N LEU H 2472 80.35 13.31 -25.15
CA LEU H 2472 80.92 14.08 -24.05
C LEU H 2472 80.90 15.58 -24.38
N ASP H 2473 81.22 15.92 -25.63
CA ASP H 2473 81.24 17.32 -26.02
C ASP H 2473 79.83 17.90 -26.08
N ARG H 2474 78.91 17.20 -26.75
CA ARG H 2474 77.62 17.81 -27.03
C ARG H 2474 76.66 17.76 -25.86
N VAL H 2475 76.80 16.80 -24.96
CA VAL H 2475 75.88 16.62 -23.84
C VAL H 2475 76.43 17.26 -22.57
N TYR H 2476 77.57 16.78 -22.09
CA TYR H 2476 78.15 17.36 -20.88
C TYR H 2476 78.85 18.68 -21.17
N GLY H 2477 79.68 18.71 -22.20
CA GLY H 2477 80.43 19.91 -22.51
C GLY H 2477 81.63 20.07 -21.59
N ILE H 2478 82.75 20.54 -22.15
CA ILE H 2478 83.95 20.71 -21.36
C ILE H 2478 84.05 22.18 -20.95
N GLU H 2479 83.63 22.49 -19.73
CA GLU H 2479 83.62 23.86 -19.23
C GLU H 2479 84.38 24.01 -17.91
N VAL H 2480 84.96 22.94 -17.40
CA VAL H 2480 85.73 22.97 -16.16
C VAL H 2480 87.16 22.56 -16.47
N GLN H 2481 88.11 23.39 -16.03
CA GLN H 2481 89.52 23.07 -16.24
C GLN H 2481 89.91 21.78 -15.54
N ASP H 2482 89.37 21.55 -14.33
CA ASP H 2482 89.67 20.32 -13.61
C ASP H 2482 89.24 19.09 -14.40
N PHE H 2483 88.02 19.11 -14.95
CA PHE H 2483 87.55 17.98 -15.73
C PHE H 2483 88.33 17.85 -17.02
N LEU H 2484 88.69 18.97 -17.65
CA LEU H 2484 89.48 18.92 -18.87
C LEU H 2484 90.81 18.23 -18.62
N LEU H 2485 91.53 18.64 -17.57
CA LEU H 2485 92.80 18.01 -17.26
C LEU H 2485 92.65 16.57 -16.80
N HIS H 2486 91.55 16.23 -16.11
CA HIS H 2486 91.33 14.84 -15.73
C HIS H 2486 91.11 13.96 -16.95
N LEU H 2487 90.30 14.43 -17.90
CA LEU H 2487 90.12 13.70 -19.15
C LEU H 2487 91.42 13.57 -19.92
N LEU H 2488 92.22 14.62 -19.96
CA LEU H 2488 93.53 14.54 -20.60
C LEU H 2488 94.44 13.53 -19.90
N GLU H 2489 94.39 13.47 -18.56
CA GLU H 2489 95.08 12.43 -17.81
C GLU H 2489 94.65 11.04 -18.24
N VAL H 2490 93.34 10.79 -18.29
CA VAL H 2490 92.86 9.41 -18.35
C VAL H 2490 92.82 8.88 -19.77
N GLY H 2491 92.39 9.67 -20.75
CA GLY H 2491 92.12 9.09 -22.06
C GLY H 2491 92.70 9.77 -23.28
N PHE H 2492 93.21 11.00 -23.13
CA PHE H 2492 93.63 11.74 -24.32
C PHE H 2492 95.13 11.69 -24.51
N LEU H 2493 95.90 12.05 -23.48
CA LEU H 2493 97.35 12.07 -23.55
C LEU H 2493 97.93 10.70 -23.88
N PRO H 2494 97.45 9.60 -23.28
CA PRO H 2494 97.93 8.28 -23.72
C PRO H 2494 97.69 8.02 -25.20
N ASP H 2495 96.53 8.42 -25.73
CA ASP H 2495 96.27 8.25 -27.14
C ASP H 2495 97.24 9.06 -27.99
N LEU H 2496 97.48 10.31 -27.59
CA LEU H 2496 98.40 11.16 -28.34
C LEU H 2496 99.80 10.57 -28.32
N ARG H 2497 100.23 10.08 -27.16
CA ARG H 2497 101.55 9.47 -27.04
C ARG H 2497 101.67 8.20 -27.87
N ALA H 2498 100.64 7.37 -27.89
CA ALA H 2498 100.65 6.19 -28.76
C ALA H 2498 100.74 6.58 -30.22
N ALA H 2499 99.97 7.59 -30.64
CA ALA H 2499 100.06 8.04 -32.03
C ALA H 2499 101.46 8.52 -32.36
N ALA H 2500 102.08 9.26 -31.42
CA ALA H 2500 103.46 9.72 -31.64
C ALA H 2500 104.43 8.55 -31.74
N SER H 2501 104.29 7.56 -30.86
CA SER H 2501 105.17 6.39 -30.85
C SER H 2501 105.00 5.51 -32.08
N LEU H 2502 103.84 5.57 -32.73
CA LEU H 2502 103.60 4.81 -33.96
C LEU H 2502 103.96 5.60 -35.21
N ASP H 2503 104.97 6.47 -35.12
CA ASP H 2503 105.37 7.31 -36.25
C ASP H 2503 106.57 6.77 -37.01
N THR H 2504 107.05 5.57 -36.68
CA THR H 2504 108.16 4.99 -37.43
C THR H 2504 107.71 4.65 -38.85
N ALA H 2505 108.66 4.61 -39.78
CA ALA H 2505 108.33 4.43 -41.19
C ALA H 2505 107.54 3.15 -41.43
N ALA H 2506 107.90 2.06 -40.77
CA ALA H 2506 107.17 0.80 -40.95
C ALA H 2506 105.82 0.86 -40.25
N LEU H 2507 105.78 1.38 -39.03
CA LEU H 2507 104.55 1.40 -38.25
C LEU H 2507 103.61 2.53 -38.64
N SER H 2508 104.09 3.52 -39.39
CA SER H 2508 103.21 4.61 -39.82
C SER H 2508 102.19 4.12 -40.84
N ALA H 2509 102.61 3.24 -41.76
CA ALA H 2509 101.73 2.79 -42.83
C ALA H 2509 100.62 1.87 -42.35
N THR H 2510 100.72 1.36 -41.14
CA THR H 2510 99.68 0.47 -40.60
C THR H 2510 98.34 1.16 -40.55
N ASP H 2511 97.29 0.42 -40.90
CA ASP H 2511 95.94 0.99 -40.94
C ASP H 2511 95.51 1.48 -39.56
N MET H 2512 96.05 0.87 -38.49
CA MET H 2512 95.74 1.35 -37.16
C MET H 2512 96.19 2.80 -36.99
N ALA H 2513 97.38 3.11 -37.48
CA ALA H 2513 97.91 4.47 -37.36
C ALA H 2513 97.02 5.44 -38.12
N LEU H 2514 96.57 5.06 -39.31
CA LEU H 2514 95.68 5.92 -40.07
C LEU H 2514 94.37 6.15 -39.31
N ALA H 2515 93.79 5.10 -38.76
CA ALA H 2515 92.54 5.24 -38.02
C ALA H 2515 92.74 6.12 -36.78
N LEU H 2516 93.85 5.94 -36.08
CA LEU H 2516 94.09 6.72 -34.87
C LEU H 2516 94.33 8.18 -35.19
N ASN H 2517 95.08 8.45 -36.27
CA ASN H 2517 95.27 9.83 -36.69
C ASN H 2517 93.94 10.47 -37.09
N ARG H 2518 93.09 9.70 -37.79
CA ARG H 2518 91.76 10.19 -38.11
C ARG H 2518 90.99 10.57 -36.86
N TYR H 2519 90.95 9.65 -35.89
CA TYR H 2519 90.23 9.91 -34.65
C TYR H 2519 90.76 11.15 -33.96
N LEU H 2520 92.07 11.25 -33.81
CA LEU H 2520 92.66 12.42 -33.16
C LEU H 2520 92.26 13.69 -33.88
N CYS H 2521 92.67 13.83 -35.14
CA CYS H 2521 92.49 15.07 -35.88
C CYS H 2521 91.04 15.40 -36.16
N THR H 2522 90.11 14.46 -35.97
CA THR H 2522 88.72 14.78 -36.24
C THR H 2522 87.92 15.02 -34.97
N ALA H 2523 88.32 14.42 -33.85
CA ALA H 2523 87.54 14.57 -32.63
C ALA H 2523 88.31 15.22 -31.50
N VAL H 2524 89.53 14.77 -31.23
CA VAL H 2524 90.22 15.20 -30.00
C VAL H 2524 90.74 16.62 -30.16
N LEU H 2525 91.51 16.86 -31.23
CA LEU H 2525 92.11 18.17 -31.43
C LEU H 2525 91.08 19.27 -31.59
N PRO H 2526 89.99 19.11 -32.35
CA PRO H 2526 88.96 20.16 -32.37
C PRO H 2526 88.39 20.46 -31.00
N LEU H 2527 88.18 19.44 -30.17
CA LEU H 2527 87.67 19.66 -28.83
C LEU H 2527 88.64 20.48 -27.99
N LEU H 2528 89.92 20.13 -28.03
CA LEU H 2528 90.93 20.90 -27.33
C LEU H 2528 91.06 22.32 -27.86
N THR H 2529 90.87 22.53 -29.16
CA THR H 2529 90.86 23.86 -29.74
C THR H 2529 89.69 24.69 -29.23
N ARG H 2530 88.50 24.11 -29.19
CA ARG H 2530 87.33 24.80 -28.67
C ARG H 2530 87.41 25.01 -27.17
N CYS H 2531 88.21 24.23 -26.47
CA CYS H 2531 88.40 24.38 -25.02
C CYS H 2531 89.68 25.15 -24.71
N ALA H 2532 90.15 25.98 -25.64
CA ALA H 2532 91.40 26.70 -25.45
C ALA H 2532 91.39 27.63 -24.23
N PRO H 2533 90.36 28.46 -23.99
CA PRO H 2533 90.44 29.39 -22.85
C PRO H 2533 90.64 28.70 -21.51
N LEU H 2534 90.04 27.52 -21.34
CA LEU H 2534 90.19 26.80 -20.07
C LEU H 2534 91.65 26.52 -19.75
N PHE H 2535 92.48 26.39 -20.77
CA PHE H 2535 93.91 26.16 -20.59
C PHE H 2535 94.63 27.34 -19.95
N ALA H 2536 93.97 28.44 -19.64
CA ALA H 2536 94.66 29.56 -18.99
C ALA H 2536 95.21 29.15 -17.63
N GLY H 2537 94.40 28.45 -16.83
CA GLY H 2537 94.82 28.02 -15.52
C GLY H 2537 95.47 26.65 -15.50
N THR H 2538 96.69 26.56 -16.03
CA THR H 2538 97.44 25.31 -16.05
C THR H 2538 98.78 25.42 -15.35
N GLU H 2539 98.89 26.29 -14.34
CA GLU H 2539 100.14 26.44 -13.61
C GLU H 2539 100.52 25.14 -12.90
N HIS H 2540 99.55 24.48 -12.28
CA HIS H 2540 99.85 23.32 -11.44
C HIS H 2540 100.26 22.11 -12.27
N HIS H 2541 99.56 21.85 -13.37
CA HIS H 2541 99.90 20.71 -14.24
C HIS H 2541 100.84 21.13 -15.35
N ALA H 2542 101.97 21.73 -14.97
CA ALA H 2542 102.97 22.13 -15.96
C ALA H 2542 103.52 20.94 -16.71
N SER H 2543 103.80 19.84 -15.99
CA SER H 2543 104.30 18.64 -16.66
C SER H 2543 103.26 18.11 -17.64
N LEU H 2544 101.99 18.11 -17.24
CA LEU H 2544 100.93 17.67 -18.14
C LEU H 2544 100.87 18.51 -19.40
N ILE H 2545 100.84 19.83 -19.26
CA ILE H 2545 100.71 20.68 -20.44
C ILE H 2545 101.94 20.57 -21.32
N ASP H 2546 103.13 20.44 -20.72
CA ASP H 2546 104.34 20.23 -21.49
C ASP H 2546 104.31 18.92 -22.27
N SER H 2547 103.85 17.84 -21.64
CA SER H 2547 103.71 16.57 -22.33
C SER H 2547 102.73 16.67 -23.50
N LEU H 2548 101.60 17.34 -23.28
CA LEU H 2548 100.66 17.55 -24.38
C LEU H 2548 101.33 18.29 -25.53
N LEU H 2549 102.04 19.39 -25.22
CA LEU H 2549 102.66 20.18 -26.26
C LEU H 2549 103.68 19.35 -27.03
N HIS H 2550 104.49 18.56 -26.32
CA HIS H 2550 105.53 17.77 -26.99
C HIS H 2550 104.91 16.69 -27.86
N THR H 2551 103.87 16.02 -27.37
CA THR H 2551 103.20 15.00 -28.18
C THR H 2551 102.57 15.60 -29.43
N VAL H 2552 101.90 16.75 -29.28
CA VAL H 2552 101.30 17.40 -30.44
C VAL H 2552 102.37 17.80 -31.44
N TYR H 2553 103.50 18.35 -30.96
CA TYR H 2553 104.57 18.73 -31.87
C TYR H 2553 105.15 17.51 -32.60
N ARG H 2554 105.34 16.40 -31.89
CA ARG H 2554 105.85 15.20 -32.53
C ARG H 2554 104.88 14.70 -33.59
N LEU H 2555 103.58 14.72 -33.29
CA LEU H 2555 102.60 14.36 -34.30
C LEU H 2555 102.68 15.28 -35.50
N SER H 2556 102.85 16.58 -35.26
CA SER H 2556 103.00 17.56 -36.33
C SER H 2556 104.17 17.25 -37.25
N LYS H 2557 105.28 16.78 -36.72
CA LYS H 2557 106.41 16.34 -37.54
C LYS H 2557 106.21 14.96 -38.13
N GLY H 2558 105.23 14.20 -37.62
CA GLY H 2558 104.88 12.94 -38.27
C GLY H 2558 104.52 13.16 -39.73
N CYS H 2559 104.84 12.16 -40.56
CA CYS H 2559 104.80 12.32 -42.00
C CYS H 2559 103.52 11.79 -42.63
N SER H 2560 102.95 10.70 -42.11
CA SER H 2560 101.82 10.06 -42.77
C SER H 2560 100.54 10.89 -42.71
N LEU H 2561 100.57 12.05 -42.07
CA LEU H 2561 99.38 12.87 -41.94
C LEU H 2561 98.91 13.37 -43.31
N THR H 2562 97.60 13.57 -43.43
CA THR H 2562 97.07 14.24 -44.61
C THR H 2562 97.19 15.75 -44.43
N LYS H 2563 96.89 16.47 -45.52
CA LYS H 2563 96.97 17.93 -45.47
C LYS H 2563 95.96 18.49 -44.47
N ALA H 2564 94.74 17.97 -44.49
CA ALA H 2564 93.72 18.44 -43.54
C ALA H 2564 94.11 18.09 -42.11
N GLN H 2565 94.68 16.90 -41.90
CA GLN H 2565 95.13 16.52 -40.57
C GLN H 2565 96.21 17.46 -40.06
N ARG H 2566 97.18 17.78 -40.92
CA ARG H 2566 98.22 18.73 -40.54
C ARG H 2566 97.63 20.09 -40.23
N ASP H 2567 96.67 20.54 -41.03
CA ASP H 2567 96.05 21.83 -40.79
C ASP H 2567 95.34 21.84 -39.43
N SER H 2568 94.62 20.77 -39.12
CA SER H 2568 93.93 20.69 -37.83
C SER H 2568 94.93 20.70 -36.68
N ILE H 2569 96.02 19.95 -36.81
CA ILE H 2569 97.03 19.91 -35.76
C ILE H 2569 97.64 21.30 -35.55
N GLU H 2570 97.96 21.97 -36.65
CA GLU H 2570 98.52 23.32 -36.56
C GLU H 2570 97.57 24.27 -35.88
N VAL H 2571 96.30 24.24 -36.28
CA VAL H 2571 95.31 25.14 -35.68
C VAL H 2571 95.17 24.86 -34.18
N CYS H 2572 95.09 23.59 -33.81
CA CYS H 2572 94.92 23.24 -32.41
C CYS H 2572 96.13 23.68 -31.58
N LEU H 2573 97.33 23.42 -32.08
CA LEU H 2573 98.54 23.78 -31.33
C LEU H 2573 98.67 25.29 -31.18
N LEU H 2574 98.41 26.03 -32.27
CA LEU H 2574 98.45 27.48 -32.18
C LEU H 2574 97.42 28.00 -31.20
N SER H 2575 96.20 27.48 -31.24
CA SER H 2575 95.15 27.93 -30.33
C SER H 2575 95.54 27.68 -28.88
N ILE H 2576 96.06 26.49 -28.58
CA ILE H 2576 96.41 26.17 -27.20
C ILE H 2576 97.57 27.06 -26.73
N CYS H 2577 98.63 27.14 -27.54
CA CYS H 2577 99.79 27.94 -27.15
C CYS H 2577 99.42 29.42 -27.05
N GLY H 2578 98.34 29.83 -27.70
CA GLY H 2578 97.93 31.22 -27.62
CA GLY H 2578 97.93 31.22 -27.62
C GLY H 2578 97.56 31.64 -26.22
N GLN H 2579 96.77 30.82 -25.52
CA GLN H 2579 96.36 31.13 -24.17
C GLN H 2579 97.18 30.45 -23.10
N LEU H 2580 98.13 29.58 -23.46
CA LEU H 2580 99.01 29.07 -22.41
C LEU H 2580 99.91 30.17 -21.87
N ARG H 2581 100.25 30.04 -20.60
CA ARG H 2581 101.06 31.04 -19.92
C ARG H 2581 102.50 30.98 -20.42
N PRO H 2582 103.16 32.14 -20.58
CA PRO H 2582 104.42 32.18 -21.33
C PRO H 2582 105.53 31.27 -20.80
N SER H 2583 105.73 31.17 -19.48
CA SER H 2583 106.89 30.43 -19.00
C SER H 2583 106.77 28.96 -19.32
N MET H 2584 105.55 28.48 -19.59
CA MET H 2584 105.36 27.07 -19.88
C MET H 2584 105.48 26.77 -21.38
N MET H 2585 105.64 27.80 -22.20
CA MET H 2585 106.18 27.57 -23.54
C MET H 2585 107.62 27.06 -23.50
N GLN H 2586 108.40 27.39 -22.47
CA GLN H 2586 109.84 27.26 -22.52
C GLN H 2586 110.27 25.85 -22.91
N HIS H 2587 109.60 24.83 -22.37
CA HIS H 2587 109.97 23.45 -22.68
C HIS H 2587 109.76 23.15 -24.15
N LEU H 2588 108.63 23.57 -24.71
CA LEU H 2588 108.39 23.37 -26.14
C LEU H 2588 109.32 24.22 -26.99
N LEU H 2589 109.65 25.41 -26.50
CA LEU H 2589 110.57 26.28 -27.21
C LEU H 2589 111.94 25.65 -27.31
N ARG H 2590 112.38 24.97 -26.24
CA ARG H 2590 113.66 24.29 -26.25
C ARG H 2590 113.73 23.26 -27.37
N ARG H 2591 112.64 22.56 -27.62
CA ARG H 2591 112.58 21.63 -28.74
C ARG H 2591 112.42 22.34 -30.08
N LEU H 2592 111.77 23.51 -30.09
CA LEU H 2592 111.55 24.22 -31.33
C LEU H 2592 112.83 24.81 -31.88
N VAL H 2593 113.70 25.29 -30.99
CA VAL H 2593 114.82 26.13 -31.43
C VAL H 2593 115.80 25.36 -32.30
N PHE H 2594 116.02 24.08 -32.02
CA PHE H 2594 116.99 23.34 -32.79
C PHE H 2594 116.39 22.67 -34.02
N ASP H 2595 115.06 22.66 -34.15
CA ASP H 2595 114.41 22.07 -35.31
C ASP H 2595 113.99 23.09 -36.35
N VAL H 2596 113.85 24.36 -35.98
CA VAL H 2596 113.51 25.41 -36.93
C VAL H 2596 114.62 25.71 -37.94
N PRO H 2597 115.91 25.70 -37.58
CA PRO H 2597 116.92 26.19 -38.54
C PRO H 2597 116.97 25.39 -39.83
N LEU H 2598 116.34 24.22 -39.89
CA LEU H 2598 116.27 23.48 -41.14
C LEU H 2598 115.55 24.27 -42.22
N LEU H 2599 114.50 25.01 -41.84
CA LEU H 2599 113.68 25.77 -42.78
C LEU H 2599 113.16 24.87 -43.90
N ASN H 2600 112.79 23.65 -43.54
CA ASN H 2600 112.10 22.78 -44.47
C ASN H 2600 110.59 23.04 -44.39
N GLU H 2601 109.81 22.20 -45.08
CA GLU H 2601 108.37 22.38 -45.08
C GLU H 2601 107.78 22.12 -43.70
N HIS H 2602 108.41 21.24 -42.91
CA HIS H 2602 107.94 20.97 -41.57
C HIS H 2602 108.15 22.17 -40.65
N ALA H 2603 109.01 23.10 -41.05
CA ALA H 2603 109.35 24.24 -40.20
C ALA H 2603 108.36 25.39 -40.35
N LYS H 2604 107.33 25.26 -41.18
CA LYS H 2604 106.40 26.35 -41.39
C LYS H 2604 105.63 26.69 -40.13
N MET H 2605 105.00 25.69 -39.51
CA MET H 2605 104.14 26.00 -38.37
C MET H 2605 104.93 26.34 -37.12
N PRO H 2606 106.15 25.82 -36.89
CA PRO H 2606 106.93 26.32 -35.75
C PRO H 2606 107.16 27.82 -35.83
N LEU H 2607 107.34 28.32 -37.05
CA LEU H 2607 107.54 29.75 -37.25
C LEU H 2607 106.32 30.54 -36.84
N LYS H 2608 105.13 30.07 -37.22
CA LYS H 2608 103.90 30.76 -36.82
C LYS H 2608 103.72 30.72 -35.32
N LEU H 2609 104.00 29.57 -34.70
CA LEU H 2609 103.88 29.47 -33.25
C LEU H 2609 104.83 30.45 -32.55
N LEU H 2610 106.08 30.52 -33.02
CA LEU H 2610 107.04 31.45 -32.46
C LEU H 2610 106.61 32.89 -32.65
N THR H 2611 106.12 33.24 -33.85
CA THR H 2611 105.65 34.59 -34.10
C THR H 2611 104.54 34.98 -33.14
N ASN H 2612 103.54 34.11 -32.99
CA ASN H 2612 102.43 34.42 -32.10
C ASN H 2612 102.91 34.55 -30.65
N HIS H 2613 103.76 33.62 -30.20
CA HIS H 2613 104.23 33.69 -28.82
C HIS H 2613 104.99 34.98 -28.55
N TYR H 2614 105.95 35.31 -29.41
CA TYR H 2614 106.77 36.47 -29.15
C TYR H 2614 105.98 37.77 -29.31
N GLU H 2615 105.07 37.85 -30.27
CA GLU H 2615 104.22 39.02 -30.39
C GLU H 2615 103.33 39.19 -29.16
N ARG H 2616 102.80 38.10 -28.62
CA ARG H 2616 101.93 38.23 -27.45
C ARG H 2616 102.72 38.53 -26.18
N CYS H 2617 103.96 38.04 -26.08
CA CYS H 2617 104.69 38.06 -24.82
C CYS H 2617 105.97 38.88 -24.89
N TRP H 2618 106.05 39.83 -25.83
CA TRP H 2618 107.27 40.63 -25.94
C TRP H 2618 107.53 41.43 -24.67
N LYS H 2619 106.47 41.86 -23.99
CA LYS H 2619 106.64 42.59 -22.74
C LYS H 2619 107.33 41.72 -21.69
N TYR H 2620 106.96 40.44 -21.64
CA TYR H 2620 107.60 39.51 -20.71
C TYR H 2620 109.10 39.44 -20.96
N TYR H 2621 109.52 39.66 -22.21
CA TYR H 2621 110.93 39.59 -22.59
C TYR H 2621 111.61 40.95 -22.55
N CYS H 2622 111.00 41.97 -23.16
CA CYS H 2622 111.65 43.27 -23.30
C CYS H 2622 111.80 43.96 -21.95
N LEU H 2623 110.67 44.26 -21.31
CA LEU H 2623 110.71 45.01 -20.06
C LEU H 2623 111.34 44.16 -18.96
N PRO H 2624 112.17 44.75 -18.10
CA PRO H 2624 112.72 43.99 -16.97
C PRO H 2624 111.64 43.42 -16.06
N GLY H 2625 110.56 44.17 -15.85
CA GLY H 2625 109.46 43.65 -15.05
C GLY H 2625 108.64 42.61 -15.80
N GLY H 2626 108.43 42.83 -17.09
CA GLY H 2626 107.55 41.98 -17.85
C GLY H 2626 106.11 42.13 -17.41
N TRP H 2627 105.32 41.09 -17.66
CA TRP H 2627 103.99 41.03 -17.07
C TRP H 2627 104.11 40.98 -15.56
N GLY H 2628 103.32 41.82 -14.88
CA GLY H 2628 103.42 41.91 -13.43
C GLY H 2628 103.09 40.58 -12.76
N ASN H 2629 102.02 39.94 -13.19
CA ASN H 2629 101.68 38.63 -12.65
C ASN H 2629 102.67 37.56 -13.08
N PHE H 2630 103.14 37.64 -14.33
CA PHE H 2630 104.00 36.59 -14.86
C PHE H 2630 105.44 36.78 -14.43
N GLY H 2631 105.97 38.00 -14.57
CA GLY H 2631 107.34 38.26 -14.22
C GLY H 2631 108.23 38.43 -15.43
N ALA H 2632 109.46 37.90 -15.36
CA ALA H 2632 110.42 37.99 -16.44
C ALA H 2632 111.00 36.61 -16.72
N ALA H 2633 111.82 36.53 -17.76
CA ALA H 2633 112.39 35.26 -18.17
C ALA H 2633 113.46 34.79 -17.18
N SER H 2634 113.83 33.52 -17.30
CA SER H 2634 114.85 32.90 -16.47
C SER H 2634 116.25 33.04 -17.05
N GLU H 2635 116.37 33.78 -18.16
CA GLU H 2635 117.62 34.15 -18.82
C GLU H 2635 118.22 32.97 -19.59
N GLU H 2636 117.82 31.75 -19.24
CA GLU H 2636 118.16 30.61 -20.07
C GLU H 2636 117.25 30.57 -21.29
N GLU H 2637 115.97 30.88 -21.08
CA GLU H 2637 115.07 31.11 -22.20
C GLU H 2637 115.57 32.24 -23.09
N LEU H 2638 116.16 33.28 -22.48
CA LEU H 2638 116.70 34.37 -23.27
C LEU H 2638 117.87 33.90 -24.13
N HIS H 2639 118.79 33.12 -23.56
CA HIS H 2639 119.91 32.59 -24.35
C HIS H 2639 119.41 31.70 -25.48
N LEU H 2640 118.45 30.83 -25.18
CA LEU H 2640 117.89 29.96 -26.21
C LEU H 2640 117.20 30.76 -27.29
N SER H 2641 116.47 31.81 -26.92
CA SER H 2641 115.83 32.66 -27.91
C SER H 2641 116.84 33.38 -28.77
N ARG H 2642 117.96 33.82 -28.18
CA ARG H 2642 118.99 34.46 -28.97
C ARG H 2642 119.59 33.50 -29.99
N LYS H 2643 119.91 32.28 -29.57
CA LYS H 2643 120.48 31.32 -30.52
C LYS H 2643 119.44 30.93 -31.56
N LEU H 2644 118.16 30.90 -31.17
CA LEU H 2644 117.08 30.69 -32.11
C LEU H 2644 117.06 31.77 -33.19
N PHE H 2645 117.10 33.03 -32.75
CA PHE H 2645 117.12 34.15 -33.68
C PHE H 2645 118.30 34.05 -34.64
N TRP H 2646 119.50 33.78 -34.10
CA TRP H 2646 120.68 33.73 -34.95
C TRP H 2646 120.59 32.57 -35.94
N GLY H 2647 120.09 31.41 -35.48
CA GLY H 2647 119.97 30.28 -36.39
C GLY H 2647 119.00 30.55 -37.51
N ILE H 2648 117.84 31.12 -37.19
CA ILE H 2648 116.87 31.46 -38.23
C ILE H 2648 117.46 32.48 -39.20
N PHE H 2649 118.17 33.47 -38.67
CA PHE H 2649 118.76 34.50 -39.52
C PHE H 2649 119.77 33.91 -40.50
N ASP H 2650 120.69 33.09 -39.98
CA ASP H 2650 121.70 32.48 -40.85
C ASP H 2650 121.06 31.55 -41.86
N ALA H 2651 120.07 30.77 -41.44
CA ALA H 2651 119.40 29.85 -42.36
C ALA H 2651 118.69 30.60 -43.47
N LEU H 2652 118.05 31.72 -43.13
CA LEU H 2652 117.45 32.56 -44.16
C LEU H 2652 118.50 33.10 -45.10
N SER H 2653 119.65 33.49 -44.56
CA SER H 2653 120.73 33.99 -45.41
C SER H 2653 121.19 32.93 -46.40
N GLN H 2654 121.36 31.69 -45.94
CA GLN H 2654 121.87 30.64 -46.82
C GLN H 2654 120.81 30.18 -47.82
N LYS H 2655 119.56 30.02 -47.37
CA LYS H 2655 118.53 29.40 -48.18
C LYS H 2655 118.17 30.28 -49.38
N LYS H 2656 117.93 29.64 -50.52
CA LYS H 2656 117.51 30.37 -51.71
C LYS H 2656 116.12 30.96 -51.48
N TYR H 2657 115.88 32.12 -52.09
CA TYR H 2657 114.65 32.86 -51.86
C TYR H 2657 113.43 32.10 -52.35
N GLU H 2658 112.54 31.76 -51.42
CA GLU H 2658 111.21 31.26 -51.74
C GLU H 2658 110.22 32.28 -51.23
N GLN H 2659 109.26 32.67 -52.08
CA GLN H 2659 108.37 33.78 -51.74
C GLN H 2659 107.57 33.50 -50.47
N GLU H 2660 106.87 32.36 -50.44
CA GLU H 2660 106.03 32.05 -49.29
C GLU H 2660 106.87 31.86 -48.03
N LEU H 2661 107.97 31.12 -48.15
CA LEU H 2661 108.81 30.84 -46.99
C LEU H 2661 109.39 32.13 -46.43
N PHE H 2662 109.84 33.02 -47.30
CA PHE H 2662 110.44 34.27 -46.85
C PHE H 2662 109.40 35.27 -46.35
N LYS H 2663 108.17 35.22 -46.84
CA LYS H 2663 107.12 36.05 -46.27
C LYS H 2663 106.60 35.49 -44.95
N LEU H 2664 106.84 34.21 -44.70
CA LEU H 2664 106.47 33.65 -43.40
C LEU H 2664 107.56 33.88 -42.36
N ALA H 2665 108.82 33.76 -42.77
CA ALA H 2665 109.92 33.85 -41.80
C ALA H 2665 110.17 35.29 -41.37
N LEU H 2666 109.93 36.25 -42.26
CA LEU H 2666 110.20 37.66 -41.97
C LEU H 2666 109.46 38.15 -40.73
N PRO H 2667 108.12 37.94 -40.60
CA PRO H 2667 107.45 38.38 -39.37
C PRO H 2667 107.99 37.67 -38.14
N CYS H 2668 108.33 36.39 -38.27
CA CYS H 2668 108.89 35.66 -37.14
C CYS H 2668 110.24 36.25 -36.72
N LEU H 2669 111.11 36.50 -37.70
CA LEU H 2669 112.43 37.04 -37.40
C LEU H 2669 112.31 38.42 -36.77
N SER H 2670 111.47 39.28 -37.35
CA SER H 2670 111.26 40.61 -36.79
C SER H 2670 110.66 40.56 -35.39
N ALA H 2671 109.69 39.68 -35.15
CA ALA H 2671 109.06 39.59 -33.84
C ALA H 2671 110.04 39.11 -32.78
N VAL H 2672 110.85 38.09 -33.11
CA VAL H 2672 111.80 37.60 -32.11
C VAL H 2672 112.89 38.63 -31.86
N ALA H 2673 113.31 39.35 -32.91
CA ALA H 2673 114.29 40.42 -32.72
C ALA H 2673 113.72 41.52 -31.83
N GLY H 2674 112.47 41.91 -32.04
CA GLY H 2674 111.86 42.91 -31.20
C GLY H 2674 111.70 42.45 -29.76
N ALA H 2675 111.31 41.19 -29.58
CA ALA H 2675 111.15 40.65 -28.23
C ALA H 2675 112.48 40.60 -27.49
N LEU H 2676 113.56 40.27 -28.19
CA LEU H 2676 114.86 40.29 -27.56
C LEU H 2676 115.23 41.72 -27.18
N PRO H 2677 115.57 41.99 -25.93
CA PRO H 2677 115.92 43.35 -25.52
C PRO H 2677 117.20 43.80 -26.19
N PRO H 2678 117.18 44.95 -26.88
CA PRO H 2678 118.43 45.44 -27.49
C PRO H 2678 119.50 45.73 -26.46
N ASP H 2679 119.12 46.21 -25.27
CA ASP H 2679 120.10 46.47 -24.22
C ASP H 2679 120.65 45.17 -23.63
N TYR H 2680 119.99 44.06 -23.89
CA TYR H 2680 120.44 42.77 -23.38
C TYR H 2680 121.85 42.42 -23.85
N MET H 2681 122.59 41.76 -22.97
CA MET H 2681 123.92 41.26 -23.23
C MET H 2681 123.90 39.73 -23.18
N GLU H 2682 124.40 39.10 -24.24
CA GLU H 2682 124.51 37.64 -24.22
C GLU H 2682 125.51 37.21 -23.18
N SER H 2683 125.19 36.14 -22.46
CA SER H 2683 126.15 35.57 -21.52
C SER H 2683 127.10 34.64 -22.25
N ASN H 2684 128.39 34.83 -22.01
CA ASN H 2684 129.39 33.97 -22.63
C ASN H 2684 129.33 32.55 -22.09
N TYR H 2685 128.68 32.36 -20.94
CA TYR H 2685 128.58 31.04 -20.34
C TYR H 2685 127.59 30.20 -21.12
N VAL H 2686 128.09 29.14 -21.77
CA VAL H 2686 127.25 28.31 -22.63
C VAL H 2686 126.35 27.44 -21.78
N SER H 2687 125.38 26.80 -22.45
CA SER H 2687 124.53 25.82 -21.79
C SER H 2687 125.11 24.43 -21.97
N MET H 2688 124.83 23.57 -21.00
CA MET H 2688 125.34 22.21 -20.99
C MET H 2688 124.17 21.22 -20.99
N MET H 2689 124.50 19.92 -21.00
CA MET H 2689 123.53 18.85 -21.29
C MET H 2689 122.65 19.22 -22.49
N GLU H 2690 123.29 19.31 -23.64
CA GLU H 2690 122.57 19.48 -24.90
C GLU H 2690 121.73 18.24 -25.20
N LYS H 2691 120.40 18.43 -25.22
CA LYS H 2691 119.51 17.30 -25.42
C LYS H 2691 119.51 16.80 -26.86
N GLN H 2692 120.12 17.55 -27.79
CA GLN H 2692 120.17 17.14 -29.19
C GLN H 2692 120.92 15.82 -29.38
N SER H 2693 121.90 15.52 -28.53
CA SER H 2693 122.61 14.25 -28.64
C SER H 2693 121.65 13.08 -28.39
N SER H 2694 120.82 13.17 -27.35
CA SER H 2694 119.82 12.15 -27.13
C SER H 2694 118.70 12.24 -28.16
N MET H 2695 118.50 13.40 -28.75
CA MET H 2695 117.40 13.59 -29.70
C MET H 2695 117.93 13.47 -31.13
N ASP H 2696 118.34 12.24 -31.47
CA ASP H 2696 118.90 11.98 -32.77
C ASP H 2696 117.83 11.95 -33.86
N SER H 2697 118.28 11.77 -35.10
CA SER H 2697 117.34 11.76 -36.22
C SER H 2697 116.39 10.58 -36.17
N GLU H 2698 116.92 9.38 -35.92
CA GLU H 2698 116.09 8.18 -35.90
C GLU H 2698 115.17 8.20 -34.68
N GLY H 2699 113.88 7.95 -34.91
CA GLY H 2699 112.89 7.98 -33.85
C GLY H 2699 112.78 9.30 -33.12
N ASN H 2700 113.50 10.33 -33.54
CA ASN H 2700 113.54 11.65 -32.92
C ASN H 2700 114.03 11.60 -31.48
N PHE H 2701 114.62 10.49 -31.03
CA PHE H 2701 115.11 10.38 -29.67
C PHE H 2701 115.96 9.13 -29.55
N ASN H 2702 117.04 9.23 -28.78
CA ASN H 2702 117.93 8.11 -28.52
C ASN H 2702 118.10 7.92 -27.02
N PRO H 2703 117.88 6.72 -26.50
CA PRO H 2703 118.03 6.50 -25.06
C PRO H 2703 119.46 6.20 -24.63
N GLN H 2704 120.30 7.23 -24.47
CA GLN H 2704 121.63 7.00 -23.94
C GLN H 2704 121.89 7.91 -22.76
N PRO H 2705 122.47 7.41 -21.68
CA PRO H 2705 122.87 8.27 -20.57
C PRO H 2705 124.29 8.78 -20.74
N VAL H 2706 124.76 9.48 -19.71
CA VAL H 2706 126.14 9.94 -19.65
C VAL H 2706 126.97 8.80 -19.05
N ASP H 2707 127.88 8.25 -19.85
CA ASP H 2707 128.77 7.21 -19.36
C ASP H 2707 129.74 7.77 -18.33
N THR H 2708 130.02 6.98 -17.29
CA THR H 2708 130.81 7.45 -16.16
C THR H 2708 131.79 6.40 -15.64
N SER H 2709 132.12 5.38 -16.43
CA SER H 2709 132.89 4.24 -15.92
C SER H 2709 134.30 4.65 -15.49
N ASN H 2710 134.77 5.82 -15.94
CA ASN H 2710 136.15 6.21 -15.68
C ASN H 2710 136.37 6.67 -14.24
N ILE H 2711 135.42 7.40 -13.65
CA ILE H 2711 135.64 7.97 -12.32
C ILE H 2711 135.55 6.89 -11.24
N THR H 2712 136.27 7.11 -10.14
CA THR H 2712 136.25 6.24 -8.98
C THR H 2712 135.61 6.99 -7.81
N ILE H 2713 134.98 6.24 -6.91
CA ILE H 2713 134.30 6.85 -5.76
C ILE H 2713 135.33 7.15 -4.67
N PRO H 2714 135.19 8.26 -3.93
CA PRO H 2714 136.07 8.50 -2.79
C PRO H 2714 135.58 7.82 -1.52
N GLU H 2715 136.30 8.03 -0.41
CA GLU H 2715 135.97 7.43 0.87
C GLU H 2715 135.18 8.35 1.79
N LYS H 2716 135.46 9.66 1.77
CA LYS H 2716 134.62 10.60 2.48
C LYS H 2716 133.21 10.59 1.91
N LEU H 2717 133.09 10.36 0.60
CA LEU H 2717 131.78 10.10 0.01
C LEU H 2717 131.30 8.69 0.36
N GLU H 2718 132.23 7.78 0.64
CA GLU H 2718 131.84 6.41 0.97
C GLU H 2718 131.14 6.35 2.32
N TYR H 2719 131.53 7.20 3.27
CA TYR H 2719 130.82 7.24 4.54
C TYR H 2719 129.38 7.71 4.35
N PHE H 2720 129.18 8.75 3.52
CA PHE H 2720 127.84 9.19 3.18
C PHE H 2720 127.06 8.08 2.48
N ILE H 2721 127.72 7.35 1.60
CA ILE H 2721 127.09 6.23 0.91
C ILE H 2721 126.67 5.17 1.91
N ASN H 2722 127.50 4.89 2.91
CA ASN H 2722 127.15 3.93 3.94
C ASN H 2722 125.93 4.39 4.73
N LYS H 2723 125.89 5.67 5.09
CA LYS H 2723 124.74 6.17 5.84
C LYS H 2723 123.46 6.12 5.00
N TYR H 2724 123.56 6.48 3.73
CA TYR H 2724 122.37 6.45 2.89
C TYR H 2724 121.94 5.01 2.58
N ALA H 2725 122.89 4.07 2.56
CA ALA H 2725 122.52 2.66 2.43
C ALA H 2725 121.86 2.16 3.71
N GLU H 2726 122.31 2.66 4.87
CA GLU H 2726 121.59 2.40 6.11
C GLU H 2726 120.15 2.88 5.99
N HIS H 2727 119.95 4.08 5.47
CA HIS H 2727 118.61 4.61 5.30
C HIS H 2727 117.80 3.77 4.32
N SER H 2728 118.44 3.32 3.24
CA SER H 2728 117.77 2.48 2.26
C SER H 2728 117.30 1.17 2.89
N HIS H 2729 118.20 0.51 3.62
CA HIS H 2729 117.83 -0.71 4.33
C HIS H 2729 116.71 -0.45 5.33
N ASP H 2730 116.77 0.68 6.03
CA ASP H 2730 115.76 0.97 7.04
C ASP H 2730 114.38 1.14 6.42
N LYS H 2731 114.28 1.98 5.38
CA LYS H 2731 112.98 2.14 4.73
C LYS H 2731 112.53 0.86 4.06
N TRP H 2732 113.44 0.05 3.53
CA TRP H 2732 113.05 -1.25 2.98
C TRP H 2732 112.48 -2.15 4.07
N SER H 2733 113.10 -2.13 5.25
CA SER H 2733 112.64 -2.94 6.36
C SER H 2733 111.25 -2.53 6.82
N MET H 2734 111.00 -1.23 6.97
CA MET H 2734 109.66 -0.83 7.34
C MET H 2734 108.67 -1.00 6.20
N ASP H 2735 109.13 -1.00 4.95
CA ASP H 2735 108.25 -1.40 3.85
C ASP H 2735 107.79 -2.83 4.03
N LYS H 2736 108.72 -3.73 4.38
CA LYS H 2736 108.34 -5.12 4.65
C LYS H 2736 107.44 -5.23 5.87
N LEU H 2737 107.69 -4.45 6.92
CA LEU H 2737 106.81 -4.46 8.08
C LEU H 2737 105.39 -4.01 7.71
N ALA H 2738 105.28 -2.94 6.93
CA ALA H 2738 103.97 -2.45 6.52
C ALA H 2738 103.26 -3.46 5.62
N ASN H 2739 103.99 -4.09 4.70
CA ASN H 2739 103.40 -5.09 3.82
C ASN H 2739 102.96 -6.32 4.59
N GLY H 2740 103.70 -6.69 5.64
CA GLY H 2740 103.36 -7.84 6.45
C GLY H 2740 104.20 -9.08 6.21
N TRP H 2741 105.40 -8.93 5.66
CA TRP H 2741 106.25 -10.10 5.42
C TRP H 2741 106.58 -10.81 6.73
N ILE H 2742 106.38 -12.12 6.75
CA ILE H 2742 106.56 -12.89 7.97
C ILE H 2742 108.06 -13.06 8.25
N TYR H 2743 108.41 -13.03 9.53
CA TYR H 2743 109.80 -13.19 9.97
C TYR H 2743 110.07 -14.68 10.14
N GLY H 2744 111.02 -15.18 9.37
CA GLY H 2744 111.41 -16.58 9.46
C GLY H 2744 112.66 -16.84 8.65
N GLU H 2745 113.45 -17.81 9.12
CA GLU H 2745 114.74 -18.08 8.50
C GLU H 2745 114.59 -18.50 7.05
N ILE H 2746 113.61 -19.36 6.76
CA ILE H 2746 113.36 -19.76 5.38
C ILE H 2746 112.82 -18.57 4.60
N TYR H 2747 113.28 -18.42 3.35
CA TYR H 2747 112.86 -17.34 2.48
C TYR H 2747 111.97 -17.90 1.39
N SER H 2748 110.67 -17.62 1.48
CA SER H 2748 109.69 -18.08 0.50
C SER H 2748 108.75 -16.91 0.18
N ASP H 2749 108.83 -16.42 -1.05
CA ASP H 2749 107.96 -15.32 -1.46
C ASP H 2749 106.49 -15.73 -1.45
N SER H 2750 106.21 -16.95 -1.92
CA SER H 2750 104.84 -17.45 -1.90
C SER H 2750 104.30 -17.56 -0.48
N SER H 2751 105.14 -18.07 0.44
CA SER H 2751 104.75 -18.13 1.83
C SER H 2751 104.91 -16.79 2.54
N LYS H 2752 105.45 -15.78 1.86
CA LYS H 2752 105.69 -14.43 2.37
C LYS H 2752 106.70 -14.41 3.50
N VAL H 2753 107.47 -15.48 3.70
CA VAL H 2753 108.39 -15.54 4.82
C VAL H 2753 109.79 -15.13 4.38
N GLN H 2754 110.49 -14.40 5.26
CA GLN H 2754 111.84 -13.93 5.00
C GLN H 2754 112.51 -13.58 6.33
N PRO H 2755 113.84 -13.73 6.42
CA PRO H 2755 114.56 -13.39 7.66
C PRO H 2755 115.29 -12.05 7.68
N LEU H 2756 115.09 -11.16 6.70
CA LEU H 2756 116.00 -10.03 6.50
C LEU H 2756 115.57 -8.76 7.20
N MET H 2757 114.91 -8.86 8.36
CA MET H 2757 114.59 -7.68 9.15
C MET H 2757 115.68 -7.36 10.16
N LYS H 2758 116.90 -7.84 9.92
CA LYS H 2758 118.04 -7.62 10.78
C LYS H 2758 118.73 -6.30 10.44
N PRO H 2759 119.30 -5.63 11.45
CA PRO H 2759 119.81 -4.27 11.24
C PRO H 2759 120.91 -4.20 10.19
N TYR H 2760 121.16 -2.97 9.73
CA TYR H 2760 122.07 -2.76 8.59
C TYR H 2760 123.47 -3.28 8.89
N LYS H 2761 123.99 -2.98 10.07
CA LYS H 2761 125.31 -3.51 10.45
C LYS H 2761 125.28 -5.02 10.51
N LEU H 2762 124.19 -5.58 11.05
CA LEU H 2762 124.00 -7.02 11.00
C LEU H 2762 123.71 -7.50 9.59
N LEU H 2763 123.05 -6.66 8.79
CA LEU H 2763 122.51 -7.07 7.50
C LEU H 2763 123.57 -7.71 6.62
N SER H 2764 123.11 -8.60 5.73
CA SER H 2764 124.01 -9.28 4.81
C SER H 2764 124.78 -8.26 3.97
N GLU H 2765 126.08 -8.52 3.80
CA GLU H 2765 126.91 -7.62 3.02
C GLU H 2765 126.42 -7.55 1.58
N LYS H 2766 125.84 -8.64 1.07
CA LYS H 2766 125.29 -8.62 -0.28
C LYS H 2766 124.16 -7.62 -0.39
N GLU H 2767 123.24 -7.63 0.58
CA GLU H 2767 122.14 -6.66 0.58
C GLU H 2767 122.69 -5.25 0.73
N LYS H 2768 123.62 -5.05 1.66
CA LYS H 2768 124.33 -3.79 1.76
C LYS H 2768 124.96 -3.42 0.43
N GLU H 2769 125.53 -4.42 -0.27
CA GLU H 2769 126.18 -4.14 -1.54
C GLU H 2769 125.17 -3.84 -2.64
N ILE H 2770 123.99 -4.46 -2.60
CA ILE H 2770 123.01 -4.19 -3.65
C ILE H 2770 122.32 -2.85 -3.41
N TYR H 2771 122.41 -2.32 -2.19
CA TYR H 2771 122.13 -0.89 -2.04
C TYR H 2771 123.29 -0.04 -2.53
N ARG H 2772 124.51 -0.38 -2.11
CA ARG H 2772 125.67 0.47 -2.37
C ARG H 2772 125.94 0.63 -3.85
N TRP H 2773 125.73 -0.42 -4.65
CA TRP H 2773 126.07 -0.42 -6.05
C TRP H 2773 125.31 0.70 -6.77
N PRO H 2774 123.97 0.68 -6.83
CA PRO H 2774 123.28 1.78 -7.53
C PRO H 2774 123.67 3.13 -6.99
N ILE H 2775 123.93 3.22 -5.69
CA ILE H 2775 124.43 4.44 -5.07
C ILE H 2775 125.79 4.78 -5.66
N LYS H 2776 126.63 3.76 -5.86
CA LYS H 2776 127.95 4.01 -6.42
C LYS H 2776 127.86 4.60 -7.83
N GLU H 2777 127.08 3.97 -8.72
CA GLU H 2777 126.95 4.56 -10.05
C GLU H 2777 126.20 5.90 -10.00
N SER H 2778 125.37 6.11 -8.98
CA SER H 2778 124.67 7.38 -8.88
C SER H 2778 125.65 8.52 -8.61
N LEU H 2779 126.45 8.40 -7.55
CA LEU H 2779 127.48 9.40 -7.29
C LEU H 2779 128.52 9.43 -8.40
N LYS H 2780 128.71 8.30 -9.07
CA LYS H 2780 129.68 8.22 -10.16
C LYS H 2780 129.24 9.08 -11.35
N THR H 2781 127.98 8.99 -11.73
CA THR H 2781 127.45 9.87 -12.77
C THR H 2781 127.39 11.31 -12.30
N MET H 2782 127.07 11.52 -11.02
CA MET H 2782 127.08 12.87 -10.47
C MET H 2782 128.45 13.52 -10.62
N LEU H 2783 129.52 12.76 -10.39
CA LEU H 2783 130.87 13.28 -10.61
C LEU H 2783 131.20 13.36 -12.10
N ALA H 2784 130.62 12.48 -12.92
CA ALA H 2784 130.81 12.58 -14.36
C ALA H 2784 130.29 13.91 -14.88
N TRP H 2785 129.21 14.40 -14.28
CA TRP H 2785 128.72 15.74 -14.57
C TRP H 2785 129.65 16.83 -14.04
N GLY H 2786 130.72 16.46 -13.36
CA GLY H 2786 131.66 17.41 -12.82
C GLY H 2786 131.22 18.06 -11.53
N TRP H 2787 130.06 17.70 -11.01
CA TRP H 2787 129.53 18.34 -9.82
C TRP H 2787 130.40 18.04 -8.61
N ARG H 2788 130.95 19.09 -8.01
CA ARG H 2788 131.82 18.93 -6.85
C ARG H 2788 130.96 18.87 -5.60
N ILE H 2789 131.39 18.05 -4.65
CA ILE H 2789 130.65 17.77 -3.42
C ILE H 2789 131.54 18.16 -2.24
N GLU H 2790 131.00 18.95 -1.31
CA GLU H 2790 131.74 19.43 -0.16
C GLU H 2790 131.06 18.99 1.12
N ARG H 2791 131.83 18.37 2.01
CA ARG H 2791 131.33 18.05 3.35
C ARG H 2791 131.48 19.24 4.28
N THR H 2792 130.38 19.64 4.92
CA THR H 2792 130.46 20.74 5.87
C THR H 2792 131.19 20.29 7.15
N ARG H 2793 131.68 21.29 7.88
CA ARG H 2793 132.43 20.99 9.11
C ARG H 2793 131.50 20.45 10.19
N GLU H 2794 130.26 20.93 10.25
CA GLU H 2794 129.30 20.33 11.17
C GLU H 2794 128.99 18.89 10.79
N GLY H 2795 128.90 18.61 9.48
CA GLY H 2795 128.75 17.23 9.05
C GLY H 2795 129.93 16.36 9.42
N ASP H 2796 131.15 16.87 9.29
CA ASP H 2796 132.34 16.15 9.74
C ASP H 2796 132.32 15.88 11.23
N SER H 2797 131.92 16.89 12.02
CA SER H 2797 131.74 16.69 13.45
C SER H 2797 130.71 15.60 13.73
N MET H 2798 129.70 15.52 12.87
CA MET H 2798 128.68 14.48 13.05
C MET H 2798 129.28 13.08 12.89
N ALA H 2799 130.11 12.90 11.86
CA ALA H 2799 130.77 11.62 11.66
C ALA H 2799 131.77 11.33 12.77
N LEU H 2800 132.44 12.37 13.26
CA LEU H 2800 133.38 12.18 14.37
C LEU H 2800 132.66 11.74 15.65
N TYR H 2801 131.50 12.35 15.92
CA TYR H 2801 130.74 11.98 17.11
C TYR H 2801 130.15 10.59 16.97
N ASN H 2802 129.76 10.21 15.76
CA ASN H 2802 129.17 8.90 15.47
C ASN H 2802 127.90 8.68 16.29
N GLY H 2820 111.09 5.09 23.61
CA GLY H 2820 112.33 4.34 23.61
C GLY H 2820 113.16 4.56 22.35
N TYR H 2821 113.86 3.51 21.93
CA TYR H 2821 114.69 3.55 20.73
C TYR H 2821 113.83 3.12 19.55
N SER H 2822 113.21 4.08 18.88
CA SER H 2822 112.35 3.81 17.74
C SER H 2822 113.09 4.07 16.44
N PRO H 2823 113.22 3.09 15.54
CA PRO H 2823 113.87 3.34 14.25
C PRO H 2823 112.96 4.20 13.39
N ARG H 2824 113.33 5.47 13.24
CA ARG H 2824 112.50 6.47 12.58
C ARG H 2824 113.17 6.94 11.30
N ALA H 2825 112.40 7.00 10.23
CA ALA H 2825 112.85 7.51 8.94
C ALA H 2825 112.88 9.03 8.98
N ILE H 2826 113.10 9.63 7.81
CA ILE H 2826 113.22 11.08 7.69
C ILE H 2826 112.15 11.58 6.74
N ASP H 2827 111.46 12.63 7.16
CA ASP H 2827 110.34 13.19 6.39
C ASP H 2827 110.88 13.94 5.18
N MET H 2828 111.20 13.16 4.15
CA MET H 2828 111.73 13.65 2.89
C MET H 2828 110.87 14.73 2.27
N SER H 2829 109.54 14.58 2.35
CA SER H 2829 108.64 15.58 1.81
C SER H 2829 108.69 16.87 2.61
N ASN H 2830 108.78 16.76 3.94
CA ASN H 2830 108.81 17.96 4.77
C ASN H 2830 110.08 18.76 4.55
N VAL H 2831 111.22 18.08 4.40
CA VAL H 2831 112.45 18.81 4.12
C VAL H 2831 112.40 19.40 2.70
N THR H 2832 113.11 20.51 2.49
CA THR H 2832 112.98 21.31 1.28
C THR H 2832 114.31 21.38 0.53
N LEU H 2833 114.23 21.58 -0.79
CA LEU H 2833 115.39 21.64 -1.66
C LEU H 2833 115.43 22.98 -2.42
N SER H 2834 116.64 23.45 -2.69
CA SER H 2834 116.83 24.69 -3.43
C SER H 2834 116.53 24.48 -4.92
N ARG H 2835 116.31 25.60 -5.62
CA ARG H 2835 115.86 25.54 -7.01
C ARG H 2835 116.94 24.97 -7.94
N ASP H 2836 118.18 25.39 -7.75
CA ASP H 2836 119.26 24.88 -8.58
C ASP H 2836 119.43 23.38 -8.39
N LEU H 2837 119.35 22.94 -7.13
CA LEU H 2837 119.37 21.51 -6.85
C LEU H 2837 118.13 20.80 -7.40
N HIS H 2838 116.98 21.49 -7.48
CA HIS H 2838 115.81 20.93 -8.14
CA HIS H 2838 115.81 20.93 -8.14
C HIS H 2838 116.11 20.66 -9.61
N ALA H 2839 116.75 21.61 -10.27
CA ALA H 2839 117.11 21.44 -11.67
C ALA H 2839 118.10 20.30 -11.83
N MET H 2840 119.05 20.19 -10.91
CA MET H 2840 119.96 19.04 -10.92
C MET H 2840 119.21 17.73 -10.72
N ALA H 2841 118.21 17.74 -9.84
CA ALA H 2841 117.37 16.55 -9.64
C ALA H 2841 116.64 16.18 -10.91
N GLU H 2842 116.10 17.18 -11.62
CA GLU H 2842 115.42 16.93 -12.88
C GLU H 2842 116.34 16.36 -13.94
N MET H 2843 117.55 16.93 -14.10
CA MET H 2843 118.45 16.40 -15.12
C MET H 2843 118.96 15.01 -14.75
N MET H 2844 119.25 14.75 -13.48
CA MET H 2844 119.63 13.39 -13.14
C MET H 2844 118.46 12.43 -13.30
N ALA H 2845 117.23 12.87 -13.01
CA ALA H 2845 116.08 12.01 -13.20
C ALA H 2845 115.92 11.64 -14.66
N GLU H 2846 116.06 12.62 -15.57
CA GLU H 2846 115.99 12.29 -16.98
C GLU H 2846 117.16 11.44 -17.42
N ASN H 2847 118.33 11.58 -16.79
CA ASN H 2847 119.48 10.75 -17.15
C ASN H 2847 119.27 9.29 -16.72
N TYR H 2848 118.72 9.07 -15.54
CA TYR H 2848 118.48 7.70 -15.11
C TYR H 2848 117.27 7.11 -15.82
N HIS H 2849 116.35 7.97 -16.26
CA HIS H 2849 115.34 7.52 -17.21
C HIS H 2849 115.97 7.11 -18.52
N ASN H 2850 117.03 7.81 -18.95
CA ASN H 2850 117.76 7.38 -20.12
C ASN H 2850 118.43 6.03 -19.90
N ILE H 2851 118.94 5.80 -18.68
CA ILE H 2851 119.52 4.50 -18.35
C ILE H 2851 118.46 3.41 -18.47
N TRP H 2852 117.31 3.64 -17.83
CA TRP H 2852 116.20 2.70 -17.91
C TRP H 2852 115.73 2.49 -19.33
N ALA H 2853 115.71 3.56 -20.13
CA ALA H 2853 115.25 3.45 -21.50
C ALA H 2853 116.28 2.74 -22.38
N LYS H 2854 117.56 2.85 -22.03
CA LYS H 2854 118.56 2.05 -22.72
C LYS H 2854 118.38 0.56 -22.42
N LYS H 2855 118.12 0.23 -21.15
CA LYS H 2855 117.83 -1.17 -20.84
C LYS H 2855 116.58 -1.64 -21.58
N LYS H 2856 115.53 -0.82 -21.59
CA LYS H 2856 114.28 -1.23 -22.22
C LYS H 2856 114.42 -1.24 -23.74
N LYS H 2857 115.34 -0.44 -24.29
CA LYS H 2857 115.58 -0.45 -25.72
C LYS H 2857 116.33 -1.70 -26.13
N MET H 2858 117.33 -2.10 -25.33
CA MET H 2858 117.97 -3.40 -25.54
C MET H 2858 116.94 -4.52 -25.47
N GLU H 2859 116.00 -4.42 -24.51
CA GLU H 2859 114.91 -5.39 -24.47
C GLU H 2859 114.09 -5.33 -25.76
N LEU H 2860 113.88 -4.13 -26.29
CA LEU H 2860 113.08 -4.00 -27.51
C LEU H 2860 113.74 -4.69 -28.70
N GLU H 2861 115.06 -4.51 -28.85
CA GLU H 2861 115.74 -5.21 -29.95
C GLU H 2861 115.75 -6.71 -29.72
N SER H 2862 115.93 -7.16 -28.47
CA SER H 2862 115.91 -8.60 -28.21
C SER H 2862 114.52 -9.19 -28.50
N LYS H 2863 113.46 -8.44 -28.20
CA LYS H 2863 112.10 -8.92 -28.41
C LYS H 2863 111.74 -8.88 -29.89
N GLY H 2864 112.32 -7.94 -30.64
CA GLY H 2864 112.00 -7.78 -32.04
C GLY H 2864 110.79 -6.93 -32.33
N GLY H 2865 110.12 -6.42 -31.31
CA GLY H 2865 108.94 -5.60 -31.50
C GLY H 2865 108.33 -5.19 -30.17
N GLY H 2866 107.20 -4.49 -30.21
CA GLY H 2866 106.54 -4.07 -28.99
C GLY H 2866 107.01 -2.72 -28.47
N ASN H 2867 106.87 -1.68 -29.29
CA ASN H 2867 107.22 -0.32 -28.88
C ASN H 2867 106.53 0.03 -27.56
N HIS H 2868 107.33 0.22 -26.52
CA HIS H 2868 106.78 0.48 -25.20
C HIS H 2868 106.27 1.91 -25.12
N PRO H 2869 105.09 2.13 -24.51
CA PRO H 2869 104.53 3.49 -24.48
C PRO H 2869 105.38 4.52 -23.76
N LEU H 2870 106.25 4.09 -22.84
CA LEU H 2870 107.04 5.02 -22.04
C LEU H 2870 108.45 5.21 -22.58
N LEU H 2871 108.74 4.71 -23.78
CA LEU H 2871 110.05 4.96 -24.39
C LEU H 2871 110.23 6.41 -24.79
N VAL H 2872 109.18 7.22 -24.75
CA VAL H 2872 109.25 8.65 -25.05
C VAL H 2872 110.13 9.30 -24.00
N PRO H 2873 110.73 10.46 -24.29
CA PRO H 2873 111.69 11.06 -23.35
C PRO H 2873 111.07 11.36 -21.99
N TYR H 2874 111.96 11.49 -21.01
CA TYR H 2874 111.53 11.76 -19.64
C TYR H 2874 110.73 13.04 -19.54
N ASP H 2875 111.13 14.07 -20.29
CA ASP H 2875 110.36 15.31 -20.32
C ASP H 2875 108.97 15.05 -20.87
N THR H 2876 108.87 14.27 -21.94
CA THR H 2876 107.58 13.91 -22.52
C THR H 2876 106.72 13.09 -21.57
N LEU H 2877 107.33 12.35 -20.64
CA LEU H 2877 106.56 11.52 -19.72
C LEU H 2877 105.66 12.36 -18.84
N THR H 2878 104.63 11.73 -18.29
CA THR H 2878 103.71 12.41 -17.39
C THR H 2878 104.36 12.61 -16.02
N ALA H 2879 103.76 13.52 -15.24
CA ALA H 2879 104.27 13.77 -13.90
C ALA H 2879 104.15 12.53 -13.02
N LYS H 2880 103.07 11.77 -13.18
CA LYS H 2880 102.89 10.56 -12.39
C LYS H 2880 103.99 9.55 -12.66
N GLU H 2881 104.30 9.32 -13.94
CA GLU H 2881 105.38 8.40 -14.28
C GLU H 2881 106.74 8.95 -13.85
N LYS H 2882 106.93 10.27 -13.96
CA LYS H 2882 108.20 10.86 -13.58
C LYS H 2882 108.44 10.77 -12.07
N ALA H 2883 107.38 10.59 -11.29
CA ALA H 2883 107.53 10.52 -9.84
C ALA H 2883 108.40 9.36 -9.37
N LYS H 2884 108.44 8.26 -10.13
CA LYS H 2884 109.24 7.12 -9.71
C LYS H 2884 110.71 7.48 -9.61
N ASP H 2885 111.19 8.34 -10.53
CA ASP H 2885 112.57 8.77 -10.46
C ASP H 2885 112.69 10.02 -9.60
N ARG H 2886 111.63 10.83 -9.53
CA ARG H 2886 111.66 12.01 -8.66
C ARG H 2886 111.85 11.63 -7.21
N GLU H 2887 111.26 10.52 -6.76
CA GLU H 2887 111.41 10.18 -5.35
C GLU H 2887 112.87 9.87 -5.03
N LYS H 2888 113.54 9.12 -5.91
CA LYS H 2888 114.95 8.81 -5.69
C LYS H 2888 115.80 10.07 -5.76
N ALA H 2889 115.49 10.97 -6.71
CA ALA H 2889 116.20 12.23 -6.80
C ALA H 2889 116.08 13.01 -5.49
N GLN H 2890 114.85 13.17 -5.02
CA GLN H 2890 114.60 13.93 -3.81
C GLN H 2890 115.31 13.32 -2.62
N ASP H 2891 115.18 12.00 -2.45
CA ASP H 2891 115.75 11.39 -1.25
C ASP H 2891 117.27 11.47 -1.27
N ILE H 2892 117.90 11.22 -2.42
CA ILE H 2892 119.36 11.23 -2.43
C ILE H 2892 119.90 12.65 -2.24
N LEU H 2893 119.35 13.64 -2.96
CA LEU H 2893 119.84 15.01 -2.78
C LEU H 2893 119.49 15.56 -1.39
N LYS H 2894 118.37 15.16 -0.81
CA LYS H 2894 117.98 15.73 0.46
C LYS H 2894 118.66 15.02 1.62
N PHE H 2895 119.03 13.74 1.43
CA PHE H 2895 119.98 13.09 2.33
C PHE H 2895 121.35 13.73 2.23
N LEU H 2896 121.72 14.15 1.03
CA LEU H 2896 122.94 14.92 0.84
C LEU H 2896 122.90 16.19 1.67
N GLN H 2897 121.78 16.92 1.60
CA GLN H 2897 121.53 18.06 2.48
C GLN H 2897 121.57 17.69 3.96
N ILE H 2898 120.99 16.55 4.33
CA ILE H 2898 120.98 16.08 5.71
C ILE H 2898 122.40 15.94 6.25
N ASN H 2899 123.24 15.19 5.55
CA ASN H 2899 124.63 15.06 5.96
C ASN H 2899 125.45 16.30 5.62
N GLY H 2900 124.81 17.33 5.09
CA GLY H 2900 125.44 18.62 4.93
C GLY H 2900 126.32 18.74 3.71
N TYR H 2901 126.49 17.64 2.97
CA TYR H 2901 127.24 17.70 1.73
C TYR H 2901 126.52 18.63 0.75
N ALA H 2902 127.21 19.68 0.33
CA ALA H 2902 126.70 20.59 -0.69
C ALA H 2902 127.27 20.14 -2.04
N VAL H 2903 126.39 19.83 -2.98
CA VAL H 2903 126.82 19.57 -4.35
C VAL H 2903 126.56 20.83 -5.17
N SER H 2904 127.51 21.18 -6.04
CA SER H 2904 127.38 22.42 -6.79
C SER H 2904 127.51 22.11 -8.28
N ARG H 2905 127.54 23.18 -9.08
CA ARG H 2905 127.58 23.04 -10.52
C ARG H 2905 128.90 22.41 -10.95
N GLY H 2906 128.86 21.68 -12.07
CA GLY H 2906 130.05 21.00 -12.54
C GLY H 2906 131.19 21.95 -12.85
N PHE H 2907 130.87 23.16 -13.28
CA PHE H 2907 131.87 24.17 -13.63
C PHE H 2907 131.33 25.55 -13.26
N LYS H 2908 132.05 26.27 -12.41
CA LYS H 2908 131.74 27.67 -12.17
C LYS H 2908 132.21 28.56 -13.30
N ASP H 2909 131.40 29.58 -13.58
CA ASP H 2909 131.71 30.58 -14.60
C ASP H 2909 132.98 31.34 -14.22
N LEU H 2910 133.89 31.50 -15.19
CA LEU H 2910 135.17 32.12 -14.89
C LEU H 2910 135.05 33.63 -14.77
N GLU H 2911 134.33 34.26 -15.69
CA GLU H 2911 134.16 35.71 -15.71
C GLU H 2911 133.17 36.04 -16.82
N LEU H 2912 132.42 37.13 -16.63
CA LEU H 2912 131.47 37.62 -17.63
C LEU H 2912 131.90 39.01 -18.06
N ASP H 2913 132.15 39.19 -19.35
CA ASP H 2913 132.61 40.46 -19.90
C ASP H 2913 131.47 41.43 -20.11
N THR H 2914 130.66 41.65 -19.09
CA THR H 2914 129.56 42.60 -19.13
C THR H 2914 130.04 44.04 -19.35
N PRO H 2915 131.15 44.49 -18.75
CA PRO H 2915 131.64 45.84 -19.09
C PRO H 2915 131.92 46.02 -20.58
N SER H 2916 132.43 45.00 -21.25
CA SER H 2916 132.68 45.09 -22.68
C SER H 2916 131.36 44.98 -23.44
N ILE H 2917 131.01 46.04 -24.16
CA ILE H 2917 129.68 46.14 -24.77
C ILE H 2917 129.56 45.36 -26.07
N GLU H 2918 130.58 44.61 -26.46
CA GLU H 2918 130.53 43.89 -27.73
C GLU H 2918 129.49 42.77 -27.70
N LYS H 2919 129.15 42.29 -26.51
CA LYS H 2919 128.20 41.18 -26.40
C LYS H 2919 126.75 41.65 -26.29
N ARG H 2920 126.49 42.94 -26.43
CA ARG H 2920 125.12 43.42 -26.45
C ARG H 2920 124.37 42.83 -27.63
N PHE H 2921 123.09 42.52 -27.43
CA PHE H 2921 122.30 41.99 -28.53
C PHE H 2921 122.21 42.99 -29.66
N ALA H 2922 122.01 44.26 -29.33
CA ALA H 2922 122.05 45.30 -30.35
C ALA H 2922 123.42 45.38 -31.01
N TYR H 2923 124.48 45.12 -30.24
CA TYR H 2923 125.83 45.22 -30.80
C TYR H 2923 126.02 44.23 -31.94
N SER H 2924 125.90 42.93 -31.65
CA SER H 2924 126.15 41.91 -32.65
C SER H 2924 125.14 42.00 -33.80
N PHE H 2925 123.86 42.23 -33.48
CA PHE H 2925 122.84 42.29 -34.51
C PHE H 2925 123.09 43.45 -35.46
N LEU H 2926 123.30 44.64 -34.91
CA LEU H 2926 123.54 45.80 -35.75
C LEU H 2926 124.87 45.66 -36.50
N GLN H 2927 125.84 44.98 -35.89
CA GLN H 2927 127.10 44.74 -36.57
C GLN H 2927 126.91 43.87 -37.81
N GLN H 2928 126.17 42.77 -37.66
CA GLN H 2928 125.90 41.93 -38.82
C GLN H 2928 125.06 42.68 -39.83
N LEU H 2929 124.19 43.57 -39.34
CA LEU H 2929 123.42 44.43 -40.23
C LEU H 2929 124.35 45.28 -41.09
N ILE H 2930 125.36 45.87 -40.47
CA ILE H 2930 126.34 46.68 -41.21
C ILE H 2930 127.13 45.81 -42.19
N ARG H 2931 127.53 44.61 -41.77
CA ARG H 2931 128.25 43.74 -42.69
C ARG H 2931 127.42 43.46 -43.93
N TYR H 2932 126.15 43.12 -43.75
CA TYR H 2932 125.30 42.83 -44.88
C TYR H 2932 125.03 44.08 -45.71
N VAL H 2933 124.90 45.23 -45.05
CA VAL H 2933 124.68 46.49 -45.77
C VAL H 2933 125.87 46.80 -46.67
N ASP H 2934 127.09 46.66 -46.14
CA ASP H 2934 128.28 46.94 -46.92
C ASP H 2934 128.44 45.93 -48.05
N GLU H 2935 128.17 44.65 -47.76
CA GLU H 2935 128.26 43.63 -48.80
C GLU H 2935 127.27 43.91 -49.92
N ALA H 2936 126.03 44.28 -49.58
CA ALA H 2936 125.04 44.60 -50.59
C ALA H 2936 125.40 45.89 -51.32
N HIS H 2937 126.06 46.81 -50.63
CA HIS H 2937 126.46 48.06 -51.27
C HIS H 2937 127.50 47.80 -52.36
N GLN H 2938 128.53 47.02 -52.05
CA GLN H 2938 129.51 46.71 -53.09
C GLN H 2938 128.92 45.75 -54.12
N TYR H 2939 127.94 44.93 -53.72
CA TYR H 2939 127.20 44.12 -54.68
C TYR H 2939 126.51 44.99 -55.70
N ILE H 2940 125.80 46.03 -55.25
CA ILE H 2940 125.09 46.90 -56.19
C ILE H 2940 126.05 47.82 -56.91
N LEU H 2941 127.24 48.08 -56.36
CA LEU H 2941 128.25 48.80 -57.11
C LEU H 2941 128.74 47.97 -58.30
N GLU H 2942 128.93 46.66 -58.10
CA GLU H 2942 129.19 45.80 -59.25
C GLU H 2942 127.97 45.73 -60.17
N PHE H 2943 126.77 45.76 -59.57
CA PHE H 2943 125.51 45.80 -60.33
C PHE H 2943 125.36 47.08 -61.14
N ASP H 2944 126.13 48.12 -60.83
CA ASP H 2944 126.02 49.37 -61.59
C ASP H 2944 126.26 49.13 -63.07
N GLY H 2945 127.26 48.31 -63.41
CA GLY H 2945 127.39 47.86 -64.79
C GLY H 2945 126.25 46.97 -65.21
N GLY H 2946 125.76 46.13 -64.29
CA GLY H 2946 124.65 45.24 -64.63
C GLY H 2946 123.31 45.94 -64.64
N SER H 2947 123.21 47.07 -63.93
CA SER H 2947 121.95 47.81 -63.88
C SER H 2947 121.55 48.30 -65.27
N ARG H 2948 122.49 48.89 -66.00
CA ARG H 2948 122.23 49.30 -67.38
C ARG H 2948 122.53 48.18 -68.37
N GLY H 2949 123.11 47.07 -67.90
CA GLY H 2949 123.36 45.93 -68.76
C GLY H 2949 122.21 44.94 -68.76
N LYS H 2950 122.27 44.00 -69.71
CA LYS H 2950 121.22 43.01 -69.87
C LYS H 2950 121.26 41.92 -68.82
N GLY H 2951 122.44 41.51 -68.38
CA GLY H 2951 122.58 40.40 -67.46
C GLY H 2951 122.47 40.78 -66.00
N GLU H 2952 121.33 40.48 -65.38
CA GLU H 2952 121.12 40.70 -63.95
C GLU H 2952 121.44 39.47 -63.12
N HIS H 2953 121.96 38.41 -63.75
CA HIS H 2953 122.37 37.23 -63.02
C HIS H 2953 123.70 37.48 -62.31
N PHE H 2954 123.74 37.14 -61.03
CA PHE H 2954 124.92 37.35 -60.21
C PHE H 2954 125.03 36.26 -59.16
N PRO H 2955 126.25 35.96 -58.71
CA PRO H 2955 126.39 35.06 -57.56
C PRO H 2955 125.72 35.61 -56.31
N TYR H 2956 125.55 36.93 -56.24
CA TYR H 2956 124.89 37.58 -55.12
C TYR H 2956 123.46 38.01 -55.45
N GLU H 2957 122.87 37.43 -56.49
CA GLU H 2957 121.50 37.79 -56.86
C GLU H 2957 120.52 37.44 -55.75
N GLN H 2958 120.50 36.17 -55.34
CA GLN H 2958 119.61 35.78 -54.26
C GLN H 2958 120.04 36.42 -52.95
N GLU H 2959 121.33 36.75 -52.82
CA GLU H 2959 121.80 37.45 -51.62
C GLU H 2959 121.14 38.82 -51.50
N ILE H 2960 121.19 39.61 -52.57
CA ILE H 2960 120.59 40.94 -52.52
C ILE H 2960 119.08 40.85 -52.46
N LYS H 2961 118.49 39.81 -53.08
CA LYS H 2961 117.05 39.62 -52.93
C LYS H 2961 116.66 39.37 -51.48
N PHE H 2962 117.38 38.47 -50.81
CA PHE H 2962 117.12 38.22 -49.40
C PHE H 2962 117.34 39.48 -48.57
N PHE H 2963 118.42 40.20 -48.85
CA PHE H 2963 118.66 41.47 -48.18
C PHE H 2963 117.45 42.39 -48.30
N ALA H 2964 117.08 42.76 -49.52
CA ALA H 2964 116.02 43.73 -49.74
C ALA H 2964 114.67 43.25 -49.21
N LYS H 2965 114.41 41.94 -49.23
CA LYS H 2965 113.09 41.47 -48.86
C LYS H 2965 112.96 41.17 -47.37
N VAL H 2966 114.07 40.89 -46.69
CA VAL H 2966 114.03 40.52 -45.28
C VAL H 2966 114.78 41.52 -44.41
N VAL H 2967 116.08 41.71 -44.69
CA VAL H 2967 116.94 42.46 -43.78
C VAL H 2967 116.47 43.90 -43.67
N LEU H 2968 116.26 44.55 -44.81
CA LEU H 2968 115.79 45.94 -44.79
C LEU H 2968 114.44 46.07 -44.10
N PRO H 2969 113.41 45.29 -44.44
CA PRO H 2969 112.19 45.34 -43.63
C PRO H 2969 112.45 44.97 -42.18
N LEU H 2970 113.39 44.05 -41.93
CA LEU H 2970 113.77 43.73 -40.57
C LEU H 2970 114.36 44.94 -39.88
N ILE H 2971 115.21 45.70 -40.57
CA ILE H 2971 115.76 46.93 -40.01
C ILE H 2971 114.64 47.91 -39.68
N ASP H 2972 113.70 48.08 -40.61
CA ASP H 2972 112.60 49.01 -40.40
C ASP H 2972 111.80 48.63 -39.15
N GLN H 2973 111.36 47.38 -39.08
CA GLN H 2973 110.52 46.95 -37.96
C GLN H 2973 111.30 46.97 -36.65
N TYR H 2974 112.59 46.62 -36.71
CA TYR H 2974 113.40 46.56 -35.50
C TYR H 2974 113.63 47.95 -34.93
N PHE H 2975 113.96 48.91 -35.77
CA PHE H 2975 114.11 50.28 -35.30
C PHE H 2975 112.78 50.86 -34.85
N LYS H 2976 111.68 50.49 -35.53
CA LYS H 2976 110.36 50.88 -35.07
C LYS H 2976 110.04 50.36 -33.69
N ASN H 2977 110.38 49.10 -33.41
CA ASN H 2977 110.12 48.53 -32.09
C ASN H 2977 111.00 49.17 -31.02
N HIS H 2978 112.27 49.42 -31.33
CA HIS H 2978 113.22 49.92 -30.36
C HIS H 2978 113.65 51.35 -30.66
N ARG H 2979 112.70 52.21 -31.05
CA ARG H 2979 113.01 53.62 -31.25
C ARG H 2979 113.69 54.21 -30.03
N LEU H 2980 113.08 54.05 -28.86
CA LEU H 2980 113.56 54.73 -27.67
C LEU H 2980 114.94 54.24 -27.24
N TYR H 2981 115.25 52.97 -27.48
CA TYR H 2981 116.55 52.45 -27.09
C TYR H 2981 117.67 53.16 -27.85
N PHE H 2982 117.48 53.34 -29.16
CA PHE H 2982 118.44 54.13 -29.93
C PHE H 2982 118.33 55.61 -29.58
N LEU H 2983 117.12 56.11 -29.42
CA LEU H 2983 116.93 57.53 -29.13
C LEU H 2983 117.45 57.88 -27.74
N SER H 2984 117.60 56.89 -26.87
CA SER H 2984 118.12 57.13 -25.54
C SER H 2984 119.58 57.59 -25.61
N ALA H 2985 119.84 58.77 -25.08
CA ALA H 2985 121.19 59.35 -25.07
C ALA H 2985 121.49 59.93 -23.69
N ALA H 2986 121.15 59.16 -22.65
CA ALA H 2986 121.36 59.54 -21.26
C ALA H 2986 120.64 60.82 -20.87
N SER H 2987 119.55 61.15 -21.57
CA SER H 2987 118.71 62.29 -21.22
C SER H 2987 117.50 61.87 -20.38
N ARG H 2988 117.62 60.76 -19.66
CA ARG H 2988 116.56 60.13 -18.87
C ARG H 2988 115.32 59.76 -19.66
N PRO H 2989 115.43 59.08 -20.83
CA PRO H 2989 114.26 58.37 -21.36
C PRO H 2989 114.29 56.91 -20.92
N LEU H 2990 113.20 56.18 -21.15
CA LEU H 2990 113.11 54.77 -20.76
C LEU H 2990 113.62 54.56 -19.34
N CYS H 2991 112.89 55.13 -18.37
CA CYS H 2991 113.38 55.22 -17.00
C CYS H 2991 113.66 53.85 -16.41
N SER H 2992 113.07 52.79 -16.96
CA SER H 2992 113.39 51.44 -16.51
C SER H 2992 114.87 51.14 -16.65
N GLY H 2993 115.49 51.56 -17.75
CA GLY H 2993 116.91 51.41 -17.96
C GLY H 2993 117.21 50.68 -19.25
N GLY H 2994 118.51 50.57 -19.54
CA GLY H 2994 118.95 49.87 -20.72
C GLY H 2994 119.02 50.73 -21.96
N HIS H 2995 119.78 51.81 -21.90
CA HIS H 2995 119.95 52.69 -23.05
C HIS H 2995 121.06 52.18 -23.95
N ALA H 2996 121.09 52.70 -25.17
CA ALA H 2996 122.15 52.35 -26.11
C ALA H 2996 123.47 52.99 -25.70
N SER H 2997 124.56 52.29 -25.98
CA SER H 2997 125.88 52.79 -25.63
C SER H 2997 126.32 53.84 -26.64
N ASN H 2998 127.42 54.53 -26.29
CA ASN H 2998 127.99 55.51 -27.21
C ASN H 2998 128.43 54.84 -28.51
N LYS H 2999 129.09 53.68 -28.42
CA LYS H 2999 129.45 52.95 -29.62
C LYS H 2999 128.22 52.45 -30.37
N GLU H 3000 127.16 52.08 -29.65
CA GLU H 3000 125.90 51.73 -30.29
C GLU H 3000 125.40 52.88 -31.15
N LYS H 3001 125.42 54.09 -30.58
CA LYS H 3001 124.95 55.27 -31.30
C LYS H 3001 125.85 55.56 -32.51
N GLU H 3002 127.17 55.45 -32.31
CA GLU H 3002 128.12 55.62 -33.40
C GLU H 3002 127.81 54.69 -34.56
N MET H 3003 127.64 53.41 -34.25
CA MET H 3003 127.47 52.38 -35.26
C MET H 3003 126.10 52.49 -35.93
N VAL H 3004 125.09 52.94 -35.20
CA VAL H 3004 123.79 53.23 -35.80
C VAL H 3004 123.90 54.38 -36.78
N THR H 3005 124.61 55.45 -36.40
CA THR H 3005 124.79 56.58 -37.31
C THR H 3005 125.59 56.20 -38.55
N SER H 3006 126.62 55.37 -38.40
CA SER H 3006 127.36 54.86 -39.54
C SER H 3006 126.48 54.03 -40.46
N LEU H 3007 125.61 53.20 -39.87
CA LEU H 3007 124.64 52.47 -40.67
C LEU H 3007 123.72 53.42 -41.44
N PHE H 3008 123.30 54.50 -40.80
CA PHE H 3008 122.49 55.50 -41.49
C PHE H 3008 123.22 56.09 -42.68
N CYS H 3009 124.47 56.50 -42.47
CA CYS H 3009 125.23 57.13 -43.54
C CYS H 3009 125.41 56.16 -44.71
N LYS H 3010 125.74 54.91 -44.41
CA LYS H 3010 126.01 53.95 -45.48
C LYS H 3010 124.74 53.53 -46.19
N LEU H 3011 123.62 53.46 -45.46
CA LEU H 3011 122.34 53.22 -46.11
C LEU H 3011 121.92 54.38 -47.01
N GLY H 3012 122.17 55.62 -46.59
CA GLY H 3012 121.93 56.75 -47.47
C GLY H 3012 122.79 56.71 -48.71
N VAL H 3013 124.07 56.34 -48.56
CA VAL H 3013 124.93 56.18 -49.72
C VAL H 3013 124.39 55.10 -50.65
N LEU H 3014 123.92 53.99 -50.07
CA LEU H 3014 123.34 52.91 -50.85
C LEU H 3014 122.12 53.36 -51.63
N VAL H 3015 121.21 54.09 -50.97
CA VAL H 3015 119.97 54.51 -51.62
C VAL H 3015 120.20 55.67 -52.60
N ARG H 3016 121.34 56.35 -52.51
CA ARG H 3016 121.60 57.48 -53.38
C ARG H 3016 121.68 57.03 -54.83
N HIS H 3017 120.81 57.61 -55.67
CA HIS H 3017 120.75 57.32 -57.10
C HIS H 3017 120.64 55.83 -57.42
N ARG H 3018 119.80 55.11 -56.69
CA ARG H 3018 119.58 53.69 -56.97
C ARG H 3018 118.12 53.28 -56.84
N ILE H 3019 117.19 54.24 -56.86
CA ILE H 3019 115.77 53.91 -56.77
C ILE H 3019 115.33 53.13 -58.00
N SER H 3020 115.89 53.47 -59.16
CA SER H 3020 115.59 52.72 -60.38
C SER H 3020 116.23 51.34 -60.35
N LEU H 3021 117.41 51.22 -59.74
CA LEU H 3021 118.01 49.91 -59.57
C LEU H 3021 117.16 49.03 -58.68
N PHE H 3022 116.57 49.60 -57.63
CA PHE H 3022 115.66 48.85 -56.78
C PHE H 3022 114.34 48.61 -57.52
N GLY H 3023 113.88 47.36 -57.50
CA GLY H 3023 112.67 46.99 -58.19
C GLY H 3023 111.41 47.30 -57.41
N ASN H 3024 111.07 48.59 -57.33
CA ASN H 3024 109.89 49.09 -56.62
C ASN H 3024 110.02 48.89 -55.12
N ASP H 3025 111.10 48.24 -54.69
CA ASP H 3025 111.48 48.19 -53.29
C ASP H 3025 112.18 49.45 -52.83
N ALA H 3026 112.45 50.37 -53.77
CA ALA H 3026 113.01 51.66 -53.42
C ALA H 3026 112.14 52.37 -52.39
N THR H 3027 110.82 52.20 -52.47
CA THR H 3027 109.95 52.78 -51.45
C THR H 3027 110.17 52.12 -50.09
N SER H 3028 110.43 50.81 -50.08
CA SER H 3028 110.71 50.13 -48.82
C SER H 3028 111.98 50.67 -48.19
N ILE H 3029 113.05 50.83 -48.98
CA ILE H 3029 114.25 51.47 -48.47
C ILE H 3029 114.02 52.92 -48.08
N VAL H 3030 113.16 53.64 -48.79
CA VAL H 3030 112.82 55.01 -48.40
C VAL H 3030 112.22 55.04 -47.02
N ASN H 3031 111.26 54.15 -46.75
CA ASN H 3031 110.64 54.08 -45.43
C ASN H 3031 111.66 53.62 -44.39
N CYS H 3032 112.58 52.75 -44.78
CA CYS H 3032 113.62 52.28 -43.87
C CYS H 3032 114.50 53.44 -43.44
N LEU H 3033 115.01 54.21 -44.41
CA LEU H 3033 115.81 55.37 -44.10
C LEU H 3033 115.00 56.43 -43.35
N HIS H 3034 113.71 56.52 -43.61
CA HIS H 3034 112.82 57.40 -42.86
C HIS H 3034 112.85 57.06 -41.37
N ILE H 3035 112.43 55.84 -41.03
CA ILE H 3035 112.39 55.43 -39.62
C ILE H 3035 113.79 55.50 -39.03
N LEU H 3036 114.82 55.27 -39.85
CA LEU H 3036 116.18 55.45 -39.38
C LEU H 3036 116.42 56.90 -38.97
N GLY H 3037 115.92 57.84 -39.76
CA GLY H 3037 116.02 59.24 -39.41
C GLY H 3037 115.30 59.61 -38.13
N GLN H 3038 114.07 59.09 -37.95
CA GLN H 3038 113.43 59.34 -36.65
C GLN H 3038 114.07 58.57 -35.51
N THR H 3039 114.95 57.61 -35.79
CA THR H 3039 115.69 56.92 -34.74
C THR H 3039 117.14 57.41 -34.63
N LEU H 3040 117.48 58.46 -35.36
CA LEU H 3040 118.83 59.04 -35.28
C LEU H 3040 118.91 59.94 -34.04
N ASP H 3041 119.97 59.76 -33.27
CA ASP H 3041 120.42 60.74 -32.29
C ASP H 3041 121.94 60.82 -32.39
N ALA H 3042 122.48 62.04 -32.27
CA ALA H 3042 123.88 62.26 -32.58
C ALA H 3042 124.62 63.20 -31.63
N ARG H 3043 124.06 63.53 -30.47
CA ARG H 3043 124.72 64.49 -29.59
C ARG H 3043 126.03 63.93 -29.04
N THR H 3044 125.99 62.72 -28.48
CA THR H 3044 127.21 62.13 -27.94
C THR H 3044 128.16 61.74 -29.07
N VAL H 3045 127.61 61.45 -30.25
CA VAL H 3045 128.45 61.22 -31.42
C VAL H 3045 129.24 62.48 -31.76
N MET H 3046 128.57 63.62 -31.75
CA MET H 3046 129.24 64.88 -32.05
C MET H 3046 130.31 65.20 -31.02
N LYS H 3047 130.00 65.04 -29.73
CA LYS H 3047 131.00 65.38 -28.73
C LYS H 3047 132.18 64.40 -28.76
N THR H 3048 131.90 63.10 -28.76
CA THR H 3048 132.94 62.07 -28.77
C THR H 3048 132.53 60.99 -29.75
N GLY H 3049 133.28 60.83 -30.83
CA GLY H 3049 132.94 59.80 -31.80
C GLY H 3049 134.04 59.59 -32.81
N LEU H 3050 133.79 58.65 -33.71
CA LEU H 3050 134.75 58.31 -34.75
C LEU H 3050 134.76 59.40 -35.81
N GLU H 3051 135.96 59.86 -36.18
CA GLU H 3051 136.08 60.94 -37.15
C GLU H 3051 135.54 60.52 -38.51
N SER H 3052 135.79 59.27 -38.91
CA SER H 3052 135.23 58.79 -40.16
C SER H 3052 133.71 58.72 -40.09
N VAL H 3053 133.17 58.39 -38.91
CA VAL H 3053 131.72 58.39 -38.74
C VAL H 3053 131.18 59.80 -38.93
N LYS H 3054 131.84 60.80 -38.33
CA LYS H 3054 131.41 62.18 -38.53
C LYS H 3054 131.52 62.58 -40.00
N SER H 3055 132.61 62.17 -40.66
CA SER H 3055 132.76 62.44 -42.08
C SER H 3055 131.64 61.81 -42.88
N ALA H 3056 131.12 60.67 -42.44
CA ALA H 3056 130.02 60.02 -43.14
C ALA H 3056 128.77 60.90 -43.13
N LEU H 3057 128.40 61.43 -41.96
CA LEU H 3057 127.24 62.31 -41.89
C LEU H 3057 127.46 63.62 -42.64
N ARG H 3058 128.67 64.19 -42.57
CA ARG H 3058 128.98 65.38 -43.35
C ARG H 3058 128.84 65.10 -44.84
N ALA H 3059 129.33 63.94 -45.29
CA ALA H 3059 129.21 63.56 -46.68
C ALA H 3059 127.76 63.38 -47.08
N PHE H 3060 126.96 62.75 -46.22
CA PHE H 3060 125.54 62.59 -46.53
C PHE H 3060 124.87 63.94 -46.69
N LEU H 3061 125.13 64.86 -45.76
CA LEU H 3061 124.47 66.15 -45.78
C LEU H 3061 124.89 66.97 -47.00
N ASP H 3062 126.19 67.09 -47.25
CA ASP H 3062 126.60 67.91 -48.39
C ASP H 3062 126.35 67.23 -49.72
N ASN H 3063 126.19 65.90 -49.73
CA ASN H 3063 125.74 65.23 -50.94
C ASN H 3063 124.29 65.56 -51.23
N ALA H 3064 123.45 65.52 -50.19
CA ALA H 3064 122.07 65.99 -50.35
C ALA H 3064 122.00 67.44 -50.79
N ALA H 3065 122.93 68.28 -50.33
CA ALA H 3065 123.01 69.67 -50.76
C ALA H 3065 123.44 69.83 -52.21
N GLU H 3066 124.46 69.08 -52.66
CA GLU H 3066 124.90 69.20 -54.04
C GLU H 3066 123.87 68.61 -55.00
N ASP H 3067 123.11 67.61 -54.54
CA ASP H 3067 121.99 67.12 -55.34
C ASP H 3067 120.94 68.21 -55.53
N LEU H 3068 120.67 68.97 -54.46
CA LEU H 3068 119.76 70.10 -54.56
C LEU H 3068 120.31 71.16 -55.51
N GLU H 3069 121.63 71.40 -55.47
CA GLU H 3069 122.26 72.32 -56.41
C GLU H 3069 122.09 71.84 -57.86
N LYS H 3070 122.23 70.54 -58.08
CA LYS H 3070 122.03 69.99 -59.41
C LYS H 3070 120.58 70.17 -59.86
N THR H 3071 119.63 70.01 -58.93
CA THR H 3071 118.24 70.30 -59.27
C THR H 3071 118.07 71.77 -59.63
N MET H 3072 118.73 72.64 -58.88
CA MET H 3072 118.78 74.07 -59.23
C MET H 3072 119.15 74.25 -60.69
N GLU H 3073 120.33 73.77 -61.05
CA GLU H 3073 120.86 73.95 -62.38
C GLU H 3073 119.97 73.34 -63.45
N ASN H 3074 119.44 72.13 -63.21
CA ASN H 3074 118.60 71.49 -64.21
C ASN H 3074 117.30 72.25 -64.43
N LEU H 3075 116.60 72.62 -63.35
CA LEU H 3075 115.34 73.31 -63.58
C LEU H 3075 115.55 74.71 -64.14
N LYS H 3076 116.67 75.37 -63.82
CA LYS H 3076 116.96 76.65 -64.43
C LYS H 3076 117.26 76.52 -65.92
N GLN H 3077 118.08 75.55 -66.33
CA GLN H 3077 118.34 75.39 -67.76
C GLN H 3077 117.06 74.97 -68.49
N GLY H 3078 116.29 74.08 -67.89
CA GLY H 3078 114.95 73.79 -68.37
C GLY H 3078 114.03 73.42 -67.22
N GLN H 3079 112.94 74.19 -67.06
CA GLN H 3079 111.93 73.89 -66.05
C GLN H 3079 111.45 72.45 -66.13
N PHE H 3080 111.63 71.78 -67.27
CA PHE H 3080 111.23 70.38 -67.42
C PHE H 3080 111.89 69.50 -66.37
N THR H 3081 111.10 68.61 -65.78
CA THR H 3081 111.59 67.68 -64.77
C THR H 3081 111.51 66.25 -65.28
N LYS H 3088 118.61 60.49 -69.56
CA LYS H 3088 117.57 60.34 -68.55
C LYS H 3088 118.17 60.32 -67.16
N GLY H 3089 119.49 60.48 -67.08
CA GLY H 3089 120.16 60.43 -65.78
C GLY H 3089 119.74 61.56 -64.86
N VAL H 3090 119.66 62.78 -65.38
CA VAL H 3090 119.25 63.90 -64.55
C VAL H 3090 117.78 63.77 -64.18
N THR H 3091 116.96 63.21 -65.06
CA THR H 3091 115.56 62.94 -64.71
C THR H 3091 115.47 61.93 -63.57
N GLN H 3092 116.32 60.89 -63.62
CA GLN H 3092 116.37 59.94 -62.52
C GLN H 3092 116.83 60.61 -61.23
N ILE H 3093 117.76 61.56 -61.35
CA ILE H 3093 118.18 62.32 -60.17
C ILE H 3093 117.01 63.13 -59.61
N ILE H 3094 116.20 63.74 -60.48
CA ILE H 3094 115.03 64.47 -60.01
C ILE H 3094 114.05 63.54 -59.32
N ASN H 3095 113.87 62.35 -59.88
CA ASN H 3095 112.98 61.37 -59.27
C ASN H 3095 113.49 60.97 -57.89
N TYR H 3096 114.79 60.70 -57.79
CA TYR H 3096 115.40 60.42 -56.50
C TYR H 3096 115.13 61.54 -55.51
N THR H 3097 115.33 62.78 -55.97
CA THR H 3097 115.06 63.93 -55.11
C THR H 3097 113.62 63.90 -54.61
N THR H 3098 112.67 64.02 -55.52
CA THR H 3098 111.26 64.19 -55.19
C THR H 3098 110.63 62.95 -54.54
N VAL H 3099 111.31 61.81 -54.54
CA VAL H 3099 110.79 60.59 -53.91
C VAL H 3099 111.40 60.36 -52.54
N ALA H 3100 112.71 60.59 -52.41
CA ALA H 3100 113.38 60.25 -51.16
C ALA H 3100 114.14 61.41 -50.54
N LEU H 3101 114.79 62.26 -51.34
CA LEU H 3101 115.71 63.24 -50.78
C LEU H 3101 114.96 64.31 -49.99
N LEU H 3102 113.88 64.84 -50.56
CA LEU H 3102 113.03 65.75 -49.80
C LEU H 3102 112.44 65.06 -48.58
N PRO H 3103 111.88 63.85 -48.67
CA PRO H 3103 111.43 63.17 -47.45
C PRO H 3103 112.55 62.91 -46.45
N MET H 3104 113.73 62.46 -46.89
CA MET H 3104 114.77 62.14 -45.91
C MET H 3104 115.26 63.39 -45.20
N LEU H 3105 115.46 64.48 -45.94
CA LEU H 3105 115.90 65.72 -45.31
C LEU H 3105 114.81 66.28 -44.40
N SER H 3106 113.56 66.22 -44.84
CA SER H 3106 112.47 66.65 -43.99
C SER H 3106 112.45 65.89 -42.67
N SER H 3107 112.53 64.56 -42.73
CA SER H 3107 112.55 63.75 -41.52
C SER H 3107 113.78 64.08 -40.67
N LEU H 3108 114.94 64.23 -41.30
CA LEU H 3108 116.17 64.48 -40.56
C LEU H 3108 116.07 65.78 -39.78
N PHE H 3109 115.68 66.87 -40.44
CA PHE H 3109 115.66 68.16 -39.75
C PHE H 3109 114.49 68.27 -38.78
N GLU H 3110 113.35 67.66 -39.09
CA GLU H 3110 112.25 67.68 -38.12
C GLU H 3110 112.66 66.92 -36.86
N HIS H 3111 113.36 65.80 -37.02
CA HIS H 3111 113.82 65.05 -35.85
C HIS H 3111 114.90 65.83 -35.10
N ILE H 3112 115.78 66.52 -35.83
CA ILE H 3112 116.81 67.33 -35.19
C ILE H 3112 116.16 68.41 -34.34
N GLY H 3113 115.11 69.04 -34.87
CA GLY H 3113 114.37 70.02 -34.09
C GLY H 3113 113.68 69.40 -32.89
N GLN H 3114 113.09 68.22 -33.06
CA GLN H 3114 112.40 67.56 -31.97
C GLN H 3114 113.36 67.24 -30.82
N HIS H 3115 114.55 66.75 -31.15
CA HIS H 3115 115.54 66.41 -30.14
C HIS H 3115 116.48 67.55 -29.81
N GLN H 3116 116.25 68.75 -30.37
CA GLN H 3116 117.08 69.92 -30.11
C GLN H 3116 118.55 69.64 -30.43
N PHE H 3117 118.80 69.16 -31.64
CA PHE H 3117 120.14 68.79 -32.07
C PHE H 3117 120.74 69.77 -33.08
N GLY H 3118 120.10 70.92 -33.30
CA GLY H 3118 120.62 71.85 -34.29
C GLY H 3118 121.87 72.58 -33.82
N GLU H 3119 122.18 72.50 -32.53
CA GLU H 3119 123.28 73.26 -31.96
C GLU H 3119 124.59 72.48 -31.92
N ASP H 3120 124.61 71.22 -32.36
CA ASP H 3120 125.84 70.44 -32.29
C ASP H 3120 126.21 69.79 -33.62
N LEU H 3121 125.21 69.33 -34.38
CA LEU H 3121 125.51 68.65 -35.64
C LEU H 3121 126.05 69.62 -36.68
N ILE H 3122 125.43 70.79 -36.79
CA ILE H 3122 125.67 71.71 -37.90
C ILE H 3122 126.42 72.93 -37.38
N LEU H 3123 127.75 72.86 -37.42
CA LEU H 3123 128.56 74.01 -37.03
C LEU H 3123 129.52 74.48 -38.13
N GLU H 3124 130.28 73.55 -38.71
CA GLU H 3124 131.39 73.90 -39.60
C GLU H 3124 131.14 73.33 -40.98
N ASP H 3125 130.80 74.22 -41.91
CA ASP H 3125 130.57 73.92 -43.33
C ASP H 3125 129.29 73.12 -43.50
N VAL H 3126 128.76 72.59 -42.39
CA VAL H 3126 127.42 72.03 -42.42
C VAL H 3126 126.41 73.16 -42.55
N GLN H 3127 126.70 74.29 -41.91
CA GLN H 3127 125.89 75.49 -42.12
C GLN H 3127 125.96 75.95 -43.56
N VAL H 3128 127.12 75.82 -44.21
CA VAL H 3128 127.24 76.19 -45.61
C VAL H 3128 126.41 75.26 -46.49
N SER H 3129 126.52 73.95 -46.25
CA SER H 3129 125.73 73.00 -47.02
C SER H 3129 124.23 73.22 -46.82
N CYS H 3130 123.81 73.49 -45.59
CA CYS H 3130 122.40 73.72 -45.35
C CYS H 3130 121.94 75.09 -45.82
N TYR H 3131 122.85 76.06 -45.96
CA TYR H 3131 122.49 77.30 -46.64
C TYR H 3131 122.28 77.07 -48.12
N ARG H 3132 123.11 76.23 -48.75
CA ARG H 3132 122.81 75.80 -50.11
C ARG H 3132 121.46 75.11 -50.19
N ILE H 3133 121.18 74.25 -49.21
CA ILE H 3133 119.89 73.56 -49.16
C ILE H 3133 118.75 74.56 -49.02
N LEU H 3134 118.93 75.56 -48.17
CA LEU H 3134 117.90 76.57 -47.94
C LEU H 3134 117.62 77.36 -49.21
N THR H 3135 118.68 77.83 -49.86
CA THR H 3135 118.52 78.55 -51.11
C THR H 3135 117.82 77.69 -52.15
N SER H 3136 118.21 76.41 -52.25
CA SER H 3136 117.60 75.51 -53.21
C SER H 3136 116.11 75.33 -52.94
N LEU H 3137 115.77 75.01 -51.69
CA LEU H 3137 114.39 74.69 -51.36
C LEU H 3137 113.50 75.93 -51.45
N TYR H 3138 114.05 77.09 -51.10
CA TYR H 3138 113.32 78.34 -51.27
C TYR H 3138 113.16 78.66 -52.75
N ALA H 3139 114.14 78.28 -53.57
CA ALA H 3139 114.02 78.47 -55.01
C ALA H 3139 112.88 77.65 -55.58
N LEU H 3140 112.74 76.40 -55.12
CA LEU H 3140 111.56 75.63 -55.53
C LEU H 3140 110.28 76.25 -55.01
N GLY H 3141 110.28 76.68 -53.75
CA GLY H 3141 109.08 77.26 -53.17
C GLY H 3141 108.64 78.56 -53.81
N THR H 3142 109.56 79.28 -54.44
CA THR H 3142 109.22 80.49 -55.18
C THR H 3142 109.20 80.29 -56.68
N SER H 3143 109.50 79.09 -57.17
CA SER H 3143 109.51 78.84 -58.60
C SER H 3143 108.09 78.83 -59.16
N LYS H 3144 107.94 79.28 -60.39
CA LYS H 3144 106.66 79.33 -61.07
C LYS H 3144 106.47 78.17 -62.04
N SER H 3145 107.34 77.16 -61.98
CA SER H 3145 107.28 76.05 -62.92
C SER H 3145 106.00 75.24 -62.71
N ILE H 3146 105.39 74.82 -63.82
CA ILE H 3146 104.28 73.86 -63.73
C ILE H 3146 104.80 72.52 -63.21
N TYR H 3147 106.06 72.21 -63.51
CA TYR H 3147 106.62 70.93 -63.10
C TYR H 3147 106.82 70.86 -61.59
N VAL H 3148 107.15 71.99 -60.96
CA VAL H 3148 107.50 72.00 -59.55
C VAL H 3148 106.21 71.98 -58.72
N GLU H 3149 105.07 72.00 -59.41
CA GLU H 3149 103.79 72.16 -58.72
C GLU H 3149 103.36 70.89 -58.00
N ARG H 3150 103.54 69.71 -58.60
CA ARG H 3150 102.90 68.52 -58.03
C ARG H 3150 103.75 67.93 -56.91
N GLN H 3151 104.97 68.45 -56.72
CA GLN H 3151 105.69 68.16 -55.50
C GLN H 3151 105.75 69.35 -54.56
N ARG H 3152 104.99 70.41 -54.85
CA ARG H 3152 105.01 71.61 -54.03
C ARG H 3152 104.51 71.31 -52.62
N SER H 3153 103.60 70.35 -52.48
CA SER H 3153 103.12 69.97 -51.15
C SER H 3153 104.25 69.39 -50.30
N ALA H 3154 105.05 68.51 -50.88
CA ALA H 3154 106.22 67.99 -50.17
C ALA H 3154 107.25 69.09 -49.95
N LEU H 3155 107.34 70.03 -50.89
CA LEU H 3155 108.25 71.15 -50.74
C LEU H 3155 107.91 71.98 -49.52
N GLY H 3156 106.63 72.25 -49.31
CA GLY H 3156 106.21 73.02 -48.15
C GLY H 3156 106.52 72.37 -46.83
N GLU H 3157 106.29 71.07 -46.70
CA GLU H 3157 106.59 70.35 -45.47
C GLU H 3157 108.09 70.12 -45.28
N CYS H 3158 108.87 70.09 -46.35
CA CYS H 3158 110.32 70.02 -46.22
C CYS H 3158 110.93 71.35 -45.82
N LEU H 3159 110.41 72.46 -46.34
CA LEU H 3159 110.93 73.77 -45.99
C LEU H 3159 110.67 74.08 -44.52
N ALA H 3160 109.46 73.77 -44.05
CA ALA H 3160 109.16 73.97 -42.64
C ALA H 3160 110.04 73.10 -41.75
N ALA H 3161 110.25 71.84 -42.13
CA ALA H 3161 111.11 70.95 -41.37
C ALA H 3161 112.54 71.47 -41.32
N PHE H 3162 113.04 71.98 -42.45
CA PHE H 3162 114.37 72.59 -42.45
C PHE H 3162 114.42 73.80 -41.53
N ALA H 3163 113.48 74.72 -41.67
CA ALA H 3163 113.48 75.91 -40.83
C ALA H 3163 113.12 75.59 -39.40
N GLY H 3164 112.57 74.39 -39.15
CA GLY H 3164 112.24 74.01 -37.80
C GLY H 3164 113.48 73.72 -36.96
N ALA H 3165 114.60 73.40 -37.61
CA ALA H 3165 115.85 73.10 -36.94
C ALA H 3165 116.99 73.73 -37.72
N PHE H 3166 117.62 74.75 -37.14
CA PHE H 3166 118.76 75.39 -37.77
C PHE H 3166 119.53 76.14 -36.71
N PRO H 3167 120.86 76.03 -36.68
CA PRO H 3167 121.62 76.51 -35.51
C PRO H 3167 121.56 78.01 -35.27
N VAL H 3168 121.31 78.82 -36.29
CA VAL H 3168 121.30 80.27 -36.15
C VAL H 3168 120.02 80.82 -36.72
N ALA H 3169 119.57 81.96 -36.21
CA ALA H 3169 118.37 82.60 -36.73
C ALA H 3169 118.66 83.21 -38.10
N PHE H 3170 118.30 82.49 -39.15
CA PHE H 3170 118.65 82.91 -40.51
C PHE H 3170 117.81 84.07 -41.02
N LEU H 3171 117.04 84.73 -40.15
CA LEU H 3171 116.26 85.90 -40.53
C LEU H 3171 116.53 87.10 -39.64
N GLU H 3172 117.60 87.06 -38.85
CA GLU H 3172 117.96 88.14 -37.95
C GLU H 3172 119.33 88.70 -38.32
N THR H 3173 119.51 88.95 -39.61
CA THR H 3173 120.81 89.34 -40.14
C THR H 3173 121.42 90.51 -39.39
N HIS H 3174 120.60 91.50 -39.05
CA HIS H 3174 121.13 92.70 -38.40
C HIS H 3174 121.57 92.41 -36.97
N LEU H 3175 121.08 91.33 -36.37
CA LEU H 3175 121.52 90.91 -35.04
C LEU H 3175 122.04 89.49 -35.02
N ASP H 3176 122.38 88.92 -36.17
CA ASP H 3176 122.99 87.59 -36.16
C ASP H 3176 124.42 87.61 -35.61
N LYS H 3177 125.03 88.79 -35.50
CA LYS H 3177 126.30 88.91 -34.80
C LYS H 3177 126.17 88.49 -33.35
N HIS H 3178 124.97 88.65 -32.78
CA HIS H 3178 124.77 88.36 -31.36
C HIS H 3178 124.88 86.86 -31.08
N ASN H 3179 124.74 86.02 -32.10
CA ASN H 3179 124.83 84.58 -31.92
C ASN H 3179 126.29 84.15 -32.01
N ILE H 3180 126.79 83.51 -30.94
CA ILE H 3180 128.13 82.97 -30.97
C ILE H 3180 128.19 81.72 -31.83
N TYR H 3181 127.06 81.01 -31.94
CA TYR H 3181 126.99 79.82 -32.77
C TYR H 3181 127.07 80.13 -34.26
N SER H 3182 127.01 81.41 -34.64
CA SER H 3182 127.08 81.80 -36.03
C SER H 3182 128.37 81.30 -36.68
N ILE H 3183 128.24 80.81 -37.90
CA ILE H 3183 129.40 80.31 -38.62
C ILE H 3183 130.43 81.41 -38.81
N TYR H 3184 129.99 82.65 -38.96
CA TYR H 3184 130.92 83.76 -39.03
C TYR H 3184 131.69 83.93 -37.73
N ASN H 3185 131.00 83.81 -36.59
CA ASN H 3185 131.67 83.90 -35.30
C ASN H 3185 132.68 82.78 -35.14
N THR H 3186 132.31 81.57 -35.56
CA THR H 3186 133.22 80.44 -35.46
C THR H 3186 134.44 80.60 -36.36
N LYS H 3187 134.23 81.08 -37.59
CA LYS H 3187 135.30 81.17 -38.57
C LYS H 3187 136.10 82.46 -38.44
N SER H 3188 135.70 83.37 -37.55
CA SER H 3188 136.40 84.64 -37.31
C SER H 3188 136.55 85.35 -38.65
N SER H 3189 137.74 85.77 -39.05
CA SER H 3189 137.93 86.49 -40.31
C SER H 3189 138.78 85.75 -41.31
N ARG H 3190 140.00 85.34 -40.94
CA ARG H 3190 140.87 84.65 -41.89
C ARG H 3190 140.26 83.31 -42.32
N GLU H 3191 139.67 82.57 -41.38
CA GLU H 3191 139.07 81.29 -41.74
C GLU H 3191 137.80 81.51 -42.53
N ARG H 3192 137.06 82.58 -42.22
CA ARG H 3192 135.90 82.97 -43.02
C ARG H 3192 136.30 83.26 -44.46
N ALA H 3193 137.47 83.87 -44.68
CA ALA H 3193 137.99 84.09 -46.02
C ALA H 3193 138.53 82.82 -46.67
N ALA H 3194 139.20 81.96 -45.90
CA ALA H 3194 139.72 80.71 -46.43
C ALA H 3194 138.59 79.82 -46.93
N LEU H 3195 137.50 79.73 -46.17
CA LEU H 3195 136.30 79.11 -46.66
C LEU H 3195 135.59 80.06 -47.61
N SER H 3196 134.77 79.50 -48.50
CA SER H 3196 134.04 80.30 -49.48
C SER H 3196 132.82 80.97 -48.82
N LEU H 3197 133.11 81.74 -47.77
CA LEU H 3197 132.08 82.44 -47.02
C LEU H 3197 131.95 83.87 -47.50
N PRO H 3198 130.73 84.34 -47.78
CA PRO H 3198 130.58 85.70 -48.34
C PRO H 3198 130.83 86.80 -47.34
N THR H 3199 131.09 86.48 -46.07
CA THR H 3199 131.43 87.39 -44.97
C THR H 3199 130.23 88.22 -44.53
N ASN H 3200 129.09 88.14 -45.20
CA ASN H 3200 127.87 88.81 -44.77
C ASN H 3200 126.76 87.78 -44.78
N VAL H 3201 125.95 87.77 -43.72
CA VAL H 3201 124.82 86.84 -43.66
C VAL H 3201 123.80 87.19 -44.73
N GLU H 3202 123.57 88.49 -44.98
CA GLU H 3202 122.74 88.88 -46.10
C GLU H 3202 123.32 88.36 -47.40
N ASP H 3203 124.64 88.23 -47.47
CA ASP H 3203 125.29 87.77 -48.69
C ASP H 3203 125.23 86.25 -48.82
N VAL H 3204 125.14 85.52 -47.70
CA VAL H 3204 125.04 84.07 -47.80
C VAL H 3204 123.59 83.66 -48.03
N CYS H 3205 122.65 84.53 -47.66
CA CYS H 3205 121.23 84.32 -47.99
C CYS H 3205 120.67 85.54 -48.71
N PRO H 3206 121.10 85.77 -49.95
CA PRO H 3206 120.59 86.95 -50.68
C PRO H 3206 119.17 86.79 -51.15
N ASN H 3207 118.84 85.63 -51.73
CA ASN H 3207 117.54 85.46 -52.39
C ASN H 3207 116.40 85.50 -51.38
N ILE H 3208 116.52 84.76 -50.29
CA ILE H 3208 115.48 84.73 -49.27
C ILE H 3208 115.47 86.06 -48.54
N PRO H 3209 114.32 86.72 -48.42
CA PRO H 3209 114.27 88.03 -47.76
C PRO H 3209 114.48 87.93 -46.25
N SER H 3210 114.77 89.06 -45.62
CA SER H 3210 114.92 89.09 -44.17
C SER H 3210 113.56 88.87 -43.50
N LEU H 3211 113.61 88.79 -42.17
CA LEU H 3211 112.37 88.63 -41.41
C LEU H 3211 111.45 89.83 -41.61
N GLU H 3212 112.02 91.04 -41.61
CA GLU H 3212 111.21 92.23 -41.80
C GLU H 3212 110.58 92.28 -43.18
N LYS H 3213 111.33 91.97 -44.22
CA LYS H 3213 110.76 91.94 -45.57
C LYS H 3213 109.68 90.87 -45.67
N LEU H 3214 109.94 89.70 -45.07
CA LEU H 3214 108.94 88.63 -45.12
C LEU H 3214 107.66 89.03 -44.40
N MET H 3215 107.77 89.68 -43.23
CA MET H 3215 106.57 90.02 -42.49
C MET H 3215 105.82 91.21 -43.12
N GLU H 3216 106.53 92.16 -43.71
CA GLU H 3216 105.82 93.21 -44.44
C GLU H 3216 105.13 92.64 -45.67
N GLU H 3217 105.75 91.66 -46.32
CA GLU H 3217 105.05 90.94 -47.37
C GLU H 3217 103.81 90.26 -46.82
N ILE H 3218 103.92 89.67 -45.63
CA ILE H 3218 102.77 88.98 -45.04
C ILE H 3218 101.62 89.95 -44.80
N VAL H 3219 101.93 91.12 -44.24
CA VAL H 3219 100.86 92.06 -43.90
C VAL H 3219 100.22 92.62 -45.17
N GLU H 3220 101.02 92.91 -46.20
CA GLU H 3220 100.42 93.38 -47.44
C GLU H 3220 99.64 92.27 -48.12
N LEU H 3221 100.03 91.00 -47.93
CA LEU H 3221 99.26 89.90 -48.47
C LEU H 3221 97.91 89.79 -47.79
N ALA H 3222 97.87 89.97 -46.47
CA ALA H 3222 96.59 89.96 -45.78
C ALA H 3222 95.73 91.14 -46.20
N GLU H 3223 96.36 92.29 -46.48
CA GLU H 3223 95.64 93.41 -47.06
C GLU H 3223 95.03 93.02 -48.41
N SER H 3224 95.79 92.32 -49.24
CA SER H 3224 95.31 91.95 -50.57
C SER H 3224 94.19 90.93 -50.49
N GLY H 3225 94.47 89.78 -49.89
CA GLY H 3225 93.53 88.69 -49.78
C GLY H 3225 93.12 88.09 -51.12
N ILE H 3226 94.06 88.08 -52.08
CA ILE H 3226 93.79 87.52 -53.39
C ILE H 3226 93.96 86.01 -53.34
N ARG H 3227 93.60 85.34 -54.44
CA ARG H 3227 93.35 83.91 -54.40
C ARG H 3227 94.65 83.10 -54.49
N TYR H 3228 94.57 81.85 -54.05
CA TYR H 3228 95.73 80.98 -53.93
C TYR H 3228 96.41 80.72 -55.27
N THR H 3229 95.64 80.61 -56.35
CA THR H 3229 96.25 80.33 -57.65
C THR H 3229 97.18 81.46 -58.09
N GLN H 3230 96.76 82.72 -57.91
CA GLN H 3230 97.61 83.83 -58.31
C GLN H 3230 98.71 84.12 -57.29
N MET H 3231 98.51 83.77 -56.02
CA MET H 3231 99.67 83.75 -55.13
C MET H 3231 99.75 82.36 -54.50
N PRO H 3232 100.46 81.42 -55.10
CA PRO H 3232 100.60 80.12 -54.44
C PRO H 3232 101.69 80.12 -53.38
N HIS H 3233 102.80 80.79 -53.66
CA HIS H 3233 104.07 80.51 -53.00
C HIS H 3233 104.00 80.70 -51.49
N VAL H 3234 103.49 81.85 -51.05
CA VAL H 3234 103.57 82.17 -49.62
C VAL H 3234 102.82 81.14 -48.80
N MET H 3235 101.51 81.03 -49.00
CA MET H 3235 100.73 80.10 -48.17
C MET H 3235 100.95 78.65 -48.58
N GLU H 3236 101.87 78.38 -49.50
CA GLU H 3236 102.15 76.96 -49.71
C GLU H 3236 103.44 76.53 -49.04
N VAL H 3237 104.47 77.39 -49.03
CA VAL H 3237 105.77 77.04 -48.45
C VAL H 3237 106.18 77.99 -47.34
N ILE H 3238 105.99 79.30 -47.54
CA ILE H 3238 106.63 80.28 -46.68
C ILE H 3238 105.99 80.28 -45.31
N LEU H 3239 104.65 80.33 -45.25
CA LEU H 3239 103.98 80.36 -43.96
C LEU H 3239 104.33 79.17 -43.08
N PRO H 3240 104.39 77.94 -43.60
CA PRO H 3240 104.88 76.84 -42.75
C PRO H 3240 106.28 77.08 -42.20
N MET H 3241 107.23 77.44 -43.06
CA MET H 3241 108.57 77.70 -42.56
C MET H 3241 108.62 78.97 -41.72
N LEU H 3242 107.78 79.97 -42.01
CA LEU H 3242 107.65 81.10 -41.12
C LEU H 3242 107.28 80.65 -39.71
N CYS H 3243 106.23 79.85 -39.57
CA CYS H 3243 105.79 79.41 -38.26
C CYS H 3243 106.85 78.55 -37.59
N SER H 3244 107.52 77.69 -38.36
CA SER H 3244 108.57 76.86 -37.77
C SER H 3244 109.71 77.73 -37.23
N TYR H 3245 110.12 78.75 -37.98
CA TYR H 3245 111.14 79.68 -37.50
C TYR H 3245 110.65 80.43 -36.27
N MET H 3246 109.36 80.79 -36.28
CA MET H 3246 108.78 81.54 -35.17
C MET H 3246 108.88 80.72 -33.89
N SER H 3247 108.52 79.44 -33.97
CA SER H 3247 108.64 78.54 -32.84
C SER H 3247 110.10 78.29 -32.46
N ARG H 3248 110.98 78.15 -33.45
CA ARG H 3248 112.39 77.91 -33.20
C ARG H 3248 113.06 79.04 -32.41
N TRP H 3249 112.70 80.29 -32.70
CA TRP H 3249 113.33 81.41 -32.02
C TRP H 3249 112.36 82.17 -31.13
N TRP H 3250 111.23 81.55 -30.79
CA TRP H 3250 110.26 82.21 -29.91
C TRP H 3250 110.82 82.43 -28.52
N GLU H 3251 111.47 81.42 -27.94
CA GLU H 3251 112.09 81.58 -26.62
C GLU H 3251 113.23 82.58 -26.66
N HIS H 3252 113.88 82.72 -27.82
CA HIS H 3252 114.98 83.67 -27.94
C HIS H 3252 114.48 85.11 -27.97
N GLY H 3253 113.19 85.32 -28.21
CA GLY H 3253 112.62 86.65 -28.20
C GLY H 3253 112.70 87.28 -26.83
N PRO H 3254 113.06 88.57 -26.79
CA PRO H 3254 113.30 89.22 -25.50
C PRO H 3254 112.09 89.20 -24.57
N GLU H 3255 110.88 89.12 -25.11
CA GLU H 3255 109.71 88.95 -24.26
C GLU H 3255 109.78 87.64 -23.51
N ASN H 3256 110.31 86.60 -24.14
CA ASN H 3256 110.39 85.29 -23.52
C ASN H 3256 111.62 85.18 -22.62
N ASN H 3257 112.76 85.71 -23.08
CA ASN H 3257 113.92 85.80 -22.21
C ASN H 3257 114.27 87.25 -21.94
N PRO H 3258 113.81 87.83 -20.84
CA PRO H 3258 114.09 89.26 -20.59
C PRO H 3258 115.55 89.57 -20.40
N GLU H 3259 116.31 88.66 -19.79
CA GLU H 3259 117.74 88.88 -19.61
C GLU H 3259 118.45 88.82 -20.96
N ARG H 3260 119.61 89.48 -21.03
CA ARG H 3260 120.43 89.51 -22.23
C ARG H 3260 119.68 90.13 -23.41
N ALA H 3261 118.79 91.07 -23.10
CA ALA H 3261 118.11 91.88 -24.11
C ALA H 3261 119.07 92.95 -24.66
N GLU H 3262 118.68 93.53 -25.80
CA GLU H 3262 119.54 94.29 -26.71
C GLU H 3262 120.81 93.51 -27.06
N MET H 3263 120.94 92.31 -26.52
CA MET H 3263 122.02 91.42 -26.89
C MET H 3263 121.47 90.18 -27.58
N CYS H 3264 120.15 90.05 -27.61
CA CYS H 3264 119.50 88.89 -28.20
C CYS H 3264 119.74 88.86 -29.71
N CYS H 3265 120.04 87.67 -30.22
CA CYS H 3265 120.18 87.49 -31.66
C CYS H 3265 118.86 87.73 -32.35
N THR H 3266 117.76 87.27 -31.76
CA THR H 3266 116.43 87.41 -32.32
C THR H 3266 115.70 88.51 -31.56
N ALA H 3267 115.31 89.56 -32.28
CA ALA H 3267 114.45 90.62 -31.71
C ALA H 3267 112.98 90.25 -31.98
N LEU H 3268 112.65 89.02 -31.62
CA LEU H 3268 111.31 88.51 -31.82
C LEU H 3268 110.34 89.22 -30.88
N ASN H 3269 109.08 89.27 -31.29
CA ASN H 3269 108.02 89.92 -30.50
C ASN H 3269 106.81 89.01 -30.43
N SER H 3270 106.26 88.84 -29.24
CA SER H 3270 105.05 88.04 -29.08
C SER H 3270 103.85 88.70 -29.73
N GLU H 3271 103.77 90.02 -29.67
CA GLU H 3271 102.72 90.72 -30.42
C GLU H 3271 102.92 90.53 -31.92
N HIS H 3272 104.17 90.49 -32.37
CA HIS H 3272 104.43 90.14 -33.77
C HIS H 3272 103.93 88.73 -34.06
N MET H 3273 104.09 87.83 -33.09
CA MET H 3273 103.64 86.46 -33.28
C MET H 3273 102.12 86.44 -33.47
N ASN H 3274 101.43 87.18 -32.61
CA ASN H 3274 99.97 87.26 -32.68
C ASN H 3274 99.53 87.90 -33.98
N THR H 3275 100.23 88.93 -34.43
CA THR H 3275 99.90 89.55 -35.71
C THR H 3275 100.08 88.58 -36.86
N LEU H 3276 101.16 87.80 -36.84
CA LEU H 3276 101.35 86.80 -37.88
C LEU H 3276 100.20 85.79 -37.87
N LEU H 3277 99.81 85.34 -36.67
CA LEU H 3277 98.70 84.40 -36.56
C LEU H 3277 97.41 85.01 -37.09
N GLY H 3278 97.13 86.27 -36.75
CA GLY H 3278 95.93 86.92 -37.24
C GLY H 3278 95.95 87.16 -38.73
N ASN H 3279 97.11 87.47 -39.29
CA ASN H 3279 97.25 87.58 -40.73
C ASN H 3279 96.92 86.23 -41.39
N ILE H 3280 97.42 85.15 -40.79
CA ILE H 3280 97.07 83.81 -41.26
C ILE H 3280 95.57 83.61 -41.19
N LEU H 3281 94.94 84.05 -40.12
CA LEU H 3281 93.49 83.94 -40.00
C LEU H 3281 92.74 84.70 -41.09
N LYS H 3282 93.16 85.93 -41.39
CA LYS H 3282 92.50 86.68 -42.45
C LYS H 3282 92.64 85.98 -43.79
N ILE H 3283 93.87 85.60 -44.15
CA ILE H 3283 94.07 84.94 -45.44
C ILE H 3283 93.37 83.59 -45.45
N ILE H 3284 93.15 82.98 -44.28
CA ILE H 3284 92.47 81.69 -44.27
C ILE H 3284 90.97 81.89 -44.42
N TYR H 3285 90.43 83.02 -43.96
CA TYR H 3285 89.05 83.34 -44.30
C TYR H 3285 88.90 83.54 -45.80
N ASN H 3286 89.87 84.23 -46.41
CA ASN H 3286 89.85 84.35 -47.87
C ASN H 3286 89.94 82.99 -48.55
N ASN H 3287 90.77 82.09 -48.02
CA ASN H 3287 90.86 80.75 -48.57
C ASN H 3287 89.54 80.00 -48.45
N LEU H 3288 88.88 80.09 -47.29
CA LEU H 3288 87.58 79.47 -47.12
C LEU H 3288 86.54 80.06 -48.06
N GLY H 3289 86.64 81.35 -48.38
CA GLY H 3289 85.78 81.95 -49.37
C GLY H 3289 86.09 81.59 -50.80
N ILE H 3290 87.34 81.21 -51.10
CA ILE H 3290 87.72 80.88 -52.47
C ILE H 3290 87.74 79.36 -52.64
N ASP H 3291 87.00 78.66 -51.77
CA ASP H 3291 86.76 77.22 -51.86
C ASP H 3291 87.99 76.41 -51.47
N GLU H 3292 89.13 77.08 -51.28
CA GLU H 3292 90.36 76.54 -50.70
C GLU H 3292 90.78 75.19 -51.29
N GLY H 3293 91.68 74.50 -50.59
CA GLY H 3293 91.99 73.12 -50.88
C GLY H 3293 92.31 72.36 -49.60
N ALA H 3294 93.18 71.37 -49.68
CA ALA H 3294 93.72 70.72 -48.49
C ALA H 3294 95.09 71.27 -48.11
N TRP H 3295 95.73 72.01 -49.01
CA TRP H 3295 96.96 72.70 -48.68
C TRP H 3295 96.77 73.63 -47.49
N MET H 3296 95.60 74.23 -47.37
CA MET H 3296 95.33 75.10 -46.23
C MET H 3296 95.11 74.30 -44.96
N LYS H 3297 94.56 73.08 -45.08
CA LYS H 3297 94.48 72.20 -43.92
C LYS H 3297 95.86 71.81 -43.44
N ARG H 3298 96.77 71.52 -44.38
CA ARG H 3298 98.15 71.27 -44.00
C ARG H 3298 98.79 72.52 -43.38
N LEU H 3299 98.42 73.69 -43.87
CA LEU H 3299 98.86 74.92 -43.21
C LEU H 3299 98.39 74.96 -41.77
N ALA H 3300 97.12 74.62 -41.53
CA ALA H 3300 96.58 74.64 -40.18
C ALA H 3300 97.32 73.67 -39.29
N VAL H 3301 97.61 72.47 -39.78
CA VAL H 3301 98.28 71.50 -38.92
C VAL H 3301 99.74 71.89 -38.73
N PHE H 3302 100.34 72.63 -39.68
CA PHE H 3302 101.69 73.13 -39.47
C PHE H 3302 101.70 74.24 -38.43
N SER H 3303 100.64 75.06 -38.39
CA SER H 3303 100.56 76.20 -37.50
C SER H 3303 99.96 75.83 -36.14
N GLN H 3304 99.52 74.58 -35.98
CA GLN H 3304 99.02 74.14 -34.68
C GLN H 3304 100.00 74.44 -33.55
N PRO H 3305 101.31 74.22 -33.68
CA PRO H 3305 102.22 74.61 -32.59
C PRO H 3305 102.13 76.09 -32.22
N ILE H 3306 101.92 76.96 -33.20
CA ILE H 3306 101.83 78.39 -32.90
C ILE H 3306 100.56 78.68 -32.10
N ILE H 3307 99.43 78.11 -32.51
CA ILE H 3307 98.19 78.28 -31.75
C ILE H 3307 98.22 77.48 -30.46
N ASN H 3308 99.26 76.69 -30.22
CA ASN H 3308 99.51 76.11 -28.91
C ASN H 3308 100.31 77.05 -28.01
N LYS H 3309 101.40 77.63 -28.52
CA LYS H 3309 102.13 78.60 -27.71
C LYS H 3309 101.34 79.89 -27.47
N VAL H 3310 100.32 80.18 -28.28
CA VAL H 3310 99.54 81.39 -28.04
C VAL H 3310 98.81 81.26 -26.72
N LYS H 3311 98.66 82.39 -26.02
CA LYS H 3311 98.19 82.38 -24.64
C LYS H 3311 96.67 82.23 -24.56
N PRO H 3312 96.16 81.75 -23.41
CA PRO H 3312 94.70 81.60 -23.27
C PRO H 3312 93.94 82.93 -23.32
N GLN H 3313 94.41 83.95 -22.61
CA GLN H 3313 93.82 85.27 -22.77
C GLN H 3313 93.93 85.74 -24.21
N LEU H 3314 94.96 85.27 -24.91
CA LEU H 3314 95.04 85.52 -26.35
C LEU H 3314 94.10 84.59 -27.12
N LEU H 3315 93.88 83.38 -26.60
CA LEU H 3315 92.93 82.47 -27.24
C LEU H 3315 91.54 83.11 -27.32
N LYS H 3316 91.09 83.67 -26.19
CA LYS H 3316 89.78 84.31 -26.17
C LYS H 3316 89.78 85.55 -27.05
N THR H 3317 88.63 85.83 -27.65
CA THR H 3317 88.40 86.98 -28.53
C THR H 3317 89.30 86.96 -29.77
N HIS H 3318 90.02 85.87 -29.99
CA HIS H 3318 90.82 85.75 -31.21
C HIS H 3318 90.47 84.47 -31.95
N PHE H 3319 90.24 83.38 -31.22
CA PHE H 3319 89.79 82.15 -31.84
C PHE H 3319 88.28 81.98 -31.80
N LEU H 3320 87.60 82.46 -30.76
CA LEU H 3320 86.14 82.45 -30.78
C LEU H 3320 85.68 83.18 -32.05
N PRO H 3321 86.30 84.31 -32.41
CA PRO H 3321 86.09 84.82 -33.78
C PRO H 3321 86.45 83.80 -34.85
N LEU H 3322 87.50 83.01 -34.67
CA LEU H 3322 87.87 82.05 -35.69
C LEU H 3322 86.82 80.95 -35.82
N MET H 3323 86.35 80.41 -34.68
CA MET H 3323 85.24 79.47 -34.79
C MET H 3323 83.99 80.11 -35.38
N GLU H 3324 83.71 81.39 -35.14
CA GLU H 3324 82.45 81.92 -35.67
C GLU H 3324 82.57 82.20 -37.17
N LYS H 3325 83.75 82.63 -37.65
CA LYS H 3325 83.99 82.64 -39.09
C LYS H 3325 83.83 81.25 -39.69
N LEU H 3326 84.46 80.24 -39.07
CA LEU H 3326 84.38 78.90 -39.61
C LEU H 3326 82.95 78.40 -39.63
N LYS H 3327 82.16 78.72 -38.61
CA LYS H 3327 80.83 78.15 -38.49
C LYS H 3327 79.79 78.96 -39.24
N LYS H 3328 80.09 80.21 -39.61
CA LYS H 3328 79.25 80.87 -40.61
C LYS H 3328 79.58 80.32 -41.99
N LYS H 3329 80.84 79.99 -42.22
CA LYS H 3329 81.23 79.17 -43.38
C LYS H 3329 81.36 77.71 -42.95
N ALA H 3330 80.30 77.21 -42.31
CA ALA H 3330 80.31 75.87 -41.75
C ALA H 3330 80.45 74.80 -42.82
N ALA H 3331 80.04 75.10 -44.05
CA ALA H 3331 80.11 74.14 -45.14
C ALA H 3331 81.55 74.02 -45.65
N THR H 3332 82.43 73.60 -44.73
CA THR H 3332 83.84 73.43 -45.02
C THR H 3332 84.34 72.13 -44.40
N VAL H 3333 85.12 71.38 -45.18
CA VAL H 3333 85.74 70.16 -44.68
C VAL H 3333 86.81 70.51 -43.64
N VAL H 3334 87.24 71.77 -43.63
CA VAL H 3334 88.35 72.19 -42.76
C VAL H 3334 87.96 72.05 -41.31
N SER H 3335 88.82 71.39 -40.53
CA SER H 3335 88.64 71.22 -39.10
C SER H 3335 89.70 72.06 -38.39
N GLU H 3336 89.38 73.33 -38.14
CA GLU H 3336 90.29 74.17 -37.39
C GLU H 3336 90.46 73.63 -35.97
N GLU H 3337 91.72 73.60 -35.51
CA GLU H 3337 92.06 73.00 -34.23
C GLU H 3337 91.60 71.55 -34.14
N VAL H 3599 80.99 38.98 -57.37
CA VAL H 3599 80.06 39.89 -56.72
C VAL H 3599 78.76 39.96 -57.50
N VAL H 3600 78.81 40.61 -58.66
CA VAL H 3600 77.62 40.65 -59.53
C VAL H 3600 77.29 39.25 -60.03
N ALA H 3601 78.31 38.48 -60.40
CA ALA H 3601 78.07 37.10 -60.84
C ALA H 3601 77.54 36.24 -59.70
N CYS H 3602 78.01 36.49 -58.47
CA CYS H 3602 77.50 35.74 -57.33
C CYS H 3602 76.05 36.09 -57.05
N PHE H 3603 75.68 37.37 -57.10
CA PHE H 3603 74.29 37.75 -56.94
C PHE H 3603 73.42 37.17 -58.04
N ARG H 3604 73.88 37.21 -59.28
CA ARG H 3604 73.20 36.53 -60.37
C ARG H 3604 73.33 35.02 -60.19
N MET H 3605 72.40 34.28 -60.77
CA MET H 3605 72.58 32.86 -61.00
C MET H 3605 72.73 32.69 -62.51
N ALA H 3606 72.75 31.45 -62.97
CA ALA H 3606 72.75 31.20 -64.40
C ALA H 3606 71.49 31.78 -65.02
N PRO H 3607 71.62 32.69 -66.00
CA PRO H 3607 70.42 33.23 -66.65
C PRO H 3607 70.02 32.42 -67.87
N LEU H 3608 68.83 32.73 -68.41
CA LEU H 3608 68.30 31.95 -69.53
C LEU H 3608 69.17 32.11 -70.77
N TYR H 3609 69.65 33.32 -71.04
CA TYR H 3609 70.46 33.54 -72.23
C TYR H 3609 71.79 32.81 -72.15
N ASN H 3610 72.26 32.49 -70.95
CA ASN H 3610 73.46 31.70 -70.77
C ASN H 3610 73.18 30.21 -70.69
N LEU H 3611 71.94 29.82 -70.40
CA LEU H 3611 71.62 28.40 -70.40
C LEU H 3611 71.66 27.85 -71.81
N PRO H 3612 72.03 26.57 -71.97
CA PRO H 3612 72.03 25.97 -73.31
C PRO H 3612 70.62 25.88 -73.87
N ARG H 3613 70.54 25.76 -75.20
CA ARG H 3613 69.25 25.84 -75.87
C ARG H 3613 68.33 24.70 -75.45
N HIS H 3614 68.85 23.48 -75.33
CA HIS H 3614 67.98 22.34 -75.04
C HIS H 3614 67.47 22.38 -73.60
N ARG H 3615 68.32 22.81 -72.66
CA ARG H 3615 67.86 23.00 -71.29
C ARG H 3615 66.75 24.04 -71.22
N ALA H 3616 66.95 25.15 -71.92
CA ALA H 3616 65.95 26.21 -71.95
C ALA H 3616 64.67 25.72 -72.62
N VAL H 3617 64.80 24.84 -73.61
CA VAL H 3617 63.62 24.31 -74.29
C VAL H 3617 62.81 23.42 -73.36
N ASN H 3618 63.50 22.56 -72.61
CA ASN H 3618 62.80 21.73 -71.64
C ASN H 3618 62.09 22.59 -70.60
N LEU H 3619 62.79 23.60 -70.10
CA LEU H 3619 62.16 24.52 -69.16
C LEU H 3619 60.93 25.17 -69.77
N PHE H 3620 61.05 25.66 -71.01
CA PHE H 3620 59.95 26.34 -71.66
C PHE H 3620 58.76 25.41 -71.87
N LEU H 3621 59.04 24.15 -72.20
CA LEU H 3621 57.94 23.18 -72.35
C LEU H 3621 57.18 23.02 -71.04
N GLN H 3622 57.91 22.86 -69.93
CA GLN H 3622 57.23 22.72 -68.64
C GLN H 3622 56.45 23.98 -68.29
N GLY H 3623 57.06 25.15 -68.52
CA GLY H 3623 56.39 26.40 -68.20
C GLY H 3623 55.16 26.63 -69.04
N TYR H 3624 55.24 26.31 -70.33
CA TYR H 3624 54.10 26.43 -71.23
C TYR H 3624 52.99 25.50 -70.80
N GLU H 3625 53.34 24.27 -70.40
CA GLU H 3625 52.34 23.33 -69.95
C GLU H 3625 51.60 23.85 -68.72
N LYS H 3626 52.34 24.39 -67.75
CA LYS H 3626 51.68 24.81 -66.52
C LYS H 3626 50.95 26.14 -66.68
N SER H 3627 51.43 27.01 -67.58
CA SER H 3627 50.88 28.36 -67.64
C SER H 3627 49.77 28.49 -68.67
N TRP H 3628 49.87 27.76 -69.78
CA TRP H 3628 48.97 27.94 -70.91
C TRP H 3628 48.06 26.74 -71.10
N ILE H 3629 48.63 25.54 -71.25
CA ILE H 3629 47.84 24.35 -71.58
C ILE H 3629 46.89 24.02 -70.43
N GLU H 3630 47.41 23.99 -69.20
CA GLU H 3630 46.57 23.63 -68.06
C GLU H 3630 45.48 24.67 -67.82
N THR H 3631 45.82 25.96 -67.94
CA THR H 3631 44.86 27.00 -67.64
C THR H 3631 43.76 27.09 -68.70
N GLU H 3632 44.03 26.60 -69.90
CA GLU H 3632 43.02 26.63 -70.95
C GLU H 3632 41.84 25.76 -70.56
N GLU H 3633 40.64 26.31 -70.70
CA GLU H 3633 39.41 25.63 -70.31
C GLU H 3633 38.40 25.72 -71.45
N HIS H 3634 37.77 24.59 -71.75
CA HIS H 3634 36.70 24.52 -72.74
C HIS H 3634 35.53 23.75 -72.15
N TYR H 3635 34.32 24.25 -72.39
CA TYR H 3635 33.11 23.69 -71.79
C TYR H 3635 32.44 22.78 -72.80
N PHE H 3636 32.43 21.48 -72.51
CA PHE H 3636 31.85 20.47 -73.38
C PHE H 3636 30.96 19.49 -72.63
N GLU H 3637 30.88 19.60 -71.31
CA GLU H 3637 30.21 18.57 -70.51
C GLU H 3637 28.74 18.49 -70.85
N ASP H 3638 28.07 19.63 -70.94
CA ASP H 3638 26.63 19.63 -71.15
C ASP H 3638 26.28 19.03 -72.51
N LYS H 3639 26.97 19.46 -73.56
CA LYS H 3639 26.68 18.94 -74.89
C LYS H 3639 27.04 17.47 -74.99
N LEU H 3640 28.15 17.06 -74.37
CA LEU H 3640 28.52 15.65 -74.39
C LEU H 3640 27.47 14.79 -73.70
N ILE H 3641 26.98 15.24 -72.54
CA ILE H 3641 25.98 14.46 -71.82
C ILE H 3641 24.67 14.44 -72.59
N GLU H 3642 24.32 15.53 -73.26
CA GLU H 3642 23.11 15.54 -74.06
C GLU H 3642 23.21 14.57 -75.23
N ASP H 3643 24.36 14.56 -75.92
CA ASP H 3643 24.56 13.62 -77.02
C ASP H 3643 24.51 12.18 -76.54
N LEU H 3644 25.13 11.88 -75.40
CA LEU H 3644 25.07 10.52 -74.88
C LEU H 3644 23.66 10.15 -74.46
N ALA H 3645 22.90 11.10 -73.91
CA ALA H 3645 21.57 10.79 -73.42
C ALA H 3645 20.57 10.65 -74.55
N LYS H 3646 20.84 11.26 -75.70
CA LYS H 3646 19.92 11.16 -76.82
C LYS H 3646 19.75 9.71 -77.24
N PRO H 3647 18.52 9.21 -77.38
CA PRO H 3647 18.33 7.95 -78.08
C PRO H 3647 18.65 8.14 -79.55
N GLY H 3648 19.77 7.59 -80.00
CA GLY H 3648 20.29 7.93 -81.31
C GLY H 3648 19.51 7.33 -82.44
N ALA H 3649 18.31 7.86 -82.68
CA ALA H 3649 17.35 7.29 -83.61
C ALA H 3649 17.02 5.85 -83.25
N GLU H 3650 17.02 5.55 -81.95
CA GLU H 3650 16.71 4.20 -81.50
C GLU H 3650 15.29 3.78 -81.82
N PRO H 3651 14.25 4.57 -81.53
CA PRO H 3651 12.89 4.18 -81.96
C PRO H 3651 12.77 4.06 -83.48
N PRO H 3652 13.41 4.94 -84.27
CA PRO H 3652 13.47 4.66 -85.72
C PRO H 3652 14.14 3.34 -86.04
N GLU H 3653 15.15 2.94 -85.28
CA GLU H 3653 15.75 1.63 -85.47
C GLU H 3653 14.73 0.55 -85.07
N GLU H 3654 14.53 -0.41 -85.97
CA GLU H 3654 13.50 -1.44 -85.78
C GLU H 3654 14.07 -2.57 -84.93
N ASP H 3655 13.79 -2.49 -83.62
CA ASP H 3655 14.20 -3.54 -82.70
C ASP H 3655 13.04 -4.48 -82.40
N GLU H 3656 11.81 -3.97 -82.43
CA GLU H 3656 10.62 -4.74 -82.04
C GLU H 3656 10.82 -5.42 -80.70
N GLY H 3657 11.20 -4.64 -79.69
CA GLY H 3657 11.45 -5.16 -78.38
C GLY H 3657 11.52 -4.06 -77.35
N THR H 3658 12.07 -4.40 -76.19
CA THR H 3658 12.22 -3.43 -75.10
C THR H 3658 13.15 -2.30 -75.52
N LYS H 3659 12.88 -1.12 -74.97
CA LYS H 3659 13.66 0.08 -75.28
C LYS H 3659 15.15 -0.15 -75.03
N ARG H 3660 15.97 0.06 -76.05
CA ARG H 3660 17.41 -0.09 -75.88
C ARG H 3660 17.96 1.02 -75.00
N VAL H 3661 18.90 0.66 -74.14
CA VAL H 3661 19.51 1.63 -73.25
C VAL H 3661 20.38 2.60 -74.05
N ASP H 3662 20.27 3.88 -73.73
CA ASP H 3662 21.05 4.90 -74.39
C ASP H 3662 22.50 4.85 -73.90
N PRO H 3663 23.43 5.46 -74.65
CA PRO H 3663 24.85 5.37 -74.27
C PRO H 3663 25.16 5.83 -72.86
N LEU H 3664 24.50 6.88 -72.39
CA LEU H 3664 24.71 7.32 -71.01
C LEU H 3664 24.27 6.25 -70.03
N HIS H 3665 23.14 5.60 -70.32
CA HIS H 3665 22.69 4.50 -69.48
C HIS H 3665 23.71 3.36 -69.49
N GLN H 3666 24.28 3.05 -70.65
CA GLN H 3666 25.28 2.01 -70.72
C GLN H 3666 26.51 2.36 -69.89
N LEU H 3667 26.95 3.61 -69.96
CA LEU H 3667 28.11 4.04 -69.18
C LEU H 3667 27.85 3.91 -67.69
N ILE H 3668 26.69 4.40 -67.23
CA ILE H 3668 26.35 4.29 -65.82
C ILE H 3668 26.21 2.85 -65.37
N LEU H 3669 25.60 1.99 -66.19
CA LEU H 3669 25.49 0.57 -65.89
C LEU H 3669 26.84 -0.12 -65.82
N LEU H 3670 27.77 0.23 -66.70
CA LEU H 3670 29.14 -0.29 -66.59
C LEU H 3670 29.77 0.13 -65.27
N PHE H 3671 29.65 1.41 -64.93
CA PHE H 3671 30.22 1.89 -63.67
C PHE H 3671 29.56 1.24 -62.46
N SER H 3672 28.27 0.91 -62.57
CA SER H 3672 27.58 0.25 -61.47
C SER H 3672 28.02 -1.21 -61.35
N ARG H 3673 28.16 -1.90 -62.48
CA ARG H 3673 28.62 -3.29 -62.44
C ARG H 3673 30.03 -3.39 -61.88
N THR H 3674 30.91 -2.45 -62.27
CA THR H 3674 32.27 -2.47 -61.75
C THR H 3674 32.28 -2.31 -60.24
N ALA H 3675 31.47 -1.40 -59.72
CA ALA H 3675 31.38 -1.21 -58.27
C ALA H 3675 30.80 -2.43 -57.59
N LEU H 3676 29.77 -3.04 -58.19
CA LEU H 3676 29.12 -4.19 -57.57
C LEU H 3676 29.99 -5.43 -57.57
N THR H 3677 30.90 -5.58 -58.53
CA THR H 3677 31.83 -6.70 -58.51
C THR H 3677 32.69 -6.63 -57.26
N GLU H 3678 32.82 -7.76 -56.57
CA GLU H 3678 33.51 -7.80 -55.29
C GLU H 3678 35.01 -7.88 -55.52
N LYS H 3679 35.74 -6.89 -54.99
CA LYS H 3679 37.19 -6.91 -54.97
C LYS H 3679 37.64 -6.46 -53.58
N CYS H 3680 38.85 -6.88 -53.21
CA CYS H 3680 39.37 -6.54 -51.88
C CYS H 3680 39.54 -5.03 -51.72
N LYS H 3681 39.76 -4.31 -52.81
CA LYS H 3681 39.97 -2.87 -52.76
C LYS H 3681 39.41 -2.23 -54.03
N LEU H 3682 38.90 -1.01 -53.87
CA LEU H 3682 38.33 -0.28 -54.99
C LEU H 3682 39.46 0.29 -55.84
N GLU H 3683 39.71 -0.34 -56.98
CA GLU H 3683 40.81 0.05 -57.85
C GLU H 3683 40.52 1.40 -58.49
N GLU H 3684 41.54 2.26 -58.56
CA GLU H 3684 41.36 3.56 -59.18
C GLU H 3684 41.14 3.40 -60.68
N ASP H 3685 40.09 4.04 -61.19
CA ASP H 3685 39.70 3.96 -62.59
C ASP H 3685 39.70 5.34 -63.19
N PHE H 3686 40.61 5.59 -64.13
CA PHE H 3686 40.66 6.88 -64.81
C PHE H 3686 39.35 7.18 -65.54
N LEU H 3687 38.73 6.15 -66.10
CA LEU H 3687 37.45 6.35 -66.77
C LEU H 3687 36.40 6.91 -65.82
N TYR H 3688 36.30 6.34 -64.62
CA TYR H 3688 35.37 6.86 -63.64
C TYR H 3688 35.77 8.26 -63.20
N MET H 3689 37.07 8.46 -62.98
CA MET H 3689 37.62 9.77 -62.61
C MET H 3689 37.23 10.86 -63.58
N ALA H 3690 37.14 10.56 -64.87
CA ALA H 3690 36.81 11.53 -65.88
C ALA H 3690 35.31 11.68 -66.05
N TYR H 3691 34.58 10.57 -66.18
CA TYR H 3691 33.17 10.67 -66.52
C TYR H 3691 32.33 11.09 -65.32
N ALA H 3692 32.70 10.70 -64.10
CA ALA H 3692 32.00 11.22 -62.94
C ALA H 3692 32.13 12.73 -62.86
N ASP H 3693 33.31 13.26 -63.14
CA ASP H 3693 33.51 14.70 -63.14
C ASP H 3693 32.70 15.36 -64.25
N ILE H 3694 32.67 14.76 -65.43
CA ILE H 3694 31.88 15.33 -66.53
C ILE H 3694 30.41 15.39 -66.16
N MET H 3695 29.88 14.30 -65.60
CA MET H 3695 28.48 14.28 -65.20
C MET H 3695 28.20 15.27 -64.07
N ALA H 3696 29.13 15.39 -63.12
CA ALA H 3696 28.94 16.35 -62.04
C ALA H 3696 28.89 17.78 -62.56
N LYS H 3697 29.77 18.12 -63.50
CA LYS H 3697 29.74 19.47 -64.08
C LYS H 3697 28.47 19.69 -64.88
N SER H 3698 28.00 18.66 -65.59
CA SER H 3698 26.81 18.81 -66.41
C SER H 3698 25.59 19.16 -65.57
N CYS H 3699 25.48 18.58 -64.38
CA CYS H 3699 24.31 18.83 -63.53
C CYS H 3699 24.21 20.29 -63.14
N HIS H 3700 25.28 20.86 -62.59
CA HIS H 3700 25.19 22.24 -62.13
C HIS H 3700 25.15 23.20 -63.31
N ASP H 3701 26.04 23.02 -64.29
CA ASP H 3701 26.09 23.84 -65.50
C ASP H 3701 26.02 25.34 -65.16
N GLU H 3702 26.76 25.71 -64.12
CA GLU H 3702 26.72 27.07 -63.60
C GLU H 3702 27.99 27.83 -63.97
N GLU H 3710 23.59 41.27 -59.08
CA GLU H 3710 23.55 39.82 -59.15
C GLU H 3710 22.16 39.29 -58.86
N VAL H 3711 21.23 40.20 -58.53
CA VAL H 3711 19.87 39.79 -58.23
C VAL H 3711 19.19 39.26 -59.50
N LYS H 3712 18.31 38.27 -59.31
CA LYS H 3712 17.55 37.71 -60.41
C LYS H 3712 16.07 37.68 -60.05
N SER H 3713 15.24 37.76 -61.07
CA SER H 3713 13.81 37.77 -60.86
C SER H 3713 13.30 36.38 -60.47
N PHE H 3714 12.07 36.35 -59.96
CA PHE H 3714 11.47 35.08 -59.56
C PHE H 3714 11.35 34.12 -60.74
N GLU H 3715 10.93 34.61 -61.91
CA GLU H 3715 10.74 33.73 -63.05
C GLU H 3715 12.05 33.09 -63.49
N GLU H 3716 13.14 33.86 -63.55
CA GLU H 3716 14.39 33.30 -64.00
C GLU H 3716 15.02 32.41 -62.94
N LYS H 3717 14.83 32.73 -61.66
CA LYS H 3717 15.28 31.81 -60.62
C LYS H 3717 14.54 30.48 -60.72
N GLU H 3718 13.23 30.52 -60.93
CA GLU H 3718 12.46 29.29 -61.08
C GLU H 3718 12.87 28.54 -62.34
N MET H 3719 13.20 29.26 -63.41
CA MET H 3719 13.69 28.62 -64.62
C MET H 3719 15.00 27.91 -64.37
N GLU H 3720 15.91 28.52 -63.60
CA GLU H 3720 17.15 27.85 -63.26
C GLU H 3720 16.89 26.61 -62.43
N LYS H 3721 15.97 26.69 -61.47
CA LYS H 3721 15.63 25.50 -60.68
C LYS H 3721 15.08 24.39 -61.56
N GLN H 3722 14.18 24.73 -62.48
CA GLN H 3722 13.60 23.73 -63.37
C GLN H 3722 14.65 23.12 -64.29
N LYS H 3723 15.57 23.92 -64.81
CA LYS H 3723 16.66 23.43 -65.65
C LYS H 3723 17.58 22.51 -64.86
N LEU H 3724 17.91 22.87 -63.62
CA LEU H 3724 18.72 22.01 -62.79
C LEU H 3724 18.03 20.69 -62.49
N LEU H 3725 16.72 20.71 -62.25
CA LEU H 3725 15.98 19.47 -62.05
C LEU H 3725 16.04 18.57 -63.28
N TYR H 3726 15.88 19.12 -64.48
CA TYR H 3726 15.97 18.31 -65.69
C TYR H 3726 17.37 17.78 -65.94
N GLN H 3727 18.40 18.58 -65.70
CA GLN H 3727 19.77 18.11 -65.83
C GLN H 3727 20.12 17.04 -64.81
N GLN H 3728 19.53 17.10 -63.62
CA GLN H 3728 19.71 16.02 -62.64
C GLN H 3728 18.91 14.78 -62.98
N ALA H 3729 17.73 14.94 -63.56
CA ALA H 3729 16.93 13.83 -64.04
C ALA H 3729 17.61 13.09 -65.18
N ARG H 3730 18.33 13.81 -66.04
CA ARG H 3730 19.06 13.16 -67.13
C ARG H 3730 20.02 12.09 -66.62
N LEU H 3731 20.53 12.24 -65.40
CA LEU H 3731 21.41 11.25 -64.80
C LEU H 3731 20.70 10.28 -63.87
N HIS H 3732 19.86 10.79 -62.96
CA HIS H 3732 19.28 9.90 -61.95
C HIS H 3732 18.17 9.05 -62.55
N ASP H 3733 17.77 9.34 -63.78
CA ASP H 3733 16.85 8.45 -64.47
C ASP H 3733 17.56 7.21 -64.99
N ARG H 3734 18.90 7.23 -64.99
CA ARG H 3734 19.69 6.17 -65.59
C ARG H 3734 20.57 5.43 -64.60
N GLY H 3735 20.31 5.56 -63.31
CA GLY H 3735 21.02 4.80 -62.30
C GLY H 3735 22.19 5.50 -61.65
N ALA H 3736 22.36 6.81 -61.85
CA ALA H 3736 23.45 7.53 -61.22
C ALA H 3736 23.35 7.54 -59.70
N ALA H 3737 22.14 7.68 -59.17
CA ALA H 3737 21.96 7.67 -57.72
C ALA H 3737 22.39 6.34 -57.13
N GLU H 3738 22.05 5.24 -57.79
CA GLU H 3738 22.46 3.93 -57.32
C GLU H 3738 23.96 3.73 -57.47
N MET H 3739 24.53 4.19 -58.57
CA MET H 3739 25.96 4.03 -58.80
C MET H 3739 26.79 4.79 -57.78
N VAL H 3740 26.40 6.02 -57.44
CA VAL H 3740 27.16 6.79 -56.46
C VAL H 3740 27.02 6.25 -55.05
N LEU H 3741 26.04 5.40 -54.79
CA LEU H 3741 25.96 4.67 -53.53
C LEU H 3741 26.81 3.40 -53.57
N GLN H 3742 26.76 2.68 -54.69
CA GLN H 3742 27.54 1.45 -54.82
C GLN H 3742 29.03 1.74 -54.76
N THR H 3743 29.47 2.83 -55.38
CA THR H 3743 30.89 3.15 -55.34
C THR H 3743 31.34 3.48 -53.93
N ILE H 3744 30.54 4.24 -53.18
CA ILE H 3744 30.89 4.54 -51.79
C ILE H 3744 30.91 3.26 -50.97
N SER H 3745 29.95 2.36 -51.20
CA SER H 3745 29.95 1.09 -50.47
C SER H 3745 31.19 0.27 -50.78
N ALA H 3746 31.61 0.24 -52.05
CA ALA H 3746 32.80 -0.54 -52.42
C ALA H 3746 34.08 0.15 -51.97
N SER H 3747 34.02 1.44 -51.67
CA SER H 3747 35.20 2.13 -51.17
C SER H 3747 35.72 1.53 -49.87
N LYS H 3748 34.85 0.92 -49.07
CA LYS H 3748 35.24 0.25 -47.82
C LYS H 3748 35.99 1.21 -46.89
N GLY H 3749 35.55 2.46 -46.87
CA GLY H 3749 36.13 3.44 -45.98
C GLY H 3749 37.59 3.76 -46.26
N GLU H 3750 37.97 3.85 -47.52
CA GLU H 3750 39.32 4.21 -47.91
C GLU H 3750 39.25 5.52 -48.70
N THR H 3751 39.82 6.58 -48.13
CA THR H 3751 39.83 7.86 -48.81
C THR H 3751 40.69 7.79 -50.06
N GLY H 3752 40.14 8.26 -51.16
CA GLY H 3752 40.83 8.24 -52.43
C GLY H 3752 40.12 9.10 -53.46
N PRO H 3753 40.77 9.30 -54.61
CA PRO H 3753 40.13 10.10 -55.66
C PRO H 3753 38.78 9.54 -56.11
N MET H 3754 38.64 8.22 -56.14
CA MET H 3754 37.40 7.63 -56.61
C MET H 3754 36.22 8.05 -55.75
N VAL H 3755 36.34 7.89 -54.44
CA VAL H 3755 35.26 8.32 -53.55
C VAL H 3755 35.17 9.84 -53.53
N ALA H 3756 36.29 10.53 -53.71
CA ALA H 3756 36.27 11.99 -53.76
C ALA H 3756 35.44 12.53 -54.91
N ALA H 3757 35.46 11.87 -56.06
CA ALA H 3757 34.62 12.24 -57.19
C ALA H 3757 33.22 11.66 -57.13
N THR H 3758 33.05 10.49 -56.51
CA THR H 3758 31.72 9.97 -56.27
C THR H 3758 30.92 10.88 -55.37
N LEU H 3759 31.54 11.43 -54.34
CA LEU H 3759 30.86 12.40 -53.48
C LEU H 3759 30.48 13.64 -54.26
N LYS H 3760 31.35 14.12 -55.13
CA LYS H 3760 31.03 15.29 -55.94
C LYS H 3760 29.84 15.03 -56.85
N LEU H 3761 29.82 13.84 -57.49
CA LEU H 3761 28.69 13.50 -58.34
C LEU H 3761 27.40 13.39 -57.54
N GLY H 3762 27.47 12.79 -56.36
CA GLY H 3762 26.29 12.71 -55.52
C GLY H 3762 25.76 14.08 -55.14
N ILE H 3763 26.68 14.98 -54.76
CA ILE H 3763 26.28 16.36 -54.44
C ILE H 3763 25.65 17.01 -55.65
N ALA H 3764 26.24 16.81 -56.83
CA ALA H 3764 25.72 17.45 -58.04
C ALA H 3764 24.30 16.99 -58.34
N ILE H 3765 24.04 15.69 -58.19
CA ILE H 3765 22.69 15.22 -58.50
C ILE H 3765 21.73 15.49 -57.36
N LEU H 3766 22.24 15.79 -56.17
CA LEU H 3766 21.39 16.03 -55.01
C LEU H 3766 21.21 17.50 -54.66
N ASN H 3767 21.84 18.41 -55.41
CA ASN H 3767 21.73 19.83 -55.09
C ASN H 3767 20.29 20.29 -55.15
N GLY H 3768 19.93 21.20 -54.25
CA GLY H 3768 18.56 21.64 -54.15
C GLY H 3768 17.64 20.72 -53.38
N GLY H 3769 18.18 19.70 -52.74
CA GLY H 3769 17.36 18.76 -52.00
C GLY H 3769 16.44 17.98 -52.90
N ASN H 3770 17.00 17.36 -53.95
CA ASN H 3770 16.19 16.61 -54.90
C ASN H 3770 15.49 15.45 -54.20
N SER H 3771 14.17 15.58 -54.05
CA SER H 3771 13.41 14.57 -53.33
C SER H 3771 13.35 13.25 -54.08
N THR H 3772 13.30 13.29 -55.41
CA THR H 3772 13.30 12.05 -56.18
C THR H 3772 14.59 11.29 -55.98
N VAL H 3773 15.73 11.99 -56.03
CA VAL H 3773 17.02 11.35 -55.76
C VAL H 3773 17.11 10.85 -54.34
N GLN H 3774 16.62 11.61 -53.36
CA GLN H 3774 16.64 11.13 -51.98
C GLN H 3774 15.83 9.86 -51.83
N GLN H 3775 14.64 9.81 -52.43
CA GLN H 3775 13.81 8.63 -52.34
C GLN H 3775 14.46 7.44 -53.03
N LYS H 3776 15.07 7.66 -54.19
CA LYS H 3776 15.75 6.57 -54.87
C LYS H 3776 16.90 6.03 -54.02
N MET H 3777 17.68 6.93 -53.42
CA MET H 3777 18.79 6.51 -52.58
C MET H 3777 18.31 5.72 -51.37
N LEU H 3778 17.26 6.20 -50.70
CA LEU H 3778 16.75 5.48 -49.53
C LEU H 3778 16.15 4.14 -49.91
N ASP H 3779 15.39 4.09 -51.01
CA ASP H 3779 14.78 2.83 -51.44
C ASP H 3779 15.84 1.81 -51.81
N TYR H 3780 16.88 2.22 -52.52
CA TYR H 3780 17.93 1.29 -52.88
C TYR H 3780 18.60 0.71 -51.64
N LEU H 3781 18.92 1.57 -50.68
CA LEU H 3781 19.58 1.11 -49.46
C LEU H 3781 18.69 0.15 -48.69
N LYS H 3782 17.41 0.50 -48.54
CA LYS H 3782 16.51 -0.37 -47.80
C LYS H 3782 16.32 -1.72 -48.49
N GLU H 3783 16.22 -1.70 -49.82
CA GLU H 3783 15.99 -2.93 -50.55
C GLU H 3783 17.21 -3.84 -50.52
N LYS H 3784 18.39 -3.27 -50.77
CA LYS H 3784 19.59 -4.11 -50.83
C LYS H 3784 20.14 -4.43 -49.45
N LYS H 3785 19.64 -3.77 -48.41
CA LYS H 3785 20.10 -4.00 -47.04
C LYS H 3785 21.62 -3.85 -46.95
N ASP H 3786 22.13 -2.77 -47.53
CA ASP H 3786 23.57 -2.56 -47.63
C ASP H 3786 24.11 -2.00 -46.33
N VAL H 3787 24.86 -2.84 -45.60
CA VAL H 3787 25.59 -2.36 -44.43
C VAL H 3787 26.93 -1.77 -44.82
N GLY H 3788 27.50 -2.19 -45.95
CA GLY H 3788 28.79 -1.68 -46.37
C GLY H 3788 28.77 -0.18 -46.63
N PHE H 3789 27.63 0.34 -47.08
CA PHE H 3789 27.54 1.78 -47.33
C PHE H 3789 27.80 2.57 -46.06
N PHE H 3790 27.11 2.21 -44.97
CA PHE H 3790 27.28 2.96 -43.73
C PHE H 3790 28.61 2.66 -43.08
N GLN H 3791 29.10 1.43 -43.20
CA GLN H 3791 30.43 1.14 -42.68
C GLN H 3791 31.50 1.97 -43.39
N SER H 3792 31.38 2.09 -44.71
CA SER H 3792 32.31 2.92 -45.47
C SER H 3792 32.15 4.39 -45.13
N LEU H 3793 30.92 4.83 -44.86
CA LEU H 3793 30.72 6.21 -44.45
C LEU H 3793 31.45 6.51 -43.13
N ALA H 3794 31.31 5.61 -42.15
CA ALA H 3794 32.02 5.78 -40.89
C ALA H 3794 33.52 5.72 -41.09
N GLY H 3795 34.00 4.81 -41.93
CA GLY H 3795 35.43 4.76 -42.22
C GLY H 3795 35.95 6.03 -42.84
N LEU H 3796 35.21 6.60 -43.80
CA LEU H 3796 35.63 7.86 -44.40
C LEU H 3796 35.64 8.99 -43.38
N MET H 3797 34.64 9.03 -42.51
CA MET H 3797 34.63 10.05 -41.47
C MET H 3797 35.86 9.94 -40.57
N GLN H 3798 36.22 8.71 -40.17
CA GLN H 3798 37.41 8.53 -39.36
C GLN H 3798 38.66 8.93 -40.14
N SER H 3799 38.70 8.62 -41.44
CA SER H 3799 39.87 8.93 -42.24
C SER H 3799 40.00 10.41 -42.55
N CYS H 3800 38.93 11.20 -42.38
CA CYS H 3800 39.00 12.62 -42.63
C CYS H 3800 40.03 13.27 -41.72
N SER H 3801 40.86 14.14 -42.30
CA SER H 3801 41.97 14.75 -41.59
C SER H 3801 41.53 16.05 -40.91
N VAL H 3802 42.40 16.54 -40.03
CA VAL H 3802 42.15 17.76 -39.28
C VAL H 3802 43.45 18.57 -39.22
N LEU H 3803 43.37 19.72 -38.56
CA LEU H 3803 44.54 20.57 -38.37
C LEU H 3803 45.62 19.83 -37.61
N ASP H 3804 46.86 19.92 -38.09
CA ASP H 3804 47.99 19.26 -37.44
C ASP H 3804 49.05 20.30 -37.11
N LEU H 3805 49.14 20.65 -35.82
CA LEU H 3805 50.05 21.69 -35.38
C LEU H 3805 51.50 21.29 -35.57
N ASN H 3806 51.81 20.00 -35.43
CA ASN H 3806 53.18 19.53 -35.66
C ASN H 3806 53.58 19.76 -37.12
N ALA H 3807 52.69 19.42 -38.05
CA ALA H 3807 52.98 19.67 -39.46
C ALA H 3807 53.11 21.16 -39.72
N PHE H 3808 52.27 21.98 -39.08
CA PHE H 3808 52.40 23.43 -39.26
C PHE H 3808 53.74 23.93 -38.76
N GLU H 3809 54.21 23.43 -37.61
CA GLU H 3809 55.50 23.85 -37.09
C GLU H 3809 56.63 23.44 -38.02
N ARG H 3810 56.57 22.22 -38.54
CA ARG H 3810 57.60 21.76 -39.48
C ARG H 3810 57.61 22.62 -40.75
N GLN H 3811 56.42 22.92 -41.27
CA GLN H 3811 56.30 23.78 -42.44
C GLN H 3811 56.84 25.18 -42.19
N ASN H 3812 56.56 25.76 -41.04
CA ASN H 3812 57.11 27.06 -40.69
C ASN H 3812 58.63 27.03 -40.53
N LYS H 3813 59.15 25.95 -39.95
CA LYS H 3813 60.61 25.83 -39.81
C LYS H 3813 61.28 25.73 -41.17
N ALA H 3814 60.65 25.01 -42.11
CA ALA H 3814 61.20 24.92 -43.46
C ALA H 3814 61.27 26.29 -44.11
N GLU H 3815 60.20 27.08 -43.99
CA GLU H 3815 60.21 28.44 -44.53
C GLU H 3815 61.26 29.29 -43.84
N GLY H 3816 61.39 29.15 -42.52
CA GLY H 3816 62.39 29.92 -41.79
C GLY H 3816 63.80 29.62 -42.26
N LEU H 3817 64.11 28.35 -42.49
CA LEU H 3817 65.43 28.02 -43.03
C LEU H 3817 65.58 28.56 -44.45
N GLY H 3818 64.54 28.47 -45.27
CA GLY H 3818 64.54 29.13 -46.56
C GLY H 3818 64.33 28.25 -47.77
N MET H 3819 64.07 26.96 -47.60
CA MET H 3819 63.76 26.12 -48.75
C MET H 3819 62.43 26.53 -49.36
N VAL H 3820 62.39 26.56 -50.70
CA VAL H 3820 61.17 26.99 -51.38
C VAL H 3820 60.08 25.95 -51.19
N THR H 3821 58.89 26.43 -50.81
CA THR H 3821 57.77 25.55 -50.57
C THR H 3821 57.25 24.95 -51.89
N GLU H 3822 57.16 23.63 -51.94
CA GLU H 3822 56.55 22.98 -53.09
C GLU H 3822 55.08 23.33 -53.20
N GLU H 3823 54.40 23.42 -52.05
CA GLU H 3823 52.99 23.80 -51.99
C GLU H 3823 52.89 25.06 -51.14
N GLY H 3824 52.22 26.08 -51.68
CA GLY H 3824 52.17 27.36 -50.98
C GLY H 3824 51.13 27.42 -49.89
N SER H 3825 50.09 26.60 -50.00
CA SER H 3825 48.96 26.65 -49.09
C SER H 3825 49.11 25.74 -47.88
N GLY H 3826 50.25 25.07 -47.73
CA GLY H 3826 50.44 24.16 -46.63
C GLY H 3826 49.48 22.99 -46.67
N GLU H 3827 49.39 22.34 -47.84
CA GLU H 3827 48.39 21.29 -48.04
C GLU H 3827 48.62 20.11 -47.10
N LYS H 3828 49.83 19.98 -46.55
CA LYS H 3828 50.06 18.94 -45.54
C LYS H 3828 49.17 19.15 -44.33
N VAL H 3829 49.03 20.39 -43.88
CA VAL H 3829 48.11 20.72 -42.81
C VAL H 3829 46.70 20.76 -43.39
N LEU H 3830 45.76 20.07 -42.73
CA LEU H 3830 44.41 19.90 -43.26
C LEU H 3830 44.48 19.28 -44.65
N GLN H 3831 44.93 18.03 -44.72
CA GLN H 3831 45.26 17.33 -45.96
C GLN H 3831 44.23 17.54 -47.06
N ASP H 3832 42.98 17.18 -46.82
CA ASP H 3832 41.93 17.31 -47.82
C ASP H 3832 40.69 17.93 -47.20
N ASP H 3833 40.62 19.26 -47.21
CA ASP H 3833 39.45 19.98 -46.75
C ASP H 3833 38.32 19.95 -47.77
N GLU H 3834 38.62 19.70 -49.05
CA GLU H 3834 37.59 19.54 -50.04
C GLU H 3834 36.83 18.24 -49.83
N PHE H 3835 37.55 17.15 -49.52
CA PHE H 3835 36.87 15.87 -49.34
C PHE H 3835 35.97 15.87 -48.12
N THR H 3836 36.44 16.43 -47.01
CA THR H 3836 35.62 16.46 -45.80
C THR H 3836 34.36 17.29 -46.02
N CYS H 3837 34.52 18.47 -46.63
CA CYS H 3837 33.37 19.32 -46.92
C CYS H 3837 32.41 18.63 -47.88
N ASP H 3838 32.93 17.95 -48.90
CA ASP H 3838 32.05 17.24 -49.83
C ASP H 3838 31.31 16.11 -49.14
N LEU H 3839 31.99 15.35 -48.28
CA LEU H 3839 31.34 14.28 -47.55
C LEU H 3839 30.20 14.80 -46.68
N PHE H 3840 30.45 15.84 -45.89
CA PHE H 3840 29.40 16.34 -45.02
C PHE H 3840 28.32 17.08 -45.79
N ARG H 3841 28.65 17.70 -46.92
CA ARG H 3841 27.63 18.30 -47.77
C ARG H 3841 26.73 17.22 -48.37
N PHE H 3842 27.32 16.10 -48.79
CA PHE H 3842 26.53 14.97 -49.26
C PHE H 3842 25.60 14.46 -48.18
N LEU H 3843 26.12 14.30 -46.96
CA LEU H 3843 25.31 13.84 -45.85
C LEU H 3843 24.19 14.80 -45.48
N GLN H 3844 24.43 16.11 -45.59
CA GLN H 3844 23.41 17.12 -45.39
C GLN H 3844 22.36 17.13 -46.49
N LEU H 3845 22.78 17.05 -47.76
CA LEU H 3845 21.83 16.97 -48.86
C LEU H 3845 20.97 15.72 -48.74
N LEU H 3846 21.50 14.67 -48.14
CA LEU H 3846 20.72 13.46 -47.92
C LEU H 3846 19.54 13.71 -46.98
N CYS H 3847 19.58 14.79 -46.21
CA CYS H 3847 18.54 15.09 -45.23
C CYS H 3847 17.87 16.44 -45.44
N GLU H 3848 18.28 17.22 -46.44
CA GLU H 3848 17.67 18.51 -46.65
C GLU H 3848 16.19 18.37 -46.99
N GLY H 3849 15.46 19.46 -46.78
CA GLY H 3849 14.02 19.43 -46.92
C GLY H 3849 13.30 18.73 -45.79
N HIS H 3850 13.98 18.47 -44.68
CA HIS H 3850 13.41 17.75 -43.53
C HIS H 3850 12.92 16.38 -43.95
N ASN H 3851 13.82 15.57 -44.50
CA ASN H 3851 13.52 14.20 -44.89
C ASN H 3851 13.58 13.33 -43.66
N SER H 3852 12.45 13.18 -42.97
CA SER H 3852 12.42 12.45 -41.71
C SER H 3852 12.79 10.98 -41.88
N ASP H 3853 12.34 10.36 -42.97
CA ASP H 3853 12.65 8.95 -43.20
C ASP H 3853 14.15 8.72 -43.24
N PHE H 3854 14.86 9.49 -44.06
CA PHE H 3854 16.29 9.28 -44.18
C PHE H 3854 17.02 9.76 -42.94
N GLN H 3855 16.50 10.80 -42.28
CA GLN H 3855 17.08 11.26 -41.02
C GLN H 3855 17.08 10.14 -39.99
N ASN H 3856 15.96 9.44 -39.85
CA ASN H 3856 15.89 8.34 -38.90
C ASN H 3856 16.71 7.15 -39.37
N TYR H 3857 16.75 6.92 -40.69
CA TYR H 3857 17.47 5.75 -41.20
C TYR H 3857 18.97 5.91 -41.02
N LEU H 3858 19.46 7.15 -41.03
CA LEU H 3858 20.87 7.38 -40.75
C LEU H 3858 21.22 6.97 -39.32
N ARG H 3859 20.34 7.31 -38.37
CA ARG H 3859 20.61 6.97 -36.98
C ARG H 3859 20.48 5.48 -36.73
N THR H 3860 19.39 4.88 -37.22
CA THR H 3860 19.14 3.45 -36.98
C THR H 3860 18.70 2.81 -38.29
N GLN H 3861 19.54 1.91 -38.80
CA GLN H 3861 19.20 1.13 -39.99
C GLN H 3861 18.43 -0.09 -39.52
N THR H 3862 17.10 0.02 -39.58
CA THR H 3862 16.24 -1.00 -38.97
C THR H 3862 16.38 -2.35 -39.67
N GLY H 3863 16.33 -2.35 -40.99
CA GLY H 3863 16.39 -3.62 -41.72
C GLY H 3863 17.74 -4.31 -41.59
N ASN H 3864 18.82 -3.55 -41.55
CA ASN H 3864 20.15 -4.12 -41.57
C ASN H 3864 20.44 -4.88 -40.29
N ASN H 3865 21.29 -5.89 -40.40
CA ASN H 3865 21.73 -6.64 -39.23
C ASN H 3865 22.57 -5.77 -38.30
N THR H 3866 23.45 -4.95 -38.87
CA THR H 3866 24.34 -4.10 -38.10
C THR H 3866 24.04 -2.64 -38.41
N THR H 3867 23.95 -1.82 -37.36
CA THR H 3867 23.61 -0.42 -37.49
C THR H 3867 24.79 0.44 -37.07
N VAL H 3868 25.07 1.47 -37.88
CA VAL H 3868 26.11 2.44 -37.62
C VAL H 3868 25.46 3.80 -37.43
N ASN H 3869 25.82 4.48 -36.34
CA ASN H 3869 25.22 5.77 -36.02
C ASN H 3869 26.01 6.89 -36.68
N ILE H 3870 25.66 7.19 -37.93
CA ILE H 3870 26.24 8.30 -38.65
C ILE H 3870 26.06 9.61 -37.90
N ILE H 3871 24.93 9.77 -37.21
CA ILE H 3871 24.67 11.00 -36.48
C ILE H 3871 25.69 11.19 -35.38
N ILE H 3872 26.10 10.11 -34.73
CA ILE H 3872 27.09 10.22 -33.66
C ILE H 3872 28.50 10.32 -34.23
N SER H 3873 28.76 9.67 -35.37
CA SER H 3873 30.06 9.82 -36.00
C SER H 3873 30.32 11.26 -36.42
N THR H 3874 29.26 11.94 -36.88
CA THR H 3874 29.40 13.36 -37.20
C THR H 3874 29.81 14.17 -35.98
N VAL H 3875 29.20 13.88 -34.82
CA VAL H 3875 29.56 14.57 -33.60
C VAL H 3875 31.00 14.26 -33.21
N ASP H 3876 31.45 13.03 -33.41
CA ASP H 3876 32.83 12.69 -33.12
C ASP H 3876 33.80 13.49 -33.97
N TYR H 3877 33.51 13.61 -35.27
CA TYR H 3877 34.37 14.44 -36.12
C TYR H 3877 34.32 15.90 -35.70
N LEU H 3878 33.14 16.39 -35.31
CA LEU H 3878 33.05 17.75 -34.80
C LEU H 3878 33.92 17.95 -33.58
N LEU H 3879 33.91 17.00 -32.67
CA LEU H 3879 34.77 17.08 -31.50
C LEU H 3879 36.25 17.09 -31.87
N ARG H 3880 36.67 16.26 -32.83
CA ARG H 3880 38.06 16.28 -33.25
C ARG H 3880 38.47 17.58 -33.91
N VAL H 3881 37.65 18.11 -34.83
CA VAL H 3881 37.99 19.38 -35.46
C VAL H 3881 37.96 20.54 -34.46
N GLN H 3882 37.07 20.48 -33.46
CA GLN H 3882 37.11 21.48 -32.40
C GLN H 3882 38.43 21.45 -31.65
N GLU H 3883 38.93 20.26 -31.31
CA GLU H 3883 40.20 20.17 -30.62
C GLU H 3883 41.33 20.70 -31.48
N SER H 3884 41.29 20.40 -32.78
CA SER H 3884 42.32 20.91 -33.68
C SER H 3884 42.32 22.44 -33.70
N ILE H 3885 41.12 23.03 -33.84
CA ILE H 3885 41.02 24.48 -33.86
C ILE H 3885 41.47 25.09 -32.55
N SER H 3886 41.09 24.48 -31.43
CA SER H 3886 41.49 24.98 -30.13
C SER H 3886 43.01 24.93 -29.94
N ASP H 3887 43.64 23.85 -30.37
CA ASP H 3887 45.10 23.76 -30.27
C ASP H 3887 45.77 24.80 -31.15
N PHE H 3888 45.24 25.02 -32.35
CA PHE H 3888 45.85 25.98 -33.26
C PHE H 3888 45.69 27.41 -32.71
N TYR H 3889 44.53 27.69 -32.11
CA TYR H 3889 44.36 28.95 -31.38
C TYR H 3889 45.34 29.08 -30.23
N TRP H 3890 45.53 28.02 -29.45
CA TRP H 3890 46.48 28.11 -28.34
C TRP H 3890 47.89 28.37 -28.85
N TYR H 3891 48.22 27.84 -30.04
CA TYR H 3891 49.50 28.17 -30.66
C TYR H 3891 49.59 29.64 -30.99
N TYR H 3892 48.56 30.20 -31.61
CA TYR H 3892 48.65 31.59 -32.07
C TYR H 3892 48.31 32.61 -30.99
N SER H 3893 47.86 32.18 -29.82
CA SER H 3893 47.44 33.14 -28.80
C SER H 3893 48.60 33.99 -28.31
N GLY H 3894 49.75 33.35 -28.04
CA GLY H 3894 50.90 34.10 -27.57
C GLY H 3894 51.42 35.06 -28.63
N LYS H 3895 51.43 34.64 -29.88
CA LYS H 3895 51.93 35.48 -30.96
C LYS H 3895 50.99 36.66 -31.18
N ASP H 3896 51.57 37.84 -31.37
CA ASP H 3896 50.77 39.05 -31.53
C ASP H 3896 50.06 39.07 -32.88
N VAL H 3897 50.73 38.62 -33.93
CA VAL H 3897 50.21 38.68 -35.29
C VAL H 3897 50.11 37.27 -35.84
N ILE H 3898 49.04 37.03 -36.61
CA ILE H 3898 48.83 35.76 -37.28
C ILE H 3898 49.30 35.90 -38.72
N ASP H 3899 50.21 35.03 -39.14
CA ASP H 3899 50.74 35.11 -40.49
C ASP H 3899 49.70 34.64 -41.50
N GLU H 3900 50.05 34.78 -42.78
CA GLU H 3900 49.12 34.45 -43.85
C GLU H 3900 48.77 32.96 -43.84
N GLN H 3901 49.77 32.10 -43.60
CA GLN H 3901 49.53 30.67 -43.60
C GLN H 3901 48.60 30.27 -42.47
N GLY H 3902 48.81 30.84 -41.28
CA GLY H 3902 47.92 30.56 -40.17
C GLY H 3902 46.52 31.08 -40.41
N GLN H 3903 46.41 32.26 -41.00
CA GLN H 3903 45.12 32.86 -41.32
C GLN H 3903 44.35 32.06 -42.37
N ARG H 3904 45.06 31.41 -43.30
CA ARG H 3904 44.46 30.48 -44.24
C ARG H 3904 44.03 29.17 -43.60
N ASN H 3905 44.87 28.62 -42.72
CA ASN H 3905 44.51 27.38 -42.04
C ASN H 3905 43.29 27.57 -41.15
N PHE H 3906 43.24 28.68 -40.42
CA PHE H 3906 42.02 29.01 -39.66
C PHE H 3906 40.81 29.06 -40.58
N SER H 3907 40.95 29.70 -41.75
CA SER H 3907 39.81 29.81 -42.66
C SER H 3907 39.32 28.45 -43.10
N LYS H 3908 40.23 27.57 -43.51
CA LYS H 3908 39.82 26.25 -43.96
C LYS H 3908 39.19 25.43 -42.83
N ALA H 3909 39.78 25.45 -41.65
CA ALA H 3909 39.20 24.75 -40.50
C ALA H 3909 37.85 25.29 -40.12
N ILE H 3910 37.67 26.62 -40.12
CA ILE H 3910 36.38 27.21 -39.81
C ILE H 3910 35.34 26.80 -40.84
N GLN H 3911 35.73 26.76 -42.12
CA GLN H 3911 34.79 26.32 -43.14
C GLN H 3911 34.36 24.88 -42.92
N VAL H 3912 35.30 24.00 -42.57
CA VAL H 3912 34.96 22.60 -42.31
C VAL H 3912 34.02 22.50 -41.12
N ALA H 3913 34.32 23.23 -40.04
CA ALA H 3913 33.47 23.19 -38.85
C ALA H 3913 32.08 23.73 -39.16
N LYS H 3914 32.01 24.78 -39.98
CA LYS H 3914 30.72 25.33 -40.39
C LYS H 3914 29.90 24.30 -41.15
N GLN H 3915 30.53 23.57 -42.06
CA GLN H 3915 29.82 22.54 -42.80
C GLN H 3915 29.33 21.45 -41.87
N VAL H 3916 30.15 21.04 -40.91
CA VAL H 3916 29.72 20.00 -39.98
C VAL H 3916 28.55 20.48 -39.13
N PHE H 3917 28.58 21.73 -38.68
CA PHE H 3917 27.47 22.27 -37.90
C PHE H 3917 26.20 22.30 -38.73
N ASN H 3918 26.31 22.70 -40.00
CA ASN H 3918 25.14 22.70 -40.87
C ASN H 3918 24.59 21.29 -41.05
N THR H 3919 25.47 20.31 -41.20
CA THR H 3919 25.03 18.93 -41.34
C THR H 3919 24.28 18.47 -40.09
N LEU H 3920 24.80 18.80 -38.91
CA LEU H 3920 24.12 18.43 -37.68
C LEU H 3920 22.76 19.13 -37.56
N THR H 3921 22.69 20.39 -37.95
CA THR H 3921 21.42 21.10 -37.92
C THR H 3921 20.40 20.44 -38.84
N GLU H 3922 20.84 20.04 -40.04
CA GLU H 3922 19.95 19.32 -40.93
C GLU H 3922 19.54 17.97 -40.37
N TYR H 3923 20.43 17.31 -39.62
CA TYR H 3923 20.05 16.08 -38.95
C TYR H 3923 18.94 16.31 -37.94
N ILE H 3924 19.02 17.37 -37.15
CA ILE H 3924 18.19 17.52 -35.96
C ILE H 3924 16.92 18.32 -36.23
N GLN H 3925 16.85 19.06 -37.34
CA GLN H 3925 15.61 19.79 -37.61
C GLN H 3925 14.49 18.83 -38.01
N GLY H 3926 13.32 19.38 -38.32
CA GLY H 3926 12.16 18.57 -38.57
C GLY H 3926 11.76 17.80 -37.32
N PRO H 3927 11.71 18.51 -36.18
CA PRO H 3927 11.78 17.87 -34.86
C PRO H 3927 12.08 16.38 -34.83
N CYS H 3928 13.21 15.97 -35.38
CA CYS H 3928 13.62 14.57 -35.36
C CYS H 3928 14.07 14.25 -33.94
N THR H 3929 13.13 13.74 -33.13
CA THR H 3929 13.39 13.56 -31.71
C THR H 3929 14.48 12.53 -31.45
N GLY H 3930 14.56 11.48 -32.27
CA GLY H 3930 15.59 10.49 -32.07
C GLY H 3930 16.98 11.07 -32.21
N ASN H 3931 17.21 11.82 -33.29
CA ASN H 3931 18.51 12.46 -33.46
C ASN H 3931 18.75 13.53 -32.42
N GLN H 3932 17.70 14.25 -32.01
CA GLN H 3932 17.85 15.24 -30.94
C GLN H 3932 18.37 14.58 -29.67
N GLN H 3933 17.76 13.46 -29.29
CA GLN H 3933 18.19 12.77 -28.07
C GLN H 3933 19.59 12.19 -28.24
N SER H 3934 19.91 11.68 -29.43
CA SER H 3934 21.24 11.14 -29.67
C SER H 3934 22.30 12.21 -29.50
N LEU H 3935 22.07 13.41 -30.06
CA LEU H 3935 23.01 14.50 -29.86
C LEU H 3935 23.04 14.93 -28.40
N ALA H 3936 21.89 14.94 -27.73
CA ALA H 3936 21.84 15.37 -26.34
C ALA H 3936 22.72 14.48 -25.46
N HIS H 3937 22.70 13.18 -25.72
CA HIS H 3937 23.51 12.25 -24.94
C HIS H 3937 24.89 12.01 -25.55
N SER H 3938 25.18 12.57 -26.71
CA SER H 3938 26.50 12.42 -27.32
C SER H 3938 27.52 13.39 -26.72
N ARG H 3939 28.68 13.48 -27.36
CA ARG H 3939 29.77 14.34 -26.92
C ARG H 3939 29.71 15.72 -27.55
N LEU H 3940 28.53 16.14 -28.01
CA LEU H 3940 28.39 17.45 -28.63
C LEU H 3940 28.71 18.57 -27.66
N TRP H 3941 28.38 18.37 -26.38
CA TRP H 3941 28.51 19.44 -25.40
C TRP H 3941 29.95 19.88 -25.22
N ASP H 3942 30.91 18.95 -25.22
CA ASP H 3942 32.31 19.31 -25.14
C ASP H 3942 32.76 20.13 -26.33
N ALA H 3943 32.35 19.75 -27.54
CA ALA H 3943 32.69 20.53 -28.72
C ALA H 3943 32.14 21.95 -28.62
N VAL H 3944 30.89 22.07 -28.18
CA VAL H 3944 30.28 23.39 -28.11
C VAL H 3944 30.96 24.24 -27.04
N VAL H 3945 31.27 23.65 -25.88
CA VAL H 3945 31.93 24.39 -24.83
C VAL H 3945 33.35 24.78 -25.20
N GLY H 3946 34.00 24.02 -26.07
CA GLY H 3946 35.30 24.43 -26.56
C GLY H 3946 35.20 25.57 -27.56
N PHE H 3947 34.25 25.46 -28.50
CA PHE H 3947 34.04 26.57 -29.42
C PHE H 3947 33.64 27.84 -28.69
N LEU H 3948 32.93 27.73 -27.56
CA LEU H 3948 32.57 28.93 -26.81
C LEU H 3948 33.81 29.64 -26.30
N HIS H 3949 34.76 28.89 -25.75
CA HIS H 3949 36.02 29.48 -25.30
C HIS H 3949 36.77 30.12 -26.47
N VAL H 3950 36.84 29.39 -27.59
CA VAL H 3950 37.57 29.91 -28.74
C VAL H 3950 36.95 31.22 -29.23
N PHE H 3951 35.63 31.25 -29.35
CA PHE H 3951 34.95 32.47 -29.78
C PHE H 3951 35.18 33.60 -28.78
N ALA H 3952 35.04 33.30 -27.48
CA ALA H 3952 35.12 34.34 -26.47
C ALA H 3952 36.50 35.00 -26.47
N HIS H 3953 37.54 34.23 -26.75
CA HIS H 3953 38.86 34.86 -26.73
C HIS H 3953 39.26 35.45 -28.08
N MET H 3954 38.94 34.80 -29.20
CA MET H 3954 39.26 35.37 -30.49
C MET H 3954 38.46 36.63 -30.80
N GLN H 3955 37.23 36.75 -30.30
CA GLN H 3955 36.47 37.97 -30.53
C GLN H 3955 37.14 39.19 -29.92
N MET H 3956 37.90 39.02 -28.84
CA MET H 3956 38.64 40.10 -28.24
C MET H 3956 40.08 40.20 -28.73
N LYS H 3957 40.62 39.13 -29.31
CA LYS H 3957 41.97 39.17 -29.85
C LYS H 3957 42.01 39.74 -31.26
N LEU H 3958 41.23 39.17 -32.19
CA LEU H 3958 41.29 39.62 -33.57
C LEU H 3958 40.73 41.02 -33.75
N SER H 3959 39.66 41.37 -33.01
CA SER H 3959 38.96 42.62 -33.26
C SER H 3959 39.87 43.83 -33.02
N GLN H 3960 40.88 43.68 -32.16
CA GLN H 3960 41.80 44.78 -31.90
C GLN H 3960 42.62 45.12 -33.13
N ASP H 3961 43.08 44.11 -33.86
CA ASP H 3961 43.93 44.30 -35.02
C ASP H 3961 43.10 44.33 -36.29
N SER H 3962 43.42 45.25 -37.20
CA SER H 3962 42.63 45.44 -38.41
C SER H 3962 43.03 44.51 -39.54
N SER H 3963 43.98 43.61 -39.33
CA SER H 3963 44.46 42.76 -40.40
C SER H 3963 43.80 41.39 -40.43
N GLN H 3964 42.84 41.12 -39.56
CA GLN H 3964 42.15 39.83 -39.49
C GLN H 3964 40.63 40.03 -39.51
N ILE H 3965 40.16 41.02 -40.25
CA ILE H 3965 38.73 41.29 -40.30
C ILE H 3965 38.00 40.15 -41.00
N GLU H 3966 38.58 39.61 -42.08
CA GLU H 3966 37.98 38.47 -42.76
C GLU H 3966 37.93 37.24 -41.86
N LEU H 3967 39.00 36.99 -41.09
CA LEU H 3967 38.99 35.88 -40.15
C LEU H 3967 37.93 36.07 -39.09
N LEU H 3968 37.77 37.31 -38.60
CA LEU H 3968 36.71 37.58 -37.63
C LEU H 3968 35.34 37.33 -38.22
N LYS H 3969 35.13 37.71 -39.47
CA LYS H 3969 33.85 37.45 -40.13
C LYS H 3969 33.58 35.95 -40.21
N GLU H 3970 34.55 35.17 -40.68
CA GLU H 3970 34.36 33.73 -40.78
C GLU H 3970 34.07 33.13 -39.41
N LEU H 3971 34.82 33.57 -38.40
CA LEU H 3971 34.64 33.04 -37.05
C LEU H 3971 33.28 33.37 -36.47
N MET H 3972 32.77 34.58 -36.65
CA MET H 3972 31.45 34.92 -36.16
C MET H 3972 30.34 34.29 -36.98
N ASP H 3973 30.62 33.91 -38.23
CA ASP H 3973 29.68 33.06 -38.96
C ASP H 3973 29.61 31.66 -38.37
N LEU H 3974 30.75 31.11 -37.97
CA LEU H 3974 30.76 29.83 -37.28
C LEU H 3974 29.95 29.90 -35.98
N GLN H 3975 30.08 31.01 -35.27
CA GLN H 3975 29.29 31.22 -34.05
C GLN H 3975 27.81 31.21 -34.36
N LYS H 3976 27.41 31.91 -35.42
CA LYS H 3976 26.00 31.92 -35.81
C LYS H 3976 25.50 30.52 -36.11
N ASP H 3977 26.27 29.73 -36.84
CA ASP H 3977 25.84 28.37 -37.14
C ASP H 3977 25.76 27.50 -35.89
N MET H 3978 26.69 27.65 -34.95
CA MET H 3978 26.60 26.88 -33.71
C MET H 3978 25.35 27.25 -32.92
N VAL H 3979 25.03 28.54 -32.83
CA VAL H 3979 23.83 28.94 -32.10
C VAL H 3979 22.58 28.43 -32.82
N VAL H 3980 22.61 28.42 -34.16
CA VAL H 3980 21.48 27.90 -34.92
C VAL H 3980 21.29 26.42 -34.61
N MET H 3981 22.38 25.67 -34.53
CA MET H 3981 22.27 24.25 -34.18
C MET H 3981 21.71 24.07 -32.79
N LEU H 3982 22.12 24.91 -31.85
CA LEU H 3982 21.56 24.83 -30.50
C LEU H 3982 20.06 25.08 -30.51
N LEU H 3983 19.62 26.10 -31.25
CA LEU H 3983 18.19 26.35 -31.37
C LEU H 3983 17.46 25.16 -31.98
N SER H 3984 18.03 24.57 -33.02
CA SER H 3984 17.40 23.41 -33.65
C SER H 3984 17.33 22.23 -32.70
N MET H 3985 18.31 22.10 -31.80
CA MET H 3985 18.17 21.11 -30.73
C MET H 3985 17.01 21.45 -29.81
N LEU H 3986 16.84 22.73 -29.51
CA LEU H 3986 15.78 23.16 -28.60
C LEU H 3986 14.40 23.16 -29.25
N GLU H 3987 14.31 22.92 -30.55
CA GLU H 3987 13.00 22.81 -31.20
C GLU H 3987 12.20 21.68 -30.56
N GLY H 3988 10.89 21.90 -30.42
CA GLY H 3988 10.02 20.89 -29.83
C GLY H 3988 10.35 20.56 -28.40
N ASN H 3989 10.73 21.56 -27.60
CA ASN H 3989 11.13 21.32 -26.23
C ASN H 3989 9.91 21.06 -25.36
N VAL H 3990 10.16 20.50 -24.17
CA VAL H 3990 9.13 20.27 -23.17
C VAL H 3990 9.63 20.86 -21.86
N VAL H 3991 8.68 21.16 -20.97
CA VAL H 3991 9.05 21.74 -19.69
C VAL H 3991 9.88 20.74 -18.89
N ASN H 3992 11.01 21.21 -18.36
CA ASN H 3992 11.95 20.37 -17.63
C ASN H 3992 12.45 19.22 -18.51
N GLY H 3993 12.89 19.56 -19.72
CA GLY H 3993 13.37 18.54 -20.64
C GLY H 3993 14.83 18.22 -20.43
N THR H 3994 15.20 17.00 -20.82
CA THR H 3994 16.58 16.55 -20.67
C THR H 3994 17.54 17.36 -21.53
N ILE H 3995 17.11 17.71 -22.75
CA ILE H 3995 17.97 18.52 -23.61
C ILE H 3995 18.20 19.89 -22.98
N GLY H 3996 17.14 20.48 -22.42
CA GLY H 3996 17.31 21.74 -21.72
C GLY H 3996 18.25 21.61 -20.53
N LYS H 3997 18.12 20.52 -19.78
CA LYS H 3997 19.04 20.29 -18.67
C LYS H 3997 20.48 20.25 -19.15
N GLN H 3998 20.74 19.48 -20.20
CA GLN H 3998 22.10 19.34 -20.71
C GLN H 3998 22.65 20.68 -21.18
N MET H 3999 21.85 21.45 -21.92
CA MET H 3999 22.30 22.72 -22.44
C MET H 3999 22.53 23.75 -21.34
N VAL H 4000 21.69 23.78 -20.32
CA VAL H 4000 21.93 24.68 -19.20
C VAL H 4000 23.18 24.27 -18.43
N ASP H 4001 23.43 22.96 -18.27
CA ASP H 4001 24.68 22.55 -17.66
C ASP H 4001 25.88 23.00 -18.47
N MET H 4002 25.81 22.90 -19.80
CA MET H 4002 26.87 23.41 -20.66
C MET H 4002 27.08 24.90 -20.47
N LEU H 4003 25.99 25.67 -20.43
CA LEU H 4003 26.12 27.12 -20.26
C LEU H 4003 26.73 27.45 -18.91
N VAL H 4004 26.33 26.75 -17.86
CA VAL H 4004 26.91 26.97 -16.53
C VAL H 4004 28.39 26.66 -16.56
N GLU H 4005 28.78 25.58 -17.24
CA GLU H 4005 30.19 25.25 -17.37
C GLU H 4005 30.96 26.37 -18.07
N SER H 4006 30.41 26.91 -19.16
CA SER H 4006 31.07 27.92 -19.96
C SER H 4006 30.63 29.34 -19.61
N SER H 4007 30.18 29.56 -18.37
CA SER H 4007 29.61 30.85 -17.99
C SER H 4007 30.56 32.01 -18.28
N ASN H 4008 31.85 31.83 -17.98
CA ASN H 4008 32.80 32.92 -18.18
C ASN H 4008 32.90 33.31 -19.65
N ASN H 4009 33.03 32.33 -20.53
CA ASN H 4009 33.13 32.62 -21.95
C ASN H 4009 31.86 33.28 -22.48
N VAL H 4010 30.70 32.76 -22.07
CA VAL H 4010 29.45 33.38 -22.50
C VAL H 4010 29.31 34.78 -21.92
N GLU H 4011 29.79 34.98 -20.69
CA GLU H 4011 29.77 36.32 -20.12
C GLU H 4011 30.60 37.29 -20.95
N MET H 4012 31.80 36.87 -21.36
CA MET H 4012 32.64 37.74 -22.18
C MET H 4012 31.99 38.02 -23.52
N ILE H 4013 31.41 36.99 -24.16
CA ILE H 4013 30.76 37.16 -25.45
C ILE H 4013 29.59 38.12 -25.34
N LEU H 4014 28.79 37.96 -24.28
CA LEU H 4014 27.63 38.82 -24.07
C LEU H 4014 28.04 40.25 -23.77
N LYS H 4015 29.11 40.45 -23.01
CA LYS H 4015 29.62 41.80 -22.82
C LYS H 4015 30.05 42.43 -24.14
N PHE H 4016 30.74 41.65 -24.97
CA PHE H 4016 31.14 42.12 -26.30
C PHE H 4016 29.92 42.55 -27.11
N PHE H 4017 28.88 41.71 -27.14
CA PHE H 4017 27.70 42.02 -27.93
C PHE H 4017 26.95 43.22 -27.38
N ASP H 4018 26.82 43.32 -26.05
CA ASP H 4018 26.15 44.47 -25.46
C ASP H 4018 26.89 45.76 -25.80
N MET H 4019 28.22 45.72 -25.74
CA MET H 4019 29.02 46.88 -26.06
C MET H 4019 28.82 47.31 -27.51
N PHE H 4020 28.92 46.36 -28.45
CA PHE H 4020 28.79 46.74 -29.84
C PHE H 4020 27.34 46.92 -30.29
N LEU H 4021 26.36 46.63 -29.43
CA LEU H 4021 24.99 47.03 -29.70
C LEU H 4021 24.67 48.40 -29.12
N LYS H 4022 25.30 48.78 -28.02
CA LYS H 4022 25.24 50.15 -27.52
C LYS H 4022 26.02 51.12 -28.41
N LEU H 4023 26.97 50.60 -29.19
CA LEU H 4023 27.67 51.45 -30.16
C LEU H 4023 26.68 52.12 -31.11
N LYS H 4024 25.61 51.43 -31.49
CA LYS H 4024 24.62 52.02 -32.39
C LYS H 4024 23.93 53.21 -31.74
N ASP H 4025 23.51 53.08 -30.48
CA ASP H 4025 22.91 54.20 -29.78
C ASP H 4025 23.91 55.36 -29.63
N LEU H 4026 25.17 55.02 -29.35
CA LEU H 4026 26.20 56.05 -29.26
C LEU H 4026 26.32 56.83 -30.57
N THR H 4027 26.35 56.14 -31.70
CA THR H 4027 26.43 56.82 -32.99
C THR H 4027 25.15 57.53 -33.36
N SER H 4028 24.01 57.10 -32.82
CA SER H 4028 22.75 57.79 -33.03
C SER H 4028 22.52 58.93 -32.05
N SER H 4029 23.41 59.12 -31.09
CA SER H 4029 23.26 60.19 -30.12
C SER H 4029 23.34 61.56 -30.80
N ASP H 4030 22.64 62.53 -30.21
CA ASP H 4030 22.66 63.89 -30.74
C ASP H 4030 24.05 64.51 -30.65
N THR H 4031 24.83 64.13 -29.64
CA THR H 4031 26.19 64.64 -29.53
C THR H 4031 27.03 64.25 -30.73
N PHE H 4032 26.94 62.98 -31.15
CA PHE H 4032 27.64 62.56 -32.35
C PHE H 4032 27.09 63.22 -33.60
N LYS H 4033 25.78 63.45 -33.66
CA LYS H 4033 25.17 64.14 -34.79
C LYS H 4033 25.65 65.57 -34.92
N GLU H 4034 25.94 66.25 -33.81
CA GLU H 4034 26.47 67.61 -33.90
C GLU H 4034 27.98 67.61 -34.07
N TYR H 4035 28.66 66.55 -33.62
CA TYR H 4035 30.07 66.38 -33.96
C TYR H 4035 30.29 66.08 -35.44
N ASP H 4036 29.27 65.54 -36.12
CA ASP H 4036 29.33 65.29 -37.55
C ASP H 4036 28.13 65.95 -38.22
N PRO H 4037 28.11 67.28 -38.29
CA PRO H 4037 27.00 67.94 -38.99
C PRO H 4037 26.93 67.58 -40.47
N ASP H 4038 28.08 67.39 -41.10
CA ASP H 4038 28.11 66.99 -42.49
C ASP H 4038 28.07 65.47 -42.62
N GLY H 4039 27.79 65.01 -43.84
CA GLY H 4039 27.58 63.60 -44.09
C GLY H 4039 28.81 62.77 -44.39
N LYS H 4040 30.00 63.36 -44.33
CA LYS H 4040 31.21 62.58 -44.64
C LYS H 4040 31.40 61.45 -43.64
N GLY H 4041 31.17 61.72 -42.36
CA GLY H 4041 31.27 60.70 -41.33
C GLY H 4041 32.69 60.31 -40.96
N VAL H 4042 33.70 60.92 -41.58
CA VAL H 4042 35.08 60.55 -41.34
C VAL H 4042 35.53 61.35 -40.11
N ILE H 4043 35.40 60.74 -38.93
CA ILE H 4043 35.48 61.45 -37.66
C ILE H 4043 36.79 61.13 -36.96
N SER H 4044 37.39 62.17 -36.37
CA SER H 4044 38.70 62.03 -35.75
C SER H 4044 38.65 61.14 -34.51
N LYS H 4045 39.80 60.58 -34.17
CA LYS H 4045 39.91 59.67 -33.04
C LYS H 4045 39.56 60.36 -31.73
N ARG H 4046 40.10 61.57 -31.52
CA ARG H 4046 39.78 62.31 -30.29
C ARG H 4046 38.32 62.70 -30.26
N ASP H 4047 37.75 63.03 -31.42
CA ASP H 4047 36.32 63.34 -31.47
C ASP H 4047 35.49 62.14 -31.05
N PHE H 4048 35.83 60.96 -31.56
CA PHE H 4048 35.09 59.76 -31.18
C PHE H 4048 35.26 59.47 -29.69
N HIS H 4049 36.48 59.64 -29.17
CA HIS H 4049 36.73 59.39 -27.76
C HIS H 4049 35.92 60.31 -26.86
N LYS H 4050 35.88 61.61 -27.18
CA LYS H 4050 35.12 62.54 -26.37
C LYS H 4050 33.61 62.34 -26.54
N ALA H 4051 33.18 61.92 -27.73
CA ALA H 4051 31.77 61.56 -27.89
C ALA H 4051 31.40 60.37 -27.02
N MET H 4052 32.28 59.36 -26.96
CA MET H 4052 32.02 58.22 -26.09
C MET H 4052 31.99 58.65 -24.63
N GLU H 4053 32.93 59.51 -24.23
CA GLU H 4053 32.91 60.02 -22.86
C GLU H 4053 31.62 60.76 -22.56
N SER H 4054 31.08 61.48 -23.54
CA SER H 4054 29.82 62.19 -23.34
C SER H 4054 28.63 61.23 -23.31
N HIS H 4055 28.76 60.06 -23.94
CA HIS H 4055 27.65 59.11 -24.00
C HIS H 4055 27.16 58.71 -22.62
N LYS H 4056 28.08 58.59 -21.64
CA LYS H 4056 27.77 58.28 -20.25
C LYS H 4056 27.26 56.85 -20.08
N HIS H 4057 27.10 56.11 -21.19
CA HIS H 4057 26.74 54.70 -21.12
C HIS H 4057 27.93 53.78 -21.25
N TYR H 4058 29.11 54.31 -21.48
CA TYR H 4058 30.31 53.50 -21.70
C TYR H 4058 31.27 53.71 -20.54
N THR H 4059 31.67 52.61 -19.90
CA THR H 4059 32.65 52.68 -18.84
C THR H 4059 34.04 52.93 -19.42
N GLN H 4060 35.01 53.07 -18.52
CA GLN H 4060 36.37 53.35 -18.96
C GLN H 4060 36.91 52.20 -19.81
N SER H 4061 36.83 50.98 -19.29
CA SER H 4061 37.38 49.83 -19.98
C SER H 4061 36.72 49.64 -21.35
N GLU H 4062 35.40 49.83 -21.40
CA GLU H 4062 34.72 49.83 -22.68
C GLU H 4062 35.28 50.91 -23.60
N THR H 4063 35.66 52.06 -23.03
CA THR H 4063 36.23 53.11 -23.87
C THR H 4063 37.56 52.69 -24.48
N GLU H 4064 38.48 52.12 -23.68
CA GLU H 4064 39.74 51.69 -24.28
C GLU H 4064 39.49 50.57 -25.29
N PHE H 4065 38.55 49.67 -25.02
CA PHE H 4065 38.33 48.60 -25.99
C PHE H 4065 37.80 49.13 -27.30
N LEU H 4066 36.85 50.07 -27.26
CA LEU H 4066 36.37 50.67 -28.50
C LEU H 4066 37.49 51.41 -29.23
N LEU H 4067 38.31 52.15 -28.49
CA LEU H 4067 39.40 52.88 -29.13
C LEU H 4067 40.39 51.92 -29.78
N SER H 4068 40.69 50.81 -29.11
CA SER H 4068 41.62 49.83 -29.68
C SER H 4068 41.04 49.17 -30.92
N CYS H 4069 39.78 48.75 -30.87
CA CYS H 4069 39.14 48.13 -32.02
C CYS H 4069 38.84 49.12 -33.14
N ALA H 4070 38.88 50.41 -32.83
CA ALA H 4070 38.61 51.44 -33.83
C ALA H 4070 39.84 51.67 -34.69
N GLU H 4071 39.65 51.63 -36.01
CA GLU H 4071 40.75 51.77 -36.96
C GLU H 4071 40.66 53.12 -37.66
N THR H 4072 41.81 53.78 -37.80
CA THR H 4072 41.87 55.12 -38.36
C THR H 4072 42.87 55.17 -39.50
N ASP H 4073 42.75 56.18 -40.34
CA ASP H 4073 43.68 56.41 -41.43
C ASP H 4073 44.84 57.27 -40.93
N GLU H 4074 45.67 57.74 -41.84
CA GLU H 4074 46.74 58.67 -41.47
C GLU H 4074 46.18 60.02 -41.05
N ASN H 4075 44.95 60.32 -41.47
CA ASN H 4075 44.35 61.61 -41.14
C ASN H 4075 43.82 61.63 -39.71
N GLU H 4076 44.01 60.54 -38.96
CA GLU H 4076 43.55 60.39 -37.59
C GLU H 4076 42.03 60.45 -37.50
N THR H 4077 41.35 60.20 -38.61
CA THR H 4077 39.90 60.32 -38.70
C THR H 4077 39.32 58.97 -39.14
N LEU H 4078 38.18 58.60 -38.56
CA LEU H 4078 37.65 57.24 -38.67
C LEU H 4078 36.31 57.23 -39.38
N ASP H 4079 36.06 56.15 -40.13
CA ASP H 4079 34.80 55.95 -40.84
C ASP H 4079 33.83 55.19 -39.94
N TYR H 4080 32.99 55.94 -39.22
CA TYR H 4080 32.11 55.30 -38.24
C TYR H 4080 31.06 54.44 -38.92
N GLU H 4081 30.64 54.81 -40.14
CA GLU H 4081 29.67 53.99 -40.84
C GLU H 4081 30.17 52.56 -40.99
N GLU H 4082 31.37 52.40 -41.56
CA GLU H 4082 31.93 51.07 -41.79
C GLU H 4082 32.31 50.39 -40.47
N PHE H 4083 32.79 51.18 -39.50
CA PHE H 4083 33.10 50.64 -38.17
C PHE H 4083 31.88 49.98 -37.55
N VAL H 4084 30.77 50.74 -37.46
CA VAL H 4084 29.57 50.24 -36.81
C VAL H 4084 28.94 49.13 -37.65
N LYS H 4085 29.05 49.22 -38.97
CA LYS H 4085 28.59 48.09 -39.78
C LYS H 4085 29.30 46.81 -39.36
N ARG H 4086 30.64 46.79 -39.53
CA ARG H 4086 31.42 45.59 -39.26
C ARG H 4086 31.15 45.02 -37.88
N PHE H 4087 31.06 45.86 -36.84
CA PHE H 4087 30.98 45.33 -35.50
C PHE H 4087 29.53 45.13 -35.03
N HIS H 4088 28.62 46.01 -35.42
CA HIS H 4088 27.24 45.94 -34.95
C HIS H 4088 26.47 44.81 -35.62
N GLU H 4089 26.58 44.68 -36.96
CA GLU H 4089 25.67 43.75 -37.63
C GLU H 4089 25.84 42.31 -37.20
N PRO H 4090 27.06 41.74 -37.19
CA PRO H 4090 27.21 40.40 -36.58
C PRO H 4090 26.79 40.38 -35.12
N ALA H 4091 27.13 41.45 -34.39
CA ALA H 4091 26.66 41.54 -33.01
C ALA H 4091 25.14 41.44 -32.96
N LYS H 4092 24.46 42.18 -33.83
CA LYS H 4092 23.00 42.16 -33.83
C LYS H 4092 22.44 40.77 -34.09
N ASP H 4093 22.87 40.11 -35.16
CA ASP H 4093 22.19 38.85 -35.50
C ASP H 4093 22.56 37.73 -34.54
N ILE H 4094 23.86 37.61 -34.20
CA ILE H 4094 24.24 36.56 -33.26
C ILE H 4094 23.63 36.82 -31.89
N GLY H 4095 23.52 38.09 -31.49
CA GLY H 4095 22.88 38.39 -30.22
C GLY H 4095 21.40 38.06 -30.24
N PHE H 4096 20.74 38.29 -31.36
CA PHE H 4096 19.34 37.90 -31.46
C PHE H 4096 19.18 36.40 -31.31
N ASN H 4097 20.02 35.62 -31.99
CA ASN H 4097 19.93 34.18 -31.83
C ASN H 4097 20.22 33.73 -30.40
N VAL H 4098 21.20 34.35 -29.75
CA VAL H 4098 21.50 33.99 -28.36
C VAL H 4098 20.34 34.35 -27.45
N ALA H 4099 19.72 35.51 -27.69
CA ALA H 4099 18.58 35.92 -26.88
C ALA H 4099 17.41 34.97 -27.05
N VAL H 4100 17.18 34.52 -28.28
CA VAL H 4100 16.13 33.52 -28.52
C VAL H 4100 16.45 32.24 -27.77
N LEU H 4101 17.71 31.80 -27.83
CA LEU H 4101 18.12 30.59 -27.13
C LEU H 4101 17.82 30.69 -25.64
N LEU H 4102 18.29 31.79 -25.01
CA LEU H 4102 18.10 31.95 -23.58
C LEU H 4102 16.64 32.12 -23.20
N THR H 4103 15.84 32.83 -24.01
CA THR H 4103 14.42 32.96 -23.73
C THR H 4103 13.73 31.61 -23.81
N ASN H 4104 14.07 30.81 -24.81
CA ASN H 4104 13.50 29.47 -24.90
C ASN H 4104 13.83 28.65 -23.67
N LEU H 4105 15.11 28.65 -23.26
CA LEU H 4105 15.50 27.89 -22.10
C LEU H 4105 14.79 28.36 -20.84
N SER H 4106 14.70 29.68 -20.65
CA SER H 4106 14.06 30.22 -19.46
C SER H 4106 12.57 29.87 -19.41
N GLU H 4107 11.88 30.04 -20.53
CA GLU H 4107 10.45 29.76 -20.55
C GLU H 4107 10.16 28.28 -20.35
N HIS H 4108 11.01 27.41 -20.90
CA HIS H 4108 10.74 25.99 -20.76
C HIS H 4108 11.17 25.46 -19.39
N MET H 4109 12.16 26.11 -18.76
CA MET H 4109 12.56 25.76 -17.41
C MET H 4109 12.48 26.99 -16.51
N PRO H 4110 11.38 27.18 -15.78
CA PRO H 4110 11.22 28.41 -15.01
C PRO H 4110 11.86 28.37 -13.64
N ASN H 4111 12.26 27.19 -13.13
CA ASN H 4111 12.69 27.06 -11.74
C ASN H 4111 14.09 26.43 -11.68
N ASP H 4112 15.00 26.94 -12.50
CA ASP H 4112 16.41 26.59 -12.41
C ASP H 4112 17.18 27.82 -11.95
N THR H 4113 17.74 27.74 -10.74
CA THR H 4113 18.46 28.88 -10.18
C THR H 4113 19.70 29.20 -11.01
N ARG H 4114 20.35 28.17 -11.55
CA ARG H 4114 21.50 28.41 -12.42
C ARG H 4114 21.08 29.20 -13.65
N LEU H 4115 19.97 28.81 -14.27
CA LEU H 4115 19.48 29.56 -15.42
C LEU H 4115 19.10 30.98 -15.03
N GLN H 4116 18.52 31.15 -13.84
CA GLN H 4116 18.14 32.50 -13.40
C GLN H 4116 19.37 33.39 -13.26
N THR H 4117 20.42 32.88 -12.62
CA THR H 4117 21.65 33.65 -12.48
C THR H 4117 22.26 33.94 -13.85
N PHE H 4118 22.23 32.96 -14.74
CA PHE H 4118 22.79 33.14 -16.07
C PHE H 4118 22.03 34.22 -16.83
N LEU H 4119 20.70 34.23 -16.70
CA LEU H 4119 19.89 35.28 -17.31
C LEU H 4119 20.22 36.64 -16.71
N GLU H 4120 20.39 36.70 -15.39
CA GLU H 4120 20.77 37.96 -14.76
C GLU H 4120 22.08 38.49 -15.34
N LEU H 4121 23.05 37.58 -15.58
CA LEU H 4121 24.26 37.98 -16.27
C LEU H 4121 23.95 38.45 -17.69
N ALA H 4122 22.95 37.85 -18.33
CA ALA H 4122 22.59 38.18 -19.71
C ALA H 4122 21.48 39.21 -19.80
N GLU H 4123 21.29 40.02 -18.75
CA GLU H 4123 20.11 40.89 -18.68
C GLU H 4123 20.07 41.91 -19.82
N SER H 4124 21.17 42.63 -20.06
CA SER H 4124 21.11 43.77 -20.98
C SER H 4124 20.82 43.32 -22.41
N VAL H 4125 21.46 42.24 -22.86
CA VAL H 4125 21.24 41.77 -24.22
C VAL H 4125 19.79 41.33 -24.39
N LEU H 4126 19.24 40.62 -23.41
CA LEU H 4126 17.85 40.20 -23.48
C LEU H 4126 16.88 41.38 -23.39
N ASN H 4127 17.33 42.54 -22.92
CA ASN H 4127 16.52 43.75 -22.94
C ASN H 4127 16.60 44.51 -24.25
N TYR H 4128 17.74 44.43 -24.94
CA TYR H 4128 17.85 45.08 -26.25
C TYR H 4128 16.88 44.46 -27.25
N PHE H 4129 16.80 43.12 -27.26
CA PHE H 4129 16.05 42.40 -28.27
C PHE H 4129 14.60 42.13 -27.89
N GLN H 4130 14.16 42.58 -26.72
CA GLN H 4130 12.79 42.35 -26.31
C GLN H 4130 11.77 42.89 -27.30
N PRO H 4131 11.90 44.12 -27.82
CA PRO H 4131 10.99 44.54 -28.89
C PRO H 4131 11.09 43.69 -30.14
N PHE H 4132 12.26 43.14 -30.44
CA PHE H 4132 12.44 42.40 -31.68
C PHE H 4132 12.06 40.93 -31.52
N LEU H 4133 12.16 40.39 -30.32
CA LEU H 4133 11.82 39.00 -30.12
C LEU H 4133 10.31 38.82 -30.09
N GLY H 4134 9.78 38.02 -31.00
CA GLY H 4134 8.37 37.72 -31.01
C GLY H 4134 8.13 36.25 -30.77
N ARG H 4135 7.12 35.94 -29.97
CA ARG H 4135 6.85 34.58 -29.55
C ARG H 4135 5.37 34.29 -29.70
N ILE H 4136 5.05 33.11 -30.21
CA ILE H 4136 3.68 32.64 -30.36
C ILE H 4136 3.61 31.20 -29.90
N GLU H 4137 2.38 30.69 -29.78
CA GLU H 4137 2.13 29.30 -29.48
C GLU H 4137 1.33 28.67 -30.60
N ILE H 4138 1.74 27.48 -31.03
CA ILE H 4138 1.08 26.78 -32.12
C ILE H 4138 0.74 25.37 -31.66
N MET H 4139 -0.23 24.78 -32.36
CA MET H 4139 -0.67 23.43 -32.09
C MET H 4139 0.27 22.48 -32.83
N GLY H 4140 1.27 21.96 -32.13
CA GLY H 4140 2.41 21.35 -32.77
C GLY H 4140 2.10 20.05 -33.49
N SER H 4141 3.08 19.62 -34.29
CA SER H 4141 2.93 18.40 -35.07
C SER H 4141 2.82 17.17 -34.19
N ALA H 4142 3.43 17.20 -33.01
CA ALA H 4142 3.43 16.07 -32.10
C ALA H 4142 2.23 16.07 -31.17
N LYS H 4143 1.12 16.68 -31.60
CA LYS H 4143 -0.09 16.77 -30.78
C LYS H 4143 0.19 17.44 -29.43
N ARG H 4144 1.01 18.49 -29.45
CA ARG H 4144 1.37 19.22 -28.24
C ARG H 4144 1.68 20.67 -28.61
N ILE H 4145 1.26 21.58 -27.72
CA ILE H 4145 1.43 23.00 -27.97
C ILE H 4145 2.90 23.37 -27.84
N GLU H 4146 3.42 24.10 -28.82
CA GLU H 4146 4.82 24.48 -28.86
C GLU H 4146 4.94 25.99 -29.00
N ARG H 4147 6.10 26.51 -28.60
CA ARG H 4147 6.38 27.94 -28.68
C ARG H 4147 7.30 28.19 -29.87
N VAL H 4148 6.96 29.19 -30.68
CA VAL H 4148 7.74 29.58 -31.83
C VAL H 4148 8.25 30.98 -31.62
N TYR H 4149 9.56 31.17 -31.86
CA TYR H 4149 10.22 32.45 -31.68
C TYR H 4149 10.72 32.94 -33.02
N PHE H 4150 10.61 34.25 -33.25
CA PHE H 4150 11.02 34.84 -34.52
C PHE H 4150 11.40 36.30 -34.31
N GLU H 4151 11.80 36.93 -35.41
CA GLU H 4151 12.26 38.31 -35.38
C GLU H 4151 11.18 39.21 -35.98
N ILE H 4152 10.60 40.07 -35.15
CA ILE H 4152 9.66 41.09 -35.61
C ILE H 4152 10.48 42.31 -36.03
N SER H 4153 10.39 42.67 -37.30
CA SER H 4153 11.19 43.77 -37.81
C SER H 4153 10.67 45.11 -37.29
N GLU H 4154 11.60 46.06 -37.14
CA GLU H 4154 11.25 47.38 -36.64
C GLU H 4154 10.29 48.09 -37.58
N SER H 4155 10.51 47.99 -38.89
CA SER H 4155 9.58 48.58 -39.84
C SER H 4155 8.20 47.97 -39.73
N SER H 4156 8.13 46.65 -39.58
CA SER H 4156 6.84 45.99 -39.39
C SER H 4156 6.14 46.51 -38.14
N ARG H 4157 6.87 46.63 -37.04
CA ARG H 4157 6.22 47.11 -35.82
C ARG H 4157 5.72 48.54 -35.98
N THR H 4158 6.52 49.41 -36.60
CA THR H 4158 6.07 50.79 -36.79
C THR H 4158 4.82 50.85 -37.67
N GLN H 4159 4.82 50.10 -38.78
CA GLN H 4159 3.65 50.10 -39.65
C GLN H 4159 2.44 49.49 -38.93
N TRP H 4160 2.68 48.57 -38.01
CA TRP H 4160 1.57 47.98 -37.26
C TRP H 4160 0.94 48.99 -36.31
N GLU H 4161 1.76 49.70 -35.55
CA GLU H 4161 1.22 50.75 -34.67
C GLU H 4161 1.03 52.08 -35.37
N LYS H 4162 1.02 52.12 -36.70
CA LYS H 4162 0.44 53.26 -37.38
C LYS H 4162 -1.07 53.31 -37.10
N PRO H 4163 -1.63 54.52 -36.94
CA PRO H 4163 -3.04 54.62 -36.52
C PRO H 4163 -4.04 53.99 -37.50
N GLN H 4164 -3.78 54.06 -38.80
CA GLN H 4164 -4.71 53.49 -39.77
C GLN H 4164 -4.84 51.99 -39.58
N VAL H 4165 -3.72 51.32 -39.32
CA VAL H 4165 -3.75 49.88 -39.08
C VAL H 4165 -4.53 49.57 -37.81
N LYS H 4166 -4.40 50.40 -36.79
CA LYS H 4166 -5.20 50.21 -35.58
C LYS H 4166 -6.69 50.37 -35.84
N GLU H 4167 -7.07 51.36 -36.65
CA GLU H 4167 -8.48 51.51 -37.01
C GLU H 4167 -8.99 50.29 -37.76
N SER H 4168 -8.19 49.79 -38.71
CA SER H 4168 -8.58 48.59 -39.45
C SER H 4168 -8.70 47.39 -38.52
N LYS H 4169 -7.79 47.28 -37.55
CA LYS H 4169 -7.87 46.19 -36.58
C LYS H 4169 -9.14 46.27 -35.74
N ARG H 4170 -9.49 47.47 -35.28
CA ARG H 4170 -10.71 47.62 -34.49
C ARG H 4170 -11.93 47.26 -35.33
N GLN H 4171 -11.95 47.70 -36.59
CA GLN H 4171 -13.07 47.36 -37.46
C GLN H 4171 -13.18 45.86 -37.68
N PHE H 4172 -12.04 45.20 -37.91
CA PHE H 4172 -12.06 43.75 -38.12
C PHE H 4172 -12.51 43.01 -36.89
N ILE H 4173 -12.05 43.43 -35.70
CA ILE H 4173 -12.48 42.79 -34.48
C ILE H 4173 -13.98 42.97 -34.28
N PHE H 4174 -14.50 44.18 -34.50
CA PHE H 4174 -15.93 44.41 -34.39
C PHE H 4174 -16.70 43.50 -35.33
N ASP H 4175 -16.24 43.38 -36.58
CA ASP H 4175 -16.94 42.55 -37.55
C ASP H 4175 -16.93 41.08 -37.12
N VAL H 4176 -15.76 40.55 -36.80
CA VAL H 4176 -15.66 39.13 -36.48
C VAL H 4176 -16.37 38.79 -35.17
N VAL H 4177 -16.49 39.74 -34.24
CA VAL H 4177 -17.22 39.48 -33.01
C VAL H 4177 -18.72 39.55 -33.22
N ASN H 4178 -19.22 40.57 -33.92
CA ASN H 4178 -20.66 40.69 -34.08
C ASN H 4178 -21.20 39.67 -35.08
N GLU H 4179 -20.71 39.69 -36.31
CA GLU H 4179 -21.16 38.76 -37.34
C GLU H 4179 -20.00 37.80 -37.66
N GLY H 4180 -19.91 36.72 -36.91
CA GLY H 4180 -18.84 35.76 -37.11
C GLY H 4180 -19.12 34.46 -36.39
N GLY H 4181 -18.59 33.38 -36.95
CA GLY H 4181 -18.68 32.07 -36.33
C GLY H 4181 -17.30 31.57 -35.97
N GLU H 4182 -17.22 30.74 -34.93
CA GLU H 4182 -15.93 30.20 -34.52
C GLU H 4182 -15.37 29.27 -35.58
N LYS H 4183 -16.21 28.79 -36.49
CA LYS H 4183 -15.72 28.02 -37.63
C LYS H 4183 -14.87 28.89 -38.55
N GLU H 4184 -15.37 30.08 -38.87
CA GLU H 4184 -14.72 30.96 -39.84
C GLU H 4184 -13.82 31.99 -39.19
N LYS H 4185 -13.68 31.99 -37.87
CA LYS H 4185 -12.92 33.04 -37.20
C LYS H 4185 -11.46 33.02 -37.62
N MET H 4186 -10.85 31.84 -37.65
CA MET H 4186 -9.43 31.76 -37.99
C MET H 4186 -9.17 31.96 -39.47
N GLU H 4187 -10.14 31.68 -40.33
CA GLU H 4187 -10.01 32.04 -41.74
C GLU H 4187 -10.09 33.54 -41.95
N LEU H 4188 -11.05 34.19 -41.30
CA LEU H 4188 -11.16 35.64 -41.38
C LEU H 4188 -9.93 36.32 -40.80
N PHE H 4189 -9.37 35.77 -39.71
CA PHE H 4189 -8.18 36.36 -39.13
C PHE H 4189 -7.00 36.29 -40.07
N VAL H 4190 -6.82 35.16 -40.76
CA VAL H 4190 -5.75 35.05 -41.75
C VAL H 4190 -5.97 35.96 -42.95
N ASN H 4191 -7.21 36.11 -43.40
CA ASN H 4191 -7.47 37.06 -44.48
C ASN H 4191 -7.11 38.48 -44.06
N PHE H 4192 -7.50 38.86 -42.84
CA PHE H 4192 -7.13 40.16 -42.30
C PHE H 4192 -5.62 40.30 -42.20
N CYS H 4193 -4.93 39.24 -41.76
CA CYS H 4193 -3.48 39.31 -41.65
C CYS H 4193 -2.84 39.53 -43.01
N GLU H 4194 -3.32 38.83 -44.04
CA GLU H 4194 -2.77 38.99 -45.38
C GLU H 4194 -2.98 40.42 -45.89
N ASP H 4195 -4.20 40.93 -45.74
CA ASP H 4195 -4.48 42.29 -46.20
C ASP H 4195 -3.63 43.31 -45.45
N THR H 4196 -3.53 43.16 -44.13
CA THR H 4196 -2.75 44.09 -43.33
C THR H 4196 -1.27 44.02 -43.70
N ILE H 4197 -0.75 42.82 -43.93
CA ILE H 4197 0.65 42.68 -44.31
C ILE H 4197 0.90 43.37 -45.64
N PHE H 4198 0.00 43.19 -46.61
CA PHE H 4198 0.20 43.85 -47.90
C PHE H 4198 0.16 45.37 -47.76
N GLU H 4199 -0.81 45.90 -47.01
CA GLU H 4199 -0.89 47.35 -46.85
C GLU H 4199 0.29 47.90 -46.06
N MET H 4200 0.80 47.16 -45.08
CA MET H 4200 1.96 47.57 -44.31
C MET H 4200 3.22 47.60 -45.18
N GLN H 4201 3.41 46.57 -46.01
CA GLN H 4201 4.54 46.56 -46.92
C GLN H 4201 4.45 47.70 -47.92
N LEU H 4202 3.26 47.97 -48.46
CA LEU H 4202 3.08 49.10 -49.37
C LEU H 4202 3.37 50.43 -48.68
N ALA H 4203 2.91 50.61 -47.44
CA ALA H 4203 3.21 51.82 -46.70
C ALA H 4203 4.70 51.98 -46.46
N ALA H 4204 5.39 50.90 -46.10
CA ALA H 4204 6.83 50.98 -45.93
C ALA H 4204 7.52 51.34 -47.24
N GLN H 4205 7.02 50.81 -48.35
CA GLN H 4205 7.59 51.14 -49.65
C GLN H 4205 7.41 52.63 -49.98
N ILE H 4206 6.20 53.14 -49.78
CA ILE H 4206 5.93 54.53 -50.18
C ILE H 4206 6.63 55.50 -49.24
N SER H 4207 6.76 55.14 -47.96
CA SER H 4207 7.44 56.02 -46.99
C SER H 4207 8.94 55.73 -47.02
N GLU H 4208 9.56 56.14 -48.13
CA GLU H 4208 10.98 55.94 -48.35
C GLU H 4208 11.70 57.27 -48.31
N SER H 4209 12.75 57.34 -47.48
CA SER H 4209 13.54 58.56 -47.34
C SER H 4209 14.70 58.56 -48.31
N SER H 4237 -1.82 76.65 -28.16
CA SER H 4237 -0.71 77.24 -28.90
C SER H 4237 0.38 77.76 -27.96
N ILE H 4238 1.62 77.71 -28.43
CA ILE H 4238 2.74 78.22 -27.64
C ILE H 4238 2.55 79.69 -27.32
N LEU H 4239 2.04 80.47 -28.28
CA LEU H 4239 1.79 81.88 -28.03
C LEU H 4239 0.76 82.08 -26.93
N THR H 4240 -0.34 81.32 -26.97
CA THR H 4240 -1.36 81.43 -25.95
C THR H 4240 -0.83 81.03 -24.57
N VAL H 4241 -0.09 79.93 -24.50
CA VAL H 4241 0.49 79.50 -23.23
C VAL H 4241 1.46 80.53 -22.68
N ARG H 4242 2.34 81.07 -23.53
CA ARG H 4242 3.31 82.05 -23.07
C ARG H 4242 2.61 83.32 -22.60
N SER H 4243 1.58 83.76 -23.33
CA SER H 4243 0.85 84.96 -22.91
C SER H 4243 0.16 84.75 -21.58
N ALA H 4244 -0.49 83.59 -21.40
CA ALA H 4244 -1.16 83.31 -20.13
C ALA H 4244 -0.17 83.24 -18.98
N LEU H 4245 0.96 82.56 -19.19
CA LEU H 4245 1.97 82.45 -18.14
C LEU H 4245 2.59 83.79 -17.78
N PHE H 4246 2.87 84.62 -18.79
CA PHE H 4246 3.41 85.95 -18.52
C PHE H 4246 2.38 86.80 -17.77
N ALA H 4247 1.11 86.66 -18.14
CA ALA H 4247 0.07 87.37 -17.40
C ALA H 4247 0.02 86.95 -15.94
N LEU H 4248 0.06 85.64 -15.68
CA LEU H 4248 0.17 85.15 -14.31
C LEU H 4248 1.36 85.76 -13.58
N ARG H 4249 2.56 85.67 -14.16
CA ARG H 4249 3.75 86.15 -13.48
C ARG H 4249 3.66 87.63 -13.18
N TYR H 4250 3.31 88.44 -14.19
CA TYR H 4250 3.26 89.88 -14.02
C TYR H 4250 2.21 90.28 -13.01
N ASN H 4251 1.02 89.68 -13.08
CA ASN H 4251 -0.06 90.08 -12.19
C ASN H 4251 0.21 89.66 -10.76
N ILE H 4252 0.77 88.46 -10.56
CA ILE H 4252 1.07 88.03 -9.20
C ILE H 4252 2.20 88.86 -8.61
N LEU H 4253 3.20 89.21 -9.43
CA LEU H 4253 4.26 90.08 -8.93
C LEU H 4253 3.71 91.46 -8.59
N THR H 4254 2.78 91.96 -9.39
CA THR H 4254 2.13 93.24 -9.07
C THR H 4254 1.39 93.16 -7.75
N LEU H 4255 0.69 92.05 -7.51
CA LEU H 4255 0.00 91.88 -6.23
C LEU H 4255 1.00 91.83 -5.08
N MET H 4256 2.09 91.07 -5.23
CA MET H 4256 3.05 90.90 -4.14
C MET H 4256 3.93 92.12 -3.92
N ARG H 4257 3.99 93.05 -4.87
CA ARG H 4257 4.82 94.23 -4.69
C ARG H 4257 4.37 95.06 -3.49
N MET H 4258 3.05 95.16 -3.25
CA MET H 4258 2.59 95.98 -2.14
C MET H 4258 3.06 95.42 -0.80
N LEU H 4259 3.24 94.10 -0.74
CA LEU H 4259 3.83 93.50 0.46
C LEU H 4259 5.35 93.65 0.46
N SER H 4260 5.97 93.61 -0.72
CA SER H 4260 7.43 93.61 -0.80
C SER H 4260 8.04 95.00 -0.71
N LEU H 4261 7.23 96.07 -0.77
CA LEU H 4261 7.77 97.42 -0.79
C LEU H 4261 8.29 97.89 0.57
N LYS H 4262 8.04 97.14 1.64
CA LYS H 4262 8.43 97.55 2.99
C LYS H 4262 7.74 98.85 3.40
N SER H 4263 6.65 99.20 2.74
CA SER H 4263 5.86 100.38 3.04
C SER H 4263 4.79 100.11 4.08
N LEU H 4264 4.77 98.89 4.65
CA LEU H 4264 3.75 98.53 5.61
C LEU H 4264 4.16 98.94 7.03
N LYS H 4265 5.09 99.88 7.13
CA LYS H 4265 5.52 100.43 8.41
C LYS H 4265 4.44 101.26 9.07
N LYS H 4266 3.76 102.12 8.32
CA LYS H 4266 2.66 102.90 8.87
C LYS H 4266 1.50 102.00 9.28
N GLN H 4267 1.20 101.00 8.46
CA GLN H 4267 0.17 100.03 8.83
C GLN H 4267 0.61 99.22 10.04
N MET H 4268 1.90 98.87 10.13
CA MET H 4268 2.37 98.17 11.32
C MET H 4268 2.21 99.02 12.57
N LYS H 4269 2.51 100.32 12.47
CA LYS H 4269 2.32 101.22 13.60
C LYS H 4269 0.85 101.28 13.99
N LYS H 4270 -0.05 101.34 13.00
CA LYS H 4270 -1.48 101.34 13.29
C LYS H 4270 -1.96 100.00 13.85
N VAL H 4271 -1.23 98.91 13.59
CA VAL H 4271 -1.59 97.61 14.12
C VAL H 4271 -1.01 97.36 15.52
N LYS H 4272 0.07 98.08 15.89
CA LYS H 4272 0.66 97.89 17.21
C LYS H 4272 -0.37 97.98 18.32
N LYS H 4273 -1.36 98.84 18.16
CA LYS H 4273 -2.51 98.89 19.05
C LYS H 4273 -3.57 97.96 18.49
N MET H 4274 -3.98 96.98 19.29
CA MET H 4274 -4.88 95.92 18.85
C MET H 4274 -6.27 96.50 18.58
N THR H 4275 -6.83 96.20 17.40
CA THR H 4275 -8.14 96.71 17.00
C THR H 4275 -8.88 95.64 16.24
N VAL H 4276 -10.08 95.31 16.70
CA VAL H 4276 -10.90 94.27 16.06
C VAL H 4276 -11.26 94.68 14.63
N LYS H 4277 -11.67 95.94 14.46
CA LYS H 4277 -12.00 96.41 13.12
C LYS H 4277 -10.78 96.37 12.21
N ASP H 4278 -9.62 96.76 12.73
CA ASP H 4278 -8.39 96.69 11.94
C ASP H 4278 -8.08 95.27 11.51
N MET H 4279 -8.16 94.31 12.44
CA MET H 4279 -7.79 92.95 12.10
C MET H 4279 -8.76 92.32 11.11
N VAL H 4280 -10.06 92.55 11.30
CA VAL H 4280 -11.01 91.99 10.34
C VAL H 4280 -10.87 92.67 8.98
N THR H 4281 -10.60 93.98 8.98
CA THR H 4281 -10.40 94.68 7.72
C THR H 4281 -9.20 94.14 6.97
N ALA H 4282 -8.09 93.91 7.68
CA ALA H 4282 -6.91 93.36 7.03
C ALA H 4282 -7.17 91.96 6.49
N PHE H 4283 -7.83 91.12 7.30
CA PHE H 4283 -8.10 89.75 6.87
C PHE H 4283 -8.97 89.72 5.64
N PHE H 4284 -9.99 90.59 5.58
CA PHE H 4284 -10.86 90.62 4.41
C PHE H 4284 -10.16 91.27 3.22
N SER H 4285 -9.32 92.27 3.48
CA SER H 4285 -8.69 93.01 2.40
C SER H 4285 -7.66 92.17 1.68
N SER H 4286 -7.02 91.25 2.40
CA SER H 4286 -6.08 90.35 1.73
C SER H 4286 -6.78 89.55 0.63
N TYR H 4287 -7.92 88.94 0.95
CA TYR H 4287 -8.63 88.15 -0.04
C TYR H 4287 -9.27 89.03 -1.10
N TRP H 4288 -9.69 90.24 -0.72
CA TRP H 4288 -10.22 91.17 -1.72
C TRP H 4288 -9.15 91.53 -2.74
N SER H 4289 -7.93 91.77 -2.27
CA SER H 4289 -6.81 92.05 -3.17
C SER H 4289 -6.49 90.85 -4.05
N ILE H 4290 -6.55 89.64 -3.49
CA ILE H 4290 -6.33 88.45 -4.30
C ILE H 4290 -7.37 88.36 -5.41
N PHE H 4291 -8.64 88.62 -5.08
CA PHE H 4291 -9.69 88.57 -6.07
C PHE H 4291 -9.51 89.64 -7.15
N MET H 4292 -9.11 90.85 -6.75
CA MET H 4292 -8.85 91.89 -7.73
C MET H 4292 -7.70 91.50 -8.65
N THR H 4293 -6.66 90.89 -8.08
CA THR H 4293 -5.55 90.42 -8.89
C THR H 4293 -6.01 89.37 -9.89
N LEU H 4294 -6.89 88.48 -9.46
CA LEU H 4294 -7.45 87.49 -10.38
C LEU H 4294 -8.22 88.16 -11.50
N LEU H 4295 -9.00 89.20 -11.17
CA LEU H 4295 -9.72 89.93 -12.20
C LEU H 4295 -8.78 90.55 -13.22
N HIS H 4296 -7.72 91.19 -12.74
CA HIS H 4296 -6.75 91.79 -13.65
C HIS H 4296 -6.08 90.74 -14.51
N PHE H 4297 -5.77 89.57 -13.93
CA PHE H 4297 -5.16 88.49 -14.70
C PHE H 4297 -6.09 88.01 -15.81
N VAL H 4298 -7.38 87.84 -15.48
CA VAL H 4298 -8.34 87.41 -16.49
C VAL H 4298 -8.46 88.44 -17.60
N ALA H 4299 -8.50 89.73 -17.24
CA ALA H 4299 -8.60 90.77 -18.25
C ALA H 4299 -7.36 90.78 -19.15
N SER H 4300 -6.18 90.61 -18.55
CA SER H 4300 -4.96 90.58 -19.35
C SER H 4300 -4.94 89.39 -20.30
N VAL H 4301 -5.38 88.23 -19.84
CA VAL H 4301 -5.43 87.06 -20.71
C VAL H 4301 -6.40 87.28 -21.86
N PHE H 4302 -7.56 87.87 -21.57
CA PHE H 4302 -8.52 88.15 -22.62
C PHE H 4302 -7.94 89.11 -23.65
N ARG H 4303 -7.27 90.17 -23.19
CA ARG H 4303 -6.66 91.12 -24.11
C ARG H 4303 -5.60 90.45 -24.98
N GLY H 4304 -4.75 89.61 -24.36
CA GLY H 4304 -3.72 88.94 -25.13
C GLY H 4304 -4.28 87.98 -26.16
N PHE H 4305 -5.30 87.22 -25.78
CA PHE H 4305 -5.93 86.31 -26.74
C PHE H 4305 -6.60 87.08 -27.87
N PHE H 4306 -7.23 88.21 -27.54
CA PHE H 4306 -7.85 89.03 -28.58
C PHE H 4306 -6.80 89.56 -29.56
N ARG H 4307 -5.66 90.00 -29.04
CA ARG H 4307 -4.58 90.45 -29.93
C ARG H 4307 -4.07 89.31 -30.80
N ILE H 4308 -3.91 88.12 -30.21
CA ILE H 4308 -3.37 86.99 -30.97
C ILE H 4308 -4.32 86.59 -32.10
N ILE H 4309 -5.62 86.52 -31.80
CA ILE H 4309 -6.57 86.13 -32.83
C ILE H 4309 -6.73 87.25 -33.86
N CYS H 4310 -6.57 88.50 -33.44
CA CYS H 4310 -6.70 89.62 -34.36
C CYS H 4310 -5.34 90.28 -34.62
N PHE H 4480 18.40 58.61 -69.85
CA PHE H 4480 17.27 59.24 -69.14
C PHE H 4480 16.10 58.28 -68.96
N TRP H 4481 16.18 57.11 -69.60
CA TRP H 4481 15.11 56.13 -69.47
C TRP H 4481 14.92 55.68 -68.03
N LYS H 4482 16.02 55.64 -67.26
CA LYS H 4482 15.90 55.23 -65.86
C LYS H 4482 15.56 56.43 -64.98
N LYS H 4483 16.08 57.61 -65.32
CA LYS H 4483 15.81 58.80 -64.53
C LYS H 4483 14.33 59.18 -64.58
N ILE H 4484 13.71 59.05 -65.75
CA ILE H 4484 12.29 59.37 -65.85
C ILE H 4484 11.46 58.40 -65.02
N ILE H 4485 11.81 57.12 -65.04
CA ILE H 4485 11.10 56.15 -64.22
C ILE H 4485 11.29 56.47 -62.75
N ALA H 4486 12.50 56.89 -62.35
CA ALA H 4486 12.72 57.29 -60.96
C ALA H 4486 11.85 58.48 -60.58
N TYR H 4487 11.74 59.47 -61.46
CA TYR H 4487 10.92 60.64 -61.15
C TYR H 4487 9.45 60.27 -61.04
N GLN H 4488 8.96 59.42 -61.95
CA GLN H 4488 7.59 58.94 -61.84
C GLN H 4488 7.37 58.20 -60.52
N GLN H 4489 8.35 57.38 -60.12
CA GLN H 4489 8.24 56.68 -58.86
C GLN H 4489 8.15 57.65 -57.68
N LYS H 4490 8.98 58.68 -57.71
CA LYS H 4490 8.95 59.68 -56.63
C LYS H 4490 7.58 60.36 -56.56
N LEU H 4491 7.05 60.76 -57.71
CA LEU H 4491 5.74 61.42 -57.73
C LEU H 4491 4.64 60.48 -57.26
N LEU H 4492 4.67 59.23 -57.71
CA LEU H 4492 3.69 58.24 -57.30
C LEU H 4492 3.70 58.07 -55.78
N ASN H 4493 4.90 57.92 -55.22
CA ASN H 4493 5.04 57.74 -53.78
C ASN H 4493 4.56 58.97 -53.03
N TYR H 4494 4.87 60.16 -53.54
CA TYR H 4494 4.44 61.38 -52.86
C TYR H 4494 2.93 61.47 -52.81
N PHE H 4495 2.27 61.20 -53.93
CA PHE H 4495 0.80 61.27 -53.95
C PHE H 4495 0.19 60.21 -53.04
N ALA H 4496 0.72 58.99 -53.09
CA ALA H 4496 0.18 57.93 -52.24
C ALA H 4496 0.35 58.27 -50.77
N ARG H 4497 1.49 58.84 -50.40
CA ARG H 4497 1.77 59.19 -49.02
C ARG H 4497 0.95 60.38 -48.53
N ASN H 4498 0.65 61.34 -49.40
CA ASN H 4498 -0.09 62.53 -49.01
C ASN H 4498 -1.55 62.47 -49.45
N PHE H 4499 -2.04 61.27 -49.76
CA PHE H 4499 -3.41 61.12 -50.24
C PHE H 4499 -4.44 61.68 -49.26
N TYR H 4500 -4.37 61.30 -47.99
CA TYR H 4500 -5.39 61.74 -47.03
C TYR H 4500 -5.34 63.23 -46.73
N ASN H 4501 -4.14 63.81 -46.65
CA ASN H 4501 -4.04 65.24 -46.44
C ASN H 4501 -4.71 66.00 -47.57
N MET H 4502 -4.55 65.53 -48.81
CA MET H 4502 -5.22 66.16 -49.93
C MET H 4502 -6.73 66.00 -49.83
N ARG H 4503 -7.21 64.86 -49.35
CA ARG H 4503 -8.64 64.67 -49.18
C ARG H 4503 -9.21 65.62 -48.14
N MET H 4504 -8.51 65.86 -47.04
CA MET H 4504 -8.93 66.86 -46.06
C MET H 4504 -8.85 68.27 -46.60
N LEU H 4505 -7.81 68.58 -47.37
CA LEU H 4505 -7.70 69.90 -47.98
C LEU H 4505 -8.86 70.16 -48.93
N ALA H 4506 -9.30 69.13 -49.65
CA ALA H 4506 -10.44 69.29 -50.54
C ALA H 4506 -11.69 69.68 -49.77
N LEU H 4507 -11.94 69.04 -48.64
CA LEU H 4507 -13.10 69.40 -47.82
C LEU H 4507 -12.98 70.82 -47.26
N PHE H 4508 -11.78 71.20 -46.80
CA PHE H 4508 -11.60 72.56 -46.31
C PHE H 4508 -11.85 73.59 -47.40
N VAL H 4509 -11.35 73.33 -48.61
CA VAL H 4509 -11.59 74.23 -49.73
C VAL H 4509 -13.06 74.25 -50.10
N ALA H 4510 -13.75 73.11 -49.98
CA ALA H 4510 -15.19 73.08 -50.22
C ALA H 4510 -15.97 73.95 -49.24
N PHE H 4511 -15.64 73.88 -47.95
CA PHE H 4511 -16.25 74.77 -46.97
C PHE H 4511 -15.94 76.23 -47.23
N ALA H 4512 -14.70 76.56 -47.63
CA ALA H 4512 -14.37 77.94 -47.99
C ALA H 4512 -15.16 78.43 -49.20
N ILE H 4513 -15.26 77.61 -50.23
CA ILE H 4513 -15.99 77.98 -51.44
C ILE H 4513 -17.46 78.19 -51.13
N ASN H 4514 -18.05 77.29 -50.34
CA ASN H 4514 -19.46 77.43 -49.99
C ASN H 4514 -19.70 78.63 -49.08
N PHE H 4515 -18.77 78.90 -48.16
CA PHE H 4515 -18.86 80.12 -47.35
C PHE H 4515 -18.86 81.37 -48.22
N ILE H 4516 -17.99 81.42 -49.23
CA ILE H 4516 -18.04 82.54 -50.16
C ILE H 4516 -19.33 82.59 -50.96
N LEU H 4517 -19.79 81.44 -51.48
CA LEU H 4517 -21.03 81.36 -52.23
C LEU H 4517 -22.24 81.79 -51.43
N LEU H 4518 -22.16 81.72 -50.10
CA LEU H 4518 -23.26 82.16 -49.26
C LEU H 4518 -23.53 83.66 -49.37
N PHE H 4519 -22.66 84.40 -50.06
CA PHE H 4519 -22.86 85.83 -50.30
C PHE H 4519 -23.23 86.14 -51.75
N TYR H 4520 -23.89 85.22 -52.43
CA TYR H 4520 -24.43 85.48 -53.76
C TYR H 4520 -25.77 86.19 -53.66
N LYS H 4521 -26.10 86.97 -54.69
CA LYS H 4521 -27.42 87.55 -54.83
C LYS H 4521 -27.82 87.51 -56.30
N VAL H 4522 -29.13 87.59 -56.53
CA VAL H 4522 -29.66 87.66 -57.87
C VAL H 4522 -29.94 89.11 -58.20
N SER H 4523 -29.72 89.48 -59.46
CA SER H 4523 -29.88 90.85 -59.90
C SER H 4523 -30.44 90.89 -61.31
N THR H 4524 -30.76 92.09 -61.77
CA THR H 4524 -31.25 92.32 -63.11
C THR H 4524 -30.13 91.98 -64.10
N ILE H 4555 -37.14 90.09 -67.42
CA ILE H 4555 -35.86 90.62 -67.00
C ILE H 4555 -34.79 89.53 -67.03
N ALA H 4556 -33.58 89.90 -67.44
CA ALA H 4556 -32.48 88.95 -67.46
C ALA H 4556 -32.10 88.53 -66.05
N VAL H 4557 -31.76 87.26 -65.89
CA VAL H 4557 -31.44 86.69 -64.58
C VAL H 4557 -30.00 86.20 -64.62
N HIS H 4558 -29.16 86.76 -63.75
CA HIS H 4558 -27.81 86.29 -63.54
C HIS H 4558 -27.43 86.51 -62.09
N TYR H 4559 -26.52 85.68 -61.58
CA TYR H 4559 -26.11 85.72 -60.19
C TYR H 4559 -24.76 86.39 -60.08
N VAL H 4560 -24.68 87.43 -59.24
CA VAL H 4560 -23.48 88.23 -59.08
C VAL H 4560 -23.10 88.22 -57.61
N LEU H 4561 -21.79 88.14 -57.34
CA LEU H 4561 -21.28 88.15 -55.98
C LEU H 4561 -21.37 89.57 -55.43
N GLU H 4562 -21.96 89.73 -54.26
CA GLU H 4562 -22.06 91.03 -53.60
C GLU H 4562 -21.17 91.02 -52.36
N GLU H 4563 -20.27 92.00 -52.29
CA GLU H 4563 -19.33 92.08 -51.18
C GLU H 4563 -18.74 93.48 -51.14
N SER H 4564 -18.15 93.82 -49.99
CA SER H 4564 -17.48 95.11 -49.87
C SER H 4564 -16.01 95.01 -50.25
N SER H 4565 -15.43 93.82 -50.09
CA SER H 4565 -14.00 93.66 -50.38
C SER H 4565 -13.71 93.79 -51.86
N GLY H 4566 -14.50 93.12 -52.70
CA GLY H 4566 -14.23 93.05 -54.12
C GLY H 4566 -13.18 92.04 -54.52
N TYR H 4567 -12.33 91.60 -53.57
CA TYR H 4567 -11.32 90.59 -53.82
C TYR H 4567 -11.85 89.18 -53.64
N MET H 4568 -13.08 89.03 -53.17
CA MET H 4568 -13.63 87.71 -52.89
C MET H 4568 -13.92 86.94 -54.17
N GLU H 4569 -14.37 87.64 -55.22
CA GLU H 4569 -14.62 86.96 -56.49
C GLU H 4569 -13.34 86.38 -57.09
N PRO H 4570 -12.23 87.13 -57.19
CA PRO H 4570 -10.97 86.47 -57.55
C PRO H 4570 -10.58 85.38 -56.58
N THR H 4571 -10.85 85.58 -55.30
CA THR H 4571 -10.60 84.53 -54.32
C THR H 4571 -11.42 83.29 -54.63
N LEU H 4572 -12.68 83.47 -55.02
CA LEU H 4572 -13.51 82.35 -55.44
C LEU H 4572 -12.96 81.65 -56.67
N ARG H 4573 -12.47 82.38 -57.67
CA ARG H 4573 -11.86 81.76 -58.84
C ARG H 4573 -10.64 80.93 -58.46
N ILE H 4574 -9.75 81.50 -57.63
CA ILE H 4574 -8.56 80.78 -57.21
C ILE H 4574 -8.94 79.53 -56.41
N LEU H 4575 -9.95 79.66 -55.54
CA LEU H 4575 -10.36 78.52 -54.73
C LEU H 4575 -10.97 77.42 -55.59
N ALA H 4576 -11.75 77.79 -56.61
CA ALA H 4576 -12.29 76.78 -57.50
C ALA H 4576 -11.20 76.05 -58.26
N ILE H 4577 -10.21 76.79 -58.77
CA ILE H 4577 -9.09 76.16 -59.46
C ILE H 4577 -8.35 75.22 -58.51
N LEU H 4578 -8.10 75.69 -57.28
CA LEU H 4578 -7.39 74.87 -56.30
C LEU H 4578 -8.17 73.61 -55.97
N HIS H 4579 -9.50 73.72 -55.82
CA HIS H 4579 -10.31 72.55 -55.54
C HIS H 4579 -10.22 71.55 -56.67
N THR H 4580 -10.33 72.01 -57.91
CA THR H 4580 -10.21 71.11 -59.05
C THR H 4580 -8.85 70.44 -59.13
N VAL H 4581 -7.77 71.16 -58.84
CA VAL H 4581 -6.44 70.56 -58.87
C VAL H 4581 -6.27 69.54 -57.75
N ILE H 4582 -6.70 69.88 -56.54
CA ILE H 4582 -6.55 68.98 -55.40
C ILE H 4582 -7.36 67.71 -55.60
N SER H 4583 -8.53 67.84 -56.24
CA SER H 4583 -9.34 66.64 -56.49
C SER H 4583 -8.64 65.69 -57.47
N PHE H 4584 -8.02 66.24 -58.51
CA PHE H 4584 -7.23 65.40 -59.43
C PHE H 4584 -6.08 64.73 -58.69
N PHE H 4585 -5.41 65.49 -57.84
CA PHE H 4585 -4.35 64.91 -57.03
C PHE H 4585 -4.87 63.81 -56.10
N CYS H 4586 -6.08 63.94 -55.59
CA CYS H 4586 -6.72 62.91 -54.80
C CYS H 4586 -7.00 61.65 -55.60
N ILE H 4587 -7.47 61.79 -56.84
CA ILE H 4587 -7.62 60.62 -57.70
C ILE H 4587 -6.27 59.94 -57.94
N ILE H 4588 -5.22 60.72 -58.22
CA ILE H 4588 -3.91 60.12 -58.43
C ILE H 4588 -3.44 59.40 -57.16
N GLY H 4589 -3.60 60.04 -56.01
CA GLY H 4589 -3.19 59.41 -54.76
C GLY H 4589 -3.94 58.13 -54.48
N TYR H 4590 -5.25 58.13 -54.75
CA TYR H 4590 -6.03 56.91 -54.63
C TYR H 4590 -5.47 55.82 -55.52
N TYR H 4591 -5.23 56.13 -56.80
CA TYR H 4591 -4.76 55.13 -57.73
C TYR H 4591 -3.38 54.61 -57.37
N CYS H 4592 -2.56 55.43 -56.70
CA CYS H 4592 -1.25 54.98 -56.24
C CYS H 4592 -1.35 54.11 -55.00
N LEU H 4593 -2.26 54.45 -54.08
CA LEU H 4593 -2.25 53.84 -52.76
C LEU H 4593 -3.26 52.72 -52.60
N LYS H 4594 -4.54 53.02 -52.82
CA LYS H 4594 -5.59 52.09 -52.44
C LYS H 4594 -5.82 51.03 -53.52
N VAL H 4595 -5.63 51.39 -54.79
CA VAL H 4595 -5.85 50.49 -55.92
C VAL H 4595 -5.01 49.22 -55.79
N PRO H 4596 -3.73 49.28 -55.41
CA PRO H 4596 -2.98 48.04 -55.21
C PRO H 4596 -3.62 47.09 -54.23
N LEU H 4597 -4.22 47.59 -53.15
CA LEU H 4597 -4.89 46.70 -52.20
C LEU H 4597 -6.10 46.02 -52.85
N VAL H 4598 -6.88 46.77 -53.62
CA VAL H 4598 -8.03 46.17 -54.29
C VAL H 4598 -7.60 45.11 -55.28
N ILE H 4599 -6.56 45.38 -56.06
CA ILE H 4599 -6.05 44.40 -56.99
C ILE H 4599 -5.53 43.17 -56.25
N PHE H 4600 -4.81 43.37 -55.15
CA PHE H 4600 -4.31 42.25 -54.36
C PHE H 4600 -5.46 41.38 -53.85
N LYS H 4601 -6.50 42.02 -53.31
CA LYS H 4601 -7.62 41.26 -52.77
C LYS H 4601 -8.34 40.49 -53.86
N ARG H 4602 -8.64 41.13 -54.99
CA ARG H 4602 -9.33 40.43 -56.06
C ARG H 4602 -8.48 39.31 -56.64
N GLU H 4603 -7.18 39.55 -56.82
CA GLU H 4603 -6.28 38.57 -57.40
C GLU H 4603 -5.99 37.42 -56.45
N LYS H 4604 -6.17 37.62 -55.15
CA LYS H 4604 -6.12 36.53 -54.18
C LYS H 4604 -7.43 35.74 -54.16
N GLU H 4605 -8.56 36.42 -54.20
CA GLU H 4605 -9.84 35.73 -54.19
C GLU H 4605 -10.00 34.85 -55.42
N VAL H 4606 -9.59 35.35 -56.59
CA VAL H 4606 -9.71 34.55 -57.81
C VAL H 4606 -8.80 33.33 -57.72
N ALA H 4607 -7.61 33.49 -57.13
CA ALA H 4607 -6.70 32.36 -56.98
C ALA H 4607 -7.28 31.30 -56.06
N ARG H 4608 -7.84 31.71 -54.92
CA ARG H 4608 -8.44 30.75 -54.01
C ARG H 4608 -9.65 30.07 -54.64
N LYS H 4609 -10.48 30.81 -55.36
CA LYS H 4609 -11.63 30.20 -56.02
C LYS H 4609 -11.19 29.21 -57.09
N LEU H 4610 -10.14 29.55 -57.83
CA LEU H 4610 -9.63 28.66 -58.86
C LEU H 4610 -9.05 27.38 -58.27
N GLU H 4611 -8.31 27.51 -57.16
CA GLU H 4611 -7.63 26.34 -56.61
C GLU H 4611 -8.55 25.49 -55.77
N PHE H 4612 -9.11 26.05 -54.70
CA PHE H 4612 -9.84 25.25 -53.74
C PHE H 4612 -11.31 25.09 -54.08
N ASP H 4613 -11.76 25.67 -55.20
CA ASP H 4613 -13.14 25.52 -55.64
C ASP H 4613 -13.28 25.10 -57.09
N GLY H 4614 -12.26 25.31 -57.92
CA GLY H 4614 -12.35 25.00 -59.33
C GLY H 4614 -13.42 25.82 -60.01
N LEU H 4615 -13.45 27.11 -59.71
CA LEU H 4615 -14.52 27.97 -60.19
C LEU H 4615 -14.45 28.23 -61.69
N TYR H 4616 -13.33 27.92 -62.33
CA TYR H 4616 -13.24 27.94 -63.79
C TYR H 4616 -12.86 26.58 -64.36
N ILE H 4617 -12.77 25.54 -63.51
CA ILE H 4617 -12.46 24.20 -63.96
C ILE H 4617 -13.59 23.26 -63.59
N THR H 4618 -13.85 23.11 -62.29
CA THR H 4618 -14.92 22.23 -61.86
C THR H 4618 -16.27 22.75 -62.30
N GLU H 4619 -16.48 24.06 -62.19
CA GLU H 4619 -17.73 24.69 -62.61
C GLU H 4619 -17.43 26.05 -63.22
N GLN H 4620 -18.49 26.78 -63.55
CA GLN H 4620 -18.41 28.02 -64.31
C GLN H 4620 -19.18 29.12 -63.59
N PRO H 4621 -18.84 30.38 -63.85
CA PRO H 4621 -19.47 31.49 -63.12
C PRO H 4621 -20.99 31.47 -63.25
N SER H 4622 -21.64 32.16 -62.31
CA SER H 4622 -23.09 32.06 -62.16
C SER H 4622 -23.86 32.70 -63.30
N GLU H 4623 -23.17 33.22 -64.32
CA GLU H 4623 -23.79 33.83 -65.50
C GLU H 4623 -24.50 35.14 -65.17
N ASP H 4624 -24.37 35.62 -63.94
CA ASP H 4624 -24.80 36.96 -63.57
C ASP H 4624 -23.82 37.65 -62.63
N ASP H 4625 -22.59 37.15 -62.53
CA ASP H 4625 -21.57 37.71 -61.65
C ASP H 4625 -20.59 38.51 -62.49
N ILE H 4626 -20.77 39.84 -62.48
CA ILE H 4626 -19.90 40.72 -63.25
C ILE H 4626 -18.44 40.47 -62.85
N LYS H 4627 -18.21 40.36 -61.55
CA LYS H 4627 -16.87 40.05 -61.05
C LYS H 4627 -16.37 38.73 -61.64
N GLY H 4628 -17.22 37.72 -61.70
CA GLY H 4628 -16.78 36.42 -62.20
C GLY H 4628 -16.40 36.46 -63.67
N GLN H 4629 -17.26 37.00 -64.51
CA GLN H 4629 -16.95 36.99 -65.94
C GLN H 4629 -15.85 37.99 -66.28
N TRP H 4630 -15.63 38.99 -65.42
CA TRP H 4630 -14.49 39.86 -65.65
C TRP H 4630 -13.19 39.21 -65.21
N ASP H 4631 -13.21 38.47 -64.10
CA ASP H 4631 -12.03 37.78 -63.63
C ASP H 4631 -11.68 36.57 -64.48
N ARG H 4632 -12.62 36.08 -65.29
CA ARG H 4632 -12.27 35.02 -66.23
C ARG H 4632 -11.17 35.48 -67.19
N LEU H 4633 -11.00 36.79 -67.37
CA LEU H 4633 -9.95 37.27 -68.26
C LEU H 4633 -8.56 37.09 -67.66
N VAL H 4634 -8.40 37.33 -66.36
CA VAL H 4634 -7.06 37.47 -65.79
C VAL H 4634 -6.31 36.14 -65.72
N ILE H 4635 -7.01 35.01 -65.69
CA ILE H 4635 -6.34 33.72 -65.52
C ILE H 4635 -5.37 33.39 -66.65
N ASN H 4636 -5.59 33.94 -67.84
CA ASN H 4636 -4.72 33.67 -68.98
C ASN H 4636 -3.52 34.60 -69.05
N THR H 4637 -3.45 35.60 -68.18
CA THR H 4637 -2.40 36.61 -68.26
C THR H 4637 -1.08 36.07 -67.70
N GLN H 4638 0.01 36.45 -68.35
CA GLN H 4638 1.34 36.07 -67.87
C GLN H 4638 1.68 36.77 -66.57
N SER H 4639 1.15 37.98 -66.35
CA SER H 4639 1.47 38.78 -65.19
C SER H 4639 0.57 38.51 -64.00
N PHE H 4640 0.02 37.31 -63.89
CA PHE H 4640 -0.89 36.96 -62.81
C PHE H 4640 0.04 36.69 -61.61
N PRO H 4641 -0.47 36.28 -60.43
CA PRO H 4641 0.00 36.89 -59.17
C PRO H 4641 0.92 38.09 -59.30
N ASN H 4642 0.48 39.19 -59.92
CA ASN H 4642 1.29 40.40 -59.91
C ASN H 4642 1.39 40.99 -58.52
N ASN H 4643 0.26 41.09 -57.82
CA ASN H 4643 0.24 41.66 -56.48
C ASN H 4643 0.19 40.59 -55.39
N TYR H 4644 -0.53 39.50 -55.63
CA TYR H 4644 -0.61 38.42 -54.67
C TYR H 4644 0.72 37.69 -54.57
N TRP H 4645 1.05 37.26 -53.36
CA TRP H 4645 2.35 36.66 -53.08
C TRP H 4645 2.54 35.30 -53.71
N ASP H 4646 1.52 34.45 -53.68
CA ASP H 4646 1.67 33.06 -54.13
C ASP H 4646 1.88 33.03 -55.63
N LYS H 4647 3.13 32.90 -56.06
CA LYS H 4647 3.48 32.90 -57.47
C LYS H 4647 3.34 31.52 -58.10
N PHE H 4648 2.91 30.53 -57.32
CA PHE H 4648 2.77 29.16 -57.79
C PHE H 4648 1.31 28.73 -57.93
N VAL H 4649 0.40 29.70 -58.06
CA VAL H 4649 -1.02 29.37 -58.10
C VAL H 4649 -1.34 28.52 -59.31
N LYS H 4650 -0.81 28.87 -60.48
CA LYS H 4650 -1.08 28.10 -61.69
C LYS H 4650 -0.55 26.68 -61.57
N ARG H 4651 0.66 26.51 -61.04
CA ARG H 4651 1.23 25.18 -60.87
C ARG H 4651 0.40 24.37 -59.87
N LYS H 4652 -0.07 24.99 -58.80
CA LYS H 4652 -0.92 24.29 -57.85
C LYS H 4652 -2.21 23.83 -58.49
N VAL H 4653 -2.81 24.69 -59.33
CA VAL H 4653 -4.05 24.32 -60.01
C VAL H 4653 -3.81 23.14 -60.94
N MET H 4654 -2.69 23.17 -61.69
CA MET H 4654 -2.38 22.05 -62.57
C MET H 4654 -2.13 20.76 -61.78
N ASP H 4655 -1.41 20.87 -60.67
CA ASP H 4655 -1.17 19.69 -59.84
C ASP H 4655 -2.46 19.14 -59.22
N LYS H 4656 -3.45 19.98 -58.99
CA LYS H 4656 -4.71 19.50 -58.43
C LYS H 4656 -5.63 18.89 -59.49
N TYR H 4657 -5.89 19.61 -60.57
CA TYR H 4657 -6.90 19.20 -61.54
C TYR H 4657 -6.30 18.68 -62.85
N GLY H 4658 -4.97 18.69 -62.99
CA GLY H 4658 -4.38 18.38 -64.29
C GLY H 4658 -4.71 16.99 -64.79
N GLU H 4659 -4.64 15.98 -63.92
CA GLU H 4659 -4.84 14.61 -64.35
C GLU H 4659 -6.30 14.34 -64.72
N PHE H 4660 -7.23 14.80 -63.90
CA PHE H 4660 -8.63 14.39 -64.05
C PHE H 4660 -9.28 15.07 -65.24
N TYR H 4661 -9.03 16.37 -65.43
CA TYR H 4661 -9.71 17.16 -66.44
C TYR H 4661 -8.85 17.46 -67.67
N GLY H 4662 -7.56 17.19 -67.63
CA GLY H 4662 -6.75 17.41 -68.81
C GLY H 4662 -5.67 18.47 -68.66
N ARG H 4663 -4.42 18.00 -68.58
CA ARG H 4663 -3.30 18.89 -68.34
C ARG H 4663 -3.14 19.92 -69.46
N ASP H 4664 -3.31 19.49 -70.71
CA ASP H 4664 -3.15 20.40 -71.83
C ASP H 4664 -4.19 21.52 -71.81
N ARG H 4665 -5.46 21.17 -71.58
CA ARG H 4665 -6.49 22.20 -71.64
C ARG H 4665 -6.38 23.11 -70.42
N ILE H 4666 -5.94 22.58 -69.28
CA ILE H 4666 -5.72 23.42 -68.12
C ILE H 4666 -4.54 24.36 -68.35
N SER H 4667 -3.51 23.89 -69.03
CA SER H 4667 -2.43 24.78 -69.42
C SER H 4667 -2.91 25.90 -70.35
N GLU H 4668 -3.78 25.57 -71.30
CA GLU H 4668 -4.38 26.61 -72.13
C GLU H 4668 -5.21 27.58 -71.30
N LEU H 4669 -5.99 27.06 -70.36
CA LEU H 4669 -6.85 27.91 -69.53
C LEU H 4669 -6.02 28.86 -68.66
N LEU H 4670 -4.90 28.38 -68.14
CA LEU H 4670 -4.05 29.18 -67.27
C LEU H 4670 -2.98 29.93 -68.06
N GLY H 4671 -2.95 29.79 -69.37
CA GLY H 4671 -2.01 30.56 -70.18
C GLY H 4671 -0.57 30.20 -69.96
N MET H 4672 -0.28 28.91 -69.76
CA MET H 4672 1.09 28.45 -69.68
C MET H 4672 1.41 27.52 -70.85
N ASP H 4673 2.69 27.16 -70.96
CA ASP H 4673 3.22 26.48 -72.13
C ASP H 4673 3.53 25.02 -71.77
N LYS H 4674 2.81 24.10 -72.39
CA LYS H 4674 3.08 22.68 -72.20
C LYS H 4674 4.38 22.24 -72.88
N ALA H 4675 4.46 22.41 -74.20
CA ALA H 4675 5.60 21.93 -74.97
C ALA H 4675 6.76 22.91 -75.01
N ALA H 4676 6.59 24.15 -74.56
CA ALA H 4676 7.69 25.11 -74.57
C ALA H 4676 8.47 25.12 -73.27
N LEU H 4677 7.84 24.80 -72.14
CA LEU H 4677 8.55 24.81 -70.86
C LEU H 4677 9.66 23.77 -70.85
N ASP H 4678 9.35 22.54 -71.26
CA ASP H 4678 10.37 21.49 -71.30
C ASP H 4678 11.40 21.76 -72.39
N PHE H 4679 10.97 22.33 -73.51
CA PHE H 4679 11.91 22.69 -74.57
C PHE H 4679 12.92 23.72 -74.09
N SER H 4680 12.47 24.66 -73.24
CA SER H 4680 13.39 25.65 -72.68
C SER H 4680 14.43 24.98 -71.79
N ASP H 4681 14.02 24.04 -70.95
CA ASP H 4681 14.98 23.34 -70.10
C ASP H 4681 15.88 22.43 -70.92
N ALA H 4682 15.43 22.06 -72.12
CA ALA H 4682 16.27 21.29 -73.02
C ALA H 4682 17.46 22.13 -73.48
N ARG H 4683 18.33 21.54 -74.29
CA ARG H 4683 19.56 22.20 -74.67
C ARG H 4683 19.39 22.98 -75.98
N GLU H 4684 19.43 24.31 -75.87
CA GLU H 4684 19.47 25.18 -77.04
C GLU H 4684 20.08 26.51 -76.62
N LYS H 4685 20.46 27.32 -77.61
CA LYS H 4685 21.04 28.62 -77.32
C LYS H 4685 19.95 29.62 -76.97
N LYS H 4686 20.25 30.46 -75.97
CA LYS H 4686 19.31 31.46 -75.48
C LYS H 4686 19.87 32.86 -75.72
N LYS H 4687 18.98 33.82 -75.97
CA LYS H 4687 19.37 35.17 -76.32
C LYS H 4687 18.78 36.16 -75.33
N PRO H 4688 19.60 37.01 -74.71
CA PRO H 4688 19.07 38.00 -73.76
C PRO H 4688 18.39 39.16 -74.48
N LYS H 4689 17.71 39.99 -73.67
CA LYS H 4689 17.01 41.16 -74.16
C LYS H 4689 17.30 42.32 -73.21
N LYS H 4690 17.04 43.54 -73.68
CA LYS H 4690 17.31 44.75 -72.90
C LYS H 4690 16.04 45.58 -72.86
N ASP H 4691 15.68 46.07 -71.67
CA ASP H 4691 14.30 46.50 -71.41
C ASP H 4691 13.97 47.83 -72.08
N SER H 4692 14.89 48.79 -72.07
CA SER H 4692 14.53 50.16 -72.44
C SER H 4692 14.16 50.28 -73.90
N SER H 4693 14.42 49.26 -74.71
CA SER H 4693 13.99 49.27 -76.10
C SER H 4693 12.47 49.38 -76.17
N LEU H 4694 11.99 50.13 -77.17
CA LEU H 4694 10.55 50.36 -77.30
C LEU H 4694 9.79 49.05 -77.51
N SER H 4695 10.32 48.18 -78.37
CA SER H 4695 9.68 46.88 -78.57
C SER H 4695 9.66 46.08 -77.28
N ALA H 4696 10.77 46.09 -76.54
CA ALA H 4696 10.85 45.32 -75.31
C ALA H 4696 9.83 45.82 -74.29
N VAL H 4697 9.73 47.14 -74.10
CA VAL H 4697 8.84 47.66 -73.08
C VAL H 4697 7.38 47.46 -73.49
N LEU H 4698 7.06 47.68 -74.77
CA LEU H 4698 5.68 47.52 -75.20
C LEU H 4698 5.27 46.04 -75.18
N ASN H 4699 6.21 45.13 -75.37
CA ASN H 4699 5.90 43.72 -75.21
C ASN H 4699 5.77 43.35 -73.74
N SER H 4700 6.56 43.98 -72.87
CA SER H 4700 6.46 43.73 -71.44
C SER H 4700 5.11 44.21 -70.90
N ILE H 4701 4.54 45.25 -71.52
CA ILE H 4701 3.20 45.69 -71.15
C ILE H 4701 2.21 44.57 -71.45
N ASP H 4702 1.66 43.97 -70.40
CA ASP H 4702 0.69 42.89 -70.55
C ASP H 4702 -0.69 43.52 -70.74
N VAL H 4703 -1.13 43.61 -71.99
CA VAL H 4703 -2.33 44.37 -72.31
C VAL H 4703 -3.56 43.75 -71.66
N LYS H 4704 -3.62 42.42 -71.62
CA LYS H 4704 -4.81 41.76 -71.08
C LYS H 4704 -4.91 41.97 -69.57
N TYR H 4705 -3.79 41.80 -68.86
CA TYR H 4705 -3.81 42.01 -67.41
C TYR H 4705 -4.10 43.46 -67.07
N GLN H 4706 -3.53 44.41 -67.82
CA GLN H 4706 -3.81 45.81 -67.58
C GLN H 4706 -5.27 46.14 -67.86
N MET H 4707 -5.85 45.55 -68.89
CA MET H 4707 -7.27 45.73 -69.16
C MET H 4707 -8.12 45.22 -68.01
N TRP H 4708 -7.79 44.03 -67.50
CA TRP H 4708 -8.53 43.50 -66.35
C TRP H 4708 -8.38 44.40 -65.13
N LYS H 4709 -7.18 44.90 -64.90
CA LYS H 4709 -6.94 45.80 -63.76
C LYS H 4709 -7.75 47.08 -63.90
N LEU H 4710 -7.79 47.65 -65.11
CA LEU H 4710 -8.58 48.85 -65.33
C LEU H 4710 -10.06 48.58 -65.14
N GLY H 4711 -10.54 47.41 -65.56
CA GLY H 4711 -11.92 47.06 -65.31
C GLY H 4711 -12.23 46.97 -63.83
N VAL H 4712 -11.32 46.36 -63.06
CA VAL H 4712 -11.52 46.26 -61.63
C VAL H 4712 -11.56 47.65 -60.99
N VAL H 4713 -10.63 48.51 -61.40
CA VAL H 4713 -10.60 49.88 -60.87
C VAL H 4713 -11.89 50.61 -61.19
N PHE H 4714 -12.37 50.46 -62.43
CA PHE H 4714 -13.61 51.13 -62.83
C PHE H 4714 -14.79 50.62 -62.03
N THR H 4715 -14.82 49.32 -61.74
CA THR H 4715 -15.90 48.74 -60.96
C THR H 4715 -15.75 49.00 -59.46
N ASP H 4716 -14.61 49.54 -59.02
CA ASP H 4716 -14.45 49.89 -57.62
C ASP H 4716 -15.40 51.02 -57.22
N ASN H 4717 -15.95 50.92 -56.01
CA ASN H 4717 -16.91 51.93 -55.55
C ASN H 4717 -16.24 53.24 -55.19
N SER H 4718 -15.12 53.18 -54.47
CA SER H 4718 -14.47 54.40 -54.01
C SER H 4718 -13.90 55.18 -55.19
N PHE H 4719 -13.38 54.49 -56.19
CA PHE H 4719 -12.92 55.18 -57.39
C PHE H 4719 -14.06 55.87 -58.09
N LEU H 4720 -15.24 55.23 -58.11
CA LEU H 4720 -16.41 55.85 -58.71
C LEU H 4720 -16.83 57.09 -57.93
N TYR H 4721 -16.76 57.01 -56.59
CA TYR H 4721 -17.06 58.19 -55.79
C TYR H 4721 -16.10 59.33 -56.08
N LEU H 4722 -14.81 59.03 -56.19
CA LEU H 4722 -13.84 60.06 -56.54
C LEU H 4722 -14.04 60.61 -57.95
N ALA H 4723 -14.49 59.79 -58.88
CA ALA H 4723 -14.84 60.29 -60.22
C ALA H 4723 -16.05 61.21 -60.15
N TRP H 4724 -17.03 60.90 -59.32
CA TRP H 4724 -18.18 61.79 -59.13
C TRP H 4724 -17.73 63.11 -58.52
N TYR H 4725 -16.81 63.04 -57.56
CA TYR H 4725 -16.20 64.24 -57.00
C TYR H 4725 -15.53 65.07 -58.09
N MET H 4726 -14.77 64.39 -58.97
CA MET H 4726 -14.17 65.04 -60.12
C MET H 4726 -15.21 65.76 -60.97
N THR H 4727 -16.28 65.07 -61.32
CA THR H 4727 -17.27 65.66 -62.20
C THR H 4727 -17.94 66.87 -61.56
N MET H 4728 -18.28 66.77 -60.28
CA MET H 4728 -18.89 67.90 -59.58
C MET H 4728 -17.92 69.07 -59.49
N SER H 4729 -16.65 68.80 -59.21
CA SER H 4729 -15.68 69.88 -59.13
C SER H 4729 -15.51 70.58 -60.47
N VAL H 4730 -15.48 69.82 -61.57
CA VAL H 4730 -15.37 70.43 -62.88
C VAL H 4730 -16.61 71.25 -63.21
N LEU H 4731 -17.79 70.69 -62.93
CA LEU H 4731 -19.02 71.39 -63.25
C LEU H 4731 -19.20 72.65 -62.41
N GLY H 4732 -18.54 72.69 -61.25
CA GLY H 4732 -18.59 73.89 -60.42
C GLY H 4732 -18.05 75.11 -61.12
N HIS H 4733 -17.15 74.92 -62.08
CA HIS H 4733 -16.61 76.06 -62.81
C HIS H 4733 -17.67 76.68 -63.71
N TYR H 4734 -18.52 75.85 -64.31
CA TYR H 4734 -19.61 76.38 -65.11
C TYR H 4734 -20.72 76.96 -64.24
N ASN H 4735 -21.05 76.27 -63.15
CA ASN H 4735 -22.04 76.76 -62.19
C ASN H 4735 -21.48 76.54 -60.79
N ASN H 4736 -21.18 77.64 -60.10
CA ASN H 4736 -20.44 77.56 -58.84
C ASN H 4736 -21.22 76.83 -57.75
N PHE H 4737 -22.55 76.76 -57.85
CA PHE H 4737 -23.31 76.08 -56.81
C PHE H 4737 -23.15 74.56 -56.87
N PHE H 4738 -22.53 74.03 -57.93
CA PHE H 4738 -22.25 72.60 -57.95
C PHE H 4738 -21.24 72.22 -56.90
N PHE H 4739 -20.48 73.19 -56.37
CA PHE H 4739 -19.56 72.91 -55.28
C PHE H 4739 -20.29 72.58 -53.99
N ALA H 4740 -21.58 72.89 -53.89
CA ALA H 4740 -22.34 72.53 -52.70
C ALA H 4740 -22.50 71.02 -52.56
N ALA H 4741 -22.44 70.27 -53.65
CA ALA H 4741 -22.54 68.83 -53.56
C ALA H 4741 -21.38 68.23 -52.79
N HIS H 4742 -20.24 68.93 -52.75
CA HIS H 4742 -19.07 68.41 -52.06
C HIS H 4742 -19.23 68.46 -50.55
N LEU H 4743 -20.21 69.19 -50.04
CA LEU H 4743 -20.50 69.17 -48.62
C LEU H 4743 -21.10 67.85 -48.17
N LEU H 4744 -21.51 67.00 -49.11
CA LEU H 4744 -22.00 65.66 -48.80
C LEU H 4744 -20.86 64.71 -48.46
N ASP H 4745 -19.62 65.20 -48.46
CA ASP H 4745 -18.45 64.39 -48.16
C ASP H 4745 -18.11 64.37 -46.68
N ILE H 4746 -18.81 65.16 -45.85
CA ILE H 4746 -18.51 65.18 -44.42
C ILE H 4746 -18.79 63.82 -43.79
N ALA H 4747 -19.79 63.10 -44.32
CA ALA H 4747 -20.14 61.78 -43.79
C ALA H 4747 -18.96 60.84 -43.84
N MET H 4748 -18.25 60.80 -44.96
CA MET H 4748 -17.07 59.97 -45.10
C MET H 4748 -15.80 60.69 -44.68
N GLY H 4749 -15.88 61.97 -44.34
CA GLY H 4749 -14.74 62.68 -43.79
C GLY H 4749 -14.55 62.46 -42.31
N PHE H 4750 -15.63 62.48 -41.53
CA PHE H 4750 -15.55 62.35 -40.08
C PHE H 4750 -16.24 61.09 -39.62
N LYS H 4751 -15.61 60.38 -38.66
CA LYS H 4751 -16.19 59.17 -38.10
C LYS H 4751 -17.34 59.50 -37.16
N THR H 4752 -17.21 60.59 -36.39
CA THR H 4752 -18.22 60.93 -35.40
C THR H 4752 -19.57 61.21 -36.07
N LEU H 4753 -19.55 61.94 -37.17
CA LEU H 4753 -20.77 62.15 -37.94
C LEU H 4753 -21.26 60.84 -38.54
N ARG H 4754 -20.33 59.95 -38.89
CA ARG H 4754 -20.71 58.65 -39.44
C ARG H 4754 -21.47 57.83 -38.41
N THR H 4755 -21.16 58.00 -37.12
CA THR H 4755 -21.92 57.31 -36.08
C THR H 4755 -23.39 57.75 -36.08
N ILE H 4756 -23.62 59.07 -36.11
CA ILE H 4756 -24.98 59.58 -36.12
C ILE H 4756 -25.71 59.13 -37.36
N LEU H 4757 -25.03 59.15 -38.52
CA LEU H 4757 -25.69 58.73 -39.75
C LEU H 4757 -25.95 57.22 -39.76
N SER H 4758 -25.06 56.43 -39.15
CA SER H 4758 -25.30 54.99 -39.04
C SER H 4758 -26.49 54.71 -38.13
N SER H 4759 -26.73 55.59 -37.15
CA SER H 4759 -27.93 55.45 -36.34
C SER H 4759 -29.18 55.51 -37.20
N VAL H 4760 -29.12 56.19 -38.34
CA VAL H 4760 -30.28 56.23 -39.24
C VAL H 4760 -30.22 55.06 -40.22
N THR H 4761 -29.07 54.83 -40.82
CA THR H 4761 -28.97 53.84 -41.90
C THR H 4761 -29.01 52.41 -41.37
N HIS H 4762 -28.93 52.23 -40.05
CA HIS H 4762 -28.95 50.90 -39.47
C HIS H 4762 -30.26 50.19 -39.76
N ASN H 4763 -31.35 50.92 -39.69
CA ASN H 4763 -32.69 50.39 -39.95
C ASN H 4763 -33.30 51.04 -41.19
N GLY H 4764 -32.49 51.19 -42.24
CA GLY H 4764 -32.98 51.87 -43.43
C GLY H 4764 -34.08 51.11 -44.14
N LYS H 4765 -33.98 49.79 -44.19
CA LYS H 4765 -35.03 48.99 -44.82
C LYS H 4765 -36.33 49.14 -44.05
N GLN H 4766 -36.26 49.09 -42.72
CA GLN H 4766 -37.46 49.28 -41.91
C GLN H 4766 -38.03 50.66 -42.10
N LEU H 4767 -37.18 51.68 -42.21
CA LEU H 4767 -37.63 53.05 -42.42
C LEU H 4767 -38.30 53.23 -43.77
N VAL H 4768 -37.79 52.59 -44.81
CA VAL H 4768 -38.42 52.63 -46.13
C VAL H 4768 -39.76 51.91 -46.12
N LEU H 4769 -39.82 50.74 -45.48
CA LEU H 4769 -41.09 50.01 -45.39
C LEU H 4769 -42.12 50.80 -44.58
N THR H 4770 -41.67 51.53 -43.57
CA THR H 4770 -42.59 52.37 -42.79
C THR H 4770 -43.20 53.45 -43.68
N VAL H 4771 -42.39 54.09 -44.52
CA VAL H 4771 -42.91 55.09 -45.43
C VAL H 4771 -43.88 54.46 -46.43
N GLY H 4772 -43.56 53.26 -46.93
CA GLY H 4772 -44.49 52.59 -47.82
C GLY H 4772 -45.82 52.28 -47.16
N LEU H 4773 -45.78 51.79 -45.91
CA LEU H 4773 -47.00 51.54 -45.17
C LEU H 4773 -47.78 52.82 -44.93
N LEU H 4774 -47.09 53.92 -44.63
CA LEU H 4774 -47.76 55.21 -44.48
C LEU H 4774 -48.45 55.60 -45.78
N ALA H 4775 -47.78 55.41 -46.91
CA ALA H 4775 -48.39 55.71 -48.21
C ALA H 4775 -49.63 54.87 -48.46
N VAL H 4776 -49.59 53.58 -48.15
CA VAL H 4776 -50.76 52.72 -48.32
C VAL H 4776 -51.91 53.16 -47.43
N VAL H 4777 -51.62 53.47 -46.16
CA VAL H 4777 -52.68 53.87 -45.23
C VAL H 4777 -53.31 55.19 -45.69
N VAL H 4778 -52.46 56.14 -46.10
CA VAL H 4778 -52.97 57.40 -46.64
C VAL H 4778 -53.77 57.19 -47.91
N TYR H 4779 -53.39 56.24 -48.76
CA TYR H 4779 -54.20 55.94 -49.93
C TYR H 4779 -55.56 55.40 -49.56
N LEU H 4780 -55.63 54.53 -48.54
CA LEU H 4780 -56.93 54.03 -48.10
C LEU H 4780 -57.80 55.17 -47.56
N TYR H 4781 -57.20 56.06 -46.77
CA TYR H 4781 -57.95 57.22 -46.28
C TYR H 4781 -58.41 58.10 -47.45
N THR H 4782 -57.57 58.25 -48.47
CA THR H 4782 -57.95 59.05 -49.63
C THR H 4782 -59.09 58.41 -50.40
N VAL H 4783 -59.10 57.08 -50.49
CA VAL H 4783 -60.20 56.38 -51.12
C VAL H 4783 -61.50 56.66 -50.37
N VAL H 4784 -61.46 56.56 -49.04
CA VAL H 4784 -62.66 56.83 -48.26
C VAL H 4784 -63.13 58.26 -48.46
N ALA H 4785 -62.19 59.21 -48.43
CA ALA H 4785 -62.56 60.61 -48.61
C ALA H 4785 -63.14 60.87 -49.98
N PHE H 4786 -62.54 60.31 -51.03
CA PHE H 4786 -63.02 60.47 -52.39
C PHE H 4786 -64.38 59.83 -52.60
N ASN H 4787 -64.72 58.80 -51.85
CA ASN H 4787 -66.02 58.17 -51.97
C ASN H 4787 -67.11 58.88 -51.16
N PHE H 4788 -66.79 59.41 -50.00
CA PHE H 4788 -67.83 59.92 -49.12
C PHE H 4788 -67.70 61.38 -48.73
N PHE H 4789 -66.48 61.92 -48.64
CA PHE H 4789 -66.31 63.26 -48.10
C PHE H 4789 -65.70 64.23 -49.11
N ARG H 4790 -66.20 64.22 -50.34
CA ARG H 4790 -65.65 65.11 -51.36
C ARG H 4790 -65.98 66.57 -51.12
N LYS H 4791 -67.10 66.88 -50.48
CA LYS H 4791 -67.54 68.28 -50.43
C LYS H 4791 -66.82 69.07 -49.35
N PHE H 4792 -65.97 68.41 -48.56
CA PHE H 4792 -65.23 69.09 -47.51
C PHE H 4792 -63.87 69.61 -47.98
N TYR H 4793 -63.54 69.46 -49.25
CA TYR H 4793 -62.20 69.73 -49.75
C TYR H 4793 -62.18 70.97 -50.65
N ASN H 4794 -62.96 71.99 -50.30
CA ASN H 4794 -62.97 73.24 -51.03
C ASN H 4794 -61.96 74.18 -50.39
N LYS H 4795 -60.79 74.28 -51.01
CA LYS H 4795 -59.71 75.11 -50.47
C LYS H 4795 -59.70 76.48 -51.12
N SER H 4796 -60.88 76.99 -51.47
CA SER H 4796 -61.00 78.29 -52.12
C SER H 4796 -61.75 79.25 -51.20
N GLU H 4797 -61.18 80.43 -50.99
CA GLU H 4797 -61.81 81.41 -50.12
C GLU H 4797 -62.99 82.09 -50.80
N ASP H 4798 -62.82 82.52 -52.04
CA ASP H 4798 -63.89 83.17 -52.77
C ASP H 4798 -64.88 82.13 -53.29
N GLY H 4799 -66.18 82.39 -53.11
CA GLY H 4799 -67.18 81.44 -53.55
C GLY H 4799 -67.34 81.40 -55.05
N ASP H 4800 -66.80 82.40 -55.74
CA ASP H 4800 -66.94 82.46 -57.20
C ASP H 4800 -66.22 81.30 -57.88
N THR H 4801 -65.00 80.98 -57.42
CA THR H 4801 -64.24 79.90 -58.00
C THR H 4801 -64.01 78.82 -56.96
N PRO H 4802 -64.78 77.73 -56.96
CA PRO H 4802 -64.52 76.65 -55.99
C PRO H 4802 -63.31 75.82 -56.41
N ASP H 4803 -62.42 75.57 -55.47
CA ASP H 4803 -61.21 74.80 -55.71
C ASP H 4803 -61.35 73.45 -55.01
N MET H 4804 -61.77 72.46 -55.79
CA MET H 4804 -62.05 71.14 -55.24
C MET H 4804 -60.78 70.30 -55.28
N LYS H 4805 -60.32 69.87 -54.09
CA LYS H 4805 -59.07 69.12 -53.96
C LYS H 4805 -59.27 67.61 -54.00
N CYS H 4806 -60.51 67.12 -53.96
CA CYS H 4806 -60.75 65.69 -53.96
C CYS H 4806 -61.72 65.27 -55.06
N ASP H 4807 -61.87 66.09 -56.10
CA ASP H 4807 -62.66 65.66 -57.25
C ASP H 4807 -61.92 64.60 -58.06
N ASP H 4808 -60.59 64.69 -58.10
CA ASP H 4808 -59.76 63.72 -58.79
C ASP H 4808 -59.04 62.84 -57.79
N MET H 4809 -58.93 61.56 -58.10
CA MET H 4809 -58.33 60.61 -57.18
C MET H 4809 -56.87 60.94 -56.91
N LEU H 4810 -56.11 61.21 -57.97
CA LEU H 4810 -54.69 61.53 -57.82
C LEU H 4810 -54.49 62.84 -57.07
N THR H 4811 -55.31 63.85 -57.39
CA THR H 4811 -55.20 65.13 -56.70
C THR H 4811 -55.49 64.98 -55.22
N CYS H 4812 -56.52 64.19 -54.89
CA CYS H 4812 -56.87 63.97 -53.49
C CYS H 4812 -55.76 63.22 -52.76
N TYR H 4813 -55.15 62.24 -53.44
CA TYR H 4813 -54.06 61.50 -52.83
C TYR H 4813 -52.87 62.41 -52.56
N MET H 4814 -52.53 63.27 -53.52
CA MET H 4814 -51.42 64.21 -53.30
C MET H 4814 -51.75 65.19 -52.19
N PHE H 4815 -53.02 65.63 -52.11
CA PHE H 4815 -53.44 66.49 -51.03
C PHE H 4815 -53.20 65.84 -49.68
N HIS H 4816 -53.66 64.59 -49.54
CA HIS H 4816 -53.47 63.86 -48.29
C HIS H 4816 -51.99 63.61 -47.96
N MET H 4817 -51.18 63.27 -48.96
CA MET H 4817 -49.76 63.09 -48.73
C MET H 4817 -49.06 64.37 -48.31
N TYR H 4818 -49.39 65.50 -48.93
CA TYR H 4818 -48.68 66.73 -48.67
C TYR H 4818 -49.21 67.41 -47.41
N VAL H 4819 -50.44 67.90 -47.46
CA VAL H 4819 -50.94 68.77 -46.40
C VAL H 4819 -51.79 67.96 -45.43
N GLY H 4820 -51.85 66.66 -45.62
CA GLY H 4820 -52.50 65.80 -44.67
C GLY H 4820 -51.49 65.23 -43.70
N VAL H 4821 -50.27 64.99 -44.21
CA VAL H 4821 -49.22 64.46 -43.35
C VAL H 4821 -48.42 65.58 -42.72
N ARG H 4822 -48.12 66.65 -43.48
CA ARG H 4822 -47.32 67.72 -42.92
C ARG H 4822 -48.10 68.49 -41.86
N ALA H 4823 -49.43 68.37 -41.86
CA ALA H 4823 -50.24 69.04 -40.86
C ALA H 4823 -49.96 68.45 -39.49
N GLY H 4824 -50.02 69.30 -38.47
CA GLY H 4824 -49.72 68.88 -37.11
C GLY H 4824 -50.85 68.10 -36.46
N GLY H 4825 -52.07 68.28 -36.96
CA GLY H 4825 -53.23 67.60 -36.41
C GLY H 4825 -53.98 66.70 -37.36
N GLY H 4826 -53.38 66.31 -38.49
CA GLY H 4826 -54.07 65.47 -39.45
C GLY H 4826 -54.78 66.29 -40.51
N ILE H 4827 -55.53 65.56 -41.34
CA ILE H 4827 -56.23 66.18 -42.46
C ILE H 4827 -57.36 67.09 -41.99
N GLY H 4828 -57.95 66.79 -40.84
CA GLY H 4828 -59.03 67.61 -40.31
C GLY H 4828 -58.62 69.03 -39.98
N ASP H 4829 -57.33 69.28 -39.80
CA ASP H 4829 -56.84 70.64 -39.61
C ASP H 4829 -57.01 71.46 -40.89
N GLU H 4830 -56.95 70.83 -42.05
CA GLU H 4830 -57.01 71.54 -43.31
C GLU H 4830 -58.42 71.54 -43.91
N ILE H 4831 -59.07 70.36 -43.98
CA ILE H 4831 -60.40 70.31 -44.58
C ILE H 4831 -61.41 70.90 -43.61
N GLU H 4832 -62.57 71.31 -44.14
CA GLU H 4832 -63.49 72.19 -43.44
C GLU H 4832 -64.21 71.47 -42.29
N ASP H 4833 -64.82 72.28 -41.43
CA ASP H 4833 -65.44 71.76 -40.22
C ASP H 4833 -66.71 70.99 -40.56
N PRO H 4834 -66.98 69.88 -39.86
CA PRO H 4834 -68.11 69.03 -40.26
C PRO H 4834 -69.40 69.28 -39.49
N ALA H 4835 -69.44 70.33 -38.66
CA ALA H 4835 -70.58 70.53 -37.78
C ALA H 4835 -71.87 70.71 -38.57
N GLY H 4836 -72.95 70.16 -38.04
CA GLY H 4836 -74.24 70.25 -38.68
C GLY H 4836 -74.32 69.56 -40.02
N ASP H 4837 -73.82 68.33 -40.09
CA ASP H 4837 -73.90 67.54 -41.31
C ASP H 4837 -74.26 66.11 -40.97
N GLU H 4838 -74.87 65.42 -41.93
CA GLU H 4838 -75.30 64.05 -41.73
C GLU H 4838 -74.13 63.07 -41.60
N TYR H 4839 -72.94 63.45 -42.07
CA TYR H 4839 -71.74 62.64 -41.91
C TYR H 4839 -70.81 63.21 -40.86
N GLU H 4840 -71.35 63.94 -39.88
CA GLU H 4840 -70.49 64.61 -38.91
C GLU H 4840 -69.68 63.61 -38.10
N ILE H 4841 -70.35 62.61 -37.51
CA ILE H 4841 -69.64 61.64 -36.68
C ILE H 4841 -68.69 60.81 -37.53
N TYR H 4842 -69.08 60.52 -38.77
CA TYR H 4842 -68.20 59.75 -39.65
C TYR H 4842 -66.92 60.50 -39.93
N ARG H 4843 -67.03 61.81 -40.21
CA ARG H 4843 -65.82 62.58 -40.50
C ARG H 4843 -65.01 62.81 -39.23
N ILE H 4844 -65.68 62.90 -38.07
CA ILE H 4844 -64.94 63.00 -36.82
C ILE H 4844 -64.09 61.77 -36.61
N ILE H 4845 -64.68 60.58 -36.81
CA ILE H 4845 -63.92 59.34 -36.70
C ILE H 4845 -62.80 59.33 -37.72
N PHE H 4846 -63.10 59.75 -38.95
CA PHE H 4846 -62.10 59.81 -40.00
C PHE H 4846 -60.88 60.62 -39.58
N ASP H 4847 -61.11 61.84 -39.11
CA ASP H 4847 -60.02 62.72 -38.72
C ASP H 4847 -59.27 62.21 -37.50
N ILE H 4848 -59.98 61.72 -36.48
CA ILE H 4848 -59.32 61.26 -35.26
C ILE H 4848 -58.46 60.05 -35.57
N THR H 4849 -58.98 59.10 -36.36
CA THR H 4849 -58.20 57.92 -36.71
C THR H 4849 -57.02 58.29 -37.58
N PHE H 4850 -57.18 59.26 -38.50
CA PHE H 4850 -56.05 59.72 -39.29
C PHE H 4850 -54.96 60.29 -38.40
N PHE H 4851 -55.35 61.13 -37.43
CA PHE H 4851 -54.39 61.71 -36.52
C PHE H 4851 -53.68 60.63 -35.70
N PHE H 4852 -54.43 59.64 -35.24
CA PHE H 4852 -53.85 58.61 -34.38
C PHE H 4852 -52.90 57.71 -35.16
N PHE H 4853 -53.31 57.25 -36.33
CA PHE H 4853 -52.51 56.26 -37.05
C PHE H 4853 -51.35 56.90 -37.80
N VAL H 4854 -51.59 58.02 -38.47
CA VAL H 4854 -50.56 58.61 -39.31
C VAL H 4854 -49.65 59.51 -38.48
N ILE H 4855 -50.24 60.53 -37.85
CA ILE H 4855 -49.43 61.54 -37.17
C ILE H 4855 -48.80 60.96 -35.91
N VAL H 4856 -49.55 60.16 -35.14
CA VAL H 4856 -49.07 59.72 -33.84
C VAL H 4856 -48.26 58.45 -33.95
N ILE H 4857 -48.84 57.39 -34.51
CA ILE H 4857 -48.23 56.08 -34.41
C ILE H 4857 -47.07 55.91 -35.40
N LEU H 4858 -47.29 56.25 -36.67
CA LEU H 4858 -46.28 55.95 -37.69
C LEU H 4858 -45.01 56.77 -37.47
N LEU H 4859 -45.16 58.06 -37.19
CA LEU H 4859 -44.00 58.87 -36.86
C LEU H 4859 -43.32 58.35 -35.61
N ALA H 4860 -44.10 57.84 -34.65
CA ALA H 4860 -43.53 57.19 -33.49
C ALA H 4860 -42.75 55.95 -33.88
N ILE H 4861 -43.22 55.22 -34.90
CA ILE H 4861 -42.47 54.06 -35.39
C ILE H 4861 -41.14 54.50 -35.95
N ILE H 4862 -41.11 55.59 -36.72
CA ILE H 4862 -39.85 56.08 -37.27
C ILE H 4862 -38.89 56.46 -36.16
N GLN H 4863 -39.36 57.26 -35.19
CA GLN H 4863 -38.51 57.69 -34.10
C GLN H 4863 -38.02 56.50 -33.28
N GLY H 4864 -38.90 55.52 -33.05
CA GLY H 4864 -38.50 54.34 -32.32
C GLY H 4864 -37.46 53.52 -33.04
N LEU H 4865 -37.56 53.46 -34.37
CA LEU H 4865 -36.53 52.79 -35.15
C LEU H 4865 -35.19 53.47 -34.96
N ILE H 4866 -35.17 54.80 -34.99
CA ILE H 4866 -33.91 55.53 -34.80
C ILE H 4866 -33.34 55.25 -33.41
N ILE H 4867 -34.19 55.32 -32.38
CA ILE H 4867 -33.72 55.11 -31.01
C ILE H 4867 -33.21 53.69 -30.83
N ASP H 4868 -33.94 52.71 -31.37
CA ASP H 4868 -33.53 51.32 -31.26
C ASP H 4868 -32.22 51.07 -32.00
N ALA H 4869 -32.00 51.78 -33.12
CA ALA H 4869 -30.73 51.67 -33.81
C ALA H 4869 -29.59 52.19 -32.95
N PHE H 4870 -29.80 53.33 -32.29
CA PHE H 4870 -28.82 53.82 -31.32
C PHE H 4870 -28.50 52.75 -30.28
N GLY H 4871 -29.54 52.20 -29.67
CA GLY H 4871 -29.33 51.22 -28.62
C GLY H 4871 -28.60 49.98 -29.11
N GLU H 4872 -28.97 49.51 -30.31
CA GLU H 4872 -28.34 48.31 -30.85
C GLU H 4872 -26.88 48.55 -31.17
N LEU H 4873 -26.54 49.71 -31.71
CA LEU H 4873 -25.14 50.00 -31.98
C LEU H 4873 -24.34 50.05 -30.69
N ARG H 4874 -24.89 50.69 -29.65
CA ARG H 4874 -24.19 50.74 -28.38
C ARG H 4874 -24.01 49.33 -27.79
N ASP H 4875 -25.05 48.50 -27.89
CA ASP H 4875 -24.96 47.13 -27.39
C ASP H 4875 -23.94 46.32 -28.16
N GLN H 4876 -23.84 46.54 -29.48
CA GLN H 4876 -22.82 45.84 -30.26
C GLN H 4876 -21.43 46.22 -29.82
N GLN H 4877 -21.19 47.52 -29.62
CA GLN H 4877 -19.88 47.95 -29.13
C GLN H 4877 -19.56 47.33 -27.78
N GLU H 4878 -20.53 47.35 -26.87
CA GLU H 4878 -20.33 46.79 -25.54
C GLU H 4878 -20.07 45.29 -25.60
N GLN H 4879 -20.80 44.58 -26.45
CA GLN H 4879 -20.58 43.14 -26.59
C GLN H 4879 -19.17 42.86 -27.10
N VAL H 4880 -18.71 43.63 -28.09
CA VAL H 4880 -17.37 43.44 -28.61
C VAL H 4880 -16.33 43.63 -27.51
N LYS H 4881 -16.45 44.73 -26.75
CA LYS H 4881 -15.44 44.98 -25.73
C LYS H 4881 -15.49 43.93 -24.62
N GLU H 4882 -16.70 43.50 -24.24
CA GLU H 4882 -16.83 42.50 -23.19
C GLU H 4882 -16.21 41.17 -23.61
N ASP H 4883 -16.50 40.72 -24.84
CA ASP H 4883 -15.90 39.48 -25.33
C ASP H 4883 -14.39 39.61 -25.39
N MET H 4884 -13.90 40.73 -25.92
CA MET H 4884 -12.46 40.94 -26.07
C MET H 4884 -11.75 40.92 -24.71
N GLU H 4885 -12.39 41.48 -23.68
CA GLU H 4885 -11.77 41.54 -22.37
C GLU H 4885 -12.04 40.32 -21.50
N THR H 4886 -12.97 39.46 -21.88
CA THR H 4886 -13.27 38.31 -21.04
C THR H 4886 -12.64 37.03 -21.57
N LYS H 4887 -12.44 36.91 -22.88
CA LYS H 4887 -11.82 35.69 -23.39
C LYS H 4887 -10.73 36.03 -24.38
N CYS H 4888 -9.70 35.18 -24.41
CA CYS H 4888 -8.62 35.37 -25.36
C CYS H 4888 -9.10 35.17 -26.78
N PHE H 4889 -8.58 35.97 -27.70
CA PHE H 4889 -9.08 35.95 -29.07
C PHE H 4889 -8.77 34.62 -29.75
N ILE H 4890 -7.58 34.08 -29.52
CA ILE H 4890 -7.14 32.90 -30.27
C ILE H 4890 -7.65 31.63 -29.62
N CYS H 4891 -7.23 31.36 -28.37
CA CYS H 4891 -7.57 30.09 -27.75
C CYS H 4891 -9.02 30.06 -27.31
N GLY H 4892 -9.57 31.20 -26.91
CA GLY H 4892 -10.93 31.26 -26.44
C GLY H 4892 -11.14 30.88 -24.99
N ILE H 4893 -10.07 30.69 -24.23
CA ILE H 4893 -10.18 30.33 -22.82
C ILE H 4893 -10.61 31.55 -22.02
N GLY H 4894 -11.42 31.32 -20.98
CA GLY H 4894 -11.89 32.40 -20.15
C GLY H 4894 -10.78 33.09 -19.40
N ASN H 4895 -11.07 34.31 -18.95
CA ASN H 4895 -10.03 35.13 -18.33
C ASN H 4895 -9.69 34.63 -16.94
N ASP H 4896 -10.64 33.99 -16.25
CA ASP H 4896 -10.43 33.59 -14.87
C ASP H 4896 -9.31 32.56 -14.74
N TYR H 4897 -9.28 31.60 -15.66
CA TYR H 4897 -8.27 30.55 -15.61
C TYR H 4897 -6.87 31.15 -15.64
N PHE H 4898 -6.64 32.09 -16.55
CA PHE H 4898 -5.37 32.79 -16.58
C PHE H 4898 -5.20 33.71 -15.38
N ASP H 4899 -6.29 34.24 -14.85
CA ASP H 4899 -6.25 35.21 -13.77
C ASP H 4899 -6.02 34.58 -12.41
N THR H 4900 -6.03 33.25 -12.32
CA THR H 4900 -5.55 32.60 -11.10
C THR H 4900 -4.14 33.06 -10.76
N VAL H 4901 -3.32 33.31 -11.75
CA VAL H 4901 -2.06 34.03 -11.58
C VAL H 4901 -2.37 35.51 -11.74
N PRO H 4902 -1.86 36.38 -10.85
CA PRO H 4902 -2.16 37.81 -10.98
C PRO H 4902 -1.68 38.35 -12.32
N HIS H 4903 -2.54 39.16 -12.95
CA HIS H 4903 -2.26 39.75 -14.27
C HIS H 4903 -2.07 38.67 -15.33
N GLY H 4904 -2.56 37.46 -15.03
CA GLY H 4904 -2.34 36.34 -15.92
C GLY H 4904 -3.03 36.50 -17.25
N PHE H 4905 -4.24 37.06 -17.26
CA PHE H 4905 -4.95 37.24 -18.51
C PHE H 4905 -4.23 38.21 -19.43
N GLU H 4906 -3.77 39.35 -18.90
CA GLU H 4906 -3.07 40.30 -19.76
C GLU H 4906 -1.72 39.74 -20.19
N THR H 4907 -1.08 38.96 -19.33
CA THR H 4907 0.16 38.31 -19.73
C THR H 4907 -0.06 37.33 -20.87
N HIS H 4908 -1.14 36.55 -20.79
CA HIS H 4908 -1.46 35.60 -21.85
C HIS H 4908 -1.82 36.29 -23.15
N THR H 4909 -2.66 37.33 -23.07
CA THR H 4909 -3.17 37.97 -24.27
C THR H 4909 -2.19 38.95 -24.88
N LEU H 4910 -1.15 39.35 -24.15
CA LEU H 4910 -0.18 40.30 -24.66
C LEU H 4910 1.19 39.68 -24.94
N GLN H 4911 1.49 38.52 -24.36
CA GLN H 4911 2.78 37.87 -24.57
C GLN H 4911 2.63 36.51 -25.23
N GLU H 4912 1.75 35.64 -24.70
CA GLU H 4912 1.65 34.29 -25.24
C GLU H 4912 0.81 34.26 -26.50
N HIS H 4913 -0.47 34.63 -26.39
CA HIS H 4913 -1.41 34.61 -27.52
C HIS H 4913 -1.71 36.06 -27.89
N ASN H 4914 -0.96 36.59 -28.85
CA ASN H 4914 -1.15 37.93 -29.33
C ASN H 4914 -1.41 37.92 -30.84
N LEU H 4915 -2.52 38.53 -31.24
CA LEU H 4915 -2.88 38.53 -32.66
C LEU H 4915 -1.85 39.29 -33.48
N ALA H 4916 -1.28 40.35 -32.89
CA ALA H 4916 -0.19 41.04 -33.57
C ALA H 4916 0.99 40.12 -33.76
N ASN H 4917 1.30 39.29 -32.75
CA ASN H 4917 2.40 38.35 -32.88
C ASN H 4917 2.12 37.32 -33.97
N TYR H 4918 0.88 36.84 -34.07
CA TYR H 4918 0.55 35.91 -35.15
C TYR H 4918 0.67 36.58 -36.52
N LEU H 4919 0.24 37.84 -36.63
CA LEU H 4919 0.39 38.56 -37.90
C LEU H 4919 1.86 38.71 -38.26
N PHE H 4920 2.70 39.04 -37.26
CA PHE H 4920 4.12 39.17 -37.53
C PHE H 4920 4.73 37.83 -37.91
N PHE H 4921 4.28 36.74 -37.29
CA PHE H 4921 4.74 35.42 -37.70
C PHE H 4921 4.36 35.08 -39.12
N LEU H 4922 3.14 35.41 -39.54
CA LEU H 4922 2.77 35.22 -40.94
C LEU H 4922 3.63 36.06 -41.87
N MET H 4923 3.92 37.31 -41.50
CA MET H 4923 4.81 38.14 -42.29
C MET H 4923 6.19 37.51 -42.42
N TYR H 4924 6.72 37.03 -41.30
CA TYR H 4924 8.04 36.40 -41.28
C TYR H 4924 8.04 35.15 -42.16
N LEU H 4925 7.01 34.32 -42.05
CA LEU H 4925 6.94 33.10 -42.85
C LEU H 4925 6.86 33.42 -44.33
N ILE H 4926 6.08 34.43 -44.70
CA ILE H 4926 5.95 34.78 -46.11
C ILE H 4926 7.26 35.32 -46.65
N ASN H 4927 7.93 36.19 -45.90
CA ASN H 4927 9.15 36.82 -46.38
C ASN H 4927 10.39 35.97 -46.20
N LYS H 4928 10.29 34.83 -45.52
CA LYS H 4928 11.44 33.97 -45.31
C LYS H 4928 11.48 32.88 -46.37
N ASP H 4929 12.68 32.55 -46.83
CA ASP H 4929 12.85 31.60 -47.92
C ASP H 4929 12.39 30.19 -47.51
N GLU H 4930 11.94 29.43 -48.50
CA GLU H 4930 11.47 28.08 -48.23
C GLU H 4930 12.60 27.18 -47.73
N THR H 4931 13.78 27.30 -48.33
CA THR H 4931 14.89 26.44 -47.95
C THR H 4931 15.35 26.72 -46.52
N GLU H 4932 15.32 27.98 -46.11
CA GLU H 4932 15.81 28.37 -44.79
C GLU H 4932 14.79 28.16 -43.68
N HIS H 4933 13.60 27.67 -44.01
CA HIS H 4933 12.59 27.43 -43.00
C HIS H 4933 13.06 26.33 -42.04
N THR H 4934 12.79 26.53 -40.76
CA THR H 4934 13.01 25.49 -39.77
C THR H 4934 11.92 24.43 -39.88
N GLY H 4935 11.97 23.42 -39.03
CA GLY H 4935 10.95 22.39 -39.06
C GLY H 4935 9.58 22.92 -38.71
N GLN H 4936 9.50 23.70 -37.62
CA GLN H 4936 8.22 24.28 -37.21
C GLN H 4936 7.71 25.23 -38.28
N GLU H 4937 8.59 26.05 -38.83
CA GLU H 4937 8.19 27.00 -39.86
C GLU H 4937 7.69 26.29 -41.10
N SER H 4938 8.35 25.19 -41.48
CA SER H 4938 7.90 24.42 -42.63
C SER H 4938 6.54 23.78 -42.38
N TYR H 4939 6.33 23.28 -41.16
CA TYR H 4939 5.03 22.71 -40.80
C TYR H 4939 3.93 23.75 -40.94
N VAL H 4940 4.14 24.92 -40.32
CA VAL H 4940 3.13 25.98 -40.39
C VAL H 4940 2.94 26.44 -41.82
N TRP H 4941 4.02 26.53 -42.59
CA TRP H 4941 3.93 26.95 -43.98
C TRP H 4941 3.10 25.99 -44.80
N LYS H 4942 3.34 24.68 -44.62
CA LYS H 4942 2.57 23.69 -45.37
C LYS H 4942 1.09 23.77 -45.02
N MET H 4943 0.78 23.88 -43.72
CA MET H 4943 -0.63 23.89 -43.35
C MET H 4943 -1.30 25.19 -43.77
N TYR H 4944 -0.56 26.30 -43.79
CA TYR H 4944 -1.10 27.56 -44.27
C TYR H 4944 -1.32 27.53 -45.77
N GLN H 4945 -0.42 26.89 -46.52
CA GLN H 4945 -0.62 26.74 -47.95
C GLN H 4945 -1.85 25.90 -48.25
N GLU H 4946 -2.05 24.81 -47.49
CA GLU H 4946 -3.23 24.00 -47.67
C GLU H 4946 -4.44 24.55 -46.93
N ARG H 4947 -4.30 25.73 -46.32
CA ARG H 4947 -5.38 26.50 -45.71
C ARG H 4947 -5.96 25.83 -44.48
N CYS H 4948 -5.23 24.89 -43.88
CA CYS H 4948 -5.69 24.21 -42.68
C CYS H 4948 -5.23 24.98 -41.45
N TRP H 4949 -6.16 25.32 -40.56
CA TRP H 4949 -5.89 26.22 -39.45
C TRP H 4949 -5.81 25.50 -38.11
N GLU H 4950 -5.50 24.21 -38.10
CA GLU H 4950 -5.40 23.50 -36.83
C GLU H 4950 -4.17 23.90 -36.03
N PHE H 4951 -3.22 24.60 -36.64
CA PHE H 4951 -2.02 24.98 -35.89
C PHE H 4951 -2.33 26.10 -34.90
N PHE H 4952 -3.44 26.80 -35.10
CA PHE H 4952 -3.89 27.77 -34.12
C PHE H 4952 -4.33 27.06 -32.86
N PRO H 4953 -3.84 27.45 -31.69
CA PRO H 4953 -4.28 26.78 -30.45
C PRO H 4953 -5.75 27.05 -30.20
N ALA H 4954 -6.55 25.99 -30.29
CA ALA H 4954 -7.99 26.07 -30.10
C ALA H 4954 -8.36 25.26 -28.87
N GLY H 4955 -8.74 25.95 -27.80
CA GLY H 4955 -9.14 25.30 -26.57
C GLY H 4955 -8.01 24.85 -25.68
N ASP H 4956 -6.76 25.07 -26.07
CA ASP H 4956 -5.61 24.65 -25.29
C ASP H 4956 -4.55 25.73 -25.34
N CYS H 4957 -3.68 25.74 -24.33
CA CYS H 4957 -2.60 26.70 -24.25
C CYS H 4957 -1.40 26.04 -23.58
N PHE H 4958 -0.30 26.79 -23.53
CA PHE H 4958 0.90 26.33 -22.85
C PHE H 4958 0.60 26.00 -21.39
N ARG H 4959 -0.14 26.88 -20.72
CA ARG H 4959 -0.41 26.70 -19.30
C ARG H 4959 -1.23 25.43 -19.05
N LYS H 4960 -2.28 25.22 -19.84
CA LYS H 4960 -3.06 23.99 -19.68
C LYS H 4960 -2.24 22.76 -20.02
N GLN H 4961 -1.44 22.83 -21.07
CA GLN H 4961 -0.75 21.63 -21.53
C GLN H 4961 0.34 21.22 -20.56
N TYR H 4962 1.06 22.20 -19.99
CA TYR H 4962 2.11 21.91 -19.02
C TYR H 4962 1.70 22.35 -17.62
N GLU H 4963 0.40 22.22 -17.29
CA GLU H 4963 -0.09 22.70 -16.01
C GLU H 4963 0.61 21.99 -14.85
N ASP H 4964 0.79 20.67 -14.96
CA ASP H 4964 1.34 19.92 -13.85
C ASP H 4964 2.80 20.29 -13.57
N GLN H 4965 3.63 20.27 -14.62
CA GLN H 4965 5.05 20.52 -14.41
C GLN H 4965 5.34 22.00 -14.15
N LEU H 4966 4.71 22.88 -14.92
CA LEU H 4966 4.97 24.32 -14.75
C LEU H 4966 4.49 24.81 -13.39
N ASN H 4967 3.35 24.32 -12.93
CA ASN H 4967 2.76 24.78 -11.68
C ASN H 4967 2.79 23.68 -10.63
ZN ZN I . -11.11 40.47 -1.22
PG ATP J . -22.62 53.38 2.08
O1G ATP J . -21.36 53.76 1.39
O2G ATP J . -22.41 52.46 3.29
O3G ATP J . -23.48 54.56 2.51
PB ATP J . -23.47 51.62 -0.20
O1B ATP J . -24.55 50.62 -0.25
O2B ATP J . -23.36 52.56 -1.40
O3B ATP J . -23.56 52.53 1.10
PA ATP J . -21.25 50.23 1.15
O1A ATP J . -22.17 49.79 2.24
O2A ATP J . -20.14 51.18 1.58
O3A ATP J . -22.05 50.93 -0.02
O5' ATP J . -20.60 48.98 0.44
C5' ATP J . -21.00 48.60 -0.90
C4' ATP J . -20.89 47.10 -1.01
O4' ATP J . -19.69 46.75 -1.71
C3' ATP J . -20.80 46.35 0.31
O3' ATP J . -22.09 46.07 0.82
C2' ATP J . -20.03 45.06 -0.07
O2' ATP J . -20.90 43.95 -0.16
C1' ATP J . -19.42 45.39 -1.44
N9 ATP J . -17.98 45.17 -1.52
C8 ATP J . -17.33 44.30 -2.35
N7 ATP J . -16.02 44.30 -2.21
C5 ATP J . -15.81 45.24 -1.21
C6 ATP J . -14.64 45.72 -0.58
N6 ATP J . -13.41 45.29 -0.89
N1 ATP J . -14.77 46.66 0.37
C2 ATP J . -15.99 47.08 0.69
N3 ATP J . -17.17 46.72 0.17
C4 ATP J . -17.01 45.78 -0.78
PG ATP K . 145.22 67.41 12.83
O1G ATP K . 145.44 68.68 13.62
O2G ATP K . 143.77 66.99 12.77
O3G ATP K . 146.14 66.29 13.26
PB ATP K . 145.41 69.13 10.49
O1B ATP K . 143.95 69.41 10.47
O2B ATP K . 146.35 70.18 10.99
O3B ATP K . 145.63 67.79 11.33
PA ATP K . 147.30 68.81 8.28
O1A ATP K . 148.36 68.24 9.15
O2A ATP K . 147.45 70.23 7.81
O3A ATP K . 145.89 68.68 9.03
O5' ATP K . 147.08 67.86 7.01
C5' ATP K . 146.94 68.48 5.72
C4' ATP K . 147.31 67.50 4.63
O4' ATP K . 147.87 68.23 3.51
C3' ATP K . 148.36 66.45 5.01
O3' ATP K . 147.74 65.21 5.35
C2' ATP K . 149.19 66.31 3.74
O2' ATP K . 148.64 65.40 2.81
C1' ATP K . 149.15 67.74 3.20
N9 ATP K . 150.16 68.64 3.76
C8 ATP K . 149.98 69.61 4.72
N7 ATP K . 151.10 70.25 4.99
C5 ATP K . 152.06 69.67 4.18
C6 ATP K . 153.44 69.89 4.01
N6 ATP K . 154.12 70.81 4.67
N1 ATP K . 154.08 69.12 3.11
C2 ATP K . 153.40 68.19 2.45
N3 ATP K . 152.10 67.89 2.52
C4 ATP K . 151.48 68.67 3.42
C01 KVR L . 149.78 67.57 -2.80
C03 KVR L . 149.69 68.68 -0.68
C04 KVR L . 148.49 69.32 -0.41
C05 KVR L . 148.45 70.52 0.30
C06 KVR L . 149.68 71.07 0.73
C07 KVR L . 150.88 70.42 0.44
C08 KVR L . 150.88 69.23 -0.24
C10 KVR L . 148.37 72.72 2.70
C11 KVR L . 147.70 71.40 2.95
C13 KVR L . 147.14 71.20 0.56
C14 KVR L . 145.37 71.71 2.16
C15 KVR L . 144.80 71.42 3.53
C16 KVR L . 144.54 70.11 3.93
C17 KVR L . 144.04 69.85 5.19
C18 KVR L . 143.77 70.88 6.07
C19 KVR L . 144.04 72.19 5.68
C20 KVR L . 144.54 72.45 4.42
C21 KVR L . 143.22 70.59 7.44
N12 KVR L . 146.67 71.05 1.94
O02 KVR L . 149.69 67.50 -1.38
O22 KVR L . 143.61 71.32 8.37
O23 KVR L . 142.41 69.67 7.55
S09 KVR L . 149.82 72.61 1.62
ZN ZN M . -33.20 25.55 -1.81
PG ATP N . -48.02 31.01 -9.58
O1G ATP N . -47.58 31.77 -8.37
O2G ATP N . -47.98 29.50 -9.41
O3G ATP N . -49.40 31.42 -10.08
PB ATP N . -45.56 31.80 -11.10
O1B ATP N . -45.05 31.27 -12.38
O2B ATP N . -45.55 33.32 -10.96
O3B ATP N . -47.05 31.31 -10.81
PA ATP N . -44.71 29.82 -9.09
O1A ATP N . -45.25 28.72 -9.91
O2A ATP N . -45.39 30.02 -7.74
O3A ATP N . -44.77 31.20 -9.86
O5' ATP N . -43.17 29.63 -8.84
C5' ATP N . -42.19 30.46 -9.49
C4' ATP N . -40.95 29.66 -9.74
O4' ATP N . -39.96 29.96 -8.75
C3' ATP N . -41.13 28.14 -9.63
O3' ATP N . -41.55 27.59 -10.88
C2' ATP N . -39.73 27.64 -9.24
O2' ATP N . -39.04 27.07 -10.34
C1' ATP N . -39.00 28.92 -8.77
N9 ATP N . -38.41 28.81 -7.44
C8 ATP N . -37.08 28.92 -7.11
N7 ATP N . -36.83 28.78 -5.83
C5 ATP N . -38.08 28.55 -5.28
C6 ATP N . -38.50 28.31 -3.96
N6 ATP N . -37.67 28.27 -2.92
N1 ATP N . -39.82 28.12 -3.74
C2 ATP N . -40.65 28.16 -4.79
N3 ATP N . -40.37 28.37 -6.07
C4 ATP N . -39.07 28.56 -6.26
PG ATP O . -21.17 26.56 156.99
O1G ATP O . -22.55 26.69 157.58
O2G ATP O . -21.20 26.39 155.48
O3G ATP O . -20.33 25.51 157.68
PB ATP O . -21.06 29.46 157.23
O1B ATP O . -21.64 29.68 155.88
O2B ATP O . -21.90 29.66 158.44
O3B ATP O . -20.46 27.97 157.26
PA ATP O . -19.02 30.98 158.67
O1A ATP O . -18.82 29.90 159.70
O2A ATP O . -19.78 32.19 159.07
O3A ATP O . -19.73 30.33 157.39
O5' ATP O . -17.60 31.41 158.07
C5' ATP O . -17.36 32.83 157.90
C4' ATP O . -15.87 33.09 157.89
O4' ATP O . -15.62 34.41 158.44
C3' ATP O . -15.01 32.12 158.72
O3' ATP O . -14.43 31.12 157.90
C2' ATP O . -13.94 33.04 159.32
O2' ATP O . -12.84 33.23 158.45
C1' ATP O . -14.72 34.33 159.53
N9 ATP O . -15.48 34.39 160.77
C8 ATP O . -16.83 34.22 160.95
N7 ATP O . -17.19 34.36 162.21
C5 ATP O . -16.01 34.63 162.88
C6 ATP O . -15.73 34.87 164.25
N6 ATP O . -16.65 34.88 165.20
N1 ATP O . -14.44 35.10 164.58
C2 ATP O . -13.52 35.08 163.60
N3 ATP O . -13.66 34.88 162.30
C4 ATP O . -14.96 34.65 162.01
C01 KVR P . -10.91 38.97 159.26
C03 KVR P . -13.03 37.97 159.71
C04 KVR P . -13.98 38.18 158.74
C05 KVR P . -15.33 38.33 159.08
C06 KVR P . -15.68 38.29 160.44
C07 KVR P . -14.70 38.09 161.41
C08 KVR P . -13.39 37.92 161.05
C10 KVR P . -18.45 37.75 159.81
C11 KVR P . -17.75 36.77 158.90
C13 KVR P . -16.35 38.58 157.99
C14 KVR P . -18.14 37.64 156.61
C15 KVR P . -18.87 36.40 156.18
C16 KVR P . -18.18 35.30 155.71
C17 KVR P . -18.85 34.15 155.32
C18 KVR P . -20.23 34.08 155.43
C19 KVR P . -20.92 35.17 155.92
C20 KVR P . -20.25 36.31 156.29
C21 KVR P . -20.96 32.83 155.03
N12 KVR P . -17.18 37.39 157.70
O02 KVR P . -11.71 37.80 159.35
O22 KVR P . -21.96 32.51 155.68
O23 KVR P . -20.53 32.19 154.04
S09 KVR P . -17.35 38.50 161.03
ZN ZN Q . -27.21 17.66 -26.58
PG ATP R . -30.74 27.54 -40.72
O1G ATP R . -31.91 27.02 -39.95
O2G ATP R . -29.65 26.49 -40.99
O3G ATP R . -31.12 28.22 -42.03
PB ATP R . -29.80 29.17 -38.37
O1B ATP R . -28.51 29.86 -38.17
O2B ATP R . -31.05 29.96 -38.00
O3B ATP R . -29.98 28.68 -39.88
PA ATP R . -29.24 26.35 -37.72
O1A ATP R . -28.05 26.36 -38.60
O2A ATP R . -30.37 25.41 -38.15
O3A ATP R . -29.86 27.79 -37.58
O5' ATP R . -28.83 25.99 -36.24
C5' ATP R . -28.84 26.99 -35.20
C4' ATP R . -27.74 26.67 -34.21
O4' ATP R . -28.30 26.03 -33.06
C3' ATP R . -26.69 25.67 -34.71
O3' ATP R . -25.65 26.35 -35.42
C2' ATP R . -26.18 25.02 -33.42
O2' ATP R . -24.90 25.54 -33.04
C1' ATP R . -27.24 25.40 -32.37
N9 ATP R . -27.78 24.26 -31.64
C8 ATP R . -27.71 24.04 -30.29
N7 ATP R . -28.28 22.92 -29.91
C5 ATP R . -28.75 22.37 -31.09
C6 ATP R . -29.46 21.18 -31.37
N6 ATP R . -29.82 20.29 -30.44
N1 ATP R . -29.77 20.93 -32.65
C2 ATP R . -29.42 21.81 -33.59
N3 ATP R . -28.76 22.95 -33.45
C4 ATP R . -28.45 23.18 -32.17
PG ATP S . -117.81 -108.89 7.11
O1G ATP S . -118.63 -109.25 5.89
O2G ATP S . -116.82 -107.80 6.83
O3G ATP S . -117.21 -110.10 7.77
PB ATP S . -120.15 -107.35 7.90
O1B ATP S . -119.69 -106.12 7.20
O2B ATP S . -121.25 -108.17 7.30
O3B ATP S . -118.88 -108.28 8.14
PA ATP S . -121.63 -107.65 10.40
O1A ATP S . -121.36 -109.11 10.49
O2A ATP S . -123.00 -107.21 10.00
O3A ATP S . -120.56 -106.98 9.40
O5' ATP S . -121.25 -106.93 11.79
C5' ATP S . -122.16 -105.95 12.32
C4' ATP S . -121.97 -105.83 13.81
O4' ATP S . -123.24 -105.48 14.42
C3' ATP S . -121.49 -107.10 14.53
O3' ATP S . -120.08 -107.05 14.75
C2' ATP S . -122.26 -107.05 15.86
O2' ATP S . -121.62 -106.27 16.84
C1' ATP S . -123.57 -106.41 15.41
N9 ATP S . -124.55 -107.36 14.87
C8 ATP S . -124.89 -107.56 13.56
N7 ATP S . -125.82 -108.48 13.41
C5 ATP S . -126.11 -108.89 14.71
C6 ATP S . -127.02 -109.83 15.22
N6 ATP S . -127.83 -110.58 14.47
N1 ATP S . -127.04 -110.00 16.56
C2 ATP S . -126.23 -109.26 17.31
N3 ATP S . -125.34 -108.34 16.94
C4 ATP S . -125.33 -108.20 15.61
C01 KVR T . -125.99 -103.52 20.11
C03 KVR T . -126.03 -104.42 17.90
C04 KVR T . -125.88 -103.50 16.89
C05 KVR T . -126.55 -103.63 15.67
C06 KVR T . -127.40 -104.75 15.50
C07 KVR T . -127.57 -105.66 16.54
C08 KVR T . -126.87 -105.51 17.73
C10 KVR T . -127.35 -104.50 12.63
C11 KVR T . -125.88 -104.37 12.96
C13 KVR T . -126.36 -102.60 14.59
C14 KVR T . -125.31 -102.02 12.47
C15 KVR T . -124.29 -102.40 11.42
C16 KVR T . -122.99 -102.70 11.77
C17 KVR T . -122.06 -103.07 10.82
C18 KVR T . -122.43 -103.16 9.48
C19 KVR T . -123.73 -102.88 9.13
C20 KVR T . -124.65 -102.50 10.09
C21 KVR T . -121.43 -103.57 8.44
N12 KVR T . -125.50 -103.05 13.49
O02 KVR T . -125.36 -104.27 19.08
O22 KVR T . -121.83 -104.26 7.50
O23 KVR T . -120.25 -103.18 8.59
S09 KVR T . -128.35 -105.05 14.03
ZN ZN U . -5.09 32.55 -25.94
PG ATP V . -5.33 49.87 -29.07
O1G ATP V . -5.68 48.98 -30.21
O2G ATP V . -4.07 49.44 -28.30
O3G ATP V . -5.17 51.34 -29.47
PB ATP V . -7.70 48.96 -27.48
O1B ATP V . -8.00 49.18 -26.06
O2B ATP V . -8.85 49.16 -28.46
O3B ATP V . -6.49 49.87 -27.97
PA ATP V . -5.76 46.73 -27.48
O1A ATP V . -4.94 47.41 -26.45
O2A ATP V . -5.09 46.54 -28.83
O3A ATP V . -7.13 47.49 -27.73
O5' ATP V . -6.25 45.31 -26.96
C5' ATP V . -7.63 45.09 -26.60
C4' ATP V . -7.67 44.08 -25.48
O4' ATP V . -8.01 42.78 -26.01
C3' ATP V . -6.35 43.85 -24.76
O3' ATP V . -6.18 44.79 -23.70
C2' ATP V . -6.48 42.42 -24.23
O2' ATP V . -6.76 42.38 -22.84
C1' ATP V . -7.64 41.83 -25.03
N9 ATP V . -7.34 40.58 -25.71
C8 ATP V . -7.94 39.36 -25.50
N7 ATP V . -7.46 38.40 -26.26
C5 ATP V . -6.47 39.03 -26.99
C6 ATP V . -5.58 38.55 -27.98
N6 ATP V . -5.54 37.28 -28.40
N1 ATP V . -4.71 39.43 -28.52
C2 ATP V . -4.75 40.70 -28.10
N3 ATP V . -5.54 41.26 -27.19
C4 ATP V . -6.38 40.36 -26.67
PG ATP W . 48.59 -68.03 -137.13
O1G ATP W . 49.36 -67.26 -138.16
O2G ATP W . 48.16 -67.19 -135.95
O3G ATP W . 49.29 -69.31 -136.71
PB ATP W . 46.33 -67.68 -138.93
O1B ATP W . 45.92 -66.39 -138.29
O2B ATP W . 47.03 -67.67 -140.24
O3B ATP W . 47.23 -68.47 -137.87
PA ATP W . 44.70 -69.82 -140.07
O1A ATP W . 45.84 -70.78 -140.12
O2A ATP W . 44.26 -69.20 -141.36
O3A ATP W . 45.06 -68.64 -139.04
O5' ATP W . 43.45 -70.52 -139.36
C5' ATP W . 42.15 -70.32 -139.95
C4' ATP W . 41.23 -71.44 -139.52
O4' ATP W . 40.27 -71.68 -140.58
C3' ATP W . 41.89 -72.79 -139.24
O3' ATP W . 42.10 -72.98 -137.85
C2' ATP W . 40.89 -73.80 -139.80
O2' ATP W . 39.88 -74.13 -138.87
C1' ATP W . 40.32 -73.04 -140.98
N9 ATP W . 41.10 -73.14 -142.22
C8 ATP W . 41.95 -72.21 -142.76
N7 ATP W . 42.48 -72.61 -143.89
C5 ATP W . 41.97 -73.89 -144.09
C6 ATP W . 42.15 -74.84 -145.10
N6 ATP W . 42.95 -74.66 -146.15
N1 ATP W . 41.48 -76.02 -144.98
C2 ATP W . 40.69 -76.19 -143.92
N3 ATP W . 40.43 -75.36 -142.91
C4 ATP W . 41.12 -74.22 -143.06
C01 KVR X . 34.71 -74.98 -142.02
C03 KVR X . 36.69 -73.76 -142.57
C04 KVR X . 36.61 -72.40 -142.35
C05 KVR X . 37.26 -71.50 -143.19
C06 KVR X . 37.98 -72.01 -144.29
C07 KVR X . 38.04 -73.38 -144.51
C08 KVR X . 37.41 -74.25 -143.65
C10 KVR X . 39.49 -69.56 -144.57
C11 KVR X . 39.58 -69.78 -143.08
C13 KVR X . 37.14 -70.01 -142.94
C14 KVR X . 38.21 -67.99 -142.07
C15 KVR X . 39.38 -67.41 -141.33
C16 KVR X . 39.74 -67.91 -140.08
C17 KVR X . 40.83 -67.39 -139.41
C18 KVR X . 41.59 -66.37 -139.96
C19 KVR X . 41.24 -65.88 -141.21
C20 KVR X . 40.15 -66.40 -141.89
C21 KVR X . 42.77 -65.81 -139.23
N12 KVR X . 38.36 -69.43 -142.35
O02 KVR X . 36.06 -74.63 -141.72
O22 KVR X . 43.75 -65.46 -139.91
O23 KVR X . 42.70 -65.71 -137.99
S09 KVR X . 38.83 -70.98 -145.47
#